data_6E32
#
_entry.id   6E32
#
_cell.length_a   1
_cell.length_b   1
_cell.length_c   1
_cell.angle_alpha   90
_cell.angle_beta   90
_cell.angle_gamma   90
#
_symmetry.space_group_name_H-M   'P 1'
#
loop_
_entity.id
_entity.type
_entity.pdbx_description
1 polymer 'Capsid protein of PCV2'
2 branched '2-deoxy-6-O-sulfo-2-(sulfoamino)-alpha-D-glucopyranose-(1-4)-2-O-sulfo-alpha-L-idopyranuronic acid-(1-4)-2-deoxy-6-O-sulfo-2-(sulfoamino)-alpha-D-glucopyranose-(1-4)-2-O-sulfo-alpha-L-idopyranuronic acid-(1-4)-2-deoxy-6-O-sulfo-2-(sulfoamino)-alpha-D-glucopyranose'
#
_entity_poly.entity_id   1
_entity_poly.type   'polypeptide(L)'
_entity_poly.pdbx_seq_one_letter_code
;MTYPRRRYRRRRHRPRSHLGQILRRRPWLVHPRHRYRWRRKNGIFNTRLSRTFGYTIKRTTVKTPSWAVDMMRFNINDFL
PPGGGSNPRSVPFEYYRIRKVKVEFWPCSPITQGDRGVGSSAVILDDNFVTKATALTYDPYVNYSSRHTITQPFSYHSRY
FTPKPVLDSTIDYFQPNNKRNQLWLRLQTAGNVDHVGLGTAFENSIYDQEYNIRVTMYVQFREFNLKDPPLNP
;
_entity_poly.pdbx_strand_id   A1,A2,A3,A4,A5,A6,A7,A8,A9,AA,AB,AC,AD,AE,AF,AG,AH,AI,AJ,AK,AL,AM,AN,AO,AP,AQ,AR,AS,AT,AU,AV,AW,AX,AY,AZ,Aa,Ab,Ac,Ad,Ae,Af,Ag,Ah,Ai,Aj,Ak,Al,Am,An,Ao,Ap,Aq,Ar,As,At,Au,Av,Aw,Ax,Ay
#
loop_
_chem_comp.id
_chem_comp.type
_chem_comp.name
_chem_comp.formula
IDS L-saccharide, alpha linking '2-O-sulfo-alpha-L-idopyranuronic acid' 'C6 H10 O10 S'
SGN D-saccharide, alpha linking 2-deoxy-6-O-sulfo-2-(sulfoamino)-alpha-D-glucopyranose 'C6 H13 N O11 S2'
#
# COMPACT_ATOMS: atom_id res chain seq x y z
N GLY A 43 -53.12 11.61 46.75
CA GLY A 43 -54.17 12.08 45.87
C GLY A 43 -54.08 13.57 45.61
N ILE A 44 -53.10 13.96 44.81
CA ILE A 44 -52.81 15.37 44.55
C ILE A 44 -53.88 15.96 43.67
N PHE A 45 -54.15 17.25 43.85
CA PHE A 45 -55.07 17.98 42.98
C PHE A 45 -54.68 19.45 43.01
N ASN A 46 -53.99 19.89 41.97
CA ASN A 46 -53.73 21.30 41.77
C ASN A 46 -54.97 21.95 41.16
N THR A 47 -55.22 23.21 41.52
CA THR A 47 -56.36 23.92 40.99
C THR A 47 -56.18 25.41 41.23
N ARG A 48 -57.27 26.15 41.04
CA ARG A 48 -57.27 27.60 41.09
C ARG A 48 -58.56 28.07 41.73
N LEU A 49 -58.44 29.02 42.66
CA LEU A 49 -59.58 29.63 43.31
C LEU A 49 -59.41 31.14 43.27
N SER A 50 -60.53 31.86 43.33
CA SER A 50 -60.52 33.30 43.16
C SER A 50 -61.61 33.94 43.98
N ARG A 51 -61.62 35.27 43.96
CA ARG A 51 -62.51 36.07 44.78
C ARG A 51 -62.36 37.52 44.34
N THR A 52 -63.39 38.32 44.58
CA THR A 52 -63.43 39.71 44.15
C THR A 52 -63.99 40.57 45.27
N PHE A 53 -63.40 41.75 45.45
CA PHE A 53 -63.91 42.73 46.39
C PHE A 53 -63.39 44.10 46.00
N GLY A 54 -63.88 45.11 46.70
CA GLY A 54 -63.60 46.49 46.37
C GLY A 54 -62.68 47.15 47.38
N TYR A 55 -62.00 48.18 46.91
CA TYR A 55 -61.12 48.98 47.75
C TYR A 55 -61.11 50.38 47.19
N THR A 56 -61.24 51.37 48.07
CA THR A 56 -61.33 52.76 47.67
C THR A 56 -60.34 53.60 48.49
N ILE A 57 -59.99 54.75 47.93
CA ILE A 57 -59.06 55.69 48.54
C ILE A 57 -59.75 57.04 48.51
N LYS A 58 -60.29 57.44 49.65
CA LYS A 58 -61.03 58.68 49.71
C LYS A 58 -60.13 59.87 49.47
N ARG A 59 -60.72 60.92 48.92
CA ARG A 59 -59.96 62.10 48.56
C ARG A 59 -59.41 62.79 49.80
N THR A 60 -58.47 63.70 49.57
CA THR A 60 -57.86 64.50 50.63
C THR A 60 -57.64 65.91 50.14
N THR A 61 -58.00 66.87 50.97
CA THR A 61 -57.73 68.27 50.69
C THR A 61 -56.29 68.66 50.95
N VAL A 62 -55.46 67.74 51.44
CA VAL A 62 -54.06 68.04 51.71
C VAL A 62 -53.35 68.36 50.41
N LYS A 63 -52.40 69.29 50.48
CA LYS A 63 -51.67 69.72 49.29
C LYS A 63 -50.40 68.92 49.09
N THR A 64 -49.77 68.51 50.18
CA THR A 64 -48.52 67.79 50.09
C THR A 64 -48.76 66.41 49.49
N PRO A 65 -47.72 65.80 48.93
CA PRO A 65 -47.84 64.39 48.55
C PRO A 65 -47.89 63.51 49.78
N SER A 66 -49.07 62.98 50.08
CA SER A 66 -49.27 62.03 51.17
C SER A 66 -49.74 60.71 50.59
N TRP A 67 -49.47 59.64 51.34
CA TRP A 67 -49.82 58.29 50.94
C TRP A 67 -50.74 57.65 51.95
N ALA A 68 -51.49 56.66 51.49
CA ALA A 68 -52.43 55.92 52.31
C ALA A 68 -51.98 54.46 52.36
N VAL A 69 -51.90 53.91 53.56
CA VAL A 69 -51.33 52.60 53.80
C VAL A 69 -52.44 51.62 54.16
N ASP A 70 -52.28 50.38 53.74
CA ASP A 70 -53.20 49.31 54.11
C ASP A 70 -52.52 47.99 53.79
N MET A 71 -52.86 46.98 54.58
CA MET A 71 -52.31 45.64 54.45
C MET A 71 -53.29 44.77 53.68
N MET A 72 -52.96 43.49 53.60
CA MET A 72 -53.82 42.51 52.94
C MET A 72 -53.43 41.13 53.43
N ARG A 73 -54.40 40.41 53.98
CA ARG A 73 -54.22 39.03 54.43
C ARG A 73 -54.88 38.09 53.42
N PHE A 74 -54.68 36.80 53.65
CA PHE A 74 -55.25 35.76 52.80
C PHE A 74 -55.66 34.58 53.65
N ASN A 75 -56.96 34.30 53.65
CA ASN A 75 -57.49 33.12 54.31
C ASN A 75 -58.34 32.34 53.31
N ILE A 76 -58.32 31.02 53.47
CA ILE A 76 -59.00 30.12 52.55
C ILE A 76 -60.48 30.04 52.78
N ASN A 77 -60.95 30.35 53.99
CA ASN A 77 -62.38 30.27 54.28
C ASN A 77 -63.19 31.23 53.42
N ASP A 78 -62.57 32.33 52.99
CA ASP A 78 -63.23 33.27 52.11
C ASP A 78 -63.38 32.73 50.69
N PHE A 79 -62.47 31.88 50.25
CA PHE A 79 -62.50 31.32 48.91
C PHE A 79 -63.26 30.02 48.82
N LEU A 80 -63.27 29.23 49.88
CA LEU A 80 -63.81 27.88 49.89
C LEU A 80 -65.03 27.81 50.79
N PRO A 81 -66.25 27.78 50.28
CA PRO A 81 -67.40 27.74 51.17
C PRO A 81 -67.47 26.43 51.90
N PRO A 82 -68.33 26.32 52.90
CA PRO A 82 -68.54 25.04 53.56
C PRO A 82 -69.33 24.10 52.67
N GLY A 83 -69.16 22.81 52.92
CA GLY A 83 -69.83 21.80 52.14
C GLY A 83 -71.24 21.53 52.63
N GLY A 84 -71.59 20.26 52.73
CA GLY A 84 -72.90 19.88 53.19
C GLY A 84 -72.98 18.41 53.57
N GLY A 85 -73.55 18.13 54.74
CA GLY A 85 -73.69 16.76 55.20
C GLY A 85 -72.46 16.27 55.94
N SER A 86 -72.10 15.01 55.73
CA SER A 86 -70.89 14.46 56.34
C SER A 86 -69.64 15.19 55.89
N ASN A 87 -69.65 15.76 54.69
CA ASN A 87 -68.49 16.44 54.14
C ASN A 87 -68.52 17.90 54.60
N PRO A 88 -67.67 18.32 55.53
CA PRO A 88 -67.77 19.70 56.03
C PRO A 88 -67.46 20.74 54.98
N ARG A 89 -66.57 20.45 54.04
CA ARG A 89 -66.16 21.38 53.01
C ARG A 89 -66.63 20.91 51.64
N SER A 90 -66.86 21.87 50.76
CA SER A 90 -67.33 21.58 49.41
C SER A 90 -66.32 20.78 48.61
N VAL A 91 -65.02 20.98 48.86
CA VAL A 91 -63.97 20.29 48.13
C VAL A 91 -63.46 19.14 49.00
N PRO A 92 -63.77 17.88 48.68
CA PRO A 92 -63.36 16.80 49.60
C PRO A 92 -61.88 16.43 49.55
N PHE A 93 -61.10 17.14 50.34
CA PHE A 93 -59.75 16.72 50.68
C PHE A 93 -59.48 17.09 52.13
N GLU A 94 -58.41 16.52 52.67
CA GLU A 94 -57.98 16.85 54.03
C GLU A 94 -57.00 18.01 54.05
N TYR A 95 -56.05 18.01 53.14
CA TYR A 95 -54.87 18.84 53.24
C TYR A 95 -54.81 19.89 52.15
N TYR A 96 -53.94 20.87 52.36
CA TYR A 96 -53.66 21.88 51.35
C TYR A 96 -52.33 22.53 51.67
N ARG A 97 -51.76 23.17 50.65
CA ARG A 97 -50.62 24.04 50.85
C ARG A 97 -50.55 24.98 49.67
N ILE A 98 -50.59 26.27 49.96
CA ILE A 98 -50.70 27.29 48.91
C ILE A 98 -49.37 27.37 48.18
N ARG A 99 -49.43 27.41 46.87
CA ARG A 99 -48.24 27.58 46.05
C ARG A 99 -47.99 29.04 45.74
N LYS A 100 -48.99 29.70 45.13
CA LYS A 100 -48.82 31.07 44.67
C LYS A 100 -50.11 31.83 44.86
N VAL A 101 -50.00 33.14 44.78
CA VAL A 101 -51.14 34.05 44.83
C VAL A 101 -50.93 35.08 43.73
N LYS A 102 -52.03 35.55 43.15
CA LYS A 102 -52.00 36.56 42.11
C LYS A 102 -53.03 37.63 42.46
N VAL A 103 -52.54 38.77 42.90
CA VAL A 103 -53.37 39.91 43.24
C VAL A 103 -53.50 40.75 41.97
N GLU A 104 -54.69 41.27 41.72
CA GLU A 104 -54.98 42.06 40.54
C GLU A 104 -55.73 43.31 40.95
N PHE A 105 -55.10 44.46 40.75
CA PHE A 105 -55.75 45.75 40.98
C PHE A 105 -56.38 46.20 39.67
N TRP A 106 -57.66 45.88 39.49
CA TRP A 106 -58.39 46.32 38.31
C TRP A 106 -58.97 47.70 38.59
N PRO A 107 -58.59 48.74 37.85
CA PRO A 107 -59.16 50.06 38.12
C PRO A 107 -60.64 50.12 37.79
N CYS A 108 -61.32 51.02 38.47
CA CYS A 108 -62.68 51.41 38.16
C CYS A 108 -62.76 52.81 37.55
N SER A 109 -61.64 53.52 37.48
CA SER A 109 -61.64 54.91 37.10
C SER A 109 -61.39 55.08 35.61
N PRO A 110 -61.73 56.23 35.04
CA PRO A 110 -61.42 56.48 33.63
C PRO A 110 -59.96 56.83 33.45
N ILE A 111 -59.56 56.92 32.19
CA ILE A 111 -58.19 57.29 31.85
C ILE A 111 -57.98 58.79 31.80
N THR A 112 -59.05 59.57 31.76
CA THR A 112 -58.97 61.01 31.69
C THR A 112 -58.76 61.67 33.03
N GLN A 113 -58.82 60.90 34.11
CA GLN A 113 -58.70 61.45 35.45
C GLN A 113 -57.33 62.09 35.64
N GLY A 114 -57.32 63.25 36.29
CA GLY A 114 -56.10 63.97 36.58
C GLY A 114 -55.62 63.77 37.99
N ASP A 115 -54.66 64.59 38.39
CA ASP A 115 -54.03 64.50 39.71
C ASP A 115 -53.41 63.13 39.90
N ARG A 116 -52.72 62.65 38.87
CA ARG A 116 -52.08 61.36 38.93
C ARG A 116 -51.04 61.33 40.03
N GLY A 117 -50.68 60.12 40.45
CA GLY A 117 -49.73 59.92 41.51
C GLY A 117 -48.90 58.68 41.29
N VAL A 118 -48.31 58.16 42.36
CA VAL A 118 -47.48 56.96 42.25
C VAL A 118 -47.34 56.36 43.63
N GLY A 119 -47.31 55.03 43.69
CA GLY A 119 -47.25 54.30 44.93
C GLY A 119 -46.39 53.06 44.84
N SER A 120 -46.56 52.16 45.81
CA SER A 120 -45.69 51.00 45.93
C SER A 120 -46.41 49.88 46.66
N SER A 121 -45.98 48.66 46.38
CA SER A 121 -46.44 47.46 47.09
C SER A 121 -45.24 46.59 47.40
N ALA A 122 -45.33 45.82 48.48
CA ALA A 122 -44.24 44.96 48.90
C ALA A 122 -44.79 43.74 49.62
N VAL A 123 -43.96 42.70 49.65
CA VAL A 123 -44.30 41.42 50.24
C VAL A 123 -43.85 41.43 51.69
N ILE A 124 -44.73 41.01 52.58
CA ILE A 124 -44.52 41.05 54.03
C ILE A 124 -45.05 39.73 54.55
N LEU A 125 -44.17 38.90 55.12
CA LEU A 125 -44.50 37.52 55.47
C LEU A 125 -44.50 37.27 56.97
N ASP A 126 -44.98 38.23 57.77
CA ASP A 126 -44.89 38.14 59.22
C ASP A 126 -46.16 38.53 59.96
N ASP A 127 -47.13 39.18 59.29
CA ASP A 127 -48.29 39.76 59.95
C ASP A 127 -47.88 40.81 60.98
N ASN A 128 -46.81 41.53 60.70
CA ASN A 128 -46.47 42.76 61.39
C ASN A 128 -46.17 43.79 60.30
N PHE A 129 -47.22 44.43 59.81
CA PHE A 129 -47.13 45.40 58.73
C PHE A 129 -46.76 46.77 59.28
N VAL A 130 -46.54 47.70 58.34
CA VAL A 130 -46.59 49.11 58.68
C VAL A 130 -47.97 49.42 59.20
N THR A 131 -48.05 50.37 60.12
CA THR A 131 -49.33 50.77 60.67
C THR A 131 -50.22 51.34 59.57
N LYS A 132 -51.51 51.04 59.65
CA LYS A 132 -52.47 51.63 58.72
C LYS A 132 -52.50 53.13 58.91
N ALA A 133 -52.51 53.86 57.81
CA ALA A 133 -52.50 55.31 57.84
C ALA A 133 -53.33 55.86 56.69
N THR A 134 -53.82 57.08 56.89
CA THR A 134 -54.60 57.80 55.90
C THR A 134 -53.71 58.62 54.99
N ALA A 135 -52.90 59.49 55.58
CA ALA A 135 -52.06 60.44 54.85
C ALA A 135 -50.71 60.53 55.54
N LEU A 136 -49.75 59.76 55.05
CA LEU A 136 -48.40 59.74 55.58
C LEU A 136 -47.47 60.51 54.65
N THR A 137 -46.51 61.20 55.24
CA THR A 137 -45.67 62.14 54.52
C THR A 137 -44.60 61.47 53.67
N TYR A 138 -44.45 60.16 53.77
CA TYR A 138 -43.45 59.45 52.97
C TYR A 138 -44.05 58.12 52.56
N ASP A 139 -43.35 57.43 51.67
CA ASP A 139 -43.72 56.09 51.24
C ASP A 139 -42.90 55.08 52.03
N PRO A 140 -43.48 54.35 52.98
CA PRO A 140 -42.69 53.35 53.70
C PRO A 140 -42.19 52.24 52.81
N TYR A 141 -43.02 51.77 51.89
CA TYR A 141 -42.75 50.57 51.11
C TYR A 141 -41.88 50.84 49.88
N VAL A 142 -41.25 52.01 49.81
CA VAL A 142 -40.53 52.37 48.59
C VAL A 142 -39.18 51.66 48.53
N ASN A 143 -38.45 51.59 49.65
CA ASN A 143 -37.10 51.08 49.66
C ASN A 143 -37.03 49.57 49.88
N TYR A 144 -38.15 48.92 50.12
CA TYR A 144 -38.14 47.47 50.28
C TYR A 144 -37.70 46.79 49.00
N SER A 145 -36.88 45.75 49.16
CA SER A 145 -36.35 45.03 48.02
C SER A 145 -37.44 44.43 47.16
N SER A 146 -38.59 44.09 47.75
CA SER A 146 -39.72 43.53 47.03
C SER A 146 -40.67 44.61 46.52
N ARG A 147 -40.18 45.82 46.29
CA ARG A 147 -41.03 46.90 45.82
C ARG A 147 -41.25 46.78 44.33
N HIS A 148 -42.52 46.84 43.93
CA HIS A 148 -42.91 47.09 42.56
C HIS A 148 -43.70 48.39 42.50
N THR A 149 -43.32 49.25 41.58
CA THR A 149 -43.95 50.56 41.45
C THR A 149 -45.42 50.41 41.12
N ILE A 150 -46.22 51.38 41.53
CA ILE A 150 -47.62 51.45 41.18
C ILE A 150 -47.88 52.79 40.52
N THR A 151 -48.31 52.74 39.27
CA THR A 151 -48.88 53.89 38.61
C THR A 151 -50.32 54.04 39.06
N GLN A 152 -50.78 55.28 39.14
CA GLN A 152 -52.14 55.60 39.52
C GLN A 152 -52.76 56.56 38.51
N PRO A 153 -54.10 56.67 38.47
CA PRO A 153 -55.14 55.88 39.12
C PRO A 153 -55.75 54.82 38.22
N PHE A 154 -55.50 54.90 36.92
CA PHE A 154 -56.23 54.12 35.92
C PHE A 154 -55.42 52.98 35.36
N SER A 155 -54.41 52.52 36.08
CA SER A 155 -53.45 51.55 35.56
C SER A 155 -53.61 50.21 36.26
N TYR A 156 -53.27 49.15 35.53
CA TYR A 156 -53.32 47.80 36.04
C TYR A 156 -52.04 47.50 36.81
N HIS A 157 -52.17 46.73 37.89
CA HIS A 157 -51.05 46.35 38.72
C HIS A 157 -51.27 44.94 39.22
N SER A 158 -50.21 44.13 39.21
CA SER A 158 -50.29 42.73 39.58
C SER A 158 -49.04 42.31 40.34
N ARG A 159 -49.21 41.33 41.21
CA ARG A 159 -48.10 40.72 41.94
C ARG A 159 -48.33 39.23 42.01
N TYR A 160 -47.26 38.47 41.85
CA TYR A 160 -47.30 37.01 41.77
C TYR A 160 -46.19 36.45 42.64
N PHE A 161 -46.56 35.86 43.76
CA PHE A 161 -45.59 35.46 44.76
C PHE A 161 -46.10 34.27 45.56
N THR A 162 -45.26 33.82 46.49
CA THR A 162 -45.56 32.74 47.41
C THR A 162 -45.90 33.34 48.77
N PRO A 163 -47.10 33.22 49.30
CA PRO A 163 -47.37 33.72 50.65
C PRO A 163 -46.80 32.73 51.67
N LYS A 164 -47.02 33.04 52.94
CA LYS A 164 -46.66 32.14 54.02
C LYS A 164 -47.74 32.17 55.09
N PRO A 165 -47.82 31.15 55.92
CA PRO A 165 -48.81 31.14 57.00
C PRO A 165 -48.32 31.83 58.26
N VAL A 166 -49.21 31.86 59.25
CA VAL A 166 -48.93 32.44 60.56
C VAL A 166 -49.04 31.30 61.56
N LEU A 167 -47.90 30.70 61.89
CA LEU A 167 -47.87 29.61 62.86
C LEU A 167 -47.81 30.14 64.28
N ASP A 168 -46.92 31.10 64.53
CA ASP A 168 -46.70 31.66 65.86
C ASP A 168 -46.49 33.15 65.69
N SER A 169 -47.53 33.93 65.95
CA SER A 169 -47.45 35.37 65.76
C SER A 169 -46.41 36.02 66.66
N THR A 170 -46.06 35.37 67.77
CA THR A 170 -45.03 35.91 68.64
C THR A 170 -43.67 35.91 67.96
N ILE A 171 -43.30 34.81 67.32
CA ILE A 171 -41.95 34.60 66.83
C ILE A 171 -41.87 34.95 65.35
N ASP A 172 -42.94 34.68 64.61
CA ASP A 172 -43.08 35.09 63.21
C ASP A 172 -41.97 34.48 62.34
N TYR A 173 -42.01 33.15 62.26
CA TYR A 173 -41.04 32.37 61.51
C TYR A 173 -41.69 31.67 60.32
N PHE A 174 -40.86 31.30 59.35
CA PHE A 174 -41.35 30.57 58.18
C PHE A 174 -40.17 29.96 57.44
N GLN A 175 -40.49 29.32 56.28
CA GLN A 175 -39.57 28.58 55.44
C GLN A 175 -39.20 29.36 54.18
N PRO A 176 -38.01 29.18 53.64
CA PRO A 176 -37.73 29.72 52.30
C PRO A 176 -38.56 28.98 51.26
N ASN A 177 -38.57 29.54 50.05
CA ASN A 177 -39.35 28.97 48.95
C ASN A 177 -38.76 27.62 48.55
N ASN A 178 -39.55 26.57 48.69
CA ASN A 178 -39.16 25.24 48.24
C ASN A 178 -40.43 24.43 48.00
N LYS A 179 -40.60 23.94 46.77
CA LYS A 179 -41.83 23.24 46.47
C LYS A 179 -41.87 21.86 47.12
N ARG A 180 -40.71 21.25 47.38
CA ARG A 180 -40.67 19.89 47.91
C ARG A 180 -40.80 19.86 49.43
N ASN A 181 -40.24 20.85 50.12
CA ASN A 181 -40.22 20.86 51.58
C ASN A 181 -41.31 21.72 52.20
N GLN A 182 -42.23 22.25 51.40
CA GLN A 182 -43.33 23.02 51.94
C GLN A 182 -44.20 22.14 52.82
N LEU A 183 -44.81 22.76 53.83
CA LEU A 183 -45.61 22.00 54.78
C LEU A 183 -46.99 21.71 54.22
N TRP A 184 -47.66 20.74 54.84
CA TRP A 184 -49.06 20.44 54.57
C TRP A 184 -49.90 20.84 55.76
N LEU A 185 -50.85 21.73 55.54
CA LEU A 185 -51.79 22.15 56.57
C LEU A 185 -53.06 21.32 56.50
N ARG A 186 -53.83 21.36 57.57
CA ARG A 186 -55.11 20.70 57.63
C ARG A 186 -56.22 21.66 57.21
N LEU A 187 -57.20 21.12 56.50
CA LEU A 187 -58.38 21.86 56.09
C LEU A 187 -59.42 21.77 57.21
N GLN A 188 -59.40 22.77 58.07
CA GLN A 188 -60.27 22.75 59.24
C GLN A 188 -61.71 22.98 58.81
N THR A 189 -62.61 22.93 59.80
CA THR A 189 -64.02 23.10 59.52
C THR A 189 -64.39 24.58 59.49
N ALA A 190 -63.98 25.35 60.51
CA ALA A 190 -64.22 26.79 60.56
C ALA A 190 -63.08 27.55 61.24
N GLY A 191 -61.86 27.02 61.19
CA GLY A 191 -60.74 27.60 61.92
C GLY A 191 -59.43 27.63 61.18
N ASN A 192 -59.47 27.77 59.86
CA ASN A 192 -58.24 27.79 59.09
C ASN A 192 -57.43 29.04 59.42
N VAL A 193 -56.14 28.94 59.15
CA VAL A 193 -55.18 29.96 59.54
C VAL A 193 -55.10 31.03 58.47
N ASP A 194 -54.77 32.24 58.89
CA ASP A 194 -54.59 33.35 57.98
C ASP A 194 -53.19 33.32 57.40
N HIS A 195 -53.11 33.39 56.07
CA HIS A 195 -51.86 33.62 55.38
C HIS A 195 -51.69 35.11 55.13
N VAL A 196 -50.51 35.47 54.66
CA VAL A 196 -50.06 36.85 54.64
C VAL A 196 -49.12 37.01 53.44
N GLY A 197 -48.70 38.24 53.17
CA GLY A 197 -47.83 38.49 52.04
C GLY A 197 -47.97 39.75 51.22
N LEU A 198 -48.80 40.73 51.62
CA LEU A 198 -48.84 41.96 50.85
C LEU A 198 -49.19 43.15 51.71
N GLY A 199 -48.53 44.27 51.42
CA GLY A 199 -48.89 45.56 51.98
C GLY A 199 -48.63 46.63 50.95
N THR A 200 -49.35 47.74 51.08
CA THR A 200 -49.47 48.72 50.02
C THR A 200 -49.27 50.14 50.54
N ALA A 201 -49.17 51.06 49.58
CA ALA A 201 -49.07 52.49 49.87
C ALA A 201 -49.53 53.24 48.62
N PHE A 202 -50.63 53.99 48.75
CA PHE A 202 -51.22 54.72 47.64
C PHE A 202 -51.18 56.22 47.90
N GLU A 203 -50.69 56.96 46.92
CA GLU A 203 -50.66 58.41 47.00
C GLU A 203 -52.07 58.96 46.94
N ASN A 204 -52.36 59.88 47.85
CA ASN A 204 -53.69 60.47 47.92
C ASN A 204 -53.91 61.44 46.77
N SER A 205 -55.14 61.91 46.64
CA SER A 205 -55.52 62.78 45.54
C SER A 205 -56.77 63.57 45.91
N ILE A 206 -57.18 64.43 44.97
CA ILE A 206 -58.38 65.23 45.16
C ILE A 206 -59.62 64.41 44.84
N TYR A 207 -59.49 63.39 44.02
CA TYR A 207 -60.59 62.54 43.59
C TYR A 207 -60.52 61.19 44.29
N ASP A 208 -61.67 60.53 44.34
CA ASP A 208 -61.75 59.22 44.95
C ASP A 208 -61.29 58.16 43.96
N GLN A 209 -60.34 57.33 44.38
CA GLN A 209 -59.77 56.27 43.56
C GLN A 209 -60.37 54.95 44.01
N GLU A 210 -61.13 54.31 43.13
CA GLU A 210 -61.78 53.04 43.40
C GLU A 210 -61.21 51.95 42.51
N TYR A 211 -60.92 50.81 43.13
CA TYR A 211 -60.40 49.64 42.45
C TYR A 211 -61.28 48.45 42.75
N ASN A 212 -61.31 47.51 41.81
CA ASN A 212 -61.88 46.18 42.02
C ASN A 212 -60.71 45.21 42.13
N ILE A 213 -60.55 44.61 43.30
CA ILE A 213 -59.43 43.72 43.56
C ILE A 213 -59.91 42.30 43.31
N ARG A 214 -59.18 41.58 42.47
CA ARG A 214 -59.36 40.15 42.26
C ARG A 214 -58.15 39.44 42.82
N VAL A 215 -58.40 38.43 43.64
CA VAL A 215 -57.37 37.54 44.15
C VAL A 215 -57.51 36.22 43.43
N THR A 216 -56.39 35.53 43.23
CA THR A 216 -56.39 34.20 42.67
C THR A 216 -55.36 33.37 43.42
N MET A 217 -55.77 32.20 43.89
CA MET A 217 -54.91 31.29 44.62
C MET A 217 -54.63 30.07 43.76
N TYR A 218 -53.41 29.57 43.85
CA TYR A 218 -53.03 28.30 43.25
C TYR A 218 -52.62 27.37 44.37
N VAL A 219 -53.48 26.39 44.65
CA VAL A 219 -53.33 25.51 45.79
C VAL A 219 -53.06 24.10 45.31
N GLN A 220 -52.87 23.19 46.26
CA GLN A 220 -52.57 21.80 45.97
C GLN A 220 -53.08 20.95 47.13
N PHE A 221 -54.14 20.20 46.88
CA PHE A 221 -54.79 19.39 47.88
C PHE A 221 -54.18 17.99 47.91
N ARG A 222 -54.68 17.18 48.83
CA ARG A 222 -54.16 15.83 49.03
C ARG A 222 -55.17 15.05 49.85
N GLU A 223 -55.12 13.72 49.71
CA GLU A 223 -55.89 12.80 50.55
C GLU A 223 -57.40 13.04 50.40
N PHE A 224 -57.88 12.71 49.19
CA PHE A 224 -59.30 12.62 48.89
C PHE A 224 -60.06 11.89 49.99
N ASN A 225 -61.03 12.58 50.57
CA ASN A 225 -61.68 12.12 51.80
C ASN A 225 -63.20 12.16 51.68
N LEU A 226 -63.73 11.66 50.58
CA LEU A 226 -65.17 11.70 50.39
C LEU A 226 -65.83 10.64 51.25
N LYS A 227 -67.08 10.90 51.62
CA LYS A 227 -67.85 10.03 52.50
C LYS A 227 -69.24 9.84 51.91
N ASP A 228 -69.59 8.58 51.66
CA ASP A 228 -70.83 8.19 51.00
C ASP A 228 -71.70 7.43 51.98
N PRO A 229 -72.48 8.11 52.81
CA PRO A 229 -73.49 7.43 53.59
C PRO A 229 -74.65 7.02 52.71
N PRO A 230 -75.48 6.09 53.15
CA PRO A 230 -76.70 5.78 52.36
C PRO A 230 -77.71 6.91 52.41
N LEU A 231 -78.84 6.71 51.76
CA LEU A 231 -79.93 7.69 51.73
C LEU A 231 -81.25 7.04 52.09
N GLY B 43 -15.15 45.95 52.97
CA GLY B 43 -16.51 45.45 53.16
C GLY B 43 -17.52 46.17 52.32
N ILE B 44 -17.62 45.75 51.07
CA ILE B 44 -18.43 46.44 50.08
C ILE B 44 -19.89 46.06 50.26
N PHE B 45 -20.77 47.03 50.03
CA PHE B 45 -22.21 46.81 50.05
C PHE B 45 -22.83 47.79 49.06
N ASN B 46 -23.19 47.28 47.90
CA ASN B 46 -23.92 48.06 46.91
C ASN B 46 -25.40 47.99 47.22
N THR B 47 -26.03 49.16 47.32
CA THR B 47 -27.46 49.24 47.56
C THR B 47 -28.05 50.37 46.74
N ARG B 48 -29.29 50.73 47.08
CA ARG B 48 -30.10 51.66 46.32
C ARG B 48 -30.93 52.48 47.29
N LEU B 49 -30.82 53.80 47.18
CA LEU B 49 -31.52 54.74 48.04
C LEU B 49 -32.33 55.68 47.17
N SER B 50 -33.55 55.96 47.60
CA SER B 50 -34.51 56.75 46.85
C SER B 50 -35.06 57.90 47.70
N ARG B 51 -35.76 58.78 47.01
CA ARG B 51 -36.26 60.03 47.57
C ARG B 51 -37.20 60.62 46.52
N THR B 52 -38.29 61.20 46.99
CA THR B 52 -39.35 61.72 46.12
C THR B 52 -39.72 63.13 46.55
N PHE B 53 -39.92 64.00 45.57
CA PHE B 53 -40.27 65.39 45.82
C PHE B 53 -40.93 65.96 44.58
N GLY B 54 -41.50 67.14 44.74
CA GLY B 54 -42.25 67.79 43.69
C GLY B 54 -41.56 68.93 42.99
N TYR B 55 -42.01 69.20 41.76
CA TYR B 55 -41.52 70.32 40.97
C TYR B 55 -42.67 70.77 40.07
N THR B 56 -42.92 72.08 40.07
CA THR B 56 -44.00 72.66 39.29
C THR B 56 -43.46 73.79 38.42
N ILE B 57 -43.95 73.83 37.19
CA ILE B 57 -43.69 74.92 36.26
C ILE B 57 -44.99 75.71 36.19
N LYS B 58 -45.00 76.87 36.82
CA LYS B 58 -46.20 77.70 36.88
C LYS B 58 -46.57 78.22 35.50
N ARG B 59 -47.83 78.58 35.37
CA ARG B 59 -48.38 79.10 34.12
C ARG B 59 -47.86 80.49 33.83
N THR B 60 -47.95 80.87 32.55
CA THR B 60 -47.55 82.19 32.09
C THR B 60 -48.51 82.66 31.00
N THR B 61 -48.87 83.94 31.05
CA THR B 61 -49.66 84.56 30.01
C THR B 61 -48.83 84.92 28.78
N VAL B 62 -47.51 84.73 28.83
CA VAL B 62 -46.65 85.05 27.70
C VAL B 62 -47.06 84.20 26.51
N LYS B 63 -47.10 84.84 25.34
CA LYS B 63 -47.53 84.16 24.12
C LYS B 63 -46.40 83.39 23.46
N THR B 64 -45.18 83.92 23.52
CA THR B 64 -44.06 83.31 22.85
C THR B 64 -43.73 81.96 23.46
N PRO B 65 -42.91 81.15 22.76
CA PRO B 65 -42.36 79.97 23.41
C PRO B 65 -41.17 80.36 24.27
N SER B 66 -41.38 80.32 25.59
CA SER B 66 -40.34 80.56 26.56
C SER B 66 -40.12 79.31 27.39
N TRP B 67 -38.93 79.20 27.96
CA TRP B 67 -38.53 78.05 28.74
C TRP B 67 -38.21 78.46 30.17
N ALA B 68 -38.47 77.52 31.08
CA ALA B 68 -38.18 77.67 32.50
C ALA B 68 -36.99 76.82 32.85
N VAL B 69 -35.95 77.44 33.36
CA VAL B 69 -34.69 76.78 33.64
C VAL B 69 -34.57 76.57 35.13
N ASP B 70 -34.01 75.43 35.51
CA ASP B 70 -33.78 75.11 36.90
C ASP B 70 -32.66 74.09 36.98
N MET B 71 -32.17 73.90 38.19
CA MET B 71 -31.03 73.04 38.47
C MET B 71 -31.43 71.92 39.42
N MET B 72 -30.54 70.95 39.55
CA MET B 72 -30.80 69.78 40.39
C MET B 72 -29.47 69.22 40.88
N ARG B 73 -29.25 69.30 42.18
CA ARG B 73 -28.11 68.71 42.86
C ARG B 73 -28.56 67.49 43.64
N PHE B 74 -27.58 66.70 44.09
CA PHE B 74 -27.83 65.47 44.82
C PHE B 74 -26.89 65.41 46.02
N ASN B 75 -27.46 65.25 47.20
CA ASN B 75 -26.71 65.05 48.43
C ASN B 75 -27.23 63.82 49.15
N ILE B 76 -26.32 63.15 49.85
CA ILE B 76 -26.66 61.89 50.52
C ILE B 76 -27.38 62.11 51.85
N ASN B 77 -27.37 63.32 52.39
CA ASN B 77 -28.14 63.58 53.60
C ASN B 77 -29.63 63.45 53.35
N ASP B 78 -30.07 63.77 52.14
CA ASP B 78 -31.48 63.69 51.80
C ASP B 78 -31.95 62.27 51.55
N PHE B 79 -31.04 61.32 51.41
CA PHE B 79 -31.37 59.92 51.20
C PHE B 79 -31.07 59.05 52.41
N LEU B 80 -30.06 59.41 53.18
CA LEU B 80 -29.60 58.65 54.33
C LEU B 80 -29.85 59.44 55.62
N PRO B 81 -30.78 59.05 56.49
CA PRO B 81 -31.03 59.86 57.66
C PRO B 81 -29.94 59.67 58.70
N PRO B 82 -29.96 60.48 59.76
CA PRO B 82 -29.04 60.23 60.86
C PRO B 82 -29.46 59.01 61.66
N GLY B 83 -28.46 58.34 62.21
CA GLY B 83 -28.71 57.14 62.96
C GLY B 83 -29.08 57.42 64.40
N GLY B 84 -28.58 56.59 65.30
CA GLY B 84 -28.84 56.75 66.71
C GLY B 84 -27.80 56.11 67.57
N GLY B 85 -27.33 56.84 68.58
CA GLY B 85 -26.33 56.32 69.48
C GLY B 85 -24.91 56.49 68.98
N SER B 86 -24.09 55.48 69.20
CA SER B 86 -22.71 55.53 68.78
C SER B 86 -22.55 55.45 67.27
N ASN B 87 -23.59 55.03 66.56
CA ASN B 87 -23.57 55.00 65.11
C ASN B 87 -24.19 56.30 64.60
N PRO B 88 -23.42 57.21 64.01
CA PRO B 88 -24.00 58.51 63.63
C PRO B 88 -24.96 58.44 62.47
N ARG B 89 -24.86 57.42 61.63
CA ARG B 89 -25.71 57.25 60.47
C ARG B 89 -26.45 55.93 60.54
N SER B 90 -27.50 55.83 59.74
CA SER B 90 -28.39 54.68 59.79
C SER B 90 -27.85 53.49 59.03
N VAL B 91 -26.97 53.72 58.06
CA VAL B 91 -26.25 52.67 57.34
C VAL B 91 -24.85 52.60 57.93
N PRO B 92 -24.48 51.55 58.66
CA PRO B 92 -23.21 51.59 59.39
C PRO B 92 -21.99 51.31 58.54
N PHE B 93 -21.56 52.33 57.80
CA PHE B 93 -20.38 52.26 56.98
C PHE B 93 -19.64 53.58 57.09
N GLU B 94 -18.36 53.55 56.73
CA GLU B 94 -17.48 54.70 56.83
C GLU B 94 -17.40 55.50 55.53
N TYR B 95 -17.15 54.82 54.43
CA TYR B 95 -16.89 55.46 53.14
C TYR B 95 -18.04 55.18 52.19
N TYR B 96 -18.11 56.00 51.14
CA TYR B 96 -19.12 55.83 50.12
C TYR B 96 -18.62 56.44 48.82
N ARG B 97 -19.27 56.05 47.74
CA ARG B 97 -19.07 56.70 46.45
C ARG B 97 -20.29 56.41 45.60
N ILE B 98 -20.87 57.46 45.04
CA ILE B 98 -22.09 57.33 44.27
C ILE B 98 -21.74 56.86 42.86
N ARG B 99 -22.32 55.73 42.47
CA ARG B 99 -22.05 55.11 41.18
C ARG B 99 -22.94 55.67 40.08
N LYS B 100 -24.24 55.75 40.34
CA LYS B 100 -25.20 56.19 39.36
C LYS B 100 -26.34 56.89 40.07
N VAL B 101 -27.07 57.70 39.30
CA VAL B 101 -28.32 58.31 39.75
C VAL B 101 -29.34 58.15 38.64
N LYS B 102 -30.58 57.91 39.03
CA LYS B 102 -31.72 57.82 38.14
C LYS B 102 -32.72 58.87 38.57
N VAL B 103 -32.86 59.91 37.78
CA VAL B 103 -33.87 60.93 37.98
C VAL B 103 -35.05 60.60 37.10
N GLU B 104 -36.22 60.49 37.71
CA GLU B 104 -37.46 60.14 37.03
C GLU B 104 -38.44 61.27 37.24
N PHE B 105 -38.86 61.90 36.14
CA PHE B 105 -39.93 62.89 36.14
C PHE B 105 -41.22 62.16 35.89
N TRP B 106 -41.94 61.87 36.97
CA TRP B 106 -43.24 61.24 36.88
C TRP B 106 -44.29 62.33 36.74
N PRO B 107 -45.05 62.38 35.65
CA PRO B 107 -46.00 63.47 35.48
C PRO B 107 -47.17 63.39 36.45
N CYS B 108 -47.75 64.57 36.68
CA CYS B 108 -48.94 64.72 37.48
C CYS B 108 -50.13 65.19 36.68
N SER B 109 -49.99 65.36 35.39
CA SER B 109 -50.95 66.01 34.53
C SER B 109 -51.66 64.98 33.67
N PRO B 110 -52.92 65.23 33.32
CA PRO B 110 -53.65 64.25 32.52
C PRO B 110 -53.17 64.22 31.08
N ILE B 111 -53.49 63.11 30.41
CA ILE B 111 -53.13 62.97 29.01
C ILE B 111 -53.99 63.81 28.08
N THR B 112 -55.03 64.46 28.60
CA THR B 112 -55.87 65.36 27.83
C THR B 112 -55.40 66.80 27.88
N GLN B 113 -54.32 67.10 28.58
CA GLN B 113 -53.87 68.47 28.74
C GLN B 113 -53.22 68.95 27.45
N GLY B 114 -53.60 70.15 27.03
CA GLY B 114 -53.09 70.74 25.83
C GLY B 114 -51.97 71.71 26.09
N ASP B 115 -51.68 72.53 25.07
CA ASP B 115 -50.57 73.48 25.10
C ASP B 115 -49.27 72.75 25.39
N ARG B 116 -49.10 71.60 24.73
CA ARG B 116 -47.92 70.79 24.93
C ARG B 116 -46.67 71.52 24.48
N GLY B 117 -45.54 70.97 24.89
CA GLY B 117 -44.27 71.62 24.65
C GLY B 117 -43.13 70.64 24.52
N VAL B 118 -41.92 71.17 24.43
CA VAL B 118 -40.73 70.34 24.24
C VAL B 118 -39.56 71.02 24.92
N GLY B 119 -38.87 70.27 25.77
CA GLY B 119 -37.77 70.77 26.56
C GLY B 119 -36.53 69.92 26.44
N SER B 120 -35.62 70.09 27.39
CA SER B 120 -34.32 69.45 27.32
C SER B 120 -33.77 69.27 28.72
N SER B 121 -33.13 68.11 28.95
CA SER B 121 -32.42 67.82 30.17
C SER B 121 -30.98 67.47 29.82
N ALA B 122 -30.04 68.11 30.50
CA ALA B 122 -28.63 67.92 30.25
C ALA B 122 -27.90 67.61 31.55
N VAL B 123 -26.71 67.05 31.41
CA VAL B 123 -25.90 66.59 32.52
C VAL B 123 -24.77 67.59 32.73
N ILE B 124 -24.73 68.17 33.93
CA ILE B 124 -23.84 69.28 34.26
C ILE B 124 -23.05 68.89 35.49
N LEU B 125 -21.82 68.46 35.28
CA LEU B 125 -21.01 67.83 36.33
C LEU B 125 -20.07 68.80 37.04
N ASP B 126 -20.41 70.09 37.12
CA ASP B 126 -19.44 71.08 37.60
C ASP B 126 -20.00 72.22 38.44
N ASP B 127 -21.29 72.23 38.75
CA ASP B 127 -21.86 73.22 39.67
C ASP B 127 -21.86 74.61 39.08
N ASN B 128 -21.91 74.72 37.76
CA ASN B 128 -22.13 76.00 37.08
C ASN B 128 -23.21 75.73 36.06
N PHE B 129 -24.45 75.96 36.50
CA PHE B 129 -25.64 75.77 35.70
C PHE B 129 -25.97 77.07 34.98
N VAL B 130 -26.81 76.94 33.95
CA VAL B 130 -27.45 78.12 33.40
C VAL B 130 -28.30 78.74 34.48
N THR B 131 -28.31 80.07 34.52
CA THR B 131 -29.02 80.78 35.57
C THR B 131 -30.49 80.43 35.57
N LYS B 132 -31.04 80.30 36.77
CA LYS B 132 -32.46 79.99 36.90
C LYS B 132 -33.30 81.11 36.32
N ALA B 133 -34.23 80.72 35.45
CA ALA B 133 -35.05 81.66 34.72
C ALA B 133 -36.49 81.17 34.72
N THR B 134 -37.41 82.12 34.69
CA THR B 134 -38.84 81.83 34.65
C THR B 134 -39.34 81.69 33.22
N ALA B 135 -39.02 82.67 32.36
CA ALA B 135 -39.43 82.65 30.96
C ALA B 135 -38.25 83.15 30.13
N LEU B 136 -37.38 82.24 29.73
CA LEU B 136 -36.26 82.53 28.85
C LEU B 136 -36.65 82.25 27.41
N THR B 137 -36.17 83.10 26.50
CA THR B 137 -36.60 83.08 25.11
C THR B 137 -35.99 81.95 24.30
N TYR B 138 -35.30 81.00 24.92
CA TYR B 138 -34.69 79.90 24.18
C TYR B 138 -34.40 78.78 25.16
N ASP B 139 -34.11 77.61 24.60
CA ASP B 139 -33.74 76.43 25.37
C ASP B 139 -32.22 76.37 25.45
N PRO B 140 -31.61 76.68 26.60
CA PRO B 140 -30.14 76.69 26.63
C PRO B 140 -29.53 75.32 26.52
N TYR B 141 -30.20 74.29 27.03
CA TYR B 141 -29.66 72.96 27.09
C TYR B 141 -29.94 72.16 25.82
N VAL B 142 -30.31 72.81 24.73
CA VAL B 142 -30.76 72.10 23.54
C VAL B 142 -29.57 71.58 22.75
N ASN B 143 -28.51 72.37 22.63
CA ASN B 143 -27.35 72.00 21.85
C ASN B 143 -26.31 71.24 22.66
N TYR B 144 -26.60 70.93 23.92
CA TYR B 144 -25.68 70.16 24.73
C TYR B 144 -25.59 68.73 24.23
N SER B 145 -24.38 68.18 24.31
CA SER B 145 -24.14 66.82 23.88
C SER B 145 -24.89 65.80 24.71
N SER B 146 -25.27 66.15 25.94
CA SER B 146 -26.01 65.27 26.82
C SER B 146 -27.49 65.63 26.88
N ARG B 147 -28.00 66.28 25.86
CA ARG B 147 -29.40 66.68 25.85
C ARG B 147 -30.28 65.49 25.49
N HIS B 148 -31.31 65.29 26.29
CA HIS B 148 -32.42 64.42 25.96
C HIS B 148 -33.67 65.27 25.91
N THR B 149 -34.51 65.01 24.94
CA THR B 149 -35.74 65.76 24.77
C THR B 149 -36.74 65.40 25.85
N ILE B 150 -37.37 66.43 26.41
CA ILE B 150 -38.46 66.27 27.36
C ILE B 150 -39.73 66.61 26.61
N THR B 151 -40.54 65.59 26.35
CA THR B 151 -41.91 65.80 25.94
C THR B 151 -42.74 66.18 27.16
N GLN B 152 -43.58 67.19 27.01
CA GLN B 152 -44.38 67.75 28.07
C GLN B 152 -45.84 67.70 27.69
N PRO B 153 -46.76 67.73 28.67
CA PRO B 153 -46.63 67.69 30.12
C PRO B 153 -46.84 66.32 30.74
N PHE B 154 -47.40 65.40 29.98
CA PHE B 154 -47.91 64.14 30.49
C PHE B 154 -47.03 62.95 30.14
N SER B 155 -45.74 63.18 29.97
CA SER B 155 -44.81 62.17 29.51
C SER B 155 -43.70 61.97 30.51
N TYR B 156 -43.27 60.73 30.63
CA TYR B 156 -42.24 60.33 31.56
C TYR B 156 -40.86 60.57 30.96
N HIS B 157 -39.94 61.04 31.81
CA HIS B 157 -38.58 61.35 31.41
C HIS B 157 -37.64 60.80 32.45
N SER B 158 -36.72 59.95 32.02
CA SER B 158 -35.70 59.37 32.88
C SER B 158 -34.32 59.80 32.39
N ARG B 159 -33.40 59.94 33.33
CA ARG B 159 -31.99 60.20 33.04
C ARG B 159 -31.18 59.35 33.99
N TYR B 160 -30.25 58.57 33.44
CA TYR B 160 -29.41 57.64 34.19
C TYR B 160 -27.97 57.95 33.87
N PHE B 161 -27.22 58.39 34.87
CA PHE B 161 -25.88 58.90 34.66
C PHE B 161 -25.09 58.76 35.94
N THR B 162 -23.81 59.09 35.85
CA THR B 162 -22.87 59.01 36.96
C THR B 162 -22.52 60.42 37.42
N PRO B 163 -22.94 60.85 38.62
CA PRO B 163 -22.63 62.20 39.04
C PRO B 163 -21.19 62.35 39.49
N LYS B 164 -20.81 63.57 39.86
CA LYS B 164 -19.48 63.88 40.30
C LYS B 164 -19.58 64.78 41.53
N PRO B 165 -18.68 64.63 42.49
CA PRO B 165 -18.74 65.49 43.67
C PRO B 165 -18.07 66.83 43.46
N VAL B 166 -18.49 67.79 44.28
CA VAL B 166 -17.97 69.15 44.24
C VAL B 166 -16.82 69.21 45.23
N LEU B 167 -15.63 68.89 44.74
CA LEU B 167 -14.43 68.91 45.56
C LEU B 167 -13.88 70.32 45.70
N ASP B 168 -13.81 71.06 44.60
CA ASP B 168 -13.38 72.46 44.61
C ASP B 168 -14.27 73.21 43.65
N SER B 169 -15.15 74.05 44.18
CA SER B 169 -16.05 74.83 43.36
C SER B 169 -15.33 75.96 42.63
N THR B 170 -14.13 76.32 43.06
CA THR B 170 -13.37 77.37 42.39
C THR B 170 -12.77 76.88 41.08
N ILE B 171 -12.27 75.65 41.07
CA ILE B 171 -11.60 75.09 39.91
C ILE B 171 -12.55 74.17 39.15
N ASP B 172 -13.43 73.48 39.90
CA ASP B 172 -14.45 72.62 39.34
C ASP B 172 -13.83 71.52 38.48
N TYR B 173 -13.08 70.65 39.15
CA TYR B 173 -12.45 69.51 38.51
C TYR B 173 -13.19 68.24 38.90
N PHE B 174 -13.22 67.28 37.97
CA PHE B 174 -13.87 66.01 38.21
C PHE B 174 -13.17 64.91 37.42
N GLN B 175 -13.44 63.74 37.79
CA GLN B 175 -12.86 62.54 37.22
C GLN B 175 -13.70 62.00 36.07
N PRO B 176 -13.09 61.36 35.08
CA PRO B 176 -13.89 60.62 34.13
C PRO B 176 -14.44 59.33 34.71
N ASN B 177 -15.28 58.66 33.96
CA ASN B 177 -15.97 57.48 34.45
C ASN B 177 -15.00 56.32 34.49
N ASN B 178 -14.75 55.81 35.70
CA ASN B 178 -13.90 54.65 35.89
C ASN B 178 -14.35 54.02 37.20
N LYS B 179 -14.91 52.81 37.12
CA LYS B 179 -15.41 52.19 38.33
C LYS B 179 -14.28 51.83 39.28
N ARG B 180 -13.10 51.55 38.76
CA ARG B 180 -11.99 51.08 39.58
C ARG B 180 -11.24 52.22 40.25
N ASN B 181 -11.27 53.42 39.65
CA ASN B 181 -10.51 54.55 40.13
C ASN B 181 -11.36 55.63 40.77
N GLN B 182 -12.67 55.41 40.91
CA GLN B 182 -13.53 56.42 41.49
C GLN B 182 -13.19 56.63 42.95
N LEU B 183 -13.12 57.89 43.34
CA LEU B 183 -12.75 58.26 44.69
C LEU B 183 -13.78 57.79 45.69
N TRP B 184 -13.29 57.40 46.86
CA TRP B 184 -14.12 57.14 48.02
C TRP B 184 -14.19 58.39 48.86
N LEU B 185 -15.39 58.84 49.14
CA LEU B 185 -15.63 59.92 50.08
C LEU B 185 -15.99 59.34 51.43
N ARG B 186 -15.93 60.18 52.45
CA ARG B 186 -16.35 59.81 53.79
C ARG B 186 -17.81 60.15 53.98
N LEU B 187 -18.52 59.24 54.62
CA LEU B 187 -19.90 59.44 55.03
C LEU B 187 -19.88 60.26 56.31
N GLN B 188 -19.96 61.57 56.14
CA GLN B 188 -19.94 62.48 57.27
C GLN B 188 -21.21 62.35 58.08
N THR B 189 -21.24 63.04 59.21
CA THR B 189 -22.39 62.99 60.10
C THR B 189 -23.50 63.92 59.63
N ALA B 190 -23.18 65.21 59.41
CA ALA B 190 -24.17 66.17 58.93
C ALA B 190 -23.63 67.17 57.93
N GLY B 191 -22.58 66.82 57.19
CA GLY B 191 -21.90 67.76 56.32
C GLY B 191 -21.41 67.22 55.01
N ASN B 192 -22.13 66.25 54.47
CA ASN B 192 -21.70 65.60 53.23
C ASN B 192 -21.71 66.59 52.07
N VAL B 193 -20.92 66.26 51.06
CA VAL B 193 -20.66 67.13 49.92
C VAL B 193 -21.72 66.91 48.86
N ASP B 194 -22.07 67.98 48.15
CA ASP B 194 -23.12 67.92 47.16
C ASP B 194 -22.59 67.32 45.87
N HIS B 195 -23.30 66.33 45.35
CA HIS B 195 -23.08 65.84 44.02
C HIS B 195 -23.99 66.56 43.05
N VAL B 196 -23.57 66.57 41.79
CA VAL B 196 -24.14 67.45 40.78
C VAL B 196 -24.20 66.68 39.47
N GLY B 197 -24.99 67.21 38.53
CA GLY B 197 -25.20 66.49 37.31
C GLY B 197 -26.51 66.55 36.56
N LEU B 198 -27.44 67.44 36.90
CA LEU B 198 -28.59 67.61 36.02
C LEU B 198 -29.13 69.02 36.01
N GLY B 199 -29.38 69.50 34.80
CA GLY B 199 -30.09 70.74 34.60
C GLY B 199 -31.14 70.58 33.53
N THR B 200 -32.24 71.31 33.69
CA THR B 200 -33.45 71.14 32.92
C THR B 200 -33.90 72.44 32.30
N ALA B 201 -34.73 72.32 31.27
CA ALA B 201 -35.40 73.45 30.65
C ALA B 201 -36.76 72.98 30.20
N PHE B 202 -37.80 73.49 30.85
CA PHE B 202 -39.18 73.14 30.55
C PHE B 202 -39.87 74.30 29.84
N GLU B 203 -40.61 73.98 28.80
CA GLU B 203 -41.36 74.98 28.05
C GLU B 203 -42.62 75.33 28.82
N ASN B 204 -42.82 76.63 29.02
CA ASN B 204 -43.95 77.09 29.80
C ASN B 204 -45.25 76.88 29.04
N SER B 205 -46.36 77.04 29.76
CA SER B 205 -47.68 76.74 29.24
C SER B 205 -48.71 77.59 29.95
N ILE B 206 -49.92 77.59 29.39
CA ILE B 206 -51.03 78.30 30.01
C ILE B 206 -51.47 77.60 31.28
N TYR B 207 -51.29 76.28 31.35
CA TYR B 207 -51.65 75.48 32.49
C TYR B 207 -50.42 75.15 33.32
N ASP B 208 -50.66 74.87 34.59
CA ASP B 208 -49.57 74.48 35.48
C ASP B 208 -49.15 73.05 35.19
N GLN B 209 -47.84 72.83 35.10
CA GLN B 209 -47.25 71.53 34.85
C GLN B 209 -46.55 71.05 36.11
N GLU B 210 -47.13 70.05 36.76
CA GLU B 210 -46.60 69.49 37.99
C GLU B 210 -45.93 68.15 37.71
N TYR B 211 -44.92 67.85 38.52
CA TYR B 211 -44.17 66.61 38.41
C TYR B 211 -43.82 66.11 39.80
N ASN B 212 -43.78 64.80 39.95
CA ASN B 212 -43.26 64.13 41.13
C ASN B 212 -41.93 63.50 40.75
N ILE B 213 -40.84 64.06 41.27
CA ILE B 213 -39.51 63.66 40.86
C ILE B 213 -38.97 62.66 41.87
N ARG B 214 -38.59 61.49 41.39
CA ARG B 214 -38.05 60.42 42.20
C ARG B 214 -36.59 60.22 41.80
N VAL B 215 -35.69 60.56 42.70
CA VAL B 215 -34.26 60.36 42.51
C VAL B 215 -33.86 59.09 43.23
N THR B 216 -33.13 58.24 42.53
CA THR B 216 -32.61 56.99 43.06
C THR B 216 -31.12 57.00 42.88
N MET B 217 -30.39 56.91 43.99
CA MET B 217 -28.94 56.86 43.97
C MET B 217 -28.46 55.44 44.24
N TYR B 218 -27.60 54.96 43.36
CA TYR B 218 -26.97 53.66 43.49
C TYR B 218 -25.59 53.85 44.08
N VAL B 219 -25.43 53.50 45.34
CA VAL B 219 -24.24 53.84 46.12
C VAL B 219 -23.47 52.56 46.42
N GLN B 220 -22.25 52.75 46.89
CA GLN B 220 -21.33 51.66 47.22
C GLN B 220 -20.59 52.09 48.46
N PHE B 221 -20.80 51.39 49.55
CA PHE B 221 -20.19 51.68 50.83
C PHE B 221 -18.99 50.77 51.08
N ARG B 222 -18.26 51.08 52.16
CA ARG B 222 -17.05 50.36 52.50
C ARG B 222 -16.80 50.49 53.99
N GLU B 223 -16.18 49.46 54.55
CA GLU B 223 -15.71 49.44 55.93
C GLU B 223 -16.87 49.59 56.93
N PHE B 224 -17.65 48.52 56.98
CA PHE B 224 -18.62 48.28 58.05
C PHE B 224 -18.04 48.63 59.40
N ASN B 225 -18.68 49.55 60.11
CA ASN B 225 -18.12 50.14 61.32
C ASN B 225 -19.14 50.21 62.43
N LEU B 226 -19.91 49.14 62.60
CA LEU B 226 -20.91 49.13 63.65
C LEU B 226 -20.24 49.15 65.01
N LYS B 227 -20.86 49.85 65.95
CA LYS B 227 -20.39 49.96 67.32
C LYS B 227 -21.46 49.41 68.25
N ASP B 228 -21.05 48.49 69.12
CA ASP B 228 -21.96 47.74 69.97
C ASP B 228 -21.54 47.92 71.43
N PRO B 229 -21.98 49.01 72.07
CA PRO B 229 -21.74 49.16 73.48
C PRO B 229 -22.65 48.25 74.29
N PRO B 230 -22.38 48.06 75.58
CA PRO B 230 -23.32 47.30 76.41
C PRO B 230 -24.62 48.03 76.65
N LEU B 231 -25.52 47.42 77.42
CA LEU B 231 -26.83 47.99 77.70
C LEU B 231 -27.24 47.73 79.15
N GLY C 43 -9.59 70.94 8.96
CA GLY C 43 -10.04 70.83 10.33
C GLY C 43 -11.53 70.65 10.46
N ILE C 44 -11.97 69.42 10.30
CA ILE C 44 -13.39 69.12 10.23
C ILE C 44 -13.98 69.08 11.62
N PHE C 45 -15.22 69.53 11.73
CA PHE C 45 -15.99 69.48 12.96
C PHE C 45 -17.45 69.33 12.60
N ASN C 46 -17.96 68.11 12.71
CA ASN C 46 -19.37 67.85 12.53
C ASN C 46 -20.11 68.12 13.83
N THR C 47 -21.15 68.94 13.77
CA THR C 47 -21.96 69.23 14.93
C THR C 47 -23.42 69.32 14.53
N ARG C 48 -24.23 69.85 15.42
CA ARG C 48 -25.68 69.88 15.30
C ARG C 48 -26.21 71.17 15.88
N LEU C 49 -26.99 71.90 15.09
CA LEU C 49 -27.55 73.18 15.47
C LEU C 49 -29.05 73.13 15.30
N SER C 50 -29.76 73.68 16.27
CA SER C 50 -31.21 73.62 16.33
C SER C 50 -31.80 75.02 16.50
N ARG C 51 -33.12 75.06 16.34
CA ARG C 51 -33.90 76.28 16.30
C ARG C 51 -35.36 75.87 16.35
N THR C 52 -36.16 76.64 17.08
CA THR C 52 -37.56 76.32 17.32
C THR C 52 -38.42 77.55 17.05
N PHE C 53 -39.55 77.33 16.40
CA PHE C 53 -40.48 78.39 16.06
C PHE C 53 -41.86 77.80 15.84
N GLY C 54 -42.84 78.69 15.73
CA GLY C 54 -44.23 78.30 15.61
C GLY C 54 -44.83 78.42 14.23
N TYR C 55 -45.88 77.65 14.00
CA TYR C 55 -46.66 77.69 12.76
C TYR C 55 -48.08 77.32 13.10
N THR C 56 -49.02 78.13 12.63
CA THR C 56 -50.44 77.93 12.89
C THR C 56 -51.22 77.92 11.58
N ILE C 57 -52.16 77.01 11.50
CA ILE C 57 -53.13 76.93 10.41
C ILE C 57 -54.44 77.42 11.00
N LYS C 58 -54.83 78.64 10.63
CA LYS C 58 -56.03 79.24 11.18
C LYS C 58 -57.28 78.50 10.70
N ARG C 59 -58.34 78.68 11.45
CA ARG C 59 -59.62 78.03 11.16
C ARG C 59 -60.28 78.65 9.93
N THR C 60 -61.21 77.88 9.35
CA THR C 60 -61.98 78.32 8.20
C THR C 60 -63.40 77.79 8.31
N THR C 61 -64.36 78.64 7.97
CA THR C 61 -65.77 78.24 7.88
C THR C 61 -66.07 77.46 6.61
N VAL C 62 -65.11 77.34 5.69
CA VAL C 62 -65.33 76.60 4.46
C VAL C 62 -65.68 75.16 4.77
N LYS C 63 -66.68 74.64 4.06
CA LYS C 63 -67.16 73.29 4.30
C LYS C 63 -66.32 72.24 3.57
N THR C 64 -65.85 72.56 2.38
CA THR C 64 -65.12 71.63 1.57
C THR C 64 -63.79 71.24 2.21
N PRO C 65 -63.16 70.17 1.74
CA PRO C 65 -61.78 69.92 2.14
C PRO C 65 -60.85 70.79 1.34
N SER C 66 -60.29 71.80 2.00
CA SER C 66 -59.29 72.67 1.41
C SER C 66 -57.99 72.54 2.17
N TRP C 67 -56.89 72.88 1.51
CA TRP C 67 -55.57 72.77 2.07
C TRP C 67 -54.88 74.12 2.12
N ALA C 68 -54.03 74.27 3.13
CA ALA C 68 -53.23 75.47 3.35
C ALA C 68 -51.80 75.15 2.98
N VAL C 69 -51.26 75.89 2.03
CA VAL C 69 -49.94 75.65 1.48
C VAL C 69 -48.98 76.70 2.03
N ASP C 70 -47.77 76.26 2.33
CA ASP C 70 -46.73 77.15 2.81
C ASP C 70 -45.38 76.52 2.49
N MET C 71 -44.35 77.34 2.63
CA MET C 71 -42.99 76.98 2.28
C MET C 71 -42.09 77.05 3.51
N MET C 72 -40.88 76.51 3.36
CA MET C 72 -39.93 76.46 4.46
C MET C 72 -38.52 76.44 3.88
N ARG C 73 -37.77 77.51 4.15
CA ARG C 73 -36.36 77.62 3.81
C ARG C 73 -35.52 77.50 5.05
N PHE C 74 -34.22 77.32 4.86
CA PHE C 74 -33.26 77.14 5.95
C PHE C 74 -32.04 78.00 5.69
N ASN C 75 -31.71 78.87 6.64
CA ASN C 75 -30.50 79.68 6.58
C ASN C 75 -29.73 79.50 7.88
N ILE C 76 -28.41 79.59 7.78
CA ILE C 76 -27.53 79.37 8.92
C ILE C 76 -27.44 80.56 9.85
N ASN C 77 -27.89 81.74 9.41
CA ASN C 77 -27.90 82.88 10.32
C ASN C 77 -28.88 82.67 11.46
N ASP C 78 -29.96 81.94 11.21
CA ASP C 78 -30.97 81.67 12.22
C ASP C 78 -30.54 80.62 13.23
N PHE C 79 -29.47 79.88 12.94
CA PHE C 79 -28.95 78.87 13.84
C PHE C 79 -27.64 79.27 14.49
N LEU C 80 -26.82 80.05 13.79
CA LEU C 80 -25.51 80.46 14.25
C LEU C 80 -25.49 81.96 14.49
N PRO C 81 -25.39 82.45 15.73
CA PRO C 81 -25.44 83.89 15.94
C PRO C 81 -24.13 84.54 15.56
N PRO C 82 -24.09 85.86 15.55
CA PRO C 82 -22.81 86.54 15.36
C PRO C 82 -21.94 86.43 16.59
N GLY C 83 -20.64 86.40 16.36
CA GLY C 83 -19.70 86.26 17.44
C GLY C 83 -19.37 87.57 18.10
N GLY C 84 -18.11 87.75 18.46
CA GLY C 84 -17.66 88.96 19.09
C GLY C 84 -16.18 89.20 18.92
N GLY C 85 -15.82 90.41 18.54
CA GLY C 85 -14.44 90.78 18.35
C GLY C 85 -13.92 90.42 16.98
N SER C 86 -12.68 89.93 16.94
CA SER C 86 -12.06 89.59 15.68
C SER C 86 -12.67 88.34 15.06
N ASN C 87 -13.43 87.56 15.82
CA ASN C 87 -14.13 86.41 15.30
C ASN C 87 -15.55 86.83 14.93
N PRO C 88 -15.92 86.91 13.65
CA PRO C 88 -17.24 87.44 13.32
C PRO C 88 -18.38 86.53 13.67
N ARG C 89 -18.13 85.24 13.82
CA ARG C 89 -19.15 84.25 14.14
C ARG C 89 -18.79 83.52 15.42
N SER C 90 -19.79 82.87 16.00
CA SER C 90 -19.64 82.23 17.30
C SER C 90 -18.96 80.87 17.21
N VAL C 91 -19.05 80.23 16.05
CA VAL C 91 -18.33 78.99 15.77
C VAL C 91 -17.12 79.35 14.92
N PRO C 92 -15.88 79.25 15.44
CA PRO C 92 -14.75 79.80 14.69
C PRO C 92 -14.25 78.90 13.57
N PHE C 93 -14.97 78.94 12.45
CA PHE C 93 -14.60 78.20 11.27
C PHE C 93 -14.88 79.08 10.05
N GLU C 94 -14.24 78.72 8.94
CA GLU C 94 -14.32 79.48 7.70
C GLU C 94 -15.40 78.95 6.76
N TYR C 95 -15.41 77.65 6.51
CA TYR C 95 -16.27 77.02 5.53
C TYR C 95 -17.29 76.15 6.22
N TYR C 96 -18.36 75.85 5.48
CA TYR C 96 -19.40 74.97 5.99
C TYR C 96 -20.11 74.31 4.81
N ARG C 97 -20.83 73.25 5.12
CA ARG C 97 -21.74 72.64 4.18
C ARG C 97 -22.77 71.84 4.97
N ILE C 98 -24.03 72.07 4.68
CA ILE C 98 -25.11 71.43 5.42
C ILE C 98 -25.32 70.03 4.88
N ARG C 99 -25.20 69.05 5.77
CA ARG C 99 -25.31 67.64 5.41
C ARG C 99 -26.75 67.16 5.42
N LYS C 100 -27.48 67.46 6.48
CA LYS C 100 -28.85 67.00 6.66
C LYS C 100 -29.61 68.05 7.44
N VAL C 101 -30.94 67.98 7.33
CA VAL C 101 -31.85 68.75 8.15
C VAL C 101 -32.96 67.83 8.61
N LYS C 102 -33.38 68.05 9.86
CA LYS C 102 -34.50 67.32 10.47
C LYS C 102 -35.52 68.36 10.88
N VAL C 103 -36.63 68.39 10.16
CA VAL C 103 -37.77 69.23 10.51
C VAL C 103 -38.76 68.38 11.27
N GLU C 104 -39.11 68.84 12.46
CA GLU C 104 -40.02 68.14 13.37
C GLU C 104 -41.20 69.04 13.62
N PHE C 105 -42.39 68.57 13.23
CA PHE C 105 -43.64 69.25 13.56
C PHE C 105 -44.15 68.65 14.87
N TRP C 106 -43.88 69.35 15.96
CA TRP C 106 -44.36 68.94 17.26
C TRP C 106 -45.74 69.54 17.48
N PRO C 107 -46.79 68.75 17.66
CA PRO C 107 -48.12 69.34 17.77
C PRO C 107 -48.31 70.10 19.07
N CYS C 108 -49.26 71.03 19.02
CA CYS C 108 -49.69 71.80 20.15
C CYS C 108 -51.12 71.51 20.56
N SER C 109 -51.78 70.60 19.88
CA SER C 109 -53.20 70.37 19.99
C SER C 109 -53.47 69.08 20.77
N PRO C 110 -54.58 69.01 21.49
CA PRO C 110 -54.85 67.82 22.27
C PRO C 110 -55.25 66.64 21.40
N ILE C 111 -55.13 65.44 21.97
CA ILE C 111 -55.53 64.24 21.25
C ILE C 111 -57.04 64.07 21.16
N THR C 112 -57.80 64.93 21.83
CA THR C 112 -59.26 64.91 21.74
C THR C 112 -59.80 65.83 20.66
N GLN C 113 -58.94 66.51 19.91
CA GLN C 113 -59.41 67.47 18.93
C GLN C 113 -59.94 66.73 17.72
N GLY C 114 -61.11 67.15 17.25
CA GLY C 114 -61.75 66.55 16.10
C GLY C 114 -61.50 67.32 14.83
N ASP C 115 -62.32 67.01 13.82
CA ASP C 115 -62.18 67.57 12.48
C ASP C 115 -60.78 67.29 11.94
N ARG C 116 -60.33 66.07 12.15
CA ARG C 116 -59.00 65.67 11.72
C ARG C 116 -58.89 65.71 10.22
N GLY C 117 -57.65 65.63 9.75
CA GLY C 117 -57.35 65.80 8.35
C GLY C 117 -56.13 65.05 7.91
N VAL C 118 -55.73 65.25 6.67
CA VAL C 118 -54.60 64.55 6.09
C VAL C 118 -53.93 65.46 5.08
N GLY C 119 -52.63 65.62 5.23
CA GLY C 119 -51.84 66.51 4.40
C GLY C 119 -50.62 65.84 3.82
N SER C 120 -49.68 66.65 3.37
CA SER C 120 -48.51 66.14 2.66
C SER C 120 -47.36 67.10 2.83
N SER C 121 -46.16 66.54 2.99
CA SER C 121 -44.92 67.29 3.03
C SER C 121 -43.99 66.74 1.97
N ALA C 122 -43.44 67.64 1.15
CA ALA C 122 -42.57 67.26 0.05
C ALA C 122 -41.28 68.06 0.12
N VAL C 123 -40.27 67.55 -0.58
CA VAL C 123 -38.92 68.11 -0.58
C VAL C 123 -38.72 68.84 -1.89
N ILE C 124 -38.42 70.13 -1.79
CA ILE C 124 -38.38 71.05 -2.93
C ILE C 124 -37.03 71.74 -2.90
N LEU C 125 -36.10 71.26 -3.72
CA LEU C 125 -34.71 71.66 -3.65
C LEU C 125 -34.34 72.78 -4.62
N ASP C 126 -35.28 73.66 -5.00
CA ASP C 126 -35.03 74.60 -6.07
C ASP C 126 -35.63 75.99 -5.92
N ASP C 127 -36.29 76.29 -4.80
CA ASP C 127 -36.76 77.65 -4.52
C ASP C 127 -37.90 78.06 -5.45
N ASN C 128 -38.66 77.08 -5.95
CA ASN C 128 -39.90 77.34 -6.68
C ASN C 128 -40.94 76.43 -6.06
N PHE C 129 -41.61 76.96 -5.06
CA PHE C 129 -42.65 76.27 -4.32
C PHE C 129 -44.00 76.53 -4.97
N VAL C 130 -44.97 75.68 -4.63
CA VAL C 130 -46.35 75.99 -4.93
C VAL C 130 -46.70 77.27 -4.19
N THR C 131 -47.49 78.11 -4.85
CA THR C 131 -47.81 79.41 -4.30
C THR C 131 -48.52 79.26 -2.95
N LYS C 132 -48.18 80.14 -2.02
CA LYS C 132 -48.81 80.11 -0.71
C LYS C 132 -50.31 80.37 -0.84
N ALA C 133 -51.10 79.50 -0.24
CA ALA C 133 -52.54 79.53 -0.33
C ALA C 133 -53.14 79.29 1.05
N THR C 134 -54.30 79.90 1.27
CA THR C 134 -55.04 79.74 2.52
C THR C 134 -55.99 78.56 2.46
N ALA C 135 -56.80 78.48 1.40
CA ALA C 135 -57.75 77.38 1.21
C ALA C 135 -57.73 77.00 -0.26
N LEU C 136 -56.85 76.08 -0.61
CA LEU C 136 -56.76 75.52 -1.95
C LEU C 136 -57.57 74.23 -2.03
N THR C 137 -58.23 74.02 -3.16
CA THR C 137 -59.18 72.95 -3.32
C THR C 137 -58.55 71.57 -3.51
N TYR C 138 -57.24 71.45 -3.35
CA TYR C 138 -56.57 70.17 -3.53
C TYR C 138 -55.23 70.23 -2.81
N ASP C 139 -54.63 69.06 -2.65
CA ASP C 139 -53.31 68.93 -2.06
C ASP C 139 -52.28 68.88 -3.18
N PRO C 140 -51.51 69.94 -3.41
CA PRO C 140 -50.58 69.91 -4.55
C PRO C 140 -49.44 68.95 -4.37
N TYR C 141 -48.98 68.75 -3.14
CA TYR C 141 -47.82 67.94 -2.85
C TYR C 141 -48.15 66.47 -2.68
N VAL C 142 -49.33 66.03 -3.12
CA VAL C 142 -49.77 64.67 -2.84
C VAL C 142 -49.13 63.68 -3.79
N ASN C 143 -49.00 64.03 -5.07
CA ASN C 143 -48.44 63.14 -6.06
C ASN C 143 -46.94 63.27 -6.19
N TYR C 144 -46.30 64.08 -5.35
CA TYR C 144 -44.86 64.20 -5.38
C TYR C 144 -44.20 62.92 -4.91
N SER C 145 -43.08 62.59 -5.54
CA SER C 145 -42.33 61.40 -5.19
C SER C 145 -41.77 61.45 -3.78
N SER C 146 -41.59 62.64 -3.22
CA SER C 146 -41.09 62.82 -1.88
C SER C 146 -42.19 63.16 -0.88
N ARG C 147 -43.42 62.78 -1.18
CA ARG C 147 -44.53 63.08 -0.29
C ARG C 147 -44.55 62.10 0.86
N HIS C 148 -44.67 62.64 2.06
CA HIS C 148 -45.00 61.89 3.26
C HIS C 148 -46.33 62.44 3.77
N THR C 149 -47.19 61.54 4.21
CA THR C 149 -48.48 61.93 4.72
C THR C 149 -48.35 62.59 6.08
N ILE C 150 -49.07 63.69 6.25
CA ILE C 150 -49.18 64.39 7.53
C ILE C 150 -50.55 64.05 8.07
N THR C 151 -50.58 63.26 9.12
CA THR C 151 -51.77 63.13 9.94
C THR C 151 -51.90 64.34 10.84
N GLN C 152 -53.10 64.88 10.92
CA GLN C 152 -53.40 66.10 11.64
C GLN C 152 -54.48 65.84 12.67
N PRO C 153 -54.57 66.66 13.72
CA PRO C 153 -53.73 67.76 14.17
C PRO C 153 -52.74 67.42 15.26
N PHE C 154 -52.92 66.26 15.89
CA PHE C 154 -52.22 65.91 17.13
C PHE C 154 -51.15 64.87 16.91
N SER C 155 -50.56 64.83 15.72
CA SER C 155 -49.62 63.79 15.35
C SER C 155 -48.29 64.41 14.94
N TYR C 156 -47.22 63.72 15.29
CA TYR C 156 -45.86 64.15 15.02
C TYR C 156 -45.45 63.78 13.61
N HIS C 157 -44.74 64.69 12.95
CA HIS C 157 -44.28 64.52 11.59
C HIS C 157 -42.83 64.96 11.52
N SER C 158 -41.96 64.06 11.08
CA SER C 158 -40.56 64.33 10.88
C SER C 158 -40.19 64.15 9.42
N ARG C 159 -39.22 64.94 8.97
CA ARG C 159 -38.65 64.82 7.63
C ARG C 159 -37.15 65.00 7.76
N TYR C 160 -36.39 64.05 7.26
CA TYR C 160 -34.94 64.03 7.34
C TYR C 160 -34.38 63.91 5.93
N PHE C 161 -33.68 64.94 5.49
CA PHE C 161 -33.25 65.03 4.12
C PHE C 161 -32.02 65.92 4.03
N THR C 162 -31.47 66.00 2.83
CA THR C 162 -30.29 66.77 2.52
C THR C 162 -30.67 68.00 1.71
N PRO C 163 -30.58 69.21 2.25
CA PRO C 163 -30.99 70.37 1.47
C PRO C 163 -29.95 70.75 0.43
N LYS C 164 -30.25 71.78 -0.35
CA LYS C 164 -29.38 72.27 -1.39
C LYS C 164 -29.36 73.79 -1.33
N PRO C 165 -28.23 74.42 -1.60
CA PRO C 165 -28.19 75.88 -1.58
C PRO C 165 -28.68 76.52 -2.87
N VAL C 166 -29.10 77.77 -2.72
CA VAL C 166 -29.60 78.56 -3.83
C VAL C 166 -28.42 79.33 -4.40
N LEU C 167 -27.74 78.69 -5.35
CA LEU C 167 -26.59 79.30 -6.00
C LEU C 167 -27.01 80.25 -7.11
N ASP C 168 -27.96 79.84 -7.93
CA ASP C 168 -28.53 80.70 -8.97
C ASP C 168 -30.03 80.45 -9.01
N SER C 169 -30.80 81.42 -8.55
CA SER C 169 -32.25 81.30 -8.55
C SER C 169 -32.84 81.39 -9.96
N THR C 170 -32.09 81.90 -10.92
CA THR C 170 -32.58 82.01 -12.29
C THR C 170 -32.57 80.65 -12.99
N ILE C 171 -31.54 79.85 -12.75
CA ILE C 171 -31.36 78.57 -13.40
C ILE C 171 -31.79 77.46 -12.46
N ASP C 172 -31.55 77.65 -11.17
CA ASP C 172 -31.95 76.72 -10.13
C ASP C 172 -31.34 75.34 -10.36
N TYR C 173 -30.02 75.29 -10.26
CA TYR C 173 -29.25 74.06 -10.39
C TYR C 173 -28.77 73.60 -9.03
N PHE C 174 -28.68 72.29 -8.85
CA PHE C 174 -28.21 71.72 -7.61
C PHE C 174 -27.52 70.39 -7.89
N GLN C 175 -26.81 69.96 -6.93
CA GLN C 175 -26.01 68.76 -6.99
C GLN C 175 -26.79 67.56 -6.47
N PRO C 176 -26.53 66.36 -6.98
CA PRO C 176 -27.07 65.17 -6.32
C PRO C 176 -26.35 64.86 -5.03
N ASN C 177 -26.85 63.89 -4.30
CA ASN C 177 -26.32 63.58 -2.99
C ASN C 177 -25.00 62.85 -3.12
N ASN C 178 -23.94 63.47 -2.62
CA ASN C 178 -22.62 62.87 -2.61
C ASN C 178 -21.86 63.51 -1.49
N LYS C 179 -21.53 62.74 -0.46
CA LYS C 179 -20.85 63.32 0.68
C LYS C 179 -19.46 63.80 0.34
N ARG C 180 -18.82 63.16 -0.64
CA ARG C 180 -17.44 63.48 -0.96
C ARG C 180 -17.31 64.67 -1.89
N ASN C 181 -18.35 64.94 -2.69
CA ASN C 181 -18.31 65.99 -3.70
C ASN C 181 -19.16 67.20 -3.34
N GLN C 182 -19.77 67.22 -2.17
CA GLN C 182 -20.62 68.34 -1.79
C GLN C 182 -19.80 69.61 -1.65
N LEU C 183 -20.31 70.70 -2.19
CA LEU C 183 -19.62 71.95 -2.19
C LEU C 183 -19.48 72.50 -0.78
N TRP C 184 -18.35 73.15 -0.54
CA TRP C 184 -18.12 73.93 0.66
C TRP C 184 -18.49 75.37 0.37
N LEU C 185 -19.37 75.92 1.18
CA LEU C 185 -19.69 77.34 1.16
C LEU C 185 -18.88 78.04 2.22
N ARG C 186 -18.85 79.37 2.11
CA ARG C 186 -18.21 80.20 3.11
C ARG C 186 -19.23 80.62 4.15
N LEU C 187 -18.80 80.59 5.40
CA LEU C 187 -19.57 81.09 6.52
C LEU C 187 -19.41 82.60 6.55
N GLN C 188 -20.32 83.29 5.89
CA GLN C 188 -20.28 84.73 5.80
C GLN C 188 -20.60 85.34 7.17
N THR C 189 -20.45 86.66 7.24
CA THR C 189 -20.69 87.37 8.49
C THR C 189 -22.17 87.62 8.70
N ALA C 190 -22.86 88.23 7.72
CA ALA C 190 -24.29 88.50 7.83
C ALA C 190 -25.06 88.30 6.54
N GLY C 191 -24.56 87.47 5.63
CA GLY C 191 -25.15 87.35 4.30
C GLY C 191 -25.17 85.95 3.74
N ASN C 192 -25.31 84.96 4.58
CA ASN C 192 -25.29 83.58 4.13
C ASN C 192 -26.47 83.26 3.22
N VAL C 193 -26.29 82.24 2.41
CA VAL C 193 -27.22 81.88 1.36
C VAL C 193 -28.28 80.94 1.91
N ASP C 194 -29.49 81.07 1.38
CA ASP C 194 -30.63 80.30 1.86
C ASP C 194 -30.58 78.90 1.29
N HIS C 195 -30.69 77.91 2.16
CA HIS C 195 -30.93 76.54 1.77
C HIS C 195 -32.42 76.27 1.76
N VAL C 196 -32.79 75.27 0.96
CA VAL C 196 -34.17 75.05 0.59
C VAL C 196 -34.43 73.55 0.57
N GLY C 197 -35.71 73.17 0.57
CA GLY C 197 -36.02 71.77 0.66
C GLY C 197 -37.26 71.28 1.38
N LEU C 198 -38.20 72.13 1.77
CA LEU C 198 -39.45 71.60 2.28
C LEU C 198 -40.64 72.48 1.97
N GLY C 199 -41.70 71.84 1.49
CA GLY C 199 -42.99 72.48 1.32
C GLY C 199 -44.07 71.59 1.85
N THR C 200 -45.12 72.22 2.38
CA THR C 200 -46.15 71.54 3.13
C THR C 200 -47.53 71.89 2.59
N ALA C 201 -48.49 71.03 2.94
CA ALA C 201 -49.89 71.29 2.66
C ALA C 201 -50.70 70.69 3.80
N PHE C 202 -51.32 71.56 4.59
CA PHE C 202 -52.12 71.17 5.73
C PHE C 202 -53.60 71.36 5.42
N GLU C 203 -54.40 70.37 5.79
CA GLU C 203 -55.84 70.43 5.59
C GLU C 203 -56.45 71.31 6.67
N ASN C 204 -57.25 72.27 6.25
CA ASN C 204 -57.84 73.21 7.16
C ASN C 204 -58.91 72.55 8.01
N SER C 205 -59.33 73.26 9.05
CA SER C 205 -60.23 72.71 10.05
C SER C 205 -61.03 73.84 10.69
N ILE C 206 -62.07 73.46 11.42
CA ILE C 206 -62.87 74.43 12.15
C ILE C 206 -62.08 75.01 13.31
N TYR C 207 -61.15 74.24 13.86
CA TYR C 207 -60.32 74.66 14.98
C TYR C 207 -58.93 75.04 14.48
N ASP C 208 -58.27 75.89 15.26
CA ASP C 208 -56.92 76.29 14.94
C ASP C 208 -55.95 75.16 15.23
N GLN C 209 -55.05 74.91 14.29
CA GLN C 209 -54.03 73.86 14.41
C GLN C 209 -52.68 74.54 14.56
N GLU C 210 -52.11 74.46 15.76
CA GLU C 210 -50.82 75.06 16.06
C GLU C 210 -49.75 73.98 16.13
N TYR C 211 -48.53 74.38 15.79
CA TYR C 211 -47.37 73.50 15.79
C TYR C 211 -46.16 74.27 16.28
N ASN C 212 -45.27 73.56 16.98
CA ASN C 212 -43.95 74.07 17.34
C ASN C 212 -42.95 73.32 16.47
N ILE C 213 -42.34 74.02 15.54
CA ILE C 213 -41.47 73.40 14.56
C ILE C 213 -40.03 73.56 15.01
N ARG C 214 -39.34 72.44 15.13
CA ARG C 214 -37.94 72.38 15.55
C ARG C 214 -37.12 71.88 14.38
N VAL C 215 -36.30 72.77 13.82
CA VAL C 215 -35.40 72.45 12.74
C VAL C 215 -34.02 72.20 13.33
N THR C 216 -33.41 71.10 12.95
CA THR C 216 -32.08 70.72 13.38
C THR C 216 -31.24 70.52 12.12
N MET C 217 -30.17 71.31 12.00
CA MET C 217 -29.25 71.20 10.89
C MET C 217 -27.97 70.51 11.34
N TYR C 218 -27.58 69.48 10.60
CA TYR C 218 -26.35 68.76 10.83
C TYR C 218 -25.31 69.28 9.85
N VAL C 219 -24.36 70.05 10.37
CA VAL C 219 -23.43 70.82 9.55
C VAL C 219 -22.04 70.23 9.72
N GLN C 220 -21.14 70.67 8.83
CA GLN C 220 -19.77 70.22 8.79
C GLN C 220 -18.93 71.42 8.43
N PHE C 221 -18.08 71.85 9.36
CA PHE C 221 -17.24 73.01 9.20
C PHE C 221 -15.82 72.61 8.81
N ARG C 222 -15.01 73.60 8.48
CA ARG C 222 -13.65 73.37 8.02
C ARG C 222 -12.82 74.61 8.30
N GLU C 223 -11.53 74.39 8.54
CA GLU C 223 -10.54 75.45 8.68
C GLU C 223 -10.84 76.36 9.87
N PHE C 224 -10.66 75.78 11.05
CA PHE C 224 -10.59 76.50 12.31
C PHE C 224 -9.75 77.76 12.17
N ASN C 225 -10.35 78.91 12.46
CA ASN C 225 -9.75 80.20 12.15
C ASN C 225 -9.85 81.16 13.32
N LEU C 226 -9.62 80.66 14.52
CA LEU C 226 -9.70 81.51 15.69
C LEU C 226 -8.61 82.57 15.65
N LYS C 227 -8.95 83.76 16.11
CA LYS C 227 -8.03 84.89 16.18
C LYS C 227 -7.89 85.33 17.63
N ASP C 228 -6.65 85.42 18.09
CA ASP C 228 -6.34 85.67 19.50
C ASP C 228 -5.46 86.91 19.61
N PRO C 229 -6.05 88.09 19.62
CA PRO C 229 -5.28 89.29 19.87
C PRO C 229 -4.91 89.40 21.34
N PRO C 230 -3.97 90.27 21.70
CA PRO C 230 -3.68 90.49 23.12
C PRO C 230 -4.81 91.20 23.83
N LEU C 231 -4.61 91.45 25.13
CA LEU C 231 -5.62 92.09 25.96
C LEU C 231 -5.00 93.08 26.93
N GLY D 43 -43.20 51.92 -24.61
CA GLY D 43 -42.70 52.93 -23.70
C GLY D 43 -43.45 52.99 -22.40
N ILE D 44 -43.10 52.09 -21.49
CA ILE D 44 -43.83 51.90 -20.26
C ILE D 44 -43.45 52.98 -19.26
N PHE D 45 -44.44 53.41 -18.48
CA PHE D 45 -44.22 54.35 -17.40
C PHE D 45 -45.23 54.04 -16.31
N ASN D 46 -44.78 53.37 -15.26
CA ASN D 46 -45.61 53.13 -14.09
C ASN D 46 -45.53 54.33 -13.17
N THR D 47 -46.69 54.86 -12.79
CA THR D 47 -46.75 55.98 -11.86
C THR D 47 -47.93 55.79 -10.92
N ARG D 48 -48.27 56.86 -10.21
CA ARG D 48 -49.24 56.84 -9.14
C ARG D 48 -50.02 58.14 -9.17
N LEU D 49 -51.34 58.04 -9.20
CA LEU D 49 -52.25 59.17 -9.27
C LEU D 49 -53.22 59.08 -8.12
N SER D 50 -53.49 60.22 -7.49
CA SER D 50 -54.32 60.29 -6.31
C SER D 50 -55.41 61.33 -6.47
N ARG D 51 -56.34 61.30 -5.52
CA ARG D 51 -57.56 62.08 -5.54
C ARG D 51 -58.20 61.93 -4.17
N THR D 52 -58.77 63.02 -3.65
CA THR D 52 -59.32 63.06 -2.32
C THR D 52 -60.71 63.68 -2.36
N PHE D 53 -61.63 63.10 -1.60
CA PHE D 53 -63.00 63.56 -1.53
C PHE D 53 -63.62 63.07 -0.24
N GLY D 54 -64.81 63.60 0.05
CA GLY D 54 -65.49 63.32 1.29
C GLY D 54 -66.67 62.37 1.18
N TYR D 55 -67.00 61.75 2.30
CA TYR D 55 -68.14 60.87 2.44
C TYR D 55 -68.65 60.95 3.86
N THR D 56 -69.95 61.15 4.02
CA THR D 56 -70.57 61.29 5.32
C THR D 56 -71.72 60.33 5.45
N ILE D 57 -71.83 59.71 6.62
CA ILE D 57 -72.95 58.87 7.01
C ILE D 57 -73.75 59.69 8.01
N LYS D 58 -74.89 60.21 7.57
CA LYS D 58 -75.71 61.06 8.41
C LYS D 58 -76.29 60.28 9.57
N ARG D 59 -76.67 61.02 10.61
CA ARG D 59 -77.23 60.45 11.81
C ARG D 59 -78.65 59.94 11.57
N THR D 60 -79.08 59.04 12.46
CA THR D 60 -80.42 58.47 12.43
C THR D 60 -80.93 58.29 13.84
N THR D 61 -82.20 58.61 14.04
CA THR D 61 -82.88 58.35 15.30
C THR D 61 -83.29 56.89 15.47
N VAL D 62 -83.11 56.07 14.44
CA VAL D 62 -83.46 54.66 14.51
C VAL D 62 -82.67 53.99 15.63
N LYS D 63 -83.36 53.16 16.41
CA LYS D 63 -82.74 52.49 17.55
C LYS D 63 -82.00 51.24 17.14
N THR D 64 -82.52 50.51 16.17
CA THR D 64 -81.94 49.25 15.77
C THR D 64 -80.56 49.44 15.16
N PRO D 65 -79.79 48.36 15.03
CA PRO D 65 -78.57 48.44 14.22
C PRO D 65 -78.92 48.35 12.76
N SER D 66 -78.82 49.46 12.06
CA SER D 66 -79.02 49.53 10.62
C SER D 66 -77.72 49.98 9.96
N TRP D 67 -77.60 49.62 8.68
CA TRP D 67 -76.41 49.92 7.91
C TRP D 67 -76.75 50.79 6.71
N ALA D 68 -75.78 51.63 6.35
CA ALA D 68 -75.86 52.52 5.20
C ALA D 68 -74.99 51.97 4.10
N VAL D 69 -75.59 51.71 2.96
CA VAL D 69 -74.92 51.06 1.84
C VAL D 69 -74.64 52.11 0.78
N ASP D 70 -73.48 51.99 0.15
CA ASP D 70 -73.09 52.88 -0.93
C ASP D 70 -72.06 52.18 -1.78
N MET D 71 -71.82 52.76 -2.95
CA MET D 71 -70.95 52.21 -3.97
C MET D 71 -69.79 53.15 -4.25
N MET D 72 -68.80 52.64 -4.98
CA MET D 72 -67.61 53.40 -5.29
C MET D 72 -67.03 52.89 -6.60
N ARG D 73 -67.04 53.74 -7.63
CA ARG D 73 -66.42 53.49 -8.91
C ARG D 73 -65.16 54.33 -9.04
N PHE D 74 -64.35 53.99 -10.05
CA PHE D 74 -63.09 54.67 -10.31
C PHE D 74 -62.98 54.97 -11.78
N ASN D 75 -62.77 56.24 -12.13
CA ASN D 75 -62.52 56.66 -13.49
C ASN D 75 -61.26 57.50 -13.53
N ILE D 76 -60.55 57.42 -14.66
CA ILE D 76 -59.27 58.11 -14.80
C ILE D 76 -59.42 59.59 -15.13
N ASN D 77 -60.61 60.03 -15.52
CA ASN D 77 -60.82 61.45 -15.75
C ASN D 77 -60.71 62.24 -14.45
N ASP D 78 -61.07 61.62 -13.33
CA ASP D 78 -61.02 62.27 -12.04
C ASP D 78 -59.62 62.35 -11.48
N PHE D 79 -58.67 61.62 -12.04
CA PHE D 79 -57.28 61.63 -11.62
C PHE D 79 -56.36 62.32 -12.60
N LEU D 80 -56.68 62.26 -13.88
CA LEU D 80 -55.86 62.81 -14.95
C LEU D 80 -56.59 63.96 -15.63
N PRO D 81 -56.17 65.21 -15.49
CA PRO D 81 -56.92 66.29 -16.09
C PRO D 81 -56.69 66.37 -17.58
N PRO D 82 -57.45 67.20 -18.28
CA PRO D 82 -57.16 67.43 -19.69
C PRO D 82 -55.90 68.27 -19.86
N GLY D 83 -55.20 68.00 -20.95
CA GLY D 83 -53.96 68.70 -21.22
C GLY D 83 -54.18 70.04 -21.89
N GLY D 84 -53.32 70.36 -22.83
CA GLY D 84 -53.42 71.61 -23.55
C GLY D 84 -52.72 71.56 -24.89
N GLY D 85 -53.41 72.03 -25.93
CA GLY D 85 -52.86 72.05 -27.26
C GLY D 85 -53.05 70.76 -27.99
N SER D 86 -52.02 70.35 -28.74
CA SER D 86 -52.08 69.13 -29.52
C SER D 86 -52.08 67.89 -28.65
N ASN D 87 -51.69 68.01 -27.38
CA ASN D 87 -51.72 66.90 -26.44
C ASN D 87 -53.04 66.96 -25.68
N PRO D 88 -53.98 66.04 -25.90
CA PRO D 88 -55.29 66.18 -25.27
C PRO D 88 -55.28 65.93 -23.77
N ARG D 89 -54.30 65.19 -23.27
CA ARG D 89 -54.19 64.86 -21.86
C ARG D 89 -52.86 65.36 -21.31
N SER D 90 -52.80 65.44 -19.98
CA SER D 90 -51.65 66.02 -19.31
C SER D 90 -50.49 65.04 -19.19
N VAL D 91 -50.77 63.75 -19.23
CA VAL D 91 -49.75 62.71 -19.27
C VAL D 91 -49.66 62.22 -20.71
N PRO D 92 -48.56 62.50 -21.44
CA PRO D 92 -48.58 62.23 -22.88
C PRO D 92 -48.33 60.77 -23.24
N PHE D 93 -49.37 59.98 -23.11
CA PHE D 93 -49.35 58.57 -23.47
C PHE D 93 -50.67 58.22 -24.14
N GLU D 94 -50.64 57.11 -24.87
CA GLU D 94 -51.78 56.64 -25.64
C GLU D 94 -52.64 55.64 -24.88
N TYR D 95 -52.02 54.61 -24.33
CA TYR D 95 -52.69 53.49 -23.70
C TYR D 95 -52.46 53.51 -22.20
N TYR D 96 -53.34 52.80 -21.49
CA TYR D 96 -53.20 52.67 -20.05
C TYR D 96 -53.88 51.39 -19.61
N ARG D 97 -53.54 50.99 -18.39
CA ARG D 97 -54.25 49.90 -17.72
C ARG D 97 -53.99 50.05 -16.24
N ILE D 98 -55.07 50.02 -15.46
CA ILE D 98 -54.98 50.25 -14.03
C ILE D 98 -54.57 48.94 -13.36
N ARG D 99 -53.46 48.98 -12.64
CA ARG D 99 -52.90 47.81 -11.98
C ARG D 99 -53.50 47.57 -10.61
N LYS D 100 -53.58 48.62 -9.79
CA LYS D 100 -54.07 48.53 -8.44
C LYS D 100 -54.75 49.83 -8.05
N VAL D 101 -55.58 49.76 -7.03
CA VAL D 101 -56.17 50.92 -6.40
C VAL D 101 -56.07 50.75 -4.90
N LYS D 102 -55.81 51.84 -4.21
CA LYS D 102 -55.76 51.91 -2.76
C LYS D 102 -56.79 52.94 -2.31
N VAL D 103 -57.87 52.45 -1.73
CA VAL D 103 -58.88 53.30 -1.12
C VAL D 103 -58.60 53.40 0.36
N GLU D 104 -58.46 54.63 0.84
CA GLU D 104 -58.15 54.91 2.23
C GLU D 104 -59.27 55.73 2.81
N PHE D 105 -59.94 55.19 3.82
CA PHE D 105 -60.93 55.93 4.59
C PHE D 105 -60.21 56.57 5.77
N TRP D 106 -59.89 57.84 5.61
CA TRP D 106 -59.27 58.59 6.68
C TRP D 106 -60.36 59.23 7.54
N PRO D 107 -60.46 58.90 8.83
CA PRO D 107 -61.57 59.43 9.61
C PRO D 107 -61.44 60.91 9.87
N CYS D 108 -62.60 61.51 10.12
CA CYS D 108 -62.73 62.90 10.49
C CYS D 108 -63.23 63.09 11.91
N SER D 109 -63.47 62.01 12.63
CA SER D 109 -64.15 62.02 13.89
C SER D 109 -63.16 61.79 15.03
N PRO D 110 -63.42 62.36 16.21
CA PRO D 110 -62.49 62.21 17.31
C PRO D 110 -62.52 60.81 17.89
N ILE D 111 -61.45 60.48 18.61
CA ILE D 111 -61.36 59.17 19.25
C ILE D 111 -62.25 59.06 20.48
N THR D 112 -62.87 60.15 20.91
CA THR D 112 -63.81 60.15 22.02
C THR D 112 -65.24 59.92 21.58
N GLN D 113 -65.51 59.75 20.29
CA GLN D 113 -66.88 59.63 19.82
C GLN D 113 -67.41 58.25 20.15
N GLY D 114 -68.62 58.21 20.68
CA GLY D 114 -69.27 56.98 21.06
C GLY D 114 -70.23 56.48 20.01
N ASP D 115 -71.08 55.55 20.43
CA ASP D 115 -72.03 54.88 19.54
C ASP D 115 -71.28 54.22 18.39
N ARG D 116 -70.17 53.58 18.71
CA ARG D 116 -69.34 52.94 17.73
C ARG D 116 -70.09 51.80 17.06
N GLY D 117 -69.52 51.34 15.95
CA GLY D 117 -70.17 50.36 15.12
C GLY D 117 -69.19 49.48 14.37
N VAL D 118 -69.73 48.64 13.50
CA VAL D 118 -68.92 47.69 12.75
C VAL D 118 -69.56 47.47 11.40
N GLY D 119 -68.76 47.63 10.35
CA GLY D 119 -69.22 47.53 8.98
C GLY D 119 -68.39 46.60 8.15
N SER D 120 -68.51 46.73 6.84
CA SER D 120 -67.86 45.81 5.91
C SER D 120 -67.62 46.50 4.59
N SER D 121 -66.47 46.22 4.00
CA SER D 121 -66.11 46.66 2.67
C SER D 121 -65.77 45.46 1.82
N ALA D 122 -66.38 45.37 0.64
CA ALA D 122 -66.20 44.25 -0.26
C ALA D 122 -65.84 44.76 -1.65
N VAL D 123 -65.27 43.85 -2.44
CA VAL D 123 -64.76 44.15 -3.77
C VAL D 123 -65.75 43.60 -4.79
N ILE D 124 -66.27 44.49 -5.62
CA ILE D 124 -67.37 44.20 -6.54
C ILE D 124 -66.93 44.60 -7.93
N LEU D 125 -66.49 43.62 -8.72
CA LEU D 125 -65.83 43.87 -9.99
C LEU D 125 -66.75 43.83 -11.20
N ASP D 126 -68.05 44.14 -11.03
CA ASP D 126 -69.01 43.91 -12.11
C ASP D 126 -70.11 44.96 -12.27
N ASP D 127 -70.10 46.03 -11.50
CA ASP D 127 -71.05 47.13 -11.70
C ASP D 127 -72.48 46.73 -11.35
N ASN D 128 -72.64 45.76 -10.46
CA ASN D 128 -73.95 45.43 -9.89
C ASN D 128 -73.74 45.37 -8.39
N PHE D 129 -73.93 46.51 -7.75
CA PHE D 129 -73.80 46.67 -6.33
C PHE D 129 -75.12 46.40 -5.64
N VAL D 130 -75.04 46.16 -4.33
CA VAL D 130 -76.24 46.20 -3.52
C VAL D 130 -76.82 47.60 -3.60
N THR D 131 -78.14 47.67 -3.66
CA THR D 131 -78.82 48.95 -3.84
C THR D 131 -78.46 49.90 -2.72
N LYS D 132 -78.27 51.17 -3.07
CA LYS D 132 -77.97 52.18 -2.08
C LYS D 132 -79.11 52.31 -1.09
N ALA D 133 -78.77 52.27 0.19
CA ALA D 133 -79.74 52.28 1.27
C ALA D 133 -79.25 53.20 2.37
N THR D 134 -80.21 53.82 3.06
CA THR D 134 -79.92 54.70 4.17
C THR D 134 -79.85 53.95 5.49
N ALA D 135 -80.86 53.12 5.77
CA ALA D 135 -80.91 52.32 6.99
C ALA D 135 -81.45 50.94 6.63
N LEU D 136 -80.54 50.05 6.27
CA LEU D 136 -80.87 48.67 5.98
C LEU D 136 -80.67 47.82 7.22
N THR D 137 -81.54 46.84 7.42
CA THR D 137 -81.60 46.07 8.65
C THR D 137 -80.49 45.02 8.77
N TYR D 138 -79.53 45.00 7.87
CA TYR D 138 -78.46 44.02 7.91
C TYR D 138 -77.29 44.54 7.10
N ASP D 139 -76.15 43.88 7.28
CA ASP D 139 -74.93 44.19 6.53
C ASP D 139 -74.87 43.26 5.33
N PRO D 140 -75.12 43.72 4.11
CA PRO D 140 -75.13 42.79 2.98
C PRO D 140 -73.76 42.26 2.63
N TYR D 141 -72.72 43.06 2.83
CA TYR D 141 -71.37 42.70 2.43
C TYR D 141 -70.63 41.91 3.48
N VAL D 142 -71.33 41.34 4.46
CA VAL D 142 -70.67 40.71 5.60
C VAL D 142 -70.19 39.31 5.24
N ASN D 143 -70.98 38.56 4.49
CA ASN D 143 -70.64 37.20 4.13
C ASN D 143 -69.86 37.11 2.83
N TYR D 144 -69.48 38.24 2.25
CA TYR D 144 -68.68 38.23 1.04
C TYR D 144 -67.27 37.75 1.34
N SER D 145 -66.72 37.00 0.40
CA SER D 145 -65.37 36.47 0.53
C SER D 145 -64.32 37.55 0.59
N SER D 146 -64.62 38.74 0.07
CA SER D 146 -63.70 39.87 0.08
C SER D 146 -64.05 40.89 1.14
N ARG D 147 -64.75 40.47 2.18
CA ARG D 147 -65.15 41.40 3.23
C ARG D 147 -63.99 41.66 4.17
N HIS D 148 -63.75 42.94 4.44
CA HIS D 148 -62.90 43.39 5.51
C HIS D 148 -63.76 44.19 6.46
N THR D 149 -63.54 43.98 7.75
CA THR D 149 -64.30 44.69 8.76
C THR D 149 -63.89 46.15 8.83
N ILE D 150 -64.90 47.02 8.91
CA ILE D 150 -64.71 48.45 9.12
C ILE D 150 -65.08 48.71 10.56
N THR D 151 -64.07 49.02 11.37
CA THR D 151 -64.31 49.61 12.67
C THR D 151 -64.63 51.08 12.49
N GLN D 152 -65.65 51.54 13.20
CA GLN D 152 -66.16 52.89 13.08
C GLN D 152 -66.14 53.55 14.45
N PRO D 153 -66.13 54.90 14.50
CA PRO D 153 -66.01 55.92 13.46
C PRO D 153 -64.62 56.48 13.26
N PHE D 154 -63.73 56.23 14.21
CA PHE D 154 -62.45 56.92 14.30
C PHE D 154 -61.29 56.03 13.90
N SER D 155 -61.52 55.08 13.02
CA SER D 155 -60.53 54.09 12.65
C SER D 155 -60.28 54.11 11.16
N TYR D 156 -59.03 53.87 10.79
CA TYR D 156 -58.58 53.88 9.42
C TYR D 156 -58.85 52.54 8.76
N HIS D 157 -59.28 52.60 7.50
CA HIS D 157 -59.61 51.42 6.72
C HIS D 157 -59.00 51.58 5.34
N SER D 158 -58.17 50.63 4.95
CA SER D 158 -57.56 50.59 3.63
C SER D 158 -58.00 49.33 2.90
N ARG D 159 -58.09 49.45 1.58
CA ARG D 159 -58.36 48.32 0.70
C ARG D 159 -57.48 48.48 -0.52
N TYR D 160 -56.72 47.43 -0.82
CA TYR D 160 -55.75 47.42 -1.92
C TYR D 160 -56.08 46.24 -2.82
N PHE D 161 -56.47 46.53 -4.05
CA PHE D 161 -56.99 45.51 -4.94
C PHE D 161 -56.78 45.95 -6.37
N THR D 162 -57.12 45.06 -7.28
CA THR D 162 -56.99 45.27 -8.72
C THR D 162 -58.37 45.45 -9.33
N PRO D 163 -58.74 46.64 -9.81
CA PRO D 163 -60.08 46.79 -10.37
C PRO D 163 -60.20 46.20 -11.75
N LYS D 164 -61.40 46.28 -12.31
CA LYS D 164 -61.69 45.75 -13.62
C LYS D 164 -62.54 46.77 -14.38
N PRO D 165 -62.35 46.91 -15.69
CA PRO D 165 -63.15 47.86 -16.43
C PRO D 165 -64.50 47.31 -16.85
N VAL D 166 -65.42 48.24 -17.10
CA VAL D 166 -66.78 47.92 -17.50
C VAL D 166 -66.78 47.91 -19.02
N LEU D 167 -66.49 46.75 -19.59
CA LEU D 167 -66.47 46.60 -21.03
C LEU D 167 -67.87 46.38 -21.59
N ASP D 168 -68.66 45.53 -20.94
CA ASP D 168 -70.05 45.31 -21.31
C ASP D 168 -70.86 45.18 -20.04
N SER D 169 -71.67 46.20 -19.75
CA SER D 169 -72.49 46.17 -18.55
C SER D 169 -73.65 45.19 -18.65
N THR D 170 -73.99 44.74 -19.85
CA THR D 170 -75.06 43.77 -20.03
C THR D 170 -74.63 42.37 -19.60
N ILE D 171 -73.40 42.00 -19.94
CA ILE D 171 -72.89 40.67 -19.68
C ILE D 171 -72.01 40.69 -18.44
N ASP D 172 -71.29 41.80 -18.24
CA ASP D 172 -70.46 42.02 -17.07
C ASP D 172 -69.39 40.93 -16.95
N TYR D 173 -68.49 40.91 -17.93
CA TYR D 173 -67.38 39.99 -17.95
C TYR D 173 -66.09 40.72 -17.60
N PHE D 174 -65.18 40.01 -16.95
CA PHE D 174 -63.90 40.57 -16.57
C PHE D 174 -62.84 39.48 -16.55
N GLN D 175 -61.65 39.90 -16.54
CA GLN D 175 -60.48 39.05 -16.59
C GLN D 175 -59.99 38.71 -15.18
N PRO D 176 -59.40 37.55 -14.97
CA PRO D 176 -58.70 37.32 -13.72
C PRO D 176 -57.39 38.09 -13.65
N ASN D 177 -56.76 38.04 -12.49
CA ASN D 177 -55.55 38.82 -12.27
C ASN D 177 -54.38 38.19 -12.99
N ASN D 178 -53.83 38.92 -13.94
CA ASN D 178 -52.65 38.47 -14.67
C ASN D 178 -51.96 39.73 -15.18
N LYS D 179 -50.77 40.00 -14.67
CA LYS D 179 -50.09 41.22 -15.06
C LYS D 179 -49.69 41.18 -16.53
N ARG D 180 -49.42 40.00 -17.07
CA ARG D 180 -48.92 39.90 -18.42
C ARG D 180 -50.03 39.95 -19.47
N ASN D 181 -51.24 39.56 -19.09
CA ASN D 181 -52.37 39.45 -20.01
C ASN D 181 -53.41 40.53 -19.82
N GLN D 182 -53.20 41.48 -18.91
CA GLN D 182 -54.17 42.53 -18.67
C GLN D 182 -54.32 43.41 -19.90
N LEU D 183 -55.56 43.71 -20.23
CA LEU D 183 -55.87 44.49 -21.41
C LEU D 183 -55.35 45.91 -21.27
N TRP D 184 -54.92 46.45 -22.39
CA TRP D 184 -54.60 47.87 -22.50
C TRP D 184 -55.82 48.59 -23.05
N LEU D 185 -56.26 49.60 -22.34
CA LEU D 185 -57.29 50.50 -22.80
C LEU D 185 -56.65 51.74 -23.40
N ARG D 186 -57.45 52.50 -24.12
CA ARG D 186 -57.03 53.77 -24.66
C ARG D 186 -57.35 54.88 -23.69
N LEU D 187 -56.41 55.80 -23.55
CA LEU D 187 -56.60 57.01 -22.78
C LEU D 187 -57.36 58.00 -23.66
N GLN D 188 -58.68 57.97 -23.52
CA GLN D 188 -59.54 58.83 -24.31
C GLN D 188 -59.37 60.28 -23.86
N THR D 189 -60.02 61.18 -24.61
CA THR D 189 -59.92 62.60 -24.32
C THR D 189 -60.88 62.99 -23.20
N ALA D 190 -62.17 62.66 -23.34
CA ALA D 190 -63.15 62.99 -22.30
C ALA D 190 -64.20 61.89 -22.09
N GLY D 191 -63.88 60.64 -22.40
CA GLY D 191 -64.87 59.58 -22.37
C GLY D 191 -64.38 58.24 -21.86
N ASN D 192 -63.43 58.26 -20.93
CA ASN D 192 -62.84 57.04 -20.44
C ASN D 192 -63.88 56.19 -19.69
N VAL D 193 -63.59 54.90 -19.62
CA VAL D 193 -64.52 53.91 -19.10
C VAL D 193 -64.34 53.80 -17.60
N ASP D 194 -65.44 53.51 -16.91
CA ASP D 194 -65.44 53.44 -15.47
C ASP D 194 -64.89 52.11 -15.01
N HIS D 195 -63.93 52.15 -14.10
CA HIS D 195 -63.49 50.98 -13.39
C HIS D 195 -64.26 50.85 -12.08
N VAL D 196 -64.32 49.63 -11.58
CA VAL D 196 -65.25 49.27 -10.53
C VAL D 196 -64.54 48.30 -9.59
N GLY D 197 -65.11 48.12 -8.40
CA GLY D 197 -64.43 47.30 -7.41
C GLY D 197 -64.55 47.60 -5.94
N LEU D 198 -65.42 48.48 -5.49
CA LEU D 198 -65.62 48.59 -4.05
C LEU D 198 -67.04 48.97 -3.67
N GLY D 199 -67.57 48.24 -2.70
CA GLY D 199 -68.83 48.59 -2.08
C GLY D 199 -68.71 48.47 -0.58
N THR D 200 -69.45 49.33 0.12
CA THR D 200 -69.30 49.52 1.55
C THR D 200 -70.64 49.39 2.25
N ALA D 201 -70.57 49.15 3.55
CA ALA D 201 -71.71 49.16 4.43
C ALA D 201 -71.27 49.69 5.78
N PHE D 202 -71.76 50.88 6.13
CA PHE D 202 -71.43 51.54 7.37
C PHE D 202 -72.62 51.49 8.31
N GLU D 203 -72.34 51.18 9.57
CA GLU D 203 -73.37 51.15 10.59
C GLU D 203 -73.70 52.56 11.03
N ASN D 204 -74.98 52.89 11.02
CA ASN D 204 -75.42 54.22 11.34
C ASN D 204 -75.25 54.49 12.84
N SER D 205 -75.38 55.77 13.19
CA SER D 205 -75.09 56.23 14.54
C SER D 205 -75.91 57.47 14.84
N ILE D 206 -75.95 57.83 16.12
CA ILE D 206 -76.63 59.06 16.53
C ILE D 206 -75.87 60.27 16.06
N TYR D 207 -74.56 60.17 15.92
CA TYR D 207 -73.70 61.25 15.47
C TYR D 207 -73.33 61.05 14.01
N ASP D 208 -73.00 62.15 13.35
CA ASP D 208 -72.56 62.11 11.98
C ASP D 208 -71.15 61.56 11.89
N GLN D 209 -70.93 60.64 10.96
CA GLN D 209 -69.63 60.01 10.72
C GLN D 209 -69.10 60.51 9.39
N GLU D 210 -68.08 61.35 9.43
CA GLU D 210 -67.46 61.90 8.24
C GLU D 210 -66.14 61.21 7.96
N TYR D 211 -65.79 61.15 6.68
CA TYR D 211 -64.56 60.54 6.22
C TYR D 211 -64.00 61.36 5.06
N ASN D 212 -62.68 61.39 4.98
CA ASN D 212 -61.96 61.92 3.83
C ASN D 212 -61.35 60.75 3.09
N ILE D 213 -61.88 60.45 1.92
CA ILE D 213 -61.49 59.25 1.18
C ILE D 213 -60.46 59.64 0.15
N ARG D 214 -59.29 58.98 0.21
CA ARG D 214 -58.18 59.20 -0.69
C ARG D 214 -58.00 57.94 -1.53
N VAL D 215 -58.30 58.06 -2.81
CA VAL D 215 -58.11 56.97 -3.77
C VAL D 215 -56.81 57.21 -4.50
N THR D 216 -55.99 56.18 -4.57
CA THR D 216 -54.71 56.19 -5.26
C THR D 216 -54.74 55.08 -6.29
N MET D 217 -54.60 55.44 -7.56
CA MET D 217 -54.54 54.47 -8.64
C MET D 217 -53.11 54.31 -9.13
N TYR D 218 -52.66 53.08 -9.19
CA TYR D 218 -51.36 52.73 -9.71
C TYR D 218 -51.52 52.26 -11.16
N VAL D 219 -51.11 53.11 -12.09
CA VAL D 219 -51.41 52.93 -13.50
C VAL D 219 -50.13 52.62 -14.24
N GLN D 220 -50.29 52.19 -15.48
CA GLN D 220 -49.19 51.80 -16.35
C GLN D 220 -49.56 52.26 -17.74
N PHE D 221 -48.80 53.20 -18.28
CA PHE D 221 -49.03 53.79 -19.58
C PHE D 221 -48.11 53.16 -20.62
N ARG D 222 -48.37 53.51 -21.88
CA ARG D 222 -47.63 52.95 -23.00
C ARG D 222 -47.69 53.92 -24.17
N GLU D 223 -46.64 53.90 -24.97
CA GLU D 223 -46.56 54.64 -26.23
C GLU D 223 -46.66 56.15 -26.01
N PHE D 224 -45.60 56.68 -25.42
CA PHE D 224 -45.31 58.10 -25.37
C PHE D 224 -45.60 58.76 -26.71
N ASN D 225 -46.49 59.75 -26.71
CA ASN D 225 -47.03 60.31 -27.94
C ASN D 225 -47.04 61.82 -27.91
N LEU D 226 -45.97 62.42 -27.39
CA LEU D 226 -45.91 63.86 -27.33
C LEU D 226 -45.86 64.46 -28.72
N LYS D 227 -46.53 65.60 -28.89
CA LYS D 227 -46.59 66.33 -30.13
C LYS D 227 -46.00 67.71 -29.92
N ASP D 228 -45.04 68.08 -30.77
CA ASP D 228 -44.25 69.29 -30.61
C ASP D 228 -44.36 70.12 -31.88
N PRO D 229 -45.42 70.92 -32.00
CA PRO D 229 -45.51 71.85 -33.12
C PRO D 229 -44.56 73.02 -32.93
N PRO D 230 -44.31 73.82 -33.96
CA PRO D 230 -43.52 75.03 -33.77
C PRO D 230 -44.25 76.08 -32.96
N LEU D 231 -43.61 77.23 -32.77
CA LEU D 231 -44.16 78.32 -31.98
C LEU D 231 -43.84 79.68 -32.61
N GLY E 43 -70.14 15.53 -0.92
CA GLY E 43 -69.95 16.85 -1.49
C GLY E 43 -69.78 17.92 -0.44
N ILE E 44 -68.57 18.03 0.07
CA ILE E 44 -68.28 18.89 1.20
C ILE E 44 -68.16 20.33 0.74
N PHE E 45 -68.62 21.25 1.57
CA PHE E 45 -68.48 22.68 1.35
C PHE E 45 -68.38 23.35 2.70
N ASN E 46 -67.16 23.72 3.08
CA ASN E 46 -66.94 24.51 4.27
C ASN E 46 -67.12 25.97 3.97
N THR E 47 -67.95 26.64 4.74
CA THR E 47 -68.17 28.07 4.57
C THR E 47 -68.31 28.73 5.94
N ARG E 48 -68.79 29.97 5.93
CA ARG E 48 -68.83 30.82 7.10
C ARG E 48 -70.09 31.66 7.04
N LEU E 49 -70.88 31.62 8.11
CA LEU E 49 -72.14 32.32 8.21
C LEU E 49 -72.11 33.18 9.45
N SER E 50 -72.61 34.41 9.33
CA SER E 50 -72.56 35.41 10.37
C SER E 50 -73.94 35.97 10.64
N ARG E 51 -74.02 36.72 11.73
CA ARG E 51 -75.25 37.26 12.28
C ARG E 51 -74.86 38.24 13.37
N THR E 52 -75.59 39.36 13.45
CA THR E 52 -75.26 40.44 14.37
C THR E 52 -76.52 40.86 15.12
N PHE E 53 -76.35 41.10 16.42
CA PHE E 53 -77.46 41.51 17.27
C PHE E 53 -76.90 42.22 18.50
N GLY E 54 -77.80 42.83 19.25
CA GLY E 54 -77.44 43.63 20.39
C GLY E 54 -77.66 42.99 21.75
N TYR E 55 -76.93 43.48 22.74
CA TYR E 55 -77.07 43.05 24.13
C TYR E 55 -76.69 44.23 25.01
N THR E 56 -77.55 44.53 25.97
CA THR E 56 -77.35 45.65 26.88
C THR E 56 -77.44 45.18 28.32
N ILE E 57 -76.55 45.70 29.15
CA ILE E 57 -76.56 45.51 30.59
C ILE E 57 -77.03 46.83 31.18
N LYS E 58 -78.27 46.86 31.63
CA LYS E 58 -78.85 48.08 32.15
C LYS E 58 -78.16 48.51 33.44
N ARG E 59 -78.30 49.80 33.75
CA ARG E 59 -77.69 50.38 34.93
C ARG E 59 -78.40 49.93 36.20
N THR E 60 -77.70 50.05 37.31
CA THR E 60 -78.22 49.71 38.63
C THR E 60 -77.71 50.72 39.66
N THR E 61 -78.59 51.13 40.55
CA THR E 61 -78.21 51.96 41.69
C THR E 61 -77.53 51.17 42.80
N VAL E 62 -77.47 49.84 42.69
CA VAL E 62 -76.82 49.03 43.71
C VAL E 62 -75.36 49.43 43.85
N LYS E 63 -74.92 49.52 45.09
CA LYS E 63 -73.55 49.96 45.37
C LYS E 63 -72.55 48.81 45.28
N THR E 64 -72.96 47.61 45.68
CA THR E 64 -72.07 46.48 45.73
C THR E 64 -71.62 46.09 44.32
N PRO E 65 -70.58 45.26 44.21
CA PRO E 65 -70.28 44.65 42.92
C PRO E 65 -71.20 43.47 42.69
N SER E 66 -72.15 43.63 41.78
CA SER E 66 -73.05 42.58 41.37
C SER E 66 -72.84 42.30 39.89
N TRP E 67 -73.21 41.09 39.49
CA TRP E 67 -73.05 40.63 38.12
C TRP E 67 -74.38 40.28 37.50
N ALA E 68 -74.45 40.50 36.19
CA ALA E 68 -75.61 40.18 35.37
C ALA E 68 -75.32 38.95 34.56
N VAL E 69 -76.12 37.93 34.73
CA VAL E 69 -75.91 36.64 34.11
C VAL E 69 -76.88 36.46 32.97
N ASP E 70 -76.41 35.87 31.89
CA ASP E 70 -77.25 35.59 30.73
C ASP E 70 -76.63 34.43 29.96
N MET E 71 -77.42 33.90 29.04
CA MET E 71 -77.07 32.72 28.26
C MET E 71 -77.04 33.06 26.78
N MET E 72 -76.51 32.14 25.99
CA MET E 72 -76.36 32.33 24.55
C MET E 72 -76.37 30.97 23.88
N ARG E 73 -77.41 30.73 23.08
CA ARG E 73 -77.52 29.55 22.24
C ARG E 73 -77.30 29.93 20.79
N PHE E 74 -77.12 28.92 19.95
CA PHE E 74 -76.86 29.11 18.53
C PHE E 74 -77.71 28.14 17.73
N ASN E 75 -78.50 28.68 16.80
CA ASN E 75 -79.29 27.89 15.88
C ASN E 75 -79.01 28.35 14.47
N ILE E 76 -79.11 27.40 13.53
CA ILE E 76 -78.78 27.67 12.14
C ILE E 76 -79.90 28.36 11.39
N ASN E 77 -81.11 28.39 11.94
CA ASN E 77 -82.18 29.13 11.29
C ASN E 77 -81.91 30.63 11.31
N ASP E 78 -81.21 31.11 12.32
CA ASP E 78 -80.89 32.52 12.44
C ASP E 78 -79.76 32.95 11.52
N PHE E 79 -79.02 32.00 10.93
CA PHE E 79 -77.94 32.28 10.01
C PHE E 79 -78.28 31.93 8.57
N LEU E 80 -79.10 30.91 8.37
CA LEU E 80 -79.47 30.40 7.06
C LEU E 80 -80.94 30.65 6.80
N PRO E 81 -81.33 31.54 5.88
CA PRO E 81 -82.74 31.79 5.70
C PRO E 81 -83.42 30.68 4.92
N PRO E 82 -84.74 30.70 4.83
CA PRO E 82 -85.42 29.76 3.96
C PRO E 82 -85.20 30.11 2.50
N GLY E 83 -85.17 29.08 1.66
CA GLY E 83 -84.94 29.26 0.25
C GLY E 83 -86.20 29.61 -0.50
N GLY E 84 -86.33 29.05 -1.69
CA GLY E 84 -87.50 29.30 -2.51
C GLY E 84 -87.72 28.20 -3.53
N GLY E 85 -88.96 27.73 -3.61
CA GLY E 85 -89.32 26.70 -4.56
C GLY E 85 -89.05 25.31 -4.03
N SER E 86 -88.56 24.44 -4.91
CA SER E 86 -88.29 23.07 -4.54
C SER E 86 -87.11 22.94 -3.59
N ASN E 87 -86.28 23.98 -3.48
CA ASN E 87 -85.18 23.99 -2.54
C ASN E 87 -85.64 24.68 -1.25
N PRO E 88 -85.82 23.95 -0.14
CA PRO E 88 -86.39 24.59 1.03
C PRO E 88 -85.46 25.58 1.72
N ARG E 89 -84.16 25.45 1.51
CA ARG E 89 -83.17 26.33 2.12
C ARG E 89 -82.34 27.01 1.05
N SER E 90 -81.66 28.08 1.47
CA SER E 90 -80.94 28.92 0.53
C SER E 90 -79.58 28.35 0.16
N VAL E 91 -79.02 27.51 1.02
CA VAL E 91 -77.80 26.77 0.73
C VAL E 91 -78.19 25.34 0.36
N PRO E 92 -78.05 24.92 -0.91
CA PRO E 92 -78.64 23.64 -1.29
C PRO E 92 -77.82 22.42 -0.90
N PHE E 93 -77.94 22.07 0.38
CA PHE E 93 -77.29 20.89 0.92
C PHE E 93 -78.25 20.20 1.88
N GLU E 94 -77.97 18.93 2.15
CA GLU E 94 -78.81 18.08 2.98
C GLU E 94 -78.37 18.07 4.43
N TYR E 95 -77.10 17.82 4.67
CA TYR E 95 -76.56 17.61 6.00
C TYR E 95 -75.64 18.77 6.38
N TYR E 96 -75.40 18.90 7.67
CA TYR E 96 -74.51 19.92 8.18
C TYR E 96 -73.94 19.47 9.52
N ARG E 97 -72.88 20.14 9.92
CA ARG E 97 -72.34 19.99 11.26
C ARG E 97 -71.50 21.22 11.55
N ILE E 98 -71.76 21.85 12.69
CA ILE E 98 -71.10 23.08 13.05
C ILE E 98 -69.74 22.74 13.64
N ARG E 99 -68.69 23.30 13.03
CA ARG E 99 -67.32 23.04 13.43
C ARG E 99 -66.85 23.96 14.53
N LYS E 100 -67.09 25.26 14.38
CA LYS E 100 -66.63 26.26 15.31
C LYS E 100 -67.63 27.40 15.32
N VAL E 101 -67.58 28.19 16.39
CA VAL E 101 -68.31 29.44 16.50
C VAL E 101 -67.37 30.48 17.08
N LYS E 102 -67.49 31.70 16.57
CA LYS E 102 -66.75 32.86 17.06
C LYS E 102 -67.76 33.89 17.51
N VAL E 103 -67.85 34.08 18.80
CA VAL E 103 -68.67 35.12 19.39
C VAL E 103 -67.80 36.31 19.68
N GLU E 104 -68.17 37.46 19.15
CA GLU E 104 -67.42 38.70 19.27
C GLU E 104 -68.31 39.72 19.95
N PHE E 105 -67.90 40.19 21.12
CA PHE E 105 -68.56 41.29 21.82
C PHE E 105 -67.87 42.57 21.37
N TRP E 106 -68.48 43.25 20.42
CA TRP E 106 -67.98 44.53 19.95
C TRP E 106 -68.59 45.63 20.81
N PRO E 107 -67.81 46.41 21.54
CA PRO E 107 -68.40 47.40 22.42
C PRO E 107 -69.06 48.54 21.68
N CYS E 108 -70.00 49.16 22.38
CA CYS E 108 -70.70 50.33 21.91
C CYS E 108 -70.41 51.56 22.75
N SER E 109 -69.55 51.45 23.74
CA SER E 109 -69.33 52.45 24.75
C SER E 109 -68.00 53.15 24.51
N PRO E 110 -67.88 54.43 24.88
CA PRO E 110 -66.64 55.14 24.64
C PRO E 110 -65.54 54.69 25.59
N ILE E 111 -64.30 54.99 25.19
CA ILE E 111 -63.17 54.65 26.02
C ILE E 111 -63.02 55.57 27.23
N THR E 112 -63.83 56.62 27.33
CA THR E 112 -63.84 57.50 28.48
C THR E 112 -64.83 57.09 29.55
N GLN E 113 -65.56 55.99 29.35
CA GLN E 113 -66.59 55.60 30.29
C GLN E 113 -65.95 55.01 31.53
N GLY E 114 -66.42 55.43 32.69
CA GLY E 114 -65.92 54.97 33.95
C GLY E 114 -66.77 53.88 34.56
N ASP E 115 -66.54 53.65 35.85
CA ASP E 115 -67.19 52.57 36.58
C ASP E 115 -66.94 51.24 35.90
N ARG E 116 -65.70 51.04 35.49
CA ARG E 116 -65.31 49.83 34.79
C ARG E 116 -65.46 48.62 35.70
N GLY E 117 -65.41 47.45 35.08
CA GLY E 117 -65.67 46.22 35.76
C GLY E 117 -64.94 45.04 35.17
N VAL E 118 -65.22 43.86 35.67
CA VAL E 118 -64.55 42.65 35.24
C VAL E 118 -65.52 41.49 35.34
N GLY E 119 -65.65 40.75 34.25
CA GLY E 119 -66.58 39.66 34.14
C GLY E 119 -65.95 38.38 33.65
N SER E 120 -66.77 37.46 33.18
CA SER E 120 -66.31 36.15 32.80
C SER E 120 -67.24 35.55 31.77
N SER E 121 -66.66 34.87 30.78
CA SER E 121 -67.39 34.11 29.78
C SER E 121 -66.90 32.67 29.81
N ALA E 122 -67.84 31.74 29.88
CA ALA E 122 -67.55 30.33 29.96
C ALA E 122 -68.32 29.56 28.92
N VAL E 123 -67.84 28.36 28.63
CA VAL E 123 -68.38 27.49 27.58
C VAL E 123 -69.21 26.40 28.24
N ILE E 124 -70.49 26.35 27.89
CA ILE E 124 -71.48 25.51 28.54
C ILE E 124 -72.16 24.67 27.47
N LEU E 125 -71.72 23.42 27.33
CA LEU E 125 -72.09 22.58 26.22
C LEU E 125 -73.28 21.66 26.50
N ASP E 126 -74.19 22.03 27.42
CA ASP E 126 -75.21 21.10 27.88
C ASP E 126 -76.59 21.68 28.15
N ASP E 127 -76.82 22.96 27.89
CA ASP E 127 -78.16 23.54 27.99
C ASP E 127 -78.65 23.62 29.43
N ASN E 128 -77.72 23.69 30.38
CA ASN E 128 -78.05 23.97 31.79
C ASN E 128 -77.10 25.07 32.21
N PHE E 129 -77.57 26.30 32.03
CA PHE E 129 -76.85 27.50 32.38
C PHE E 129 -77.16 27.91 33.81
N VAL E 130 -76.30 28.76 34.36
CA VAL E 130 -76.65 29.46 35.58
C VAL E 130 -77.88 30.31 35.29
N THR E 131 -78.78 30.37 36.26
CA THR E 131 -80.04 31.06 36.07
C THR E 131 -79.80 32.53 35.74
N LYS E 132 -80.60 33.05 34.82
CA LYS E 132 -80.49 34.45 34.44
C LYS E 132 -80.78 35.34 35.64
N ALA E 133 -79.87 36.28 35.88
CA ALA E 133 -79.93 37.16 37.03
C ALA E 133 -79.60 38.57 36.60
N THR E 134 -80.20 39.54 37.29
CA THR E 134 -79.96 40.94 37.03
C THR E 134 -78.80 41.47 37.87
N ALA E 135 -78.81 41.21 39.17
CA ALA E 135 -77.74 41.65 40.07
C ALA E 135 -77.46 40.51 41.04
N LEU E 136 -76.56 39.62 40.65
CA LEU E 136 -76.10 38.53 41.51
C LEU E 136 -74.84 38.94 42.23
N THR E 137 -74.71 38.51 43.49
CA THR E 137 -73.65 38.97 44.38
C THR E 137 -72.30 38.34 44.09
N TYR E 138 -72.14 37.60 43.01
CA TYR E 138 -70.87 36.97 42.70
C TYR E 138 -70.87 36.62 41.21
N ASP E 139 -69.68 36.30 40.72
CA ASP E 139 -69.48 35.87 39.35
C ASP E 139 -69.51 34.34 39.31
N PRO E 140 -70.58 33.71 38.81
CA PRO E 140 -70.61 32.25 38.87
C PRO E 140 -69.63 31.59 37.93
N TYR E 141 -69.33 32.20 36.80
CA TYR E 141 -68.49 31.62 35.78
C TYR E 141 -67.02 31.89 36.01
N VAL E 142 -66.62 32.31 37.20
CA VAL E 142 -65.26 32.76 37.44
C VAL E 142 -64.33 31.57 37.63
N ASN E 143 -64.77 30.55 38.34
CA ASN E 143 -63.95 29.40 38.62
C ASN E 143 -64.07 28.31 37.57
N TYR E 144 -64.79 28.56 36.50
CA TYR E 144 -64.91 27.60 35.42
C TYR E 144 -63.59 27.46 34.68
N SER E 145 -63.29 26.23 34.27
CA SER E 145 -62.07 25.95 33.55
C SER E 145 -62.01 26.64 32.21
N SER E 146 -63.16 27.01 31.64
CA SER E 146 -63.24 27.69 30.36
C SER E 146 -63.51 29.18 30.52
N ARG E 147 -63.17 29.75 31.67
CA ARG E 147 -63.42 31.16 31.91
C ARG E 147 -62.35 31.99 31.22
N HIS E 148 -62.82 33.00 30.50
CA HIS E 148 -61.98 34.08 30.01
C HIS E 148 -62.50 35.37 30.64
N THR E 149 -61.59 36.22 31.05
CA THR E 149 -61.95 37.47 31.67
C THR E 149 -62.52 38.44 30.64
N ILE E 150 -63.61 39.10 31.01
CA ILE E 150 -64.21 40.16 30.22
C ILE E 150 -63.85 41.46 30.91
N THR E 151 -62.98 42.23 30.29
CA THR E 151 -62.82 43.62 30.66
C THR E 151 -63.97 44.43 30.10
N GLN E 152 -64.51 45.31 30.92
CA GLN E 152 -65.68 46.11 30.60
C GLN E 152 -65.36 47.58 30.75
N PRO E 153 -66.10 48.47 30.10
CA PRO E 153 -67.16 48.31 29.10
C PRO E 153 -66.72 48.45 27.66
N PHE E 154 -65.53 49.00 27.45
CA PHE E 154 -65.08 49.44 26.14
C PHE E 154 -64.04 48.53 25.53
N SER E 155 -64.08 47.25 25.87
CA SER E 155 -63.06 46.31 25.46
C SER E 155 -63.70 45.15 24.69
N TYR E 156 -62.96 44.67 23.70
CA TYR E 156 -63.40 43.60 22.83
C TYR E 156 -63.12 42.26 23.46
N HIS E 157 -64.07 41.34 23.30
CA HIS E 157 -64.00 40.01 23.85
C HIS E 157 -64.42 39.01 22.78
N SER E 158 -63.54 38.08 22.47
CA SER E 158 -63.81 37.01 21.52
C SER E 158 -63.73 35.66 22.22
N ARG E 159 -64.53 34.73 21.74
CA ARG E 159 -64.50 33.34 22.19
C ARG E 159 -64.67 32.47 20.96
N TYR E 160 -63.74 31.53 20.78
CA TYR E 160 -63.70 30.65 19.62
C TYR E 160 -63.67 29.22 20.14
N PHE E 161 -64.72 28.47 19.83
CA PHE E 161 -64.91 27.15 20.41
C PHE E 161 -65.78 26.33 19.49
N THR E 162 -65.94 25.06 19.85
CA THR E 162 -66.72 24.09 19.11
C THR E 162 -68.01 23.79 19.86
N PRO E 163 -69.18 24.19 19.38
CA PRO E 163 -70.40 23.91 20.13
C PRO E 163 -70.83 22.48 20.01
N LYS E 164 -71.92 22.14 20.68
CA LYS E 164 -72.47 20.81 20.69
C LYS E 164 -73.98 20.91 20.54
N PRO E 165 -74.63 19.98 19.84
CA PRO E 165 -76.08 20.05 19.69
C PRO E 165 -76.81 19.43 20.87
N VAL E 166 -78.05 19.87 21.02
CA VAL E 166 -78.93 19.41 22.09
C VAL E 166 -79.71 18.24 21.53
N LEU E 167 -79.15 17.04 21.67
CA LEU E 167 -79.79 15.83 21.20
C LEU E 167 -80.82 15.32 22.18
N ASP E 168 -80.49 15.30 23.47
CA ASP E 168 -81.42 14.94 24.52
C ASP E 168 -81.19 15.87 25.69
N SER E 169 -82.14 16.77 25.93
CA SER E 169 -82.04 17.72 27.02
C SER E 169 -82.24 17.05 28.38
N THR E 170 -82.81 15.86 28.42
CA THR E 170 -83.01 15.15 29.67
C THR E 170 -81.71 14.57 30.20
N ILE E 171 -80.88 14.03 29.32
CA ILE E 171 -79.64 13.36 29.68
C ILE E 171 -78.47 14.30 29.45
N ASP E 172 -78.57 15.12 28.42
CA ASP E 172 -77.57 16.13 28.10
C ASP E 172 -76.20 15.49 27.86
N TYR E 173 -76.13 14.69 26.80
CA TYR E 173 -74.90 14.04 26.38
C TYR E 173 -74.35 14.72 25.14
N PHE E 174 -73.02 14.73 25.05
CA PHE E 174 -72.35 15.33 23.90
C PHE E 174 -71.05 14.61 23.64
N GLN E 175 -70.54 14.83 22.51
CA GLN E 175 -69.33 14.22 22.01
C GLN E 175 -68.11 15.06 22.33
N PRO E 176 -66.95 14.45 22.53
CA PRO E 176 -65.72 15.24 22.57
C PRO E 176 -65.31 15.73 21.20
N ASN E 177 -64.29 16.57 21.16
CA ASN E 177 -63.88 17.20 19.91
C ASN E 177 -63.14 16.19 19.05
N ASN E 178 -63.71 15.89 17.89
CA ASN E 178 -63.10 14.99 16.92
C ASN E 178 -63.66 15.38 15.56
N LYS E 179 -62.80 15.90 14.69
CA LYS E 179 -63.29 16.35 13.41
C LYS E 179 -63.77 15.19 12.56
N ARG E 180 -63.20 14.01 12.75
CA ARG E 180 -63.52 12.87 11.90
C ARG E 180 -64.78 12.14 12.35
N ASN E 181 -65.12 12.24 13.63
CA ASN E 181 -66.24 11.50 14.21
C ASN E 181 -67.42 12.38 14.54
N GLN E 182 -67.37 13.67 14.24
CA GLN E 182 -68.48 14.56 14.56
C GLN E 182 -69.71 14.19 13.77
N LEU E 183 -70.84 14.17 14.47
CA LEU E 183 -72.10 13.78 13.87
C LEU E 183 -72.53 14.76 12.80
N TRP E 184 -73.15 14.23 11.76
CA TRP E 184 -73.84 15.02 10.76
C TRP E 184 -75.30 15.12 11.14
N LEU E 185 -75.80 16.33 11.24
CA LEU E 185 -77.22 16.58 11.42
C LEU E 185 -77.84 16.89 10.08
N ARG E 186 -79.17 16.84 10.04
CA ARG E 186 -79.92 17.23 8.87
C ARG E 186 -80.27 18.70 8.92
N LEU E 187 -80.14 19.35 7.79
CA LEU E 187 -80.58 20.72 7.62
C LEU E 187 -82.08 20.70 7.38
N GLN E 188 -82.82 20.84 8.46
CA GLN E 188 -84.27 20.82 8.41
C GLN E 188 -84.78 22.08 7.71
N THR E 189 -86.09 22.10 7.48
CA THR E 189 -86.72 23.23 6.81
C THR E 189 -86.97 24.38 7.77
N ALA E 190 -87.65 24.11 8.89
CA ALA E 190 -87.92 25.15 9.88
C ALA E 190 -87.83 24.67 11.32
N GLY E 191 -87.06 23.62 11.59
CA GLY E 191 -87.05 23.00 12.90
C GLY E 191 -85.69 22.52 13.38
N ASN E 192 -84.64 23.22 12.98
CA ASN E 192 -83.30 22.79 13.34
C ASN E 192 -83.07 22.86 14.85
N VAL E 193 -82.10 22.09 15.30
CA VAL E 193 -81.83 21.89 16.71
C VAL E 193 -80.88 22.97 17.20
N ASP E 194 -81.06 23.37 18.46
CA ASP E 194 -80.26 24.44 19.04
C ASP E 194 -78.90 23.92 19.45
N HIS E 195 -77.86 24.60 19.02
CA HIS E 195 -76.52 24.39 19.54
C HIS E 195 -76.27 25.34 20.69
N VAL E 196 -75.34 24.95 21.54
CA VAL E 196 -75.17 25.58 22.85
C VAL E 196 -73.68 25.66 23.13
N GLY E 197 -73.30 26.48 24.12
CA GLY E 197 -71.90 26.69 24.37
C GLY E 197 -71.39 28.01 24.86
N LEU E 198 -72.22 28.96 25.27
CA LEU E 198 -71.66 30.15 25.91
C LEU E 198 -72.58 30.74 26.96
N GLY E 199 -71.99 31.04 28.11
CA GLY E 199 -72.66 31.79 29.14
C GLY E 199 -71.74 32.86 29.68
N THR E 200 -72.35 33.98 30.08
CA THR E 200 -71.63 35.20 30.41
C THR E 200 -72.04 35.71 31.78
N ALA E 201 -71.17 36.56 32.32
CA ALA E 201 -71.45 37.28 33.55
C ALA E 201 -70.79 38.64 33.45
N PHE E 202 -71.60 39.69 33.35
CA PHE E 202 -71.15 41.06 33.24
C PHE E 202 -71.37 41.80 34.53
N GLU E 203 -70.37 42.55 34.95
CA GLU E 203 -70.46 43.36 36.15
C GLU E 203 -71.27 44.61 35.87
N ASN E 204 -72.27 44.86 36.68
CA ASN E 204 -73.16 45.99 36.48
C ASN E 204 -72.44 47.29 36.77
N SER E 205 -73.08 48.39 36.36
CA SER E 205 -72.48 49.71 36.42
C SER E 205 -73.56 50.75 36.54
N ILE E 206 -73.14 51.98 36.87
CA ILE E 206 -74.06 53.10 36.94
C ILE E 206 -74.54 53.48 35.55
N TYR E 207 -73.74 53.25 34.53
CA TYR E 207 -74.06 53.56 33.16
C TYR E 207 -74.47 52.30 32.41
N ASP E 208 -75.24 52.49 31.35
CA ASP E 208 -75.64 51.37 30.52
C ASP E 208 -74.48 50.90 29.66
N GLN E 209 -74.29 49.59 29.61
CA GLN E 209 -73.23 48.96 28.83
C GLN E 209 -73.87 48.22 27.66
N GLU E 210 -73.70 48.74 26.46
CA GLU E 210 -74.25 48.15 25.26
C GLU E 210 -73.16 47.45 24.46
N TYR E 211 -73.57 46.41 23.74
CA TYR E 211 -72.68 45.61 22.92
C TYR E 211 -73.40 45.22 21.64
N ASN E 212 -72.64 45.12 20.57
CA ASN E 212 -73.09 44.55 19.30
C ASN E 212 -72.40 43.21 19.15
N ILE E 213 -73.16 42.13 19.27
CA ILE E 213 -72.60 40.80 19.29
C ILE E 213 -72.71 40.20 17.91
N ARG E 214 -71.57 39.79 17.36
CA ARG E 214 -71.47 39.19 16.04
C ARG E 214 -71.04 37.73 16.21
N VAL E 215 -71.96 36.82 15.92
CA VAL E 215 -71.71 35.39 15.96
C VAL E 215 -71.40 34.93 14.55
N THR E 216 -70.32 34.19 14.40
CA THR E 216 -69.89 33.61 13.13
C THR E 216 -69.78 32.12 13.33
N MET E 217 -70.55 31.37 12.57
CA MET E 217 -70.52 29.91 12.60
C MET E 217 -69.78 29.38 11.39
N TYR E 218 -68.81 28.51 11.64
CA TYR E 218 -68.05 27.84 10.59
C TYR E 218 -68.64 26.45 10.42
N VAL E 219 -69.35 26.24 9.32
CA VAL E 219 -70.16 25.06 9.12
C VAL E 219 -69.55 24.23 7.99
N GLN E 220 -70.03 23.01 7.88
CA GLN E 220 -69.57 22.06 6.89
C GLN E 220 -70.79 21.29 6.42
N PHE E 221 -71.13 21.45 5.15
CA PHE E 221 -72.29 20.82 4.55
C PHE E 221 -71.89 19.59 3.76
N ARG E 222 -72.91 18.85 3.31
CA ARG E 222 -72.69 17.60 2.60
C ARG E 222 -73.90 17.32 1.72
N GLU E 223 -73.64 16.64 0.61
CA GLU E 223 -74.67 16.14 -0.30
C GLU E 223 -75.50 17.28 -0.89
N PHE E 224 -74.84 18.03 -1.77
CA PHE E 224 -75.48 18.97 -2.69
C PHE E 224 -76.72 18.37 -3.30
N ASN E 225 -77.86 19.03 -3.11
CA ASN E 225 -79.15 18.45 -3.44
C ASN E 225 -80.02 19.46 -4.17
N LEU E 226 -79.45 20.18 -5.11
CA LEU E 226 -80.22 21.15 -5.87
C LEU E 226 -81.25 20.45 -6.72
N LYS E 227 -82.42 21.08 -6.83
CA LYS E 227 -83.52 20.59 -7.63
C LYS E 227 -83.85 21.61 -8.71
N ASP E 228 -83.90 21.14 -9.95
CA ASP E 228 -84.04 22.01 -11.13
C ASP E 228 -85.25 21.56 -11.92
N PRO E 229 -86.44 22.02 -11.56
CA PRO E 229 -87.61 21.76 -12.37
C PRO E 229 -87.60 22.61 -13.63
N PRO E 230 -88.44 22.31 -14.61
CA PRO E 230 -88.55 23.21 -15.76
C PRO E 230 -89.21 24.52 -15.43
N LEU E 231 -89.38 25.37 -16.44
CA LEU E 231 -89.96 26.70 -16.27
C LEU E 231 -90.87 27.06 -17.42
N GLY F 43 -60.49 20.54 32.86
CA GLY F 43 -59.99 20.28 34.20
C GLY F 43 -60.26 18.87 34.67
N ILE F 44 -59.42 17.94 34.24
CA ILE F 44 -59.63 16.54 34.47
C ILE F 44 -59.24 16.17 35.89
N PHE F 45 -59.99 15.23 36.47
CA PHE F 45 -59.68 14.69 37.78
C PHE F 45 -60.17 13.25 37.80
N ASN F 46 -59.25 12.32 37.65
CA ASN F 46 -59.56 10.90 37.79
C ASN F 46 -59.49 10.52 39.26
N THR F 47 -60.55 9.90 39.75
CA THR F 47 -60.60 9.43 41.12
C THR F 47 -61.31 8.08 41.18
N ARG F 48 -61.67 7.68 42.39
CA ARG F 48 -62.20 6.36 42.68
C ARG F 48 -63.24 6.49 43.78
N LEU F 49 -64.43 5.96 43.50
CA LEU F 49 -65.57 6.03 44.41
C LEU F 49 -66.06 4.62 44.66
N SER F 50 -66.38 4.33 45.90
CA SER F 50 -66.76 2.99 46.34
C SER F 50 -68.09 3.03 47.10
N ARG F 51 -68.61 1.84 47.34
CA ARG F 51 -69.92 1.62 47.91
C ARG F 51 -70.03 0.14 48.22
N THR F 52 -70.64 -0.19 49.35
CA THR F 52 -70.73 -1.55 49.84
C THR F 52 -72.16 -1.88 50.24
N PHE F 53 -72.60 -3.08 49.89
CA PHE F 53 -73.95 -3.53 50.18
C PHE F 53 -73.97 -5.04 50.16
N GLY F 54 -75.08 -5.59 50.63
CA GLY F 54 -75.24 -7.02 50.78
C GLY F 54 -76.10 -7.70 49.72
N TYR F 55 -75.87 -8.99 49.55
CA TYR F 55 -76.65 -9.84 48.66
C TYR F 55 -76.66 -11.24 49.24
N THR F 56 -77.85 -11.83 49.34
CA THR F 56 -78.03 -13.15 49.89
C THR F 56 -78.80 -14.04 48.92
N ILE F 57 -78.35 -15.27 48.81
CA ILE F 57 -79.03 -16.32 48.07
C ILE F 57 -79.64 -17.24 49.10
N LYS F 58 -80.95 -17.15 49.28
CA LYS F 58 -81.64 -17.92 50.29
C LYS F 58 -81.60 -19.41 49.97
N ARG F 59 -81.79 -20.22 51.00
CA ARG F 59 -81.76 -21.65 50.88
C ARG F 59 -82.99 -22.17 50.15
N THR F 60 -82.87 -23.39 49.63
CA THR F 60 -83.96 -24.07 48.93
C THR F 60 -83.92 -25.55 49.26
N THR F 61 -85.09 -26.13 49.49
CA THR F 61 -85.24 -27.58 49.66
C THR F 61 -85.18 -28.33 48.34
N VAL F 62 -85.14 -27.64 47.21
CA VAL F 62 -85.08 -28.29 45.91
C VAL F 62 -83.82 -29.15 45.83
N LYS F 63 -83.99 -30.35 45.29
CA LYS F 63 -82.88 -31.30 45.20
C LYS F 63 -82.01 -31.05 43.98
N THR F 64 -82.63 -30.66 42.87
CA THR F 64 -81.91 -30.48 41.63
C THR F 64 -80.89 -29.35 41.72
N PRO F 65 -79.96 -29.27 40.79
CA PRO F 65 -79.14 -28.06 40.68
C PRO F 65 -79.91 -26.96 39.98
N SER F 66 -80.33 -25.96 40.75
CA SER F 66 -81.00 -24.79 40.22
C SER F 66 -80.15 -23.56 40.52
N TRP F 67 -80.36 -22.53 39.72
CA TRP F 67 -79.61 -21.29 39.83
C TRP F 67 -80.53 -20.13 40.12
N ALA F 68 -79.97 -19.16 40.85
CA ALA F 68 -80.66 -17.93 41.22
C ALA F 68 -80.07 -16.80 40.40
N VAL F 69 -80.93 -16.15 39.63
CA VAL F 69 -80.52 -15.11 38.69
C VAL F 69 -80.88 -13.76 39.26
N ASP F 70 -80.00 -12.79 39.05
CA ASP F 70 -80.22 -11.43 39.49
C ASP F 70 -79.39 -10.50 38.63
N MET F 71 -79.70 -9.22 38.74
CA MET F 71 -79.09 -8.17 37.93
C MET F 71 -78.37 -7.17 38.83
N MET F 72 -77.58 -6.32 38.19
CA MET F 72 -76.78 -5.32 38.90
C MET F 72 -76.56 -4.12 37.99
N ARG F 73 -77.12 -2.99 38.37
CA ARG F 73 -76.90 -1.71 37.70
C ARG F 73 -76.02 -0.83 38.57
N PHE F 74 -75.52 0.25 37.97
CA PHE F 74 -74.63 1.19 38.65
C PHE F 74 -75.09 2.60 38.34
N ASN F 75 -75.33 3.38 39.39
CA ASN F 75 -75.66 4.79 39.28
C ASN F 75 -74.74 5.58 40.18
N ILE F 76 -74.44 6.82 39.75
CA ILE F 76 -73.49 7.66 40.48
C ILE F 76 -74.11 8.34 41.67
N ASN F 77 -75.44 8.36 41.80
CA ASN F 77 -76.05 8.93 42.98
C ASN F 77 -75.74 8.10 44.21
N ASP F 78 -75.55 6.79 44.04
CA ASP F 78 -75.25 5.91 45.15
C ASP F 78 -73.80 6.00 45.61
N PHE F 79 -72.94 6.64 44.82
CA PHE F 79 -71.54 6.83 45.16
C PHE F 79 -71.20 8.26 45.52
N LEU F 80 -71.89 9.21 44.93
CA LEU F 80 -71.64 10.64 45.10
C LEU F 80 -72.81 11.29 45.81
N PRO F 81 -72.71 11.73 47.06
CA PRO F 81 -73.86 12.30 47.73
C PRO F 81 -74.16 13.69 47.24
N PRO F 82 -75.28 14.26 47.64
CA PRO F 82 -75.53 15.67 47.34
C PRO F 82 -74.66 16.57 48.18
N GLY F 83 -74.31 17.71 47.60
CA GLY F 83 -73.45 18.65 48.28
C GLY F 83 -74.20 19.56 49.21
N GLY F 84 -73.80 20.83 49.24
CA GLY F 84 -74.45 21.80 50.09
C GLY F 84 -74.24 23.20 49.61
N GLY F 85 -75.33 23.97 49.55
CA GLY F 85 -75.26 25.35 49.12
C GLY F 85 -75.35 25.50 47.62
N SER F 86 -74.55 26.42 47.08
CA SER F 86 -74.56 26.67 45.66
C SER F 86 -73.94 25.54 44.85
N ASN F 87 -73.21 24.64 45.51
CA ASN F 87 -72.65 23.46 44.86
C ASN F 87 -73.62 22.31 45.05
N PRO F 88 -74.32 21.84 44.01
CA PRO F 88 -75.34 20.82 44.24
C PRO F 88 -74.77 19.45 44.59
N ARG F 89 -73.53 19.17 44.23
CA ARG F 89 -72.88 17.90 44.49
C ARG F 89 -71.62 18.11 45.30
N SER F 90 -71.15 17.01 45.90
CA SER F 90 -70.03 17.07 46.83
C SER F 90 -68.70 17.12 46.12
N VAL F 91 -68.63 16.64 44.89
CA VAL F 91 -67.46 16.75 44.04
C VAL F 91 -67.71 17.88 43.05
N PRO F 92 -67.02 19.03 43.15
CA PRO F 92 -67.44 20.18 42.34
C PRO F 92 -66.95 20.12 40.89
N PHE F 93 -67.66 19.34 40.10
CA PHE F 93 -67.40 19.22 38.68
C PHE F 93 -68.73 19.16 37.94
N GLU F 94 -68.67 19.45 36.64
CA GLU F 94 -69.84 19.51 35.78
C GLU F 94 -70.11 18.20 35.07
N TYR F 95 -69.10 17.65 34.42
CA TYR F 95 -69.24 16.49 33.56
C TYR F 95 -68.54 15.30 34.18
N TYR F 96 -68.92 14.11 33.71
CA TYR F 96 -68.31 12.88 34.17
C TYR F 96 -68.45 11.82 33.09
N ARG F 97 -67.63 10.77 33.23
CA ARG F 97 -67.78 9.59 32.42
C ARG F 97 -67.10 8.44 33.16
N ILE F 98 -67.82 7.34 33.31
CA ILE F 98 -67.33 6.21 34.08
C ILE F 98 -66.41 5.40 33.20
N ARG F 99 -65.18 5.21 33.65
CA ARG F 99 -64.15 4.51 32.90
C ARG F 99 -64.20 3.01 33.15
N LYS F 100 -64.27 2.61 34.41
CA LYS F 100 -64.24 1.22 34.80
C LYS F 100 -65.07 1.03 36.05
N VAL F 101 -65.47 -0.21 36.29
CA VAL F 101 -66.11 -0.62 37.53
C VAL F 101 -65.48 -1.93 37.96
N LYS F 102 -65.30 -2.07 39.28
CA LYS F 102 -64.79 -3.28 39.90
C LYS F 102 -65.85 -3.74 40.88
N VAL F 103 -66.51 -4.83 40.55
CA VAL F 103 -67.46 -5.48 41.43
C VAL F 103 -66.74 -6.62 42.14
N GLU F 104 -66.77 -6.59 43.47
CA GLU F 104 -66.10 -7.57 44.30
C GLU F 104 -67.15 -8.26 45.15
N PHE F 105 -67.28 -9.57 44.98
CA PHE F 105 -68.13 -10.40 45.83
C PHE F 105 -67.25 -10.92 46.96
N TRP F 106 -67.32 -10.25 48.09
CA TRP F 106 -66.61 -10.69 49.27
C TRP F 106 -67.48 -11.66 50.05
N PRO F 107 -67.07 -12.91 50.24
CA PRO F 107 -67.96 -13.86 50.91
C PRO F 107 -68.14 -13.56 52.37
N CYS F 108 -69.26 -14.06 52.88
CA CYS F 108 -69.61 -13.98 54.29
C CYS F 108 -69.65 -15.34 54.95
N SER F 109 -69.36 -16.40 54.22
CA SER F 109 -69.58 -17.76 54.64
C SER F 109 -68.25 -18.42 55.00
N PRO F 110 -68.24 -19.36 55.93
CA PRO F 110 -66.99 -19.98 56.33
C PRO F 110 -66.48 -20.93 55.28
N ILE F 111 -65.18 -21.23 55.37
CA ILE F 111 -64.56 -22.17 54.44
C ILE F 111 -64.94 -23.62 54.72
N THR F 112 -65.65 -23.88 55.81
CA THR F 112 -66.14 -25.22 56.12
C THR F 112 -67.53 -25.49 55.58
N GLN F 113 -68.14 -24.53 54.90
CA GLN F 113 -69.52 -24.70 54.44
C GLN F 113 -69.54 -25.63 53.25
N GLY F 114 -70.46 -26.59 53.28
CA GLY F 114 -70.61 -27.55 52.23
C GLY F 114 -71.71 -27.20 51.25
N ASP F 115 -72.11 -28.19 50.47
CA ASP F 115 -73.09 -28.00 49.40
C ASP F 115 -72.61 -26.93 48.43
N ARG F 116 -71.33 -26.98 48.10
CA ARG F 116 -70.74 -26.00 47.23
C ARG F 116 -71.35 -26.08 45.83
N GLY F 117 -71.08 -25.04 45.05
CA GLY F 117 -71.69 -24.89 43.76
C GLY F 117 -70.82 -24.14 42.78
N VAL F 118 -71.37 -23.87 41.61
CA VAL F 118 -70.64 -23.20 40.55
C VAL F 118 -71.61 -22.35 39.74
N GLY F 119 -71.27 -21.09 39.58
CA GLY F 119 -72.11 -20.13 38.90
C GLY F 119 -71.38 -19.36 37.82
N SER F 120 -71.96 -18.24 37.41
CA SER F 120 -71.43 -17.49 36.29
C SER F 120 -71.82 -16.03 36.44
N SER F 121 -70.89 -15.15 36.08
CA SER F 121 -71.11 -13.72 36.01
C SER F 121 -70.77 -13.24 34.62
N ALA F 122 -71.69 -12.50 34.01
CA ALA F 122 -71.53 -11.99 32.66
C ALA F 122 -71.79 -10.49 32.62
N VAL F 123 -71.30 -9.88 31.55
CA VAL F 123 -71.34 -8.43 31.36
C VAL F 123 -72.43 -8.12 30.35
N ILE F 124 -73.41 -7.33 30.78
CA ILE F 124 -74.64 -7.06 30.04
C ILE F 124 -74.78 -5.56 29.92
N LEU F 125 -74.40 -5.02 28.77
CA LEU F 125 -74.27 -3.58 28.57
C LEU F 125 -75.49 -2.92 27.95
N ASP F 126 -76.71 -3.48 28.16
CA ASP F 126 -77.86 -3.01 27.41
C ASP F 126 -79.19 -2.99 28.17
N ASP F 127 -79.21 -3.30 29.46
CA ASP F 127 -80.41 -3.15 30.28
C ASP F 127 -81.50 -4.15 29.89
N ASN F 128 -81.11 -5.29 29.33
CA ASN F 128 -82.03 -6.40 29.09
C ASN F 128 -81.33 -7.63 29.64
N PHE F 129 -81.59 -7.89 30.91
CA PHE F 129 -81.05 -9.02 31.64
C PHE F 129 -81.96 -10.22 31.50
N VAL F 130 -81.41 -11.39 31.79
CA VAL F 130 -82.23 -12.57 32.00
C VAL F 130 -83.14 -12.28 33.18
N THR F 131 -84.38 -12.73 33.08
CA THR F 131 -85.38 -12.43 34.09
C THR F 131 -84.93 -12.97 35.44
N LYS F 132 -85.20 -12.19 36.48
CA LYS F 132 -84.86 -12.59 37.83
C LYS F 132 -85.61 -13.86 38.21
N ALA F 133 -84.87 -14.84 38.70
CA ALA F 133 -85.41 -16.15 39.02
C ALA F 133 -84.84 -16.61 40.35
N THR F 134 -85.64 -17.39 41.07
CA THR F 134 -85.24 -17.95 42.35
C THR F 134 -84.56 -19.31 42.16
N ALA F 135 -85.17 -20.21 41.41
CA ALA F 135 -84.61 -21.54 41.15
C ALA F 135 -84.88 -21.88 39.69
N LEU F 136 -83.94 -21.48 38.82
CA LEU F 136 -83.98 -21.81 37.41
C LEU F 136 -83.17 -23.07 37.15
N THR F 137 -83.65 -23.89 36.23
CA THR F 137 -83.10 -25.22 35.99
C THR F 137 -81.80 -25.21 35.21
N TYR F 138 -81.20 -24.05 34.96
CA TYR F 138 -79.96 -23.99 34.20
C TYR F 138 -79.30 -22.65 34.49
N ASP F 139 -78.04 -22.55 34.10
CA ASP F 139 -77.25 -21.34 34.23
C ASP F 139 -77.34 -20.57 32.92
N PRO F 140 -78.09 -19.47 32.84
CA PRO F 140 -78.23 -18.80 31.55
C PRO F 140 -76.97 -18.12 31.09
N TYR F 141 -76.16 -17.63 32.01
CA TYR F 141 -74.97 -16.86 31.69
C TYR F 141 -73.74 -17.73 31.46
N VAL F 142 -73.93 -19.03 31.23
CA VAL F 142 -72.79 -19.94 31.18
C VAL F 142 -72.11 -19.88 29.82
N ASN F 143 -72.90 -19.78 28.75
CA ASN F 143 -72.35 -19.77 27.40
C ASN F 143 -72.03 -18.37 26.92
N TYR F 144 -72.17 -17.37 27.76
CA TYR F 144 -71.83 -16.01 27.37
C TYR F 144 -70.34 -15.85 27.21
N SER F 145 -69.94 -15.06 26.22
CA SER F 145 -68.55 -14.81 25.95
C SER F 145 -67.84 -14.10 27.09
N SER F 146 -68.58 -13.39 27.94
CA SER F 146 -68.03 -12.68 29.08
C SER F 146 -68.27 -13.41 30.38
N ARG F 147 -68.46 -14.72 30.33
CA ARG F 147 -68.71 -15.49 31.53
C ARG F 147 -67.41 -15.75 32.27
N HIS F 148 -67.43 -15.49 33.57
CA HIS F 148 -66.42 -15.94 34.50
C HIS F 148 -67.11 -16.84 35.49
N THR F 149 -66.43 -17.93 35.84
CA THR F 149 -66.97 -18.88 36.79
C THR F 149 -66.96 -18.31 38.19
N ILE F 150 -68.06 -18.51 38.90
CA ILE F 150 -68.19 -18.16 40.31
C ILE F 150 -68.11 -19.47 41.07
N THR F 151 -67.02 -19.67 41.78
CA THR F 151 -66.96 -20.70 42.80
C THR F 151 -67.69 -20.20 44.04
N GLN F 152 -68.49 -21.07 44.63
CA GLN F 152 -69.34 -20.75 45.75
C GLN F 152 -69.04 -21.70 46.90
N PRO F 153 -69.36 -21.32 48.13
CA PRO F 153 -69.86 -20.05 48.67
C PRO F 153 -68.80 -19.15 49.27
N PHE F 154 -67.61 -19.70 49.53
CA PHE F 154 -66.59 -19.04 50.32
C PHE F 154 -65.44 -18.52 49.50
N SER F 155 -65.70 -18.16 48.26
CA SER F 155 -64.65 -17.76 47.32
C SER F 155 -64.93 -16.37 46.80
N TYR F 156 -63.85 -15.64 46.59
CA TYR F 156 -63.89 -14.26 46.12
C TYR F 156 -64.01 -14.23 44.60
N HIS F 157 -64.82 -13.30 44.12
CA HIS F 157 -65.08 -13.12 42.69
C HIS F 157 -65.02 -11.64 42.37
N SER F 158 -64.14 -11.28 41.45
CA SER F 158 -64.01 -9.92 40.97
C SER F 158 -64.33 -9.86 39.49
N ARG F 159 -64.87 -8.72 39.06
CA ARG F 159 -65.12 -8.43 37.66
C ARG F 159 -64.75 -6.98 37.42
N TYR F 160 -63.89 -6.74 36.44
CA TYR F 160 -63.37 -5.42 36.12
C TYR F 160 -63.65 -5.15 34.66
N PHE F 161 -64.49 -4.15 34.40
CA PHE F 161 -64.99 -3.91 33.05
C PHE F 161 -65.39 -2.45 32.94
N THR F 162 -65.76 -2.08 31.72
CA THR F 162 -66.17 -0.73 31.38
C THR F 162 -67.67 -0.69 31.14
N PRO F 163 -68.47 -0.06 31.99
CA PRO F 163 -69.90 -0.05 31.77
C PRO F 163 -70.32 0.89 30.67
N LYS F 164 -71.61 0.94 30.38
CA LYS F 164 -72.17 1.78 29.36
C LYS F 164 -73.44 2.41 29.90
N PRO F 165 -73.72 3.66 29.54
CA PRO F 165 -74.96 4.29 30.03
C PRO F 165 -76.17 3.93 29.20
N VAL F 166 -77.33 4.08 29.85
CA VAL F 166 -78.61 3.78 29.24
C VAL F 166 -79.12 5.09 28.64
N LEU F 167 -78.74 5.34 27.40
CA LEU F 167 -79.15 6.53 26.69
C LEU F 167 -80.55 6.38 26.11
N ASP F 168 -80.84 5.25 25.49
CA ASP F 168 -82.17 4.95 24.99
C ASP F 168 -82.45 3.49 25.28
N SER F 169 -83.35 3.23 26.22
CA SER F 169 -83.72 1.87 26.57
C SER F 169 -84.55 1.19 25.50
N THR F 170 -85.14 1.95 24.58
CA THR F 170 -85.93 1.36 23.51
C THR F 170 -85.04 0.73 22.44
N ILE F 171 -83.94 1.39 22.11
CA ILE F 171 -83.03 0.94 21.05
C ILE F 171 -81.84 0.23 21.66
N ASP F 172 -81.41 0.69 22.83
CA ASP F 172 -80.33 0.09 23.58
C ASP F 172 -79.04 0.06 22.76
N TYR F 173 -78.53 1.25 22.47
CA TYR F 173 -77.28 1.44 21.75
C TYR F 173 -76.19 1.88 22.70
N PHE F 174 -74.96 1.45 22.41
CA PHE F 174 -73.83 1.81 23.22
C PHE F 174 -72.57 1.86 22.36
N GLN F 175 -71.60 2.46 22.88
CA GLN F 175 -70.33 2.69 22.22
C GLN F 175 -69.34 1.57 22.51
N PRO F 176 -68.44 1.26 21.60
CA PRO F 176 -67.33 0.38 21.96
C PRO F 176 -66.31 1.08 22.83
N ASN F 177 -65.34 0.33 23.32
CA ASN F 177 -64.38 0.85 24.27
C ASN F 177 -63.38 1.75 23.53
N ASN F 178 -63.37 3.03 23.90
CA ASN F 178 -62.44 3.97 23.34
C ASN F 178 -62.28 5.08 24.38
N LYS F 179 -61.10 5.20 24.96
CA LYS F 179 -60.92 6.19 26.00
C LYS F 179 -61.02 7.60 25.46
N ARG F 180 -60.66 7.81 24.19
CA ARG F 180 -60.62 9.14 23.62
C ARG F 180 -61.98 9.60 23.13
N ASN F 181 -62.87 8.68 22.78
CA ASN F 181 -64.16 8.99 22.20
C ASN F 181 -65.32 8.76 23.13
N GLN F 182 -65.07 8.37 24.38
CA GLN F 182 -66.15 8.10 25.32
C GLN F 182 -66.90 9.37 25.63
N LEU F 183 -68.22 9.26 25.63
CA LEU F 183 -69.08 10.41 25.85
C LEU F 183 -68.93 10.93 27.26
N TRP F 184 -69.03 12.25 27.38
CA TRP F 184 -69.15 12.92 28.66
C TRP F 184 -70.61 13.13 28.96
N LEU F 185 -71.04 12.66 30.12
CA LEU F 185 -72.37 12.94 30.64
C LEU F 185 -72.29 14.09 31.61
N ARG F 186 -73.45 14.65 31.93
CA ARG F 186 -73.56 15.68 32.94
C ARG F 186 -73.82 15.06 34.29
N LEU F 187 -73.15 15.61 35.29
CA LEU F 187 -73.38 15.26 36.68
C LEU F 187 -74.61 16.01 37.15
N GLN F 188 -75.77 15.38 37.02
CA GLN F 188 -77.02 15.97 37.41
C GLN F 188 -77.10 16.12 38.92
N THR F 189 -78.15 16.79 39.37
CA THR F 189 -78.33 17.03 40.80
C THR F 189 -78.94 15.80 41.48
N ALA F 190 -80.07 15.30 40.98
CA ALA F 190 -80.72 14.12 41.56
C ALA F 190 -81.31 13.18 40.53
N GLY F 191 -80.81 13.18 39.30
CA GLY F 191 -81.43 12.43 38.23
C GLY F 191 -80.48 11.77 37.26
N ASN F 192 -79.32 11.35 37.75
CA ASN F 192 -78.31 10.76 36.89
C ASN F 192 -78.80 9.44 36.28
N VAL F 193 -78.18 9.10 35.17
CA VAL F 193 -78.60 7.96 34.36
C VAL F 193 -77.92 6.70 34.85
N ASP F 194 -78.63 5.58 34.73
CA ASP F 194 -78.14 4.31 35.23
C ASP F 194 -77.15 3.71 34.25
N HIS F 195 -75.99 3.33 34.76
CA HIS F 195 -75.05 2.52 34.01
C HIS F 195 -75.30 1.05 34.32
N VAL F 196 -74.88 0.21 33.39
CA VAL F 196 -75.29 -1.19 33.36
C VAL F 196 -74.10 -2.02 32.93
N GLY F 197 -74.18 -3.33 33.16
CA GLY F 197 -73.04 -4.17 32.87
C GLY F 197 -72.73 -5.39 33.70
N LEU F 198 -73.61 -5.85 34.59
CA LEU F 198 -73.34 -7.14 35.22
C LEU F 198 -74.61 -7.90 35.55
N GLY F 199 -74.60 -9.17 35.20
CA GLY F 199 -75.62 -10.10 35.61
C GLY F 199 -74.99 -11.38 36.10
N THR F 200 -75.66 -12.01 37.07
CA THR F 200 -75.11 -13.12 37.81
C THR F 200 -76.06 -14.29 37.82
N ALA F 201 -75.51 -15.46 38.12
CA ALA F 201 -76.27 -16.67 38.33
C ALA F 201 -75.57 -17.49 39.39
N PHE F 202 -76.21 -17.61 40.56
CA PHE F 202 -75.66 -18.34 41.68
C PHE F 202 -76.42 -19.65 41.87
N GLU F 203 -75.68 -20.71 42.11
CA GLU F 203 -76.27 -22.01 42.34
C GLU F 203 -76.79 -22.08 43.78
N ASN F 204 -78.04 -22.47 43.91
CA ASN F 204 -78.67 -22.50 45.21
C ASN F 204 -78.11 -23.64 46.06
N SER F 205 -78.42 -23.60 47.35
CA SER F 205 -77.85 -24.49 48.32
C SER F 205 -78.82 -24.68 49.47
N ILE F 206 -78.53 -25.69 50.31
CA ILE F 206 -79.31 -25.93 51.51
C ILE F 206 -79.09 -24.82 52.53
N TYR F 207 -77.91 -24.22 52.52
CA TYR F 207 -77.56 -23.16 53.44
C TYR F 207 -77.64 -21.82 52.73
N ASP F 208 -77.84 -20.76 53.53
CA ASP F 208 -77.88 -19.42 52.99
C ASP F 208 -76.47 -18.96 52.63
N GLN F 209 -76.35 -18.37 51.45
CA GLN F 209 -75.09 -17.85 50.94
C GLN F 209 -75.16 -16.33 50.92
N GLU F 210 -74.43 -15.69 51.83
CA GLU F 210 -74.40 -14.24 51.95
C GLU F 210 -73.11 -13.69 51.36
N TYR F 211 -73.20 -12.47 50.85
CA TYR F 211 -72.07 -11.77 50.25
C TYR F 211 -72.14 -10.30 50.62
N ASN F 212 -70.98 -9.69 50.77
CA ASN F 212 -70.83 -8.25 50.89
C ASN F 212 -70.22 -7.75 49.60
N ILE F 213 -71.00 -7.04 48.81
CA ILE F 213 -70.59 -6.63 47.47
C ILE F 213 -70.08 -5.20 47.54
N ARG F 214 -68.84 -5.00 47.11
CA ARG F 214 -68.18 -3.71 47.09
C ARG F 214 -67.97 -3.32 45.63
N VAL F 215 -68.68 -2.30 45.20
CA VAL F 215 -68.55 -1.74 43.85
C VAL F 215 -67.66 -0.52 43.95
N THR F 216 -66.67 -0.46 43.07
CA THR F 216 -65.74 0.65 42.96
C THR F 216 -65.82 1.17 41.54
N MET F 217 -66.19 2.43 41.39
CA MET F 217 -66.25 3.08 40.10
C MET F 217 -65.07 4.02 39.93
N TYR F 218 -64.37 3.87 38.82
CA TYR F 218 -63.25 4.73 38.46
C TYR F 218 -63.76 5.75 37.46
N VAL F 219 -63.92 6.99 37.91
CA VAL F 219 -64.60 8.03 37.16
C VAL F 219 -63.59 9.08 36.73
N GLN F 220 -64.03 9.94 35.83
CA GLN F 220 -63.21 11.01 35.27
C GLN F 220 -64.12 12.21 35.11
N PHE F 221 -63.84 13.26 35.86
CA PHE F 221 -64.63 14.48 35.85
C PHE F 221 -63.98 15.54 34.98
N ARG F 222 -64.71 16.65 34.78
CA ARG F 222 -64.26 17.72 33.92
C ARG F 222 -64.94 19.00 34.34
N GLU F 223 -64.24 20.11 34.14
CA GLU F 223 -64.77 21.47 34.33
C GLU F 223 -65.17 21.71 35.78
N PHE F 224 -64.15 21.79 36.62
CA PHE F 224 -64.23 22.31 37.98
C PHE F 224 -65.10 23.55 38.03
N ASN F 225 -66.15 23.52 38.82
CA ASN F 225 -67.18 24.55 38.80
C ASN F 225 -67.57 24.98 40.19
N LEU F 226 -66.59 25.16 41.06
CA LEU F 226 -66.88 25.58 42.42
C LEU F 226 -67.44 26.99 42.42
N LYS F 227 -68.39 27.22 43.32
CA LYS F 227 -69.03 28.51 43.49
C LYS F 227 -68.78 29.00 44.91
N ASP F 228 -68.28 30.23 45.02
CA ASP F 228 -67.82 30.79 46.29
C ASP F 228 -68.55 32.09 46.54
N PRO F 229 -69.75 32.04 47.10
CA PRO F 229 -70.43 33.25 47.50
C PRO F 229 -69.81 33.83 48.77
N PRO F 230 -70.12 35.08 49.11
CA PRO F 230 -69.64 35.61 50.38
C PRO F 230 -70.31 34.96 51.58
N LEU F 231 -69.96 35.42 52.78
CA LEU F 231 -70.48 34.86 54.02
C LEU F 231 -70.74 35.95 55.05
N GLY G 43 -67.92 -22.43 5.41
CA GLY G 43 -68.27 -21.45 6.41
C GLY G 43 -68.04 -21.95 7.82
N ILE G 44 -66.80 -21.86 8.26
CA ILE G 44 -66.39 -22.44 9.53
C ILE G 44 -66.80 -21.53 10.67
N PHE G 45 -67.18 -22.15 11.79
CA PHE G 45 -67.49 -21.44 13.01
C PHE G 45 -67.13 -22.35 14.18
N ASN G 46 -65.99 -22.06 14.79
CA ASN G 46 -65.60 -22.76 16.01
C ASN G 46 -66.24 -22.09 17.20
N THR G 47 -66.91 -22.88 18.03
CA THR G 47 -67.54 -22.37 19.24
C THR G 47 -67.38 -23.40 20.36
N ARG G 48 -68.13 -23.18 21.43
CA ARG G 48 -68.00 -23.94 22.67
C ARG G 48 -69.39 -24.13 23.26
N LEU G 49 -69.74 -25.37 23.54
CA LEU G 49 -71.03 -25.74 24.08
C LEU G 49 -70.82 -26.53 25.37
N SER G 50 -71.62 -26.23 26.37
CA SER G 50 -71.49 -26.79 27.69
C SER G 50 -72.80 -27.39 28.16
N ARG G 51 -72.71 -28.12 29.27
CA ARG G 51 -73.78 -28.92 29.83
C ARG G 51 -73.32 -29.39 31.20
N THR G 52 -74.23 -29.40 32.16
CA THR G 52 -73.92 -29.71 33.54
C THR G 52 -74.91 -30.73 34.08
N PHE G 53 -74.40 -31.70 34.83
CA PHE G 53 -75.23 -32.75 35.41
C PHE G 53 -74.50 -33.35 36.60
N GLY G 54 -75.22 -34.17 37.35
CA GLY G 54 -74.72 -34.74 38.56
C GLY G 54 -74.32 -36.20 38.49
N TYR G 55 -73.44 -36.60 39.40
CA TYR G 55 -73.01 -37.99 39.55
C TYR G 55 -72.68 -38.21 41.01
N THR G 56 -73.21 -39.30 41.57
CA THR G 56 -73.01 -39.64 42.97
C THR G 56 -72.50 -41.06 43.09
N ILE G 57 -71.55 -41.24 43.98
CA ILE G 57 -71.04 -42.55 44.38
C ILE G 57 -71.61 -42.82 45.76
N LYS G 58 -72.59 -43.70 45.83
CA LYS G 58 -73.26 -43.99 47.08
C LYS G 58 -72.32 -44.69 48.06
N ARG G 59 -72.67 -44.60 49.33
CA ARG G 59 -71.89 -45.18 50.40
C ARG G 59 -71.99 -46.70 50.39
N THR G 60 -71.01 -47.33 51.03
CA THR G 60 -70.96 -48.77 51.18
C THR G 60 -70.42 -49.14 52.55
N THR G 61 -71.03 -50.14 53.18
CA THR G 61 -70.53 -50.69 54.43
C THR G 61 -69.34 -51.63 54.23
N VAL G 62 -68.98 -51.92 52.97
CA VAL G 62 -67.85 -52.79 52.70
C VAL G 62 -66.58 -52.20 53.29
N LYS G 63 -65.78 -53.06 53.92
CA LYS G 63 -64.56 -52.61 54.59
C LYS G 63 -63.40 -52.49 53.62
N THR G 64 -63.32 -53.38 52.64
CA THR G 64 -62.20 -53.42 51.72
C THR G 64 -62.16 -52.16 50.87
N PRO G 65 -61.03 -51.91 50.19
CA PRO G 65 -61.03 -50.88 49.15
C PRO G 65 -61.64 -51.42 47.88
N SER G 66 -62.84 -50.98 47.58
CA SER G 66 -63.53 -51.32 46.34
C SER G 66 -63.76 -50.06 45.53
N TRP G 67 -63.91 -50.24 44.23
CA TRP G 67 -64.09 -49.14 43.30
C TRP G 67 -65.43 -49.26 42.57
N ALA G 68 -65.98 -48.09 42.25
CA ALA G 68 -67.22 -47.97 41.51
C ALA G 68 -66.91 -47.52 40.10
N VAL G 69 -67.32 -48.33 39.14
CA VAL G 69 -66.99 -48.12 37.73
C VAL G 69 -68.22 -47.59 37.02
N ASP G 70 -68.00 -46.66 36.11
CA ASP G 70 -69.06 -46.10 35.31
C ASP G 70 -68.46 -45.56 34.02
N MET G 71 -69.35 -45.25 33.07
CA MET G 71 -68.98 -44.82 31.74
C MET G 71 -69.54 -43.42 31.48
N MET G 72 -69.06 -42.83 30.38
CA MET G 72 -69.46 -41.47 30.02
C MET G 72 -69.35 -41.33 28.50
N ARG G 73 -70.48 -41.13 27.85
CA ARG G 73 -70.56 -40.84 26.43
C ARG G 73 -70.94 -39.38 26.24
N PHE G 74 -70.79 -38.90 25.01
CA PHE G 74 -71.07 -37.52 24.64
C PHE G 74 -71.87 -37.49 23.35
N ASN G 75 -73.02 -36.84 23.39
CA ASN G 75 -73.84 -36.63 22.22
C ASN G 75 -74.18 -35.14 22.11
N ILE G 76 -74.33 -34.68 20.86
CA ILE G 76 -74.56 -33.26 20.61
C ILE G 76 -76.00 -32.86 20.82
N ASN G 77 -76.94 -33.80 20.92
CA ASN G 77 -78.31 -33.45 21.22
C ASN G 77 -78.44 -32.87 22.62
N ASP G 78 -77.59 -33.31 23.53
CA ASP G 78 -77.62 -32.83 24.90
C ASP G 78 -77.02 -31.45 25.07
N PHE G 79 -76.30 -30.96 24.07
CA PHE G 79 -75.70 -29.63 24.09
C PHE G 79 -76.39 -28.65 23.16
N LEU G 80 -76.94 -29.14 22.05
CA LEU G 80 -77.57 -28.31 21.04
C LEU G 80 -79.06 -28.60 20.98
N PRO G 81 -79.95 -27.69 21.39
CA PRO G 81 -81.36 -28.03 21.39
C PRO G 81 -81.93 -27.98 19.98
N PRO G 82 -83.17 -28.43 19.82
CA PRO G 82 -83.84 -28.26 18.54
C PRO G 82 -84.21 -26.80 18.31
N GLY G 83 -84.19 -26.41 17.04
CA GLY G 83 -84.49 -25.05 16.68
C GLY G 83 -85.98 -24.80 16.56
N GLY G 84 -86.35 -24.00 15.57
CA GLY G 84 -87.74 -23.69 15.33
C GLY G 84 -87.99 -23.25 13.92
N GLY G 85 -89.03 -23.83 13.31
CA GLY G 85 -89.40 -23.48 11.96
C GLY G 85 -88.64 -24.27 10.92
N SER G 86 -88.25 -23.59 9.85
CA SER G 86 -87.52 -24.25 8.77
C SER G 86 -86.11 -24.62 9.16
N ASN G 87 -85.59 -24.06 10.25
CA ASN G 87 -84.28 -24.42 10.76
C ASN G 87 -84.45 -25.49 11.83
N PRO G 88 -84.06 -26.74 11.59
CA PRO G 88 -84.36 -27.79 12.56
C PRO G 88 -83.53 -27.68 13.84
N ARG G 89 -82.39 -27.02 13.80
CA ARG G 89 -81.51 -26.87 14.95
C ARG G 89 -81.29 -25.39 15.25
N SER G 90 -80.82 -25.14 16.47
CA SER G 90 -80.69 -23.77 16.95
C SER G 90 -79.43 -23.09 16.44
N VAL G 91 -78.41 -23.87 16.07
CA VAL G 91 -77.21 -23.36 15.42
C VAL G 91 -77.33 -23.65 13.93
N PRO G 92 -77.50 -22.65 13.07
CA PRO G 92 -77.84 -22.95 11.68
C PRO G 92 -76.64 -23.36 10.83
N PHE G 93 -76.25 -24.61 10.98
CA PHE G 93 -75.18 -25.19 10.20
C PHE G 93 -75.55 -26.62 9.83
N GLU G 94 -74.89 -27.14 8.81
CA GLU G 94 -75.15 -28.46 8.26
C GLU G 94 -74.27 -29.54 8.87
N TYR G 95 -72.96 -29.31 8.89
CA TYR G 95 -71.99 -30.30 9.28
C TYR G 95 -71.33 -29.88 10.59
N TYR G 96 -70.72 -30.87 11.25
CA TYR G 96 -70.00 -30.61 12.48
C TYR G 96 -68.93 -31.67 12.67
N ARG G 97 -67.99 -31.38 13.55
CA ARG G 97 -67.03 -32.36 14.01
C ARG G 97 -66.49 -31.88 15.34
N ILE G 98 -66.51 -32.77 16.33
CA ILE G 98 -66.10 -32.41 17.67
C ILE G 98 -64.58 -32.47 17.75
N ARG G 99 -63.98 -31.36 18.13
CA ARG G 99 -62.54 -31.23 18.21
C ARG G 99 -61.98 -31.70 19.54
N LYS G 100 -62.59 -31.25 20.64
CA LYS G 100 -62.12 -31.54 21.98
C LYS G 100 -63.31 -31.59 22.91
N VAL G 101 -63.12 -32.24 24.04
CA VAL G 101 -64.07 -32.24 25.15
C VAL G 101 -63.29 -32.02 26.43
N LYS G 102 -63.89 -31.25 27.34
CA LYS G 102 -63.35 -31.00 28.67
C LYS G 102 -64.39 -31.46 29.67
N VAL G 103 -64.09 -32.56 30.33
CA VAL G 103 -64.91 -33.06 31.42
C VAL G 103 -64.32 -32.57 32.73
N GLU G 104 -65.14 -31.90 33.52
CA GLU G 104 -64.73 -31.32 34.79
C GLU G 104 -65.58 -31.93 35.88
N PHE G 105 -64.93 -32.62 36.81
CA PHE G 105 -65.58 -33.13 38.02
C PHE G 105 -65.44 -32.07 39.10
N TRP G 106 -66.48 -31.28 39.26
CA TRP G 106 -66.51 -30.28 40.31
C TRP G 106 -67.07 -30.90 41.58
N PRO G 107 -66.31 -30.96 42.67
CA PRO G 107 -66.81 -31.65 43.85
C PRO G 107 -67.96 -30.92 44.52
N CYS G 108 -68.74 -31.69 45.26
CA CYS G 108 -69.83 -31.20 46.06
C CYS G 108 -69.60 -31.41 47.55
N SER G 109 -68.47 -31.96 47.93
CA SER G 109 -68.20 -32.41 49.27
C SER G 109 -67.24 -31.46 49.97
N PRO G 110 -67.34 -31.32 51.28
CA PRO G 110 -66.47 -30.38 51.99
C PRO G 110 -65.05 -30.90 52.08
N ILE G 111 -64.13 -29.96 52.33
CA ILE G 111 -62.73 -30.33 52.49
C ILE G 111 -62.44 -31.02 53.81
N THR G 112 -63.41 -31.09 54.71
CA THR G 112 -63.27 -31.80 55.97
C THR G 112 -63.71 -33.24 55.90
N GLN G 113 -64.16 -33.72 54.74
CA GLN G 113 -64.68 -35.07 54.63
C GLN G 113 -63.53 -36.06 54.65
N GLY G 114 -63.68 -37.11 55.44
CA GLY G 114 -62.69 -38.14 55.57
C GLY G 114 -62.98 -39.35 54.71
N ASP G 115 -62.30 -40.44 55.04
CA ASP G 115 -62.37 -41.68 54.27
C ASP G 115 -62.01 -41.41 52.81
N ARG G 116 -60.98 -40.62 52.61
CA ARG G 116 -60.54 -40.25 51.28
C ARG G 116 -60.07 -41.48 50.51
N GLY G 117 -59.93 -41.29 49.21
CA GLY G 117 -59.62 -42.37 48.31
C GLY G 117 -58.84 -41.94 47.10
N VAL G 118 -58.64 -42.87 46.18
CA VAL G 118 -57.86 -42.60 44.98
C VAL G 118 -58.41 -43.45 43.85
N GLY G 119 -58.69 -42.81 42.73
CA GLY G 119 -59.30 -43.44 41.58
C GLY G 119 -58.55 -43.16 40.30
N SER G 120 -59.23 -43.40 39.19
CA SER G 120 -58.59 -43.29 37.89
C SER G 120 -59.62 -42.97 36.84
N SER G 121 -59.24 -42.11 35.90
CA SER G 121 -60.04 -41.77 34.73
C SER G 121 -59.22 -42.06 33.48
N ALA G 122 -59.81 -42.80 32.55
CA ALA G 122 -59.14 -43.20 31.32
C ALA G 122 -60.01 -42.85 30.12
N VAL G 123 -59.35 -42.81 28.97
CA VAL G 123 -59.97 -42.40 27.72
C VAL G 123 -60.22 -43.64 26.88
N ILE G 124 -61.49 -43.87 26.54
CA ILE G 124 -61.95 -45.10 25.91
C ILE G 124 -62.70 -44.72 24.65
N LEU G 125 -62.03 -44.82 23.50
CA LEU G 125 -62.53 -44.27 22.26
C LEU G 125 -63.26 -45.29 21.39
N ASP G 126 -63.90 -46.32 21.99
CA ASP G 126 -64.42 -47.42 21.20
C ASP G 126 -65.74 -48.03 21.67
N ASP G 127 -66.36 -47.50 22.71
CA ASP G 127 -67.69 -47.93 23.14
C ASP G 127 -67.68 -49.34 23.71
N ASN G 128 -66.54 -49.77 24.26
CA ASN G 128 -66.45 -51.01 25.02
C ASN G 128 -65.74 -50.65 26.30
N PHE G 129 -66.53 -50.29 27.30
CA PHE G 129 -66.07 -49.92 28.61
C PHE G 129 -66.00 -51.14 29.51
N VAL G 130 -65.24 -51.00 30.60
CA VAL G 130 -65.34 -51.96 31.68
C VAL G 130 -66.76 -51.94 32.20
N THR G 131 -67.28 -53.11 32.53
CA THR G 131 -68.67 -53.24 32.95
C THR G 131 -68.93 -52.39 34.18
N LYS G 132 -70.10 -51.76 34.21
CA LYS G 132 -70.48 -50.95 35.34
C LYS G 132 -70.58 -51.80 36.60
N ALA G 133 -69.92 -51.35 37.65
CA ALA G 133 -69.82 -52.08 38.90
C ALA G 133 -70.03 -51.13 40.05
N THR G 134 -70.59 -51.67 41.13
CA THR G 134 -70.82 -50.91 42.35
C THR G 134 -69.62 -50.97 43.29
N ALA G 135 -69.13 -52.18 43.56
CA ALA G 135 -67.97 -52.38 44.43
C ALA G 135 -67.11 -53.47 43.82
N LEU G 136 -66.19 -53.06 42.96
CA LEU G 136 -65.21 -53.95 42.35
C LEU G 136 -63.93 -53.93 43.15
N THR G 137 -63.29 -55.10 43.27
CA THR G 137 -62.15 -55.29 44.14
C THR G 137 -60.86 -54.70 43.62
N TYR G 138 -60.89 -53.94 42.55
CA TYR G 138 -59.67 -53.36 41.99
C TYR G 138 -60.07 -52.20 41.10
N ASP G 139 -59.07 -51.39 40.74
CA ASP G 139 -59.23 -50.28 39.83
C ASP G 139 -58.88 -50.74 38.43
N PRO G 140 -59.85 -50.94 37.53
CA PRO G 140 -59.49 -51.47 36.22
C PRO G 140 -58.73 -50.48 35.36
N TYR G 141 -59.00 -49.20 35.52
CA TYR G 141 -58.42 -48.17 34.68
C TYR G 141 -57.07 -47.67 35.19
N VAL G 142 -56.43 -48.41 36.09
CA VAL G 142 -55.22 -47.92 36.74
C VAL G 142 -54.02 -48.08 35.84
N ASN G 143 -53.92 -49.21 35.13
CA ASN G 143 -52.77 -49.48 34.28
C ASN G 143 -52.95 -48.97 32.87
N TYR G 144 -54.04 -48.27 32.60
CA TYR G 144 -54.25 -47.69 31.28
C TYR G 144 -53.26 -46.57 31.02
N SER G 145 -52.81 -46.49 29.77
CA SER G 145 -51.87 -45.47 29.37
C SER G 145 -52.44 -44.06 29.48
N SER G 146 -53.76 -43.93 29.45
CA SER G 146 -54.43 -42.64 29.58
C SER G 146 -55.00 -42.42 30.96
N ARG G 147 -54.47 -43.09 31.97
CA ARG G 147 -54.97 -42.94 33.32
C ARG G 147 -54.46 -41.65 33.93
N HIS G 148 -55.37 -40.90 34.53
CA HIS G 148 -55.05 -39.81 35.41
C HIS G 148 -55.64 -40.15 36.77
N THR G 149 -54.90 -39.86 37.82
CA THR G 149 -55.35 -40.14 39.17
C THR G 149 -56.46 -39.18 39.58
N ILE G 150 -57.49 -39.73 40.19
CA ILE G 150 -58.57 -38.96 40.78
C ILE G 150 -58.35 -39.00 42.28
N THR G 151 -57.97 -37.86 42.84
CA THR G 151 -58.04 -37.67 44.27
C THR G 151 -59.48 -37.40 44.67
N GLN G 152 -59.94 -38.04 45.73
CA GLN G 152 -61.31 -37.99 46.20
C GLN G 152 -61.34 -37.52 47.63
N PRO G 153 -62.47 -36.97 48.10
CA PRO G 153 -63.72 -36.60 47.44
C PRO G 153 -63.83 -35.13 47.05
N PHE G 154 -62.96 -34.30 47.62
CA PHE G 154 -63.10 -32.85 47.56
C PHE G 154 -62.12 -32.20 46.60
N SER G 155 -61.71 -32.91 45.57
CA SER G 155 -60.69 -32.45 44.66
C SER G 155 -61.22 -32.41 43.24
N TYR G 156 -60.76 -31.42 42.50
CA TYR G 156 -61.16 -31.19 41.13
C TYR G 156 -60.36 -32.05 40.18
N HIS G 157 -61.04 -32.58 39.17
CA HIS G 157 -60.44 -33.46 38.17
C HIS G 157 -60.93 -33.02 36.80
N SER G 158 -59.99 -32.70 35.92
CA SER G 158 -60.27 -32.33 34.55
C SER G 158 -59.62 -33.33 33.60
N ARG G 159 -60.27 -33.53 32.46
CA ARG G 159 -59.73 -34.34 31.38
C ARG G 159 -60.06 -33.64 30.08
N TYR G 160 -59.05 -33.41 29.27
CA TYR G 160 -59.16 -32.68 28.01
C TYR G 160 -58.60 -33.55 26.91
N PHE G 161 -59.46 -33.96 25.99
CA PHE G 161 -59.10 -34.95 24.99
C PHE G 161 -59.99 -34.77 23.77
N THR G 162 -59.68 -35.56 22.74
CA THR G 162 -60.38 -35.54 21.48
C THR G 162 -61.23 -36.80 21.35
N PRO G 163 -62.55 -36.72 21.39
CA PRO G 163 -63.34 -37.94 21.29
C PRO G 163 -63.41 -38.47 19.88
N LYS G 164 -64.09 -39.60 19.71
CA LYS G 164 -64.25 -40.25 18.43
C LYS G 164 -65.69 -40.70 18.30
N PRO G 165 -66.27 -40.64 17.10
CA PRO G 165 -67.65 -41.09 16.94
C PRO G 165 -67.76 -42.59 16.74
N VAL G 166 -68.95 -43.08 17.06
CA VAL G 166 -69.28 -44.50 16.95
C VAL G 166 -69.87 -44.70 15.57
N LEU G 167 -69.01 -44.98 14.61
CA LEU G 167 -69.43 -45.21 13.24
C LEU G 167 -69.92 -46.63 13.04
N ASP G 168 -69.19 -47.61 13.58
CA ASP G 168 -69.59 -49.00 13.54
C ASP G 168 -69.24 -49.62 14.88
N SER G 169 -70.26 -49.92 15.68
CA SER G 169 -70.04 -50.52 16.99
C SER G 169 -69.60 -51.97 16.89
N THR G 170 -69.80 -52.62 15.74
CA THR G 170 -69.38 -54.00 15.57
C THR G 170 -67.88 -54.12 15.40
N ILE G 171 -67.28 -53.19 14.65
CA ILE G 171 -65.86 -53.22 14.33
C ILE G 171 -65.11 -52.26 15.23
N ASP G 172 -65.76 -51.14 15.56
CA ASP G 172 -65.22 -50.14 16.47
C ASP G 172 -63.89 -49.59 15.96
N TYR G 173 -63.97 -48.92 14.82
CA TYR G 173 -62.82 -48.27 14.20
C TYR G 173 -62.90 -46.76 14.39
N PHE G 174 -61.74 -46.13 14.53
CA PHE G 174 -61.66 -44.70 14.71
C PHE G 174 -60.38 -44.17 14.09
N GLN G 175 -60.34 -42.93 13.92
CA GLN G 175 -59.25 -42.21 13.29
C GLN G 175 -58.25 -41.72 14.33
N PRO G 176 -56.98 -41.62 13.99
CA PRO G 176 -56.06 -40.92 14.87
C PRO G 176 -56.27 -39.41 14.83
N ASN G 177 -55.58 -38.71 15.70
CA ASN G 177 -55.77 -37.27 15.83
C ASN G 177 -55.13 -36.56 14.65
N ASN G 178 -55.95 -35.88 13.86
CA ASN G 178 -55.48 -35.09 12.73
C ASN G 178 -56.54 -34.02 12.49
N LYS G 179 -56.18 -32.77 12.73
CA LYS G 179 -57.17 -31.72 12.57
C LYS G 179 -57.59 -31.55 11.13
N ARG G 180 -56.71 -31.86 10.18
CA ARG G 180 -56.98 -31.62 8.77
C ARG G 180 -57.79 -32.74 8.15
N ASN G 181 -57.70 -33.95 8.68
CA ASN G 181 -58.32 -35.13 8.12
C ASN G 181 -59.52 -35.62 8.91
N GLN G 182 -59.91 -34.93 9.97
CA GLN G 182 -61.03 -35.36 10.79
C GLN G 182 -62.32 -35.30 10.00
N LEU G 183 -63.11 -36.36 10.12
CA LEU G 183 -64.35 -36.47 9.39
C LEU G 183 -65.35 -35.43 9.82
N TRP G 184 -66.12 -34.95 8.85
CA TRP G 184 -67.27 -34.11 9.10
C TRP G 184 -68.50 -35.00 9.16
N LEU G 185 -69.23 -34.91 10.26
CA LEU G 185 -70.53 -35.54 10.39
C LEU G 185 -71.61 -34.54 10.07
N ARG G 186 -72.83 -35.07 9.86
CA ARG G 186 -73.99 -34.23 9.66
C ARG G 186 -74.67 -33.97 10.99
N LEU G 187 -75.10 -32.72 11.15
CA LEU G 187 -75.90 -32.31 12.29
C LEU G 187 -77.33 -32.72 12.00
N GLN G 188 -77.70 -33.91 12.46
CA GLN G 188 -79.02 -34.45 12.26
C GLN G 188 -80.03 -33.66 13.07
N THR G 189 -81.30 -33.98 12.85
CA THR G 189 -82.38 -33.30 13.54
C THR G 189 -82.59 -33.86 14.95
N ALA G 190 -82.77 -35.19 15.07
CA ALA G 190 -82.97 -35.81 16.36
C ALA G 190 -82.28 -37.17 16.50
N GLY G 191 -81.22 -37.42 15.74
CA GLY G 191 -80.62 -38.73 15.69
C GLY G 191 -79.11 -38.75 15.60
N ASN G 192 -78.46 -37.77 16.20
CA ASN G 192 -77.02 -37.66 16.11
C ASN G 192 -76.32 -38.84 16.78
N VAL G 193 -75.10 -39.08 16.37
CA VAL G 193 -74.33 -40.26 16.78
C VAL G 193 -73.58 -39.95 18.06
N ASP G 194 -73.43 -40.97 18.89
CA ASP G 194 -72.80 -40.80 20.19
C ASP G 194 -71.28 -40.79 20.04
N HIS G 195 -70.67 -39.79 20.62
CA HIS G 195 -69.23 -39.75 20.78
C HIS G 195 -68.86 -40.33 22.13
N VAL G 196 -67.63 -40.81 22.22
CA VAL G 196 -67.20 -41.66 23.31
C VAL G 196 -65.77 -41.29 23.67
N GLY G 197 -65.33 -41.72 24.85
CA GLY G 197 -64.02 -41.32 25.30
C GLY G 197 -63.72 -41.10 26.77
N LEU G 198 -64.59 -41.48 27.70
CA LEU G 198 -64.18 -41.44 29.10
C LEU G 198 -64.82 -42.52 29.94
N GLY G 199 -63.98 -43.18 30.74
CA GLY G 199 -64.43 -44.10 31.75
C GLY G 199 -63.71 -43.83 33.05
N THR G 200 -64.41 -44.07 34.15
CA THR G 200 -63.96 -43.67 35.47
C THR G 200 -64.01 -44.85 36.43
N ALA G 201 -63.27 -44.70 37.52
CA ALA G 201 -63.30 -45.64 38.63
C ALA G 201 -63.08 -44.86 39.90
N PHE G 202 -64.13 -44.77 40.73
CA PHE G 202 -64.11 -44.05 41.98
C PHE G 202 -64.07 -45.02 43.14
N GLU G 203 -63.22 -44.74 44.11
CA GLU G 203 -63.11 -45.55 45.31
C GLU G 203 -64.26 -45.22 46.24
N ASN G 204 -64.96 -46.26 46.68
CA ASN G 204 -66.12 -46.08 47.53
C ASN G 204 -65.71 -45.62 48.91
N SER G 205 -66.71 -45.18 49.67
CA SER G 205 -66.49 -44.57 50.97
C SER G 205 -67.70 -44.78 51.85
N ILE G 206 -67.52 -44.50 53.14
CA ILE G 206 -68.63 -44.58 54.08
C ILE G 206 -69.63 -43.47 53.83
N TYR G 207 -69.16 -42.33 53.32
CA TYR G 207 -70.00 -41.19 53.03
C TYR G 207 -70.28 -41.11 51.54
N ASP G 208 -71.38 -40.46 51.21
CA ASP G 208 -71.74 -40.26 49.81
C ASP G 208 -70.85 -39.20 49.18
N GLN G 209 -70.35 -39.49 47.99
CA GLN G 209 -69.49 -38.60 47.22
C GLN G 209 -70.26 -38.10 46.02
N GLU G 210 -70.64 -36.82 46.04
CA GLU G 210 -71.39 -36.20 44.97
C GLU G 210 -70.48 -35.31 44.14
N TYR G 211 -70.82 -35.18 42.87
CA TYR G 211 -70.08 -34.37 41.93
C TYR G 211 -71.05 -33.68 40.98
N ASN G 212 -70.69 -32.48 40.55
CA ASN G 212 -71.37 -31.76 39.48
C ASN G 212 -70.45 -31.78 38.28
N ILE G 213 -70.82 -32.53 37.26
CA ILE G 213 -69.96 -32.75 36.11
C ILE G 213 -70.37 -31.79 35.01
N ARG G 214 -69.40 -30.99 34.55
CA ARG G 214 -69.60 -30.01 33.50
C ARG G 214 -68.78 -30.46 32.29
N VAL G 215 -69.48 -30.86 31.23
CA VAL G 215 -68.86 -31.24 29.98
C VAL G 215 -68.94 -30.05 29.04
N THR G 216 -67.81 -29.73 28.42
CA THR G 216 -67.69 -28.65 27.45
C THR G 216 -67.13 -29.25 26.18
N MET G 217 -67.90 -29.15 25.10
CA MET G 217 -67.48 -29.63 23.79
C MET G 217 -67.08 -28.46 22.91
N TYR G 218 -65.89 -28.55 22.34
CA TYR G 218 -65.38 -27.57 21.41
C TYR G 218 -65.60 -28.10 20.00
N VAL G 219 -66.56 -27.51 19.30
CA VAL G 219 -67.06 -28.03 18.05
C VAL G 219 -66.67 -27.08 16.92
N GLN G 220 -66.83 -27.57 15.70
CA GLN G 220 -66.49 -26.83 14.49
C GLN G 220 -67.55 -27.17 13.47
N PHE G 221 -68.33 -26.17 13.08
CA PHE G 221 -69.42 -26.32 12.15
C PHE G 221 -69.00 -25.88 10.74
N ARG G 222 -69.88 -26.12 9.78
CA ARG G 222 -69.60 -25.83 8.39
C ARG G 222 -70.91 -25.65 7.65
N GLU G 223 -70.87 -24.80 6.62
CA GLU G 223 -71.98 -24.60 5.69
C GLU G 223 -73.23 -24.06 6.40
N PHE G 224 -73.10 -22.81 6.82
CA PHE G 224 -74.22 -21.97 7.23
C PHE G 224 -75.40 -22.15 6.30
N ASN G 225 -76.54 -22.56 6.85
CA ASN G 225 -77.69 -22.97 6.05
C ASN G 225 -78.98 -22.38 6.57
N LEU G 226 -78.94 -21.10 6.93
CA LEU G 226 -80.14 -20.46 7.44
C LEU G 226 -81.19 -20.37 6.34
N LYS G 227 -82.45 -20.54 6.74
CA LYS G 227 -83.58 -20.45 5.84
C LYS G 227 -84.50 -19.34 6.31
N ASP G 228 -84.83 -18.44 5.40
CA ASP G 228 -85.57 -17.22 5.71
C ASP G 228 -86.83 -17.15 4.85
N PRO G 229 -87.90 -17.81 5.27
CA PRO G 229 -89.17 -17.66 4.57
C PRO G 229 -89.79 -16.31 4.88
N PRO G 230 -90.80 -15.90 4.11
CA PRO G 230 -91.51 -14.67 4.46
C PRO G 230 -92.34 -14.81 5.72
N LEU G 231 -93.04 -13.73 6.08
CA LEU G 231 -93.85 -13.70 7.29
C LEU G 231 -95.17 -12.95 7.06
N GLY H 43 -35.90 -57.71 23.03
CA GLY H 43 -37.20 -57.09 22.87
C GLY H 43 -37.67 -56.36 24.11
N ILE H 44 -37.18 -55.15 24.28
CA ILE H 44 -37.39 -54.39 25.50
C ILE H 44 -38.78 -53.77 25.48
N PHE H 45 -39.39 -53.71 26.67
CA PHE H 45 -40.67 -53.05 26.84
C PHE H 45 -40.70 -52.50 28.26
N ASN H 46 -40.49 -51.20 28.39
CA ASN H 46 -40.62 -50.52 29.66
C ASN H 46 -42.07 -50.14 29.88
N THR H 47 -42.61 -50.53 31.02
CA THR H 47 -43.98 -50.19 31.37
C THR H 47 -44.05 -49.86 32.86
N ARG H 48 -45.28 -49.80 33.37
CA ARG H 48 -45.58 -49.34 34.71
C ARG H 48 -46.73 -50.16 35.26
N LEU H 49 -46.52 -50.75 36.44
CA LEU H 49 -47.49 -51.60 37.10
C LEU H 49 -47.74 -51.06 38.48
N SER H 50 -49.01 -51.04 38.89
CA SER H 50 -49.45 -50.46 40.13
C SER H 50 -50.27 -51.45 40.94
N ARG H 51 -50.52 -51.07 42.18
CA ARG H 51 -51.16 -51.90 43.19
C ARG H 51 -51.46 -51.00 44.37
N THR H 52 -52.62 -51.21 45.00
CA THR H 52 -53.09 -50.37 46.08
C THR H 52 -53.57 -51.23 47.23
N PHE H 53 -53.23 -50.80 48.44
CA PHE H 53 -53.60 -51.53 49.65
C PHE H 53 -53.55 -50.57 50.83
N GLY H 54 -54.06 -51.04 51.95
CA GLY H 54 -54.20 -50.24 53.14
C GLY H 54 -53.19 -50.51 54.23
N TYR H 55 -52.99 -49.51 55.09
CA TYR H 55 -52.13 -49.61 56.27
C TYR H 55 -52.68 -48.68 57.32
N THR H 56 -52.84 -49.20 58.54
CA THR H 56 -53.39 -48.44 59.65
C THR H 56 -52.46 -48.52 60.84
N ILE H 57 -52.29 -47.38 61.51
CA ILE H 57 -51.57 -47.28 62.76
C ILE H 57 -52.63 -47.09 63.83
N LYS H 58 -52.88 -48.14 64.60
CA LYS H 58 -53.92 -48.11 65.61
C LYS H 58 -53.56 -47.14 66.73
N ARG H 59 -54.60 -46.71 67.44
CA ARG H 59 -54.45 -45.76 68.53
C ARG H 59 -53.78 -46.41 69.73
N THR H 60 -53.24 -45.56 70.60
CA THR H 60 -52.60 -45.98 71.84
C THR H 60 -52.90 -44.99 72.94
N THR H 61 -53.19 -45.50 74.13
CA THR H 61 -53.35 -44.67 75.32
C THR H 61 -52.02 -44.20 75.90
N VAL H 62 -50.89 -44.69 75.37
CA VAL H 62 -49.59 -44.28 75.87
C VAL H 62 -49.41 -42.78 75.72
N LYS H 63 -48.86 -42.16 76.76
CA LYS H 63 -48.70 -40.70 76.77
C LYS H 63 -47.44 -40.27 76.05
N THR H 64 -46.36 -41.05 76.16
CA THR H 64 -45.09 -40.69 75.60
C THR H 64 -45.15 -40.64 74.08
N PRO H 65 -44.15 -40.03 73.44
CA PRO H 65 -44.03 -40.18 71.99
C PRO H 65 -43.39 -41.51 71.67
N SER H 66 -44.19 -42.43 71.16
CA SER H 66 -43.73 -43.73 70.70
C SER H 66 -43.99 -43.86 69.21
N TRP H 67 -43.22 -44.73 68.57
CA TRP H 67 -43.31 -44.95 67.14
C TRP H 67 -43.67 -46.39 66.83
N ALA H 68 -44.38 -46.55 65.72
CA ALA H 68 -44.80 -47.84 65.21
C ALA H 68 -43.97 -48.17 63.99
N VAL H 69 -43.27 -49.28 64.06
CA VAL H 69 -42.32 -49.68 63.04
C VAL H 69 -42.92 -50.81 62.22
N ASP H 70 -42.68 -50.76 60.91
CA ASP H 70 -43.16 -51.80 60.01
C ASP H 70 -42.26 -51.81 58.78
N MET H 71 -42.41 -52.86 58.00
CA MET H 71 -41.59 -53.12 56.82
C MET H 71 -42.45 -53.16 55.57
N MET H 72 -41.78 -53.14 54.43
CA MET H 72 -42.46 -53.14 53.14
C MET H 72 -41.56 -53.79 52.10
N ARG H 73 -41.98 -54.93 51.59
CA ARG H 73 -41.33 -55.62 50.49
C ARG H 73 -42.16 -55.46 49.22
N PHE H 74 -41.55 -55.82 48.10
CA PHE H 74 -42.18 -55.71 46.78
C PHE H 74 -41.93 -56.98 46.00
N ASN H 75 -43.00 -57.61 45.54
CA ASN H 75 -42.93 -58.77 44.68
C ASN H 75 -43.79 -58.53 43.44
N ILE H 76 -43.37 -59.13 42.33
CA ILE H 76 -44.05 -58.91 41.05
C ILE H 76 -45.29 -59.76 40.89
N ASN H 77 -45.48 -60.77 41.74
CA ASN H 77 -46.72 -61.54 41.68
C ASN H 77 -47.91 -60.71 42.07
N ASP H 78 -47.71 -59.73 42.95
CA ASP H 78 -48.79 -58.87 43.41
C ASP H 78 -49.16 -57.81 42.39
N PHE H 79 -48.33 -57.59 41.37
CA PHE H 79 -48.60 -56.63 40.31
C PHE H 79 -48.96 -57.28 38.98
N LEU H 80 -48.41 -58.46 38.72
CA LEU H 80 -48.60 -59.17 37.46
C LEU H 80 -49.39 -60.45 37.70
N PRO H 81 -50.64 -60.58 37.26
CA PRO H 81 -51.38 -61.79 37.57
C PRO H 81 -50.92 -62.95 36.69
N PRO H 82 -51.40 -64.15 36.98
CA PRO H 82 -51.14 -65.26 36.08
C PRO H 82 -51.94 -65.14 34.80
N GLY H 83 -51.36 -65.63 33.72
CA GLY H 83 -52.00 -65.55 32.43
C GLY H 83 -52.99 -66.65 32.20
N GLY H 84 -53.02 -67.16 30.97
CA GLY H 84 -53.91 -68.23 30.62
C GLY H 84 -53.44 -69.02 29.42
N GLY H 85 -53.46 -70.33 29.54
CA GLY H 85 -53.05 -71.20 28.45
C GLY H 85 -51.55 -71.44 28.43
N SER H 86 -51.00 -71.45 27.23
CA SER H 86 -49.57 -71.71 27.07
C SER H 86 -48.72 -70.54 27.57
N ASN H 87 -49.32 -69.37 27.77
CA ASN H 87 -48.62 -68.23 28.33
C ASN H 87 -48.85 -68.20 29.82
N PRO H 88 -47.84 -68.49 30.66
CA PRO H 88 -48.12 -68.60 32.10
C PRO H 88 -48.41 -67.27 32.76
N ARG H 89 -47.98 -66.15 32.18
CA ARG H 89 -48.18 -64.83 32.73
C ARG H 89 -48.92 -63.96 31.75
N SER H 90 -49.47 -62.87 32.26
CA SER H 90 -50.33 -62.01 31.47
C SER H 90 -49.54 -61.05 30.58
N VAL H 91 -48.31 -60.75 30.95
CA VAL H 91 -47.39 -59.97 30.12
C VAL H 91 -46.44 -60.95 29.45
N PRO H 92 -46.52 -61.16 28.13
CA PRO H 92 -45.75 -62.26 27.54
C PRO H 92 -44.28 -61.94 27.31
N PHE H 93 -43.51 -62.01 28.38
CA PHE H 93 -42.08 -61.82 28.34
C PHE H 93 -41.41 -62.83 29.26
N GLU H 94 -40.13 -63.03 29.03
CA GLU H 94 -39.33 -64.01 29.76
C GLU H 94 -38.61 -63.43 30.95
N TYR H 95 -37.90 -62.33 30.75
CA TYR H 95 -37.03 -61.73 31.74
C TYR H 95 -37.59 -60.40 32.19
N TYR H 96 -37.13 -59.95 33.35
CA TYR H 96 -37.53 -58.65 33.88
C TYR H 96 -36.45 -58.14 34.81
N ARG H 97 -36.53 -56.85 35.07
CA ARG H 97 -35.70 -56.23 36.11
C ARG H 97 -36.39 -54.95 36.53
N ILE H 98 -36.57 -54.78 37.83
CA ILE H 98 -37.29 -53.62 38.35
C ILE H 98 -36.33 -52.45 38.41
N ARG H 99 -36.71 -51.37 37.74
CA ARG H 99 -35.89 -50.17 37.63
C ARG H 99 -36.13 -49.23 38.80
N LYS H 100 -37.39 -48.94 39.12
CA LYS H 100 -37.75 -48.01 40.17
C LYS H 100 -39.05 -48.45 40.80
N VAL H 101 -39.28 -47.95 42.01
CA VAL H 101 -40.56 -48.10 42.70
C VAL H 101 -40.93 -46.76 43.29
N LYS H 102 -42.22 -46.46 43.24
CA LYS H 102 -42.80 -45.26 43.82
C LYS H 102 -43.84 -45.71 44.84
N VAL H 103 -43.52 -45.54 46.11
CA VAL H 103 -44.46 -45.79 47.19
C VAL H 103 -45.10 -44.47 47.58
N GLU H 104 -46.42 -44.44 47.55
CA GLU H 104 -47.20 -43.25 47.84
C GLU H 104 -48.11 -43.56 49.02
N PHE H 105 -47.91 -42.83 50.11
CA PHE H 105 -48.81 -42.90 51.26
C PHE H 105 -49.88 -41.83 51.07
N TRP H 106 -51.02 -42.25 50.58
CA TRP H 106 -52.15 -41.36 50.42
C TRP H 106 -52.96 -41.36 51.71
N PRO H 107 -53.11 -40.23 52.40
CA PRO H 107 -53.81 -40.25 53.67
C PRO H 107 -55.29 -40.51 53.53
N CYS H 108 -55.85 -41.02 54.62
CA CYS H 108 -57.27 -41.26 54.74
C CYS H 108 -57.92 -40.38 55.81
N SER H 109 -57.16 -39.51 56.44
CA SER H 109 -57.57 -38.77 57.61
C SER H 109 -57.84 -37.32 57.25
N PRO H 110 -58.76 -36.66 57.94
CA PRO H 110 -59.07 -35.28 57.60
C PRO H 110 -57.97 -34.33 58.02
N ILE H 111 -57.99 -33.15 57.41
CA ILE H 111 -57.01 -32.13 57.75
C ILE H 111 -57.29 -31.47 59.09
N THR H 112 -58.41 -31.78 59.73
CA THR H 112 -58.73 -31.28 61.05
C THR H 112 -58.28 -32.19 62.17
N GLN H 113 -57.64 -33.31 61.85
CA GLN H 113 -57.26 -34.27 62.87
C GLN H 113 -56.05 -33.74 63.63
N GLY H 114 -56.12 -33.84 64.95
CA GLY H 114 -55.07 -33.39 65.82
C GLY H 114 -54.17 -34.51 66.27
N ASP H 115 -53.39 -34.22 67.32
CA ASP H 115 -52.38 -35.13 67.83
C ASP H 115 -51.41 -35.52 66.73
N ARG H 116 -51.00 -34.53 65.95
CA ARG H 116 -50.11 -34.76 64.84
C ARG H 116 -48.75 -35.25 65.32
N GLY H 117 -47.97 -35.75 64.38
CA GLY H 117 -46.71 -36.37 64.69
C GLY H 117 -45.70 -36.25 63.59
N VAL H 118 -44.57 -36.92 63.75
CA VAL H 118 -43.48 -36.85 62.80
C VAL H 118 -42.74 -38.17 62.81
N GLY H 119 -42.57 -38.74 61.62
CA GLY H 119 -41.96 -40.04 61.44
C GLY H 119 -40.85 -40.03 60.41
N SER H 120 -40.49 -41.21 59.94
CA SER H 120 -39.36 -41.36 59.06
C SER H 120 -39.54 -42.59 58.18
N SER H 121 -39.16 -42.46 56.92
CA SER H 121 -39.12 -43.56 55.97
C SER H 121 -37.72 -43.68 55.42
N ALA H 122 -37.18 -44.89 55.46
CA ALA H 122 -35.83 -45.17 55.01
C ALA H 122 -35.83 -46.33 54.03
N VAL H 123 -34.74 -46.41 53.27
CA VAL H 123 -34.58 -47.39 52.20
C VAL H 123 -33.64 -48.48 52.69
N ILE H 124 -34.14 -49.72 52.69
CA ILE H 124 -33.46 -50.86 53.31
C ILE H 124 -33.37 -51.95 52.26
N LEU H 125 -32.21 -52.06 51.62
CA LEU H 125 -32.03 -52.90 50.45
C LEU H 125 -31.49 -54.29 50.76
N ASP H 126 -31.76 -54.85 51.95
CA ASP H 126 -31.09 -56.08 52.36
C ASP H 126 -31.93 -57.06 53.17
N ASP H 127 -33.21 -56.80 53.40
CA ASP H 127 -34.10 -57.76 54.04
C ASP H 127 -33.75 -57.98 55.51
N ASN H 128 -33.15 -56.98 56.15
CA ASN H 128 -32.96 -56.98 57.59
C ASN H 128 -33.44 -55.61 58.06
N PHE H 129 -34.72 -55.58 58.40
CA PHE H 129 -35.40 -54.40 58.89
C PHE H 129 -35.29 -54.32 60.41
N VAL H 130 -35.54 -53.13 60.93
CA VAL H 130 -35.78 -53.00 62.36
C VAL H 130 -37.02 -53.81 62.70
N THR H 131 -36.98 -54.48 63.84
CA THR H 131 -38.05 -55.38 64.24
C THR H 131 -39.37 -54.61 64.32
N LYS H 132 -40.43 -55.26 63.87
CA LYS H 132 -41.75 -54.67 63.93
C LYS H 132 -42.15 -54.41 65.37
N ALA H 133 -42.58 -53.18 65.63
CA ALA H 133 -42.91 -52.73 66.96
C ALA H 133 -44.19 -51.93 66.92
N THR H 134 -44.95 -52.00 68.01
CA THR H 134 -46.18 -51.26 68.15
C THR H 134 -45.95 -49.88 68.75
N ALA H 135 -45.22 -49.80 69.86
CA ALA H 135 -44.90 -48.54 70.51
C ALA H 135 -43.45 -48.60 70.98
N LEU H 136 -42.55 -48.18 70.10
CA LEU H 136 -41.13 -48.08 70.41
C LEU H 136 -40.80 -46.67 70.85
N THR H 137 -39.91 -46.55 71.82
CA THR H 137 -39.62 -45.29 72.49
C THR H 137 -38.76 -44.35 71.67
N TYR H 138 -38.49 -44.65 70.40
CA TYR H 138 -37.67 -43.79 69.58
C TYR H 138 -37.94 -44.12 68.12
N ASP H 139 -37.47 -43.25 67.24
CA ASP H 139 -37.58 -43.43 65.80
C ASP H 139 -36.29 -44.07 65.30
N PRO H 140 -36.28 -45.35 64.94
CA PRO H 140 -35.00 -45.96 64.55
C PRO H 140 -34.47 -45.46 63.23
N TYR H 141 -35.36 -45.10 62.31
CA TYR H 141 -34.98 -44.71 60.97
C TYR H 141 -34.66 -43.23 60.85
N VAL H 142 -34.44 -42.55 61.97
CA VAL H 142 -34.30 -41.09 61.93
C VAL H 142 -32.90 -40.68 61.49
N ASN H 143 -31.89 -41.40 61.94
CA ASN H 143 -30.50 -41.06 61.62
C ASN H 143 -30.02 -41.75 60.36
N TYR H 144 -30.90 -42.47 59.66
CA TYR H 144 -30.50 -43.09 58.41
C TYR H 144 -30.26 -42.06 57.33
N SER H 145 -29.26 -42.34 56.50
CA SER H 145 -28.91 -41.44 55.42
C SER H 145 -30.02 -41.30 54.39
N SER H 146 -30.91 -42.28 54.30
CA SER H 146 -32.04 -42.25 53.37
C SER H 146 -33.35 -41.89 54.05
N ARG H 147 -33.29 -41.20 55.18
CA ARG H 147 -34.48 -40.83 55.90
C ARG H 147 -35.15 -39.63 55.24
N HIS H 148 -36.44 -39.75 55.03
CA HIS H 148 -37.31 -38.63 54.68
C HIS H 148 -38.33 -38.52 55.79
N THR H 149 -38.62 -37.29 56.19
CA THR H 149 -39.58 -37.03 57.24
C THR H 149 -41.00 -37.32 56.76
N ILE H 150 -41.76 -37.99 57.59
CA ILE H 150 -43.18 -38.23 57.37
C ILE H 150 -43.92 -37.30 58.31
N THR H 151 -44.56 -36.29 57.74
CA THR H 151 -45.55 -35.53 58.46
C THR H 151 -46.84 -36.33 58.52
N GLN H 152 -47.46 -36.36 59.69
CA GLN H 152 -48.63 -37.16 59.96
C GLN H 152 -49.74 -36.26 60.47
N PRO H 153 -51.01 -36.67 60.35
CA PRO H 153 -51.59 -37.84 59.69
C PRO H 153 -52.14 -37.58 58.30
N PHE H 154 -52.32 -36.31 57.95
CA PHE H 154 -53.07 -35.91 56.78
C PHE H 154 -52.19 -35.41 55.65
N SER H 155 -50.96 -35.91 55.56
CA SER H 155 -49.99 -35.42 54.61
C SER H 155 -49.49 -36.56 53.74
N TYR H 156 -49.23 -36.22 52.49
CA TYR H 156 -48.78 -37.16 51.49
C TYR H 156 -47.29 -37.35 51.57
N HIS H 157 -46.86 -38.60 51.40
CA HIS H 157 -45.45 -38.98 51.46
C HIS H 157 -45.16 -39.90 50.31
N SER H 158 -44.18 -39.52 49.49
CA SER H 158 -43.72 -40.33 48.38
C SER H 158 -42.26 -40.69 48.57
N ARG H 159 -41.88 -41.86 48.06
CA ARG H 159 -40.51 -42.31 48.03
C ARG H 159 -40.28 -42.97 46.68
N TYR H 160 -39.25 -42.53 45.98
CA TYR H 160 -38.91 -43.00 44.64
C TYR H 160 -37.48 -43.47 44.65
N PHE H 161 -37.28 -44.76 44.43
CA PHE H 161 -35.98 -45.37 44.61
C PHE H 161 -35.90 -46.62 43.75
N THR H 162 -34.71 -47.21 43.75
CA THR H 162 -34.41 -48.42 42.98
C THR H 162 -34.26 -49.59 43.92
N PRO H 163 -35.16 -50.57 43.93
CA PRO H 163 -35.03 -51.67 44.86
C PRO H 163 -33.97 -52.66 44.42
N LYS H 164 -33.76 -53.68 45.23
CA LYS H 164 -32.78 -54.72 44.98
C LYS H 164 -33.40 -56.07 45.30
N PRO H 165 -33.09 -57.11 44.54
CA PRO H 165 -33.65 -58.42 44.84
C PRO H 165 -32.89 -59.17 45.91
N VAL H 166 -33.60 -60.10 46.53
CA VAL H 166 -33.06 -60.93 47.60
C VAL H 166 -32.52 -62.18 46.93
N LEU H 167 -31.26 -62.12 46.54
CA LEU H 167 -30.59 -63.24 45.91
C LEU H 167 -30.09 -64.25 46.93
N ASP H 168 -29.48 -63.77 48.01
CA ASP H 168 -29.04 -64.62 49.11
C ASP H 168 -29.32 -63.88 50.40
N SER H 169 -30.31 -64.36 51.15
CA SER H 169 -30.67 -63.73 52.41
C SER H 169 -29.63 -63.98 53.50
N THR H 170 -28.76 -64.97 53.33
CA THR H 170 -27.73 -65.25 54.31
C THR H 170 -26.60 -64.23 54.25
N ILE H 171 -26.21 -63.82 53.04
CA ILE H 171 -25.09 -62.91 52.83
C ILE H 171 -25.63 -61.50 52.59
N ASP H 172 -26.78 -61.42 51.93
CA ASP H 172 -27.46 -60.16 51.67
C ASP H 172 -26.56 -59.20 50.88
N TYR H 173 -26.26 -59.60 49.65
CA TYR H 173 -25.47 -58.80 48.73
C TYR H 173 -26.36 -58.20 47.66
N PHE H 174 -26.00 -57.01 47.21
CA PHE H 174 -26.75 -56.31 46.18
C PHE H 174 -25.81 -55.46 45.35
N GLN H 175 -26.29 -55.06 44.25
CA GLN H 175 -25.56 -54.29 43.27
C GLN H 175 -25.79 -52.79 43.49
N PRO H 176 -24.81 -51.95 43.17
CA PRO H 176 -25.10 -50.52 43.11
C PRO H 176 -25.92 -50.15 41.90
N ASN H 177 -26.34 -48.90 41.84
CA ASN H 177 -27.24 -48.45 40.79
C ASN H 177 -26.47 -48.30 39.49
N ASN H 178 -26.85 -49.10 38.50
CA ASN H 178 -26.26 -49.03 37.17
C ASN H 178 -27.29 -49.56 36.21
N LYS H 179 -27.81 -48.71 35.35
CA LYS H 179 -28.86 -49.16 34.45
C LYS H 179 -28.33 -50.18 33.44
N ARG H 180 -27.05 -50.10 33.09
CA ARG H 180 -26.50 -50.96 32.06
C ARG H 180 -26.10 -52.32 32.59
N ASN H 181 -25.79 -52.41 33.88
CA ASN H 181 -25.28 -53.64 34.48
C ASN H 181 -26.29 -54.32 35.39
N GLN H 182 -27.51 -53.82 35.49
CA GLN H 182 -28.50 -54.41 36.37
C GLN H 182 -28.87 -55.79 35.88
N LEU H 183 -28.94 -56.72 36.81
CA LEU H 183 -29.23 -58.11 36.49
C LEU H 183 -30.65 -58.25 35.95
N TRP H 184 -30.79 -59.18 35.01
CA TRP H 184 -32.08 -59.62 34.53
C TRP H 184 -32.47 -60.86 35.30
N LEU H 185 -33.64 -60.83 35.91
CA LEU H 185 -34.24 -61.98 36.54
C LEU H 185 -35.23 -62.62 35.58
N ARG H 186 -35.61 -63.84 35.90
CA ARG H 186 -36.65 -64.55 35.16
C ARG H 186 -38.00 -64.27 35.76
N LEU H 187 -38.97 -64.06 34.89
CA LEU H 187 -40.37 -63.93 35.28
C LEU H 187 -40.92 -65.33 35.47
N GLN H 188 -40.84 -65.81 36.71
CA GLN H 188 -41.31 -67.12 37.05
C GLN H 188 -42.83 -67.20 36.95
N THR H 189 -43.36 -68.41 37.10
CA THR H 189 -44.79 -68.62 37.01
C THR H 189 -45.50 -68.26 38.31
N ALA H 190 -45.04 -68.82 39.44
CA ALA H 190 -45.64 -68.53 40.74
C ALA H 190 -44.63 -68.43 41.87
N GLY H 191 -43.38 -68.12 41.58
CA GLY H 191 -42.33 -68.16 42.58
C GLY H 191 -41.30 -67.06 42.49
N ASN H 192 -41.71 -65.88 42.06
CA ASN H 192 -40.79 -64.78 41.88
C ASN H 192 -40.19 -64.33 43.21
N VAL H 193 -39.04 -63.70 43.12
CA VAL H 193 -38.23 -63.34 44.27
C VAL H 193 -38.68 -61.97 44.78
N ASP H 194 -38.58 -61.80 46.10
CA ASP H 194 -39.03 -60.58 46.74
C ASP H 194 -37.98 -59.49 46.58
N HIS H 195 -38.42 -58.34 46.12
CA HIS H 195 -37.61 -57.13 46.16
C HIS H 195 -37.90 -56.37 47.43
N VAL H 196 -36.94 -55.55 47.83
CA VAL H 196 -36.91 -54.97 49.15
C VAL H 196 -36.39 -53.54 49.03
N GLY H 197 -36.61 -52.75 50.08
CA GLY H 197 -36.24 -51.36 49.99
C GLY H 197 -37.04 -50.28 50.71
N LEU H 198 -37.96 -50.61 51.60
CA LEU H 198 -38.56 -49.54 52.40
C LEU H 198 -38.95 -50.01 53.80
N GLY H 199 -38.58 -49.19 54.76
CA GLY H 199 -39.03 -49.35 56.13
C GLY H 199 -39.47 -48.02 56.68
N THR H 200 -40.47 -48.08 57.57
CA THR H 200 -41.16 -46.89 58.04
C THR H 200 -41.20 -46.87 59.56
N ALA H 201 -41.45 -45.67 60.09
CA ALA H 201 -41.69 -45.46 61.51
C ALA H 201 -42.69 -44.35 61.65
N PHE H 202 -43.89 -44.69 62.11
CA PHE H 202 -44.98 -43.75 62.29
C PHE H 202 -45.19 -43.48 63.78
N GLU H 203 -45.36 -42.21 64.11
CA GLU H 203 -45.61 -41.80 65.48
C GLU H 203 -47.06 -42.08 65.83
N ASN H 204 -47.28 -42.78 66.93
CA ASN H 204 -48.61 -43.17 67.33
C ASN H 204 -49.40 -41.96 67.81
N SER H 205 -50.71 -42.16 67.95
CA SER H 205 -51.64 -41.08 68.24
C SER H 205 -52.84 -41.64 68.99
N ILE H 206 -53.63 -40.73 69.54
CA ILE H 206 -54.87 -41.12 70.20
C ILE H 206 -55.89 -41.59 69.19
N TYR H 207 -55.84 -41.09 67.97
CA TYR H 207 -56.74 -41.45 66.91
C TYR H 207 -56.07 -42.42 65.95
N ASP H 208 -56.89 -43.20 65.25
CA ASP H 208 -56.37 -44.13 64.26
C ASP H 208 -55.94 -43.38 63.02
N GLN H 209 -54.77 -43.73 62.51
CA GLN H 209 -54.19 -43.13 61.31
C GLN H 209 -54.20 -44.17 60.20
N GLU H 210 -55.07 -43.96 59.22
CA GLU H 210 -55.20 -44.88 58.09
C GLU H 210 -54.56 -44.27 56.86
N TYR H 211 -54.07 -45.15 55.99
CA TYR H 211 -53.42 -44.78 54.75
C TYR H 211 -53.81 -45.77 53.66
N ASN H 212 -53.90 -45.26 52.43
CA ASN H 212 -54.05 -46.08 51.23
C ASN H 212 -52.73 -45.99 50.49
N ILE H 213 -51.99 -47.09 50.48
CA ILE H 213 -50.65 -47.12 49.93
C ILE H 213 -50.71 -47.64 48.51
N ARG H 214 -50.20 -46.85 47.57
CA ARG H 214 -50.16 -47.18 46.15
C ARG H 214 -48.71 -47.35 45.75
N VAL H 215 -48.33 -48.58 45.45
CA VAL H 215 -47.00 -48.90 44.97
C VAL H 215 -47.05 -49.01 43.46
N THR H 216 -46.12 -48.34 42.81
CA THR H 216 -45.98 -48.35 41.36
C THR H 216 -44.57 -48.82 41.04
N MET H 217 -44.45 -49.93 40.33
CA MET H 217 -43.18 -50.46 39.90
C MET H 217 -42.96 -50.18 38.42
N TYR H 218 -41.81 -49.60 38.12
CA TYR H 218 -41.40 -49.33 36.75
C TYR H 218 -40.44 -50.42 36.33
N VAL H 219 -40.92 -51.31 35.46
CA VAL H 219 -40.23 -52.54 35.12
C VAL H 219 -39.77 -52.48 33.68
N GLN H 220 -38.90 -53.42 33.32
CA GLN H 220 -38.31 -53.51 32.00
C GLN H 220 -38.22 -54.99 31.68
N PHE H 221 -38.97 -55.42 30.67
CA PHE H 221 -39.02 -56.80 30.26
C PHE H 221 -38.14 -57.04 29.04
N ARG H 222 -38.00 -58.30 28.67
CA ARG H 222 -37.13 -58.71 27.58
C ARG H 222 -37.61 -60.04 27.03
N GLU H 223 -37.37 -60.23 25.73
CA GLU H 223 -37.62 -61.49 25.04
C GLU H 223 -39.11 -61.87 25.08
N PHE H 224 -39.88 -61.09 24.33
CA PHE H 224 -41.24 -61.42 23.95
C PHE H 224 -41.35 -62.88 23.55
N ASN H 225 -42.22 -63.62 24.25
CA ASN H 225 -42.27 -65.08 24.12
C ASN H 225 -43.69 -65.58 24.00
N LEU H 226 -44.50 -64.89 23.22
CA LEU H 226 -45.88 -65.32 23.04
C LEU H 226 -45.94 -66.65 22.33
N LYS H 227 -46.90 -67.47 22.75
CA LYS H 227 -47.13 -68.79 22.16
C LYS H 227 -48.53 -68.83 21.60
N ASP H 228 -48.63 -69.23 20.34
CA ASP H 228 -49.88 -69.18 19.57
C ASP H 228 -50.20 -70.58 19.04
N PRO H 229 -50.82 -71.42 19.85
CA PRO H 229 -51.28 -72.70 19.34
C PRO H 229 -52.51 -72.53 18.47
N PRO H 230 -52.90 -73.55 17.71
CA PRO H 230 -54.15 -73.46 16.96
C PRO H 230 -55.37 -73.49 17.86
N LEU H 231 -56.56 -73.44 17.25
CA LEU H 231 -57.81 -73.42 17.98
C LEU H 231 -58.87 -74.26 17.28
N GLY I 43 -8.60 -37.24 60.95
CA GLY I 43 -9.65 -38.09 60.41
C GLY I 43 -11.03 -37.54 60.61
N ILE I 44 -11.41 -36.64 59.73
CA ILE I 44 -12.65 -35.89 59.88
C ILE I 44 -13.83 -36.75 59.43
N PHE I 45 -14.95 -36.58 60.12
CA PHE I 45 -16.20 -37.24 59.76
C PHE I 45 -17.33 -36.32 60.19
N ASN I 46 -17.90 -35.61 59.22
CA ASN I 46 -19.08 -34.81 59.46
C ASN I 46 -20.32 -35.68 59.35
N THR I 47 -21.16 -35.64 60.37
CA THR I 47 -22.40 -36.39 60.37
C THR I 47 -23.50 -35.56 61.02
N ARG I 48 -24.61 -36.22 61.33
CA ARG I 48 -25.83 -35.59 61.79
C ARG I 48 -26.49 -36.48 62.82
N LEU I 49 -26.77 -35.93 63.99
CA LEU I 49 -27.37 -36.64 65.10
C LEU I 49 -28.62 -35.93 65.53
N SER I 50 -29.67 -36.69 65.80
CA SER I 50 -30.98 -36.16 66.12
C SER I 50 -31.51 -36.74 67.42
N ARG I 51 -32.59 -36.15 67.89
CA ARG I 51 -33.19 -36.42 69.18
C ARG I 51 -34.53 -35.71 69.20
N THR I 52 -35.54 -36.35 69.78
CA THR I 52 -36.90 -35.85 69.79
C THR I 52 -37.47 -35.92 71.20
N PHE I 53 -38.19 -34.88 71.59
CA PHE I 53 -38.78 -34.80 72.91
C PHE I 53 -39.93 -33.80 72.87
N GLY I 54 -40.71 -33.79 73.94
CA GLY I 54 -41.90 -32.97 74.03
C GLY I 54 -41.77 -31.73 74.88
N TYR I 55 -42.65 -30.77 74.60
CA TYR I 55 -42.76 -29.53 75.36
C TYR I 55 -44.20 -29.07 75.29
N THR I 56 -44.77 -28.74 76.45
CA THR I 56 -46.16 -28.31 76.55
C THR I 56 -46.23 -26.99 77.29
N ILE I 57 -47.09 -26.12 76.80
CA ILE I 57 -47.44 -24.86 77.44
C ILE I 57 -48.84 -25.06 77.99
N LYS I 58 -48.95 -25.23 79.30
CA LYS I 58 -50.22 -25.50 79.93
C LYS I 58 -51.15 -24.29 79.83
N ARG I 59 -52.43 -24.56 79.96
CA ARG I 59 -53.46 -23.54 79.87
C ARG I 59 -53.44 -22.63 81.09
N THR I 60 -54.02 -21.44 80.92
CA THR I 60 -54.16 -20.47 81.98
C THR I 60 -55.50 -19.77 81.88
N THR I 61 -56.14 -19.55 83.02
CA THR I 61 -57.36 -18.75 83.09
C THR I 61 -57.09 -17.26 83.04
N VAL I 62 -55.83 -16.84 83.04
CA VAL I 62 -55.49 -15.43 82.99
C VAL I 62 -56.03 -14.83 81.69
N LYS I 63 -56.60 -13.64 81.81
CA LYS I 63 -57.21 -12.97 80.67
C LYS I 63 -56.20 -12.21 79.84
N THR I 64 -55.21 -11.61 80.49
CA THR I 64 -54.24 -10.78 79.80
C THR I 64 -53.39 -11.60 78.84
N PRO I 65 -52.68 -10.94 77.94
CA PRO I 65 -51.65 -11.65 77.17
C PRO I 65 -50.39 -11.81 78.00
N SER I 66 -50.15 -13.03 78.46
CA SER I 66 -48.96 -13.38 79.19
C SER I 66 -48.16 -14.41 78.39
N TRP I 67 -46.87 -14.47 78.67
CA TRP I 67 -45.96 -15.36 77.98
C TRP I 67 -45.30 -16.32 78.94
N ALA I 68 -45.01 -17.51 78.41
CA ALA I 68 -44.33 -18.57 79.14
C ALA I 68 -42.92 -18.68 78.63
N VAL I 69 -41.96 -18.50 79.53
CA VAL I 69 -40.56 -18.45 79.19
C VAL I 69 -39.90 -19.75 79.60
N ASP I 70 -38.99 -20.23 78.77
CA ASP I 70 -38.24 -21.45 79.05
C ASP I 70 -36.93 -21.40 78.27
N MET I 71 -36.04 -22.30 78.64
CA MET I 71 -34.69 -22.37 78.10
C MET I 71 -34.47 -23.70 77.41
N MET I 72 -33.37 -23.78 76.67
CA MET I 72 -33.03 -24.97 75.91
C MET I 72 -31.52 -25.05 75.75
N ARG I 73 -30.92 -26.06 76.35
CA ARG I 73 -29.51 -26.38 76.22
C ARG I 73 -29.36 -27.63 75.35
N PHE I 74 -28.12 -27.87 74.93
CA PHE I 74 -27.79 -29.00 74.06
C PHE I 74 -26.54 -29.68 74.58
N ASN I 75 -26.63 -30.97 74.84
CA ASN I 75 -25.50 -31.80 75.23
C ASN I 75 -25.43 -33.00 74.33
N ILE I 76 -24.20 -33.47 74.10
CA ILE I 76 -23.97 -34.58 73.18
C ILE I 76 -24.25 -35.94 73.80
N ASN I 77 -24.39 -36.02 75.13
CA ASN I 77 -24.75 -37.28 75.75
C ASN I 77 -26.15 -37.70 75.36
N ASP I 78 -27.04 -36.72 75.12
CA ASP I 78 -28.40 -37.01 74.75
C ASP I 78 -28.56 -37.44 73.31
N PHE I 79 -27.53 -37.26 72.48
CA PHE I 79 -27.53 -37.66 71.09
C PHE I 79 -26.65 -38.85 70.81
N LEU I 80 -25.57 -39.01 71.55
CA LEU I 80 -24.59 -40.07 71.36
C LEU I 80 -24.60 -41.01 72.55
N PRO I 81 -25.07 -42.26 72.43
CA PRO I 81 -25.13 -43.11 73.60
C PRO I 81 -23.76 -43.64 73.97
N PRO I 82 -23.63 -44.29 75.11
CA PRO I 82 -22.38 -44.96 75.44
C PRO I 82 -22.19 -46.20 74.59
N GLY I 83 -20.93 -46.50 74.30
CA GLY I 83 -20.60 -47.63 73.47
C GLY I 83 -20.55 -48.93 74.24
N GLY I 84 -19.59 -49.77 73.91
CA GLY I 84 -19.42 -51.03 74.57
C GLY I 84 -18.02 -51.57 74.44
N GLY I 85 -17.45 -52.02 75.56
CA GLY I 85 -16.12 -52.57 75.57
C GLY I 85 -15.04 -51.52 75.70
N SER I 86 -13.96 -51.71 74.95
CA SER I 86 -12.84 -50.79 75.00
C SER I 86 -13.17 -49.45 74.35
N ASN I 87 -14.24 -49.38 73.56
CA ASN I 87 -14.69 -48.14 72.97
C ASN I 87 -15.75 -47.52 73.88
N PRO I 88 -15.47 -46.42 74.58
CA PRO I 88 -16.45 -45.92 75.54
C PRO I 88 -17.68 -45.31 74.92
N ARG I 89 -17.60 -44.87 73.66
CA ARG I 89 -18.71 -44.27 72.95
C ARG I 89 -19.02 -45.04 71.68
N SER I 90 -20.21 -44.80 71.15
CA SER I 90 -20.70 -45.55 70.02
C SER I 90 -20.15 -45.07 68.69
N VAL I 91 -19.72 -43.80 68.64
CA VAL I 91 -19.02 -43.25 67.48
C VAL I 91 -17.54 -43.21 67.82
N PRO I 92 -16.70 -44.03 67.18
CA PRO I 92 -15.32 -44.16 67.66
C PRO I 92 -14.40 -43.02 67.21
N PHE I 93 -14.53 -41.89 67.90
CA PHE I 93 -13.69 -40.74 67.67
C PHE I 93 -13.33 -40.11 69.00
N GLU I 94 -12.27 -39.31 68.98
CA GLU I 94 -11.73 -38.68 70.17
C GLU I 94 -12.28 -37.29 70.40
N TYR I 95 -12.23 -36.45 69.38
CA TYR I 95 -12.57 -35.04 69.49
C TYR I 95 -13.86 -34.75 68.72
N TYR I 96 -14.47 -33.63 69.05
CA TYR I 96 -15.67 -33.19 68.36
C TYR I 96 -15.79 -31.68 68.49
N ARG I 97 -16.64 -31.14 67.62
CA ARG I 97 -17.03 -29.74 67.73
C ARG I 97 -18.34 -29.58 66.99
N ILE I 98 -19.32 -28.98 67.66
CA ILE I 98 -20.66 -28.84 67.10
C ILE I 98 -20.67 -27.66 66.16
N ARG I 99 -21.03 -27.89 64.91
CA ARG I 99 -21.04 -26.88 63.87
C ARG I 99 -22.34 -26.11 63.84
N LYS I 100 -23.47 -26.82 63.87
CA LYS I 100 -24.79 -26.21 63.76
C LYS I 100 -25.77 -27.04 64.55
N VAL I 101 -26.89 -26.42 64.90
CA VAL I 101 -28.04 -27.10 65.49
C VAL I 101 -29.28 -26.60 64.79
N LYS I 102 -30.22 -27.51 64.57
CA LYS I 102 -31.53 -27.21 64.00
C LYS I 102 -32.57 -27.65 65.01
N VAL I 103 -33.22 -26.68 65.64
CA VAL I 103 -34.33 -26.94 66.53
C VAL I 103 -35.62 -26.75 65.74
N GLU I 104 -36.45 -27.78 65.75
CA GLU I 104 -37.70 -27.78 65.01
C GLU I 104 -38.83 -27.99 66.01
N PHE I 105 -39.72 -27.01 66.09
CA PHE I 105 -40.94 -27.12 66.88
C PHE I 105 -42.03 -27.66 65.96
N TRP I 106 -42.25 -28.95 66.03
CA TRP I 106 -43.31 -29.58 65.26
C TRP I 106 -44.60 -29.54 66.09
N PRO I 107 -45.65 -28.88 65.61
CA PRO I 107 -46.85 -28.77 66.43
C PRO I 107 -47.58 -30.08 66.59
N CYS I 108 -48.33 -30.13 67.69
CA CYS I 108 -49.20 -31.25 68.01
C CYS I 108 -50.67 -30.88 67.98
N SER I 109 -50.99 -29.65 67.65
CA SER I 109 -52.31 -29.09 67.79
C SER I 109 -52.98 -28.96 66.43
N PRO I 110 -54.30 -29.07 66.36
CA PRO I 110 -54.97 -28.98 65.08
C PRO I 110 -54.99 -27.57 64.54
N ILE I 111 -55.21 -27.47 63.23
CA ILE I 111 -55.30 -26.17 62.60
C ILE I 111 -56.60 -25.43 62.89
N THR I 112 -57.55 -26.09 63.57
CA THR I 112 -58.79 -25.46 63.98
C THR I 112 -58.71 -24.86 65.38
N GLN I 113 -57.57 -24.94 66.05
CA GLN I 113 -57.48 -24.46 67.41
C GLN I 113 -57.43 -22.94 67.43
N GLY I 114 -58.21 -22.35 68.31
CA GLY I 114 -58.29 -20.92 68.44
C GLY I 114 -57.43 -20.39 69.56
N ASP I 115 -57.70 -19.14 69.94
CA ASP I 115 -56.93 -18.43 70.94
C ASP I 115 -55.47 -18.40 70.54
N ARG I 116 -55.22 -18.12 69.28
CA ARG I 116 -53.88 -18.10 68.73
C ARG I 116 -53.07 -16.97 69.37
N GLY I 117 -51.76 -17.05 69.16
CA GLY I 117 -50.85 -16.15 69.81
C GLY I 117 -49.60 -15.90 69.01
N VAL I 118 -48.66 -15.17 69.59
CA VAL I 118 -47.43 -14.80 68.91
C VAL I 118 -46.33 -14.71 69.94
N GLY I 119 -45.22 -15.40 69.66
CA GLY I 119 -44.10 -15.50 70.55
C GLY I 119 -42.79 -15.16 69.89
N SER I 120 -41.70 -15.58 70.52
CA SER I 120 -40.37 -15.21 70.05
C SER I 120 -39.37 -16.26 70.51
N SER I 121 -38.42 -16.56 69.62
CA SER I 121 -37.30 -17.43 69.92
C SER I 121 -36.02 -16.68 69.63
N ALA I 122 -35.11 -16.69 70.60
CA ALA I 122 -33.85 -15.97 70.49
C ALA I 122 -32.69 -16.90 70.81
N VAL I 123 -31.51 -16.49 70.37
CA VAL I 123 -30.28 -17.27 70.49
C VAL I 123 -29.45 -16.69 71.61
N ILE I 124 -29.16 -17.53 72.62
CA ILE I 124 -28.54 -17.10 73.87
C ILE I 124 -27.32 -17.97 74.09
N LEU I 125 -26.15 -17.45 73.75
CA LEU I 125 -24.93 -18.23 73.69
C LEU I 125 -24.09 -18.16 74.96
N ASP I 126 -24.69 -17.94 76.14
CA ASP I 126 -23.92 -17.67 77.34
C ASP I 126 -24.45 -18.25 78.64
N ASP I 127 -25.53 -19.03 78.63
CA ASP I 127 -26.00 -19.73 79.81
C ASP I 127 -26.56 -18.78 80.86
N ASN I 128 -27.05 -17.61 80.43
CA ASN I 128 -27.79 -16.71 81.30
C ASN I 128 -29.05 -16.34 80.53
N PHE I 129 -30.08 -17.14 80.76
CA PHE I 129 -31.38 -16.98 80.15
C PHE I 129 -32.25 -16.08 81.00
N VAL I 130 -33.31 -15.57 80.39
CA VAL I 130 -34.38 -14.96 81.16
C VAL I 130 -34.97 -16.04 82.06
N THR I 131 -35.31 -15.65 83.29
CA THR I 131 -35.78 -16.61 84.26
C THR I 131 -37.04 -17.30 83.77
N LYS I 132 -37.12 -18.60 84.05
CA LYS I 132 -38.29 -19.36 83.65
C LYS I 132 -39.53 -18.83 84.35
N ALA I 133 -40.56 -18.57 83.55
CA ALA I 133 -41.79 -17.97 84.02
C ALA I 133 -42.97 -18.70 83.40
N THR I 134 -44.07 -18.74 84.15
CA THR I 134 -45.30 -19.35 83.69
C THR I 134 -46.19 -18.35 82.95
N ALA I 135 -46.42 -17.19 83.54
CA ALA I 135 -47.24 -16.14 82.93
C ALA I 135 -46.57 -14.80 83.20
N LEU I 136 -45.67 -14.41 82.31
CA LEU I 136 -45.01 -13.11 82.37
C LEU I 136 -45.75 -12.12 81.50
N THR I 137 -45.82 -10.88 81.97
CA THR I 137 -46.65 -9.85 81.36
C THR I 137 -46.08 -9.28 80.08
N TYR I 138 -45.00 -9.83 79.54
CA TYR I 138 -44.40 -9.31 78.33
C TYR I 138 -43.55 -10.40 77.71
N ASP I 139 -43.15 -10.18 76.47
CA ASP I 139 -42.26 -11.07 75.74
C ASP I 139 -40.84 -10.57 75.90
N PRO I 140 -39.99 -11.21 76.69
CA PRO I 140 -38.65 -10.65 76.89
C PRO I 140 -37.77 -10.76 75.67
N TYR I 141 -37.95 -11.79 74.86
CA TYR I 141 -37.10 -12.05 73.72
C TYR I 141 -37.55 -11.33 72.45
N VAL I 142 -38.42 -10.32 72.59
CA VAL I 142 -39.01 -9.70 71.42
C VAL I 142 -38.06 -8.71 70.77
N ASN I 143 -37.34 -7.95 71.57
CA ASN I 143 -36.44 -6.93 71.06
C ASN I 143 -35.04 -7.46 70.82
N TYR I 144 -34.82 -8.76 70.99
CA TYR I 144 -33.52 -9.34 70.72
C TYR I 144 -33.22 -9.33 69.23
N SER I 145 -31.96 -9.09 68.90
CA SER I 145 -31.52 -9.06 67.52
C SER I 145 -31.69 -10.40 66.83
N SER I 146 -31.72 -11.50 67.58
CA SER I 146 -31.89 -12.83 67.04
C SER I 146 -33.30 -13.36 67.21
N ARG I 147 -34.28 -12.47 67.34
CA ARG I 147 -35.65 -12.89 67.54
C ARG I 147 -36.26 -13.30 66.21
N HIS I 148 -36.89 -14.46 66.22
CA HIS I 148 -37.78 -14.91 65.16
C HIS I 148 -39.16 -15.06 65.78
N THR I 149 -40.18 -14.64 65.06
CA THR I 149 -41.54 -14.75 65.54
C THR I 149 -42.01 -16.19 65.51
N ILE I 150 -42.66 -16.60 66.59
CA ILE I 150 -43.32 -17.89 66.70
C ILE I 150 -44.80 -17.63 66.54
N THR I 151 -45.36 -18.06 65.43
CA THR I 151 -46.79 -18.18 65.30
C THR I 151 -47.26 -19.43 66.02
N GLN I 152 -48.33 -19.31 66.78
CA GLN I 152 -48.85 -20.37 67.63
C GLN I 152 -50.30 -20.63 67.26
N PRO I 153 -50.83 -21.82 67.56
CA PRO I 153 -50.23 -23.04 68.09
C PRO I 153 -49.87 -24.10 67.07
N PHE I 154 -50.39 -23.96 65.85
CA PHE I 154 -50.37 -25.01 64.85
C PHE I 154 -49.37 -24.73 63.74
N SER I 155 -48.31 -24.01 64.04
CA SER I 155 -47.36 -23.56 63.03
C SER I 155 -45.97 -24.05 63.39
N TYR I 156 -45.22 -24.38 62.35
CA TYR I 156 -43.87 -24.90 62.46
C TYR I 156 -42.87 -23.76 62.61
N HIS I 157 -41.89 -23.97 63.48
CA HIS I 157 -40.86 -22.99 63.78
C HIS I 157 -39.52 -23.71 63.79
N SER I 158 -38.60 -23.24 62.95
CA SER I 158 -37.24 -23.76 62.90
C SER I 158 -36.26 -22.66 63.25
N ARG I 159 -35.15 -23.06 63.84
CA ARG I 159 -34.03 -22.18 64.14
C ARG I 159 -32.76 -22.94 63.84
N TYR I 160 -31.90 -22.35 63.02
CA TYR I 160 -30.66 -22.96 62.56
C TYR I 160 -29.52 -22.02 62.89
N PHE I 161 -28.64 -22.45 63.78
CA PHE I 161 -27.61 -21.57 64.32
C PHE I 161 -26.43 -22.41 64.78
N THR I 162 -25.39 -21.72 65.20
CA THR I 162 -24.15 -22.31 65.67
C THR I 162 -24.04 -22.13 67.18
N PRO I 163 -24.16 -23.19 67.98
CA PRO I 163 -24.08 -23.00 69.43
C PRO I 163 -22.67 -22.77 69.90
N LYS I 164 -22.51 -22.55 71.20
CA LYS I 164 -21.23 -22.31 71.82
C LYS I 164 -21.16 -23.12 73.11
N PRO I 165 -19.99 -23.64 73.47
CA PRO I 165 -19.89 -24.41 74.71
C PRO I 165 -19.68 -23.53 75.93
N VAL I 166 -20.05 -24.10 77.07
CA VAL I 166 -19.95 -23.43 78.36
C VAL I 166 -18.59 -23.81 78.94
N LEU I 167 -17.58 -23.02 78.59
CA LEU I 167 -16.22 -23.24 79.07
C LEU I 167 -16.04 -22.69 80.48
N ASP I 168 -16.52 -21.48 80.73
CA ASP I 168 -16.49 -20.88 82.06
C ASP I 168 -17.80 -20.16 82.27
N SER I 169 -18.65 -20.70 83.13
CA SER I 169 -19.93 -20.09 83.42
C SER I 169 -19.81 -18.82 84.25
N THR I 170 -18.66 -18.60 84.89
CA THR I 170 -18.45 -17.39 85.68
C THR I 170 -18.21 -16.18 84.78
N ILE I 171 -17.45 -16.36 83.72
CA ILE I 171 -17.05 -15.28 82.82
C ILE I 171 -17.93 -15.31 81.58
N ASP I 172 -18.31 -16.51 81.15
CA ASP I 172 -19.21 -16.70 80.02
C ASP I 172 -18.64 -16.08 78.75
N TYR I 173 -17.51 -16.63 78.31
CA TYR I 173 -16.85 -16.20 77.08
C TYR I 173 -17.07 -17.23 75.99
N PHE I 174 -17.16 -16.75 74.75
CA PHE I 174 -17.34 -17.61 73.62
C PHE I 174 -16.68 -17.01 72.39
N GLN I 175 -16.52 -17.80 71.42
CA GLN I 175 -15.85 -17.47 70.18
C GLN I 175 -16.85 -16.98 69.14
N PRO I 176 -16.44 -16.10 68.25
CA PRO I 176 -17.30 -15.82 67.09
C PRO I 176 -17.28 -16.95 66.08
N ASN I 177 -18.12 -16.85 65.07
CA ASN I 177 -18.28 -17.92 64.12
C ASN I 177 -17.08 -17.96 63.18
N ASN I 178 -16.35 -19.06 63.21
CA ASN I 178 -15.20 -19.26 62.33
C ASN I 178 -15.03 -20.76 62.21
N LYS I 179 -15.25 -21.30 61.03
CA LYS I 179 -15.16 -22.74 60.87
C LYS I 179 -13.73 -23.22 61.04
N ARG I 180 -12.74 -22.39 60.72
CA ARG I 180 -11.36 -22.82 60.76
C ARG I 180 -10.75 -22.73 62.14
N ASN I 181 -11.28 -21.86 62.99
CA ASN I 181 -10.73 -21.60 64.31
C ASN I 181 -11.57 -22.15 65.45
N GLN I 182 -12.65 -22.85 65.14
CA GLN I 182 -13.51 -23.37 66.18
C GLN I 182 -12.78 -24.42 67.00
N LEU I 183 -12.93 -24.33 68.31
CA LEU I 183 -12.25 -25.23 69.22
C LEU I 183 -12.74 -26.65 69.06
N TRP I 184 -11.81 -27.59 69.21
CA TRP I 184 -12.13 -29.00 69.34
C TRP I 184 -12.24 -29.34 70.80
N LEU I 185 -13.36 -29.91 71.19
CA LEU I 185 -13.56 -30.48 72.51
C LEU I 185 -13.29 -31.97 72.46
N ARG I 186 -13.14 -32.56 73.64
CA ARG I 186 -12.99 -33.99 73.78
C ARG I 186 -14.35 -34.62 73.99
N LEU I 187 -14.55 -35.75 73.31
CA LEU I 187 -15.73 -36.57 73.50
C LEU I 187 -15.51 -37.41 74.75
N GLN I 188 -15.97 -36.89 75.88
CA GLN I 188 -15.82 -37.55 77.15
C GLN I 188 -16.69 -38.80 77.20
N THR I 189 -16.52 -39.57 78.27
CA THR I 189 -17.28 -40.80 78.44
C THR I 189 -18.67 -40.53 78.97
N ALA I 190 -18.78 -39.80 80.09
CA ALA I 190 -20.09 -39.49 80.66
C ALA I 190 -20.17 -38.08 81.24
N GLY I 191 -19.36 -37.14 80.77
CA GLY I 191 -19.27 -35.83 81.37
C GLY I 191 -19.11 -34.69 80.41
N ASN I 192 -19.69 -34.80 79.23
CA ASN I 192 -19.53 -33.77 78.21
C ASN I 192 -20.17 -32.46 78.65
N VAL I 193 -19.68 -31.39 78.04
CA VAL I 193 -20.05 -30.03 78.42
C VAL I 193 -21.30 -29.60 77.68
N ASP I 194 -22.11 -28.79 78.34
CA ASP I 194 -23.38 -28.36 77.78
C ASP I 194 -23.16 -27.23 76.78
N HIS I 195 -23.72 -27.39 75.59
CA HIS I 195 -23.82 -26.31 74.64
C HIS I 195 -25.14 -25.59 74.81
N VAL I 196 -25.16 -24.35 74.38
CA VAL I 196 -26.23 -23.43 74.72
C VAL I 196 -26.53 -22.57 73.50
N GLY I 197 -27.68 -21.90 73.52
CA GLY I 197 -28.08 -21.15 72.35
C GLY I 197 -29.53 -21.00 71.97
N LEU I 198 -30.50 -21.38 72.80
CA LEU I 198 -31.87 -21.03 72.47
C LEU I 198 -32.73 -20.78 73.69
N GLY I 199 -33.48 -19.69 73.62
CA GLY I 199 -34.50 -19.38 74.60
C GLY I 199 -35.77 -18.95 73.90
N THR I 200 -36.90 -19.28 74.52
CA THR I 200 -38.20 -19.14 73.89
C THR I 200 -39.14 -18.38 74.80
N ALA I 201 -40.21 -17.85 74.18
CA ALA I 201 -41.30 -17.23 74.90
C ALA I 201 -42.58 -17.53 74.13
N PHE I 202 -43.44 -18.33 74.72
CA PHE I 202 -44.71 -18.72 74.13
C PHE I 202 -45.85 -18.02 74.82
N GLU I 203 -46.78 -17.52 74.03
CA GLU I 203 -47.97 -16.86 74.56
C GLU I 203 -48.96 -17.90 75.03
N ASN I 204 -49.41 -17.74 76.26
CA ASN I 204 -50.30 -18.70 76.87
C ASN I 204 -51.69 -18.63 76.22
N SER I 205 -52.50 -19.64 76.52
CA SER I 205 -53.79 -19.81 75.88
C SER I 205 -54.72 -20.56 76.82
N ILE I 206 -56.01 -20.55 76.47
CA ILE I 206 -57.01 -21.30 77.22
C ILE I 206 -56.81 -22.79 77.03
N TYR I 207 -56.29 -23.19 75.87
CA TYR I 207 -56.04 -24.59 75.55
C TYR I 207 -54.57 -24.91 75.71
N ASP I 208 -54.30 -26.20 75.94
CA ASP I 208 -52.92 -26.65 76.04
C ASP I 208 -52.26 -26.69 74.67
N GLN I 209 -51.04 -26.17 74.60
CA GLN I 209 -50.26 -26.13 73.38
C GLN I 209 -49.09 -27.10 73.52
N GLU I 210 -49.16 -28.21 72.80
CA GLU I 210 -48.12 -29.23 72.84
C GLU I 210 -47.26 -29.15 71.59
N TYR I 211 -46.01 -29.56 71.74
CA TYR I 211 -45.04 -29.56 70.66
C TYR I 211 -44.15 -30.78 70.79
N ASN I 212 -43.71 -31.30 69.65
CA ASN I 212 -42.70 -32.34 69.57
C ASN I 212 -41.45 -31.68 69.01
N ILE I 213 -40.43 -31.52 69.84
CA ILE I 213 -39.25 -30.77 69.48
C ILE I 213 -38.18 -31.75 69.03
N ARG I 214 -37.68 -31.55 67.80
CA ARG I 214 -36.65 -32.38 67.22
C ARG I 214 -35.40 -31.53 67.04
N VAL I 215 -34.37 -31.85 67.82
CA VAL I 215 -33.09 -31.19 67.74
C VAL I 215 -32.17 -32.05 66.91
N THR I 216 -31.51 -31.42 65.94
CA THR I 216 -30.55 -32.07 65.07
C THR I 216 -29.24 -31.32 65.19
N MET I 217 -28.20 -32.01 65.63
CA MET I 217 -26.87 -31.44 65.74
C MET I 217 -25.98 -31.94 64.61
N TYR I 218 -25.35 -31.00 63.93
CA TYR I 218 -24.41 -31.28 62.87
C TYR I 218 -23.01 -31.17 63.44
N VAL I 219 -22.36 -32.31 63.64
CA VAL I 219 -21.12 -32.41 64.38
C VAL I 219 -19.99 -32.77 63.43
N GLN I 220 -18.77 -32.63 63.93
CA GLN I 220 -17.56 -32.90 63.18
C GLN I 220 -16.58 -33.54 64.15
N PHE I 221 -16.24 -34.79 63.90
CA PHE I 221 -15.36 -35.55 64.74
C PHE I 221 -13.95 -35.59 64.15
N ARG I 222 -13.02 -36.13 64.94
CA ARG I 222 -11.62 -36.17 64.56
C ARG I 222 -10.94 -37.32 65.30
N GLU I 223 -9.93 -37.88 64.64
CA GLU I 223 -9.05 -38.90 65.23
C GLU I 223 -9.82 -40.16 65.62
N PHE I 224 -10.24 -40.86 64.57
CA PHE I 224 -10.72 -42.24 64.65
C PHE I 224 -9.84 -43.06 65.58
N ASN I 225 -10.45 -43.63 66.61
CA ASN I 225 -9.69 -44.27 67.69
C ASN I 225 -10.28 -45.61 68.07
N LEU I 226 -10.65 -46.39 67.07
CA LEU I 226 -11.22 -47.70 67.35
C LEU I 226 -10.17 -48.60 67.98
N LYS I 227 -10.62 -49.43 68.92
CA LYS I 227 -9.78 -50.39 69.62
C LYS I 227 -10.31 -51.78 69.36
N ASP I 228 -9.42 -52.67 68.91
CA ASP I 228 -9.78 -54.01 68.45
C ASP I 228 -8.98 -55.03 69.24
N PRO I 229 -9.45 -55.40 70.43
CA PRO I 229 -8.82 -56.49 71.15
C PRO I 229 -9.16 -57.83 70.52
N PRO I 230 -8.44 -58.90 70.89
CA PRO I 230 -8.84 -60.22 70.40
C PRO I 230 -10.13 -60.71 71.02
N LEU I 231 -10.54 -61.92 70.65
CA LEU I 231 -11.79 -62.51 71.13
C LEU I 231 -11.62 -63.99 71.41
N GLY J 43 -23.92 11.09 66.95
CA GLY J 43 -23.83 9.70 67.35
C GLY J 43 -25.11 8.93 67.07
N ILE J 44 -25.26 8.50 65.83
CA ILE J 44 -26.49 7.89 65.37
C ILE J 44 -26.55 6.45 65.81
N PHE J 45 -27.77 6.01 66.13
CA PHE J 45 -28.02 4.62 66.48
C PHE J 45 -29.45 4.30 66.03
N ASN J 46 -29.56 3.61 64.91
CA ASN J 46 -30.85 3.12 64.46
C ASN J 46 -31.15 1.79 65.12
N THR J 47 -32.32 1.69 65.72
CA THR J 47 -32.75 0.45 66.36
C THR J 47 -34.24 0.25 66.12
N ARG J 48 -34.81 -0.69 66.88
CA ARG J 48 -36.17 -1.15 66.68
C ARG J 48 -36.77 -1.45 68.04
N LEU J 49 -37.93 -0.86 68.31
CA LEU J 49 -38.64 -1.00 69.58
C LEU J 49 -40.04 -1.48 69.29
N SER J 50 -40.51 -2.42 70.10
CA SER J 50 -41.79 -3.08 69.91
C SER J 50 -42.62 -3.01 71.17
N ARG J 51 -43.88 -3.39 71.01
CA ARG J 51 -44.92 -3.28 72.03
C ARG J 51 -46.12 -4.04 71.51
N THR J 52 -46.80 -4.75 72.42
CA THR J 52 -47.92 -5.60 72.06
C THR J 52 -49.10 -5.34 72.98
N PHE J 53 -50.29 -5.31 72.41
CA PHE J 53 -51.50 -5.05 73.15
C PHE J 53 -52.68 -5.59 72.36
N GLY J 54 -53.83 -5.62 73.02
CA GLY J 54 -55.03 -6.20 72.47
C GLY J 54 -56.07 -5.21 71.98
N TYR J 55 -56.92 -5.68 71.07
CA TYR J 55 -58.04 -4.91 70.54
C TYR J 55 -59.13 -5.90 70.18
N THR J 56 -60.35 -5.61 70.64
CA THR J 56 -61.50 -6.47 70.40
C THR J 56 -62.63 -5.66 69.80
N ILE J 57 -63.30 -6.26 68.82
CA ILE J 57 -64.52 -5.74 68.23
C ILE J 57 -65.65 -6.61 68.75
N LYS J 58 -66.42 -6.07 69.69
CA LYS J 58 -67.48 -6.82 70.31
C LYS J 58 -68.59 -7.14 69.32
N ARG J 59 -69.36 -8.17 69.65
CA ARG J 59 -70.44 -8.63 68.81
C ARG J 59 -71.61 -7.65 68.82
N THR J 60 -72.45 -7.77 67.79
CA THR J 60 -73.65 -6.95 67.66
C THR J 60 -74.77 -7.79 67.07
N THR J 61 -75.98 -7.61 67.61
CA THR J 61 -77.18 -8.22 67.06
C THR J 61 -77.69 -7.50 65.81
N VAL J 62 -77.09 -6.36 65.46
CA VAL J 62 -77.51 -5.62 64.28
C VAL J 62 -77.37 -6.49 63.04
N LYS J 63 -78.38 -6.44 62.18
CA LYS J 63 -78.39 -7.28 60.97
C LYS J 63 -77.61 -6.64 59.84
N THR J 64 -77.67 -5.32 59.72
CA THR J 64 -77.04 -4.63 58.63
C THR J 64 -75.52 -4.78 58.67
N PRO J 65 -74.83 -4.46 57.57
CA PRO J 65 -73.39 -4.32 57.65
C PRO J 65 -73.01 -2.98 58.24
N SER J 66 -72.54 -3.00 59.48
CA SER J 66 -72.05 -1.82 60.16
C SER J 66 -70.58 -2.00 60.47
N TRP J 67 -69.89 -0.88 60.65
CA TRP J 67 -68.46 -0.87 60.91
C TRP J 67 -68.16 -0.20 62.24
N ALA J 68 -67.09 -0.68 62.86
CA ALA J 68 -66.60 -0.17 64.13
C ALA J 68 -65.33 0.62 63.86
N VAL J 69 -65.35 1.88 64.23
CA VAL J 69 -64.27 2.81 63.94
C VAL J 69 -63.48 3.06 65.21
N ASP J 70 -62.16 3.16 65.06
CA ASP J 70 -61.28 3.43 66.17
C ASP J 70 -60.00 4.06 65.63
N MET J 71 -59.22 4.61 66.54
CA MET J 71 -58.01 5.33 66.23
C MET J 71 -56.81 4.66 66.87
N MET J 72 -55.62 5.11 66.45
CA MET J 72 -54.37 4.53 66.93
C MET J 72 -53.28 5.58 66.85
N ARG J 73 -52.78 6.00 68.00
CA ARG J 73 -51.64 6.89 68.14
C ARG J 73 -50.43 6.11 68.61
N PHE J 74 -49.27 6.75 68.50
CA PHE J 74 -48.00 6.14 68.87
C PHE J 74 -47.18 7.13 69.68
N ASN J 75 -46.78 6.72 70.88
CA ASN J 75 -45.91 7.50 71.73
C ASN J 75 -44.72 6.65 72.16
N ILE J 76 -43.58 7.30 72.36
CA ILE J 76 -42.35 6.59 72.68
C ILE J 76 -42.25 6.21 74.14
N ASN J 77 -43.10 6.77 75.01
CA ASN J 77 -43.09 6.35 76.41
C ASN J 77 -43.56 4.92 76.55
N ASP J 78 -44.44 4.47 75.66
CA ASP J 78 -44.96 3.11 75.70
C ASP J 78 -43.97 2.08 75.18
N PHE J 79 -42.90 2.51 74.50
CA PHE J 79 -41.87 1.63 73.98
C PHE J 79 -40.56 1.73 74.75
N LEU J 80 -40.25 2.91 75.29
CA LEU J 80 -39.01 3.18 75.99
C LEU J 80 -39.28 3.44 77.46
N PRO J 81 -38.91 2.57 78.39
CA PRO J 81 -39.24 2.82 79.77
C PRO J 81 -38.34 3.88 80.38
N PRO J 82 -38.64 4.33 81.59
CA PRO J 82 -37.72 5.22 82.27
C PRO J 82 -36.48 4.47 82.75
N GLY J 83 -35.37 5.18 82.77
CA GLY J 83 -34.12 4.59 83.16
C GLY J 83 -33.93 4.57 84.66
N GLY J 84 -32.71 4.83 85.09
CA GLY J 84 -32.40 4.84 86.50
C GLY J 84 -31.17 5.66 86.82
N GLY J 85 -31.27 6.52 87.82
CA GLY J 85 -30.16 7.35 88.23
C GLY J 85 -30.06 8.63 87.43
N SER J 86 -28.83 9.01 87.11
CA SER J 86 -28.59 10.23 86.36
C SER J 86 -29.04 10.13 84.92
N ASN J 87 -29.29 8.91 84.42
CA ASN J 87 -29.81 8.72 83.08
C ASN J 87 -31.32 8.60 83.16
N PRO J 88 -32.11 9.58 82.70
CA PRO J 88 -33.55 9.51 82.91
C PRO J 88 -34.24 8.45 82.09
N ARG J 89 -33.64 8.01 80.98
CA ARG J 89 -34.22 7.01 80.10
C ARG J 89 -33.28 5.83 79.97
N SER J 90 -33.83 4.72 79.50
CA SER J 90 -33.10 3.46 79.44
C SER J 90 -32.18 3.38 78.22
N VAL J 91 -32.47 4.14 77.18
CA VAL J 91 -31.60 4.27 76.01
C VAL J 91 -30.88 5.61 76.14
N PRO J 92 -29.56 5.63 76.39
CA PRO J 92 -28.93 6.91 76.73
C PRO J 92 -28.61 7.78 75.52
N PHE J 93 -29.64 8.46 75.04
CA PHE J 93 -29.53 9.40 73.95
C PHE J 93 -30.40 10.61 74.25
N GLU J 94 -30.10 11.70 73.56
CA GLU J 94 -30.77 12.97 73.76
C GLU J 94 -31.94 13.18 72.80
N TYR J 95 -31.69 12.98 71.51
CA TYR J 95 -32.65 13.29 70.47
C TYR J 95 -33.13 12.01 69.81
N TYR J 96 -34.27 12.12 69.14
CA TYR J 96 -34.83 10.98 68.41
C TYR J 96 -35.70 11.50 67.28
N ARG J 97 -35.99 10.60 66.35
CA ARG J 97 -36.98 10.85 65.32
C ARG J 97 -37.44 9.52 64.79
N ILE J 98 -38.75 9.34 64.75
CA ILE J 98 -39.33 8.06 64.34
C ILE J 98 -39.34 8.00 62.82
N ARG J 99 -38.70 6.97 62.28
CA ARG J 99 -38.56 6.79 60.85
C ARG J 99 -39.75 6.05 60.25
N LYS J 100 -40.14 4.94 60.86
CA LYS J 100 -41.20 4.09 60.36
C LYS J 100 -41.91 3.44 61.53
N VAL J 101 -43.12 2.99 61.27
CA VAL J 101 -43.88 2.16 62.20
C VAL J 101 -44.50 1.02 61.42
N LYS J 102 -44.52 -0.15 62.05
CA LYS J 102 -45.15 -1.35 61.51
C LYS J 102 -46.21 -1.78 62.50
N VAL J 103 -47.47 -1.60 62.12
CA VAL J 103 -48.60 -2.09 62.90
C VAL J 103 -49.03 -3.42 62.32
N GLU J 104 -49.07 -4.44 63.16
CA GLU J 104 -49.41 -5.80 62.77
C GLU J 104 -50.63 -6.21 63.57
N PHE J 105 -51.72 -6.50 62.86
CA PHE J 105 -52.92 -7.07 63.46
C PHE J 105 -52.80 -8.59 63.36
N TRP J 106 -52.37 -9.19 64.46
CA TRP J 106 -52.27 -10.64 64.53
C TRP J 106 -53.60 -11.19 65.02
N PRO J 107 -54.30 -12.02 64.26
CA PRO J 107 -55.62 -12.46 64.69
C PRO J 107 -55.55 -13.40 65.87
N CYS J 108 -56.66 -13.44 66.59
CA CYS J 108 -56.87 -14.35 67.69
C CYS J 108 -57.97 -15.36 67.43
N SER J 109 -58.57 -15.34 66.26
CA SER J 109 -59.76 -16.08 65.93
C SER J 109 -59.43 -17.25 65.04
N PRO J 110 -60.17 -18.35 65.13
CA PRO J 110 -59.86 -19.51 64.31
C PRO J 110 -60.23 -19.29 62.85
N ILE J 111 -59.62 -20.11 61.99
CA ILE J 111 -59.92 -20.03 60.56
C ILE J 111 -61.28 -20.61 60.21
N THR J 112 -61.97 -21.23 61.16
CA THR J 112 -63.31 -21.75 60.96
C THR J 112 -64.40 -20.74 61.31
N GLN J 113 -64.04 -19.53 61.75
CA GLN J 113 -65.04 -18.57 62.19
C GLN J 113 -65.74 -17.99 60.98
N GLY J 114 -67.06 -17.91 61.05
CA GLY J 114 -67.87 -17.37 59.99
C GLY J 114 -68.26 -15.93 60.22
N ASP J 115 -69.26 -15.49 59.47
CA ASP J 115 -69.72 -14.11 59.47
C ASP J 115 -68.56 -13.17 59.16
N ARG J 116 -67.77 -13.56 58.17
CA ARG J 116 -66.60 -12.80 57.79
C ARG J 116 -67.02 -11.43 57.25
N GLY J 117 -66.03 -10.55 57.14
CA GLY J 117 -66.26 -9.19 56.78
C GLY J 117 -65.11 -8.55 56.05
N VAL J 118 -65.21 -7.26 55.80
CA VAL J 118 -64.20 -6.53 55.06
C VAL J 118 -64.15 -5.11 55.57
N GLY J 119 -62.95 -4.66 55.91
CA GLY J 119 -62.73 -3.36 56.50
C GLY J 119 -61.65 -2.58 55.79
N SER J 120 -61.15 -1.55 56.47
CA SER J 120 -60.20 -0.64 55.85
C SER J 120 -59.33 -0.01 56.93
N SER J 121 -58.05 0.14 56.61
CA SER J 121 -57.09 0.84 57.45
C SER J 121 -56.46 1.97 56.63
N ALA J 122 -56.47 3.17 57.19
CA ALA J 122 -55.94 4.34 56.52
C ALA J 122 -54.95 5.06 57.41
N VAL J 123 -54.13 5.90 56.79
CA VAL J 123 -53.05 6.61 57.44
C VAL J 123 -53.48 8.06 57.64
N ILE J 124 -53.51 8.50 58.89
CA ILE J 124 -54.07 9.79 59.28
C ILE J 124 -53.01 10.53 60.08
N LEU J 125 -52.32 11.45 59.42
CA LEU J 125 -51.13 12.07 59.97
C LEU J 125 -51.39 13.41 60.65
N ASP J 126 -52.59 13.63 61.21
CA ASP J 126 -52.96 14.96 61.68
C ASP J 126 -53.80 15.02 62.95
N ASP J 127 -54.10 13.90 63.60
CA ASP J 127 -54.78 13.90 64.87
C ASP J 127 -56.23 14.37 64.76
N ASN J 128 -56.84 14.18 63.60
CA ASN J 128 -58.27 14.39 63.42
C ASN J 128 -58.78 13.15 62.71
N PHE J 129 -59.19 12.19 63.51
CA PHE J 129 -59.73 10.93 63.06
C PHE J 129 -61.23 11.02 62.89
N VAL J 130 -61.78 10.08 62.13
CA VAL J 130 -63.22 9.87 62.15
C VAL J 130 -63.62 9.50 63.57
N THR J 131 -64.75 10.01 64.00
CA THR J 131 -65.20 9.82 65.38
C THR J 131 -65.36 8.33 65.67
N LYS J 132 -64.96 7.94 66.88
CA LYS J 132 -65.09 6.56 67.29
C LYS J 132 -66.55 6.16 67.31
N ALA J 133 -66.86 5.04 66.66
CA ALA J 133 -68.21 4.55 66.51
C ALA J 133 -68.24 3.05 66.75
N THR J 134 -69.37 2.59 67.27
CA THR J 134 -69.58 1.18 67.52
C THR J 134 -70.18 0.47 66.31
N ALA J 135 -71.24 1.02 65.74
CA ALA J 135 -71.89 0.45 64.56
C ALA J 135 -72.28 1.60 63.63
N LEU J 136 -71.35 1.97 62.76
CA LEU J 136 -71.59 2.98 61.74
C LEU J 136 -72.02 2.32 60.45
N THR J 137 -72.94 2.96 59.73
CA THR J 137 -73.59 2.37 58.58
C THR J 137 -72.73 2.36 57.33
N TYR J 138 -71.46 2.70 57.43
CA TYR J 138 -70.59 2.72 56.25
C TYR J 138 -69.15 2.67 56.73
N ASP J 139 -68.26 2.40 55.79
CA ASP J 139 -66.83 2.38 56.03
C ASP J 139 -66.26 3.74 55.67
N PRO J 140 -65.89 4.58 56.65
CA PRO J 140 -65.42 5.91 56.27
C PRO J 140 -64.08 5.92 55.59
N TYR J 141 -63.20 4.98 55.93
CA TYR J 141 -61.85 4.94 55.43
C TYR J 141 -61.73 4.20 54.11
N VAL J 142 -62.83 3.97 53.42
CA VAL J 142 -62.80 3.12 52.23
C VAL J 142 -62.29 3.88 51.03
N ASN J 143 -62.68 5.14 50.87
CA ASN J 143 -62.29 5.93 49.73
C ASN J 143 -60.99 6.70 49.96
N TYR J 144 -60.33 6.48 51.09
CA TYR J 144 -59.06 7.13 51.35
C TYR J 144 -57.98 6.58 50.44
N SER J 145 -57.09 7.46 50.01
CA SER J 145 -56.00 7.09 49.14
C SER J 145 -55.04 6.12 49.80
N SER J 146 -54.98 6.09 51.12
CA SER J 146 -54.12 5.19 51.87
C SER J 146 -54.88 4.00 52.44
N ARG J 147 -56.00 3.64 51.84
CA ARG J 147 -56.79 2.53 52.33
C ARG J 147 -56.18 1.22 51.89
N HIS J 148 -56.03 0.31 52.84
CA HIS J 148 -55.74 -1.08 52.58
C HIS J 148 -56.92 -1.88 53.13
N THR J 149 -57.33 -2.89 52.39
CA THR J 149 -58.43 -3.74 52.80
C THR J 149 -58.02 -4.64 53.95
N ILE J 150 -58.90 -4.73 54.95
CA ILE J 150 -58.75 -5.64 56.06
C ILE J 150 -59.74 -6.77 55.81
N THR J 151 -59.21 -7.93 55.50
CA THR J 151 -59.98 -9.16 55.56
C THR J 151 -60.10 -9.59 57.01
N GLN J 152 -61.31 -9.98 57.40
CA GLN J 152 -61.64 -10.33 58.77
C GLN J 152 -62.21 -11.73 58.80
N PRO J 153 -62.16 -12.41 59.96
CA PRO J 153 -61.53 -12.11 61.24
C PRO J 153 -60.16 -12.76 61.44
N PHE J 154 -59.84 -13.75 60.62
CA PHE J 154 -58.71 -14.63 60.85
C PHE J 154 -57.54 -14.34 59.93
N SER J 155 -57.39 -13.10 59.50
CA SER J 155 -56.39 -12.73 58.51
C SER J 155 -55.48 -11.65 59.07
N TYR J 156 -54.22 -11.74 58.69
CA TYR J 156 -53.18 -10.82 59.12
C TYR J 156 -53.19 -9.57 58.27
N HIS J 157 -52.98 -8.43 58.94
CA HIS J 157 -52.98 -7.13 58.31
C HIS J 157 -51.79 -6.34 58.84
N SER J 158 -50.92 -5.91 57.94
CA SER J 158 -49.78 -5.08 58.27
C SER J 158 -49.89 -3.74 57.57
N ARG J 159 -49.36 -2.71 58.22
CA ARG J 159 -49.25 -1.37 57.65
C ARG J 159 -47.89 -0.83 58.04
N TYR J 160 -47.13 -0.38 57.05
CA TYR J 160 -45.77 0.12 57.23
C TYR J 160 -45.70 1.51 56.63
N PHE J 161 -45.46 2.50 57.48
CA PHE J 161 -45.57 3.89 57.07
C PHE J 161 -44.70 4.73 57.99
N THR J 162 -44.61 6.01 57.65
CA THR J 162 -43.83 7.00 58.38
C THR J 162 -44.76 7.92 59.14
N PRO J 163 -44.80 7.89 60.47
CA PRO J 163 -45.72 8.76 61.19
C PRO J 163 -45.21 10.19 61.25
N LYS J 164 -46.01 11.06 61.85
CA LYS J 164 -45.68 12.46 61.99
C LYS J 164 -46.03 12.90 63.40
N PRO J 165 -45.25 13.79 64.00
CA PRO J 165 -45.56 14.25 65.36
C PRO J 165 -46.60 15.36 65.38
N VAL J 166 -47.24 15.46 66.53
CA VAL J 166 -48.27 16.46 66.77
C VAL J 166 -47.58 17.67 67.38
N LEU J 167 -47.11 18.55 66.51
CA LEU J 167 -46.43 19.77 66.94
C LEU J 167 -47.43 20.85 67.34
N ASP J 168 -48.47 21.05 66.53
CA ASP J 168 -49.53 21.99 66.86
C ASP J 168 -50.85 21.34 66.44
N SER J 169 -51.65 20.94 67.43
CA SER J 169 -52.94 20.33 67.15
C SER J 169 -53.96 21.32 66.62
N THR J 170 -53.73 22.63 66.81
CA THR J 170 -54.65 23.63 66.31
C THR J 170 -54.54 23.79 64.80
N ILE J 171 -53.32 23.76 64.28
CA ILE J 171 -53.05 23.98 62.86
C ILE J 171 -52.85 22.65 62.17
N ASP J 172 -52.26 21.70 62.87
CA ASP J 172 -52.05 20.35 62.38
C ASP J 172 -51.21 20.35 61.10
N TYR J 173 -49.97 20.78 61.23
CA TYR J 173 -49.01 20.81 60.14
C TYR J 173 -47.99 19.69 60.31
N PHE J 174 -47.54 19.17 59.18
CA PHE J 174 -46.55 18.10 59.19
C PHE J 174 -45.68 18.20 57.95
N GLN J 175 -44.61 17.53 58.00
CA GLN J 175 -43.60 17.52 56.97
C GLN J 175 -43.84 16.38 55.98
N PRO J 176 -43.47 16.55 54.72
CA PRO J 176 -43.44 15.38 53.84
C PRO J 176 -42.28 14.47 54.13
N ASN J 177 -42.25 13.32 53.47
CA ASN J 177 -41.26 12.31 53.75
C ASN J 177 -39.91 12.73 53.18
N ASN J 178 -38.94 12.92 54.06
CA ASN J 178 -37.59 13.27 53.65
C ASN J 178 -36.69 12.79 54.77
N LYS J 179 -35.84 11.80 54.49
CA LYS J 179 -35.00 11.27 55.54
C LYS J 179 -33.97 12.28 56.00
N ARG J 180 -33.55 13.18 55.10
CA ARG J 180 -32.48 14.11 55.42
C ARG J 180 -32.97 15.33 56.17
N ASN J 181 -34.25 15.70 55.99
CA ASN J 181 -34.81 16.90 56.56
C ASN J 181 -35.77 16.64 57.71
N GLN J 182 -35.94 15.40 58.13
CA GLN J 182 -36.86 15.08 59.20
C GLN J 182 -36.39 15.69 60.51
N LEU J 183 -37.32 16.30 61.22
CA LEU J 183 -37.00 16.97 62.46
C LEU J 183 -36.53 15.99 63.52
N TRP J 184 -35.59 16.44 64.34
CA TRP J 184 -35.18 15.75 65.53
C TRP J 184 -35.97 16.30 66.70
N LEU J 185 -36.64 15.43 67.42
CA LEU J 185 -37.28 15.77 68.67
C LEU J 185 -36.37 15.40 69.83
N ARG J 186 -36.71 15.93 71.00
CA ARG J 186 -36.02 15.58 72.22
C ARG J 186 -36.70 14.42 72.89
N LEU J 187 -35.88 13.50 73.39
CA LEU J 187 -36.35 12.39 74.21
C LEU J 187 -36.56 12.92 75.61
N GLN J 188 -37.79 13.33 75.89
CA GLN J 188 -38.14 13.87 77.18
C GLN J 188 -38.12 12.78 78.24
N THR J 189 -38.30 13.18 79.48
CA THR J 189 -38.28 12.24 80.60
C THR J 189 -39.62 11.54 80.75
N ALA J 190 -40.72 12.31 80.85
CA ALA J 190 -42.05 11.71 80.98
C ALA J 190 -43.13 12.46 80.21
N GLY J 191 -42.77 13.18 79.14
CA GLY J 191 -43.71 14.04 78.46
C GLY J 191 -43.58 14.09 76.96
N ASN J 192 -43.17 12.98 76.36
CA ASN J 192 -42.95 12.94 74.93
C ASN J 192 -44.26 13.15 74.15
N VAL J 193 -44.10 13.60 72.92
CA VAL J 193 -45.21 14.02 72.08
C VAL J 193 -45.77 12.82 71.33
N ASP J 194 -47.06 12.83 71.10
CA ASP J 194 -47.74 11.71 70.46
C ASP J 194 -47.54 11.78 68.96
N HIS J 195 -47.11 10.67 68.39
CA HIS J 195 -47.11 10.48 66.95
C HIS J 195 -48.40 9.81 66.52
N VAL J 196 -48.75 10.02 65.26
CA VAL J 196 -50.08 9.71 64.78
C VAL J 196 -49.95 9.16 63.37
N GLY J 197 -51.01 8.52 62.88
CA GLY J 197 -50.91 7.88 61.59
C GLY J 197 -51.67 6.61 61.29
N LEU J 198 -52.62 6.17 62.12
CA LEU J 198 -53.45 5.06 61.69
C LEU J 198 -54.86 5.13 62.25
N GLY J 199 -55.82 4.91 61.35
CA GLY J 199 -57.21 4.74 61.74
C GLY J 199 -57.80 3.56 61.00
N THR J 200 -58.73 2.89 61.68
CA THR J 200 -59.25 1.61 61.23
C THR J 200 -60.77 1.64 61.19
N ALA J 201 -61.31 0.68 60.44
CA ALA J 201 -62.75 0.44 60.40
C ALA J 201 -62.95 -1.06 60.22
N PHE J 202 -63.47 -1.71 61.25
CA PHE J 202 -63.73 -3.14 61.25
C PHE J 202 -65.22 -3.40 61.14
N GLU J 203 -65.57 -4.35 60.28
CA GLU J 203 -66.95 -4.74 60.11
C GLU J 203 -67.38 -5.63 61.26
N ASN J 204 -68.49 -5.28 61.90
CA ASN J 204 -68.95 -6.01 63.05
C ASN J 204 -69.48 -7.38 62.65
N SER J 205 -69.68 -8.23 63.66
CA SER J 205 -70.04 -9.61 63.45
C SER J 205 -70.84 -10.12 64.63
N ILE J 206 -71.44 -11.29 64.46
CA ILE J 206 -72.17 -11.94 65.54
C ILE J 206 -71.21 -12.43 66.61
N TYR J 207 -70.00 -12.77 66.22
CA TYR J 207 -68.97 -13.26 67.13
C TYR J 207 -67.98 -12.16 67.44
N ASP J 208 -67.33 -12.30 68.59
CA ASP J 208 -66.30 -11.35 68.98
C ASP J 208 -65.04 -11.57 68.17
N GLN J 209 -64.47 -10.49 67.67
CA GLN J 209 -63.25 -10.50 66.88
C GLN J 209 -62.13 -9.88 67.69
N GLU J 210 -61.20 -10.71 68.15
CA GLU J 210 -60.07 -10.27 68.95
C GLU J 210 -58.81 -10.23 68.11
N TYR J 211 -57.91 -9.32 68.48
CA TYR J 211 -56.63 -9.14 67.81
C TYR J 211 -55.56 -8.83 68.84
N ASN J 212 -54.35 -9.29 68.56
CA ASN J 212 -53.15 -8.91 69.31
C ASN J 212 -52.34 -8.01 68.40
N ILE J 213 -52.28 -6.73 68.74
CA ILE J 213 -51.66 -5.74 67.88
C ILE J 213 -50.24 -5.50 68.36
N ARG J 214 -49.29 -5.68 67.46
CA ARG J 214 -47.86 -5.50 67.73
C ARG J 214 -47.38 -4.31 66.91
N VAL J 215 -47.05 -3.23 67.59
CA VAL J 215 -46.49 -2.04 66.97
C VAL J 215 -44.99 -2.08 67.14
N THR J 216 -44.29 -1.85 66.04
CA THR J 216 -42.83 -1.80 66.00
C THR J 216 -42.44 -0.45 65.43
N MET J 217 -41.71 0.33 66.21
CA MET J 217 -41.21 1.63 65.79
C MET J 217 -39.73 1.53 65.48
N TYR J 218 -39.36 2.00 64.30
CA TYR J 218 -37.98 2.07 63.85
C TYR J 218 -37.49 3.49 64.07
N VAL J 219 -36.65 3.67 65.07
CA VAL J 219 -36.27 4.99 65.56
C VAL J 219 -34.80 5.23 65.24
N GLN J 220 -34.39 6.48 65.39
CA GLN J 220 -33.04 6.92 65.12
C GLN J 220 -32.70 7.94 66.18
N PHE J 221 -31.73 7.63 67.01
CA PHE J 221 -31.31 8.47 68.12
C PHE J 221 -30.04 9.24 67.74
N ARG J 222 -29.66 10.17 68.62
CA ARG J 222 -28.53 11.04 68.37
C ARG J 222 -27.99 11.53 69.71
N GLU J 223 -26.68 11.76 69.74
CA GLU J 223 -25.99 12.37 70.87
C GLU J 223 -26.11 11.52 72.14
N PHE J 224 -25.40 10.40 72.09
CA PHE J 224 -25.10 9.57 73.24
C PHE J 224 -24.70 10.43 74.42
N ASN J 225 -25.44 10.30 75.53
CA ASN J 225 -25.31 11.21 76.65
C ASN J 225 -25.25 10.48 77.97
N LEU J 226 -24.52 9.38 78.01
CA LEU J 226 -24.43 8.61 79.24
C LEU J 226 -23.70 9.42 80.31
N LYS J 227 -24.16 9.27 81.55
CA LYS J 227 -23.59 9.92 82.70
C LYS J 227 -23.09 8.87 83.68
N ASP J 228 -21.82 9.00 84.09
CA ASP J 228 -21.14 8.00 84.90
C ASP J 228 -20.61 8.65 86.15
N PRO J 229 -21.44 8.78 87.19
CA PRO J 229 -20.95 9.25 88.47
C PRO J 229 -20.15 8.17 89.17
N PRO J 230 -19.41 8.52 90.22
CA PRO J 230 -18.72 7.49 91.00
C PRO J 230 -19.69 6.63 91.80
N LEU J 231 -19.14 5.69 92.56
CA LEU J 231 -19.95 4.76 93.35
C LEU J 231 -19.30 4.49 94.70
N GLY K 43 52.87 -23.80 -42.57
CA GLY K 43 53.87 -22.87 -42.06
C GLY K 43 53.92 -21.57 -42.83
N ILE K 44 53.00 -20.68 -42.48
CA ILE K 44 52.81 -19.44 -43.22
C ILE K 44 53.87 -18.43 -42.83
N PHE K 45 54.29 -17.64 -43.81
CA PHE K 45 55.22 -16.55 -43.59
C PHE K 45 54.91 -15.47 -44.61
N ASN K 46 54.23 -14.43 -44.17
CA ASN K 46 53.98 -13.27 -45.00
C ASN K 46 55.17 -12.33 -44.92
N THR K 47 55.70 -11.95 -46.07
CA THR K 47 56.80 -11.01 -46.13
C THR K 47 56.61 -10.07 -47.32
N ARG K 48 57.67 -9.35 -47.65
CA ARG K 48 57.65 -8.28 -48.63
C ARG K 48 58.97 -8.29 -49.39
N LEU K 49 58.87 -8.33 -50.71
CA LEU K 49 60.02 -8.39 -51.60
C LEU K 49 59.92 -7.25 -52.59
N SER K 50 61.05 -6.60 -52.84
CA SER K 50 61.11 -5.42 -53.67
C SER K 50 62.16 -5.58 -54.75
N ARG K 51 62.13 -4.63 -55.68
CA ARG K 51 62.93 -4.63 -56.90
C ARG K 51 62.76 -3.27 -57.54
N THR K 52 63.85 -2.75 -58.10
CA THR K 52 63.88 -1.41 -58.67
C THR K 52 64.51 -1.44 -60.04
N PHE K 53 63.93 -0.69 -60.97
CA PHE K 53 64.41 -0.63 -62.33
C PHE K 53 63.90 0.65 -62.97
N GLY K 54 64.45 0.95 -64.15
CA GLY K 54 64.16 2.18 -64.85
C GLY K 54 63.22 2.05 -66.03
N TYR K 55 62.59 3.17 -66.36
CA TYR K 55 61.71 3.28 -67.53
C TYR K 55 61.79 4.70 -68.03
N THR K 56 62.00 4.86 -69.33
CA THR K 56 62.13 6.16 -69.96
C THR K 56 61.17 6.28 -71.13
N ILE K 57 60.54 7.44 -71.24
CA ILE K 57 59.71 7.80 -72.37
C ILE K 57 60.53 8.82 -73.17
N LYS K 58 61.05 8.38 -74.30
CA LYS K 58 61.92 9.22 -75.11
C LYS K 58 61.12 10.38 -75.71
N ARG K 59 61.86 11.42 -76.08
CA ARG K 59 61.26 12.62 -76.66
C ARG K 59 60.76 12.36 -78.07
N THR K 60 59.86 13.24 -78.51
CA THR K 60 59.31 13.19 -79.85
C THR K 60 59.12 14.60 -80.38
N THR K 61 59.45 14.80 -81.65
CA THR K 61 59.19 16.05 -82.34
C THR K 61 57.73 16.20 -82.76
N VAL K 62 56.91 15.15 -82.58
CA VAL K 62 55.50 15.22 -82.95
C VAL K 62 54.82 16.33 -82.17
N LYS K 63 53.98 17.09 -82.88
CA LYS K 63 53.29 18.22 -82.27
C LYS K 63 52.03 17.80 -81.53
N THR K 64 51.32 16.82 -82.06
CA THR K 64 50.05 16.41 -81.49
C THR K 64 50.24 15.80 -80.11
N PRO K 65 49.16 15.66 -79.34
CA PRO K 65 49.24 14.86 -78.12
C PRO K 65 49.17 13.38 -78.47
N SER K 66 50.29 12.70 -78.35
CA SER K 66 50.38 11.27 -78.55
C SER K 66 50.82 10.62 -77.25
N TRP K 67 50.49 9.34 -77.11
CA TRP K 67 50.78 8.57 -75.93
C TRP K 67 51.68 7.39 -76.24
N ALA K 68 52.50 7.04 -75.27
CA ALA K 68 53.41 5.91 -75.34
C ALA K 68 52.88 4.80 -74.47
N VAL K 69 52.62 3.65 -75.07
CA VAL K 69 51.99 2.53 -74.40
C VAL K 69 53.05 1.48 -74.11
N ASP K 70 52.94 0.86 -72.94
CA ASP K 70 53.83 -0.21 -72.55
C ASP K 70 53.12 -1.08 -71.52
N MET K 71 53.73 -2.24 -71.27
CA MET K 71 53.18 -3.25 -70.39
C MET K 71 54.11 -3.52 -69.22
N MET K 72 53.60 -4.25 -68.24
CA MET K 72 54.35 -4.55 -67.03
C MET K 72 53.85 -5.86 -66.47
N ARG K 73 54.71 -6.87 -66.46
CA ARG K 73 54.47 -8.16 -65.84
C ARG K 73 55.30 -8.27 -64.56
N PHE K 74 54.98 -9.28 -63.76
CA PHE K 74 55.65 -9.52 -62.49
C PHE K 74 55.95 -11.01 -62.36
N ASN K 75 57.23 -11.32 -62.15
CA ASN K 75 57.67 -12.68 -61.88
C ASN K 75 58.49 -12.71 -60.61
N ILE K 76 58.42 -13.83 -59.90
CA ILE K 76 59.10 -13.95 -58.61
C ILE K 76 60.59 -14.27 -58.75
N ASN K 77 61.05 -14.66 -59.93
CA ASN K 77 62.48 -14.86 -60.12
C ASN K 77 63.23 -13.56 -60.01
N ASP K 78 62.62 -12.45 -60.39
CA ASP K 78 63.24 -11.15 -60.34
C ASP K 78 63.30 -10.58 -58.93
N PHE K 79 62.57 -11.15 -57.98
CA PHE K 79 62.55 -10.72 -56.60
C PHE K 79 63.26 -11.70 -55.66
N LEU K 80 63.21 -12.98 -55.98
CA LEU K 80 63.77 -14.04 -55.15
C LEU K 80 64.93 -14.69 -55.88
N PRO K 81 66.18 -14.54 -55.44
CA PRO K 81 67.28 -15.13 -56.18
C PRO K 81 67.37 -16.62 -55.94
N PRO K 82 68.21 -17.31 -56.69
CA PRO K 82 68.47 -18.71 -56.39
C PRO K 82 69.29 -18.86 -55.13
N GLY K 83 69.04 -19.96 -54.41
CA GLY K 83 69.72 -20.21 -53.17
C GLY K 83 71.07 -20.86 -53.38
N GLY K 84 71.40 -21.80 -52.50
CA GLY K 84 72.66 -22.50 -52.59
C GLY K 84 72.62 -23.84 -51.89
N GLY K 85 73.11 -24.87 -52.57
CA GLY K 85 73.15 -26.20 -52.01
C GLY K 85 71.86 -26.95 -52.21
N SER K 86 71.46 -27.70 -51.18
CA SER K 86 70.24 -28.50 -51.26
C SER K 86 68.98 -27.64 -51.27
N ASN K 87 69.09 -26.38 -50.87
CA ASN K 87 67.97 -25.45 -50.93
C ASN K 87 68.02 -24.69 -52.25
N PRO K 88 67.12 -24.94 -53.21
CA PRO K 88 67.27 -24.30 -54.52
C PRO K 88 66.99 -22.82 -54.51
N ARG K 89 66.24 -22.31 -53.53
CA ARG K 89 65.89 -20.91 -53.43
C ARG K 89 66.37 -20.34 -52.10
N SER K 90 66.42 -19.02 -52.05
CA SER K 90 66.99 -18.33 -50.89
C SER K 90 66.00 -18.22 -49.75
N VAL K 91 64.71 -18.28 -50.04
CA VAL K 91 63.66 -18.34 -49.02
C VAL K 91 63.19 -19.79 -48.93
N PRO K 92 63.48 -20.50 -47.83
CA PRO K 92 63.21 -21.94 -47.85
C PRO K 92 61.76 -22.32 -47.61
N PHE K 93 60.98 -22.20 -48.67
CA PHE K 93 59.59 -22.58 -48.65
C PHE K 93 59.25 -23.26 -49.97
N GLU K 94 58.14 -24.01 -49.96
CA GLU K 94 57.70 -24.79 -51.10
C GLU K 94 56.70 -24.05 -51.97
N TYR K 95 55.66 -23.50 -51.36
CA TYR K 95 54.54 -22.90 -52.05
C TYR K 95 54.54 -21.40 -51.83
N TYR K 96 53.83 -20.71 -52.71
CA TYR K 96 53.67 -19.27 -52.58
C TYR K 96 52.39 -18.84 -53.27
N ARG K 97 51.96 -17.63 -52.94
CA ARG K 97 50.88 -16.98 -53.66
C ARG K 97 51.01 -15.48 -53.42
N ILE K 98 50.98 -14.71 -54.49
CA ILE K 98 51.18 -13.27 -54.41
C ILE K 98 49.87 -12.64 -54.01
N ARG K 99 49.88 -11.89 -52.91
CA ARG K 99 48.70 -11.26 -52.36
C ARG K 99 48.46 -9.89 -52.97
N LYS K 100 49.49 -9.06 -53.04
CA LYS K 100 49.38 -7.70 -53.53
C LYS K 100 50.68 -7.32 -54.20
N VAL K 101 50.61 -6.29 -55.04
CA VAL K 101 51.77 -5.65 -55.62
C VAL K 101 51.57 -4.15 -55.53
N LYS K 102 52.66 -3.44 -55.26
CA LYS K 102 52.71 -1.99 -55.21
C LYS K 102 53.73 -1.54 -56.23
N VAL K 103 53.25 -0.96 -57.32
CA VAL K 103 54.10 -0.35 -58.33
C VAL K 103 54.18 1.14 -58.05
N GLU K 104 55.40 1.64 -57.90
CA GLU K 104 55.65 3.04 -57.59
C GLU K 104 56.49 3.62 -58.70
N PHE K 105 55.94 4.62 -59.39
CA PHE K 105 56.67 5.40 -60.37
C PHE K 105 57.30 6.59 -59.65
N TRP K 106 58.56 6.45 -59.31
CA TRP K 106 59.29 7.53 -58.69
C TRP K 106 59.92 8.39 -59.77
N PRO K 107 59.58 9.67 -59.88
CA PRO K 107 60.11 10.46 -60.99
C PRO K 107 61.59 10.74 -60.85
N CYS K 108 62.19 11.00 -62.00
CA CYS K 108 63.59 11.38 -62.11
C CYS K 108 63.76 12.79 -62.63
N SER K 109 62.67 13.51 -62.88
CA SER K 109 62.67 14.77 -63.57
C SER K 109 62.43 15.91 -62.58
N PRO K 110 62.97 17.08 -62.85
CA PRO K 110 62.80 18.19 -61.92
C PRO K 110 61.39 18.75 -61.96
N ILE K 111 61.03 19.46 -60.89
CA ILE K 111 59.72 20.09 -60.83
C ILE K 111 59.61 21.32 -61.72
N THR K 112 60.70 21.76 -62.33
CA THR K 112 60.68 22.86 -63.28
C THR K 112 60.48 22.43 -64.71
N GLN K 113 60.34 21.12 -64.97
CA GLN K 113 60.23 20.65 -66.34
C GLN K 113 58.85 20.96 -66.88
N GLY K 114 58.82 21.48 -68.10
CA GLY K 114 57.60 21.85 -68.76
C GLY K 114 57.11 20.78 -69.73
N ASP K 115 56.19 21.19 -70.59
CA ASP K 115 55.54 20.29 -71.54
C ASP K 115 54.90 19.13 -70.79
N ARG K 116 54.23 19.45 -69.70
CA ARG K 116 53.59 18.46 -68.86
C ARG K 116 52.47 17.77 -69.62
N GLY K 117 52.02 16.66 -69.06
CA GLY K 117 51.06 15.80 -69.71
C GLY K 117 50.19 15.05 -68.74
N VAL K 118 49.36 14.17 -69.28
CA VAL K 118 48.41 13.41 -68.47
C VAL K 118 48.21 12.05 -69.11
N GLY K 119 48.38 11.01 -68.31
CA GLY K 119 48.30 9.64 -68.77
C GLY K 119 47.38 8.79 -67.94
N SER K 120 47.52 7.49 -68.05
CA SER K 120 46.61 6.56 -67.42
C SER K 120 47.32 5.24 -67.15
N SER K 121 47.03 4.65 -66.00
CA SER K 121 47.50 3.32 -65.63
C SER K 121 46.29 2.46 -65.31
N ALA K 122 46.23 1.28 -65.92
CA ALA K 122 45.12 0.36 -65.74
C ALA K 122 45.64 -1.02 -65.36
N VAL K 123 44.74 -1.82 -64.80
CA VAL K 123 45.04 -3.14 -64.29
C VAL K 123 44.53 -4.17 -65.28
N ILE K 124 45.43 -5.00 -65.79
CA ILE K 124 45.17 -5.92 -66.88
C ILE K 124 45.58 -7.31 -66.43
N LEU K 125 44.61 -8.11 -66.01
CA LEU K 125 44.87 -9.37 -65.33
C LEU K 125 44.85 -10.58 -66.25
N ASP K 126 45.18 -10.42 -67.55
CA ASP K 126 44.97 -11.50 -68.50
C ASP K 126 46.02 -11.64 -69.59
N ASP K 127 47.09 -10.86 -69.59
CA ASP K 127 48.20 -11.05 -70.52
C ASP K 127 47.81 -10.71 -71.95
N ASN K 128 46.84 -9.83 -72.14
CA ASN K 128 46.51 -9.28 -73.43
C ASN K 128 46.43 -7.78 -73.23
N PHE K 129 47.55 -7.13 -73.42
CA PHE K 129 47.71 -5.70 -73.30
C PHE K 129 47.44 -5.02 -74.62
N VAL K 130 47.18 -3.72 -74.55
CA VAL K 130 47.22 -2.90 -75.75
C VAL K 130 48.62 -2.96 -76.31
N THR K 131 48.71 -3.03 -77.64
CA THR K 131 50.00 -3.20 -78.29
C THR K 131 50.93 -2.06 -77.93
N LYS K 132 52.20 -2.39 -77.73
CA LYS K 132 53.20 -1.39 -77.42
C LYS K 132 53.33 -0.40 -78.56
N ALA K 133 53.25 0.87 -78.23
CA ALA K 133 53.27 1.95 -79.20
C ALA K 133 54.17 3.07 -78.71
N THR K 134 54.78 3.76 -79.67
CA THR K 134 55.65 4.89 -79.37
C THR K 134 54.87 6.20 -79.31
N ALA K 135 54.06 6.46 -80.33
CA ALA K 135 53.24 7.68 -80.39
C ALA K 135 51.87 7.29 -80.95
N LEU K 136 50.97 6.92 -80.05
CA LEU K 136 49.60 6.61 -80.40
C LEU K 136 48.73 7.84 -80.19
N THR K 137 47.76 8.03 -81.09
CA THR K 137 46.97 9.24 -81.15
C THR K 137 45.91 9.35 -80.06
N TYR K 138 45.90 8.45 -79.09
CA TYR K 138 44.90 8.49 -78.02
C TYR K 138 45.42 7.68 -76.85
N ASP K 139 44.76 7.85 -75.72
CA ASP K 139 45.06 7.12 -74.50
C ASP K 139 44.14 5.91 -74.44
N PRO K 140 44.63 4.69 -74.68
CA PRO K 140 43.71 3.56 -74.69
C PRO K 140 43.17 3.19 -73.33
N TYR K 141 43.95 3.42 -72.28
CA TYR K 141 43.59 3.02 -70.94
C TYR K 141 42.77 4.07 -70.20
N VAL K 142 42.20 5.04 -70.92
CA VAL K 142 41.54 6.16 -70.27
C VAL K 142 40.15 5.78 -69.80
N ASN K 143 39.42 5.02 -70.60
CA ASN K 143 38.06 4.64 -70.27
C ASN K 143 37.97 3.35 -69.48
N TYR K 144 39.11 2.78 -69.09
CA TYR K 144 39.11 1.58 -68.29
C TYR K 144 38.61 1.88 -66.89
N SER K 145 37.87 0.92 -66.34
CA SER K 145 37.32 1.05 -65.00
C SER K 145 38.39 1.13 -63.93
N SER K 146 39.59 0.62 -64.21
CA SER K 146 40.71 0.66 -63.29
C SER K 146 41.72 1.72 -63.63
N ARG K 147 41.30 2.76 -64.35
CA ARG K 147 42.20 3.82 -64.74
C ARG K 147 42.44 4.76 -63.57
N HIS K 148 43.71 5.05 -63.33
CA HIS K 148 44.15 6.14 -62.47
C HIS K 148 44.93 7.10 -63.33
N THR K 149 44.72 8.39 -63.13
CA THR K 149 45.42 9.40 -63.88
C THR K 149 46.87 9.48 -63.45
N ILE K 150 47.74 9.57 -64.45
CA ILE K 150 49.17 9.81 -64.24
C ILE K 150 49.42 11.25 -64.61
N THR K 151 49.70 12.07 -63.61
CA THR K 151 50.29 13.37 -63.85
C THR K 151 51.76 13.22 -64.15
N GLN K 152 52.23 13.92 -65.16
CA GLN K 152 53.58 13.82 -65.66
C GLN K 152 54.22 15.20 -65.64
N PRO K 153 55.57 15.27 -65.62
CA PRO K 153 56.59 14.24 -65.49
C PRO K 153 57.14 14.05 -64.09
N PHE K 154 56.88 15.01 -63.20
CA PHE K 154 57.55 15.10 -61.92
C PHE K 154 56.65 14.70 -60.76
N SER K 155 55.71 13.80 -61.00
CA SER K 155 54.72 13.44 -60.01
C SER K 155 54.76 11.94 -59.76
N TYR K 156 54.52 11.58 -58.51
CA TYR K 156 54.55 10.20 -58.06
C TYR K 156 53.22 9.53 -58.34
N HIS K 157 53.29 8.27 -58.76
CA HIS K 157 52.13 7.47 -59.11
C HIS K 157 52.30 6.09 -58.49
N SER K 158 51.34 5.70 -57.66
CA SER K 158 51.32 4.38 -57.05
C SER K 158 50.08 3.62 -57.50
N ARG K 159 50.21 2.31 -57.59
CA ARG K 159 49.10 1.41 -57.86
C ARG K 159 49.26 0.20 -56.97
N TYR K 160 48.21 -0.13 -56.23
CA TYR K 160 48.20 -1.21 -55.26
C TYR K 160 47.04 -2.13 -55.58
N PHE K 161 47.35 -3.35 -55.97
CA PHE K 161 46.35 -4.26 -56.49
C PHE K 161 46.81 -5.69 -56.28
N THR K 162 45.93 -6.62 -56.63
CA THR K 162 46.17 -8.05 -56.49
C THR K 162 46.37 -8.67 -57.86
N PRO K 163 47.56 -9.12 -58.23
CA PRO K 163 47.74 -9.68 -59.56
C PRO K 163 47.16 -11.07 -59.68
N LYS K 164 47.25 -11.64 -60.87
CA LYS K 164 46.75 -12.97 -61.16
C LYS K 164 47.79 -13.69 -61.99
N PRO K 165 47.95 -15.00 -61.80
CA PRO K 165 48.92 -15.75 -62.60
C PRO K 165 48.38 -16.18 -63.94
N VAL K 166 49.32 -16.41 -64.85
CA VAL K 166 49.02 -16.82 -66.22
C VAL K 166 49.04 -18.34 -66.22
N LEU K 167 47.89 -18.93 -65.94
CA LEU K 167 47.74 -20.38 -65.91
C LEU K 167 47.55 -20.94 -67.31
N ASP K 168 46.70 -20.31 -68.11
CA ASP K 168 46.50 -20.69 -69.50
C ASP K 168 46.36 -19.41 -70.30
N SER K 169 47.38 -19.11 -71.11
CA SER K 169 47.35 -17.92 -71.94
C SER K 169 46.38 -18.04 -73.10
N THR K 170 45.95 -19.25 -73.45
CA THR K 170 45.01 -19.44 -74.53
C THR K 170 43.59 -19.04 -74.12
N ILE K 171 43.21 -19.36 -72.89
CA ILE K 171 41.86 -19.12 -72.39
C ILE K 171 41.87 -17.88 -71.51
N ASP K 172 42.96 -17.66 -70.79
CA ASP K 172 43.16 -16.49 -69.96
C ASP K 172 42.06 -16.37 -68.90
N TYR K 173 42.05 -17.35 -68.01
CA TYR K 173 41.12 -17.38 -66.89
C TYR K 173 41.82 -17.03 -65.60
N PHE K 174 41.10 -16.38 -64.70
CA PHE K 174 41.64 -15.98 -63.42
C PHE K 174 40.54 -15.98 -62.37
N GLN K 175 40.94 -15.96 -61.18
CA GLN K 175 40.08 -16.01 -60.02
C GLN K 175 39.72 -14.61 -59.54
N PRO K 176 38.55 -14.42 -58.96
CA PRO K 176 38.29 -13.16 -58.26
C PRO K 176 39.04 -13.07 -56.95
N ASN K 177 38.98 -11.92 -56.32
CA ASN K 177 39.75 -11.67 -55.11
C ASN K 177 39.10 -12.40 -53.94
N ASN K 178 39.85 -13.34 -53.37
CA ASN K 178 39.40 -14.09 -52.20
C ASN K 178 40.65 -14.56 -51.49
N LYS K 179 40.90 -14.04 -50.30
CA LYS K 179 42.12 -14.41 -49.61
C LYS K 179 42.11 -15.88 -49.20
N ARG K 180 40.93 -16.43 -48.95
CA ARG K 180 40.84 -17.80 -48.43
C ARG K 180 40.91 -18.83 -49.54
N ASN K 181 40.53 -18.47 -50.77
CA ASN K 181 40.44 -19.39 -51.88
C ASN K 181 41.54 -19.19 -52.92
N GLN K 182 42.47 -18.28 -52.69
CA GLN K 182 43.52 -18.02 -53.66
C GLN K 182 44.42 -19.23 -53.79
N LEU K 183 44.73 -19.57 -55.04
CA LEU K 183 45.54 -20.74 -55.33
C LEU K 183 46.95 -20.58 -54.80
N TRP K 184 47.51 -21.69 -54.35
CA TRP K 184 48.92 -21.79 -54.02
C TRP K 184 49.65 -22.32 -55.22
N LEU K 185 50.67 -21.59 -55.66
CA LEU K 185 51.58 -22.06 -56.68
C LEU K 185 52.81 -22.63 -56.03
N ARG K 186 53.60 -23.36 -56.82
CA ARG K 186 54.87 -23.88 -56.38
C ARG K 186 55.97 -22.88 -56.69
N LEU K 187 56.88 -22.73 -55.75
CA LEU K 187 58.09 -21.94 -55.93
C LEU K 187 59.09 -22.81 -56.67
N GLN K 188 59.08 -22.68 -57.99
CA GLN K 188 59.96 -23.46 -58.84
C GLN K 188 61.39 -22.99 -58.66
N THR K 189 62.31 -23.73 -59.29
CA THR K 189 63.72 -23.41 -59.19
C THR K 189 64.11 -22.29 -60.14
N ALA K 190 63.79 -22.43 -61.44
CA ALA K 190 64.12 -21.41 -62.42
C ALA K 190 63.04 -21.21 -63.47
N GLY K 191 61.79 -21.54 -63.17
CA GLY K 191 60.73 -21.53 -64.16
C GLY K 191 59.39 -21.03 -63.69
N ASN K 192 59.38 -20.11 -62.75
CA ASN K 192 58.14 -19.62 -62.18
C ASN K 192 57.30 -18.90 -63.22
N VAL K 193 56.00 -18.84 -62.94
CA VAL K 193 55.01 -18.33 -63.89
C VAL K 193 54.87 -16.84 -63.72
N ASP K 194 54.60 -16.16 -64.82
CA ASP K 194 54.51 -14.70 -64.82
C ASP K 194 53.16 -14.27 -64.30
N HIS K 195 53.18 -13.36 -63.33
CA HIS K 195 52.00 -12.65 -62.91
C HIS K 195 51.86 -11.36 -63.69
N VAL K 196 50.64 -10.87 -63.76
CA VAL K 196 50.26 -9.83 -64.70
C VAL K 196 49.28 -8.90 -64.01
N GLY K 197 49.09 -7.71 -64.58
CA GLY K 197 48.25 -6.74 -63.92
C GLY K 197 48.52 -5.26 -64.03
N LEU K 198 49.42 -4.80 -64.90
CA LEU K 198 49.50 -3.35 -65.10
C LEU K 198 49.90 -2.99 -66.52
N GLY K 199 49.16 -2.02 -67.07
CA GLY K 199 49.51 -1.40 -68.33
C GLY K 199 49.37 0.10 -68.20
N THR K 200 50.23 0.80 -68.94
CA THR K 200 50.39 2.23 -68.79
C THR K 200 50.27 2.92 -70.14
N ALA K 201 50.02 4.23 -70.06
CA ALA K 201 50.02 5.10 -71.23
C ALA K 201 50.54 6.46 -70.79
N PHE K 202 51.72 6.81 -71.25
CA PHE K 202 52.36 8.08 -70.93
C PHE K 202 52.32 9.01 -72.12
N GLU K 203 51.98 10.27 -71.85
CA GLU K 203 51.94 11.28 -72.88
C GLU K 203 53.35 11.75 -73.20
N ASN K 204 53.69 11.73 -74.47
CA ASN K 204 55.02 12.08 -74.90
C ASN K 204 55.28 13.57 -74.73
N SER K 205 56.55 13.94 -74.84
CA SER K 205 56.98 15.30 -74.56
C SER K 205 58.23 15.61 -75.38
N ILE K 206 58.58 16.89 -75.42
CA ILE K 206 59.79 17.32 -76.08
C ILE K 206 61.02 16.85 -75.31
N TYR K 207 60.90 16.73 -74.00
CA TYR K 207 61.97 16.30 -73.13
C TYR K 207 61.80 14.84 -72.76
N ASP K 208 62.91 14.20 -72.41
CA ASP K 208 62.88 12.82 -71.97
C ASP K 208 62.31 12.73 -70.55
N GLN K 209 61.40 11.79 -70.34
CA GLN K 209 60.76 11.56 -69.06
C GLN K 209 61.27 10.22 -68.51
N GLU K 210 62.09 10.29 -67.48
CA GLU K 210 62.66 9.10 -66.86
C GLU K 210 61.96 8.82 -65.54
N TYR K 211 61.91 7.54 -65.19
CA TYR K 211 61.30 7.06 -63.95
C TYR K 211 62.13 5.93 -63.38
N ASN K 212 62.15 5.85 -62.06
CA ASN K 212 62.69 4.71 -61.33
C ASN K 212 61.52 3.96 -60.73
N ILE K 213 61.23 2.78 -61.26
CA ILE K 213 60.05 2.02 -60.88
C ILE K 213 60.43 1.01 -59.84
N ARG K 214 59.77 1.07 -58.69
CA ARG K 214 59.99 0.16 -57.57
C ARG K 214 58.75 -0.69 -57.39
N VAL K 215 58.87 -1.97 -57.69
CA VAL K 215 57.80 -2.94 -57.52
C VAL K 215 58.04 -3.66 -56.21
N THR K 216 56.99 -3.74 -55.39
CA THR K 216 57.01 -4.44 -54.11
C THR K 216 55.91 -5.47 -54.14
N MET K 217 56.28 -6.74 -53.99
CA MET K 217 55.34 -7.84 -53.95
C MET K 217 55.17 -8.32 -52.52
N TYR K 218 53.93 -8.40 -52.08
CA TYR K 218 53.57 -8.92 -50.77
C TYR K 218 53.13 -10.36 -50.95
N VAL K 219 53.99 -11.29 -50.52
CA VAL K 219 53.83 -12.70 -50.81
C VAL K 219 53.51 -13.45 -49.53
N GLN K 220 53.09 -14.69 -49.69
CA GLN K 220 52.71 -15.56 -48.59
C GLN K 220 53.20 -16.94 -48.95
N PHE K 221 54.14 -17.46 -48.17
CA PHE K 221 54.74 -18.75 -48.40
C PHE K 221 54.12 -19.81 -47.49
N ARG K 222 54.48 -21.06 -47.73
CA ARG K 222 53.94 -22.19 -47.00
C ARG K 222 54.92 -23.34 -47.05
N GLU K 223 54.90 -24.14 -45.99
CA GLU K 223 55.66 -25.40 -45.90
C GLU K 223 57.17 -25.15 -45.99
N PHE K 224 57.67 -24.55 -44.91
CA PHE K 224 59.10 -24.48 -44.62
C PHE K 224 59.77 -25.81 -44.89
N ASN K 225 60.76 -25.80 -45.77
CA ASN K 225 61.35 -27.02 -46.30
C ASN K 225 62.87 -26.96 -46.30
N LEU K 226 63.44 -26.44 -45.23
CA LEU K 226 64.89 -26.36 -45.15
C LEU K 226 65.50 -27.74 -45.09
N LYS K 227 66.64 -27.89 -45.74
CA LYS K 227 67.40 -29.13 -45.78
C LYS K 227 68.77 -28.90 -45.18
N ASP K 228 69.13 -29.74 -44.22
CA ASP K 228 70.34 -29.56 -43.42
C ASP K 228 71.19 -30.83 -43.53
N PRO K 229 72.00 -30.94 -44.58
CA PRO K 229 72.95 -32.04 -44.65
C PRO K 229 74.10 -31.82 -43.69
N PRO K 230 74.91 -32.85 -43.43
CA PRO K 230 76.11 -32.63 -42.61
C PRO K 230 77.17 -31.82 -43.34
N LEU K 231 78.30 -31.62 -42.69
CA LEU K 231 79.39 -30.81 -43.23
C LEU K 231 80.74 -31.41 -42.90
N GLY L 43 16.19 -0.95 -70.14
CA GLY L 43 17.52 -1.49 -69.92
C GLY L 43 18.57 -0.41 -69.74
N ILE L 44 18.66 0.09 -68.52
CA ILE L 44 19.49 1.24 -68.22
C ILE L 44 20.94 0.79 -68.08
N PHE L 45 21.84 1.66 -68.53
CA PHE L 45 23.27 1.44 -68.37
C PHE L 45 23.93 2.81 -68.25
N ASN L 46 24.27 3.20 -67.03
CA ASN L 46 25.02 4.40 -66.79
C ASN L 46 26.50 4.12 -66.94
N THR L 47 27.18 4.91 -67.77
CA THR L 47 28.61 4.77 -67.98
C THR L 47 29.24 6.15 -68.10
N ARG L 48 30.49 6.16 -68.55
CA ARG L 48 31.32 7.35 -68.59
C ARG L 48 32.18 7.30 -69.84
N LEU L 49 32.12 8.38 -70.62
CA LEU L 49 32.86 8.49 -71.87
C LEU L 49 33.69 9.75 -71.83
N SER L 50 34.92 9.64 -72.31
CA SER L 50 35.90 10.71 -72.24
C SER L 50 36.48 10.99 -73.62
N ARG L 51 37.22 12.10 -73.68
CA ARG L 51 37.77 12.65 -74.91
C ARG L 51 38.72 13.76 -74.50
N THR L 52 39.84 13.87 -75.20
CA THR L 52 40.90 14.81 -74.87
C THR L 52 41.33 15.56 -76.12
N PHE L 53 41.55 16.86 -75.94
CA PHE L 53 41.95 17.72 -77.04
C PHE L 53 42.63 18.96 -76.47
N GLY L 54 43.24 19.73 -77.35
CA GLY L 54 44.01 20.89 -76.98
C GLY L 54 43.35 22.22 -77.21
N TYR L 55 43.80 23.22 -76.47
CA TYR L 55 43.37 24.61 -76.62
C TYR L 55 44.52 25.50 -76.22
N THR L 56 44.82 26.48 -77.07
CA THR L 56 45.92 27.41 -76.85
C THR L 56 45.42 28.83 -76.95
N ILE L 57 45.91 29.67 -76.04
CA ILE L 57 45.69 31.11 -76.06
C ILE L 57 47.02 31.72 -76.50
N LYS L 58 47.06 32.18 -77.74
CA LYS L 58 48.28 32.71 -78.30
C LYS L 58 48.67 34.02 -77.61
N ARG L 59 49.95 34.34 -77.72
CA ARG L 59 50.51 35.54 -77.11
C ARG L 59 50.04 36.80 -77.81
N THR L 60 50.14 37.92 -77.10
CA THR L 60 49.79 39.23 -77.63
C THR L 60 50.76 40.26 -77.11
N THR L 61 51.17 41.18 -77.98
CA THR L 61 51.98 42.33 -77.60
C THR L 61 51.17 43.42 -76.92
N VAL L 62 49.84 43.29 -76.87
CA VAL L 62 48.99 44.28 -76.25
C VAL L 62 49.37 44.42 -74.78
N LYS L 63 49.43 45.67 -74.32
CA LYS L 63 49.83 45.97 -72.95
C LYS L 63 48.69 45.84 -71.97
N THR L 64 47.49 46.23 -72.39
CA THR L 64 46.34 46.24 -71.51
C THR L 64 45.96 44.84 -71.08
N PRO L 65 45.13 44.71 -70.05
CA PRO L 65 44.53 43.41 -69.76
C PRO L 65 43.36 43.16 -70.70
N SER L 66 43.57 42.26 -71.65
CA SER L 66 42.53 41.83 -72.56
C SER L 66 42.27 40.35 -72.37
N TRP L 67 41.08 39.92 -72.75
CA TRP L 67 40.64 38.55 -72.60
C TRP L 67 40.33 37.91 -73.94
N ALA L 68 40.56 36.61 -74.00
CA ALA L 68 40.28 35.80 -75.16
C ALA L 68 39.06 34.95 -74.89
N VAL L 69 38.04 35.11 -75.71
CA VAL L 69 36.76 34.47 -75.52
C VAL L 69 36.62 33.33 -76.50
N ASP L 70 36.03 32.24 -76.04
CA ASP L 70 35.79 31.08 -76.89
C ASP L 70 34.64 30.29 -76.30
N MET L 71 34.14 29.36 -77.09
CA MET L 71 32.97 28.56 -76.75
C MET L 71 33.33 27.07 -76.73
N MET L 72 32.41 26.29 -76.20
CA MET L 72 32.63 24.85 -76.06
C MET L 72 31.28 24.14 -76.09
N ARG L 73 31.06 23.35 -77.13
CA ARG L 73 29.91 22.48 -77.26
C ARG L 73 30.32 21.03 -77.04
N PHE L 74 29.31 20.17 -76.87
CA PHE L 74 29.52 18.76 -76.61
C PHE L 74 28.58 17.95 -77.49
N ASN L 75 29.15 17.04 -78.26
CA ASN L 75 28.38 16.10 -79.07
C ASN L 75 28.86 14.69 -78.78
N ILE L 76 27.93 13.73 -78.90
CA ILE L 76 28.23 12.35 -78.56
C ILE L 76 28.95 11.62 -79.68
N ASN L 77 28.99 12.16 -80.89
CA ASN L 77 29.75 11.54 -81.95
C ASN L 77 31.24 11.58 -81.66
N ASP L 78 31.69 12.60 -80.95
CA ASP L 78 33.10 12.74 -80.60
C ASP L 78 33.52 11.82 -79.47
N PHE L 79 32.58 11.22 -78.75
CA PHE L 79 32.86 10.30 -77.67
C PHE L 79 32.54 8.86 -78.01
N LEU L 80 31.54 8.64 -78.86
CA LEU L 80 31.06 7.31 -79.22
C LEU L 80 31.33 7.06 -80.70
N PRO L 81 32.24 6.18 -81.08
CA PRO L 81 32.52 5.99 -82.49
C PRO L 81 31.42 5.20 -83.18
N PRO L 82 31.47 5.11 -84.50
CA PRO L 82 30.55 4.22 -85.20
C PRO L 82 30.92 2.77 -84.98
N GLY L 83 29.90 1.92 -84.96
CA GLY L 83 30.10 0.52 -84.73
C GLY L 83 30.49 -0.23 -85.99
N GLY L 84 29.95 -1.43 -86.13
CA GLY L 84 30.23 -2.25 -87.29
C GLY L 84 29.16 -3.28 -87.54
N GLY L 85 28.71 -3.38 -88.78
CA GLY L 85 27.70 -4.33 -89.15
C GLY L 85 26.30 -3.84 -88.91
N SER L 86 25.44 -4.73 -88.43
CA SER L 86 24.05 -4.38 -88.18
C SER L 86 23.89 -3.44 -86.99
N ASN L 87 24.92 -3.31 -86.16
CA ASN L 87 24.91 -2.37 -85.05
C ASN L 87 25.57 -1.08 -85.50
N PRO L 88 24.82 0.02 -85.68
CA PRO L 88 25.45 1.21 -86.25
C PRO L 88 26.41 1.91 -85.31
N ARG L 89 26.27 1.70 -84.00
CA ARG L 89 27.12 2.33 -83.00
C ARG L 89 27.81 1.26 -82.16
N SER L 90 28.86 1.69 -81.47
CA SER L 90 29.71 0.77 -80.73
C SER L 90 29.13 0.39 -79.39
N VAL L 91 28.26 1.23 -78.84
CA VAL L 91 27.51 0.93 -77.62
C VAL L 91 26.10 0.53 -78.04
N PRO L 92 25.70 -0.73 -77.91
CA PRO L 92 24.43 -1.15 -78.51
C PRO L 92 23.19 -0.77 -77.71
N PHE L 93 22.81 0.49 -77.83
CA PHE L 93 21.62 1.02 -77.20
C PHE L 93 20.93 1.96 -78.17
N GLU L 94 19.65 2.20 -77.91
CA GLU L 94 18.81 3.02 -78.75
C GLU L 94 18.76 4.47 -78.32
N TYR L 95 18.48 4.71 -77.04
CA TYR L 95 18.25 6.04 -76.50
C TYR L 95 19.38 6.43 -75.57
N TYR L 96 19.49 7.72 -75.33
CA TYR L 96 20.49 8.25 -74.42
C TYR L 96 20.01 9.58 -73.87
N ARG L 97 20.65 9.98 -72.78
CA ARG L 97 20.48 11.32 -72.24
C ARG L 97 21.68 11.63 -71.39
N ILE L 98 22.29 12.79 -71.63
CA ILE L 98 23.52 13.16 -70.95
C ILE L 98 23.15 13.74 -69.60
N ARG L 99 23.69 13.14 -68.54
CA ARG L 99 23.39 13.53 -67.18
C ARG L 99 24.31 14.65 -66.69
N LYS L 100 25.61 14.51 -66.91
CA LYS L 100 26.59 15.47 -66.44
C LYS L 100 27.75 15.50 -67.41
N VAL L 101 28.51 16.59 -67.35
CA VAL L 101 29.76 16.72 -68.07
C VAL L 101 30.79 17.32 -67.11
N LYS L 102 32.02 16.83 -67.22
CA LYS L 102 33.16 17.33 -66.46
C LYS L 102 34.19 17.80 -67.46
N VAL L 103 34.36 19.10 -67.54
CA VAL L 103 35.41 19.71 -68.35
C VAL L 103 36.58 20.02 -67.44
N GLU L 104 37.74 19.50 -67.82
CA GLU L 104 38.97 19.65 -67.04
C GLU L 104 39.99 20.35 -67.92
N PHE L 105 40.42 21.53 -67.49
CA PHE L 105 41.52 22.24 -68.13
C PHE L 105 42.80 21.83 -67.43
N TRP L 106 43.50 20.88 -68.03
CA TRP L 106 44.78 20.44 -67.52
C TRP L 106 45.88 21.32 -68.11
N PRO L 107 46.64 22.06 -67.31
CA PRO L 107 47.62 22.96 -67.89
C PRO L 107 48.78 22.24 -68.53
N CYS L 108 49.40 22.95 -69.46
CA CYS L 108 50.60 22.49 -70.15
C CYS L 108 51.80 23.36 -69.83
N SER L 109 51.66 24.35 -68.97
CA SER L 109 52.65 25.37 -68.74
C SER L 109 53.33 25.15 -67.40
N PRO L 110 54.59 25.53 -67.26
CA PRO L 110 55.29 25.31 -66.01
C PRO L 110 54.81 26.24 -64.91
N ILE L 111 55.10 25.84 -63.68
CA ILE L 111 54.73 26.67 -62.54
C ILE L 111 55.63 27.89 -62.38
N THR L 112 56.68 28.01 -63.17
CA THR L 112 57.54 29.17 -63.16
C THR L 112 57.12 30.24 -64.17
N GLN L 113 56.05 30.02 -64.90
CA GLN L 113 55.66 30.96 -65.94
C GLN L 113 55.02 32.19 -65.30
N GLY L 114 55.44 33.36 -65.77
CA GLY L 114 54.95 34.61 -65.26
C GLY L 114 53.86 35.20 -66.13
N ASP L 115 53.61 36.49 -65.91
CA ASP L 115 52.53 37.21 -66.57
C ASP L 115 51.20 36.50 -66.34
N ARG L 116 50.99 36.08 -65.10
CA ARG L 116 49.79 35.36 -64.74
C ARG L 116 48.56 36.25 -64.90
N GLY L 117 47.41 35.60 -64.87
CA GLY L 117 46.16 36.26 -65.14
C GLY L 117 44.99 35.65 -64.42
N VAL L 118 43.79 36.13 -64.73
CA VAL L 118 42.58 35.68 -64.07
C VAL L 118 41.44 35.76 -65.06
N GLY L 119 40.72 34.65 -65.21
CA GLY L 119 39.63 34.53 -66.16
C GLY L 119 38.37 34.01 -65.54
N SER L 120 37.46 33.54 -66.39
CA SER L 120 36.15 33.13 -65.93
C SER L 120 35.59 32.08 -66.88
N SER L 121 34.92 31.10 -66.30
CA SER L 121 34.19 30.08 -67.04
C SER L 121 32.74 30.08 -66.59
N ALA L 122 31.83 30.14 -67.54
CA ALA L 122 30.40 30.20 -67.25
C ALA L 122 29.67 29.13 -68.04
N VAL L 123 28.46 28.82 -67.59
CA VAL L 123 27.63 27.77 -68.14
C VAL L 123 26.54 28.40 -68.98
N ILE L 124 26.50 28.05 -70.27
CA ILE L 124 25.67 28.69 -71.27
C ILE L 124 24.86 27.61 -71.96
N LEU L 125 23.61 27.45 -71.54
CA LEU L 125 22.79 26.32 -71.94
C LEU L 125 21.88 26.60 -73.12
N ASP L 126 22.25 27.51 -74.02
CA ASP L 126 21.32 27.96 -75.07
C ASP L 126 21.92 28.24 -76.44
N ASP L 127 23.21 28.01 -76.65
CA ASP L 127 23.81 28.13 -77.96
C ASP L 127 23.86 29.56 -78.45
N ASN L 128 23.91 30.52 -77.53
CA ASN L 128 24.18 31.92 -77.85
C ASN L 128 25.25 32.37 -76.89
N PHE L 129 26.49 32.21 -77.33
CA PHE L 129 27.67 32.58 -76.59
C PHE L 129 28.06 34.01 -76.91
N VAL L 130 28.88 34.58 -76.03
CA VAL L 130 29.57 35.82 -76.37
C VAL L 130 30.44 35.54 -77.57
N THR L 131 30.50 36.51 -78.48
CA THR L 131 31.22 36.34 -79.72
C THR L 131 32.68 36.04 -79.47
N LYS L 132 33.23 35.13 -80.26
CA LYS L 132 34.64 34.78 -80.13
C LYS L 132 35.51 35.98 -80.40
N ALA L 133 36.42 36.25 -79.48
CA ALA L 133 37.29 37.41 -79.53
C ALA L 133 38.70 37.00 -79.18
N THR L 134 39.66 37.72 -79.76
CA THR L 134 41.07 37.48 -79.51
C THR L 134 41.57 38.32 -78.33
N ALA L 135 41.28 39.62 -78.34
CA ALA L 135 41.68 40.51 -77.27
C ALA L 135 40.53 41.48 -77.00
N LEU L 136 39.63 41.07 -76.11
CA LEU L 136 38.53 41.90 -75.67
C LEU L 136 38.90 42.63 -74.40
N THR L 137 38.45 43.88 -74.28
CA THR L 137 38.87 44.77 -73.21
C THR L 137 38.24 44.48 -71.87
N TYR L 138 37.51 43.38 -71.73
CA TYR L 138 36.86 43.04 -70.46
C TYR L 138 36.55 41.57 -70.46
N ASP L 139 36.21 41.05 -69.29
CA ASP L 139 35.80 39.68 -69.10
C ASP L 139 34.28 39.61 -69.15
N PRO L 140 33.68 39.10 -70.22
CA PRO L 140 32.22 39.13 -70.28
C PRO L 140 31.55 38.19 -69.31
N TYR L 141 32.19 37.07 -69.01
CA TYR L 141 31.61 36.04 -68.17
C TYR L 141 31.85 36.27 -66.69
N VAL L 142 32.25 37.46 -66.30
CA VAL L 142 32.67 37.69 -64.92
C VAL L 142 31.47 37.87 -64.00
N ASN L 143 30.44 38.57 -64.47
CA ASN L 143 29.27 38.82 -63.65
C ASN L 143 28.20 37.75 -63.79
N TYR L 144 28.49 36.68 -64.53
CA TYR L 144 27.55 35.60 -64.65
C TYR L 144 27.40 34.85 -63.34
N SER L 145 26.17 34.42 -63.05
CA SER L 145 25.88 33.69 -61.84
C SER L 145 26.60 32.36 -61.77
N SER L 146 26.98 31.79 -62.92
CA SER L 146 27.71 30.53 -62.99
C SER L 146 29.19 30.72 -63.24
N ARG L 147 29.73 31.87 -62.89
CA ARG L 147 31.14 32.14 -63.12
C ARG L 147 31.97 31.46 -62.05
N HIS L 148 33.01 30.76 -62.49
CA HIS L 148 34.08 30.29 -61.64
C HIS L 148 35.36 30.94 -62.14
N THR L 149 36.19 31.37 -61.22
CA THR L 149 37.44 32.00 -61.57
C THR L 149 38.43 31.00 -62.12
N ILE L 150 39.10 31.38 -63.19
CA ILE L 150 40.18 30.62 -63.79
C ILE L 150 41.46 31.33 -63.41
N THR L 151 42.24 30.72 -62.53
CA THR L 151 43.61 31.12 -62.34
C THR L 151 44.45 30.57 -63.48
N GLN L 152 45.33 31.41 -64.01
CA GLN L 152 46.14 31.10 -65.17
C GLN L 152 47.60 31.28 -64.82
N PRO L 153 48.52 30.65 -65.56
CA PRO L 153 48.38 29.65 -66.62
C PRO L 153 48.55 28.20 -66.17
N PHE L 154 49.09 28.00 -64.97
CA PHE L 154 49.56 26.70 -64.53
C PHE L 154 48.63 26.08 -63.50
N SER L 155 47.35 26.39 -63.55
CA SER L 155 46.40 25.96 -62.56
C SER L 155 45.28 25.17 -63.21
N TYR L 156 44.80 24.17 -62.49
CA TYR L 156 43.75 23.28 -62.94
C TYR L 156 42.38 23.90 -62.68
N HIS L 157 41.48 23.71 -63.64
CA HIS L 157 40.14 24.25 -63.59
C HIS L 157 39.17 23.15 -64.02
N SER L 158 38.22 22.83 -63.15
CA SER L 158 37.18 21.86 -63.45
C SER L 158 35.82 22.54 -63.39
N ARG L 159 34.91 22.04 -64.21
CA ARG L 159 33.51 22.46 -64.19
C ARG L 159 32.66 21.22 -64.37
N TYR L 160 31.72 21.02 -63.46
CA TYR L 160 30.85 19.85 -63.42
C TYR L 160 29.41 20.33 -63.42
N PHE L 161 28.68 20.02 -64.48
CA PHE L 161 27.37 20.58 -64.68
C PHE L 161 26.57 19.64 -65.57
N THR L 162 25.30 19.99 -65.75
CA THR L 162 24.35 19.23 -66.55
C THR L 162 24.05 19.98 -67.83
N PRO L 163 24.48 19.51 -69.00
CA PRO L 163 24.21 20.26 -70.23
C PRO L 163 22.78 20.11 -70.68
N LYS L 164 22.45 20.79 -71.77
CA LYS L 164 21.12 20.76 -72.35
C LYS L 164 21.25 20.62 -73.86
N PRO L 165 20.34 19.90 -74.51
CA PRO L 165 20.43 19.77 -75.96
C PRO L 165 19.80 20.93 -76.70
N VAL L 166 20.26 21.10 -77.94
CA VAL L 166 19.80 22.16 -78.81
C VAL L 166 18.64 21.58 -79.62
N LEU L 167 17.44 21.69 -79.07
CA LEU L 167 16.24 21.20 -79.72
C LEU L 167 15.74 22.18 -80.76
N ASP L 168 15.70 23.47 -80.43
CA ASP L 168 15.31 24.51 -81.37
C ASP L 168 16.23 25.70 -81.12
N SER L 169 17.13 25.95 -82.06
CA SER L 169 18.05 27.07 -81.93
C SER L 169 17.37 28.41 -82.14
N THR L 170 16.18 28.42 -82.73
CA THR L 170 15.46 29.68 -82.94
C THR L 170 14.85 30.18 -81.64
N ILE L 171 14.31 29.29 -80.83
CA ILE L 171 13.62 29.64 -79.60
C ILE L 171 14.54 29.42 -78.42
N ASP L 172 15.39 28.40 -78.51
CA ASP L 172 16.39 28.09 -77.49
C ASP L 172 15.73 27.85 -76.13
N TYR L 173 14.95 26.77 -76.08
CA TYR L 173 14.29 26.34 -74.86
C TYR L 173 14.98 25.11 -74.29
N PHE L 174 14.98 25.01 -72.97
CA PHE L 174 15.58 23.88 -72.30
C PHE L 174 14.85 23.60 -70.99
N GLN L 175 15.09 22.47 -70.48
CA GLN L 175 14.46 21.97 -69.29
C GLN L 175 15.28 22.29 -68.06
N PRO L 176 14.66 22.48 -66.90
CA PRO L 176 15.43 22.53 -65.68
C PRO L 176 15.94 21.17 -65.26
N ASN L 177 16.76 21.14 -64.22
CA ASN L 177 17.40 19.91 -63.81
C ASN L 177 16.40 19.02 -63.09
N ASN L 178 16.13 17.85 -63.67
CA ASN L 178 15.25 16.87 -63.07
C ASN L 178 15.66 15.53 -63.62
N LYS L 179 16.18 14.67 -62.76
CA LYS L 179 16.66 13.39 -63.24
C LYS L 179 15.52 12.51 -63.74
N ARG L 180 14.33 12.68 -63.19
CA ARG L 180 13.21 11.82 -63.53
C ARG L 180 12.50 12.25 -64.79
N ASN L 181 12.57 13.53 -65.14
CA ASN L 181 11.85 14.10 -66.25
C ASN L 181 12.74 14.46 -67.43
N GLN L 182 14.03 14.17 -67.37
CA GLN L 182 14.93 14.52 -68.45
C GLN L 182 14.59 13.72 -69.70
N LEU L 183 14.57 14.42 -70.82
CA LEU L 183 14.21 13.82 -72.08
C LEU L 183 15.22 12.78 -72.51
N TRP L 184 14.72 11.73 -73.14
CA TRP L 184 15.54 10.74 -73.81
C TRP L 184 15.64 11.13 -75.27
N LEU L 185 16.86 11.25 -75.76
CA LEU L 185 17.13 11.44 -77.17
C LEU L 185 17.48 10.09 -77.80
N ARG L 186 17.44 10.06 -79.12
CA ARG L 186 17.86 8.89 -79.87
C ARG L 186 19.33 8.99 -80.20
N LEU L 187 19.99 7.85 -80.06
CA LEU L 187 21.38 7.70 -80.47
C LEU L 187 21.39 7.48 -81.98
N GLN L 188 21.52 8.57 -82.71
CA GLN L 188 21.52 8.51 -84.16
C GLN L 188 22.80 7.84 -84.66
N THR L 189 22.85 7.62 -85.97
CA THR L 189 23.99 6.96 -86.58
C THR L 189 25.13 7.94 -86.81
N ALA L 190 24.85 9.07 -87.50
CA ALA L 190 25.88 10.07 -87.76
C ALA L 190 25.37 11.51 -87.66
N GLY L 191 24.30 11.75 -86.91
CA GLY L 191 23.66 13.05 -86.90
C GLY L 191 23.16 13.51 -85.56
N ASN L 192 23.84 13.13 -84.49
CA ASN L 192 23.38 13.47 -83.16
C ASN L 192 23.43 14.98 -82.92
N VAL L 193 22.64 15.42 -81.96
CA VAL L 193 22.41 16.83 -81.69
C VAL L 193 23.46 17.33 -80.72
N ASP L 194 23.84 18.60 -80.89
CA ASP L 194 24.89 19.19 -80.09
C ASP L 194 24.34 19.60 -78.73
N HIS L 195 25.02 19.18 -77.68
CA HIS L 195 24.79 19.69 -76.34
C HIS L 195 25.71 20.85 -76.08
N VAL L 196 25.29 21.70 -75.14
CA VAL L 196 25.89 23.01 -74.96
C VAL L 196 25.94 23.29 -73.47
N GLY L 197 26.75 24.29 -73.09
CA GLY L 197 26.93 24.55 -71.68
C GLY L 197 28.23 25.06 -71.14
N LEU L 198 29.20 25.49 -71.96
CA LEU L 198 30.36 26.16 -71.39
C LEU L 198 30.94 27.21 -72.30
N GLY L 199 31.22 28.36 -71.70
CA GLY L 199 31.96 29.42 -72.35
C GLY L 199 33.01 29.96 -71.42
N THR L 200 34.12 30.38 -72.01
CA THR L 200 35.32 30.73 -71.27
C THR L 200 35.82 32.11 -71.67
N ALA L 201 36.65 32.67 -70.79
CA ALA L 201 37.36 33.91 -71.06
C ALA L 201 38.71 33.83 -70.38
N PHE L 202 39.76 33.76 -71.18
CA PHE L 202 41.12 33.66 -70.70
C PHE L 202 41.85 34.97 -70.92
N GLU L 203 42.58 35.40 -69.90
CA GLU L 203 43.37 36.62 -69.98
C GLU L 203 44.64 36.35 -70.76
N ASN L 204 44.89 37.19 -71.77
CA ASN L 204 46.02 37.00 -72.64
C ASN L 204 47.32 37.31 -71.90
N SER L 205 48.43 36.92 -72.52
CA SER L 205 49.73 36.99 -71.90
C SER L 205 50.80 37.15 -72.97
N ILE L 206 52.01 37.49 -72.53
CA ILE L 206 53.14 37.58 -73.43
C ILE L 206 53.55 36.20 -73.92
N TYR L 207 53.33 35.18 -73.11
CA TYR L 207 53.67 33.81 -73.43
C TYR L 207 52.43 33.04 -73.86
N ASP L 208 52.64 31.99 -74.63
CA ASP L 208 51.55 31.14 -75.06
C ASP L 208 51.08 30.28 -73.90
N GLN L 209 49.77 30.20 -73.72
CA GLN L 209 49.13 29.40 -72.68
C GLN L 209 48.43 28.23 -73.34
N GLU L 210 48.97 27.04 -73.16
CA GLU L 210 48.41 25.82 -73.72
C GLU L 210 47.69 25.01 -72.64
N TYR L 211 46.68 24.27 -73.07
CA TYR L 211 45.88 23.43 -72.19
C TYR L 211 45.53 22.15 -72.91
N ASN L 212 45.43 21.07 -72.15
CA ASN L 212 44.90 19.79 -72.62
C ASN L 212 43.55 19.61 -71.95
N ILE L 213 42.48 19.72 -72.72
CA ILE L 213 41.13 19.72 -72.19
C ILE L 213 40.57 18.32 -72.30
N ARG L 214 40.15 17.77 -71.17
CA ARG L 214 39.56 16.44 -71.09
C ARG L 214 38.11 16.59 -70.68
N VAL L 215 37.22 16.27 -71.61
CA VAL L 215 35.78 16.28 -71.38
C VAL L 215 35.34 14.86 -71.07
N THR L 216 34.58 14.71 -70.01
CA THR L 216 34.02 13.44 -69.59
C THR L 216 32.51 13.60 -69.50
N MET L 217 31.79 12.82 -70.29
CA MET L 217 30.34 12.83 -70.27
C MET L 217 29.82 11.61 -69.55
N TYR L 218 28.93 11.84 -68.59
CA TYR L 218 28.27 10.79 -67.84
C TYR L 218 26.89 10.59 -68.44
N VAL L 219 26.71 9.49 -69.17
CA VAL L 219 25.55 9.26 -69.99
C VAL L 219 24.74 8.12 -69.40
N GLN L 220 23.51 7.99 -69.89
CA GLN L 220 22.57 6.98 -69.45
C GLN L 220 21.83 6.50 -70.69
N PHE L 221 22.03 5.24 -71.03
CA PHE L 221 21.42 4.63 -72.20
C PHE L 221 20.20 3.82 -71.82
N ARG L 222 19.47 3.35 -72.84
CA ARG L 222 18.24 2.62 -72.64
C ARG L 222 17.99 1.75 -73.86
N GLU L 223 17.33 0.62 -73.62
CA GLU L 223 16.86 -0.29 -74.65
C GLU L 223 18.03 -0.87 -75.48
N PHE L 224 18.77 -1.73 -74.80
CA PHE L 224 19.74 -2.63 -75.42
C PHE L 224 19.16 -3.25 -76.67
N ASN L 225 19.84 -3.05 -77.79
CA ASN L 225 19.29 -3.38 -79.11
C ASN L 225 20.32 -4.10 -79.97
N LEU L 226 21.05 -5.03 -79.37
CA LEU L 226 22.04 -5.76 -80.13
C LEU L 226 21.37 -6.63 -81.19
N LYS L 227 22.03 -6.72 -82.34
CA LYS L 227 21.56 -7.54 -83.46
C LYS L 227 22.60 -8.59 -83.77
N ASP L 228 22.16 -9.84 -83.83
CA ASP L 228 23.05 -11.00 -83.96
C ASP L 228 22.64 -11.80 -85.18
N PRO L 229 23.10 -11.42 -86.36
CA PRO L 229 22.87 -12.24 -87.53
C PRO L 229 23.75 -13.47 -87.52
N PRO L 230 23.48 -14.47 -88.36
CA PRO L 230 24.39 -15.60 -88.47
C PRO L 230 25.71 -15.25 -89.10
N LEU L 231 26.59 -16.24 -89.26
CA LEU L 231 27.92 -16.03 -89.83
C LEU L 231 28.31 -17.19 -90.73
N GLY M 43 11.98 46.96 -53.01
CA GLY M 43 12.40 45.96 -53.96
C GLY M 43 13.88 45.68 -53.93
N ILE M 44 14.29 44.87 -52.97
CA ILE M 44 15.70 44.64 -52.71
C ILE M 44 16.27 43.66 -53.72
N PHE M 45 17.52 43.89 -54.10
CA PHE M 45 18.25 43.00 -54.98
C PHE M 45 19.72 43.09 -54.59
N ASN M 46 20.20 42.10 -53.86
CA ASN M 46 21.61 41.98 -53.55
C ASN M 46 22.33 41.28 -54.69
N THR M 47 23.39 41.90 -55.19
CA THR M 47 24.19 41.32 -56.25
C THR M 47 25.66 41.61 -55.99
N ARG M 48 26.47 41.37 -57.02
CA ARG M 48 27.92 41.43 -56.93
C ARG M 48 28.46 41.98 -58.24
N LEU M 49 29.27 43.02 -58.13
CA LEU M 49 29.86 43.70 -59.28
C LEU M 49 31.37 43.73 -59.11
N SER M 50 32.07 43.47 -60.19
CA SER M 50 33.51 43.33 -60.19
C SER M 50 34.14 44.24 -61.25
N ARG M 51 35.46 44.34 -61.16
CA ARG M 51 36.27 45.25 -61.95
C ARG M 51 37.72 44.86 -61.71
N THR M 52 38.53 44.92 -62.76
CA THR M 52 39.92 44.49 -62.71
C THR M 52 40.81 45.54 -63.34
N PHE M 53 41.95 45.77 -62.71
CA PHE M 53 42.91 46.77 -63.18
C PHE M 53 44.27 46.43 -62.59
N GLY M 54 45.28 47.13 -63.12
CA GLY M 54 46.65 46.87 -62.76
C GLY M 54 47.28 47.88 -61.81
N TYR M 55 48.33 47.43 -61.12
CA TYR M 55 49.12 48.27 -60.23
C TYR M 55 50.54 47.73 -60.23
N THR M 56 51.51 48.61 -60.42
CA THR M 56 52.91 48.24 -60.48
C THR M 56 53.71 49.09 -59.51
N ILE M 57 54.64 48.44 -58.82
CA ILE M 57 55.61 49.09 -57.96
C ILE M 57 56.93 49.02 -58.71
N LYS M 58 57.36 50.15 -59.26
CA LYS M 58 58.57 50.20 -60.06
C LYS M 58 59.79 49.94 -59.21
N ARG M 59 60.86 49.52 -59.88
CA ARG M 59 62.11 49.20 -59.23
C ARG M 59 62.82 50.46 -58.73
N THR M 60 63.73 50.26 -57.78
CA THR M 60 64.54 51.33 -57.22
C THR M 60 65.95 50.82 -56.95
N THR M 61 66.93 51.65 -57.27
CA THR M 61 68.32 51.37 -56.93
C THR M 61 68.64 51.64 -55.46
N VAL M 62 67.69 52.20 -54.70
CA VAL M 62 67.91 52.48 -53.29
C VAL M 62 68.22 51.18 -52.55
N LYS M 63 69.22 51.25 -51.67
CA LYS M 63 69.66 50.07 -50.94
C LYS M 63 68.81 49.81 -49.71
N THR M 64 68.37 50.87 -49.03
CA THR M 64 67.63 50.74 -47.81
C THR M 64 66.28 50.06 -48.03
N PRO M 65 65.63 49.60 -46.97
CA PRO M 65 64.24 49.19 -47.10
C PRO M 65 63.34 50.41 -47.09
N SER M 66 62.79 50.73 -48.25
CA SER M 66 61.83 51.80 -48.41
C SER M 66 60.52 51.23 -48.89
N TRP M 67 59.44 51.96 -48.63
CA TRP M 67 58.10 51.53 -48.98
C TRP M 67 57.44 52.52 -49.92
N ALA M 68 56.58 51.98 -50.78
CA ALA M 68 55.82 52.75 -51.74
C ALA M 68 54.37 52.81 -51.27
N VAL M 69 53.88 54.02 -51.08
CA VAL M 69 52.56 54.24 -50.51
C VAL M 69 51.62 54.68 -51.62
N ASP M 70 50.39 54.20 -51.54
CA ASP M 70 49.36 54.55 -52.50
C ASP M 70 48.01 54.35 -51.85
N MET M 71 46.99 54.89 -52.50
CA MET M 71 45.62 54.90 -52.01
C MET M 71 44.71 54.15 -52.98
N MET M 72 43.50 53.89 -52.51
CA MET M 72 42.52 53.15 -53.28
C MET M 72 41.12 53.57 -52.86
N ARG M 73 40.39 54.20 -53.77
CA ARG M 73 39.00 54.56 -53.59
C ARG M 73 38.13 53.65 -54.44
N PHE M 74 36.83 53.69 -54.18
CA PHE M 74 35.85 52.86 -54.87
C PHE M 74 34.65 53.71 -55.26
N ASN M 75 34.33 53.71 -56.54
CA ASN M 75 33.14 54.38 -57.05
C ASN M 75 32.34 53.40 -57.90
N ILE M 76 31.02 53.59 -57.89
CA ILE M 76 30.13 52.68 -58.58
C ILE M 76 30.04 52.94 -60.07
N ASN M 77 30.52 54.09 -60.55
CA ASN M 77 30.55 54.32 -61.98
C ASN M 77 31.51 53.38 -62.68
N ASP M 78 32.57 52.97 -61.99
CA ASP M 78 33.56 52.07 -62.56
C ASP M 78 33.08 50.63 -62.61
N PHE M 79 32.00 50.29 -61.90
CA PHE M 79 31.43 48.95 -61.89
C PHE M 79 30.12 48.85 -62.64
N LEU M 80 29.34 49.93 -62.66
CA LEU M 80 28.02 49.97 -63.28
C LEU M 80 28.04 50.91 -64.47
N PRO M 81 27.93 50.45 -65.71
CA PRO M 81 28.01 51.36 -66.82
C PRO M 81 26.73 52.14 -67.00
N PRO M 82 26.72 53.14 -67.88
CA PRO M 82 25.47 53.81 -68.20
C PRO M 82 24.57 52.93 -69.03
N GLY M 83 23.28 53.10 -68.84
CA GLY M 83 22.31 52.29 -69.56
C GLY M 83 22.00 52.83 -70.93
N GLY M 84 20.74 52.76 -71.32
CA GLY M 84 20.32 53.25 -72.61
C GLY M 84 18.85 53.58 -72.64
N GLY M 85 18.53 54.76 -73.18
CA GLY M 85 17.16 55.19 -73.29
C GLY M 85 16.64 55.86 -72.04
N SER M 86 15.40 55.57 -71.68
CA SER M 86 14.79 56.17 -70.51
C SER M 86 15.38 55.66 -69.21
N ASN M 87 16.11 54.54 -69.26
CA ASN M 87 16.80 54.02 -68.09
C ASN M 87 18.22 54.53 -68.10
N PRO M 88 18.61 55.44 -67.20
CA PRO M 88 19.95 56.02 -67.31
C PRO M 88 21.07 55.07 -66.96
N ARG M 89 20.79 54.02 -66.19
CA ARG M 89 21.77 53.04 -65.76
C ARG M 89 21.37 51.65 -66.22
N SER M 90 22.34 50.75 -66.21
CA SER M 90 22.14 49.41 -66.75
C SER M 90 21.44 48.49 -65.76
N VAL M 91 21.53 48.78 -64.48
CA VAL M 91 20.79 48.07 -63.44
C VAL M 91 19.60 48.95 -63.05
N PRO M 92 18.36 48.57 -63.37
CA PRO M 92 17.26 49.52 -63.19
C PRO M 92 16.74 49.62 -61.76
N PHE M 93 17.49 50.38 -60.97
CA PHE M 93 17.13 50.64 -59.59
C PHE M 93 17.44 52.09 -59.27
N GLU M 94 16.83 52.60 -58.21
CA GLU M 94 16.95 53.99 -57.80
C GLU M 94 18.03 54.19 -56.76
N TYR M 95 18.00 53.40 -55.69
CA TYR M 95 18.87 53.57 -54.54
C TYR M 95 19.86 52.43 -54.46
N TYR M 96 20.93 52.66 -53.71
CA TYR M 96 21.94 51.65 -53.49
C TYR M 96 22.65 51.93 -52.18
N ARG M 97 23.34 50.91 -51.70
CA ARG M 97 24.25 51.06 -50.58
C ARG M 97 25.24 49.91 -50.62
N ILE M 98 26.51 50.24 -50.55
CA ILE M 98 27.56 49.24 -50.68
C ILE M 98 27.74 48.56 -49.33
N ARG M 99 27.59 47.24 -49.32
CA ARG M 99 27.67 46.44 -48.11
C ARG M 99 29.09 46.02 -47.79
N LYS M 100 29.82 45.51 -48.78
CA LYS M 100 31.16 45.02 -48.59
C LYS M 100 31.95 45.24 -49.87
N VAL M 101 33.26 45.21 -49.74
CA VAL M 101 34.19 45.22 -50.87
C VAL M 101 35.26 44.18 -50.59
N LYS M 102 35.67 43.49 -51.64
CA LYS M 102 36.75 42.52 -51.62
C LYS M 102 37.80 42.98 -52.61
N VAL M 103 38.91 43.45 -52.09
CA VAL M 103 40.07 43.80 -52.90
C VAL M 103 41.03 42.62 -52.90
N GLU M 104 41.36 42.15 -54.09
CA GLU M 104 42.23 41.00 -54.29
C GLU M 104 43.45 41.45 -55.08
N PHE M 105 44.62 41.35 -54.47
CA PHE M 105 45.88 41.58 -55.16
C PHE M 105 46.35 40.24 -55.73
N TRP M 106 46.08 40.04 -57.00
CA TRP M 106 46.53 38.85 -57.68
C TRP M 106 47.92 39.10 -58.25
N PRO M 107 48.95 38.36 -57.84
CA PRO M 107 50.29 38.68 -58.33
C PRO M 107 50.47 38.36 -59.80
N CYS M 108 51.44 39.05 -60.37
CA CYS M 108 51.87 38.85 -61.74
C CYS M 108 53.29 38.32 -61.84
N SER M 109 53.94 38.09 -60.72
CA SER M 109 55.35 37.79 -60.64
C SER M 109 55.58 36.32 -60.35
N PRO M 110 56.67 35.74 -60.83
CA PRO M 110 56.90 34.31 -60.61
C PRO M 110 57.29 34.03 -59.17
N ILE M 111 57.12 32.77 -58.79
CA ILE M 111 57.50 32.34 -57.45
C ILE M 111 59.01 32.23 -57.26
N THR M 112 59.78 32.39 -58.33
CA THR M 112 61.24 32.39 -58.25
C THR M 112 61.83 33.78 -58.06
N GLN M 113 61.00 34.81 -57.98
CA GLN M 113 61.51 36.18 -57.88
C GLN M 113 62.04 36.43 -56.48
N GLY M 114 63.22 37.02 -56.41
CA GLY M 114 63.87 37.32 -55.16
C GLY M 114 63.67 38.75 -54.73
N ASP M 115 64.49 39.17 -53.79
CA ASP M 115 64.39 40.50 -53.17
C ASP M 115 63.00 40.69 -52.59
N ARG M 116 62.50 39.66 -51.92
CA ARG M 116 61.18 39.68 -51.34
C ARG M 116 61.10 40.74 -50.24
N GLY M 117 59.87 41.04 -49.87
CA GLY M 117 59.60 42.11 -48.94
C GLY M 117 58.36 41.88 -48.11
N VAL M 118 57.99 42.89 -47.33
CA VAL M 118 56.85 42.78 -46.43
C VAL M 118 56.23 44.16 -46.30
N GLY M 119 54.93 44.21 -46.52
CA GLY M 119 54.17 45.45 -46.50
C GLY M 119 52.95 45.38 -45.63
N SER M 120 52.03 46.32 -45.85
CA SER M 120 50.87 46.46 -44.99
C SER M 120 49.74 47.09 -45.76
N SER M 121 48.53 46.60 -45.52
CA SER M 121 47.31 47.17 -46.05
C SER M 121 46.38 47.51 -44.89
N ALA M 122 45.88 48.73 -44.89
CA ALA M 122 45.01 49.22 -43.83
C ALA M 122 43.74 49.82 -44.42
N VAL M 123 42.73 49.92 -43.57
CA VAL M 123 41.40 50.38 -43.94
C VAL M 123 41.23 51.81 -43.47
N ILE M 124 40.98 52.71 -44.42
CA ILE M 124 40.97 54.16 -44.19
C ILE M 124 39.63 54.69 -44.68
N LEU M 125 38.71 54.91 -43.75
CA LEU M 125 37.33 55.21 -44.08
C LEU M 125 37.01 56.70 -44.10
N ASP M 126 37.97 57.57 -44.42
CA ASP M 126 37.76 59.00 -44.25
C ASP M 126 38.40 59.90 -45.30
N ASP M 127 39.04 59.36 -46.33
CA ASP M 127 39.54 60.16 -47.44
C ASP M 127 40.71 61.04 -47.03
N ASN M 128 41.45 60.64 -46.00
CA ASN M 128 42.72 61.29 -45.64
C ASN M 128 43.71 60.16 -45.47
N PHE M 129 44.39 59.86 -46.57
CA PHE M 129 45.40 58.83 -46.65
C PHE M 129 46.76 59.42 -46.33
N VAL M 130 47.69 58.52 -46.01
CA VAL M 130 49.09 58.91 -45.99
C VAL M 130 49.47 59.35 -47.40
N THR M 131 50.28 60.39 -47.48
CA THR M 131 50.64 60.97 -48.76
C THR M 131 51.31 59.93 -49.65
N LYS M 132 50.98 59.96 -50.93
CA LYS M 132 51.58 59.05 -51.88
C LYS M 132 53.09 59.29 -51.96
N ALA M 133 53.85 58.21 -51.81
CA ALA M 133 55.28 58.25 -51.77
C ALA M 133 55.86 57.13 -52.61
N THR M 134 57.03 57.40 -53.18
CA THR M 134 57.74 56.41 -54.00
C THR M 134 58.65 55.55 -53.15
N ALA M 135 59.49 56.17 -52.31
CA ALA M 135 60.41 55.45 -51.44
C ALA M 135 60.42 56.16 -50.09
N LEU M 136 59.51 55.75 -49.21
CA LEU M 136 59.44 56.24 -47.85
C LEU M 136 60.22 55.31 -46.93
N THR M 137 60.88 55.90 -45.94
CA THR M 137 61.82 55.18 -45.09
C THR M 137 61.14 54.31 -44.04
N TYR M 138 59.83 54.15 -44.07
CA TYR M 138 59.14 53.35 -43.09
C TYR M 138 57.78 52.96 -43.66
N ASP M 139 57.15 52.00 -42.99
CA ASP M 139 55.81 51.54 -43.34
C ASP M 139 54.81 52.30 -42.49
N PRO M 140 54.07 53.26 -43.04
CA PRO M 140 53.17 54.03 -42.18
C PRO M 140 51.99 53.23 -41.67
N TYR M 141 51.51 52.27 -42.44
CA TYR M 141 50.32 51.51 -42.11
C TYR M 141 50.61 50.30 -41.25
N VAL M 142 51.78 50.24 -40.62
CA VAL M 142 52.19 49.03 -39.92
C VAL M 142 51.54 48.95 -38.56
N ASN M 143 51.44 50.08 -37.85
CA ASN M 143 50.88 50.10 -36.52
C ASN M 143 49.38 50.33 -36.51
N TYR M 144 48.75 50.38 -37.67
CA TYR M 144 47.31 50.54 -37.74
C TYR M 144 46.61 49.29 -37.24
N SER M 145 45.49 49.50 -36.55
CA SER M 145 44.71 48.42 -36.00
C SER M 145 44.13 47.52 -37.09
N SER M 146 43.97 48.03 -38.30
CA SER M 146 43.45 47.28 -39.43
C SER M 146 44.53 46.82 -40.38
N ARG M 147 45.76 46.70 -39.90
CA ARG M 147 46.86 46.30 -40.75
C ARG M 147 46.83 44.79 -40.95
N HIS M 148 46.96 44.39 -42.21
CA HIS M 148 47.24 43.02 -42.59
C HIS M 148 48.56 43.04 -43.32
N THR M 149 49.41 42.05 -43.04
CA THR M 149 50.70 41.95 -43.68
C THR M 149 50.55 41.54 -45.13
N ILE M 150 51.31 42.21 -45.99
CA ILE M 150 51.40 41.87 -47.40
C ILE M 150 52.76 41.21 -47.57
N THR M 151 52.75 39.92 -47.83
CA THR M 151 53.92 39.23 -48.34
C THR M 151 54.06 39.53 -49.82
N GLN M 152 55.28 39.83 -50.24
CA GLN M 152 55.59 40.24 -51.60
C GLN M 152 56.64 39.31 -52.16
N PRO M 153 56.74 39.23 -53.50
CA PRO M 153 55.92 39.77 -54.58
C PRO M 153 54.89 38.80 -55.15
N PHE M 154 55.04 37.51 -54.85
CA PHE M 154 54.31 36.45 -55.52
C PHE M 154 53.21 35.86 -54.66
N SER M 155 52.65 36.64 -53.76
CA SER M 155 51.68 36.16 -52.80
C SER M 155 50.38 36.93 -52.93
N TYR M 156 49.29 36.21 -52.71
CA TYR M 156 47.95 36.76 -52.81
C TYR M 156 47.56 37.45 -51.51
N HIS M 157 46.88 38.58 -51.65
CA HIS M 157 46.43 39.39 -50.52
C HIS M 157 45.00 39.80 -50.77
N SER M 158 44.13 39.46 -49.84
CA SER M 158 42.73 39.84 -49.88
C SER M 158 42.38 40.70 -48.68
N ARG M 159 41.45 41.62 -48.88
CA ARG M 159 40.90 42.43 -47.81
C ARG M 159 39.40 42.53 -48.05
N TYR M 160 38.62 42.20 -47.03
CA TYR M 160 37.16 42.16 -47.08
C TYR M 160 36.64 43.04 -45.96
N PHE M 161 35.96 44.11 -46.32
CA PHE M 161 35.56 45.13 -45.37
C PHE M 161 34.35 45.88 -45.91
N THR M 162 33.83 46.76 -45.08
CA THR M 162 32.68 47.58 -45.38
C THR M 162 33.10 49.01 -45.60
N PRO M 163 33.04 49.55 -46.80
CA PRO M 163 33.48 50.93 -47.01
C PRO M 163 32.48 51.94 -46.51
N LYS M 164 32.82 53.22 -46.62
CA LYS M 164 31.98 54.31 -46.18
C LYS M 164 32.00 55.39 -47.25
N PRO M 165 30.89 56.08 -47.47
CA PRO M 165 30.88 57.13 -48.47
C PRO M 165 31.40 58.45 -47.94
N VAL M 166 31.86 59.27 -48.89
CA VAL M 166 32.41 60.59 -48.60
C VAL M 166 31.25 61.57 -48.70
N LEU M 167 30.57 61.76 -47.57
CA LEU M 167 29.44 62.68 -47.50
C LEU M 167 29.91 64.12 -47.32
N ASP M 168 30.87 64.35 -46.44
CA ASP M 168 31.47 65.66 -46.24
C ASP M 168 32.96 65.45 -46.03
N SER M 169 33.75 65.84 -47.03
CA SER M 169 35.20 65.71 -46.93
C SER M 169 35.82 66.70 -45.96
N THR M 170 35.10 67.76 -45.59
CA THR M 170 35.62 68.74 -44.64
C THR M 170 35.58 68.19 -43.21
N ILE M 171 34.53 67.48 -42.86
CA ILE M 171 34.33 66.97 -41.50
C ILE M 171 34.72 65.50 -41.46
N ASP M 172 34.45 64.78 -42.54
CA ASP M 172 34.82 63.38 -42.68
C ASP M 172 34.17 62.54 -41.59
N TYR M 173 32.85 62.48 -41.64
CA TYR M 173 32.06 61.68 -40.72
C TYR M 173 31.53 60.44 -41.42
N PHE M 174 31.41 59.35 -40.67
CA PHE M 174 30.91 58.11 -41.20
C PHE M 174 30.18 57.33 -40.11
N GLN M 175 29.44 56.40 -40.53
CA GLN M 175 28.62 55.56 -39.67
C GLN M 175 29.36 54.31 -39.25
N PRO M 176 29.08 53.77 -38.07
CA PRO M 176 29.57 52.44 -37.76
C PRO M 176 28.82 51.36 -38.52
N ASN M 177 29.30 50.13 -38.40
CA ASN M 177 28.73 49.03 -39.16
C ASN M 177 27.40 48.63 -38.58
N ASN M 178 26.34 48.79 -39.37
CA ASN M 178 25.00 48.38 -38.97
C ASN M 178 24.24 48.12 -40.25
N LYS M 179 23.87 46.86 -40.49
CA LYS M 179 23.19 46.55 -41.72
C LYS M 179 21.82 47.18 -41.79
N ARG M 180 21.17 47.38 -40.64
CA ARG M 180 19.81 47.87 -40.63
C ARG M 180 19.73 49.39 -40.74
N ASN M 181 20.78 50.09 -40.33
CA ASN M 181 20.80 51.54 -40.28
C ASN M 181 21.67 52.18 -41.35
N GLN M 182 22.26 51.39 -42.24
CA GLN M 182 23.12 51.93 -43.27
C GLN M 182 22.33 52.80 -44.23
N LEU M 183 22.89 53.95 -44.54
CA LEU M 183 22.23 54.91 -45.41
C LEU M 183 22.07 54.37 -46.81
N TRP M 184 20.96 54.73 -47.43
CA TRP M 184 20.73 54.50 -48.85
C TRP M 184 21.13 55.75 -49.60
N LEU M 185 22.01 55.58 -50.57
CA LEU M 185 22.37 56.64 -51.50
C LEU M 185 21.56 56.47 -52.78
N ARG M 186 21.55 57.52 -53.57
CA ARG M 186 20.93 57.49 -54.88
C ARG M 186 21.94 57.06 -55.93
N LEU M 187 21.48 56.21 -56.83
CA LEU M 187 22.26 55.81 -58.00
C LEU M 187 22.12 56.91 -59.03
N GLN M 188 23.06 57.84 -59.01
CA GLN M 188 23.07 58.96 -59.92
C GLN M 188 23.37 58.49 -61.33
N THR M 189 23.25 59.42 -62.27
CA THR M 189 23.50 59.11 -63.67
C THR M 189 24.98 59.11 -64.00
N ALA M 190 25.70 60.19 -63.67
CA ALA M 190 27.13 60.26 -63.94
C ALA M 190 27.91 60.97 -62.84
N GLY M 191 27.42 60.98 -61.61
CA GLY M 191 28.02 61.77 -60.54
C GLY M 191 28.02 61.11 -59.18
N ASN M 192 28.12 59.79 -59.13
CA ASN M 192 28.07 59.08 -57.87
C ASN M 192 29.26 59.43 -56.99
N VAL M 193 29.06 59.22 -55.70
CA VAL M 193 30.01 59.64 -54.68
C VAL M 193 31.04 58.54 -54.45
N ASP M 194 32.26 58.95 -54.14
CA ASP M 194 33.36 58.02 -53.97
C ASP M 194 33.29 57.37 -52.61
N HIS M 195 33.36 56.05 -52.60
CA HIS M 195 33.57 55.29 -51.38
C HIS M 195 35.06 55.05 -51.18
N VAL M 196 35.42 54.83 -49.92
CA VAL M 196 36.80 54.88 -49.49
C VAL M 196 37.02 53.78 -48.47
N GLY M 197 38.29 53.45 -48.21
CA GLY M 197 38.57 52.35 -47.33
C GLY M 197 39.77 51.46 -47.53
N LEU M 198 40.73 51.81 -48.38
CA LEU M 198 41.96 51.03 -48.40
C LEU M 198 43.18 51.85 -48.76
N GLY M 199 44.23 51.67 -47.97
CA GLY M 199 45.53 52.21 -48.27
C GLY M 199 46.59 51.16 -48.07
N THR M 200 47.64 51.24 -48.87
CA THR M 200 48.64 50.20 -48.97
C THR M 200 50.03 50.79 -48.80
N ALA M 201 50.96 49.89 -48.49
CA ALA M 201 52.38 50.22 -48.44
C ALA M 201 53.15 48.99 -48.88
N PHE M 202 53.78 49.09 -50.04
CA PHE M 202 54.56 48.01 -50.63
C PHE M 202 56.04 48.31 -50.52
N GLU M 203 56.81 47.30 -50.12
CA GLU M 203 58.24 47.43 -50.02
C GLU M 203 58.87 47.34 -51.40
N ASN M 204 59.69 48.31 -51.72
CA ASN M 204 60.29 48.38 -53.04
C ASN M 204 61.34 47.28 -53.22
N SER M 205 61.75 47.09 -54.47
CA SER M 205 62.61 45.98 -54.84
C SER M 205 63.43 46.38 -56.05
N ILE M 206 64.45 45.57 -56.34
CA ILE M 206 65.27 45.77 -57.53
C ILE M 206 64.46 45.44 -58.78
N TYR M 207 63.52 44.54 -58.68
CA TYR M 207 62.67 44.13 -59.79
C TYR M 207 61.30 44.78 -59.68
N ASP M 208 60.65 44.90 -60.84
CA ASP M 208 59.31 45.46 -60.87
C ASP M 208 58.31 44.45 -60.33
N GLN M 209 57.42 44.92 -59.47
CA GLN M 209 56.37 44.12 -58.85
C GLN M 209 55.03 44.54 -59.43
N GLU M 210 54.45 43.70 -60.26
CA GLU M 210 53.16 43.97 -60.89
C GLU M 210 52.06 43.16 -60.22
N TYR M 211 50.86 43.73 -60.25
CA TYR M 211 49.68 43.11 -59.66
C TYR M 211 48.48 43.38 -60.55
N ASN M 212 47.56 42.43 -60.58
CA ASN M 212 46.25 42.59 -61.20
C ASN M 212 45.24 42.65 -60.07
N ILE M 213 44.67 43.82 -59.84
CA ILE M 213 43.80 44.05 -58.69
C ILE M 213 42.36 43.91 -59.15
N ARG M 214 41.64 43.01 -58.48
CA ARG M 214 40.24 42.73 -58.77
C ARG M 214 39.41 43.18 -57.56
N VAL M 215 38.64 44.24 -57.75
CA VAL M 215 37.74 44.75 -56.73
C VAL M 215 36.35 44.21 -57.02
N THR M 216 35.72 43.67 -55.99
CA THR M 216 34.37 43.15 -56.05
C THR M 216 33.54 43.87 -55.00
N MET M 217 32.51 44.56 -55.43
CA MET M 217 31.59 45.25 -54.55
C MET M 217 30.29 44.49 -54.42
N TYR M 218 29.89 44.23 -53.19
CA TYR M 218 28.64 43.59 -52.87
C TYR M 218 27.62 44.66 -52.51
N VAL M 219 26.69 44.91 -53.41
CA VAL M 219 25.79 46.05 -53.31
C VAL M 219 24.38 45.56 -53.05
N GLN M 220 23.52 46.50 -52.69
CA GLN M 220 22.13 46.23 -52.37
C GLN M 220 21.33 47.39 -52.92
N PHE M 221 20.48 47.11 -53.89
CA PHE M 221 19.66 48.11 -54.55
C PHE M 221 18.24 48.10 -54.00
N ARG M 222 17.46 49.09 -54.42
CA ARG M 222 16.11 49.27 -53.94
C ARG M 222 15.31 50.03 -54.98
N GLU M 223 14.01 49.74 -55.02
CA GLU M 223 13.04 50.45 -55.84
C GLU M 223 13.34 50.33 -57.33
N PHE M 224 13.13 49.11 -57.81
CA PHE M 224 13.06 48.80 -59.23
C PHE M 224 12.25 49.86 -59.97
N ASN M 225 12.86 50.49 -60.96
CA ASN M 225 12.31 51.67 -61.60
C ASN M 225 12.42 51.59 -63.11
N LEU M 226 12.14 50.42 -63.67
CA LEU M 226 12.23 50.27 -65.11
C LEU M 226 11.16 51.11 -65.79
N LYS M 227 11.53 51.67 -66.93
CA LYS M 227 10.64 52.48 -67.75
C LYS M 227 10.49 51.84 -69.11
N ASP M 228 9.24 51.63 -69.53
CA ASP M 228 8.91 50.89 -70.74
C ASP M 228 8.06 51.76 -71.65
N PRO M 229 8.68 52.61 -72.45
CA PRO M 229 7.93 53.35 -73.45
C PRO M 229 7.54 52.44 -74.61
N PRO M 230 6.61 52.89 -75.46
CA PRO M 230 6.31 52.10 -76.65
C PRO M 230 7.44 52.11 -77.66
N LEU M 231 7.23 51.43 -78.79
CA LEU M 231 8.24 51.31 -79.84
C LEU M 231 7.62 51.41 -81.23
N GLY N 43 45.27 53.78 -14.98
CA GLY N 43 44.80 53.96 -16.34
C GLY N 43 45.55 53.11 -17.34
N ILE N 44 45.15 51.86 -17.44
CA ILE N 44 45.87 50.87 -18.23
C ILE N 44 45.52 51.03 -19.70
N PHE N 45 46.51 50.81 -20.55
CA PHE N 45 46.31 50.81 -21.99
C PHE N 45 47.31 49.83 -22.59
N ASN N 46 46.84 48.65 -22.94
CA ASN N 46 47.64 47.67 -23.65
C ASN N 46 47.60 47.97 -25.13
N THR N 47 48.77 48.07 -25.74
CA THR N 47 48.87 48.30 -27.17
C THR N 47 50.03 47.49 -27.73
N ARG N 48 50.41 47.82 -28.97
CA ARG N 48 51.37 47.07 -29.75
C ARG N 48 52.19 48.04 -30.58
N LEU N 49 53.51 47.95 -30.45
CA LEU N 49 54.44 48.82 -31.14
C LEU N 49 55.41 47.96 -31.92
N SER N 50 55.71 48.38 -33.15
CA SER N 50 56.53 47.64 -34.07
C SER N 50 57.66 48.49 -34.61
N ARG N 51 58.58 47.82 -35.28
CA ARG N 51 59.83 48.39 -35.77
C ARG N 51 60.46 47.35 -36.69
N THR N 52 61.05 47.80 -37.78
CA THR N 52 61.60 46.94 -38.80
C THR N 52 63.01 47.39 -39.16
N PHE N 53 63.90 46.42 -39.33
CA PHE N 53 65.29 46.69 -39.67
C PHE N 53 65.89 45.44 -40.29
N GLY N 54 67.08 45.62 -40.85
CA GLY N 54 67.76 44.57 -41.58
C GLY N 54 68.89 43.89 -40.85
N TYR N 55 69.20 42.67 -41.28
CA TYR N 55 70.32 41.90 -40.77
C TYR N 55 70.81 41.00 -41.89
N THR N 56 72.12 41.02 -42.13
CA THR N 56 72.74 40.23 -43.18
C THR N 56 73.86 39.39 -42.62
N ILE N 57 73.93 38.16 -43.09
CA ILE N 57 75.02 37.24 -42.81
C ILE N 57 75.85 37.17 -44.09
N LYS N 58 77.00 37.82 -44.08
CA LYS N 58 77.84 37.88 -45.25
C LYS N 58 78.40 36.51 -45.61
N ARG N 59 78.79 36.36 -46.87
CA ARG N 59 79.33 35.12 -47.38
C ARG N 59 80.72 34.85 -46.84
N THR N 60 81.12 33.58 -46.90
CA THR N 60 82.44 33.15 -46.48
C THR N 60 82.94 32.06 -47.41
N THR N 61 84.22 32.13 -47.76
CA THR N 61 84.89 31.09 -48.52
C THR N 61 85.24 29.87 -47.67
N VAL N 62 85.04 29.94 -46.36
CA VAL N 62 85.35 28.82 -45.48
C VAL N 62 84.53 27.60 -45.89
N LYS N 63 85.18 26.44 -45.91
CA LYS N 63 84.54 25.21 -46.33
C LYS N 63 83.75 24.56 -45.21
N THR N 64 84.26 24.63 -43.99
CA THR N 64 83.64 23.97 -42.87
C THR N 64 82.27 24.56 -42.56
N PRO N 65 81.46 23.86 -41.77
CA PRO N 65 80.25 24.49 -41.22
C PRO N 65 80.61 25.38 -40.06
N SER N 66 80.55 26.68 -40.28
CA SER N 66 80.76 27.67 -39.25
C SER N 66 79.49 28.48 -39.05
N TRP N 67 79.36 29.07 -37.88
CA TRP N 67 78.19 29.83 -37.51
C TRP N 67 78.56 31.27 -37.18
N ALA N 68 77.61 32.16 -37.48
CA ALA N 68 77.74 33.59 -37.21
C ALA N 68 76.86 33.94 -36.03
N VAL N 69 77.46 34.47 -34.98
CA VAL N 69 76.77 34.74 -33.73
C VAL N 69 76.54 36.24 -33.63
N ASP N 70 75.37 36.60 -33.11
CA ASP N 70 75.03 38.00 -32.89
C ASP N 70 73.98 38.06 -31.79
N MET N 71 73.76 39.27 -31.31
CA MET N 71 72.87 39.56 -30.20
C MET N 71 71.75 40.49 -30.64
N MET N 72 70.75 40.61 -29.76
CA MET N 72 69.58 41.43 -30.05
C MET N 72 69.00 41.92 -28.74
N ARG N 73 69.05 43.23 -28.53
CA ARG N 73 68.42 43.91 -27.41
C ARG N 73 67.19 44.67 -27.89
N PHE N 74 66.38 45.11 -26.93
CA PHE N 74 65.14 45.82 -27.21
C PHE N 74 65.05 47.02 -26.28
N ASN N 75 64.89 48.20 -26.88
CA ASN N 75 64.66 49.44 -26.13
C ASN N 75 63.42 50.12 -26.68
N ILE N 76 62.72 50.84 -25.81
CA ILE N 76 61.47 51.47 -26.17
C ILE N 76 61.67 52.80 -26.90
N ASN N 77 62.87 53.36 -26.88
CA ASN N 77 63.12 54.57 -27.64
C ASN N 77 63.04 54.30 -29.13
N ASP N 78 63.38 53.09 -29.55
CA ASP N 78 63.34 52.72 -30.96
C ASP N 78 61.93 52.46 -31.46
N PHE N 79 60.96 52.30 -30.56
CA PHE N 79 59.56 52.07 -30.92
C PHE N 79 58.67 53.27 -30.65
N LEU N 80 59.00 54.06 -29.64
CA LEU N 80 58.21 55.21 -29.22
C LEU N 80 58.99 56.49 -29.46
N PRO N 81 58.60 57.35 -30.40
CA PRO N 81 59.40 58.54 -30.65
C PRO N 81 59.17 59.58 -29.58
N PRO N 82 59.97 60.65 -29.60
CA PRO N 82 59.69 61.77 -28.69
C PRO N 82 58.46 62.54 -29.14
N GLY N 83 57.76 63.08 -28.16
CA GLY N 83 56.55 63.82 -28.44
C GLY N 83 56.81 65.25 -28.82
N GLY N 84 55.96 66.14 -28.35
CA GLY N 84 56.11 67.55 -28.62
C GLY N 84 55.42 68.42 -27.60
N GLY N 85 56.13 69.43 -27.12
CA GLY N 85 55.59 70.35 -26.15
C GLY N 85 55.74 69.86 -24.72
N SER N 86 54.70 70.08 -23.93
CA SER N 86 54.74 69.67 -22.54
C SER N 86 54.68 68.17 -22.36
N ASN N 87 54.29 67.43 -23.40
CA ASN N 87 54.29 65.98 -23.37
C ASN N 87 55.59 65.48 -23.96
N PRO N 88 56.52 64.92 -23.17
CA PRO N 88 57.82 64.57 -23.72
C PRO N 88 57.79 63.39 -24.67
N ARG N 89 56.78 62.53 -24.58
CA ARG N 89 56.65 61.35 -25.42
C ARG N 89 55.34 61.39 -26.18
N SER N 90 55.26 60.58 -27.23
CA SER N 90 54.14 60.61 -28.13
C SER N 90 52.94 59.83 -27.60
N VAL N 91 53.18 58.87 -26.71
CA VAL N 91 52.13 58.15 -26.01
C VAL N 91 52.02 58.74 -24.61
N PRO N 92 50.95 59.47 -24.26
CA PRO N 92 50.96 60.22 -23.01
C PRO N 92 50.66 59.36 -21.77
N PHE N 93 51.69 58.65 -21.34
CA PHE N 93 51.62 57.84 -20.14
C PHE N 93 52.93 57.98 -19.37
N GLU N 94 52.87 57.63 -18.10
CA GLU N 94 54.01 57.75 -17.19
C GLU N 94 54.83 56.48 -17.08
N TYR N 95 54.16 55.36 -16.83
CA TYR N 95 54.80 54.10 -16.55
C TYR N 95 54.56 53.12 -17.70
N TYR N 96 55.40 52.09 -17.74
CA TYR N 96 55.26 51.05 -18.73
C TYR N 96 55.89 49.77 -18.21
N ARG N 97 55.53 48.67 -18.85
CA ARG N 97 56.19 47.40 -18.64
C ARG N 97 55.94 46.54 -19.85
N ILE N 98 57.01 45.98 -20.40
CA ILE N 98 56.92 45.19 -21.62
C ILE N 98 56.46 43.78 -21.26
N ARG N 99 55.35 43.37 -21.86
CA ARG N 99 54.75 42.08 -21.58
C ARG N 99 55.34 40.98 -22.45
N LYS N 100 55.43 41.21 -23.75
CA LYS N 100 55.91 40.23 -24.70
C LYS N 100 56.63 40.94 -25.84
N VAL N 101 57.46 40.18 -26.55
CA VAL N 101 58.09 40.62 -27.77
C VAL N 101 57.96 39.50 -28.78
N LYS N 102 57.74 39.88 -30.03
CA LYS N 102 57.69 38.97 -31.17
C LYS N 102 58.74 39.41 -32.16
N VAL N 103 59.80 38.64 -32.26
CA VAL N 103 60.84 38.85 -33.25
C VAL N 103 60.55 37.95 -34.44
N GLU N 104 60.45 38.54 -35.62
CA GLU N 104 60.13 37.85 -36.85
C GLU N 104 61.28 38.05 -37.81
N PHE N 105 61.93 36.97 -38.20
CA PHE N 105 62.94 36.98 -39.26
C PHE N 105 62.23 36.70 -40.56
N TRP N 106 61.94 37.76 -41.30
CA TRP N 106 61.34 37.64 -42.61
C TRP N 106 62.45 37.51 -43.64
N PRO N 107 62.53 36.42 -44.39
CA PRO N 107 63.64 36.26 -45.32
C PRO N 107 63.57 37.21 -46.49
N CYS N 108 64.75 37.45 -47.06
CA CYS N 108 64.91 38.25 -48.25
C CYS N 108 65.42 37.44 -49.42
N SER N 109 65.61 36.15 -49.26
CA SER N 109 66.29 35.30 -50.20
C SER N 109 65.29 34.41 -50.93
N PRO N 110 65.56 34.04 -52.17
CA PRO N 110 64.61 33.23 -52.92
C PRO N 110 64.59 31.79 -52.42
N ILE N 111 63.50 31.11 -52.75
CA ILE N 111 63.38 29.70 -52.38
C ILE N 111 64.25 28.78 -53.22
N THR N 112 64.91 29.31 -54.24
CA THR N 112 65.84 28.53 -55.06
C THR N 112 67.27 28.61 -54.57
N GLN N 113 67.53 29.33 -53.48
CA GLN N 113 68.90 29.51 -53.02
C GLN N 113 69.38 28.24 -52.35
N GLY N 114 70.59 27.83 -52.69
CA GLY N 114 71.19 26.64 -52.16
C GLY N 114 72.15 26.94 -51.02
N ASP N 115 72.97 25.94 -50.71
CA ASP N 115 73.89 25.99 -49.58
C ASP N 115 73.13 26.28 -48.30
N ARG N 116 72.00 25.61 -48.14
CA ARG N 116 71.16 25.81 -46.99
C ARG N 116 71.87 25.38 -45.71
N GLY N 117 71.30 25.78 -44.60
CA GLY N 117 71.92 25.58 -43.31
C GLY N 117 70.92 25.44 -42.19
N VAL N 118 71.44 25.37 -40.97
CA VAL N 118 70.59 25.18 -39.79
C VAL N 118 71.23 25.89 -38.62
N GLY N 119 70.46 26.73 -37.95
CA GLY N 119 70.92 27.54 -36.85
C GLY N 119 70.05 27.42 -35.62
N SER N 120 70.19 28.38 -34.72
CA SER N 120 69.52 28.31 -33.43
C SER N 120 69.31 29.71 -32.90
N SER N 121 68.14 29.93 -32.30
CA SER N 121 67.82 31.16 -31.60
C SER N 121 67.45 30.82 -30.16
N ALA N 122 68.06 31.52 -29.21
CA ALA N 122 67.85 31.28 -27.80
C ALA N 122 67.51 32.59 -27.10
N VAL N 123 66.92 32.45 -25.92
CA VAL N 123 66.42 33.56 -25.12
C VAL N 123 67.40 33.80 -23.99
N ILE N 124 67.96 35.01 -23.93
CA ILE N 124 69.06 35.37 -23.04
C ILE N 124 68.63 36.60 -22.26
N LEU N 125 68.17 36.39 -21.03
CA LEU N 125 67.52 37.43 -20.26
C LEU N 125 68.46 38.18 -19.31
N ASP N 126 69.76 38.27 -19.62
CA ASP N 126 70.72 38.77 -18.64
C ASP N 126 71.86 39.63 -19.19
N ASP N 127 71.89 39.93 -20.48
CA ASP N 127 72.86 40.85 -21.04
C ASP N 127 74.27 40.29 -21.02
N ASN N 128 74.41 38.97 -21.04
CA ASN N 128 75.69 38.30 -21.23
C ASN N 128 75.46 37.27 -22.31
N PHE N 129 75.70 37.70 -23.54
CA PHE N 129 75.57 36.89 -24.72
C PHE N 129 76.87 36.19 -25.03
N VAL N 130 76.78 35.15 -25.86
CA VAL N 130 77.97 34.60 -26.48
C VAL N 130 78.59 35.69 -27.33
N THR N 131 79.92 35.75 -27.31
CA THR N 131 80.63 36.80 -28.01
C THR N 131 80.30 36.79 -29.50
N LYS N 132 80.16 37.98 -30.07
CA LYS N 132 79.88 38.09 -31.48
C LYS N 132 81.02 37.51 -32.29
N ALA N 133 80.67 36.62 -33.22
CA ALA N 133 81.64 35.90 -34.03
C ALA N 133 81.17 35.87 -35.47
N THR N 134 82.14 35.86 -36.38
CA THR N 134 81.88 35.79 -37.81
C THR N 134 81.77 34.35 -38.29
N ALA N 135 82.75 33.52 -37.94
CA ALA N 135 82.76 32.11 -38.34
C ALA N 135 83.26 31.31 -37.14
N LEU N 136 82.34 30.90 -36.29
CA LEU N 136 82.62 30.04 -35.15
C LEU N 136 82.37 28.59 -35.53
N THR N 137 83.21 27.70 -35.02
CA THR N 137 83.24 26.30 -35.43
C THR N 137 82.10 25.47 -34.84
N TYR N 138 81.14 26.09 -34.17
CA TYR N 138 80.04 25.34 -33.58
C TYR N 138 78.89 26.31 -33.33
N ASP N 139 77.73 25.74 -33.04
CA ASP N 139 76.54 26.49 -32.70
C ASP N 139 76.44 26.59 -31.20
N PRO N 140 76.71 27.74 -30.58
CA PRO N 140 76.71 27.78 -29.12
C PRO N 140 75.32 27.66 -28.53
N TYR N 141 74.31 28.15 -29.22
CA TYR N 141 72.95 28.19 -28.70
C TYR N 141 72.18 26.91 -28.99
N VAL N 142 72.86 25.82 -29.34
CA VAL N 142 72.17 24.62 -29.78
C VAL N 142 71.63 23.83 -28.60
N ASN N 143 72.41 23.74 -27.52
CA ASN N 143 72.03 22.96 -26.36
C ASN N 143 71.24 23.78 -25.34
N TYR N 144 70.92 25.02 -25.66
CA TYR N 144 70.12 25.83 -24.76
C TYR N 144 68.70 25.31 -24.69
N SER N 145 68.12 25.40 -23.49
CA SER N 145 66.77 24.94 -23.27
C SER N 145 65.75 25.75 -24.05
N SER N 146 66.08 26.97 -24.43
CA SER N 146 65.21 27.84 -25.20
C SER N 146 65.58 27.89 -26.67
N ARG N 147 66.26 26.87 -27.17
CA ARG N 147 66.68 26.86 -28.55
C ARG N 147 65.52 26.47 -29.44
N HIS N 148 65.33 27.25 -30.50
CA HIS N 148 64.48 26.90 -31.62
C HIS N 148 65.36 26.85 -32.84
N THR N 149 65.13 25.86 -33.68
CA THR N 149 65.92 25.70 -34.90
C THR N 149 65.55 26.76 -35.92
N ILE N 150 66.57 27.33 -36.53
CA ILE N 150 66.43 28.26 -37.63
C ILE N 150 66.80 27.49 -38.89
N THR N 151 65.81 27.22 -39.71
CA THR N 151 66.06 26.79 -41.08
C THR N 151 66.42 28.01 -41.91
N GLN N 152 67.45 27.87 -42.72
CA GLN N 152 68.01 28.93 -43.53
C GLN N 152 67.99 28.53 -44.99
N PRO N 153 68.03 29.50 -45.91
CA PRO N 153 67.95 30.96 -45.81
C PRO N 153 66.58 31.55 -46.05
N PHE N 154 65.67 30.76 -46.62
CA PHE N 154 64.42 31.26 -47.15
C PHE N 154 63.22 30.89 -46.29
N SER N 155 63.44 30.75 -44.99
CA SER N 155 62.41 30.27 -44.08
C SER N 155 62.18 31.29 -42.98
N TYR N 156 60.93 31.39 -42.57
CA TYR N 156 60.49 32.33 -41.56
C TYR N 156 60.72 31.74 -40.17
N HIS N 157 61.16 32.60 -39.26
CA HIS N 157 61.45 32.23 -37.89
C HIS N 157 60.86 33.28 -36.98
N SER N 158 60.00 32.84 -36.06
CA SER N 158 59.40 33.70 -35.05
C SER N 158 59.80 33.23 -33.67
N ARG N 159 59.90 34.19 -32.75
CA ARG N 159 60.15 33.91 -31.35
C ARG N 159 59.27 34.86 -30.55
N TYR N 160 58.48 34.31 -29.64
CA TYR N 160 57.52 35.05 -28.82
C TYR N 160 57.81 34.74 -27.37
N PHE N 161 58.22 35.76 -26.63
CA PHE N 161 58.71 35.58 -25.28
C PHE N 161 58.53 36.87 -24.50
N THR N 162 58.85 36.79 -23.22
CA THR N 162 58.73 37.90 -22.29
C THR N 162 60.12 38.40 -21.92
N PRO N 163 60.54 39.59 -22.35
CA PRO N 163 61.88 40.05 -22.00
C PRO N 163 61.99 40.51 -20.57
N LYS N 164 63.19 40.90 -20.18
CA LYS N 164 63.48 41.36 -18.84
C LYS N 164 64.36 42.60 -18.94
N PRO N 165 64.18 43.58 -18.05
CA PRO N 165 65.02 44.77 -18.12
C PRO N 165 66.36 44.58 -17.40
N VAL N 166 67.30 45.41 -17.82
CA VAL N 166 68.65 45.41 -17.29
C VAL N 166 68.68 46.41 -16.14
N LEU N 167 68.34 45.93 -14.95
CA LEU N 167 68.33 46.76 -13.76
C LEU N 167 69.72 46.92 -13.18
N ASP N 168 70.48 45.84 -13.09
CA ASP N 168 71.87 45.87 -12.63
C ASP N 168 72.66 44.91 -13.50
N SER N 169 73.50 45.46 -14.38
CA SER N 169 74.32 44.64 -15.24
C SER N 169 75.44 43.92 -14.50
N THR N 170 75.77 44.38 -13.30
CA THR N 170 76.82 43.73 -12.51
C THR N 170 76.34 42.42 -11.90
N ILE N 171 75.10 42.39 -11.43
CA ILE N 171 74.53 41.23 -10.76
C ILE N 171 73.66 40.46 -11.72
N ASP N 172 72.98 41.18 -12.60
CA ASP N 172 72.14 40.60 -13.64
C ASP N 172 71.05 39.73 -13.03
N TYR N 173 70.15 40.39 -12.31
CA TYR N 173 69.00 39.75 -11.69
C TYR N 173 67.73 40.10 -12.46
N PHE N 174 66.80 39.15 -12.50
CA PHE N 174 65.54 39.36 -13.17
C PHE N 174 64.44 38.57 -12.48
N GLN N 175 63.27 38.91 -12.79
CA GLN N 175 62.07 38.34 -12.21
C GLN N 175 61.56 37.16 -13.05
N PRO N 176 60.93 36.18 -12.44
CA PRO N 176 60.21 35.20 -13.24
C PRO N 176 58.93 35.75 -13.83
N ASN N 177 58.29 34.98 -14.68
CA ASN N 177 57.11 35.45 -15.39
C ASN N 177 55.92 35.49 -14.44
N ASN N 178 55.40 36.68 -14.22
CA ASN N 178 54.21 36.87 -13.40
C ASN N 178 53.57 38.16 -13.86
N LYS N 179 52.38 38.06 -14.44
CA LYS N 179 51.75 39.25 -14.97
C LYS N 179 51.35 40.21 -13.85
N ARG N 180 51.05 39.69 -12.67
CA ARG N 180 50.56 40.52 -11.58
C ARG N 180 51.67 41.20 -10.82
N ASN N 181 52.88 40.64 -10.82
CA ASN N 181 53.99 41.13 -10.04
C ASN N 181 55.08 41.79 -10.88
N GLN N 182 54.88 41.91 -12.20
CA GLN N 182 55.89 42.50 -13.05
C GLN N 182 56.08 43.97 -12.71
N LEU N 183 57.32 44.38 -12.64
CA LEU N 183 57.66 45.73 -12.26
C LEU N 183 57.20 46.72 -13.31
N TRP N 184 56.78 47.89 -12.85
CA TRP N 184 56.50 49.03 -13.69
C TRP N 184 57.75 49.89 -13.74
N LEU N 185 58.23 50.16 -14.94
CA LEU N 185 59.29 51.12 -15.17
C LEU N 185 58.70 52.45 -15.55
N ARG N 186 59.52 53.49 -15.49
CA ARG N 186 59.14 54.81 -15.94
C ARG N 186 59.50 55.00 -17.40
N LEU N 187 58.59 55.62 -18.12
CA LEU N 187 58.82 56.01 -19.50
C LEU N 187 59.61 57.31 -19.48
N GLN N 188 60.93 57.16 -19.55
CA GLN N 188 61.82 58.29 -19.51
C GLN N 188 61.69 59.09 -20.80
N THR N 189 62.37 60.24 -20.82
CA THR N 189 62.33 61.11 -21.98
C THR N 189 63.29 60.65 -23.07
N ALA N 190 64.58 60.44 -22.72
CA ALA N 190 65.55 59.98 -23.70
C ALA N 190 66.56 58.99 -23.12
N GLY N 191 66.20 58.26 -22.07
CA GLY N 191 67.15 57.43 -21.37
C GLY N 191 66.61 56.11 -20.88
N ASN N 192 65.67 55.53 -21.60
CA ASN N 192 65.04 54.29 -21.17
C ASN N 192 66.04 53.14 -21.15
N VAL N 193 65.71 52.14 -20.36
CA VAL N 193 66.60 51.02 -20.08
C VAL N 193 66.41 49.95 -21.13
N ASP N 194 67.49 49.25 -21.44
CA ASP N 194 67.48 48.24 -22.48
C ASP N 194 66.90 46.95 -21.95
N HIS N 195 65.93 46.42 -22.67
CA HIS N 195 65.44 45.07 -22.44
C HIS N 195 66.19 44.10 -23.33
N VAL N 196 66.21 42.85 -22.89
CA VAL N 196 67.13 41.86 -23.43
C VAL N 196 66.38 40.53 -23.51
N GLY N 197 66.94 39.59 -24.27
CA GLY N 197 66.23 38.35 -24.48
C GLY N 197 66.33 37.58 -25.78
N LEU N 198 67.25 37.93 -26.69
CA LEU N 198 67.43 37.04 -27.84
C LEU N 198 68.87 37.05 -28.35
N GLY N 199 69.37 35.84 -28.59
CA GLY N 199 70.63 35.65 -29.26
C GLY N 199 70.49 34.57 -30.31
N THR N 200 71.26 34.74 -31.39
CA THR N 200 71.10 33.94 -32.59
C THR N 200 72.44 33.35 -33.00
N ALA N 201 72.34 32.31 -33.83
CA ALA N 201 73.50 31.70 -34.47
C ALA N 201 73.07 31.22 -35.84
N PHE N 202 73.58 31.87 -36.87
CA PHE N 202 73.27 31.56 -38.26
C PHE N 202 74.44 30.86 -38.92
N GLU N 203 74.16 29.80 -39.65
CA GLU N 203 75.17 29.06 -40.38
C GLU N 203 75.54 29.82 -41.64
N ASN N 204 76.83 30.05 -41.82
CA ASN N 204 77.31 30.81 -42.95
C ASN N 204 77.15 30.04 -44.24
N SER N 205 77.30 30.75 -45.36
CA SER N 205 77.03 30.21 -46.68
C SER N 205 77.89 30.93 -47.71
N ILE N 206 77.93 30.36 -48.90
CA ILE N 206 78.65 30.98 -50.01
C ILE N 206 77.93 32.23 -50.47
N TYR N 207 76.62 32.27 -50.31
CA TYR N 207 75.81 33.41 -50.71
C TYR N 207 75.43 34.23 -49.49
N ASP N 208 75.14 35.50 -49.74
CA ASP N 208 74.71 36.39 -48.68
C ASP N 208 73.28 36.08 -48.27
N GLN N 209 73.04 36.01 -46.97
CA GLN N 209 71.72 35.73 -46.41
C GLN N 209 71.21 37.00 -45.73
N GLU N 210 70.23 37.63 -46.34
CA GLU N 210 69.63 38.85 -45.82
C GLU N 210 68.29 38.56 -45.17
N TYR N 211 67.95 39.37 -44.18
CA TYR N 211 66.69 39.25 -43.45
C TYR N 211 66.18 40.64 -43.14
N ASN N 212 64.85 40.76 -43.11
CA ASN N 212 64.16 41.95 -42.63
C ASN N 212 63.52 41.57 -41.30
N ILE N 213 64.04 42.10 -40.21
CA ILE N 213 63.62 41.70 -38.87
C ILE N 213 62.60 42.70 -38.37
N ARG N 214 61.43 42.21 -38.01
CA ARG N 214 60.32 43.00 -37.49
C ARG N 214 60.11 42.62 -36.04
N VAL N 215 60.42 43.54 -35.14
CA VAL N 215 60.21 43.37 -33.71
C VAL N 215 58.91 44.06 -33.35
N THR N 216 58.06 43.36 -32.62
CA THR N 216 56.79 43.87 -32.13
C THR N 216 56.78 43.70 -30.63
N MET N 217 56.67 44.82 -29.91
CA MET N 217 56.58 44.82 -28.46
C MET N 217 55.15 45.07 -28.01
N TYR N 218 54.66 44.19 -27.16
CA TYR N 218 53.35 44.31 -26.56
C TYR N 218 53.51 44.91 -25.18
N VAL N 219 53.14 46.17 -25.04
CA VAL N 219 53.44 46.96 -23.86
C VAL N 219 52.15 47.25 -23.11
N GLN N 220 52.30 47.74 -21.89
CA GLN N 220 51.20 48.06 -21.00
C GLN N 220 51.59 49.32 -20.25
N PHE N 221 50.87 50.39 -20.50
CA PHE N 221 51.13 51.68 -19.90
C PHE N 221 50.19 51.94 -18.72
N ARG N 222 50.47 53.03 -18.00
CA ARG N 222 49.72 53.36 -16.80
C ARG N 222 49.82 54.86 -16.57
N GLU N 223 48.77 55.41 -15.96
CA GLU N 223 48.73 56.80 -15.51
C GLU N 223 48.87 57.79 -16.68
N PHE N 224 47.82 57.81 -17.48
CA PHE N 224 47.59 58.86 -18.47
C PHE N 224 47.90 60.22 -17.89
N ASN N 225 48.82 60.94 -18.53
CA ASN N 225 49.38 62.16 -17.97
C ASN N 225 49.44 63.27 -19.00
N LEU N 226 48.40 63.41 -19.79
CA LEU N 226 48.38 64.45 -20.80
C LEU N 226 48.37 65.83 -20.14
N LYS N 227 49.07 66.76 -20.76
CA LYS N 227 49.15 68.14 -20.31
C LYS N 227 48.61 69.05 -21.39
N ASP N 228 47.67 69.91 -21.01
CA ASP N 228 46.92 70.75 -21.95
C ASP N 228 47.08 72.21 -21.55
N PRO N 229 48.16 72.86 -21.96
CA PRO N 229 48.28 74.28 -21.74
C PRO N 229 47.37 75.06 -22.68
N PRO N 230 47.15 76.35 -22.42
CA PRO N 230 46.40 77.15 -23.38
C PRO N 230 47.16 77.40 -24.68
N LEU N 231 46.55 78.14 -25.58
CA LEU N 231 47.13 78.43 -26.88
C LEU N 231 46.86 79.87 -27.32
N GLY O 43 70.59 9.48 -8.83
CA GLY O 43 70.46 10.85 -9.27
C GLY O 43 70.31 10.98 -10.77
N ILE O 44 69.09 10.78 -11.24
CA ILE O 44 68.81 10.71 -12.66
C ILE O 44 68.76 12.11 -13.25
N PHE O 45 69.24 12.22 -14.49
CA PHE O 45 69.16 13.45 -15.24
C PHE O 45 69.05 13.09 -16.72
N ASN O 46 67.85 13.17 -17.25
CA ASN O 46 67.62 12.99 -18.66
C ASN O 46 67.87 14.30 -19.39
N THR O 47 68.71 14.26 -20.40
CA THR O 47 68.99 15.43 -21.21
C THR O 47 69.12 15.02 -22.68
N ARG O 48 69.65 15.95 -23.48
CA ARG O 48 69.70 15.82 -24.92
C ARG O 48 70.99 16.45 -25.42
N LEU O 49 71.75 15.67 -26.18
CA LEU O 49 73.03 16.09 -26.72
C LEU O 49 73.02 15.92 -28.22
N SER O 50 73.57 16.91 -28.92
CA SER O 50 73.53 16.97 -30.37
C SER O 50 74.93 17.17 -30.93
N ARG O 51 75.00 17.02 -32.24
CA ARG O 51 76.24 17.01 -33.01
C ARG O 51 75.86 17.06 -34.46
N THR O 52 76.63 17.81 -35.25
CA THR O 52 76.33 18.04 -36.66
C THR O 52 77.59 17.81 -37.49
N PHE O 53 77.40 17.16 -38.64
CA PHE O 53 78.51 16.86 -39.54
C PHE O 53 77.94 16.61 -40.93
N GLY O 54 78.85 16.54 -41.89
CA GLY O 54 78.48 16.41 -43.29
C GLY O 54 78.67 15.04 -43.89
N TYR O 55 77.92 14.78 -44.96
CA TYR O 55 78.01 13.56 -45.73
C TYR O 55 77.67 13.88 -47.17
N THR O 56 78.51 13.44 -48.10
CA THR O 56 78.33 13.70 -49.51
C THR O 56 78.37 12.39 -50.29
N ILE O 57 77.47 12.28 -51.26
CA ILE O 57 77.46 11.19 -52.22
C ILE O 57 77.95 11.79 -53.53
N LYS O 58 79.19 11.47 -53.88
CA LYS O 58 79.80 12.02 -55.07
C LYS O 58 79.11 11.53 -56.33
N ARG O 59 79.28 12.29 -57.41
CA ARG O 59 78.67 11.99 -58.69
C ARG O 59 79.33 10.78 -59.34
N THR O 60 78.60 10.18 -60.27
CA THR O 60 79.08 9.04 -61.05
C THR O 60 78.59 9.15 -62.48
N THR O 61 79.47 8.83 -63.42
CA THR O 61 79.10 8.74 -64.83
C THR O 61 78.36 7.45 -65.16
N VAL O 62 78.24 6.52 -64.21
CA VAL O 62 77.54 5.27 -64.45
C VAL O 62 76.10 5.55 -64.83
N LYS O 63 75.62 4.83 -65.83
CA LYS O 63 74.27 5.02 -66.34
C LYS O 63 73.24 4.27 -65.52
N THR O 64 73.58 3.09 -65.05
CA THR O 64 72.64 2.25 -64.34
C THR O 64 72.21 2.88 -63.03
N PRO O 65 71.15 2.38 -62.42
CA PRO O 65 70.85 2.76 -61.04
C PRO O 65 71.73 1.98 -60.09
N SER O 66 72.70 2.66 -59.50
CA SER O 66 73.57 2.10 -58.49
C SER O 66 73.39 2.86 -57.19
N TRP O 67 73.72 2.19 -56.09
CA TRP O 67 73.56 2.75 -54.77
C TRP O 67 74.90 2.84 -54.05
N ALA O 68 75.01 3.86 -53.19
CA ALA O 68 76.18 4.10 -52.37
C ALA O 68 75.85 3.72 -50.95
N VAL O 69 76.61 2.79 -50.40
CA VAL O 69 76.36 2.23 -49.09
C VAL O 69 77.36 2.80 -48.11
N ASP O 70 76.89 3.08 -46.90
CA ASP O 70 77.74 3.59 -45.84
C ASP O 70 77.10 3.24 -44.50
N MET O 71 77.89 3.41 -43.45
CA MET O 71 77.50 3.05 -42.10
C MET O 71 77.53 4.28 -41.20
N MET O 72 76.96 4.11 -40.01
CA MET O 72 76.87 5.20 -39.04
C MET O 72 76.84 4.62 -37.64
N ARG O 73 77.88 4.91 -36.87
CA ARG O 73 77.98 4.57 -35.46
C ARG O 73 77.80 5.82 -34.62
N PHE O 74 77.60 5.61 -33.32
CA PHE O 74 77.38 6.69 -32.37
C PHE O 74 78.21 6.44 -31.13
N ASN O 75 79.04 7.42 -30.77
CA ASN O 75 79.82 7.40 -29.55
C ASN O 75 79.60 8.68 -28.78
N ILE O 76 79.67 8.57 -27.46
CA ILE O 76 79.39 9.70 -26.59
C ILE O 76 80.56 10.67 -26.46
N ASN O 77 81.75 10.27 -26.89
CA ASN O 77 82.88 11.21 -26.88
C ASN O 77 82.65 12.33 -27.86
N ASP O 78 81.95 12.07 -28.96
CA ASP O 78 81.67 13.07 -29.97
C ASP O 78 80.59 14.05 -29.56
N PHE O 79 79.83 13.75 -28.51
CA PHE O 79 78.79 14.62 -28.00
C PHE O 79 79.15 15.27 -26.68
N LEU O 80 79.93 14.59 -25.86
CA LEU O 80 80.30 15.07 -24.52
C LEU O 80 81.79 15.35 -24.48
N PRO O 81 82.24 16.60 -24.37
CA PRO O 81 83.67 16.85 -24.38
C PRO O 81 84.31 16.49 -23.06
N PRO O 82 85.64 16.50 -22.99
CA PRO O 82 86.30 16.33 -21.71
C PRO O 82 86.13 17.56 -20.83
N GLY O 83 86.08 17.32 -19.53
CA GLY O 83 85.89 18.39 -18.59
C GLY O 83 87.18 19.09 -18.24
N GLY O 84 87.32 19.44 -16.97
CA GLY O 84 88.50 20.11 -16.50
C GLY O 84 88.72 19.94 -15.01
N GLY O 85 89.94 19.59 -14.63
CA GLY O 85 90.27 19.41 -13.24
C GLY O 85 89.94 18.03 -12.73
N SER O 86 89.43 17.98 -11.50
CA SER O 86 89.10 16.69 -10.89
C SER O 86 87.89 16.04 -11.53
N ASN O 87 87.11 16.79 -12.30
CA ASN O 87 85.98 16.24 -13.03
C ASN O 87 86.44 15.89 -14.45
N PRO O 88 86.56 14.61 -14.81
CA PRO O 88 87.14 14.29 -16.12
C PRO O 88 86.23 14.63 -17.28
N ARG O 89 84.92 14.74 -17.06
CA ARG O 89 83.96 15.04 -18.10
C ARG O 89 83.18 16.30 -17.74
N SER O 90 82.54 16.87 -18.76
CA SER O 90 81.87 18.14 -18.61
C SER O 90 80.50 18.01 -17.97
N VAL O 91 79.88 16.84 -18.07
CA VAL O 91 78.64 16.52 -17.37
C VAL O 91 78.99 15.68 -16.16
N PRO O 92 78.85 16.18 -14.93
CA PRO O 92 79.41 15.45 -13.79
C PRO O 92 78.53 14.31 -13.30
N PHE O 93 78.60 13.19 -14.03
CA PHE O 93 77.90 11.98 -13.68
C PHE O 93 78.81 10.80 -13.95
N GLU O 94 78.46 9.67 -13.31
CA GLU O 94 79.26 8.46 -13.38
C GLU O 94 78.78 7.51 -14.47
N TYR O 95 77.49 7.23 -14.50
CA TYR O 95 76.92 6.22 -15.38
C TYR O 95 76.04 6.89 -16.43
N TYR O 96 75.78 6.16 -17.50
CA TYR O 96 74.91 6.63 -18.56
C TYR O 96 74.30 5.45 -19.28
N ARG O 97 73.24 5.74 -20.02
CA ARG O 97 72.67 4.77 -20.95
C ARG O 97 71.88 5.54 -21.98
N ILE O 98 72.14 5.26 -23.25
CA ILE O 98 71.51 5.99 -24.34
C ILE O 98 70.12 5.41 -24.57
N ARG O 99 69.12 6.27 -24.47
CA ARG O 99 67.73 5.88 -24.62
C ARG O 99 67.27 5.88 -26.06
N LYS O 100 67.56 6.95 -26.79
CA LYS O 100 67.12 7.11 -28.16
C LYS O 100 68.17 7.93 -28.91
N VAL O 101 68.13 7.82 -30.23
CA VAL O 101 68.90 8.66 -31.13
C VAL O 101 67.99 9.11 -32.26
N LYS O 102 68.17 10.36 -32.67
CA LYS O 102 67.46 10.95 -33.80
C LYS O 102 68.51 11.39 -34.81
N VAL O 103 68.58 10.67 -35.91
CA VAL O 103 69.43 11.04 -37.03
C VAL O 103 68.58 11.80 -38.03
N GLU O 104 69.02 13.00 -38.38
CA GLU O 104 68.32 13.88 -39.29
C GLU O 104 69.23 14.16 -40.46
N PHE O 105 68.81 13.77 -41.65
CA PHE O 105 69.49 14.12 -42.90
C PHE O 105 68.87 15.40 -43.41
N TRP O 106 69.53 16.51 -43.12
CA TRP O 106 69.09 17.80 -43.62
C TRP O 106 69.73 18.05 -44.97
N PRO O 107 68.95 18.21 -46.04
CA PRO O 107 69.57 18.34 -47.36
C PRO O 107 70.29 19.66 -47.54
N CYS O 108 71.23 19.63 -48.46
CA CYS O 108 72.00 20.79 -48.87
C CYS O 108 71.72 21.19 -50.32
N SER O 109 70.84 20.49 -50.99
CA SER O 109 70.64 20.60 -52.42
C SER O 109 69.35 21.34 -52.71
N PRO O 110 69.27 22.07 -53.82
CA PRO O 110 68.06 22.82 -54.11
C PRO O 110 66.92 21.91 -54.54
N ILE O 111 65.71 22.45 -54.44
CA ILE O 111 64.54 21.70 -54.87
C ILE O 111 64.40 21.61 -56.38
N THR O 112 65.24 22.30 -57.13
CA THR O 112 65.27 22.22 -58.59
C THR O 112 66.22 21.16 -59.11
N GLN O 113 66.91 20.43 -58.24
CA GLN O 113 67.90 19.47 -58.69
C GLN O 113 67.20 18.24 -59.24
N GLY O 114 67.66 17.79 -60.40
CA GLY O 114 67.11 16.63 -61.05
C GLY O 114 67.90 15.37 -60.79
N ASP O 115 67.64 14.36 -61.62
CA ASP O 115 68.23 13.04 -61.46
C ASP O 115 67.94 12.50 -60.08
N ARG O 116 66.70 12.67 -59.65
CA ARG O 116 66.28 12.23 -58.33
C ARG O 116 66.36 10.71 -58.22
N GLY O 117 66.28 10.25 -56.99
CA GLY O 117 66.47 8.85 -56.68
C GLY O 117 65.71 8.39 -55.48
N VAL O 118 65.93 7.14 -55.09
CA VAL O 118 65.22 6.55 -53.97
C VAL O 118 66.15 5.55 -53.28
N GLY O 119 66.27 5.71 -51.97
CA GLY O 119 67.17 4.91 -51.16
C GLY O 119 66.49 4.30 -49.96
N SER O 120 67.30 3.87 -49.00
CA SER O 120 66.78 3.14 -47.85
C SER O 120 67.72 3.34 -46.67
N SER O 121 67.13 3.49 -45.49
CA SER O 121 67.85 3.54 -44.23
C SER O 121 67.31 2.46 -43.32
N ALA O 122 68.21 1.66 -42.76
CA ALA O 122 67.85 0.55 -41.90
C ALA O 122 68.63 0.63 -40.59
N VAL O 123 68.11 -0.07 -39.59
CA VAL O 123 68.63 -0.06 -38.23
C VAL O 123 69.40 -1.35 -38.01
N ILE O 124 70.68 -1.22 -37.69
CA ILE O 124 71.63 -2.33 -37.63
C ILE O 124 72.29 -2.29 -36.27
N LEU O 125 71.82 -3.12 -35.35
CA LEU O 125 72.18 -3.05 -33.95
C LEU O 125 73.31 -3.99 -33.56
N ASP O 126 74.22 -4.34 -34.48
CA ASP O 126 75.20 -5.40 -34.21
C ASP O 126 76.59 -5.19 -34.79
N ASP O 127 76.87 -4.07 -35.43
CA ASP O 127 78.23 -3.75 -35.87
C ASP O 127 78.69 -4.67 -37.02
N ASN O 128 77.75 -5.19 -37.79
CA ASN O 128 78.06 -5.91 -39.02
C ASN O 128 77.14 -5.31 -40.07
N PHE O 129 77.66 -4.29 -40.74
CA PHE O 129 76.98 -3.58 -41.79
C PHE O 129 77.28 -4.22 -43.14
N VAL O 130 76.43 -3.89 -44.12
CA VAL O 130 76.79 -4.18 -45.50
C VAL O 130 78.04 -3.41 -45.82
N THR O 131 78.93 -4.04 -46.59
CA THR O 131 80.22 -3.45 -46.89
C THR O 131 80.04 -2.11 -47.60
N LYS O 132 80.89 -1.16 -47.24
CA LYS O 132 80.84 0.16 -47.87
C LYS O 132 81.14 0.03 -49.35
N ALA O 133 80.27 0.62 -50.16
CA ALA O 133 80.33 0.54 -51.61
C ALA O 133 80.07 1.90 -52.21
N THR O 134 80.69 2.14 -53.35
CA THR O 134 80.51 3.38 -54.09
C THR O 134 79.35 3.30 -55.07
N ALA O 135 79.32 2.24 -55.89
CA ALA O 135 78.24 2.03 -56.85
C ALA O 135 77.90 0.55 -56.85
N LEU O 136 76.97 0.16 -55.98
CA LEU O 136 76.46 -1.19 -55.91
C LEU O 136 75.19 -1.29 -56.74
N THR O 137 75.02 -2.43 -57.42
CA THR O 137 73.97 -2.63 -58.39
C THR O 137 72.59 -2.85 -57.78
N TYR O 138 72.43 -2.69 -56.48
CA TYR O 138 71.14 -2.91 -55.84
C TYR O 138 71.16 -2.20 -54.49
N ASP O 139 69.97 -2.07 -53.92
CA ASP O 139 69.79 -1.49 -52.60
C ASP O 139 69.76 -2.61 -51.57
N PRO O 140 70.81 -2.81 -50.77
CA PRO O 140 70.79 -3.96 -49.86
C PRO O 140 69.80 -3.80 -48.72
N TYR O 141 69.56 -2.58 -48.27
CA TYR O 141 68.71 -2.32 -47.13
C TYR O 141 67.24 -2.19 -47.49
N VAL O 142 66.84 -2.63 -48.67
CA VAL O 142 65.49 -2.39 -49.15
C VAL O 142 64.50 -3.37 -48.53
N ASN O 143 64.90 -4.63 -48.39
CA ASN O 143 64.02 -5.65 -47.86
C ASN O 143 64.12 -5.78 -46.35
N TYR O 144 64.88 -4.92 -45.70
CA TYR O 144 64.98 -4.95 -44.25
C TYR O 144 63.68 -4.51 -43.62
N SER O 145 63.34 -5.16 -42.51
CA SER O 145 62.12 -4.85 -41.78
C SER O 145 62.13 -3.44 -41.22
N SER O 146 63.30 -2.84 -41.02
CA SER O 146 63.44 -1.49 -40.51
C SER O 146 63.76 -0.49 -41.59
N ARG O 147 63.42 -0.79 -42.83
CA ARG O 147 63.71 0.10 -43.94
C ARG O 147 62.70 1.23 -43.97
N HIS O 148 63.22 2.45 -44.08
CA HIS O 148 62.45 3.63 -44.43
C HIS O 148 63.00 4.15 -45.74
N THR O 149 62.12 4.57 -46.62
CA THR O 149 62.52 5.10 -47.91
C THR O 149 63.14 6.47 -47.75
N ILE O 150 64.25 6.68 -48.45
CA ILE O 150 64.91 7.96 -48.54
C ILE O 150 64.59 8.51 -49.93
N THR O 151 63.77 9.54 -49.96
CA THR O 151 63.64 10.35 -51.15
C THR O 151 64.85 11.28 -51.26
N GLN O 152 65.39 11.38 -52.45
CA GLN O 152 66.61 12.13 -52.71
C GLN O 152 66.33 13.16 -53.80
N PRO O 153 67.13 14.23 -53.87
CA PRO O 153 68.21 14.71 -53.01
C PRO O 153 67.80 15.79 -52.02
N PHE O 154 66.64 16.40 -52.23
CA PHE O 154 66.24 17.61 -51.53
C PHE O 154 65.18 17.36 -50.48
N SER O 155 65.16 16.17 -49.90
CA SER O 155 64.12 15.78 -48.98
C SER O 155 64.73 15.38 -47.64
N TYR O 156 64.00 15.69 -46.59
CA TYR O 156 64.41 15.44 -45.22
C TYR O 156 64.06 14.01 -44.82
N HIS O 157 64.98 13.39 -44.09
CA HIS O 157 64.84 12.02 -43.63
C HIS O 157 65.25 11.96 -42.17
N SER O 158 64.34 11.49 -41.34
CA SER O 158 64.59 11.30 -39.91
C SER O 158 64.44 9.83 -39.57
N ARG O 159 65.21 9.39 -38.58
CA ARG O 159 65.12 8.06 -38.01
C ARG O 159 65.28 8.19 -36.51
N TYR O 160 64.31 7.65 -35.76
CA TYR O 160 64.26 7.73 -34.32
C TYR O 160 64.17 6.33 -33.76
N PHE O 161 65.20 5.92 -33.04
CA PHE O 161 65.32 4.53 -32.61
C PHE O 161 66.19 4.47 -31.37
N THR O 162 66.28 3.27 -30.82
CA THR O 162 67.04 2.98 -29.61
C THR O 162 68.29 2.20 -29.97
N PRO O 163 69.49 2.77 -29.87
CA PRO O 163 70.68 2.02 -30.24
C PRO O 163 71.07 1.00 -29.20
N LYS O 164 72.13 0.25 -29.49
CA LYS O 164 72.62 -0.79 -28.60
C LYS O 164 74.14 -0.68 -28.55
N PRO O 165 74.75 -0.94 -27.41
CA PRO O 165 76.21 -0.88 -27.34
C PRO O 165 76.89 -2.14 -27.81
N VAL O 166 78.14 -1.97 -28.20
CA VAL O 166 78.97 -3.06 -28.70
C VAL O 166 79.73 -3.60 -27.50
N LEU O 167 79.11 -4.57 -26.83
CA LEU O 167 79.71 -5.21 -25.67
C LEU O 167 80.70 -6.28 -26.08
N ASP O 168 80.34 -7.12 -27.05
CA ASP O 168 81.23 -8.13 -27.58
C ASP O 168 81.01 -8.18 -29.09
N SER O 169 81.99 -7.69 -29.84
CA SER O 169 81.90 -7.70 -31.30
C SER O 169 82.03 -9.09 -31.89
N THR O 170 82.56 -10.05 -31.13
CA THR O 170 82.71 -11.41 -31.62
C THR O 170 81.37 -12.14 -31.64
N ILE O 171 80.55 -11.93 -30.62
CA ILE O 171 79.28 -12.62 -30.47
C ILE O 171 78.15 -11.71 -30.93
N ASP O 172 78.30 -10.41 -30.68
CA ASP O 172 77.35 -9.39 -31.10
C ASP O 172 75.97 -9.66 -30.52
N TYR O 173 75.89 -9.57 -29.19
CA TYR O 173 74.64 -9.73 -28.46
C TYR O 173 74.15 -8.39 -27.97
N PHE O 174 72.82 -8.25 -27.92
CA PHE O 174 72.20 -7.02 -27.46
C PHE O 174 70.88 -7.33 -26.80
N GLN O 175 70.41 -6.40 -26.08
CA GLN O 175 69.18 -6.49 -25.33
C GLN O 175 67.98 -6.00 -26.12
N PRO O 176 66.81 -6.54 -25.89
CA PRO O 176 65.61 -5.91 -26.45
C PRO O 176 65.25 -4.63 -25.73
N ASN O 177 64.26 -3.92 -26.26
CA ASN O 177 63.91 -2.62 -25.73
C ASN O 177 63.16 -2.77 -24.42
N ASN O 178 63.74 -2.26 -23.35
CA ASN O 178 63.11 -2.28 -22.03
C ASN O 178 63.72 -1.13 -21.26
N LYS O 179 62.90 -0.13 -20.95
CA LYS O 179 63.44 1.02 -20.27
C LYS O 179 63.90 0.68 -18.86
N ARG O 180 63.27 -0.31 -18.22
CA ARG O 180 63.57 -0.62 -16.85
C ARG O 180 64.79 -1.52 -16.70
N ASN O 181 65.10 -2.30 -17.72
CA ASN O 181 66.17 -3.29 -17.67
C ASN O 181 67.39 -2.90 -18.49
N GLN O 182 67.39 -1.72 -19.10
CA GLN O 182 68.53 -1.31 -19.92
C GLN O 182 69.76 -1.14 -19.07
N LEU O 183 70.87 -1.66 -19.57
CA LEU O 183 72.12 -1.62 -18.85
C LEU O 183 72.62 -0.20 -18.70
N TRP O 184 73.25 0.05 -17.54
CA TRP O 184 73.98 1.28 -17.31
C TRP O 184 75.44 1.03 -17.65
N LEU O 185 75.99 1.86 -18.51
CA LEU O 185 77.41 1.88 -18.80
C LEU O 185 78.08 2.96 -17.98
N ARG O 186 79.39 2.88 -17.91
CA ARG O 186 80.20 3.91 -17.26
C ARG O 186 80.60 4.95 -18.27
N LEU O 187 80.53 6.20 -17.84
CA LEU O 187 81.02 7.33 -18.60
C LEU O 187 82.52 7.41 -18.39
N GLN O 188 83.25 6.77 -19.30
CA GLN O 188 84.69 6.72 -19.23
C GLN O 188 85.27 8.10 -19.53
N THR O 189 86.58 8.20 -19.35
CA THR O 189 87.26 9.47 -19.58
C THR O 189 87.54 9.70 -21.06
N ALA O 190 88.19 8.73 -21.73
CA ALA O 190 88.48 8.86 -23.15
C ALA O 190 88.34 7.56 -23.93
N GLY O 191 87.52 6.62 -23.45
CA GLY O 191 87.45 5.30 -24.04
C GLY O 191 86.07 4.69 -24.10
N ASN O 192 85.04 5.52 -24.27
CA ASN O 192 83.68 5.03 -24.26
C ASN O 192 83.42 4.10 -25.45
N VAL O 193 82.42 3.27 -25.29
CA VAL O 193 82.10 2.21 -26.24
C VAL O 193 81.18 2.75 -27.32
N ASP O 194 81.34 2.22 -28.52
CA ASP O 194 80.58 2.68 -29.67
C ASP O 194 79.20 2.07 -29.65
N HIS O 195 78.19 2.92 -29.79
CA HIS O 195 76.84 2.49 -30.05
C HIS O 195 76.59 2.47 -31.55
N VAL O 196 75.62 1.65 -31.95
CA VAL O 196 75.44 1.29 -33.33
C VAL O 196 73.95 1.22 -33.62
N GLY O 197 73.59 1.22 -34.90
CA GLY O 197 72.20 1.27 -35.25
C GLY O 197 71.72 1.98 -36.49
N LEU O 198 72.58 2.39 -37.41
CA LEU O 198 72.05 2.89 -38.69
C LEU O 198 72.97 2.60 -39.85
N GLY O 199 72.37 2.10 -40.92
CA GLY O 199 73.03 1.97 -42.19
C GLY O 199 72.15 2.47 -43.31
N THR O 200 72.80 3.02 -44.33
CA THR O 200 72.12 3.76 -45.38
C THR O 200 72.51 3.23 -46.74
N ALA O 201 71.67 3.56 -47.72
CA ALA O 201 71.95 3.28 -49.13
C ALA O 201 71.35 4.41 -49.94
N PHE O 202 72.21 5.22 -50.55
CA PHE O 202 71.80 6.36 -51.35
C PHE O 202 72.03 6.06 -52.82
N GLU O 203 71.05 6.40 -53.64
CA GLU O 203 71.15 6.22 -55.07
C GLU O 203 72.01 7.32 -55.67
N ASN O 204 73.00 6.91 -56.45
CA ASN O 204 73.93 7.86 -57.02
C ASN O 204 73.26 8.70 -58.10
N SER O 205 73.95 9.77 -58.51
CA SER O 205 73.39 10.75 -59.42
C SER O 205 74.53 11.41 -60.19
N ILE O 206 74.15 12.13 -61.24
CA ILE O 206 75.11 12.89 -62.02
C ILE O 206 75.64 14.07 -61.21
N TYR O 207 74.84 14.59 -60.29
CA TYR O 207 75.22 15.72 -59.46
C TYR O 207 75.58 15.23 -58.07
N ASP O 208 76.38 16.03 -57.38
CA ASP O 208 76.77 15.71 -56.02
C ASP O 208 75.61 15.98 -55.08
N GLN O 209 75.36 15.03 -54.18
CA GLN O 209 74.30 15.10 -53.18
C GLN O 209 74.95 15.28 -51.81
N GLU O 210 74.82 16.48 -51.25
CA GLU O 210 75.38 16.79 -49.95
C GLU O 210 74.28 16.82 -48.89
N TYR O 211 74.66 16.49 -47.67
CA TYR O 211 73.76 16.48 -46.54
C TYR O 211 74.49 16.98 -45.30
N ASN O 212 73.75 17.65 -44.43
CA ASN O 212 74.21 18.02 -43.10
C ASN O 212 73.47 17.14 -42.11
N ILE O 213 74.18 16.21 -41.49
CA ILE O 213 73.58 15.21 -40.63
C ILE O 213 73.69 15.67 -39.19
N ARG O 214 72.54 15.77 -38.53
CA ARG O 214 72.45 16.17 -37.14
C ARG O 214 71.97 14.98 -36.32
N VAL O 215 72.86 14.46 -35.49
CA VAL O 215 72.54 13.36 -34.58
C VAL O 215 72.25 13.95 -33.22
N THR O 216 71.14 13.52 -32.63
CA THR O 216 70.72 13.94 -31.30
C THR O 216 70.55 12.69 -30.47
N MET O 217 71.31 12.57 -29.39
CA MET O 217 71.21 11.46 -28.46
C MET O 217 70.48 11.89 -27.21
N TYR O 218 69.48 11.12 -26.84
CA TYR O 218 68.72 11.33 -25.62
C TYR O 218 69.24 10.37 -24.57
N VAL O 219 69.98 10.89 -23.61
CA VAL O 219 70.74 10.10 -22.67
C VAL O 219 70.13 10.24 -21.28
N GLN O 220 70.57 9.37 -20.39
CA GLN O 220 70.09 9.32 -19.02
C GLN O 220 71.29 8.99 -18.15
N PHE O 221 71.67 9.92 -17.29
CA PHE O 221 72.82 9.79 -16.42
C PHE O 221 72.39 9.39 -15.02
N ARG O 222 73.37 9.08 -14.18
CA ARG O 222 73.13 8.61 -12.84
C ARG O 222 74.35 8.92 -11.98
N GLU O 223 74.10 9.15 -10.69
CA GLU O 223 75.13 9.32 -9.67
C GLU O 223 76.02 10.53 -9.96
N PHE O 224 75.40 11.70 -9.79
CA PHE O 224 76.08 12.98 -9.70
C PHE O 224 77.32 12.86 -8.84
N ASN O 225 78.48 13.19 -9.41
CA ASN O 225 79.76 12.92 -8.78
C ASN O 225 80.69 14.11 -8.86
N LEU O 226 80.16 15.30 -8.63
CA LEU O 226 80.99 16.49 -8.70
C LEU O 226 82.02 16.48 -7.58
N LYS O 227 83.21 16.97 -7.90
CA LYS O 227 84.31 17.07 -6.96
C LYS O 227 84.70 18.52 -6.81
N ASP O 228 84.77 18.99 -5.56
CA ASP O 228 84.96 20.40 -5.24
C ASP O 228 86.18 20.54 -4.33
N PRO O 229 87.38 20.59 -4.91
CA PRO O 229 88.55 20.87 -4.11
C PRO O 229 88.61 22.34 -3.72
N PRO O 230 89.47 22.71 -2.78
CA PRO O 230 89.63 24.13 -2.49
C PRO O 230 90.34 24.88 -3.59
N LEU O 231 90.56 26.17 -3.39
CA LEU O 231 91.19 27.04 -4.38
C LEU O 231 92.15 28.03 -3.74
N GLY P 43 60.99 -8.32 -37.24
CA GLY P 43 60.46 -9.38 -38.09
C GLY P 43 60.68 -10.76 -37.50
N ILE P 44 59.81 -11.14 -36.60
CA ILE P 44 59.97 -12.36 -35.83
C ILE P 44 59.55 -13.55 -36.66
N PHE P 45 60.25 -14.66 -36.48
CA PHE P 45 59.91 -15.93 -37.11
C PHE P 45 60.36 -17.04 -36.18
N ASN P 46 59.40 -17.62 -35.47
CA ASN P 46 59.65 -18.78 -34.64
C ASN P 46 59.56 -20.03 -35.48
N THR P 47 60.59 -20.86 -35.44
CA THR P 47 60.61 -22.12 -36.17
C THR P 47 61.27 -23.19 -35.32
N ARG P 48 61.59 -24.30 -35.96
CA ARG P 48 62.07 -25.50 -35.30
C ARG P 48 63.10 -26.16 -36.20
N LEU P 49 64.28 -26.42 -35.64
CA LEU P 49 65.40 -27.02 -36.35
C LEU P 49 65.85 -28.25 -35.61
N SER P 50 66.14 -29.30 -36.34
CA SER P 50 66.48 -30.60 -35.80
C SER P 50 67.78 -31.12 -36.38
N ARG P 51 68.26 -32.19 -35.77
CA ARG P 51 69.56 -32.78 -36.03
C ARG P 51 69.61 -34.10 -35.29
N THR P 52 70.20 -35.11 -35.92
CA THR P 52 70.23 -36.47 -35.41
C THR P 52 71.65 -37.02 -35.47
N PHE P 53 72.04 -37.71 -34.41
CA PHE P 53 73.38 -38.30 -34.32
C PHE P 53 73.35 -39.42 -33.30
N GLY P 54 74.43 -40.18 -33.28
CA GLY P 54 74.54 -41.36 -32.45
C GLY P 54 75.38 -41.20 -31.20
N TYR P 55 75.11 -42.06 -30.23
CA TYR P 55 75.88 -42.14 -28.99
C TYR P 55 75.83 -43.57 -28.50
N THR P 56 77.00 -44.12 -28.17
CA THR P 56 77.12 -45.50 -27.73
C THR P 56 77.87 -45.55 -26.40
N ILE P 57 77.38 -46.39 -25.51
CA ILE P 57 78.04 -46.71 -24.25
C ILE P 57 78.60 -48.11 -24.43
N LYS P 58 79.92 -48.20 -24.60
CA LYS P 58 80.56 -49.47 -24.85
C LYS P 58 80.47 -50.38 -23.62
N ARG P 59 80.63 -51.67 -23.87
CA ARG P 59 80.55 -52.68 -22.83
C ARG P 59 81.77 -52.63 -21.92
N THR P 60 81.62 -53.20 -20.73
CA THR P 60 82.68 -53.29 -19.75
C THR P 60 82.59 -54.63 -19.02
N THR P 61 83.74 -55.25 -18.80
CA THR P 61 83.83 -56.46 -17.99
C THR P 61 83.76 -56.16 -16.50
N VAL P 62 83.77 -54.88 -16.09
CA VAL P 62 83.70 -54.53 -14.69
C VAL P 62 82.42 -55.07 -14.08
N LYS P 63 82.55 -55.63 -12.88
CA LYS P 63 81.41 -56.25 -12.20
C LYS P 63 80.56 -55.22 -11.46
N THR P 64 81.21 -54.22 -10.87
CA THR P 64 80.51 -53.24 -10.06
C THR P 64 79.54 -52.43 -10.90
N PRO P 65 78.62 -51.71 -10.24
CA PRO P 65 77.85 -50.70 -10.97
C PRO P 65 78.66 -49.45 -11.15
N SER P 66 79.10 -49.22 -12.38
CA SER P 66 79.82 -48.01 -12.75
C SER P 66 79.01 -47.25 -13.79
N TRP P 67 79.26 -45.95 -13.87
CA TRP P 67 78.55 -45.07 -14.77
C TRP P 67 79.51 -44.41 -15.74
N ALA P 68 78.99 -44.15 -16.93
CA ALA P 68 79.70 -43.48 -18.01
C ALA P 68 79.18 -42.07 -18.14
N VAL P 69 80.06 -41.11 -17.99
CA VAL P 69 79.69 -39.70 -17.96
C VAL P 69 80.10 -39.06 -19.28
N ASP P 70 79.24 -38.17 -19.76
CA ASP P 70 79.52 -37.44 -20.99
C ASP P 70 78.73 -36.15 -20.95
N MET P 71 79.07 -35.26 -21.87
CA MET P 71 78.52 -33.92 -21.97
C MET P 71 77.82 -33.73 -23.31
N MET P 72 77.07 -32.63 -23.40
CA MET P 72 76.30 -32.33 -24.60
C MET P 72 76.12 -30.83 -24.69
N ARG P 73 76.72 -30.23 -25.72
CA ARG P 73 76.56 -28.83 -26.06
C ARG P 73 75.69 -28.70 -27.31
N PHE P 74 75.25 -27.48 -27.57
CA PHE P 74 74.37 -27.18 -28.71
C PHE P 74 74.88 -25.94 -29.41
N ASN P 75 75.14 -26.05 -30.70
CA ASN P 75 75.51 -24.92 -31.54
C ASN P 75 74.60 -24.88 -32.76
N ILE P 76 74.36 -23.67 -33.24
CA ILE P 76 73.44 -23.47 -34.36
C ILE P 76 74.06 -23.77 -35.71
N ASN P 77 75.38 -23.87 -35.78
CA ASN P 77 76.01 -24.26 -37.04
C ASN P 77 75.64 -25.67 -37.43
N ASP P 78 75.42 -26.54 -36.45
CA ASP P 78 75.06 -27.92 -36.70
C ASP P 78 73.62 -28.10 -37.14
N PHE P 79 72.79 -27.08 -36.97
CA PHE P 79 71.38 -27.12 -37.36
C PHE P 79 71.09 -26.25 -38.58
N LEU P 80 71.83 -25.17 -38.75
CA LEU P 80 71.62 -24.21 -39.82
C LEU P 80 72.81 -24.22 -40.77
N PRO P 81 72.70 -24.70 -42.00
CA PRO P 81 73.86 -24.76 -42.86
C PRO P 81 74.21 -23.39 -43.41
N PRO P 82 75.35 -23.27 -44.07
CA PRO P 82 75.67 -22.03 -44.76
C PRO P 82 74.80 -21.87 -46.00
N GLY P 83 74.50 -20.61 -46.32
CA GLY P 83 73.67 -20.32 -47.45
C GLY P 83 74.43 -20.27 -48.75
N GLY P 84 74.09 -19.33 -49.60
CA GLY P 84 74.74 -19.18 -50.88
C GLY P 84 74.60 -17.78 -51.44
N GLY P 85 75.72 -17.21 -51.89
CA GLY P 85 75.70 -15.89 -52.47
C GLY P 85 75.81 -14.79 -51.44
N SER P 86 75.05 -13.73 -51.65
CA SER P 86 75.08 -12.59 -50.74
C SER P 86 74.44 -12.90 -49.40
N ASN P 87 73.67 -13.98 -49.31
CA ASN P 87 73.09 -14.41 -48.06
C ASN P 87 74.00 -15.45 -47.42
N PRO P 88 74.71 -15.15 -46.32
CA PRO P 88 75.68 -16.11 -45.81
C PRO P 88 75.07 -17.33 -45.18
N ARG P 89 73.82 -17.27 -44.75
CA ARG P 89 73.13 -18.37 -44.12
C ARG P 89 71.86 -18.71 -44.88
N SER P 90 71.35 -19.91 -44.62
CA SER P 90 70.22 -20.43 -45.37
C SER P 90 68.89 -19.88 -44.89
N VAL P 91 68.82 -19.44 -43.64
CA VAL P 91 67.66 -18.76 -43.08
C VAL P 91 67.98 -17.26 -43.08
N PRO P 92 67.33 -16.44 -43.92
CA PRO P 92 67.79 -15.06 -44.05
C PRO P 92 67.33 -14.13 -42.94
N PHE P 93 68.03 -14.23 -41.81
CA PHE P 93 67.77 -13.38 -40.68
C PHE P 93 69.10 -12.98 -40.05
N GLU P 94 69.07 -11.91 -39.27
CA GLU P 94 70.26 -11.34 -38.65
C GLU P 94 70.50 -11.86 -37.24
N TYR P 95 69.47 -11.82 -36.41
CA TYR P 95 69.58 -12.13 -35.00
C TYR P 95 68.84 -13.42 -34.68
N TYR P 96 69.18 -14.01 -33.55
CA TYR P 96 68.51 -15.21 -33.09
C TYR P 96 68.63 -15.31 -31.58
N ARG P 97 67.78 -16.16 -31.01
CA ARG P 97 67.90 -16.53 -29.62
C ARG P 97 67.18 -17.85 -29.44
N ILE P 98 67.85 -18.81 -28.82
CA ILE P 98 67.31 -20.15 -28.66
C ILE P 98 66.38 -20.15 -27.46
N ARG P 99 65.13 -20.54 -27.70
CA ARG P 99 64.10 -20.54 -26.69
C ARG P 99 64.08 -21.84 -25.89
N LYS P 100 64.12 -22.97 -26.58
CA LYS P 100 64.04 -24.27 -25.95
C LYS P 100 64.84 -25.26 -26.77
N VAL P 101 65.20 -26.37 -26.13
CA VAL P 101 65.81 -27.52 -26.79
C VAL P 101 65.13 -28.77 -26.26
N LYS P 102 64.92 -29.72 -27.16
CA LYS P 102 64.37 -31.04 -26.85
C LYS P 102 65.39 -32.07 -27.27
N VAL P 103 66.03 -32.68 -26.29
CA VAL P 103 66.95 -33.79 -26.52
C VAL P 103 66.17 -35.08 -26.32
N GLU P 104 66.18 -35.94 -27.33
CA GLU P 104 65.47 -37.21 -27.33
C GLU P 104 66.48 -38.32 -27.50
N PHE P 105 66.57 -39.19 -26.50
CA PHE P 105 67.38 -40.40 -26.60
C PHE P 105 66.47 -41.51 -27.11
N TRP P 106 66.55 -41.76 -28.40
CA TRP P 106 65.80 -42.83 -29.02
C TRP P 106 66.63 -44.10 -28.96
N PRO P 107 66.18 -45.16 -28.28
CA PRO P 107 67.02 -46.34 -28.14
C PRO P 107 67.19 -47.09 -29.45
N CYS P 108 68.29 -47.83 -29.50
CA CYS P 108 68.61 -48.71 -30.60
C CYS P 108 68.62 -50.17 -30.20
N SER P 109 68.28 -50.48 -28.96
CA SER P 109 68.45 -51.79 -28.38
C SER P 109 67.10 -52.47 -28.24
N PRO P 110 67.05 -53.80 -28.32
CA PRO P 110 65.77 -54.49 -28.23
C PRO P 110 65.24 -54.49 -26.81
N ILE P 111 63.93 -54.72 -26.71
CA ILE P 111 63.29 -54.81 -25.40
C ILE P 111 63.62 -56.08 -24.65
N THR P 112 64.30 -57.03 -25.28
CA THR P 112 64.74 -58.26 -24.65
C THR P 112 66.13 -58.16 -24.04
N GLN P 113 66.79 -57.00 -24.14
CA GLN P 113 68.15 -56.88 -23.67
C GLN P 113 68.16 -56.80 -22.15
N GLY P 114 69.05 -57.57 -21.54
CA GLY P 114 69.19 -57.61 -20.11
C GLY P 114 70.30 -56.74 -19.60
N ASP P 115 70.68 -56.98 -18.36
CA ASP P 115 71.68 -56.18 -17.66
C ASP P 115 71.26 -54.72 -17.65
N ARG P 116 69.98 -54.50 -17.37
CA ARG P 116 69.43 -53.16 -17.37
C ARG P 116 70.06 -52.33 -16.26
N GLY P 117 69.83 -51.02 -16.36
CA GLY P 117 70.46 -50.08 -15.47
C GLY P 117 69.64 -48.85 -15.23
N VAL P 118 70.22 -47.89 -14.53
CA VAL P 118 69.52 -46.66 -14.17
C VAL P 118 70.52 -45.54 -14.11
N GLY P 119 70.23 -44.45 -14.82
CA GLY P 119 71.11 -43.31 -14.93
C GLY P 119 70.43 -42.01 -14.62
N SER P 120 71.05 -40.91 -15.05
CA SER P 120 70.56 -39.60 -14.71
C SER P 120 71.00 -38.60 -15.76
N SER P 121 70.10 -37.67 -16.09
CA SER P 121 70.38 -36.55 -16.97
C SER P 121 70.07 -35.26 -16.25
N ALA P 122 71.03 -34.34 -16.27
CA ALA P 122 70.91 -33.07 -15.58
C ALA P 122 71.20 -31.93 -16.53
N VAL P 123 70.76 -30.75 -16.13
CA VAL P 123 70.85 -29.53 -16.94
C VAL P 123 71.97 -28.67 -16.37
N ILE P 124 72.96 -28.39 -17.21
CA ILE P 124 74.21 -27.75 -16.80
C ILE P 124 74.41 -26.53 -17.69
N LEU P 125 74.06 -25.36 -17.18
CA LEU P 125 73.98 -24.15 -17.98
C LEU P 125 75.24 -23.29 -17.93
N ASP P 126 76.43 -23.88 -17.71
CA ASP P 126 77.61 -23.08 -17.44
C ASP P 126 78.93 -23.61 -18.01
N ASP P 127 78.92 -24.69 -18.78
CA ASP P 127 80.11 -25.16 -19.47
C ASP P 127 81.17 -25.69 -18.52
N ASN P 128 80.75 -26.17 -17.34
CA ASN P 128 81.63 -26.88 -16.42
C ASN P 128 80.88 -28.14 -16.05
N PHE P 129 81.12 -29.18 -16.82
CA PHE P 129 80.53 -30.49 -16.64
C PHE P 129 81.40 -31.34 -15.73
N VAL P 130 80.79 -32.40 -15.19
CA VAL P 130 81.59 -33.44 -14.57
C VAL P 130 82.49 -34.03 -15.64
N THR P 131 83.71 -34.34 -15.24
CA THR P 131 84.70 -34.83 -16.20
C THR P 131 84.22 -36.10 -16.87
N LYS P 132 84.50 -36.20 -18.16
CA LYS P 132 84.13 -37.39 -18.92
C LYS P 132 84.84 -38.61 -18.36
N ALA P 133 84.05 -39.65 -18.08
CA ALA P 133 84.54 -40.87 -17.46
C ALA P 133 83.94 -42.06 -18.17
N THR P 134 84.70 -43.15 -18.19
CA THR P 134 84.27 -44.40 -18.78
C THR P 134 83.53 -45.28 -17.77
N ALA P 135 84.13 -45.48 -16.60
CA ALA P 135 83.53 -46.29 -15.55
C ALA P 135 83.79 -45.59 -14.21
N LEU P 136 82.89 -44.70 -13.84
CA LEU P 136 82.94 -44.01 -12.56
C LEU P 136 82.09 -44.76 -11.54
N THR P 137 82.56 -44.80 -10.30
CA THR P 137 81.96 -45.62 -9.26
C THR P 137 80.67 -45.06 -8.69
N TYR P 138 80.12 -44.00 -9.27
CA TYR P 138 78.90 -43.41 -8.76
C TYR P 138 78.27 -42.57 -9.86
N ASP P 139 77.02 -42.20 -9.64
CA ASP P 139 76.28 -41.34 -10.55
C ASP P 139 76.42 -39.90 -10.06
N PRO P 140 77.20 -39.05 -10.72
CA PRO P 140 77.38 -37.70 -10.18
C PRO P 140 76.15 -36.84 -10.30
N TYR P 141 75.33 -37.05 -11.33
CA TYR P 141 74.19 -36.21 -11.60
C TYR P 141 72.93 -36.68 -10.88
N VAL P 142 73.07 -37.52 -9.85
CA VAL P 142 71.92 -38.13 -9.22
C VAL P 142 71.26 -37.16 -8.24
N ASN P 143 72.04 -36.41 -7.49
CA ASN P 143 71.52 -35.51 -6.49
C ASN P 143 71.26 -34.12 -7.05
N TYR P 144 71.42 -33.92 -8.34
CA TYR P 144 71.14 -32.64 -8.95
C TYR P 144 69.64 -32.36 -8.94
N SER P 145 69.30 -31.10 -8.72
CA SER P 145 67.90 -30.68 -8.70
C SER P 145 67.21 -30.87 -10.04
N SER P 146 67.97 -30.92 -11.13
CA SER P 146 67.43 -31.11 -12.46
C SER P 146 67.63 -32.53 -12.96
N ARG P 147 67.77 -33.49 -12.07
CA ARG P 147 67.98 -34.87 -12.46
C ARG P 147 66.66 -35.50 -12.86
N HIS P 148 66.68 -36.16 -14.02
CA HIS P 148 65.64 -37.06 -14.44
C HIS P 148 66.27 -38.43 -14.58
N THR P 149 65.56 -39.46 -14.14
CA THR P 149 66.06 -40.82 -14.22
C THR P 149 66.04 -41.31 -15.65
N ILE P 150 67.13 -41.96 -16.05
CA ILE P 150 67.24 -42.62 -17.33
C ILE P 150 67.11 -44.11 -17.05
N THR P 151 66.00 -44.69 -17.47
CA THR P 151 65.90 -46.13 -17.56
C THR P 151 66.62 -46.60 -18.81
N GLN P 152 67.39 -47.66 -18.67
CA GLN P 152 68.24 -48.19 -19.72
C GLN P 152 67.90 -49.65 -19.96
N PRO P 153 68.20 -50.19 -21.15
CA PRO P 153 68.74 -49.60 -22.37
C PRO P 153 67.70 -49.27 -23.43
N PHE P 154 66.49 -49.82 -23.27
CA PHE P 154 65.49 -49.82 -24.32
C PHE P 154 64.36 -48.84 -24.06
N SER P 155 64.65 -47.75 -23.35
CA SER P 155 63.63 -46.81 -22.93
C SER P 155 63.97 -45.42 -23.44
N TYR P 156 62.92 -44.70 -23.78
CA TYR P 156 63.01 -43.35 -24.33
C TYR P 156 63.15 -42.34 -23.20
N HIS P 157 64.00 -41.35 -23.43
CA HIS P 157 64.28 -40.29 -22.48
C HIS P 157 64.27 -38.96 -23.21
N SER P 158 63.43 -38.05 -22.76
CA SER P 158 63.35 -36.70 -23.29
C SER P 158 63.69 -35.70 -22.21
N ARG P 159 64.28 -34.58 -22.64
CA ARG P 159 64.56 -33.45 -21.77
C ARG P 159 64.24 -32.19 -22.55
N TYR P 160 63.40 -31.34 -21.98
CA TYR P 160 62.93 -30.11 -22.61
C TYR P 160 63.24 -28.96 -21.68
N PHE P 161 64.11 -28.06 -22.13
CA PHE P 161 64.64 -27.02 -21.27
C PHE P 161 65.09 -25.85 -22.12
N THR P 162 65.49 -24.79 -21.45
CA THR P 162 65.95 -23.56 -22.07
C THR P 162 67.46 -23.43 -21.90
N PRO P 163 68.26 -23.53 -22.94
CA PRO P 163 69.70 -23.44 -22.76
C PRO P 163 70.16 -22.01 -22.56
N LYS P 164 71.46 -21.84 -22.35
CA LYS P 164 72.06 -20.54 -22.13
C LYS P 164 73.34 -20.47 -22.93
N PRO P 165 73.69 -19.31 -23.48
CA PRO P 165 74.92 -19.19 -24.25
C PRO P 165 76.14 -18.96 -23.38
N VAL P 166 77.28 -19.33 -23.94
CA VAL P 166 78.57 -19.19 -23.27
C VAL P 166 79.13 -17.83 -23.68
N LEU P 167 78.77 -16.81 -22.90
CA LEU P 167 79.24 -15.46 -23.16
C LEU P 167 80.64 -15.24 -22.60
N ASP P 168 80.90 -15.70 -21.39
CA ASP P 168 82.23 -15.64 -20.79
C ASP P 168 82.45 -16.95 -20.05
N SER P 169 83.34 -17.78 -20.57
CA SER P 169 83.64 -19.05 -19.93
C SER P 169 84.46 -18.89 -18.67
N THR P 170 85.10 -17.73 -18.48
CA THR P 170 85.87 -17.50 -17.27
C THR P 170 84.99 -17.24 -16.06
N ILE P 171 83.90 -16.50 -16.26
CA ILE P 171 83.00 -16.10 -15.18
C ILE P 171 81.78 -17.00 -15.19
N ASP P 172 81.34 -17.40 -16.38
CA ASP P 172 80.23 -18.32 -16.56
C ASP P 172 78.95 -17.75 -15.93
N TYR P 173 78.49 -16.65 -16.51
CA TYR P 173 77.27 -15.99 -16.09
C TYR P 173 76.17 -16.24 -17.12
N PHE P 174 74.94 -16.33 -16.63
CA PHE P 174 73.79 -16.56 -17.50
C PHE P 174 72.57 -15.90 -16.90
N GLN P 175 71.60 -15.76 -17.70
CA GLN P 175 70.34 -15.11 -17.37
C GLN P 175 69.32 -16.11 -16.87
N PRO P 176 68.42 -15.71 -15.98
CA PRO P 176 67.28 -16.58 -15.70
C PRO P 176 66.28 -16.58 -16.82
N ASN P 177 65.27 -17.44 -16.71
CA ASN P 177 64.31 -17.63 -17.78
C ASN P 177 63.36 -16.45 -17.82
N ASN P 178 63.38 -15.73 -18.94
CA ASN P 178 62.49 -14.61 -19.16
C ASN P 178 62.37 -14.46 -20.66
N LYS P 179 61.17 -14.71 -21.20
CA LYS P 179 61.02 -14.64 -22.63
C LYS P 179 61.18 -13.21 -23.15
N ARG P 180 60.84 -12.22 -22.33
CA ARG P 180 60.85 -10.84 -22.78
C ARG P 180 62.23 -10.21 -22.71
N ASN P 181 63.09 -10.71 -21.82
CA ASN P 181 64.40 -10.13 -21.57
C ASN P 181 65.55 -10.97 -22.11
N GLN P 182 65.26 -12.07 -22.79
CA GLN P 182 66.31 -12.93 -23.31
C GLN P 182 67.11 -12.20 -24.37
N LEU P 183 68.43 -12.33 -24.28
CA LEU P 183 69.32 -11.65 -25.18
C LEU P 183 69.17 -12.17 -26.60
N TRP P 184 69.32 -11.26 -27.55
CA TRP P 184 69.43 -11.59 -28.96
C TRP P 184 70.90 -11.69 -29.31
N LEU P 185 71.30 -12.81 -29.86
CA LEU P 185 72.62 -13.00 -30.43
C LEU P 185 72.57 -12.77 -31.92
N ARG P 186 73.75 -12.59 -32.50
CA ARG P 186 73.88 -12.48 -33.94
C ARG P 186 74.10 -13.85 -34.55
N LEU P 187 73.44 -14.07 -35.67
CA LEU P 187 73.64 -15.26 -36.48
C LEU P 187 74.89 -15.03 -37.32
N GLN P 188 76.02 -15.47 -36.79
CA GLN P 188 77.29 -15.32 -37.46
C GLN P 188 77.35 -16.20 -38.70
N THR P 189 78.42 -16.03 -39.46
CA THR P 189 78.60 -16.80 -40.68
C THR P 189 79.14 -18.19 -40.40
N ALA P 190 80.27 -18.28 -39.67
CA ALA P 190 80.86 -19.56 -39.33
C ALA P 190 81.44 -19.62 -37.92
N GLY P 191 80.95 -18.80 -37.00
CA GLY P 191 81.56 -18.68 -35.69
C GLY P 191 80.60 -18.51 -34.54
N ASN P 192 79.42 -19.11 -34.65
CA ASN P 192 78.41 -18.94 -33.62
C ASN P 192 78.84 -19.56 -32.30
N VAL P 193 78.25 -19.07 -31.24
CA VAL P 193 78.63 -19.40 -29.87
C VAL P 193 77.90 -20.66 -29.43
N ASP P 194 78.58 -21.45 -28.59
CA ASP P 194 78.03 -22.71 -28.15
C ASP P 194 77.04 -22.49 -27.02
N HIS P 195 75.86 -23.06 -27.16
CA HIS P 195 74.90 -23.16 -26.08
C HIS P 195 75.10 -24.47 -25.35
N VAL P 196 74.66 -24.49 -24.10
CA VAL P 196 75.03 -25.53 -23.16
C VAL P 196 73.81 -25.82 -22.30
N GLY P 197 73.84 -26.96 -21.61
CA GLY P 197 72.67 -27.36 -20.86
C GLY P 197 72.31 -28.82 -20.68
N LEU P 198 73.16 -29.78 -21.03
CA LEU P 198 72.85 -31.16 -20.67
C LEU P 198 74.08 -32.00 -20.40
N GLY P 199 74.03 -32.72 -19.30
CA GLY P 199 75.02 -33.73 -18.99
C GLY P 199 74.34 -34.99 -18.53
N THR P 200 74.97 -36.12 -18.84
CA THR P 200 74.37 -37.43 -18.68
C THR P 200 75.29 -38.35 -17.89
N ALA P 201 74.68 -39.41 -17.36
CA ALA P 201 75.41 -40.49 -16.72
C ALA P 201 74.66 -41.78 -16.98
N PHE P 202 75.27 -42.65 -17.78
CA PHE P 202 74.70 -43.93 -18.15
C PHE P 202 75.40 -45.05 -17.43
N GLU P 203 74.62 -45.99 -16.91
CA GLU P 203 75.17 -47.15 -16.23
C GLU P 203 75.66 -48.15 -17.26
N ASN P 204 76.89 -48.58 -17.10
CA ASN P 204 77.52 -49.49 -18.04
C ASN P 204 76.89 -50.87 -17.95
N SER P 205 77.19 -51.70 -18.94
CA SER P 205 76.57 -53.00 -19.09
C SER P 205 77.52 -53.94 -19.82
N ILE P 206 77.18 -55.22 -19.79
CA ILE P 206 77.95 -56.22 -20.53
C ILE P 206 77.75 -56.05 -22.02
N TYR P 207 76.59 -55.55 -22.43
CA TYR P 207 76.26 -55.34 -23.82
C TYR P 207 76.41 -53.86 -24.18
N ASP P 208 76.62 -53.61 -25.46
CA ASP P 208 76.71 -52.25 -25.95
C ASP P 208 75.33 -51.61 -25.99
N GLN P 209 75.25 -50.38 -25.50
CA GLN P 209 74.01 -49.61 -25.47
C GLN P 209 74.14 -48.47 -26.46
N GLU P 210 73.41 -48.55 -27.57
CA GLU P 210 73.43 -47.54 -28.60
C GLU P 210 72.17 -46.69 -28.53
N TYR P 211 72.31 -45.44 -28.95
CA TYR P 211 71.21 -44.48 -28.97
C TYR P 211 71.34 -43.62 -30.21
N ASN P 212 70.19 -43.21 -30.75
CA ASN P 212 70.09 -42.20 -31.79
C ASN P 212 69.51 -40.95 -31.15
N ILE P 213 70.33 -39.93 -31.00
CA ILE P 213 69.96 -38.74 -30.28
C ILE P 213 69.49 -37.69 -31.27
N ARG P 214 68.27 -37.21 -31.09
CA ARG P 214 67.65 -36.19 -31.93
C ARG P 214 67.46 -34.94 -31.10
N VAL P 215 68.22 -33.91 -31.43
CA VAL P 215 68.13 -32.60 -30.79
C VAL P 215 67.28 -31.71 -31.67
N THR P 216 66.31 -31.05 -31.06
CA THR P 216 65.43 -30.12 -31.72
C THR P 216 65.52 -28.79 -30.99
N MET P 217 65.95 -27.76 -31.70
CA MET P 217 66.04 -26.41 -31.16
C MET P 217 64.90 -25.56 -31.66
N TYR P 218 64.21 -24.93 -30.73
CA TYR P 218 63.13 -23.99 -31.02
C TYR P 218 63.69 -22.58 -30.94
N VAL P 219 63.87 -21.96 -32.10
CA VAL P 219 64.59 -20.71 -32.21
C VAL P 219 63.63 -19.60 -32.60
N GLN P 220 64.12 -18.37 -32.47
CA GLN P 220 63.35 -17.17 -32.76
C GLN P 220 64.31 -16.19 -33.42
N PHE P 221 64.05 -15.88 -34.68
CA PHE P 221 64.88 -15.00 -35.46
C PHE P 221 64.27 -13.59 -35.51
N ARG P 222 65.04 -12.67 -36.08
CA ARG P 222 64.65 -11.27 -36.13
C ARG P 222 65.36 -10.61 -37.29
N GLU P 223 64.71 -9.61 -37.87
CA GLU P 223 65.27 -8.73 -38.91
C GLU P 223 65.67 -9.53 -40.15
N PHE P 224 64.63 -9.97 -40.85
CA PHE P 224 64.72 -10.48 -42.21
C PHE P 224 65.62 -9.59 -43.05
N ASN P 225 66.67 -10.19 -43.62
CA ASN P 225 67.74 -9.43 -44.26
C ASN P 225 68.12 -10.04 -45.60
N LEU P 226 67.13 -10.44 -46.37
CA LEU P 226 67.41 -11.02 -47.67
C LEU P 226 68.03 -9.99 -48.59
N LYS P 227 68.97 -10.43 -49.41
CA LYS P 227 69.66 -9.60 -50.38
C LYS P 227 69.40 -10.15 -51.78
N ASP P 228 68.94 -9.28 -52.68
CA ASP P 228 68.49 -9.68 -54.00
C ASP P 228 69.27 -8.87 -55.04
N PRO P 229 70.46 -9.33 -55.41
CA PRO P 229 71.17 -8.70 -56.51
C PRO P 229 70.54 -9.08 -57.84
N PRO P 230 70.90 -8.38 -58.91
CA PRO P 230 70.42 -8.81 -60.24
C PRO P 230 71.06 -10.09 -60.70
N LEU P 231 70.69 -10.53 -61.91
CA LEU P 231 71.18 -11.78 -62.47
C LEU P 231 71.47 -11.65 -63.96
N GLY Q 43 67.23 -22.82 11.61
CA GLY Q 43 67.62 -22.75 10.21
C GLY Q 43 67.37 -24.04 9.46
N ILE Q 44 66.12 -24.22 9.05
CA ILE Q 44 65.68 -25.47 8.45
C ILE Q 44 66.12 -25.55 7.01
N PHE Q 45 66.46 -26.76 6.59
CA PHE Q 45 66.80 -27.03 5.20
C PHE Q 45 66.39 -28.47 4.90
N ASN Q 46 65.27 -28.62 4.22
CA ASN Q 46 64.82 -29.92 3.75
C ASN Q 46 65.50 -30.23 2.42
N THR Q 47 66.14 -31.38 2.33
CA THR Q 47 66.77 -31.82 1.11
C THR Q 47 66.55 -33.32 0.93
N ARG Q 48 67.31 -33.89 -0.01
CA ARG Q 48 67.14 -35.26 -0.45
C ARG Q 48 68.51 -35.84 -0.75
N LEU Q 49 68.81 -36.99 -0.13
CA LEU Q 49 70.07 -37.67 -0.27
C LEU Q 49 69.82 -39.09 -0.72
N SER Q 50 70.63 -39.55 -1.66
CA SER Q 50 70.46 -40.84 -2.30
C SER Q 50 71.75 -41.66 -2.22
N ARG Q 51 71.61 -42.93 -2.58
CA ARG Q 51 72.65 -43.94 -2.46
C ARG Q 51 72.15 -45.17 -3.20
N THR Q 52 73.06 -45.84 -3.90
CA THR Q 52 72.72 -46.97 -4.74
C THR Q 52 73.67 -48.13 -4.46
N PHE Q 53 73.11 -49.32 -4.40
CA PHE Q 53 73.89 -50.53 -4.13
C PHE Q 53 73.12 -51.73 -4.65
N GLY Q 54 73.80 -52.87 -4.67
CA GLY Q 54 73.27 -54.09 -5.23
C GLY Q 54 72.80 -55.12 -4.23
N TYR Q 55 71.91 -55.99 -4.67
CA TYR Q 55 71.41 -57.11 -3.88
C TYR Q 55 71.05 -58.23 -4.84
N THR Q 56 71.54 -59.43 -4.55
CA THR Q 56 71.32 -60.60 -5.39
C THR Q 56 70.74 -61.73 -4.56
N ILE Q 57 69.78 -62.42 -5.14
CA ILE Q 57 69.21 -63.64 -4.60
C ILE Q 57 69.75 -64.77 -5.45
N LYS Q 58 70.70 -65.52 -4.90
CA LYS Q 58 71.35 -66.58 -5.64
C LYS Q 58 70.37 -67.71 -5.95
N ARG Q 59 70.71 -68.50 -6.96
CA ARG Q 59 69.89 -69.60 -7.41
C ARG Q 59 69.94 -70.75 -6.40
N THR Q 60 68.92 -71.61 -6.49
CA THR Q 60 68.81 -72.80 -5.67
C THR Q 60 68.24 -73.94 -6.48
N THR Q 61 68.80 -75.14 -6.29
CA THR Q 61 68.27 -76.35 -6.87
C THR Q 61 67.04 -76.88 -6.14
N VAL Q 62 66.67 -76.27 -5.01
CA VAL Q 62 65.51 -76.71 -4.26
C VAL Q 62 64.26 -76.59 -5.12
N LYS Q 63 63.41 -77.62 -5.06
CA LYS Q 63 62.22 -77.67 -5.88
C LYS Q 63 61.07 -76.90 -5.26
N THR Q 64 60.95 -76.94 -3.94
CA THR Q 64 59.84 -76.32 -3.25
C THR Q 64 59.87 -74.81 -3.42
N PRO Q 65 58.75 -74.14 -3.11
CA PRO Q 65 58.81 -72.68 -3.00
C PRO Q 65 59.40 -72.27 -1.66
N SER Q 66 60.63 -71.78 -1.69
CA SER Q 66 61.30 -71.26 -0.53
C SER Q 66 61.59 -69.79 -0.73
N TRP Q 67 61.75 -69.08 0.38
CA TRP Q 67 61.98 -67.65 0.37
C TRP Q 67 63.31 -67.31 1.02
N ALA Q 68 63.92 -66.24 0.52
CA ALA Q 68 65.17 -65.70 1.02
C ALA Q 68 64.88 -64.43 1.80
N VAL Q 69 65.27 -64.43 3.06
CA VAL Q 69 64.96 -63.34 3.97
C VAL Q 69 66.21 -62.52 4.19
N ASP Q 70 66.03 -61.21 4.27
CA ASP Q 70 67.13 -60.30 4.53
C ASP Q 70 66.56 -59.03 5.13
N MET Q 71 67.46 -58.22 5.68
CA MET Q 71 67.13 -57.00 6.38
C MET Q 71 67.75 -55.80 5.68
N MET Q 72 67.31 -54.61 6.11
CA MET Q 72 67.77 -53.37 5.52
C MET Q 72 67.67 -52.26 6.56
N ARG Q 73 68.82 -51.73 6.95
CA ARG Q 73 68.93 -50.58 7.84
C ARG Q 73 69.37 -49.36 7.03
N PHE Q 74 69.25 -48.20 7.65
CA PHE Q 74 69.58 -46.92 7.02
C PHE Q 74 70.39 -46.09 8.00
N ASN Q 75 71.58 -45.66 7.57
CA ASN Q 75 72.42 -44.76 8.33
C ASN Q 75 72.81 -43.58 7.46
N ILE Q 76 73.00 -42.43 8.09
CA ILE Q 76 73.29 -41.20 7.37
C ILE Q 76 74.75 -41.09 6.98
N ASN Q 77 75.63 -41.90 7.55
CA ASN Q 77 77.02 -41.89 7.12
C ASN Q 77 77.17 -42.37 5.69
N ASP Q 78 76.29 -43.27 5.26
CA ASP Q 78 76.34 -43.81 3.91
C ASP Q 78 75.80 -42.84 2.88
N PHE Q 79 75.10 -41.78 3.29
CA PHE Q 79 74.56 -40.78 2.40
C PHE Q 79 75.30 -39.46 2.47
N LEU Q 80 75.84 -39.13 3.63
CA LEU Q 80 76.52 -37.85 3.88
C LEU Q 80 78.00 -38.10 4.15
N PRO Q 81 78.92 -37.72 3.27
CA PRO Q 81 80.31 -38.01 3.52
C PRO Q 81 80.89 -37.09 4.56
N PRO Q 82 82.11 -37.36 5.01
CA PRO Q 82 82.79 -36.41 5.89
C PRO Q 82 83.23 -35.18 5.12
N GLY Q 83 83.24 -34.06 5.81
CA GLY Q 83 83.61 -32.81 5.20
C GLY Q 83 85.10 -32.60 5.16
N GLY Q 84 85.52 -31.36 5.41
CA GLY Q 84 86.91 -31.02 5.40
C GLY Q 84 87.20 -29.78 6.20
N GLY Q 85 88.22 -29.85 7.06
CA GLY Q 85 88.61 -28.72 7.87
C GLY Q 85 87.81 -28.61 9.15
N SER Q 86 87.46 -27.38 9.51
CA SER Q 86 86.72 -27.14 10.74
C SER Q 86 85.29 -27.61 10.65
N ASN Q 87 84.79 -27.89 9.44
CA ASN Q 87 83.46 -28.44 9.25
C ASN Q 87 83.57 -29.96 9.15
N PRO Q 88 83.12 -30.73 10.15
CA PRO Q 88 83.37 -32.17 10.10
C PRO Q 88 82.55 -32.89 9.05
N ARG Q 89 81.43 -32.32 8.62
CA ARG Q 89 80.56 -32.93 7.63
C ARG Q 89 80.40 -32.01 6.43
N SER Q 90 79.93 -32.58 5.33
CA SER Q 90 79.85 -31.87 4.07
C SER Q 90 78.62 -30.98 3.98
N VAL Q 91 77.59 -31.29 4.74
CA VAL Q 91 76.41 -30.43 4.87
C VAL Q 91 76.53 -29.68 6.19
N PRO Q 92 76.75 -28.36 6.19
CA PRO Q 92 77.08 -27.70 7.45
C PRO Q 92 75.88 -27.39 8.33
N PHE Q 93 75.42 -28.43 9.03
CA PHE Q 93 74.33 -28.31 9.97
C PHE Q 93 74.65 -29.16 11.19
N GLU Q 94 73.96 -28.86 12.29
CA GLU Q 94 74.17 -29.52 13.57
C GLU Q 94 73.24 -30.69 13.79
N TYR Q 95 71.95 -30.48 13.61
CA TYR Q 95 70.92 -31.45 13.92
C TYR Q 95 70.27 -31.97 12.65
N TYR Q 96 69.61 -33.11 12.78
CA TYR Q 96 68.90 -33.70 11.67
C TYR Q 96 67.78 -34.58 12.19
N ARG Q 97 66.86 -34.91 11.31
CA ARG Q 97 65.85 -35.91 11.58
C ARG Q 97 65.32 -36.40 10.25
N ILE Q 98 65.30 -37.72 10.09
CA ILE Q 98 64.89 -38.31 8.82
C ILE Q 98 63.38 -38.36 8.77
N ARG Q 99 62.83 -37.74 7.73
CA ARG Q 99 61.38 -37.64 7.56
C ARG Q 99 60.81 -38.84 6.83
N LYS Q 100 61.42 -39.24 5.72
CA LYS Q 100 60.93 -40.33 4.91
C LYS Q 100 62.11 -41.02 4.26
N VAL Q 101 61.89 -42.25 3.83
CA VAL Q 101 62.83 -43.00 3.01
C VAL Q 101 62.05 -43.65 1.88
N LYS Q 102 62.67 -43.69 0.71
CA LYS Q 102 62.14 -44.34 -0.48
C LYS Q 102 63.15 -45.39 -0.90
N VAL Q 103 62.80 -46.65 -0.69
CA VAL Q 103 63.58 -47.77 -1.17
C VAL Q 103 63.02 -48.23 -2.49
N GLU Q 104 63.86 -48.27 -3.51
CA GLU Q 104 63.47 -48.65 -4.86
C GLU Q 104 64.28 -49.86 -5.26
N PHE Q 105 63.60 -50.96 -5.53
CA PHE Q 105 64.22 -52.16 -6.09
C PHE Q 105 64.12 -52.06 -7.60
N TRP Q 106 65.19 -51.62 -8.22
CA TRP Q 106 65.26 -51.55 -9.67
C TRP Q 106 65.78 -52.88 -10.20
N PRO Q 107 65.02 -53.60 -11.01
CA PRO Q 107 65.48 -54.92 -11.43
C PRO Q 107 66.64 -54.84 -12.40
N CYS Q 108 67.39 -55.94 -12.42
CA CYS Q 108 68.50 -56.13 -13.32
C CYS Q 108 68.25 -57.26 -14.32
N SER Q 109 67.08 -57.87 -14.28
CA SER Q 109 66.78 -59.09 -15.00
C SER Q 109 65.87 -58.79 -16.18
N PRO Q 110 65.98 -59.55 -17.26
CA PRO Q 110 65.14 -59.28 -18.42
C PRO Q 110 63.69 -59.66 -18.19
N ILE Q 111 62.82 -59.09 -19.01
CA ILE Q 111 61.40 -59.41 -18.93
C ILE Q 111 61.07 -60.78 -19.49
N THR Q 112 62.03 -61.48 -20.09
CA THR Q 112 61.85 -62.83 -20.58
C THR Q 112 62.23 -63.89 -19.57
N GLN Q 113 62.66 -63.50 -18.38
CA GLN Q 113 63.13 -64.47 -17.40
C GLN Q 113 61.94 -65.19 -16.78
N GLY Q 114 62.03 -66.50 -16.69
CA GLY Q 114 60.99 -67.33 -16.15
C GLY Q 114 61.24 -67.69 -14.70
N ASP Q 115 60.50 -68.70 -14.25
CA ASP Q 115 60.52 -69.14 -12.85
C ASP Q 115 60.19 -67.97 -11.93
N ARG Q 116 59.18 -67.20 -12.32
CA ARG Q 116 58.78 -66.04 -11.58
C ARG Q 116 58.26 -66.43 -10.20
N GLY Q 117 58.13 -65.43 -9.34
CA GLY Q 117 57.78 -65.66 -7.97
C GLY Q 117 57.04 -64.50 -7.35
N VAL Q 118 56.79 -64.60 -6.05
CA VAL Q 118 56.03 -63.58 -5.34
C VAL Q 118 56.55 -63.51 -3.92
N GLY Q 119 56.87 -62.29 -3.48
CA GLY Q 119 57.45 -62.04 -2.19
C GLY Q 119 56.73 -60.97 -1.43
N SER Q 120 57.40 -60.43 -0.41
CA SER Q 120 56.77 -59.48 0.48
C SER Q 120 57.83 -58.58 1.09
N SER Q 121 57.49 -57.30 1.24
CA SER Q 121 58.31 -56.32 1.92
C SER Q 121 57.49 -55.69 3.03
N ALA Q 122 58.05 -55.66 4.24
CA ALA Q 122 57.37 -55.14 5.40
C ALA Q 122 58.27 -54.11 6.10
N VAL Q 123 57.62 -53.30 6.93
CA VAL Q 123 58.26 -52.19 7.63
C VAL Q 123 58.46 -52.59 9.08
N ILE Q 124 59.72 -52.59 9.51
CA ILE Q 124 60.13 -53.12 10.80
C ILE Q 124 60.91 -52.03 11.52
N LEU Q 125 60.24 -51.34 12.44
CA LEU Q 125 60.77 -50.13 13.05
C LEU Q 125 61.46 -50.36 14.37
N ASP Q 126 62.04 -51.55 14.62
CA ASP Q 126 62.53 -51.88 15.96
C ASP Q 126 63.81 -52.71 16.02
N ASP Q 127 64.45 -53.01 14.90
CA ASP Q 127 65.76 -53.67 14.90
C ASP Q 127 65.67 -55.10 15.39
N ASN Q 128 64.52 -55.75 15.22
CA ASN Q 128 64.37 -57.18 15.46
C ASN Q 128 63.66 -57.72 14.22
N PHE Q 129 64.47 -58.13 13.27
CA PHE Q 129 64.02 -58.69 12.02
C PHE Q 129 63.88 -60.20 12.14
N VAL Q 130 63.13 -60.77 11.20
CA VAL Q 130 63.18 -62.21 11.02
C VAL Q 130 64.60 -62.59 10.64
N THR Q 131 65.05 -63.72 11.17
CA THR Q 131 66.43 -64.13 10.98
C THR Q 131 66.72 -64.31 9.50
N LYS Q 132 67.92 -63.90 9.10
CA LYS Q 132 68.34 -64.04 7.71
C LYS Q 132 68.39 -65.51 7.33
N ALA Q 133 67.73 -65.84 6.22
CA ALA Q 133 67.60 -67.21 5.75
C ALA Q 133 67.83 -67.25 4.26
N THR Q 134 68.37 -68.38 3.82
CA THR Q 134 68.63 -68.61 2.40
C THR Q 134 67.42 -69.24 1.70
N ALA Q 135 66.87 -70.31 2.28
CA ALA Q 135 65.70 -70.98 1.72
C ALA Q 135 64.79 -71.36 2.88
N LEU Q 136 63.89 -70.46 3.24
CA LEU Q 136 62.90 -70.69 4.26
C LEU Q 136 61.60 -71.16 3.61
N THR Q 137 60.92 -72.09 4.27
CA THR Q 137 59.76 -72.78 3.70
C THR Q 137 58.50 -71.94 3.67
N TYR Q 138 58.57 -70.66 4.00
CA TYR Q 138 57.38 -69.81 4.01
C TYR Q 138 57.84 -68.36 3.93
N ASP Q 139 56.87 -67.49 3.65
CA ASP Q 139 57.10 -66.05 3.61
C ASP Q 139 56.73 -65.47 4.96
N PRO Q 140 57.69 -65.07 5.80
CA PRO Q 140 57.32 -64.60 7.13
C PRO Q 140 56.62 -63.25 7.11
N TYR Q 141 56.93 -62.40 6.16
CA TYR Q 141 56.41 -61.05 6.10
C TYR Q 141 55.08 -60.97 5.36
N VAL Q 142 54.41 -62.09 5.15
CA VAL Q 142 53.22 -62.10 4.30
C VAL Q 142 52.01 -61.58 5.06
N ASN Q 143 51.87 -61.96 6.32
CA ASN Q 143 50.72 -61.57 7.12
C ASN Q 143 50.93 -60.27 7.86
N TYR Q 144 52.04 -59.60 7.63
CA TYR Q 144 52.29 -58.31 8.26
C TYR Q 144 51.35 -57.25 7.69
N SER Q 145 50.91 -56.36 8.58
CA SER Q 145 50.02 -55.29 8.18
C SER Q 145 50.65 -54.33 7.19
N SER Q 146 51.97 -54.25 7.15
CA SER Q 146 52.70 -53.39 6.24
C SER Q 146 53.28 -54.15 5.06
N ARG Q 147 52.70 -55.30 4.72
CA ARG Q 147 53.21 -56.09 3.63
C ARG Q 147 52.74 -55.51 2.30
N HIS Q 148 53.68 -55.36 1.39
CA HIS Q 148 53.42 -55.10 -0.01
C HIS Q 148 53.98 -56.26 -0.79
N THR Q 149 53.24 -56.71 -1.80
CA THR Q 149 53.68 -57.82 -2.62
C THR Q 149 54.81 -57.40 -3.53
N ILE Q 150 55.83 -58.26 -3.62
CA ILE Q 150 56.93 -58.10 -4.53
C ILE Q 150 56.70 -59.12 -5.65
N THR Q 151 56.37 -58.60 -6.82
CA THR Q 151 56.45 -59.41 -8.03
C THR Q 151 57.90 -59.51 -8.48
N GLN Q 152 58.30 -60.71 -8.84
CA GLN Q 152 59.68 -61.01 -9.19
C GLN Q 152 59.72 -61.62 -10.59
N PRO Q 153 60.86 -61.55 -11.27
CA PRO Q 153 62.13 -60.88 -10.98
C PRO Q 153 62.32 -59.53 -11.66
N PHE Q 154 61.48 -59.23 -12.63
CA PHE Q 154 61.69 -58.10 -13.54
C PHE Q 154 60.74 -56.96 -13.28
N SER Q 155 60.32 -56.80 -12.03
CA SER Q 155 59.31 -55.81 -11.67
C SER Q 155 59.85 -54.87 -10.61
N TYR Q 156 59.45 -53.62 -10.71
CA TYR Q 156 59.87 -52.57 -9.82
C TYR Q 156 59.02 -52.56 -8.56
N HIS Q 157 59.69 -52.33 -7.43
CA HIS Q 157 59.06 -52.31 -6.12
C HIS Q 157 59.58 -51.10 -5.36
N SER Q 158 58.66 -50.25 -4.93
CA SER Q 158 58.98 -49.09 -4.12
C SER Q 158 58.29 -49.19 -2.77
N ARG Q 159 58.93 -48.63 -1.76
CA ARG Q 159 58.37 -48.51 -0.43
C ARG Q 159 58.73 -47.13 0.10
N TYR Q 160 57.73 -46.38 0.54
CA TYR Q 160 57.88 -45.02 1.02
C TYR Q 160 57.29 -44.94 2.41
N PHE Q 161 58.13 -44.67 3.39
CA PHE Q 161 57.74 -44.75 4.78
C PHE Q 161 58.64 -43.86 5.61
N THR Q 162 58.31 -43.75 6.89
CA THR Q 162 59.02 -42.95 7.85
C THR Q 162 59.81 -43.85 8.80
N PRO Q 163 61.14 -43.87 8.75
CA PRO Q 163 61.87 -44.75 9.64
C PRO Q 163 61.92 -44.23 11.06
N LYS Q 164 62.55 -44.99 11.94
CA LYS Q 164 62.69 -44.65 13.34
C LYS Q 164 64.12 -44.96 13.77
N PRO Q 165 64.70 -44.16 14.65
CA PRO Q 165 66.05 -44.44 15.11
C PRO Q 165 66.10 -45.45 16.23
N VAL Q 166 67.27 -46.07 16.34
CA VAL Q 166 67.53 -47.09 17.35
C VAL Q 166 68.14 -46.36 18.55
N LEU Q 167 67.26 -45.89 19.43
CA LEU Q 167 67.68 -45.20 20.63
C LEU Q 167 68.10 -46.16 21.73
N ASP Q 168 67.32 -47.21 21.95
CA ASP Q 168 67.67 -48.26 22.90
C ASP Q 168 67.28 -49.59 22.28
N SER Q 169 68.27 -50.38 21.88
CA SER Q 169 68.02 -51.67 21.29
C SER Q 169 67.51 -52.69 22.30
N THR Q 170 67.70 -52.45 23.60
CA THR Q 170 67.22 -53.35 24.62
C THR Q 170 65.71 -53.27 24.80
N ILE Q 171 65.17 -52.06 24.74
CA ILE Q 171 63.75 -51.81 24.97
C ILE Q 171 63.04 -51.65 23.64
N ASP Q 172 63.73 -51.05 22.67
CA ASP Q 172 63.23 -50.88 21.31
C ASP Q 172 61.93 -50.07 21.31
N TYR Q 173 62.05 -48.82 21.73
CA TYR Q 173 60.94 -47.87 21.74
C TYR Q 173 61.08 -46.88 20.62
N PHE Q 174 59.95 -46.45 20.08
CA PHE Q 174 59.93 -45.48 19.00
C PHE Q 174 58.67 -44.63 19.09
N GLN Q 175 58.70 -43.57 18.41
CA GLN Q 175 57.64 -42.58 18.38
C GLN Q 175 56.66 -42.86 17.25
N PRO Q 176 55.39 -42.50 17.41
CA PRO Q 176 54.51 -42.51 16.26
C PRO Q 176 54.78 -41.36 15.32
N ASN Q 177 54.11 -41.37 14.18
CA ASN Q 177 54.37 -40.38 13.15
C ASN Q 177 53.77 -39.04 13.55
N ASN Q 178 54.63 -38.05 13.73
CA ASN Q 178 54.20 -36.69 14.05
C ASN Q 178 55.30 -35.78 13.56
N LYS Q 179 55.01 -34.96 12.55
CA LYS Q 179 56.03 -34.11 12.01
C LYS Q 179 56.48 -33.05 13.00
N ARG Q 180 55.58 -32.63 13.89
CA ARG Q 180 55.87 -31.54 14.81
C ARG Q 180 56.64 -32.01 16.04
N ASN Q 181 56.49 -33.27 16.42
CA ASN Q 181 57.07 -33.81 17.63
C ASN Q 181 58.24 -34.75 17.38
N GLN Q 182 58.65 -34.94 16.13
CA GLN Q 182 59.74 -35.84 15.84
C GLN Q 182 61.04 -35.32 16.42
N LEU Q 183 61.78 -36.24 17.05
CA LEU Q 183 63.01 -35.88 17.71
C LEU Q 183 64.06 -35.41 16.72
N TRP Q 184 64.85 -34.45 17.15
CA TRP Q 184 66.05 -34.04 16.44
C TRP Q 184 67.24 -34.78 17.01
N LEU Q 185 67.97 -35.46 16.14
CA LEU Q 185 69.22 -36.08 16.48
C LEU Q 185 70.36 -35.15 16.10
N ARG Q 186 71.53 -35.45 16.62
CA ARG Q 186 72.75 -34.74 16.27
C ARG Q 186 73.43 -35.43 15.11
N LEU Q 187 73.91 -34.62 14.17
CA LEU Q 187 74.73 -35.08 13.07
C LEU Q 187 76.15 -35.26 13.58
N GLN Q 188 76.44 -36.47 14.03
CA GLN Q 188 77.74 -36.80 14.56
C GLN Q 188 78.79 -36.77 13.46
N THR Q 189 80.04 -36.92 13.87
CA THR Q 189 81.15 -36.89 12.92
C THR Q 189 81.33 -38.24 12.23
N ALA Q 190 81.45 -39.33 13.02
CA ALA Q 190 81.60 -40.66 12.45
C ALA Q 190 80.86 -41.74 13.22
N GLY Q 191 79.79 -41.40 13.94
CA GLY Q 191 79.13 -42.34 14.82
C GLY Q 191 77.62 -42.23 14.86
N ASN Q 192 77.01 -41.86 13.75
CA ASN Q 192 75.57 -41.67 13.72
C ASN Q 192 74.83 -42.98 13.95
N VAL Q 193 73.60 -42.84 14.40
CA VAL Q 193 72.78 -43.96 14.84
C VAL Q 193 72.03 -44.54 13.65
N ASP Q 194 71.83 -45.85 13.69
CA ASP Q 194 71.19 -46.55 12.58
C ASP Q 194 69.69 -46.38 12.65
N HIS Q 195 69.11 -45.98 11.53
CA HIS Q 195 67.67 -46.01 11.35
C HIS Q 195 67.27 -47.32 10.71
N VAL Q 196 66.02 -47.69 10.93
CA VAL Q 196 65.54 -49.03 10.65
C VAL Q 196 64.13 -48.93 10.09
N GLY Q 197 63.66 -50.01 9.47
CA GLY Q 197 62.37 -49.95 8.83
C GLY Q 197 62.07 -50.75 7.58
N LEU Q 198 62.92 -51.67 7.15
CA LEU Q 198 62.50 -52.54 6.05
C LEU Q 198 63.09 -53.93 6.15
N GLY Q 199 62.22 -54.91 5.95
CA GLY Q 199 62.63 -56.29 5.80
C GLY Q 199 61.89 -56.92 4.63
N THR Q 200 62.59 -57.84 3.97
CA THR Q 200 62.15 -58.39 2.70
C THR Q 200 62.13 -59.91 2.75
N ALA Q 201 61.39 -60.49 1.80
CA ALA Q 201 61.38 -61.92 1.58
C ALA Q 201 61.19 -62.15 0.10
N PHE Q 202 62.22 -62.67 -0.54
CA PHE Q 202 62.22 -62.94 -1.98
C PHE Q 202 62.15 -64.44 -2.22
N GLU Q 203 61.29 -64.83 -3.16
CA GLU Q 203 61.15 -66.21 -3.53
C GLU Q 203 62.30 -66.63 -4.43
N ASN Q 204 62.95 -67.72 -4.05
CA ASN Q 204 64.12 -68.18 -4.78
C ASN Q 204 63.72 -68.73 -6.14
N SER Q 205 64.73 -68.94 -6.98
CA SER Q 205 64.52 -69.31 -8.37
C SER Q 205 65.72 -70.10 -8.86
N ILE Q 206 65.55 -70.72 -10.02
CA ILE Q 206 66.64 -71.44 -10.66
C ILE Q 206 67.70 -70.47 -11.18
N TYR Q 207 67.28 -69.27 -11.55
CA TYR Q 207 68.16 -68.24 -12.05
C TYR Q 207 68.47 -67.22 -10.96
N ASP Q 208 69.60 -66.54 -11.12
CA ASP Q 208 69.98 -65.49 -10.18
C ASP Q 208 69.13 -64.25 -10.42
N GLN Q 209 68.63 -63.68 -9.34
CA GLN Q 209 67.81 -62.47 -9.37
C GLN Q 209 68.62 -61.33 -8.77
N GLU Q 210 69.05 -60.40 -9.62
CA GLU Q 210 69.83 -59.25 -9.20
C GLU Q 210 68.97 -58.00 -9.17
N TYR Q 211 69.33 -57.09 -8.28
CA TYR Q 211 68.62 -55.82 -8.12
C TYR Q 211 69.63 -54.73 -7.83
N ASN Q 212 69.33 -53.53 -8.30
CA ASN Q 212 70.06 -52.31 -7.95
C ASN Q 212 69.14 -51.50 -7.05
N ILE Q 213 69.49 -51.41 -5.78
CA ILE Q 213 68.62 -50.79 -4.79
C ILE Q 213 69.07 -49.36 -4.59
N ARG Q 214 68.15 -48.43 -4.77
CA ARG Q 214 68.39 -46.99 -4.61
C ARG Q 214 67.57 -46.51 -3.43
N VAL Q 215 68.26 -46.15 -2.36
CA VAL Q 215 67.63 -45.59 -1.18
C VAL Q 215 67.76 -44.09 -1.24
N THR Q 216 66.66 -43.40 -1.01
CA THR Q 216 66.58 -41.94 -0.99
C THR Q 216 66.01 -41.54 0.37
N MET Q 217 66.79 -40.79 1.12
CA MET Q 217 66.36 -40.27 2.41
C MET Q 217 66.02 -38.80 2.30
N TYR Q 218 64.83 -38.45 2.76
CA TYR Q 218 64.36 -37.08 2.82
C TYR Q 218 64.57 -36.56 4.23
N VAL Q 219 65.57 -35.69 4.40
CA VAL Q 219 66.05 -35.29 5.71
C VAL Q 219 65.70 -33.82 5.92
N GLN Q 220 65.85 -33.39 7.16
CA GLN Q 220 65.55 -32.04 7.59
C GLN Q 220 66.62 -31.66 8.60
N PHE Q 221 67.43 -30.68 8.26
CA PHE Q 221 68.52 -30.22 9.10
C PHE Q 221 68.13 -28.95 9.85
N ARG Q 222 69.00 -28.54 10.76
CA ARG Q 222 68.74 -27.40 11.62
C ARG Q 222 70.07 -26.82 12.09
N GLU Q 223 70.07 -25.51 12.31
CA GLU Q 223 71.20 -24.80 12.91
C GLU Q 223 72.46 -24.90 12.05
N PHE Q 224 72.39 -24.21 10.91
CA PHE Q 224 73.54 -23.90 10.08
C PHE Q 224 74.72 -23.47 10.93
N ASN Q 225 75.83 -24.18 10.80
CA ASN Q 225 76.96 -24.02 11.71
C ASN Q 225 78.28 -23.95 10.96
N LEU Q 226 78.30 -23.24 9.86
CA LEU Q 226 79.51 -23.12 9.08
C LEU Q 226 80.58 -22.38 9.87
N LYS Q 227 81.82 -22.81 9.72
CA LYS Q 227 82.96 -22.20 10.36
C LYS Q 227 83.93 -21.70 9.30
N ASP Q 228 84.32 -20.44 9.42
CA ASP Q 228 85.10 -19.75 8.39
C ASP Q 228 86.37 -19.19 9.04
N PRO Q 229 87.40 -20.00 9.17
CA PRO Q 229 88.68 -19.48 9.63
C PRO Q 229 89.36 -18.68 8.53
N PRO Q 230 90.40 -17.91 8.87
CA PRO Q 230 91.16 -17.23 7.82
C PRO Q 230 91.97 -18.19 6.97
N LEU Q 231 92.72 -17.64 6.02
CA LEU Q 231 93.52 -18.44 5.10
C LEU Q 231 94.86 -17.78 4.82
N GLY R 43 33.88 -59.80 20.91
CA GLY R 43 35.21 -59.29 20.64
C GLY R 43 35.67 -59.58 19.24
N ILE R 44 35.25 -58.75 18.31
CA ILE R 44 35.48 -58.99 16.89
C ILE R 44 36.89 -58.57 16.52
N PHE R 45 37.48 -59.34 15.60
CA PHE R 45 38.79 -59.03 15.05
C PHE R 45 38.82 -59.53 13.62
N ASN R 46 38.65 -58.62 12.68
CA ASN R 46 38.80 -58.95 11.27
C ASN R 46 40.27 -58.88 10.88
N THR R 47 40.77 -59.95 10.27
CA THR R 47 42.14 -59.99 9.81
C THR R 47 42.20 -60.72 8.47
N ARG R 48 43.42 -61.07 8.07
CA ARG R 48 43.72 -61.61 6.76
C ARG R 48 44.82 -62.65 6.90
N LEU R 49 44.55 -63.85 6.40
CA LEU R 49 45.47 -64.97 6.47
C LEU R 49 45.72 -65.49 5.07
N SER R 50 46.98 -65.79 4.78
CA SER R 50 47.42 -66.20 3.46
C SER R 50 48.18 -67.51 3.52
N ARG R 51 48.42 -68.05 2.34
CA ARG R 51 49.01 -69.36 2.12
C ARG R 51 49.32 -69.48 0.65
N THR R 52 50.45 -70.10 0.34
CA THR R 52 50.95 -70.20 -1.03
C THR R 52 51.35 -71.62 -1.33
N PHE R 53 51.01 -72.09 -2.52
CA PHE R 53 51.33 -73.44 -2.96
C PHE R 53 51.29 -73.48 -4.47
N GLY R 54 51.78 -74.60 -5.02
CA GLY R 54 51.92 -74.78 -6.44
C GLY R 54 50.88 -75.65 -7.10
N TYR R 55 50.70 -75.44 -8.41
CA TYR R 55 49.82 -76.25 -9.23
C TYR R 55 50.40 -76.26 -10.64
N THR R 56 50.50 -77.46 -11.21
CA THR R 56 51.07 -77.65 -12.54
C THR R 56 50.11 -78.44 -13.40
N ILE R 57 49.99 -78.01 -14.66
CA ILE R 57 49.24 -78.71 -15.68
C ILE R 57 50.29 -79.33 -16.60
N LYS R 58 50.48 -80.64 -16.49
CA LYS R 58 51.49 -81.33 -17.25
C LYS R 58 51.17 -81.32 -18.74
N ARG R 59 52.20 -81.50 -19.55
CA ARG R 59 52.09 -81.49 -20.99
C ARG R 59 51.36 -82.74 -21.49
N THR R 60 50.84 -82.64 -22.70
CA THR R 60 50.16 -83.74 -23.37
C THR R 60 50.49 -83.72 -24.86
N THR R 61 50.73 -84.91 -25.42
CA THR R 61 50.90 -85.06 -26.85
C THR R 61 49.58 -85.02 -27.61
N VAL R 62 48.45 -84.99 -26.92
CA VAL R 62 47.15 -84.95 -27.57
C VAL R 62 47.05 -83.71 -28.44
N LYS R 63 46.52 -83.89 -29.65
CA LYS R 63 46.41 -82.80 -30.61
C LYS R 63 45.19 -81.94 -30.37
N THR R 64 44.09 -82.55 -29.97
CA THR R 64 42.84 -81.84 -29.81
C THR R 64 42.94 -80.81 -28.69
N PRO R 65 41.98 -79.89 -28.62
CA PRO R 65 41.87 -79.05 -27.43
C PRO R 65 41.17 -79.81 -26.32
N SER R 66 41.94 -80.21 -25.32
CA SER R 66 41.43 -80.86 -24.13
C SER R 66 41.71 -80.00 -22.92
N TRP R 67 40.92 -80.20 -21.88
CA TRP R 67 41.02 -79.43 -20.66
C TRP R 67 41.32 -80.33 -19.47
N ALA R 68 42.05 -79.76 -18.52
CA ALA R 68 42.42 -80.42 -17.28
C ALA R 68 41.58 -79.83 -16.15
N VAL R 69 40.83 -80.69 -15.48
CA VAL R 69 39.88 -80.27 -14.46
C VAL R 69 40.45 -80.60 -13.11
N ASP R 70 40.24 -79.71 -12.15
CA ASP R 70 40.68 -79.91 -10.78
C ASP R 70 39.81 -79.07 -9.86
N MET R 71 39.92 -79.36 -8.57
CA MET R 71 39.12 -78.75 -7.53
C MET R 71 40.00 -78.00 -6.55
N MET R 72 39.35 -77.21 -5.70
CA MET R 72 40.05 -76.40 -4.72
C MET R 72 39.14 -76.16 -3.53
N ARG R 73 39.53 -76.71 -2.38
CA ARG R 73 38.86 -76.47 -1.11
C ARG R 73 39.72 -75.57 -0.24
N PHE R 74 39.12 -75.06 0.83
CA PHE R 74 39.78 -74.15 1.76
C PHE R 74 39.49 -74.59 3.18
N ASN R 75 40.54 -74.81 3.96
CA ASN R 75 40.42 -75.12 5.37
C ASN R 75 41.31 -74.18 6.16
N ILE R 76 40.89 -73.87 7.38
CA ILE R 76 41.60 -72.91 8.21
C ILE R 76 42.81 -73.51 8.91
N ASN R 77 42.94 -74.84 8.94
CA ASN R 77 44.13 -75.43 9.52
C ASN R 77 45.36 -75.12 8.68
N ASP R 78 45.18 -74.95 7.38
CA ASP R 78 46.29 -74.65 6.49
C ASP R 78 46.74 -73.20 6.56
N PHE R 79 45.94 -72.33 7.19
CA PHE R 79 46.28 -70.92 7.35
C PHE R 79 46.63 -70.57 8.78
N LEU R 80 46.04 -71.25 9.75
CA LEU R 80 46.22 -70.98 11.17
C LEU R 80 46.93 -72.14 11.83
N PRO R 81 48.18 -72.01 12.28
CA PRO R 81 48.85 -73.15 12.85
C PRO R 81 48.37 -73.43 14.26
N PRO R 82 48.78 -74.55 14.85
CA PRO R 82 48.48 -74.78 16.25
C PRO R 82 49.31 -73.89 17.15
N GLY R 83 48.73 -73.53 18.27
CA GLY R 83 49.40 -72.65 19.20
C GLY R 83 50.34 -73.38 20.12
N GLY R 84 50.37 -72.97 21.38
CA GLY R 84 51.22 -73.59 22.37
C GLY R 84 50.73 -73.37 23.77
N GLY R 85 50.69 -74.44 24.56
CA GLY R 85 50.25 -74.36 25.92
C GLY R 85 48.76 -74.45 26.08
N SER R 86 48.21 -73.65 26.99
CA SER R 86 46.79 -73.67 27.25
C SER R 86 45.99 -73.08 26.10
N ASN R 87 46.62 -72.35 25.20
CA ASN R 87 45.97 -71.82 24.01
C ASN R 87 46.17 -72.79 22.85
N PRO R 88 45.14 -73.51 22.41
CA PRO R 88 45.38 -74.55 21.39
C PRO R 88 45.72 -74.00 20.03
N ARG R 89 45.35 -72.76 19.73
CA ARG R 89 45.61 -72.13 18.45
C ARG R 89 46.41 -70.85 18.63
N SER R 90 47.01 -70.40 17.54
CA SER R 90 47.92 -69.27 17.58
C SER R 90 47.21 -67.93 17.61
N VAL R 91 45.97 -67.89 17.12
CA VAL R 91 45.11 -66.71 17.23
C VAL R 91 44.12 -66.97 18.35
N PRO R 92 44.22 -66.26 19.49
CA PRO R 92 43.41 -66.67 20.64
C PRO R 92 41.96 -66.20 20.58
N PHE R 93 41.17 -66.93 19.81
CA PHE R 93 39.75 -66.67 19.69
C PHE R 93 39.02 -68.01 19.65
N GLU R 94 37.73 -67.95 19.94
CA GLU R 94 36.87 -69.13 20.01
C GLU R 94 36.16 -69.43 18.71
N TYR R 95 35.50 -68.43 18.14
CA TYR R 95 34.65 -68.59 16.98
C TYR R 95 35.27 -67.91 15.77
N TYR R 96 34.80 -68.31 14.60
CA TYR R 96 35.25 -67.70 13.37
C TYR R 96 34.17 -67.86 12.31
N ARG R 97 34.30 -67.07 11.25
CA ARG R 97 33.50 -67.24 10.06
C ARG R 97 34.24 -66.57 8.91
N ILE R 98 34.39 -67.31 7.82
CA ILE R 98 35.16 -66.82 6.68
C ILE R 98 34.26 -65.92 5.84
N ARG R 99 34.71 -64.69 5.66
CA ARG R 99 33.94 -63.68 4.93
C ARG R 99 34.19 -63.75 3.44
N LYS R 100 35.46 -63.81 3.03
CA LYS R 100 35.85 -63.79 1.63
C LYS R 100 37.10 -64.62 1.47
N VAL R 101 37.35 -65.03 0.24
CA VAL R 101 38.60 -65.66 -0.16
C VAL R 101 39.02 -65.05 -1.49
N LYS R 102 40.33 -64.86 -1.62
CA LYS R 102 40.96 -64.36 -2.85
C LYS R 102 41.95 -65.42 -3.30
N VAL R 103 41.62 -66.10 -4.37
CA VAL R 103 42.52 -67.05 -5.01
C VAL R 103 43.22 -66.35 -6.16
N GLU R 104 44.54 -66.36 -6.13
CA GLU R 104 45.37 -65.69 -7.12
C GLU R 104 46.23 -66.75 -7.79
N PHE R 105 46.06 -66.91 -9.10
CA PHE R 105 46.92 -67.75 -9.91
C PHE R 105 48.04 -66.87 -10.45
N TRP R 106 49.17 -66.93 -9.78
CA TRP R 106 50.35 -66.20 -10.22
C TRP R 106 51.14 -67.08 -11.19
N PRO R 107 51.32 -66.69 -12.44
CA PRO R 107 51.99 -67.58 -13.38
C PRO R 107 53.46 -67.75 -13.07
N CYS R 108 53.98 -68.87 -13.55
CA CYS R 108 55.39 -69.21 -13.48
C CYS R 108 56.05 -69.27 -14.84
N SER R 109 55.32 -68.99 -15.90
CA SER R 109 55.74 -69.22 -17.26
C SER R 109 56.09 -67.90 -17.94
N PRO R 110 57.03 -67.91 -18.87
CA PRO R 110 57.41 -66.66 -19.52
C PRO R 110 56.35 -66.16 -20.47
N ILE R 111 56.44 -64.87 -20.79
CA ILE R 111 55.49 -64.28 -21.73
C ILE R 111 55.78 -64.67 -23.17
N THR R 112 56.88 -65.38 -23.43
CA THR R 112 57.20 -65.88 -24.76
C THR R 112 56.68 -67.28 -25.01
N GLN R 113 55.99 -67.89 -24.04
CA GLN R 113 55.54 -69.26 -24.20
C GLN R 113 54.35 -69.30 -25.13
N GLY R 114 54.39 -70.24 -26.07
CA GLY R 114 53.34 -70.42 -27.03
C GLY R 114 52.37 -71.51 -26.66
N ASP R 115 51.59 -71.95 -27.65
CA ASP R 115 50.54 -72.92 -27.45
C ASP R 115 49.57 -72.45 -26.38
N ARG R 116 49.22 -71.17 -26.44
CA ARG R 116 48.34 -70.57 -25.47
C ARG R 116 46.96 -71.19 -25.55
N GLY R 117 46.17 -70.91 -24.51
CA GLY R 117 44.88 -71.53 -24.36
C GLY R 117 43.90 -70.66 -23.62
N VAL R 118 42.72 -71.22 -23.34
CA VAL R 118 41.66 -70.48 -22.68
C VAL R 118 40.86 -71.45 -21.83
N GLY R 119 40.69 -71.09 -20.56
CA GLY R 119 40.02 -71.93 -19.59
C GLY R 119 38.93 -71.20 -18.84
N SER R 120 38.53 -71.76 -17.71
CA SER R 120 37.41 -71.23 -16.97
C SER R 120 37.55 -71.60 -15.50
N SER R 121 37.19 -70.65 -14.63
CA SER R 121 37.12 -70.86 -13.20
C SER R 121 35.72 -70.52 -12.71
N ALA R 122 35.13 -71.45 -11.96
CA ALA R 122 33.78 -71.29 -11.46
C ALA R 122 33.74 -71.52 -9.96
N VAL R 123 32.67 -71.03 -9.36
CA VAL R 123 32.47 -71.06 -7.91
C VAL R 123 31.48 -72.16 -7.58
N ILE R 124 31.92 -73.12 -6.77
CA ILE R 124 31.18 -74.34 -6.49
C ILE R 124 31.05 -74.48 -4.99
N LEU R 125 29.90 -74.10 -4.45
CA LEU R 125 29.71 -73.94 -3.02
C LEU R 125 29.10 -75.17 -2.34
N ASP R 126 29.31 -76.38 -2.88
CA ASP R 126 28.58 -77.55 -2.40
C ASP R 126 29.35 -78.86 -2.35
N ASP R 127 30.63 -78.88 -2.67
CA ASP R 127 31.46 -80.06 -2.51
C ASP R 127 31.08 -81.17 -3.48
N ASN R 128 30.52 -80.81 -4.62
CA ASN R 128 30.30 -81.74 -5.73
C ASN R 128 30.84 -81.04 -6.98
N PHE R 129 32.10 -81.31 -7.23
CA PHE R 129 32.83 -80.77 -8.36
C PHE R 129 32.70 -81.70 -9.55
N VAL R 130 32.99 -81.16 -10.73
CA VAL R 130 33.21 -82.00 -11.89
C VAL R 130 34.40 -82.90 -11.59
N THR R 131 34.31 -84.15 -12.02
CA THR R 131 35.32 -85.13 -11.71
C THR R 131 36.68 -84.68 -12.25
N LYS R 132 37.72 -84.93 -11.47
CA LYS R 132 39.06 -84.58 -11.88
C LYS R 132 39.45 -85.35 -13.13
N ALA R 133 39.92 -84.62 -14.12
CA ALA R 133 40.25 -85.17 -15.43
C ALA R 133 41.58 -84.59 -15.90
N THR R 134 42.30 -85.40 -16.67
CA THR R 134 43.57 -85.00 -17.24
C THR R 134 43.39 -84.33 -18.59
N ALA R 135 42.64 -84.96 -19.50
CA ALA R 135 42.38 -84.42 -20.82
C ALA R 135 40.92 -84.70 -21.16
N LEU R 136 40.06 -83.77 -20.78
CA LEU R 136 38.64 -83.83 -21.10
C LEU R 136 38.36 -83.03 -22.37
N THR R 137 37.46 -83.54 -23.19
CA THR R 137 37.21 -83.01 -24.52
C THR R 137 36.42 -81.71 -24.53
N TYR R 138 36.16 -81.11 -23.38
CA TYR R 138 35.39 -79.88 -23.34
C TYR R 138 35.68 -79.18 -22.01
N ASP R 139 35.27 -77.93 -21.93
CA ASP R 139 35.39 -77.13 -20.72
C ASP R 139 34.08 -77.22 -19.96
N PRO R 140 34.02 -77.95 -18.85
CA PRO R 140 32.72 -78.09 -18.18
C PRO R 140 32.25 -76.82 -17.51
N TYR R 141 33.17 -76.00 -17.03
CA TYR R 141 32.83 -74.80 -16.28
C TYR R 141 32.59 -73.59 -17.17
N VAL R 142 32.38 -73.79 -18.47
CA VAL R 142 32.31 -72.68 -19.39
C VAL R 142 30.94 -72.01 -19.34
N ASN R 143 29.88 -72.79 -19.23
CA ASN R 143 28.53 -72.26 -19.23
C ASN R 143 28.03 -71.93 -17.84
N TYR R 144 28.88 -72.04 -16.82
CA TYR R 144 28.50 -71.69 -15.47
C TYR R 144 28.32 -70.19 -15.35
N SER R 145 27.32 -69.80 -14.55
CA SER R 145 27.04 -68.40 -14.33
C SER R 145 28.17 -67.68 -13.63
N SER R 146 29.02 -68.40 -12.91
CA SER R 146 30.16 -67.83 -12.20
C SER R 146 31.47 -68.06 -12.93
N ARG R 147 31.42 -68.28 -14.24
CA ARG R 147 32.62 -68.53 -15.00
C ARG R 147 33.34 -67.23 -15.28
N HIS R 148 34.65 -67.23 -15.02
CA HIS R 148 35.57 -66.22 -15.47
C HIS R 148 36.57 -66.90 -16.38
N THR R 149 36.92 -66.25 -17.48
CA THR R 149 37.87 -66.80 -18.42
C THR R 149 39.27 -66.76 -17.85
N ILE R 150 39.99 -67.85 -18.02
CA ILE R 150 41.40 -67.96 -17.67
C ILE R 150 42.16 -67.90 -18.98
N THR R 151 42.86 -66.80 -19.20
CA THR R 151 43.88 -66.75 -20.23
C THR R 151 45.13 -67.46 -19.72
N GLN R 152 45.71 -68.27 -20.58
CA GLN R 152 46.85 -69.11 -20.25
C GLN R 152 47.99 -68.82 -21.20
N PRO R 153 49.23 -69.12 -20.81
CA PRO R 153 49.78 -69.60 -19.54
C PRO R 153 50.37 -68.51 -18.65
N PHE R 154 50.61 -67.33 -19.22
CA PHE R 154 51.41 -66.30 -18.58
C PHE R 154 50.56 -65.14 -18.06
N SER R 155 49.32 -65.40 -17.71
CA SER R 155 48.38 -64.37 -17.32
C SER R 155 47.86 -64.62 -15.93
N TYR R 156 47.64 -63.54 -15.21
CA TYR R 156 47.16 -63.57 -13.84
C TYR R 156 45.65 -63.70 -13.80
N HIS R 157 45.17 -64.50 -12.86
CA HIS R 157 43.76 -64.77 -12.69
C HIS R 157 43.43 -64.69 -11.20
N SER R 158 42.49 -63.82 -10.85
CA SER R 158 42.02 -63.67 -9.50
C SER R 158 40.54 -64.00 -9.43
N ARG R 159 40.12 -64.53 -8.28
CA ARG R 159 38.73 -64.79 -7.99
C ARG R 159 38.49 -64.39 -6.54
N TYR R 160 37.49 -63.55 -6.31
CA TYR R 160 37.17 -63.01 -5.01
C TYR R 160 35.70 -63.30 -4.72
N PHE R 161 35.45 -64.12 -3.72
CA PHE R 161 34.12 -64.63 -3.48
C PHE R 161 33.99 -65.01 -2.01
N THR R 162 32.78 -65.39 -1.63
CA THR R 162 32.43 -65.78 -0.28
C THR R 162 32.22 -67.29 -0.23
N PRO R 163 33.08 -68.06 0.42
CA PRO R 163 32.87 -69.50 0.45
C PRO R 163 31.77 -69.91 1.41
N LYS R 164 31.49 -71.21 1.46
CA LYS R 164 30.47 -71.77 2.32
C LYS R 164 31.02 -73.02 2.97
N PRO R 165 30.67 -73.30 4.22
CA PRO R 165 31.17 -74.51 4.87
C PRO R 165 30.35 -75.74 4.53
N VAL R 166 31.01 -76.88 4.68
CA VAL R 166 30.41 -78.18 4.40
C VAL R 166 29.82 -78.67 5.72
N LEU R 167 28.57 -78.30 5.96
CA LEU R 167 27.87 -78.70 7.16
C LEU R 167 27.30 -80.10 7.04
N ASP R 168 26.69 -80.42 5.90
CA ASP R 168 26.19 -81.76 5.62
C ASP R 168 26.49 -82.06 4.16
N SER R 169 27.43 -82.96 3.92
CA SER R 169 27.78 -83.33 2.57
C SER R 169 26.72 -84.18 1.90
N THR R 170 25.81 -84.77 2.66
CA THR R 170 24.74 -85.58 2.09
C THR R 170 23.67 -84.71 1.44
N ILE R 171 23.33 -83.60 2.08
CA ILE R 171 22.26 -82.71 1.63
C ILE R 171 22.86 -81.52 0.90
N ASP R 172 24.03 -81.07 1.36
CA ASP R 172 24.77 -80.00 0.74
C ASP R 172 23.94 -78.72 0.69
N TYR R 173 23.64 -78.19 1.87
CA TYR R 173 22.91 -76.95 2.04
C TYR R 173 23.85 -75.84 2.47
N PHE R 174 23.55 -74.62 2.02
CA PHE R 174 24.35 -73.47 2.36
C PHE R 174 23.48 -72.23 2.40
N GLN R 175 23.99 -71.23 2.99
CA GLN R 175 23.32 -69.97 3.20
C GLN R 175 23.60 -69.00 2.07
N PRO R 176 22.69 -68.10 1.75
CA PRO R 176 23.04 -67.01 0.85
C PRO R 176 23.90 -65.97 1.54
N ASN R 177 24.38 -65.01 0.77
CA ASN R 177 25.32 -64.03 1.29
C ASN R 177 24.58 -63.03 2.15
N ASN R 178 24.95 -63.00 3.43
CA ASN R 178 24.38 -62.05 4.38
C ASN R 178 25.41 -61.87 5.47
N LYS R 179 25.99 -60.69 5.58
CA LYS R 179 27.03 -60.49 6.57
C LYS R 179 26.48 -60.57 7.98
N ARG R 180 25.21 -60.22 8.18
CA ARG R 180 24.63 -60.16 9.51
C ARG R 180 24.16 -61.52 9.99
N ASN R 181 23.82 -62.42 9.09
CA ASN R 181 23.24 -63.72 9.42
C ASN R 181 24.20 -64.88 9.19
N GLN R 182 25.43 -64.61 8.80
CA GLN R 182 26.38 -65.69 8.54
C GLN R 182 26.70 -66.43 9.83
N LEU R 183 26.71 -67.75 9.74
CA LEU R 183 26.94 -68.59 10.88
C LEU R 183 28.35 -68.42 11.42
N TRP R 184 28.47 -68.50 12.74
CA TRP R 184 29.74 -68.59 13.42
C TRP R 184 30.07 -70.06 13.65
N LEU R 185 31.22 -70.48 13.18
CA LEU R 185 31.75 -71.79 13.48
C LEU R 185 32.73 -71.69 14.63
N ARG R 186 33.05 -72.84 15.20
CA ARG R 186 34.05 -72.93 16.24
C ARG R 186 35.42 -73.19 15.62
N LEU R 187 36.41 -72.51 16.16
CA LEU R 187 37.80 -72.73 15.80
C LEU R 187 38.29 -73.94 16.58
N GLN R 188 38.17 -75.10 15.95
CA GLN R 188 38.56 -76.35 16.58
C GLN R 188 40.08 -76.41 16.72
N THR R 189 40.53 -77.45 17.41
CA THR R 189 41.96 -77.62 17.64
C THR R 189 42.66 -78.24 16.43
N ALA R 190 42.16 -79.38 15.95
CA ALA R 190 42.75 -80.03 14.78
C ALA R 190 41.72 -80.65 13.85
N GLY R 191 40.48 -80.16 13.84
CA GLY R 191 39.42 -80.80 13.09
C GLY R 191 38.44 -79.86 12.41
N ASN R 192 38.93 -78.71 11.98
CA ASN R 192 38.05 -77.72 11.38
C ASN R 192 37.45 -78.22 10.07
N VAL R 193 36.33 -77.63 9.72
CA VAL R 193 35.52 -78.07 8.58
C VAL R 193 36.01 -77.40 7.31
N ASP R 194 35.91 -78.12 6.20
CA ASP R 194 36.40 -77.64 4.93
C ASP R 194 35.41 -76.67 4.32
N HIS R 195 35.91 -75.52 3.92
CA HIS R 195 35.16 -74.60 3.09
C HIS R 195 35.46 -74.87 1.63
N VAL R 196 34.53 -74.46 0.78
CA VAL R 196 34.51 -74.89 -0.60
C VAL R 196 34.07 -73.71 -1.46
N GLY R 197 34.30 -73.81 -2.77
CA GLY R 197 33.99 -72.69 -3.62
C GLY R 197 34.82 -72.38 -4.85
N LEU R 198 35.72 -73.26 -5.29
CA LEU R 198 36.34 -73.01 -6.59
C LEU R 198 36.69 -74.29 -7.32
N GLY R 199 36.34 -74.29 -8.60
CA GLY R 199 36.76 -75.33 -9.52
C GLY R 199 37.24 -74.71 -10.81
N THR R 200 38.22 -75.38 -11.41
CA THR R 200 38.97 -74.84 -12.54
C THR R 200 38.97 -75.81 -13.71
N ALA R 201 39.27 -75.26 -14.88
CA ALA R 201 39.49 -76.06 -16.08
C ALA R 201 40.55 -75.35 -16.91
N PHE R 202 41.72 -75.97 -17.01
CA PHE R 202 42.84 -75.44 -17.76
C PHE R 202 43.03 -76.20 -19.05
N GLU R 203 43.26 -75.48 -20.13
CA GLU R 203 43.50 -76.09 -21.43
C GLU R 203 44.93 -76.59 -21.48
N ASN R 204 45.09 -77.85 -21.85
CA ASN R 204 46.40 -78.47 -21.88
C ASN R 204 47.24 -77.91 -23.01
N SER R 205 48.53 -78.22 -22.96
CA SER R 205 49.50 -77.64 -23.88
C SER R 205 50.66 -78.60 -24.06
N ILE R 206 51.49 -78.32 -25.06
CA ILE R 206 52.69 -79.10 -25.29
C ILE R 206 53.70 -78.86 -24.19
N TYR R 207 53.70 -77.67 -23.61
CA TYR R 207 54.61 -77.30 -22.54
C TYR R 207 53.91 -77.37 -21.19
N ASP R 208 54.71 -77.54 -20.14
CA ASP R 208 54.17 -77.56 -18.80
C ASP R 208 53.79 -76.16 -18.35
N GLN R 209 52.61 -76.03 -17.77
CA GLN R 209 52.08 -74.78 -17.26
C GLN R 209 52.07 -74.83 -15.75
N GLU R 210 52.98 -74.07 -15.12
CA GLU R 210 53.09 -74.03 -13.68
C GLU R 210 52.49 -72.73 -13.14
N TYR R 211 51.98 -72.81 -11.92
CA TYR R 211 51.38 -71.68 -11.23
C TYR R 211 51.74 -71.73 -9.76
N ASN R 212 51.88 -70.55 -9.17
CA ASN R 212 52.00 -70.38 -7.72
C ASN R 212 50.70 -69.78 -7.24
N ILE R 213 49.91 -70.56 -6.51
CA ILE R 213 48.58 -70.15 -6.11
C ILE R 213 48.64 -69.62 -4.70
N ARG R 214 48.19 -68.38 -4.51
CA ARG R 214 48.17 -67.70 -3.22
C ARG R 214 46.72 -67.50 -2.84
N VAL R 215 46.28 -68.20 -1.81
CA VAL R 215 44.94 -68.08 -1.26
C VAL R 215 45.02 -67.17 -0.05
N THR R 216 44.14 -66.19 0.00
CA THR R 216 44.02 -65.24 1.10
C THR R 216 42.60 -65.31 1.62
N MET R 217 42.46 -65.68 2.88
CA MET R 217 41.16 -65.74 3.55
C MET R 217 40.98 -64.55 4.46
N TYR R 218 39.88 -63.85 4.30
CA TYR R 218 39.49 -62.74 5.14
C TYR R 218 38.49 -63.24 6.17
N VAL R 219 38.95 -63.36 7.41
CA VAL R 219 38.21 -64.03 8.46
C VAL R 219 37.78 -63.01 9.50
N GLN R 220 36.88 -63.45 10.37
CA GLN R 220 36.31 -62.63 11.42
C GLN R 220 36.16 -63.53 12.63
N PHE R 221 36.89 -63.22 13.68
CA PHE R 221 36.90 -64.00 14.91
C PHE R 221 36.03 -63.34 15.96
N ARG R 222 35.83 -64.05 17.07
CA ARG R 222 34.96 -63.59 18.14
C ARG R 222 35.40 -64.26 19.44
N GLU R 223 35.18 -63.54 20.54
CA GLU R 223 35.38 -64.05 21.89
C GLU R 223 36.84 -64.44 22.14
N PHE R 224 37.66 -63.40 22.21
CA PHE R 224 39.02 -63.47 22.73
C PHE R 224 39.07 -64.32 23.99
N ASN R 225 39.88 -65.37 23.97
CA ASN R 225 39.87 -66.39 25.01
C ASN R 225 41.27 -66.76 25.46
N LEU R 226 42.12 -65.76 25.61
CA LEU R 226 43.48 -66.03 26.04
C LEU R 226 43.49 -66.58 27.46
N LYS R 227 44.40 -67.51 27.70
CA LYS R 227 44.57 -68.14 29.00
C LYS R 227 45.98 -67.86 29.49
N ASP R 228 46.09 -67.35 30.70
CA ASP R 228 47.36 -66.87 31.26
C ASP R 228 47.62 -67.58 32.58
N PRO R 229 48.19 -68.78 32.54
CA PRO R 229 48.60 -69.44 33.76
C PRO R 229 49.85 -68.79 34.32
N PRO R 230 50.20 -69.08 35.59
CA PRO R 230 51.47 -68.59 36.11
C PRO R 230 52.68 -69.26 35.47
N LEU R 231 53.86 -68.88 35.92
CA LEU R 231 55.11 -69.41 35.37
C LEU R 231 56.14 -69.65 36.47
N GLY S 43 6.27 -68.39 -21.44
CA GLY S 43 7.29 -68.70 -20.45
C GLY S 43 8.69 -68.45 -20.95
N ILE S 44 9.11 -67.20 -20.88
CA ILE S 44 10.37 -66.77 -21.46
C ILE S 44 11.52 -67.14 -20.55
N PHE S 45 12.63 -67.51 -21.16
CA PHE S 45 13.86 -67.78 -20.44
C PHE S 45 15.03 -67.41 -21.35
N ASN S 46 15.62 -66.25 -21.08
CA ASN S 46 16.83 -65.84 -21.77
C ASN S 46 18.03 -66.45 -21.09
N THR S 47 18.87 -67.12 -21.87
CA THR S 47 20.10 -67.71 -21.35
C THR S 47 21.21 -67.54 -22.37
N ARG S 48 22.30 -68.27 -22.15
CA ARG S 48 23.53 -68.13 -22.90
C ARG S 48 24.16 -69.50 -23.06
N LEU S 49 24.45 -69.87 -24.31
CA LEU S 49 25.03 -71.16 -24.65
C LEU S 49 26.30 -70.92 -25.44
N SER S 50 27.32 -71.71 -25.12
CA SER S 50 28.65 -71.55 -25.69
C SER S 50 29.14 -72.87 -26.27
N ARG S 51 30.25 -72.76 -27.00
CA ARG S 51 30.84 -73.83 -27.77
C ARG S 51 32.19 -73.35 -28.24
N THR S 52 33.17 -74.24 -28.24
CA THR S 52 34.56 -73.91 -28.55
C THR S 52 35.11 -74.90 -29.55
N PHE S 53 35.86 -74.39 -30.53
CA PHE S 53 36.46 -75.23 -31.56
C PHE S 53 37.63 -74.48 -32.17
N GLY S 54 38.40 -75.20 -32.97
CA GLY S 54 39.61 -74.67 -33.56
C GLY S 54 39.53 -74.30 -35.02
N TYR S 55 40.42 -73.41 -35.43
CA TYR S 55 40.57 -73.00 -36.82
C TYR S 55 42.02 -72.64 -37.06
N THR S 56 42.59 -73.18 -38.12
CA THR S 56 43.98 -72.96 -38.47
C THR S 56 44.10 -72.47 -39.90
N ILE S 57 44.98 -71.50 -40.09
CA ILE S 57 45.37 -71.00 -41.40
C ILE S 57 46.76 -71.55 -41.66
N LYS S 58 46.85 -72.54 -42.53
CA LYS S 58 48.12 -73.19 -42.80
C LYS S 58 49.07 -72.24 -43.52
N ARG S 59 50.35 -72.56 -43.40
CA ARG S 59 51.41 -71.76 -44.01
C ARG S 59 51.41 -71.89 -45.52
N THR S 60 52.03 -70.91 -46.17
CA THR S 60 52.18 -70.89 -47.62
C THR S 60 53.55 -70.31 -47.98
N THR S 61 54.19 -70.93 -48.96
CA THR S 61 55.43 -70.41 -49.53
C THR S 61 55.21 -69.24 -50.48
N VAL S 62 53.94 -68.91 -50.78
CA VAL S 62 53.66 -67.79 -51.68
C VAL S 62 54.21 -66.51 -51.10
N LYS S 63 54.82 -65.70 -51.96
CA LYS S 63 55.46 -64.46 -51.54
C LYS S 63 54.47 -63.32 -51.44
N THR S 64 53.50 -63.27 -52.34
CA THR S 64 52.56 -62.18 -52.39
C THR S 64 51.69 -62.14 -51.15
N PRO S 65 50.99 -61.03 -50.91
CA PRO S 65 49.95 -61.02 -49.89
C PRO S 65 48.70 -61.67 -50.42
N SER S 66 48.41 -62.88 -49.95
CA SER S 66 47.20 -63.59 -50.28
C SER S 66 46.39 -63.81 -49.02
N TRP S 67 45.09 -64.01 -49.21
CA TRP S 67 44.15 -64.19 -48.11
C TRP S 67 43.46 -65.54 -48.21
N ALA S 68 43.14 -66.07 -47.03
CA ALA S 68 42.43 -67.33 -46.88
C ALA S 68 41.01 -67.04 -46.46
N VAL S 69 40.06 -67.48 -47.26
CA VAL S 69 38.65 -67.18 -47.06
C VAL S 69 37.96 -68.42 -46.51
N ASP S 70 37.04 -68.19 -45.59
CA ASP S 70 36.26 -69.27 -45.01
C ASP S 70 34.96 -68.69 -44.48
N MET S 71 34.04 -69.59 -44.17
CA MET S 71 32.70 -69.25 -43.73
C MET S 71 32.44 -69.78 -42.33
N MET S 72 31.33 -69.33 -41.75
CA MET S 72 30.97 -69.71 -40.40
C MET S 72 29.45 -69.62 -40.25
N ARG S 73 28.82 -70.77 -40.05
CA ARG S 73 27.41 -70.88 -39.75
C ARG S 73 27.22 -71.24 -38.29
N PHE S 74 25.98 -71.11 -37.82
CA PHE S 74 25.62 -71.37 -36.43
C PHE S 74 24.35 -72.19 -36.39
N ASN S 75 24.41 -73.34 -35.73
CA ASN S 75 23.24 -74.18 -35.49
C ASN S 75 23.14 -74.49 -34.01
N ILE S 76 21.91 -74.66 -33.54
CA ILE S 76 21.65 -74.87 -32.12
C ILE S 76 21.89 -76.31 -31.69
N ASN S 77 22.01 -77.25 -32.63
CA ASN S 77 22.34 -78.62 -32.24
C ASN S 77 23.73 -78.70 -31.67
N ASP S 78 24.64 -77.84 -32.12
CA ASP S 78 26.01 -77.84 -31.63
C ASP S 78 26.15 -77.21 -30.26
N PHE S 79 25.13 -76.51 -29.79
CA PHE S 79 25.14 -75.88 -28.47
C PHE S 79 24.22 -76.57 -27.48
N LEU S 80 23.12 -77.15 -27.96
CA LEU S 80 22.12 -77.80 -27.12
C LEU S 80 22.10 -79.29 -27.39
N PRO S 81 22.52 -80.16 -26.47
CA PRO S 81 22.56 -81.57 -26.78
C PRO S 81 21.17 -82.18 -26.74
N PRO S 82 21.02 -83.42 -27.16
CA PRO S 82 19.76 -84.11 -26.97
C PRO S 82 19.53 -84.47 -25.52
N GLY S 83 18.27 -84.47 -25.13
CA GLY S 83 17.91 -84.76 -23.76
C GLY S 83 17.81 -86.24 -23.49
N GLY S 84 16.82 -86.62 -22.69
CA GLY S 84 16.63 -88.01 -22.35
C GLY S 84 15.21 -88.29 -21.92
N GLY S 85 14.63 -89.34 -22.48
CA GLY S 85 13.29 -89.73 -22.14
C GLY S 85 12.23 -89.00 -22.94
N SER S 86 11.15 -88.63 -22.27
CA SER S 86 10.06 -87.94 -22.94
C SER S 86 10.42 -86.52 -23.34
N ASN S 87 11.50 -85.98 -22.77
CA ASN S 87 11.98 -84.66 -23.14
C ASN S 87 13.05 -84.83 -24.21
N PRO S 88 12.80 -84.45 -25.48
CA PRO S 88 13.80 -84.74 -26.51
C PRO S 88 15.05 -83.91 -26.42
N ARG S 89 14.99 -82.75 -25.78
CA ARG S 89 16.12 -81.84 -25.64
C ARG S 89 16.41 -81.59 -24.16
N SER S 90 17.61 -81.09 -23.91
CA SER S 90 18.09 -80.92 -22.55
C SER S 90 17.55 -79.66 -21.89
N VAL S 91 17.17 -78.67 -22.68
CA VAL S 91 16.49 -77.47 -22.20
C VAL S 91 15.01 -77.64 -22.50
N PRO S 92 14.15 -77.81 -21.49
CA PRO S 92 12.76 -78.18 -21.80
C PRO S 92 11.88 -77.01 -22.22
N PHE S 93 12.02 -76.62 -23.48
CA PHE S 93 11.22 -75.58 -24.07
C PHE S 93 10.87 -75.99 -25.50
N GLU S 94 9.84 -75.35 -26.03
CA GLU S 94 9.31 -75.65 -27.35
C GLU S 94 9.89 -74.77 -28.44
N TYR S 95 9.87 -73.46 -28.23
CA TYR S 95 10.26 -72.49 -29.23
C TYR S 95 11.55 -71.80 -28.83
N TYR S 96 12.20 -71.20 -29.81
CA TYR S 96 13.42 -70.45 -29.57
C TYR S 96 13.59 -69.39 -30.65
N ARG S 97 14.44 -68.43 -30.37
CA ARG S 97 14.89 -67.47 -31.36
C ARG S 97 16.20 -66.89 -30.89
N ILE S 98 17.19 -66.91 -31.77
CA ILE S 98 18.53 -66.47 -31.42
C ILE S 98 18.58 -64.95 -31.50
N ARG S 99 18.94 -64.32 -30.40
CA ARG S 99 18.99 -62.87 -30.29
C ARG S 99 20.32 -62.31 -30.76
N LYS S 100 21.42 -62.88 -30.29
CA LYS S 100 22.75 -62.39 -30.60
C LYS S 100 23.71 -63.56 -30.63
N VAL S 101 24.84 -63.35 -31.28
CA VAL S 101 25.96 -64.28 -31.25
C VAL S 101 27.22 -63.46 -31.05
N LYS S 102 28.14 -64.03 -30.26
CA LYS S 102 29.47 -63.46 -30.01
C LYS S 102 30.49 -64.48 -30.47
N VAL S 103 31.15 -64.19 -31.56
CA VAL S 103 32.26 -64.99 -32.05
C VAL S 103 33.55 -64.37 -31.57
N GLU S 104 34.36 -65.16 -30.88
CA GLU S 104 35.61 -64.72 -30.29
C GLU S 104 36.73 -65.55 -30.89
N PHE S 105 37.64 -64.89 -31.60
CA PHE S 105 38.86 -65.53 -32.09
C PHE S 105 39.93 -65.35 -31.03
N TRP S 106 40.12 -66.38 -30.23
CA TRP S 106 41.16 -66.36 -29.22
C TRP S 106 42.44 -66.91 -29.84
N PRO S 107 43.53 -66.13 -29.89
CA PRO S 107 44.73 -66.61 -30.58
C PRO S 107 45.41 -67.73 -29.82
N CYS S 108 46.15 -68.51 -30.58
CA CYS S 108 46.99 -69.57 -30.07
C CYS S 108 48.47 -69.32 -30.28
N SER S 109 48.83 -68.19 -30.84
CA SER S 109 50.17 -67.88 -31.30
C SER S 109 50.84 -66.91 -30.35
N PRO S 110 52.16 -66.98 -30.21
CA PRO S 110 52.85 -66.08 -29.29
C PRO S 110 52.91 -64.67 -29.82
N ILE S 111 53.13 -63.73 -28.90
CA ILE S 111 53.26 -62.33 -29.30
C ILE S 111 54.58 -62.02 -29.97
N THR S 112 55.50 -62.97 -30.04
CA THR S 112 56.76 -62.81 -30.75
C THR S 112 56.69 -63.29 -32.19
N GLN S 113 55.55 -63.76 -32.66
CA GLN S 113 55.46 -64.31 -34.00
C GLN S 113 55.45 -63.18 -35.01
N GLY S 114 56.25 -63.33 -36.05
CA GLY S 114 56.36 -62.35 -37.10
C GLY S 114 55.51 -62.68 -38.30
N ASP S 115 55.83 -62.00 -39.41
CA ASP S 115 55.06 -62.11 -40.64
C ASP S 115 53.60 -61.79 -40.38
N ARG S 116 53.37 -60.74 -39.62
CA ARG S 116 52.04 -60.33 -39.25
C ARG S 116 51.26 -59.89 -40.48
N GLY S 117 49.95 -59.77 -40.31
CA GLY S 117 49.06 -59.50 -41.40
C GLY S 117 47.83 -58.74 -40.98
N VAL S 118 46.91 -58.57 -41.92
CA VAL S 118 45.69 -57.81 -41.67
C VAL S 118 44.57 -58.40 -42.51
N GLY S 119 43.46 -58.70 -41.87
CA GLY S 119 42.33 -59.34 -42.49
C GLY S 119 41.03 -58.62 -42.22
N SER S 120 39.92 -59.31 -42.44
CA SER S 120 38.61 -58.70 -42.36
C SER S 120 37.57 -59.76 -42.02
N SER S 121 36.64 -59.38 -41.17
CA SER S 121 35.48 -60.19 -40.84
C SER S 121 34.22 -59.41 -41.14
N ALA S 122 33.31 -60.04 -41.87
CA ALA S 122 32.07 -59.40 -42.29
C ALA S 122 30.88 -60.28 -41.92
N VAL S 123 29.72 -59.65 -41.88
CA VAL S 123 28.46 -60.29 -41.47
C VAL S 123 27.65 -60.58 -42.71
N ILE S 124 27.33 -61.85 -42.92
CA ILE S 124 26.72 -62.35 -44.15
C ILE S 124 25.47 -63.11 -43.75
N LEU S 125 24.32 -62.48 -43.87
CA LEU S 125 23.07 -62.99 -43.32
C LEU S 125 22.23 -63.76 -44.33
N ASP S 126 22.83 -64.39 -45.35
CA ASP S 126 22.06 -64.96 -46.45
C ASP S 126 22.57 -66.27 -47.03
N ASP S 127 23.62 -66.86 -46.48
CA ASP S 127 24.07 -68.19 -46.90
C ASP S 127 24.65 -68.19 -48.31
N ASN S 128 25.18 -67.05 -48.75
CA ASN S 128 25.94 -66.96 -49.99
C ASN S 128 27.21 -66.21 -49.63
N PHE S 129 28.22 -66.98 -49.27
CA PHE S 129 29.52 -66.48 -48.89
C PHE S 129 30.42 -66.41 -50.11
N VAL S 130 31.49 -65.63 -49.98
CA VAL S 130 32.58 -65.73 -50.94
C VAL S 130 33.13 -67.13 -50.89
N THR S 131 33.47 -67.66 -52.06
CA THR S 131 33.92 -69.04 -52.16
C THR S 131 35.15 -69.27 -51.31
N LYS S 132 35.20 -70.42 -50.66
CA LYS S 132 36.35 -70.77 -49.83
C LYS S 132 37.60 -70.85 -50.68
N ALA S 133 38.64 -70.16 -50.25
CA ALA S 133 39.89 -70.05 -50.97
C ALA S 133 41.05 -70.21 -50.01
N THR S 134 42.14 -70.76 -50.53
CA THR S 134 43.36 -70.95 -49.77
C THR S 134 44.27 -69.74 -49.85
N ALA S 135 44.53 -69.26 -51.07
CA ALA S 135 45.38 -68.09 -51.29
C ALA S 135 44.75 -67.25 -52.39
N LEU S 136 43.87 -66.35 -52.00
CA LEU S 136 43.25 -65.40 -52.90
C LEU S 136 44.03 -64.10 -52.91
N THR S 137 44.12 -63.48 -54.07
CA THR S 137 44.99 -62.33 -54.29
C THR S 137 44.44 -61.03 -53.72
N TYR S 138 43.35 -61.07 -52.96
CA TYR S 138 42.77 -59.86 -52.40
C TYR S 138 41.88 -60.26 -51.24
N ASP S 139 41.50 -59.25 -50.45
CA ASP S 139 40.59 -59.42 -49.33
C ASP S 139 39.19 -59.10 -49.80
N PRO S 140 38.30 -60.09 -49.99
CA PRO S 140 36.99 -59.77 -50.53
C PRO S 140 36.11 -59.01 -49.56
N TYR S 141 36.27 -59.26 -48.27
CA TYR S 141 35.42 -58.68 -47.25
C TYR S 141 35.90 -57.31 -46.78
N VAL S 142 36.79 -56.67 -47.52
CA VAL S 142 37.42 -55.45 -47.04
C VAL S 142 36.49 -54.25 -47.24
N ASN S 143 35.78 -54.19 -48.36
CA ASN S 143 34.92 -53.06 -48.65
C ASN S 143 33.50 -53.27 -48.14
N TYR S 144 33.24 -54.35 -47.42
CA TYR S 144 31.93 -54.57 -46.85
C TYR S 144 31.65 -53.57 -45.74
N SER S 145 30.39 -53.15 -45.67
CA SER S 145 29.96 -52.20 -44.67
C SER S 145 30.08 -52.74 -43.25
N SER S 146 30.08 -54.06 -43.10
CA SER S 146 30.22 -54.71 -41.80
C SER S 146 31.61 -55.25 -41.56
N ARG S 147 32.61 -54.70 -42.23
CA ARG S 147 33.97 -55.17 -42.09
C ARG S 147 34.57 -54.63 -40.81
N HIS S 148 35.18 -55.51 -40.03
CA HIS S 148 36.06 -55.16 -38.93
C HIS S 148 37.42 -55.73 -39.27
N THR S 149 38.46 -54.96 -38.99
CA THR S 149 39.82 -55.39 -39.26
C THR S 149 40.25 -56.47 -38.28
N ILE S 150 40.89 -57.49 -38.81
CA ILE S 150 41.49 -58.56 -38.02
C ILE S 150 42.99 -58.30 -38.06
N THR S 151 43.54 -57.90 -36.93
CA THR S 151 44.98 -57.94 -36.74
C THR S 151 45.40 -59.37 -36.44
N GLN S 152 46.47 -59.80 -37.08
CA GLN S 152 46.96 -61.17 -36.99
C GLN S 152 48.41 -61.15 -36.52
N PRO S 153 48.89 -62.27 -35.96
CA PRO S 153 48.25 -63.52 -35.56
C PRO S 153 47.87 -63.61 -34.10
N PHE S 154 48.41 -62.72 -33.28
CA PHE S 154 48.35 -62.85 -31.83
C PHE S 154 47.37 -61.87 -31.20
N SER S 155 46.32 -61.50 -31.91
CA SER S 155 45.39 -60.49 -31.47
C SER S 155 43.98 -61.04 -31.43
N TYR S 156 43.24 -60.58 -30.45
CA TYR S 156 41.87 -61.01 -30.21
C TYR S 156 40.91 -60.24 -31.09
N HIS S 157 39.91 -60.95 -31.61
CA HIS S 157 38.91 -60.39 -32.49
C HIS S 157 37.55 -60.90 -32.05
N SER S 158 36.65 -59.97 -31.74
CA SER S 158 35.28 -60.28 -31.39
C SER S 158 34.32 -59.67 -32.39
N ARG S 159 33.20 -60.34 -32.59
CA ARG S 159 32.11 -59.84 -33.41
C ARG S 159 30.81 -60.19 -32.70
N TYR S 160 29.97 -59.18 -32.48
CA TYR S 160 28.72 -59.31 -31.77
C TYR S 160 27.61 -58.79 -32.66
N PHE S 161 26.71 -59.67 -33.04
CA PHE S 161 25.70 -59.35 -34.04
C PHE S 161 24.51 -60.26 -33.86
N THR S 162 23.48 -59.99 -34.65
CA THR S 162 22.22 -60.73 -34.63
C THR S 162 22.11 -61.59 -35.87
N PRO S 163 22.18 -62.91 -35.78
CA PRO S 163 22.10 -63.72 -36.99
C PRO S 163 20.69 -63.84 -37.52
N LYS S 164 20.55 -64.53 -38.63
CA LYS S 164 19.27 -64.73 -39.28
C LYS S 164 19.16 -66.18 -39.71
N PRO S 165 17.98 -66.77 -39.65
CA PRO S 165 17.86 -68.16 -40.07
C PRO S 165 17.67 -68.31 -41.57
N VAL S 166 18.01 -69.50 -42.05
CA VAL S 166 17.92 -69.85 -43.46
C VAL S 166 16.55 -70.48 -43.65
N LEU S 167 15.57 -69.64 -43.94
CA LEU S 167 14.20 -70.10 -44.17
C LEU S 167 14.03 -70.61 -45.59
N ASP S 168 14.54 -69.87 -46.57
CA ASP S 168 14.52 -70.31 -47.97
C ASP S 168 15.86 -69.94 -48.58
N SER S 169 16.69 -70.94 -48.85
CA SER S 169 17.98 -70.70 -49.46
C SER S 169 17.88 -70.29 -50.92
N THR S 170 16.74 -70.52 -51.57
CA THR S 170 16.57 -70.13 -52.96
C THR S 170 16.36 -68.63 -53.10
N ILE S 171 15.60 -68.04 -52.18
CA ILE S 171 15.25 -66.63 -52.23
C ILE S 171 16.12 -65.85 -51.28
N ASP S 172 16.47 -66.47 -50.16
CA ASP S 172 17.36 -65.89 -49.17
C ASP S 172 16.82 -64.56 -48.64
N TYR S 173 15.68 -64.66 -47.95
CA TYR S 173 15.04 -63.52 -47.33
C TYR S 173 15.23 -63.57 -45.83
N PHE S 174 15.34 -62.39 -45.22
CA PHE S 174 15.51 -62.29 -43.78
C PHE S 174 14.87 -61.01 -43.28
N GLN S 175 14.68 -60.96 -42.04
CA GLN S 175 14.03 -59.87 -41.34
C GLN S 175 15.05 -58.84 -40.86
N PRO S 176 14.68 -57.57 -40.78
CA PRO S 176 15.54 -56.62 -40.08
C PRO S 176 15.50 -56.81 -38.58
N ASN S 177 16.35 -56.08 -37.88
CA ASN S 177 16.48 -56.26 -36.44
C ASN S 177 15.29 -55.63 -35.74
N ASN S 178 14.51 -56.46 -35.05
CA ASN S 178 13.38 -56.00 -34.27
C ASN S 178 13.16 -57.04 -33.20
N LYS S 179 13.37 -56.67 -31.95
CA LYS S 179 13.24 -57.63 -30.88
C LYS S 179 11.80 -58.09 -30.71
N ARG S 180 10.84 -57.22 -31.03
CA ARG S 180 9.44 -57.53 -30.80
C ARG S 180 8.83 -58.36 -31.90
N ASN S 181 9.38 -58.28 -33.12
CA ASN S 181 8.83 -58.94 -34.28
C ASN S 181 9.64 -60.13 -34.75
N GLN S 182 10.71 -60.48 -34.05
CA GLN S 182 11.56 -61.59 -34.47
C GLN S 182 10.79 -62.90 -34.39
N LEU S 183 10.93 -63.70 -35.43
CA LEU S 183 10.22 -64.95 -35.53
C LEU S 183 10.67 -65.93 -34.46
N TRP S 184 9.72 -66.71 -33.98
CA TRP S 184 10.00 -67.86 -33.12
C TRP S 184 10.09 -69.09 -34.00
N LEU S 185 11.19 -69.80 -33.88
CA LEU S 185 11.36 -71.10 -34.50
C LEU S 185 11.06 -72.18 -33.48
N ARG S 186 10.87 -73.39 -33.99
CA ARG S 186 10.69 -74.55 -33.14
C ARG S 186 12.03 -75.20 -32.85
N LEU S 187 12.20 -75.61 -31.60
CA LEU S 187 13.35 -76.38 -31.18
C LEU S 187 13.10 -77.82 -31.56
N GLN S 188 13.57 -78.19 -32.74
CA GLN S 188 13.39 -79.52 -33.27
C GLN S 188 14.23 -80.51 -32.46
N THR S 189 14.03 -81.79 -32.76
CA THR S 189 14.75 -82.84 -32.05
C THR S 189 16.16 -83.04 -32.61
N ALA S 190 16.28 -83.24 -33.93
CA ALA S 190 17.59 -83.41 -34.54
C ALA S 190 17.71 -82.74 -35.92
N GLY S 191 16.94 -81.70 -36.19
CA GLY S 191 16.88 -81.12 -37.51
C GLY S 191 16.75 -79.62 -37.55
N ASN S 192 17.34 -78.93 -36.59
CA ASN S 192 17.21 -77.49 -36.50
C ASN S 192 17.88 -76.80 -37.69
N VAL S 193 17.44 -75.59 -37.95
CA VAL S 193 17.84 -74.84 -39.13
C VAL S 193 19.10 -74.07 -38.84
N ASP S 194 19.93 -73.91 -39.86
CA ASP S 194 21.21 -73.24 -39.70
C ASP S 194 21.03 -71.74 -39.71
N HIS S 195 21.59 -71.08 -38.70
CA HIS S 195 21.72 -69.64 -38.70
C HIS S 195 23.07 -69.25 -39.28
N VAL S 196 23.13 -68.03 -39.79
CA VAL S 196 24.21 -67.60 -40.64
C VAL S 196 24.55 -66.15 -40.28
N GLY S 197 25.72 -65.69 -40.72
CA GLY S 197 26.15 -64.36 -40.33
C GLY S 197 27.60 -64.04 -40.12
N LEU S 198 28.55 -64.89 -40.49
CA LEU S 198 29.94 -64.45 -40.44
C LEU S 198 30.80 -65.09 -41.51
N GLY S 199 31.58 -64.24 -42.17
CA GLY S 199 32.60 -64.69 -43.09
C GLY S 199 33.88 -63.94 -42.84
N THR S 200 35.00 -64.62 -43.06
CA THR S 200 36.31 -64.13 -42.67
C THR S 200 37.27 -64.17 -43.84
N ALA S 201 38.35 -63.41 -43.70
CA ALA S 201 39.47 -63.44 -44.64
C ALA S 201 40.73 -63.18 -43.84
N PHE S 202 41.58 -64.20 -43.75
CA PHE S 202 42.82 -64.14 -43.02
C PHE S 202 43.99 -64.10 -43.99
N GLU S 203 44.94 -63.22 -43.72
CA GLU S 203 46.13 -63.11 -44.53
C GLU S 203 47.10 -64.22 -44.18
N ASN S 204 47.55 -64.94 -45.20
CA ASN S 204 48.41 -66.08 -45.01
C ASN S 204 49.79 -65.63 -44.56
N SER S 205 50.58 -66.60 -44.09
CA SER S 205 51.87 -66.34 -43.48
C SER S 205 52.77 -67.54 -43.68
N ILE S 206 54.06 -67.33 -43.39
CA ILE S 206 55.03 -68.41 -43.44
C ILE S 206 54.79 -69.39 -42.31
N TYR S 207 54.27 -68.92 -41.20
CA TYR S 207 53.98 -69.75 -40.03
C TYR S 207 52.49 -70.07 -39.96
N ASP S 208 52.19 -71.17 -39.28
CA ASP S 208 50.81 -71.55 -39.09
C ASP S 208 50.15 -70.65 -38.04
N GLN S 209 48.95 -70.19 -38.35
CA GLN S 209 48.17 -69.32 -37.47
C GLN S 209 46.98 -70.12 -36.95
N GLU S 210 47.01 -70.47 -35.68
CA GLU S 210 45.95 -71.23 -35.05
C GLU S 210 45.10 -70.33 -34.17
N TYR S 211 43.83 -70.70 -34.04
CA TYR S 211 42.87 -69.96 -33.24
C TYR S 211 41.95 -70.94 -32.55
N ASN S 212 41.50 -70.57 -31.35
CA ASN S 212 40.45 -71.27 -30.62
C ASN S 212 39.23 -70.37 -30.65
N ILE S 213 38.21 -70.77 -31.41
CA ILE S 213 37.05 -69.94 -31.64
C ILE S 213 35.95 -70.35 -30.68
N ARG S 214 35.47 -69.39 -29.90
CA ARG S 214 34.42 -69.59 -28.92
C ARG S 214 33.19 -68.80 -29.38
N VAL S 215 32.15 -69.53 -29.77
CA VAL S 215 30.89 -68.95 -30.16
C VAL S 215 29.95 -69.02 -28.98
N THR S 216 29.31 -67.90 -28.68
CA THR S 216 28.34 -67.78 -27.62
C THR S 216 27.04 -67.27 -28.22
N MET S 217 25.98 -68.05 -28.11
CA MET S 217 24.67 -67.67 -28.59
C MET S 217 23.77 -67.27 -27.43
N TYR S 218 23.18 -66.10 -27.55
CA TYR S 218 22.23 -65.59 -26.57
C TYR S 218 20.83 -65.85 -27.10
N VAL S 219 20.15 -66.81 -26.50
CA VAL S 219 18.91 -67.35 -27.02
C VAL S 219 17.77 -66.96 -26.08
N GLN S 220 16.56 -67.16 -26.57
CA GLN S 220 15.34 -66.84 -25.84
C GLN S 220 14.35 -67.93 -26.17
N PHE S 221 13.97 -68.70 -25.15
CA PHE S 221 13.05 -69.80 -25.29
C PHE S 221 11.65 -69.41 -24.86
N ARG S 222 10.71 -70.31 -25.09
CA ARG S 222 9.30 -70.05 -24.80
C ARG S 222 8.59 -71.38 -24.60
N GLU S 223 7.56 -71.35 -23.76
CA GLU S 223 6.65 -72.48 -23.55
C GLU S 223 7.39 -73.70 -22.98
N PHE S 224 7.79 -73.54 -21.73
CA PHE S 224 8.23 -74.63 -20.87
C PHE S 224 7.33 -75.84 -21.03
N ASN S 225 7.90 -76.97 -21.43
CA ASN S 225 7.13 -78.14 -21.82
C ASN S 225 7.68 -79.42 -21.21
N LEU S 226 8.03 -79.35 -19.94
CA LEU S 226 8.55 -80.52 -19.27
C LEU S 226 7.49 -81.60 -19.16
N LYS S 227 7.91 -82.85 -19.32
CA LYS S 227 7.04 -84.00 -19.22
C LYS S 227 7.52 -84.89 -18.08
N ASP S 228 6.61 -85.23 -17.18
CA ASP S 228 6.94 -85.94 -15.95
C ASP S 228 6.10 -87.21 -15.87
N PRO S 229 6.55 -88.29 -16.50
CA PRO S 229 5.88 -89.56 -16.34
C PRO S 229 6.19 -90.17 -14.97
N PRO S 230 5.45 -91.18 -14.55
CA PRO S 230 5.80 -91.86 -13.30
C PRO S 230 7.08 -92.67 -13.43
N LEU S 231 7.45 -93.35 -12.34
CA LEU S 231 8.68 -94.13 -12.29
C LEU S 231 8.48 -95.43 -11.52
N GLY T 43 23.48 -36.49 -57.36
CA GLY T 43 23.35 -37.80 -56.72
C GLY T 43 24.60 -38.22 -56.00
N ILE T 44 24.76 -37.72 -54.79
CA ILE T 44 25.98 -37.90 -54.03
C ILE T 44 25.99 -39.28 -53.40
N PHE T 45 27.18 -39.87 -53.34
CA PHE T 45 27.39 -41.14 -52.66
C PHE T 45 28.81 -41.14 -52.11
N ASN T 46 28.94 -40.90 -50.82
CA ASN T 46 30.21 -41.00 -50.14
C ASN T 46 30.45 -42.45 -49.74
N THR T 47 31.61 -42.98 -50.12
CA THR T 47 31.99 -44.33 -49.77
C THR T 47 33.47 -44.38 -49.45
N ARG T 48 34.00 -45.60 -49.38
CA ARG T 48 35.35 -45.86 -48.92
C ARG T 48 35.91 -47.02 -49.72
N LEU T 49 37.08 -46.80 -50.31
CA LEU T 49 37.75 -47.78 -51.16
C LEU T 49 39.14 -48.01 -50.62
N SER T 50 39.56 -49.26 -50.58
CA SER T 50 40.83 -49.66 -50.00
C SER T 50 41.64 -50.50 -50.99
N ARG T 51 42.88 -50.72 -50.60
CA ARG T 51 43.90 -51.36 -51.43
C ARG T 51 45.10 -51.62 -50.53
N THR T 52 45.73 -52.77 -50.73
CA THR T 52 46.82 -53.22 -49.88
C THR T 52 47.99 -53.68 -50.74
N PHE T 53 49.19 -53.31 -50.32
CA PHE T 53 50.40 -53.67 -51.05
C PHE T 53 51.58 -53.59 -50.09
N GLY T 54 52.71 -54.10 -50.56
CA GLY T 54 53.91 -54.20 -49.76
C GLY T 54 54.98 -53.18 -50.05
N TYR T 55 55.83 -52.95 -49.06
CA TYR T 55 56.99 -52.08 -49.17
C TYR T 55 58.07 -52.60 -48.24
N THR T 56 59.29 -52.74 -48.76
CA THR T 56 60.41 -53.26 -48.01
C THR T 56 61.58 -52.31 -48.11
N ILE T 57 62.25 -52.12 -46.98
CA ILE T 57 63.50 -51.38 -46.88
C ILE T 57 64.58 -52.42 -46.68
N LYS T 58 65.35 -52.67 -47.73
CA LYS T 58 66.38 -53.70 -47.69
C LYS T 58 67.49 -53.30 -46.73
N ARG T 59 68.22 -54.31 -46.28
CA ARG T 59 69.32 -54.14 -45.34
C ARG T 59 70.51 -53.47 -46.01
N THR T 60 71.37 -52.90 -45.16
CA THR T 60 72.59 -52.24 -45.61
C THR T 60 73.70 -52.52 -44.60
N THR T 61 74.91 -52.79 -45.12
CA THR T 61 76.09 -52.92 -44.29
C THR T 61 76.65 -51.58 -43.85
N VAL T 62 76.09 -50.47 -44.34
CA VAL T 62 76.58 -49.15 -43.97
C VAL T 62 76.43 -48.96 -42.47
N LYS T 63 77.46 -48.38 -41.85
CA LYS T 63 77.48 -48.19 -40.40
C LYS T 63 76.74 -46.94 -39.98
N THR T 64 76.84 -45.88 -40.78
CA THR T 64 76.25 -44.61 -40.43
C THR T 64 74.73 -44.69 -40.37
N PRO T 65 74.08 -43.69 -39.77
CA PRO T 65 72.63 -43.59 -39.92
C PRO T 65 72.30 -42.98 -41.26
N SER T 66 71.79 -43.80 -42.17
CA SER T 66 71.32 -43.36 -43.47
C SER T 66 69.84 -43.65 -43.59
N TRP T 67 69.18 -42.90 -44.46
CA TRP T 67 67.75 -43.02 -44.67
C TRP T 67 67.44 -43.40 -46.11
N ALA T 68 66.34 -44.14 -46.25
CA ALA T 68 65.84 -44.58 -47.54
C ALA T 68 64.60 -43.77 -47.88
N VAL T 69 64.66 -43.08 -49.01
CA VAL T 69 63.61 -42.15 -49.41
C VAL T 69 62.80 -42.79 -50.53
N ASP T 70 61.49 -42.57 -50.48
CA ASP T 70 60.59 -43.07 -51.50
C ASP T 70 59.35 -42.20 -51.52
N MET T 71 58.56 -42.37 -52.56
CA MET T 71 57.38 -41.58 -52.83
C MET T 71 56.14 -42.46 -52.85
N MET T 72 54.98 -41.80 -52.84
CA MET T 72 53.71 -42.51 -52.83
C MET T 72 52.65 -41.63 -53.48
N ARG T 73 52.14 -42.07 -54.62
CA ARG T 73 51.03 -41.45 -55.31
C ARG T 73 49.77 -42.30 -55.14
N PHE T 74 48.63 -41.72 -55.50
CA PHE T 74 47.34 -42.36 -55.38
C PHE T 74 46.55 -42.14 -56.65
N ASN T 75 46.10 -43.23 -57.26
CA ASN T 75 45.23 -43.19 -58.42
C ASN T 75 44.01 -44.06 -58.17
N ILE T 76 42.89 -43.66 -58.75
CA ILE T 76 41.63 -44.36 -58.53
C ILE T 76 41.48 -45.62 -59.36
N ASN T 77 42.33 -45.81 -60.38
CA ASN T 77 42.28 -47.06 -61.13
C ASN T 77 42.70 -48.24 -60.27
N ASP T 78 43.58 -48.01 -59.30
CA ASP T 78 44.06 -49.07 -58.43
C ASP T 78 43.05 -49.44 -57.36
N PHE T 79 42.01 -48.64 -57.16
CA PHE T 79 40.97 -48.90 -56.18
C PHE T 79 39.65 -49.29 -56.82
N LEU T 80 39.36 -48.76 -58.01
CA LEU T 80 38.11 -48.98 -58.71
C LEU T 80 38.36 -49.78 -59.98
N PRO T 81 37.94 -51.04 -60.09
CA PRO T 81 38.25 -51.79 -61.29
C PRO T 81 37.36 -51.37 -62.45
N PRO T 82 37.65 -51.86 -63.65
CA PRO T 82 36.74 -51.63 -64.76
C PRO T 82 35.48 -52.44 -64.61
N GLY T 83 34.38 -51.88 -65.11
CA GLY T 83 33.11 -52.54 -65.02
C GLY T 83 32.88 -53.56 -66.11
N GLY T 84 31.66 -53.61 -66.62
CA GLY T 84 31.31 -54.53 -67.67
C GLY T 84 30.11 -54.07 -68.46
N GLY T 85 30.22 -54.12 -69.78
CA GLY T 85 29.13 -53.73 -70.64
C GLY T 85 29.08 -52.25 -70.90
N SER T 86 27.87 -51.71 -70.92
CA SER T 86 27.69 -50.29 -71.19
C SER T 86 28.17 -49.42 -70.04
N ASN T 87 28.38 -49.99 -68.86
CA ASN T 87 28.94 -49.27 -67.73
C ASN T 87 30.44 -49.47 -67.70
N PRO T 88 31.26 -48.46 -68.02
CA PRO T 88 32.69 -48.71 -68.12
C PRO T 88 33.38 -48.97 -66.79
N ARG T 89 32.78 -48.53 -65.69
CA ARG T 89 33.35 -48.71 -64.36
C ARG T 89 32.37 -49.45 -63.47
N SER T 90 32.90 -49.98 -62.37
CA SER T 90 32.13 -50.85 -61.50
C SER T 90 31.24 -50.07 -60.55
N VAL T 91 31.59 -48.81 -60.27
CA VAL T 91 30.74 -47.90 -59.50
C VAL T 91 30.06 -46.97 -60.49
N PRO T 92 28.75 -47.07 -60.70
CA PRO T 92 28.13 -46.33 -61.80
C PRO T 92 27.87 -44.86 -61.50
N PHE T 93 28.94 -44.08 -61.59
CA PHE T 93 28.87 -42.64 -61.41
C PHE T 93 29.77 -41.98 -62.43
N GLU T 94 29.52 -40.69 -62.66
CA GLU T 94 30.24 -39.91 -63.65
C GLU T 94 31.42 -39.16 -63.07
N TYR T 95 31.21 -38.43 -61.99
CA TYR T 95 32.19 -37.54 -61.40
C TYR T 95 32.65 -38.08 -60.07
N TYR T 96 33.80 -37.59 -59.62
CA TYR T 96 34.35 -37.96 -58.34
C TYR T 96 35.26 -36.86 -57.83
N ARG T 97 35.54 -36.91 -56.54
CA ARG T 97 36.55 -36.07 -55.94
C ARG T 97 36.99 -36.72 -54.64
N ILE T 98 38.30 -36.89 -54.48
CA ILE T 98 38.83 -37.58 -53.32
C ILE T 98 38.88 -36.61 -52.15
N ARG T 99 38.22 -36.98 -51.06
CA ARG T 99 38.11 -36.15 -49.89
C ARG T 99 39.28 -36.35 -48.94
N LYS T 100 39.63 -37.59 -48.64
CA LYS T 100 40.68 -37.93 -47.70
C LYS T 100 41.33 -39.22 -48.13
N VAL T 101 42.54 -39.44 -47.64
CA VAL T 101 43.25 -40.71 -47.78
C VAL T 101 43.86 -41.05 -46.42
N LYS T 102 43.83 -42.34 -46.11
CA LYS T 102 44.43 -42.89 -44.90
C LYS T 102 45.46 -43.92 -45.34
N VAL T 103 46.72 -43.58 -45.18
CA VAL T 103 47.82 -44.50 -45.43
C VAL T 103 48.22 -45.11 -44.10
N GLU T 104 48.21 -46.44 -44.05
CA GLU T 104 48.52 -47.20 -42.85
C GLU T 104 49.71 -48.09 -43.15
N PHE T 105 50.81 -47.87 -42.43
CA PHE T 105 51.97 -48.75 -42.49
C PHE T 105 51.81 -49.80 -41.41
N TRP T 106 51.33 -50.96 -41.82
CA TRP T 106 51.19 -52.08 -40.91
C TRP T 106 52.49 -52.87 -40.90
N PRO T 107 53.18 -52.99 -39.77
CA PRO T 107 54.47 -53.66 -39.78
C PRO T 107 54.35 -55.15 -40.03
N CYS T 108 55.44 -55.70 -40.53
CA CYS T 108 55.59 -57.13 -40.75
C CYS T 108 56.67 -57.75 -39.88
N SER T 109 57.29 -56.96 -39.01
CA SER T 109 58.47 -57.34 -38.27
C SER T 109 58.12 -57.60 -36.82
N PRO T 110 58.83 -58.50 -36.14
CA PRO T 110 58.50 -58.80 -34.76
C PRO T 110 58.91 -57.69 -33.82
N ILE T 111 58.30 -57.69 -32.64
CA ILE T 111 58.63 -56.70 -31.64
C ILE T 111 59.97 -56.95 -30.98
N THR T 112 60.63 -58.06 -31.27
CA THR T 112 61.96 -58.35 -30.77
C THR T 112 63.07 -57.89 -31.70
N GLN T 113 62.74 -57.27 -32.83
CA GLN T 113 63.75 -56.89 -33.80
C GLN T 113 64.50 -55.67 -33.29
N GLY T 114 65.81 -55.71 -33.39
CA GLY T 114 66.67 -54.64 -32.95
C GLY T 114 67.09 -53.74 -34.09
N ASP T 115 68.12 -52.94 -33.82
CA ASP T 115 68.62 -51.94 -34.74
C ASP T 115 67.50 -50.99 -35.14
N ARG T 116 66.72 -50.59 -34.15
CA ARG T 116 65.59 -49.71 -34.39
C ARG T 116 66.06 -48.37 -34.90
N GLY T 117 65.10 -47.60 -35.40
CA GLY T 117 65.39 -46.35 -36.05
C GLY T 117 64.26 -45.36 -35.94
N VAL T 118 64.42 -44.23 -36.62
CA VAL T 118 63.44 -43.15 -36.56
C VAL T 118 63.43 -42.43 -37.89
N GLY T 119 62.24 -42.29 -38.46
CA GLY T 119 62.04 -41.69 -39.76
C GLY T 119 61.00 -40.61 -39.77
N SER T 120 60.52 -40.27 -40.95
CA SER T 120 59.61 -39.15 -41.10
C SER T 120 58.74 -39.37 -42.33
N SER T 121 57.47 -39.00 -42.20
CA SER T 121 56.52 -39.00 -43.30
C SER T 121 55.94 -37.60 -43.45
N ALA T 122 55.97 -37.08 -44.67
CA ALA T 122 55.50 -35.74 -44.96
C ALA T 122 54.51 -35.76 -46.12
N VAL T 123 53.73 -34.70 -46.21
CA VAL T 123 52.66 -34.56 -47.18
C VAL T 123 53.13 -33.63 -48.28
N ILE T 124 53.14 -34.14 -49.51
CA ILE T 124 53.74 -33.48 -50.66
C ILE T 124 52.68 -33.41 -51.75
N LEU T 125 52.03 -32.26 -51.89
CA LEU T 125 50.85 -32.13 -52.72
C LEU T 125 51.14 -31.60 -54.11
N ASP T 126 52.34 -31.85 -54.68
CA ASP T 126 52.73 -31.19 -55.91
C ASP T 126 53.54 -32.02 -56.89
N ASP T 127 53.80 -33.31 -56.62
CA ASP T 127 54.45 -34.19 -57.57
C ASP T 127 55.91 -33.83 -57.79
N ASN T 128 56.55 -33.20 -56.80
CA ASN T 128 57.98 -32.98 -56.80
C ASN T 128 58.47 -33.44 -55.44
N PHE T 129 58.84 -34.71 -55.39
CA PHE T 129 59.35 -35.37 -54.20
C PHE T 129 60.86 -35.23 -54.14
N VAL T 130 61.39 -35.46 -52.95
CA VAL T 130 62.82 -35.68 -52.81
C VAL T 130 63.17 -36.92 -53.61
N THR T 131 64.32 -36.87 -54.28
CA THR T 131 64.72 -37.94 -55.16
C THR T 131 64.82 -39.25 -54.39
N LYS T 132 64.39 -40.33 -55.02
CA LYS T 132 64.47 -41.64 -54.40
C LYS T 132 65.92 -42.01 -54.15
N ALA T 133 66.20 -42.42 -52.92
CA ALA T 133 67.54 -42.72 -52.46
C ALA T 133 67.52 -44.00 -51.64
N THR T 134 68.62 -44.73 -51.70
CA THR T 134 68.78 -45.96 -50.95
C THR T 134 69.38 -45.70 -49.58
N ALA T 135 70.48 -44.94 -49.52
CA ALA T 135 71.13 -44.61 -48.25
C ALA T 135 71.57 -43.15 -48.34
N LEU T 136 70.69 -42.26 -47.94
CA LEU T 136 70.97 -40.83 -47.86
C LEU T 136 71.41 -40.47 -46.45
N THR T 137 72.37 -39.56 -46.35
CA THR T 137 73.03 -39.25 -45.09
C THR T 137 72.20 -38.39 -44.16
N TYR T 138 70.93 -38.15 -44.46
CA TYR T 138 70.09 -37.32 -43.61
C TYR T 138 68.64 -37.62 -43.93
N ASP T 139 67.75 -37.16 -43.05
CA ASP T 139 66.33 -37.29 -43.23
C ASP T 139 65.80 -36.02 -43.89
N PRO T 140 65.44 -36.02 -45.17
CA PRO T 140 65.02 -34.76 -45.79
C PRO T 140 63.70 -34.25 -45.29
N TYR T 141 62.80 -35.15 -44.91
CA TYR T 141 61.44 -34.79 -44.53
C TYR T 141 61.33 -34.46 -43.05
N VAL T 142 62.44 -34.20 -42.37
CA VAL T 142 62.41 -34.04 -40.92
C VAL T 142 61.94 -32.65 -40.54
N ASN T 143 62.37 -31.63 -41.26
CA ASN T 143 62.03 -30.26 -40.95
C ASN T 143 60.77 -29.80 -41.63
N TYR T 144 60.07 -30.69 -42.34
CA TYR T 144 58.82 -30.34 -42.96
C TYR T 144 57.73 -30.09 -41.93
N SER T 145 56.88 -29.11 -42.21
CA SER T 145 55.80 -28.76 -41.31
C SER T 145 54.80 -29.89 -41.15
N SER T 146 54.72 -30.80 -42.12
CA SER T 146 53.81 -31.94 -42.07
C SER T 146 54.51 -33.22 -41.70
N ARG T 147 55.63 -33.13 -41.01
CA ARG T 147 56.38 -34.32 -40.63
C ARG T 147 55.74 -34.97 -39.42
N HIS T 148 55.54 -36.28 -39.52
CA HIS T 148 55.22 -37.13 -38.40
C HIS T 148 56.35 -38.13 -38.27
N THR T 149 56.75 -38.40 -37.04
CA THR T 149 57.82 -39.34 -36.79
C THR T 149 57.36 -40.76 -37.04
N ILE T 150 58.20 -41.53 -37.70
CA ILE T 150 58.01 -42.95 -37.93
C ILE T 150 58.96 -43.66 -36.98
N THR T 151 58.40 -44.30 -35.96
CA THR T 151 59.14 -45.28 -35.19
C THR T 151 59.21 -46.57 -35.98
N GLN T 152 60.39 -47.17 -36.01
CA GLN T 152 60.69 -48.35 -36.79
C GLN T 152 61.22 -49.44 -35.87
N PRO T 153 61.12 -50.71 -36.27
CA PRO T 153 60.46 -51.32 -37.43
C PRO T 153 59.08 -51.89 -37.16
N PHE T 154 58.74 -52.06 -35.89
CA PHE T 154 57.57 -52.83 -35.46
C PHE T 154 56.43 -51.95 -34.98
N SER T 155 56.34 -50.73 -35.49
CA SER T 155 55.37 -49.76 -35.01
C SER T 155 54.48 -49.31 -36.14
N TYR T 156 53.23 -49.06 -35.81
CA TYR T 156 52.21 -48.64 -36.76
C TYR T 156 52.28 -47.14 -36.96
N HIS T 157 52.09 -46.73 -38.22
CA HIS T 157 52.14 -45.34 -38.62
C HIS T 157 50.96 -45.07 -39.55
N SER T 158 50.13 -44.11 -39.17
CA SER T 158 49.01 -43.66 -39.97
C SER T 158 49.18 -42.21 -40.36
N ARG T 159 48.66 -41.87 -41.53
CA ARG T 159 48.60 -40.49 -42.00
C ARG T 159 47.26 -40.29 -42.66
N TYR T 160 46.53 -39.27 -42.23
CA TYR T 160 45.19 -38.96 -42.69
C TYR T 160 45.18 -37.53 -43.18
N PHE T 161 44.96 -37.35 -44.48
CA PHE T 161 45.10 -36.05 -45.11
C PHE T 161 44.23 -36.00 -46.36
N THR T 162 44.20 -34.83 -46.97
CA THR T 162 43.43 -34.55 -48.17
C THR T 162 44.37 -34.40 -49.35
N PRO T 163 44.39 -35.33 -50.31
CA PRO T 163 45.31 -35.19 -51.42
C PRO T 163 44.85 -34.15 -52.43
N LYS T 164 45.66 -33.94 -53.45
CA LYS T 164 45.38 -32.98 -54.49
C LYS T 164 45.70 -33.62 -55.84
N PRO T 165 44.95 -33.32 -56.89
CA PRO T 165 45.24 -33.90 -58.19
C PRO T 165 46.30 -33.13 -58.95
N VAL T 166 46.92 -33.85 -59.88
CA VAL T 166 47.98 -33.30 -60.72
C VAL T 166 47.31 -32.79 -61.97
N LEU T 167 46.89 -31.53 -61.93
CA LEU T 167 46.24 -30.89 -63.06
C LEU T 167 47.26 -30.39 -64.08
N ASP T 168 48.33 -29.75 -63.60
CA ASP T 168 49.42 -29.31 -64.48
C ASP T 168 50.72 -29.56 -63.72
N SER T 169 51.48 -30.55 -64.19
CA SER T 169 52.76 -30.87 -63.57
C SER T 169 53.82 -29.81 -63.84
N THR T 170 53.63 -28.96 -64.84
CA THR T 170 54.58 -27.91 -65.14
C THR T 170 54.52 -26.78 -64.14
N ILE T 171 53.31 -26.41 -63.73
CA ILE T 171 53.07 -25.29 -62.83
C ILE T 171 52.86 -25.80 -61.41
N ASP T 172 52.21 -26.96 -61.30
CA ASP T 172 51.97 -27.63 -60.03
C ASP T 172 51.17 -26.74 -59.09
N TYR T 173 49.93 -26.46 -59.49
CA TYR T 173 49.00 -25.67 -58.70
C TYR T 173 47.95 -26.57 -58.08
N PHE T 174 47.49 -26.19 -56.89
CA PHE T 174 46.48 -26.96 -56.19
C PHE T 174 45.64 -26.02 -55.33
N GLN T 175 44.55 -26.50 -54.94
CA GLN T 175 43.56 -25.78 -54.15
C GLN T 175 43.79 -25.99 -52.66
N PRO T 176 43.45 -25.01 -51.83
CA PRO T 176 43.41 -25.27 -50.40
C PRO T 176 42.21 -26.11 -50.01
N ASN T 177 42.16 -26.51 -48.76
CA ASN T 177 41.13 -27.42 -48.29
C ASN T 177 39.82 -26.67 -48.15
N ASN T 178 38.83 -27.08 -48.94
CA ASN T 178 37.49 -26.51 -48.87
C ASN T 178 36.55 -27.56 -49.39
N LYS T 179 35.69 -28.08 -48.52
CA LYS T 179 34.81 -29.15 -48.95
C LYS T 179 33.79 -28.66 -49.98
N ARG T 180 33.42 -27.39 -49.91
CA ARG T 180 32.37 -26.87 -50.78
C ARG T 180 32.89 -26.47 -52.14
N ASN T 181 34.18 -26.13 -52.25
CA ASN T 181 34.77 -25.64 -53.48
C ASN T 181 35.69 -26.64 -54.16
N GLN T 182 35.82 -27.84 -53.63
CA GLN T 182 36.70 -28.84 -54.22
C GLN T 182 36.21 -29.24 -55.59
N LEU T 183 37.15 -29.30 -56.52
CA LEU T 183 36.83 -29.62 -57.90
C LEU T 183 36.30 -31.04 -58.03
N TRP T 184 35.36 -31.21 -58.95
CA TRP T 184 34.91 -32.52 -59.37
C TRP T 184 35.68 -32.91 -60.61
N LEU T 185 36.30 -34.07 -60.56
CA LEU T 185 36.95 -34.67 -61.71
C LEU T 185 36.00 -35.69 -62.33
N ARG T 186 36.32 -36.09 -63.55
CA ARG T 186 35.59 -37.13 -64.24
C ARG T 186 36.22 -38.48 -63.95
N LEU T 187 35.36 -39.46 -63.71
CA LEU T 187 35.77 -40.85 -63.57
C LEU T 187 35.97 -41.42 -64.97
N GLN T 188 37.20 -41.33 -65.45
CA GLN T 188 37.55 -41.81 -66.76
C GLN T 188 37.47 -43.33 -66.81
N THR T 189 37.63 -43.86 -68.02
CA THR T 189 37.56 -45.30 -68.21
C THR T 189 38.87 -45.98 -67.84
N ALA T 190 39.99 -45.52 -68.43
CA ALA T 190 41.30 -46.09 -68.12
C ALA T 190 42.42 -45.06 -68.05
N GLY T 191 42.11 -43.81 -67.75
CA GLY T 191 43.09 -42.75 -67.81
C GLY T 191 42.99 -41.71 -66.72
N ASN T 192 42.57 -42.11 -65.53
CA ASN T 192 42.37 -41.18 -64.44
C ASN T 192 43.70 -40.54 -64.00
N VAL T 193 43.59 -39.38 -63.39
CA VAL T 193 44.74 -38.56 -63.04
C VAL T 193 45.26 -38.97 -61.68
N ASP T 194 46.57 -38.85 -61.51
CA ASP T 194 47.22 -39.28 -60.28
C ASP T 194 47.06 -38.22 -59.21
N HIS T 195 46.60 -38.64 -58.05
CA HIS T 195 46.63 -37.82 -56.86
C HIS T 195 47.90 -38.09 -56.09
N VAL T 196 48.29 -37.10 -55.29
CA VAL T 196 49.62 -37.05 -54.72
C VAL T 196 49.50 -36.51 -53.29
N GLY T 197 50.56 -36.71 -52.50
CA GLY T 197 50.46 -36.31 -51.11
C GLY T 197 51.20 -37.08 -50.03
N LEU T 198 52.11 -38.00 -50.35
CA LEU T 198 52.91 -38.57 -49.28
C LEU T 198 54.32 -38.95 -49.74
N GLY T 199 55.29 -38.55 -48.93
CA GLY T 199 56.65 -38.99 -49.10
C GLY T 199 57.22 -39.39 -47.76
N THR T 200 58.12 -40.37 -47.81
CA THR T 200 58.61 -41.04 -46.62
C THR T 200 60.12 -41.05 -46.60
N ALA T 201 60.66 -41.29 -45.40
CA ALA T 201 62.08 -41.49 -45.20
C ALA T 201 62.25 -42.48 -44.06
N PHE T 202 62.73 -43.68 -44.38
CA PHE T 202 62.94 -44.75 -43.44
C PHE T 202 64.42 -44.93 -43.16
N GLU T 203 64.77 -45.08 -41.89
CA GLU T 203 66.14 -45.31 -41.50
C GLU T 203 66.51 -46.76 -41.75
N ASN T 204 67.62 -46.96 -42.45
CA ASN T 204 68.03 -48.29 -42.83
C ASN T 204 68.53 -49.06 -41.61
N SER T 205 68.69 -50.36 -41.79
CA SER T 205 69.00 -51.28 -40.71
C SER T 205 69.75 -52.47 -41.25
N ILE T 206 70.33 -53.25 -40.32
CA ILE T 206 71.01 -54.47 -40.70
C ILE T 206 70.02 -55.51 -41.16
N TYR T 207 68.80 -55.47 -40.65
CA TYR T 207 67.75 -56.40 -41.00
C TYR T 207 66.77 -55.76 -41.98
N ASP T 208 66.08 -56.60 -42.74
CA ASP T 208 65.08 -56.12 -43.67
C ASP T 208 63.84 -55.69 -42.92
N GLN T 209 63.31 -54.53 -43.29
CA GLN T 209 62.11 -53.96 -42.69
C GLN T 209 60.99 -54.01 -43.72
N GLU T 210 60.03 -54.90 -43.50
CA GLU T 210 58.90 -55.06 -44.41
C GLU T 210 57.66 -54.41 -43.81
N TYR T 211 56.78 -53.96 -44.70
CA TYR T 211 55.53 -53.33 -44.32
C TYR T 211 54.44 -53.74 -45.29
N ASN T 212 53.22 -53.85 -44.79
CA ASN T 212 52.02 -54.03 -45.59
C ASN T 212 51.25 -52.72 -45.53
N ILE T 213 51.22 -51.99 -46.64
CA ILE T 213 50.65 -50.66 -46.68
C ILE T 213 49.23 -50.75 -47.20
N ARG T 214 48.29 -50.25 -46.40
CA ARG T 214 46.87 -50.23 -46.74
C ARG T 214 46.45 -48.80 -46.92
N VAL T 215 46.12 -48.43 -48.15
CA VAL T 215 45.63 -47.11 -48.50
C VAL T 215 44.12 -47.19 -48.59
N THR T 216 43.45 -46.26 -47.94
CA THR T 216 42.00 -46.15 -47.95
C THR T 216 41.66 -44.75 -48.43
N MET T 217 40.94 -44.67 -49.54
CA MET T 217 40.49 -43.40 -50.09
C MET T 217 39.01 -43.20 -49.80
N TYR T 218 38.69 -42.05 -49.24
CA TYR T 218 37.32 -41.66 -48.96
C TYR T 218 36.87 -40.72 -50.07
N VAL T 219 36.01 -41.22 -50.95
CA VAL T 219 35.66 -40.56 -52.18
C VAL T 219 34.21 -40.12 -52.12
N GLN T 220 33.83 -39.27 -53.07
CA GLN T 220 32.50 -38.71 -53.16
C GLN T 220 32.17 -38.64 -54.64
N PHE T 221 31.17 -39.40 -55.06
CA PHE T 221 30.75 -39.49 -56.44
C PHE T 221 29.52 -38.63 -56.68
N ARG T 222 29.15 -38.51 -57.95
CA ARG T 222 28.05 -37.66 -58.36
C ARG T 222 27.50 -38.16 -59.68
N GLU T 223 26.19 -37.96 -59.88
CA GLU T 223 25.50 -38.24 -61.12
C GLU T 223 25.56 -39.73 -61.49
N PHE T 224 24.83 -40.50 -60.71
CA PHE T 224 24.47 -41.88 -61.02
C PHE T 224 24.07 -42.01 -62.47
N ASN T 225 24.78 -42.87 -63.20
CA ASN T 225 24.66 -42.95 -64.65
C ASN T 225 24.55 -44.38 -65.13
N LEU T 226 23.78 -45.19 -64.43
CA LEU T 226 23.63 -46.57 -64.83
C LEU T 226 22.91 -46.65 -66.17
N LYS T 227 23.33 -47.62 -66.98
CA LYS T 227 22.76 -47.88 -68.29
C LYS T 227 22.21 -49.29 -68.31
N ASP T 228 20.94 -49.42 -68.70
CA ASP T 228 20.20 -50.68 -68.63
C ASP T 228 19.67 -51.02 -70.02
N PRO T 229 20.48 -51.65 -70.86
CA PRO T 229 19.98 -52.14 -72.13
C PRO T 229 19.13 -53.37 -71.94
N PRO T 230 18.37 -53.79 -72.95
CA PRO T 230 17.64 -55.05 -72.84
C PRO T 230 18.57 -56.26 -72.86
N LEU T 231 17.98 -57.45 -72.80
CA LEU T 231 18.73 -58.70 -72.76
C LEU T 231 18.04 -59.78 -73.59
N GLY U 43 48.21 23.89 47.67
CA GLY U 43 47.80 22.96 48.72
C GLY U 43 46.71 23.53 49.60
N ILE U 44 45.48 23.43 49.13
CA ILE U 44 44.36 24.07 49.79
C ILE U 44 43.91 23.23 50.97
N PHE U 45 43.47 23.91 52.02
CA PHE U 45 42.91 23.27 53.20
C PHE U 45 41.88 24.23 53.79
N ASN U 46 40.61 23.95 53.53
CA ASN U 46 39.53 24.70 54.15
C ASN U 46 39.22 24.10 55.51
N THR U 47 39.21 24.96 56.53
CA THR U 47 38.89 24.53 57.88
C THR U 47 38.05 25.60 58.55
N ARG U 48 37.92 25.47 59.87
CA ARG U 48 37.02 26.28 60.68
C ARG U 48 37.68 26.54 62.02
N LEU U 49 37.78 27.81 62.40
CA LEU U 49 38.41 28.24 63.63
C LEU U 49 37.42 29.07 64.41
N SER U 50 37.37 28.85 65.71
CA SER U 50 36.41 29.49 66.60
C SER U 50 37.11 30.15 67.77
N ARG U 51 36.32 30.93 68.51
CA ARG U 51 36.78 31.78 69.59
C ARG U 51 35.54 32.30 70.29
N THR U 52 35.61 32.39 71.61
CA THR U 52 34.47 32.76 72.44
C THR U 52 34.89 33.83 73.43
N PHE U 53 34.02 34.83 73.62
CA PHE U 53 34.30 35.92 74.53
C PHE U 53 32.97 36.56 74.92
N GLY U 54 33.04 37.44 75.91
CA GLY U 54 31.86 38.07 76.47
C GLY U 54 31.63 39.51 76.07
N TYR U 55 30.38 39.93 76.16
CA TYR U 55 29.98 41.31 75.91
C TYR U 55 28.78 41.61 76.78
N THR U 56 28.83 42.73 77.49
CA THR U 56 27.78 43.13 78.40
C THR U 56 27.33 44.55 78.08
N ILE U 57 26.02 44.75 78.13
CA ILE U 57 25.40 46.06 78.02
C ILE U 57 24.93 46.42 79.41
N LYS U 58 25.64 47.32 80.06
CA LYS U 58 25.33 47.70 81.43
C LYS U 58 23.99 48.42 81.52
N ARG U 59 23.42 48.40 82.72
CA ARG U 59 22.13 49.02 82.97
C ARG U 59 22.24 50.54 82.95
N THR U 60 21.09 51.18 82.76
CA THR U 60 20.98 52.63 82.76
C THR U 60 19.68 53.04 83.42
N THR U 61 19.75 54.09 84.24
CA THR U 61 18.56 54.70 84.82
C THR U 61 17.80 55.59 83.84
N VAL U 62 18.35 55.81 82.64
CA VAL U 62 17.68 56.64 81.65
C VAL U 62 16.33 56.04 81.30
N LYS U 63 15.32 56.91 81.20
CA LYS U 63 13.96 56.46 80.93
C LYS U 63 13.71 56.26 79.45
N THR U 64 14.30 57.11 78.60
CA THR U 64 14.06 57.06 77.19
C THR U 64 14.57 55.76 76.58
N PRO U 65 14.15 55.44 75.36
CA PRO U 65 14.81 54.36 74.63
C PRO U 65 16.11 54.85 74.03
N SER U 66 17.22 54.43 74.60
CA SER U 66 18.55 54.72 74.11
C SER U 66 19.23 53.42 73.71
N TRP U 67 20.21 53.54 72.83
CA TRP U 67 20.94 52.41 72.29
C TRP U 67 22.42 52.51 72.61
N ALA U 68 23.03 51.35 72.79
CA ALA U 68 24.46 51.22 73.06
C ALA U 68 25.13 50.70 71.81
N VAL U 69 26.08 51.47 71.30
CA VAL U 69 26.75 51.18 70.05
C VAL U 69 28.13 50.64 70.34
N ASP U 70 28.55 49.66 69.55
CA ASP U 70 29.88 49.09 69.67
C ASP U 70 30.25 48.46 68.34
N MET U 71 31.53 48.14 68.22
CA MET U 71 32.12 47.61 67.00
C MET U 71 32.70 46.23 67.24
N MET U 72 33.04 45.56 66.14
CA MET U 72 33.56 44.21 66.20
C MET U 72 34.46 43.97 64.99
N ARG U 73 35.75 43.78 65.25
CA ARG U 73 36.74 43.42 64.25
C ARG U 73 37.13 41.96 64.43
N PHE U 74 37.81 41.42 63.42
CA PHE U 74 38.24 40.02 63.42
C PHE U 74 39.68 39.95 62.96
N ASN U 75 40.53 39.33 63.78
CA ASN U 75 41.92 39.07 63.45
C ASN U 75 42.21 37.60 63.66
N ILE U 76 43.13 37.07 62.85
CA ILE U 76 43.45 35.66 62.88
C ILE U 76 44.40 35.29 64.01
N ASN U 77 45.06 36.28 64.64
CA ASN U 77 45.90 35.97 65.79
C ASN U 77 45.08 35.47 66.96
N ASP U 78 43.84 35.93 67.07
CA ASP U 78 42.96 35.53 68.15
C ASP U 78 42.38 34.13 67.96
N PHE U 79 42.48 33.57 66.76
CA PHE U 79 42.00 32.24 66.45
C PHE U 79 43.11 31.23 66.26
N LEU U 80 44.25 31.67 65.76
CA LEU U 80 45.39 30.81 65.45
C LEU U 80 46.55 31.14 66.37
N PRO U 81 46.94 30.28 67.31
CA PRO U 81 48.01 30.65 68.21
C PRO U 81 49.37 30.55 67.53
N PRO U 82 50.43 31.01 68.18
CA PRO U 82 51.76 30.79 67.65
C PRO U 82 52.18 29.34 67.81
N GLY U 83 52.98 28.88 66.86
CA GLY U 83 53.43 27.51 66.87
C GLY U 83 54.62 27.29 67.76
N GLY U 84 55.54 26.46 67.30
CA GLY U 84 56.74 26.17 68.04
C GLY U 84 57.86 25.67 67.16
N GLY U 85 59.05 26.24 67.35
CA GLY U 85 60.21 25.83 66.59
C GLY U 85 60.31 26.55 65.26
N SER U 86 60.72 25.80 64.23
CA SER U 86 60.88 26.38 62.91
C SER U 86 59.55 26.74 62.26
N ASN U 87 58.45 26.22 62.77
CA ASN U 87 57.13 26.56 62.29
C ASN U 87 56.57 27.70 63.14
N PRO U 88 56.45 28.93 62.63
CA PRO U 88 56.05 30.02 63.50
C PRO U 88 54.60 29.97 63.94
N ARG U 89 53.74 29.27 63.20
CA ARG U 89 52.33 29.15 63.51
C ARG U 89 51.94 27.70 63.68
N SER U 90 50.79 27.49 64.29
CA SER U 90 50.35 26.15 64.65
C SER U 90 49.72 25.41 63.48
N VAL U 91 49.20 26.15 62.51
CA VAL U 91 48.70 25.58 61.25
C VAL U 91 49.78 25.79 60.19
N PRO U 92 50.46 24.75 59.71
CA PRO U 92 51.63 24.99 58.86
C PRO U 92 51.29 25.32 57.42
N PHE U 93 50.90 26.57 57.20
CA PHE U 93 50.61 27.08 55.88
C PHE U 93 51.16 28.49 55.77
N GLU U 94 51.33 28.94 54.52
CA GLU U 94 51.91 30.24 54.22
C GLU U 94 50.85 31.32 54.03
N TYR U 95 49.85 31.06 53.21
CA TYR U 95 48.86 32.04 52.81
C TYR U 95 47.51 31.68 53.39
N TYR U 96 46.63 32.67 53.43
CA TYR U 96 45.28 32.47 53.91
C TYR U 96 44.36 33.52 53.30
N ARG U 97 43.07 33.24 53.37
CA ARG U 97 42.06 34.21 53.03
C ARG U 97 40.77 33.79 53.71
N ILE U 98 40.15 34.72 54.42
CA ILE U 98 38.96 34.43 55.20
C ILE U 98 37.76 34.46 54.26
N ARG U 99 37.04 33.35 54.21
CA ARG U 99 35.89 33.19 53.34
C ARG U 99 34.61 33.71 53.96
N LYS U 100 34.35 33.33 55.21
CA LYS U 100 33.12 33.68 55.89
C LYS U 100 33.42 33.80 57.38
N VAL U 101 32.53 34.51 58.08
CA VAL U 101 32.54 34.58 59.52
C VAL U 101 31.11 34.42 60.00
N LYS U 102 30.95 33.72 61.11
CA LYS U 102 29.67 33.51 61.78
C LYS U 102 29.81 34.06 63.19
N VAL U 103 29.17 35.18 63.44
CA VAL U 103 29.08 35.76 64.76
C VAL U 103 27.78 35.32 65.40
N GLU U 104 27.87 34.71 66.57
CA GLU U 104 26.72 34.18 67.29
C GLU U 104 26.66 34.88 68.63
N PHE U 105 25.58 35.60 68.87
CA PHE U 105 25.29 36.18 70.18
C PHE U 105 24.46 35.17 70.96
N TRP U 106 25.13 34.43 71.82
CA TRP U 106 24.45 33.48 72.68
C TRP U 106 24.06 34.20 73.96
N PRO U 107 22.77 34.28 74.30
CA PRO U 107 22.39 35.04 75.48
C PRO U 107 22.81 34.38 76.77
N CYS U 108 22.93 35.20 77.79
CA CYS U 108 23.22 34.79 79.14
C CYS U 108 22.08 35.06 80.10
N SER U 109 20.98 35.60 79.62
CA SER U 109 19.91 36.11 80.43
C SER U 109 18.71 35.17 80.38
N PRO U 110 17.93 35.11 81.46
CA PRO U 110 16.80 34.19 81.47
C PRO U 110 15.67 34.67 80.58
N ILE U 111 14.79 33.72 80.23
CA ILE U 111 13.64 34.06 79.41
C ILE U 111 12.56 34.80 80.18
N THR U 112 12.72 34.95 81.49
CA THR U 112 11.79 35.73 82.31
C THR U 112 12.20 37.18 82.46
N GLN U 113 13.30 37.61 81.85
CA GLN U 113 13.78 38.96 82.03
C GLN U 113 12.91 39.92 81.24
N GLY U 114 12.53 41.01 81.88
CA GLY U 114 11.70 42.02 81.28
C GLY U 114 12.50 43.19 80.74
N ASP U 115 11.78 44.28 80.48
CA ASP U 115 12.36 45.47 79.88
C ASP U 115 13.04 45.13 78.56
N ARG U 116 12.37 44.30 77.77
CA ARG U 116 12.91 43.85 76.52
C ARG U 116 13.07 45.02 75.56
N GLY U 117 13.81 44.76 74.48
CA GLY U 117 14.18 45.79 73.55
C GLY U 117 14.37 45.27 72.15
N VAL U 118 14.83 46.15 71.26
CA VAL U 118 15.01 45.80 69.87
C VAL U 118 16.18 46.61 69.33
N GLY U 119 17.13 45.91 68.70
CA GLY U 119 18.35 46.50 68.19
C GLY U 119 18.61 46.14 66.76
N SER U 120 19.86 46.33 66.34
CA SER U 120 20.22 46.14 64.94
C SER U 120 21.69 45.79 64.84
N SER U 121 22.00 44.87 63.93
CA SER U 121 23.36 44.50 63.59
C SER U 121 23.56 44.71 62.10
N ALA U 122 24.62 45.41 61.74
CA ALA U 122 24.92 45.73 60.36
C ALA U 122 26.36 45.34 60.04
N VAL U 123 26.62 45.21 58.74
CA VAL U 123 27.90 44.76 58.21
C VAL U 123 28.65 45.96 57.68
N ILE U 124 29.84 46.20 58.24
CA ILE U 124 30.61 47.41 57.99
C ILE U 124 32.00 46.98 57.55
N LEU U 125 32.24 47.01 56.24
CA LEU U 125 33.43 46.42 55.65
C LEU U 125 34.56 47.41 55.42
N ASP U 126 34.66 48.49 56.22
CA ASP U 126 35.60 49.56 55.91
C ASP U 126 36.29 50.22 57.10
N ASP U 127 36.07 49.76 58.32
CA ASP U 127 36.81 50.26 59.48
C ASP U 127 36.45 51.69 59.82
N ASN U 128 35.23 52.11 59.48
CA ASN U 128 34.68 53.39 59.93
C ASN U 128 33.29 53.07 60.45
N PHE U 129 33.25 52.79 61.73
CA PHE U 129 32.03 52.48 62.45
C PHE U 129 31.40 53.73 63.01
N VAL U 130 30.12 53.63 63.35
CA VAL U 130 29.51 54.66 64.18
C VAL U 130 30.24 54.69 65.50
N THR U 131 30.44 55.90 66.02
CA THR U 131 31.22 56.08 67.22
C THR U 131 30.59 55.30 68.38
N LYS U 132 31.45 54.71 69.20
CA LYS U 132 30.99 53.97 70.35
C LYS U 132 30.26 54.89 71.31
N ALA U 133 29.06 54.48 71.70
CA ALA U 133 28.19 55.27 72.54
C ALA U 133 27.56 54.38 73.61
N THR U 134 27.30 54.98 74.76
CA THR U 134 26.67 54.29 75.87
C THR U 134 25.15 54.38 75.79
N ALA U 135 24.62 55.58 75.61
CA ALA U 135 23.18 55.80 75.50
C ALA U 135 22.94 56.83 74.41
N LEU U 136 22.80 56.35 73.19
CA LEU U 136 22.47 57.19 72.04
C LEU U 136 20.96 57.17 71.81
N THR U 137 20.44 58.33 71.42
CA THR U 137 18.99 58.54 71.33
C THR U 137 18.34 57.88 70.13
N TYR U 138 19.07 57.07 69.36
CA TYR U 138 18.50 56.43 68.18
C TYR U 138 19.36 55.24 67.83
N ASP U 139 18.83 54.39 66.96
CA ASP U 139 19.53 53.23 66.44
C ASP U 139 20.19 53.61 65.12
N PRO U 140 21.51 53.79 65.06
CA PRO U 140 22.10 54.24 63.81
C PRO U 140 22.08 53.20 62.73
N TYR U 141 22.16 51.92 63.09
CA TYR U 141 22.26 50.83 62.13
C TYR U 141 20.89 50.34 61.68
N VAL U 142 19.83 51.11 61.89
CA VAL U 142 18.49 50.62 61.62
C VAL U 142 18.16 50.70 60.14
N ASN U 143 18.56 51.78 59.48
CA ASN U 143 18.25 51.99 58.08
C ASN U 143 19.31 51.40 57.16
N TYR U 144 20.31 50.71 57.70
CA TYR U 144 21.31 50.07 56.87
C TYR U 144 20.72 48.92 56.09
N SER U 145 21.19 48.77 54.86
CA SER U 145 20.72 47.69 54.00
C SER U 145 21.06 46.32 54.53
N SER U 146 22.08 46.21 55.39
CA SER U 146 22.49 44.96 55.99
C SER U 146 22.02 44.82 57.42
N ARG U 147 20.96 45.52 57.79
CA ARG U 147 20.46 45.46 59.16
C ARG U 147 19.64 44.20 59.35
N HIS U 148 19.94 43.50 60.44
CA HIS U 148 19.11 42.44 60.97
C HIS U 148 18.68 42.87 62.36
N THR U 149 17.42 42.61 62.67
CA THR U 149 16.89 42.98 63.98
C THR U 149 17.44 42.07 65.05
N ILE U 150 17.83 42.67 66.17
CA ILE U 150 18.26 41.97 67.36
C ILE U 150 17.11 42.07 68.35
N THR U 151 16.44 40.96 68.59
CA THR U 151 15.56 40.85 69.74
C THR U 151 16.39 40.63 70.98
N GLN U 152 16.05 41.34 72.04
CA GLN U 152 16.78 41.34 73.29
C GLN U 152 15.85 40.96 74.43
N PRO U 153 16.39 40.46 75.54
CA PRO U 153 17.77 40.09 75.88
C PRO U 153 18.08 38.60 75.75
N PHE U 154 17.04 37.78 75.65
CA PHE U 154 17.17 36.33 75.78
C PHE U 154 17.04 35.61 74.45
N SER U 155 17.42 36.26 73.37
CA SER U 155 17.24 35.72 72.03
C SER U 155 18.56 35.62 71.31
N TYR U 156 18.68 34.58 70.51
CA TYR U 156 19.89 34.29 69.76
C TYR U 156 19.90 35.08 68.46
N HIS U 157 21.09 35.58 68.11
CA HIS U 157 21.30 36.38 66.92
C HIS U 157 22.55 35.88 66.23
N SER U 158 22.41 35.50 64.97
CA SER U 158 23.52 35.07 64.13
C SER U 158 23.66 35.99 62.94
N ARG U 159 24.90 36.15 62.49
CA ARG U 159 25.21 36.90 61.28
C ARG U 159 26.30 36.13 60.55
N TYR U 160 26.05 35.83 59.28
CA TYR U 160 26.95 35.05 58.45
C TYR U 160 27.26 35.85 57.20
N PHE U 161 28.52 36.23 57.04
CA PHE U 161 28.92 37.16 56.00
C PHE U 161 30.38 36.94 55.67
N THR U 162 30.83 37.66 54.65
CA THR U 162 32.20 37.60 54.16
C THR U 162 32.93 38.87 54.53
N PRO U 163 33.91 38.84 55.44
CA PRO U 163 34.58 40.07 55.82
C PRO U 163 35.57 40.53 54.77
N LYS U 164 36.20 41.67 55.01
CA LYS U 164 37.17 42.24 54.11
C LYS U 164 38.36 42.73 54.93
N PRO U 165 39.58 42.62 54.40
CA PRO U 165 40.73 43.10 55.16
C PRO U 165 40.97 44.59 55.00
N VAL U 166 41.67 45.12 55.99
CA VAL U 166 42.00 46.55 56.04
C VAL U 166 43.36 46.69 55.38
N LEU U 167 43.34 46.89 54.07
CA LEU U 167 44.55 47.06 53.30
C LEU U 167 45.07 48.49 53.38
N ASP U 168 44.18 49.47 53.26
CA ASP U 168 44.53 50.87 53.41
C ASP U 168 43.39 51.55 54.16
N SER U 169 43.64 51.91 55.41
CA SER U 169 42.64 52.57 56.22
C SER U 169 42.39 54.01 55.78
N THR U 170 43.30 54.60 55.01
CA THR U 170 43.12 55.96 54.53
C THR U 170 42.09 56.03 53.41
N ILE U 171 42.12 55.05 52.51
CA ILE U 171 41.25 55.03 51.33
C ILE U 171 40.08 54.09 51.58
N ASP U 172 40.34 53.01 52.33
CA ASP U 172 39.32 52.05 52.72
C ASP U 172 38.64 51.44 51.49
N TYR U 173 39.44 50.70 50.72
CA TYR U 173 38.97 49.99 49.53
C TYR U 173 38.88 48.50 49.82
N PHE U 174 37.91 47.86 49.20
CA PHE U 174 37.71 46.43 49.36
C PHE U 174 37.12 45.84 48.09
N GLN U 175 37.20 44.58 48.01
CA GLN U 175 36.77 43.81 46.86
C GLN U 175 35.34 43.35 47.02
N PRO U 176 34.58 43.19 45.94
CA PRO U 176 33.31 42.51 46.04
C PRO U 176 33.47 41.02 46.23
N ASN U 177 32.37 40.33 46.47
CA ASN U 177 32.41 38.91 46.78
C ASN U 177 32.68 38.12 45.51
N ASN U 178 33.81 37.43 45.49
CA ASN U 178 34.18 36.57 44.38
C ASN U 178 35.12 35.52 44.94
N LYS U 179 34.69 34.27 44.96
CA LYS U 179 35.52 33.24 45.54
C LYS U 179 36.78 33.01 44.73
N ARG U 180 36.73 33.24 43.42
CA ARG U 180 37.86 32.94 42.56
C ARG U 180 38.89 34.05 42.55
N ASN U 181 38.48 35.29 42.83
CA ASN U 181 39.35 36.44 42.75
C ASN U 181 39.75 37.01 44.10
N GLN U 182 39.33 36.38 45.19
CA GLN U 182 39.66 36.90 46.52
C GLN U 182 41.15 36.82 46.76
N LEU U 183 41.69 37.90 47.31
CA LEU U 183 43.11 38.02 47.56
C LEU U 183 43.56 37.01 48.59
N TRP U 184 44.77 36.51 48.40
CA TRP U 184 45.47 35.72 49.39
C TRP U 184 46.37 36.64 50.19
N LEU U 185 46.21 36.62 51.50
CA LEU U 185 47.11 37.30 52.40
C LEU U 185 48.13 36.31 52.93
N ARG U 186 49.18 36.85 53.53
CA ARG U 186 50.19 36.05 54.18
C ARG U 186 49.84 35.87 55.65
N LEU U 187 50.03 34.64 56.12
CA LEU U 187 49.90 34.31 57.53
C LEU U 187 51.18 34.74 58.23
N GLN U 188 51.15 35.97 58.74
CA GLN U 188 52.30 36.53 59.41
C GLN U 188 52.52 35.81 60.75
N THR U 189 53.64 36.15 61.39
CA THR U 189 53.99 35.53 62.65
C THR U 189 53.25 36.16 63.82
N ALA U 190 53.33 37.51 63.95
CA ALA U 190 52.63 38.20 65.02
C ALA U 190 52.04 39.54 64.60
N GLY U 191 51.74 39.73 63.32
CA GLY U 191 51.32 41.02 62.82
C GLY U 191 50.25 40.99 61.76
N ASN U 192 49.35 40.03 61.84
CA ASN U 192 48.32 39.89 60.84
C ASN U 192 47.37 41.08 60.84
N VAL U 193 46.71 41.26 59.70
CA VAL U 193 45.88 42.43 59.45
C VAL U 193 44.47 42.17 59.94
N ASP U 194 43.83 43.23 60.42
CA ASP U 194 42.51 43.12 61.00
C ASP U 194 41.46 43.06 59.90
N HIS U 195 40.60 42.06 59.98
CA HIS U 195 39.39 42.00 59.17
C HIS U 195 38.24 42.65 59.91
N VAL U 196 37.26 43.09 59.15
CA VAL U 196 36.24 44.00 59.65
C VAL U 196 34.91 43.60 59.01
N GLY U 197 33.81 44.07 59.59
CA GLY U 197 32.52 43.66 59.10
C GLY U 197 31.34 43.51 60.03
N LEU U 198 31.40 43.97 61.27
CA LEU U 198 30.16 43.98 62.07
C LEU U 198 30.11 45.12 63.05
N GLY U 199 28.98 45.79 63.07
CA GLY U 199 28.67 46.78 64.08
C GLY U 199 27.27 46.57 64.60
N THR U 200 27.09 46.88 65.88
CA THR U 200 25.88 46.54 66.61
C THR U 200 25.30 47.77 67.30
N ALA U 201 24.02 47.66 67.64
CA ALA U 201 23.33 48.64 68.45
C ALA U 201 22.32 47.92 69.32
N PHE U 202 22.58 47.91 70.62
CA PHE U 202 21.74 47.25 71.59
C PHE U 202 20.96 48.28 72.39
N GLU U 203 19.68 48.02 72.58
CA GLU U 203 18.82 48.90 73.37
C GLU U 203 19.07 48.65 74.85
N ASN U 204 19.34 49.72 75.58
CA ASN U 204 19.67 49.62 76.98
C ASN U 204 18.44 49.22 77.80
N SER U 205 18.70 48.85 79.05
CA SER U 205 17.67 48.30 79.91
C SER U 205 18.01 48.59 81.36
N ILE U 206 17.04 48.37 82.23
CA ILE U 206 17.26 48.52 83.67
C ILE U 206 18.16 47.43 84.18
N TYR U 207 18.13 46.26 83.55
CA TYR U 207 18.94 45.12 83.94
C TYR U 207 20.12 44.98 83.01
N ASP U 208 21.17 44.33 83.51
CA ASP U 208 22.35 44.07 82.70
C ASP U 208 22.06 42.96 81.71
N GLN U 209 22.47 43.18 80.46
CA GLN U 209 22.30 42.22 79.38
C GLN U 209 23.67 41.68 79.00
N GLU U 210 23.92 40.42 79.34
CA GLU U 210 25.18 39.76 79.05
C GLU U 210 25.02 38.81 77.87
N TYR U 211 26.11 38.62 77.14
CA TYR U 211 26.16 37.74 76.00
C TYR U 211 27.50 37.04 75.96
N ASN U 212 27.49 35.81 75.47
CA ASN U 212 28.69 35.04 75.15
C ASN U 212 28.78 34.98 73.64
N ILE U 213 29.74 35.68 73.06
CA ILE U 213 29.85 35.82 71.62
C ILE U 213 30.85 34.81 71.10
N ARG U 214 30.41 33.98 70.18
CA ARG U 214 31.24 32.95 69.56
C ARG U 214 31.41 33.30 68.09
N VAL U 215 32.64 33.67 67.73
CA VAL U 215 33.00 33.97 66.35
C VAL U 215 33.65 32.74 65.76
N THR U 216 33.18 32.36 64.58
CA THR U 216 33.72 31.23 63.83
C THR U 216 34.14 31.75 62.47
N MET U 217 35.42 31.61 62.16
CA MET U 217 35.97 32.00 60.87
C MET U 217 36.22 30.77 60.00
N TYR U 218 35.70 30.81 58.80
CA TYR U 218 35.91 29.77 57.81
C TYR U 218 37.00 30.23 56.86
N VAL U 219 38.18 29.63 57.00
CA VAL U 219 39.38 30.10 56.34
C VAL U 219 39.80 29.09 55.29
N GLN U 220 40.73 29.51 54.44
CA GLN U 220 41.26 28.70 53.35
C GLN U 220 42.74 29.02 53.27
N PHE U 221 43.56 28.02 53.54
CA PHE U 221 45.00 28.15 53.52
C PHE U 221 45.59 27.62 52.23
N ARG U 222 46.89 27.85 52.04
CA ARG U 222 47.58 27.48 50.83
C ARG U 222 49.05 27.29 51.14
N GLU U 223 49.69 26.39 50.39
CA GLU U 223 51.13 26.17 50.42
C GLU U 223 51.60 25.70 51.80
N PHE U 224 51.22 24.46 52.09
CA PHE U 224 51.78 23.68 53.19
C PHE U 224 53.28 23.83 53.25
N ASN U 225 53.80 24.30 54.39
CA ASN U 225 55.19 24.72 54.51
C ASN U 225 55.82 24.18 55.77
N LEU U 226 55.53 22.92 56.10
CA LEU U 226 56.10 22.34 57.29
C LEU U 226 57.62 22.21 57.16
N LYS U 227 58.31 22.45 58.27
CA LYS U 227 59.76 22.34 58.34
C LYS U 227 60.13 21.28 59.36
N ASP U 228 60.96 20.34 58.93
CA ASP U 228 61.30 19.15 59.71
C ASP U 228 62.81 19.08 59.90
N PRO U 229 63.36 19.78 60.87
CA PRO U 229 64.76 19.63 61.19
C PRO U 229 65.03 18.32 61.90
N PRO U 230 66.29 17.90 62.00
CA PRO U 230 66.58 16.70 62.79
C PRO U 230 66.39 16.92 64.28
N LEU U 231 66.67 15.89 65.08
CA LEU U 231 66.49 15.94 66.52
C LEU U 231 67.62 15.23 67.25
N GLY V 43 12.99 59.60 37.65
CA GLY V 43 14.07 59.02 38.43
C GLY V 43 13.59 58.38 39.70
N ILE V 44 13.10 57.16 39.58
CA ILE V 44 12.47 56.47 40.69
C ILE V 44 13.50 55.91 41.63
N PHE V 45 13.19 55.93 42.92
CA PHE V 45 14.03 55.32 43.94
C PHE V 45 13.11 54.84 45.05
N ASN V 46 12.86 53.56 45.09
CA ASN V 46 12.12 52.94 46.18
C ASN V 46 13.07 52.62 47.31
N THR V 47 12.72 53.09 48.51
CA THR V 47 13.52 52.81 49.69
C THR V 47 12.60 52.57 50.88
N ARG V 48 13.19 52.58 52.07
CA ARG V 48 12.52 52.20 53.31
C ARG V 48 13.03 53.09 54.42
N LEU V 49 12.11 53.73 55.13
CA LEU V 49 12.41 54.64 56.21
C LEU V 49 11.68 54.19 57.46
N SER V 50 12.37 54.24 58.58
CA SER V 50 11.87 53.73 59.85
C SER V 50 11.97 54.80 60.94
N ARG V 51 11.34 54.48 62.05
CA ARG V 51 11.17 55.39 63.18
C ARG V 51 10.61 54.57 64.32
N THR V 52 11.06 54.85 65.54
CA THR V 52 10.71 54.08 66.72
C THR V 52 10.30 55.01 67.84
N PHE V 53 9.24 54.64 68.55
CA PHE V 53 8.74 55.44 69.65
C PHE V 53 7.92 54.54 70.57
N GLY V 54 7.57 55.09 71.73
CA GLY V 54 6.88 54.35 72.75
C GLY V 54 5.41 54.64 72.90
N TYR V 55 4.68 53.67 73.47
CA TYR V 55 3.27 53.80 73.77
C TYR V 55 2.98 52.95 75.00
N THR V 56 2.30 53.54 75.97
CA THR V 56 1.98 52.87 77.22
C THR V 56 0.48 52.97 77.49
N ILE V 57 -0.08 51.86 77.96
CA ILE V 57 -1.44 51.79 78.44
C ILE V 57 -1.35 51.69 79.94
N LYS V 58 -1.67 52.79 80.62
CA LYS V 58 -1.55 52.85 82.07
C LYS V 58 -2.56 51.93 82.73
N ARG V 59 -2.25 51.57 83.97
CA ARG V 59 -3.09 50.68 84.75
C ARG V 59 -4.38 51.35 85.18
N THR V 60 -5.36 50.53 85.53
CA THR V 60 -6.66 51.00 86.01
C THR V 60 -7.16 50.06 87.10
N THR V 61 -7.73 50.65 88.15
CA THR V 61 -8.39 49.89 89.20
C THR V 61 -9.78 49.41 88.79
N VAL V 62 -10.28 49.83 87.62
CA VAL V 62 -11.58 49.40 87.15
C VAL V 62 -11.62 47.89 87.03
N LYS V 63 -12.72 47.29 87.48
CA LYS V 63 -12.87 45.85 87.47
C LYS V 63 -13.35 45.33 86.12
N THR V 64 -14.22 46.07 85.46
CA THR V 64 -14.82 45.63 84.24
C THR V 64 -13.77 45.52 83.13
N PRO V 65 -14.11 44.83 82.03
CA PRO V 65 -13.25 44.91 80.85
C PRO V 65 -13.51 46.20 80.10
N SER V 66 -12.56 47.12 80.19
CA SER V 66 -12.60 48.37 79.46
C SER V 66 -11.42 48.44 78.51
N TRP V 67 -11.57 49.24 77.47
CA TRP V 67 -10.57 49.38 76.43
C TRP V 67 -10.08 50.83 76.35
N ALA V 68 -8.81 50.95 75.98
CA ALA V 68 -8.15 52.23 75.79
C ALA V 68 -7.98 52.47 74.30
N VAL V 69 -8.54 53.56 73.83
CA VAL V 69 -8.57 53.88 72.40
C VAL V 69 -7.57 54.97 72.13
N ASP V 70 -6.90 54.85 70.99
CA ASP V 70 -5.94 55.86 70.55
C ASP V 70 -5.81 55.77 69.05
N MET V 71 -5.18 56.79 68.48
CA MET V 71 -5.02 56.95 67.05
C MET V 71 -3.54 56.97 66.68
N MET V 72 -3.30 56.87 65.38
CA MET V 72 -1.93 56.82 64.85
C MET V 72 -1.93 57.37 63.44
N ARG V 73 -1.25 58.51 63.26
CA ARG V 73 -1.02 59.12 61.97
C ARG V 73 0.44 58.93 61.57
N PHE V 74 0.72 59.21 60.30
CA PHE V 74 2.05 59.05 59.74
C PHE V 74 2.39 60.27 58.91
N ASN V 75 3.51 60.92 59.22
CA ASN V 75 4.03 62.03 58.46
C ASN V 75 5.49 61.76 58.11
N ILE V 76 5.91 62.28 56.96
CA ILE V 76 7.26 62.02 56.46
C ILE V 76 8.29 62.91 57.11
N ASN V 77 7.90 63.97 57.80
CA ASN V 77 8.87 64.78 58.52
C ASN V 77 9.50 64.00 59.66
N ASP V 78 8.77 63.07 60.25
CA ASP V 78 9.27 62.27 61.35
C ASP V 78 10.22 61.17 60.89
N PHE V 79 10.27 60.88 59.60
CA PHE V 79 11.16 59.87 59.04
C PHE V 79 12.30 60.46 58.24
N LEU V 80 12.07 61.60 57.61
CA LEU V 80 13.06 62.26 56.75
C LEU V 80 13.49 63.58 57.36
N PRO V 81 14.72 63.74 57.85
CA PRO V 81 15.08 64.98 58.48
C PRO V 81 15.33 66.07 57.46
N PRO V 82 15.50 67.31 57.92
CA PRO V 82 15.90 68.36 56.99
C PRO V 82 17.35 68.20 56.57
N GLY V 83 17.63 68.62 55.34
CA GLY V 83 18.96 68.49 54.80
C GLY V 83 19.87 69.62 55.20
N GLY V 84 20.70 70.07 54.27
CA GLY V 84 21.61 71.15 54.53
C GLY V 84 22.04 71.86 53.27
N GLY V 85 21.99 73.18 53.30
CA GLY V 85 22.40 73.97 52.15
C GLY V 85 21.30 74.16 51.14
N SER V 86 21.66 74.09 49.86
CA SER V 86 20.70 74.27 48.80
C SER V 86 19.73 73.12 48.68
N ASN V 87 20.04 71.97 49.29
CA ASN V 87 19.14 70.84 49.32
C ASN V 87 18.32 70.90 50.61
N PRO V 88 17.02 71.19 50.55
CA PRO V 88 16.28 71.38 51.81
C PRO V 88 16.05 70.10 52.58
N ARG V 89 16.10 68.94 51.92
CA ARG V 89 15.87 67.66 52.56
C ARG V 89 17.09 66.76 52.35
N SER V 90 17.15 65.72 53.18
CA SER V 90 18.31 64.84 53.21
C SER V 90 18.31 63.82 52.09
N VAL V 91 17.13 63.50 51.56
CA VAL V 91 16.98 62.64 50.38
C VAL V 91 16.71 63.55 49.20
N PRO V 92 17.64 63.70 48.25
CA PRO V 92 17.45 64.74 47.22
C PRO V 92 16.50 64.35 46.10
N PHE V 93 15.22 64.45 46.40
CA PHE V 93 14.16 64.19 45.44
C PHE V 93 13.07 65.23 45.64
N GLU V 94 12.24 65.38 44.59
CA GLU V 94 11.18 66.37 44.56
C GLU V 94 9.84 65.81 45.02
N TYR V 95 9.44 64.68 44.47
CA TYR V 95 8.13 64.11 44.69
C TYR V 95 8.25 62.82 45.47
N TYR V 96 7.13 62.41 46.06
CA TYR V 96 7.08 61.16 46.81
C TYR V 96 5.65 60.66 46.82
N ARG V 97 5.52 59.39 47.16
CA ARG V 97 4.22 58.79 47.43
C ARG V 97 4.45 57.55 48.27
N ILE V 98 3.73 57.45 49.38
CA ILE V 98 3.91 56.36 50.32
C ILE V 98 3.15 55.15 49.80
N ARG V 99 3.87 54.05 49.62
CA ARG V 99 3.32 52.82 49.08
C ARG V 99 2.72 51.95 50.16
N LYS V 100 3.45 51.73 51.25
CA LYS V 100 3.03 50.86 52.33
C LYS V 100 3.59 51.39 53.64
N VAL V 101 2.98 50.95 54.73
CA VAL V 101 3.48 51.20 56.08
C VAL V 101 3.37 49.89 56.84
N LYS V 102 4.36 49.63 57.68
CA LYS V 102 4.41 48.50 58.58
C LYS V 102 4.53 49.03 59.99
N VAL V 103 3.45 48.91 60.75
CA VAL V 103 3.45 49.25 62.16
C VAL V 103 3.67 47.98 62.95
N GLU V 104 4.68 47.99 63.80
CA GLU V 104 5.07 46.85 64.62
C GLU V 104 4.97 47.26 66.07
N PHE V 105 4.10 46.58 66.81
CA PHE V 105 4.01 46.73 68.26
C PHE V 105 4.93 45.70 68.88
N TRP V 106 6.13 46.14 69.24
CA TRP V 106 7.08 45.28 69.92
C TRP V 106 6.85 45.37 71.42
N PRO V 107 6.49 44.28 72.11
CA PRO V 107 6.18 44.40 73.52
C PRO V 107 7.39 44.70 74.37
N CYS V 108 7.10 45.28 75.52
CA CYS V 108 8.09 45.58 76.54
C CYS V 108 7.87 44.79 77.82
N SER V 109 6.88 43.92 77.84
CA SER V 109 6.41 43.26 79.04
C SER V 109 6.84 41.80 79.04
N PRO V 110 7.08 41.21 80.20
CA PRO V 110 7.53 39.83 80.24
C PRO V 110 6.41 38.86 79.89
N ILE V 111 6.82 37.66 79.52
CA ILE V 111 5.85 36.61 79.19
C ILE V 111 5.18 36.03 80.42
N THR V 112 5.60 36.41 81.62
CA THR V 112 4.97 35.99 82.86
C THR V 112 3.89 36.94 83.34
N GLN V 113 3.63 38.02 82.61
CA GLN V 113 2.68 39.02 83.07
C GLN V 113 1.27 38.49 82.88
N GLY V 114 0.45 38.66 83.91
CA GLY V 114 -0.92 38.21 83.90
C GLY V 114 -1.88 39.32 83.57
N ASP V 115 -3.16 39.05 83.87
CA ASP V 115 -4.26 39.96 83.53
C ASP V 115 -4.25 40.25 82.04
N ARG V 116 -4.05 39.21 81.25
CA ARG V 116 -3.99 39.34 79.81
C ARG V 116 -5.33 39.81 79.26
N GLY V 117 -5.29 40.23 78.00
CA GLY V 117 -6.44 40.83 77.38
C GLY V 117 -6.47 40.61 75.88
N VAL V 118 -7.44 41.25 75.23
CA VAL V 118 -7.63 41.08 73.79
C VAL V 118 -8.18 42.39 73.23
N GLY V 119 -7.52 42.88 72.19
CA GLY V 119 -7.85 44.14 71.58
C GLY V 119 -8.02 44.04 70.08
N SER V 120 -7.96 45.19 69.42
CA SER V 120 -8.23 45.25 67.99
C SER V 120 -7.51 46.44 67.39
N SER V 121 -6.98 46.24 66.19
CA SER V 121 -6.37 47.28 65.38
C SER V 121 -7.06 47.32 64.04
N ALA V 122 -7.49 48.51 63.64
CA ALA V 122 -8.21 48.72 62.39
C ALA V 122 -7.55 49.83 61.59
N VAL V 123 -7.87 49.83 60.30
CA VAL V 123 -7.28 50.75 59.32
C VAL V 123 -8.30 51.82 59.01
N ILE V 124 -7.93 53.08 59.26
CA ILE V 124 -8.83 54.22 59.21
C ILE V 124 -8.20 55.25 58.29
N LEU V 125 -8.66 55.29 57.05
CA LEU V 125 -8.01 56.06 56.00
C LEU V 125 -8.60 57.45 55.78
N ASP V 126 -9.19 58.07 56.82
CA ASP V 126 -9.96 59.30 56.61
C ASP V 126 -9.86 60.35 57.71
N ASP V 127 -9.04 60.14 58.74
CA ASP V 127 -8.79 61.18 59.73
C ASP V 127 -10.01 61.45 60.60
N ASN V 128 -10.88 60.47 60.75
CA ASN V 128 -11.99 60.53 61.71
C ASN V 128 -11.94 59.22 62.46
N PHE V 129 -11.21 59.24 63.57
CA PHE V 129 -11.04 58.12 64.45
C PHE V 129 -12.10 58.11 65.52
N VAL V 130 -12.27 56.95 66.16
CA VAL V 130 -13.03 56.91 67.39
C VAL V 130 -12.32 57.78 68.41
N THR V 131 -13.10 58.50 69.20
CA THR V 131 -12.54 59.45 70.15
C THR V 131 -11.61 58.75 71.12
N LYS V 132 -10.51 59.42 71.45
CA LYS V 132 -9.56 58.87 72.39
C LYS V 132 -10.21 58.70 73.75
N ALA V 133 -10.07 57.51 74.31
CA ALA V 133 -10.70 57.13 75.56
C ALA V 133 -9.70 56.38 76.42
N THR V 134 -9.86 56.53 77.73
CA THR V 134 -9.02 55.85 78.70
C THR V 134 -9.61 54.49 79.07
N ALA V 135 -10.89 54.44 79.43
CA ALA V 135 -11.56 53.21 79.80
C ALA V 135 -12.95 53.23 79.19
N LEU V 136 -13.06 52.75 77.96
CA LEU V 136 -14.33 52.61 77.27
C LEU V 136 -14.89 51.20 77.48
N THR V 137 -16.20 51.11 77.61
CA THR V 137 -16.86 49.87 78.01
C THR V 137 -16.97 48.85 76.89
N TYR V 138 -16.34 49.08 75.74
CA TYR V 138 -16.42 48.15 74.62
C TYR V 138 -15.25 48.42 73.69
N ASP V 139 -15.02 47.49 72.78
CA ASP V 139 -14.01 47.60 71.76
C ASP V 139 -14.65 48.16 70.49
N PRO V 140 -14.42 49.42 70.14
CA PRO V 140 -15.11 49.96 68.97
C PRO V 140 -14.63 49.37 67.66
N TYR V 141 -13.36 49.00 67.57
CA TYR V 141 -12.77 48.53 66.34
C TYR V 141 -12.94 47.04 66.14
N VAL V 142 -13.85 46.40 66.87
CA VAL V 142 -13.94 44.95 66.85
C VAL V 142 -14.70 44.47 65.62
N ASN V 143 -15.77 45.16 65.24
CA ASN V 143 -16.58 44.77 64.12
C ASN V 143 -16.11 45.37 62.81
N TYR V 144 -15.00 46.07 62.81
CA TYR V 144 -14.46 46.62 61.58
C TYR V 144 -13.94 45.53 60.67
N SER V 145 -14.14 45.72 59.37
CA SER V 145 -13.69 44.76 58.38
C SER V 145 -12.19 44.61 58.35
N SER V 146 -11.44 45.61 58.81
CA SER V 146 -9.99 45.58 58.86
C SER V 146 -9.46 45.30 60.25
N ARG V 147 -10.25 44.66 61.09
CA ARG V 147 -9.83 44.39 62.45
C ARG V 147 -8.91 43.18 62.47
N HIS V 148 -7.79 43.33 63.15
CA HIS V 148 -6.92 42.23 63.52
C HIS V 148 -6.89 42.20 65.04
N THR V 149 -6.93 41.02 65.61
CA THR V 149 -6.90 40.85 67.04
C THR V 149 -5.51 41.15 67.59
N ILE V 150 -5.49 41.90 68.69
CA ILE V 150 -4.27 42.18 69.43
C ILE V 150 -4.34 41.32 70.68
N THR V 151 -3.49 40.31 70.73
CA THR V 151 -3.21 39.62 71.99
C THR V 151 -2.28 40.47 72.82
N GLN V 152 -2.59 40.59 74.10
CA GLN V 152 -1.88 41.44 75.04
C GLN V 152 -1.38 40.61 76.21
N PRO V 153 -0.35 41.07 76.92
CA PRO V 153 0.53 42.21 76.73
C PRO V 153 1.86 41.91 76.07
N PHE V 154 2.21 40.62 76.00
CA PHE V 154 3.56 40.20 75.64
C PHE V 154 3.63 39.61 74.24
N SER V 155 2.76 40.05 73.35
CA SER V 155 2.65 39.48 72.02
C SER V 155 2.86 40.56 70.97
N TYR V 156 3.49 40.15 69.87
CA TYR V 156 3.82 41.02 68.77
C TYR V 156 2.63 41.16 67.84
N HIS V 157 2.43 42.38 67.34
CA HIS V 157 1.34 42.72 66.45
C HIS V 157 1.88 43.56 65.32
N SER V 158 1.69 43.11 64.10
CA SER V 158 2.07 43.84 62.90
C SER V 158 0.85 44.14 62.07
N ARG V 159 0.91 45.28 61.36
CA ARG V 159 -0.10 45.68 60.41
C ARG V 159 0.61 46.26 59.21
N TYR V 160 0.30 45.75 58.03
CA TYR V 160 0.94 46.13 56.78
C TYR V 160 -0.15 46.56 55.81
N PHE V 161 -0.15 47.82 55.44
CA PHE V 161 -1.24 48.40 54.67
C PHE V 161 -0.73 49.60 53.90
N THR V 162 -1.61 50.14 53.07
CA THR V 162 -1.33 51.29 52.22
C THR V 162 -2.06 52.51 52.76
N PRO V 163 -1.37 53.51 53.30
CA PRO V 163 -2.09 54.66 53.84
C PRO V 163 -2.58 55.59 52.76
N LYS V 164 -3.27 56.64 53.16
CA LYS V 164 -3.84 57.62 52.26
C LYS V 164 -3.57 59.01 52.82
N PRO V 165 -3.30 60.00 51.98
CA PRO V 165 -3.06 61.34 52.50
C PRO V 165 -4.34 62.11 52.75
N VAL V 166 -4.20 63.10 53.63
CA VAL V 166 -5.31 63.97 54.03
C VAL V 166 -5.27 65.16 53.09
N LEU V 167 -5.97 65.04 51.98
CA LEU V 167 -6.04 66.10 50.99
C LEU V 167 -7.09 67.14 51.37
N ASP V 168 -8.26 66.69 51.81
CA ASP V 168 -9.31 67.59 52.29
C ASP V 168 -9.95 66.92 53.50
N SER V 169 -9.69 67.47 54.68
CA SER V 169 -10.27 66.92 55.90
C SER V 169 -11.77 67.19 56.02
N THR V 170 -12.30 68.14 55.25
CA THR V 170 -13.72 68.43 55.28
C THR V 170 -14.53 67.37 54.57
N ILE V 171 -14.02 66.88 53.44
CA ILE V 171 -14.73 65.93 52.60
C ILE V 171 -14.18 64.53 52.85
N ASP V 172 -12.88 64.44 53.12
CA ASP V 172 -12.21 63.20 53.45
C ASP V 172 -12.37 62.17 52.33
N TYR V 173 -11.79 62.50 51.18
CA TYR V 173 -11.78 61.63 50.03
C TYR V 173 -10.41 61.00 49.84
N PHE V 174 -10.39 59.77 49.34
CA PHE V 174 -9.16 59.06 49.10
C PHE V 174 -9.32 58.13 47.92
N GLN V 175 -8.23 57.70 47.42
CA GLN V 175 -8.15 56.84 46.26
C GLN V 175 -8.13 55.37 46.66
N PRO V 176 -8.65 54.48 45.84
CA PRO V 176 -8.41 53.06 46.07
C PRO V 176 -7.00 52.66 45.73
N ASN V 177 -6.65 51.42 46.04
CA ASN V 177 -5.29 50.96 45.86
C ASN V 177 -5.01 50.71 44.40
N ASN V 178 -4.07 51.47 43.85
CA ASN V 178 -3.64 51.32 42.47
C ASN V 178 -2.22 51.84 42.39
N LYS V 179 -1.27 50.95 42.14
CA LYS V 179 0.11 51.40 42.12
C LYS V 179 0.39 52.34 40.96
N ARG V 180 -0.34 52.20 39.86
CA ARG V 180 -0.07 52.98 38.67
C ARG V 180 -0.71 54.36 38.72
N ASN V 181 -1.80 54.50 39.47
CA ASN V 181 -2.57 55.74 39.52
C ASN V 181 -2.41 56.51 40.82
N GLN V 182 -1.56 56.04 41.73
CA GLN V 182 -1.39 56.72 43.01
C GLN V 182 -0.77 58.09 42.80
N LEU V 183 -1.33 59.08 43.48
CA LEU V 183 -0.89 60.45 43.35
C LEU V 183 0.53 60.61 43.86
N TRP V 184 1.26 61.49 43.19
CA TRP V 184 2.55 61.96 43.65
C TRP V 184 2.34 63.25 44.41
N LEU V 185 2.82 63.29 45.64
CA LEU V 185 2.87 64.50 46.44
C LEU V 185 4.24 65.12 46.32
N ARG V 186 4.34 66.37 46.74
CA ARG V 186 5.60 67.07 46.81
C ARG V 186 6.22 66.88 48.18
N LEU V 187 7.52 66.66 48.19
CA LEU V 187 8.32 66.60 49.39
C LEU V 187 8.61 68.03 49.81
N GLN V 188 7.75 68.56 50.66
CA GLN V 188 7.89 69.92 51.14
C GLN V 188 9.10 70.04 52.06
N THR V 189 9.39 71.28 52.44
CA THR V 189 10.54 71.54 53.31
C THR V 189 10.21 71.27 54.77
N ALA V 190 9.12 71.88 55.29
CA ALA V 190 8.73 71.66 56.67
C ALA V 190 7.22 71.59 56.87
N GLY V 191 6.46 71.21 55.84
CA GLY V 191 5.01 71.27 55.91
C GLY V 191 4.29 70.12 55.23
N ASN V 192 4.88 68.94 55.25
CA ASN V 192 4.29 67.80 54.58
C ASN V 192 2.97 67.40 55.21
N VAL V 193 2.16 66.72 54.42
CA VAL V 193 0.79 66.39 54.78
C VAL V 193 0.77 65.07 55.54
N ASP V 194 -0.17 64.96 56.47
CA ASP V 194 -0.25 63.79 57.32
C ASP V 194 -0.95 62.66 56.60
N HIS V 195 -0.32 61.50 56.59
CA HIS V 195 -0.96 60.27 56.18
C HIS V 195 -1.58 59.58 57.36
N VAL V 196 -2.57 58.76 57.08
CA VAL V 196 -3.47 58.24 58.10
C VAL V 196 -3.79 56.79 57.76
N GLY V 197 -4.32 56.06 58.74
CA GLY V 197 -4.55 54.66 58.52
C GLY V 197 -4.43 53.64 59.64
N LEU V 198 -4.32 54.05 60.90
CA LEU V 198 -4.40 53.05 61.97
C LEU V 198 -5.03 53.60 63.24
N GLY V 199 -5.95 52.82 63.77
CA GLY V 199 -6.50 53.07 65.08
C GLY V 199 -6.55 51.78 65.87
N THR V 200 -6.38 51.92 67.18
CA THR V 200 -6.17 50.79 68.08
C THR V 200 -7.15 50.84 69.24
N ALA V 201 -7.31 49.69 69.87
CA ALA V 201 -8.07 49.57 71.10
C ALA V 201 -7.41 48.48 71.95
N PHE V 202 -6.82 48.90 73.06
CA PHE V 202 -6.13 48.00 73.97
C PHE V 202 -6.94 47.82 75.24
N GLU V 203 -7.04 46.58 75.69
CA GLU V 203 -7.76 46.26 76.91
C GLU V 203 -6.89 46.59 78.10
N ASN V 204 -7.46 47.36 79.02
CA ASN V 204 -6.71 47.81 80.18
C ASN V 204 -6.43 46.66 81.13
N SER V 205 -5.54 46.92 82.08
CA SER V 205 -5.04 45.89 82.98
C SER V 205 -4.62 46.53 84.29
N ILE V 206 -4.40 45.68 85.30
CA ILE V 206 -3.89 46.14 86.58
C ILE V 206 -2.46 46.60 86.46
N TYR V 207 -1.71 46.04 85.53
CA TYR V 207 -0.32 46.38 85.31
C TYR V 207 -0.19 47.27 84.09
N ASP V 208 0.89 48.04 84.05
CA ASP V 208 1.17 48.90 82.92
C ASP V 208 1.65 48.08 81.74
N GLN V 209 1.10 48.35 80.56
CA GLN V 209 1.45 47.67 79.32
C GLN V 209 2.20 48.65 78.44
N GLU V 210 3.50 48.43 78.29
CA GLU V 210 4.35 49.29 77.47
C GLU V 210 4.67 48.60 76.16
N TYR V 211 4.89 49.42 75.13
CA TYR V 211 5.21 48.95 73.79
C TYR V 211 6.22 49.90 73.16
N ASN V 212 7.09 49.34 72.34
CA ASN V 212 8.00 50.09 71.49
C ASN V 212 7.50 49.93 70.07
N ILE V 213 6.95 51.00 69.51
CA ILE V 213 6.30 50.94 68.20
C ILE V 213 7.29 51.40 67.15
N ARG V 214 7.52 50.53 66.16
CA ARG V 214 8.42 50.79 65.05
C ARG V 214 7.60 50.89 63.78
N VAL V 215 7.52 52.09 63.22
CA VAL V 215 6.83 52.34 61.97
C VAL V 215 7.86 52.37 60.86
N THR V 216 7.60 51.64 59.80
CA THR V 216 8.45 51.57 58.62
C THR V 216 7.60 51.96 57.43
N MET V 217 7.99 53.04 56.74
CA MET V 217 7.31 53.50 55.55
C MET V 217 8.12 53.14 54.31
N TYR V 218 7.45 52.50 53.37
CA TYR V 218 8.03 52.14 52.09
C TYR V 218 7.61 53.18 51.07
N VAL V 219 8.54 54.04 50.68
CA VAL V 219 8.24 55.23 49.90
C VAL V 219 8.85 55.07 48.52
N GLN V 220 8.43 55.96 47.62
CA GLN V 220 8.87 55.96 46.23
C GLN V 220 9.02 57.41 45.84
N PHE V 221 10.25 57.82 45.55
CA PHE V 221 10.58 59.18 45.18
C PHE V 221 10.71 59.32 43.67
N ARG V 222 10.85 60.56 43.22
CA ARG V 222 10.91 60.88 41.81
C ARG V 222 11.65 62.19 41.62
N GLU V 223 12.33 62.31 40.49
CA GLU V 223 12.99 63.54 40.05
C GLU V 223 14.07 63.98 41.03
N PHE V 224 15.15 63.20 41.02
CA PHE V 224 16.42 63.56 41.62
C PHE V 224 16.78 65.00 41.30
N ASN V 225 16.98 65.80 42.35
CA ASN V 225 17.10 67.25 42.19
C ASN V 225 18.26 67.79 43.01
N LEU V 226 19.37 67.10 42.99
CA LEU V 226 20.53 67.56 43.74
C LEU V 226 21.05 68.86 43.17
N LYS V 227 21.50 69.74 44.05
CA LYS V 227 22.07 71.03 43.69
C LYS V 227 23.50 71.10 44.18
N ASP V 228 24.42 71.43 43.27
CA ASP V 228 25.85 71.39 43.52
C ASP V 228 26.45 72.76 43.24
N PRO V 229 26.39 73.67 44.21
CA PRO V 229 27.08 74.94 44.05
C PRO V 229 28.58 74.77 44.22
N PRO V 230 29.38 75.76 43.83
CA PRO V 230 30.82 75.67 44.10
C PRO V 230 31.14 75.81 45.58
N LEU V 231 32.43 75.76 45.91
CA LEU V 231 32.90 75.83 47.28
C LEU V 231 34.16 76.68 47.40
N GLY W 43 -32.56 40.48 49.53
CA GLY W 43 -31.40 41.32 49.76
C GLY W 43 -30.49 40.81 50.85
N ILE W 44 -29.64 39.87 50.49
CA ILE W 44 -28.82 39.16 51.44
C ILE W 44 -27.62 40.01 51.83
N PHE W 45 -27.23 39.90 53.09
CA PHE W 45 -26.04 40.57 53.61
C PHE W 45 -25.47 39.70 54.72
N ASN W 46 -24.43 38.95 54.40
CA ASN W 46 -23.70 38.19 55.40
C ASN W 46 -22.68 39.07 56.07
N THR W 47 -22.72 39.11 57.40
CA THR W 47 -21.76 39.89 58.17
C THR W 47 -21.36 39.11 59.42
N ARG W 48 -20.72 39.81 60.34
CA ARG W 48 -20.11 39.22 61.53
C ARG W 48 -20.27 40.19 62.68
N LEU W 49 -20.84 39.70 63.78
CA LEU W 49 -21.09 40.49 64.98
C LEU W 49 -20.43 39.81 66.16
N SER W 50 -19.81 40.61 67.01
CA SER W 50 -19.04 40.14 68.13
C SER W 50 -19.48 40.80 69.42
N ARG W 51 -18.98 40.25 70.52
CA ARG W 51 -19.35 40.61 71.88
C ARG W 51 -18.37 39.92 72.80
N THR W 52 -17.98 40.62 73.86
CA THR W 52 -16.97 40.15 74.79
C THR W 52 -17.46 40.31 76.22
N PHE W 53 -17.19 39.30 77.03
CA PHE W 53 -17.60 39.29 78.43
C PHE W 53 -16.73 38.33 79.20
N GLY W 54 -16.85 38.39 80.52
CA GLY W 54 -16.02 37.60 81.41
C GLY W 54 -16.69 36.40 82.04
N TYR W 55 -15.86 35.44 82.45
CA TYR W 55 -16.31 34.25 83.16
C TYR W 55 -15.18 33.82 84.08
N THR W 56 -15.51 33.57 85.34
CA THR W 56 -14.55 33.17 86.35
C THR W 56 -15.00 31.90 87.04
N ILE W 57 -14.04 31.02 87.26
CA ILE W 57 -14.23 29.81 88.05
C ILE W 57 -13.51 30.05 89.37
N LYS W 58 -14.30 30.30 90.42
CA LYS W 58 -13.74 30.63 91.71
C LYS W 58 -12.99 29.44 92.30
N ARG W 59 -12.09 29.74 93.23
CA ARG W 59 -11.28 28.73 93.89
C ARG W 59 -12.11 27.89 94.85
N THR W 60 -11.59 26.71 95.17
CA THR W 60 -12.20 25.80 96.11
C THR W 60 -11.13 25.11 96.94
N THR W 61 -11.40 24.97 98.24
CA THR W 61 -10.54 24.21 99.13
C THR W 61 -10.73 22.71 98.99
N VAL W 62 -11.71 22.26 98.19
CA VAL W 62 -11.95 20.84 98.00
C VAL W 62 -10.72 20.18 97.42
N LYS W 63 -10.38 19.01 97.95
CA LYS W 63 -9.18 18.30 97.52
C LYS W 63 -9.42 17.47 96.27
N THR W 64 -10.60 16.89 96.14
CA THR W 64 -10.90 16.00 95.04
C THR W 64 -10.91 16.76 93.72
N PRO W 65 -10.86 16.04 92.60
CA PRO W 65 -11.13 16.68 91.32
C PRO W 65 -12.62 16.86 91.11
N SER W 66 -13.07 18.10 91.23
CA SER W 66 -14.45 18.47 90.98
C SER W 66 -14.51 19.43 89.81
N TRP W 67 -15.66 19.47 89.16
CA TRP W 67 -15.88 20.31 87.99
C TRP W 67 -16.99 21.31 88.24
N ALA W 68 -16.84 22.46 87.58
CA ALA W 68 -17.81 23.55 87.64
C ALA W 68 -18.55 23.60 86.32
N VAL W 69 -19.86 23.46 86.38
CA VAL W 69 -20.70 23.35 85.21
C VAL W 69 -21.44 24.66 85.02
N ASP W 70 -21.57 25.07 83.77
CA ASP W 70 -22.29 26.29 83.43
C ASP W 70 -22.78 26.17 82.00
N MET W 71 -23.67 27.08 81.63
CA MET W 71 -24.35 27.09 80.34
C MET W 71 -24.02 28.38 79.60
N MET W 72 -24.38 28.39 78.32
CA MET W 72 -24.11 29.53 77.46
C MET W 72 -25.15 29.58 76.35
N ARG W 73 -25.98 30.60 76.36
CA ARG W 73 -26.95 30.89 75.31
C ARG W 73 -26.48 32.08 74.49
N PHE W 74 -27.12 32.28 73.35
CA PHE W 74 -26.79 33.35 72.43
C PHE W 74 -28.06 34.03 71.95
N ASN W 75 -28.13 35.34 72.15
CA ASN W 75 -29.23 36.16 71.65
C ASN W 75 -28.66 37.32 70.87
N ILE W 76 -29.43 37.75 69.86
CA ILE W 76 -28.98 38.80 68.96
C ILE W 76 -29.16 40.19 69.54
N ASN W 77 -29.92 40.35 70.62
CA ASN W 77 -30.01 41.64 71.26
C ASN W 77 -28.70 42.07 71.87
N ASP W 78 -27.90 41.10 72.31
CA ASP W 78 -26.61 41.39 72.92
C ASP W 78 -25.54 41.74 71.89
N PHE W 79 -25.79 41.50 70.61
CA PHE W 79 -24.86 41.83 69.54
C PHE W 79 -25.32 42.99 68.68
N LEU W 80 -26.63 43.17 68.54
CA LEU W 80 -27.22 44.20 67.69
C LEU W 80 -27.97 45.20 68.55
N PRO W 81 -27.52 46.44 68.70
CA PRO W 81 -28.22 47.35 69.57
C PRO W 81 -29.49 47.87 68.92
N PRO W 82 -30.32 48.59 69.68
CA PRO W 82 -31.46 49.26 69.06
C PRO W 82 -31.02 50.44 68.23
N GLY W 83 -31.78 50.69 67.17
CA GLY W 83 -31.47 51.78 66.27
C GLY W 83 -31.98 53.10 66.75
N GLY W 84 -32.47 53.90 65.82
CA GLY W 84 -33.02 55.20 66.15
C GLY W 84 -33.98 55.70 65.11
N GLY W 85 -35.13 56.19 65.55
CA GLY W 85 -36.13 56.72 64.66
C GLY W 85 -37.04 55.66 64.11
N SER W 86 -37.37 55.80 62.82
CA SER W 86 -38.27 54.84 62.18
C SER W 86 -37.63 53.48 61.97
N ASN W 87 -36.31 53.40 62.09
CA ASN W 87 -35.61 52.13 62.00
C ASN W 87 -35.40 51.59 63.41
N PRO W 88 -36.10 50.51 63.81
CA PRO W 88 -36.00 50.09 65.21
C PRO W 88 -34.66 49.48 65.57
N ARG W 89 -33.92 48.97 64.60
CA ARG W 89 -32.63 48.34 64.83
C ARG W 89 -31.55 49.05 64.02
N SER W 90 -30.30 48.81 64.42
CA SER W 90 -29.17 49.52 63.85
C SER W 90 -28.73 48.94 62.51
N VAL W 91 -29.04 47.68 62.25
CA VAL W 91 -28.82 47.04 60.96
C VAL W 91 -30.17 47.00 60.25
N PRO W 92 -30.38 47.76 59.17
CA PRO W 92 -31.73 47.88 58.63
C PRO W 92 -32.15 46.71 57.75
N PHE W 93 -32.53 45.63 58.40
CA PHE W 93 -33.03 44.44 57.74
C PHE W 93 -34.19 43.88 58.54
N GLU W 94 -35.00 43.06 57.89
CA GLU W 94 -36.20 42.48 58.46
C GLU W 94 -35.96 41.11 59.07
N TYR W 95 -35.34 40.22 58.31
CA TYR W 95 -35.18 38.82 58.69
C TYR W 95 -33.72 38.52 58.97
N TYR W 96 -33.49 37.43 59.68
CA TYR W 96 -32.15 36.98 59.97
C TYR W 96 -32.15 35.49 60.22
N ARG W 97 -30.97 34.91 60.16
CA ARG W 97 -30.77 33.53 60.57
C ARG W 97 -29.30 33.36 60.88
N ILE W 98 -29.00 32.82 62.06
CA ILE W 98 -27.63 32.68 62.52
C ILE W 98 -27.03 31.43 61.87
N ARG W 99 -25.93 31.62 61.16
CA ARG W 99 -25.27 30.55 60.43
C ARG W 99 -24.28 29.81 61.30
N LYS W 100 -23.43 30.53 62.02
CA LYS W 100 -22.38 29.95 62.83
C LYS W 100 -22.13 30.84 64.03
N VAL W 101 -21.52 30.27 65.06
CA VAL W 101 -21.03 31.00 66.22
C VAL W 101 -19.64 30.47 66.53
N LYS W 102 -18.77 31.40 66.94
CA LYS W 102 -17.41 31.10 67.38
C LYS W 102 -17.28 31.61 68.79
N VAL W 103 -17.22 30.69 69.74
CA VAL W 103 -16.96 31.02 71.13
C VAL W 103 -15.47 30.81 71.39
N GLU W 104 -14.83 31.86 71.88
CA GLU W 104 -13.39 31.86 72.15
C GLU W 104 -13.19 32.13 73.62
N PHE W 105 -12.60 31.17 74.32
CA PHE W 105 -12.18 31.35 75.70
C PHE W 105 -10.75 31.85 75.69
N TRP W 106 -10.60 33.16 75.83
CA TRP W 106 -9.29 33.77 75.91
C TRP W 106 -8.85 33.80 77.36
N PRO W 107 -7.75 33.14 77.74
CA PRO W 107 -7.39 33.09 79.14
C PRO W 107 -6.92 34.43 79.68
N CYS W 108 -7.06 34.56 80.98
CA CYS W 108 -6.60 35.71 81.73
C CYS W 108 -5.47 35.36 82.70
N SER W 109 -5.04 34.12 82.73
CA SER W 109 -4.15 33.59 83.73
C SER W 109 -2.75 33.40 83.15
N PRO W 110 -1.71 33.54 83.95
CA PRO W 110 -0.35 33.40 83.43
C PRO W 110 -0.02 31.95 83.10
N ILE W 111 1.01 31.79 82.27
CA ILE W 111 1.46 30.45 81.92
C ILE W 111 2.23 29.78 83.03
N THR W 112 2.52 30.48 84.12
CA THR W 112 3.17 29.90 85.28
C THR W 112 2.20 29.38 86.32
N GLN W 113 0.89 29.47 86.08
CA GLN W 113 -0.08 29.07 87.07
C GLN W 113 -0.16 27.55 87.12
N GLY W 114 -0.15 27.02 88.33
CA GLY W 114 -0.21 25.60 88.56
C GLY W 114 -1.61 25.12 88.88
N ASP W 115 -1.67 23.89 89.41
CA ASP W 115 -2.92 23.23 89.70
C ASP W 115 -3.78 23.14 88.44
N ARG W 116 -3.12 22.79 87.34
CA ARG W 116 -3.79 22.71 86.06
C ARG W 116 -4.84 21.61 86.07
N GLY W 117 -5.69 21.64 85.06
CA GLY W 117 -6.83 20.75 84.99
C GLY W 117 -7.24 20.43 83.58
N VAL W 118 -8.35 19.72 83.45
CA VAL W 118 -8.85 19.30 82.15
C VAL W 118 -10.37 19.24 82.20
N GLY W 119 -11.00 19.89 81.24
CA GLY W 119 -12.43 20.01 81.17
C GLY W 119 -12.99 19.63 79.83
N SER W 120 -14.22 20.03 79.57
CA SER W 120 -14.92 19.62 78.37
C SER W 120 -15.96 20.67 78.00
N SER W 121 -16.09 20.91 76.70
CA SER W 121 -17.11 21.77 76.13
C SER W 121 -17.91 20.98 75.12
N ALA W 122 -19.23 21.02 75.25
CA ALA W 122 -20.13 20.27 74.39
C ALA W 122 -21.20 21.20 73.82
N VAL W 123 -21.81 20.74 72.74
CA VAL W 123 -22.80 21.51 71.99
C VAL W 123 -24.18 20.97 72.33
N ILE W 124 -25.04 21.84 72.85
CA ILE W 124 -26.32 21.48 73.41
C ILE W 124 -27.39 22.33 72.73
N LEU W 125 -28.06 21.77 71.75
CA LEU W 125 -28.93 22.52 70.85
C LEU W 125 -30.40 22.50 71.27
N ASP W 126 -30.70 22.36 72.56
CA ASP W 126 -32.08 22.13 72.98
C ASP W 126 -32.52 22.79 74.27
N ASP W 127 -31.69 23.59 74.92
CA ASP W 127 -32.09 24.37 76.09
C ASP W 127 -32.37 23.49 77.29
N ASN W 128 -31.74 22.31 77.36
CA ASN W 128 -31.77 21.47 78.54
C ASN W 128 -30.32 21.09 78.81
N PHE W 129 -29.67 21.92 79.62
CA PHE W 129 -28.29 21.75 80.01
C PHE W 129 -28.21 20.92 81.28
N VAL W 130 -27.02 20.38 81.53
CA VAL W 130 -26.73 19.85 82.85
C VAL W 130 -26.85 20.99 83.86
N THR W 131 -27.40 20.67 85.01
CA THR W 131 -27.67 21.68 86.02
C THR W 131 -26.38 22.38 86.42
N LYS W 132 -26.47 23.68 86.62
CA LYS W 132 -25.31 24.46 87.04
C LYS W 132 -24.84 23.99 88.41
N ALA W 133 -23.55 23.71 88.49
CA ALA W 133 -22.93 23.16 89.69
C ALA W 133 -21.62 23.87 89.96
N THR W 134 -21.27 23.97 91.24
CA THR W 134 -20.03 24.59 91.67
C THR W 134 -18.90 23.58 91.74
N ALA W 135 -19.13 22.44 92.40
CA ALA W 135 -18.14 21.38 92.53
C ALA W 135 -18.86 20.05 92.36
N LEU W 136 -18.95 19.59 91.13
CA LEU W 136 -19.52 18.30 90.81
C LEU W 136 -18.41 17.26 90.70
N THR W 137 -18.69 16.05 91.16
CA THR W 137 -17.68 15.01 91.30
C THR W 137 -17.28 14.35 89.98
N TYR W 138 -17.74 14.85 88.85
CA TYR W 138 -17.41 14.26 87.57
C TYR W 138 -17.64 15.30 86.49
N ASP W 139 -17.12 15.01 85.30
CA ASP W 139 -17.30 15.84 84.13
C ASP W 139 -18.49 15.31 83.33
N PRO W 140 -19.64 15.98 83.35
CA PRO W 140 -20.79 15.41 82.65
C PRO W 140 -20.65 15.43 81.15
N TYR W 141 -19.97 16.42 80.60
CA TYR W 141 -19.86 16.60 79.16
C TYR W 141 -18.71 15.82 78.56
N VAL W 142 -18.16 14.84 79.27
CA VAL W 142 -16.96 14.17 78.81
C VAL W 142 -17.28 13.13 77.75
N ASN W 143 -18.36 12.39 77.92
CA ASN W 143 -18.72 11.33 77.00
C ASN W 143 -19.61 11.82 75.88
N TYR W 144 -19.87 13.12 75.80
CA TYR W 144 -20.65 13.66 74.70
C TYR W 144 -19.91 13.56 73.40
N SER W 145 -20.65 13.28 72.34
CA SER W 145 -20.08 13.17 71.01
C SER W 145 -19.48 14.47 70.51
N SER W 146 -19.92 15.61 71.05
CA SER W 146 -19.42 16.91 70.68
C SER W 146 -18.45 17.48 71.70
N ARG W 147 -17.81 16.62 72.49
CA ARG W 147 -16.90 17.07 73.51
C ARG W 147 -15.57 17.43 72.88
N HIS W 148 -15.06 18.60 73.24
CA HIS W 148 -13.69 19.00 73.01
C HIS W 148 -13.06 19.23 74.36
N THR W 149 -11.82 18.78 74.51
CA THR W 149 -11.10 18.94 75.75
C THR W 149 -10.69 20.40 75.96
N ILE W 150 -10.89 20.87 77.18
CA ILE W 150 -10.45 22.18 77.62
C ILE W 150 -9.23 21.95 78.49
N THR W 151 -8.08 22.31 77.99
CA THR W 151 -6.90 22.46 78.82
C THR W 151 -7.00 23.76 79.60
N GLN W 152 -6.69 23.70 80.88
CA GLN W 152 -6.81 24.81 81.81
C GLN W 152 -5.48 25.09 82.46
N PRO W 153 -5.26 26.30 82.98
CA PRO W 153 -6.04 27.54 82.92
C PRO W 153 -5.61 28.52 81.85
N PHE W 154 -4.43 28.32 81.29
CA PHE W 154 -3.77 29.32 80.46
C PHE W 154 -3.80 28.96 78.99
N SER W 155 -4.82 28.23 78.55
CA SER W 155 -4.89 27.72 77.19
C SER W 155 -6.16 28.20 76.52
N TYR W 156 -6.05 28.46 75.23
CA TYR W 156 -7.13 28.96 74.42
C TYR W 156 -8.00 27.81 73.93
N HIS W 157 -9.30 28.05 73.93
CA HIS W 157 -10.30 27.07 73.53
C HIS W 157 -11.30 27.76 72.63
N SER W 158 -11.46 27.22 71.42
CA SER W 158 -12.44 27.70 70.46
C SER W 158 -13.43 26.61 70.14
N ARG W 159 -14.66 27.02 69.85
CA ARG W 159 -15.71 26.13 69.39
C ARG W 159 -16.47 26.85 68.28
N TYR W 160 -16.59 26.20 67.14
CA TYR W 160 -17.22 26.76 65.95
C TYR W 160 -18.31 25.81 65.50
N PHE W 161 -19.55 26.28 65.57
CA PHE W 161 -20.70 25.41 65.35
C PHE W 161 -21.88 26.25 64.89
N THR W 162 -22.95 25.56 64.56
CA THR W 162 -24.19 26.15 64.08
C THR W 162 -25.25 26.06 65.15
N PRO W 163 -25.68 27.15 65.77
CA PRO W 163 -26.69 27.03 66.83
C PRO W 163 -28.07 26.80 66.27
N LYS W 164 -29.04 26.66 67.16
CA LYS W 164 -30.42 26.43 66.81
C LYS W 164 -31.30 27.30 67.69
N PRO W 165 -32.40 27.81 67.16
CA PRO W 165 -33.28 28.64 67.99
C PRO W 165 -34.25 27.82 68.82
N VAL W 166 -34.71 28.47 69.90
CA VAL W 166 -35.64 27.86 70.84
C VAL W 166 -37.03 28.25 70.35
N LEU W 167 -37.59 27.42 69.49
CA LEU W 167 -38.92 27.64 68.96
C LEU W 167 -40.00 27.16 69.92
N ASP W 168 -39.82 25.98 70.49
CA ASP W 168 -40.73 25.45 71.50
C ASP W 168 -39.88 24.76 72.56
N SER W 169 -39.80 25.37 73.74
CA SER W 169 -39.03 24.80 74.83
C SER W 169 -39.69 23.57 75.44
N THR W 170 -40.98 23.36 75.19
CA THR W 170 -41.67 22.19 75.71
C THR W 170 -41.31 20.94 74.94
N ILE W 171 -41.18 21.04 73.62
CA ILE W 171 -40.91 19.91 72.76
C ILE W 171 -39.43 19.88 72.39
N ASP W 172 -38.84 21.06 72.24
CA ASP W 172 -37.42 21.22 71.97
C ASP W 172 -37.04 20.51 70.67
N TYR W 173 -37.58 21.02 69.57
CA TYR W 173 -37.29 20.51 68.24
C TYR W 173 -36.39 21.49 67.50
N PHE W 174 -35.53 20.94 66.65
CA PHE W 174 -34.62 21.75 65.87
C PHE W 174 -34.33 21.07 64.54
N GLN W 175 -33.82 21.80 63.66
CA GLN W 175 -33.50 21.39 62.31
C GLN W 175 -32.08 20.87 62.20
N PRO W 176 -31.82 19.92 61.31
CA PRO W 176 -30.43 19.60 61.01
C PRO W 176 -29.75 20.68 60.18
N ASN W 177 -28.46 20.54 59.98
CA ASN W 177 -27.69 21.57 59.30
C ASN W 177 -27.99 21.52 57.80
N ASN W 178 -28.54 22.60 57.29
CA ASN W 178 -28.82 22.74 55.87
C ASN W 178 -28.85 24.23 55.58
N LYS W 179 -27.89 24.70 54.80
CA LYS W 179 -27.83 26.13 54.54
C LYS W 179 -29.02 26.60 53.71
N ARG W 180 -29.57 25.73 52.87
CA ARG W 180 -30.63 26.12 51.97
C ARG W 180 -32.00 26.11 52.62
N ASN W 181 -32.17 25.28 53.66
CA ASN W 181 -33.46 25.09 54.30
C ASN W 181 -33.56 25.71 55.68
N GLN W 182 -32.52 26.42 56.12
CA GLN W 182 -32.54 27.02 57.44
C GLN W 182 -33.61 28.10 57.52
N LEU W 183 -34.36 28.08 58.61
CA LEU W 183 -35.45 29.01 58.81
C LEU W 183 -34.95 30.43 58.93
N TRP W 184 -35.73 31.35 58.40
CA TRP W 184 -35.54 32.77 58.61
C TRP W 184 -36.41 33.20 59.77
N LEU W 185 -35.80 33.82 60.76
CA LEU W 185 -36.50 34.46 61.86
C LEU W 185 -36.64 35.93 61.57
N ARG W 186 -37.53 36.58 62.33
CA ARG W 186 -37.69 38.02 62.26
C ARG W 186 -36.79 38.69 63.26
N LEU W 187 -36.18 39.78 62.84
CA LEU W 187 -35.39 40.64 63.70
C LEU W 187 -36.36 41.54 64.45
N GLN W 188 -36.75 41.08 65.64
CA GLN W 188 -37.69 41.81 66.46
C GLN W 188 -37.04 43.08 67.00
N THR W 189 -37.86 43.89 67.66
CA THR W 189 -37.37 45.15 68.21
C THR W 189 -36.66 44.94 69.54
N ALA W 190 -37.32 44.28 70.50
CA ALA W 190 -36.72 44.02 71.80
C ALA W 190 -37.06 42.65 72.37
N GLY W 191 -37.39 41.67 71.53
CA GLY W 191 -37.88 40.40 72.00
C GLY W 191 -37.39 39.19 71.23
N ASN W 192 -36.17 39.25 70.71
CA ASN W 192 -35.66 38.17 69.89
C ASN W 192 -35.48 36.90 70.71
N VAL W 193 -35.47 35.78 69.99
CA VAL W 193 -35.48 34.45 70.60
C VAL W 193 -34.05 34.01 70.88
N ASP W 194 -33.88 33.25 71.95
CA ASP W 194 -32.56 32.82 72.38
C ASP W 194 -32.11 31.64 71.54
N HIS W 195 -30.90 31.74 71.01
CA HIS W 195 -30.23 30.61 70.40
C HIS W 195 -29.35 29.94 71.45
N VAL W 196 -29.07 28.67 71.19
CA VAL W 196 -28.51 27.78 72.20
C VAL W 196 -27.50 26.87 71.53
N GLY W 197 -26.66 26.24 72.33
CA GLY W 197 -25.60 25.43 71.74
C GLY W 197 -24.26 25.29 72.41
N LEU W 198 -24.06 25.72 73.65
CA LEU W 198 -22.82 25.39 74.32
C LEU W 198 -22.97 25.22 75.82
N GLY W 199 -22.39 24.15 76.31
CA GLY W 199 -22.25 23.92 77.74
C GLY W 199 -20.85 23.47 78.06
N THR W 200 -20.39 23.86 79.24
CA THR W 200 -19.00 23.71 79.64
C THR W 200 -18.90 23.01 80.98
N ALA W 201 -17.70 22.49 81.23
CA ALA W 201 -17.34 21.92 82.52
C ALA W 201 -15.87 22.19 82.76
N PHE W 202 -15.60 23.05 83.74
CA PHE W 202 -14.25 23.44 84.10
C PHE W 202 -13.85 22.79 85.41
N GLU W 203 -12.63 22.27 85.44
CA GLU W 203 -12.09 21.67 86.65
C GLU W 203 -11.63 22.75 87.60
N ASN W 204 -12.11 22.67 88.84
CA ASN W 204 -11.80 23.68 89.83
C ASN W 204 -10.34 23.60 90.24
N SER W 205 -9.90 24.64 90.95
CA SER W 205 -8.51 24.81 91.29
C SER W 205 -8.39 25.62 92.57
N ILE W 206 -7.19 25.62 93.15
CA ILE W 206 -6.92 26.43 94.32
C ILE W 206 -6.91 27.90 93.97
N TYR W 207 -6.54 28.23 92.74
CA TYR W 207 -6.49 29.60 92.26
C TYR W 207 -7.70 29.91 91.41
N ASP W 208 -8.02 31.19 91.32
CA ASP W 208 -9.13 31.63 90.48
C ASP W 208 -8.73 31.57 89.02
N GLN W 209 -9.61 31.02 88.19
CA GLN W 209 -9.41 30.91 86.76
C GLN W 209 -10.36 31.86 86.05
N GLU W 210 -9.82 32.93 85.49
CA GLU W 210 -10.61 33.93 84.78
C GLU W 210 -10.44 33.77 83.28
N TYR W 211 -11.49 34.15 82.56
CA TYR W 211 -11.51 34.07 81.11
C TYR W 211 -12.24 35.28 80.56
N ASN W 212 -11.81 35.74 79.39
CA ASN W 212 -12.52 36.74 78.60
C ASN W 212 -13.10 36.03 77.40
N ILE W 213 -14.41 35.89 77.38
CA ILE W 213 -15.09 35.11 76.37
C ILE W 213 -15.59 36.03 75.27
N ARG W 214 -15.16 35.76 74.04
CA ARG W 214 -15.54 36.54 72.87
C ARG W 214 -16.39 35.65 71.98
N VAL W 215 -17.67 35.99 71.87
CA VAL W 215 -18.60 35.29 70.99
C VAL W 215 -18.74 36.09 69.72
N THR W 216 -18.62 35.41 68.60
CA THR W 216 -18.76 35.99 67.27
C THR W 216 -19.84 35.22 66.55
N MET W 217 -20.91 35.91 66.17
CA MET W 217 -22.00 35.32 65.41
C MET W 217 -21.92 35.74 63.96
N TYR W 218 -21.96 34.75 63.08
CA TYR W 218 -21.98 34.95 61.64
C TYR W 218 -23.41 34.85 61.16
N VAL W 219 -24.00 35.99 60.83
CA VAL W 219 -25.43 36.09 60.57
C VAL W 219 -25.65 36.39 59.10
N GLN W 220 -26.91 36.25 58.69
CA GLN W 220 -27.33 36.45 57.31
C GLN W 220 -28.68 37.12 57.37
N PHE W 221 -28.75 38.35 56.89
CA PHE W 221 -29.96 39.14 56.91
C PHE W 221 -30.65 39.11 55.55
N ARG W 222 -31.85 39.68 55.50
CA ARG W 222 -32.66 39.67 54.29
C ARG W 222 -33.63 40.84 54.33
N GLU W 223 -33.96 41.35 53.15
CA GLU W 223 -34.98 42.37 52.97
C GLU W 223 -34.63 43.67 53.69
N PHE W 224 -33.61 44.33 53.15
CA PHE W 224 -33.28 45.71 53.44
C PHE W 224 -34.52 46.57 53.52
N ASN W 225 -34.74 47.20 54.67
CA ASN W 225 -36.00 47.88 54.96
C ASN W 225 -35.78 49.25 55.55
N LEU W 226 -34.83 49.99 55.00
CA LEU W 226 -34.56 51.32 55.51
C LEU W 226 -35.74 52.23 55.26
N LYS W 227 -36.00 53.12 56.21
CA LYS W 227 -37.07 54.09 56.14
C LYS W 227 -36.48 55.49 56.21
N ASP W 228 -36.83 56.33 55.24
CA ASP W 228 -36.23 57.65 55.06
C ASP W 228 -37.34 58.70 55.08
N PRO W 229 -37.75 59.15 56.26
CA PRO W 229 -38.68 60.25 56.33
C PRO W 229 -37.99 61.56 56.00
N PRO W 230 -38.75 62.64 55.76
CA PRO W 230 -38.11 63.94 55.57
C PRO W 230 -37.52 64.48 56.87
N LEU W 231 -36.95 65.68 56.79
CA LEU W 231 -36.31 66.32 57.93
C LEU W 231 -36.58 67.81 57.96
N GLY X 43 -25.97 -7.09 66.66
CA GLY X 43 -26.25 -5.67 66.80
C GLY X 43 -25.09 -4.91 67.39
N ILE X 44 -24.15 -4.56 66.53
CA ILE X 44 -22.89 -3.96 66.96
C ILE X 44 -23.10 -2.48 67.24
N PHE X 45 -22.39 -2.00 68.26
CA PHE X 45 -22.38 -0.58 68.58
C PHE X 45 -21.02 -0.25 69.18
N ASN X 46 -20.16 0.35 68.37
CA ASN X 46 -18.89 0.84 68.85
C ASN X 46 -19.07 2.22 69.45
N THR X 47 -18.59 2.39 70.67
CA THR X 47 -18.64 3.68 71.35
C THR X 47 -17.36 3.90 72.14
N ARG X 48 -17.41 4.89 73.02
CA ARG X 48 -16.24 5.38 73.75
C ARG X 48 -16.68 5.78 75.14
N LEU X 49 -16.01 5.23 76.14
CA LEU X 49 -16.32 5.48 77.54
C LEU X 49 -15.06 5.97 78.23
N SER X 50 -15.22 6.97 79.08
CA SER X 50 -14.11 7.64 79.74
C SER X 50 -14.32 7.68 81.25
N ARG X 51 -13.27 8.08 81.93
CA ARG X 51 -13.17 8.07 83.38
C ARG X 51 -11.90 8.81 83.74
N THR X 52 -11.97 9.59 84.82
CA THR X 52 -10.87 10.45 85.24
C THR X 52 -10.61 10.28 86.72
N PHE X 53 -9.33 10.23 87.08
CA PHE X 53 -8.93 10.05 88.46
C PHE X 53 -7.50 10.57 88.62
N GLY X 54 -7.08 10.67 89.88
CA GLY X 54 -5.79 11.23 90.21
C GLY X 54 -4.72 10.23 90.60
N TYR X 55 -3.47 10.65 90.44
CA TYR X 55 -2.31 9.89 90.85
C TYR X 55 -1.21 10.86 91.23
N THR X 56 -0.61 10.64 92.40
CA THR X 56 0.43 11.50 92.93
C THR X 56 1.65 10.68 93.29
N ILE X 57 2.82 11.22 92.96
CA ILE X 57 4.11 10.68 93.36
C ILE X 57 4.63 11.61 94.44
N LYS X 58 4.58 11.16 95.67
CA LYS X 58 4.98 11.98 96.80
C LYS X 58 6.48 12.25 96.76
N ARG X 59 6.86 13.31 97.46
CA ARG X 59 8.24 13.75 97.52
C ARG X 59 9.08 12.80 98.36
N THR X 60 10.39 12.85 98.14
CA THR X 60 11.36 12.06 98.89
C THR X 60 12.61 12.87 99.14
N THR X 61 13.15 12.76 100.35
CA THR X 61 14.43 13.36 100.69
C THR X 61 15.62 12.57 100.15
N VAL X 62 15.37 11.39 99.56
CA VAL X 62 16.45 10.58 99.01
C VAL X 62 17.18 11.36 97.93
N LYS X 63 18.52 11.27 97.96
CA LYS X 63 19.35 12.02 97.03
C LYS X 63 19.49 11.29 95.70
N THR X 64 19.57 9.97 95.73
CA THR X 64 19.81 9.19 94.55
C THR X 64 18.65 9.30 93.57
N PRO X 65 18.84 8.89 92.32
CA PRO X 65 17.70 8.73 91.42
C PRO X 65 16.99 7.42 91.70
N SER X 66 15.82 7.52 92.32
CA SER X 66 14.97 6.38 92.58
C SER X 66 13.66 6.55 91.82
N TRP X 67 13.01 5.43 91.57
CA TRP X 67 11.76 5.40 90.82
C TRP X 67 10.63 4.83 91.67
N ALA X 68 9.44 5.32 91.39
CA ALA X 68 8.21 4.90 92.04
C ALA X 68 7.41 4.06 91.07
N VAL X 69 7.15 2.82 91.43
CA VAL X 69 6.50 1.85 90.56
C VAL X 69 5.06 1.69 91.01
N ASP X 70 4.17 1.54 90.03
CA ASP X 70 2.77 1.32 90.29
C ASP X 70 2.15 0.63 89.09
N MET X 71 0.94 0.13 89.28
CA MET X 71 0.23 -0.64 88.30
C MET X 71 -1.09 0.05 87.93
N MET X 72 -1.70 -0.45 86.86
CA MET X 72 -2.94 0.13 86.37
C MET X 72 -3.74 -0.95 85.65
N ARG X 73 -4.89 -1.29 86.21
CA ARG X 73 -5.85 -2.20 85.62
C ARG X 73 -7.05 -1.42 85.10
N PHE X 74 -7.87 -2.09 84.30
CA PHE X 74 -9.05 -1.48 83.70
C PHE X 74 -10.22 -2.44 83.84
N ASN X 75 -11.31 -1.95 84.43
CA ASN X 75 -12.55 -2.68 84.54
C ASN X 75 -13.69 -1.83 84.02
N ILE X 76 -14.70 -2.50 83.45
CA ILE X 76 -15.81 -1.80 82.83
C ILE X 76 -16.85 -1.32 83.84
N ASN X 77 -16.81 -1.79 85.08
CA ASN X 77 -17.71 -1.28 86.08
C ASN X 77 -17.41 0.17 86.40
N ASP X 78 -16.15 0.58 86.30
CA ASP X 78 -15.75 1.95 86.58
C ASP X 78 -16.12 2.91 85.47
N PHE X 79 -16.48 2.41 84.29
CA PHE X 79 -16.88 3.23 83.16
C PHE X 79 -18.38 3.16 82.87
N LEU X 80 -19.00 2.02 83.15
CA LEU X 80 -20.40 1.77 82.86
C LEU X 80 -21.17 1.61 84.16
N PRO X 81 -22.05 2.54 84.54
CA PRO X 81 -22.73 2.39 85.82
C PRO X 81 -23.83 1.36 85.73
N PRO X 82 -24.42 0.99 86.87
CA PRO X 82 -25.59 0.14 86.84
C PRO X 82 -26.80 0.89 86.33
N GLY X 83 -27.68 0.16 85.64
CA GLY X 83 -28.86 0.74 85.08
C GLY X 83 -29.99 0.87 86.07
N GLY X 84 -31.20 0.61 85.60
CA GLY X 84 -32.37 0.69 86.44
C GLY X 84 -33.52 -0.13 85.92
N GLY X 85 -34.13 -0.91 86.80
CA GLY X 85 -35.26 -1.73 86.43
C GLY X 85 -34.84 -3.07 85.84
N SER X 86 -35.56 -3.50 84.81
CA SER X 86 -35.28 -4.78 84.18
C SER X 86 -33.97 -4.77 83.40
N ASN X 87 -33.44 -3.58 83.10
CA ASN X 87 -32.15 -3.47 82.44
C ASN X 87 -31.07 -3.31 83.50
N PRO X 88 -30.21 -4.30 83.73
CA PRO X 88 -29.26 -4.19 84.84
C PRO X 88 -28.17 -3.16 84.61
N ARG X 89 -27.87 -2.82 83.37
CA ARG X 89 -26.83 -1.88 83.02
C ARG X 89 -27.41 -0.73 82.22
N SER X 90 -26.65 0.36 82.15
CA SER X 90 -27.13 1.59 81.54
C SER X 90 -27.01 1.56 80.02
N VAL X 91 -26.11 0.74 79.49
CA VAL X 91 -26.00 0.51 78.06
C VAL X 91 -26.67 -0.83 77.75
N PRO X 92 -27.81 -0.86 77.08
CA PRO X 92 -28.56 -2.12 76.98
C PRO X 92 -28.02 -3.09 75.94
N PHE X 93 -26.95 -3.78 76.32
CA PHE X 93 -26.35 -4.80 75.48
C PHE X 93 -25.93 -5.96 76.36
N GLU X 94 -25.72 -7.11 75.73
CA GLU X 94 -25.38 -8.34 76.41
C GLU X 94 -23.89 -8.59 76.47
N TYR X 95 -23.22 -8.49 75.34
CA TYR X 95 -21.81 -8.84 75.21
C TYR X 95 -20.98 -7.59 74.96
N TYR X 96 -19.68 -7.73 75.21
CA TYR X 96 -18.76 -6.64 74.97
C TYR X 96 -17.37 -7.21 74.74
N ARG X 97 -16.51 -6.39 74.17
CA ARG X 97 -15.10 -6.68 74.07
C ARG X 97 -14.36 -5.38 73.89
N ILE X 98 -13.34 -5.16 74.71
CA ILE X 98 -12.60 -3.91 74.70
C ILE X 98 -11.59 -3.96 73.58
N ARG X 99 -11.68 -2.98 72.67
CA ARG X 99 -10.83 -2.90 71.50
C ARG X 99 -9.52 -2.19 71.79
N LYS X 100 -9.60 -1.02 72.42
CA LYS X 100 -8.44 -0.19 72.70
C LYS X 100 -8.68 0.56 74.00
N VAL X 101 -7.58 1.03 74.59
CA VAL X 101 -7.61 1.93 75.73
C VAL X 101 -6.58 3.02 75.48
N LYS X 102 -6.95 4.24 75.88
CA LYS X 102 -6.09 5.40 75.82
C LYS X 102 -5.94 5.93 77.23
N VAL X 103 -4.76 5.76 77.79
CA VAL X 103 -4.40 6.32 79.07
C VAL X 103 -3.66 7.61 78.84
N GLU X 104 -4.15 8.69 79.43
CA GLU X 104 -3.60 10.02 79.28
C GLU X 104 -3.20 10.52 80.66
N PHE X 105 -1.91 10.78 80.82
CA PHE X 105 -1.39 11.43 82.03
C PHE X 105 -1.37 12.92 81.77
N TRP X 106 -2.40 13.60 82.27
CA TRP X 106 -2.48 15.03 82.16
C TRP X 106 -1.79 15.65 83.37
N PRO X 107 -0.73 16.44 83.20
CA PRO X 107 -0.02 16.94 84.37
C PRO X 107 -0.82 17.97 85.14
N CYS X 108 -0.46 18.09 86.41
CA CYS X 108 -1.02 19.07 87.31
C CYS X 108 0.01 20.09 87.77
N SER X 109 1.23 19.99 87.29
CA SER X 109 2.36 20.73 87.80
C SER X 109 2.74 21.84 86.83
N PRO X 110 3.27 22.95 87.32
CA PRO X 110 3.63 24.05 86.41
C PRO X 110 4.85 23.72 85.59
N ILE X 111 5.00 24.47 84.49
CA ILE X 111 6.15 24.30 83.64
C ILE X 111 7.42 24.89 84.22
N THR X 112 7.33 25.59 85.36
CA THR X 112 8.49 26.11 86.06
C THR X 112 9.04 25.15 87.10
N GLN X 113 8.45 23.98 87.27
CA GLN X 113 8.87 23.07 88.32
C GLN X 113 10.18 22.42 87.92
N GLY X 114 11.11 22.38 88.86
CA GLY X 114 12.40 21.79 88.65
C GLY X 114 12.51 20.38 89.17
N ASP X 115 13.74 19.91 89.29
CA ASP X 115 14.04 18.54 89.70
C ASP X 115 13.36 17.56 88.76
N ARG X 116 13.43 17.86 87.47
CA ARG X 116 12.79 17.05 86.47
C ARG X 116 13.41 15.65 86.43
N GLY X 117 12.71 14.75 85.76
CA GLY X 117 13.09 13.36 85.73
C GLY X 117 12.69 12.66 84.47
N VAL X 118 12.89 11.35 84.43
CA VAL X 118 12.61 10.55 83.25
C VAL X 118 12.19 9.16 83.70
N GLY X 119 11.05 8.71 83.20
CA GLY X 119 10.46 7.44 83.57
C GLY X 119 10.09 6.60 82.38
N SER X 120 9.24 5.61 82.62
CA SER X 120 8.90 4.64 81.60
C SER X 120 7.53 4.07 81.87
N SER X 121 6.78 3.86 80.79
CA SER X 121 5.48 3.20 80.83
C SER X 121 5.52 2.01 79.89
N ALA X 122 5.11 0.85 80.38
CA ALA X 122 5.13 -0.38 79.62
C ALA X 122 3.77 -1.06 79.68
N VAL X 123 3.55 -1.95 78.72
CA VAL X 123 2.28 -2.64 78.54
C VAL X 123 2.44 -4.06 79.07
N ILE X 124 1.61 -4.42 80.05
CA ILE X 124 1.73 -5.66 80.81
C ILE X 124 0.40 -6.37 80.74
N LEU X 125 0.28 -7.35 79.86
CA LEU X 125 -0.98 -7.95 79.52
C LEU X 125 -1.28 -9.24 80.29
N ASP X 126 -0.76 -9.39 81.52
CA ASP X 126 -0.84 -10.68 82.20
C ASP X 126 -1.04 -10.63 83.71
N ASP X 127 -1.22 -9.46 84.32
CA ASP X 127 -1.55 -9.35 85.73
C ASP X 127 -0.41 -9.79 86.63
N ASN X 128 0.83 -9.68 86.16
CA ASN X 128 2.00 -9.87 86.99
C ASN X 128 2.90 -8.67 86.71
N PHE X 129 2.70 -7.64 87.51
CA PHE X 129 3.45 -6.41 87.44
C PHE X 129 4.68 -6.49 88.32
N VAL X 130 5.62 -5.58 88.06
CA VAL X 130 6.69 -5.34 89.01
C VAL X 130 6.07 -4.86 90.30
N THR X 131 6.62 -5.32 91.42
CA THR X 131 6.05 -5.01 92.71
C THR X 131 6.01 -3.51 92.95
N LYS X 132 4.93 -3.05 93.55
CA LYS X 132 4.80 -1.63 93.86
C LYS X 132 5.88 -1.19 94.82
N ALA X 133 6.57 -0.12 94.46
CA ALA X 133 7.71 0.39 95.20
C ALA X 133 7.62 1.89 95.30
N THR X 134 8.14 2.42 96.40
CA THR X 134 8.17 3.86 96.64
C THR X 134 9.43 4.49 96.08
N ALA X 135 10.59 3.91 96.40
CA ALA X 135 11.87 4.42 95.91
C ALA X 135 12.74 3.21 95.55
N LEU X 136 12.62 2.77 94.31
CA LEU X 136 13.44 1.69 93.78
C LEU X 136 14.64 2.27 93.05
N THR X 137 15.77 1.60 93.18
CA THR X 137 17.05 2.12 92.70
C THR X 137 17.24 2.04 91.20
N TYR X 138 16.21 1.67 90.45
CA TYR X 138 16.33 1.55 89.00
C TYR X 138 14.94 1.60 88.40
N ASP X 139 14.90 1.79 87.09
CA ASP X 139 13.66 1.79 86.32
C ASP X 139 13.43 0.39 85.77
N PRO X 140 12.49 -0.38 86.30
CA PRO X 140 12.35 -1.75 85.81
C PRO X 140 11.79 -1.84 84.41
N TYR X 141 10.94 -0.90 84.03
CA TYR X 141 10.26 -0.93 82.75
C TYR X 141 11.06 -0.28 81.63
N VAL X 142 12.36 -0.07 81.83
CA VAL X 142 13.15 0.70 80.87
C VAL X 142 13.54 -0.16 79.68
N ASN X 143 13.89 -1.42 79.91
CA ASN X 143 14.33 -2.30 78.84
C ASN X 143 13.18 -3.07 78.22
N TYR X 144 11.95 -2.79 78.61
CA TYR X 144 10.80 -3.44 78.01
C TYR X 144 10.61 -2.99 76.57
N SER X 145 10.20 -3.93 75.72
CA SER X 145 9.97 -3.64 74.33
C SER X 145 8.85 -2.64 74.11
N SER X 146 7.93 -2.52 75.07
CA SER X 146 6.82 -1.59 75.00
C SER X 146 7.04 -0.35 75.84
N ARG X 147 8.29 0.00 76.11
CA ARG X 147 8.59 1.15 76.93
C ARG X 147 8.46 2.41 76.10
N HIS X 148 7.74 3.39 76.66
CA HIS X 148 7.74 4.76 76.18
C HIS X 148 8.28 5.61 77.31
N THR X 149 9.11 6.58 76.95
CA THR X 149 9.69 7.47 77.94
C THR X 149 8.65 8.44 78.47
N ILE X 150 8.65 8.62 79.78
CA ILE X 150 7.83 9.61 80.46
C ILE X 150 8.76 10.74 80.85
N THR X 151 8.61 11.87 80.19
CA THR X 151 9.20 13.11 80.67
C THR X 151 8.34 13.64 81.80
N GLN X 152 8.99 14.08 82.86
CA GLN X 152 8.35 14.53 84.08
C GLN X 152 8.79 15.96 84.39
N PRO X 153 8.01 16.71 85.18
CA PRO X 153 6.68 16.49 85.73
C PRO X 153 5.54 17.11 84.94
N PHE X 154 5.87 18.04 84.03
CA PHE X 154 4.90 18.91 83.41
C PHE X 154 4.62 18.53 81.95
N SER X 155 4.76 17.26 81.62
CA SER X 155 4.66 16.80 80.25
C SER X 155 3.57 15.74 80.14
N TYR X 156 2.88 15.77 79.01
CA TYR X 156 1.79 14.87 78.72
C TYR X 156 2.31 13.55 78.17
N HIS X 157 1.69 12.47 78.60
CA HIS X 157 2.07 11.12 78.22
C HIS X 157 0.80 10.35 77.87
N SER X 158 0.74 9.83 76.66
CA SER X 158 -0.37 9.00 76.20
C SER X 158 0.14 7.62 75.86
N ARG X 159 -0.72 6.63 76.05
CA ARG X 159 -0.47 5.25 75.65
C ARG X 159 -1.76 4.70 75.07
N TYR X 160 -1.69 4.17 73.86
CA TYR X 160 -2.84 3.66 73.13
C TYR X 160 -2.53 2.22 72.73
N PHE X 161 -3.30 1.30 73.28
CA PHE X 161 -3.00 -0.12 73.13
C PHE X 161 -4.29 -0.92 73.29
N THR X 162 -4.16 -2.21 73.07
CA THR X 162 -5.25 -3.16 73.16
C THR X 162 -5.10 -4.02 74.41
N PRO X 163 -5.93 -3.88 75.43
CA PRO X 163 -5.75 -4.69 76.63
C PRO X 163 -6.21 -6.12 76.43
N LYS X 164 -6.04 -6.93 77.47
CA LYS X 164 -6.42 -8.32 77.46
C LYS X 164 -7.11 -8.65 78.77
N PRO X 165 -8.11 -9.52 78.76
CA PRO X 165 -8.78 -9.87 80.00
C PRO X 165 -8.07 -10.95 80.78
N VAL X 166 -8.35 -10.96 82.08
CA VAL X 166 -7.75 -11.92 83.01
C VAL X 166 -8.72 -13.09 83.07
N LEU X 167 -8.51 -14.05 82.18
CA LEU X 167 -9.34 -15.25 82.14
C LEU X 167 -8.90 -16.27 83.16
N ASP X 168 -7.59 -16.50 83.26
CA ASP X 168 -7.03 -17.39 84.28
C ASP X 168 -5.76 -16.75 84.80
N SER X 169 -5.80 -16.27 86.03
CA SER X 169 -4.63 -15.65 86.64
C SER X 169 -3.55 -16.65 86.98
N THR X 170 -3.88 -17.94 87.06
CA THR X 170 -2.89 -18.95 87.36
C THR X 170 -1.97 -19.24 86.17
N ILE X 171 -2.54 -19.26 84.97
CA ILE X 171 -1.82 -19.59 83.75
C ILE X 171 -1.46 -18.32 83.01
N ASP X 172 -2.35 -17.32 83.08
CA ASP X 172 -2.14 -16.01 82.48
C ASP X 172 -1.92 -16.14 80.98
N TYR X 173 -2.95 -16.58 80.29
CA TYR X 173 -2.94 -16.71 78.83
C TYR X 173 -3.79 -15.60 78.21
N PHE X 174 -3.37 -15.16 77.03
CA PHE X 174 -4.08 -14.13 76.31
C PHE X 174 -3.92 -14.33 74.82
N GLN X 175 -4.74 -13.68 74.11
CA GLN X 175 -4.80 -13.77 72.66
C GLN X 175 -3.95 -12.69 72.01
N PRO X 176 -3.39 -12.95 70.84
CA PRO X 176 -2.79 -11.86 70.08
C PRO X 176 -3.83 -10.94 69.47
N ASN X 177 -3.37 -9.85 68.88
CA ASN X 177 -4.28 -8.84 68.36
C ASN X 177 -4.91 -9.33 67.08
N ASN X 178 -6.23 -9.48 67.10
CA ASN X 178 -6.99 -9.89 65.92
C ASN X 178 -8.40 -9.36 66.13
N LYS X 179 -8.81 -8.41 65.30
CA LYS X 179 -10.11 -7.82 65.49
C LYS X 179 -11.22 -8.83 65.21
N ARG X 180 -10.98 -9.79 64.33
CA ARG X 180 -12.02 -10.71 63.92
C ARG X 180 -12.17 -11.88 64.88
N ASN X 181 -11.11 -12.22 65.62
CA ASN X 181 -11.10 -13.38 66.49
C ASN X 181 -11.14 -13.01 67.98
N GLN X 182 -11.25 -11.74 68.31
CA GLN X 182 -11.26 -11.33 69.71
C GLN X 182 -12.49 -11.85 70.40
N LEU X 183 -12.30 -12.39 71.60
CA LEU X 183 -13.37 -12.98 72.36
C LEU X 183 -14.39 -11.94 72.77
N TRP X 184 -15.65 -12.36 72.79
CA TRP X 184 -16.73 -11.58 73.37
C TRP X 184 -16.92 -12.05 74.80
N LEU X 185 -16.88 -11.10 75.72
CA LEU X 185 -17.23 -11.34 77.11
C LEU X 185 -18.66 -10.91 77.34
N ARG X 186 -19.20 -11.35 78.47
CA ARG X 186 -20.52 -10.94 78.90
C ARG X 186 -20.42 -9.71 79.78
N LEU X 187 -21.33 -8.78 79.55
CA LEU X 187 -21.49 -7.61 80.39
C LEU X 187 -22.29 -8.02 81.62
N GLN X 188 -21.55 -8.40 82.66
CA GLN X 188 -22.16 -8.84 83.90
C GLN X 188 -22.84 -7.67 84.59
N THR X 189 -23.55 -7.99 85.68
CA THR X 189 -24.27 -6.98 86.42
C THR X 189 -23.35 -6.23 87.38
N ALA X 190 -22.60 -6.96 88.24
CA ALA X 190 -21.68 -6.33 89.17
C ALA X 190 -20.39 -7.10 89.36
N GLY X 191 -19.97 -7.90 88.38
CA GLY X 191 -18.84 -8.79 88.55
C GLY X 191 -17.95 -8.94 87.35
N ASN X 192 -17.82 -7.88 86.55
CA ASN X 192 -17.03 -7.96 85.34
C ASN X 192 -15.56 -8.20 85.64
N VAL X 193 -14.87 -8.73 84.64
CA VAL X 193 -13.49 -9.18 84.79
C VAL X 193 -12.55 -8.02 84.50
N ASP X 194 -11.42 -8.01 85.20
CA ASP X 194 -10.46 -6.94 85.09
C ASP X 194 -9.62 -7.12 83.84
N HIS X 195 -9.53 -6.06 83.05
CA HIS X 195 -8.57 -5.97 81.96
C HIS X 195 -7.31 -5.30 82.46
N VAL X 196 -6.22 -5.58 81.77
CA VAL X 196 -4.88 -5.29 82.26
C VAL X 196 -4.04 -4.84 81.07
N GLY X 197 -2.90 -4.22 81.37
CA GLY X 197 -2.10 -3.66 80.31
C GLY X 197 -1.28 -2.40 80.50
N LEU X 198 -1.12 -1.88 81.71
CA LEU X 198 -0.17 -0.78 81.87
C LEU X 198 0.50 -0.79 83.23
N GLY X 199 1.82 -0.61 83.18
CA GLY X 199 2.61 -0.39 84.37
C GLY X 199 3.57 0.76 84.14
N THR X 200 3.84 1.50 85.21
CA THR X 200 4.57 2.75 85.14
C THR X 200 5.73 2.76 86.11
N ALA X 201 6.67 3.66 85.85
CA ALA X 201 7.77 3.94 86.76
C ALA X 201 8.09 5.42 86.65
N PHE X 202 7.82 6.16 87.72
CA PHE X 202 8.06 7.58 87.79
C PHE X 202 9.25 7.87 88.68
N GLU X 203 10.11 8.77 88.22
CA GLU X 203 11.27 9.18 88.98
C GLU X 203 10.85 10.16 90.05
N ASN X 204 11.25 9.88 91.28
CA ASN X 204 10.86 10.70 92.40
C ASN X 204 11.55 12.05 92.36
N SER X 205 11.07 12.96 93.20
CA SER X 205 11.52 14.34 93.18
C SER X 205 11.35 14.94 94.56
N ILE X 206 11.95 16.11 94.76
CA ILE X 206 11.80 16.85 96.00
C ILE X 206 10.39 17.40 96.13
N TYR X 207 9.75 17.68 95.01
CA TYR X 207 8.39 18.22 94.98
C TYR X 207 7.40 17.11 94.63
N ASP X 208 6.16 17.32 95.04
CA ASP X 208 5.11 16.38 94.72
C ASP X 208 4.71 16.51 93.26
N GLN X 209 4.58 15.37 92.58
CA GLN X 209 4.19 15.31 91.18
C GLN X 209 2.79 14.72 91.10
N GLU X 210 1.81 15.56 90.76
CA GLU X 210 0.43 15.15 90.65
C GLU X 210 0.03 15.03 89.19
N TYR X 211 -0.90 14.13 88.93
CA TYR X 211 -1.42 13.87 87.60
C TYR X 211 -2.91 13.61 87.68
N ASN X 212 -3.62 14.02 86.63
CA ASN X 212 -5.02 13.67 86.42
C ASN X 212 -5.07 12.69 85.27
N ILE X 213 -5.37 11.44 85.56
CA ILE X 213 -5.31 10.37 84.59
C ILE X 213 -6.69 10.14 84.02
N ARG X 214 -6.81 10.24 82.70
CA ARG X 214 -8.04 10.04 81.98
C ARG X 214 -7.90 8.80 81.12
N VAL X 215 -8.64 7.75 81.48
CA VAL X 215 -8.68 6.51 80.74
C VAL X 215 -9.91 6.52 79.86
N THR X 216 -9.72 6.20 78.59
CA THR X 216 -10.78 6.12 77.61
C THR X 216 -10.74 4.73 77.01
N MET X 217 -11.83 3.99 77.17
CA MET X 217 -11.97 2.66 76.60
C MET X 217 -12.87 2.69 75.38
N TYR X 218 -12.37 2.14 74.28
CA TYR X 218 -13.11 2.00 73.05
C TYR X 218 -13.66 0.58 72.98
N VAL X 219 -14.96 0.46 73.19
CA VAL X 219 -15.61 -0.83 73.38
C VAL X 219 -16.51 -1.12 72.20
N GLN X 220 -16.95 -2.37 72.12
CA GLN X 220 -17.80 -2.86 71.05
C GLN X 220 -18.78 -3.82 71.68
N PHE X 221 -20.05 -3.46 71.65
CA PHE X 221 -21.12 -4.23 72.24
C PHE X 221 -21.84 -5.06 71.17
N ARG X 222 -22.74 -5.93 71.65
CA ARG X 222 -23.46 -6.84 70.77
C ARG X 222 -24.76 -7.24 71.44
N GLU X 223 -25.76 -7.51 70.62
CA GLU X 223 -27.05 -8.06 71.03
C GLU X 223 -27.77 -7.11 72.01
N PHE X 224 -28.22 -6.01 71.43
CA PHE X 224 -29.20 -5.12 72.04
C PHE X 224 -30.31 -5.89 72.71
N ASN X 225 -30.48 -5.68 74.01
CA ASN X 225 -31.35 -6.50 74.84
C ASN X 225 -32.24 -5.68 75.74
N LEU X 226 -32.79 -4.60 75.20
CA LEU X 226 -33.65 -3.75 75.99
C LEU X 226 -34.92 -4.50 76.38
N LYS X 227 -35.39 -4.25 77.59
CA LYS X 227 -36.60 -4.84 78.12
C LYS X 227 -37.59 -3.74 78.45
N ASP X 228 -38.81 -3.86 77.92
CA ASP X 228 -39.82 -2.82 78.00
C ASP X 228 -41.08 -3.39 78.64
N PRO X 229 -41.14 -3.43 79.97
CA PRO X 229 -42.37 -3.81 80.64
C PRO X 229 -43.41 -2.71 80.56
N PRO X 230 -44.66 -3.01 80.87
CA PRO X 230 -45.66 -1.93 80.93
C PRO X 230 -45.44 -1.00 82.11
N LEU X 231 -46.32 -0.03 82.25
CA LEU X 231 -46.22 0.98 83.31
C LEU X 231 -47.60 1.33 83.88
N GLY Y 43 24.08 -17.25 65.35
CA GLY Y 43 22.83 -16.94 66.02
C GLY Y 43 22.75 -15.50 66.48
N ILE Y 44 22.41 -14.62 65.55
CA ILE Y 44 22.46 -13.19 65.81
C ILE Y 44 21.23 -12.76 66.58
N PHE Y 45 21.43 -11.79 67.47
CA PHE Y 45 20.34 -11.19 68.22
C PHE Y 45 20.72 -9.75 68.50
N ASN Y 46 20.14 -8.83 67.74
CA ASN Y 46 20.31 -7.41 67.98
C ASN Y 46 19.31 -6.96 69.02
N THR Y 47 19.79 -6.30 70.06
CA THR Y 47 18.93 -5.76 71.10
C THR Y 47 19.46 -4.40 71.54
N ARG Y 48 18.92 -3.94 72.67
CA ARG Y 48 19.17 -2.61 73.18
C ARG Y 48 19.23 -2.66 74.70
N LEU Y 49 20.30 -2.13 75.25
CA LEU Y 49 20.55 -2.13 76.68
C LEU Y 49 20.79 -0.70 77.13
N SER Y 50 20.21 -0.34 78.27
CA SER Y 50 20.25 1.01 78.79
C SER Y 50 20.73 1.03 80.23
N ARG Y 51 21.00 2.24 80.69
CA ARG Y 51 21.62 2.51 81.98
C ARG Y 51 21.51 4.01 82.21
N THR Y 52 21.24 4.39 83.44
CA THR Y 52 21.00 5.78 83.81
C THR Y 52 21.82 6.14 85.04
N PHE Y 53 22.40 7.34 85.01
CA PHE Y 53 23.23 7.82 86.10
C PHE Y 53 23.30 9.34 86.03
N GLY Y 54 23.84 9.93 87.09
CA GLY Y 54 23.89 11.36 87.23
C GLY Y 54 25.24 12.00 86.98
N TYR Y 55 25.20 13.29 86.64
CA TYR Y 55 26.39 14.10 86.46
C TYR Y 55 26.05 15.52 86.82
N THR Y 56 26.89 16.14 87.65
CA THR Y 56 26.68 17.50 88.12
C THR Y 56 27.91 18.34 87.86
N ILE Y 57 27.68 19.57 87.43
CA ILE Y 57 28.70 20.59 87.26
C ILE Y 57 28.49 21.57 88.41
N LYS Y 58 29.36 21.50 89.40
CA LYS Y 58 29.23 22.33 90.58
C LYS Y 58 29.44 23.80 90.24
N ARG Y 59 28.91 24.66 91.10
CA ARG Y 59 29.00 26.10 90.92
C ARG Y 59 30.42 26.60 91.18
N THR Y 60 30.69 27.79 90.64
CA THR Y 60 31.97 28.46 90.80
C THR Y 60 31.76 29.95 90.95
N THR Y 61 32.51 30.55 91.88
CA THR Y 61 32.53 32.00 92.04
C THR Y 61 33.36 32.70 90.97
N VAL Y 62 34.07 31.94 90.13
CA VAL Y 62 34.89 32.54 89.08
C VAL Y 62 34.03 33.37 88.14
N LYS Y 63 34.53 34.55 87.79
CA LYS Y 63 33.77 35.47 86.95
C LYS Y 63 33.92 35.15 85.48
N THR Y 64 35.10 34.72 85.07
CA THR Y 64 35.38 34.46 83.67
C THR Y 64 34.53 33.33 83.14
N PRO Y 65 34.45 33.18 81.81
CA PRO Y 65 33.88 31.96 81.25
C PRO Y 65 34.90 30.84 81.28
N SER Y 66 34.69 29.89 82.18
CA SER Y 66 35.51 28.70 82.28
C SER Y 66 34.66 27.48 82.01
N TRP Y 67 35.32 26.41 81.60
CA TRP Y 67 34.65 25.16 81.23
C TRP Y 67 35.13 24.03 82.11
N ALA Y 68 34.22 23.10 82.34
CA ALA Y 68 34.47 21.89 83.12
C ALA Y 68 34.55 20.71 82.18
N VAL Y 69 35.69 20.04 82.20
CA VAL Y 69 35.97 18.96 81.27
C VAL Y 69 35.85 17.64 82.00
N ASP Y 70 35.31 16.65 81.30
CA ASP Y 70 35.16 15.31 81.85
C ASP Y 70 35.08 14.32 80.70
N MET Y 71 35.21 13.06 81.03
CA MET Y 71 35.27 11.96 80.08
C MET Y 71 34.12 11.00 80.32
N MET Y 72 33.93 10.10 79.36
CA MET Y 72 32.84 9.12 79.42
C MET Y 72 33.25 7.88 78.64
N ARG Y 73 33.40 6.77 79.34
CA ARG Y 73 33.66 5.47 78.77
C ARG Y 73 32.39 4.61 78.88
N PHE Y 74 32.40 3.50 78.16
CA PHE Y 74 31.27 2.58 78.11
C PHE Y 74 31.78 1.16 78.25
N ASN Y 75 31.25 0.44 79.23
CA ASN Y 75 31.55 -0.98 79.43
C ASN Y 75 30.25 -1.74 79.53
N ILE Y 76 30.28 -2.99 79.08
CA ILE Y 76 29.08 -3.81 79.03
C ILE Y 76 28.75 -4.44 80.38
N ASN Y 77 29.66 -4.42 81.34
CA ASN Y 77 29.33 -4.92 82.66
C ASN Y 77 28.29 -4.04 83.34
N ASP Y 78 28.29 -2.75 83.02
CA ASP Y 78 27.35 -1.82 83.61
C ASP Y 78 25.96 -1.92 83.01
N PHE Y 79 25.82 -2.60 81.88
CA PHE Y 79 24.54 -2.79 81.22
C PHE Y 79 24.02 -4.21 81.33
N LEU Y 80 24.92 -5.19 81.39
CA LEU Y 80 24.57 -6.60 81.42
C LEU Y 80 24.98 -7.20 82.75
N PRO Y 81 24.07 -7.59 83.64
CA PRO Y 81 24.49 -8.09 84.93
C PRO Y 81 25.00 -9.51 84.82
N PRO Y 82 25.58 -10.05 85.90
CA PRO Y 82 25.94 -11.45 85.90
C PRO Y 82 24.70 -12.33 86.00
N GLY Y 83 24.80 -13.50 85.39
CA GLY Y 83 23.70 -14.42 85.36
C GLY Y 83 23.62 -15.28 86.61
N GLY Y 84 23.28 -16.54 86.43
CA GLY Y 84 23.18 -17.46 87.54
C GLY Y 84 23.32 -18.90 87.10
N GLY Y 85 24.16 -19.64 87.81
CA GLY Y 85 24.37 -21.04 87.51
C GLY Y 85 25.42 -21.27 86.45
N SER Y 86 25.16 -22.22 85.56
CA SER Y 86 26.10 -22.54 84.51
C SER Y 86 26.18 -21.46 83.45
N ASN Y 87 25.22 -20.54 83.42
CA ASN Y 87 25.26 -19.41 82.51
C ASN Y 87 25.87 -18.22 83.23
N PRO Y 88 27.09 -17.80 82.89
CA PRO Y 88 27.73 -16.74 83.69
C PRO Y 88 27.11 -15.38 83.52
N ARG Y 89 26.41 -15.14 82.41
CA ARG Y 89 25.78 -13.86 82.12
C ARG Y 89 24.29 -14.05 81.91
N SER Y 90 23.56 -12.94 81.99
CA SER Y 90 22.11 -12.98 81.96
C SER Y 90 21.57 -13.08 80.54
N VAL Y 91 22.35 -12.64 79.56
CA VAL Y 91 22.02 -12.83 78.14
C VAL Y 91 22.84 -14.00 77.62
N PRO Y 92 22.24 -15.14 77.30
CA PRO Y 92 23.06 -16.32 77.02
C PRO Y 92 23.65 -16.35 75.61
N PHE Y 93 24.73 -15.59 75.45
CA PHE Y 93 25.46 -15.55 74.20
C PHE Y 93 26.95 -15.50 74.52
N GLU Y 94 27.75 -15.86 73.53
CA GLU Y 94 29.20 -15.94 73.65
C GLU Y 94 29.90 -14.66 73.23
N TYR Y 95 29.59 -14.16 72.06
CA TYR Y 95 30.27 -13.03 71.45
C TYR Y 95 29.36 -11.82 71.40
N TYR Y 96 29.98 -10.66 71.24
CA TYR Y 96 29.24 -9.42 71.12
C TYR Y 96 30.07 -8.40 70.36
N ARG Y 97 29.39 -7.38 69.88
CA ARG Y 97 30.06 -6.21 69.31
C ARG Y 97 29.09 -5.05 69.36
N ILE Y 98 29.55 -3.94 69.91
CA ILE Y 98 28.69 -2.78 70.10
C ILE Y 98 28.60 -2.02 68.79
N ARG Y 99 27.38 -1.83 68.31
CA ARG Y 99 27.12 -1.18 67.05
C ARG Y 99 27.01 0.32 67.19
N LYS Y 100 26.24 0.79 68.16
CA LYS Y 100 25.99 2.20 68.37
C LYS Y 100 25.79 2.45 69.85
N VAL Y 101 25.96 3.71 70.24
CA VAL Y 101 25.62 4.19 71.57
C VAL Y 101 24.90 5.51 71.41
N LYS Y 102 23.90 5.71 72.27
CA LYS Y 102 23.13 6.94 72.36
C LYS Y 102 23.28 7.47 73.77
N VAL Y 103 24.03 8.55 73.91
CA VAL Y 103 24.17 9.26 75.16
C VAL Y 103 23.18 10.41 75.17
N GLU Y 104 22.33 10.46 76.18
CA GLU Y 104 21.29 11.47 76.32
C GLU Y 104 21.53 12.21 77.61
N PHE Y 105 21.78 13.50 77.52
CA PHE Y 105 21.86 14.38 78.67
C PHE Y 105 20.47 14.95 78.92
N TRP Y 106 19.76 14.33 79.85
CA TRP Y 106 18.46 14.81 80.25
C TRP Y 106 18.62 15.84 81.36
N PRO Y 107 18.21 17.09 81.17
CA PRO Y 107 18.45 18.08 82.21
C PRO Y 107 17.61 17.86 83.45
N CYS Y 108 18.13 18.40 84.54
CA CYS Y 108 17.46 18.39 85.83
C CYS Y 108 17.11 19.78 86.29
N SER Y 109 17.37 20.80 85.50
CA SER Y 109 17.29 22.19 85.89
C SER Y 109 16.06 22.84 85.26
N PRO Y 110 15.46 23.82 85.92
CA PRO Y 110 14.27 24.45 85.36
C PRO Y 110 14.59 25.34 84.18
N ILE Y 111 13.57 25.61 83.38
CA ILE Y 111 13.74 26.49 82.24
C ILE Y 111 13.86 27.96 82.62
N THR Y 112 13.68 28.30 83.90
CA THR Y 112 13.87 29.64 84.39
C THR Y 112 15.28 29.91 84.90
N GLN Y 113 16.17 28.93 84.83
CA GLN Y 113 17.51 29.10 85.39
C GLN Y 113 18.33 29.99 84.46
N GLY Y 114 19.02 30.94 85.05
CA GLY Y 114 19.85 31.87 84.32
C GLY Y 114 21.30 31.48 84.32
N ASP Y 115 22.14 32.44 83.95
CA ASP Y 115 23.58 32.22 83.80
C ASP Y 115 23.84 31.09 82.82
N ARG Y 116 23.10 31.10 81.72
CA ARG Y 116 23.21 30.07 80.72
C ARG Y 116 24.58 30.09 80.07
N GLY Y 117 24.88 29.02 79.36
CA GLY Y 117 26.19 28.82 78.79
C GLY Y 117 26.17 28.01 77.52
N VAL Y 118 27.35 27.69 77.02
CA VAL Y 118 27.48 26.96 75.77
C VAL Y 118 28.73 26.10 75.85
N GLY Y 119 28.55 24.81 75.55
CA GLY Y 119 29.61 23.83 75.64
C GLY Y 119 29.76 23.02 74.39
N SER Y 120 30.45 21.88 74.51
CA SER Y 120 30.77 21.06 73.36
C SER Y 120 30.95 19.62 73.79
N SER Y 121 30.46 18.72 72.96
CA SER Y 121 30.64 17.28 73.12
C SER Y 121 31.30 16.73 71.87
N ALA Y 122 32.37 15.97 72.06
CA ALA Y 122 33.14 15.41 70.97
C ALA Y 122 33.33 13.91 71.17
N VAL Y 123 33.65 13.24 70.08
CA VAL Y 123 33.78 11.79 70.03
C VAL Y 123 35.26 11.44 70.01
N ILE Y 124 35.70 10.68 71.01
CA ILE Y 124 37.10 10.41 71.26
C ILE Y 124 37.27 8.90 71.34
N LEU Y 125 37.73 8.30 70.26
CA LEU Y 125 37.72 6.86 70.09
C LEU Y 125 39.05 6.20 70.46
N ASP Y 126 39.83 6.77 71.38
CA ASP Y 126 41.19 6.29 71.62
C ASP Y 126 41.68 6.31 73.06
N ASP Y 127 40.85 6.70 74.03
CA ASP Y 127 41.21 6.61 75.44
C ASP Y 127 42.31 7.60 75.81
N ASN Y 128 42.41 8.71 75.09
CA ASN Y 128 43.27 9.82 75.46
C ASN Y 128 42.41 11.07 75.35
N PHE Y 129 41.78 11.39 76.47
CA PHE Y 129 40.91 12.55 76.60
C PHE Y 129 41.71 13.76 77.05
N VAL Y 130 41.12 14.93 76.84
CA VAL Y 130 41.63 16.12 77.50
C VAL Y 130 41.53 15.90 79.00
N THR Y 131 42.54 16.37 79.72
CA THR Y 131 42.61 16.14 81.15
C THR Y 131 41.39 16.73 81.85
N LYS Y 132 40.89 16.00 82.84
CA LYS Y 132 39.75 16.47 83.60
C LYS Y 132 40.10 17.76 84.33
N ALA Y 133 39.24 18.76 84.15
CA ALA Y 133 39.45 20.09 84.69
C ALA Y 133 38.16 20.60 85.28
N THR Y 134 38.30 21.43 86.31
CA THR Y 134 37.17 22.05 86.99
C THR Y 134 36.80 23.38 86.34
N ALA Y 135 37.78 24.25 86.14
CA ALA Y 135 37.55 25.55 85.51
C ALA Y 135 38.72 25.83 84.57
N LEU Y 136 38.58 25.38 83.34
CA LEU Y 136 39.54 25.64 82.28
C LEU Y 136 39.13 26.86 81.49
N THR Y 137 40.12 27.65 81.08
CA THR Y 137 39.89 28.96 80.47
C THR Y 137 39.43 28.89 79.03
N TYR Y 138 39.12 27.72 78.50
CA TYR Y 138 38.69 27.59 77.12
C TYR Y 138 37.97 26.26 76.96
N ASP Y 139 37.28 26.12 75.84
CA ASP Y 139 36.59 24.90 75.48
C ASP Y 139 37.51 24.08 74.58
N PRO Y 140 38.10 22.98 75.08
CA PRO Y 140 39.04 22.26 74.22
C PRO Y 140 38.38 21.53 73.08
N TYR Y 141 37.15 21.08 73.26
CA TYR Y 141 36.46 20.28 72.28
C TYR Y 141 35.70 21.11 71.25
N VAL Y 142 36.02 22.40 71.15
CA VAL Y 142 35.22 23.29 70.31
C VAL Y 142 35.61 23.16 68.85
N ASN Y 143 36.89 23.02 68.56
CA ASN Y 143 37.37 22.94 67.19
C ASN Y 143 37.43 21.51 66.69
N TYR Y 144 36.96 20.55 67.46
CA TYR Y 144 36.93 19.17 67.01
C TYR Y 144 35.90 18.99 65.90
N SER Y 145 36.25 18.14 64.95
CA SER Y 145 35.37 17.86 63.82
C SER Y 145 34.07 17.19 64.25
N SER Y 146 34.07 16.53 65.40
CA SER Y 146 32.89 15.86 65.93
C SER Y 146 32.22 16.66 67.03
N ARG Y 147 32.42 17.97 67.06
CA ARG Y 147 31.83 18.80 68.09
C ARG Y 147 30.37 19.07 67.78
N HIS Y 148 29.53 18.88 68.78
CA HIS Y 148 28.16 19.34 68.79
C HIS Y 148 28.04 20.31 69.94
N THR Y 149 27.33 21.41 69.72
CA THR Y 149 27.13 22.41 70.74
C THR Y 149 26.18 21.90 71.81
N ILE Y 150 26.54 22.15 73.05
CA ILE Y 150 25.69 21.87 74.20
C ILE Y 150 25.17 23.21 74.67
N THR Y 151 23.88 23.44 74.47
CA THR Y 151 23.18 24.51 75.15
C THR Y 151 22.89 24.09 76.58
N GLN Y 152 23.15 24.99 77.51
CA GLN Y 152 23.04 24.74 78.94
C GLN Y 152 22.07 25.74 79.55
N PRO Y 153 21.49 25.42 80.71
CA PRO Y 153 21.48 24.19 81.49
C PRO Y 153 20.27 23.30 81.29
N PHE Y 154 19.22 23.84 80.67
CA PHE Y 154 17.92 23.21 80.64
C PHE Y 154 17.58 22.63 79.28
N SER Y 155 18.59 22.21 78.53
CA SER Y 155 18.41 21.75 77.16
C SER Y 155 18.94 20.34 77.01
N TYR Y 156 18.25 19.58 76.18
CA TYR Y 156 18.57 18.20 75.91
C TYR Y 156 19.65 18.09 74.86
N HIS Y 157 20.57 17.15 75.08
CA HIS Y 157 21.70 16.91 74.19
C HIS Y 157 21.83 15.42 73.97
N SER Y 158 21.78 15.00 72.72
CA SER Y 158 21.97 13.61 72.33
C SER Y 158 23.19 13.49 71.43
N ARG Y 159 23.84 12.34 71.53
CA ARG Y 159 24.95 11.98 70.65
C ARG Y 159 24.80 10.51 70.30
N TYR Y 160 24.80 10.22 69.01
CA TYR Y 160 24.59 8.87 68.49
C TYR Y 160 25.77 8.53 67.58
N PHE Y 161 26.54 7.55 67.99
CA PHE Y 161 27.81 7.25 67.32
C PHE Y 161 28.16 5.79 67.57
N THR Y 162 29.23 5.36 66.91
CA THR Y 162 29.74 4.01 66.98
C THR Y 162 31.02 3.98 67.80
N PRO Y 163 31.04 3.41 69.00
CA PRO Y 163 32.28 3.42 69.77
C PRO Y 163 33.29 2.42 69.27
N LYS Y 164 34.45 2.39 69.90
CA LYS Y 164 35.54 1.50 69.54
C LYS Y 164 36.12 0.92 70.82
N PRO Y 165 36.55 -0.34 70.80
CA PRO Y 165 37.13 -0.92 72.00
C PRO Y 165 38.60 -0.59 72.16
N VAL Y 166 39.04 -0.68 73.42
CA VAL Y 166 40.41 -0.40 73.80
C VAL Y 166 41.16 -1.72 73.74
N LEU Y 167 41.69 -2.03 72.57
CA LEU Y 167 42.44 -3.26 72.37
C LEU Y 167 43.88 -3.12 72.84
N ASP Y 168 44.52 -2.00 72.53
CA ASP Y 168 45.88 -1.70 73.01
C ASP Y 168 45.91 -0.23 73.35
N SER Y 169 45.98 0.08 74.64
CA SER Y 169 46.05 1.47 75.07
C SER Y 169 47.39 2.11 74.78
N THR Y 170 48.43 1.32 74.53
CA THR Y 170 49.74 1.87 74.21
C THR Y 170 49.78 2.42 72.80
N ILE Y 171 49.16 1.75 71.85
CA ILE Y 171 49.19 2.12 70.44
C ILE Y 171 47.91 2.84 70.08
N ASP Y 172 46.79 2.43 70.69
CA ASP Y 172 45.49 3.05 70.52
C ASP Y 172 45.07 3.02 69.05
N TYR Y 173 44.87 1.80 68.55
CA TYR Y 173 44.40 1.57 67.20
C TYR Y 173 42.94 1.16 67.20
N PHE Y 174 42.22 1.55 66.16
CA PHE Y 174 40.82 1.21 66.03
C PHE Y 174 40.45 1.09 64.56
N GLN Y 175 39.36 0.51 64.34
CA GLN Y 175 38.84 0.22 63.02
C GLN Y 175 37.92 1.34 62.53
N PRO Y 176 37.85 1.59 61.24
CA PRO Y 176 36.80 2.46 60.74
C PRO Y 176 35.44 1.80 60.76
N ASN Y 177 34.41 2.56 60.45
CA ASN Y 177 33.05 2.05 60.55
C ASN Y 177 32.76 1.12 59.38
N ASN Y 178 32.49 -0.14 59.71
CA ASN Y 178 32.13 -1.14 58.72
C ASN Y 178 31.32 -2.18 59.44
N LYS Y 179 30.04 -2.30 59.11
CA LYS Y 179 29.20 -3.24 59.82
C LYS Y 179 29.61 -4.68 59.54
N ARG Y 180 30.17 -4.94 58.36
CA ARG Y 180 30.49 -6.30 57.97
C ARG Y 180 31.82 -6.77 58.52
N ASN Y 181 32.74 -5.85 58.80
CA ASN Y 181 34.09 -6.17 59.23
C ASN Y 181 34.35 -5.87 60.70
N GLN Y 182 33.35 -5.43 61.43
CA GLN Y 182 33.54 -5.10 62.84
C GLN Y 182 33.88 -6.34 63.64
N LEU Y 183 34.88 -6.21 64.49
CA LEU Y 183 35.36 -7.32 65.28
C LEU Y 183 34.30 -7.79 66.26
N TRP Y 184 34.28 -9.09 66.48
CA TRP Y 184 33.50 -9.71 67.54
C TRP Y 184 34.41 -9.88 68.75
N LEU Y 185 33.98 -9.34 69.88
CA LEU Y 185 34.62 -9.58 71.15
C LEU Y 185 33.89 -10.69 71.89
N ARG Y 186 34.54 -11.20 72.92
CA ARG Y 186 33.95 -12.19 73.80
C ARG Y 186 33.27 -11.50 74.95
N LEU Y 187 32.09 -12.01 75.29
CA LEU Y 187 31.35 -11.58 76.48
C LEU Y 187 31.95 -12.31 77.67
N GLN Y 188 32.91 -11.65 78.30
CA GLN Y 188 33.60 -12.22 79.45
C GLN Y 188 32.65 -12.28 80.63
N THR Y 189 33.13 -12.91 81.70
CA THR Y 189 32.33 -13.07 82.90
C THR Y 189 32.36 -11.81 83.76
N ALA Y 190 33.55 -11.32 84.10
CA ALA Y 190 33.67 -10.10 84.91
C ALA Y 190 34.82 -9.20 84.49
N GLY Y 191 35.25 -9.27 83.23
CA GLY Y 191 36.44 -8.55 82.80
C GLY Y 191 36.37 -7.96 81.41
N ASN Y 192 35.19 -7.53 81.00
CA ASN Y 192 35.01 -7.00 79.66
C ASN Y 192 35.80 -5.71 79.47
N VAL Y 193 36.07 -5.42 78.21
CA VAL Y 193 36.95 -4.32 77.82
C VAL Y 193 36.14 -3.05 77.69
N ASP Y 194 36.76 -1.93 78.02
CA ASP Y 194 36.09 -0.65 78.01
C ASP Y 194 36.01 -0.11 76.59
N HIS Y 195 34.81 0.28 76.19
CA HIS Y 195 34.61 1.04 74.97
C HIS Y 195 34.62 2.52 75.30
N VAL Y 196 34.93 3.31 74.29
CA VAL Y 196 35.29 4.71 74.47
C VAL Y 196 34.70 5.50 73.31
N GLY Y 197 34.63 6.82 73.49
CA GLY Y 197 33.99 7.63 72.48
C GLY Y 197 33.22 8.88 72.84
N LEU Y 198 33.31 9.40 74.06
CA LEU Y 198 32.72 10.71 74.30
C LEU Y 198 33.47 11.50 75.35
N GLY Y 199 33.71 12.76 75.02
CA GLY Y 199 34.23 13.73 75.96
C GLY Y 199 33.46 15.02 75.86
N THR Y 200 33.33 15.69 77.00
CA THR Y 200 32.44 16.83 77.14
C THR Y 200 33.19 18.03 77.71
N ALA Y 201 32.59 19.19 77.52
CA ALA Y 201 33.06 20.43 78.13
C ALA Y 201 31.84 21.29 78.42
N PHE Y 202 31.55 21.47 79.71
CA PHE Y 202 30.41 22.25 80.16
C PHE Y 202 30.89 23.57 80.74
N GLU Y 203 30.21 24.64 80.37
CA GLU Y 203 30.51 25.96 80.89
C GLU Y 203 29.96 26.10 82.29
N ASN Y 204 30.81 26.52 83.22
CA ASN Y 204 30.43 26.63 84.60
C ASN Y 204 29.47 27.78 84.81
N SER Y 205 28.86 27.80 85.99
CA SER Y 205 27.80 28.75 86.30
C SER Y 205 27.77 29.01 87.80
N ILE Y 206 27.03 30.04 88.18
CA ILE Y 206 26.83 30.35 89.59
C ILE Y 206 25.97 29.29 90.26
N TYR Y 207 25.08 28.68 89.50
CA TYR Y 207 24.18 27.64 90.01
C TYR Y 207 24.68 26.27 89.60
N ASP Y 208 24.28 25.27 90.37
CA ASP Y 208 24.64 23.89 90.06
C ASP Y 208 23.82 23.39 88.88
N GLN Y 209 24.50 22.74 87.94
CA GLN Y 209 23.88 22.17 86.75
C GLN Y 209 23.90 20.67 86.86
N GLU Y 210 22.75 20.06 87.09
CA GLU Y 210 22.63 18.61 87.22
C GLU Y 210 22.03 18.02 85.96
N TYR Y 211 22.41 16.78 85.69
CA TYR Y 211 21.94 16.04 84.53
C TYR Y 211 21.73 14.58 84.92
N ASN Y 212 20.74 13.96 84.29
CA ASN Y 212 20.52 12.53 84.36
C ASN Y 212 20.90 11.95 83.01
N ILE Y 213 22.00 11.21 82.96
CA ILE Y 213 22.56 10.74 81.71
C ILE Y 213 22.10 9.31 81.49
N ARG Y 214 21.46 9.07 80.36
CA ARG Y 214 20.95 7.77 79.96
C ARG Y 214 21.74 7.30 78.75
N VAL Y 215 22.55 6.28 78.94
CA VAL Y 215 23.32 5.65 77.87
C VAL Y 215 22.57 4.42 77.41
N THR Y 216 22.41 4.31 76.11
CA THR Y 216 21.75 3.17 75.47
C THR Y 216 22.73 2.59 74.47
N MET Y 217 23.10 1.33 74.67
CA MET Y 217 23.98 0.62 73.76
C MET Y 217 23.18 -0.35 72.90
N TYR Y 218 23.39 -0.26 71.60
CA TYR Y 218 22.78 -1.16 70.63
C TYR Y 218 23.80 -2.21 70.26
N VAL Y 219 23.58 -3.43 70.76
CA VAL Y 219 24.57 -4.49 70.70
C VAL Y 219 24.07 -5.57 69.77
N GLN Y 220 24.99 -6.47 69.41
CA GLN Y 220 24.72 -7.58 68.51
C GLN Y 220 25.49 -8.77 69.05
N PHE Y 221 24.76 -9.79 69.47
CA PHE Y 221 25.34 -10.99 70.03
C PHE Y 221 25.40 -12.11 69.00
N ARG Y 222 26.06 -13.20 69.39
CA ARG Y 222 26.27 -14.32 68.49
C ARG Y 222 26.48 -15.58 69.32
N GLU Y 223 26.07 -16.71 68.75
CA GLU Y 223 26.30 -18.04 69.31
C GLU Y 223 25.65 -18.21 70.68
N PHE Y 224 24.32 -18.26 70.64
CA PHE Y 224 23.49 -18.72 71.74
C PHE Y 224 24.08 -19.95 72.40
N ASN Y 225 24.36 -19.85 73.68
CA ASN Y 225 25.13 -20.86 74.40
C ASN Y 225 24.48 -21.23 75.73
N LEU Y 226 23.17 -21.37 75.73
CA LEU Y 226 22.48 -21.73 76.96
C LEU Y 226 22.88 -23.12 77.40
N LYS Y 227 23.00 -23.29 78.71
CA LYS Y 227 23.34 -24.56 79.33
C LYS Y 227 22.20 -24.99 80.24
N ASP Y 228 21.73 -26.22 80.06
CA ASP Y 228 20.54 -26.73 80.73
C ASP Y 228 20.90 -28.01 81.46
N PRO Y 229 21.44 -27.91 82.67
CA PRO Y 229 21.65 -29.09 83.49
C PRO Y 229 20.35 -29.62 84.04
N PRO Y 230 20.32 -30.84 84.57
CA PRO Y 230 19.11 -31.32 85.23
C PRO Y 230 18.84 -30.60 86.55
N LEU Y 231 17.78 -31.00 87.23
CA LEU Y 231 17.37 -30.38 88.48
C LEU Y 231 16.86 -31.42 89.47
N GLY Z 43 37.81 14.73 59.40
CA GLY Z 43 38.58 15.80 58.79
C GLY Z 43 39.85 15.32 58.15
N ILE Z 44 39.74 14.82 56.94
CA ILE Z 44 40.84 14.17 56.26
C ILE Z 44 41.77 15.23 55.67
N PHE Z 45 43.06 14.92 55.69
CA PHE Z 45 44.07 15.76 55.07
C PHE Z 45 45.19 14.84 54.59
N ASN Z 46 45.21 14.57 53.30
CA ASN Z 46 46.31 13.84 52.69
C ASN Z 46 47.43 14.79 52.36
N THR Z 47 48.64 14.46 52.82
CA THR Z 47 49.81 15.27 52.53
C THR Z 47 51.01 14.36 52.28
N ARG Z 48 52.19 14.95 52.29
CA ARG Z 48 53.42 14.30 51.91
C ARG Z 48 54.55 14.84 52.78
N LEU Z 49 55.26 13.94 53.43
CA LEU Z 49 56.36 14.27 54.34
C LEU Z 49 57.60 13.54 53.88
N SER Z 50 58.72 14.23 53.91
CA SER Z 50 60.00 13.74 53.41
C SER Z 50 61.09 13.88 54.46
N ARG Z 51 62.21 13.25 54.16
CA ARG Z 51 63.34 13.11 55.05
C ARG Z 51 64.48 12.54 54.23
N THR Z 52 65.69 13.02 54.50
CA THR Z 52 66.87 12.66 53.73
C THR Z 52 68.01 12.29 54.66
N PHE Z 53 68.73 11.23 54.30
CA PHE Z 53 69.84 10.74 55.11
C PHE Z 53 70.76 9.92 54.21
N GLY Z 54 71.92 9.60 54.75
CA GLY Z 54 72.95 8.91 54.02
C GLY Z 54 73.11 7.43 54.34
N TYR Z 55 73.68 6.71 53.38
CA TYR Z 55 74.01 5.30 53.54
C TYR Z 55 75.23 5.00 52.68
N THR Z 56 76.22 4.35 53.27
CA THR Z 56 77.46 4.02 52.60
C THR Z 56 77.74 2.55 52.72
N ILE Z 57 78.21 1.96 51.62
CA ILE Z 57 78.71 0.60 51.56
C ILE Z 57 80.22 0.70 51.46
N LYS Z 58 80.90 0.42 52.56
CA LYS Z 58 82.34 0.55 52.61
C LYS Z 58 83.02 -0.47 51.70
N ARG Z 59 84.25 -0.15 51.33
CA ARG Z 59 85.04 -0.99 50.44
C ARG Z 59 85.48 -2.27 51.14
N THR Z 60 85.83 -3.26 50.34
CA THR Z 60 86.33 -4.55 50.82
C THR Z 60 87.42 -5.05 49.89
N THR Z 61 88.48 -5.59 50.48
CA THR Z 61 89.53 -6.27 49.72
C THR Z 61 89.14 -7.66 49.26
N VAL Z 62 87.97 -8.16 49.70
CA VAL Z 62 87.53 -9.49 49.29
C VAL Z 62 87.38 -9.55 47.78
N LYS Z 63 87.85 -10.66 47.20
CA LYS Z 63 87.83 -10.82 45.76
C LYS Z 63 86.49 -11.33 45.26
N THR Z 64 85.85 -12.20 46.02
CA THR Z 64 84.61 -12.81 45.60
C THR Z 64 83.50 -11.78 45.47
N PRO Z 65 82.39 -12.14 44.80
CA PRO Z 65 81.21 -11.29 44.86
C PRO Z 65 80.47 -11.53 46.17
N SER Z 66 80.55 -10.58 47.08
CA SER Z 66 79.83 -10.60 48.33
C SER Z 66 78.87 -9.43 48.38
N TRP Z 67 77.84 -9.58 49.20
CA TRP Z 67 76.80 -8.59 49.34
C TRP Z 67 76.71 -8.07 50.76
N ALA Z 68 76.33 -6.81 50.87
CA ALA Z 68 76.14 -6.12 52.14
C ALA Z 68 74.65 -5.97 52.39
N VAL Z 69 74.19 -6.52 53.49
CA VAL Z 69 72.77 -6.56 53.81
C VAL Z 69 72.49 -5.54 54.89
N ASP Z 70 71.34 -4.88 54.78
CA ASP Z 70 70.90 -3.91 55.76
C ASP Z 70 69.40 -3.79 55.68
N MET Z 71 68.83 -3.15 56.69
CA MET Z 71 67.39 -3.01 56.87
C MET Z 71 67.01 -1.54 56.85
N MET Z 72 65.70 -1.30 56.76
CA MET Z 72 65.16 0.05 56.69
C MET Z 72 63.76 0.05 57.26
N ARG Z 73 63.57 0.74 58.39
CA ARG Z 73 62.27 0.97 59.00
C ARG Z 73 61.87 2.41 58.79
N PHE Z 74 60.59 2.69 59.06
CA PHE Z 74 60.02 4.02 58.88
C PHE Z 74 59.19 4.37 60.10
N ASN Z 75 59.51 5.50 60.73
CA ASN Z 75 58.73 6.04 61.84
C ASN Z 75 58.37 7.48 61.55
N ILE Z 76 57.22 7.89 62.07
CA ILE Z 76 56.70 9.23 61.80
C ILE Z 76 57.34 10.30 62.66
N ASN Z 77 58.05 9.92 63.72
CA ASN Z 77 58.76 10.91 64.50
C ASN Z 77 59.89 11.56 63.72
N ASP Z 78 60.48 10.80 62.79
CA ASP Z 78 61.57 11.31 61.98
C ASP Z 78 61.10 12.23 60.87
N PHE Z 79 59.80 12.26 60.58
CA PHE Z 79 59.23 13.13 59.56
C PHE Z 79 58.42 14.27 60.14
N LEU Z 80 57.80 14.06 61.29
CA LEU Z 80 56.93 15.04 61.93
C LEU Z 80 57.55 15.50 63.24
N PRO Z 81 58.02 16.74 63.37
CA PRO Z 81 58.66 17.14 64.61
C PRO Z 81 57.64 17.39 65.70
N PRO Z 82 58.09 17.58 66.93
CA PRO Z 82 57.17 18.00 67.98
C PRO Z 82 56.74 19.43 67.80
N GLY Z 83 55.51 19.71 68.22
CA GLY Z 83 54.96 21.03 68.07
C GLY Z 83 55.36 21.96 69.19
N GLY Z 84 54.42 22.79 69.62
CA GLY Z 84 54.68 23.72 70.69
C GLY Z 84 53.42 24.16 71.39
N GLY Z 85 53.44 24.12 72.72
CA GLY Z 85 52.31 24.53 73.50
C GLY Z 85 51.31 23.42 73.72
N SER Z 86 50.02 23.77 73.66
CA SER Z 86 48.96 22.80 73.87
C SER Z 86 48.86 21.81 72.72
N ASN Z 87 49.46 22.11 71.58
CA ASN Z 87 49.49 21.19 70.46
C ASN Z 87 50.78 20.38 70.51
N PRO Z 88 50.74 19.08 70.84
CA PRO Z 88 52.01 18.36 71.02
C PRO Z 88 52.78 18.12 69.75
N ARG Z 89 52.11 18.14 68.60
CA ARG Z 89 52.74 17.90 67.31
C ARG Z 89 52.52 19.10 66.39
N SER Z 90 53.34 19.16 65.34
CA SER Z 90 53.35 20.30 64.46
C SER Z 90 52.22 20.26 63.43
N VAL Z 91 51.71 19.08 63.13
CA VAL Z 91 50.53 18.90 62.29
C VAL Z 91 49.34 18.63 63.21
N PRO Z 92 48.38 19.55 63.34
CA PRO Z 92 47.37 19.38 64.39
C PRO Z 92 46.25 18.41 64.03
N PHE Z 93 46.57 17.12 64.15
CA PHE Z 93 45.62 16.06 63.93
C PHE Z 93 45.83 14.98 64.98
N GLU Z 94 44.81 14.15 65.14
CA GLU Z 94 44.79 13.10 66.15
C GLU Z 94 45.26 11.76 65.60
N TYR Z 95 44.70 11.34 64.49
CA TYR Z 95 44.93 10.01 63.93
C TYR Z 95 45.71 10.12 62.64
N TYR Z 96 46.31 9.00 62.24
CA TYR Z 96 47.05 8.93 61.00
C TYR Z 96 47.07 7.50 60.51
N ARG Z 97 47.40 7.35 59.24
CA ARG Z 97 47.69 6.05 58.67
C ARG Z 97 48.52 6.27 57.42
N ILE Z 98 49.63 5.55 57.33
CA ILE Z 98 50.56 5.73 56.23
C ILE Z 98 50.06 4.95 55.04
N ARG Z 99 49.85 5.65 53.92
CA ARG Z 99 49.31 5.06 52.71
C ARG Z 99 50.40 4.46 51.83
N LYS Z 100 51.47 5.21 51.61
CA LYS Z 100 52.55 4.78 50.72
C LYS Z 100 53.85 5.36 51.24
N VAL Z 101 54.95 4.75 50.81
CA VAL Z 101 56.29 5.27 51.03
C VAL Z 101 57.05 5.15 49.72
N LYS Z 102 57.88 6.15 49.44
CA LYS Z 102 58.77 6.19 48.30
C LYS Z 102 60.19 6.32 48.82
N VAL Z 103 60.94 5.25 48.72
CA VAL Z 103 62.36 5.27 49.06
C VAL Z 103 63.15 5.47 47.77
N GLU Z 104 63.98 6.50 47.76
CA GLU Z 104 64.78 6.88 46.60
C GLU Z 104 66.24 6.80 47.00
N PHE Z 105 66.99 5.93 46.34
CA PHE Z 105 68.44 5.86 46.48
C PHE Z 105 69.04 6.77 45.43
N TRP Z 106 69.40 7.98 45.84
CA TRP Z 106 70.06 8.92 44.97
C TRP Z 106 71.57 8.70 45.05
N PRO Z 107 72.25 8.34 43.97
CA PRO Z 107 73.67 8.05 44.08
C PRO Z 107 74.50 9.27 44.36
N CYS Z 108 75.66 9.00 44.94
CA CYS Z 108 76.67 10.01 45.21
C CYS Z 108 77.94 9.79 44.41
N SER Z 109 77.98 8.79 43.57
CA SER Z 109 79.17 8.31 42.90
C SER Z 109 79.15 8.72 41.44
N PRO Z 110 80.32 8.96 40.84
CA PRO Z 110 80.35 9.38 39.44
C PRO Z 110 80.00 8.26 38.50
N ILE Z 111 79.62 8.64 37.29
CA ILE Z 111 79.30 7.65 36.27
C ILE Z 111 80.53 6.97 35.69
N THR Z 112 81.72 7.42 36.06
CA THR Z 112 82.96 6.80 35.63
C THR Z 112 83.46 5.74 36.61
N GLN Z 113 82.74 5.49 37.70
CA GLN Z 113 83.22 4.55 38.70
C GLN Z 113 83.05 3.14 38.21
N GLY Z 114 84.08 2.33 38.37
CA GLY Z 114 84.09 0.96 37.95
C GLY Z 114 83.77 0.00 39.07
N ASP Z 115 84.08 -1.27 38.83
CA ASP Z 115 83.76 -2.35 39.76
C ASP Z 115 82.28 -2.37 40.06
N ARG Z 116 81.47 -2.19 39.02
CA ARG Z 116 80.04 -2.14 39.17
C ARG Z 116 79.50 -3.47 39.65
N GLY Z 117 78.25 -3.45 40.08
CA GLY Z 117 77.63 -4.59 40.71
C GLY Z 117 76.14 -4.65 40.50
N VAL Z 118 75.50 -5.60 41.15
CA VAL Z 118 74.07 -5.81 41.00
C VAL Z 118 73.52 -6.34 42.31
N GLY Z 119 72.48 -5.69 42.81
CA GLY Z 119 71.87 -6.01 44.08
C GLY Z 119 70.38 -6.19 43.99
N SER Z 120 69.72 -6.12 45.13
CA SER Z 120 68.30 -6.41 45.21
C SER Z 120 67.69 -5.67 46.39
N SER Z 121 66.49 -5.15 46.18
CA SER Z 121 65.68 -4.54 47.23
C SER Z 121 64.35 -5.25 47.29
N ALA Z 122 63.96 -5.66 48.50
CA ALA Z 122 62.72 -6.38 48.72
C ALA Z 122 61.91 -5.72 49.82
N VAL Z 123 60.63 -6.05 49.84
CA VAL Z 123 59.65 -5.46 50.74
C VAL Z 123 59.36 -6.47 51.84
N ILE Z 124 59.61 -6.06 53.08
CA ILE Z 124 59.58 -6.95 54.25
C ILE Z 124 58.66 -6.31 55.27
N LEU Z 125 57.42 -6.78 55.33
CA LEU Z 125 56.37 -6.13 56.09
C LEU Z 125 56.17 -6.70 57.49
N ASP Z 126 57.21 -7.28 58.12
CA ASP Z 126 57.02 -8.01 59.36
C ASP Z 126 58.13 -7.89 60.40
N ASP Z 127 59.14 -7.06 60.18
CA ASP Z 127 60.15 -6.79 61.19
C ASP Z 127 61.02 -8.00 61.49
N ASN Z 128 61.18 -8.89 60.51
CA ASN Z 128 62.14 -9.98 60.59
C ASN Z 128 62.91 -9.95 59.27
N PHE Z 129 63.99 -9.19 59.28
CA PHE Z 129 64.87 -9.03 58.14
C PHE Z 129 65.95 -10.09 58.15
N VAL Z 130 66.58 -10.27 56.99
CA VAL Z 130 67.83 -11.01 56.95
C VAL Z 130 68.83 -10.28 57.81
N THR Z 131 69.64 -11.04 58.53
CA THR Z 131 70.58 -10.45 59.47
C THR Z 131 71.55 -9.53 58.75
N LYS Z 132 71.86 -8.41 59.39
CA LYS Z 132 72.80 -7.46 58.82
C LYS Z 132 74.16 -8.09 58.65
N ALA Z 133 74.71 -7.98 57.46
CA ALA Z 133 75.97 -8.60 57.09
C ALA Z 133 76.81 -7.60 56.31
N THR Z 134 78.12 -7.75 56.45
CA THR Z 134 79.08 -6.91 55.75
C THR Z 134 79.46 -7.51 54.40
N ALA Z 135 79.82 -8.78 54.37
CA ALA Z 135 80.19 -9.48 53.14
C ALA Z 135 79.60 -10.88 53.20
N LEU Z 136 78.36 -11.01 52.72
CA LEU Z 136 77.69 -12.29 52.62
C LEU Z 136 77.89 -12.86 51.22
N THR Z 137 78.05 -14.17 51.14
CA THR Z 137 78.43 -14.84 49.92
C THR Z 137 77.30 -14.99 48.90
N TYR Z 138 76.16 -14.37 49.13
CA TYR Z 138 75.03 -14.48 48.21
C TYR Z 138 74.09 -13.32 48.47
N ASP Z 139 73.18 -13.12 47.53
CA ASP Z 139 72.14 -12.10 47.63
C ASP Z 139 70.89 -12.75 48.20
N PRO Z 140 70.53 -12.50 49.47
CA PRO Z 140 69.38 -13.19 50.03
C PRO Z 140 68.07 -12.75 49.45
N TYR Z 141 67.96 -11.48 49.05
CA TYR Z 141 66.71 -10.91 48.58
C TYR Z 141 66.51 -11.11 47.08
N VAL Z 142 67.25 -12.02 46.46
CA VAL Z 142 67.21 -12.13 45.01
C VAL Z 142 65.99 -12.91 44.56
N ASN Z 143 65.63 -13.97 45.27
CA ASN Z 143 64.51 -14.81 44.89
C ASN Z 143 63.20 -14.35 45.49
N TYR Z 144 63.19 -13.21 46.18
CA TYR Z 144 61.96 -12.68 46.73
C TYR Z 144 61.04 -12.19 45.63
N SER Z 145 59.75 -12.41 45.84
CA SER Z 145 58.75 -11.99 44.88
C SER Z 145 58.70 -10.49 44.70
N SER Z 146 59.16 -9.72 45.69
CA SER Z 146 59.19 -8.27 45.64
C SER Z 146 60.57 -7.72 45.33
N ARG Z 147 61.43 -8.52 44.70
CA ARG Z 147 62.77 -8.08 44.40
C ARG Z 147 62.77 -7.18 43.18
N HIS Z 148 63.44 -6.05 43.32
CA HIS Z 148 63.80 -5.20 42.20
C HIS Z 148 65.32 -5.14 42.16
N THR Z 149 65.87 -5.21 40.97
CA THR Z 149 67.31 -5.16 40.80
C THR Z 149 67.84 -3.76 41.07
N ILE Z 150 68.94 -3.71 41.81
CA ILE Z 150 69.67 -2.49 42.06
C ILE Z 150 70.92 -2.56 41.19
N THR Z 151 70.96 -1.72 40.17
CA THR Z 151 72.20 -1.44 39.47
C THR Z 151 73.03 -0.48 40.31
N GLN Z 152 74.31 -0.78 40.42
CA GLN Z 152 75.25 -0.04 41.25
C GLN Z 152 76.41 0.45 40.40
N PRO Z 153 77.12 1.50 40.84
CA PRO Z 153 76.93 2.40 41.97
C PRO Z 153 76.24 3.71 41.65
N PHE Z 154 76.17 4.05 40.36
CA PHE Z 154 75.78 5.37 39.91
C PHE Z 154 74.38 5.42 39.33
N SER Z 155 73.51 4.55 39.80
CA SER Z 155 72.17 4.42 39.24
C SER Z 155 71.13 4.64 40.30
N TYR Z 156 70.02 5.24 39.90
CA TYR Z 156 68.92 5.57 40.77
C TYR Z 156 68.00 4.38 40.94
N HIS Z 157 67.52 4.20 42.16
CA HIS Z 157 66.65 3.10 42.52
C HIS Z 157 65.51 3.64 43.37
N SER Z 158 64.28 3.43 42.92
CA SER Z 158 63.09 3.81 43.65
C SER Z 158 62.27 2.59 43.99
N ARG Z 159 61.58 2.66 45.12
CA ARG Z 159 60.63 1.64 45.54
C ARG Z 159 59.43 2.36 46.13
N TYR Z 160 58.24 2.02 45.63
CA TYR Z 160 56.99 2.65 46.01
C TYR Z 160 56.03 1.56 46.45
N PHE Z 161 55.67 1.57 47.72
CA PHE Z 161 54.92 0.49 48.32
C PHE Z 161 54.15 1.01 49.52
N THR Z 162 53.34 0.13 50.09
CA THR Z 162 52.49 0.42 51.23
C THR Z 162 53.05 -0.28 52.47
N PRO Z 163 53.58 0.43 53.45
CA PRO Z 163 54.14 -0.26 54.61
C PRO Z 163 53.07 -0.76 55.55
N LYS Z 164 53.49 -1.42 56.62
CA LYS Z 164 52.60 -1.98 57.61
C LYS Z 164 53.17 -1.67 58.98
N PRO Z 165 52.33 -1.40 59.98
CA PRO Z 165 52.85 -1.13 61.31
C PRO Z 165 53.12 -2.40 62.11
N VAL Z 166 54.01 -2.23 63.08
CA VAL Z 166 54.42 -3.32 63.95
C VAL Z 166 53.50 -3.28 65.17
N LEU Z 167 52.38 -3.98 65.06
CA LEU Z 167 51.41 -4.05 66.13
C LEU Z 167 51.80 -5.08 67.18
N ASP Z 168 52.24 -6.25 66.76
CA ASP Z 168 52.74 -7.28 67.66
C ASP Z 168 53.95 -7.92 67.00
N SER Z 169 55.14 -7.64 67.53
CA SER Z 169 56.36 -8.22 66.99
C SER Z 169 56.49 -9.70 67.28
N THR Z 170 55.74 -10.22 68.25
CA THR Z 170 55.80 -11.64 68.56
C THR Z 170 55.07 -12.48 67.51
N ILE Z 171 53.94 -12.00 67.03
CA ILE Z 171 53.10 -12.72 66.08
C ILE Z 171 53.35 -12.20 64.68
N ASP Z 172 53.60 -10.90 64.57
CA ASP Z 172 53.91 -10.24 63.31
C ASP Z 172 52.79 -10.43 62.30
N TYR Z 173 51.64 -9.85 62.63
CA TYR Z 173 50.47 -9.87 61.76
C TYR Z 173 50.27 -8.51 61.11
N PHE Z 174 49.76 -8.52 59.88
CA PHE Z 174 49.50 -7.30 59.16
C PHE Z 174 48.32 -7.49 58.23
N GLN Z 175 47.81 -6.43 57.79
CA GLN Z 175 46.64 -6.37 56.94
C GLN Z 175 47.04 -6.36 55.46
N PRO Z 176 46.20 -6.91 54.58
CA PRO Z 176 46.43 -6.70 53.16
C PRO Z 176 46.07 -5.29 52.74
N ASN Z 177 46.37 -4.96 51.50
CA ASN Z 177 46.18 -3.61 51.00
C ASN Z 177 44.70 -3.35 50.76
N ASN Z 178 44.15 -2.40 51.52
CA ASN Z 178 42.76 -2.00 51.35
C ASN Z 178 42.68 -0.57 51.86
N LYS Z 179 42.40 0.37 50.96
CA LYS Z 179 42.37 1.76 51.38
C LYS Z 179 41.22 2.04 52.32
N ARG Z 180 40.13 1.29 52.20
CA ARG Z 180 38.93 1.56 52.99
C ARG Z 180 39.00 0.95 54.37
N ASN Z 181 39.77 -0.13 54.54
CA ASN Z 181 39.83 -0.88 55.78
C ASN Z 181 41.14 -0.69 56.54
N GLN Z 182 42.04 0.15 56.06
CA GLN Z 182 43.31 0.36 56.72
C GLN Z 182 43.10 0.99 58.08
N LEU Z 183 43.80 0.46 59.07
CA LEU Z 183 43.67 0.92 60.44
C LEU Z 183 44.16 2.35 60.58
N TRP Z 184 43.49 3.09 61.45
CA TRP Z 184 43.94 4.39 61.90
C TRP Z 184 44.72 4.21 63.18
N LEU Z 185 45.94 4.71 63.21
CA LEU Z 185 46.74 4.78 64.41
C LEU Z 185 46.62 6.17 65.00
N ARG Z 186 47.05 6.28 66.25
CA ARG Z 186 47.11 7.56 66.93
C ARG Z 186 48.47 8.19 66.72
N LEU Z 187 48.45 9.50 66.47
CA LEU Z 187 49.66 10.30 66.40
C LEU Z 187 50.08 10.63 67.82
N GLN Z 188 50.94 9.77 68.36
CA GLN Z 188 51.43 9.94 69.70
C GLN Z 188 52.33 11.16 69.80
N THR Z 189 52.72 11.48 71.03
CA THR Z 189 53.58 12.64 71.27
C THR Z 189 55.04 12.32 71.00
N ALA Z 190 55.57 11.26 71.61
CA ALA Z 190 56.96 10.87 71.41
C ALA Z 190 57.17 9.36 71.35
N GLY Z 191 56.15 8.59 70.99
CA GLY Z 191 56.22 7.14 71.07
C GLY Z 191 55.55 6.39 69.95
N ASN Z 192 55.57 6.96 68.76
CA ASN Z 192 54.88 6.35 67.64
C ASN Z 192 55.53 5.02 67.25
N VAL Z 193 54.75 4.19 66.59
CA VAL Z 193 55.12 2.82 66.27
C VAL Z 193 55.87 2.79 64.95
N ASP Z 194 56.82 1.86 64.85
CA ASP Z 194 57.67 1.77 63.69
C ASP Z 194 56.93 1.04 62.57
N HIS Z 195 56.92 1.65 61.40
CA HIS Z 195 56.49 0.99 60.18
C HIS Z 195 57.69 0.37 59.50
N VAL Z 196 57.41 -0.64 58.68
CA VAL Z 196 58.43 -1.54 58.18
C VAL Z 196 58.08 -1.88 56.74
N GLY Z 197 59.07 -2.42 56.01
CA GLY Z 197 58.85 -2.68 54.61
C GLY Z 197 59.96 -2.56 53.59
N LEU Z 198 61.22 -2.43 54.00
CA LEU Z 198 62.28 -2.52 52.99
C LEU Z 198 63.56 -3.12 53.53
N GLY Z 199 64.10 -4.05 52.76
CA GLY Z 199 65.42 -4.58 53.02
C GLY Z 199 66.20 -4.64 51.73
N THR Z 200 67.51 -4.45 51.85
CA THR Z 200 68.39 -4.26 50.71
C THR Z 200 69.57 -5.22 50.78
N ALA Z 201 70.20 -5.40 49.62
CA ALA Z 201 71.44 -6.14 49.50
C ALA Z 201 72.27 -5.49 48.41
N PHE Z 202 73.37 -4.88 48.80
CA PHE Z 202 74.27 -4.19 47.88
C PHE Z 202 75.54 -5.00 47.71
N GLU Z 203 75.98 -5.12 46.46
CA GLU Z 203 77.21 -5.82 46.15
C GLU Z 203 78.40 -4.93 46.47
N ASN Z 204 79.33 -5.48 47.23
CA ASN Z 204 80.48 -4.72 47.67
C ASN Z 204 81.43 -4.45 46.51
N SER Z 205 82.37 -3.53 46.74
CA SER Z 205 83.25 -3.06 45.70
C SER Z 205 84.57 -2.60 46.32
N ILE Z 206 85.56 -2.38 45.46
CA ILE Z 206 86.84 -1.86 45.91
C ILE Z 206 86.71 -0.42 46.36
N TYR Z 207 85.77 0.31 45.77
CA TYR Z 207 85.54 1.71 46.10
C TYR Z 207 84.32 1.84 47.00
N ASP Z 208 84.28 2.93 47.75
CA ASP Z 208 83.15 3.21 48.61
C ASP Z 208 81.96 3.67 47.78
N GLN Z 209 80.79 3.11 48.07
CA GLN Z 209 79.54 3.43 47.40
C GLN Z 209 78.65 4.19 48.37
N GLU Z 210 78.48 5.48 48.14
CA GLU Z 210 77.67 6.34 48.97
C GLU Z 210 76.34 6.64 48.29
N TYR Z 211 75.32 6.85 49.12
CA TYR Z 211 73.98 7.15 48.66
C TYR Z 211 73.35 8.17 49.58
N ASN Z 212 72.51 9.03 49.00
CA ASN Z 212 71.64 9.94 49.76
C ASN Z 212 70.23 9.42 49.61
N ILE Z 213 69.67 8.89 50.70
CA ILE Z 213 68.39 8.22 50.65
C ILE Z 213 67.32 9.20 51.10
N ARG Z 214 66.33 9.41 50.24
CA ARG Z 214 65.21 10.31 50.50
C ARG Z 214 63.95 9.47 50.61
N VAL Z 215 63.40 9.40 51.81
CA VAL Z 215 62.16 8.71 52.08
C VAL Z 215 61.04 9.73 52.10
N THR Z 216 59.97 9.43 51.38
CA THR Z 216 58.78 10.26 51.31
C THR Z 216 57.61 9.42 51.72
N MET Z 217 56.93 9.82 52.79
CA MET Z 217 55.75 9.14 53.28
C MET Z 217 54.49 9.92 52.91
N TYR Z 218 53.55 9.23 52.29
CA TYR Z 218 52.26 9.79 51.92
C TYR Z 218 51.25 9.38 52.97
N VAL Z 219 50.86 10.32 53.82
CA VAL Z 219 50.09 10.04 55.02
C VAL Z 219 48.70 10.62 54.85
N GLN Z 220 47.82 10.22 55.76
CA GLN Z 220 46.42 10.64 55.77
C GLN Z 220 46.04 10.81 57.23
N PHE Z 221 45.73 12.03 57.60
CA PHE Z 221 45.37 12.38 58.97
C PHE Z 221 43.86 12.50 59.11
N ARG Z 222 43.42 12.66 60.36
CA ARG Z 222 42.01 12.71 60.68
C ARG Z 222 41.82 13.47 61.98
N GLU Z 223 40.68 14.15 62.10
CA GLU Z 223 40.24 14.80 63.32
C GLU Z 223 41.21 15.92 63.74
N PHE Z 224 41.19 16.97 62.93
CA PHE Z 224 41.77 18.26 63.27
C PHE Z 224 41.46 18.64 64.70
N ASN Z 225 42.50 18.86 65.50
CA ASN Z 225 42.37 19.01 66.94
C ASN Z 225 43.17 20.18 67.46
N LEU Z 226 43.13 21.29 66.74
CA LEU Z 226 43.87 22.46 67.18
C LEU Z 226 43.30 23.00 68.48
N LYS Z 227 44.18 23.48 69.35
CA LYS Z 227 43.83 24.06 70.62
C LYS Z 227 44.30 25.50 70.67
N ASP Z 228 43.38 26.41 71.00
CA ASP Z 228 43.63 27.84 70.93
C ASP Z 228 43.35 28.46 72.29
N PRO Z 229 44.32 28.44 73.19
CA PRO Z 229 44.16 29.15 74.45
C PRO Z 229 44.30 30.64 74.25
N PRO Z 230 43.93 31.44 75.24
CA PRO Z 230 44.17 32.88 75.13
C PRO Z 230 45.65 33.23 75.24
N LEU Z 231 45.96 34.52 75.17
CA LEU Z 231 47.33 35.00 75.22
C LEU Z 231 47.44 36.29 76.05
N GLY AA 43 50.00 -31.57 40.72
CA GLY AA 43 50.21 -30.39 41.55
C GLY AA 43 51.28 -29.47 41.01
N ILE AA 44 50.89 -28.65 40.06
CA ILE AA 44 51.84 -27.82 39.33
C ILE AA 44 52.21 -26.61 40.16
N PHE AA 45 53.47 -26.20 40.04
CA PHE AA 45 53.96 -24.97 40.67
C PHE AA 45 55.05 -24.41 39.79
N ASN AA 46 54.71 -23.38 39.02
CA ASN AA 46 55.70 -22.66 38.24
C ASN AA 46 56.35 -21.60 39.10
N THR AA 47 57.68 -21.62 39.13
CA THR AA 47 58.44 -20.62 39.88
C THR AA 47 59.67 -20.23 39.09
N ARG AA 48 60.59 -19.55 39.78
CA ARG AA 48 61.75 -18.93 39.17
C ARG AA 48 62.91 -19.05 40.14
N LEU AA 49 64.02 -19.59 39.66
CA LEU AA 49 65.22 -19.83 40.44
C LEU AA 49 66.39 -19.16 39.75
N SER AA 50 67.24 -18.50 40.53
CA SER AA 50 68.35 -17.71 40.02
C SER AA 50 69.65 -18.13 40.69
N ARG AA 51 70.73 -17.61 40.13
CA ARG AA 51 72.10 -17.96 40.49
C ARG AA 51 73.01 -16.98 39.78
N THR AA 52 74.06 -16.56 40.46
CA THR AA 52 74.97 -15.53 39.96
C THR AA 52 76.41 -15.99 40.13
N PHE AA 53 77.21 -15.73 39.11
CA PHE AA 53 78.61 -16.11 39.11
C PHE AA 53 79.36 -15.24 38.11
N GLY AA 54 80.69 -15.33 38.16
CA GLY AA 54 81.55 -14.51 37.37
C GLY AA 54 82.19 -15.18 36.17
N TYR AA 55 82.57 -14.37 35.19
CA TYR AA 55 83.29 -14.82 34.01
C TYR AA 55 84.18 -13.69 33.55
N THR AA 56 85.45 -14.00 33.30
CA THR AA 56 86.44 -13.01 32.88
C THR AA 56 87.12 -13.48 31.61
N ILE AA 57 87.33 -12.54 30.71
CA ILE AA 57 88.11 -12.74 29.50
C ILE AA 57 89.42 -11.99 29.73
N LYS AA 58 90.48 -12.75 29.98
CA LYS AA 58 91.77 -12.15 30.29
C LYS AA 58 92.34 -11.43 29.08
N ARG AA 59 93.26 -10.51 29.36
CA ARG AA 59 93.89 -9.70 28.34
C ARG AA 59 94.86 -10.53 27.51
N THR AA 60 95.17 -10.02 26.31
CA THR AA 60 96.12 -10.64 25.41
C THR AA 60 96.92 -9.57 24.69
N THR AA 61 98.23 -9.80 24.56
CA THR AA 61 99.09 -8.95 23.77
C THR AA 61 98.95 -9.17 22.27
N VAL AA 62 98.17 -10.17 21.86
CA VAL AA 62 97.98 -10.44 20.43
C VAL AA 62 97.36 -9.23 19.76
N LYS AA 63 97.88 -8.90 18.58
CA LYS AA 63 97.43 -7.73 17.84
C LYS AA 63 96.17 -8.01 17.04
N THR AA 64 96.07 -9.20 16.47
CA THR AA 64 94.97 -9.54 15.60
C THR AA 64 93.65 -9.55 16.35
N PRO AA 65 92.53 -9.54 15.64
CA PRO AA 65 91.25 -9.81 16.30
C PRO AA 65 91.09 -11.30 16.51
N SER AA 66 91.21 -11.73 17.75
CA SER AA 66 90.99 -13.11 18.15
C SER AA 66 89.82 -13.17 19.12
N TRP AA 67 89.20 -14.34 19.19
CA TRP AA 67 88.03 -14.56 20.03
C TRP AA 67 88.31 -15.64 21.05
N ALA AA 68 87.66 -15.49 22.21
CA ALA AA 68 87.74 -16.43 23.31
C ALA AA 68 86.43 -17.20 23.38
N VAL AA 69 86.52 -18.51 23.27
CA VAL AA 69 85.35 -19.38 23.18
C VAL AA 69 85.19 -20.09 24.51
N ASP AA 70 83.94 -20.25 24.94
CA ASP AA 70 83.62 -20.96 26.16
C ASP AA 70 82.20 -21.46 26.05
N MET AA 71 81.86 -22.35 26.98
CA MET AA 71 80.58 -23.03 27.01
C MET AA 71 79.84 -22.71 28.30
N MET AA 72 78.56 -23.09 28.32
CA MET AA 72 77.71 -22.82 29.47
C MET AA 72 76.62 -23.87 29.53
N ARG AA 73 76.64 -24.69 30.58
CA ARG AA 73 75.63 -25.66 30.88
C ARG AA 73 74.80 -25.19 32.07
N PHE AA 74 73.66 -25.86 32.29
CA PHE AA 74 72.74 -25.51 33.36
C PHE AA 74 72.30 -26.78 34.06
N ASN AA 75 72.51 -26.82 35.37
CA ASN AA 75 72.03 -27.92 36.21
C ASN AA 75 71.23 -27.35 37.38
N ILE AA 76 70.26 -28.13 37.82
CA ILE AA 76 69.35 -27.67 38.87
C ILE AA 76 69.94 -27.81 40.27
N ASN AA 77 71.03 -28.55 40.43
CA ASN AA 77 71.68 -28.61 41.73
C ASN AA 77 72.27 -27.27 42.12
N ASP AA 78 72.69 -26.48 41.13
CA ASP AA 78 73.27 -25.17 41.40
C ASP AA 78 72.24 -24.13 41.74
N PHE AA 79 70.96 -24.40 41.51
CA PHE AA 79 69.87 -23.49 41.82
C PHE AA 79 69.03 -23.94 42.99
N LEU AA 80 68.91 -25.25 43.20
CA LEU AA 80 68.08 -25.84 44.24
C LEU AA 80 68.95 -26.55 45.25
N PRO AA 81 69.10 -26.07 46.48
CA PRO AA 81 70.00 -26.74 47.41
C PRO AA 81 69.37 -28.01 47.95
N PRO AA 82 70.14 -28.81 48.68
CA PRO AA 82 69.56 -29.95 49.36
C PRO AA 82 68.72 -29.51 50.55
N GLY AA 83 67.68 -30.28 50.82
CA GLY AA 83 66.78 -29.96 51.90
C GLY AA 83 67.27 -30.45 53.24
N GLY AA 84 66.35 -30.94 54.06
CA GLY AA 84 66.70 -31.45 55.36
C GLY AA 84 65.67 -32.43 55.89
N GLY AA 85 66.15 -33.55 56.39
CA GLY AA 85 65.28 -34.57 56.95
C GLY AA 85 64.74 -35.51 55.90
N SER AA 86 63.46 -35.86 56.05
CA SER AA 86 62.83 -36.79 55.12
C SER AA 86 62.60 -36.18 53.75
N ASN AA 87 62.69 -34.85 53.64
CA ASN AA 87 62.58 -34.18 52.36
C ASN AA 87 63.98 -33.95 51.80
N PRO AA 88 64.40 -34.66 50.75
CA PRO AA 88 65.79 -34.54 50.31
C PRO AA 88 66.12 -33.21 49.67
N ARG AA 89 65.13 -32.49 49.15
CA ARG AA 89 65.34 -31.21 48.50
C ARG AA 89 64.52 -30.14 49.19
N SER AA 90 64.89 -28.89 48.93
CA SER AA 90 64.30 -27.76 49.62
C SER AA 90 62.95 -27.36 49.05
N VAL AA 91 62.70 -27.69 47.78
CA VAL AA 91 61.39 -27.51 47.15
C VAL AA 91 60.70 -28.87 47.14
N PRO AA 92 59.63 -29.08 47.92
CA PRO AA 92 59.12 -30.44 48.06
C PRO AA 92 58.24 -30.90 46.90
N PHE AA 93 58.90 -31.29 45.82
CA PHE AA 93 58.24 -31.82 44.65
C PHE AA 93 59.06 -32.98 44.11
N GLU AA 94 58.41 -33.80 43.30
CA GLU AA 94 59.00 -35.01 42.74
C GLU AA 94 59.60 -34.79 41.37
N TYR AA 95 58.83 -34.20 40.47
CA TYR AA 95 59.20 -34.05 39.07
C TYR AA 95 59.44 -32.59 38.74
N TYR AA 96 60.14 -32.37 37.64
CA TYR AA 96 60.42 -31.03 37.16
C TYR AA 96 60.65 -31.06 35.67
N ARG AA 97 60.57 -29.89 35.06
CA ARG AA 97 60.97 -29.71 33.68
C ARG AA 97 61.25 -28.23 33.49
N ILE AA 98 62.41 -27.92 32.93
CA ILE AA 98 62.84 -26.54 32.76
C ILE AA 98 62.19 -25.98 31.51
N ARG AA 99 61.45 -24.90 31.69
CA ARG AA 99 60.71 -24.27 30.60
C ARG AA 99 61.55 -23.27 29.83
N LYS AA 100 62.26 -22.39 30.55
CA LYS AA 100 63.06 -21.35 29.93
C LYS AA 100 64.25 -21.06 30.82
N VAL AA 101 65.27 -20.45 30.22
CA VAL AA 101 66.41 -19.91 30.94
C VAL AA 101 66.71 -18.53 30.39
N LYS AA 102 67.10 -17.63 31.29
CA LYS AA 102 67.51 -16.28 30.97
C LYS AA 102 68.93 -16.11 31.47
N VAL AA 103 69.87 -16.05 30.55
CA VAL AA 103 71.26 -15.75 30.85
C VAL AA 103 71.48 -14.27 30.63
N GLU AA 104 71.97 -13.59 31.66
CA GLU AA 104 72.21 -12.16 31.62
C GLU AA 104 73.69 -11.93 31.88
N PHE AA 105 74.37 -11.33 30.91
CA PHE AA 105 75.75 -10.88 31.08
C PHE AA 105 75.71 -9.45 31.55
N TRP AA 106 75.85 -9.27 32.86
CA TRP AA 106 75.90 -7.95 33.44
C TRP AA 106 77.36 -7.48 33.45
N PRO AA 107 77.70 -6.39 32.77
CA PRO AA 107 79.10 -6.00 32.72
C PRO AA 107 79.64 -5.51 34.04
N CYS AA 108 80.95 -5.61 34.16
CA CYS AA 108 81.69 -5.11 35.30
C CYS AA 108 82.63 -3.98 34.92
N SER AA 109 82.64 -3.56 33.67
CA SER AA 109 83.63 -2.67 33.13
C SER AA 109 83.01 -1.29 32.92
N PRO AA 110 83.81 -0.23 33.03
CA PRO AA 110 83.26 1.11 32.87
C PRO AA 110 82.92 1.42 31.43
N ILE AA 111 82.06 2.43 31.25
CA ILE AA 111 81.70 2.84 29.90
C ILE AA 111 82.80 3.63 29.20
N THR AA 112 83.89 3.94 29.89
CA THR AA 112 85.04 4.61 29.30
C THR AA 112 86.08 3.65 28.78
N GLN AA 113 85.86 2.34 28.90
CA GLN AA 113 86.87 1.37 28.51
C GLN AA 113 86.92 1.27 26.99
N GLY AA 114 88.13 1.29 26.46
CA GLY AA 114 88.35 1.21 25.03
C GLY AA 114 88.68 -0.18 24.57
N ASP AA 115 89.22 -0.26 23.36
CA ASP AA 115 89.52 -1.53 22.70
C ASP AA 115 88.28 -2.40 22.65
N ARG AA 116 87.16 -1.78 22.29
CA ARG AA 116 85.89 -2.48 22.23
C ARG AA 116 85.92 -3.54 21.14
N GLY AA 117 84.93 -4.41 21.20
CA GLY AA 117 84.87 -5.56 20.34
C GLY AA 117 83.47 -6.01 20.03
N VAL AA 118 83.35 -7.13 19.34
CA VAL AA 118 82.06 -7.66 18.92
C VAL AA 118 82.15 -9.17 18.90
N GLY AA 119 81.19 -9.81 19.56
CA GLY AA 119 81.15 -11.25 19.71
C GLY AA 119 79.81 -11.83 19.34
N SER AA 120 79.59 -13.06 19.78
CA SER AA 120 78.40 -13.79 19.39
C SER AA 120 78.05 -14.82 20.45
N SER AA 121 76.75 -14.97 20.71
CA SER AA 121 76.21 -15.98 21.58
C SER AA 121 75.21 -16.82 20.81
N ALA AA 122 75.37 -18.13 20.88
CA ALA AA 122 74.52 -19.06 20.15
C ALA AA 122 73.97 -20.12 21.10
N VAL AA 123 72.90 -20.76 20.66
CA VAL AA 123 72.17 -21.75 21.44
C VAL AA 123 72.53 -23.13 20.94
N ILE AA 124 73.08 -23.96 21.82
CA ILE AA 124 73.66 -25.25 21.47
C ILE AA 124 73.01 -26.30 22.36
N LEU AA 125 72.02 -27.01 21.81
CA LEU AA 125 71.15 -27.87 22.58
C LEU AA 125 71.60 -29.33 22.59
N ASP AA 126 72.90 -29.63 22.45
CA ASP AA 126 73.33 -31.00 22.23
C ASP AA 126 74.64 -31.41 22.90
N ASP AA 127 75.28 -30.54 23.68
CA ASP AA 127 76.46 -30.90 24.45
C ASP AA 127 77.66 -31.19 23.56
N ASN AA 128 77.71 -30.58 22.39
CA ASN AA 128 78.89 -30.59 21.54
C ASN AA 128 79.12 -29.15 21.13
N PHE AA 129 79.92 -28.47 21.94
CA PHE AA 129 80.29 -27.09 21.74
C PHE AA 129 81.55 -27.00 20.91
N VAL AA 130 81.79 -25.81 20.35
CA VAL AA 130 83.09 -25.51 19.80
C VAL AA 130 84.10 -25.59 20.93
N THR AA 131 85.27 -26.13 20.62
CA THR AA 131 86.28 -26.36 21.64
C THR AA 131 86.67 -25.05 22.30
N LYS AA 132 86.88 -25.11 23.62
CA LYS AA 132 87.29 -23.94 24.37
C LYS AA 132 88.64 -23.45 23.88
N ALA AA 133 88.70 -22.15 23.57
CA ALA AA 133 89.87 -21.52 23.00
C ALA AA 133 90.13 -20.20 23.70
N THR AA 134 91.40 -19.83 23.78
CA THR AA 134 91.81 -18.57 24.37
C THR AA 134 91.85 -17.46 23.34
N ALA AA 135 92.51 -17.70 22.20
CA ALA AA 135 92.62 -16.71 21.12
C ALA AA 135 92.46 -17.46 19.81
N LEU AA 136 91.22 -17.59 19.36
CA LEU AA 136 90.90 -18.18 18.07
C LEU AA 136 90.77 -17.10 17.02
N THR AA 137 91.23 -17.39 15.81
CA THR AA 137 91.35 -16.40 14.75
C THR AA 137 90.02 -16.04 14.09
N TYR AA 138 88.90 -16.50 14.61
CA TYR AA 138 87.61 -16.21 14.02
C TYR AA 138 86.54 -16.43 15.07
N ASP AA 139 85.34 -15.95 14.77
CA ASP AA 139 84.17 -16.13 15.61
C ASP AA 139 83.40 -17.34 15.11
N PRO AA 140 83.44 -18.49 15.80
CA PRO AA 140 82.76 -19.66 15.25
C PRO AA 140 81.26 -19.55 15.28
N TYR AA 141 80.70 -18.85 16.26
CA TYR AA 141 79.27 -18.77 16.44
C TYR AA 141 78.63 -17.65 15.65
N VAL AA 142 79.33 -17.11 14.65
CA VAL AA 142 78.85 -15.91 13.97
C VAL AA 142 77.79 -16.27 12.94
N ASN AA 143 77.97 -17.37 12.21
CA ASN AA 143 77.05 -17.77 11.18
C ASN AA 143 75.95 -18.67 11.68
N TYR AA 144 75.87 -18.90 12.99
CA TYR AA 144 74.80 -19.70 13.55
C TYR AA 144 73.48 -18.98 13.44
N SER AA 145 72.43 -19.75 13.19
CA SER AA 145 71.09 -19.20 13.07
C SER AA 145 70.60 -18.59 14.36
N SER AA 146 71.14 -18.99 15.50
CA SER AA 146 70.77 -18.47 16.81
C SER AA 146 71.78 -17.48 17.34
N ARG AA 147 72.55 -16.85 16.47
CA ARG AA 147 73.55 -15.91 16.90
C ARG AA 147 72.91 -14.57 17.24
N HIS AA 148 73.27 -14.05 18.40
CA HIS AA 148 73.01 -12.67 18.77
C HIS AA 148 74.35 -12.00 18.98
N THR AA 149 74.47 -10.78 18.51
CA THR AA 149 75.70 -10.03 18.65
C THR AA 149 75.92 -9.60 20.09
N ILE AA 150 77.14 -9.77 20.56
CA ILE AA 150 77.57 -9.29 21.86
C ILE AA 150 78.43 -8.06 21.60
N THR AA 151 77.90 -6.90 21.96
CA THR AA 151 78.72 -5.72 22.08
C THR AA 151 79.51 -5.78 23.37
N GLN AA 152 80.78 -5.44 23.30
CA GLN AA 152 81.71 -5.54 24.41
C GLN AA 152 82.34 -4.18 24.66
N PRO AA 153 82.86 -3.93 25.87
CA PRO AA 153 82.83 -4.69 27.11
C PRO AA 153 81.76 -4.26 28.10
N PHE AA 154 81.17 -3.09 27.88
CA PHE AA 154 80.33 -2.43 28.87
C PHE AA 154 78.86 -2.49 28.52
N SER AA 155 78.44 -3.53 27.81
CA SER AA 155 77.08 -3.64 27.31
C SER AA 155 76.44 -4.91 27.82
N TYR AA 156 75.14 -4.81 28.07
CA TYR AA 156 74.34 -5.90 28.60
C TYR AA 156 73.87 -6.81 27.47
N HIS AA 157 73.90 -8.11 27.74
CA HIS AA 157 73.52 -9.12 26.77
C HIS AA 157 72.63 -10.13 27.48
N SER AA 158 71.42 -10.32 26.97
CA SER AA 158 70.48 -11.30 27.47
C SER AA 158 70.18 -12.33 26.39
N ARG AA 159 69.91 -13.55 26.83
CA ARG AA 159 69.46 -14.63 25.96
C ARG AA 159 68.38 -15.39 26.70
N TYR AA 160 67.23 -15.54 26.06
CA TYR AA 160 66.05 -16.19 26.64
C TYR AA 160 65.62 -17.31 25.71
N PHE AA 161 65.71 -18.53 26.19
CA PHE AA 161 65.52 -19.70 25.35
C PHE AA 161 65.08 -20.87 26.21
N THR AA 162 64.77 -21.97 25.54
CA THR AA 162 64.31 -23.19 26.17
C THR AA 162 65.40 -24.25 26.08
N PRO AA 163 66.04 -24.64 27.18
CA PRO AA 163 67.11 -25.63 27.08
C PRO AA 163 66.58 -27.03 26.87
N LYS AA 164 67.49 -27.98 26.74
CA LYS AA 164 67.16 -29.37 26.53
C LYS AA 164 68.06 -30.22 27.41
N PRO AA 165 67.55 -31.33 27.96
CA PRO AA 165 68.40 -32.17 28.79
C PRO AA 165 69.25 -33.13 27.99
N VAL AA 166 70.33 -33.56 28.64
CA VAL AA 166 71.29 -34.49 28.03
C VAL AA 166 70.84 -35.89 28.46
N LEU AA 167 69.97 -36.48 27.63
CA LEU AA 167 69.47 -37.81 27.89
C LEU AA 167 70.44 -38.88 27.43
N ASP AA 168 71.01 -38.71 26.24
CA ASP AA 168 72.03 -39.61 25.72
C ASP AA 168 73.07 -38.75 25.01
N SER AA 169 74.25 -38.64 25.62
CA SER AA 169 75.33 -37.86 25.02
C SER AA 169 75.93 -38.53 23.80
N THR AA 170 75.71 -39.84 23.61
CA THR AA 170 76.24 -40.54 22.46
C THR AA 170 75.47 -40.20 21.20
N ILE AA 171 74.13 -40.10 21.31
CA ILE AA 171 73.25 -39.87 20.18
C ILE AA 171 72.87 -38.40 20.13
N ASP AA 172 72.72 -37.79 21.29
CA ASP AA 172 72.42 -36.38 21.43
C ASP AA 172 71.11 -36.03 20.72
N TYR AA 173 70.02 -36.58 21.24
CA TYR AA 173 68.68 -36.33 20.74
C TYR AA 173 67.93 -35.42 21.70
N PHE AA 174 67.06 -34.58 21.15
CA PHE AA 174 66.26 -33.67 21.94
C PHE AA 174 64.93 -33.42 21.25
N GLN AA 175 64.05 -32.90 21.99
CA GLN AA 175 62.69 -32.64 21.58
C GLN AA 175 62.56 -31.23 21.04
N PRO AA 176 61.65 -30.99 20.09
CA PRO AA 176 61.32 -29.61 19.75
C PRO AA 176 60.49 -28.94 20.82
N ASN AA 177 60.26 -27.65 20.66
CA ASN AA 177 59.57 -26.87 21.67
C ASN AA 177 58.08 -27.20 21.65
N ASN AA 178 57.59 -27.75 22.74
CA ASN AA 178 56.17 -28.05 22.89
C ASN AA 178 55.89 -28.05 24.37
N LYS AA 179 55.10 -27.10 24.85
CA LYS AA 179 54.85 -27.02 26.27
C LYS AA 179 54.04 -28.21 26.76
N ARG AA 180 53.21 -28.79 25.91
CA ARG AA 180 52.32 -29.86 26.34
C ARG AA 180 53.01 -31.22 26.33
N ASN AA 181 54.03 -31.39 25.50
CA ASN AA 181 54.70 -32.66 25.32
C ASN AA 181 56.09 -32.72 25.94
N GLN AA 182 56.52 -31.67 26.63
CA GLN AA 182 57.85 -31.66 27.22
C GLN AA 182 57.95 -32.70 28.32
N LEU AA 183 59.05 -33.43 28.31
CA LEU AA 183 59.26 -34.50 29.26
C LEU AA 183 59.39 -33.97 30.67
N TRP AA 184 58.87 -34.74 31.61
CA TRP AA 184 59.09 -34.52 33.03
C TRP AA 184 60.27 -35.36 33.46
N LEU AA 185 61.25 -34.73 34.07
CA LEU AA 185 62.36 -35.40 34.70
C LEU AA 185 62.09 -35.52 36.19
N ARG AA 186 62.86 -36.37 36.84
CA ARG AA 186 62.81 -36.52 38.28
C ARG AA 186 63.81 -35.58 38.93
N LEU AA 187 63.36 -34.96 40.02
CA LEU AA 187 64.22 -34.14 40.86
C LEU AA 187 64.99 -35.08 41.77
N GLN AA 188 66.18 -35.46 41.31
CA GLN AA 188 67.02 -36.37 42.05
C GLN AA 188 67.56 -35.68 43.31
N THR AA 189 68.24 -36.47 44.13
CA THR AA 189 68.78 -35.95 45.38
C THR AA 189 70.10 -35.22 45.15
N ALA AA 190 71.07 -35.88 44.49
CA ALA AA 190 72.36 -35.25 44.21
C ALA AA 190 72.93 -35.62 42.85
N GLY AA 191 72.09 -35.97 41.88
CA GLY AA 191 72.56 -36.47 40.61
C GLY AA 191 71.77 -36.03 39.40
N ASN AA 192 71.23 -34.82 39.44
CA ASN AA 192 70.40 -34.34 38.36
C ASN AA 192 71.21 -34.17 37.08
N VAL AA 193 70.49 -34.19 35.97
CA VAL AA 193 71.08 -34.21 34.64
C VAL AA 193 71.33 -32.79 34.17
N ASP AA 194 72.39 -32.62 33.40
CA ASP AA 194 72.80 -31.30 32.94
C ASP AA 194 71.96 -30.88 31.75
N HIS AA 195 71.39 -29.68 31.84
CA HIS AA 195 70.78 -29.04 30.70
C HIS AA 195 71.79 -28.15 30.01
N VAL AA 196 71.53 -27.90 28.73
CA VAL AA 196 72.53 -27.34 27.83
C VAL AA 196 71.82 -26.36 26.90
N GLY AA 197 72.61 -25.51 26.24
CA GLY AA 197 72.00 -24.49 25.43
C GLY AA 197 72.64 -23.13 25.25
N LEU AA 198 73.88 -22.91 25.69
CA LEU AA 198 74.52 -21.65 25.33
C LEU AA 198 76.02 -21.79 25.15
N GLY AA 199 76.50 -21.21 24.05
CA GLY AA 199 77.92 -21.05 23.82
C GLY AA 199 78.21 -19.66 23.34
N THR AA 200 79.39 -19.17 23.71
CA THR AA 200 79.76 -17.77 23.54
C THR AA 200 81.09 -17.66 22.83
N ALA AA 201 81.32 -16.47 22.28
CA ALA AA 201 82.61 -16.10 21.70
C ALA AA 201 82.82 -14.62 21.94
N PHE AA 202 83.79 -14.31 22.80
CA PHE AA 202 84.12 -12.95 23.16
C PHE AA 202 85.42 -12.53 22.50
N GLU AA 203 85.44 -11.32 21.94
CA GLU AA 203 86.63 -10.78 21.33
C GLU AA 203 87.58 -10.29 22.40
N ASN AA 204 88.83 -10.73 22.32
CA ASN AA 204 89.81 -10.39 23.32
C ASN AA 204 90.20 -8.93 23.21
N SER AA 205 90.90 -8.45 24.24
CA SER AA 205 91.23 -7.05 24.37
C SER AA 205 92.51 -6.90 25.19
N ILE AA 206 93.07 -5.68 25.15
CA ILE AA 206 94.24 -5.37 25.95
C ILE AA 206 93.89 -5.34 27.43
N TYR AA 207 92.65 -4.99 27.75
CA TYR AA 207 92.19 -4.92 29.12
C TYR AA 207 91.34 -6.15 29.46
N ASP AA 208 91.28 -6.45 30.75
CA ASP AA 208 90.46 -7.56 31.21
C ASP AA 208 88.99 -7.18 31.16
N GLN AA 209 88.18 -8.10 30.64
CA GLN AA 209 86.74 -7.93 30.52
C GLN AA 209 86.06 -8.87 31.50
N GLU AA 210 85.49 -8.32 32.56
CA GLU AA 210 84.80 -9.10 33.57
C GLU AA 210 83.30 -8.96 33.41
N TYR AA 211 82.60 -10.02 33.82
CA TYR AA 211 81.15 -10.07 33.75
C TYR AA 211 80.62 -10.79 34.98
N ASN AA 212 79.45 -10.36 35.43
CA ASN AA 212 78.67 -11.07 36.45
C ASN AA 212 77.48 -11.69 35.76
N ILE AA 213 77.48 -13.01 35.65
CA ILE AA 213 76.47 -13.72 34.88
C ILE AA 213 75.40 -14.21 35.82
N ARG AA 214 74.16 -13.82 35.56
CA ARG AA 214 72.99 -14.21 36.34
C ARG AA 214 72.11 -15.09 35.47
N VAL AA 215 72.03 -16.35 35.83
CA VAL AA 215 71.18 -17.33 35.16
C VAL AA 215 69.91 -17.47 35.97
N THR AA 216 68.78 -17.38 35.30
CA THR AA 216 67.47 -17.53 35.88
C THR AA 216 66.75 -18.64 35.14
N MET AA 217 66.39 -19.70 35.85
CA MET AA 217 65.65 -20.82 35.29
C MET AA 217 64.20 -20.76 35.70
N TYR AA 218 63.32 -20.83 34.73
CA TYR AA 218 61.88 -20.88 34.94
C TYR AA 218 61.43 -22.32 34.86
N VAL AA 219 61.11 -22.89 36.02
CA VAL AA 219 60.88 -24.33 36.15
C VAL AA 219 59.42 -24.57 36.45
N GLN AA 220 59.02 -25.83 36.34
CA GLN AA 220 57.66 -26.27 36.55
C GLN AA 220 57.74 -27.61 37.25
N PHE AA 221 57.28 -27.67 38.49
CA PHE AA 221 57.31 -28.86 39.30
C PHE AA 221 55.96 -29.58 39.29
N ARG AA 222 55.94 -30.77 39.88
CA ARG AA 222 54.75 -31.60 39.89
C ARG AA 222 54.82 -32.54 41.08
N GLU AA 223 53.65 -32.89 41.60
CA GLU AA 223 53.49 -33.90 42.65
C GLU AA 223 54.22 -33.51 43.93
N PHE AA 224 53.66 -32.49 44.58
CA PHE AA 224 53.96 -32.12 45.95
C PHE AA 224 54.06 -33.35 46.82
N ASN AA 225 55.21 -33.54 47.46
CA ASN AA 225 55.53 -34.78 48.16
C ASN AA 225 56.12 -34.52 49.52
N LEU AA 226 55.56 -33.56 50.25
CA LEU AA 226 56.07 -33.26 51.57
C LEU AA 226 55.85 -34.43 52.51
N LYS AA 227 56.81 -34.65 53.38
CA LYS AA 227 56.76 -35.71 54.38
C LYS AA 227 56.83 -35.09 55.76
N ASP AA 228 55.87 -35.45 56.62
CA ASP AA 228 55.69 -34.83 57.93
C ASP AA 228 55.73 -35.91 59.00
N PRO AA 229 56.92 -36.30 59.44
CA PRO AA 229 57.02 -37.21 60.57
C PRO AA 229 56.69 -36.50 61.87
N PRO AA 230 56.46 -37.24 62.96
CA PRO AA 230 56.28 -36.58 64.25
C PRO AA 230 57.56 -35.96 64.78
N LEU AA 231 57.47 -35.37 65.97
CA LEU AA 231 58.61 -34.69 66.58
C LEU AA 231 58.65 -34.94 68.09
N GLY BA 43 67.02 -25.03 -6.57
CA GLY BA 43 67.18 -25.29 -5.14
C GLY BA 43 67.75 -24.11 -4.40
N ILE BA 44 66.88 -23.17 -4.06
CA ILE BA 44 67.29 -21.90 -3.49
C ILE BA 44 67.59 -22.08 -2.01
N PHE BA 45 68.59 -21.35 -1.53
CA PHE BA 45 68.93 -21.32 -0.12
C PHE BA 45 69.51 -19.94 0.18
N ASN BA 46 68.69 -19.09 0.78
CA ASN BA 46 69.15 -17.79 1.24
C ASN BA 46 69.77 -17.95 2.62
N THR BA 47 70.99 -17.45 2.79
CA THR BA 47 71.67 -17.48 4.06
C THR BA 47 72.45 -16.19 4.25
N ARG BA 48 73.33 -16.20 5.25
CA ARG BA 48 74.04 -15.02 5.71
C ARG BA 48 75.44 -15.44 6.12
N LEU BA 49 76.44 -14.77 5.54
CA LEU BA 49 77.84 -15.04 5.80
C LEU BA 49 78.52 -13.77 6.26
N SER BA 50 79.37 -13.90 7.26
CA SER BA 50 80.02 -12.78 7.91
C SER BA 50 81.53 -12.97 7.94
N ARG BA 51 82.20 -11.90 8.33
CA ARG BA 51 83.65 -11.78 8.29
C ARG BA 51 84.00 -10.49 9.03
N THR BA 52 85.08 -10.53 9.80
CA THR BA 52 85.49 -9.41 10.64
C THR BA 52 86.96 -9.14 10.45
N PHE BA 53 87.31 -7.85 10.39
CA PHE BA 53 88.69 -7.43 10.20
C PHE BA 53 88.82 -6.00 10.68
N GLY BA 54 90.08 -5.56 10.77
CA GLY BA 54 90.40 -4.26 11.32
C GLY BA 54 90.76 -3.20 10.30
N TYR BA 55 90.60 -1.95 10.70
CA TYR BA 55 90.98 -0.79 9.91
C TYR BA 55 91.36 0.32 10.86
N THR BA 56 92.51 0.94 10.63
CA THR BA 56 93.03 2.00 11.48
C THR BA 56 93.37 3.21 10.64
N ILE BA 57 93.03 4.38 11.16
CA ILE BA 57 93.41 5.66 10.59
C ILE BA 57 94.48 6.21 11.51
N LYS BA 58 95.73 6.17 11.05
CA LYS BA 58 96.85 6.60 11.86
C LYS BA 58 96.80 8.10 12.11
N ARG BA 59 97.49 8.51 13.16
CA ARG BA 59 97.53 9.91 13.57
C ARG BA 59 98.37 10.73 12.60
N THR BA 60 98.12 12.05 12.64
CA THR BA 60 98.86 13.01 11.82
C THR BA 60 99.09 14.28 12.62
N THR BA 61 100.30 14.83 12.49
CA THR BA 61 100.62 16.13 13.07
C THR BA 61 100.06 17.29 12.26
N VAL BA 62 99.47 17.03 11.09
CA VAL BA 62 98.90 18.08 10.27
C VAL BA 62 97.82 18.81 11.04
N LYS BA 63 97.83 20.14 10.93
CA LYS BA 63 96.88 20.97 11.67
C LYS BA 63 95.56 21.09 10.95
N THR BA 64 95.57 21.15 9.63
CA THR BA 64 94.38 21.35 8.85
C THR BA 64 93.42 20.19 8.98
N PRO BA 65 92.16 20.36 8.59
CA PRO BA 65 91.28 19.20 8.44
C PRO BA 65 91.57 18.49 7.15
N SER BA 66 92.19 17.32 7.26
CA SER BA 66 92.46 16.45 6.13
C SER BA 66 91.74 15.14 6.32
N TRP BA 67 91.48 14.46 5.21
CA TRP BA 67 90.75 13.20 5.21
C TRP BA 67 91.61 12.08 4.65
N ALA BA 68 91.34 10.89 5.17
CA ALA BA 68 92.01 9.66 4.75
C ALA BA 68 91.04 8.85 3.93
N VAL BA 69 91.41 8.56 2.69
CA VAL BA 69 90.54 7.89 1.74
C VAL BA 69 90.99 6.45 1.59
N ASP BA 70 90.03 5.55 1.47
CA ASP BA 70 90.32 4.14 1.27
C ASP BA 70 89.11 3.50 0.61
N MET BA 71 89.32 2.29 0.11
CA MET BA 71 88.34 1.54 -0.64
C MET BA 71 88.00 0.24 0.07
N MET BA 72 86.93 -0.40 -0.41
CA MET BA 72 86.45 -1.64 0.19
C MET BA 72 85.75 -2.46 -0.87
N ARG BA 73 86.32 -3.61 -1.20
CA ARG BA 73 85.73 -4.60 -2.09
C ARG BA 73 85.24 -5.78 -1.29
N PHE BA 74 84.44 -6.63 -1.94
CA PHE BA 74 83.85 -7.81 -1.32
C PHE BA 74 84.01 -8.99 -2.25
N ASN BA 75 84.62 -10.06 -1.75
CA ASN BA 75 84.74 -11.31 -2.47
C ASN BA 75 84.24 -12.44 -1.59
N ILE BA 76 83.68 -13.47 -2.23
CA ILE BA 76 83.08 -14.59 -1.52
C ILE BA 76 84.10 -15.60 -1.03
N ASN BA 77 85.35 -15.54 -1.51
CA ASN BA 77 86.37 -16.43 -0.99
C ASN BA 77 86.69 -16.10 0.46
N ASP BA 78 86.56 -14.84 0.84
CA ASP BA 78 86.85 -14.41 2.20
C ASP BA 78 85.74 -14.77 3.18
N PHE BA 79 84.57 -15.17 2.69
CA PHE BA 79 83.45 -15.57 3.52
C PHE BA 79 83.18 -17.06 3.47
N LEU BA 80 83.46 -17.70 2.35
CA LEU BA 80 83.19 -19.12 2.12
C LEU BA 80 84.50 -19.87 1.97
N PRO BA 81 84.90 -20.72 2.91
CA PRO BA 81 86.19 -21.39 2.76
C PRO BA 81 86.11 -22.51 1.74
N PRO BA 82 87.25 -23.09 1.38
CA PRO BA 82 87.23 -24.27 0.55
C PRO BA 82 86.73 -25.48 1.32
N GLY BA 83 86.06 -26.38 0.60
CA GLY BA 83 85.51 -27.56 1.22
C GLY BA 83 86.51 -28.67 1.35
N GLY BA 84 86.07 -29.89 1.11
CA GLY BA 84 86.92 -31.04 1.20
C GLY BA 84 86.42 -32.22 0.40
N GLY BA 85 87.29 -32.83 -0.38
CA GLY BA 85 86.93 -33.97 -1.18
C GLY BA 85 86.35 -33.59 -2.51
N SER BA 86 85.32 -34.32 -2.93
CA SER BA 86 84.67 -34.07 -4.20
C SER BA 86 83.87 -32.78 -4.20
N ASN BA 87 83.58 -32.23 -3.04
CA ASN BA 87 82.90 -30.95 -2.93
C ASN BA 87 83.94 -29.85 -2.80
N PRO BA 88 84.16 -29.00 -3.81
CA PRO BA 88 85.27 -28.05 -3.71
C PRO BA 88 85.02 -26.94 -2.70
N ARG BA 89 83.77 -26.65 -2.36
CA ARG BA 89 83.42 -25.60 -1.43
C ARG BA 89 82.63 -26.17 -0.27
N SER BA 90 82.56 -25.39 0.81
CA SER BA 90 81.96 -25.85 2.04
C SER BA 90 80.44 -25.76 2.03
N VAL BA 91 79.89 -24.88 1.20
CA VAL BA 91 78.45 -24.79 0.97
C VAL BA 91 78.16 -25.49 -0.36
N PRO BA 92 77.49 -26.64 -0.36
CA PRO BA 92 77.40 -27.41 -1.61
C PRO BA 92 76.35 -26.91 -2.58
N PHE BA 93 76.71 -25.84 -3.28
CA PHE BA 93 75.85 -25.26 -4.31
C PHE BA 93 76.73 -24.84 -5.48
N GLU BA 94 76.07 -24.67 -6.63
CA GLU BA 94 76.75 -24.34 -7.88
C GLU BA 94 76.79 -22.85 -8.14
N TYR BA 95 75.65 -22.19 -8.05
CA TYR BA 95 75.50 -20.79 -8.42
C TYR BA 95 75.25 -19.94 -7.19
N TYR BA 96 75.48 -18.65 -7.34
CA TYR BA 96 75.23 -17.70 -6.27
C TYR BA 96 74.98 -16.33 -6.87
N ARG BA 97 74.41 -15.47 -6.04
CA ARG BA 97 74.29 -14.06 -6.37
C ARG BA 97 74.10 -13.30 -5.07
N ILE BA 98 74.91 -12.27 -4.88
CA ILE BA 98 74.89 -11.52 -3.63
C ILE BA 98 73.76 -10.51 -3.69
N ARG BA 99 72.87 -10.60 -2.71
CA ARG BA 99 71.68 -9.76 -2.65
C ARG BA 99 71.95 -8.44 -1.94
N LYS BA 100 72.61 -8.50 -0.78
CA LYS BA 100 72.87 -7.32 0.03
C LYS BA 100 74.17 -7.53 0.77
N VAL BA 101 74.75 -6.41 1.22
CA VAL BA 101 75.89 -6.42 2.12
C VAL BA 101 75.63 -5.39 3.20
N LYS BA 102 76.05 -5.72 4.42
CA LYS BA 102 75.97 -4.84 5.58
C LYS BA 102 77.39 -4.66 6.09
N VAL BA 103 77.93 -3.48 5.89
CA VAL BA 103 79.23 -3.10 6.44
C VAL BA 103 78.98 -2.34 7.72
N GLU BA 104 79.59 -2.81 8.80
CA GLU BA 104 79.43 -2.23 10.14
C GLU BA 104 80.80 -1.80 10.61
N PHE BA 105 80.96 -0.51 10.86
CA PHE BA 105 82.16 0.04 11.48
C PHE BA 105 81.92 0.07 12.98
N TRP BA 106 82.42 -0.94 13.67
CA TRP BA 106 82.32 -1.00 15.11
C TRP BA 106 83.53 -0.29 15.70
N PRO BA 107 83.35 0.79 16.48
CA PRO BA 107 84.52 1.51 16.96
C PRO BA 107 85.30 0.75 18.00
N CYS BA 108 86.56 1.11 18.11
CA CYS BA 108 87.48 0.59 19.09
C CYS BA 108 87.93 1.64 20.08
N SER BA 109 87.44 2.86 19.98
CA SER BA 109 87.93 4.01 20.70
C SER BA 109 86.96 4.39 21.81
N PRO BA 110 87.45 4.95 22.90
CA PRO BA 110 86.55 5.29 24.00
C PRO BA 110 85.70 6.51 23.67
N ILE BA 111 84.61 6.65 24.42
CA ILE BA 111 83.74 7.80 24.24
C ILE BA 111 84.32 9.09 24.80
N THR BA 112 85.45 9.02 25.49
CA THR BA 112 86.14 10.19 25.99
C THR BA 112 87.17 10.74 25.03
N GLN BA 113 87.35 10.13 23.86
CA GLN BA 113 88.38 10.56 22.94
C GLN BA 113 87.96 11.84 22.26
N GLY BA 114 88.88 12.80 22.20
CA GLY BA 114 88.64 14.07 21.60
C GLY BA 114 89.16 14.16 20.18
N ASP BA 115 89.27 15.40 19.70
CA ASP BA 115 89.66 15.67 18.31
C ASP BA 115 88.72 14.96 17.35
N ARG BA 116 87.44 15.01 17.66
CA ARG BA 116 86.43 14.35 16.85
C ARG BA 116 86.39 14.95 15.46
N GLY BA 117 85.72 14.23 14.57
CA GLY BA 117 85.68 14.59 13.18
C GLY BA 117 84.42 14.15 12.48
N VAL BA 118 84.37 14.34 11.17
CA VAL BA 118 83.19 14.03 10.39
C VAL BA 118 83.64 13.60 9.00
N GLY BA 119 83.15 12.44 8.57
CA GLY BA 119 83.53 11.84 7.32
C GLY BA 119 82.34 11.44 6.48
N SER BA 120 82.58 10.58 5.51
CA SER BA 120 81.56 10.22 4.54
C SER BA 120 81.84 8.83 3.99
N SER BA 121 80.78 8.06 3.80
CA SER BA 121 80.82 6.76 3.15
C SER BA 121 79.88 6.77 1.98
N ALA BA 122 80.36 6.34 0.82
CA ALA BA 122 79.60 6.33 -0.41
C ALA BA 122 79.67 4.97 -1.06
N VAL BA 123 78.72 4.73 -1.95
CA VAL BA 123 78.55 3.44 -2.62
C VAL BA 123 79.07 3.58 -4.04
N ILE BA 124 80.06 2.77 -4.39
CA ILE BA 124 80.81 2.87 -5.64
C ILE BA 124 80.75 1.53 -6.32
N LEU BA 125 79.86 1.38 -7.30
CA LEU BA 125 79.54 0.10 -7.88
C LEU BA 125 80.31 -0.20 -9.16
N ASP BA 126 81.53 0.34 -9.34
CA ASP BA 126 82.21 0.25 -10.62
C ASP BA 126 83.72 0.06 -10.58
N ASP BA 127 84.33 -0.08 -9.41
CA ASP BA 127 85.75 -0.40 -9.30
C ASP BA 127 86.63 0.74 -9.77
N ASN BA 128 86.14 1.97 -9.67
CA ASN BA 128 86.95 3.17 -9.89
C ASN BA 128 86.67 4.07 -8.70
N PHE BA 129 87.49 3.90 -7.68
CA PHE BA 129 87.41 4.66 -6.45
C PHE BA 129 88.27 5.90 -6.55
N VAL BA 130 88.00 6.86 -5.65
CA VAL BA 130 88.94 7.94 -5.44
C VAL BA 130 90.24 7.34 -4.96
N THR BA 131 91.35 7.90 -5.44
CA THR BA 131 92.65 7.35 -5.13
C THR BA 131 92.89 7.34 -3.62
N LYS BA 132 93.53 6.28 -3.15
CA LYS BA 132 93.84 6.16 -1.73
C LYS BA 132 94.79 7.27 -1.32
N ALA BA 133 94.42 7.98 -0.26
CA ALA BA 133 95.15 9.13 0.23
C ALA BA 133 95.26 9.07 1.74
N THR BA 134 96.36 9.60 2.26
CA THR BA 134 96.60 9.66 3.68
C THR BA 134 96.03 10.93 4.30
N ALA BA 135 96.33 12.08 3.71
CA ALA BA 135 95.83 13.37 4.20
C ALA BA 135 95.45 14.21 2.98
N LEU BA 136 94.21 14.07 2.54
CA LEU BA 136 93.65 14.86 1.46
C LEU BA 136 92.92 16.07 2.03
N THR BA 137 93.02 17.19 1.34
CA THR BA 137 92.54 18.47 1.84
C THR BA 137 91.03 18.63 1.76
N TYR BA 138 90.29 17.59 1.41
CA TYR BA 138 88.84 17.68 1.29
C TYR BA 138 88.26 16.28 1.37
N ASP BA 139 86.95 16.23 1.57
CA ASP BA 139 86.20 14.99 1.60
C ASP BA 139 85.64 14.73 0.21
N PRO BA 140 86.19 13.78 -0.56
CA PRO BA 140 85.69 13.62 -1.93
C PRO BA 140 84.30 13.03 -1.99
N TYR BA 141 83.93 12.19 -1.03
CA TYR BA 141 82.66 11.49 -1.05
C TYR BA 141 81.54 12.29 -0.40
N VAL BA 142 81.71 13.60 -0.22
CA VAL BA 142 80.75 14.38 0.54
C VAL BA 142 79.55 14.74 -0.31
N ASN BA 143 79.77 15.08 -1.58
CA ASN BA 143 78.69 15.49 -2.46
C ASN BA 143 78.07 14.33 -3.21
N TYR BA 144 78.48 13.10 -2.91
CA TYR BA 144 77.90 11.94 -3.55
C TYR BA 144 76.47 11.74 -3.08
N SER BA 145 75.62 11.30 -4.00
CA SER BA 145 74.23 11.05 -3.70
C SER BA 145 74.04 9.94 -2.69
N SER BA 146 75.00 9.04 -2.56
CA SER BA 146 74.95 7.95 -1.62
C SER BA 146 75.79 8.19 -0.38
N ARG BA 147 76.06 9.45 -0.06
CA ARG BA 147 76.87 9.78 1.09
C ARG BA 147 76.06 9.66 2.36
N HIS BA 148 76.63 8.97 3.34
CA HIS BA 148 76.15 8.99 4.71
C HIS BA 148 77.28 9.55 5.56
N THR BA 149 76.93 10.39 6.50
CA THR BA 149 77.90 11.00 7.38
C THR BA 149 78.45 9.98 8.37
N ILE BA 150 79.77 10.00 8.53
CA ILE BA 150 80.46 9.21 9.53
C ILE BA 150 80.84 10.16 10.65
N THR BA 151 80.18 10.02 11.79
CA THR BA 151 80.68 10.62 13.02
C THR BA 151 81.82 9.79 13.55
N GLN BA 152 82.87 10.47 13.97
CA GLN BA 152 84.10 9.85 14.44
C GLN BA 152 84.41 10.31 15.84
N PRO BA 153 85.21 9.55 16.61
CA PRO BA 153 85.78 8.22 16.40
C PRO BA 153 85.01 7.08 17.05
N PHE BA 154 84.11 7.42 17.97
CA PHE BA 154 83.49 6.45 18.86
C PHE BA 154 82.05 6.15 18.49
N SER BA 155 81.70 6.27 17.22
CA SER BA 155 80.34 6.14 16.77
C SER BA 155 80.23 5.03 15.73
N TYR BA 156 79.11 4.33 15.78
CA TYR BA 156 78.83 3.22 14.90
C TYR BA 156 78.26 3.72 13.58
N HIS BA 157 78.70 3.08 12.50
CA HIS BA 157 78.30 3.43 11.14
C HIS BA 157 77.97 2.16 10.40
N SER BA 158 76.75 2.06 9.88
CA SER BA 158 76.30 0.94 9.08
C SER BA 158 75.95 1.42 7.68
N ARG BA 159 76.14 0.55 6.71
CA ARG BA 159 75.73 0.78 5.33
C ARG BA 159 75.18 -0.53 4.81
N TYR BA 160 73.95 -0.48 4.28
CA TYR BA 160 73.23 -1.65 3.79
C TYR BA 160 72.83 -1.38 2.35
N PHE BA 161 73.38 -2.15 1.43
CA PHE BA 161 73.22 -1.88 0.02
C PHE BA 161 73.40 -3.17 -0.76
N THR BA 162 73.16 -3.06 -2.07
CA THR BA 162 73.26 -4.17 -3.00
C THR BA 162 74.51 -4.01 -3.87
N PRO BA 163 75.54 -4.84 -3.72
CA PRO BA 163 76.73 -4.64 -4.53
C PRO BA 163 76.54 -5.13 -5.95
N LYS BA 164 77.57 -4.97 -6.76
CA LYS BA 164 77.54 -5.36 -8.16
C LYS BA 164 78.87 -6.04 -8.48
N PRO BA 165 78.87 -7.05 -9.33
CA PRO BA 165 80.12 -7.71 -9.69
C PRO BA 165 80.88 -7.01 -10.78
N VAL BA 166 82.18 -7.27 -10.79
CA VAL BA 166 83.09 -6.68 -11.76
C VAL BA 166 83.17 -7.65 -12.93
N LEU BA 167 82.27 -7.48 -13.88
CA LEU BA 167 82.23 -8.33 -15.06
C LEU BA 167 83.25 -7.89 -16.10
N ASP BA 168 83.32 -6.58 -16.36
CA ASP BA 168 84.33 -6.02 -17.26
C ASP BA 168 84.83 -4.74 -16.63
N SER BA 169 86.07 -4.75 -16.16
CA SER BA 169 86.66 -3.57 -15.56
C SER BA 169 87.00 -2.50 -16.58
N THR BA 170 87.06 -2.84 -17.86
CA THR BA 170 87.35 -1.87 -18.90
C THR BA 170 86.14 -0.98 -19.18
N ILE BA 171 84.95 -1.56 -19.19
CA ILE BA 171 83.72 -0.85 -19.53
C ILE BA 171 82.99 -0.49 -18.25
N ASP BA 172 83.06 -1.36 -17.26
CA ASP BA 172 82.48 -1.14 -15.95
C ASP BA 172 80.97 -0.93 -16.06
N TYR BA 173 80.28 -1.99 -16.49
CA TYR BA 173 78.83 -2.00 -16.60
C TYR BA 173 78.23 -2.83 -15.48
N PHE BA 174 77.05 -2.42 -15.04
CA PHE BA 174 76.34 -3.14 -13.99
C PHE BA 174 74.84 -2.99 -14.19
N GLN BA 175 74.15 -3.81 -13.52
CA GLN BA 175 72.71 -3.89 -13.60
C GLN BA 175 72.05 -3.02 -12.53
N PRO BA 176 70.86 -2.50 -12.79
CA PRO BA 176 70.10 -1.88 -11.71
C PRO BA 176 69.51 -2.92 -10.77
N ASN BA 177 68.92 -2.46 -9.68
CA ASN BA 177 68.43 -3.35 -8.65
C ASN BA 177 67.14 -4.01 -9.13
N ASN BA 178 67.18 -5.33 -9.26
CA ASN BA 178 66.02 -6.10 -9.64
C ASN BA 178 66.24 -7.51 -9.10
N LYS BA 179 65.43 -7.91 -8.13
CA LYS BA 179 65.63 -9.21 -7.53
C LYS BA 179 65.36 -10.34 -8.51
N ARG BA 180 64.47 -10.11 -9.47
CA ARG BA 180 64.07 -11.17 -10.38
C ARG BA 180 65.03 -11.33 -11.55
N ASN BA 181 65.76 -10.27 -11.91
CA ASN BA 181 66.63 -10.27 -13.07
C ASN BA 181 68.10 -10.28 -12.72
N GLN BA 182 68.46 -10.36 -11.44
CA GLN BA 182 69.84 -10.35 -11.04
C GLN BA 182 70.55 -11.59 -11.55
N LEU BA 183 71.74 -11.38 -12.10
CA LEU BA 183 72.51 -12.45 -12.68
C LEU BA 183 72.95 -13.45 -11.62
N TRP BA 184 72.98 -14.71 -12.02
CA TRP BA 184 73.58 -15.78 -11.23
C TRP BA 184 75.01 -15.96 -11.70
N LEU BA 185 75.94 -15.88 -10.77
CA LEU BA 185 77.33 -16.22 -11.00
C LEU BA 185 77.58 -17.64 -10.56
N ARG BA 186 78.71 -18.18 -10.99
CA ARG BA 186 79.17 -19.48 -10.57
C ARG BA 186 80.05 -19.36 -9.34
N LEU BA 187 79.84 -20.26 -8.40
CA LEU BA 187 80.68 -20.39 -7.22
C LEU BA 187 81.92 -21.17 -7.64
N GLN BA 188 82.95 -20.43 -8.03
CA GLN BA 188 84.19 -21.03 -8.46
C GLN BA 188 84.91 -21.68 -7.29
N THR BA 189 85.99 -22.37 -7.60
CA THR BA 189 86.76 -23.06 -6.58
C THR BA 189 87.70 -22.12 -5.85
N ALA BA 190 88.54 -21.38 -6.60
CA ALA BA 190 89.47 -20.44 -5.99
C ALA BA 190 89.64 -19.15 -6.79
N GLY BA 191 88.65 -18.76 -7.59
CA GLY BA 191 88.81 -17.65 -8.50
C GLY BA 191 87.58 -16.76 -8.66
N ASN BA 192 86.80 -16.63 -7.60
CA ASN BA 192 85.57 -15.87 -7.68
C ASN BA 192 85.84 -14.39 -7.94
N VAL BA 193 84.84 -13.73 -8.47
CA VAL BA 193 84.96 -12.36 -8.94
C VAL BA 193 84.68 -11.40 -7.80
N ASP BA 194 85.35 -10.25 -7.82
CA ASP BA 194 85.24 -9.29 -6.76
C ASP BA 194 83.97 -8.45 -6.93
N HIS BA 195 83.20 -8.37 -5.87
CA HIS BA 195 82.10 -7.42 -5.80
C HIS BA 195 82.58 -6.13 -5.16
N VAL BA 196 81.87 -5.06 -5.45
CA VAL BA 196 82.34 -3.71 -5.18
C VAL BA 196 81.15 -2.88 -4.73
N GLY BA 197 81.44 -1.73 -4.11
CA GLY BA 197 80.36 -0.94 -3.57
C GLY BA 197 80.55 -0.10 -2.34
N LEU BA 198 81.77 0.09 -1.82
CA LEU BA 198 81.92 1.06 -0.74
C LEU BA 198 83.26 1.75 -0.76
N GLY BA 199 83.20 3.07 -0.61
CA GLY BA 199 84.39 3.88 -0.40
C GLY BA 199 84.15 4.86 0.73
N THR BA 200 85.22 5.15 1.46
CA THR BA 200 85.14 5.89 2.71
C THR BA 200 86.10 7.07 2.68
N ALA BA 201 85.84 8.01 3.58
CA ALA BA 201 86.72 9.14 3.84
C ALA BA 201 86.62 9.48 5.31
N PHE BA 202 87.70 9.23 6.04
CA PHE BA 202 87.78 9.49 7.47
C PHE BA 202 88.65 10.70 7.73
N GLU BA 203 88.17 11.57 8.61
CA GLU BA 203 88.93 12.75 9.01
C GLU BA 203 90.01 12.36 9.99
N ASN BA 204 91.24 12.77 9.69
CA ASN BA 204 92.37 12.41 10.51
C ASN BA 204 92.32 13.13 11.85
N SER BA 205 93.17 12.67 12.77
CA SER BA 205 93.16 13.13 14.13
C SER BA 205 94.54 12.99 14.74
N ILE BA 206 94.73 13.61 15.90
CA ILE BA 206 95.98 13.49 16.63
C ILE BA 206 96.14 12.09 17.19
N TYR BA 207 95.02 11.43 17.50
CA TYR BA 207 95.02 10.10 18.05
C TYR BA 207 94.67 9.08 16.97
N ASP BA 208 95.10 7.85 17.19
CA ASP BA 208 94.79 6.77 16.26
C ASP BA 208 93.34 6.35 16.42
N GLN BA 209 92.66 6.20 15.28
CA GLN BA 209 91.26 5.79 15.24
C GLN BA 209 91.19 4.38 14.67
N GLU BA 210 90.88 3.42 15.52
CA GLU BA 210 90.77 2.02 15.13
C GLU BA 210 89.32 1.60 15.03
N TYR BA 211 89.07 0.65 14.15
CA TYR BA 211 87.74 0.11 13.90
C TYR BA 211 87.84 -1.39 13.67
N ASN BA 212 86.81 -2.10 14.09
CA ASN BA 212 86.61 -3.51 13.77
C ASN BA 212 85.46 -3.58 12.79
N ILE BA 213 85.75 -3.90 11.53
CA ILE BA 213 84.76 -3.86 10.48
C ILE BA 213 84.22 -5.26 10.26
N ARG BA 214 82.90 -5.39 10.38
CA ARG BA 214 82.18 -6.64 10.21
C ARG BA 214 81.33 -6.53 8.96
N VAL BA 215 81.69 -7.28 7.92
CA VAL BA 215 80.94 -7.35 6.69
C VAL BA 215 80.07 -8.59 6.73
N THR BA 216 78.80 -8.42 6.41
CA THR BA 216 77.83 -9.49 6.35
C THR BA 216 77.22 -9.49 4.96
N MET BA 217 77.39 -10.59 4.23
CA MET BA 217 76.82 -10.75 2.91
C MET BA 217 75.62 -11.66 2.96
N TYR BA 218 74.52 -11.19 2.40
CA TYR BA 218 73.28 -11.95 2.29
C TYR BA 218 73.22 -12.52 0.89
N VAL BA 219 73.44 -13.83 0.78
CA VAL BA 219 73.63 -14.48 -0.50
C VAL BA 219 72.46 -15.40 -0.77
N GLN BA 220 72.39 -15.87 -2.01
CA GLN BA 220 71.32 -16.73 -2.48
C GLN BA 220 71.97 -17.73 -3.43
N PHE BA 221 71.95 -19.00 -3.05
CA PHE BA 221 72.55 -20.07 -3.82
C PHE BA 221 71.49 -20.82 -4.62
N ARG BA 222 71.96 -21.71 -5.48
CA ARG BA 222 71.09 -22.46 -6.37
C ARG BA 222 71.78 -23.75 -6.76
N GLU BA 223 70.97 -24.78 -7.01
CA GLU BA 223 71.41 -26.07 -7.54
C GLU BA 223 72.39 -26.77 -6.59
N PHE BA 224 71.82 -27.21 -5.47
CA PHE BA 224 72.45 -28.16 -4.57
C PHE BA 224 73.13 -29.27 -5.33
N ASN BA 225 74.44 -29.43 -5.12
CA ASN BA 225 75.27 -30.30 -5.94
C ASN BA 225 76.18 -31.15 -5.10
N LEU BA 226 75.66 -31.69 -4.01
CA LEU BA 226 76.48 -32.53 -3.16
C LEU BA 226 76.86 -33.81 -3.88
N LYS BA 227 78.09 -34.26 -3.64
CA LYS BA 227 78.63 -35.48 -4.22
C LYS BA 227 78.98 -36.44 -3.09
N ASP BA 228 78.47 -37.67 -3.20
CA ASP BA 228 78.57 -38.67 -2.14
C ASP BA 228 79.22 -39.92 -2.70
N PRO BA 229 80.55 -39.96 -2.74
CA PRO BA 229 81.23 -41.19 -3.12
C PRO BA 229 81.17 -42.21 -1.99
N PRO BA 230 81.50 -43.47 -2.27
CA PRO BA 230 81.58 -44.44 -1.19
C PRO BA 230 82.76 -44.20 -0.26
N LEU BA 231 82.92 -45.07 0.73
CA LEU BA 231 83.98 -44.94 1.72
C LEU BA 231 84.57 -46.29 2.09
N GLY CA 43 64.91 24.97 -18.11
CA GLY CA 43 65.60 23.73 -17.78
C GLY CA 43 66.07 23.69 -16.34
N ILE CA 44 65.15 23.34 -15.46
CA ILE CA 44 65.40 23.41 -14.03
C ILE CA 44 66.20 22.21 -13.59
N PHE CA 45 67.09 22.43 -12.62
CA PHE CA 45 67.86 21.36 -12.00
C PHE CA 45 68.13 21.77 -10.55
N ASN CA 46 67.37 21.20 -9.63
CA ASN CA 46 67.61 21.38 -8.23
C ASN CA 46 68.67 20.40 -7.75
N THR CA 47 69.71 20.91 -7.10
CA THR CA 47 70.76 20.08 -6.55
C THR CA 47 71.20 20.63 -5.20
N ARG CA 48 72.34 20.13 -4.73
CA ARG CA 48 72.83 20.39 -3.40
C ARG CA 48 74.35 20.48 -3.45
N LEU CA 49 74.89 21.58 -2.95
CA LEU CA 49 76.32 21.85 -2.95
C LEU CA 49 76.75 22.12 -1.52
N SER CA 50 77.91 21.57 -1.16
CA SER CA 50 78.42 21.62 0.20
C SER CA 50 79.85 22.14 0.21
N ARG CA 51 80.32 22.42 1.42
CA ARG CA 51 81.60 23.06 1.68
C ARG CA 51 81.83 22.99 3.17
N THR CA 52 83.08 22.75 3.56
CA THR CA 52 83.44 22.53 4.95
C THR CA 52 84.65 23.38 5.31
N PHE CA 53 84.61 23.98 6.49
CA PHE CA 53 85.68 24.83 6.97
C PHE CA 53 85.61 24.92 8.47
N GLY CA 54 86.66 25.48 9.06
CA GLY CA 54 86.81 25.56 10.49
C GLY CA 54 86.53 26.91 11.12
N TYR CA 55 86.19 26.88 12.40
CA TYR CA 55 85.98 28.08 13.20
C TYR CA 55 86.35 27.76 14.63
N THR CA 56 87.17 28.62 15.23
CA THR CA 56 87.65 28.44 16.58
C THR CA 56 87.37 29.68 17.41
N ILE CA 57 86.94 29.46 18.64
CA ILE CA 57 86.76 30.49 19.65
C ILE CA 57 87.91 30.31 20.63
N LYS CA 58 88.88 31.20 20.55
CA LYS CA 58 90.06 31.09 21.39
C LYS CA 58 89.72 31.33 22.86
N ARG CA 59 90.60 30.83 23.72
CA ARG CA 59 90.41 30.93 25.15
C ARG CA 59 90.63 32.36 25.63
N THR CA 60 90.10 32.64 26.82
CA THR CA 60 90.24 33.94 27.47
C THR CA 60 90.40 33.75 28.97
N THR CA 61 91.30 34.51 29.56
CA THR CA 61 91.46 34.56 31.00
C THR CA 61 90.38 35.38 31.69
N VAL CA 62 89.52 36.07 30.94
CA VAL CA 62 88.47 36.88 31.52
C VAL CA 62 87.55 36.01 32.35
N LYS CA 63 87.18 36.52 33.53
CA LYS CA 63 86.36 35.76 34.46
C LYS CA 63 84.88 35.87 34.14
N THR CA 64 84.45 37.05 33.69
CA THR CA 64 83.05 37.29 33.44
C THR CA 64 82.53 36.42 32.31
N PRO CA 65 81.21 36.31 32.17
CA PRO CA 65 80.66 35.72 30.96
C PRO CA 65 80.67 36.72 29.83
N SER CA 66 81.56 36.51 28.88
CA SER CA 66 81.65 37.32 27.68
C SER CA 66 81.40 36.44 26.47
N TRP CA 67 80.97 37.08 25.39
CA TRP CA 67 80.62 36.40 24.16
C TRP CA 67 81.50 36.87 23.01
N ALA CA 68 81.75 35.96 22.09
CA ALA CA 68 82.51 36.20 20.88
C ALA CA 68 81.57 36.25 19.70
N VAL CA 69 81.56 37.38 19.01
CA VAL CA 69 80.64 37.63 17.93
C VAL CA 69 81.36 37.50 16.61
N ASP CA 70 80.68 36.93 15.63
CA ASP CA 70 81.23 36.78 14.29
C ASP CA 70 80.07 36.67 13.31
N MET CA 71 80.41 36.79 12.04
CA MET CA 71 79.46 36.82 10.94
C MET CA 71 79.72 35.65 9.99
N MET CA 72 78.76 35.44 9.09
CA MET CA 72 78.84 34.34 8.14
C MET CA 72 78.05 34.72 6.90
N ARG CA 73 78.75 34.86 5.79
CA ARG CA 73 78.17 35.08 4.47
C ARG CA 73 78.30 33.82 3.63
N PHE CA 74 77.58 33.80 2.52
CA PHE CA 74 77.55 32.66 1.62
C PHE CA 74 77.68 33.14 0.18
N ASN CA 75 78.67 32.63 -0.53
CA ASN CA 75 78.87 32.91 -1.94
C ASN CA 75 79.00 31.59 -2.69
N ILE CA 76 78.53 31.61 -3.95
CA ILE CA 76 78.51 30.39 -4.76
C ILE CA 76 79.86 30.07 -5.36
N ASN CA 77 80.80 31.01 -5.37
CA ASN CA 77 82.14 30.69 -5.86
C ASN CA 77 82.84 29.68 -4.97
N ASP CA 78 82.52 29.69 -3.67
CA ASP CA 78 83.13 28.77 -2.72
C ASP CA 78 82.55 27.38 -2.81
N PHE CA 79 81.42 27.19 -3.49
CA PHE CA 79 80.78 25.90 -3.67
C PHE CA 79 80.90 25.37 -5.08
N LEU CA 80 80.94 26.26 -6.07
CA LEU CA 80 80.98 25.90 -7.47
C LEU CA 80 82.31 26.32 -8.08
N PRO CA 81 83.21 25.42 -8.45
CA PRO CA 81 84.49 25.85 -8.97
C PRO CA 81 84.37 26.34 -10.40
N PRO CA 82 85.44 26.93 -10.93
CA PRO CA 82 85.44 27.27 -12.35
C PRO CA 82 85.55 26.03 -13.22
N GLY CA 83 84.93 26.09 -14.38
CA GLY CA 83 84.93 24.98 -15.29
C GLY CA 83 86.18 24.92 -16.14
N GLY CA 84 86.00 24.55 -17.40
CA GLY CA 84 87.12 24.47 -18.32
C GLY CA 84 86.67 24.58 -19.76
N GLY CA 85 87.37 25.42 -20.52
CA GLY CA 85 87.07 25.60 -21.92
C GLY CA 85 85.99 26.63 -22.16
N SER CA 86 85.10 26.34 -23.10
CA SER CA 86 84.04 27.26 -23.44
C SER CA 86 82.98 27.34 -22.35
N ASN CA 87 82.96 26.38 -21.42
CA ASN CA 87 82.05 26.43 -20.29
C ASN CA 87 82.76 27.07 -19.12
N PRO CA 88 82.40 28.29 -18.71
CA PRO CA 88 83.19 28.95 -17.66
C PRO CA 88 83.03 28.34 -16.28
N ARG CA 89 81.93 27.63 -16.04
CA ARG CA 89 81.65 27.02 -14.76
C ARG CA 89 81.47 25.52 -14.92
N SER CA 90 81.57 24.80 -13.80
CA SER CA 90 81.56 23.36 -13.82
C SER CA 90 80.15 22.78 -13.91
N VAL CA 91 79.16 23.55 -13.49
CA VAL CA 91 77.74 23.19 -13.66
C VAL CA 91 77.21 23.99 -14.84
N PRO CA 92 76.90 23.37 -15.98
CA PRO CA 92 76.60 24.17 -17.17
C PRO CA 92 75.20 24.74 -17.21
N PHE CA 93 75.01 25.82 -16.47
CA PHE CA 93 73.74 26.54 -16.43
C PHE CA 93 74.04 28.03 -16.40
N GLU CA 94 73.02 28.80 -16.76
CA GLU CA 94 73.13 30.25 -16.87
C GLU CA 94 72.70 30.96 -15.60
N TYR CA 95 71.53 30.63 -15.09
CA TYR CA 95 70.91 31.33 -13.98
C TYR CA 95 70.87 30.43 -12.76
N TYR CA 96 70.70 31.06 -11.60
CA TYR CA 96 70.60 30.34 -10.34
C TYR CA 96 69.81 31.17 -9.35
N ARG CA 97 69.35 30.50 -8.31
CA ARG CA 97 68.78 31.16 -7.16
C ARG CA 97 68.85 30.21 -5.98
N ILE CA 98 69.38 30.70 -4.87
CA ILE CA 98 69.59 29.86 -3.70
C ILE CA 98 68.29 29.75 -2.94
N ARG CA 99 67.83 28.53 -2.75
CA ARG CA 99 66.56 28.25 -2.08
C ARG CA 99 66.71 28.17 -0.57
N LYS CA 100 67.70 27.42 -0.10
CA LYS CA 100 67.91 27.21 1.32
C LYS CA 100 69.39 27.03 1.57
N VAL CA 101 69.77 27.22 2.83
CA VAL CA 101 71.11 26.92 3.30
C VAL CA 101 70.98 26.20 4.64
N LYS CA 102 71.85 25.22 4.85
CA LYS CA 102 71.95 24.48 6.09
C LYS CA 102 73.36 24.66 6.61
N VAL CA 103 73.48 25.42 7.68
CA VAL CA 103 74.74 25.59 8.39
C VAL CA 103 74.75 24.62 9.56
N GLU CA 104 75.79 23.79 9.61
CA GLU CA 104 75.94 22.76 10.63
C GLU CA 104 77.24 23.04 11.37
N PHE CA 105 77.13 23.30 12.67
CA PHE CA 105 78.29 23.41 13.54
C PHE CA 105 78.56 22.05 14.13
N TRP CA 106 79.50 21.35 13.53
CA TRP CA 106 79.91 20.05 14.03
C TRP CA 106 81.03 20.24 15.05
N PRO CA 107 80.85 19.85 16.30
CA PRO CA 107 81.88 20.13 17.29
C PRO CA 107 83.14 19.31 17.07
N CYS CA 108 84.23 19.85 17.60
CA CYS CA 108 85.52 19.21 17.61
C CYS CA 108 85.99 18.87 19.01
N SER CA 109 85.20 19.14 20.03
CA SER CA 109 85.59 19.08 21.40
C SER CA 109 84.98 17.86 22.07
N PRO CA 110 85.65 17.28 23.06
CA PRO CA 110 85.11 16.09 23.71
C PRO CA 110 83.92 16.40 24.59
N ILE CA 111 83.15 15.36 24.88
CA ILE CA 111 82.00 15.52 25.77
C ILE CA 111 82.39 15.68 27.23
N THR CA 112 83.66 15.52 27.57
CA THR CA 112 84.15 15.74 28.90
C THR CA 112 84.63 17.16 29.15
N GLN CA 113 84.55 18.04 28.17
CA GLN CA 113 85.07 19.38 28.32
C GLN CA 113 84.13 20.19 29.19
N GLY CA 114 84.72 20.91 30.14
CA GLY CA 114 83.97 21.74 31.06
C GLY CA 114 83.94 23.20 30.64
N ASP CA 115 83.57 24.04 31.59
CA ASP CA 115 83.38 25.47 31.36
C ASP CA 115 82.40 25.69 30.23
N ARG CA 116 81.32 24.93 30.25
CA ARG CA 116 80.31 25.01 29.22
C ARG CA 116 79.65 26.38 29.22
N GLY CA 117 78.91 26.64 28.14
CA GLY CA 117 78.34 27.94 27.92
C GLY CA 117 77.07 27.88 27.11
N VAL CA 118 76.55 29.06 26.78
CA VAL CA 118 75.29 29.15 26.04
C VAL CA 118 75.34 30.39 25.17
N GLY CA 119 75.05 30.20 23.88
CA GLY CA 119 75.12 31.25 22.89
C GLY CA 119 73.87 31.36 22.08
N SER CA 120 73.98 32.03 20.93
CA SER CA 120 72.82 32.33 20.11
C SER CA 120 73.25 32.48 18.66
N SER CA 121 72.42 31.97 17.76
CA SER CA 121 72.58 32.14 16.33
C SER CA 121 71.32 32.77 15.77
N ALA CA 122 71.49 33.83 14.99
CA ALA CA 122 70.38 34.58 14.42
C ALA CA 122 70.58 34.74 12.92
N VAL CA 123 69.48 35.04 12.24
CA VAL CA 123 69.43 35.15 10.79
C VAL CA 123 69.38 36.62 10.42
N ILE CA 124 70.38 37.06 9.66
CA ILE CA 124 70.61 38.48 9.37
C ILE CA 124 70.69 38.61 7.86
N LEU CA 125 69.58 39.05 7.25
CA LEU CA 125 69.42 39.02 5.81
C LEU CA 125 69.77 40.34 5.13
N ASP CA 126 70.69 41.15 5.69
CA ASP CA 126 70.89 42.50 5.19
C ASP CA 126 72.32 43.02 5.21
N ASP CA 127 73.31 42.22 5.60
CA ASP CA 127 74.70 42.60 5.51
C ASP CA 127 75.06 43.71 6.49
N ASN CA 128 74.34 43.82 7.59
CA ASN CA 128 74.69 44.71 8.69
C ASN CA 128 74.61 43.85 9.95
N PHE CA 129 75.73 43.25 10.29
CA PHE CA 129 75.88 42.41 11.45
C PHE CA 129 76.31 43.22 12.65
N VAL CA 130 76.12 42.64 13.83
CA VAL CA 130 76.76 43.18 15.01
C VAL CA 130 78.26 43.11 14.80
N THR CA 131 78.96 44.14 15.25
CA THR CA 131 80.39 44.23 15.02
C THR CA 131 81.11 43.03 15.63
N LYS CA 132 82.12 42.54 14.90
CA LYS CA 132 82.90 41.42 15.39
C LYS CA 132 83.61 41.80 16.67
N ALA CA 133 83.45 40.95 17.68
CA ALA CA 133 83.99 41.19 19.01
C ALA CA 133 84.61 39.91 19.54
N THR CA 134 85.64 40.09 20.36
CA THR CA 134 86.33 38.97 20.99
C THR CA 134 85.69 38.61 22.33
N ALA CA 135 85.47 39.59 23.20
CA ALA CA 135 84.85 39.38 24.49
C ALA CA 135 83.88 40.53 24.76
N LEU CA 136 82.65 40.37 24.32
CA LEU CA 136 81.59 41.32 24.56
C LEU CA 136 80.80 40.91 25.78
N THR CA 137 80.37 41.90 26.56
CA THR CA 137 79.77 41.67 27.87
C THR CA 137 78.34 41.19 27.81
N TYR CA 138 77.82 40.85 26.65
CA TYR CA 138 76.43 40.39 26.52
C TYR CA 138 76.30 39.66 25.21
N ASP CA 139 75.19 38.95 25.08
CA ASP CA 139 74.84 38.23 23.87
C ASP CA 139 73.93 39.12 23.03
N PRO CA 140 74.41 39.70 21.93
CA PRO CA 140 73.54 40.62 21.19
C PRO CA 140 72.40 39.93 20.47
N TYR CA 141 72.60 38.70 20.04
CA TYR CA 141 71.63 37.98 19.24
C TYR CA 141 70.62 37.22 20.09
N VAL CA 142 70.52 37.54 21.38
CA VAL CA 142 69.69 36.74 22.27
C VAL CA 142 68.22 37.10 22.14
N ASN CA 143 67.92 38.39 21.99
CA ASN CA 143 66.54 38.84 21.90
C ASN CA 143 66.02 38.87 20.47
N TYR CA 144 66.81 38.39 19.51
CA TYR CA 144 66.35 38.33 18.13
C TYR CA 144 65.27 37.29 17.97
N SER CA 145 64.30 37.61 17.11
CA SER CA 145 63.20 36.71 16.84
C SER CA 145 63.65 35.41 16.19
N SER CA 146 64.80 35.41 15.53
CA SER CA 146 65.35 34.24 14.89
C SER CA 146 66.46 33.59 15.69
N ARG CA 147 66.49 33.82 17.00
CA ARG CA 147 67.53 33.26 17.83
C ARG CA 147 67.24 31.80 18.12
N HIS CA 148 68.26 30.97 17.94
CA HIS CA 148 68.29 29.62 18.43
C HIS CA 148 69.45 29.52 19.40
N THR CA 149 69.23 28.81 20.49
CA THR CA 149 70.25 28.65 21.50
C THR CA 149 71.35 27.71 21.01
N ILE CA 150 72.58 28.10 21.26
CA ILE CA 150 73.75 27.28 20.99
C ILE CA 150 74.23 26.77 22.33
N THR CA 151 74.05 25.48 22.56
CA THR CA 151 74.74 24.81 23.65
C THR CA 151 76.18 24.55 23.23
N GLN CA 152 77.11 24.82 24.13
CA GLN CA 152 78.53 24.73 23.89
C GLN CA 152 79.16 23.80 24.90
N PRO CA 153 80.33 23.23 24.58
CA PRO CA 153 81.12 23.22 23.35
C PRO CA 153 80.93 22.00 22.48
N PHE CA 154 80.33 20.95 23.03
CA PHE CA 154 80.32 19.63 22.43
C PHE CA 154 78.97 19.26 21.84
N SER CA 155 78.20 20.25 21.41
CA SER CA 155 76.84 20.04 20.96
C SER CA 155 76.68 20.55 19.54
N TYR CA 156 75.86 19.83 18.80
CA TYR CA 156 75.59 20.13 17.40
C TYR CA 156 74.52 21.19 17.28
N HIS CA 157 74.71 22.10 16.33
CA HIS CA 157 73.80 23.21 16.07
C HIS CA 157 73.59 23.32 14.58
N SER CA 158 72.33 23.24 14.17
CA SER CA 158 71.94 23.40 12.77
C SER CA 158 71.02 24.60 12.64
N ARG CA 159 71.11 25.25 11.48
CA ARG CA 159 70.21 26.34 11.10
C ARG CA 159 69.86 26.15 9.64
N TYR CA 160 68.57 26.12 9.34
CA TYR CA 160 68.05 25.90 8.00
C TYR CA 160 67.13 27.04 7.65
N PHE CA 161 67.52 27.81 6.65
CA PHE CA 161 66.83 29.06 6.34
C PHE CA 161 67.06 29.40 4.87
N THR CA 162 66.40 30.46 4.44
CA THR CA 162 66.46 30.95 3.07
C THR CA 162 67.25 32.24 3.03
N PRO CA 163 68.44 32.28 2.45
CA PRO CA 163 69.20 33.52 2.44
C PRO CA 163 68.67 34.51 1.43
N LYS CA 164 69.30 35.69 1.38
CA LYS CA 164 68.91 36.75 0.48
C LYS CA 164 70.17 37.35 -0.11
N PRO CA 165 70.15 37.76 -1.38
CA PRO CA 165 71.34 38.36 -1.96
C PRO CA 165 71.48 39.84 -1.65
N VAL CA 166 72.72 40.29 -1.75
CA VAL CA 166 73.08 41.68 -1.48
C VAL CA 166 73.01 42.40 -2.82
N LEU CA 167 71.83 42.92 -3.13
CA LEU CA 167 71.62 43.64 -4.37
C LEU CA 167 72.07 45.09 -4.25
N ASP CA 168 71.73 45.75 -3.14
CA ASP CA 168 72.19 47.10 -2.87
C ASP CA 168 72.52 47.17 -1.39
N SER CA 169 73.82 47.26 -1.07
CA SER CA 169 74.25 47.35 0.30
C SER CA 169 73.94 48.71 0.93
N THR CA 170 73.66 49.72 0.12
CA THR CA 170 73.33 51.04 0.65
C THR CA 170 71.91 51.07 1.21
N ILE CA 171 70.98 50.41 0.54
CA ILE CA 171 69.57 50.43 0.92
C ILE CA 171 69.23 49.14 1.65
N ASP CA 172 69.86 48.05 1.26
CA ASP CA 172 69.71 46.75 1.90
C ASP CA 172 68.24 46.29 1.87
N TYR CA 173 67.76 46.06 0.66
CA TYR CA 173 66.41 45.58 0.43
C TYR CA 173 66.44 44.11 0.04
N PHE CA 174 65.41 43.38 0.45
CA PHE CA 174 65.31 41.97 0.12
C PHE CA 174 63.84 41.58 0.01
N GLN CA 175 63.64 40.47 -0.57
CA GLN CA 175 62.33 39.92 -0.84
C GLN CA 175 61.86 39.01 0.29
N PRO CA 176 60.57 38.92 0.55
CA PRO CA 176 60.09 37.87 1.44
C PRO CA 176 60.13 36.51 0.78
N ASN CA 177 59.84 35.48 1.56
CA ASN CA 177 59.96 34.11 1.08
C ASN CA 177 58.81 33.80 0.15
N ASN CA 178 59.13 33.51 -1.10
CA ASN CA 178 58.15 33.13 -2.10
C ASN CA 178 58.89 32.31 -3.14
N LYS CA 179 58.58 31.03 -3.24
CA LYS CA 179 59.30 30.18 -4.17
C LYS CA 179 59.01 30.58 -5.61
N ARG CA 180 57.82 31.10 -5.88
CA ARG CA 180 57.42 31.40 -7.25
C ARG CA 180 57.96 32.73 -7.74
N ASN CA 181 58.21 33.67 -6.83
CA ASN CA 181 58.62 35.02 -7.16
C ASN CA 181 60.08 35.31 -6.87
N GLN CA 182 60.85 34.33 -6.41
CA GLN CA 182 62.24 34.56 -6.08
C GLN CA 182 63.02 34.89 -7.33
N LEU CA 183 63.87 35.90 -7.22
CA LEU CA 183 64.65 36.38 -8.33
C LEU CA 183 65.65 35.33 -8.79
N TRP CA 184 65.87 35.30 -10.09
CA TRP CA 184 66.95 34.53 -10.70
C TRP CA 184 68.13 35.45 -10.88
N LEU CA 185 69.27 35.05 -10.34
CA LEU CA 185 70.53 35.71 -10.58
C LEU CA 185 71.28 34.98 -11.69
N ARG CA 186 72.29 35.65 -12.21
CA ARG CA 186 73.18 35.06 -13.19
C ARG CA 186 74.36 34.40 -12.49
N LEU CA 187 74.71 33.22 -12.98
CA LEU CA 187 75.91 32.52 -12.55
C LEU CA 187 77.09 33.13 -13.27
N GLN CA 188 77.71 34.11 -12.63
CA GLN CA 188 78.85 34.80 -13.21
C GLN CA 188 80.05 33.88 -13.27
N THR CA 189 81.11 34.37 -13.90
CA THR CA 189 82.32 33.58 -14.05
C THR CA 189 83.18 33.63 -12.80
N ALA CA 190 83.50 34.86 -12.31
CA ALA CA 190 84.31 34.99 -11.11
C ALA CA 190 83.87 36.16 -10.22
N GLY CA 191 82.60 36.56 -10.28
CA GLY CA 191 82.15 37.75 -9.59
C GLY CA 191 80.76 37.67 -9.00
N ASN CA 192 80.38 36.49 -8.55
CA ASN CA 192 79.03 36.30 -8.02
C ASN CA 192 78.82 37.09 -6.74
N VAL CA 193 77.57 37.35 -6.45
CA VAL CA 193 77.16 38.24 -5.37
C VAL CA 193 77.04 37.44 -4.08
N ASP CA 194 77.36 38.09 -2.97
CA ASP CA 194 77.36 37.43 -1.68
C ASP CA 194 75.95 37.33 -1.14
N HIS CA 195 75.57 36.13 -0.73
CA HIS CA 195 74.37 35.91 0.03
C HIS CA 195 74.69 35.96 1.51
N VAL CA 196 73.67 36.27 2.30
CA VAL CA 196 73.84 36.64 3.69
C VAL CA 196 72.70 36.04 4.49
N GLY CA 197 72.87 35.99 5.81
CA GLY CA 197 71.88 35.33 6.63
C GLY CA 197 72.25 34.60 7.89
N LEU CA 198 73.46 34.72 8.40
CA LEU CA 198 73.72 34.15 9.72
C LEU CA 198 74.76 34.93 10.51
N GLY CA 199 74.42 35.18 11.77
CA GLY CA 199 75.36 35.73 12.72
C GLY CA 199 75.26 34.98 14.02
N THR CA 200 76.40 34.88 14.70
CA THR CA 200 76.57 34.00 15.85
C THR CA 200 77.12 34.78 17.03
N ALA CA 201 76.94 34.19 18.21
CA ALA CA 201 77.55 34.69 19.44
C ALA CA 201 77.87 33.48 20.31
N PHE CA 202 79.15 33.22 20.50
CA PHE CA 202 79.63 32.11 21.29
C PHE CA 202 80.20 32.60 22.60
N GLU CA 203 79.85 31.92 23.68
CA GLU CA 203 80.35 32.26 25.00
C GLU CA 203 81.77 31.73 25.15
N ASN CA 204 82.67 32.61 25.55
CA ASN CA 204 84.07 32.25 25.66
C ASN CA 204 84.29 31.31 26.83
N SER CA 205 85.48 30.72 26.86
CA SER CA 205 85.81 29.68 27.82
C SER CA 205 87.31 29.68 28.08
N ILE CA 206 87.70 28.96 29.13
CA ILE CA 206 89.11 28.80 29.43
C ILE CA 206 89.80 27.94 28.40
N TYR CA 207 89.06 27.02 27.79
CA TYR CA 207 89.59 26.12 26.77
C TYR CA 207 89.16 26.59 25.38
N ASP CA 208 89.95 26.20 24.39
CA ASP CA 208 89.62 26.53 23.01
C ASP CA 208 88.46 25.68 22.52
N GLN CA 209 87.51 26.33 21.86
CA GLN CA 209 86.32 25.67 21.31
C GLN CA 209 86.44 25.69 19.79
N GLU CA 210 86.68 24.54 19.20
CA GLU CA 210 86.82 24.39 17.76
C GLU CA 210 85.56 23.77 17.18
N TYR CA 211 85.29 24.12 15.93
CA TYR CA 211 84.14 23.62 15.19
C TYR CA 211 84.53 23.40 13.75
N ASN CA 212 83.92 22.40 13.14
CA ASN CA 212 84.00 22.15 11.70
C ASN CA 212 82.63 22.50 11.13
N ILE CA 213 82.57 23.60 10.37
CA ILE CA 213 81.31 24.12 9.89
C ILE CA 213 81.10 23.63 8.47
N ARG CA 214 79.97 22.97 8.24
CA ARG CA 214 79.59 22.44 6.94
C ARG CA 214 78.37 23.20 6.46
N VAL CA 215 78.54 24.00 5.42
CA VAL CA 215 77.46 24.74 4.80
C VAL CA 215 77.02 23.97 3.58
N THR CA 216 75.70 23.78 3.46
CA THR CA 216 75.08 23.11 2.34
C THR CA 216 74.06 24.06 1.75
N MET CA 217 74.25 24.40 0.48
CA MET CA 217 73.33 25.26 -0.25
C MET CA 217 72.49 24.44 -1.20
N TYR CA 218 71.18 24.62 -1.11
CA TYR CA 218 70.23 23.98 -1.99
C TYR CA 218 69.83 24.98 -3.07
N VAL CA 219 70.34 24.76 -4.28
CA VAL CA 219 70.26 25.72 -5.36
C VAL CA 219 69.33 25.20 -6.44
N GLN CA 220 68.97 26.09 -7.35
CA GLN CA 220 68.06 25.80 -8.45
C GLN CA 220 68.59 26.56 -9.65
N PHE CA 221 69.02 25.83 -10.67
CA PHE CA 221 69.58 26.40 -11.87
C PHE CA 221 68.55 26.42 -12.99
N ARG CA 222 68.92 27.07 -14.09
CA ARG CA 222 68.02 27.26 -15.21
C ARG CA 222 68.85 27.46 -16.47
N GLU CA 223 68.29 27.03 -17.60
CA GLU CA 223 68.84 27.26 -18.93
C GLU CA 223 70.22 26.62 -19.09
N PHE CA 224 70.20 25.30 -19.13
CA PHE CA 224 71.31 24.47 -19.57
C PHE CA 224 71.96 25.06 -20.81
N ASN CA 225 73.25 25.36 -20.72
CA ASN CA 225 73.95 26.12 -21.74
C ASN CA 225 75.28 25.50 -22.10
N LEU CA 226 75.31 24.19 -22.23
CA LEU CA 226 76.55 23.52 -22.57
C LEU CA 226 76.99 23.90 -23.97
N LYS CA 227 78.30 24.05 -24.15
CA LYS CA 227 78.90 24.38 -25.42
C LYS CA 227 79.84 23.26 -25.84
N ASP CA 228 79.66 22.76 -27.06
CA ASP CA 228 80.35 21.58 -27.55
C ASP CA 228 81.08 21.94 -28.84
N PRO CA 229 82.28 22.49 -28.75
CA PRO CA 229 83.08 22.70 -29.93
C PRO CA 229 83.66 21.39 -30.43
N PRO CA 230 84.19 21.37 -31.66
CA PRO CA 230 84.88 20.16 -32.11
C PRO CA 230 86.20 19.93 -31.41
N LEU CA 231 86.89 18.87 -31.79
CA LEU CA 231 88.15 18.49 -31.17
C LEU CA 231 89.15 17.99 -32.20
N GLY DA 43 46.81 48.94 23.31
CA GLY DA 43 47.86 48.52 22.39
C GLY DA 43 48.77 47.46 22.97
N ILE DA 44 48.30 46.22 22.89
CA ILE DA 44 48.97 45.12 23.54
C ILE DA 44 50.16 44.67 22.71
N PHE DA 45 51.22 44.25 23.39
CA PHE DA 45 52.39 43.69 22.76
C PHE DA 45 53.00 42.69 23.73
N ASN DA 46 52.76 41.41 23.47
CA ASN DA 46 53.39 40.35 24.23
C ASN DA 46 54.75 40.04 23.63
N THR DA 47 55.78 40.05 24.48
CA THR DA 47 57.12 39.74 24.05
C THR DA 47 57.82 38.92 25.13
N ARG DA 48 59.14 38.80 24.99
CA ARG DA 48 59.96 37.93 25.82
C ARG DA 48 61.30 38.61 26.05
N LEU DA 49 61.68 38.74 27.31
CA LEU DA 49 62.91 39.38 27.73
C LEU DA 49 63.71 38.43 28.57
N SER DA 50 65.01 38.38 28.34
CA SER DA 50 65.90 37.44 28.99
C SER DA 50 67.08 38.17 29.63
N ARG DA 51 67.82 37.41 30.42
CA ARG DA 51 68.91 37.88 31.26
C ARG DA 51 69.62 36.66 31.79
N THR DA 52 70.94 36.74 31.87
CA THR DA 52 71.78 35.62 32.27
C THR DA 52 72.78 36.07 33.32
N PHE DA 53 72.98 35.22 34.31
CA PHE DA 53 73.90 35.52 35.41
C PHE DA 53 74.30 34.21 36.07
N GLY DA 54 75.30 34.31 36.94
CA GLY DA 54 75.88 33.15 37.58
C GLY DA 54 75.49 32.94 39.03
N TYR DA 55 75.60 31.70 39.48
CA TYR DA 55 75.36 31.31 40.86
C TYR DA 55 76.25 30.12 41.17
N THR DA 56 76.96 30.20 42.29
CA THR DA 56 77.89 29.17 42.70
C THR DA 56 77.58 28.75 44.13
N ILE DA 57 77.65 27.44 44.36
CA ILE DA 57 77.55 26.84 45.68
C ILE DA 57 78.96 26.39 46.03
N LYS DA 58 79.60 27.13 46.92
CA LYS DA 58 80.97 26.84 47.29
C LYS DA 58 81.07 25.51 48.03
N ARG DA 59 82.27 24.96 48.03
CA ARG DA 59 82.54 23.69 48.66
C ARG DA 59 82.54 23.81 50.18
N THR DA 60 82.37 22.67 50.84
CA THR DA 60 82.37 22.59 52.29
C THR DA 60 83.05 21.30 52.72
N THR DA 61 83.88 21.39 53.76
CA THR DA 61 84.48 20.22 54.38
C THR DA 61 83.51 19.47 55.29
N VAL DA 62 82.31 20.00 55.51
CA VAL DA 62 81.33 19.35 56.36
C VAL DA 62 80.98 17.98 55.79
N LYS DA 63 80.90 16.98 56.67
CA LYS DA 63 80.64 15.62 56.26
C LYS DA 63 79.16 15.35 56.06
N THR DA 64 78.33 15.94 56.90
CA THR DA 64 76.91 15.68 56.87
C THR DA 64 76.28 16.17 55.57
N PRO DA 65 75.07 15.73 55.27
CA PRO DA 65 74.32 16.36 54.18
C PRO DA 65 73.71 17.67 54.66
N SER DA 66 74.28 18.77 54.21
CA SER DA 66 73.76 20.10 54.47
C SER DA 66 73.35 20.76 53.17
N TRP DA 67 72.46 21.73 53.28
CA TRP DA 67 71.92 22.43 52.13
C TRP DA 67 72.22 23.92 52.22
N ALA DA 68 72.38 24.51 51.04
CA ALA DA 68 72.63 25.93 50.89
C ALA DA 68 71.37 26.59 50.36
N VAL DA 69 70.86 27.54 51.11
CA VAL DA 69 69.59 28.19 50.82
C VAL DA 69 69.86 29.57 50.26
N ASP DA 70 69.07 29.97 49.28
CA ASP DA 70 69.17 31.28 48.67
C ASP DA 70 67.84 31.64 48.06
N MET DA 71 67.70 32.91 47.71
CA MET DA 71 66.47 33.47 47.19
C MET DA 71 66.69 34.02 45.79
N MET DA 72 65.59 34.35 45.13
CA MET DA 72 65.62 34.85 43.76
C MET DA 72 64.41 35.73 43.53
N ARG DA 73 64.65 37.02 43.31
CA ARG DA 73 63.64 37.99 42.93
C ARG DA 73 63.80 38.35 41.46
N PHE DA 74 62.79 39.02 40.91
CA PHE DA 74 62.77 39.41 39.52
C PHE DA 74 62.30 40.86 39.41
N ASN DA 75 63.11 41.69 38.78
CA ASN DA 75 62.75 43.08 38.50
C ASN DA 75 62.96 43.35 37.02
N ILE DA 76 62.13 44.25 36.49
CA ILE DA 76 62.16 44.55 35.06
C ILE DA 76 63.27 45.52 34.68
N ASN DA 77 63.89 46.18 35.64
CA ASN DA 77 65.03 47.03 35.32
C ASN DA 77 66.21 46.22 34.83
N ASP DA 78 66.34 44.98 35.30
CA ASP DA 78 67.43 44.11 34.90
C ASP DA 78 67.23 43.50 33.53
N PHE DA 79 66.03 43.59 32.97
CA PHE DA 79 65.72 43.07 31.65
C PHE DA 79 65.50 44.16 30.62
N LEU DA 80 65.00 45.31 31.04
CA LEU DA 80 64.66 46.43 30.17
C LEU DA 80 65.57 47.61 30.47
N PRO DA 81 66.50 48.00 29.60
CA PRO DA 81 67.40 49.08 29.94
C PRO DA 81 66.70 50.43 29.82
N PRO DA 82 67.35 51.49 30.27
CA PRO DA 82 66.81 52.82 30.03
C PRO DA 82 66.94 53.21 28.56
N GLY DA 83 65.99 54.00 28.10
CA GLY DA 83 65.98 54.43 26.72
C GLY DA 83 66.85 55.63 26.47
N GLY DA 84 66.37 56.52 25.63
CA GLY DA 84 67.11 57.73 25.32
C GLY DA 84 66.21 58.83 24.79
N GLY DA 85 66.38 60.03 25.34
CA GLY DA 85 65.61 61.17 24.93
C GLY DA 85 64.30 61.27 25.65
N SER DA 86 63.26 61.65 24.91
CA SER DA 86 61.93 61.81 25.49
C SER DA 86 61.30 60.49 25.88
N ASN DA 87 61.83 59.37 25.36
CA ASN DA 87 61.36 58.06 25.74
C ASN DA 87 62.23 57.53 26.88
N PRO DA 88 61.72 57.42 28.11
CA PRO DA 88 62.60 57.05 29.21
C PRO DA 88 63.06 55.61 29.18
N ARG DA 89 62.32 54.74 28.50
CA ARG DA 89 62.64 53.32 28.41
C ARG DA 89 62.80 52.91 26.96
N SER DA 90 63.44 51.76 26.76
CA SER DA 90 63.79 51.30 25.43
C SER DA 90 62.62 50.64 24.72
N VAL DA 91 61.66 50.14 25.46
CA VAL DA 91 60.41 49.61 24.90
C VAL DA 91 59.34 50.67 25.11
N PRO DA 92 58.84 51.33 24.06
CA PRO DA 92 57.98 52.50 24.28
C PRO DA 92 56.53 52.15 24.63
N PHE DA 93 56.33 51.79 25.89
CA PHE DA 93 55.02 51.49 26.41
C PHE DA 93 54.91 52.06 27.81
N GLU DA 94 53.67 52.21 28.27
CA GLU DA 94 53.37 52.81 29.56
C GLU DA 94 53.20 51.78 30.65
N TYR DA 95 52.38 50.77 30.42
CA TYR DA 95 52.00 49.79 31.42
C TYR DA 95 52.59 48.44 31.08
N TYR DA 96 52.65 47.57 32.08
CA TYR DA 96 53.15 46.22 31.90
C TYR DA 96 52.55 45.32 32.97
N ARG DA 97 52.63 44.03 32.71
CA ARG DA 97 52.31 43.03 33.71
C ARG DA 97 52.99 41.73 33.31
N ILE DA 98 53.72 41.14 34.25
CA ILE DA 98 54.51 39.95 33.97
C ILE DA 98 53.59 38.75 34.02
N ARG DA 99 53.54 38.00 32.93
CA ARG DA 99 52.67 36.86 32.79
C ARG DA 99 53.31 35.58 33.32
N LYS DA 100 54.56 35.33 32.94
CA LYS DA 100 55.27 34.12 33.31
C LYS DA 100 56.74 34.43 33.42
N VAL DA 101 57.45 33.56 34.14
CA VAL DA 101 58.90 33.58 34.20
C VAL DA 101 59.39 32.15 34.06
N LYS DA 102 60.50 32.00 33.34
CA LYS DA 102 61.19 30.72 33.16
C LYS DA 102 62.59 30.89 33.70
N VAL DA 103 62.86 30.26 34.84
CA VAL DA 103 64.19 30.20 35.40
C VAL DA 103 64.83 28.90 34.98
N GLU DA 104 66.00 28.99 34.36
CA GLU DA 104 66.73 27.85 33.84
C GLU DA 104 68.08 27.80 34.54
N PHE DA 105 68.34 26.74 35.27
CA PHE DA 105 69.65 26.47 35.85
C PHE DA 105 70.43 25.64 34.86
N TRP DA 106 71.27 26.31 34.09
CA TRP DA 106 72.14 25.63 33.16
C TRP DA 106 73.43 25.25 33.86
N PRO DA 107 73.78 23.97 33.97
CA PRO DA 107 74.97 23.61 34.73
C PRO DA 107 76.25 24.03 34.04
N CYS DA 108 77.27 24.19 34.87
CA CYS DA 108 78.62 24.48 34.44
C CYS DA 108 79.60 23.35 34.73
N SER DA 109 79.12 22.26 35.28
CA SER DA 109 79.95 21.20 35.81
C SER DA 109 79.91 19.99 34.89
N PRO DA 110 80.99 19.22 34.83
CA PRO DA 110 81.02 18.07 33.93
C PRO DA 110 80.14 16.94 34.44
N ILE DA 111 79.79 16.05 33.51
CA ILE DA 111 78.99 14.89 33.87
C ILE DA 111 79.77 13.83 34.63
N THR DA 112 81.08 14.00 34.77
CA THR DA 112 81.92 13.10 35.55
C THR DA 112 82.07 13.54 36.99
N GLN DA 113 81.45 14.64 37.40
CA GLN DA 113 81.64 15.15 38.75
C GLN DA 113 80.86 14.29 39.72
N GLY DA 114 81.52 13.93 40.82
CA GLY DA 114 80.92 13.12 41.85
C GLY DA 114 80.40 13.93 43.01
N ASP DA 115 80.14 13.22 44.11
CA ASP DA 115 79.54 13.81 45.30
C ASP DA 115 78.21 14.47 44.95
N ARG DA 116 77.43 13.78 44.14
CA ARG DA 116 76.16 14.29 43.69
C ARG DA 116 75.20 14.47 44.87
N GLY DA 117 74.13 15.20 44.60
CA GLY DA 117 73.19 15.57 45.63
C GLY DA 117 71.79 15.75 45.12
N VAL DA 118 70.90 16.21 45.99
CA VAL DA 118 69.50 16.38 45.65
C VAL DA 118 68.96 17.55 46.44
N GLY DA 119 68.32 18.47 45.72
CA GLY DA 119 67.80 19.69 46.30
C GLY DA 119 66.36 19.94 45.94
N SER DA 120 65.93 21.18 46.11
CA SER DA 120 64.53 21.52 45.93
C SER DA 120 64.41 22.99 45.56
N SER DA 121 63.49 23.27 44.64
CA SER DA 121 63.13 24.62 44.25
C SER DA 121 61.64 24.81 44.45
N ALA DA 122 61.27 25.88 45.14
CA ALA DA 122 59.89 26.18 45.46
C ALA DA 122 59.54 27.59 45.06
N VAL DA 123 58.25 27.84 44.93
CA VAL DA 123 57.71 29.10 44.46
C VAL DA 123 57.17 29.88 45.66
N ILE DA 124 57.72 31.07 45.87
CA ILE DA 124 57.47 31.87 47.07
C ILE DA 124 57.02 33.24 46.62
N LEU DA 125 55.71 33.46 46.65
CA LEU DA 125 55.10 34.64 46.04
C LEU DA 125 54.87 35.79 47.02
N ASP DA 126 55.68 35.92 48.08
CA ASP DA 126 55.36 36.86 49.14
C ASP DA 126 56.54 37.58 49.79
N ASP DA 127 57.77 37.37 49.32
CA ASP DA 127 58.91 38.12 49.79
C ASP DA 127 59.28 37.79 51.23
N ASN DA 128 58.94 36.58 51.69
CA ASN DA 128 59.40 36.06 52.96
C ASN DA 128 59.94 34.67 52.67
N PHE DA 129 61.23 34.63 52.37
CA PHE DA 129 61.96 33.42 52.08
C PHE DA 129 62.52 32.82 53.35
N VAL DA 130 62.88 31.54 53.26
CA VAL DA 130 63.71 30.95 54.29
C VAL DA 130 65.04 31.70 54.30
N THR DA 131 65.56 31.92 55.51
CA THR DA 131 66.76 32.72 55.66
C THR DA 131 67.91 32.09 54.89
N LYS DA 132 68.72 32.95 54.28
CA LYS DA 132 69.88 32.49 53.53
C LYS DA 132 70.85 31.78 54.46
N ALA DA 133 71.25 30.58 54.06
CA ALA DA 133 72.10 29.73 54.87
C ALA DA 133 73.17 29.10 53.99
N THR DA 134 74.32 28.86 54.59
CA THR DA 134 75.44 28.23 53.90
C THR DA 134 75.38 26.71 54.02
N ALA DA 135 75.21 26.20 55.22
CA ALA DA 135 75.13 24.76 55.47
C ALA DA 135 74.03 24.52 56.51
N LEU DA 136 72.81 24.37 56.04
CA LEU DA 136 71.67 24.05 56.89
C LEU DA 136 71.46 22.54 56.91
N THR DA 137 71.07 22.02 58.07
CA THR DA 137 71.01 20.59 58.31
C THR DA 137 69.80 19.91 57.67
N TYR DA 138 69.03 20.61 56.85
CA TYR DA 138 67.86 20.02 56.23
C TYR DA 138 67.48 20.86 55.02
N ASP DA 139 66.61 20.30 54.19
CA ASP DA 139 66.08 20.97 53.03
C ASP DA 139 64.76 21.62 53.40
N PRO DA 140 64.69 22.95 53.55
CA PRO DA 140 63.43 23.54 54.01
C PRO DA 140 62.34 23.48 52.97
N TYR DA 141 62.69 23.55 51.69
CA TYR DA 141 61.73 23.61 50.62
C TYR DA 141 61.28 22.24 50.14
N VAL DA 142 61.51 21.19 50.93
CA VAL DA 142 61.26 19.83 50.46
C VAL DA 142 59.78 19.49 50.56
N ASN DA 143 59.13 19.91 51.64
CA ASN DA 143 57.73 19.59 51.85
C ASN DA 143 56.79 20.63 51.26
N TYR DA 144 57.32 21.61 50.55
CA TYR DA 144 56.47 22.60 49.90
C TYR DA 144 55.69 21.98 48.76
N SER DA 145 54.46 22.44 48.60
CA SER DA 145 53.59 21.94 47.55
C SER DA 145 54.11 22.26 46.16
N SER DA 146 54.95 23.28 46.04
CA SER DA 146 55.54 23.68 44.77
C SER DA 146 56.98 23.22 44.63
N ARG DA 147 57.37 22.17 45.34
CA ARG DA 147 58.73 21.69 45.28
C ARG DA 147 58.93 20.85 44.04
N HIS DA 148 60.01 21.15 43.33
CA HIS DA 148 60.55 20.31 42.27
C HIS DA 148 61.94 19.90 42.70
N THR DA 149 62.27 18.64 42.47
CA THR DA 149 63.58 18.13 42.83
C THR DA 149 64.64 18.68 41.90
N ILE DA 150 65.75 19.09 42.50
CA ILE DA 150 66.95 19.52 41.78
C ILE DA 150 67.94 18.38 41.90
N THR DA 151 68.18 17.69 40.79
CA THR DA 151 69.34 16.82 40.69
C THR DA 151 70.57 17.67 40.45
N GLN DA 152 71.64 17.34 41.16
CA GLN DA 152 72.88 18.09 41.14
C GLN DA 152 74.03 17.17 40.76
N PRO DA 153 75.13 17.71 40.25
CA PRO DA 153 75.46 19.08 39.84
C PRO DA 153 75.32 19.37 38.36
N PHE DA 154 75.22 18.32 37.55
CA PHE DA 154 75.34 18.42 36.12
C PHE DA 154 74.01 18.27 35.40
N SER DA 155 72.92 18.64 36.04
CA SER DA 155 71.59 18.44 35.51
C SER DA 155 70.85 19.75 35.40
N TYR DA 156 70.04 19.85 34.36
CA TYR DA 156 69.27 21.03 34.06
C TYR DA 156 67.98 21.06 34.85
N HIS DA 157 67.62 22.24 35.34
CA HIS DA 157 66.43 22.46 36.14
C HIS DA 157 65.72 23.70 35.63
N SER DA 158 64.46 23.54 35.25
CA SER DA 158 63.62 24.63 34.81
C SER DA 158 62.43 24.77 35.74
N ARG DA 159 61.97 26.00 35.89
CA ARG DA 159 60.76 26.32 36.63
C ARG DA 159 60.01 27.38 35.85
N TYR DA 160 58.75 27.12 35.56
CA TYR DA 160 57.89 28.00 34.76
C TYR DA 160 56.64 28.30 35.57
N PHE DA 161 56.48 29.56 35.93
CA PHE DA 161 55.44 29.96 36.86
C PHE DA 161 55.08 31.42 36.62
N THR DA 162 54.07 31.88 37.33
CA THR DA 162 53.56 33.24 37.25
C THR DA 162 53.94 34.00 38.51
N PRO DA 163 54.83 34.98 38.46
CA PRO DA 163 55.21 35.68 39.67
C PRO DA 163 54.14 36.66 40.12
N LYS DA 164 54.40 37.32 41.24
CA LYS DA 164 53.49 38.29 41.81
C LYS DA 164 54.29 39.50 42.27
N PRO DA 165 53.76 40.70 42.15
CA PRO DA 165 54.50 41.88 42.60
C PRO DA 165 54.36 42.13 44.09
N VAL DA 166 55.35 42.85 44.61
CA VAL DA 166 55.40 43.21 46.02
C VAL DA 166 54.72 44.57 46.15
N LEU DA 167 53.41 44.53 46.36
CA LEU DA 167 52.62 45.75 46.51
C LEU DA 167 52.72 46.29 47.93
N ASP DA 168 52.60 45.41 48.92
CA ASP DA 168 52.76 45.79 50.33
C ASP DA 168 53.53 44.67 51.01
N SER DA 169 54.78 44.94 51.37
CA SER DA 169 55.60 43.96 52.04
C SER DA 169 55.18 43.73 53.48
N THR DA 170 54.40 44.64 54.06
CA THR DA 170 53.94 44.47 55.42
C THR DA 170 52.82 43.44 55.52
N ILE DA 171 51.91 43.44 54.54
CA ILE DA 171 50.75 42.57 54.54
C ILE DA 171 51.01 41.39 53.62
N ASP DA 172 51.74 41.63 52.54
CA ASP DA 172 52.13 40.59 51.59
C ASP DA 172 50.91 39.90 50.99
N TYR DA 173 50.13 40.67 50.25
CA TYR DA 173 48.95 40.17 49.56
C TYR DA 173 49.22 40.06 48.08
N PHE DA 174 48.60 39.07 47.44
CA PHE DA 174 48.77 38.84 46.02
C PHE DA 174 47.49 38.24 45.45
N GLN DA 175 47.40 38.30 44.20
CA GLN DA 175 46.26 37.84 43.44
C GLN DA 175 46.43 36.39 43.00
N PRO DA 176 45.35 35.64 42.86
CA PRO DA 176 45.47 34.35 42.20
C PRO DA 176 45.64 34.49 40.70
N ASN DA 177 45.88 33.37 40.04
CA ASN DA 177 46.19 33.40 38.62
C ASN DA 177 44.91 33.64 37.83
N ASN DA 178 44.88 34.76 37.12
CA ASN DA 178 43.76 35.10 36.26
C ASN DA 178 44.31 36.03 35.19
N LYS DA 179 44.32 35.57 33.95
CA LYS DA 179 44.89 36.39 32.90
C LYS DA 179 44.06 37.64 32.65
N ARG DA 180 42.76 37.57 32.89
CA ARG DA 180 41.87 38.69 32.58
C ARG DA 180 41.86 39.75 33.67
N ASN DA 181 42.15 39.37 34.90
CA ASN DA 181 42.07 40.26 36.05
C ASN DA 181 43.42 40.66 36.60
N GLN DA 182 44.52 40.26 35.97
CA GLN DA 182 45.84 40.60 36.47
C GLN DA 182 46.07 42.10 36.37
N LEU DA 183 46.61 42.65 37.44
CA LEU DA 183 46.85 44.08 37.53
C LEU DA 183 47.88 44.53 36.51
N TRP DA 184 47.66 45.72 35.99
CA TRP DA 184 48.63 46.43 35.18
C TRP DA 184 49.44 47.35 36.08
N LEU DA 185 50.75 47.21 36.05
CA LEU DA 185 51.65 48.12 36.71
C LEU DA 185 52.16 49.13 35.70
N ARG DA 186 52.75 50.20 36.22
CA ARG DA 186 53.39 51.20 35.39
C ARG DA 186 54.85 50.86 35.20
N LEU DA 187 55.31 51.04 33.98
CA LEU DA 187 56.72 50.91 33.64
C LEU DA 187 57.41 52.20 34.05
N GLN DA 188 57.93 52.21 35.26
CA GLN DA 188 58.60 53.37 35.80
C GLN DA 188 59.92 53.60 35.07
N THR DA 189 60.55 54.73 35.39
CA THR DA 189 61.81 55.09 34.75
C THR DA 189 62.98 54.36 35.40
N ALA DA 190 63.12 54.46 36.73
CA ALA DA 190 64.21 53.78 37.43
C ALA DA 190 63.81 53.22 38.79
N GLY DA 191 62.52 52.91 38.99
CA GLY DA 191 62.03 52.52 40.29
C GLY DA 191 60.99 51.43 40.30
N ASN DA 192 61.08 50.51 39.34
CA ASN DA 192 60.08 49.47 39.22
C ASN DA 192 60.10 48.53 40.43
N VAL DA 193 58.97 47.88 40.64
CA VAL DA 193 58.74 47.06 41.82
C VAL DA 193 59.24 45.65 41.58
N ASP DA 194 59.73 45.03 42.65
CA ASP DA 194 60.32 43.71 42.55
C ASP DA 194 59.23 42.66 42.51
N HIS DA 195 59.32 41.77 41.53
CA HIS DA 195 58.52 40.56 41.50
C HIS DA 195 59.29 39.44 42.16
N VAL DA 196 58.53 38.45 42.63
CA VAL DA 196 59.05 37.44 43.53
C VAL DA 196 58.42 36.11 43.17
N GLY DA 197 59.02 35.03 43.67
CA GLY DA 197 58.54 33.72 43.27
C GLY DA 197 59.47 32.55 43.14
N LEU DA 198 60.72 32.62 43.59
CA LEU DA 198 61.53 31.41 43.62
C LEU DA 198 62.53 31.39 44.76
N GLY DA 199 62.56 30.26 45.45
CA GLY DA 199 63.58 29.98 46.43
C GLY DA 199 64.11 28.58 46.24
N THR DA 200 65.39 28.41 46.55
CA THR DA 200 66.14 27.20 46.22
C THR DA 200 66.84 26.65 47.46
N ALA DA 201 67.19 25.38 47.36
CA ALA DA 201 68.02 24.72 48.36
C ALA DA 201 68.90 23.71 47.65
N PHE DA 202 70.19 23.97 47.62
CA PHE DA 202 71.17 23.12 46.97
C PHE DA 202 71.98 22.38 48.01
N GLU DA 203 72.19 21.09 47.77
CA GLU DA 203 72.99 20.27 48.65
C GLU DA 203 74.47 20.54 48.40
N ASN DA 204 75.19 20.82 49.46
CA ASN DA 204 76.60 21.16 49.34
C ASN DA 204 77.42 19.94 48.97
N SER DA 205 78.67 20.19 48.57
CA SER DA 205 79.53 19.17 48.04
C SER DA 205 80.98 19.54 48.31
N ILE DA 206 81.87 18.56 48.11
CA ILE DA 206 83.29 18.79 48.24
C ILE DA 206 83.80 19.69 47.13
N TYR DA 207 83.16 19.63 45.97
CA TYR DA 207 83.54 20.43 44.81
C TYR DA 207 82.59 21.61 44.65
N ASP DA 208 83.08 22.64 43.98
CA ASP DA 208 82.26 23.80 43.71
C ASP DA 208 81.26 23.49 42.61
N GLN DA 209 80.01 23.89 42.82
CA GLN DA 209 78.91 23.69 41.88
C GLN DA 209 78.52 25.04 41.31
N GLU DA 210 78.86 25.28 40.05
CA GLU DA 210 78.54 26.53 39.37
C GLU DA 210 77.37 26.33 38.43
N TYR DA 211 76.62 27.42 38.24
CA TYR DA 211 75.46 27.43 37.36
C TYR DA 211 75.41 28.76 36.63
N ASN DA 212 74.90 28.73 35.40
CA ASN DA 212 74.57 29.92 34.63
C ASN DA 212 73.06 29.99 34.57
N ILE DA 213 72.47 30.95 35.26
CA ILE DA 213 71.04 31.05 35.41
C ILE DA 213 70.51 32.03 34.38
N ARG DA 214 69.57 31.56 33.56
CA ARG DA 214 68.94 32.36 32.51
C ARG DA 214 67.48 32.53 32.88
N VAL DA 215 67.10 33.75 33.22
CA VAL DA 215 65.72 34.11 33.53
C VAL DA 215 65.12 34.73 32.29
N THR DA 216 63.94 34.25 31.93
CA THR DA 216 63.18 34.75 30.80
C THR DA 216 61.82 35.17 31.32
N MET DA 217 61.49 36.45 31.16
CA MET DA 217 60.20 36.98 31.55
C MET DA 217 59.33 37.20 30.33
N TYR DA 218 58.12 36.67 30.38
CA TYR DA 218 57.13 36.85 29.33
C TYR DA 218 56.17 37.95 29.79
N VAL DA 219 56.29 39.11 29.16
CA VAL DA 219 55.62 40.31 29.62
C VAL DA 219 54.56 40.71 28.61
N GLN DA 220 53.71 41.64 29.02
CA GLN DA 220 52.61 42.14 28.22
C GLN DA 220 52.50 43.61 28.50
N PHE DA 221 52.76 44.42 27.49
CA PHE DA 221 52.72 45.86 27.60
C PHE DA 221 51.42 46.43 27.07
N ARG DA 222 51.23 47.74 27.27
CA ARG DA 222 50.00 48.41 26.89
C ARG DA 222 50.29 49.88 26.68
N GLU DA 223 49.53 50.49 25.78
CA GLU DA 223 49.55 51.93 25.52
C GLU DA 223 50.92 52.41 25.04
N PHE DA 224 51.22 52.00 23.81
CA PHE DA 224 52.29 52.57 23.01
C PHE DA 224 52.34 54.07 23.14
N ASN DA 225 53.47 54.60 23.59
CA ASN DA 225 53.59 56.00 23.97
C ASN DA 225 54.84 56.64 23.42
N LEU DA 226 55.15 56.34 22.17
CA LEU DA 226 56.34 56.91 21.57
C LEU DA 226 56.19 58.42 21.43
N LYS DA 227 57.30 59.12 21.63
CA LYS DA 227 57.35 60.57 21.49
C LYS DA 227 58.35 60.94 20.42
N ASP DA 228 57.92 61.75 19.47
CA ASP DA 228 58.69 62.08 18.28
C ASP DA 228 58.85 63.59 18.18
N PRO DA 229 59.83 64.16 18.86
CA PRO DA 229 60.12 65.56 18.68
C PRO DA 229 60.83 65.81 17.36
N PRO DA 230 60.91 67.06 16.92
CA PRO DA 230 61.70 67.34 15.71
C PRO DA 230 63.19 67.17 15.93
N LEU DA 231 63.97 67.45 14.89
CA LEU DA 231 65.42 67.28 14.93
C LEU DA 231 66.13 68.40 14.18
N GLY EA 43 -38.00 -26.93 -54.84
CA GLY EA 43 -38.72 -25.69 -55.09
C GLY EA 43 -40.00 -25.58 -54.32
N ILE EA 44 -39.89 -25.18 -53.06
CA ILE EA 44 -41.01 -25.17 -52.14
C ILE EA 44 -41.88 -23.96 -52.39
N PHE EA 45 -43.18 -24.15 -52.23
CA PHE EA 45 -44.16 -23.07 -52.31
C PHE EA 45 -45.30 -23.41 -51.38
N ASN EA 46 -45.32 -22.77 -50.23
CA ASN EA 46 -46.43 -22.89 -49.30
C ASN EA 46 -47.52 -21.91 -49.69
N THR EA 47 -48.74 -22.41 -49.84
CA THR EA 47 -49.88 -21.57 -50.16
C THR EA 47 -51.10 -22.06 -49.39
N ARG EA 48 -52.26 -21.56 -49.80
CA ARG EA 48 -53.52 -21.76 -49.10
C ARG EA 48 -54.62 -21.88 -50.13
N LEU EA 49 -55.38 -22.96 -50.03
CA LEU EA 49 -56.48 -23.26 -50.95
C LEU EA 49 -57.74 -23.46 -50.15
N SER EA 50 -58.84 -22.91 -50.65
CA SER EA 50 -60.12 -22.91 -49.95
C SER EA 50 -61.22 -23.46 -50.86
N ARG EA 51 -62.36 -23.69 -50.23
CA ARG EA 51 -63.51 -24.35 -50.83
C ARG EA 51 -64.67 -24.19 -49.85
N THR EA 52 -65.85 -23.96 -50.38
CA THR EA 52 -67.03 -23.68 -49.57
C THR EA 52 -68.19 -24.54 -50.05
N PHE EA 53 -68.95 -25.07 -49.10
CA PHE EA 53 -70.09 -25.92 -49.40
C PHE EA 53 -71.02 -25.92 -48.20
N GLY EA 54 -72.21 -26.48 -48.41
CA GLY EA 54 -73.26 -26.48 -47.42
C GLY EA 54 -73.47 -27.80 -46.69
N TYR EA 55 -74.05 -27.70 -45.50
CA TYR EA 55 -74.43 -28.85 -44.71
C TYR EA 55 -75.65 -28.46 -43.88
N THR EA 56 -76.67 -29.31 -43.91
CA THR EA 56 -77.91 -29.06 -43.20
C THR EA 56 -78.26 -30.25 -42.32
N ILE EA 57 -78.73 -29.96 -41.13
CA ILE EA 57 -79.27 -30.93 -40.20
C ILE EA 57 -80.78 -30.73 -40.22
N LYS EA 58 -81.49 -31.64 -40.86
CA LYS EA 58 -82.92 -31.52 -41.01
C LYS EA 58 -83.62 -31.66 -39.66
N ARG EA 59 -84.84 -31.14 -39.61
CA ARG EA 59 -85.64 -31.16 -38.40
C ARG EA 59 -86.15 -32.57 -38.09
N THR EA 60 -86.51 -32.78 -36.83
CA THR EA 60 -87.07 -34.04 -36.37
C THR EA 60 -88.16 -33.77 -35.35
N THR EA 61 -89.25 -34.53 -35.45
CA THR EA 61 -90.31 -34.50 -34.45
C THR EA 61 -89.97 -35.27 -33.19
N VAL EA 62 -88.83 -35.97 -33.17
CA VAL EA 62 -88.42 -36.73 -32.00
C VAL EA 62 -88.26 -35.80 -30.81
N LYS EA 63 -88.76 -36.24 -29.66
CA LYS EA 63 -88.72 -35.42 -28.45
C LYS EA 63 -87.40 -35.52 -27.73
N THR EA 64 -86.79 -36.70 -27.72
CA THR EA 64 -85.58 -36.93 -26.99
C THR EA 64 -84.42 -36.11 -27.55
N PRO EA 65 -83.32 -35.98 -26.80
CA PRO EA 65 -82.12 -35.44 -27.39
C PRO EA 65 -81.41 -36.50 -28.20
N SER EA 66 -81.47 -36.37 -29.52
CA SER EA 66 -80.76 -37.23 -30.44
C SER EA 66 -79.76 -36.41 -31.23
N TRP EA 67 -78.74 -37.10 -31.74
CA TRP EA 67 -77.67 -36.47 -32.48
C TRP EA 67 -77.58 -37.02 -33.89
N ALA EA 68 -77.16 -36.15 -34.80
CA ALA EA 68 -76.97 -36.48 -36.20
C ALA EA 68 -75.47 -36.58 -36.48
N VAL EA 69 -75.04 -37.74 -36.94
CA VAL EA 69 -73.64 -38.03 -37.14
C VAL EA 69 -73.33 -37.98 -38.61
N ASP EA 70 -72.16 -37.44 -38.95
CA ASP EA 70 -71.70 -37.38 -40.32
C ASP EA 70 -70.19 -37.29 -40.31
N MET EA 71 -69.62 -37.49 -41.49
CA MET EA 71 -68.18 -37.55 -41.70
C MET EA 71 -67.74 -36.44 -42.65
N MET EA 72 -66.42 -36.25 -42.71
CA MET EA 72 -65.84 -35.21 -43.54
C MET EA 72 -64.44 -35.63 -43.96
N ARG EA 73 -64.24 -35.86 -45.24
CA ARG EA 73 -62.95 -36.13 -45.85
C ARG EA 73 -62.49 -34.91 -46.63
N PHE EA 74 -61.21 -34.93 -47.01
CA PHE EA 74 -60.58 -33.84 -47.74
C PHE EA 74 -59.76 -34.41 -48.87
N ASN EA 75 -60.04 -33.95 -50.09
CA ASN EA 75 -59.27 -34.30 -51.27
C ASN EA 75 -58.85 -33.03 -51.99
N ILE EA 76 -57.69 -33.11 -52.64
CA ILE EA 76 -57.12 -31.93 -53.29
C ILE EA 76 -57.74 -31.66 -54.66
N ASN EA 77 -58.47 -32.62 -55.22
CA ASN EA 77 -59.15 -32.36 -56.48
C ASN EA 77 -60.24 -31.32 -56.32
N ASP EA 78 -60.85 -31.26 -55.13
CA ASP EA 78 -61.90 -30.30 -54.86
C ASP EA 78 -61.39 -28.90 -54.62
N PHE EA 79 -60.09 -28.73 -54.40
CA PHE EA 79 -59.47 -27.44 -54.20
C PHE EA 79 -58.63 -26.99 -55.36
N LEU EA 80 -58.02 -27.91 -56.09
CA LEU EA 80 -57.13 -27.63 -57.20
C LEU EA 80 -57.76 -28.12 -58.51
N PRO EA 81 -58.17 -27.25 -59.42
CA PRO EA 81 -58.83 -27.73 -60.62
C PRO EA 81 -57.81 -28.29 -61.60
N PRO EA 82 -58.28 -28.93 -62.67
CA PRO EA 82 -57.36 -29.35 -63.72
C PRO EA 82 -56.87 -28.16 -64.52
N GLY EA 83 -55.64 -28.28 -65.00
CA GLY EA 83 -55.03 -27.20 -65.74
C GLY EA 83 -55.42 -27.22 -67.20
N GLY EA 84 -54.46 -26.91 -68.06
CA GLY EA 84 -54.69 -26.89 -69.48
C GLY EA 84 -53.43 -27.08 -70.28
N GLY EA 85 -53.48 -27.96 -71.27
CA GLY EA 85 -52.34 -28.21 -72.11
C GLY EA 85 -51.38 -29.23 -71.53
N SER EA 86 -50.09 -28.96 -71.69
CA SER EA 86 -49.07 -29.88 -71.21
C SER EA 86 -48.98 -29.89 -69.68
N ASN EA 87 -49.55 -28.89 -69.02
CA ASN EA 87 -49.60 -28.85 -67.57
C ASN EA 87 -50.92 -29.45 -67.11
N PRO EA 88 -50.94 -30.63 -66.51
CA PRO EA 88 -52.23 -31.26 -66.19
C PRO EA 88 -52.99 -30.57 -65.08
N ARG EA 89 -52.31 -29.83 -64.21
CA ARG EA 89 -52.92 -29.14 -63.09
C ARG EA 89 -52.65 -27.65 -63.18
N SER EA 90 -53.44 -26.89 -62.44
CA SER EA 90 -53.40 -25.43 -62.52
C SER EA 90 -52.26 -24.85 -61.70
N VAL EA 91 -51.78 -25.57 -60.69
CA VAL EA 91 -50.60 -25.19 -59.92
C VAL EA 91 -49.44 -26.04 -60.43
N PRO EA 92 -48.45 -25.47 -61.12
CA PRO EA 92 -47.46 -26.32 -61.78
C PRO EA 92 -46.38 -26.86 -60.86
N PHE EA 93 -46.74 -27.90 -60.12
CA PHE EA 93 -45.82 -28.59 -59.23
C PHE EA 93 -46.08 -30.08 -59.32
N GLU EA 94 -45.10 -30.86 -58.90
CA GLU EA 94 -45.14 -32.31 -58.97
C GLU EA 94 -45.65 -32.95 -57.69
N TYR EA 95 -45.09 -32.57 -56.56
CA TYR EA 95 -45.37 -33.19 -55.28
C TYR EA 95 -46.11 -32.23 -54.37
N TYR EA 96 -46.75 -32.79 -53.35
CA TYR EA 96 -47.47 -32.00 -52.38
C TYR EA 96 -47.54 -32.77 -51.07
N ARG EA 97 -47.86 -32.03 -50.02
CA ARG EA 97 -48.18 -32.63 -48.73
C ARG EA 97 -48.98 -31.62 -47.95
N ILE EA 98 -50.12 -32.05 -47.42
CA ILE EA 98 -51.03 -31.16 -46.72
C ILE EA 98 -50.54 -31.00 -45.30
N ARG EA 99 -50.29 -29.75 -44.91
CA ARG EA 99 -49.76 -29.42 -43.60
C ARG EA 99 -50.85 -29.26 -42.56
N LYS EA 100 -51.89 -28.51 -42.88
CA LYS EA 100 -52.97 -28.22 -41.96
C LYS EA 100 -54.26 -28.06 -42.74
N VAL EA 101 -55.37 -28.20 -42.04
CA VAL EA 101 -56.70 -27.89 -42.57
C VAL EA 101 -57.45 -27.10 -41.50
N LYS EA 102 -58.23 -26.14 -41.97
CA LYS EA 102 -59.10 -25.32 -41.13
C LYS EA 102 -60.51 -25.51 -41.64
N VAL EA 103 -61.32 -26.22 -40.87
CA VAL EA 103 -62.73 -26.38 -41.15
C VAL EA 103 -63.48 -25.35 -40.33
N GLU EA 104 -64.29 -24.54 -41.00
CA GLU EA 104 -65.06 -23.47 -40.38
C GLU EA 104 -66.53 -23.73 -40.65
N PHE EA 105 -67.29 -23.92 -39.59
CA PHE EA 105 -68.75 -24.01 -39.67
C PHE EA 105 -69.30 -22.61 -39.48
N TRP EA 106 -69.62 -21.97 -40.59
CA TRP EA 106 -70.22 -20.66 -40.55
C TRP EA 106 -71.74 -20.82 -40.49
N PRO EA 107 -72.41 -20.35 -39.45
CA PRO EA 107 -73.85 -20.60 -39.35
C PRO EA 107 -74.64 -19.83 -40.38
N CYS EA 108 -75.82 -20.37 -40.65
CA CYS EA 108 -76.80 -19.75 -41.53
C CYS EA 108 -78.06 -19.34 -40.80
N SER EA 109 -78.12 -19.55 -39.50
CA SER EA 109 -79.33 -19.42 -38.71
C SER EA 109 -79.27 -18.15 -37.87
N PRO EA 110 -80.41 -17.54 -37.59
CA PRO EA 110 -80.40 -16.31 -36.81
C PRO EA 110 -80.09 -16.55 -35.35
N ILE EA 111 -79.66 -15.48 -34.68
CA ILE EA 111 -79.38 -15.57 -33.27
C ILE EA 111 -80.62 -15.66 -32.40
N THR EA 112 -81.81 -15.51 -32.99
CA THR EA 112 -83.07 -15.66 -32.27
C THR EA 112 -83.61 -17.08 -32.32
N GLN EA 113 -82.92 -18.01 -32.97
CA GLN EA 113 -83.44 -19.35 -33.13
C GLN EA 113 -83.31 -20.11 -31.82
N GLY EA 114 -84.39 -20.79 -31.43
CA GLY EA 114 -84.43 -21.55 -30.22
C GLY EA 114 -84.16 -23.01 -30.43
N ASP EA 115 -84.52 -23.80 -29.42
CA ASP EA 115 -84.26 -25.23 -29.41
C ASP EA 115 -82.78 -25.51 -29.61
N ARG EA 116 -81.95 -24.72 -28.93
CA ARG EA 116 -80.52 -24.83 -29.06
C ARG EA 116 -80.04 -26.19 -28.54
N GLY EA 117 -78.80 -26.49 -28.87
CA GLY EA 117 -78.23 -27.79 -28.59
C GLY EA 117 -76.74 -27.75 -28.37
N VAL EA 118 -76.14 -28.92 -28.23
CA VAL EA 118 -74.72 -29.03 -27.96
C VAL EA 118 -74.21 -30.31 -28.59
N GLY EA 119 -73.15 -30.18 -29.38
CA GLY EA 119 -72.57 -31.27 -30.13
C GLY EA 119 -71.09 -31.42 -29.92
N SER EA 120 -70.45 -32.13 -30.83
CA SER EA 120 -69.04 -32.45 -30.67
C SER EA 120 -68.42 -32.70 -32.04
N SER EA 121 -67.20 -32.21 -32.21
CA SER EA 121 -66.39 -32.45 -33.39
C SER EA 121 -65.08 -33.09 -32.96
N ALA EA 122 -64.72 -34.20 -33.60
CA ALA EA 122 -63.52 -34.94 -33.27
C ALA EA 122 -62.70 -35.18 -34.53
N VAL EA 123 -61.43 -35.50 -34.31
CA VAL EA 123 -60.44 -35.68 -35.37
C VAL EA 123 -60.20 -37.17 -35.53
N ILE EA 124 -60.47 -37.67 -36.74
CA ILE EA 124 -60.47 -39.11 -37.04
C ILE EA 124 -59.55 -39.33 -38.22
N LEU EA 125 -58.33 -39.76 -37.94
CA LEU EA 125 -57.27 -39.81 -38.92
C LEU EA 125 -57.11 -41.17 -39.60
N ASP EA 126 -58.19 -41.97 -39.72
CA ASP EA 126 -58.04 -43.35 -40.17
C ASP EA 126 -59.15 -43.89 -41.06
N ASP EA 127 -60.14 -43.10 -41.44
CA ASP EA 127 -61.15 -43.51 -42.41
C ASP EA 127 -62.08 -44.58 -41.84
N ASN EA 128 -62.24 -44.61 -40.52
CA ASN EA 128 -63.25 -45.44 -39.88
C ASN EA 128 -63.98 -44.52 -38.92
N PHE EA 129 -65.05 -43.92 -39.43
CA PHE EA 129 -65.90 -43.02 -38.70
C PHE EA 129 -67.02 -43.80 -38.02
N VAL EA 130 -67.64 -43.15 -37.03
CA VAL EA 130 -68.91 -43.64 -36.52
C VAL EA 130 -69.90 -43.60 -37.67
N THR EA 131 -70.75 -44.62 -37.73
CA THR EA 131 -71.69 -44.76 -38.83
C THR EA 131 -72.60 -43.54 -38.91
N LYS EA 132 -72.88 -43.12 -40.13
CA LYS EA 132 -73.77 -41.98 -40.33
C LYS EA 132 -75.15 -42.31 -39.81
N ALA EA 133 -75.69 -41.41 -38.99
CA ALA EA 133 -76.95 -41.59 -38.32
C ALA EA 133 -77.75 -40.30 -38.39
N THR EA 134 -79.07 -40.45 -38.43
CA THR EA 134 -79.99 -39.32 -38.46
C THR EA 134 -80.36 -38.87 -37.06
N ALA EA 135 -80.78 -39.82 -36.20
CA ALA EA 135 -81.15 -39.51 -34.82
C ALA EA 135 -80.60 -40.64 -33.94
N LEU EA 136 -79.38 -40.47 -33.48
CA LEU EA 136 -78.75 -41.38 -32.55
C LEU EA 136 -78.94 -40.89 -31.13
N THR EA 137 -79.15 -41.83 -30.21
CA THR EA 137 -79.54 -41.53 -28.83
C THR EA 137 -78.41 -41.01 -27.97
N TYR EA 138 -77.24 -40.73 -28.53
CA TYR EA 138 -76.11 -40.25 -27.76
C TYR EA 138 -75.13 -39.58 -28.69
N ASP EA 139 -74.19 -38.85 -28.10
CA ASP EA 139 -73.12 -38.19 -28.83
C ASP EA 139 -71.90 -39.11 -28.83
N PRO EA 140 -71.56 -39.76 -29.94
CA PRO EA 140 -70.44 -40.69 -29.89
C PRO EA 140 -69.10 -40.02 -29.72
N TYR EA 141 -68.95 -38.81 -30.25
CA TYR EA 141 -67.68 -38.11 -30.26
C TYR EA 141 -67.45 -37.29 -29.00
N VAL EA 142 -68.21 -37.55 -27.93
CA VAL EA 142 -68.16 -36.69 -26.77
C VAL EA 142 -66.96 -37.02 -25.89
N ASN EA 143 -66.65 -38.30 -25.73
CA ASN EA 143 -65.56 -38.73 -24.88
C ASN EA 143 -64.24 -38.82 -25.63
N TYR EA 144 -64.20 -38.42 -26.89
CA TYR EA 144 -62.96 -38.43 -27.64
C TYR EA 144 -62.00 -37.37 -27.12
N SER EA 145 -60.72 -37.72 -27.11
CA SER EA 145 -59.69 -36.80 -26.64
C SER EA 145 -59.59 -35.55 -27.50
N SER EA 146 -60.03 -35.61 -28.75
CA SER EA 146 -60.01 -34.47 -29.65
C SER EA 146 -61.36 -33.81 -29.81
N ARG EA 147 -62.23 -33.97 -28.82
CA ARG EA 147 -63.56 -33.40 -28.90
C ARG EA 147 -63.50 -31.92 -28.57
N HIS EA 148 -64.14 -31.12 -29.41
CA HIS EA 148 -64.46 -29.74 -29.13
C HIS EA 148 -65.97 -29.62 -29.17
N THR EA 149 -66.51 -28.86 -28.22
CA THR EA 149 -67.94 -28.66 -28.14
C THR EA 149 -68.42 -27.77 -29.27
N ILE EA 150 -69.53 -28.17 -29.88
CA ILE EA 150 -70.22 -27.38 -30.88
C ILE EA 150 -71.46 -26.82 -30.20
N THR EA 151 -71.45 -25.52 -29.97
CA THR EA 151 -72.68 -24.81 -29.64
C THR EA 151 -73.48 -24.59 -30.91
N GLN EA 152 -74.77 -24.84 -30.81
CA GLN EA 152 -75.70 -24.80 -31.94
C GLN EA 152 -76.81 -23.82 -31.63
N PRO EA 153 -77.50 -23.29 -32.66
CA PRO EA 153 -77.28 -23.36 -34.10
C PRO EA 153 -76.54 -22.18 -34.70
N PHE EA 154 -76.44 -21.09 -33.96
CA PHE EA 154 -76.00 -19.81 -34.47
C PHE EA 154 -74.59 -19.45 -34.06
N SER EA 155 -73.75 -20.44 -33.83
CA SER EA 155 -72.42 -20.22 -33.30
C SER EA 155 -71.38 -20.80 -34.23
N TYR EA 156 -70.25 -20.12 -34.30
CA TYR EA 156 -69.15 -20.47 -35.17
C TYR EA 156 -68.27 -21.52 -34.50
N HIS EA 157 -67.82 -22.48 -35.30
CA HIS EA 157 -66.99 -23.58 -34.85
C HIS EA 157 -65.85 -23.77 -35.83
N SER EA 158 -64.63 -23.68 -35.34
CA SER EA 158 -63.43 -23.91 -36.12
C SER EA 158 -62.66 -25.10 -35.57
N ARG EA 159 -61.98 -25.80 -36.47
CA ARG EA 159 -61.08 -26.89 -36.10
C ARG EA 159 -59.86 -26.77 -37.00
N TYR EA 160 -58.69 -26.74 -36.38
CA TYR EA 160 -57.41 -26.56 -37.06
C TYR EA 160 -56.51 -27.71 -36.67
N PHE EA 161 -56.16 -28.54 -37.65
CA PHE EA 161 -55.46 -29.78 -37.36
C PHE EA 161 -54.69 -30.20 -38.61
N THR EA 162 -53.92 -31.27 -38.45
CA THR EA 162 -53.08 -31.83 -39.49
C THR EA 162 -53.68 -33.14 -39.97
N PRO EA 163 -54.21 -33.23 -41.19
CA PRO EA 163 -54.80 -34.50 -41.63
C PRO EA 163 -53.76 -35.52 -42.00
N LYS EA 164 -54.22 -36.71 -42.37
CA LYS EA 164 -53.37 -37.81 -42.75
C LYS EA 164 -53.95 -38.47 -43.99
N PRO EA 165 -53.11 -38.94 -44.90
CA PRO EA 165 -53.64 -39.60 -46.10
C PRO EA 165 -53.98 -41.05 -45.88
N VAL EA 166 -54.87 -41.54 -46.73
CA VAL EA 166 -55.34 -42.91 -46.69
C VAL EA 166 -54.42 -43.71 -47.62
N LEU EA 167 -53.33 -44.21 -47.06
CA LEU EA 167 -52.38 -45.00 -47.82
C LEU EA 167 -52.83 -46.45 -47.95
N ASP EA 168 -53.31 -47.03 -46.86
CA ASP EA 168 -53.86 -48.39 -46.88
C ASP EA 168 -55.07 -48.39 -45.97
N SER EA 169 -56.26 -48.49 -46.56
CA SER EA 169 -57.49 -48.52 -45.80
C SER EA 169 -57.69 -49.83 -45.06
N THR EA 170 -56.97 -50.88 -45.43
CA THR EA 170 -57.08 -52.16 -44.74
C THR EA 170 -56.38 -52.13 -43.39
N ILE EA 171 -55.21 -51.49 -43.32
CA ILE EA 171 -54.40 -51.45 -42.12
C ILE EA 171 -54.59 -50.13 -41.41
N ASP EA 172 -54.80 -49.07 -42.19
CA ASP EA 172 -55.07 -47.73 -41.67
C ASP EA 172 -53.94 -47.26 -40.76
N TYR EA 173 -52.78 -47.08 -41.37
CA TYR EA 173 -51.59 -46.57 -40.68
C TYR EA 173 -51.34 -45.13 -41.09
N PHE EA 174 -50.81 -44.36 -40.15
CA PHE EA 174 -50.50 -42.96 -40.39
C PHE EA 174 -49.30 -42.55 -39.54
N GLN EA 175 -48.76 -41.46 -39.90
CA GLN EA 175 -47.57 -40.90 -39.29
C GLN EA 175 -47.95 -39.93 -38.18
N PRO EA 176 -47.12 -39.80 -37.15
CA PRO EA 176 -47.31 -38.70 -36.22
C PRO EA 176 -46.89 -37.37 -36.81
N ASN EA 177 -47.16 -36.29 -36.09
CA ASN EA 177 -46.92 -34.96 -36.60
C ASN EA 177 -45.42 -34.67 -36.57
N ASN EA 178 -44.86 -34.46 -37.74
CA ASN EA 178 -43.45 -34.11 -37.88
C ASN EA 178 -43.32 -33.36 -39.20
N LYS EA 179 -42.99 -32.07 -39.12
CA LYS EA 179 -42.92 -31.31 -40.35
C LYS EA 179 -41.77 -31.75 -41.23
N ARG EA 180 -40.71 -32.28 -40.63
CA ARG EA 180 -39.52 -32.63 -41.40
C ARG EA 180 -39.63 -34.00 -42.04
N ASN EA 181 -40.43 -34.89 -41.47
CA ASN EA 181 -40.55 -36.27 -41.92
C ASN EA 181 -41.85 -36.57 -42.63
N GLN EA 182 -42.71 -35.58 -42.83
CA GLN EA 182 -43.98 -35.82 -43.48
C GLN EA 182 -43.77 -36.23 -44.93
N LEU EA 183 -44.51 -37.26 -45.33
CA LEU EA 183 -44.38 -37.81 -46.66
C LEU EA 183 -44.82 -36.81 -47.71
N TRP EA 184 -44.14 -36.84 -48.85
CA TRP EA 184 -44.55 -36.13 -50.04
C TRP EA 184 -45.35 -37.08 -50.91
N LEU EA 185 -46.55 -36.68 -51.26
CA LEU EA 185 -47.37 -37.38 -52.23
C LEU EA 185 -47.20 -36.73 -53.59
N ARG EA 186 -47.64 -37.44 -54.61
CA ARG EA 186 -47.66 -36.92 -55.96
C ARG EA 186 -49.00 -36.25 -56.24
N LEU EA 187 -48.93 -35.11 -56.91
CA LEU EA 187 -50.11 -34.40 -57.39
C LEU EA 187 -50.54 -35.07 -58.68
N GLN EA 188 -51.44 -36.03 -58.54
CA GLN EA 188 -51.94 -36.78 -59.68
C GLN EA 188 -52.80 -35.88 -60.56
N THR EA 189 -53.19 -36.43 -61.71
CA THR EA 189 -54.00 -35.67 -62.65
C THR EA 189 -55.48 -35.68 -62.26
N ALA EA 190 -56.06 -36.88 -62.04
CA ALA EA 190 -57.46 -36.98 -61.64
C ALA EA 190 -57.72 -38.08 -60.62
N GLY EA 191 -56.73 -38.46 -59.83
CA GLY EA 191 -56.85 -39.60 -58.94
C GLY EA 191 -56.20 -39.46 -57.59
N ASN EA 192 -56.17 -38.25 -57.07
CA ASN EA 192 -55.49 -38.00 -55.81
C ASN EA 192 -56.18 -38.73 -54.66
N VAL EA 193 -55.42 -38.95 -53.60
CA VAL EA 193 -55.84 -39.76 -52.47
C VAL EA 193 -56.57 -38.89 -51.46
N ASP EA 194 -57.55 -39.50 -50.79
CA ASP EA 194 -58.38 -38.77 -49.86
C ASP EA 194 -57.66 -38.62 -48.53
N HIS EA 195 -57.61 -37.39 -48.04
CA HIS EA 195 -57.19 -37.12 -46.68
C HIS EA 195 -58.40 -37.08 -45.77
N VAL EA 196 -58.14 -37.33 -44.49
CA VAL EA 196 -59.20 -37.63 -43.54
C VAL EA 196 -58.84 -36.97 -42.21
N GLY EA 197 -59.82 -36.85 -41.33
CA GLY EA 197 -59.59 -36.14 -40.10
C GLY EA 197 -60.68 -35.35 -39.42
N LEU EA 198 -61.95 -35.46 -39.82
CA LEU EA 198 -62.99 -34.83 -39.03
C LEU EA 198 -64.30 -35.58 -39.06
N GLY EA 199 -64.87 -35.77 -37.87
CA GLY EA 199 -66.21 -36.29 -37.74
C GLY EA 199 -66.98 -35.46 -36.73
N THR EA 200 -68.28 -35.35 -36.97
CA THR EA 200 -69.13 -34.42 -36.24
C THR EA 200 -70.34 -35.15 -35.67
N ALA EA 201 -70.96 -34.50 -34.70
CA ALA EA 201 -72.23 -34.94 -34.13
C ALA EA 201 -73.01 -33.70 -33.75
N PHE EA 202 -74.10 -33.46 -34.45
CA PHE EA 202 -74.96 -32.31 -34.23
C PHE EA 202 -76.26 -32.76 -33.58
N GLU EA 203 -76.68 -32.01 -32.57
CA GLU EA 203 -77.94 -32.29 -31.89
C GLU EA 203 -79.10 -31.79 -32.72
N ASN EA 204 -80.06 -32.66 -32.96
CA ASN EA 204 -81.18 -32.33 -33.80
C ASN EA 204 -82.10 -31.33 -33.12
N SER EA 205 -83.01 -30.77 -33.89
CA SER EA 205 -83.87 -29.68 -33.44
C SER EA 205 -85.17 -29.71 -34.22
N ILE EA 206 -86.14 -28.93 -33.73
CA ILE EA 206 -87.41 -28.79 -34.42
C ILE EA 206 -87.23 -27.99 -35.70
N TYR EA 207 -86.26 -27.09 -35.73
CA TYR EA 207 -85.98 -26.26 -36.88
C TYR EA 207 -84.76 -26.80 -37.63
N ASP EA 208 -84.71 -26.47 -38.92
CA ASP EA 208 -83.57 -26.86 -39.73
C ASP EA 208 -82.35 -26.02 -39.39
N GLN EA 209 -81.21 -26.67 -39.23
CA GLN EA 209 -79.94 -26.03 -38.91
C GLN EA 209 -79.04 -26.13 -40.14
N GLU EA 210 -78.82 -25.00 -40.81
CA GLU EA 210 -77.98 -24.94 -41.99
C GLU EA 210 -76.64 -24.32 -41.65
N TYR EA 211 -75.62 -24.74 -42.39
CA TYR EA 211 -74.26 -24.26 -42.23
C TYR EA 211 -73.61 -24.12 -43.59
N ASN EA 212 -72.73 -23.12 -43.71
CA ASN EA 212 -71.85 -22.96 -44.85
C ASN EA 212 -70.44 -23.31 -44.39
N ILE EA 213 -69.93 -24.44 -44.85
CA ILE EA 213 -68.67 -24.98 -44.37
C ILE EA 213 -67.57 -24.56 -45.34
N ARG EA 214 -66.56 -23.88 -44.81
CA ARG EA 214 -65.41 -23.40 -45.57
C ARG EA 214 -64.18 -24.17 -45.09
N VAL EA 215 -63.66 -25.02 -45.95
CA VAL EA 215 -62.44 -25.77 -45.68
C VAL EA 215 -61.30 -25.06 -46.35
N THR EA 216 -60.22 -24.84 -45.61
CA THR EA 216 -59.01 -24.21 -46.08
C THR EA 216 -57.86 -25.17 -45.82
N MET EA 217 -57.19 -25.59 -46.88
CA MET EA 217 -56.03 -26.46 -46.79
C MET EA 217 -54.75 -25.67 -47.00
N TYR EA 218 -53.83 -25.83 -46.07
CA TYR EA 218 -52.51 -25.21 -46.15
C TYR EA 218 -51.54 -26.26 -46.67
N VAL EA 219 -51.12 -26.11 -47.91
CA VAL EA 219 -50.38 -27.14 -48.63
C VAL EA 219 -48.96 -26.64 -48.86
N GLN EA 220 -48.12 -27.58 -49.27
CA GLN EA 220 -46.70 -27.32 -49.53
C GLN EA 220 -46.33 -28.15 -50.74
N PHE EA 221 -45.99 -27.49 -51.82
CA PHE EA 221 -45.63 -28.13 -53.08
C PHE EA 221 -44.13 -28.19 -53.25
N ARG EA 222 -43.70 -28.90 -54.28
CA ARG EA 222 -42.29 -29.13 -54.55
C ARG EA 222 -42.09 -29.42 -56.02
N GLU EA 223 -40.94 -29.02 -56.54
CA GLU EA 223 -40.48 -29.34 -57.89
C GLU EA 223 -41.42 -28.74 -58.94
N PHE EA 224 -41.35 -27.42 -59.02
CA PHE EA 224 -41.89 -26.64 -60.13
C PHE EA 224 -41.58 -27.30 -61.46
N ASN EA 225 -42.63 -27.62 -62.22
CA ASN EA 225 -42.51 -28.47 -63.41
C ASN EA 225 -43.28 -27.88 -64.57
N LEU EA 226 -43.19 -26.58 -64.76
CA LEU EA 226 -43.89 -25.96 -65.87
C LEU EA 226 -43.33 -26.42 -67.20
N LYS EA 227 -44.21 -26.60 -68.17
CA LYS EA 227 -43.84 -27.01 -69.52
C LYS EA 227 -44.25 -25.93 -70.49
N ASP EA 228 -43.32 -25.49 -71.32
CA ASP EA 228 -43.50 -24.35 -72.21
C ASP EA 228 -43.22 -24.79 -73.65
N PRO EA 229 -44.20 -25.37 -74.33
CA PRO EA 229 -44.04 -25.65 -75.74
C PRO EA 229 -44.13 -24.39 -76.57
N PRO EA 230 -43.73 -24.44 -77.84
CA PRO EA 230 -43.93 -23.27 -78.70
C PRO EA 230 -45.39 -23.02 -79.03
N LEU EA 231 -45.64 -22.00 -79.83
CA LEU EA 231 -47.01 -21.62 -80.20
C LEU EA 231 -47.08 -21.18 -81.66
N GLY FA 43 -51.52 -49.13 -10.62
CA GLY FA 43 -51.71 -48.78 -12.01
C GLY FA 43 -52.74 -47.69 -12.23
N ILE FA 44 -52.33 -46.46 -12.04
CA ILE FA 44 -53.23 -45.33 -12.05
C ILE FA 44 -53.57 -44.95 -13.48
N PHE FA 45 -54.82 -44.52 -13.67
CA PHE FA 45 -55.28 -44.00 -14.96
C PHE FA 45 -56.35 -42.97 -14.67
N ASN FA 46 -55.98 -41.71 -14.77
CA ASN FA 46 -56.93 -40.61 -14.67
C ASN FA 46 -57.56 -40.37 -16.01
N THR FA 47 -58.89 -40.36 -16.05
CA THR FA 47 -59.62 -40.09 -17.27
C THR FA 47 -60.84 -39.23 -16.95
N ARG FA 48 -61.74 -39.14 -17.93
CA ARG FA 48 -62.88 -38.25 -17.89
C ARG FA 48 -64.06 -38.94 -18.56
N LEU FA 49 -65.18 -39.01 -17.84
CA LEU FA 49 -66.39 -39.66 -18.31
C LEU FA 49 -67.53 -38.67 -18.23
N SER FA 50 -68.37 -38.66 -19.26
CA SER FA 50 -69.45 -37.71 -19.41
C SER FA 50 -70.77 -38.42 -19.65
N ARG FA 51 -71.83 -37.63 -19.59
CA ARG FA 51 -73.21 -38.09 -19.64
C ARG FA 51 -74.08 -36.86 -19.77
N THR FA 52 -75.13 -36.96 -20.57
CA THR FA 52 -76.00 -35.83 -20.88
C THR FA 52 -77.45 -36.25 -20.72
N PHE FA 53 -78.24 -35.36 -20.12
CA PHE FA 53 -79.66 -35.61 -19.90
C PHE FA 53 -80.37 -34.28 -19.73
N GLY FA 54 -81.69 -34.35 -19.72
CA GLY FA 54 -82.53 -33.17 -19.67
C GLY FA 54 -83.17 -32.88 -18.34
N TYR FA 55 -83.53 -31.61 -18.14
CA TYR FA 55 -84.24 -31.16 -16.96
C TYR FA 55 -85.10 -29.97 -17.36
N THR FA 56 -86.36 -30.01 -16.99
CA THR FA 56 -87.32 -28.96 -17.33
C THR FA 56 -88.01 -28.47 -16.07
N ILE FA 57 -88.18 -27.16 -16.01
CA ILE FA 57 -88.95 -26.48 -14.98
C ILE FA 57 -90.25 -26.05 -15.66
N LYS FA 58 -91.33 -26.74 -15.37
CA LYS FA 58 -92.61 -26.46 -16.00
C LYS FA 58 -93.14 -25.11 -15.58
N ARG FA 59 -94.03 -24.58 -16.40
CA ARG FA 59 -94.63 -23.28 -16.16
C ARG FA 59 -95.63 -23.33 -15.01
N THR FA 60 -95.91 -22.15 -14.45
CA THR FA 60 -96.86 -21.99 -13.37
C THR FA 60 -97.63 -20.69 -13.56
N THR FA 61 -98.93 -20.75 -13.30
CA THR FA 61 -99.77 -19.56 -13.28
C THR FA 61 -99.61 -18.75 -12.01
N VAL FA 62 -98.86 -19.25 -11.02
CA VAL FA 62 -98.66 -18.53 -9.77
C VAL FA 62 -98.00 -17.18 -10.05
N LYS FA 63 -98.51 -16.14 -9.39
CA LYS FA 63 -98.02 -14.79 -9.60
C LYS FA 63 -96.76 -14.50 -8.79
N THR FA 64 -96.69 -15.04 -7.57
CA THR FA 64 -95.59 -14.76 -6.69
C THR FA 64 -94.28 -15.30 -7.24
N PRO FA 65 -93.14 -14.86 -6.68
CA PRO FA 65 -91.89 -15.53 -6.98
C PRO FA 65 -91.76 -16.79 -6.16
N SER FA 66 -91.91 -17.93 -6.82
CA SER FA 66 -91.73 -19.23 -6.22
C SER FA 66 -90.58 -19.95 -6.89
N TRP FA 67 -89.99 -20.89 -6.17
CA TRP FA 67 -88.84 -21.64 -6.65
C TRP FA 67 -89.15 -23.12 -6.71
N ALA FA 68 -88.52 -23.79 -7.67
CA ALA FA 68 -88.63 -25.22 -7.88
C ALA FA 68 -87.35 -25.87 -7.42
N VAL FA 69 -87.47 -26.78 -6.47
CA VAL FA 69 -86.33 -27.42 -5.82
C VAL FA 69 -86.20 -28.83 -6.35
N ASP FA 70 -84.97 -29.26 -6.55
CA ASP FA 70 -84.68 -30.61 -7.01
C ASP FA 70 -83.27 -30.97 -6.58
N MET FA 71 -82.97 -32.24 -6.69
CA MET FA 71 -81.70 -32.83 -6.25
C MET FA 71 -80.96 -33.44 -7.43
N MET FA 72 -79.70 -33.78 -7.18
CA MET FA 72 -78.85 -34.36 -8.21
C MET FA 72 -77.79 -35.22 -7.55
N ARG FA 73 -77.86 -36.52 -7.80
CA ARG FA 73 -76.86 -37.49 -7.39
C ARG FA 73 -76.03 -37.93 -8.58
N PHE FA 74 -74.93 -38.61 -8.29
CA PHE FA 74 -74.00 -39.08 -9.31
C PHE FA 74 -73.61 -40.51 -9.00
N ASN FA 75 -73.82 -41.40 -9.97
CA ASN FA 75 -73.40 -42.79 -9.88
C ASN FA 75 -72.58 -43.14 -11.12
N ILE FA 76 -71.64 -44.05 -10.93
CA ILE FA 76 -70.73 -44.42 -12.01
C ILE FA 76 -71.33 -45.42 -12.97
N ASN FA 77 -72.45 -46.06 -12.62
CA ASN FA 77 -73.11 -46.95 -13.57
C ASN FA 77 -73.66 -46.18 -14.76
N ASP FA 78 -74.05 -44.92 -14.54
CA ASP FA 78 -74.59 -44.09 -15.60
C ASP FA 78 -73.53 -43.56 -16.54
N PHE FA 79 -72.27 -43.64 -16.17
CA PHE FA 79 -71.16 -43.19 -17.00
C PHE FA 79 -70.34 -44.33 -17.57
N LEU FA 80 -70.26 -45.45 -16.86
CA LEU FA 80 -69.46 -46.60 -17.25
C LEU FA 80 -70.36 -47.78 -17.55
N PRO FA 81 -70.50 -48.23 -18.79
CA PRO FA 81 -71.42 -49.31 -19.07
C PRO FA 81 -70.85 -50.64 -18.64
N PRO FA 82 -71.64 -51.71 -18.66
CA PRO FA 82 -71.10 -53.04 -18.42
C PRO FA 82 -70.26 -53.50 -19.60
N GLY FA 83 -69.25 -54.29 -19.28
CA GLY FA 83 -68.34 -54.79 -20.30
C GLY FA 83 -68.87 -56.01 -20.99
N GLY FA 84 -67.97 -56.94 -21.27
CA GLY FA 84 -68.34 -58.18 -21.93
C GLY FA 84 -67.36 -59.29 -21.68
N GLY FA 85 -67.86 -60.46 -21.32
CA GLY FA 85 -67.03 -61.61 -21.06
C GLY FA 85 -66.50 -61.65 -19.65
N SER FA 86 -65.24 -62.05 -19.51
CA SER FA 86 -64.63 -62.15 -18.20
C SER FA 86 -64.37 -60.79 -17.56
N ASN FA 87 -64.42 -59.72 -18.35
CA ASN FA 87 -64.28 -58.37 -17.83
C ASN FA 87 -65.66 -57.81 -17.56
N PRO FA 88 -66.10 -57.63 -16.31
CA PRO FA 88 -67.48 -57.22 -16.08
C PRO FA 88 -67.76 -55.79 -16.47
N ARG FA 89 -66.75 -54.93 -16.54
CA ARG FA 89 -66.91 -53.53 -16.90
C ARG FA 89 -66.07 -53.20 -18.12
N SER FA 90 -66.40 -52.07 -18.74
CA SER FA 90 -65.78 -51.69 -20.00
C SER FA 90 -64.42 -51.05 -19.81
N VAL FA 91 -64.16 -50.48 -18.64
CA VAL FA 91 -62.84 -49.96 -18.27
C VAL FA 91 -62.19 -51.00 -17.35
N PRO FA 92 -61.15 -51.70 -17.80
CA PRO FA 92 -60.67 -52.83 -17.00
C PRO FA 92 -59.79 -52.44 -15.82
N PHE FA 93 -60.45 -52.01 -14.75
CA PHE FA 93 -59.80 -51.65 -13.51
C PHE FA 93 -60.64 -52.15 -12.35
N GLU FA 94 -60.01 -52.26 -11.19
CA GLU FA 94 -60.64 -52.79 -9.98
C GLU FA 94 -61.22 -51.69 -9.10
N TYR FA 95 -60.42 -50.68 -8.80
CA TYR FA 95 -60.77 -49.65 -7.85
C TYR FA 95 -60.96 -48.32 -8.56
N TYR FA 96 -61.65 -47.41 -7.88
CA TYR FA 96 -61.88 -46.08 -8.42
C TYR FA 96 -62.10 -45.12 -7.27
N ARG FA 97 -61.97 -43.84 -7.58
CA ARG FA 97 -62.36 -42.78 -6.66
C ARG FA 97 -62.59 -41.53 -7.49
N ILE FA 98 -63.74 -40.91 -7.28
CA ILE FA 98 -64.13 -39.74 -8.07
C ILE FA 98 -63.45 -38.52 -7.48
N ARG FA 99 -62.68 -37.83 -8.32
CA ARG FA 99 -61.91 -36.67 -7.92
C ARG FA 99 -62.72 -35.39 -7.99
N LYS FA 100 -63.41 -35.18 -9.12
CA LYS FA 100 -64.17 -33.97 -9.36
C LYS FA 100 -65.37 -34.30 -10.22
N VAL FA 101 -66.35 -33.41 -10.19
CA VAL FA 101 -67.49 -33.45 -11.10
C VAL FA 101 -67.74 -32.05 -11.60
N LYS FA 102 -68.11 -31.95 -12.86
CA LYS FA 102 -68.48 -30.70 -13.52
C LYS FA 102 -69.90 -30.86 -14.03
N VAL FA 103 -70.83 -30.19 -13.38
CA VAL FA 103 -72.21 -30.12 -13.82
C VAL FA 103 -72.39 -28.85 -14.62
N GLU FA 104 -72.87 -28.99 -15.85
CA GLU FA 104 -73.07 -27.90 -16.78
C GLU FA 104 -74.54 -27.85 -17.15
N PHE FA 105 -75.19 -26.74 -16.81
CA PHE FA 105 -76.56 -26.48 -17.24
C PHE FA 105 -76.48 -25.71 -18.54
N TRP FA 106 -76.63 -26.43 -19.64
CA TRP FA 106 -76.65 -25.81 -20.95
C TRP FA 106 -78.08 -25.42 -21.29
N PRO FA 107 -78.40 -24.15 -21.49
CA PRO FA 107 -79.79 -23.78 -21.72
C PRO FA 107 -80.32 -24.26 -23.05
N CYS FA 108 -81.63 -24.39 -23.09
CA CYS FA 108 -82.37 -24.74 -24.29
C CYS FA 108 -83.27 -23.61 -24.75
N SER FA 109 -83.27 -22.48 -24.09
CA SER FA 109 -84.22 -21.41 -24.28
C SER FA 109 -83.57 -20.25 -25.02
N PRO FA 110 -84.32 -19.50 -25.81
CA PRO FA 110 -83.73 -18.40 -26.56
C PRO FA 110 -83.38 -17.23 -25.66
N ILE FA 111 -82.48 -16.38 -26.18
CA ILE FA 111 -82.09 -15.19 -25.44
C ILE FA 111 -83.17 -14.11 -25.44
N THR FA 112 -84.25 -14.29 -26.18
CA THR FA 112 -85.37 -13.37 -26.18
C THR FA 112 -86.45 -13.73 -25.18
N GLN FA 113 -86.27 -14.80 -24.40
CA GLN FA 113 -87.29 -15.24 -23.49
C GLN FA 113 -87.33 -14.32 -22.29
N GLY FA 114 -88.53 -13.91 -21.89
CA GLY FA 114 -88.74 -13.04 -20.77
C GLY FA 114 -89.12 -13.78 -19.51
N ASP FA 115 -89.64 -13.02 -18.56
CA ASP FA 115 -89.98 -13.54 -17.24
C ASP FA 115 -88.75 -14.19 -16.60
N ARG FA 116 -87.62 -13.52 -16.74
CA ARG FA 116 -86.37 -14.04 -16.22
C ARG FA 116 -86.42 -14.13 -14.70
N GLY FA 117 -85.44 -14.85 -14.16
CA GLY FA 117 -85.42 -15.15 -12.75
C GLY FA 117 -84.03 -15.33 -12.20
N VAL FA 118 -83.94 -15.72 -10.94
CA VAL FA 118 -82.66 -15.88 -10.27
C VAL FA 118 -82.78 -17.00 -9.26
N GLY FA 119 -81.86 -17.95 -9.34
CA GLY FA 119 -81.86 -19.13 -8.50
C GLY FA 119 -80.55 -19.37 -7.82
N SER FA 120 -80.35 -20.59 -7.33
CA SER FA 120 -79.19 -20.91 -6.54
C SER FA 120 -78.88 -22.40 -6.68
N SER FA 121 -77.58 -22.71 -6.75
CA SER FA 121 -77.08 -24.07 -6.74
C SER FA 121 -76.10 -24.22 -5.60
N ALA FA 122 -76.29 -25.24 -4.78
CA ALA FA 122 -75.46 -25.49 -3.62
C ALA FA 122 -74.96 -26.93 -3.63
N VAL FA 123 -73.91 -27.15 -2.86
CA VAL FA 123 -73.21 -28.43 -2.79
C VAL FA 123 -73.60 -29.13 -1.51
N ILE FA 124 -74.18 -30.32 -1.64
CA ILE FA 124 -74.79 -31.05 -0.54
C ILE FA 124 -74.18 -32.44 -0.51
N LEU FA 125 -73.22 -32.64 0.38
CA LEU FA 125 -72.37 -33.83 0.38
C LEU FA 125 -72.86 -34.92 1.33
N ASP FA 126 -74.17 -35.01 1.61
CA ASP FA 126 -74.64 -35.89 2.67
C ASP FA 126 -75.97 -36.59 2.42
N ASP FA 127 -76.59 -36.43 1.25
CA ASP FA 127 -77.79 -37.18 0.89
C ASP FA 127 -78.99 -36.78 1.74
N ASN FA 128 -79.01 -35.55 2.23
CA ASN FA 128 -80.19 -34.97 2.86
C ASN FA 128 -80.37 -33.60 2.22
N PHE FA 129 -81.16 -33.60 1.16
CA PHE FA 129 -81.49 -32.43 0.39
C PHE FA 129 -82.74 -31.77 0.94
N VAL FA 130 -82.93 -30.50 0.58
CA VAL FA 130 -84.22 -29.88 0.78
C VAL FA 130 -85.24 -30.66 -0.03
N THR FA 131 -86.43 -30.82 0.54
CA THR FA 131 -87.45 -31.63 -0.08
C THR FA 131 -87.81 -31.07 -1.45
N LYS FA 132 -88.03 -31.98 -2.40
CA LYS FA 132 -88.41 -31.58 -3.74
C LYS FA 132 -89.74 -30.84 -3.71
N ALA FA 133 -89.76 -29.67 -4.34
CA ALA FA 133 -90.91 -28.79 -4.33
C ALA FA 133 -91.13 -28.23 -5.73
N THR FA 134 -92.39 -27.99 -6.05
CA THR FA 134 -92.78 -27.41 -7.33
C THR FA 134 -92.78 -25.89 -7.28
N ALA FA 135 -93.42 -25.31 -6.28
CA ALA FA 135 -93.50 -23.85 -6.10
C ALA FA 135 -93.35 -23.55 -4.62
N LEU FA 136 -92.12 -23.39 -4.18
CA LEU FA 136 -91.80 -23.00 -2.81
C LEU FA 136 -91.63 -21.49 -2.74
N THR FA 137 -92.08 -20.91 -1.64
CA THR FA 137 -92.16 -19.46 -1.50
C THR FA 137 -90.82 -18.80 -1.21
N TYR FA 138 -89.71 -19.52 -1.30
CA TYR FA 138 -88.40 -18.94 -1.03
C TYR FA 138 -87.35 -19.84 -1.65
N ASP FA 139 -86.14 -19.31 -1.73
CA ASP FA 139 -84.99 -20.04 -2.24
C ASP FA 139 -84.24 -20.63 -1.05
N PRO FA 140 -84.32 -21.95 -0.82
CA PRO FA 140 -83.67 -22.49 0.37
C PRO FA 140 -82.16 -22.46 0.30
N TYR FA 141 -81.60 -22.60 -0.89
CA TYR FA 141 -80.17 -22.71 -1.07
C TYR FA 141 -79.49 -21.35 -1.20
N VAL FA 142 -80.16 -20.27 -0.82
CA VAL FA 142 -79.64 -18.94 -1.08
C VAL FA 142 -78.59 -18.56 -0.05
N ASN FA 143 -78.80 -18.90 1.22
CA ASN FA 143 -77.87 -18.55 2.27
C ASN FA 143 -76.79 -19.59 2.49
N TYR FA 144 -76.75 -20.62 1.67
CA TYR FA 144 -75.70 -21.63 1.78
C TYR FA 144 -74.35 -21.06 1.40
N SER FA 145 -73.33 -21.50 2.10
CA SER FA 145 -71.97 -21.04 1.85
C SER FA 145 -71.47 -21.45 0.48
N SER FA 146 -72.04 -22.49 -0.11
CA SER FA 146 -71.67 -22.96 -1.43
C SER FA 146 -72.65 -22.53 -2.50
N ARG FA 147 -73.40 -21.47 -2.27
CA ARG FA 147 -74.39 -21.01 -3.23
C ARG FA 147 -73.70 -20.25 -4.35
N HIS FA 148 -74.06 -20.59 -5.57
CA HIS FA 148 -73.75 -19.81 -6.75
C HIS FA 148 -75.08 -19.41 -7.37
N THR FA 149 -75.16 -18.18 -7.83
CA THR FA 149 -76.37 -17.67 -8.43
C THR FA 149 -76.58 -18.29 -9.80
N ILE FA 150 -77.82 -18.69 -10.06
CA ILE FA 150 -78.25 -19.17 -11.36
C ILE FA 150 -79.07 -18.05 -11.98
N THR FA 151 -78.51 -17.42 -13.01
CA THR FA 151 -79.30 -16.58 -13.88
C THR FA 151 -80.09 -17.46 -14.83
N GLN FA 152 -81.36 -17.12 -15.02
CA GLN FA 152 -82.30 -17.90 -15.79
C GLN FA 152 -82.89 -17.01 -16.89
N PRO FA 153 -83.41 -17.61 -17.96
CA PRO FA 153 -83.42 -19.01 -18.41
C PRO FA 153 -82.34 -19.36 -19.41
N PHE FA 154 -81.73 -18.35 -20.02
CA PHE FA 154 -80.87 -18.53 -21.19
C PHE FA 154 -79.40 -18.39 -20.86
N SER FA 155 -79.00 -18.72 -19.65
CA SER FA 155 -77.65 -18.51 -19.17
C SER FA 155 -77.04 -19.81 -18.71
N TYR FA 156 -75.75 -19.95 -18.96
CA TYR FA 156 -75.00 -21.13 -18.63
C TYR FA 156 -74.53 -21.08 -17.18
N HIS FA 157 -74.60 -22.24 -16.52
CA HIS FA 157 -74.24 -22.38 -15.13
C HIS FA 157 -73.39 -23.64 -14.99
N SER FA 158 -72.18 -23.47 -14.46
CA SER FA 158 -71.28 -24.57 -14.17
C SER FA 158 -70.99 -24.64 -12.69
N ARG FA 159 -70.76 -25.86 -12.22
CA ARG FA 159 -70.34 -26.12 -10.85
C ARG FA 159 -69.29 -27.20 -10.90
N TYR FA 160 -68.14 -26.93 -10.29
CA TYR FA 160 -66.99 -27.83 -10.29
C TYR FA 160 -66.58 -28.07 -8.85
N PHE FA 161 -66.71 -29.31 -8.41
CA PHE FA 161 -66.54 -29.64 -7.01
C PHE FA 161 -66.15 -31.10 -6.89
N THR FA 162 -65.85 -31.50 -5.66
CA THR FA 162 -65.44 -32.85 -5.32
C THR FA 162 -66.56 -33.56 -4.58
N PRO FA 163 -67.22 -34.55 -5.15
CA PRO FA 163 -68.31 -35.20 -4.44
C PRO FA 163 -67.83 -36.14 -3.35
N LYS FA 164 -68.76 -36.74 -2.64
CA LYS FA 164 -68.47 -37.67 -1.56
C LYS FA 164 -69.40 -38.86 -1.68
N PRO FA 165 -68.94 -40.06 -1.36
CA PRO FA 165 -69.82 -41.22 -1.45
C PRO FA 165 -70.68 -41.40 -0.21
N VAL FA 166 -71.78 -42.11 -0.44
CA VAL FA 166 -72.76 -42.40 0.61
C VAL FA 166 -72.35 -43.73 1.22
N LEU FA 167 -71.50 -43.66 2.24
CA LEU FA 167 -71.04 -44.85 2.92
C LEU FA 167 -72.04 -45.32 3.97
N ASP FA 168 -72.59 -44.39 4.75
CA ASP FA 168 -73.64 -44.70 5.71
C ASP FA 168 -74.64 -43.56 5.67
N SER FA 169 -75.82 -43.84 5.13
CA SER FA 169 -76.87 -42.83 5.05
C SER FA 169 -77.48 -42.53 6.40
N THR FA 170 -77.30 -43.38 7.40
CA THR FA 170 -77.83 -43.14 8.73
C THR FA 170 -77.03 -42.08 9.48
N ILE FA 171 -75.71 -42.12 9.34
CA ILE FA 171 -74.81 -41.22 10.05
C ILE FA 171 -74.37 -40.09 9.12
N ASP FA 172 -74.22 -40.40 7.84
CA ASP FA 172 -73.88 -39.44 6.81
C ASP FA 172 -72.55 -38.74 7.13
N TYR FA 173 -71.49 -39.54 7.13
CA TYR FA 173 -70.14 -39.05 7.34
C TYR FA 173 -69.37 -39.03 6.04
N PHE FA 174 -68.47 -38.05 5.92
CA PHE FA 174 -67.66 -37.91 4.73
C PHE FA 174 -66.31 -37.31 5.10
N GLN FA 175 -65.42 -37.43 4.21
CA GLN FA 175 -64.05 -36.99 4.36
C GLN FA 175 -63.87 -35.57 3.84
N PRO FA 176 -62.95 -34.80 4.41
CA PRO FA 176 -62.58 -33.55 3.77
C PRO FA 176 -61.73 -33.77 2.53
N ASN FA 177 -61.47 -32.70 1.81
CA ASN FA 177 -60.76 -32.80 0.55
C ASN FA 177 -59.29 -33.06 0.79
N ASN FA 178 -58.82 -34.22 0.34
CA ASN FA 178 -57.41 -34.58 0.44
C ASN FA 178 -57.15 -35.57 -0.67
N LYS FA 179 -56.33 -35.18 -1.64
CA LYS FA 179 -56.09 -36.06 -2.77
C LYS FA 179 -55.33 -37.30 -2.35
N ARG FA 180 -54.50 -37.21 -1.31
CA ARG FA 180 -53.65 -38.31 -0.92
C ARG FA 180 -54.37 -39.31 -0.03
N ASN FA 181 -55.40 -38.87 0.69
CA ASN FA 181 -56.11 -39.70 1.66
C ASN FA 181 -57.49 -40.11 1.21
N GLN FA 182 -57.90 -39.76 0.00
CA GLN FA 182 -59.23 -40.09 -0.47
C GLN FA 182 -59.37 -41.60 -0.62
N LEU FA 183 -60.49 -42.11 -0.14
CA LEU FA 183 -60.75 -43.53 -0.16
C LEU FA 183 -60.87 -44.06 -1.58
N TRP FA 184 -60.39 -45.28 -1.76
CA TRP FA 184 -60.62 -46.03 -2.99
C TRP FA 184 -61.83 -46.92 -2.77
N LEU FA 185 -62.79 -46.81 -3.66
CA LEU FA 185 -63.93 -47.70 -3.71
C LEU FA 185 -63.68 -48.77 -4.75
N ARG FA 186 -64.48 -49.82 -4.69
CA ARG FA 186 -64.44 -50.88 -5.68
C ARG FA 186 -65.42 -50.58 -6.80
N LEU FA 187 -64.97 -50.83 -8.01
CA LEU FA 187 -65.80 -50.74 -9.20
C LEU FA 187 -66.62 -52.03 -9.28
N GLN FA 188 -67.81 -51.98 -8.70
CA GLN FA 188 -68.69 -53.13 -8.67
C GLN FA 188 -69.22 -53.42 -10.07
N THR FA 189 -69.92 -54.54 -10.18
CA THR FA 189 -70.47 -54.96 -11.47
C THR FA 189 -71.76 -54.22 -11.79
N ALA FA 190 -72.74 -54.25 -10.87
CA ALA FA 190 -74.01 -53.56 -11.09
C ALA FA 190 -74.57 -52.92 -9.83
N GLY FA 191 -73.73 -52.58 -8.86
CA GLY FA 191 -74.21 -52.11 -7.57
C GLY FA 191 -73.40 -50.99 -6.95
N ASN FA 192 -72.82 -50.14 -7.77
CA ASN FA 192 -71.97 -49.07 -7.26
C ASN FA 192 -72.75 -48.09 -6.41
N VAL FA 193 -72.03 -47.40 -5.55
CA VAL FA 193 -72.61 -46.52 -4.55
C VAL FA 193 -72.81 -45.13 -5.13
N ASP FA 194 -73.86 -44.47 -4.67
CA ASP FA 194 -74.22 -43.16 -5.20
C ASP FA 194 -73.36 -42.09 -4.57
N HIS FA 195 -72.76 -41.26 -5.42
CA HIS FA 195 -72.11 -40.04 -4.98
C HIS FA 195 -73.10 -38.89 -5.04
N VAL FA 196 -72.82 -37.87 -4.25
CA VAL FA 196 -73.78 -36.83 -3.94
C VAL FA 196 -73.04 -35.51 -3.88
N GLY FA 197 -73.80 -34.41 -3.95
CA GLY FA 197 -73.15 -33.12 -4.00
C GLY FA 197 -73.76 -31.96 -4.77
N LEU FA 198 -75.00 -32.05 -5.25
CA LEU FA 198 -75.59 -30.84 -5.82
C LEU FA 198 -77.09 -30.78 -5.61
N GLY FA 199 -77.55 -29.62 -5.17
CA GLY FA 199 -78.96 -29.31 -5.11
C GLY FA 199 -79.21 -27.94 -5.67
N THR FA 200 -80.37 -27.78 -6.29
CA THR FA 200 -80.70 -26.61 -7.08
C THR FA 200 -82.02 -26.01 -6.64
N ALA FA 201 -82.21 -24.75 -7.01
CA ALA FA 201 -83.48 -24.05 -6.83
C ALA FA 201 -83.65 -23.09 -7.99
N PHE FA 202 -84.62 -23.38 -8.84
CA PHE FA 202 -84.92 -22.59 -10.02
C PHE FA 202 -86.20 -21.80 -9.81
N GLU FA 203 -86.17 -20.54 -10.19
CA GLU FA 203 -87.34 -19.69 -10.09
C GLU FA 203 -88.29 -19.99 -11.23
N ASN FA 204 -89.54 -20.24 -10.90
CA ASN FA 204 -90.52 -20.61 -11.88
C ASN FA 204 -90.88 -19.43 -12.77
N SER FA 205 -91.57 -19.72 -13.86
CA SER FA 205 -91.86 -18.74 -14.89
C SER FA 205 -93.15 -19.13 -15.61
N ILE FA 206 -93.65 -18.17 -16.40
CA ILE FA 206 -94.83 -18.44 -17.22
C ILE FA 206 -94.50 -19.39 -18.35
N TYR FA 207 -93.26 -19.39 -18.81
CA TYR FA 207 -92.80 -20.24 -19.89
C TYR FA 207 -92.00 -21.41 -19.32
N ASP FA 208 -91.95 -22.48 -20.09
CA ASP FA 208 -91.17 -23.64 -19.70
C ASP FA 208 -89.70 -23.37 -19.89
N GLN FA 209 -88.90 -23.74 -18.89
CA GLN FA 209 -87.45 -23.57 -18.90
C GLN FA 209 -86.81 -24.94 -19.00
N GLU FA 210 -86.24 -25.24 -20.15
CA GLU FA 210 -85.58 -26.51 -20.41
C GLU FA 210 -84.07 -26.35 -20.36
N TYR FA 211 -83.41 -27.43 -19.96
CA TYR FA 211 -81.96 -27.46 -19.86
C TYR FA 211 -81.46 -28.83 -20.30
N ASN FA 212 -80.28 -28.85 -20.91
CA ASN FA 212 -79.54 -30.07 -21.21
C ASN FA 212 -78.36 -30.11 -20.27
N ILE FA 213 -78.39 -31.03 -19.31
CA ILE FA 213 -77.40 -31.09 -18.25
C ILE FA 213 -76.35 -32.12 -18.63
N ARG FA 214 -75.10 -31.68 -18.67
CA ARG FA 214 -73.96 -32.51 -19.00
C ARG FA 214 -73.09 -32.63 -17.75
N VAL FA 215 -73.05 -33.83 -17.18
CA VAL FA 215 -72.22 -34.14 -16.03
C VAL FA 215 -70.96 -34.81 -16.54
N THR FA 216 -69.82 -34.33 -16.06
CA THR FA 216 -68.51 -34.88 -16.40
C THR FA 216 -67.83 -35.25 -15.09
N MET FA 217 -67.51 -36.52 -14.93
CA MET FA 217 -66.80 -37.01 -13.77
C MET FA 217 -65.34 -37.28 -14.11
N TYR FA 218 -64.46 -36.72 -13.30
CA TYR FA 218 -63.03 -36.93 -13.43
C TYR FA 218 -62.62 -37.99 -12.42
N VAL FA 219 -62.33 -39.19 -12.90
CA VAL FA 219 -62.14 -40.35 -12.06
C VAL FA 219 -60.68 -40.78 -12.11
N GLN FA 220 -60.33 -41.66 -11.19
CA GLN FA 220 -58.98 -42.18 -11.05
C GLN FA 220 -59.12 -43.64 -10.69
N PHE FA 221 -58.66 -44.51 -11.58
CA PHE FA 221 -58.74 -45.95 -11.41
C PHE FA 221 -57.41 -46.51 -10.92
N ARG FA 222 -57.43 -47.80 -10.58
CA ARG FA 222 -56.27 -48.46 -10.03
C ARG FA 222 -56.38 -49.95 -10.31
N GLU FA 223 -55.22 -50.60 -10.46
CA GLU FA 223 -55.10 -52.04 -10.58
C GLU FA 223 -55.82 -52.57 -11.82
N PHE FA 224 -55.23 -52.24 -12.96
CA PHE FA 224 -55.54 -52.86 -14.24
C PHE FA 224 -55.68 -54.36 -14.10
N ASN FA 225 -56.84 -54.89 -14.47
CA ASN FA 225 -57.21 -56.27 -14.18
C ASN FA 225 -57.81 -56.96 -15.39
N LEU FA 226 -57.23 -56.72 -16.55
CA LEU FA 226 -57.75 -57.35 -17.76
C LEU FA 226 -57.56 -58.85 -17.69
N LYS FA 227 -58.54 -59.58 -18.22
CA LYS FA 227 -58.52 -61.03 -18.27
C LYS FA 227 -58.59 -61.47 -19.73
N ASP FA 228 -57.65 -62.33 -20.12
CA ASP FA 228 -57.46 -62.73 -21.51
C ASP FA 228 -57.55 -64.24 -21.62
N PRO FA 229 -58.74 -64.79 -21.71
CA PRO FA 229 -58.88 -66.21 -21.96
C PRO FA 229 -58.55 -66.54 -23.41
N PRO FA 230 -58.35 -67.82 -23.73
CA PRO FA 230 -58.16 -68.18 -25.14
C PRO FA 230 -59.43 -68.02 -25.96
N LEU FA 231 -59.34 -68.36 -27.24
CA LEU FA 231 -60.46 -68.22 -28.16
C LEU FA 231 -60.53 -69.40 -29.14
N GLY GA 43 -67.72 -12.20 20.75
CA GLY GA 43 -67.92 -13.32 19.86
C GLY GA 43 -68.46 -12.91 18.50
N ILE GA 44 -67.57 -12.47 17.65
CA ILE GA 44 -67.96 -11.90 16.36
C ILE GA 44 -68.30 -12.99 15.38
N PHE GA 45 -69.28 -12.72 14.54
CA PHE GA 45 -69.66 -13.61 13.45
C PHE GA 45 -70.19 -12.75 12.31
N ASN GA 46 -69.36 -12.54 11.30
CA ASN GA 46 -69.78 -11.87 10.09
C ASN GA 46 -70.43 -12.87 9.15
N THR GA 47 -71.65 -12.54 8.70
CA THR GA 47 -72.35 -13.39 7.76
C THR GA 47 -73.08 -12.51 6.75
N ARG GA 48 -73.99 -13.15 6.01
CA ARG GA 48 -74.67 -12.54 4.88
C ARG GA 48 -76.10 -13.05 4.84
N LEU GA 49 -77.05 -12.13 4.82
CA LEU GA 49 -78.47 -12.43 4.82
C LEU GA 49 -79.11 -11.76 3.61
N SER GA 50 -80.00 -12.48 2.94
CA SER GA 50 -80.62 -12.05 1.71
C SER GA 50 -82.13 -12.15 1.80
N ARG GA 51 -82.78 -11.56 0.81
CA ARG GA 51 -84.22 -11.39 0.74
C ARG GA 51 -84.54 -10.90 -0.65
N THR GA 52 -85.64 -11.39 -1.22
CA THR GA 52 -86.02 -11.10 -2.59
C THR GA 52 -87.48 -10.70 -2.64
N PHE GA 53 -87.78 -9.68 -3.44
CA PHE GA 53 -89.14 -9.18 -3.59
C PHE GA 53 -89.23 -8.43 -4.91
N GLY GA 54 -90.46 -8.11 -5.27
CA GLY GA 54 -90.76 -7.48 -6.54
C GLY GA 54 -91.06 -6.00 -6.49
N TYR GA 55 -90.86 -5.33 -7.62
CA TYR GA 55 -91.17 -3.92 -7.79
C TYR GA 55 -91.54 -3.71 -9.26
N THR GA 56 -92.66 -3.04 -9.49
CA THR GA 56 -93.16 -2.78 -10.83
C THR GA 56 -93.43 -1.30 -11.00
N ILE GA 57 -93.06 -0.80 -12.17
CA ILE GA 57 -93.37 0.55 -12.60
C ILE GA 57 -94.45 0.41 -13.66
N LYS GA 58 -95.68 0.74 -13.30
CA LYS GA 58 -96.81 0.58 -14.19
C LYS GA 58 -96.70 1.53 -15.38
N ARG GA 59 -97.40 1.17 -16.44
CA ARG GA 59 -97.41 1.94 -17.67
C ARG GA 59 -98.19 3.24 -17.50
N THR GA 60 -97.90 4.19 -18.40
CA THR GA 60 -98.57 5.47 -18.43
C THR GA 60 -98.78 5.91 -19.87
N THR GA 61 -99.96 6.46 -20.14
CA THR GA 61 -100.26 7.07 -21.44
C THR GA 61 -99.63 8.45 -21.60
N VAL GA 62 -99.01 8.99 -20.55
CA VAL GA 62 -98.39 10.30 -20.63
C VAL GA 62 -97.30 10.29 -21.69
N LYS GA 63 -97.25 11.35 -22.49
CA LYS GA 63 -96.30 11.44 -23.58
C LYS GA 63 -94.94 11.94 -23.12
N THR GA 64 -94.94 12.87 -22.17
CA THR GA 64 -93.71 13.49 -21.71
C THR GA 64 -92.81 12.47 -21.03
N PRO GA 65 -91.53 12.82 -20.84
CA PRO GA 65 -90.69 12.01 -19.97
C PRO GA 65 -90.97 12.34 -18.52
N SER GA 66 -91.65 11.43 -17.83
CA SER GA 66 -91.91 11.53 -16.41
C SER GA 66 -91.24 10.39 -15.68
N TRP GA 67 -90.98 10.61 -14.41
CA TRP GA 67 -90.30 9.64 -13.56
C TRP GA 67 -91.17 9.21 -12.40
N ALA GA 68 -90.98 7.97 -12.00
CA ALA GA 68 -91.67 7.35 -10.88
C ALA GA 68 -90.71 7.24 -9.71
N VAL GA 69 -91.06 7.86 -8.61
CA VAL GA 69 -90.21 7.96 -7.44
C VAL GA 69 -90.71 7.01 -6.38
N ASP GA 70 -89.77 6.36 -5.68
CA ASP GA 70 -90.10 5.46 -4.60
C ASP GA 70 -88.90 5.37 -3.67
N MET GA 71 -89.14 4.80 -2.51
CA MET GA 71 -88.18 4.69 -1.42
C MET GA 71 -87.90 3.24 -1.11
N MET GA 72 -86.85 3.03 -0.31
CA MET GA 72 -86.43 1.68 0.06
C MET GA 72 -85.73 1.75 1.41
N ARG GA 73 -86.33 1.12 2.42
CA ARG GA 73 -85.76 0.96 3.74
C ARG GA 73 -85.34 -0.49 3.93
N PHE GA 74 -84.56 -0.73 4.98
CA PHE GA 74 -84.03 -2.05 5.30
C PHE GA 74 -84.20 -2.31 6.78
N ASN GA 75 -84.87 -3.41 7.11
CA ASN GA 75 -85.01 -3.87 8.49
C ASN GA 75 -84.58 -5.31 8.58
N ILE GA 76 -84.04 -5.68 9.74
CA ILE GA 76 -83.51 -7.01 9.95
C ILE GA 76 -84.58 -8.05 10.24
N ASN GA 77 -85.80 -7.63 10.56
CA ASN GA 77 -86.86 -8.60 10.76
C ASN GA 77 -87.22 -9.29 9.45
N ASP GA 78 -87.05 -8.61 8.33
CA ASP GA 78 -87.36 -9.19 7.03
C ASP GA 78 -86.29 -10.16 6.55
N PHE GA 79 -85.12 -10.18 7.18
CA PHE GA 79 -84.04 -11.08 6.83
C PHE GA 79 -83.82 -12.17 7.86
N LEU GA 80 -84.10 -11.88 9.12
CA LEU GA 80 -83.87 -12.81 10.23
C LEU GA 80 -85.20 -13.21 10.84
N PRO GA 81 -85.67 -14.45 10.71
CA PRO GA 81 -86.97 -14.79 11.24
C PRO GA 81 -86.91 -14.96 12.75
N PRO GA 82 -88.06 -15.11 13.39
CA PRO GA 82 -88.06 -15.44 14.81
C PRO GA 82 -87.63 -16.87 15.03
N GLY GA 83 -86.99 -17.10 16.17
CA GLY GA 83 -86.49 -18.41 16.49
C GLY GA 83 -87.53 -19.29 17.13
N GLY GA 84 -87.12 -20.07 18.12
CA GLY GA 84 -88.03 -20.95 18.80
C GLY GA 84 -87.54 -21.31 20.19
N GLY GA 85 -88.42 -21.22 21.17
CA GLY GA 85 -88.09 -21.56 22.53
C GLY GA 85 -87.45 -20.41 23.28
N SER GA 86 -86.44 -20.74 24.08
CA SER GA 86 -85.76 -19.73 24.88
C SER GA 86 -84.90 -18.79 24.03
N ASN GA 87 -84.63 -19.17 22.78
CA ASN GA 87 -83.90 -18.31 21.86
C ASN GA 87 -84.90 -17.54 21.02
N PRO GA 88 -85.06 -16.22 21.21
CA PRO GA 88 -86.12 -15.52 20.50
C PRO GA 88 -85.88 -15.36 19.02
N ARG GA 89 -84.62 -15.43 18.58
CA ARG GA 89 -84.26 -15.28 17.18
C ARG GA 89 -83.52 -16.52 16.70
N SER GA 90 -83.44 -16.65 15.37
CA SER GA 90 -82.89 -17.85 14.76
C SER GA 90 -81.37 -17.83 14.72
N VAL GA 91 -80.78 -16.65 14.76
CA VAL GA 91 -79.32 -16.50 14.88
C VAL GA 91 -79.02 -16.15 16.33
N PRO GA 92 -78.40 -17.05 17.11
CA PRO GA 92 -78.31 -16.79 18.56
C PRO GA 92 -77.21 -15.82 18.96
N PHE GA 93 -77.51 -14.54 18.77
CA PHE GA 93 -76.62 -13.46 19.16
C PHE GA 93 -77.44 -12.33 19.76
N GLU GA 94 -76.76 -11.48 20.50
CA GLU GA 94 -77.38 -10.37 21.22
C GLU GA 94 -77.36 -9.08 20.43
N TYR GA 95 -76.21 -8.69 19.92
CA TYR GA 95 -75.99 -7.41 19.28
C TYR GA 95 -75.74 -7.61 17.80
N TYR GA 96 -75.92 -6.52 17.04
CA TYR GA 96 -75.66 -6.54 15.62
C TYR GA 96 -75.34 -5.14 15.15
N ARG GA 97 -74.75 -5.06 13.97
CA ARG GA 97 -74.57 -3.79 13.28
C ARG GA 97 -74.39 -4.10 11.81
N ILE GA 98 -75.16 -3.42 10.97
CA ILE GA 98 -75.16 -3.68 9.54
C ILE GA 98 -73.98 -2.95 8.93
N ARG GA 99 -73.12 -3.70 8.26
CA ARG GA 99 -71.90 -3.18 7.65
C ARG GA 99 -72.14 -2.64 6.25
N LYS GA 100 -72.83 -3.42 5.42
CA LYS GA 100 -73.07 -3.07 4.04
C LYS GA 100 -74.40 -3.66 3.61
N VAL GA 101 -74.95 -3.10 2.53
CA VAL GA 101 -76.11 -3.63 1.85
C VAL GA 101 -75.83 -3.60 0.36
N LYS GA 102 -76.30 -4.63 -0.34
CA LYS GA 102 -76.23 -4.75 -1.78
C LYS GA 102 -77.64 -4.89 -2.29
N VAL GA 103 -78.13 -3.85 -2.93
CA VAL GA 103 -79.42 -3.87 -3.60
C VAL GA 103 -79.18 -4.17 -5.07
N GLU GA 104 -79.84 -5.21 -5.57
CA GLU GA 104 -79.69 -5.67 -6.95
C GLU GA 104 -81.06 -5.60 -7.60
N PHE GA 105 -81.18 -4.79 -8.63
CA PHE GA 105 -82.37 -4.74 -9.48
C PHE GA 105 -82.16 -5.72 -10.61
N TRP GA 106 -82.72 -6.91 -10.46
CA TRP GA 106 -82.67 -7.91 -11.50
C TRP GA 106 -83.86 -7.72 -12.42
N PRO GA 107 -83.66 -7.44 -13.71
CA PRO GA 107 -84.81 -7.16 -14.57
C PRO GA 107 -85.64 -8.39 -14.84
N CYS GA 108 -86.90 -8.13 -15.17
CA CYS GA 108 -87.86 -9.14 -15.56
C CYS GA 108 -88.29 -8.98 -17.01
N SER GA 109 -87.75 -8.03 -17.73
CA SER GA 109 -88.22 -7.62 -19.04
C SER GA 109 -87.26 -8.11 -20.11
N PRO GA 110 -87.75 -8.41 -21.31
CA PRO GA 110 -86.88 -8.91 -22.35
C PRO GA 110 -85.97 -7.83 -22.91
N ILE GA 111 -84.90 -8.27 -23.55
CA ILE GA 111 -83.97 -7.32 -24.17
C ILE GA 111 -84.52 -6.71 -25.45
N THR GA 112 -85.67 -7.16 -25.93
CA THR GA 112 -86.33 -6.59 -27.08
C THR GA 112 -87.32 -5.50 -26.74
N GLN GA 113 -87.49 -5.17 -25.46
CA GLN GA 113 -88.49 -4.20 -25.06
C GLN GA 113 -88.00 -2.80 -25.41
N GLY GA 114 -88.88 -2.01 -26.00
CA GLY GA 114 -88.58 -0.66 -26.39
C GLY GA 114 -89.06 0.36 -25.39
N ASP GA 115 -89.11 1.61 -25.85
CA ASP GA 115 -89.46 2.75 -25.00
C ASP GA 115 -88.52 2.81 -23.80
N ARG GA 116 -87.24 2.60 -24.06
CA ARG GA 116 -86.25 2.59 -23.01
C ARG GA 116 -86.13 3.96 -22.37
N GLY GA 117 -85.47 3.98 -21.22
CA GLY GA 117 -85.38 5.17 -20.42
C GLY GA 117 -84.12 5.25 -19.61
N VAL GA 118 -84.03 6.25 -18.75
CA VAL GA 118 -82.85 6.49 -17.94
C VAL GA 118 -83.28 7.10 -16.62
N GLY GA 119 -82.83 6.50 -15.53
CA GLY GA 119 -83.18 6.90 -14.19
C GLY GA 119 -81.99 7.11 -13.30
N SER GA 120 -82.24 7.12 -12.00
CA SER GA 120 -81.21 7.44 -11.03
C SER GA 120 -81.53 6.78 -9.70
N SER GA 121 -80.49 6.28 -9.04
CA SER GA 121 -80.57 5.74 -7.70
C SER GA 121 -79.59 6.48 -6.81
N ALA GA 122 -80.07 6.96 -5.67
CA ALA GA 122 -79.27 7.73 -4.74
C ALA GA 122 -79.38 7.15 -3.35
N VAL GA 123 -78.41 7.51 -2.51
CA VAL GA 123 -78.28 6.99 -1.16
C VAL GA 123 -78.75 8.06 -0.18
N ILE GA 124 -79.76 7.72 0.60
CA ILE GA 124 -80.47 8.66 1.46
C ILE GA 124 -80.46 8.11 2.87
N LEU GA 125 -79.55 8.61 3.70
CA LEU GA 125 -79.26 8.02 4.99
C LEU GA 125 -80.01 8.67 6.14
N ASP GA 126 -81.20 9.25 5.92
CA ASP GA 126 -81.85 10.07 6.93
C ASP GA 126 -83.36 9.97 7.01
N ASP GA 127 -84.01 9.11 6.23
CA ASP GA 127 -85.44 8.87 6.36
C ASP GA 127 -86.27 10.07 5.93
N ASN GA 128 -85.74 10.90 5.05
CA ASN GA 128 -86.50 11.97 4.41
C ASN GA 128 -86.21 11.86 2.93
N PHE GA 129 -87.06 11.08 2.27
CA PHE GA 129 -86.99 10.83 0.84
C PHE GA 129 -87.79 11.87 0.09
N VAL GA 130 -87.51 11.97 -1.21
CA VAL GA 130 -88.42 12.68 -2.09
C VAL GA 130 -89.75 11.97 -2.06
N THR GA 131 -90.82 12.76 -2.08
CA THR GA 131 -92.16 12.20 -1.96
C THR GA 131 -92.43 11.22 -3.07
N LYS GA 132 -93.11 10.13 -2.73
CA LYS GA 132 -93.47 9.13 -3.71
C LYS GA 132 -94.39 9.72 -4.76
N ALA GA 133 -94.02 9.52 -6.02
CA ALA GA 133 -94.72 10.09 -7.16
C ALA GA 133 -94.87 9.05 -8.24
N THR GA 134 -95.96 9.16 -9.00
CA THR GA 134 -96.24 8.27 -10.10
C THR GA 134 -95.63 8.78 -11.40
N ALA GA 135 -95.87 10.05 -11.73
CA ALA GA 135 -95.34 10.67 -12.94
C ALA GA 135 -94.90 12.08 -12.59
N LEU GA 136 -93.65 12.21 -12.16
CA LEU GA 136 -93.04 13.49 -11.87
C LEU GA 136 -92.28 13.98 -13.09
N THR GA 137 -92.32 15.28 -13.32
CA THR GA 137 -91.80 15.89 -14.54
C THR GA 137 -90.29 16.00 -14.57
N TYR GA 138 -89.57 15.42 -13.62
CA TYR GA 138 -88.12 15.50 -13.60
C TYR GA 138 -87.60 14.37 -12.72
N ASP GA 139 -86.29 14.15 -12.83
CA ASP GA 139 -85.60 13.17 -12.02
C ASP GA 139 -85.01 13.87 -10.80
N PRO GA 140 -85.57 13.70 -9.59
CA PRO GA 140 -85.04 14.46 -8.47
C PRO GA 140 -83.67 14.00 -8.03
N TYR GA 141 -83.36 12.73 -8.18
CA TYR GA 141 -82.12 12.15 -7.70
C TYR GA 141 -80.98 12.27 -8.70
N VAL GA 142 -81.12 13.13 -9.71
CA VAL GA 142 -80.16 13.17 -10.79
C VAL GA 142 -78.91 13.95 -10.38
N ASN GA 143 -79.09 15.05 -9.66
CA ASN GA 143 -77.97 15.89 -9.27
C ASN GA 143 -77.38 15.50 -7.93
N TYR GA 144 -77.85 14.40 -7.35
CA TYR GA 144 -77.28 13.93 -6.10
C TYR GA 144 -75.88 13.40 -6.30
N SER GA 145 -75.03 13.65 -5.31
CA SER GA 145 -73.64 13.20 -5.37
C SER GA 145 -73.51 11.70 -5.39
N SER GA 146 -74.52 10.97 -4.89
CA SER GA 146 -74.54 9.53 -4.87
C SER GA 146 -75.40 8.93 -5.97
N ARG GA 147 -75.62 9.67 -7.04
CA ARG GA 147 -76.46 9.19 -8.13
C ARG GA 147 -75.68 8.23 -8.99
N HIS GA 148 -76.30 7.09 -9.27
CA HIS GA 148 -75.86 6.17 -10.30
C HIS GA 148 -76.98 6.08 -11.31
N THR GA 149 -76.62 6.06 -12.58
CA THR GA 149 -77.61 5.98 -13.65
C THR GA 149 -78.22 4.59 -13.72
N ILE GA 150 -79.53 4.55 -13.86
CA ILE GA 150 -80.28 3.33 -14.09
C ILE GA 150 -80.65 3.32 -15.56
N THR GA 151 -80.03 2.42 -16.30
CA THR GA 151 -80.53 2.09 -17.62
C THR GA 151 -81.71 1.16 -17.49
N GLN GA 152 -82.75 1.43 -18.26
CA GLN GA 152 -84.02 0.72 -18.19
C GLN GA 152 -84.35 0.15 -19.57
N PRO GA 153 -85.19 -0.89 -19.64
CA PRO GA 153 -85.79 -1.72 -18.60
C PRO GA 153 -85.09 -3.04 -18.33
N PHE GA 154 -84.20 -3.44 -19.23
CA PHE GA 154 -83.64 -4.78 -19.25
C PHE GA 154 -82.21 -4.83 -18.78
N SER GA 155 -81.82 -3.91 -17.90
CA SER GA 155 -80.45 -3.77 -17.46
C SER GA 155 -80.36 -3.91 -15.95
N TYR GA 156 -79.27 -4.52 -15.52
CA TYR GA 156 -79.00 -4.78 -14.12
C TYR GA 156 -78.39 -3.56 -13.45
N HIS GA 157 -78.82 -3.29 -12.23
CA HIS GA 157 -78.38 -2.15 -11.45
C HIS GA 157 -78.08 -2.63 -10.04
N SER GA 158 -76.85 -2.41 -9.59
CA SER GA 158 -76.43 -2.74 -8.24
C SER GA 158 -76.01 -1.47 -7.51
N ARG GA 159 -76.22 -1.46 -6.20
CA ARG GA 159 -75.76 -0.41 -5.33
C ARG GA 159 -75.24 -1.06 -4.06
N TYR GA 160 -74.01 -0.72 -3.69
CA TYR GA 160 -73.33 -1.31 -2.55
C TYR GA 160 -72.86 -0.17 -1.65
N PHE GA 161 -73.42 -0.11 -0.45
CA PHE GA 161 -73.21 1.02 0.43
C PHE GA 161 -73.42 0.59 1.87
N THR GA 162 -73.16 1.51 2.78
CA THR GA 162 -73.27 1.30 4.21
C THR GA 162 -74.48 2.06 4.73
N PRO GA 163 -75.55 1.39 5.18
CA PRO GA 163 -76.71 2.13 5.65
C PRO GA 163 -76.50 2.70 7.03
N LYS GA 164 -77.50 3.42 7.53
CA LYS GA 164 -77.45 4.03 8.83
C LYS GA 164 -78.80 3.80 9.51
N PRO GA 165 -78.81 3.60 10.83
CA PRO GA 165 -80.07 3.40 11.52
C PRO GA 165 -80.78 4.69 11.86
N VAL GA 166 -82.10 4.56 12.05
CA VAL GA 166 -82.96 5.69 12.38
C VAL GA 166 -83.04 5.73 13.89
N LEU GA 167 -82.11 6.45 14.49
CA LEU GA 167 -82.07 6.60 15.94
C LEU GA 167 -83.04 7.67 16.42
N ASP GA 168 -83.07 8.81 15.74
CA ASP GA 168 -84.03 9.87 16.04
C ASP GA 168 -84.49 10.45 14.71
N SER GA 169 -85.75 10.18 14.37
CA SER GA 169 -86.31 10.69 13.13
C SER GA 169 -86.58 12.19 13.18
N THR GA 170 -86.62 12.77 14.37
CA THR GA 170 -86.85 14.22 14.50
C THR GA 170 -85.60 15.00 14.12
N ILE GA 171 -84.44 14.52 14.53
CA ILE GA 171 -83.17 15.22 14.32
C ILE GA 171 -82.45 14.61 13.13
N ASP GA 172 -82.59 13.30 12.96
CA ASP GA 172 -82.03 12.57 11.83
C ASP GA 172 -80.51 12.73 11.78
N TYR GA 173 -79.86 12.20 12.81
CA TYR GA 173 -78.41 12.20 12.91
C TYR GA 173 -77.86 10.81 12.63
N PHE GA 174 -76.67 10.77 12.03
CA PHE GA 174 -76.03 9.51 11.72
C PHE GA 174 -74.52 9.68 11.78
N GLN GA 175 -73.86 8.60 11.83
CA GLN GA 175 -72.42 8.52 11.95
C GLN GA 175 -71.76 8.43 10.59
N PRO GA 176 -70.56 8.95 10.43
CA PRO GA 176 -69.80 8.65 9.22
C PRO GA 176 -69.28 7.24 9.21
N ASN GA 177 -68.70 6.83 8.09
CA ASN GA 177 -68.26 5.47 7.93
C ASN GA 177 -66.99 5.22 8.73
N ASN GA 178 -67.08 4.32 9.70
CA ASN GA 178 -65.93 3.94 10.51
C ASN GA 178 -66.22 2.55 11.02
N LYS GA 179 -65.45 1.57 10.58
CA LYS GA 179 -65.72 0.21 10.98
C LYS GA 179 -65.46 0.01 12.47
N ARG GA 180 -64.54 0.77 13.05
CA ARG GA 180 -64.16 0.56 14.43
C ARG GA 180 -65.10 1.26 15.40
N ASN GA 181 -65.77 2.32 14.97
CA ASN GA 181 -66.62 3.13 15.83
C ASN GA 181 -68.09 2.95 15.56
N GLN GA 182 -68.48 2.07 14.65
CA GLN GA 182 -69.88 1.88 14.34
C GLN GA 182 -70.62 1.32 15.54
N LEU GA 183 -71.78 1.89 15.80
CA LEU GA 183 -72.59 1.51 16.94
C LEU GA 183 -73.09 0.08 16.82
N TRP GA 184 -73.15 -0.60 17.95
CA TRP GA 184 -73.81 -1.88 18.06
C TRP GA 184 -75.24 -1.65 18.53
N LEU GA 185 -76.19 -2.17 17.77
CA LEU GA 185 -77.57 -2.20 18.16
C LEU GA 185 -77.89 -3.56 18.77
N ARG GA 186 -79.04 -3.61 19.45
CA ARG GA 186 -79.55 -4.85 19.99
C ARG GA 186 -80.46 -5.52 18.98
N LEU GA 187 -80.30 -6.84 18.88
CA LEU GA 187 -81.18 -7.67 18.09
C LEU GA 187 -82.43 -7.93 18.90
N GLN GA 188 -83.42 -7.07 18.70
CA GLN GA 188 -84.68 -7.17 19.42
C GLN GA 188 -85.44 -8.41 18.96
N THR GA 189 -86.55 -8.67 19.65
CA THR GA 189 -87.37 -9.83 19.34
C THR GA 189 -88.30 -9.56 18.17
N ALA GA 190 -89.08 -8.47 18.23
CA ALA GA 190 -90.00 -8.14 17.15
C ALA GA 190 -90.10 -6.63 16.89
N GLY GA 191 -89.07 -5.86 17.24
CA GLY GA 191 -89.15 -4.42 17.17
C GLY GA 191 -87.89 -3.72 16.71
N ASN GA 192 -87.13 -4.35 15.83
CA ASN GA 192 -85.88 -3.78 15.39
C ASN GA 192 -86.09 -2.49 14.61
N VAL GA 193 -85.05 -1.68 14.57
CA VAL GA 193 -85.11 -0.34 14.01
C VAL GA 193 -84.82 -0.40 12.52
N ASP GA 194 -85.46 0.50 11.78
CA ASP GA 194 -85.32 0.52 10.34
C ASP GA 194 -84.03 1.20 9.94
N HIS GA 195 -83.27 0.53 9.08
CA HIS GA 195 -82.14 1.13 8.40
C HIS GA 195 -82.60 1.69 7.07
N VAL GA 196 -81.84 2.66 6.58
CA VAL GA 196 -82.27 3.50 5.48
C VAL GA 196 -81.06 3.77 4.60
N GLY GA 197 -81.31 4.25 3.38
CA GLY GA 197 -80.23 4.44 2.45
C GLY GA 197 -80.42 4.24 0.96
N LEU GA 198 -81.64 4.10 0.46
CA LEU GA 198 -81.78 4.11 -1.00
C LEU GA 198 -83.09 4.70 -1.45
N GLY GA 199 -82.99 5.58 -2.44
CA GLY GA 199 -84.14 6.10 -3.14
C GLY GA 199 -83.90 6.08 -4.64
N THR GA 200 -84.97 5.86 -5.37
CA THR GA 200 -84.90 5.59 -6.81
C THR GA 200 -85.82 6.53 -7.58
N ALA GA 201 -85.53 6.62 -8.87
CA ALA GA 201 -86.39 7.33 -9.81
C ALA GA 201 -86.31 6.61 -11.14
N PHE GA 202 -87.42 5.99 -11.53
CA PHE GA 202 -87.53 5.24 -12.77
C PHE GA 202 -88.35 6.01 -13.78
N GLU GA 203 -87.88 6.05 -15.01
CA GLU GA 203 -88.59 6.71 -16.09
C GLU GA 203 -89.72 5.81 -16.57
N ASN GA 204 -90.92 6.37 -16.64
CA ASN GA 204 -92.08 5.61 -17.01
C ASN GA 204 -92.04 5.25 -18.49
N SER GA 205 -92.93 4.35 -18.87
CA SER GA 205 -92.94 3.78 -20.21
C SER GA 205 -94.34 3.34 -20.57
N ILE GA 206 -94.54 3.04 -21.85
CA ILE GA 206 -95.80 2.53 -22.33
C ILE GA 206 -96.03 1.11 -21.82
N TYR GA 207 -94.95 0.36 -21.61
CA TYR GA 207 -95.01 -1.00 -21.13
C TYR GA 207 -94.67 -1.05 -19.65
N ASP GA 208 -95.15 -2.10 -19.00
CA ASP GA 208 -94.85 -2.31 -17.59
C ASP GA 208 -93.43 -2.79 -17.42
N GLN GA 209 -92.72 -2.19 -16.46
CA GLN GA 209 -91.34 -2.51 -16.14
C GLN GA 209 -91.31 -3.20 -14.79
N GLU GA 210 -91.05 -4.51 -14.79
CA GLU GA 210 -91.00 -5.29 -13.57
C GLU GA 210 -89.55 -5.60 -13.21
N TYR GA 211 -89.32 -5.74 -11.91
CA TYR GA 211 -88.01 -6.04 -11.37
C TYR GA 211 -88.15 -7.00 -10.20
N ASN GA 212 -87.16 -7.86 -10.03
CA ASN GA 212 -87.00 -8.71 -8.86
C ASN GA 212 -85.83 -8.15 -8.07
N ILE GA 213 -86.10 -7.56 -6.93
CA ILE GA 213 -85.09 -6.87 -6.15
C ILE GA 213 -84.59 -7.81 -5.06
N ARG GA 214 -83.28 -8.03 -5.05
CA ARG GA 214 -82.61 -8.89 -4.09
C ARG GA 214 -81.72 -8.02 -3.22
N VAL GA 215 -82.08 -7.88 -1.96
CA VAL GA 215 -81.31 -7.14 -0.98
C VAL GA 215 -80.49 -8.13 -0.19
N THR GA 216 -79.20 -7.85 -0.05
CA THR GA 216 -78.28 -8.66 0.72
C THR GA 216 -77.63 -7.76 1.76
N MET GA 217 -77.82 -8.09 3.03
CA MET GA 217 -77.22 -7.36 4.13
C MET GA 217 -76.05 -8.13 4.70
N TYR GA 218 -74.92 -7.46 4.81
CA TYR GA 218 -73.72 -8.01 5.40
C TYR GA 218 -73.64 -7.51 6.84
N VAL GA 219 -73.90 -8.40 7.78
CA VAL GA 219 -74.09 -8.04 9.17
C VAL GA 219 -72.94 -8.59 10.00
N GLN GA 220 -72.85 -8.12 11.23
CA GLN GA 220 -71.81 -8.51 12.16
C GLN GA 220 -72.47 -8.59 13.53
N PHE GA 221 -72.51 -9.79 14.09
CA PHE GA 221 -73.13 -10.06 15.36
C PHE GA 221 -72.08 -10.13 16.47
N ARG GA 222 -72.56 -10.21 17.71
CA ARG GA 222 -71.70 -10.22 18.87
C ARG GA 222 -72.43 -10.90 20.02
N GLU GA 223 -71.64 -11.54 20.89
CA GLU GA 223 -72.12 -12.13 22.13
C GLU GA 223 -73.14 -13.24 21.89
N PHE GA 224 -72.63 -14.33 21.34
CA PHE GA 224 -73.31 -15.62 21.29
C PHE GA 224 -74.02 -15.91 22.61
N ASN GA 225 -75.33 -16.10 22.54
CA ASN GA 225 -76.16 -16.17 23.73
C ASN GA 225 -77.14 -17.33 23.66
N LEU GA 226 -76.67 -18.48 23.20
CA LEU GA 226 -77.53 -19.64 23.12
C LEU GA 226 -77.95 -20.09 24.51
N LYS GA 227 -79.20 -20.54 24.61
CA LYS GA 227 -79.77 -21.05 25.84
C LYS GA 227 -80.18 -22.49 25.65
N ASP GA 228 -79.71 -23.36 26.54
CA ASP GA 228 -79.88 -24.80 26.42
C ASP GA 228 -80.57 -25.34 27.66
N PRO GA 229 -81.89 -25.28 27.72
CA PRO GA 229 -82.60 -25.92 28.80
C PRO GA 229 -82.61 -27.43 28.64
N PRO GA 230 -82.98 -28.17 29.68
CA PRO GA 230 -83.13 -29.63 29.52
C PRO GA 230 -84.32 -29.99 28.66
N LEU GA 231 -84.54 -31.29 28.49
CA LEU GA 231 -85.62 -31.80 27.65
C LEU GA 231 -86.26 -33.04 28.27
N GLY HA 43 -64.00 32.66 -3.59
CA GLY HA 43 -64.74 31.54 -3.05
C GLY HA 43 -65.22 30.59 -4.12
N ILE HA 44 -64.33 29.71 -4.53
CA ILE HA 44 -64.58 28.82 -5.66
C ILE HA 44 -65.45 27.66 -5.21
N PHE HA 45 -66.33 27.23 -6.12
CA PHE HA 45 -67.15 26.05 -5.90
C PHE HA 45 -67.42 25.42 -7.26
N ASN HA 46 -66.69 24.35 -7.55
CA ASN HA 46 -66.94 23.57 -8.75
C ASN HA 46 -68.05 22.57 -8.48
N THR HA 47 -69.06 22.57 -9.33
CA THR HA 47 -70.15 21.62 -9.22
C THR HA 47 -70.58 21.17 -10.61
N ARG HA 48 -71.74 20.52 -10.67
CA ARG HA 48 -72.24 19.87 -11.85
C ARG HA 48 -73.75 20.03 -11.90
N LEU HA 49 -74.24 20.54 -13.03
CA LEU HA 49 -75.65 20.80 -13.24
C LEU HA 49 -76.09 20.09 -14.50
N SER HA 50 -77.27 19.47 -14.45
CA SER HA 50 -77.79 18.65 -15.51
C SER HA 50 -79.19 19.09 -15.89
N ARG HA 51 -79.66 18.53 -17.01
CA ARG HA 51 -80.90 18.89 -17.66
C ARG HA 51 -81.15 17.86 -18.74
N THR HA 52 -82.41 17.46 -18.91
CA THR HA 52 -82.80 16.40 -19.82
C THR HA 52 -83.97 16.86 -20.67
N PHE HA 53 -83.91 16.53 -21.95
CA PHE HA 53 -84.95 16.90 -22.90
C PHE HA 53 -84.89 15.97 -24.09
N GLY HA 54 -85.90 16.05 -24.93
CA GLY HA 54 -86.06 15.17 -26.06
C GLY HA 54 -85.73 15.76 -27.41
N TYR HA 55 -85.40 14.89 -28.36
CA TYR HA 55 -85.14 15.25 -29.74
C TYR HA 55 -85.54 14.09 -30.61
N THR HA 56 -86.32 14.38 -31.65
CA THR HA 56 -86.82 13.36 -32.56
C THR HA 56 -86.48 13.75 -34.00
N ILE HA 57 -86.07 12.74 -34.76
CA ILE HA 57 -85.85 12.86 -36.19
C ILE HA 57 -87.02 12.12 -36.84
N LYS HA 58 -87.96 12.87 -37.40
CA LYS HA 58 -89.14 12.30 -37.99
C LYS HA 58 -88.80 11.49 -39.23
N ARG HA 59 -89.70 10.58 -39.58
CA ARG HA 59 -89.53 9.71 -40.72
C ARG HA 59 -89.69 10.47 -42.03
N THR HA 60 -89.14 9.89 -43.10
CA THR HA 60 -89.24 10.44 -44.43
C THR HA 60 -89.41 9.31 -45.44
N THR HA 61 -90.29 9.54 -46.42
CA THR HA 61 -90.46 8.63 -47.54
C THR HA 61 -89.35 8.75 -48.58
N VAL HA 62 -88.45 9.73 -48.43
CA VAL HA 62 -87.36 9.91 -49.38
C VAL HA 62 -86.50 8.66 -49.41
N LYS HA 63 -86.12 8.26 -50.63
CA LYS HA 63 -85.34 7.05 -50.81
C LYS HA 63 -83.85 7.29 -50.60
N THR HA 64 -83.36 8.44 -51.02
CA THR HA 64 -81.95 8.73 -50.96
C THR HA 64 -81.46 8.80 -49.52
N PRO HA 65 -80.14 8.76 -49.32
CA PRO HA 65 -79.61 9.08 -48.00
C PRO HA 65 -79.57 10.59 -47.81
N SER HA 66 -80.46 11.09 -46.98
CA SER HA 66 -80.51 12.50 -46.61
C SER HA 66 -80.27 12.63 -45.11
N TRP HA 67 -79.81 13.79 -44.71
CA TRP HA 67 -79.49 14.08 -43.33
C TRP HA 67 -80.32 15.23 -42.80
N ALA HA 68 -80.61 15.15 -41.50
CA ALA HA 68 -81.36 16.16 -40.77
C ALA HA 68 -80.40 16.94 -39.89
N VAL HA 69 -80.34 18.24 -40.12
CA VAL HA 69 -79.39 19.11 -39.45
C VAL HA 69 -80.11 19.90 -38.38
N ASP HA 70 -79.45 20.09 -37.25
CA ASP HA 70 -79.99 20.88 -36.17
C ASP HA 70 -78.83 21.39 -35.32
N MET HA 71 -79.16 22.33 -34.45
CA MET HA 71 -78.20 23.04 -33.61
C MET HA 71 -78.51 22.80 -32.15
N MET HA 72 -77.54 23.19 -31.31
CA MET HA 72 -77.67 23.00 -29.87
C MET HA 72 -76.86 24.06 -29.16
N ARG HA 73 -77.54 24.94 -28.43
CA ARG HA 73 -76.94 25.95 -27.58
C ARG HA 73 -77.13 25.55 -26.12
N PHE HA 74 -76.39 26.24 -25.24
CA PHE HA 74 -76.42 25.98 -23.81
C PHE HA 74 -76.51 27.29 -23.06
N ASN HA 75 -77.52 27.41 -22.21
CA ASN HA 75 -77.69 28.56 -21.34
C ASN HA 75 -77.87 28.07 -19.91
N ILE HA 76 -77.40 28.88 -18.97
CA ILE HA 76 -77.43 28.50 -17.56
C ILE HA 76 -78.78 28.72 -16.92
N ASN HA 77 -79.69 29.46 -17.56
CA ASN HA 77 -81.03 29.60 -17.01
C ASN HA 77 -81.77 28.28 -17.04
N ASP HA 78 -81.48 27.43 -18.01
CA ASP HA 78 -82.13 26.14 -18.13
C ASP HA 78 -81.62 25.11 -17.13
N PHE HA 79 -80.49 25.39 -16.48
CA PHE HA 79 -79.92 24.50 -15.48
C PHE HA 79 -80.04 25.04 -14.07
N LEU HA 80 -80.03 26.35 -13.90
CA LEU HA 80 -80.08 27.02 -12.61
C LEU HA 80 -81.39 27.78 -12.47
N PRO HA 81 -82.32 27.38 -11.61
CA PRO HA 81 -83.59 28.10 -11.54
C PRO HA 81 -83.43 29.41 -10.79
N PRO HA 82 -84.46 30.25 -10.80
CA PRO HA 82 -84.43 31.44 -9.96
C PRO HA 82 -84.60 31.07 -8.49
N GLY HA 83 -83.97 31.87 -7.65
CA GLY HA 83 -84.02 31.62 -6.23
C GLY HA 83 -85.26 32.19 -5.57
N GLY HA 84 -85.09 32.74 -4.38
CA GLY HA 84 -86.19 33.32 -3.66
C GLY HA 84 -85.74 34.34 -2.64
N GLY HA 85 -86.39 35.50 -2.63
CA GLY HA 85 -86.06 36.55 -1.70
C GLY HA 85 -84.93 37.43 -2.17
N SER HA 86 -84.06 37.80 -1.24
CA SER HA 86 -82.94 38.67 -1.56
C SER HA 86 -81.88 37.97 -2.41
N ASN HA 87 -81.92 36.64 -2.49
CA ASN HA 87 -81.03 35.89 -3.33
C ASN HA 87 -81.71 35.63 -4.66
N PRO HA 88 -81.30 36.26 -5.77
CA PRO HA 88 -82.07 36.10 -7.01
C PRO HA 88 -81.94 34.73 -7.63
N ARG HA 89 -80.89 33.99 -7.33
CA ARG HA 89 -80.65 32.67 -7.88
C ARG HA 89 -80.53 31.64 -6.77
N SER HA 90 -80.68 30.38 -7.15
CA SER HA 90 -80.73 29.30 -6.18
C SER HA 90 -79.35 28.88 -5.71
N VAL HA 91 -78.32 29.13 -6.49
CA VAL HA 91 -76.93 28.92 -6.09
C VAL HA 91 -76.35 30.28 -5.72
N PRO HA 92 -76.06 30.55 -4.44
CA PRO HA 92 -75.71 31.93 -4.06
C PRO HA 92 -74.28 32.32 -4.37
N PHE HA 93 -74.05 32.63 -5.64
CA PHE HA 93 -72.76 33.10 -6.11
C PHE HA 93 -72.98 34.21 -7.12
N GLU HA 94 -71.92 35.00 -7.33
CA GLU HA 94 -71.96 36.15 -8.21
C GLU HA 94 -71.51 35.84 -9.62
N TYR HA 95 -70.36 35.20 -9.76
CA TYR HA 95 -69.72 34.96 -11.04
C TYR HA 95 -69.73 33.48 -11.37
N TYR HA 96 -69.54 33.19 -12.65
CA TYR HA 96 -69.47 31.82 -13.11
C TYR HA 96 -68.67 31.76 -14.39
N ARG HA 97 -68.25 30.55 -14.73
CA ARG HA 97 -67.65 30.28 -16.02
C ARG HA 97 -67.78 28.78 -16.28
N ILE HA 98 -68.29 28.44 -17.45
CA ILE HA 98 -68.55 27.05 -17.78
C ILE HA 98 -67.26 26.42 -18.25
N ARG HA 99 -66.86 25.35 -17.58
CA ARG HA 99 -65.61 24.65 -17.86
C ARG HA 99 -65.77 23.60 -18.95
N LYS HA 100 -66.80 22.77 -18.84
CA LYS HA 100 -67.03 21.68 -19.76
C LYS HA 100 -68.52 21.44 -19.88
N VAL HA 101 -68.91 20.78 -20.95
CA VAL HA 101 -70.27 20.29 -21.15
C VAL HA 101 -70.17 18.87 -21.68
N LYS HA 102 -71.09 18.02 -21.22
CA LYS HA 102 -71.24 16.64 -21.66
C LYS HA 102 -72.64 16.50 -22.21
N VAL HA 103 -72.73 16.38 -23.52
CA VAL HA 103 -73.99 16.09 -24.20
C VAL HA 103 -74.06 14.59 -24.45
N GLU HA 104 -75.13 13.98 -23.96
CA GLU HA 104 -75.35 12.54 -24.07
C GLU HA 104 -76.63 12.31 -24.83
N PHE HA 105 -76.52 11.65 -25.97
CA PHE HA 105 -77.67 11.21 -26.74
C PHE HA 105 -78.02 9.81 -26.28
N TRP HA 106 -78.99 9.71 -25.39
CA TRP HA 106 -79.47 8.43 -24.93
C TRP HA 106 -80.57 7.94 -25.85
N PRO HA 107 -80.43 6.81 -26.53
CA PRO HA 107 -81.45 6.41 -27.48
C PRO HA 107 -82.74 5.99 -26.81
N CYS HA 108 -83.81 6.10 -27.59
CA CYS HA 108 -85.13 5.66 -27.21
C CYS HA 108 -85.63 4.50 -28.05
N SER HA 109 -84.83 4.01 -28.98
CA SER HA 109 -85.24 3.06 -29.98
C SER HA 109 -84.69 1.68 -29.66
N PRO HA 110 -85.40 0.62 -30.05
CA PRO HA 110 -84.92 -0.72 -29.74
C PRO HA 110 -83.73 -1.11 -30.58
N ILE HA 111 -83.00 -2.12 -30.09
CA ILE HA 111 -81.86 -2.62 -30.84
C ILE HA 111 -82.24 -3.45 -32.04
N THR HA 112 -83.53 -3.73 -32.23
CA THR HA 112 -84.02 -4.44 -33.40
C THR HA 112 -84.43 -3.52 -34.53
N GLN HA 113 -84.31 -2.20 -34.37
CA GLN HA 113 -84.77 -1.28 -35.38
C GLN HA 113 -83.80 -1.28 -36.54
N GLY HA 114 -84.35 -1.33 -37.75
CA GLY HA 114 -83.58 -1.35 -38.96
C GLY HA 114 -83.48 0.01 -39.60
N ASP HA 115 -83.06 0.01 -40.86
CA ASP HA 115 -82.82 1.23 -41.63
C ASP HA 115 -81.82 2.10 -40.90
N ARG HA 116 -80.77 1.47 -40.38
CA ARG HA 116 -79.76 2.17 -39.63
C ARG HA 116 -79.02 3.17 -40.52
N GLY HA 117 -78.28 4.05 -39.87
CA GLY HA 117 -77.62 5.15 -40.54
C GLY HA 117 -76.36 5.58 -39.86
N VAL HA 118 -75.78 6.66 -40.36
CA VAL HA 118 -74.51 7.17 -39.85
C VAL HA 118 -74.51 8.68 -40.00
N GLY HA 119 -74.21 9.36 -38.90
CA GLY HA 119 -74.22 10.81 -38.84
C GLY HA 119 -72.96 11.38 -38.27
N SER HA 120 -73.03 12.64 -37.85
CA SER HA 120 -71.86 13.36 -37.40
C SER HA 120 -72.26 14.45 -36.43
N SER HA 121 -71.45 14.63 -35.39
CA SER HA 121 -71.59 15.70 -34.43
C SER HA 121 -70.30 16.49 -34.38
N ALA HA 122 -70.41 17.81 -34.51
CA ALA HA 122 -69.26 18.70 -34.53
C ALA HA 122 -69.45 19.81 -33.52
N VAL HA 123 -68.33 20.44 -33.18
CA VAL HA 123 -68.26 21.47 -32.16
C VAL HA 123 -68.14 22.82 -32.86
N ILE HA 124 -69.11 23.69 -32.60
CA ILE HA 124 -69.27 24.96 -33.31
C ILE HA 124 -69.32 26.07 -32.27
N LEU HA 125 -68.20 26.75 -32.07
CA LEU HA 125 -68.03 27.67 -30.97
C LEU HA 125 -68.31 29.12 -31.33
N ASP HA 126 -69.19 29.39 -32.31
CA ASP HA 126 -69.33 30.75 -32.82
C ASP HA 126 -70.73 31.19 -33.21
N ASP HA 127 -71.76 30.36 -33.01
CA ASP HA 127 -73.14 30.77 -33.23
C ASP HA 127 -73.45 30.98 -34.70
N ASN HA 128 -72.73 30.30 -35.58
CA ASN HA 128 -73.06 30.26 -37.00
C ASN HA 128 -73.01 28.79 -37.38
N PHE HA 129 -74.17 28.16 -37.27
CA PHE HA 129 -74.36 26.76 -37.58
C PHE HA 129 -74.77 26.61 -39.04
N VAL HA 130 -74.61 25.39 -39.55
CA VAL HA 130 -75.24 25.03 -40.81
C VAL HA 130 -76.74 25.18 -40.63
N THR HA 131 -77.40 25.68 -41.67
CA THR HA 131 -78.82 25.97 -41.59
C THR HA 131 -79.59 24.70 -41.27
N LYS HA 132 -80.62 24.85 -40.44
CA LYS HA 132 -81.45 23.72 -40.08
C LYS HA 132 -82.16 23.18 -41.31
N ALA HA 133 -82.06 21.87 -41.51
CA ALA HA 133 -82.59 21.20 -42.68
C ALA HA 133 -83.27 19.92 -42.26
N THR HA 134 -84.30 19.55 -43.02
CA THR HA 134 -85.04 18.32 -42.78
C THR HA 134 -84.43 17.15 -43.53
N ALA HA 135 -84.17 17.32 -44.82
CA ALA HA 135 -83.57 16.26 -45.64
C ALA HA 135 -82.55 16.93 -46.58
N LEU HA 136 -81.32 17.04 -46.10
CA LEU HA 136 -80.23 17.56 -46.89
C LEU HA 136 -79.47 16.41 -47.52
N THR HA 137 -79.00 16.61 -48.74
CA THR HA 137 -78.42 15.55 -49.57
C THR HA 137 -77.01 15.17 -49.17
N TYR HA 138 -76.50 15.68 -48.06
CA TYR HA 138 -75.14 15.35 -47.63
C TYR HA 138 -75.02 15.66 -46.15
N ASP HA 139 -73.94 15.16 -45.56
CA ASP HA 139 -73.62 15.41 -44.16
C ASP HA 139 -72.66 16.59 -44.10
N PRO HA 140 -73.10 17.77 -43.66
CA PRO HA 140 -72.19 18.91 -43.69
C PRO HA 140 -71.08 18.82 -42.67
N TYR HA 141 -71.34 18.19 -41.53
CA TYR HA 141 -70.39 18.13 -40.44
C TYR HA 141 -69.43 16.96 -40.56
N VAL HA 142 -69.32 16.36 -41.73
CA VAL HA 142 -68.54 15.13 -41.86
C VAL HA 142 -67.06 15.43 -41.96
N ASN HA 143 -66.68 16.48 -42.68
CA ASN HA 143 -65.28 16.83 -42.87
C ASN HA 143 -64.76 17.76 -41.80
N TYR HA 144 -65.56 18.07 -40.80
CA TYR HA 144 -65.10 18.92 -39.71
C TYR HA 144 -64.06 18.20 -38.87
N SER HA 145 -63.07 18.96 -38.41
CA SER HA 145 -62.01 18.42 -37.59
C SER HA 145 -62.51 17.89 -36.26
N SER HA 146 -63.66 18.36 -35.79
CA SER HA 146 -64.26 17.93 -34.54
C SER HA 146 -65.41 16.96 -34.75
N ARG HA 147 -65.43 16.27 -35.88
CA ARG HA 147 -66.51 15.35 -36.17
C ARG HA 147 -66.29 14.04 -35.43
N HIS HA 148 -67.34 13.58 -34.77
CA HIS HA 148 -67.45 12.24 -34.24
C HIS HA 148 -68.61 11.58 -34.94
N THR HA 149 -68.43 10.32 -35.30
CA THR HA 149 -69.48 9.57 -35.97
C THR HA 149 -70.61 9.24 -35.02
N ILE HA 150 -71.83 9.42 -35.47
CA ILE HA 150 -73.03 9.02 -34.76
C ILE HA 150 -73.54 7.77 -35.46
N THR HA 151 -73.42 6.64 -34.79
CA THR HA 151 -74.15 5.46 -35.18
C THR HA 151 -75.61 5.59 -34.73
N GLN HA 152 -76.52 5.25 -35.61
CA GLN HA 152 -77.94 5.40 -35.39
C GLN HA 152 -78.63 4.06 -35.56
N PRO HA 153 -79.82 3.88 -34.98
CA PRO HA 153 -80.60 4.72 -34.07
C PRO HA 153 -80.46 4.36 -32.60
N PHE HA 154 -79.92 3.18 -32.31
CA PHE HA 154 -79.96 2.60 -30.98
C PHE HA 154 -78.62 2.64 -30.27
N SER HA 155 -77.80 3.63 -30.58
CA SER HA 155 -76.45 3.73 -30.07
C SER HA 155 -76.25 5.04 -29.33
N TYR HA 156 -75.46 4.96 -28.27
CA TYR HA 156 -75.17 6.09 -27.41
C TYR HA 156 -74.04 6.93 -27.99
N HIS HA 157 -74.19 8.23 -27.88
CA HIS HA 157 -73.23 9.20 -28.39
C HIS HA 157 -73.00 10.25 -27.34
N SER HA 158 -71.74 10.42 -26.94
CA SER HA 158 -71.34 11.44 -25.99
C SER HA 158 -70.35 12.40 -26.65
N ARG HA 159 -70.41 13.65 -26.21
CA ARG HA 159 -69.45 14.67 -26.62
C ARG HA 159 -69.11 15.49 -25.40
N TYR HA 160 -67.81 15.61 -25.12
CA TYR HA 160 -67.30 16.30 -23.94
C TYR HA 160 -66.31 17.35 -24.42
N PHE HA 161 -66.65 18.62 -24.17
CA PHE HA 161 -65.91 19.72 -24.74
C PHE HA 161 -66.11 20.95 -23.86
N THR HA 162 -65.40 22.01 -24.22
CA THR HA 162 -65.42 23.28 -23.51
C THR HA 162 -66.15 24.31 -24.35
N PRO HA 163 -67.34 24.78 -23.96
CA PRO HA 163 -68.04 25.74 -24.80
C PRO HA 163 -67.46 27.13 -24.67
N LYS HA 164 -68.02 28.06 -25.43
CA LYS HA 164 -67.58 29.44 -25.44
C LYS HA 164 -68.82 30.34 -25.42
N PRO HA 165 -68.76 31.48 -24.74
CA PRO HA 165 -69.92 32.37 -24.71
C PRO HA 165 -69.99 33.28 -25.93
N VAL HA 166 -71.21 33.73 -26.19
CA VAL HA 166 -71.50 34.61 -27.31
C VAL HA 166 -71.39 36.04 -26.77
N LEU HA 167 -70.17 36.58 -26.85
CA LEU HA 167 -69.92 37.93 -26.39
C LEU HA 167 -70.31 38.96 -27.44
N ASP HA 168 -69.95 38.71 -28.70
CA ASP HA 168 -70.34 39.56 -29.81
C ASP HA 168 -70.69 38.66 -30.98
N SER HA 169 -71.98 38.58 -31.30
CA SER HA 169 -72.42 37.75 -32.42
C SER HA 169 -72.05 38.34 -33.77
N THR HA 170 -71.71 39.63 -33.82
CA THR HA 170 -71.32 40.26 -35.08
C THR HA 170 -69.92 39.85 -35.49
N ILE HA 171 -69.01 39.76 -34.52
CA ILE HA 171 -67.60 39.47 -34.78
C ILE HA 171 -67.33 38.01 -34.48
N ASP HA 172 -68.00 37.47 -33.48
CA ASP HA 172 -67.92 36.06 -33.11
C ASP HA 172 -66.48 35.68 -32.75
N TYR HA 173 -65.98 36.28 -31.67
CA TYR HA 173 -64.67 36.00 -31.15
C TYR HA 173 -64.77 35.18 -29.88
N PHE HA 174 -63.77 34.31 -29.69
CA PHE HA 174 -63.73 33.46 -28.52
C PHE HA 174 -62.30 33.18 -28.13
N GLN HA 175 -62.13 32.71 -26.97
CA GLN HA 175 -60.85 32.42 -26.37
C GLN HA 175 -60.44 30.98 -26.61
N PRO HA 176 -59.14 30.69 -26.71
CA PRO HA 176 -58.72 29.30 -26.67
C PRO HA 176 -58.82 28.71 -25.29
N ASN HA 177 -58.59 27.41 -25.18
CA ASN HA 177 -58.76 26.71 -23.94
C ASN HA 177 -57.63 27.04 -23.00
N ASN HA 178 -57.95 27.66 -21.87
CA ASN HA 178 -56.98 27.98 -20.85
C ASN HA 178 -57.75 28.08 -19.54
N LYS HA 179 -57.50 27.17 -18.62
CA LYS HA 179 -58.25 27.18 -17.38
C LYS HA 179 -57.93 28.41 -16.55
N ARG HA 180 -56.72 28.94 -16.66
CA ARG HA 180 -56.31 30.04 -15.82
C ARG HA 180 -56.76 31.39 -16.34
N ASN HA 181 -56.99 31.50 -17.65
CA ASN HA 181 -57.33 32.76 -18.29
C ASN HA 181 -58.77 32.84 -18.74
N GLN HA 182 -59.58 31.83 -18.46
CA GLN HA 182 -60.97 31.84 -18.89
C GLN HA 182 -61.73 32.95 -18.18
N LEU HA 183 -62.53 33.67 -18.96
CA LEU HA 183 -63.27 34.79 -18.45
C LEU HA 183 -64.32 34.35 -17.45
N TRP HA 184 -64.53 35.20 -16.44
CA TRP HA 184 -65.64 35.05 -15.52
C TRP HA 184 -66.78 35.91 -16.01
N LEU HA 185 -67.94 35.30 -16.18
CA LEU HA 185 -69.16 36.01 -16.47
C LEU HA 185 -69.93 36.22 -15.18
N ARG HA 186 -70.91 37.11 -15.26
CA ARG HA 186 -71.82 37.34 -14.14
C ARG HA 186 -73.03 36.44 -14.27
N LEU HA 187 -73.44 35.89 -13.14
CA LEU HA 187 -74.66 35.12 -13.03
C LEU HA 187 -75.82 36.11 -12.91
N GLN HA 188 -76.39 36.45 -14.05
CA GLN HA 188 -77.48 37.40 -14.10
C GLN HA 188 -78.73 36.78 -13.47
N THR HA 189 -79.76 37.62 -13.35
CA THR HA 189 -81.01 37.17 -12.75
C THR HA 189 -81.87 36.43 -13.76
N ALA HA 190 -82.14 37.03 -14.92
CA ALA HA 190 -82.95 36.38 -15.95
C ALA HA 190 -82.46 36.64 -17.37
N GLY HA 191 -81.18 36.95 -17.55
CA GLY HA 191 -80.67 37.37 -18.84
C GLY HA 191 -79.31 36.85 -19.21
N ASN HA 192 -78.97 35.65 -18.75
CA ASN HA 192 -77.65 35.11 -18.99
C ASN HA 192 -77.41 34.86 -20.47
N VAL HA 193 -76.15 34.82 -20.83
CA VAL HA 193 -75.71 34.74 -22.22
C VAL HA 193 -75.63 33.30 -22.66
N ASP HA 194 -75.93 33.06 -23.93
CA ASP HA 194 -75.98 31.71 -24.47
C ASP HA 194 -74.57 31.23 -24.78
N HIS HA 195 -74.26 30.05 -24.28
CA HIS HA 195 -73.06 29.33 -24.69
C HIS HA 195 -73.39 28.41 -25.84
N VAL HA 196 -72.37 28.08 -26.61
CA VAL HA 196 -72.54 27.45 -27.91
C VAL HA 196 -71.43 26.43 -28.08
N GLY HA 197 -71.62 25.52 -29.05
CA GLY HA 197 -70.65 24.46 -29.21
C GLY HA 197 -71.08 23.09 -29.69
N LEU HA 198 -72.30 22.89 -30.18
CA LEU HA 198 -72.59 21.60 -30.81
C LEU HA 198 -73.59 21.71 -31.94
N GLY HA 199 -73.25 21.06 -33.04
CA GLY HA 199 -74.17 20.88 -34.14
C GLY HA 199 -74.12 19.45 -34.62
N THR HA 200 -75.27 18.99 -35.09
CA THR HA 200 -75.48 17.58 -35.40
C THR HA 200 -76.01 17.41 -36.81
N ALA HA 201 -75.87 16.18 -37.30
CA ALA HA 201 -76.46 15.77 -38.57
C ALA HA 201 -76.83 14.30 -38.45
N PHE HA 202 -78.13 14.03 -38.44
CA PHE HA 202 -78.67 12.69 -38.31
C PHE HA 202 -79.22 12.23 -39.65
N GLU HA 203 -78.92 10.99 -40.00
CA GLU HA 203 -79.42 10.40 -41.23
C GLU HA 203 -80.86 9.96 -41.03
N ASN HA 204 -81.72 10.40 -41.94
CA ASN HA 204 -83.14 10.11 -41.82
C ASN HA 204 -83.41 8.64 -42.09
N SER HA 205 -84.63 8.23 -41.75
CA SER HA 205 -85.02 6.83 -41.79
C SER HA 205 -86.51 6.71 -42.03
N ILE HA 206 -86.95 5.50 -42.35
CA ILE HA 206 -88.37 5.23 -42.51
C ILE HA 206 -89.09 5.30 -41.17
N TYR HA 207 -88.39 4.98 -40.09
CA TYR HA 207 -88.94 5.00 -38.76
C TYR HA 207 -88.49 6.25 -38.02
N ASP HA 208 -89.28 6.63 -37.02
CA ASP HA 208 -88.94 7.78 -36.19
C ASP HA 208 -87.81 7.42 -35.24
N GLN HA 209 -86.82 8.29 -35.14
CA GLN HA 209 -85.67 8.12 -34.28
C GLN HA 209 -85.76 9.14 -33.14
N GLU HA 210 -86.06 8.66 -31.94
CA GLU HA 210 -86.19 9.50 -30.77
C GLU HA 210 -84.97 9.37 -29.88
N TYR HA 211 -84.66 10.45 -29.17
CA TYR HA 211 -83.53 10.51 -28.26
C TYR HA 211 -83.92 11.31 -27.04
N ASN HA 212 -83.35 10.94 -25.90
CA ASN HA 212 -83.42 11.70 -24.66
C ASN HA 212 -82.05 12.29 -24.42
N ILE HA 213 -81.92 13.60 -24.58
CA ILE HA 213 -80.64 14.26 -24.53
C ILE HA 213 -80.43 14.82 -23.14
N ARG HA 214 -79.34 14.42 -22.50
CA ARG HA 214 -78.97 14.87 -21.16
C ARG HA 214 -77.71 15.71 -21.27
N VAL HA 215 -77.84 17.00 -21.02
CA VAL HA 215 -76.72 17.93 -21.00
C VAL HA 215 -76.29 18.13 -19.56
N THR HA 216 -75.00 18.01 -19.32
CA THR HA 216 -74.40 18.21 -18.02
C THR HA 216 -73.34 19.28 -18.17
N MET HA 217 -73.50 20.38 -17.45
CA MET HA 217 -72.54 21.47 -17.44
C MET HA 217 -71.72 21.44 -16.16
N TYR HA 218 -70.41 21.47 -16.32
CA TYR HA 218 -69.47 21.53 -15.21
C TYR HA 218 -69.03 22.97 -15.05
N VAL HA 219 -69.53 23.62 -14.00
CA VAL HA 219 -69.40 25.05 -13.83
C VAL HA 219 -68.48 25.33 -12.64
N GLN HA 220 -68.08 26.59 -12.53
CA GLN HA 220 -67.18 27.05 -11.49
C GLN HA 220 -67.65 28.44 -11.10
N PHE HA 221 -68.12 28.58 -9.87
CA PHE HA 221 -68.65 29.82 -9.35
C PHE HA 221 -67.60 30.53 -8.50
N ARG HA 222 -67.93 31.76 -8.11
CA ARG HA 222 -67.02 32.60 -7.36
C ARG HA 222 -67.81 33.61 -6.56
N GLU HA 223 -67.27 34.01 -5.43
CA GLU HA 223 -67.80 35.08 -4.58
C GLU HA 223 -69.21 34.76 -4.09
N PHE HA 224 -69.25 33.79 -3.17
CA PHE HA 224 -70.39 33.51 -2.33
C PHE HA 224 -71.01 34.79 -1.80
N ASN HA 225 -72.28 35.01 -2.09
CA ASN HA 225 -72.93 36.28 -1.85
C ASN HA 225 -74.30 36.11 -1.21
N LEU HA 226 -74.38 35.20 -0.24
CA LEU HA 226 -75.65 34.98 0.43
C LEU HA 226 -76.05 36.21 1.22
N LYS HA 227 -77.36 36.49 1.23
CA LYS HA 227 -77.93 37.60 1.95
C LYS HA 227 -78.92 37.06 2.97
N ASP HA 228 -78.75 37.49 4.22
CA ASP HA 228 -79.50 36.96 5.35
C ASP HA 228 -80.20 38.09 6.08
N PRO HA 229 -81.37 38.51 5.60
CA PRO HA 229 -82.16 39.48 6.34
C PRO HA 229 -82.79 38.85 7.56
N PRO HA 230 -83.31 39.66 8.49
CA PRO HA 230 -84.05 39.08 9.61
C PRO HA 230 -85.38 38.49 9.20
N LEU HA 231 -86.13 37.97 10.17
CA LEU HA 231 -87.41 37.32 9.92
C LEU HA 231 -88.42 37.68 11.00
N GLY IA 43 -45.75 23.41 -50.18
CA GLY IA 43 -46.81 23.74 -49.24
C GLY IA 43 -47.75 22.59 -48.99
N ILE IA 44 -47.34 21.69 -48.11
CA ILE IA 44 -48.05 20.45 -47.89
C ILE IA 44 -49.25 20.70 -46.99
N PHE IA 45 -50.33 19.97 -47.26
CA PHE IA 45 -51.52 20.01 -46.42
C PHE IA 45 -52.17 18.63 -46.51
N ASN IA 46 -51.98 17.83 -45.47
CA ASN IA 46 -52.65 16.55 -45.35
C ASN IA 46 -54.02 16.77 -44.73
N THR IA 47 -55.05 16.25 -45.40
CA THR IA 47 -56.40 16.33 -44.90
C THR IA 47 -57.14 15.03 -45.19
N ARG IA 48 -58.46 15.07 -45.03
CA ARG IA 48 -59.32 13.91 -45.09
C ARG IA 48 -60.63 14.31 -45.74
N LEU IA 49 -61.01 13.58 -46.78
CA LEU IA 49 -62.22 13.83 -47.56
C LEU IA 49 -63.05 12.57 -47.58
N SER IA 50 -64.35 12.73 -47.41
CA SER IA 50 -65.29 11.63 -47.28
C SER IA 50 -66.44 11.80 -48.27
N ARG IA 51 -67.21 10.72 -48.38
CA ARG IA 51 -68.28 10.56 -49.35
C ARG IA 51 -69.04 9.31 -48.96
N THR IA 52 -70.37 9.37 -49.11
CA THR IA 52 -71.25 8.30 -48.68
C THR IA 52 -72.24 7.97 -49.78
N PHE IA 53 -72.47 6.67 -49.99
CA PHE IA 53 -73.38 6.21 -51.01
C PHE IA 53 -73.83 4.80 -50.66
N GLY IA 54 -74.83 4.33 -51.39
CA GLY IA 54 -75.46 3.06 -51.14
C GLY IA 54 -75.08 1.93 -52.07
N TYR IA 55 -75.25 0.71 -51.58
CA TYR IA 55 -75.03 -0.50 -52.37
C TYR IA 55 -75.96 -1.57 -51.84
N THR IA 56 -76.68 -2.22 -52.75
CA THR IA 56 -77.65 -3.25 -52.40
C THR IA 56 -77.36 -4.52 -53.18
N ILE IA 57 -77.47 -5.64 -52.49
CA ILE IA 57 -77.40 -6.97 -53.08
C ILE IA 57 -78.83 -7.50 -53.09
N LYS IA 58 -79.45 -7.51 -54.25
CA LYS IA 58 -80.83 -7.92 -54.38
C LYS IA 58 -80.99 -9.41 -54.06
N ARG IA 59 -82.21 -9.77 -53.71
CA ARG IA 59 -82.54 -11.15 -53.35
C ARG IA 59 -82.53 -12.05 -54.58
N THR IA 60 -82.40 -13.35 -54.32
CA THR IA 60 -82.42 -14.37 -55.36
C THR IA 60 -83.15 -15.61 -54.84
N THR IA 61 -83.97 -16.20 -55.71
CA THR IA 61 -84.62 -17.46 -55.41
C THR IA 61 -83.69 -18.65 -55.58
N VAL IA 62 -82.47 -18.43 -56.07
CA VAL IA 62 -81.52 -19.52 -56.25
C VAL IA 62 -81.23 -20.18 -54.92
N LYS IA 63 -81.19 -21.52 -54.92
CA LYS IA 63 -80.98 -22.28 -53.69
C LYS IA 63 -79.51 -22.40 -53.34
N THR IA 64 -78.66 -22.54 -54.35
CA THR IA 64 -77.25 -22.76 -54.12
C THR IA 64 -76.60 -21.55 -53.45
N PRO IA 65 -75.39 -21.72 -52.91
CA PRO IA 65 -74.62 -20.55 -52.50
C PRO IA 65 -73.96 -19.90 -53.70
N SER IA 66 -74.49 -18.75 -54.10
CA SER IA 66 -73.92 -17.95 -55.16
C SER IA 66 -73.49 -16.61 -54.61
N TRP IA 67 -72.55 -15.99 -55.31
CA TRP IA 67 -71.98 -14.72 -54.90
C TRP IA 67 -72.22 -13.65 -55.95
N ALA IA 68 -72.35 -12.43 -55.47
CA ALA IA 68 -72.55 -11.24 -56.28
C ALA IA 68 -71.26 -10.44 -56.30
N VAL IA 69 -70.72 -10.24 -57.49
CA VAL IA 69 -69.42 -9.60 -57.67
C VAL IA 69 -69.64 -8.19 -58.16
N ASP IA 70 -68.83 -7.27 -57.66
CA ASP IA 70 -68.88 -5.88 -58.08
C ASP IA 70 -67.52 -5.25 -57.82
N MET IA 71 -67.34 -4.07 -58.39
CA MET IA 71 -66.08 -3.34 -58.35
C MET IA 71 -66.29 -1.99 -57.67
N MET IA 72 -65.15 -1.35 -57.36
CA MET IA 72 -65.18 -0.07 -56.66
C MET IA 72 -63.92 0.71 -57.04
N ARG IA 73 -64.11 1.82 -57.73
CA ARG IA 73 -63.06 2.77 -58.06
C ARG IA 73 -63.22 4.02 -57.21
N PHE IA 74 -62.17 4.84 -57.21
CA PHE IA 74 -62.13 6.07 -56.43
C PHE IA 74 -61.60 7.20 -57.29
N ASN IA 75 -62.38 8.28 -57.39
CA ASN IA 75 -61.97 9.48 -58.07
C ASN IA 75 -62.15 10.68 -57.15
N ILE IA 76 -61.29 11.67 -57.33
CA ILE IA 76 -61.30 12.85 -56.45
C ILE IA 76 -62.37 13.85 -56.83
N ASN IA 77 -62.98 13.74 -58.01
CA ASN IA 77 -64.07 14.63 -58.34
C ASN IA 77 -65.29 14.38 -57.47
N ASP IA 78 -65.46 13.14 -57.02
CA ASP IA 78 -66.58 12.79 -56.17
C ASP IA 78 -66.40 13.23 -54.73
N PHE IA 79 -65.19 13.62 -54.34
CA PHE IA 79 -64.90 14.10 -53.00
C PHE IA 79 -64.64 15.59 -52.93
N LEU IA 80 -64.09 16.16 -54.01
CA LEU IA 80 -63.71 17.56 -54.07
C LEU IA 80 -64.57 18.28 -55.10
N PRO IA 81 -65.48 19.17 -54.72
CA PRO IA 81 -66.34 19.79 -55.72
C PRO IA 81 -65.59 20.85 -56.49
N PRO IA 82 -66.19 21.39 -57.54
CA PRO IA 82 -65.60 22.53 -58.23
C PRO IA 82 -65.71 23.78 -57.39
N GLY IA 83 -64.73 24.65 -57.54
CA GLY IA 83 -64.70 25.87 -56.79
C GLY IA 83 -65.52 26.98 -57.42
N GLY IA 84 -65.01 28.20 -57.36
CA GLY IA 84 -65.70 29.32 -57.93
C GLY IA 84 -64.76 30.46 -58.26
N GLY IA 85 -64.89 31.01 -59.46
CA GLY IA 85 -64.07 32.11 -59.89
C GLY IA 85 -62.75 31.68 -60.47
N SER IA 86 -61.69 32.41 -60.13
CA SER IA 86 -60.37 32.11 -60.65
C SER IA 86 -59.80 30.84 -60.05
N ASN IA 87 -60.36 30.35 -58.94
CA ASN IA 87 -59.94 29.11 -58.35
C ASN IA 87 -60.84 27.99 -58.87
N PRO IA 88 -60.33 27.08 -59.72
CA PRO IA 88 -61.25 26.09 -60.32
C PRO IA 88 -61.75 25.06 -59.34
N ARG IA 89 -61.05 24.82 -58.25
CA ARG IA 89 -61.42 23.83 -57.25
C ARG IA 89 -61.59 24.48 -55.90
N SER IA 90 -62.26 23.77 -55.00
CA SER IA 90 -62.63 24.32 -53.71
C SER IA 90 -61.48 24.27 -52.71
N VAL IA 91 -60.54 23.35 -52.91
CA VAL IA 91 -59.30 23.29 -52.12
C VAL IA 91 -58.19 23.92 -52.96
N PRO IA 92 -57.67 25.09 -52.59
CA PRO IA 92 -56.76 25.79 -53.51
C PRO IA 92 -55.34 25.25 -53.50
N PHE IA 93 -55.16 24.14 -54.20
CA PHE IA 93 -53.86 23.53 -54.37
C PHE IA 93 -53.73 23.02 -55.80
N GLU IA 94 -52.49 22.81 -56.23
CA GLU IA 94 -52.17 22.39 -57.57
C GLU IA 94 -52.05 20.89 -57.72
N TYR IA 95 -51.26 20.26 -56.85
CA TYR IA 95 -50.94 18.85 -56.95
C TYR IA 95 -51.58 18.08 -55.81
N TYR IA 96 -51.67 16.77 -56.01
CA TYR IA 96 -52.21 15.90 -54.98
C TYR IA 96 -51.66 14.50 -55.18
N ARG IA 97 -51.79 13.70 -54.13
CA ARG IA 97 -51.51 12.27 -54.22
C ARG IA 97 -52.24 11.60 -53.08
N ILE IA 98 -52.99 10.55 -53.41
CA ILE IA 98 -53.82 9.87 -52.43
C ILE IA 98 -52.95 8.90 -51.66
N ARG IA 99 -52.93 9.06 -50.34
CA ARG IA 99 -52.10 8.26 -49.46
C ARG IA 99 -52.80 6.98 -49.04
N LYS IA 100 -54.05 7.08 -48.60
CA LYS IA 100 -54.80 5.94 -48.11
C LYS IA 100 -56.27 6.15 -48.43
N VAL IA 101 -57.02 5.06 -48.41
CA VAL IA 101 -58.46 5.07 -48.51
C VAL IA 101 -59.00 4.11 -47.46
N LYS IA 102 -60.12 4.50 -46.85
CA LYS IA 102 -60.86 3.69 -45.89
C LYS IA 102 -62.25 3.50 -46.43
N VAL IA 103 -62.55 2.29 -46.87
CA VAL IA 103 -63.88 1.91 -47.30
C VAL IA 103 -64.57 1.23 -46.13
N GLU IA 104 -65.73 1.75 -45.75
CA GLU IA 104 -66.51 1.26 -44.62
C GLU IA 104 -67.85 0.81 -45.15
N PHE IA 105 -68.16 -0.47 -45.00
CA PHE IA 105 -69.48 -1.01 -45.29
C PHE IA 105 -70.30 -0.95 -44.01
N TRP IA 106 -71.10 0.08 -43.89
CA TRP IA 106 -71.99 0.21 -42.76
C TRP IA 106 -73.30 -0.49 -43.07
N PRO IA 107 -73.69 -1.51 -42.32
CA PRO IA 107 -74.91 -2.25 -42.68
C PRO IA 107 -76.17 -1.44 -42.46
N CYS IA 108 -77.18 -1.85 -43.21
CA CYS IA 108 -78.52 -1.28 -43.11
C CYS IA 108 -79.53 -2.29 -42.61
N SER IA 109 -79.11 -3.50 -42.29
CA SER IA 109 -79.98 -4.61 -42.01
C SER IA 109 -79.98 -4.92 -40.52
N PRO IA 110 -81.10 -5.42 -39.99
CA PRO IA 110 -81.16 -5.69 -38.55
C PRO IA 110 -80.33 -6.90 -38.17
N ILE IA 111 -80.01 -6.97 -36.88
CA ILE IA 111 -79.25 -8.10 -36.36
C ILE IA 111 -80.08 -9.37 -36.25
N THR IA 112 -81.39 -9.30 -36.50
CA THR IA 112 -82.25 -10.45 -36.52
C THR IA 112 -82.40 -11.08 -37.89
N GLN IA 113 -81.74 -10.54 -38.91
CA GLN IA 113 -81.92 -11.04 -40.25
C GLN IA 113 -81.17 -12.36 -40.41
N GLY IA 114 -81.84 -13.33 -41.01
CA GLY IA 114 -81.29 -14.64 -41.23
C GLY IA 114 -80.73 -14.82 -42.62
N ASP IA 115 -80.51 -16.08 -42.99
CA ASP IA 115 -79.90 -16.44 -44.25
C ASP IA 115 -78.55 -15.75 -44.40
N ARG IA 116 -77.79 -15.76 -43.32
CA ARG IA 116 -76.50 -15.12 -43.29
C ARG IA 116 -75.54 -15.80 -44.26
N GLY IA 117 -74.44 -15.10 -44.52
CA GLY IA 117 -73.49 -15.54 -45.52
C GLY IA 117 -72.08 -15.11 -45.22
N VAL IA 118 -71.18 -15.37 -46.17
CA VAL IA 118 -69.77 -15.07 -45.98
C VAL IA 118 -69.18 -14.72 -47.33
N GLY IA 119 -68.51 -13.58 -47.41
CA GLY IA 119 -67.94 -13.06 -48.62
C GLY IA 119 -66.49 -12.68 -48.48
N SER IA 120 -66.02 -11.88 -49.42
CA SER IA 120 -64.60 -11.55 -49.49
C SER IA 120 -64.43 -10.20 -50.17
N SER IA 121 -63.50 -9.41 -49.64
CA SER IA 121 -63.08 -8.15 -50.23
C SER IA 121 -61.58 -8.19 -50.48
N ALA IA 122 -61.18 -7.86 -51.70
CA ALA IA 122 -59.79 -7.89 -52.10
C ALA IA 122 -59.39 -6.57 -52.72
N VAL IA 123 -58.08 -6.34 -52.76
CA VAL IA 123 -57.49 -5.10 -53.23
C VAL IA 123 -56.93 -5.32 -54.63
N ILE IA 124 -57.43 -4.55 -55.59
CA ILE IA 124 -57.17 -4.76 -57.01
C ILE IA 124 -56.65 -3.44 -57.57
N LEU IA 125 -55.34 -3.34 -57.71
CA LEU IA 125 -54.68 -2.07 -58.01
C LEU IA 125 -54.41 -1.86 -59.49
N ASP IA 126 -55.21 -2.44 -60.40
CA ASP IA 126 -54.86 -2.44 -61.81
C ASP IA 126 -56.01 -2.28 -62.79
N ASP IA 127 -57.24 -2.10 -62.34
CA ASP IA 127 -58.37 -1.81 -63.22
C ASP IA 127 -58.75 -3.00 -64.08
N ASN IA 128 -58.47 -4.21 -63.61
CA ASN IA 128 -58.95 -5.43 -64.24
C ASN IA 128 -59.54 -6.27 -63.11
N PHE IA 129 -60.82 -6.07 -62.90
CA PHE IA 129 -61.60 -6.75 -61.89
C PHE IA 129 -62.20 -8.02 -62.46
N VAL IA 130 -62.60 -8.92 -61.56
CA VAL IA 130 -63.47 -10.01 -61.97
C VAL IA 130 -64.75 -9.41 -62.50
N THR IA 131 -65.27 -10.02 -63.55
CA THR IA 131 -66.44 -9.49 -64.22
C THR IA 131 -67.61 -9.41 -63.26
N LYS IA 132 -68.39 -8.34 -63.39
CA LYS IA 132 -69.56 -8.16 -62.54
C LYS IA 132 -70.56 -9.26 -62.80
N ALA IA 133 -71.01 -9.90 -61.72
CA ALA IA 133 -71.89 -11.04 -61.77
C ALA IA 133 -72.98 -10.90 -60.73
N THR IA 134 -74.14 -11.44 -61.03
CA THR IA 134 -75.28 -11.42 -60.13
C THR IA 134 -75.28 -12.64 -59.22
N ALA IA 135 -75.14 -13.83 -59.79
CA ALA IA 135 -75.10 -15.08 -59.02
C ALA IA 135 -74.03 -15.96 -59.63
N LEU IA 136 -72.81 -15.82 -59.14
CA LEU IA 136 -71.70 -16.66 -59.53
C LEU IA 136 -71.54 -17.80 -58.56
N THR IA 137 -71.18 -18.97 -59.08
CA THR IA 137 -71.17 -20.21 -58.30
C THR IA 137 -69.99 -20.34 -57.35
N TYR IA 138 -69.18 -19.29 -57.18
CA TYR IA 138 -68.03 -19.36 -56.31
C TYR IA 138 -67.62 -17.95 -55.93
N ASP IA 139 -66.76 -17.84 -54.93
CA ASP IA 139 -66.21 -16.59 -54.48
C ASP IA 139 -64.86 -16.39 -55.17
N PRO IA 140 -64.74 -15.50 -56.16
CA PRO IA 140 -63.46 -15.39 -56.85
C PRO IA 140 -62.37 -14.79 -56.01
N TYR IA 141 -62.72 -13.88 -55.10
CA TYR IA 141 -61.74 -13.16 -54.32
C TYR IA 141 -61.34 -13.89 -53.05
N VAL IA 142 -61.63 -15.18 -52.95
CA VAL IA 142 -61.42 -15.90 -51.70
C VAL IA 142 -59.95 -16.27 -51.52
N ASN IA 143 -59.29 -16.69 -52.58
CA ASN IA 143 -57.90 -17.11 -52.51
C ASN IA 143 -56.93 -15.98 -52.72
N TYR IA 144 -57.41 -14.75 -52.85
CA TYR IA 144 -56.53 -13.62 -53.00
C TYR IA 144 -55.77 -13.35 -51.71
N SER IA 145 -54.51 -12.94 -51.87
CA SER IA 145 -53.67 -12.64 -50.73
C SER IA 145 -54.17 -11.48 -49.91
N SER IA 146 -54.96 -10.59 -50.51
CA SER IA 146 -55.54 -9.44 -49.83
C SER IA 146 -56.99 -9.65 -49.45
N ARG IA 147 -57.42 -10.89 -49.32
CA ARG IA 147 -58.80 -11.18 -48.98
C ARG IA 147 -59.03 -10.97 -47.50
N HIS IA 148 -60.09 -10.24 -47.18
CA HIS IA 148 -60.65 -10.17 -45.85
C HIS IA 148 -62.06 -10.71 -45.93
N THR IA 149 -62.44 -11.49 -44.93
CA THR IA 149 -63.77 -12.07 -44.90
C THR IA 149 -64.81 -11.01 -44.58
N ILE IA 150 -65.91 -11.06 -45.32
CA ILE IA 150 -67.08 -10.22 -45.09
C ILE IA 150 -68.12 -11.13 -44.46
N THR IA 151 -68.37 -10.91 -43.18
CA THR IA 151 -69.56 -11.46 -42.56
C THR IA 151 -70.77 -10.62 -42.95
N GLN IA 152 -71.85 -11.30 -43.29
CA GLN IA 152 -73.06 -10.68 -43.81
C GLN IA 152 -74.23 -11.09 -42.93
N PRO IA 153 -75.32 -10.32 -42.94
CA PRO IA 153 -75.59 -9.01 -43.54
C PRO IA 153 -75.42 -7.82 -42.62
N PHE IA 154 -75.37 -8.08 -41.31
CA PHE IA 154 -75.48 -7.05 -40.30
C PHE IA 154 -74.15 -6.73 -39.63
N SER IA 155 -73.05 -6.91 -40.34
CA SER IA 155 -71.73 -6.76 -39.78
C SER IA 155 -70.94 -5.72 -40.55
N TYR IA 156 -70.12 -4.99 -39.81
CA TYR IA 156 -69.31 -3.92 -40.35
C TYR IA 156 -68.02 -4.48 -40.93
N HIS IA 157 -67.62 -3.91 -42.07
CA HIS IA 157 -66.43 -4.32 -42.78
C HIS IA 157 -65.67 -3.08 -43.20
N SER IA 158 -64.41 -2.99 -42.78
CA SER IA 158 -63.53 -1.90 -43.16
C SER IA 158 -62.33 -2.45 -43.92
N ARG IA 159 -61.82 -1.63 -44.84
CA ARG IA 159 -60.60 -1.92 -45.58
C ARG IA 159 -59.82 -0.63 -45.67
N TYR IA 160 -58.56 -0.68 -45.25
CA TYR IA 160 -57.67 0.47 -45.22
C TYR IA 160 -56.42 0.14 -46.00
N PHE IA 161 -56.20 0.85 -47.10
CA PHE IA 161 -55.15 0.49 -48.04
C PHE IA 161 -54.75 1.74 -48.81
N THR IA 162 -53.72 1.57 -49.63
CA THR IA 162 -53.16 2.63 -50.45
C THR IA 162 -53.51 2.38 -51.90
N PRO IA 163 -54.36 3.18 -52.53
CA PRO IA 163 -54.72 2.92 -53.92
C PRO IA 163 -53.62 3.32 -54.88
N LYS IA 164 -53.85 3.09 -56.16
CA LYS IA 164 -52.91 3.41 -57.21
C LYS IA 164 -53.67 4.04 -58.36
N PRO IA 165 -53.08 5.01 -59.06
CA PRO IA 165 -53.78 5.62 -60.18
C PRO IA 165 -53.63 4.82 -61.47
N VAL IA 166 -54.59 5.05 -62.36
CA VAL IA 166 -54.65 4.39 -63.65
C VAL IA 166 -53.92 5.30 -64.63
N LEU IA 167 -52.61 5.10 -64.73
CA LEU IA 167 -51.78 5.88 -65.64
C LEU IA 167 -51.86 5.35 -67.05
N ASP IA 168 -51.78 4.04 -67.23
CA ASP IA 168 -51.94 3.40 -68.53
C ASP IA 168 -52.75 2.14 -68.32
N SER IA 169 -53.99 2.14 -68.79
CA SER IA 169 -54.85 0.99 -68.67
C SER IA 169 -54.44 -0.16 -69.59
N THR IA 170 -53.63 0.13 -70.62
CA THR IA 170 -53.18 -0.92 -71.53
C THR IA 170 -52.11 -1.79 -70.89
N ILE IA 171 -51.19 -1.18 -70.13
CA ILE IA 171 -50.06 -1.87 -69.53
C ILE IA 171 -50.37 -2.14 -68.07
N ASP IA 172 -51.07 -1.22 -67.42
CA ASP IA 172 -51.51 -1.35 -66.04
C ASP IA 172 -50.31 -1.53 -65.11
N TYR IA 173 -49.49 -0.48 -65.04
CA TYR IA 173 -48.34 -0.44 -64.17
C TYR IA 173 -48.61 0.48 -62.98
N PHE IA 174 -48.02 0.12 -61.84
CA PHE IA 174 -48.19 0.90 -60.63
C PHE IA 174 -46.93 0.79 -59.78
N GLN IA 175 -46.84 1.65 -58.87
CA GLN IA 175 -45.71 1.78 -57.97
C GLN IA 175 -45.93 0.98 -56.69
N PRO IA 176 -44.88 0.47 -56.07
CA PRO IA 176 -45.05 -0.06 -54.72
C PRO IA 176 -45.20 1.03 -53.70
N ASN IA 177 -45.50 0.65 -52.46
CA ASN IA 177 -45.79 1.61 -51.41
C ASN IA 177 -44.50 2.28 -50.96
N ASN IA 178 -44.42 3.59 -51.16
CA ASN IA 178 -43.28 4.37 -50.72
C ASN IA 178 -43.79 5.79 -50.54
N LYS IA 179 -43.81 6.27 -49.30
CA LYS IA 179 -44.34 7.59 -49.07
C LYS IA 179 -43.47 8.67 -49.69
N ARG IA 180 -42.17 8.42 -49.80
CA ARG IA 180 -41.24 9.44 -50.28
C ARG IA 180 -41.19 9.51 -51.79
N ASN IA 181 -41.50 8.42 -52.48
CA ASN IA 181 -41.39 8.32 -53.92
C ASN IA 181 -42.73 8.31 -54.64
N GLN IA 182 -43.84 8.46 -53.92
CA GLN IA 182 -45.16 8.44 -54.55
C GLN IA 182 -45.33 9.62 -55.47
N LEU IA 183 -45.86 9.35 -56.65
CA LEU IA 183 -46.03 10.37 -57.66
C LEU IA 183 -47.04 11.41 -57.22
N TRP IA 184 -46.77 12.66 -57.61
CA TRP IA 184 -47.72 13.74 -57.48
C TRP IA 184 -48.48 13.87 -58.78
N LEU IA 185 -49.80 13.81 -58.70
CA LEU IA 185 -50.67 14.11 -59.81
C LEU IA 185 -51.14 15.54 -59.74
N ARG IA 186 -51.69 16.02 -60.85
CA ARG IA 186 -52.28 17.34 -60.90
C ARG IA 186 -53.76 17.25 -60.56
N LEU IA 187 -54.20 18.21 -59.77
CA LEU IA 187 -55.62 18.38 -59.46
C LEU IA 187 -56.26 19.11 -60.63
N GLN IA 188 -56.78 18.33 -61.57
CA GLN IA 188 -57.41 18.87 -62.75
C GLN IA 188 -58.71 19.56 -62.38
N THR IA 189 -59.30 20.22 -63.38
CA THR IA 189 -60.55 20.94 -63.16
C THR IA 189 -61.75 20.01 -63.20
N ALA IA 190 -61.89 19.21 -64.27
CA ALA IA 190 -63.01 18.28 -64.37
C ALA IA 190 -62.63 16.95 -65.01
N GLY IA 191 -61.37 16.54 -64.93
CA GLY IA 191 -60.89 15.36 -65.63
C GLY IA 191 -59.89 14.51 -64.89
N ASN IA 192 -60.01 14.45 -63.58
CA ASN IA 192 -59.05 13.72 -62.77
C ASN IA 192 -59.12 12.22 -63.07
N VAL IA 193 -58.01 11.56 -62.76
CA VAL IA 193 -57.81 10.16 -63.11
C VAL IA 193 -58.37 9.27 -62.01
N ASP IA 194 -58.89 8.12 -62.42
CA ASP IA 194 -59.53 7.20 -61.49
C ASP IA 194 -58.48 6.41 -60.73
N HIS IA 195 -58.60 6.39 -59.42
CA HIS IA 195 -57.85 5.49 -58.58
C HIS IA 195 -58.65 4.22 -58.34
N VAL IA 196 -57.95 3.15 -58.04
CA VAL IA 196 -58.51 1.81 -58.07
C VAL IA 196 -57.93 1.03 -56.90
N GLY IA 197 -58.56 -0.09 -56.57
CA GLY IA 197 -58.13 -0.82 -55.40
C GLY IA 197 -59.11 -1.60 -54.55
N LEU IA 198 -60.36 -1.79 -54.96
CA LEU IA 198 -61.21 -2.70 -54.20
C LEU IA 198 -62.21 -3.43 -55.06
N GLY IA 199 -62.29 -4.73 -54.83
CA GLY IA 199 -63.33 -5.56 -55.41
C GLY IA 199 -63.92 -6.47 -54.36
N THR IA 200 -65.20 -6.75 -54.50
CA THR IA 200 -65.99 -7.42 -53.48
C THR IA 200 -66.71 -8.62 -54.07
N ALA IA 201 -67.13 -9.50 -53.16
CA ALA IA 201 -67.98 -10.64 -53.50
C ALA IA 201 -68.88 -10.89 -52.31
N PHE IA 202 -70.18 -10.64 -52.49
CA PHE IA 202 -71.18 -10.82 -51.47
C PHE IA 202 -72.04 -12.04 -51.78
N GLU IA 203 -72.29 -12.84 -50.75
CA GLU IA 203 -73.12 -14.01 -50.88
C GLU IA 203 -74.58 -13.60 -50.90
N ASN IA 204 -75.30 -14.06 -51.90
CA ASN IA 204 -76.68 -13.68 -52.08
C ASN IA 204 -77.55 -14.33 -51.00
N SER IA 205 -78.79 -13.83 -50.91
CA SER IA 205 -79.69 -14.22 -49.84
C SER IA 205 -81.13 -14.08 -50.32
N ILE IA 206 -82.05 -14.65 -49.55
CA ILE IA 206 -83.47 -14.51 -49.83
C ILE IA 206 -83.93 -13.09 -49.60
N TYR IA 207 -83.30 -12.39 -48.67
CA TYR IA 207 -83.64 -11.02 -48.33
C TYR IA 207 -82.64 -10.06 -48.98
N ASP IA 208 -83.09 -8.83 -49.16
CA ASP IA 208 -82.22 -7.80 -49.71
C ASP IA 208 -81.22 -7.34 -48.66
N GLN IA 209 -79.96 -7.22 -49.05
CA GLN IA 209 -78.87 -6.78 -48.20
C GLN IA 209 -78.43 -5.40 -48.65
N GLU IA 210 -78.74 -4.39 -47.86
CA GLU IA 210 -78.38 -3.01 -48.17
C GLU IA 210 -77.21 -2.57 -47.30
N TYR IA 211 -76.42 -1.65 -47.86
CA TYR IA 211 -75.26 -1.10 -47.19
C TYR IA 211 -75.16 0.38 -47.51
N ASN IA 212 -74.65 1.14 -46.56
CA ASN IA 212 -74.26 2.54 -46.75
C ASN IA 212 -72.75 2.59 -46.71
N ILE IA 213 -72.14 2.83 -47.86
CA ILE IA 213 -70.70 2.76 -48.01
C ILE IA 213 -70.12 4.16 -47.87
N ARG IA 214 -69.20 4.32 -46.92
CA ARG IA 214 -68.54 5.59 -46.65
C ARG IA 214 -67.07 5.43 -47.00
N VAL IA 215 -66.64 6.11 -48.06
CA VAL IA 215 -65.26 6.13 -48.49
C VAL IA 215 -64.62 7.39 -47.97
N THR IA 216 -63.46 7.24 -47.35
CA THR IA 216 -62.67 8.33 -46.81
C THR IA 216 -61.30 8.26 -47.45
N MET IA 217 -60.93 9.31 -48.16
CA MET IA 217 -59.62 9.41 -48.79
C MET IA 217 -58.73 10.37 -47.99
N TYR IA 218 -57.54 9.88 -47.65
CA TYR IA 218 -56.54 10.68 -46.97
C TYR IA 218 -55.55 11.17 -48.00
N VAL IA 219 -55.62 12.46 -48.31
CA VAL IA 219 -54.90 13.04 -49.43
C VAL IA 219 -53.83 13.98 -48.91
N GLN IA 220 -52.94 14.37 -49.81
CA GLN IA 220 -51.82 15.24 -49.51
C GLN IA 220 -51.65 16.16 -50.69
N PHE IA 221 -51.88 17.44 -50.47
CA PHE IA 221 -51.79 18.45 -51.51
C PHE IA 221 -50.46 19.19 -51.45
N ARG IA 222 -50.23 20.03 -52.46
CA ARG IA 222 -48.97 20.74 -52.59
C ARG IA 222 -49.21 21.99 -53.41
N GLU IA 223 -48.42 23.03 -53.12
CA GLU IA 223 -48.37 24.27 -53.88
C GLU IA 223 -49.72 25.00 -53.86
N PHE IA 224 -50.03 25.52 -52.68
CA PHE IA 224 -51.08 26.50 -52.47
C PHE IA 224 -51.07 27.55 -53.56
N ASN IA 225 -52.18 27.68 -54.27
CA ASN IA 225 -52.24 28.48 -55.49
C ASN IA 225 -53.47 29.36 -55.52
N LEU IA 226 -53.79 29.97 -54.39
CA LEU IA 226 -54.96 30.85 -54.35
C LEU IA 226 -54.74 32.06 -55.22
N LYS IA 227 -55.82 32.49 -55.87
CA LYS IA 227 -55.81 33.67 -56.72
C LYS IA 227 -56.81 34.68 -56.18
N ASP IA 228 -56.34 35.91 -56.00
CA ASP IA 228 -57.09 36.97 -55.33
C ASP IA 228 -57.19 38.17 -56.26
N PRO IA 229 -58.15 38.18 -57.17
CA PRO IA 229 -58.39 39.36 -57.97
C PRO IA 229 -59.07 40.44 -57.15
N PRO IA 230 -59.11 41.67 -57.64
CA PRO IA 230 -59.88 42.71 -56.95
C PRO IA 230 -61.38 42.48 -57.03
N LEU IA 231 -62.14 43.40 -56.44
CA LEU IA 231 -63.59 43.29 -56.40
C LEU IA 231 -64.25 44.66 -56.59
N GLY JA 43 -47.91 -11.75 -52.29
CA GLY JA 43 -47.54 -13.14 -52.47
C GLY JA 43 -46.45 -13.34 -53.49
N ILE JA 44 -45.22 -13.14 -53.05
CA ILE JA 44 -44.08 -13.13 -53.95
C ILE JA 44 -43.67 -14.56 -54.28
N PHE JA 45 -43.23 -14.75 -55.52
CA PHE JA 45 -42.69 -16.02 -55.97
C PHE JA 45 -41.65 -15.73 -57.04
N ASN JA 46 -40.38 -15.81 -56.64
CA ASN JA 46 -39.28 -15.70 -57.58
C ASN JA 46 -39.01 -17.04 -58.22
N THR JA 47 -38.98 -17.08 -59.54
CA THR JA 47 -38.68 -18.30 -60.26
C THR JA 47 -37.82 -17.97 -61.47
N ARG JA 48 -37.71 -18.94 -62.37
CA ARG JA 48 -36.80 -18.90 -63.50
C ARG JA 48 -37.47 -19.58 -64.69
N LEU JA 49 -37.53 -18.86 -65.81
CA LEU JA 49 -38.16 -19.33 -67.02
C LEU JA 49 -37.16 -19.25 -68.15
N SER JA 50 -37.13 -20.28 -68.99
CA SER JA 50 -36.16 -20.42 -70.06
C SER JA 50 -36.85 -20.67 -71.39
N ARG JA 51 -36.04 -20.59 -72.44
CA ARG JA 51 -36.49 -20.66 -73.82
C ARG JA 51 -35.24 -20.77 -74.68
N THR JA 52 -35.32 -21.57 -75.73
CA THR JA 52 -34.18 -21.87 -76.58
C THR JA 52 -34.58 -21.72 -78.04
N PHE JA 53 -33.69 -21.12 -78.82
CA PHE JA 53 -33.92 -20.89 -80.24
C PHE JA 53 -32.59 -20.70 -80.93
N GLY JA 54 -32.64 -20.70 -82.26
CA GLY JA 54 -31.45 -20.64 -83.08
C GLY JA 54 -31.17 -19.30 -83.72
N TYR JA 55 -29.90 -19.08 -84.06
CA TYR JA 55 -29.45 -17.90 -84.77
C TYR JA 55 -28.26 -18.29 -85.61
N THR JA 56 -28.28 -17.92 -86.89
CA THR JA 56 -27.22 -18.24 -87.82
C THR JA 56 -26.72 -16.98 -88.51
N ILE JA 57 -25.42 -16.91 -88.67
CA ILE JA 57 -24.75 -15.86 -89.43
C ILE JA 57 -24.29 -16.55 -90.72
N LYS JA 58 -24.97 -16.26 -91.81
CA LYS JA 58 -24.67 -16.89 -93.08
C LYS JA 58 -23.31 -16.45 -93.60
N ARG JA 59 -22.75 -17.27 -94.48
CA ARG JA 59 -21.45 -17.02 -95.07
C ARG JA 59 -21.51 -15.86 -96.06
N THR JA 60 -20.33 -15.29 -96.33
CA THR JA 60 -20.18 -14.21 -97.28
C THR JA 60 -18.87 -14.37 -98.03
N THR JA 61 -18.91 -14.13 -99.34
CA THR JA 61 -17.72 -14.10 -100.16
C THR JA 61 -16.92 -12.80 -100.00
N VAL JA 62 -17.44 -11.83 -99.25
CA VAL JA 62 -16.73 -10.58 -99.05
C VAL JA 62 -15.40 -10.83 -98.37
N LYS JA 63 -14.37 -10.15 -98.87
CA LYS JA 63 -13.02 -10.34 -98.35
C LYS JA 63 -12.76 -9.52 -97.10
N THR JA 64 -13.31 -8.32 -97.03
CA THR JA 64 -13.05 -7.43 -95.93
C THR JA 64 -13.60 -7.98 -94.62
N PRO JA 65 -13.18 -7.42 -93.49
CA PRO JA 65 -13.87 -7.73 -92.24
C PRO JA 65 -15.14 -6.93 -92.13
N SER JA 66 -16.27 -7.60 -92.30
CA SER JA 66 -17.58 -7.00 -92.13
C SER JA 66 -18.30 -7.69 -90.99
N TRP JA 67 -19.27 -6.99 -90.41
CA TRP JA 67 -20.02 -7.47 -89.27
C TRP JA 67 -21.50 -7.55 -89.60
N ALA JA 68 -22.15 -8.52 -88.97
CA ALA JA 68 -23.58 -8.76 -89.11
C ALA JA 68 -24.26 -8.30 -87.84
N VAL JA 69 -25.18 -7.36 -87.97
CA VAL JA 69 -25.84 -6.72 -86.84
C VAL JA 69 -27.25 -7.27 -86.73
N ASP JA 70 -27.69 -7.48 -85.49
CA ASP JA 70 -29.04 -7.95 -85.22
C ASP JA 70 -29.41 -7.52 -83.82
N MET JA 71 -30.70 -7.66 -83.53
CA MET JA 71 -31.29 -7.22 -82.28
C MET JA 71 -31.91 -8.39 -81.54
N MET JA 72 -32.27 -8.15 -80.29
CA MET JA 72 -32.83 -9.19 -79.44
C MET JA 72 -33.73 -8.54 -78.39
N ARG JA 73 -35.02 -8.82 -78.47
CA ARG JA 73 -36.01 -8.40 -77.50
C ARG JA 73 -36.45 -9.61 -76.67
N PHE JA 74 -37.13 -9.32 -75.57
CA PHE JA 74 -37.61 -10.35 -74.64
C PHE JA 74 -39.04 -10.06 -74.27
N ASN JA 75 -39.92 -11.03 -74.50
CA ASN JA 75 -41.31 -10.97 -74.08
C ASN JA 75 -41.66 -12.20 -73.28
N ILE JA 76 -42.59 -12.03 -72.33
CA ILE JA 76 -42.95 -13.12 -71.43
C ILE JA 76 -43.94 -14.10 -72.05
N ASN JA 77 -44.55 -13.75 -73.17
CA ASN JA 77 -45.42 -14.71 -73.85
C ASN JA 77 -44.62 -15.88 -74.39
N ASP JA 78 -43.38 -15.65 -74.76
CA ASP JA 78 -42.52 -16.70 -75.30
C ASP JA 78 -41.99 -17.64 -74.23
N PHE JA 79 -42.10 -17.26 -72.96
CA PHE JA 79 -41.65 -18.08 -71.84
C PHE JA 79 -42.79 -18.67 -71.04
N LEU JA 80 -43.92 -17.97 -70.96
CA LEU JA 80 -45.08 -18.37 -70.18
C LEU JA 80 -46.24 -18.70 -71.10
N PRO JA 81 -46.67 -19.95 -71.24
CA PRO JA 81 -47.74 -20.24 -72.18
C PRO JA 81 -49.08 -19.82 -71.61
N PRO JA 82 -50.13 -19.87 -72.43
CA PRO JA 82 -51.47 -19.65 -71.90
C PRO JA 82 -51.93 -20.82 -71.07
N GLY JA 83 -52.74 -20.51 -70.06
CA GLY JA 83 -53.23 -21.54 -69.17
C GLY JA 83 -54.44 -22.25 -69.70
N GLY JA 84 -55.39 -22.54 -68.82
CA GLY JA 84 -56.60 -23.22 -69.21
C GLY JA 84 -57.73 -22.97 -68.23
N GLY JA 85 -58.89 -22.63 -68.76
CA GLY JA 85 -60.06 -22.39 -67.94
C GLY JA 85 -60.12 -20.98 -67.41
N SER JA 86 -60.54 -20.84 -66.16
CA SER JA 86 -60.67 -19.53 -65.55
C SER JA 86 -59.33 -18.88 -65.28
N ASN JA 87 -58.24 -19.65 -65.31
CA ASN JA 87 -56.90 -19.10 -65.16
C ASN JA 87 -56.32 -18.84 -66.53
N PRO JA 88 -56.15 -17.58 -66.96
CA PRO JA 88 -55.73 -17.34 -68.34
C PRO JA 88 -54.29 -17.72 -68.60
N ARG JA 89 -53.45 -17.78 -67.58
CA ARG JA 89 -52.04 -18.11 -67.72
C ARG JA 89 -51.70 -19.33 -66.88
N SER JA 90 -50.56 -19.93 -67.19
CA SER JA 90 -50.17 -21.19 -66.57
C SER JA 90 -49.55 -20.99 -65.20
N VAL JA 91 -49.00 -19.81 -64.94
CA VAL JA 91 -48.50 -19.43 -63.61
C VAL JA 91 -49.56 -18.53 -62.97
N PRO JA 92 -50.27 -18.97 -61.94
CA PRO JA 92 -51.42 -18.20 -61.47
C PRO JA 92 -51.05 -17.01 -60.59
N PHE JA 93 -50.63 -15.94 -61.25
CA PHE JA 93 -50.30 -14.69 -60.59
C PHE JA 93 -50.80 -13.55 -61.45
N GLU JA 94 -50.94 -12.38 -60.82
CA GLU JA 94 -51.47 -11.18 -61.45
C GLU JA 94 -50.38 -10.28 -62.02
N TYR JA 95 -49.39 -9.97 -61.21
CA TYR JA 95 -48.36 -9.00 -61.55
C TYR JA 95 -47.02 -9.70 -61.73
N TYR JA 96 -46.11 -9.01 -62.40
CA TYR JA 96 -44.77 -9.52 -62.61
C TYR JA 96 -43.82 -8.36 -62.82
N ARG JA 97 -42.54 -8.65 -62.68
CA ARG JA 97 -41.49 -7.73 -63.05
C ARG JA 97 -40.23 -8.53 -63.27
N ILE JA 98 -39.59 -8.32 -64.42
CA ILE JA 98 -38.42 -9.10 -64.79
C ILE JA 98 -37.20 -8.49 -64.09
N ARG JA 99 -36.52 -9.32 -63.32
CA ARG JA 99 -35.37 -8.91 -62.54
C ARG JA 99 -34.07 -8.96 -63.33
N LYS JA 100 -33.84 -10.08 -64.01
CA LYS JA 100 -32.61 -10.30 -64.75
C LYS JA 100 -32.92 -11.18 -65.94
N VAL JA 101 -32.02 -11.14 -66.92
CA VAL JA 101 -32.04 -12.04 -68.06
C VAL JA 101 -30.62 -12.52 -68.29
N LYS JA 102 -30.50 -13.80 -68.66
CA LYS JA 102 -29.23 -14.42 -69.01
C LYS JA 102 -29.37 -14.94 -70.43
N VAL JA 103 -28.70 -14.28 -71.35
CA VAL JA 103 -28.61 -14.73 -72.73
C VAL JA 103 -27.32 -15.51 -72.90
N GLU JA 104 -27.45 -16.75 -73.37
CA GLU JA 104 -26.34 -17.66 -73.56
C GLU JA 104 -26.27 -18.02 -75.03
N PHE JA 105 -25.15 -17.67 -75.67
CA PHE JA 105 -24.87 -18.10 -77.03
C PHE JA 105 -24.09 -19.40 -76.94
N TRP JA 106 -24.78 -20.50 -77.10
CA TRP JA 106 -24.15 -21.82 -77.12
C TRP JA 106 -23.74 -22.14 -78.54
N PRO JA 107 -22.46 -22.33 -78.84
CA PRO JA 107 -22.06 -22.55 -80.22
C PRO JA 107 -22.52 -23.89 -80.75
N CYS JA 108 -22.63 -23.94 -82.07
CA CYS JA 108 -22.95 -25.13 -82.81
C CYS JA 108 -21.81 -25.59 -83.70
N SER JA 109 -20.69 -24.91 -83.68
CA SER JA 109 -19.61 -25.09 -84.61
C SER JA 109 -18.44 -25.81 -83.94
N PRO JA 110 -17.67 -26.59 -84.70
CA PRO JA 110 -16.58 -27.33 -84.08
C PRO JA 110 -15.42 -26.41 -83.72
N ILE JA 111 -14.58 -26.92 -82.83
CA ILE JA 111 -13.40 -26.17 -82.42
C ILE JA 111 -12.31 -26.15 -83.47
N THR JA 112 -12.47 -26.89 -84.55
CA THR JA 112 -11.53 -26.89 -85.67
C THR JA 112 -11.89 -25.89 -86.74
N GLN JA 113 -12.98 -25.13 -86.58
CA GLN JA 113 -13.42 -24.22 -87.62
C GLN JA 113 -12.51 -23.00 -87.64
N GLY JA 114 -12.09 -22.61 -88.85
CA GLY JA 114 -11.23 -21.48 -89.04
C GLY JA 114 -11.98 -20.23 -89.44
N ASP JA 115 -11.23 -19.26 -89.94
CA ASP JA 115 -11.76 -17.95 -90.29
C ASP JA 115 -12.44 -17.32 -89.08
N ARG JA 116 -11.78 -17.44 -87.92
CA ARG JA 116 -12.32 -16.93 -86.69
C ARG JA 116 -12.43 -15.41 -86.74
N GLY JA 117 -13.17 -14.87 -85.78
CA GLY JA 117 -13.49 -13.47 -85.76
C GLY JA 117 -13.70 -12.93 -84.38
N VAL JA 118 -14.11 -11.68 -84.29
CA VAL JA 118 -14.29 -11.01 -83.01
C VAL JA 118 -15.42 -10.01 -83.15
N GLY JA 119 -16.39 -10.09 -82.24
CA GLY JA 119 -17.57 -9.28 -82.26
C GLY JA 119 -17.83 -8.60 -80.94
N SER JA 120 -19.07 -8.13 -80.77
CA SER JA 120 -19.41 -7.34 -79.61
C SER JA 120 -20.90 -7.49 -79.32
N SER JA 121 -21.22 -7.57 -78.03
CA SER JA 121 -22.60 -7.57 -77.55
C SER JA 121 -22.77 -6.43 -76.56
N ALA JA 122 -23.81 -5.64 -76.77
CA ALA JA 122 -24.09 -4.47 -75.94
C ALA JA 122 -25.52 -4.50 -75.46
N VAL JA 123 -25.78 -3.74 -74.41
CA VAL JA 123 -27.06 -3.68 -73.73
C VAL JA 123 -27.77 -2.41 -74.13
N ILE JA 124 -28.95 -2.56 -74.73
CA ILE JA 124 -29.68 -1.47 -75.36
C ILE JA 124 -31.08 -1.45 -74.76
N LEU JA 125 -31.30 -0.56 -73.80
CA LEU JA 125 -32.50 -0.57 -72.98
C LEU JA 125 -33.61 0.35 -73.48
N ASP JA 126 -33.68 0.63 -74.79
CA ASP JA 126 -34.57 1.68 -75.27
C ASP JA 126 -35.26 1.41 -76.61
N ASP JA 127 -35.08 0.26 -77.22
CA ASP JA 127 -35.80 -0.12 -78.43
C ASP JA 127 -35.40 0.72 -79.63
N ASN JA 128 -34.17 1.23 -79.63
CA ASN JA 128 -33.59 1.87 -80.81
C ASN JA 128 -32.22 1.25 -80.98
N PHE JA 129 -32.19 0.18 -81.76
CA PHE JA 129 -30.99 -0.56 -82.06
C PHE JA 129 -30.33 -0.01 -83.31
N VAL JA 130 -29.06 -0.35 -83.48
CA VAL JA 130 -28.42 -0.15 -84.77
C VAL JA 130 -29.16 -0.97 -85.80
N THR JA 131 -29.33 -0.40 -86.99
CA THR JA 131 -30.11 -1.04 -88.02
C THR JA 131 -29.54 -2.40 -88.36
N LYS JA 132 -30.42 -3.36 -88.60
CA LYS JA 132 -29.99 -4.70 -88.97
C LYS JA 132 -29.25 -4.67 -90.29
N ALA JA 133 -28.07 -5.27 -90.30
CA ALA JA 133 -27.17 -5.26 -91.44
C ALA JA 133 -26.60 -6.65 -91.64
N THR JA 134 -26.32 -6.97 -92.91
CA THR JA 134 -25.73 -8.24 -93.27
C THR JA 134 -24.20 -8.16 -93.26
N ALA JA 135 -23.63 -7.16 -93.91
CA ALA JA 135 -22.19 -6.97 -93.96
C ALA JA 135 -21.90 -5.48 -93.81
N LEU JA 136 -21.76 -5.04 -92.57
CA LEU JA 136 -21.40 -3.66 -92.25
C LEU JA 136 -19.90 -3.56 -92.06
N THR JA 137 -19.31 -2.46 -92.51
CA THR JA 137 -17.87 -2.29 -92.57
C THR JA 137 -17.23 -2.01 -91.23
N TYR JA 138 -17.97 -2.09 -90.13
CA TYR JA 138 -17.40 -1.82 -88.81
C TYR JA 138 -18.31 -2.45 -87.77
N ASP JA 139 -17.78 -2.52 -86.55
CA ASP JA 139 -18.52 -3.03 -85.41
C ASP JA 139 -19.15 -1.85 -84.67
N PRO JA 140 -20.47 -1.64 -84.77
CA PRO JA 140 -21.03 -0.45 -84.13
C PRO JA 140 -21.02 -0.52 -82.62
N TYR JA 141 -21.15 -1.72 -82.05
CA TYR JA 141 -21.27 -1.89 -80.62
C TYR JA 141 -19.93 -2.01 -79.93
N VAL JA 142 -18.84 -1.61 -80.59
CA VAL JA 142 -17.51 -1.85 -80.05
C VAL JA 142 -17.15 -0.81 -78.99
N ASN JA 143 -17.52 0.44 -79.21
CA ASN JA 143 -17.19 1.51 -78.28
C ASN JA 143 -18.25 1.72 -77.22
N TYR JA 144 -19.27 0.88 -77.18
CA TYR JA 144 -20.29 0.98 -76.16
C TYR JA 144 -19.73 0.61 -74.80
N SER JA 145 -20.19 1.32 -73.78
CA SER JA 145 -19.75 1.07 -72.42
C SER JA 145 -20.14 -0.31 -71.91
N SER JA 146 -21.16 -0.92 -72.50
CA SER JA 146 -21.62 -2.25 -72.13
C SER JA 146 -21.17 -3.32 -73.11
N ARG JA 147 -20.09 -3.06 -73.83
CA ARG JA 147 -19.61 -4.02 -74.81
C ARG JA 147 -18.84 -5.13 -74.12
N HIS JA 148 -19.18 -6.36 -74.48
CA HIS JA 148 -18.39 -7.53 -74.17
C HIS JA 148 -17.95 -8.14 -75.48
N THR JA 149 -16.72 -8.58 -75.54
CA THR JA 149 -16.18 -9.18 -76.75
C THR JA 149 -16.77 -10.56 -76.97
N ILE JA 150 -17.16 -10.83 -78.20
CA ILE JA 150 -17.62 -12.14 -78.64
C ILE JA 150 -16.48 -12.74 -79.44
N THR JA 151 -15.85 -13.76 -78.87
CA THR JA 151 -14.99 -14.62 -79.66
C THR JA 151 -15.84 -15.59 -80.46
N GLN JA 152 -15.48 -15.76 -81.72
CA GLN JA 152 -16.23 -16.56 -82.67
C GLN JA 152 -15.33 -17.63 -83.25
N PRO JA 153 -15.91 -18.72 -83.77
CA PRO JA 153 -17.29 -19.19 -83.79
C PRO JA 153 -17.65 -20.20 -82.73
N PHE JA 154 -16.64 -20.78 -82.09
CA PHE JA 154 -16.81 -21.95 -81.24
C PHE JA 154 -16.70 -21.62 -79.76
N SER JA 155 -17.04 -20.41 -79.38
CA SER JA 155 -16.85 -19.93 -78.02
C SER JA 155 -18.18 -19.49 -77.43
N TYR JA 156 -18.32 -19.73 -76.14
CA TYR JA 156 -19.52 -19.42 -75.39
C TYR JA 156 -19.50 -17.97 -74.95
N HIS JA 157 -20.66 -17.33 -75.02
CA HIS JA 157 -20.83 -15.94 -74.66
C HIS JA 157 -22.09 -15.80 -73.83
N SER JA 158 -21.96 -15.28 -72.63
CA SER JA 158 -23.07 -15.01 -71.74
C SER JA 158 -23.17 -13.52 -71.45
N ARG JA 159 -24.39 -13.06 -71.23
CA ARG JA 159 -24.67 -11.70 -70.82
C ARG JA 159 -25.77 -11.75 -69.78
N TYR JA 160 -25.52 -11.16 -68.63
CA TYR JA 160 -26.43 -11.16 -67.49
C TYR JA 160 -26.69 -9.73 -67.08
N PHE JA 161 -27.94 -9.30 -67.23
CA PHE JA 161 -28.30 -7.90 -67.07
C PHE JA 161 -29.76 -7.79 -66.69
N THR JA 162 -30.18 -6.58 -66.41
CA THR JA 162 -31.53 -6.25 -66.02
C THR JA 162 -32.23 -5.52 -67.15
N PRO JA 163 -33.23 -6.11 -67.82
CA PRO JA 163 -33.87 -5.41 -68.92
C PRO JA 163 -34.82 -4.34 -68.44
N LYS JA 164 -35.42 -3.63 -69.39
CA LYS JA 164 -36.37 -2.57 -69.11
C LYS JA 164 -37.54 -2.71 -70.06
N PRO JA 165 -38.75 -2.40 -69.61
CA PRO JA 165 -39.91 -2.50 -70.50
C PRO JA 165 -40.09 -1.28 -71.38
N VAL JA 166 -40.79 -1.51 -72.48
CA VAL JA 166 -41.07 -0.46 -73.47
C VAL JA 166 -42.41 0.12 -73.08
N LEU JA 167 -42.37 1.14 -72.23
CA LEU JA 167 -43.58 1.81 -71.77
C LEU JA 167 -44.05 2.85 -72.79
N ASP JA 168 -43.12 3.64 -73.33
CA ASP JA 168 -43.44 4.60 -74.38
C ASP JA 168 -42.29 4.57 -75.37
N SER JA 169 -42.54 4.02 -76.55
CA SER JA 169 -41.52 3.96 -77.59
C SER JA 169 -41.22 5.32 -78.20
N THR JA 170 -42.09 6.30 -78.03
CA THR JA 170 -41.86 7.64 -78.56
C THR JA 170 -40.82 8.39 -77.75
N ILE JA 171 -40.88 8.25 -76.43
CA ILE JA 171 -40.00 8.98 -75.52
C ILE JA 171 -38.87 8.08 -75.07
N ASP JA 172 -39.17 6.78 -74.92
CA ASP JA 172 -38.17 5.78 -74.56
C ASP JA 172 -37.51 6.10 -73.23
N TYR JA 173 -38.32 6.09 -72.18
CA TYR JA 173 -37.85 6.31 -70.82
C TYR JA 173 -37.82 5.01 -70.04
N PHE JA 174 -36.85 4.91 -69.13
CA PHE JA 174 -36.71 3.72 -68.31
C PHE JA 174 -36.13 4.09 -66.97
N GLN JA 175 -36.25 3.21 -66.08
CA GLN JA 175 -35.83 3.38 -64.70
C GLN JA 175 -34.40 2.87 -64.49
N PRO JA 176 -33.66 3.45 -63.57
CA PRO JA 176 -32.40 2.83 -63.18
C PRO JA 176 -32.61 1.60 -62.34
N ASN JA 177 -31.53 0.89 -62.04
CA ASN JA 177 -31.63 -0.38 -61.35
C ASN JA 177 -31.91 -0.13 -59.88
N ASN JA 178 -33.06 -0.60 -59.43
CA ASN JA 178 -33.44 -0.51 -58.02
C ASN JA 178 -34.42 -1.63 -57.77
N LYS JA 179 -34.03 -2.59 -56.95
CA LYS JA 179 -34.90 -3.72 -56.71
C LYS JA 179 -36.16 -3.32 -55.96
N ARG JA 180 -36.09 -2.29 -55.14
CA ARG JA 180 -37.21 -1.91 -54.30
C ARG JA 180 -38.21 -1.04 -55.04
N ASN JA 181 -37.77 -0.31 -56.06
CA ASN JA 181 -38.60 0.65 -56.78
C ASN JA 181 -38.99 0.19 -58.17
N GLN JA 182 -38.61 -1.02 -58.57
CA GLN JA 182 -38.93 -1.50 -59.91
C GLN JA 182 -40.43 -1.66 -60.06
N LEU JA 183 -40.93 -1.20 -61.20
CA LEU JA 183 -42.35 -1.22 -61.47
C LEU JA 183 -42.85 -2.65 -61.59
N TRP JA 184 -44.07 -2.86 -61.13
CA TRP JA 184 -44.81 -4.09 -61.35
C TRP JA 184 -45.69 -3.90 -62.58
N LEU JA 185 -45.55 -4.78 -63.55
CA LEU JA 185 -46.44 -4.85 -64.69
C LEU JA 185 -47.49 -5.90 -64.45
N ARG JA 186 -48.53 -5.85 -65.26
CA ARG JA 186 -49.58 -6.86 -65.24
C ARG JA 186 -49.24 -7.98 -66.20
N LEU JA 187 -49.48 -9.20 -65.77
CA LEU JA 187 -49.38 -10.38 -66.60
C LEU JA 187 -50.64 -10.47 -67.43
N GLN JA 188 -50.59 -9.90 -68.62
CA GLN JA 188 -51.73 -9.89 -69.51
C GLN JA 188 -52.00 -11.29 -70.03
N THR JA 189 -53.11 -11.42 -70.76
CA THR JA 189 -53.49 -12.72 -71.30
C THR JA 189 -52.74 -13.03 -72.59
N ALA JA 190 -52.77 -12.11 -73.58
CA ALA JA 190 -52.07 -12.33 -74.83
C ALA JA 190 -51.43 -11.05 -75.39
N GLY JA 191 -51.11 -10.08 -74.55
CA GLY JA 191 -50.65 -8.78 -75.02
C GLY JA 191 -49.56 -8.14 -74.20
N ASN JA 192 -48.70 -8.95 -73.61
CA ASN JA 192 -47.66 -8.43 -72.74
C ASN JA 192 -46.67 -7.57 -73.52
N VAL JA 193 -46.00 -6.70 -72.78
CA VAL JA 193 -45.12 -5.68 -73.36
C VAL JA 193 -43.73 -6.24 -73.54
N ASP JA 194 -43.05 -5.78 -74.58
CA ASP JA 194 -41.75 -6.29 -74.93
C ASP JA 194 -40.68 -5.65 -74.04
N HIS JA 195 -39.85 -6.47 -73.44
CA HIS JA 195 -38.66 -6.02 -72.78
C HIS JA 195 -37.49 -6.07 -73.75
N VAL JA 196 -36.49 -5.26 -73.46
CA VAL JA 196 -35.43 -4.95 -74.42
C VAL JA 196 -34.12 -4.86 -73.65
N GLY JA 197 -33.02 -4.92 -74.40
CA GLY JA 197 -31.73 -4.95 -73.73
C GLY JA 197 -30.56 -5.71 -74.31
N LEU JA 198 -30.62 -6.19 -75.56
CA LEU JA 198 -29.39 -6.75 -76.14
C LEU JA 198 -29.32 -6.54 -77.64
N GLY JA 199 -28.15 -6.09 -78.08
CA GLY JA 199 -27.84 -6.02 -79.49
C GLY JA 199 -26.44 -6.57 -79.71
N THR JA 200 -26.27 -7.19 -80.88
CA THR JA 200 -25.08 -7.95 -81.19
C THR JA 200 -24.47 -7.51 -82.51
N ALA JA 201 -23.20 -7.86 -82.67
CA ALA JA 201 -22.50 -7.67 -83.94
C ALA JA 201 -21.52 -8.82 -84.09
N PHE JA 202 -21.79 -9.69 -85.07
CA PHE JA 202 -20.97 -10.84 -85.35
C PHE JA 202 -20.18 -10.63 -86.62
N GLU JA 203 -18.91 -10.99 -86.58
CA GLU JA 203 -18.04 -10.88 -87.75
C GLU JA 203 -18.31 -12.03 -88.69
N ASN JA 204 -18.55 -11.70 -89.96
CA ASN JA 204 -18.90 -12.69 -90.94
C ASN JA 204 -17.69 -13.57 -91.27
N SER JA 205 -17.97 -14.67 -91.96
CA SER JA 205 -16.97 -15.68 -92.24
C SER JA 205 -17.33 -16.41 -93.53
N ILE JA 206 -16.37 -17.18 -94.02
CA ILE JA 206 -16.60 -18.00 -95.20
C ILE JA 206 -17.54 -19.14 -94.87
N TYR JA 207 -17.53 -19.61 -93.64
CA TYR JA 207 -18.39 -20.69 -93.19
C TYR JA 207 -19.58 -20.14 -92.40
N ASP JA 208 -20.64 -20.93 -92.37
CA ASP JA 208 -21.81 -20.55 -91.61
C ASP JA 208 -21.56 -20.73 -90.12
N GLN JA 209 -21.95 -19.74 -89.34
CA GLN JA 209 -21.80 -19.74 -87.89
C GLN JA 209 -23.17 -19.86 -87.26
N GLU JA 210 -23.46 -21.02 -86.69
CA GLU JA 210 -24.75 -21.28 -86.06
C GLU JA 210 -24.60 -21.23 -84.54
N TYR JA 211 -25.69 -20.86 -83.88
CA TYR JA 211 -25.76 -20.75 -82.43
C TYR JA 211 -27.12 -21.21 -81.95
N ASN JA 212 -27.14 -21.81 -80.78
CA ASN JA 212 -28.36 -22.13 -80.05
C ASN JA 212 -28.44 -21.19 -78.87
N ILE JA 213 -29.37 -20.24 -78.92
CA ILE JA 213 -29.44 -19.18 -77.93
C ILE JA 213 -30.48 -19.57 -76.89
N ARG JA 214 -30.06 -19.60 -75.64
CA ARG JA 214 -30.91 -19.93 -74.50
C ARG JA 214 -31.06 -18.70 -73.64
N VAL JA 215 -32.26 -18.15 -73.62
CA VAL JA 215 -32.60 -17.00 -72.79
C VAL JA 215 -33.28 -17.51 -71.54
N THR JA 216 -32.82 -17.03 -70.39
CA THR JA 216 -33.38 -17.37 -69.09
C THR JA 216 -33.77 -16.07 -68.42
N MET JA 217 -35.05 -15.92 -68.11
CA MET JA 217 -35.57 -14.76 -67.41
C MET JA 217 -35.86 -15.11 -65.96
N TYR JA 218 -35.31 -14.29 -65.06
CA TYR JA 218 -35.54 -14.41 -63.64
C TYR JA 218 -36.61 -13.41 -63.25
N VAL JA 219 -37.81 -13.91 -62.97
CA VAL JA 219 -38.99 -13.09 -62.80
C VAL JA 219 -39.43 -13.15 -61.35
N GLN JA 220 -40.33 -12.23 -61.00
CA GLN JA 220 -40.87 -12.10 -59.66
C GLN JA 220 -42.34 -11.76 -59.82
N PHE JA 221 -43.19 -12.66 -59.37
CA PHE JA 221 -44.63 -12.51 -59.46
C PHE JA 221 -45.22 -12.03 -58.15
N ARG JA 222 -46.51 -11.70 -58.18
CA ARG JA 222 -47.20 -11.16 -57.02
C ARG JA 222 -48.68 -11.46 -57.15
N GLU JA 223 -49.34 -11.61 -56.00
CA GLU JA 223 -50.79 -11.76 -55.90
C GLU JA 223 -51.29 -13.01 -56.63
N PHE JA 224 -50.95 -14.14 -56.03
CA PHE JA 224 -51.55 -15.43 -56.35
C PHE JA 224 -53.04 -15.30 -56.52
N ASN JA 225 -53.56 -15.69 -57.68
CA ASN JA 225 -54.94 -15.42 -58.06
C ASN JA 225 -55.59 -16.64 -58.67
N LEU JA 226 -55.36 -17.79 -58.09
CA LEU JA 226 -55.97 -19.01 -58.60
C LEU JA 226 -57.47 -18.96 -58.44
N LYS JA 227 -58.17 -19.50 -59.43
CA LYS JA 227 -59.63 -19.58 -59.43
C LYS JA 227 -60.03 -21.04 -59.49
N ASP JA 228 -60.90 -21.45 -58.57
CA ASP JA 228 -61.29 -22.84 -58.39
C ASP JA 228 -62.80 -22.96 -58.48
N PRO JA 229 -63.33 -23.06 -59.69
CA PRO JA 229 -64.75 -23.34 -59.84
C PRO JA 229 -65.06 -24.79 -59.51
N PRO JA 230 -66.34 -25.13 -59.33
CA PRO JA 230 -66.67 -26.54 -59.14
C PRO JA 230 -66.50 -27.36 -60.40
N LEU JA 231 -66.82 -28.65 -60.32
CA LEU JA 231 -66.66 -29.57 -61.43
C LEU JA 231 -67.81 -30.55 -61.52
N GLY KA 43 -11.40 20.64 -67.88
CA GLY KA 43 -12.50 19.72 -68.10
C GLY KA 43 -12.07 18.38 -68.64
N ILE KA 44 -11.62 17.53 -67.73
CA ILE KA 44 -11.01 16.26 -68.11
C ILE KA 44 -12.09 15.25 -68.45
N PHE KA 45 -11.79 14.40 -69.43
CA PHE KA 45 -12.66 13.31 -69.81
C PHE KA 45 -11.78 12.18 -70.32
N ASN KA 46 -11.57 11.18 -69.49
CA ASN KA 46 -10.86 9.98 -69.90
C ASN KA 46 -11.83 9.02 -70.56
N THR KA 47 -11.48 8.57 -71.76
CA THR KA 47 -12.31 7.62 -72.48
C THR KA 47 -11.40 6.61 -73.20
N ARG KA 48 -12.01 5.86 -74.10
CA ARG KA 48 -11.37 4.74 -74.78
C ARG KA 48 -11.87 4.69 -76.21
N LEU KA 49 -10.94 4.67 -77.15
CA LEU KA 49 -11.22 4.66 -78.57
C LEU KA 49 -10.52 3.47 -79.20
N SER KA 50 -11.22 2.78 -80.09
CA SER KA 50 -10.76 1.55 -80.70
C SER KA 50 -10.84 1.64 -82.21
N ARG KA 51 -10.22 0.65 -82.85
CA ARG KA 51 -10.04 0.57 -84.29
C ARG KA 51 -9.52 -0.81 -84.60
N THR KA 52 -9.98 -1.39 -85.69
CA THR KA 52 -9.67 -2.75 -86.07
C THR KA 52 -9.24 -2.81 -87.53
N PHE KA 53 -8.22 -3.59 -87.81
CA PHE KA 53 -7.69 -3.73 -89.15
C PHE KA 53 -6.92 -5.03 -89.24
N GLY KA 54 -6.57 -5.40 -90.47
CA GLY KA 54 -5.91 -6.66 -90.74
C GLY KA 54 -4.43 -6.58 -91.02
N TYR KA 55 -3.74 -7.70 -90.81
CA TYR KA 55 -2.33 -7.86 -91.11
C TYR KA 55 -2.09 -9.31 -91.46
N THR KA 56 -1.40 -9.54 -92.57
CA THR KA 56 -1.12 -10.87 -93.07
C THR KA 56 0.38 -11.03 -93.32
N ILE KA 57 0.90 -12.17 -92.94
CA ILE KA 57 2.26 -12.59 -93.23
C ILE KA 57 2.14 -13.65 -94.31
N LYS KA 58 2.48 -13.29 -95.54
CA LYS KA 58 2.35 -14.19 -96.67
C LYS KA 58 3.32 -15.36 -96.54
N ARG KA 59 2.99 -16.44 -97.25
CA ARG KA 59 3.78 -17.65 -97.24
C ARG KA 59 5.09 -17.46 -97.99
N THR KA 60 6.04 -18.34 -97.69
CA THR KA 60 7.34 -18.35 -98.35
C THR KA 60 7.80 -19.79 -98.55
N THR KA 61 8.37 -20.06 -99.72
CA THR KA 61 9.01 -21.34 -99.99
C THR KA 61 10.38 -21.47 -99.35
N VAL KA 62 10.90 -20.41 -98.74
CA VAL KA 62 12.21 -20.47 -98.09
C VAL KA 62 12.20 -21.51 -97.00
N LYS KA 63 13.27 -22.30 -96.94
CA LYS KA 63 13.36 -23.39 -95.97
C LYS KA 63 13.85 -22.90 -94.62
N THR KA 64 14.76 -21.94 -94.60
CA THR KA 64 15.35 -21.47 -93.37
C THR KA 64 14.32 -20.80 -92.47
N PRO KA 65 14.64 -20.60 -91.20
CA PRO KA 65 13.81 -19.74 -90.37
C PRO KA 65 14.11 -18.28 -90.66
N SER KA 66 13.19 -17.62 -91.35
CA SER KA 66 13.29 -16.20 -91.63
C SER KA 66 12.12 -15.48 -90.96
N TRP KA 67 12.31 -14.20 -90.71
CA TRP KA 67 11.32 -13.38 -90.04
C TRP KA 67 10.89 -12.23 -90.93
N ALA KA 68 9.62 -11.84 -90.75
CA ALA KA 68 9.00 -10.74 -91.46
C ALA KA 68 8.86 -9.57 -90.51
N VAL KA 69 9.47 -8.45 -90.84
CA VAL KA 69 9.53 -7.28 -90.00
C VAL KA 69 8.56 -6.24 -90.52
N ASP KA 70 7.90 -5.56 -89.59
CA ASP KA 70 6.98 -4.49 -89.93
C ASP KA 70 6.86 -3.56 -88.74
N MET KA 71 6.26 -2.40 -89.00
CA MET KA 71 6.14 -1.32 -88.04
C MET KA 71 4.66 -1.03 -87.78
N MET KA 72 4.42 -0.23 -86.74
CA MET KA 72 3.08 0.12 -86.33
C MET KA 72 3.11 1.47 -85.64
N ARG KA 73 2.48 2.46 -86.25
CA ARG KA 73 2.28 3.79 -85.69
C ARG KA 73 0.82 3.95 -85.28
N PHE KA 74 0.56 5.00 -84.51
CA PHE KA 74 -0.77 5.30 -84.00
C PHE KA 74 -1.06 6.78 -84.18
N ASN KA 75 -2.16 7.09 -84.86
CA ASN KA 75 -2.64 8.45 -85.02
C ASN KA 75 -4.10 8.51 -84.61
N ILE KA 76 -4.48 9.68 -84.08
CA ILE KA 76 -5.83 9.86 -83.56
C ILE KA 76 -6.86 10.14 -84.64
N ASN KA 77 -6.42 10.46 -85.87
CA ASN KA 77 -7.38 10.63 -86.94
C ASN KA 77 -8.06 9.32 -87.30
N ASP KA 78 -7.36 8.20 -87.11
CA ASP KA 78 -7.90 6.90 -87.42
C ASP KA 78 -8.87 6.40 -86.37
N PHE KA 79 -8.92 7.04 -85.20
CA PHE KA 79 -9.83 6.68 -84.13
C PHE KA 79 -10.95 7.68 -83.93
N LEU KA 80 -10.68 8.95 -84.21
CA LEU KA 80 -11.62 10.04 -83.99
C LEU KA 80 -12.02 10.64 -85.34
N PRO KA 81 -13.25 10.48 -85.82
CA PRO KA 81 -13.59 11.01 -87.12
C PRO KA 81 -13.79 12.52 -87.08
N PRO KA 82 -13.93 13.15 -88.23
CA PRO KA 82 -14.28 14.55 -88.24
C PRO KA 82 -15.73 14.76 -87.83
N GLY KA 83 -15.97 15.89 -87.19
CA GLY KA 83 -17.30 16.20 -86.71
C GLY KA 83 -18.18 16.81 -87.78
N GLY KA 84 -18.98 17.79 -87.38
CA GLY KA 84 -19.86 18.45 -88.30
C GLY KA 84 -20.26 19.83 -87.81
N GLY KA 85 -20.17 20.82 -88.70
CA GLY KA 85 -20.53 22.17 -88.37
C GLY KA 85 -19.40 22.95 -87.72
N SER KA 86 -19.76 23.74 -86.73
CA SER KA 86 -18.77 24.56 -86.03
C SER KA 86 -17.84 23.73 -85.17
N ASN KA 87 -18.19 22.48 -84.88
CA ASN KA 87 -17.33 21.58 -84.14
C ASN KA 87 -16.53 20.75 -85.14
N PRO KA 88 -15.22 20.96 -85.28
CA PRO KA 88 -14.49 20.25 -86.33
C PRO KA 88 -14.31 18.78 -86.07
N ARG KA 89 -14.39 18.34 -84.82
CA ARG KA 89 -14.22 16.95 -84.44
C ARG KA 89 -15.46 16.45 -83.72
N SER KA 90 -15.57 15.12 -83.64
CA SER KA 90 -16.76 14.49 -83.10
C SER KA 90 -16.76 14.46 -81.59
N VAL KA 91 -15.59 14.53 -80.96
CA VAL KA 91 -15.45 14.65 -79.52
C VAL KA 91 -15.13 16.11 -79.22
N PRO KA 92 -16.05 16.88 -78.62
CA PRO KA 92 -15.82 18.32 -78.52
C PRO KA 92 -14.87 18.74 -77.41
N PHE KA 93 -13.58 18.58 -77.69
CA PHE KA 93 -12.53 18.99 -76.79
C PHE KA 93 -11.40 19.61 -77.60
N GLU KA 94 -10.56 20.37 -76.91
CA GLU KA 94 -9.46 21.10 -77.53
C GLU KA 94 -8.15 20.34 -77.49
N TYR KA 95 -7.78 19.84 -76.32
CA TYR KA 95 -6.49 19.22 -76.09
C TYR KA 95 -6.65 17.73 -75.84
N TYR KA 96 -5.57 17.00 -75.99
CA TYR KA 96 -5.56 15.58 -75.73
C TYR KA 96 -4.14 15.14 -75.40
N ARG KA 97 -4.06 13.96 -74.80
CA ARG KA 97 -2.79 13.29 -74.61
C ARG KA 97 -3.07 11.81 -74.42
N ILE KA 98 -2.36 10.98 -75.18
CA ILE KA 98 -2.59 9.55 -75.17
C ILE KA 98 -1.87 8.96 -73.98
N ARG KA 99 -2.62 8.28 -73.12
CA ARG KA 99 -2.10 7.69 -71.91
C ARG KA 99 -1.53 6.29 -72.13
N LYS KA 100 -2.29 5.44 -72.82
CA LYS KA 100 -1.92 4.06 -73.05
C LYS KA 100 -2.48 3.62 -74.38
N VAL KA 101 -1.90 2.55 -74.92
CA VAL KA 101 -2.41 1.86 -76.08
C VAL KA 101 -2.34 0.36 -75.81
N LYS KA 102 -3.37 -0.34 -76.28
CA LYS KA 102 -3.45 -1.79 -76.19
C LYS KA 102 -3.57 -2.31 -77.62
N VAL KA 103 -2.51 -2.94 -78.09
CA VAL KA 103 -2.50 -3.61 -79.38
C VAL KA 103 -2.78 -5.08 -79.15
N GLU KA 104 -3.81 -5.60 -79.80
CA GLU KA 104 -4.24 -6.98 -79.66
C GLU KA 104 -4.14 -7.64 -81.02
N PHE KA 105 -3.30 -8.66 -81.12
CA PHE KA 105 -3.24 -9.51 -82.31
C PHE KA 105 -4.20 -10.66 -82.11
N TRP KA 106 -5.38 -10.53 -82.68
CA TRP KA 106 -6.36 -11.59 -82.64
C TRP KA 106 -6.15 -12.52 -83.82
N PRO KA 107 -5.84 -13.80 -83.62
CA PRO KA 107 -5.53 -14.65 -84.75
C PRO KA 107 -6.75 -14.95 -85.60
N CYS KA 108 -6.46 -15.28 -86.86
CA CYS KA 108 -7.44 -15.70 -87.83
C CYS KA 108 -7.27 -17.14 -88.26
N SER KA 109 -6.31 -17.84 -87.70
CA SER KA 109 -5.87 -19.14 -88.15
C SER KA 109 -6.35 -20.23 -87.20
N PRO KA 110 -6.62 -21.43 -87.69
CA PRO KA 110 -7.12 -22.48 -86.81
C PRO KA 110 -6.04 -23.01 -85.89
N ILE KA 111 -6.47 -23.66 -84.82
CA ILE KA 111 -5.53 -24.26 -83.89
C ILE KA 111 -4.89 -25.53 -84.41
N THR KA 112 -5.32 -26.02 -85.58
CA THR KA 112 -4.72 -27.17 -86.22
C THR KA 112 -3.62 -26.80 -87.20
N GLN KA 113 -3.31 -25.52 -87.36
CA GLN KA 113 -2.33 -25.10 -88.35
C GLN KA 113 -0.94 -25.43 -87.84
N GLY KA 114 -0.13 -26.01 -88.72
CA GLY KA 114 1.22 -26.38 -88.40
C GLY KA 114 2.23 -25.36 -88.87
N ASP KA 115 3.49 -25.79 -88.90
CA ASP KA 115 4.62 -24.93 -89.24
C ASP KA 115 4.64 -23.72 -88.31
N ARG KA 116 4.43 -23.99 -87.03
CA ARG KA 116 4.38 -22.93 -86.04
C ARG KA 116 5.75 -22.26 -85.91
N GLY KA 117 5.73 -21.11 -85.25
CA GLY KA 117 6.91 -20.29 -85.15
C GLY KA 117 6.96 -19.46 -83.89
N VAL KA 118 7.94 -18.59 -83.80
CA VAL KA 118 8.15 -17.78 -82.62
C VAL KA 118 8.74 -16.45 -83.04
N GLY KA 119 8.12 -15.36 -82.60
CA GLY KA 119 8.50 -14.02 -82.96
C GLY KA 119 8.68 -13.12 -81.77
N SER KA 120 8.67 -11.82 -82.03
CA SER KA 120 8.97 -10.85 -80.99
C SER KA 120 8.28 -9.53 -81.33
N SER KA 121 7.76 -8.87 -80.29
CA SER KA 121 7.20 -7.54 -80.39
C SER KA 121 7.91 -6.64 -79.40
N ALA KA 122 8.37 -5.49 -79.88
CA ALA KA 122 9.12 -4.54 -79.07
C ALA KA 122 8.51 -3.16 -79.20
N VAL KA 123 8.85 -2.32 -78.23
CA VAL KA 123 8.29 -0.97 -78.11
C VAL KA 123 9.35 0.01 -78.57
N ILE KA 124 9.02 0.80 -79.60
CA ILE KA 124 9.95 1.67 -80.30
C ILE KA 124 9.37 3.07 -80.30
N LEU KA 125 9.85 3.91 -79.38
CA LEU KA 125 9.24 5.20 -79.10
C LEU KA 125 9.88 6.35 -79.85
N ASP KA 126 10.47 6.13 -81.03
CA ASP KA 126 11.28 7.15 -81.68
C ASP KA 126 11.20 7.23 -83.19
N ASP KA 127 10.36 6.43 -83.85
CA ASP KA 127 10.14 6.54 -85.28
C ASP KA 127 11.36 6.14 -86.10
N ASN KA 128 12.20 5.28 -85.55
CA ASN KA 128 13.29 4.66 -86.29
C ASN KA 128 13.19 3.16 -86.00
N PHE KA 129 12.44 2.49 -86.85
CA PHE KA 129 12.22 1.07 -86.78
C PHE KA 129 13.27 0.32 -87.57
N VAL KA 130 13.40 -0.97 -87.28
CA VAL KA 130 14.14 -1.85 -88.17
C VAL KA 130 13.44 -1.84 -89.52
N THR KA 131 14.24 -1.84 -90.58
CA THR KA 131 13.70 -1.73 -91.92
C THR KA 131 12.73 -2.87 -92.20
N LYS KA 132 11.65 -2.55 -92.90
CA LYS KA 132 10.67 -3.55 -93.26
C LYS KA 132 11.30 -4.60 -94.17
N ALA KA 133 11.11 -5.86 -93.79
CA ALA KA 133 11.72 -6.98 -94.49
C ALA KA 133 10.69 -8.09 -94.65
N THR KA 134 10.83 -8.84 -95.73
CA THR KA 134 9.97 -9.97 -96.01
C THR KA 134 10.49 -11.25 -95.40
N ALA KA 135 11.76 -11.56 -95.62
CA ALA KA 135 12.40 -12.76 -95.07
C ALA KA 135 13.80 -12.38 -94.61
N LEU KA 136 13.90 -11.95 -93.37
CA LEU KA 136 15.18 -11.63 -92.75
C LEU KA 136 15.68 -12.83 -91.96
N THR KA 137 16.99 -13.05 -91.99
CA THR KA 137 17.61 -14.25 -91.47
C THR KA 137 17.69 -14.28 -89.94
N TYR KA 138 17.08 -13.33 -89.25
CA TYR KA 138 17.15 -13.30 -87.80
C TYR KA 138 16.01 -12.45 -87.29
N ASP KA 139 15.77 -12.54 -85.98
CA ASP KA 139 14.75 -11.74 -85.30
C ASP KA 139 15.43 -10.52 -84.72
N PRO KA 140 15.25 -9.32 -85.28
CA PRO KA 140 15.97 -8.17 -84.75
C PRO KA 140 15.50 -7.73 -83.39
N TYR KA 141 14.22 -7.91 -83.10
CA TYR KA 141 13.62 -7.44 -81.86
C TYR KA 141 13.75 -8.43 -80.72
N VAL KA 142 14.63 -9.42 -80.84
CA VAL KA 142 14.67 -10.50 -79.86
C VAL KA 142 15.43 -10.07 -78.61
N ASN KA 143 16.52 -9.34 -78.78
CA ASN KA 143 17.34 -8.92 -77.66
C ASN KA 143 16.91 -7.59 -77.07
N TYR KA 144 15.81 -7.03 -77.55
CA TYR KA 144 15.30 -5.78 -77.01
C TYR KA 144 14.78 -5.99 -75.60
N SER KA 145 14.99 -5.00 -74.75
CA SER KA 145 14.53 -5.05 -73.39
C SER KA 145 13.01 -5.10 -73.27
N SER KA 146 12.31 -4.62 -74.29
CA SER KA 146 10.86 -4.63 -74.32
C SER KA 146 10.29 -5.73 -75.19
N ARG KA 147 11.05 -6.80 -75.40
CA ARG KA 147 10.60 -7.89 -76.23
C ARG KA 147 9.64 -8.77 -75.46
N HIS KA 148 8.52 -9.08 -76.09
CA HIS KA 148 7.61 -10.12 -75.66
C HIS KA 148 7.56 -11.14 -76.78
N THR KA 149 7.55 -12.41 -76.42
CA THR KA 149 7.50 -13.48 -77.40
C THR KA 149 6.12 -13.57 -78.02
N ILE KA 150 6.10 -13.73 -79.34
CA ILE KA 150 4.89 -13.97 -80.10
C ILE KA 150 4.92 -15.44 -80.47
N THR KA 151 4.03 -16.21 -79.85
CA THR KA 151 3.72 -17.53 -80.35
C THR KA 151 2.80 -17.42 -81.55
N GLN KA 152 3.09 -18.19 -82.58
CA GLN KA 152 2.40 -18.14 -83.85
C GLN KA 152 1.86 -19.52 -84.18
N PRO KA 153 0.83 -19.61 -85.04
CA PRO KA 153 -0.01 -18.59 -85.67
C PRO KA 153 -1.33 -18.35 -84.97
N PHE KA 154 -1.73 -19.25 -84.09
CA PHE KA 154 -3.08 -19.30 -83.54
C PHE KA 154 -3.15 -18.81 -82.11
N SER KA 155 -2.26 -17.91 -81.72
CA SER KA 155 -2.15 -17.47 -80.34
C SER KA 155 -2.32 -15.96 -80.26
N TYR KA 156 -2.93 -15.54 -79.18
CA TYR KA 156 -3.23 -14.14 -78.93
C TYR KA 156 -2.03 -13.46 -78.30
N HIS KA 157 -1.78 -12.23 -78.73
CA HIS KA 157 -0.66 -11.43 -78.28
C HIS KA 157 -1.17 -10.02 -77.99
N SER KA 158 -0.97 -9.56 -76.77
CA SER KA 158 -1.32 -8.21 -76.35
C SER KA 158 -0.07 -7.46 -75.92
N ARG KA 159 -0.09 -6.16 -76.13
CA ARG KA 159 0.95 -5.25 -75.67
C ARG KA 159 0.27 -4.00 -75.16
N TYR KA 160 0.57 -3.62 -73.93
CA TYR KA 160 -0.03 -2.49 -73.25
C TYR KA 160 1.08 -1.57 -72.79
N PHE KA 161 1.13 -0.37 -73.34
CA PHE KA 161 2.24 0.52 -73.13
C PHE KA 161 1.78 1.96 -73.34
N THR KA 162 2.70 2.89 -73.08
CA THR KA 162 2.46 4.31 -73.20
C THR KA 162 3.21 4.85 -74.40
N PRO KA 163 2.55 5.27 -75.47
CA PRO KA 163 3.30 5.76 -76.63
C PRO KA 163 3.85 7.14 -76.42
N LYS KA 164 4.56 7.65 -77.41
CA LYS KA 164 5.16 8.97 -77.38
C LYS KA 164 4.94 9.64 -78.72
N PRO KA 165 4.72 10.96 -78.74
CA PRO KA 165 4.51 11.63 -80.02
C PRO KA 165 5.80 12.00 -80.70
N VAL KA 166 5.69 12.16 -82.02
CA VAL KA 166 6.82 12.52 -82.87
C VAL KA 166 6.84 14.03 -82.96
N LEU KA 167 7.54 14.65 -82.01
CA LEU KA 167 7.66 16.10 -81.98
C LEU KA 167 8.73 16.60 -82.94
N ASP KA 168 9.88 15.94 -82.96
CA ASP KA 168 10.95 16.25 -83.90
C ASP KA 168 11.55 14.94 -84.35
N SER KA 169 11.31 14.58 -85.61
CA SER KA 169 11.85 13.34 -86.16
C SER KA 169 13.35 13.43 -86.41
N THR KA 170 13.92 14.63 -86.45
CA THR KA 170 15.35 14.78 -86.66
C THR KA 170 16.14 14.42 -85.40
N ILE KA 171 15.64 14.82 -84.24
CA ILE KA 171 16.32 14.63 -82.97
C ILE KA 171 15.72 13.42 -82.25
N ASP KA 172 14.41 13.23 -82.41
CA ASP KA 172 13.70 12.10 -81.85
C ASP KA 172 13.84 12.06 -80.33
N TYR KA 173 13.28 13.08 -79.69
CA TYR KA 173 13.26 13.19 -78.23
C TYR KA 173 11.88 12.89 -77.70
N PHE KA 174 11.82 12.30 -76.52
CA PHE KA 174 10.56 11.96 -75.88
C PHE KA 174 10.71 12.03 -74.37
N GLN KA 175 9.62 12.07 -73.74
CA GLN KA 175 9.52 12.19 -72.30
C GLN KA 175 9.45 10.82 -71.63
N PRO KA 176 9.96 10.68 -70.41
CA PRO KA 176 9.67 9.47 -69.66
C PRO KA 176 8.25 9.44 -69.15
N ASN KA 177 7.86 8.31 -68.57
CA ASN KA 177 6.49 8.13 -68.15
C ASN KA 177 6.22 8.92 -66.89
N ASN KA 178 5.31 9.89 -66.99
CA ASN KA 178 4.90 10.68 -65.85
C ASN KA 178 3.49 11.17 -66.15
N LYS KA 179 2.51 10.72 -65.40
CA LYS KA 179 1.15 11.11 -65.68
C LYS KA 179 0.92 12.58 -65.44
N ARG KA 180 1.66 13.18 -64.52
CA ARG KA 180 1.42 14.57 -64.14
C ARG KA 180 2.11 15.54 -65.07
N ASN KA 181 3.19 15.12 -65.72
CA ASN KA 181 4.00 15.99 -66.56
C ASN KA 181 3.85 15.71 -68.05
N GLN KA 182 2.98 14.79 -68.44
CA GLN KA 182 2.81 14.47 -69.84
C GLN KA 182 2.24 15.66 -70.60
N LEU KA 183 2.81 15.92 -71.75
CA LEU KA 183 2.43 17.06 -72.57
C LEU KA 183 1.01 16.90 -73.08
N TRP KA 184 0.31 18.03 -73.17
CA TRP KA 184 -0.97 18.11 -73.83
C TRP KA 184 -0.73 18.57 -75.26
N LEU KA 185 -1.22 17.81 -76.21
CA LEU KA 185 -1.23 18.19 -77.61
C LEU KA 185 -2.60 18.78 -77.95
N ARG KA 186 -2.65 19.44 -79.09
CA ARG KA 186 -3.90 19.96 -79.61
C ARG KA 186 -4.54 18.94 -80.53
N LEU KA 187 -5.84 18.82 -80.39
CA LEU KA 187 -6.66 18.00 -81.28
C LEU KA 187 -6.91 18.80 -82.54
N GLN KA 188 -6.04 18.62 -83.52
CA GLN KA 188 -6.14 19.32 -84.77
C GLN KA 188 -7.35 18.84 -85.56
N THR KA 189 -7.62 19.53 -86.67
CA THR KA 189 -8.76 19.20 -87.50
C THR KA 189 -8.46 18.02 -88.42
N ALA KA 190 -7.36 18.10 -89.20
CA ALA KA 190 -7.00 17.01 -90.09
C ALA KA 190 -5.49 16.78 -90.17
N GLY KA 191 -4.73 17.15 -89.14
CA GLY KA 191 -3.29 17.10 -89.20
C GLY KA 191 -2.59 16.67 -87.94
N ASN KA 192 -3.22 15.78 -87.18
CA ASN KA 192 -2.66 15.36 -85.92
C ASN KA 192 -1.36 14.59 -86.12
N VAL KA 193 -0.56 14.58 -85.06
CA VAL KA 193 0.79 14.04 -85.10
C VAL KA 193 0.76 12.55 -84.79
N ASP KA 194 1.68 11.82 -85.42
CA ASP KA 194 1.71 10.38 -85.29
C ASP KA 194 2.38 9.99 -83.99
N HIS KA 195 1.72 9.14 -83.23
CA HIS KA 195 2.33 8.47 -82.09
C HIS KA 195 2.91 7.14 -82.53
N VAL KA 196 3.88 6.68 -81.75
CA VAL KA 196 4.75 5.60 -82.17
C VAL KA 196 5.02 4.72 -80.96
N GLY KA 197 5.52 3.51 -81.21
CA GLY KA 197 5.70 2.58 -80.11
C GLY KA 197 5.54 1.09 -80.29
N LEU KA 198 5.43 0.57 -81.52
CA LEU KA 198 5.46 -0.88 -81.65
C LEU KA 198 6.08 -1.33 -82.95
N GLY KA 199 6.98 -2.30 -82.83
CA GLY KA 199 7.52 -3.00 -83.98
C GLY KA 199 7.52 -4.48 -83.72
N THR KA 200 7.34 -5.24 -84.81
CA THR KA 200 7.09 -6.67 -84.73
C THR KA 200 8.05 -7.43 -85.63
N ALA KA 201 8.16 -8.72 -85.33
CA ALA KA 201 8.90 -9.65 -86.18
C ALA KA 201 8.19 -10.99 -86.11
N PHE KA 202 7.59 -11.39 -87.22
CA PHE KA 202 6.87 -12.65 -87.33
C PHE KA 202 7.66 -13.64 -88.14
N GLU KA 203 7.72 -14.88 -87.66
CA GLU KA 203 8.40 -15.95 -88.36
C GLU KA 203 7.53 -16.45 -89.49
N ASN KA 204 8.11 -16.51 -90.68
CA ASN KA 204 7.37 -16.90 -91.86
C ASN KA 204 7.04 -18.39 -91.82
N SER KA 205 6.15 -18.79 -92.72
CA SER KA 205 5.61 -20.13 -92.72
C SER KA 205 5.19 -20.51 -94.14
N ILE KA 206 4.93 -21.80 -94.33
CA ILE KA 206 4.42 -22.28 -95.60
C ILE KA 206 3.00 -21.81 -95.84
N TYR KA 207 2.25 -21.61 -94.78
CA TYR KA 207 0.87 -21.15 -94.85
C TYR KA 207 0.79 -19.67 -94.52
N ASP KA 208 -0.27 -19.03 -95.02
CA ASP KA 208 -0.50 -17.63 -94.74
C ASP KA 208 -0.99 -17.47 -93.31
N GLN KA 209 -0.42 -16.50 -92.60
CA GLN KA 209 -0.78 -16.18 -91.23
C GLN KA 209 -1.49 -14.84 -91.21
N GLU KA 210 -2.79 -14.85 -90.97
CA GLU KA 210 -3.60 -13.65 -90.93
C GLU KA 210 -3.93 -13.29 -89.49
N TYR KA 211 -4.10 -11.98 -89.26
CA TYR KA 211 -4.43 -11.44 -87.95
C TYR KA 211 -5.40 -10.29 -88.12
N ASN KA 212 -6.28 -10.14 -87.14
CA ASN KA 212 -7.15 -8.98 -86.99
C ASN KA 212 -6.63 -8.18 -85.81
N ILE KA 213 -6.05 -7.03 -86.09
CA ILE KA 213 -5.39 -6.23 -85.07
C ILE KA 213 -6.34 -5.16 -84.58
N ARG KA 214 -6.59 -5.15 -83.28
CA ARG KA 214 -7.47 -4.19 -82.62
C ARG KA 214 -6.62 -3.32 -81.73
N VAL KA 215 -6.50 -2.05 -82.10
CA VAL KA 215 -5.79 -1.05 -81.31
C VAL KA 215 -6.80 -0.27 -80.51
N THR KA 216 -6.55 -0.12 -79.22
CA THR KA 216 -7.38 0.63 -78.31
C THR KA 216 -6.51 1.68 -77.66
N MET KA 217 -6.85 2.95 -77.86
CA MET KA 217 -6.15 4.06 -77.25
C MET KA 217 -6.95 4.63 -76.10
N TYR KA 218 -6.29 4.76 -74.96
CA TYR KA 218 -6.87 5.34 -73.76
C TYR KA 218 -6.40 6.79 -73.68
N VAL KA 219 -7.29 7.71 -73.96
CA VAL KA 219 -6.95 9.11 -74.15
C VAL KA 219 -7.54 9.93 -73.02
N GLN KA 220 -7.10 11.17 -72.93
CA GLN KA 220 -7.51 12.10 -71.89
C GLN KA 220 -7.61 13.46 -72.55
N PHE KA 221 -8.82 13.99 -72.62
CA PHE KA 221 -9.10 15.27 -73.24
C PHE KA 221 -9.21 16.38 -72.20
N ARG KA 222 -9.31 17.61 -72.69
CA ARG KA 222 -9.34 18.78 -71.83
C ARG KA 222 -10.03 19.91 -72.57
N GLU KA 223 -10.69 20.78 -71.80
CA GLU KA 223 -11.30 22.01 -72.29
C GLU KA 223 -12.39 21.73 -73.33
N PHE KA 224 -13.48 21.18 -72.82
CA PHE KA 224 -14.76 21.10 -73.52
C PHE KA 224 -15.06 22.40 -74.24
N ASN KA 225 -15.25 22.33 -75.55
CA ASN KA 225 -15.32 23.51 -76.40
C ASN KA 225 -16.47 23.43 -77.39
N LEU KA 226 -17.61 22.95 -76.92
CA LEU KA 226 -18.76 22.83 -77.80
C LEU KA 226 -19.23 24.22 -78.24
N LYS KA 227 -19.66 24.30 -79.48
CA LYS KA 227 -20.19 25.53 -80.06
C LYS KA 227 -21.62 25.31 -80.50
N ASP KA 228 -22.51 26.19 -80.05
CA ASP KA 228 -23.95 26.04 -80.22
C ASP KA 228 -24.50 27.26 -80.93
N PRO KA 229 -24.43 27.32 -82.26
CA PRO KA 229 -25.07 28.39 -82.98
C PRO KA 229 -26.58 28.20 -83.00
N PRO KA 230 -27.34 29.22 -83.38
CA PRO KA 230 -28.78 29.03 -83.55
C PRO KA 230 -29.13 28.16 -84.74
N LEU KA 231 -30.41 27.97 -84.98
CA LEU KA 231 -30.89 27.12 -86.06
C LEU KA 231 -32.13 27.72 -86.73
N GLY LA 43 33.22 -3.20 -63.62
CA GLY LA 43 32.10 -2.69 -64.38
C GLY LA 43 31.17 -3.76 -64.87
N ILE LA 44 30.29 -4.20 -64.00
CA ILE LA 44 29.43 -5.34 -64.27
C ILE LA 44 28.27 -4.92 -65.16
N PHE LA 45 27.87 -5.83 -66.05
CA PHE LA 45 26.71 -5.64 -66.90
C PHE LA 45 26.11 -7.01 -67.17
N ASN LA 46 25.04 -7.32 -66.47
CA ASN LA 46 24.28 -8.53 -66.72
C ASN LA 46 23.29 -8.28 -67.86
N THR LA 47 23.32 -9.14 -68.86
CA THR LA 47 22.40 -9.05 -69.98
C THR LA 47 21.99 -10.44 -70.41
N ARG LA 48 21.37 -10.51 -71.58
CA ARG LA 48 20.74 -11.71 -72.09
C ARG LA 48 20.93 -11.76 -73.60
N LEU LA 49 21.47 -12.88 -74.07
CA LEU LA 49 21.77 -13.08 -75.49
C LEU LA 49 21.08 -14.36 -75.94
N SER LA 50 20.49 -14.30 -77.13
CA SER LA 50 19.70 -15.39 -77.67
C SER LA 50 20.17 -15.77 -79.06
N ARG LA 51 19.64 -16.89 -79.53
CA ARG LA 51 20.03 -17.53 -80.77
C ARG LA 51 19.03 -18.63 -81.04
N THR LA 52 18.67 -18.81 -82.30
CA THR LA 52 17.64 -19.74 -82.71
C THR LA 52 18.13 -20.58 -83.87
N PHE LA 53 17.82 -21.87 -83.82
CA PHE LA 53 18.23 -22.81 -84.85
C PHE LA 53 17.32 -24.03 -84.80
N GLY LA 54 17.44 -24.86 -85.83
CA GLY LA 54 16.57 -26.01 -85.99
C GLY LA 54 17.19 -27.34 -85.65
N TYR LA 55 16.32 -28.31 -85.33
CA TYR LA 55 16.72 -29.68 -85.07
C TYR LA 55 15.57 -30.58 -85.50
N THR LA 56 15.89 -31.61 -86.26
CA THR LA 56 14.90 -32.54 -86.78
C THR LA 56 15.31 -33.97 -86.43
N ILE LA 57 14.32 -34.76 -86.05
CA ILE LA 57 14.45 -36.19 -85.83
C ILE LA 57 13.75 -36.85 -87.00
N LYS LA 58 14.54 -37.39 -87.91
CA LYS LA 58 13.98 -37.99 -89.12
C LYS LA 58 13.20 -39.25 -88.80
N ARG LA 59 12.32 -39.61 -89.72
CA ARG LA 59 11.46 -40.77 -89.56
C ARG LA 59 12.26 -42.07 -89.69
N THR LA 60 11.68 -43.14 -89.17
CA THR LA 60 12.25 -44.48 -89.24
C THR LA 60 11.15 -45.50 -89.44
N THR LA 61 11.42 -46.48 -90.31
CA THR LA 61 10.53 -47.61 -90.50
C THR LA 61 10.65 -48.64 -89.39
N VAL LA 62 11.61 -48.48 -88.47
CA VAL LA 62 11.79 -49.42 -87.38
C VAL LA 62 10.52 -49.48 -86.53
N LYS LA 63 10.14 -50.69 -86.16
CA LYS LA 63 8.91 -50.91 -85.40
C LYS LA 63 9.12 -50.70 -83.92
N THR LA 64 10.28 -51.09 -83.40
CA THR LA 64 10.54 -51.02 -81.98
C THR LA 64 10.57 -49.59 -81.48
N PRO LA 65 10.50 -49.38 -80.17
CA PRO LA 65 10.79 -48.05 -79.64
C PRO LA 65 12.29 -47.83 -79.57
N SER LA 66 12.80 -47.00 -80.46
CA SER LA 66 14.19 -46.60 -80.48
C SER LA 66 14.28 -45.11 -80.24
N TRP LA 67 15.44 -44.68 -79.75
CA TRP LA 67 15.69 -43.29 -79.43
C TRP LA 67 16.84 -42.73 -80.25
N ALA LA 68 16.75 -41.44 -80.53
CA ALA LA 68 17.76 -40.70 -81.26
C ALA LA 68 18.50 -39.81 -80.29
N VAL LA 69 19.80 -40.00 -80.21
CA VAL LA 69 20.64 -39.32 -79.24
C VAL LA 69 21.43 -38.24 -79.94
N ASP LA 70 21.58 -37.10 -79.28
CA ASP LA 70 22.36 -36.00 -79.81
C ASP LA 70 22.84 -35.14 -78.65
N MET LA 71 23.78 -34.26 -78.95
CA MET LA 71 24.44 -33.42 -77.98
C MET LA 71 24.18 -31.95 -78.29
N MET LA 72 24.53 -31.10 -77.33
CA MET LA 72 24.31 -29.66 -77.45
C MET LA 72 25.35 -28.93 -76.62
N ARG LA 73 26.23 -28.19 -77.29
CA ARG LA 73 27.21 -27.32 -76.67
C ARG LA 73 26.79 -25.87 -76.86
N PHE LA 74 27.44 -24.99 -76.12
CA PHE LA 74 27.15 -23.55 -76.15
C PHE LA 74 28.46 -22.78 -76.22
N ASN LA 75 28.58 -21.93 -77.22
CA ASN LA 75 29.71 -21.03 -77.37
C ASN LA 75 29.20 -19.61 -77.56
N ILE LA 76 29.98 -18.65 -77.08
CA ILE LA 76 29.58 -17.25 -77.11
C ILE LA 76 29.81 -16.60 -78.47
N ASN LA 77 30.58 -17.23 -79.35
CA ASN LA 77 30.74 -16.68 -80.70
C ASN LA 77 29.43 -16.73 -81.47
N ASP LA 78 28.59 -17.72 -81.18
CA ASP LA 78 27.32 -17.87 -81.86
C ASP LA 78 26.26 -16.89 -81.36
N PHE LA 79 26.50 -16.23 -80.23
CA PHE LA 79 25.59 -15.25 -79.68
C PHE LA 79 26.10 -13.82 -79.80
N LEU LA 80 27.41 -13.64 -79.76
CA LEU LA 80 28.04 -12.33 -79.80
C LEU LA 80 28.84 -12.17 -81.09
N PRO LA 81 28.44 -11.33 -82.03
CA PRO LA 81 29.19 -11.24 -83.28
C PRO LA 81 30.47 -10.46 -83.10
N PRO LA 82 31.32 -10.46 -84.12
CA PRO LA 82 32.50 -9.60 -84.07
C PRO LA 82 32.12 -8.15 -84.24
N GLY LA 83 32.89 -7.28 -83.60
CA GLY LA 83 32.61 -5.86 -83.65
C GLY LA 83 33.19 -5.20 -84.88
N GLY LA 84 33.72 -4.00 -84.70
CA GLY LA 84 34.30 -3.27 -85.79
C GLY LA 84 35.29 -2.22 -85.32
N GLY LA 85 36.46 -2.20 -85.95
CA GLY LA 85 37.48 -1.24 -85.60
C GLY LA 85 38.35 -1.69 -84.45
N SER LA 86 38.69 -0.76 -83.57
CA SER LA 86 39.55 -1.07 -82.44
C SER LA 86 38.85 -1.92 -81.40
N ASN LA 87 37.52 -2.03 -81.47
CA ASN LA 87 36.76 -2.89 -80.58
C ASN LA 87 36.54 -4.22 -81.28
N PRO LA 88 37.19 -5.31 -80.84
CA PRO LA 88 37.06 -6.56 -81.61
C PRO LA 88 35.70 -7.21 -81.51
N ARG LA 89 34.94 -6.92 -80.47
CA ARG LA 89 33.62 -7.49 -80.26
C ARG LA 89 32.58 -6.40 -80.17
N SER LA 90 31.32 -6.80 -80.33
CA SER LA 90 30.22 -5.86 -80.41
C SER LA 90 29.77 -5.39 -79.04
N VAL LA 91 30.02 -6.17 -78.01
CA VAL LA 91 29.77 -5.77 -76.62
C VAL LA 91 31.11 -5.38 -76.01
N PRO LA 92 31.35 -4.10 -75.72
CA PRO LA 92 32.71 -3.70 -75.35
C PRO LA 92 33.08 -3.99 -73.90
N PHE LA 93 33.42 -5.26 -73.66
CA PHE LA 93 33.87 -5.72 -72.36
C PHE LA 93 35.00 -6.70 -72.56
N GLU LA 94 35.77 -6.90 -71.49
CA GLU LA 94 36.95 -7.75 -71.51
C GLU LA 94 36.65 -9.17 -71.06
N TYR LA 95 35.99 -9.32 -69.92
CA TYR LA 95 35.77 -10.61 -69.29
C TYR LA 95 34.30 -10.97 -69.33
N TYR LA 96 34.03 -12.25 -69.14
CA TYR LA 96 32.66 -12.73 -69.11
C TYR LA 96 32.61 -14.02 -68.30
N ARG LA 97 31.39 -14.38 -67.90
CA ARG LA 97 31.13 -15.67 -67.30
C ARG LA 97 29.66 -15.95 -67.45
N ILE LA 98 29.34 -17.13 -67.99
CA ILE LA 98 27.96 -17.50 -68.27
C ILE LA 98 27.32 -17.98 -66.99
N ARG LA 99 26.23 -17.33 -66.60
CA ARG LA 99 25.52 -17.62 -65.37
C ARG LA 99 24.49 -18.73 -65.56
N LYS LA 100 23.67 -18.64 -66.60
CA LYS LA 100 22.60 -19.58 -66.85
C LYS LA 100 22.40 -19.70 -68.35
N VAL LA 101 21.76 -20.80 -68.75
CA VAL LA 101 21.30 -21.00 -70.10
C VAL LA 101 19.89 -21.56 -70.04
N LYS LA 102 19.06 -21.11 -70.97
CA LYS LA 102 17.69 -21.58 -71.14
C LYS LA 102 17.57 -22.14 -72.55
N VAL LA 103 17.49 -23.44 -72.65
CA VAL LA 103 17.23 -24.12 -73.90
C VAL LA 103 15.74 -24.40 -74.01
N GLU LA 104 15.14 -23.93 -75.09
CA GLU LA 104 13.71 -24.05 -75.33
C GLU LA 104 13.52 -24.83 -76.61
N PHE LA 105 12.88 -25.98 -76.52
CA PHE LA 105 12.47 -26.76 -77.68
C PHE LA 105 11.06 -26.33 -78.06
N TRP LA 106 10.98 -25.44 -79.02
CA TRP LA 106 9.69 -25.00 -79.52
C TRP LA 106 9.25 -25.93 -80.65
N PRO LA 107 8.13 -26.63 -80.52
CA PRO LA 107 7.76 -27.59 -81.55
C PRO LA 107 7.35 -26.94 -82.85
N CYS LA 108 7.49 -27.71 -83.91
CA CYS LA 108 7.07 -27.34 -85.24
C CYS LA 108 5.94 -28.20 -85.76
N SER LA 109 5.45 -29.13 -84.97
CA SER LA 109 4.54 -30.16 -85.40
C SER LA 109 3.14 -29.87 -84.87
N PRO LA 110 2.10 -30.27 -85.60
CA PRO LA 110 0.74 -29.98 -85.15
C PRO LA 110 0.35 -30.84 -83.97
N ILE LA 111 -0.69 -30.37 -83.26
CA ILE LA 111 -1.19 -31.12 -82.12
C ILE LA 111 -2.00 -32.34 -82.52
N THR LA 112 -2.25 -32.53 -83.81
CA THR LA 112 -2.93 -33.72 -84.32
C THR LA 112 -1.97 -34.83 -84.71
N GLN LA 113 -0.67 -34.64 -84.56
CA GLN LA 113 0.29 -35.64 -85.00
C GLN LA 113 0.30 -36.80 -84.04
N GLY LA 114 0.26 -38.01 -84.58
CA GLY LA 114 0.27 -39.22 -83.81
C GLY LA 114 1.64 -39.84 -83.69
N ASP LA 115 1.65 -41.09 -83.27
CA ASP LA 115 2.87 -41.83 -83.00
C ASP LA 115 3.72 -41.08 -81.98
N ARG LA 116 3.06 -40.59 -80.95
CA ARG LA 116 3.72 -39.82 -79.92
C ARG LA 116 4.73 -40.69 -79.17
N GLY LA 117 5.58 -40.01 -78.41
CA GLY LA 117 6.67 -40.67 -77.74
C GLY LA 117 7.07 -39.98 -76.46
N VAL LA 118 8.15 -40.46 -75.86
CA VAL LA 118 8.62 -39.94 -74.59
C VAL LA 118 10.14 -40.06 -74.55
N GLY LA 119 10.80 -38.96 -74.24
CA GLY LA 119 12.24 -38.87 -74.23
C GLY LA 119 12.78 -38.29 -72.96
N SER LA 120 14.03 -37.83 -73.00
CA SER LA 120 14.72 -37.38 -71.81
C SER LA 120 15.79 -36.38 -72.20
N SER LA 121 15.93 -35.34 -71.39
CA SER LA 121 17.00 -34.36 -71.51
C SER LA 121 17.76 -34.30 -70.20
N ALA LA 122 19.07 -34.40 -70.28
CA ALA LA 122 19.94 -34.41 -69.13
C ALA LA 122 21.04 -33.38 -69.28
N VAL LA 123 21.64 -33.02 -68.16
CA VAL LA 123 22.66 -31.98 -68.07
C VAL LA 123 24.01 -32.65 -67.93
N ILE LA 124 24.91 -32.37 -68.88
CA ILE LA 124 26.18 -33.06 -69.01
C ILE LA 124 27.27 -32.00 -69.05
N LEU LA 125 27.93 -31.79 -67.91
CA LEU LA 125 28.83 -30.66 -67.72
C LEU LA 125 30.29 -31.00 -67.97
N ASP LA 126 30.60 -31.98 -68.85
CA ASP LA 126 31.96 -32.46 -68.96
C ASP LA 126 32.43 -32.85 -70.36
N ASP LA 127 31.62 -32.65 -71.39
CA ASP LA 127 32.06 -32.87 -72.77
C ASP LA 127 32.31 -34.33 -73.08
N ASN LA 128 31.62 -35.23 -72.37
CA ASN LA 128 31.61 -36.65 -72.69
C ASN LA 128 30.15 -37.06 -72.68
N PHE LA 129 29.55 -36.96 -73.85
CA PHE LA 129 28.16 -37.31 -74.06
C PHE LA 129 28.04 -38.76 -74.47
N VAL LA 130 26.83 -39.30 -74.34
CA VAL LA 130 26.51 -40.56 -74.98
C VAL LA 130 26.68 -40.38 -76.47
N THR LA 131 27.22 -41.41 -77.12
CA THR LA 131 27.53 -41.32 -78.53
C THR LA 131 26.27 -41.04 -79.34
N LYS LA 132 26.42 -40.20 -80.35
CA LYS LA 132 25.30 -39.86 -81.21
C LYS LA 132 24.81 -41.11 -81.94
N ALA LA 133 23.50 -41.33 -81.85
CA ALA LA 133 22.86 -42.51 -82.39
C ALA LA 133 21.58 -42.11 -83.10
N THR LA 134 21.24 -42.88 -84.14
CA THR LA 134 20.03 -42.66 -84.91
C THR LA 134 18.85 -43.43 -84.31
N ALA LA 135 19.03 -44.73 -84.05
CA ALA LA 135 18.00 -45.57 -83.47
C ALA LA 135 18.66 -46.48 -82.45
N LEU LA 136 18.74 -46.01 -81.22
CA LEU LA 136 19.25 -46.78 -80.09
C LEU LA 136 18.09 -47.44 -79.36
N THR LA 137 18.31 -48.66 -78.89
CA THR LA 137 17.26 -49.50 -78.34
C THR LA 137 16.85 -49.11 -76.93
N TYR LA 138 17.32 -47.99 -76.40
CA TYR LA 138 16.96 -47.57 -75.06
C TYR LA 138 17.25 -46.08 -74.93
N ASP LA 139 16.71 -45.49 -73.86
CA ASP LA 139 16.93 -44.10 -73.53
C ASP LA 139 18.09 -44.01 -72.56
N PRO LA 140 19.27 -43.55 -72.97
CA PRO LA 140 20.40 -43.56 -72.04
C PRO LA 140 20.25 -42.54 -70.94
N TYR LA 141 19.61 -41.41 -71.20
CA TYR LA 141 19.51 -40.32 -70.26
C TYR LA 141 18.33 -40.45 -69.32
N VAL LA 142 17.74 -41.64 -69.21
CA VAL LA 142 16.51 -41.80 -68.46
C VAL LA 142 16.78 -41.89 -66.97
N ASN LA 143 17.83 -42.59 -66.58
CA ASN LA 143 18.16 -42.77 -65.18
C ASN LA 143 19.07 -41.69 -64.63
N TYR LA 144 19.38 -40.68 -65.43
CA TYR LA 144 20.18 -39.58 -64.95
C TYR LA 144 19.43 -38.75 -63.93
N SER LA 145 20.16 -38.27 -62.93
CA SER LA 145 19.59 -37.47 -61.88
C SER LA 145 19.04 -36.14 -62.38
N SER LA 146 19.54 -35.66 -63.53
CA SER LA 146 19.08 -34.43 -64.14
C SER LA 146 18.14 -34.66 -65.30
N ARG LA 147 17.48 -35.80 -65.34
CA ARG LA 147 16.57 -36.11 -66.44
C ARG LA 147 15.26 -35.38 -66.24
N HIS LA 148 14.80 -34.74 -67.30
CA HIS LA 148 13.45 -34.24 -67.43
C HIS LA 148 12.83 -34.94 -68.60
N THR LA 149 11.57 -35.33 -68.45
CA THR LA 149 10.86 -36.02 -69.52
C THR LA 149 10.52 -35.07 -70.64
N ILE LA 150 10.74 -35.53 -71.86
CA ILE LA 150 10.36 -34.82 -73.07
C ILE LA 150 9.13 -35.54 -73.61
N THR LA 151 7.98 -34.89 -73.52
CA THR LA 151 6.82 -35.31 -74.26
C THR LA 151 6.97 -34.85 -75.71
N GLN LA 152 6.65 -35.73 -76.63
CA GLN LA 152 6.83 -35.52 -78.05
C GLN LA 152 5.50 -35.71 -78.76
N PRO LA 153 5.34 -35.13 -79.96
CA PRO LA 153 6.17 -34.21 -80.72
C PRO LA 153 5.80 -32.75 -80.59
N PHE LA 154 4.60 -32.48 -80.07
CA PHE LA 154 3.99 -31.16 -80.13
C PHE LA 154 4.00 -30.45 -78.79
N SER LA 155 4.98 -30.74 -77.95
CA SER LA 155 5.04 -30.23 -76.60
C SER LA 155 6.32 -29.46 -76.38
N TYR LA 156 6.22 -28.41 -75.59
CA TYR LA 156 7.32 -27.52 -75.27
C TYR LA 156 8.14 -28.09 -74.13
N HIS LA 157 9.46 -27.96 -74.25
CA HIS LA 157 10.41 -28.46 -73.27
C HIS LA 157 11.44 -27.37 -73.02
N SER LA 158 11.58 -26.97 -71.77
CA SER LA 158 12.58 -26.01 -71.34
C SER LA 158 13.52 -26.65 -70.34
N ARG LA 159 14.77 -26.18 -70.37
CA ARG LA 159 15.79 -26.57 -69.40
C ARG LA 159 16.56 -25.32 -69.03
N TYR LA 160 16.66 -25.06 -67.74
CA TYR LA 160 17.31 -23.86 -67.20
C TYR LA 160 18.36 -24.31 -66.21
N PHE LA 161 19.62 -24.05 -66.52
CA PHE LA 161 20.72 -24.59 -65.76
C PHE LA 161 21.94 -23.70 -65.94
N THR LA 162 22.99 -24.03 -65.20
CA THR LA 162 24.25 -23.30 -65.21
C THR LA 162 25.31 -24.12 -65.91
N PRO LA 163 25.78 -23.73 -67.10
CA PRO LA 163 26.78 -24.55 -67.78
C PRO LA 163 28.15 -24.40 -67.16
N LYS LA 164 29.12 -25.12 -67.71
CA LYS LA 164 30.49 -25.11 -67.25
C LYS LA 164 31.40 -25.07 -68.46
N PRO LA 165 32.53 -24.37 -68.38
CA PRO LA 165 33.44 -24.33 -69.52
C PRO LA 165 34.37 -25.52 -69.57
N VAL LA 166 34.85 -25.78 -70.79
CA VAL LA 166 35.76 -26.88 -71.07
C VAL LA 166 37.17 -26.32 -70.92
N LEU LA 167 37.69 -26.38 -69.71
CA LEU LA 167 39.03 -25.90 -69.42
C LEU LA 167 40.09 -26.93 -69.79
N ASP LA 168 39.85 -28.20 -69.44
CA ASP LA 168 40.74 -29.28 -69.82
C ASP LA 168 39.86 -30.47 -70.17
N SER LA 169 39.80 -30.80 -71.46
CA SER LA 169 39.01 -31.93 -71.92
C SER LA 169 39.63 -33.26 -71.54
N THR LA 170 40.90 -33.30 -71.18
CA THR LA 170 41.55 -34.54 -70.77
C THR LA 170 41.12 -34.96 -69.37
N ILE LA 171 41.00 -33.99 -68.46
CA ILE LA 171 40.68 -34.26 -67.07
C ILE LA 171 39.21 -33.99 -66.83
N ASP LA 172 38.67 -32.99 -67.51
CA ASP LA 172 37.25 -32.65 -67.46
C ASP LA 172 36.84 -32.30 -66.02
N TYR LA 173 37.41 -31.21 -65.52
CA TYR LA 173 37.10 -30.69 -64.21
C TYR LA 173 36.23 -29.44 -64.32
N PHE LA 174 35.35 -29.26 -63.34
CA PHE LA 174 34.48 -28.10 -63.32
C PHE LA 174 34.17 -27.73 -61.89
N GLN LA 175 33.68 -26.57 -61.73
CA GLN LA 175 33.36 -25.98 -60.46
C GLN LA 175 31.91 -26.25 -60.07
N PRO LA 176 31.61 -26.35 -58.79
CA PRO LA 176 30.19 -26.34 -58.39
C PRO LA 176 29.58 -24.97 -58.50
N ASN LA 177 28.28 -24.89 -58.29
CA ASN LA 177 27.56 -23.66 -58.48
C ASN LA 177 27.84 -22.71 -57.33
N ASN LA 178 28.45 -21.57 -57.66
CA ASN LA 178 28.74 -20.54 -56.67
C ASN LA 178 28.83 -19.23 -57.45
N LYS LA 179 27.89 -18.34 -57.21
CA LYS LA 179 27.89 -17.10 -57.96
C LYS LA 179 29.10 -16.24 -57.62
N ARG LA 180 29.61 -16.34 -56.41
CA ARG LA 180 30.68 -15.47 -55.96
C ARG LA 180 32.05 -15.97 -56.40
N ASN LA 181 32.19 -17.27 -56.62
CA ASN LA 181 33.47 -17.89 -56.92
C ASN LA 181 33.58 -18.34 -58.37
N GLN LA 182 32.58 -18.08 -59.21
CA GLN LA 182 32.64 -18.51 -60.59
C GLN LA 182 33.74 -17.79 -61.33
N LEU LA 183 34.49 -18.55 -62.11
CA LEU LA 183 35.63 -18.02 -62.84
C LEU LA 183 35.18 -17.03 -63.89
N TRP LA 184 36.00 -16.01 -64.09
CA TRP LA 184 35.87 -15.09 -65.20
C TRP LA 184 36.76 -15.56 -66.33
N LEU LA 185 36.17 -15.74 -67.50
CA LEU LA 185 36.91 -16.02 -68.71
C LEU LA 185 37.11 -14.73 -69.48
N ARG LA 186 38.01 -14.78 -70.44
CA ARG LA 186 38.24 -13.67 -71.34
C ARG LA 186 37.37 -13.80 -72.57
N LEU LA 187 36.81 -12.69 -72.98
CA LEU LA 187 36.06 -12.59 -74.23
C LEU LA 187 37.07 -12.45 -75.35
N GLN LA 188 37.45 -13.59 -75.93
CA GLN LA 188 38.40 -13.63 -77.00
C GLN LA 188 37.81 -13.02 -78.26
N THR LA 189 38.66 -12.87 -79.28
CA THR LA 189 38.23 -12.28 -80.53
C THR LA 189 37.51 -13.30 -81.41
N ALA LA 190 38.14 -14.45 -81.66
CA ALA LA 190 37.53 -15.49 -82.49
C ALA LA 190 37.81 -16.91 -81.99
N GLY LA 191 38.10 -17.08 -80.71
CA GLY LA 191 38.53 -18.37 -80.19
C GLY LA 191 37.99 -18.74 -78.83
N ASN LA 192 36.78 -18.31 -78.52
CA ASN LA 192 36.21 -18.56 -77.21
C ASN LA 192 35.99 -20.05 -76.98
N VAL LA 193 35.93 -20.40 -75.71
CA VAL LA 193 35.88 -21.80 -75.27
C VAL LA 193 34.43 -22.25 -75.22
N ASP LA 194 34.23 -23.54 -75.53
CA ASP LA 194 32.91 -24.10 -75.60
C ASP LA 194 32.39 -24.42 -74.20
N HIS LA 195 31.19 -23.94 -73.91
CA HIS LA 195 30.47 -24.36 -72.73
C HIS LA 195 29.57 -25.53 -73.08
N VAL LA 196 29.24 -26.31 -72.06
CA VAL LA 196 28.64 -27.61 -72.24
C VAL LA 196 27.59 -27.82 -71.15
N GLY LA 197 26.71 -28.80 -71.35
CA GLY LA 197 25.63 -28.97 -70.41
C GLY LA 197 24.28 -29.48 -70.86
N LEU LA 198 24.11 -29.98 -72.08
CA LEU LA 198 22.85 -30.63 -72.39
C LEU LA 198 22.99 -31.75 -73.39
N GLY LA 199 22.35 -32.87 -73.07
CA GLY LA 199 22.22 -33.98 -73.99
C GLY LA 199 20.79 -34.49 -73.96
N THR LA 200 20.36 -34.97 -75.12
CA THR LA 200 18.96 -35.30 -75.36
C THR LA 200 18.82 -36.71 -75.90
N ALA LA 201 17.61 -37.23 -75.77
CA ALA LA 201 17.23 -38.50 -76.37
C ALA LA 201 15.77 -38.40 -76.78
N PHE LA 202 15.53 -38.40 -78.08
CA PHE LA 202 14.20 -38.30 -78.64
C PHE LA 202 13.77 -39.65 -79.21
N GLU LA 203 12.53 -40.03 -78.92
CA GLU LA 203 11.98 -41.27 -79.43
C GLU LA 203 11.56 -41.08 -80.88
N ASN LA 204 12.02 -41.97 -81.73
CA ASN LA 204 11.77 -41.86 -83.15
C ASN LA 204 10.30 -42.15 -83.45
N SER LA 205 9.91 -41.82 -84.68
CA SER LA 205 8.51 -41.89 -85.09
C SER LA 205 8.45 -42.14 -86.59
N ILE LA 206 7.24 -42.48 -87.05
CA ILE LA 206 7.00 -42.65 -88.48
C ILE LA 206 7.05 -41.31 -89.19
N TYR LA 207 6.70 -40.23 -88.50
CA TYR LA 207 6.71 -38.89 -89.05
C TYR LA 207 7.93 -38.13 -88.58
N ASP LA 208 8.31 -37.13 -89.37
CA ASP LA 208 9.43 -36.28 -88.99
C ASP LA 208 9.03 -35.34 -87.88
N GLN LA 209 9.90 -35.22 -86.88
CA GLN LA 209 9.68 -34.36 -85.72
C GLN LA 209 10.68 -33.20 -85.81
N GLU LA 210 10.18 -32.01 -86.12
CA GLU LA 210 11.01 -30.82 -86.22
C GLU LA 210 10.83 -29.94 -85.00
N TYR LA 211 11.89 -29.21 -84.68
CA TYR LA 211 11.92 -28.29 -83.55
C TYR LA 211 12.70 -27.05 -83.92
N ASN LA 212 12.28 -25.92 -83.36
CA ASN LA 212 13.04 -24.67 -83.42
C ASN LA 212 13.59 -24.42 -82.04
N ILE LA 213 14.90 -24.55 -81.88
CA ILE LA 213 15.54 -24.49 -80.58
C ILE LA 213 16.07 -23.09 -80.37
N ARG LA 214 15.64 -22.46 -79.29
CA ARG LA 214 16.05 -21.11 -78.92
C ARG LA 214 16.87 -21.20 -77.64
N VAL LA 215 18.15 -20.93 -77.74
CA VAL LA 215 19.07 -20.90 -76.61
C VAL LA 215 19.22 -19.46 -76.17
N THR LA 216 19.08 -19.22 -74.89
CA THR LA 216 19.24 -17.90 -74.28
C THR LA 216 20.30 -18.04 -73.19
N MET LA 217 21.39 -17.29 -73.34
CA MET LA 217 22.46 -17.26 -72.35
C MET LA 217 22.38 -15.99 -71.54
N TYR LA 218 22.39 -16.14 -70.23
CA TYR LA 218 22.41 -15.03 -69.30
C TYR LA 218 23.85 -14.84 -68.83
N VAL LA 219 24.48 -13.79 -69.31
CA VAL LA 219 25.91 -13.58 -69.15
C VAL LA 219 26.15 -12.40 -68.24
N GLN LA 220 27.39 -12.27 -67.80
CA GLN LA 220 27.82 -11.21 -66.90
C GLN LA 220 29.20 -10.80 -67.35
N PHE LA 221 29.33 -9.56 -67.81
CA PHE LA 221 30.58 -9.02 -68.31
C PHE LA 221 31.25 -8.15 -67.25
N ARG LA 222 32.48 -7.74 -67.56
CA ARG LA 222 33.29 -6.97 -66.62
C ARG LA 222 34.30 -6.16 -67.41
N GLU LA 223 34.66 -5.01 -66.86
CA GLU LA 223 35.73 -4.15 -67.37
C GLU LA 223 35.43 -3.65 -68.79
N PHE LA 224 34.44 -2.76 -68.84
CA PHE LA 224 34.16 -1.92 -70.00
C PHE LA 224 35.45 -1.38 -70.59
N ASN LA 225 35.69 -1.66 -71.85
CA ASN LA 225 36.98 -1.39 -72.49
C ASN LA 225 36.81 -0.76 -73.85
N LEU LA 226 35.90 0.19 -73.95
CA LEU LA 226 35.68 0.85 -75.23
C LEU LA 226 36.91 1.67 -75.61
N LYS LA 227 37.20 1.68 -76.90
CA LYS LA 227 38.31 2.43 -77.46
C LYS LA 227 37.77 3.44 -78.46
N ASP LA 228 38.18 4.70 -78.28
CA ASP LA 228 37.64 5.83 -79.04
C ASP LA 228 38.77 6.56 -79.72
N PRO LA 229 39.21 6.10 -80.88
CA PRO LA 229 40.18 6.85 -81.65
C PRO LA 229 39.55 8.06 -82.30
N PRO LA 230 40.35 9.00 -82.80
CA PRO LA 230 39.76 10.11 -83.56
C PRO LA 230 39.21 9.69 -84.90
N LEU LA 231 38.69 10.65 -85.65
CA LEU LA 231 38.07 10.38 -86.94
C LEU LA 231 38.41 11.47 -87.95
N GLY MA 43 25.02 -49.67 -45.51
CA GLY MA 43 25.35 -48.74 -46.57
C GLY MA 43 24.21 -48.50 -47.54
N ILE MA 44 23.30 -47.64 -47.13
CA ILE MA 44 22.07 -47.42 -47.87
C ILE MA 44 22.32 -46.53 -49.07
N PHE MA 45 21.61 -46.81 -50.17
CA PHE MA 45 21.65 -45.98 -51.36
C PHE MA 45 20.29 -46.09 -52.02
N ASN MA 46 19.48 -45.06 -51.84
CA ASN MA 46 18.21 -44.96 -52.53
C ASN MA 46 18.42 -44.35 -53.90
N THR MA 47 17.93 -45.03 -54.94
CA THR MA 47 18.02 -44.52 -56.30
C THR MA 47 16.73 -44.84 -57.04
N ARG MA 48 16.80 -44.69 -58.36
CA ARG MA 48 15.64 -44.77 -59.24
C ARG MA 48 16.07 -45.42 -60.55
N LEU MA 49 15.35 -46.48 -60.93
CA LEU MA 49 15.64 -47.24 -62.13
C LEU MA 49 14.39 -47.28 -62.98
N SER MA 50 14.57 -47.11 -64.28
CA SER MA 50 13.48 -47.02 -65.23
C SER MA 50 13.66 -48.00 -66.37
N ARG MA 51 12.61 -48.12 -67.16
CA ARG MA 51 12.48 -49.10 -68.22
C ARG MA 51 11.24 -48.74 -69.01
N THR MA 52 11.31 -48.88 -70.33
CA THR MA 52 10.24 -48.47 -71.23
C THR MA 52 9.95 -49.59 -72.22
N PHE MA 53 8.66 -49.82 -72.46
CA PHE MA 53 8.22 -50.86 -73.39
C PHE MA 53 6.82 -50.52 -73.86
N GLY MA 54 6.37 -51.26 -74.86
CA GLY MA 54 5.10 -51.02 -75.50
C GLY MA 54 3.98 -51.97 -75.14
N TYR MA 55 2.75 -51.50 -75.32
CA TYR MA 55 1.55 -52.30 -75.11
C TYR MA 55 0.49 -51.79 -76.06
N THR MA 56 -0.14 -52.71 -76.78
CA THR MA 56 -1.16 -52.38 -77.77
C THR MA 56 -2.42 -53.17 -77.50
N ILE MA 57 -3.56 -52.51 -77.63
CA ILE MA 57 -4.87 -53.12 -77.58
C ILE MA 57 -5.38 -53.13 -79.01
N LYS MA 58 -5.37 -54.30 -79.62
CA LYS MA 58 -5.77 -54.43 -81.01
C LYS MA 58 -7.25 -54.14 -81.19
N ARG MA 59 -7.60 -53.80 -82.42
CA ARG MA 59 -8.98 -53.47 -82.77
C ARG MA 59 -9.86 -54.70 -82.77
N THR MA 60 -11.17 -54.46 -82.66
CA THR MA 60 -12.17 -55.50 -82.69
C THR MA 60 -13.40 -55.01 -83.44
N THR MA 61 -13.96 -55.89 -84.27
CA THR MA 61 -15.23 -55.62 -84.94
C THR MA 61 -16.44 -55.79 -84.01
N VAL MA 62 -16.23 -56.28 -82.79
CA VAL MA 62 -17.33 -56.47 -81.85
C VAL MA 62 -18.01 -55.13 -81.58
N LYS MA 63 -19.34 -55.16 -81.55
CA LYS MA 63 -20.11 -53.95 -81.37
C LYS MA 63 -20.26 -53.59 -79.90
N THR MA 64 -20.40 -54.60 -79.04
CA THR MA 64 -20.65 -54.37 -77.63
C THR MA 64 -19.45 -53.68 -76.97
N PRO MA 65 -19.64 -53.13 -75.76
CA PRO MA 65 -18.49 -52.70 -74.98
C PRO MA 65 -17.84 -53.89 -74.32
N SER MA 66 -16.68 -54.28 -74.81
CA SER MA 66 -15.88 -55.33 -74.24
C SER MA 66 -14.55 -54.75 -73.78
N TRP MA 67 -13.92 -55.44 -72.84
CA TRP MA 67 -12.67 -55.02 -72.25
C TRP MA 67 -11.59 -56.06 -72.48
N ALA MA 68 -10.37 -55.55 -72.59
CA ALA MA 68 -9.17 -56.35 -72.77
C ALA MA 68 -8.40 -56.35 -71.47
N VAL MA 69 -8.18 -57.54 -70.92
CA VAL MA 69 -7.55 -57.70 -69.61
C VAL MA 69 -6.13 -58.17 -69.81
N ASP MA 70 -5.23 -57.66 -68.99
CA ASP MA 70 -3.84 -58.07 -69.01
C ASP MA 70 -3.23 -57.78 -67.66
N MET MA 71 -2.04 -58.34 -67.45
CA MET MA 71 -1.33 -58.28 -66.19
C MET MA 71 0.01 -57.59 -66.37
N MET MA 72 0.63 -57.27 -65.24
CA MET MA 72 1.90 -56.56 -65.24
C MET MA 72 2.66 -56.91 -63.98
N ARG MA 73 3.79 -57.58 -64.15
CA ARG MA 73 4.74 -57.91 -63.09
C ARG MA 73 5.97 -57.03 -63.22
N PHE MA 74 6.78 -57.03 -62.17
CA PHE MA 74 7.99 -56.21 -62.11
C PHE MA 74 9.13 -57.07 -61.56
N ASN MA 75 10.21 -57.15 -62.32
CA ASN MA 75 11.43 -57.82 -61.89
C ASN MA 75 12.61 -56.88 -62.06
N ILE MA 76 13.60 -57.04 -61.19
CA ILE MA 76 14.76 -56.16 -61.18
C ILE MA 76 15.79 -56.51 -62.24
N ASN MA 77 15.69 -57.69 -62.84
CA ASN MA 77 16.60 -58.03 -63.93
C ASN MA 77 16.36 -57.15 -65.14
N ASP MA 78 15.12 -56.73 -65.34
CA ASP MA 78 14.77 -55.89 -66.47
C ASP MA 78 15.19 -54.44 -66.29
N PHE MA 79 15.56 -54.04 -65.08
CA PHE MA 79 16.01 -52.69 -64.78
C PHE MA 79 17.50 -52.61 -64.50
N LEU MA 80 18.07 -53.67 -63.94
CA LEU MA 80 19.47 -53.71 -63.54
C LEU MA 80 20.22 -54.74 -64.39
N PRO MA 81 21.12 -54.35 -65.29
CA PRO MA 81 21.77 -55.34 -66.13
C PRO MA 81 22.83 -56.09 -65.36
N PRO MA 82 23.38 -57.15 -65.96
CA PRO MA 82 24.52 -57.81 -65.35
C PRO MA 82 25.77 -56.96 -65.45
N GLY MA 83 26.63 -57.09 -64.44
CA GLY MA 83 27.85 -56.32 -64.41
C GLY MA 83 28.96 -56.94 -65.21
N GLY MA 84 30.17 -56.86 -64.68
CA GLY MA 84 31.32 -57.42 -65.34
C GLY MA 84 32.45 -57.73 -64.39
N GLY MA 85 33.01 -58.93 -64.51
CA GLY MA 85 34.11 -59.33 -63.67
C GLY MA 85 33.66 -59.92 -62.36
N SER MA 86 34.38 -59.57 -61.29
CA SER MA 86 34.07 -60.09 -59.97
C SER MA 86 32.78 -59.50 -59.41
N ASN MA 87 32.29 -58.40 -59.99
CA ASN MA 87 31.02 -57.81 -59.60
C ASN MA 87 29.93 -58.35 -60.50
N PRO MA 88 29.02 -59.21 -60.01
CA PRO MA 88 28.06 -59.84 -60.93
C PRO MA 88 27.01 -58.88 -61.45
N ARG MA 89 26.75 -57.78 -60.75
CA ARG MA 89 25.76 -56.80 -61.15
C ARG MA 89 26.39 -55.43 -61.31
N SER MA 90 25.68 -54.56 -62.00
CA SER MA 90 26.21 -53.25 -62.36
C SER MA 90 26.12 -52.25 -61.23
N VAL MA 91 25.22 -52.46 -60.29
CA VAL MA 91 25.12 -51.67 -59.07
C VAL MA 91 25.74 -52.49 -57.94
N PRO MA 92 26.90 -52.10 -57.40
CA PRO MA 92 27.60 -53.01 -56.49
C PRO MA 92 27.04 -53.01 -55.07
N PHE MA 93 25.94 -53.72 -54.90
CA PHE MA 93 25.31 -53.90 -53.60
C PHE MA 93 24.83 -55.33 -53.49
N GLU MA 94 24.60 -55.74 -52.25
CA GLU MA 94 24.20 -57.11 -51.91
C GLU MA 94 22.69 -57.27 -51.82
N TYR MA 95 22.04 -56.41 -51.06
CA TYR MA 95 20.63 -56.52 -50.74
C TYR MA 95 19.85 -55.40 -51.40
N TYR MA 96 18.55 -55.61 -51.51
CA TYR MA 96 17.67 -54.60 -52.06
C TYR MA 96 16.26 -54.81 -51.52
N ARG MA 97 15.44 -53.78 -51.67
CA ARG MA 97 14.03 -53.87 -51.42
C ARG MA 97 13.34 -52.75 -52.16
N ILE MA 98 12.31 -53.10 -52.93
CA ILE MA 98 11.63 -52.14 -53.77
C ILE MA 98 10.64 -51.37 -52.92
N ARG MA 99 10.79 -50.05 -52.90
CA ARG MA 99 9.96 -49.18 -52.09
C ARG MA 99 8.67 -48.78 -52.80
N LYS MA 100 8.79 -48.35 -54.05
CA LYS MA 100 7.66 -47.87 -54.82
C LYS MA 100 7.89 -48.19 -56.29
N VAL MA 101 6.80 -48.20 -57.05
CA VAL MA 101 6.84 -48.30 -58.50
C VAL MA 101 5.87 -47.27 -59.05
N LYS MA 102 6.27 -46.66 -60.16
CA LYS MA 102 5.46 -45.70 -60.91
C LYS MA 102 5.30 -46.25 -62.31
N VAL MA 103 4.10 -46.72 -62.62
CA VAL MA 103 3.74 -47.15 -63.96
C VAL MA 103 3.06 -46.00 -64.67
N GLU MA 104 3.59 -45.62 -65.81
CA GLU MA 104 3.09 -44.50 -66.60
C GLU MA 104 2.66 -45.03 -67.96
N PHE MA 105 1.39 -44.90 -68.28
CA PHE MA 105 0.87 -45.21 -69.60
C PHE MA 105 0.92 -43.93 -70.42
N TRP MA 106 1.96 -43.81 -71.22
CA TRP MA 106 2.10 -42.67 -72.11
C TRP MA 106 1.41 -43.00 -73.43
N PRO MA 107 0.38 -42.26 -73.84
CA PRO MA 107 -0.32 -42.64 -75.06
C PRO MA 107 0.49 -42.42 -76.31
N CYS MA 108 0.12 -43.17 -77.33
CA CYS MA 108 0.70 -43.07 -78.65
C CYS MA 108 -0.30 -42.58 -79.69
N SER MA 109 -1.52 -42.28 -79.29
CA SER MA 109 -2.64 -42.02 -80.16
C SER MA 109 -2.95 -40.53 -80.19
N PRO MA 110 -3.45 -40.01 -81.30
CA PRO MA 110 -3.74 -38.59 -81.37
C PRO MA 110 -4.96 -38.21 -80.56
N ILE MA 111 -5.05 -36.92 -80.25
CA ILE MA 111 -6.20 -36.42 -79.52
C ILE MA 111 -7.46 -36.33 -80.36
N THR MA 112 -7.36 -36.58 -81.66
CA THR MA 112 -8.51 -36.61 -82.55
C THR MA 112 -9.12 -38.00 -82.70
N GLN MA 113 -8.58 -39.01 -82.02
CA GLN MA 113 -9.06 -40.36 -82.20
C GLN MA 113 -10.38 -40.53 -81.48
N GLY MA 114 -11.34 -41.14 -82.15
CA GLY MA 114 -12.65 -41.38 -81.62
C GLY MA 114 -12.81 -42.78 -81.07
N ASP MA 115 -14.06 -43.15 -80.85
CA ASP MA 115 -14.42 -44.42 -80.24
C ASP MA 115 -13.75 -44.55 -78.88
N ARG MA 116 -13.79 -43.47 -78.13
CA ARG MA 116 -13.16 -43.43 -76.82
C ARG MA 116 -13.84 -44.41 -75.87
N GLY MA 117 -13.17 -44.65 -74.76
CA GLY MA 117 -13.60 -45.65 -73.82
C GLY MA 117 -13.19 -45.34 -72.40
N VAL MA 118 -13.44 -46.28 -71.50
CA VAL MA 118 -13.17 -46.09 -70.09
C VAL MA 118 -12.81 -47.44 -69.49
N GLY MA 119 -11.68 -47.49 -68.80
CA GLY MA 119 -11.15 -48.70 -68.22
C GLY MA 119 -10.79 -48.55 -66.77
N SER MA 120 -9.99 -49.47 -66.27
CA SER MA 120 -9.67 -49.53 -64.85
C SER MA 120 -8.32 -50.18 -64.66
N SER MA 121 -7.55 -49.64 -63.72
CA SER MA 121 -6.29 -50.22 -63.28
C SER MA 121 -6.35 -50.46 -61.79
N ALA MA 122 -6.00 -51.68 -61.37
CA ALA MA 122 -6.05 -52.07 -59.98
C ALA MA 122 -4.72 -52.67 -59.55
N VAL MA 123 -4.52 -52.71 -58.25
CA VAL MA 123 -3.27 -53.16 -57.64
C VAL MA 123 -3.49 -54.54 -57.07
N ILE MA 124 -2.70 -55.50 -57.56
CA ILE MA 124 -2.88 -56.92 -57.30
C ILE MA 124 -1.57 -57.46 -56.76
N LEU MA 125 -1.48 -57.60 -55.44
CA LEU MA 125 -0.22 -57.88 -54.76
C LEU MA 125 0.01 -59.36 -54.48
N ASP MA 126 -0.55 -60.27 -55.28
CA ASP MA 126 -0.54 -61.69 -54.93
C ASP MA 126 -0.36 -62.67 -56.08
N ASP MA 127 -0.15 -62.21 -57.32
CA ASP MA 127 0.16 -63.09 -58.43
C ASP MA 127 -1.02 -63.98 -58.82
N ASN MA 128 -2.23 -63.52 -58.56
CA ASN MA 128 -3.44 -64.18 -59.06
C ASN MA 128 -4.28 -63.06 -59.66
N PHE MA 129 -4.07 -62.85 -60.95
CA PHE MA 129 -4.75 -61.85 -61.74
C PHE MA 129 -6.01 -62.45 -62.35
N VAL MA 130 -6.91 -61.55 -62.77
CA VAL MA 130 -7.98 -61.98 -63.65
C VAL MA 130 -7.37 -62.51 -64.91
N THR MA 131 -7.95 -63.57 -65.45
CA THR MA 131 -7.40 -64.24 -66.61
C THR MA 131 -7.31 -63.29 -67.78
N LYS MA 132 -6.23 -63.39 -68.54
CA LYS MA 132 -6.04 -62.56 -69.71
C LYS MA 132 -7.13 -62.83 -70.73
N ALA MA 133 -7.77 -61.76 -71.18
CA ALA MA 133 -8.91 -61.84 -72.08
C ALA MA 133 -8.76 -60.79 -73.17
N THR MA 134 -9.28 -61.11 -74.35
CA THR MA 134 -9.26 -60.22 -75.49
C THR MA 134 -10.48 -59.31 -75.51
N ALA MA 135 -11.67 -59.90 -75.37
CA ALA MA 135 -12.93 -59.15 -75.37
C ALA MA 135 -13.82 -59.77 -74.30
N LEU MA 136 -13.70 -59.27 -73.08
CA LEU MA 136 -14.55 -59.67 -71.97
C LEU MA 136 -15.72 -58.70 -71.84
N THR MA 137 -16.88 -59.24 -71.49
CA THR MA 137 -18.13 -58.48 -71.50
C THR MA 137 -18.28 -57.54 -70.33
N TYR MA 138 -17.25 -57.35 -69.51
CA TYR MA 138 -17.35 -56.46 -68.36
C TYR MA 138 -15.94 -56.08 -67.94
N ASP MA 139 -15.87 -55.06 -67.08
CA ASP MA 139 -14.62 -54.60 -66.51
C ASP MA 139 -14.44 -55.28 -65.16
N PRO MA 140 -13.54 -56.25 -65.03
CA PRO MA 140 -13.44 -56.94 -63.74
C PRO MA 140 -12.86 -56.09 -62.63
N TYR MA 141 -11.96 -55.17 -62.98
CA TYR MA 141 -11.26 -54.36 -62.00
C TYR MA 141 -12.01 -53.10 -61.61
N VAL MA 142 -13.30 -53.02 -61.91
CA VAL MA 142 -14.03 -51.78 -61.72
C VAL MA 142 -14.43 -51.60 -60.27
N ASN MA 143 -14.84 -52.67 -59.61
CA ASN MA 143 -15.29 -52.59 -58.22
C ASN MA 143 -14.17 -52.80 -57.23
N TYR MA 144 -12.93 -52.90 -57.70
CA TYR MA 144 -11.81 -53.03 -56.79
C TYR MA 144 -11.57 -51.73 -56.04
N SER MA 145 -11.18 -51.89 -54.77
CA SER MA 145 -10.91 -50.74 -53.92
C SER MA 145 -9.74 -49.90 -54.42
N SER MA 146 -8.84 -50.49 -55.21
CA SER MA 146 -7.69 -49.80 -55.76
C SER MA 146 -7.89 -49.44 -57.22
N ARG MA 147 -9.12 -49.32 -57.67
CA ARG MA 147 -9.38 -48.99 -59.05
C ARG MA 147 -9.20 -47.51 -59.28
N HIS MA 148 -8.46 -47.18 -60.34
CA HIS MA 148 -8.40 -45.86 -60.90
C HIS MA 148 -8.92 -45.95 -62.32
N THR MA 149 -9.71 -44.96 -62.72
CA THR MA 149 -10.27 -44.94 -64.05
C THR MA 149 -9.20 -44.62 -65.08
N ILE MA 150 -9.23 -45.36 -66.17
CA ILE MA 150 -8.38 -45.12 -67.33
C ILE MA 150 -9.28 -44.50 -68.38
N THR MA 151 -9.07 -43.23 -68.65
CA THR MA 151 -9.61 -42.61 -69.84
C THR MA 151 -8.75 -43.01 -71.04
N GLN MA 152 -9.41 -43.36 -72.13
CA GLN MA 152 -8.77 -43.87 -73.32
C GLN MA 152 -9.18 -43.01 -74.51
N PRO MA 153 -8.38 -43.00 -75.59
CA PRO MA 153 -7.06 -43.60 -75.83
C PRO MA 153 -5.90 -42.65 -75.66
N PHE MA 154 -6.17 -41.36 -75.61
CA PHE MA 154 -5.15 -40.32 -75.71
C PHE MA 154 -4.86 -39.65 -74.39
N SER MA 155 -5.04 -40.35 -73.28
CA SER MA 155 -4.92 -39.78 -71.96
C SER MA 155 -3.88 -40.54 -71.15
N TYR MA 156 -3.17 -39.79 -70.32
CA TYR MA 156 -2.10 -40.30 -69.49
C TYR MA 156 -2.67 -40.89 -68.21
N HIS MA 157 -2.10 -42.02 -67.80
CA HIS MA 157 -2.51 -42.74 -66.61
C HIS MA 157 -1.28 -43.13 -65.83
N SER MA 158 -1.20 -42.70 -64.58
CA SER MA 158 -0.13 -43.06 -63.67
C SER MA 158 -0.68 -43.83 -62.49
N ARG MA 159 0.14 -44.74 -61.96
CA ARG MA 159 -0.16 -45.47 -60.74
C ARG MA 159 1.12 -45.55 -59.94
N TYR MA 160 1.05 -45.13 -58.68
CA TYR MA 160 2.19 -45.07 -57.78
C TYR MA 160 1.84 -45.85 -56.53
N PHE MA 161 2.56 -46.93 -56.30
CA PHE MA 161 2.22 -47.88 -55.25
C PHE MA 161 3.46 -48.63 -54.82
N THR MA 162 3.29 -49.44 -53.79
CA THR MA 162 4.34 -50.25 -53.21
C THR MA 162 4.13 -51.71 -53.56
N PRO MA 163 4.95 -52.33 -54.40
CA PRO MA 163 4.72 -53.72 -54.75
C PRO MA 163 5.12 -54.67 -53.65
N LYS MA 164 4.90 -55.96 -53.88
CA LYS MA 164 5.22 -57.00 -52.92
C LYS MA 164 5.87 -58.14 -53.67
N PRO MA 165 6.85 -58.82 -53.07
CA PRO MA 165 7.48 -59.95 -53.75
C PRO MA 165 6.70 -61.25 -53.61
N VAL MA 166 6.96 -62.13 -54.57
CA VAL MA 166 6.31 -63.43 -54.62
C VAL MA 166 7.23 -64.40 -53.88
N LEU MA 167 7.00 -64.50 -52.57
CA LEU MA 167 7.79 -65.39 -51.73
C LEU MA 167 7.27 -66.82 -51.80
N ASP MA 168 5.96 -67.00 -51.74
CA ASP MA 168 5.35 -68.31 -51.90
C ASP MA 168 4.09 -68.13 -52.73
N SER MA 169 4.13 -68.61 -53.97
CA SER MA 169 2.97 -68.50 -54.85
C SER MA 169 1.84 -69.44 -54.45
N THR MA 170 2.12 -70.45 -53.63
CA THR MA 170 1.09 -71.37 -53.19
C THR MA 170 0.19 -70.74 -52.14
N ILE MA 171 0.78 -69.98 -51.22
CA ILE MA 171 0.07 -69.38 -50.11
C ILE MA 171 -0.22 -67.92 -50.41
N ASP MA 172 0.70 -67.27 -51.11
CA ASP MA 172 0.55 -65.89 -51.55
C ASP MA 172 0.35 -64.96 -50.36
N TYR MA 173 1.39 -64.87 -49.53
CA TYR MA 173 1.41 -63.98 -48.37
C TYR MA 173 2.30 -62.79 -48.64
N PHE MA 174 1.92 -61.66 -48.06
CA PHE MA 174 2.69 -60.44 -48.21
C PHE MA 174 2.55 -59.57 -46.97
N GLN MA 175 3.40 -58.65 -46.87
CA GLN MA 175 3.49 -57.75 -45.74
C GLN MA 175 2.69 -56.48 -45.98
N PRO MA 176 2.15 -55.86 -44.94
CA PRO MA 176 1.60 -54.52 -45.12
C PRO MA 176 2.69 -53.48 -45.27
N ASN MA 177 2.29 -52.26 -45.57
CA ASN MA 177 3.25 -51.21 -45.85
C ASN MA 177 3.89 -50.72 -44.56
N ASN MA 178 5.20 -50.91 -44.46
CA ASN MA 178 5.96 -50.45 -43.31
C ASN MA 178 7.39 -50.26 -43.80
N LYS MA 179 7.85 -49.02 -43.83
CA LYS MA 179 9.18 -48.76 -44.33
C LYS MA 179 10.25 -49.37 -43.44
N ARG MA 180 9.98 -49.47 -42.15
CA ARG MA 180 10.99 -49.94 -41.21
C ARG MA 180 11.08 -51.45 -41.15
N ASN MA 181 10.00 -52.15 -41.48
CA ASN MA 181 9.93 -53.60 -41.35
C ASN MA 181 9.94 -54.31 -42.69
N GLN MA 182 10.09 -53.60 -43.80
CA GLN MA 182 10.10 -54.24 -45.11
C GLN MA 182 11.31 -55.14 -45.26
N LEU MA 183 11.05 -56.33 -45.79
CA LEU MA 183 12.09 -57.33 -45.94
C LEU MA 183 13.14 -56.87 -46.93
N TRP MA 184 14.38 -57.24 -46.65
CA TRP MA 184 15.48 -57.11 -47.59
C TRP MA 184 15.63 -58.41 -48.34
N LEU MA 185 15.60 -58.34 -49.66
CA LEU MA 185 15.91 -59.45 -50.52
C LEU MA 185 17.36 -59.36 -50.97
N ARG MA 186 17.86 -60.46 -51.51
CA ARG MA 186 19.18 -60.50 -52.09
C ARG MA 186 19.11 -60.17 -53.56
N LEU MA 187 20.07 -59.36 -54.00
CA LEU MA 187 20.26 -59.06 -55.41
C LEU MA 187 21.01 -60.23 -56.03
N GLN MA 188 20.24 -61.17 -56.57
CA GLN MA 188 20.80 -62.35 -57.18
C GLN MA 188 21.52 -61.98 -58.48
N THR MA 189 22.19 -62.97 -59.06
CA THR MA 189 22.94 -62.75 -60.29
C THR MA 189 22.02 -62.81 -61.51
N ALA MA 190 21.24 -63.88 -61.65
CA ALA MA 190 20.32 -64.00 -62.78
C ALA MA 190 18.99 -64.66 -62.42
N GLY MA 191 18.57 -64.58 -61.16
CA GLY MA 191 17.40 -65.30 -60.70
C GLY MA 191 16.52 -64.56 -59.72
N ASN MA 192 16.45 -63.25 -59.84
CA ASN MA 192 15.69 -62.45 -58.90
C ASN MA 192 14.20 -62.76 -58.98
N VAL MA 193 13.51 -62.47 -57.89
CA VAL MA 193 12.12 -62.83 -57.71
C VAL MA 193 11.23 -61.74 -58.29
N ASP MA 194 10.08 -62.16 -58.82
CA ASP MA 194 9.17 -61.25 -59.47
C ASP MA 194 8.34 -60.51 -58.44
N HIS MA 195 8.31 -59.19 -58.56
CA HIS MA 195 7.38 -58.36 -57.82
C HIS MA 195 6.13 -58.15 -58.66
N VAL MA 196 5.04 -57.85 -57.96
CA VAL MA 196 3.72 -57.90 -58.54
C VAL MA 196 2.91 -56.74 -57.97
N GLY MA 197 1.79 -56.42 -58.63
CA GLY MA 197 1.04 -55.27 -58.21
C GLY MA 197 0.27 -54.43 -59.20
N LEU MA 198 0.10 -54.86 -60.46
CA LEU MA 198 -0.81 -54.11 -61.32
C LEU MA 198 -1.52 -54.99 -62.34
N GLY MA 199 -2.82 -54.77 -62.44
CA GLY MA 199 -3.62 -55.37 -63.48
C GLY MA 199 -4.54 -54.32 -64.08
N THR MA 200 -4.81 -54.48 -65.37
CA THR MA 200 -5.47 -53.48 -66.17
C THR MA 200 -6.66 -54.07 -66.91
N ALA MA 201 -7.55 -53.19 -67.34
CA ALA MA 201 -8.66 -53.54 -68.20
C ALA MA 201 -8.93 -52.36 -69.12
N PHE MA 202 -8.65 -52.55 -70.40
CA PHE MA 202 -8.82 -51.53 -71.42
C PHE MA 202 -10.02 -51.85 -72.28
N GLU MA 203 -10.84 -50.84 -72.55
CA GLU MA 203 -12.00 -51.00 -73.40
C GLU MA 203 -11.57 -51.01 -74.86
N ASN MA 204 -12.01 -52.02 -75.58
CA ASN MA 204 -11.61 -52.19 -76.96
C ASN MA 204 -12.25 -51.14 -77.84
N SER MA 205 -11.74 -51.03 -79.07
CA SER MA 205 -12.14 -49.98 -79.98
C SER MA 205 -11.96 -50.47 -81.41
N ILE MA 206 -12.53 -49.70 -82.34
CA ILE MA 206 -12.37 -50.00 -83.77
C ILE MA 206 -10.95 -49.74 -84.20
N TYR MA 207 -10.27 -48.80 -83.55
CA TYR MA 207 -8.90 -48.45 -83.89
C TYR MA 207 -7.95 -49.07 -82.87
N ASP MA 208 -6.71 -49.24 -83.30
CA ASP MA 208 -5.68 -49.77 -82.41
C ASP MA 208 -5.24 -48.71 -81.43
N GLN MA 209 -5.14 -49.11 -80.15
CA GLN MA 209 -4.73 -48.23 -79.07
C GLN MA 209 -3.35 -48.66 -78.60
N GLU MA 210 -2.35 -47.86 -78.91
CA GLU MA 210 -0.97 -48.15 -78.52
C GLU MA 210 -0.55 -47.28 -77.35
N TYR MA 211 0.36 -47.82 -76.55
CA TYR MA 211 0.89 -47.13 -75.38
C TYR MA 211 2.37 -47.44 -75.25
N ASN MA 212 3.11 -46.46 -74.74
CA ASN MA 212 4.50 -46.63 -74.33
C ASN MA 212 4.53 -46.60 -72.82
N ILE MA 213 4.78 -47.74 -72.20
CA ILE MA 213 4.69 -47.87 -70.76
C ILE MA 213 6.08 -47.72 -70.16
N ARG MA 214 6.22 -46.77 -69.25
CA ARG MA 214 7.47 -46.48 -68.57
C ARG MA 214 7.29 -46.83 -67.10
N VAL MA 215 7.98 -47.87 -66.67
CA VAL MA 215 7.98 -48.30 -65.27
C VAL MA 215 9.24 -47.75 -64.62
N THR MA 216 9.06 -47.13 -63.46
CA THR MA 216 10.13 -46.57 -62.67
C THR MA 216 10.06 -47.21 -61.29
N MET MA 217 11.11 -47.90 -60.90
CA MET MA 217 11.21 -48.52 -59.58
C MET MA 217 12.12 -47.71 -58.69
N TYR MA 218 11.63 -47.37 -57.51
CA TYR MA 218 12.40 -46.67 -56.50
C TYR MA 218 12.89 -47.70 -55.49
N VAL MA 219 14.19 -47.98 -55.55
CA VAL MA 219 14.77 -49.10 -54.82
C VAL MA 219 15.69 -48.56 -53.73
N GLN MA 220 16.07 -49.45 -52.84
CA GLN MA 220 16.93 -49.13 -51.70
C GLN MA 220 17.87 -50.31 -51.52
N PHE MA 221 19.15 -50.07 -51.72
CA PHE MA 221 20.17 -51.09 -51.62
C PHE MA 221 20.88 -51.01 -50.28
N ARG MA 222 21.73 -52.01 -50.03
CA ARG MA 222 22.43 -52.13 -48.76
C ARG MA 222 23.70 -52.93 -48.99
N GLU MA 223 24.71 -52.63 -48.17
CA GLU MA 223 25.97 -53.37 -48.12
C GLU MA 223 26.71 -53.35 -49.45
N PHE MA 224 27.22 -52.16 -49.76
CA PHE MA 224 28.21 -51.94 -50.80
C PHE MA 224 29.28 -53.02 -50.76
N ASN MA 225 29.44 -53.74 -51.87
CA ASN MA 225 30.26 -54.94 -51.91
C ASN MA 225 31.16 -54.96 -53.13
N LEU MA 226 31.76 -53.83 -53.45
CA LEU MA 226 32.63 -53.77 -54.60
C LEU MA 226 33.87 -54.63 -54.37
N LYS MA 227 34.33 -55.28 -55.44
CA LYS MA 227 35.51 -56.12 -55.42
C LYS MA 227 36.52 -55.56 -56.39
N ASP MA 228 37.75 -55.36 -55.90
CA ASP MA 228 38.81 -54.69 -56.65
C ASP MA 228 40.02 -55.59 -56.72
N PRO MA 229 40.05 -56.51 -57.68
CA PRO MA 229 41.25 -57.30 -57.90
C PRO MA 229 42.33 -56.47 -58.57
N PRO MA 230 43.57 -56.95 -58.59
CA PRO MA 230 44.60 -56.23 -59.35
C PRO MA 230 44.40 -56.33 -60.84
N LEU MA 231 45.32 -55.73 -61.60
CA LEU MA 231 45.24 -55.70 -63.06
C LEU MA 231 46.60 -55.87 -63.70
N GLY NA 43 -25.51 -55.07 -38.05
CA GLY NA 43 -24.27 -55.32 -38.76
C GLY NA 43 -24.16 -54.54 -40.04
N ILE NA 44 -23.76 -53.29 -39.92
CA ILE NA 44 -23.76 -52.37 -41.06
C ILE NA 44 -22.53 -52.61 -41.91
N PHE NA 45 -22.72 -52.46 -43.22
CA PHE NA 45 -21.63 -52.54 -44.18
C PHE NA 45 -21.97 -51.61 -45.34
N ASN NA 46 -21.34 -50.45 -45.35
CA ASN NA 46 -21.46 -49.53 -46.47
C ASN NA 46 -20.46 -49.92 -47.55
N THR NA 47 -20.95 -50.08 -48.77
CA THR NA 47 -20.10 -50.39 -49.90
C THR NA 47 -20.58 -49.63 -51.13
N ARG NA 48 -20.07 -50.05 -52.29
CA ARG NA 48 -20.27 -49.36 -53.54
C ARG NA 48 -20.37 -50.39 -54.65
N LEU NA 49 -21.45 -50.31 -55.42
CA LEU NA 49 -21.73 -51.24 -56.50
C LEU NA 49 -21.92 -50.44 -57.78
N SER NA 50 -21.36 -50.94 -58.88
CA SER NA 50 -21.35 -50.26 -60.15
C SER NA 50 -21.88 -51.17 -61.25
N ARG NA 51 -22.11 -50.55 -62.40
CA ARG NA 51 -22.75 -51.15 -63.56
C ARG NA 51 -22.60 -50.19 -64.71
N THR NA 52 -22.35 -50.71 -65.89
CA THR NA 52 -22.07 -49.92 -67.08
C THR NA 52 -22.90 -50.41 -68.24
N PHE NA 53 -23.44 -49.47 -69.01
CA PHE NA 53 -24.28 -49.77 -70.15
C PHE NA 53 -24.29 -48.59 -71.09
N GLY NA 54 -24.83 -48.81 -72.28
CA GLY NA 54 -24.83 -47.81 -73.33
C GLY NA 54 -26.14 -47.11 -73.57
N TYR NA 55 -26.05 -45.92 -74.15
CA TYR NA 55 -27.21 -45.13 -74.55
C TYR NA 55 -26.83 -44.31 -75.76
N THR NA 56 -27.66 -44.35 -76.79
CA THR NA 56 -27.41 -43.66 -78.03
C THR NA 56 -28.61 -42.79 -78.40
N ILE NA 57 -28.32 -41.59 -78.87
CA ILE NA 57 -29.29 -40.67 -79.42
C ILE NA 57 -29.08 -40.70 -80.93
N LYS NA 58 -29.97 -41.35 -81.64
CA LYS NA 58 -29.84 -41.50 -83.08
C LYS NA 58 -30.00 -40.16 -83.78
N ARG NA 59 -29.46 -40.10 -84.99
CA ARG NA 59 -29.49 -38.90 -85.80
C ARG NA 59 -30.89 -38.62 -86.32
N THR NA 60 -31.12 -37.35 -86.70
CA THR NA 60 -32.38 -36.91 -87.27
C THR NA 60 -32.10 -35.89 -88.36
N THR NA 61 -32.85 -36.01 -89.46
CA THR NA 61 -32.83 -35.02 -90.53
C THR NA 61 -33.61 -33.75 -90.19
N VAL NA 62 -34.33 -33.74 -89.05
CA VAL NA 62 -35.09 -32.57 -88.67
C VAL NA 62 -34.17 -31.37 -88.50
N LYS NA 63 -34.62 -30.23 -89.01
CA LYS NA 63 -33.81 -29.01 -88.97
C LYS NA 63 -33.93 -28.29 -87.65
N THR NA 64 -35.12 -28.29 -87.05
CA THR NA 64 -35.37 -27.55 -85.85
C THR NA 64 -34.55 -28.10 -84.69
N PRO NA 65 -34.45 -27.34 -83.59
CA PRO NA 65 -33.90 -27.93 -82.37
C PRO NA 65 -34.96 -28.74 -81.66
N SER NA 66 -34.81 -30.05 -81.72
CA SER NA 66 -35.67 -30.98 -81.02
C SER NA 66 -34.87 -31.75 -80.00
N TRP NA 67 -35.55 -32.27 -78.99
CA TRP NA 67 -34.93 -33.00 -77.91
C TRP NA 67 -35.47 -34.42 -77.82
N ALA NA 68 -34.60 -35.31 -77.38
CA ALA NA 68 -34.91 -36.72 -77.18
C ALA NA 68 -35.01 -36.98 -75.69
N VAL NA 69 -36.17 -37.45 -75.28
CA VAL NA 69 -36.48 -37.65 -73.87
C VAL NA 69 -36.41 -39.13 -73.55
N ASP NA 70 -35.89 -39.45 -72.37
CA ASP NA 70 -35.80 -40.81 -71.91
C ASP NA 70 -35.74 -40.80 -70.40
N MET NA 71 -35.92 -41.98 -69.82
CA MET NA 71 -36.00 -42.19 -68.38
C MET NA 71 -34.89 -43.12 -67.93
N MET NA 72 -34.71 -43.18 -66.61
CA MET NA 72 -33.66 -43.99 -66.01
C MET NA 72 -34.09 -44.40 -64.61
N ARG NA 73 -34.31 -45.70 -64.41
CA ARG NA 73 -34.59 -46.29 -63.13
C ARG NA 73 -33.36 -47.06 -62.64
N PHE NA 74 -33.38 -47.43 -61.36
CA PHE NA 74 -32.30 -48.14 -60.72
C PHE NA 74 -32.86 -49.29 -59.90
N ASN NA 75 -32.38 -50.50 -60.17
CA ASN NA 75 -32.74 -51.67 -59.39
C ASN NA 75 -31.47 -52.38 -58.96
N ILE NA 76 -31.53 -53.02 -57.80
CA ILE NA 76 -30.36 -53.67 -57.22
C ILE NA 76 -30.08 -55.03 -57.82
N ASN NA 77 -31.02 -55.61 -58.56
CA ASN NA 77 -30.75 -56.87 -59.24
C ASN NA 77 -29.69 -56.69 -60.32
N ASP NA 78 -29.64 -55.52 -60.93
CA ASP NA 78 -28.68 -55.23 -61.98
C ASP NA 78 -27.28 -54.98 -61.46
N PHE NA 79 -27.13 -54.77 -60.15
CA PHE NA 79 -25.84 -54.53 -59.52
C PHE NA 79 -25.38 -55.70 -58.67
N LEU NA 80 -26.31 -56.43 -58.08
CA LEU NA 80 -26.03 -57.54 -57.17
C LEU NA 80 -26.50 -58.85 -57.79
N PRO NA 81 -25.61 -59.76 -58.20
CA PRO NA 81 -26.08 -60.96 -58.85
C PRO NA 81 -26.65 -61.94 -57.84
N PRO NA 82 -27.27 -63.01 -58.31
CA PRO NA 82 -27.68 -64.07 -57.39
C PRO NA 82 -26.49 -64.85 -56.88
N GLY NA 83 -26.61 -65.33 -55.65
CA GLY NA 83 -25.54 -66.06 -55.02
C GLY NA 83 -25.53 -67.52 -55.40
N GLY NA 84 -25.23 -68.37 -54.44
CA GLY NA 84 -25.19 -69.79 -54.66
C GLY NA 84 -25.38 -70.59 -53.40
N GLY NA 85 -26.25 -71.58 -53.44
CA GLY NA 85 -26.51 -72.43 -52.31
C GLY NA 85 -27.54 -71.85 -51.36
N SER NA 86 -27.29 -72.00 -50.06
CA SER NA 86 -28.21 -71.51 -49.06
C SER NA 86 -28.23 -70.00 -48.98
N ASN NA 87 -27.24 -69.33 -49.55
CA ASN NA 87 -27.20 -67.88 -49.60
C ASN NA 87 -27.79 -67.43 -50.93
N PRO NA 88 -28.99 -66.84 -50.96
CA PRO NA 88 -29.61 -66.53 -52.26
C PRO NA 88 -28.92 -65.42 -53.01
N ARG NA 89 -28.20 -64.54 -52.33
CA ARG NA 89 -27.51 -63.42 -52.95
C ARG NA 89 -26.03 -63.49 -52.66
N SER NA 90 -25.27 -62.74 -53.45
CA SER NA 90 -23.82 -62.81 -53.39
C SER NA 90 -23.23 -61.98 -52.25
N VAL NA 91 -23.97 -60.97 -51.80
CA VAL NA 91 -23.61 -60.20 -50.61
C VAL NA 91 -24.47 -60.70 -49.45
N PRO NA 92 -23.90 -61.39 -48.45
CA PRO NA 92 -24.76 -62.06 -47.47
C PRO NA 92 -25.32 -61.13 -46.39
N PHE NA 93 -26.36 -60.40 -46.77
CA PHE NA 93 -27.07 -59.52 -45.87
C PHE NA 93 -28.55 -59.63 -46.14
N GLU NA 94 -29.34 -59.20 -45.16
CA GLU NA 94 -30.79 -59.29 -45.21
C GLU NA 94 -31.44 -58.02 -45.74
N TYR NA 95 -31.07 -56.88 -45.18
CA TYR NA 95 -31.70 -55.61 -45.46
C TYR NA 95 -30.74 -54.70 -46.21
N TYR NA 96 -31.31 -53.69 -46.85
CA TYR NA 96 -30.52 -52.70 -47.57
C TYR NA 96 -31.30 -51.41 -47.65
N ARG NA 97 -30.57 -50.34 -47.97
CA ARG NA 97 -31.19 -49.07 -48.31
C ARG NA 97 -30.17 -48.28 -49.10
N ILE NA 98 -30.61 -47.77 -50.25
CA ILE NA 98 -29.71 -47.06 -51.16
C ILE NA 98 -29.56 -45.63 -50.66
N ARG NA 99 -28.32 -45.23 -50.41
CA ARG NA 99 -28.01 -43.92 -49.88
C ARG NA 99 -27.85 -42.88 -50.98
N LYS NA 100 -27.08 -43.20 -52.01
CA LYS NA 100 -26.79 -42.29 -53.10
C LYS NA 100 -26.62 -43.07 -54.38
N VAL NA 101 -26.75 -42.37 -55.49
CA VAL NA 101 -26.43 -42.90 -56.81
C VAL NA 101 -25.65 -41.83 -57.55
N LYS NA 102 -24.67 -42.28 -58.33
CA LYS NA 102 -23.86 -41.45 -59.20
C LYS NA 102 -24.02 -41.97 -60.61
N VAL NA 103 -24.74 -41.21 -61.42
CA VAL NA 103 -24.87 -41.49 -62.84
C VAL NA 103 -23.85 -40.66 -63.59
N GLU NA 104 -23.03 -41.34 -64.38
CA GLU NA 104 -21.96 -40.72 -65.14
C GLU NA 104 -22.20 -40.99 -66.61
N PHE NA 105 -22.40 -39.94 -67.39
CA PHE NA 105 -22.47 -40.02 -68.84
C PHE NA 105 -21.08 -39.82 -69.38
N TRP NA 106 -20.41 -40.92 -69.69
CA TRP NA 106 -19.10 -40.87 -70.28
C TRP NA 106 -19.25 -40.83 -71.80
N PRO NA 107 -18.79 -39.78 -72.48
CA PRO NA 107 -19.02 -39.70 -73.92
C PRO NA 107 -18.23 -40.71 -74.70
N CYS NA 108 -18.75 -41.01 -75.88
CA CYS NA 108 -18.12 -41.88 -76.85
C CYS NA 108 -17.71 -41.16 -78.11
N SER NA 109 -17.93 -39.85 -78.18
CA SER NA 109 -17.80 -39.07 -79.38
C SER NA 109 -16.54 -38.22 -79.33
N PRO NA 110 -15.92 -37.93 -80.46
CA PRO NA 110 -14.69 -37.15 -80.45
C PRO NA 110 -14.95 -35.69 -80.14
N ILE NA 111 -13.90 -35.00 -79.71
CA ILE NA 111 -14.00 -33.58 -79.43
C ILE NA 111 -14.08 -32.72 -80.68
N THR NA 112 -13.92 -33.32 -81.86
CA THR NA 112 -14.07 -32.62 -83.12
C THR NA 112 -15.49 -32.68 -83.68
N GLN NA 113 -16.42 -33.34 -82.99
CA GLN NA 113 -17.75 -33.51 -83.52
C GLN NA 113 -18.52 -32.20 -83.42
N GLY NA 114 -19.19 -31.83 -84.50
CA GLY NA 114 -19.96 -30.63 -84.55
C GLY NA 114 -21.43 -30.86 -84.30
N ASP NA 115 -22.23 -29.85 -84.66
CA ASP NA 115 -23.67 -29.85 -84.41
C ASP NA 115 -23.94 -30.05 -82.93
N ARG NA 116 -23.17 -29.36 -82.11
CA ARG NA 116 -23.29 -29.47 -80.68
C ARG NA 116 -24.65 -28.97 -80.21
N GLY NA 117 -24.97 -29.30 -78.96
CA GLY NA 117 -26.27 -29.02 -78.41
C GLY NA 117 -26.25 -28.81 -76.92
N VAL NA 118 -27.43 -28.66 -76.34
CA VAL NA 118 -27.56 -28.39 -74.92
C VAL NA 118 -28.83 -29.03 -74.41
N GLY NA 119 -28.71 -29.81 -73.35
CA GLY NA 119 -29.79 -30.57 -72.78
C GLY NA 119 -29.95 -30.36 -71.29
N SER NA 120 -30.67 -31.26 -70.65
CA SER NA 120 -31.00 -31.11 -69.25
C SER NA 120 -31.24 -32.48 -68.63
N SER NA 121 -30.76 -32.63 -67.40
CA SER NA 121 -31.00 -33.81 -66.59
C SER NA 121 -31.64 -33.38 -65.29
N ALA NA 122 -32.76 -34.03 -64.93
CA ALA NA 122 -33.51 -33.71 -63.74
C ALA NA 122 -33.75 -34.96 -62.92
N VAL NA 123 -34.08 -34.74 -61.65
CA VAL NA 123 -34.26 -35.79 -60.67
C VAL NA 123 -35.75 -35.98 -60.43
N ILE NA 124 -36.24 -37.18 -60.70
CA ILE NA 124 -37.66 -37.49 -60.72
C ILE NA 124 -37.88 -38.68 -59.79
N LEU NA 125 -38.34 -38.40 -58.57
CA LEU NA 125 -38.38 -39.38 -57.50
C LEU NA 125 -39.74 -40.07 -57.35
N ASP NA 126 -40.52 -40.20 -58.43
CA ASP NA 126 -41.90 -40.66 -58.30
C ASP NA 126 -42.43 -41.56 -59.41
N ASP NA 127 -41.61 -41.94 -60.38
CA ASP NA 127 -42.01 -42.91 -61.40
C ASP NA 127 -43.08 -42.37 -62.33
N ASN NA 128 -43.12 -41.05 -62.52
CA ASN NA 128 -43.95 -40.42 -63.53
C ASN NA 128 -43.03 -39.45 -64.26
N PHE NA 129 -42.43 -39.95 -65.32
CA PHE NA 129 -41.52 -39.22 -66.16
C PHE NA 129 -42.29 -38.56 -67.29
N VAL NA 130 -41.65 -37.57 -67.91
CA VAL NA 130 -42.13 -37.08 -69.19
C VAL NA 130 -42.07 -38.21 -70.17
N THR NA 131 -43.09 -38.29 -71.04
CA THR NA 131 -43.20 -39.40 -71.96
C THR NA 131 -41.98 -39.47 -72.87
N LYS NA 132 -41.54 -40.68 -73.14
CA LYS NA 132 -40.39 -40.89 -74.02
C LYS NA 132 -40.71 -40.38 -75.41
N ALA NA 133 -39.81 -39.54 -75.93
CA ALA NA 133 -39.99 -38.89 -77.21
C ALA NA 133 -38.70 -38.94 -78.00
N THR NA 134 -38.83 -38.99 -79.31
CA THR NA 134 -37.70 -39.01 -80.21
C THR NA 134 -37.26 -37.60 -80.59
N ALA NA 135 -38.21 -36.76 -81.02
CA ALA NA 135 -37.91 -35.38 -81.40
C ALA NA 135 -39.05 -34.51 -80.87
N LEU NA 136 -38.90 -34.04 -79.64
CA LEU NA 136 -39.83 -33.12 -79.03
C LEU NA 136 -39.34 -31.69 -79.23
N THR NA 137 -40.29 -30.78 -79.45
CA THR NA 137 -40.00 -29.42 -79.84
C THR NA 137 -39.50 -28.54 -78.70
N TYR NA 138 -39.23 -29.09 -77.54
CA TYR NA 138 -38.77 -28.30 -76.41
C TYR NA 138 -38.10 -29.23 -75.41
N ASP NA 139 -37.38 -28.63 -74.48
CA ASP NA 139 -36.73 -29.34 -73.40
C ASP NA 139 -37.64 -29.34 -72.18
N PRO NA 140 -38.28 -30.46 -71.84
CA PRO NA 140 -39.23 -30.41 -70.73
C PRO NA 140 -38.58 -30.24 -69.38
N TYR NA 141 -37.37 -30.76 -69.22
CA TYR NA 141 -36.68 -30.75 -67.94
C TYR NA 141 -35.87 -29.47 -67.71
N VAL NA 142 -36.13 -28.42 -68.48
CA VAL NA 142 -35.28 -27.24 -68.43
C VAL NA 142 -35.63 -26.36 -67.24
N ASN NA 143 -36.92 -26.22 -66.94
CA ASN NA 143 -37.36 -25.37 -65.85
C ASN NA 143 -37.46 -26.10 -64.53
N TYR NA 144 -37.04 -27.36 -64.48
CA TYR NA 144 -37.06 -28.11 -63.24
C TYR NA 144 -36.01 -27.57 -62.28
N SER NA 145 -36.36 -27.56 -61.00
CA SER NA 145 -35.47 -27.08 -59.97
C SER NA 145 -34.21 -27.92 -59.84
N SER NA 146 -34.25 -29.17 -60.28
CA SER NA 146 -33.11 -30.07 -60.24
C SER NA 146 -32.44 -30.22 -61.59
N ARG NA 147 -32.60 -29.24 -62.47
CA ARG NA 147 -32.01 -29.32 -63.79
C ARG NA 147 -30.54 -28.97 -63.73
N HIS NA 148 -29.72 -29.82 -64.34
CA HIS NA 148 -28.33 -29.52 -64.66
C HIS NA 148 -28.21 -29.56 -66.16
N THR NA 149 -27.46 -28.62 -66.70
CA THR NA 149 -27.24 -28.54 -68.13
C THR NA 149 -26.33 -29.65 -68.60
N ILE NA 150 -26.73 -30.28 -69.71
CA ILE NA 150 -25.92 -31.28 -70.40
C ILE NA 150 -25.35 -30.59 -71.62
N THR NA 151 -24.05 -30.36 -71.60
CA THR NA 151 -23.34 -30.02 -72.81
C THR NA 151 -23.11 -31.29 -73.62
N GLN NA 152 -23.33 -31.21 -74.92
CA GLN NA 152 -23.27 -32.33 -75.83
C GLN NA 152 -22.29 -32.02 -76.95
N PRO NA 153 -21.75 -33.05 -77.61
CA PRO NA 153 -21.81 -34.50 -77.40
C PRO NA 153 -20.62 -35.08 -76.65
N PHE NA 154 -19.55 -34.32 -76.53
CA PHE NA 154 -18.26 -34.83 -76.09
C PHE NA 154 -17.92 -34.39 -74.67
N SER NA 155 -18.91 -34.17 -73.85
CA SER NA 155 -18.72 -33.63 -72.52
C SER NA 155 -19.30 -34.57 -71.47
N TYR NA 156 -18.62 -34.63 -70.34
CA TYR NA 156 -18.98 -35.49 -69.24
C TYR NA 156 -20.04 -34.83 -68.37
N HIS NA 157 -20.99 -35.63 -67.92
CA HIS NA 157 -22.11 -35.19 -67.10
C HIS NA 157 -22.29 -36.17 -65.97
N SER NA 158 -22.22 -35.67 -64.74
CA SER NA 158 -22.45 -36.45 -63.54
C SER NA 158 -23.65 -35.90 -62.79
N ARG NA 159 -24.36 -36.80 -62.11
CA ARG NA 159 -25.45 -36.45 -61.22
C ARG NA 159 -25.34 -37.33 -60.00
N TYR NA 160 -25.32 -36.71 -58.83
CA TYR NA 160 -25.15 -37.38 -57.54
C TYR NA 160 -26.31 -37.00 -56.65
N PHE NA 161 -27.13 -37.97 -56.31
CA PHE NA 161 -28.39 -37.71 -55.62
C PHE NA 161 -28.79 -38.95 -54.85
N THR NA 162 -29.87 -38.80 -54.08
CA THR NA 162 -30.43 -39.85 -53.25
C THR NA 162 -31.73 -40.34 -53.85
N PRO NA 163 -31.81 -41.56 -54.38
CA PRO NA 163 -33.06 -42.01 -54.98
C PRO NA 163 -34.10 -42.38 -53.95
N LYS NA 164 -35.27 -42.77 -54.41
CA LYS NA 164 -36.38 -43.16 -53.57
C LYS NA 164 -37.02 -44.41 -54.15
N PRO NA 165 -37.49 -45.32 -53.31
CA PRO NA 165 -38.13 -46.53 -53.85
C PRO NA 165 -39.59 -46.32 -54.19
N VAL NA 166 -40.06 -47.19 -55.08
CA VAL NA 166 -41.43 -47.16 -55.56
C VAL NA 166 -42.22 -48.10 -54.65
N LEU NA 167 -42.74 -47.53 -53.57
CA LEU NA 167 -43.53 -48.29 -52.62
C LEU NA 167 -44.97 -48.44 -53.07
N ASP NA 168 -45.56 -47.36 -53.57
CA ASP NA 168 -46.91 -47.39 -54.13
C ASP NA 168 -46.91 -46.49 -55.36
N SER NA 169 -46.99 -47.10 -56.54
CA SER NA 169 -47.02 -46.34 -57.78
C SER NA 169 -48.34 -45.60 -57.99
N THR NA 170 -49.39 -45.98 -57.27
CA THR NA 170 -50.67 -45.31 -57.40
C THR NA 170 -50.67 -43.95 -56.70
N ILE NA 171 -50.04 -43.88 -55.53
CA ILE NA 171 -50.02 -42.68 -54.72
C ILE NA 171 -48.70 -41.95 -54.91
N ASP NA 172 -47.63 -42.71 -55.09
CA ASP NA 172 -46.30 -42.19 -55.36
C ASP NA 172 -45.84 -41.27 -54.24
N TYR NA 173 -45.66 -41.87 -53.06
CA TYR NA 173 -45.17 -41.17 -51.88
C TYR NA 173 -43.73 -41.56 -51.60
N PHE NA 174 -42.97 -40.61 -51.08
CA PHE NA 174 -41.57 -40.85 -50.75
C PHE NA 174 -41.17 -39.99 -49.56
N GLN NA 175 -40.10 -40.33 -49.01
CA GLN NA 175 -39.56 -39.71 -47.81
C GLN NA 175 -38.59 -38.59 -48.18
N PRO NA 176 -38.48 -37.55 -47.36
CA PRO NA 176 -37.38 -36.61 -47.55
C PRO NA 176 -36.06 -37.19 -47.12
N ASN NA 177 -34.98 -36.46 -47.38
CA ASN NA 177 -33.64 -36.95 -47.12
C ASN NA 177 -33.36 -36.91 -45.63
N ASN NA 178 -33.15 -38.08 -45.05
CA ASN NA 178 -32.80 -38.20 -43.64
C ASN NA 178 -32.04 -39.51 -43.50
N LYS NA 179 -30.77 -39.43 -43.17
CA LYS NA 179 -29.98 -40.65 -43.08
C LYS NA 179 -30.44 -41.53 -41.93
N ARG NA 180 -30.97 -40.94 -40.88
CA ARG NA 180 -31.33 -41.69 -39.68
C ARG NA 180 -32.69 -42.35 -39.80
N ASN NA 181 -33.58 -41.79 -40.62
CA ASN NA 181 -34.95 -42.25 -40.74
C ASN NA 181 -35.24 -42.97 -42.04
N GLN NA 182 -34.24 -43.17 -42.89
CA GLN NA 182 -34.46 -43.83 -44.17
C GLN NA 182 -34.86 -45.28 -43.95
N LEU NA 183 -35.88 -45.70 -44.69
CA LEU NA 183 -36.42 -47.03 -44.57
C LEU NA 183 -35.40 -48.07 -44.99
N TRP NA 184 -35.43 -49.21 -44.31
CA TRP NA 184 -34.71 -50.39 -44.70
C TRP NA 184 -35.65 -51.27 -45.50
N LEU NA 185 -35.23 -51.63 -46.71
CA LEU NA 185 -35.91 -52.61 -47.52
C LEU NA 185 -35.24 -53.96 -47.34
N ARG NA 186 -35.94 -55.00 -47.78
CA ARG NA 186 -35.40 -56.34 -47.80
C ARG NA 186 -34.73 -56.61 -49.12
N LEU NA 187 -33.57 -57.27 -49.04
CA LEU NA 187 -32.86 -57.75 -50.20
C LEU NA 187 -33.51 -59.05 -50.64
N GLN NA 188 -34.47 -58.93 -51.55
CA GLN NA 188 -35.20 -60.07 -52.05
C GLN NA 188 -34.28 -60.94 -52.89
N THR NA 189 -34.81 -62.10 -53.29
CA THR NA 189 -34.04 -63.04 -54.09
C THR NA 189 -34.04 -62.66 -55.56
N ALA NA 190 -35.24 -62.45 -56.15
CA ALA NA 190 -35.32 -62.07 -57.56
C ALA NA 190 -36.44 -61.05 -57.84
N GLY NA 191 -36.83 -60.26 -56.85
CA GLY NA 191 -37.99 -59.39 -57.00
C GLY NA 191 -37.85 -58.03 -56.34
N ASN NA 192 -36.65 -57.50 -56.30
CA ASN NA 192 -36.42 -56.23 -55.63
C ASN NA 192 -37.16 -55.09 -56.33
N VAL NA 193 -37.40 -54.03 -55.58
CA VAL NA 193 -38.21 -52.92 -56.01
C VAL NA 193 -37.36 -51.90 -56.74
N ASP NA 194 -37.95 -51.24 -57.72
CA ASP NA 194 -37.22 -50.30 -58.55
C ASP NA 194 -37.09 -48.97 -57.84
N HIS NA 195 -35.87 -48.47 -57.78
CA HIS NA 195 -35.60 -47.11 -57.36
C HIS NA 195 -35.57 -46.21 -58.58
N VAL NA 196 -35.84 -44.92 -58.33
CA VAL NA 196 -36.14 -43.98 -59.39
C VAL NA 196 -35.49 -42.65 -59.03
N GLY NA 197 -35.38 -41.76 -60.02
CA GLY NA 197 -34.67 -40.53 -59.79
C GLY NA 197 -33.88 -39.85 -60.88
N LEU NA 198 -33.98 -40.26 -62.15
CA LEU NA 198 -33.35 -39.45 -63.18
C LEU NA 198 -34.10 -39.51 -64.50
N GLY NA 199 -34.28 -38.33 -65.08
CA GLY NA 199 -34.79 -38.19 -66.42
C GLY NA 199 -33.97 -37.18 -67.19
N THR NA 200 -33.85 -37.43 -68.48
CA THR NA 200 -32.92 -36.71 -69.33
C THR NA 200 -33.63 -36.15 -70.55
N ALA NA 201 -32.99 -35.16 -71.17
CA ALA NA 201 -33.42 -34.61 -72.45
C ALA NA 201 -32.19 -34.22 -73.22
N PHE NA 202 -31.92 -34.93 -74.31
CA PHE NA 202 -30.77 -34.69 -75.16
C PHE NA 202 -31.21 -34.05 -76.46
N GLU NA 203 -30.47 -33.04 -76.88
CA GLU NA 203 -30.75 -32.36 -78.14
C GLU NA 203 -30.23 -33.20 -79.29
N ASN NA 204 -31.09 -33.45 -80.26
CA ASN NA 204 -30.74 -34.30 -81.39
C ASN NA 204 -29.74 -33.60 -82.29
N SER NA 205 -29.16 -34.39 -83.19
CA SER NA 205 -28.07 -33.92 -84.04
C SER NA 205 -28.07 -34.71 -85.33
N ILE NA 206 -27.30 -34.21 -86.30
CA ILE NA 206 -27.14 -34.91 -87.57
C ILE NA 206 -26.32 -36.18 -87.38
N TYR NA 207 -25.44 -36.20 -86.40
CA TYR NA 207 -24.60 -37.34 -86.10
C TYR NA 207 -25.14 -38.09 -84.89
N ASP NA 208 -24.79 -39.37 -84.82
CA ASP NA 208 -25.19 -40.18 -83.69
C ASP NA 208 -24.36 -39.83 -82.47
N GLN NA 209 -25.04 -39.67 -81.33
CA GLN NA 209 -24.40 -39.35 -80.06
C GLN NA 209 -24.50 -40.56 -79.15
N GLU NA 210 -23.37 -41.21 -78.92
CA GLU NA 210 -23.30 -42.39 -78.07
C GLU NA 210 -22.70 -42.05 -76.72
N TYR NA 211 -23.11 -42.79 -75.71
CA TYR NA 211 -22.64 -42.61 -74.34
C TYR NA 211 -22.50 -43.97 -73.69
N ASN NA 212 -21.51 -44.07 -72.80
CA ASN NA 212 -21.35 -45.21 -71.91
C ASN NA 212 -21.71 -44.74 -70.51
N ILE NA 213 -22.85 -45.21 -70.00
CA ILE NA 213 -23.38 -44.73 -68.74
C ILE NA 213 -22.98 -45.68 -67.64
N ARG NA 214 -22.30 -45.14 -66.63
CA ARG NA 214 -21.84 -45.90 -65.47
C ARG NA 214 -22.61 -45.42 -64.25
N VAL NA 215 -23.46 -46.29 -63.73
CA VAL NA 215 -24.24 -46.02 -62.52
C VAL NA 215 -23.52 -46.68 -61.36
N THR NA 216 -23.32 -45.92 -60.29
CA THR NA 216 -22.70 -46.38 -59.07
C THR NA 216 -23.67 -46.13 -57.93
N MET NA 217 -24.09 -47.19 -57.26
CA MET NA 217 -24.97 -47.10 -56.11
C MET NA 217 -24.19 -47.30 -54.83
N TYR NA 218 -24.35 -46.37 -53.91
CA TYR NA 218 -23.76 -46.44 -52.59
C TYR NA 218 -24.81 -46.95 -51.62
N VAL NA 219 -24.65 -48.20 -51.20
CA VAL NA 219 -25.67 -48.91 -50.46
C VAL NA 219 -25.20 -49.15 -49.04
N GLN NA 220 -26.13 -49.56 -48.18
CA GLN NA 220 -25.88 -49.80 -46.78
C GLN NA 220 -26.70 -51.03 -46.41
N PHE NA 221 -26.03 -52.10 -46.05
CA PHE NA 221 -26.67 -53.36 -45.70
C PHE NA 221 -26.74 -53.52 -44.19
N ARG NA 222 -27.44 -54.57 -43.77
CA ARG NA 222 -27.68 -54.82 -42.36
C ARG NA 222 -27.95 -56.30 -42.16
N GLU NA 223 -27.57 -56.80 -41.00
CA GLU NA 223 -27.87 -58.16 -40.54
C GLU NA 223 -27.25 -59.21 -41.46
N PHE NA 224 -25.93 -59.28 -41.38
CA PHE NA 224 -25.14 -60.38 -41.91
C PHE NA 224 -25.79 -61.71 -41.61
N ASN NA 225 -26.10 -62.48 -42.65
CA ASN NA 225 -26.92 -63.68 -42.53
C ASN NA 225 -26.33 -64.84 -43.29
N LEU NA 226 -25.02 -65.02 -43.19
CA LEU NA 226 -24.38 -66.11 -43.88
C LEU NA 226 -24.84 -67.45 -43.31
N LYS NA 227 -25.00 -68.42 -44.18
CA LYS NA 227 -25.39 -69.77 -43.81
C LYS NA 227 -24.30 -70.74 -44.22
N ASP NA 228 -23.87 -71.57 -43.27
CA ASP NA 228 -22.72 -72.45 -43.43
C ASP NA 228 -23.14 -73.88 -43.16
N PRO NA 229 -23.71 -74.57 -44.14
CA PRO NA 229 -23.98 -75.98 -43.97
C PRO NA 229 -22.71 -76.81 -44.05
N PRO NA 230 -22.76 -78.07 -43.64
CA PRO NA 230 -21.58 -78.93 -43.83
C PRO NA 230 -21.31 -79.25 -45.28
N LEU NA 231 -20.28 -80.05 -45.53
CA LEU NA 231 -19.87 -80.42 -46.88
C LEU NA 231 -19.44 -81.88 -46.94
N GLY OA 43 -7.73 66.56 -26.29
CA GLY OA 43 -6.31 66.75 -26.55
C GLY OA 43 -5.58 67.35 -25.39
N ILE OA 44 -5.22 66.50 -24.45
CA ILE OA 44 -4.64 66.93 -23.17
C ILE OA 44 -3.17 67.26 -23.37
N PHE OA 45 -2.72 68.28 -22.65
CA PHE OA 45 -1.31 68.64 -22.63
C PHE OA 45 -1.02 69.24 -21.25
N ASN OA 46 -0.40 68.45 -20.40
CA ASN OA 46 0.07 68.92 -19.11
C ASN OA 46 1.43 69.56 -19.27
N THR OA 47 1.56 70.80 -18.79
CA THR OA 47 2.83 71.51 -18.83
C THR OA 47 3.01 72.30 -17.54
N ARG OA 48 3.98 73.20 -17.57
CA ARG OA 48 4.44 73.94 -16.41
C ARG OA 48 4.82 75.34 -16.83
N LEU OA 49 4.22 76.33 -16.16
CA LEU OA 49 4.44 77.73 -16.45
C LEU OA 49 4.90 78.43 -15.19
N SER OA 50 5.89 79.30 -15.33
CA SER OA 50 6.53 79.98 -14.22
C SER OA 50 6.53 81.49 -14.43
N ARG OA 51 6.89 82.18 -13.37
CA ARG OA 51 6.84 83.63 -13.26
C ARG OA 51 7.57 84.00 -11.98
N THR OA 52 8.32 85.10 -12.03
CA THR OA 52 9.16 85.53 -10.93
C THR OA 52 8.94 87.01 -10.66
N PHE OA 53 8.87 87.36 -9.38
CA PHE OA 53 8.65 88.74 -8.98
C PHE OA 53 9.14 88.90 -7.55
N GLY OA 54 9.22 90.15 -7.11
CA GLY OA 54 9.75 90.50 -5.82
C GLY OA 54 8.73 90.87 -4.76
N TYR OA 55 9.15 90.71 -3.50
CA TYR OA 55 8.35 91.10 -2.35
C TYR OA 55 9.30 91.50 -1.24
N THR OA 56 9.04 92.65 -0.64
CA THR OA 56 9.89 93.20 0.41
C THR OA 56 9.04 93.54 1.63
N ILE OA 57 9.57 93.21 2.79
CA ILE OA 57 9.01 93.59 4.08
C ILE OA 57 9.91 94.69 4.61
N LYS OA 58 9.41 95.92 4.56
CA LYS OA 58 10.21 97.07 4.98
C LYS OA 58 10.47 97.03 6.48
N ARG OA 59 11.51 97.75 6.89
CA ARG OA 59 11.92 97.81 8.27
C ARG OA 59 10.94 98.64 9.10
N THR OA 60 10.98 98.41 10.41
CA THR OA 60 10.16 99.14 11.37
C THR OA 60 10.96 99.40 12.63
N THR OA 61 10.80 100.61 13.18
CA THR OA 61 11.38 100.95 14.47
C THR OA 61 10.59 100.38 15.64
N VAL OA 62 9.44 99.76 15.39
CA VAL OA 62 8.63 99.20 16.45
C VAL OA 62 9.42 98.13 17.19
N LYS OA 63 9.33 98.15 18.52
CA LYS OA 63 10.08 97.23 19.35
C LYS OA 63 9.39 95.89 19.48
N THR OA 64 8.07 95.88 19.55
CA THR OA 64 7.32 94.68 19.78
C THR OA 64 7.46 93.70 18.61
N PRO OA 65 7.09 92.44 18.79
CA PRO OA 65 6.97 91.55 17.65
C PRO OA 65 5.66 91.80 16.93
N SER OA 66 5.75 92.42 15.76
CA SER OA 66 4.61 92.65 14.90
C SER OA 66 4.82 91.91 13.59
N TRP OA 67 3.72 91.64 12.92
CA TRP OA 67 3.72 90.89 11.67
C TRP OA 67 3.14 91.72 10.54
N ALA OA 68 3.65 91.46 9.35
CA ALA OA 68 3.22 92.11 8.11
C ALA OA 68 2.41 91.11 7.31
N VAL OA 69 1.17 91.45 7.03
CA VAL OA 69 0.23 90.56 6.37
C VAL OA 69 0.06 91.01 4.93
N ASP OA 70 -0.03 90.02 4.04
CA ASP OA 70 -0.25 90.29 2.63
C ASP OA 70 -0.90 89.06 2.01
N MET OA 71 -1.39 89.25 0.79
CA MET OA 71 -2.14 88.26 0.06
C MET OA 71 -1.42 87.91 -1.25
N MET OA 72 -1.88 86.83 -1.87
CA MET OA 72 -1.28 86.36 -3.11
C MET OA 72 -2.34 85.61 -3.92
N ARG OA 73 -2.67 86.17 -5.07
CA ARG OA 73 -3.56 85.55 -6.04
C ARG OA 73 -2.75 85.07 -7.24
N PHE OA 74 -3.39 84.25 -8.07
CA PHE OA 74 -2.76 83.66 -9.25
C PHE OA 74 -3.70 83.79 -10.43
N ASN OA 75 -3.22 84.41 -11.50
CA ASN OA 75 -3.95 84.49 -12.76
C ASN OA 75 -3.06 84.00 -13.88
N ILE OA 76 -3.70 83.43 -14.91
CA ILE OA 76 -2.98 82.83 -16.01
C ILE OA 76 -2.51 83.85 -17.04
N ASN OA 77 -3.02 85.08 -16.99
CA ASN OA 77 -2.52 86.11 -17.90
C ASN OA 77 -1.08 86.46 -17.58
N ASP OA 78 -0.68 86.36 -16.31
CA ASP OA 78 0.67 86.67 -15.90
C ASP OA 78 1.67 85.58 -16.26
N PHE OA 79 1.21 84.39 -16.63
CA PHE OA 79 2.06 83.29 -17.03
C PHE OA 79 2.00 83.01 -18.52
N LEU OA 80 0.87 83.25 -19.14
CA LEU OA 80 0.64 82.96 -20.56
C LEU OA 80 0.46 84.27 -21.34
N PRO OA 81 1.39 84.68 -22.20
CA PRO OA 81 1.21 85.95 -22.87
C PRO OA 81 0.19 85.85 -23.98
N PRO OA 82 -0.20 86.97 -24.57
CA PRO OA 82 -1.04 86.92 -25.75
C PRO OA 82 -0.27 86.43 -26.96
N GLY OA 83 -0.97 85.74 -27.85
CA GLY OA 83 -0.36 85.19 -29.02
C GLY OA 83 -0.24 86.19 -30.14
N GLY OA 84 -0.47 85.72 -31.36
CA GLY OA 84 -0.40 86.58 -32.52
C GLY OA 84 -1.20 86.03 -33.68
N GLY OA 85 -2.00 86.89 -34.30
CA GLY OA 85 -2.80 86.50 -35.43
C GLY OA 85 -4.12 85.88 -35.04
N SER OA 86 -4.52 84.84 -35.77
CA SER OA 86 -5.78 84.18 -35.51
C SER OA 86 -5.77 83.39 -34.21
N ASN OA 87 -4.58 83.12 -33.65
CA ASN OA 87 -4.46 82.46 -32.36
C ASN OA 87 -4.33 83.52 -31.29
N PRO OA 88 -5.34 83.72 -30.43
CA PRO OA 88 -5.27 84.83 -29.48
C PRO OA 88 -4.25 84.63 -28.38
N ARG OA 89 -3.89 83.39 -28.08
CA ARG OA 89 -2.95 83.06 -27.03
C ARG OA 89 -1.76 82.29 -27.61
N SER OA 90 -0.68 82.25 -26.82
CA SER OA 90 0.56 81.67 -27.29
C SER OA 90 0.58 80.16 -27.18
N VAL OA 91 -0.24 79.59 -26.30
CA VAL OA 91 -0.44 78.15 -26.20
C VAL OA 91 -1.76 77.83 -26.87
N PRO OA 92 -1.75 77.15 -28.03
CA PRO OA 92 -3.01 77.03 -28.79
C PRO OA 92 -3.96 75.96 -28.26
N PHE OA 93 -4.66 76.31 -27.20
CA PHE OA 93 -5.66 75.45 -26.61
C PHE OA 93 -6.85 76.29 -26.20
N GLU OA 94 -7.99 75.62 -26.01
CA GLU OA 94 -9.24 76.27 -25.68
C GLU OA 94 -9.51 76.32 -24.19
N TYR OA 95 -9.38 75.19 -23.52
CA TYR OA 95 -9.75 75.04 -22.12
C TYR OA 95 -8.52 74.82 -21.27
N TYR OA 96 -8.66 75.07 -19.98
CA TYR OA 96 -7.58 74.86 -19.04
C TYR OA 96 -8.15 74.59 -17.66
N ARG OA 97 -7.32 74.05 -16.80
CA ARG OA 97 -7.64 73.93 -15.38
C ARG OA 97 -6.33 73.78 -14.63
N ILE OA 98 -6.15 74.61 -13.61
CA ILE OA 98 -4.91 74.63 -12.86
C ILE OA 98 -4.93 73.50 -11.85
N ARG OA 99 -3.93 72.62 -11.93
CA ARG OA 99 -3.83 71.45 -11.08
C ARG OA 99 -3.14 71.76 -9.77
N LYS OA 100 -1.99 72.42 -9.83
CA LYS OA 100 -1.18 72.71 -8.67
C LYS OA 100 -0.46 74.03 -8.89
N VAL OA 101 -0.02 74.62 -7.78
CA VAL OA 101 0.85 75.79 -7.80
C VAL OA 101 1.94 75.56 -6.77
N LYS OA 102 3.15 76.00 -7.11
CA LYS OA 102 4.31 75.96 -6.24
C LYS OA 102 4.80 77.38 -6.07
N VAL OA 103 4.59 77.93 -4.90
CA VAL OA 103 5.12 79.24 -4.53
C VAL OA 103 6.41 79.04 -3.78
N GLU OA 104 7.48 79.66 -4.26
CA GLU OA 104 8.80 79.54 -3.69
C GLU OA 104 9.27 80.91 -3.27
N PHE OA 105 9.50 81.09 -1.98
CA PHE OA 105 10.11 82.31 -1.45
C PHE OA 105 11.61 82.10 -1.42
N TRP OA 106 12.28 82.60 -2.43
CA TRP OA 106 13.73 82.54 -2.49
C TRP OA 106 14.30 83.76 -1.81
N PRO OA 107 15.09 83.61 -0.73
CA PRO OA 107 15.55 84.79 -0.01
C PRO OA 107 16.56 85.59 -0.80
N CYS OA 108 16.63 86.87 -0.44
CA CYS OA 108 17.61 87.79 -0.98
C CYS OA 108 18.60 88.28 0.07
N SER OA 109 18.50 87.79 1.28
CA SER OA 109 19.22 88.31 2.42
C SER OA 109 20.35 87.36 2.82
N PRO OA 110 21.44 87.87 3.36
CA PRO OA 110 22.56 87.01 3.71
C PRO OA 110 22.25 86.16 4.94
N ILE OA 111 23.03 85.09 5.08
CA ILE OA 111 22.86 84.22 6.23
C ILE OA 111 23.42 84.82 7.52
N THR OA 112 24.08 85.97 7.43
CA THR OA 112 24.58 86.68 8.60
C THR OA 112 23.59 87.71 9.15
N GLN OA 113 22.41 87.84 8.54
CA GLN OA 113 21.48 88.86 8.96
C GLN OA 113 20.82 88.44 10.26
N GLY OA 114 20.75 89.38 11.20
CA GLY OA 114 20.15 89.14 12.48
C GLY OA 114 18.73 89.63 12.57
N ASP OA 115 18.24 89.74 13.80
CA ASP OA 115 16.86 90.10 14.09
C ASP OA 115 15.91 89.14 13.38
N ARG OA 116 16.24 87.86 13.45
CA ARG OA 116 15.46 86.83 12.81
C ARG OA 116 14.06 86.75 13.41
N GLY OA 117 13.19 86.06 12.71
CA GLY OA 117 11.79 86.00 13.06
C GLY OA 117 11.13 84.72 12.65
N VAL OA 118 9.82 84.66 12.84
CA VAL OA 118 9.05 83.46 12.54
C VAL OA 118 7.66 83.87 12.12
N GLY OA 119 7.24 83.36 10.96
CA GLY OA 119 5.97 83.70 10.36
C GLY OA 119 5.15 82.50 9.99
N SER OA 120 4.17 82.70 9.11
CA SER OA 120 3.22 81.66 8.77
C SER OA 120 2.67 81.92 7.39
N SER OA 121 2.49 80.85 6.63
CA SER OA 121 1.84 80.87 5.33
C SER OA 121 0.69 79.89 5.34
N ALA OA 122 -0.49 80.35 4.93
CA ALA OA 122 -1.70 79.56 4.94
C ALA OA 122 -2.35 79.61 3.57
N VAL OA 123 -3.22 78.63 3.33
CA VAL OA 123 -3.90 78.44 2.06
C VAL OA 123 -5.34 78.93 2.20
N ILE OA 124 -5.70 79.91 1.37
CA ILE OA 124 -6.96 80.62 1.48
C ILE OA 124 -7.65 80.55 0.13
N LEU OA 125 -8.61 79.64 0.01
CA LEU OA 125 -9.20 79.29 -1.28
C LEU OA 125 -10.50 80.04 -1.57
N ASP OA 126 -10.69 81.25 -1.04
CA ASP OA 126 -11.99 81.91 -1.13
C ASP OA 126 -11.97 83.41 -1.33
N ASP OA 127 -10.82 84.05 -1.49
CA ASP OA 127 -10.74 85.46 -1.82
C ASP OA 127 -11.23 86.35 -0.68
N ASN OA 128 -11.11 85.87 0.55
CA ASN OA 128 -11.34 86.69 1.73
C ASN OA 128 -10.15 86.44 2.65
N PHE OA 129 -9.14 87.27 2.46
CA PHE OA 129 -7.91 87.23 3.22
C PHE OA 129 -8.02 88.11 4.46
N VAL OA 130 -7.11 87.86 5.40
CA VAL OA 130 -6.92 88.81 6.48
C VAL OA 130 -6.46 90.12 5.86
N THR OA 131 -6.95 91.22 6.41
CA THR OA 131 -6.69 92.52 5.85
C THR OA 131 -5.18 92.80 5.83
N LYS OA 132 -4.73 93.43 4.76
CA LYS OA 132 -3.32 93.77 4.64
C LYS OA 132 -2.92 94.73 5.74
N ALA OA 133 -1.85 94.40 6.44
CA ALA OA 133 -1.37 95.15 7.59
C ALA OA 133 0.14 95.29 7.50
N THR OA 134 0.63 96.40 8.04
CA THR OA 134 2.05 96.68 8.08
C THR OA 134 2.69 96.13 9.35
N ALA OA 135 2.10 96.43 10.51
CA ALA OA 135 2.60 95.95 11.79
C ALA OA 135 1.39 95.55 12.64
N LEU OA 136 0.98 94.31 12.51
CA LEU OA 136 -0.08 93.73 13.32
C LEU OA 136 0.51 93.02 14.52
N THR OA 137 -0.18 93.13 15.66
CA THR OA 137 0.33 92.66 16.93
C THR OA 137 0.28 91.15 17.10
N TYR OA 138 -0.06 90.40 16.08
CA TYR OA 138 -0.13 88.95 16.19
C TYR OA 138 -0.05 88.35 14.79
N ASP OA 139 0.17 87.04 14.75
CA ASP OA 139 0.20 86.29 13.51
C ASP OA 139 -1.17 85.70 13.27
N PRO OA 140 -1.96 86.21 12.31
CA PRO OA 140 -3.31 85.69 12.16
C PRO OA 140 -3.35 84.29 11.60
N TYR OA 141 -2.39 83.93 10.75
CA TYR OA 141 -2.38 82.66 10.07
C TYR OA 141 -1.71 81.56 10.87
N VAL OA 142 -1.52 81.76 12.17
CA VAL OA 142 -0.74 80.81 12.97
C VAL OA 142 -1.57 79.60 13.33
N ASN OA 143 -2.84 79.79 13.68
CA ASN OA 143 -3.69 78.70 14.10
C ASN OA 143 -4.43 78.05 12.95
N TYR OA 144 -4.15 78.46 11.72
CA TYR OA 144 -4.78 77.85 10.57
C TYR OA 144 -4.28 76.43 10.38
N SER OA 145 -5.19 75.57 9.95
CA SER OA 145 -4.86 74.17 9.71
C SER OA 145 -3.85 73.98 8.60
N SER OA 146 -3.74 74.95 7.69
CA SER OA 146 -2.81 74.91 6.59
C SER OA 146 -1.58 75.78 6.82
N ARG OA 147 -1.26 76.06 8.08
CA ARG OA 147 -0.13 76.90 8.39
C ARG OA 147 1.16 76.11 8.27
N HIS OA 148 2.13 76.68 7.58
CA HIS OA 148 3.50 76.26 7.59
C HIS OA 148 4.33 77.40 8.14
N THR OA 149 5.29 77.07 8.98
CA THR OA 149 6.15 78.08 9.58
C THR OA 149 7.12 78.64 8.55
N ILE OA 150 7.26 79.95 8.55
CA ILE OA 150 8.24 80.66 7.75
C ILE OA 150 9.34 81.08 8.69
N THR OA 151 10.50 80.44 8.55
CA THR OA 151 11.72 80.96 9.14
C THR OA 151 12.23 82.10 8.30
N GLN OA 152 12.64 83.17 8.95
CA GLN OA 152 13.06 84.41 8.33
C GLN OA 152 14.47 84.75 8.80
N PRO OA 153 15.21 85.55 8.02
CA PRO OA 153 14.98 86.10 6.68
C PRO OA 153 15.64 85.34 5.55
N PHE OA 154 16.59 84.46 5.90
CA PHE OA 154 17.49 83.85 4.92
C PHE OA 154 17.15 82.40 4.64
N SER OA 155 15.89 82.03 4.76
CA SER OA 155 15.46 80.65 4.64
C SER OA 155 14.42 80.51 3.55
N TYR OA 156 14.49 79.38 2.85
CA TYR OA 156 13.61 79.07 1.76
C TYR OA 156 12.31 78.49 2.26
N HIS OA 157 11.21 78.90 1.62
CA HIS OA 157 9.87 78.48 1.99
C HIS OA 157 9.13 78.13 0.71
N SER OA 158 8.63 76.89 0.63
CA SER OA 158 7.84 76.41 -0.47
C SER OA 158 6.45 76.03 0.02
N ARG OA 159 5.47 76.21 -0.86
CA ARG OA 159 4.10 75.77 -0.62
C ARG OA 159 3.58 75.18 -1.92
N TYR OA 160 3.08 73.96 -1.86
CA TYR OA 160 2.60 73.21 -3.01
C TYR OA 160 1.17 72.78 -2.72
N PHE OA 161 0.23 73.30 -3.50
CA PHE OA 161 -1.18 73.12 -3.23
C PHE OA 161 -1.96 73.27 -4.51
N THR OA 162 -3.26 73.01 -4.41
CA THR OA 162 -4.20 73.08 -5.50
C THR OA 162 -5.09 74.30 -5.35
N PRO OA 163 -4.97 75.33 -6.18
CA PRO OA 163 -5.81 76.50 -6.00
C PRO OA 163 -7.23 76.27 -6.48
N LYS OA 164 -8.07 77.29 -6.31
CA LYS OA 164 -9.46 77.23 -6.71
C LYS OA 164 -9.81 78.54 -7.39
N PRO OA 165 -10.67 78.52 -8.41
CA PRO OA 165 -11.04 79.76 -9.08
C PRO OA 165 -12.15 80.51 -8.38
N VAL OA 166 -12.20 81.80 -8.64
CA VAL OA 166 -13.18 82.70 -8.06
C VAL OA 166 -14.35 82.74 -9.04
N LEU OA 167 -15.28 81.82 -8.85
CA LEU OA 167 -16.47 81.75 -9.69
C LEU OA 167 -17.53 82.75 -9.25
N ASP OA 168 -17.78 82.83 -7.95
CA ASP OA 168 -18.70 83.82 -7.39
C ASP OA 168 -18.08 84.35 -6.11
N SER OA 169 -17.63 85.60 -6.14
CA SER OA 169 -17.04 86.22 -4.97
C SER OA 169 -18.06 86.54 -3.89
N THR OA 170 -19.35 86.57 -4.24
CA THR OA 170 -20.38 86.85 -3.25
C THR OA 170 -20.64 85.65 -2.35
N ILE OA 171 -20.63 84.45 -2.93
CA ILE OA 171 -20.93 83.23 -2.20
C ILE OA 171 -19.64 82.51 -1.84
N ASP OA 172 -18.65 82.60 -2.72
CA ASP OA 172 -17.32 82.04 -2.50
C ASP OA 172 -17.40 80.54 -2.27
N TYR OA 173 -17.82 79.84 -3.32
CA TYR OA 173 -17.91 78.39 -3.33
C TYR OA 173 -16.78 77.80 -4.16
N PHE OA 174 -16.31 76.62 -3.73
CA PHE OA 174 -15.25 75.94 -4.45
C PHE OA 174 -15.41 74.43 -4.28
N GLN OA 175 -14.74 73.74 -5.10
CA GLN OA 175 -14.78 72.30 -5.18
C GLN OA 175 -13.71 71.67 -4.30
N PRO OA 176 -13.94 70.49 -3.76
CA PRO OA 176 -12.83 69.76 -3.14
C PRO OA 176 -11.89 69.17 -4.18
N ASN OA 177 -10.79 68.61 -3.72
CA ASN OA 177 -9.76 68.12 -4.61
C ASN OA 177 -10.20 66.83 -5.26
N ASN OA 178 -10.34 66.85 -6.57
CA ASN OA 178 -10.70 65.67 -7.35
C ASN OA 178 -10.16 65.90 -8.74
N LYS OA 179 -9.19 65.10 -9.14
CA LYS OA 179 -8.60 65.31 -10.45
C LYS OA 179 -9.58 65.01 -11.56
N ARG OA 180 -10.52 64.10 -11.34
CA ARG OA 180 -11.43 63.67 -12.39
C ARG OA 180 -12.61 64.61 -12.56
N ASN OA 181 -12.98 65.32 -11.50
CA ASN OA 181 -14.17 66.18 -11.49
C ASN OA 181 -13.84 67.66 -11.52
N GLN OA 182 -12.57 68.03 -11.61
CA GLN OA 182 -12.21 69.44 -11.62
C GLN OA 182 -12.73 70.13 -12.86
N LEU OA 183 -13.30 71.30 -12.65
CA LEU OA 183 -13.90 72.05 -13.73
C LEU OA 183 -12.86 72.50 -14.74
N TRP OA 184 -13.26 72.51 -16.01
CA TRP OA 184 -12.50 73.11 -17.07
C TRP OA 184 -12.99 74.53 -17.27
N LEU OA 185 -12.08 75.48 -17.21
CA LEU OA 185 -12.34 76.86 -17.55
C LEU OA 185 -11.92 77.12 -18.98
N ARG OA 186 -12.37 78.23 -19.52
CA ARG OA 186 -11.96 78.67 -20.84
C ARG OA 186 -10.76 79.58 -20.72
N LEU OA 187 -9.81 79.39 -21.62
CA LEU OA 187 -8.66 80.25 -21.77
C LEU OA 187 -9.10 81.48 -22.56
N GLN OA 188 -9.51 82.51 -21.83
CA GLN OA 188 -9.97 83.73 -22.43
C GLN OA 188 -8.81 84.47 -23.09
N THR OA 189 -9.15 85.54 -23.81
CA THR OA 189 -8.15 86.32 -24.50
C THR OA 189 -7.44 87.29 -23.58
N ALA OA 190 -8.20 88.12 -22.84
CA ALA OA 190 -7.61 89.07 -21.91
C ALA OA 190 -8.40 89.24 -20.61
N GLY OA 191 -9.18 88.23 -20.21
CA GLY OA 191 -10.09 88.36 -19.09
C GLY OA 191 -10.21 87.15 -18.20
N ASN OA 192 -9.14 86.39 -18.07
CA ASN OA 192 -9.19 85.17 -17.29
C ASN OA 192 -9.45 85.46 -15.82
N VAL OA 193 -9.96 84.45 -15.14
CA VAL OA 193 -10.43 84.57 -13.76
C VAL OA 193 -9.27 84.32 -12.81
N ASP OA 194 -9.30 85.01 -11.68
CA ASP OA 194 -8.23 84.93 -10.71
C ASP OA 194 -8.38 83.67 -9.86
N HIS OA 195 -7.30 82.90 -9.77
CA HIS OA 195 -7.20 81.82 -8.82
C HIS OA 195 -6.56 82.32 -7.55
N VAL OA 196 -6.84 81.63 -6.46
CA VAL OA 196 -6.57 82.11 -5.12
C VAL OA 196 -6.09 80.95 -4.27
N GLY OA 197 -5.48 81.25 -3.13
CA GLY OA 197 -4.92 80.20 -2.33
C GLY OA 197 -3.67 80.43 -1.50
N LEU OA 198 -3.18 81.64 -1.33
CA LEU OA 198 -2.10 81.83 -0.36
C LEU OA 198 -2.15 83.17 0.32
N GLY OA 199 -1.99 83.13 1.64
CA GLY OA 199 -1.80 84.32 2.43
C GLY OA 199 -0.66 84.11 3.40
N THR OA 200 0.05 85.21 3.69
CA THR OA 200 1.29 85.16 4.42
C THR OA 200 1.26 86.14 5.59
N ALA OA 201 2.16 85.90 6.54
CA ALA OA 201 2.40 86.80 7.64
C ALA OA 201 3.89 86.73 7.98
N PHE OA 202 4.60 87.82 7.73
CA PHE OA 202 6.01 87.93 7.97
C PHE OA 202 6.27 88.82 9.18
N GLU OA 203 7.17 88.38 10.05
CA GLU OA 203 7.55 89.14 11.21
C GLU OA 203 8.50 90.25 10.80
N ASN OA 204 8.19 91.47 11.21
CA ASN OA 204 8.98 92.61 10.84
C ASN OA 204 10.32 92.60 11.55
N SER OA 205 11.22 93.46 11.08
CA SER OA 205 12.60 93.48 11.54
C SER OA 205 13.16 94.88 11.37
N ILE OA 206 14.32 95.09 11.99
CA ILE OA 206 15.02 96.36 11.85
C ILE OA 206 15.59 96.51 10.45
N TYR OA 207 15.91 95.41 9.81
CA TYR OA 207 16.45 95.39 8.46
C TYR OA 207 15.37 95.02 7.46
N ASP OA 208 15.57 95.44 6.21
CA ASP OA 208 14.65 95.10 5.15
C ASP OA 208 14.84 93.65 4.75
N GLN OA 209 13.72 92.94 4.60
CA GLN OA 209 13.69 91.54 4.20
C GLN OA 209 13.13 91.45 2.80
N GLU OA 210 13.98 91.15 1.83
CA GLU OA 210 13.59 91.02 0.44
C GLU OA 210 13.51 89.56 0.04
N TYR OA 211 12.62 89.28 -0.91
CA TYR OA 211 12.41 87.94 -1.43
C TYR OA 211 12.16 88.03 -2.93
N ASN OA 212 12.61 86.99 -3.64
CA ASN OA 212 12.28 86.77 -5.04
C ASN OA 212 11.32 85.59 -5.10
N ILE OA 213 10.07 85.87 -5.42
CA ILE OA 213 9.03 84.85 -5.36
C ILE OA 213 8.83 84.29 -6.76
N ARG OA 214 8.96 82.98 -6.87
CA ARG OA 214 8.80 82.24 -8.12
C ARG OA 214 7.57 81.36 -7.99
N VAL OA 215 6.53 81.70 -8.74
CA VAL OA 215 5.31 80.92 -8.79
C VAL OA 215 5.36 80.05 -10.03
N THR OA 216 5.07 78.77 -9.85
CA THR OA 216 5.02 77.79 -10.92
C THR OA 216 3.65 77.15 -10.90
N MET OA 217 2.91 77.30 -11.99
CA MET OA 217 1.61 76.70 -12.14
C MET OA 217 1.67 75.48 -13.04
N TYR OA 218 1.15 74.37 -12.56
CA TYR OA 218 1.05 73.14 -13.30
C TYR OA 218 -0.35 73.03 -13.87
N VAL OA 219 -0.47 73.24 -15.18
CA VAL OA 219 -1.76 73.40 -15.83
C VAL OA 219 -2.01 72.22 -16.73
N GLN OA 220 -3.25 72.11 -17.19
CA GLN OA 220 -3.71 71.03 -18.05
C GLN OA 220 -4.67 71.65 -19.04
N PHE OA 221 -4.29 71.62 -20.31
CA PHE OA 221 -5.08 72.19 -21.39
C PHE OA 221 -5.86 71.12 -22.12
N ARG OA 222 -6.73 71.56 -23.03
CA ARG OA 222 -7.61 70.67 -23.75
C ARG OA 222 -8.02 71.33 -25.06
N GLU OA 223 -8.26 70.51 -26.07
CA GLU OA 223 -8.80 70.92 -27.36
C GLU OA 223 -7.88 71.92 -28.08
N PHE OA 224 -6.75 71.37 -28.52
CA PHE OA 224 -5.86 72.00 -29.47
C PHE OA 224 -6.65 72.66 -30.59
N ASN OA 225 -6.46 73.97 -30.76
CA ASN OA 225 -7.30 74.77 -31.63
C ASN OA 225 -6.49 75.70 -32.50
N LEU OA 226 -5.40 75.19 -33.04
CA LEU OA 226 -4.56 76.02 -33.90
C LEU OA 226 -5.29 76.38 -35.17
N LYS OA 227 -5.08 77.60 -35.63
CA LYS OA 227 -5.66 78.12 -36.85
C LYS OA 227 -4.56 78.48 -37.83
N ASP OA 228 -4.66 77.96 -39.04
CA ASP OA 228 -3.62 78.07 -40.05
C ASP OA 228 -4.19 78.70 -41.31
N PRO OA 229 -4.26 80.03 -41.37
CA PRO OA 229 -4.66 80.69 -42.59
C PRO OA 229 -3.54 80.64 -43.62
N PRO OA 230 -3.82 80.96 -44.88
CA PRO OA 230 -2.74 81.05 -45.86
C PRO OA 230 -1.85 82.25 -45.63
N LEU OA 231 -0.86 82.42 -46.51
CA LEU OA 231 0.11 83.51 -46.38
C LEU OA 231 0.46 84.09 -47.75
N GLY PA 43 -18.92 64.92 23.95
CA GLY PA 43 -18.59 65.59 22.70
C GLY PA 43 -17.17 66.07 22.64
N ILE PA 44 -16.27 65.16 22.31
CA ILE PA 44 -14.85 65.42 22.37
C ILE PA 44 -14.42 66.22 21.15
N PHE PA 45 -13.47 67.12 21.35
CA PHE PA 45 -12.86 67.88 20.27
C PHE PA 45 -11.42 68.17 20.67
N ASN PA 46 -10.49 67.42 20.11
CA ASN PA 46 -9.08 67.68 20.28
C ASN PA 46 -8.63 68.73 19.28
N THR PA 47 -7.98 69.78 19.78
CA THR PA 47 -7.46 70.82 18.92
C THR PA 47 -6.11 71.29 19.46
N ARG PA 48 -5.65 72.42 18.94
CA ARG PA 48 -4.33 72.95 19.19
C ARG PA 48 -4.40 74.46 19.25
N LEU PA 49 -3.89 75.03 20.33
CA LEU PA 49 -3.91 76.46 20.59
C LEU PA 49 -2.49 76.92 20.84
N SER PA 50 -2.15 78.06 20.26
CA SER PA 50 -0.80 78.60 20.30
C SER PA 50 -0.81 80.04 20.81
N ARG PA 51 0.40 80.52 21.08
CA ARG PA 51 0.64 81.81 21.70
C ARG PA 51 2.14 82.07 21.60
N THR PA 52 2.51 83.31 21.35
CA THR PA 52 3.90 83.69 21.12
C THR PA 52 4.24 84.92 21.94
N PHE PA 53 5.43 84.91 22.53
CA PHE PA 53 5.88 86.00 23.37
C PHE PA 53 7.40 85.95 23.45
N GLY PA 54 7.97 87.02 23.99
CA GLY PA 54 9.41 87.18 24.06
C GLY PA 54 10.04 86.94 25.42
N TYR PA 55 11.32 86.62 25.39
CA TYR PA 55 12.12 86.43 26.59
C TYR PA 55 13.55 86.82 26.26
N THR PA 56 14.14 87.66 27.10
CA THR PA 56 15.50 88.15 26.91
C THR PA 56 16.32 87.90 28.15
N ILE PA 57 17.56 87.48 27.93
CA ILE PA 57 18.57 87.34 28.96
C ILE PA 57 19.54 88.49 28.76
N LYS PA 58 19.45 89.48 29.63
CA LYS PA 58 20.27 90.67 29.51
C LYS PA 58 21.74 90.35 29.73
N ARG PA 59 22.59 91.22 29.22
CA ARG PA 59 24.04 91.07 29.31
C ARG PA 59 24.52 91.32 30.74
N THR PA 60 25.72 90.81 31.03
CA THR PA 60 26.36 90.98 32.31
C THR PA 60 27.85 91.15 32.12
N THR PA 61 28.44 92.08 32.87
CA THR PA 61 29.88 92.26 32.91
C THR PA 61 30.59 91.20 33.75
N VAL PA 62 29.84 90.35 34.45
CA VAL PA 62 30.44 89.31 35.28
C VAL PA 62 31.29 88.39 34.42
N LYS PA 63 32.47 88.05 34.93
CA LYS PA 63 33.41 87.23 34.17
C LYS PA 63 33.11 85.75 34.32
N THR PA 64 32.66 85.32 35.50
CA THR PA 64 32.44 83.93 35.77
C THR PA 64 31.31 83.38 34.92
N PRO PA 65 31.18 82.05 34.83
CA PRO PA 65 29.98 81.47 34.24
C PRO PA 65 28.85 81.49 35.25
N SER PA 66 27.89 82.38 35.04
CA SER PA 66 26.70 82.46 35.85
C SER PA 66 25.48 82.17 34.98
N TRP PA 67 24.41 81.74 35.63
CA TRP PA 67 23.18 81.36 34.96
C TRP PA 67 22.02 82.23 35.42
N ALA PA 68 21.10 82.44 34.50
CA ALA PA 68 19.88 83.21 34.74
C ALA PA 68 18.72 82.24 34.81
N VAL PA 69 18.03 82.25 35.94
CA VAL PA 69 16.96 81.31 36.22
C VAL PA 69 15.63 82.02 36.07
N ASP PA 70 14.65 81.32 35.52
CA ASP PA 70 13.31 81.85 35.36
C ASP PA 70 12.34 80.68 35.27
N MET PA 71 11.07 81.00 35.40
CA MET PA 71 9.99 80.04 35.44
C MET PA 71 9.02 80.26 34.28
N MET PA 72 8.15 79.29 34.08
CA MET PA 72 7.18 79.33 32.99
C MET PA 72 5.95 78.54 33.37
N ARG PA 73 4.83 79.22 33.52
CA ARG PA 73 3.53 78.63 33.76
C ARG PA 73 2.68 78.73 32.50
N PHE PA 74 1.57 77.99 32.48
CA PHE PA 74 0.67 77.93 31.35
C PHE PA 74 -0.76 78.06 31.84
N ASN PA 75 -1.48 79.03 31.31
CA ASN PA 75 -2.91 79.21 31.59
C ASN PA 75 -3.66 79.30 30.28
N ILE PA 76 -4.90 78.83 30.31
CA ILE PA 76 -5.72 78.78 29.09
C ILE PA 76 -6.35 80.11 28.74
N ASN PA 77 -6.36 81.07 29.67
CA ASN PA 77 -6.87 82.40 29.34
C ASN PA 77 -6.00 83.08 28.31
N ASP PA 78 -4.69 82.78 28.32
CA ASP PA 78 -3.76 83.39 27.39
C ASP PA 78 -3.83 82.78 26.00
N PHE PA 79 -4.50 81.64 25.85
CA PHE PA 79 -4.68 80.98 24.56
C PHE PA 79 -6.09 81.07 24.02
N LEU PA 80 -7.08 81.12 24.92
CA LEU PA 80 -8.50 81.12 24.56
C LEU PA 80 -9.11 82.46 24.97
N PRO PA 81 -9.50 83.33 24.05
CA PRO PA 81 -10.02 84.62 24.46
C PRO PA 81 -11.45 84.49 24.96
N PRO PA 82 -12.00 85.55 25.54
CA PRO PA 82 -13.42 85.55 25.88
C PRO PA 82 -14.29 85.63 24.64
N GLY PA 83 -15.44 85.01 24.73
CA GLY PA 83 -16.35 84.98 23.60
C GLY PA 83 -17.22 86.20 23.53
N GLY PA 84 -18.48 86.01 23.17
CA GLY PA 84 -19.42 87.10 23.08
C GLY PA 84 -20.85 86.64 23.20
N GLY PA 85 -21.61 87.35 24.03
CA GLY PA 85 -23.01 87.02 24.23
C GLY PA 85 -23.23 85.96 25.27
N SER PA 86 -24.16 85.06 24.99
CA SER PA 86 -24.49 84.00 25.94
C SER PA 86 -23.38 82.95 26.03
N ASN PA 87 -22.46 82.94 25.07
CA ASN PA 87 -21.32 82.04 25.12
C ASN PA 87 -20.14 82.78 25.75
N PRO PA 88 -19.72 82.45 26.98
CA PRO PA 88 -18.70 83.26 27.62
C PRO PA 88 -17.31 83.11 27.01
N ARG PA 89 -17.06 82.00 26.32
CA ARG PA 89 -15.78 81.73 25.70
C ARG PA 89 -15.94 81.52 24.20
N SER PA 90 -14.82 81.62 23.49
CA SER PA 90 -14.85 81.58 22.04
C SER PA 90 -14.92 80.17 21.50
N VAL PA 91 -14.48 79.18 22.27
CA VAL PA 91 -14.64 77.77 21.94
C VAL PA 91 -15.81 77.24 22.76
N PRO PA 92 -16.96 76.91 22.15
CA PRO PA 92 -18.13 76.60 22.95
C PRO PA 92 -18.15 75.20 23.54
N PHE PA 93 -17.40 75.04 24.62
CA PHE PA 93 -17.35 73.80 25.36
C PHE PA 93 -17.32 74.11 26.85
N GLU PA 94 -17.66 73.10 27.64
CA GLU PA 94 -17.77 73.24 29.09
C GLU PA 94 -16.49 72.83 29.80
N TYR PA 95 -15.96 71.67 29.49
CA TYR PA 95 -14.84 71.08 30.19
C TYR PA 95 -13.62 71.03 29.29
N TYR PA 96 -12.46 70.90 29.92
CA TYR PA 96 -11.21 70.79 29.19
C TYR PA 96 -10.19 70.04 30.03
N ARG PA 97 -9.15 69.57 29.37
CA ARG PA 97 -7.99 69.02 30.05
C ARG PA 97 -6.83 69.10 29.09
N ILE PA 98 -5.72 69.65 29.55
CA ILE PA 98 -4.55 69.86 28.71
C ILE PA 98 -3.78 68.57 28.63
N ARG PA 99 -3.57 68.08 27.41
CA ARG PA 99 -2.90 66.83 27.15
C ARG PA 99 -1.39 66.99 27.07
N LYS PA 100 -0.94 67.97 26.30
CA LYS PA 100 0.48 68.20 26.06
C LYS PA 100 0.71 69.68 25.87
N VAL PA 101 1.96 70.08 26.05
CA VAL PA 101 2.42 71.43 25.71
C VAL PA 101 3.75 71.29 25.00
N LYS PA 102 3.95 72.15 24.00
CA LYS PA 102 5.19 72.25 23.25
C LYS PA 102 5.70 73.67 23.41
N VAL PA 103 6.76 73.82 24.17
CA VAL PA 103 7.46 75.09 24.31
C VAL PA 103 8.62 75.11 23.34
N GLU PA 104 8.65 76.12 22.49
CA GLU PA 104 9.68 76.27 21.46
C GLU PA 104 10.40 77.58 21.71
N PHE PA 105 11.70 77.50 21.97
CA PHE PA 105 12.56 78.67 22.06
C PHE PA 105 13.13 78.92 20.68
N TRP PA 106 12.51 79.84 19.96
CA TRP PA 106 13.00 80.24 18.66
C TRP PA 106 14.01 81.37 18.82
N PRO PA 107 15.27 81.20 18.43
CA PRO PA 107 16.24 82.25 18.69
C PRO PA 107 16.01 83.49 17.85
N CYS PA 108 16.52 84.60 18.38
CA CYS PA 108 16.52 85.87 17.71
C CYS PA 108 17.90 86.37 17.35
N SER PA 109 18.93 85.59 17.63
CA SER PA 109 20.30 85.99 17.56
C SER PA 109 20.97 85.38 16.35
N PRO PA 110 21.96 86.04 15.75
CA PRO PA 110 22.61 85.49 14.57
C PRO PA 110 23.50 84.33 14.91
N ILE PA 111 23.80 83.54 13.88
CA ILE PA 111 24.70 82.40 14.06
C ILE PA 111 26.16 82.81 14.19
N THR PA 112 26.48 84.09 14.02
CA THR PA 112 27.82 84.59 14.21
C THR PA 112 28.07 85.11 15.63
N GLN PA 113 27.07 85.02 16.52
CA GLN PA 113 27.23 85.57 17.85
C GLN PA 113 28.11 84.66 18.68
N GLY PA 114 29.06 85.27 19.38
CA GLY PA 114 29.98 84.55 20.22
C GLY PA 114 29.57 84.54 21.67
N ASP PA 115 30.54 84.19 22.51
CA ASP PA 115 30.31 84.03 23.95
C ASP PA 115 29.19 83.04 24.20
N ARG PA 116 29.22 81.95 23.46
CA ARG PA 116 28.21 80.93 23.56
C ARG PA 116 28.22 80.28 24.93
N GLY PA 117 27.16 79.55 25.22
CA GLY PA 117 26.95 78.98 26.52
C GLY PA 117 26.15 77.70 26.49
N VAL PA 118 25.82 77.19 27.67
CA VAL PA 118 25.11 75.93 27.79
C VAL PA 118 24.23 75.99 29.03
N GLY PA 119 22.96 75.68 28.85
CA GLY PA 119 21.97 75.75 29.90
C GLY PA 119 21.17 74.50 30.03
N SER PA 120 20.03 74.60 30.71
CA SER PA 120 19.22 73.44 31.03
C SER PA 120 17.77 73.85 31.18
N SER PA 121 16.88 73.00 30.69
CA SER PA 121 15.44 73.14 30.87
C SER PA 121 14.90 71.89 31.51
N ALA PA 122 14.13 72.07 32.57
CA ALA PA 122 13.57 70.97 33.34
C ALA PA 122 12.07 71.14 33.50
N VAL PA 123 11.42 70.05 33.83
CA VAL PA 123 9.96 69.98 33.94
C VAL PA 123 9.60 69.96 35.42
N ILE PA 124 8.82 70.94 35.85
CA ILE PA 124 8.53 71.20 37.26
C ILE PA 124 7.02 71.25 37.41
N LEU PA 125 6.43 70.16 37.85
CA LEU PA 125 4.99 69.97 37.84
C LEU PA 125 4.31 70.34 39.16
N ASP PA 126 4.87 71.26 39.95
CA ASP PA 126 4.36 71.49 41.30
C ASP PA 126 4.37 72.93 41.78
N ASP PA 127 4.75 73.90 40.97
CA ASP PA 127 4.64 75.31 41.32
C ASP PA 127 5.61 75.71 42.42
N ASN PA 128 6.73 74.99 42.54
CA ASN PA 128 7.82 75.38 43.42
C ASN PA 128 9.08 75.29 42.57
N PHE PA 129 9.40 76.41 41.94
CA PHE PA 129 10.55 76.56 41.08
C PHE PA 129 11.76 77.01 41.90
N VAL PA 130 12.94 76.84 41.32
CA VAL PA 130 14.12 77.50 41.84
C VAL PA 130 13.88 79.00 41.73
N THR PA 131 14.33 79.72 42.75
CA THR PA 131 14.07 81.15 42.82
C THR PA 131 14.67 81.85 41.62
N LYS PA 132 13.93 82.84 41.10
CA LYS PA 132 14.40 83.61 39.97
C LYS PA 132 15.67 84.35 40.33
N ALA PA 133 16.69 84.20 39.48
CA ALA PA 133 18.00 84.75 39.71
C ALA PA 133 18.52 85.35 38.42
N THR PA 134 19.34 86.40 38.57
CA THR PA 134 19.96 87.08 37.45
C THR PA 134 21.29 86.44 37.08
N ALA PA 135 22.17 86.25 38.07
CA ALA PA 135 23.48 85.64 37.86
C ALA PA 135 23.75 84.70 39.03
N LEU PA 136 23.32 83.46 38.89
CA LEU PA 136 23.58 82.41 39.86
C LEU PA 136 24.82 81.64 39.46
N THR PA 137 25.61 81.24 40.45
CA THR PA 137 26.93 80.65 40.23
C THR PA 137 26.89 79.21 39.77
N TYR PA 138 25.72 78.66 39.45
CA TYR PA 138 25.62 77.28 39.02
C TYR PA 138 24.30 77.11 38.28
N ASP PA 139 24.18 75.98 37.59
CA ASP PA 139 22.97 75.60 36.88
C ASP PA 139 22.15 74.71 37.79
N PRO PA 140 21.05 75.17 38.37
CA PRO PA 140 20.32 74.32 39.30
C PRO PA 140 19.62 73.16 38.64
N TYR PA 141 19.17 73.34 37.40
CA TYR PA 141 18.39 72.33 36.71
C TYR PA 141 19.25 71.33 35.96
N VAL PA 142 20.54 71.24 36.28
CA VAL PA 142 21.44 70.42 35.49
C VAL PA 142 21.32 68.95 35.87
N ASN PA 143 21.19 68.66 37.17
CA ASN PA 143 21.11 67.30 37.64
C ASN PA 143 19.69 66.76 37.68
N TYR PA 144 18.72 67.52 37.21
CA TYR PA 144 17.35 67.05 37.16
C TYR PA 144 17.19 65.94 36.13
N SER PA 145 16.35 64.98 36.47
CA SER PA 145 16.09 63.86 35.59
C SER PA 145 15.44 64.27 34.29
N SER PA 146 14.77 65.42 34.27
CA SER PA 146 14.10 65.94 33.09
C SER PA 146 14.90 67.05 32.42
N ARG PA 147 16.19 67.10 32.64
CA ARG PA 147 17.02 68.14 32.07
C ARG PA 147 17.31 67.83 30.61
N HIS PA 148 17.11 68.83 29.76
CA HIS PA 148 17.59 68.84 28.40
C HIS PA 148 18.55 70.01 28.28
N THR PA 149 19.65 69.80 27.58
CA THR PA 149 20.64 70.83 27.39
C THR PA 149 20.13 71.89 26.44
N ILE PA 150 20.35 73.15 26.80
CA ILE PA 150 20.07 74.30 25.97
C ILE PA 150 21.41 74.79 25.44
N THR PA 151 21.65 74.59 24.16
CA THR PA 151 22.72 75.28 23.47
C THR PA 151 22.28 76.71 23.18
N GLN PA 152 23.17 77.65 23.45
CA GLN PA 152 22.89 79.07 23.33
C GLN PA 152 23.90 79.70 22.38
N PRO PA 153 23.57 80.85 21.79
CA PRO PA 153 22.32 81.63 21.77
C PRO PA 153 21.46 81.40 20.55
N PHE PA 154 22.01 80.80 19.51
CA PHE PA 154 21.39 80.75 18.20
C PHE PA 154 20.83 79.39 17.86
N SER PA 155 20.42 78.63 18.86
CA SER PA 155 19.98 77.26 18.68
C SER PA 155 18.57 77.09 19.19
N TYR PA 156 17.83 76.24 18.50
CA TYR PA 156 16.44 75.96 18.80
C TYR PA 156 16.34 74.90 19.89
N HIS PA 157 15.39 75.10 20.79
CA HIS PA 157 15.15 74.21 21.92
C HIS PA 157 13.66 73.98 22.03
N SER PA 158 13.25 72.72 21.98
CA SER PA 158 11.87 72.31 22.15
C SER PA 158 11.74 71.41 23.37
N ARG PA 159 10.59 71.50 24.02
CA ARG PA 159 10.23 70.61 25.12
C ARG PA 159 8.77 70.25 24.95
N TYR PA 160 8.49 68.95 24.94
CA TYR PA 160 7.16 68.40 24.73
C TYR PA 160 6.82 67.50 25.90
N PHE PA 161 5.81 67.88 26.67
CA PHE PA 161 5.51 67.22 27.92
C PHE PA 161 4.05 67.43 28.25
N THR PA 162 3.63 66.79 29.33
CA THR PA 162 2.26 66.83 29.83
C THR PA 162 2.21 67.64 31.11
N PRO PA 163 1.62 68.84 31.12
CA PRO PA 163 1.60 69.62 32.36
C PRO PA 163 0.61 69.10 33.36
N LYS PA 164 0.56 69.72 34.52
CA LYS PA 164 -0.34 69.36 35.60
C LYS PA 164 -0.94 70.62 36.17
N PRO PA 165 -2.20 70.58 36.59
CA PRO PA 165 -2.81 71.78 37.17
C PRO PA 165 -2.49 71.95 38.64
N VAL PA 166 -2.60 73.20 39.08
CA VAL PA 166 -2.34 73.58 40.46
C VAL PA 166 -3.67 73.50 41.19
N LEU PA 167 -3.97 72.33 41.71
CA LEU PA 167 -5.20 72.11 42.46
C LEU PA 167 -5.08 72.60 43.90
N ASP PA 168 -3.97 72.29 44.56
CA ASP PA 168 -3.69 72.78 45.90
C ASP PA 168 -2.22 73.12 45.97
N SER PA 169 -1.92 74.42 46.03
CA SER PA 169 -0.55 74.88 46.11
C SER PA 169 0.08 74.59 47.46
N THR PA 170 -0.72 74.32 48.49
CA THR PA 170 -0.18 74.01 49.80
C THR PA 170 0.41 72.61 49.86
N ILE PA 171 -0.26 71.65 49.22
CA ILE PA 171 0.14 70.26 49.26
C ILE PA 171 0.87 69.90 47.98
N ASP PA 172 0.46 70.51 46.87
CA ASP PA 172 1.11 70.34 45.58
C ASP PA 172 1.09 68.87 45.15
N TYR PA 173 -0.11 68.36 44.92
CA TYR PA 173 -0.32 67.00 44.46
C TYR PA 173 -0.72 67.00 42.99
N PHE PA 174 -0.31 65.97 42.28
CA PHE PA 174 -0.63 65.83 40.87
C PHE PA 174 -0.73 64.37 40.50
N GLN PA 175 -1.30 64.13 39.41
CA GLN PA 175 -1.55 62.81 38.88
C GLN PA 175 -0.42 62.34 37.98
N PRO PA 176 -0.16 61.05 37.91
CA PRO PA 176 0.74 60.56 36.86
C PRO PA 176 0.08 60.57 35.50
N ASN PA 177 0.85 60.28 34.47
CA ASN PA 177 0.37 60.37 33.12
C ASN PA 177 -0.56 59.19 32.81
N ASN PA 178 -1.82 59.50 32.53
CA ASN PA 178 -2.80 58.50 32.16
C ASN PA 178 -3.85 59.21 31.34
N LYS PA 179 -3.94 58.87 30.06
CA LYS PA 179 -4.89 59.57 29.22
C LYS PA 179 -6.32 59.27 29.60
N ARG PA 180 -6.58 58.08 30.16
CA ARG PA 180 -7.94 57.68 30.47
C ARG PA 180 -8.42 58.22 31.79
N ASN PA 181 -7.52 58.51 32.72
CA ASN PA 181 -7.86 58.93 34.07
C ASN PA 181 -7.57 60.41 34.33
N GLN PA 182 -7.13 61.16 33.33
CA GLN PA 182 -6.82 62.56 33.54
C GLN PA 182 -8.08 63.34 33.87
N LEU PA 183 -7.97 64.20 34.86
CA LEU PA 183 -9.09 64.98 35.33
C LEU PA 183 -9.57 65.96 34.27
N TRP PA 184 -10.88 66.15 34.24
CA TRP PA 184 -11.50 67.20 33.45
C TRP PA 184 -11.69 68.41 34.35
N LEU PA 185 -11.17 69.54 33.93
CA LEU PA 185 -11.43 70.81 34.57
C LEU PA 185 -12.54 71.53 33.83
N ARG PA 186 -13.07 72.56 34.49
CA ARG PA 186 -14.06 73.42 33.88
C ARG PA 186 -13.38 74.59 33.20
N LEU PA 187 -13.89 74.92 32.03
CA LEU PA 187 -13.47 76.11 31.29
C LEU PA 187 -14.21 77.30 31.88
N GLN PA 188 -13.58 77.93 32.85
CA GLN PA 188 -14.16 79.06 33.52
C GLN PA 188 -14.24 80.26 32.58
N THR PA 189 -14.89 81.32 33.05
CA THR PA 189 -15.06 82.51 32.25
C THR PA 189 -13.81 83.39 32.29
N ALA PA 190 -13.33 83.74 33.49
CA ALA PA 190 -12.13 84.57 33.63
C ALA PA 190 -11.23 84.15 34.79
N GLY PA 191 -11.28 82.90 35.21
CA GLY PA 191 -10.58 82.47 36.40
C GLY PA 191 -9.96 81.10 36.34
N ASN PA 192 -9.52 80.69 35.17
CA ASN PA 192 -8.97 79.36 34.99
C ASN PA 192 -7.69 79.17 35.79
N VAL PA 193 -7.38 77.93 36.07
CA VAL PA 193 -6.29 77.56 36.96
C VAL PA 193 -5.01 77.43 36.16
N ASP PA 194 -3.89 77.78 36.80
CA ASP PA 194 -2.60 77.79 36.13
C ASP PA 194 -2.04 76.38 36.06
N HIS PA 195 -1.64 75.99 34.87
CA HIS PA 195 -0.86 74.78 34.66
C HIS PA 195 0.61 75.13 34.70
N VAL PA 196 1.42 74.12 35.02
CA VAL PA 196 2.80 74.32 35.39
C VAL PA 196 3.62 73.18 34.80
N GLY PA 197 4.94 73.37 34.75
CA GLY PA 197 5.76 72.38 34.10
C GLY PA 197 7.02 72.74 33.36
N LEU PA 198 7.52 73.98 33.45
CA LEU PA 198 8.83 74.24 32.87
C LEU PA 198 9.62 75.30 33.63
N GLY PA 199 10.87 74.98 33.89
CA GLY PA 199 11.81 75.94 34.42
C GLY PA 199 13.12 75.85 33.66
N THR PA 200 13.77 76.99 33.54
CA THR PA 200 14.92 77.15 32.66
C THR PA 200 16.10 77.75 33.42
N ALA PA 201 17.28 77.57 32.83
CA ALA PA 201 18.51 78.19 33.32
C ALA PA 201 19.36 78.50 32.10
N PHE PA 202 19.53 79.79 31.81
CA PHE PA 202 20.31 80.26 30.68
C PHE PA 202 21.62 80.86 31.18
N GLU PA 203 22.70 80.51 30.50
CA GLU PA 203 24.01 81.03 30.82
C GLU PA 203 24.14 82.44 30.27
N ASN PA 204 24.54 83.37 31.13
CA ASN PA 204 24.63 84.75 30.75
C ASN PA 204 25.80 84.98 29.79
N SER PA 205 25.80 86.16 29.18
CA SER PA 205 26.75 86.49 28.13
C SER PA 205 26.99 87.98 28.11
N ILE PA 206 28.04 88.38 27.38
CA ILE PA 206 28.32 89.80 27.18
C ILE PA 206 27.26 90.45 26.32
N TYR PA 207 26.67 89.69 25.42
CA TYR PA 207 25.64 90.18 24.52
C TYR PA 207 24.27 89.75 25.01
N ASP PA 208 23.26 90.51 24.60
CA ASP PA 208 21.88 90.18 24.94
C ASP PA 208 21.41 89.00 24.11
N GLN PA 209 20.76 88.04 24.77
CA GLN PA 209 20.22 86.84 24.15
C GLN PA 209 18.70 86.94 24.17
N GLU PA 210 18.11 87.16 23.00
CA GLU PA 210 16.67 87.27 22.86
C GLU PA 210 16.10 86.00 22.26
N TYR PA 211 14.85 85.72 22.63
CA TYR PA 211 14.13 84.54 22.15
C TYR PA 211 12.68 84.92 21.93
N ASN PA 212 12.07 84.27 20.93
CA ASN PA 212 10.63 84.32 20.70
C ASN PA 212 10.07 82.97 21.08
N ILE PA 213 9.33 82.91 22.17
CA ILE PA 213 8.86 81.65 22.72
C ILE PA 213 7.45 81.42 22.25
N ARG PA 214 7.23 80.28 21.59
CA ARG PA 214 5.93 79.86 21.08
C ARG PA 214 5.47 78.65 21.86
N VAL PA 215 4.44 78.83 22.66
CA VAL PA 215 3.83 77.75 23.42
C VAL PA 215 2.61 77.27 22.66
N THR PA 216 2.51 75.96 22.50
CA THR PA 216 1.39 75.31 21.84
C THR PA 216 0.82 74.31 22.80
N MET PA 217 -0.45 74.48 23.16
CA MET PA 217 -1.16 73.57 24.03
C MET PA 217 -2.11 72.69 23.23
N TYR PA 218 -2.01 71.40 23.43
CA TYR PA 218 -2.88 70.42 22.82
C TYR PA 218 -3.95 70.04 23.82
N VAL PA 219 -5.16 70.51 23.60
CA VAL PA 219 -6.23 70.43 24.57
C VAL PA 219 -7.30 69.49 24.07
N GLN PA 220 -8.20 69.13 24.97
CA GLN PA 220 -9.30 68.21 24.69
C GLN PA 220 -10.49 68.73 25.45
N PHE PA 221 -11.52 69.14 24.71
CA PHE PA 221 -12.73 69.69 25.27
C PHE PA 221 -13.84 68.64 25.33
N ARG PA 222 -14.94 69.01 25.97
CA ARG PA 222 -16.05 68.10 26.18
C ARG PA 222 -17.32 68.91 26.37
N GLU PA 223 -18.44 68.33 25.95
CA GLU PA 223 -19.77 68.87 26.17
C GLU PA 223 -19.96 70.24 25.52
N PHE PA 224 -20.00 70.18 24.19
CA PHE PA 224 -20.46 71.28 23.35
C PHE PA 224 -21.71 71.92 23.93
N ASN PA 225 -21.63 73.22 24.20
CA ASN PA 225 -22.66 73.92 24.97
C ASN PA 225 -23.03 75.23 24.32
N LEU PA 226 -23.17 75.24 23.01
CA LEU PA 226 -23.53 76.47 22.32
C LEU PA 226 -24.94 76.90 22.71
N LYS PA 227 -25.13 78.20 22.82
CA LYS PA 227 -26.41 78.80 23.14
C LYS PA 227 -26.84 79.71 22.01
N ASP PA 228 -28.06 79.50 21.52
CA ASP PA 228 -28.57 80.18 20.33
C ASP PA 228 -29.87 80.89 20.68
N PRO PA 229 -29.78 82.10 21.22
CA PRO PA 229 -30.98 82.89 21.42
C PRO PA 229 -31.49 83.45 20.11
N PRO PA 230 -32.72 83.95 20.08
CA PRO PA 230 -33.20 84.62 18.86
C PRO PA 230 -32.50 85.93 18.60
N LEU PA 231 -32.90 86.61 17.53
CA LEU PA 231 -32.30 87.87 17.12
C LEU PA 231 -33.34 88.85 16.61
N GLY QA 43 22.50 48.21 48.26
CA GLY QA 43 21.56 49.22 47.82
C GLY QA 43 22.12 50.11 46.75
N ILE QA 44 22.06 49.63 45.52
CA ILE QA 44 22.70 50.30 44.39
C ILE QA 44 21.84 51.45 43.92
N PHE QA 45 22.51 52.52 43.50
CA PHE QA 45 21.85 53.67 42.90
C PHE QA 45 22.80 54.28 41.89
N ASN QA 46 22.56 54.00 40.61
CA ASN QA 46 23.30 54.63 39.54
C ASN QA 46 22.69 55.97 39.22
N THR QA 47 23.51 57.01 39.21
CA THR QA 47 23.06 58.34 38.86
C THR QA 47 24.13 59.05 38.03
N ARG QA 48 23.96 60.35 37.89
CA ARG QA 48 24.77 61.18 37.00
C ARG QA 48 24.97 62.53 37.66
N LEU QA 49 26.24 62.94 37.77
CA LEU QA 49 26.62 64.19 38.40
C LEU QA 49 27.47 64.98 37.42
N SER QA 50 27.21 66.27 37.35
CA SER QA 50 27.83 67.16 36.40
C SER QA 50 28.45 68.37 37.10
N ARG QA 51 29.23 69.11 36.32
CA ARG QA 51 30.04 70.21 36.78
C ARG QA 51 30.57 70.92 35.55
N THR QA 52 30.62 72.25 35.60
CA THR QA 52 31.00 73.07 34.47
C THR QA 52 32.04 74.09 34.89
N PHE QA 53 33.03 74.30 34.05
CA PHE QA 53 34.10 75.24 34.32
C PHE QA 53 34.76 75.63 33.01
N GLY QA 54 35.61 76.65 33.08
CA GLY QA 54 36.25 77.21 31.91
C GLY QA 54 37.70 76.84 31.72
N TYR QA 55 38.15 76.94 30.46
CA TYR QA 55 39.53 76.72 30.08
C TYR QA 55 39.83 77.59 28.89
N THR QA 56 40.93 78.33 28.95
CA THR QA 56 41.34 79.24 27.90
C THR QA 56 42.77 78.95 27.48
N ILE QA 57 42.99 78.99 26.17
CA ILE QA 57 44.31 78.91 25.57
C ILE QA 57 44.64 80.31 25.10
N LYS QA 58 45.52 80.98 25.82
CA LYS QA 58 45.87 82.36 25.51
C LYS QA 58 46.61 82.45 24.19
N ARG QA 59 46.57 83.64 23.60
CA ARG QA 59 47.20 83.90 22.32
C ARG QA 59 48.72 83.92 22.46
N THR QA 60 49.39 83.74 21.32
CA THR QA 60 50.84 83.78 21.23
C THR QA 60 51.26 84.43 19.93
N THR QA 61 52.28 85.27 20.00
CA THR QA 61 52.90 85.87 18.82
C THR QA 61 53.82 84.90 18.09
N VAL QA 62 54.07 83.72 18.65
CA VAL QA 62 54.93 82.73 18.01
C VAL QA 62 54.36 82.35 16.65
N LYS QA 63 55.25 82.28 15.66
CA LYS QA 63 54.83 81.98 14.29
C LYS QA 63 54.67 80.50 14.05
N THR QA 64 55.53 79.69 14.67
CA THR QA 64 55.53 78.26 14.44
C THR QA 64 54.24 77.62 14.93
N PRO QA 65 53.96 76.39 14.52
CA PRO QA 65 52.88 75.63 15.17
C PRO QA 65 53.37 75.07 16.48
N SER QA 66 52.90 75.65 17.58
CA SER QA 66 53.19 75.16 18.91
C SER QA 66 51.89 74.74 19.57
N TRP QA 67 52.01 73.86 20.56
CA TRP QA 67 50.87 73.31 21.27
C TRP QA 67 50.95 73.64 22.75
N ALA QA 68 49.77 73.79 23.35
CA ALA QA 68 49.61 74.07 24.76
C ALA QA 68 49.11 72.81 25.44
N VAL QA 69 49.87 72.33 26.42
CA VAL QA 69 49.60 71.07 27.08
C VAL QA 69 49.03 71.37 28.46
N ASP QA 70 48.06 70.56 28.86
CA ASP QA 70 47.46 70.67 30.18
C ASP QA 70 46.87 69.33 30.56
N MET QA 71 46.51 69.22 31.83
CA MET QA 71 46.02 67.99 32.43
C MET QA 71 44.62 68.20 32.97
N MET QA 72 43.98 67.09 33.31
CA MET QA 72 42.61 67.11 33.81
C MET QA 72 42.39 65.90 34.72
N ARG QA 73 42.17 66.17 35.99
CA ARG QA 73 41.81 65.18 36.99
C ARG QA 73 40.34 65.32 37.34
N PHE QA 74 39.82 64.31 38.03
CA PHE QA 74 38.41 64.27 38.43
C PHE QA 74 38.33 63.82 39.89
N ASN QA 75 37.67 64.63 40.71
CA ASN QA 75 37.40 64.30 42.10
C ASN QA 75 35.92 64.49 42.36
N ILE QA 76 35.40 63.66 43.28
CA ILE QA 76 33.97 63.68 43.58
C ILE QA 76 33.57 64.79 44.52
N ASN QA 77 34.52 65.45 45.18
CA ASN QA 77 34.17 66.59 46.01
C ASN QA 77 33.66 67.75 45.16
N ASP QA 78 34.13 67.86 43.93
CA ASP QA 78 33.72 68.93 43.04
C ASP QA 78 32.35 68.69 42.44
N PHE QA 79 31.81 67.48 42.54
CA PHE QA 79 30.49 67.14 42.03
C PHE QA 79 29.47 66.93 43.13
N LEU QA 80 29.90 66.46 44.29
CA LEU QA 80 29.03 66.12 45.41
C LEU QA 80 29.31 67.06 46.56
N PRO QA 81 28.43 67.98 46.93
CA PRO QA 81 28.75 68.90 48.01
C PRO QA 81 28.64 68.23 49.36
N PRO QA 82 29.07 68.90 50.42
CA PRO QA 82 28.84 68.38 51.76
C PRO QA 82 27.38 68.50 52.15
N GLY QA 83 26.93 67.55 52.95
CA GLY QA 83 25.55 67.53 53.37
C GLY QA 83 25.28 68.42 54.56
N GLY QA 84 24.44 67.95 55.47
CA GLY QA 84 24.12 68.70 56.65
C GLY QA 84 23.63 67.81 57.77
N GLY QA 85 24.16 68.03 58.97
CA GLY QA 85 23.77 67.26 60.12
C GLY QA 85 24.51 65.96 60.26
N SER QA 86 23.79 64.92 60.65
CA SER QA 86 24.39 63.61 60.84
C SER QA 86 24.79 62.96 59.53
N ASN QA 87 24.27 63.46 58.41
CA ASN QA 87 24.65 62.97 57.09
C ASN QA 87 25.77 63.84 56.55
N PRO QA 88 27.01 63.36 56.46
CA PRO QA 88 28.11 64.26 56.07
C PRO QA 88 28.07 64.68 54.61
N ARG QA 89 27.39 63.91 53.75
CA ARG QA 89 27.31 64.20 52.33
C ARG QA 89 25.85 64.32 51.92
N SER QA 90 25.64 64.94 50.75
CA SER QA 90 24.31 65.26 50.29
C SER QA 90 23.61 64.06 49.67
N VAL QA 91 24.37 63.09 49.16
CA VAL QA 91 23.85 61.83 48.67
C VAL QA 91 24.07 60.78 49.76
N PRO QA 92 23.02 60.28 50.42
CA PRO QA 92 23.27 59.44 51.60
C PRO QA 92 23.63 58.00 51.28
N PHE QA 93 24.89 57.82 50.92
CA PHE QA 93 25.45 56.50 50.65
C PHE QA 93 26.86 56.43 51.22
N GLU QA 94 27.33 55.21 51.40
CA GLU QA 94 28.62 54.94 52.00
C GLU QA 94 29.73 54.78 50.97
N TYR QA 95 29.51 53.93 49.98
CA TYR QA 95 30.51 53.56 49.01
C TYR QA 95 30.16 54.12 47.64
N TYR QA 96 31.17 54.18 46.79
CA TYR QA 96 30.97 54.64 45.42
C TYR QA 96 32.05 54.04 44.54
N ARG QA 97 31.79 54.09 43.24
CA ARG QA 97 32.80 53.77 42.24
C ARG QA 97 32.38 54.43 40.94
N ILE QA 98 33.31 55.16 40.35
CA ILE QA 98 33.03 55.91 39.13
C ILE QA 98 33.09 54.96 37.94
N ARG QA 99 32.00 54.89 37.20
CA ARG QA 99 31.87 53.99 36.06
C ARG QA 99 32.40 54.62 34.78
N LYS QA 100 32.00 55.86 34.50
CA LYS QA 100 32.36 56.55 33.27
C LYS QA 100 32.44 58.03 33.56
N VAL QA 101 33.14 58.74 32.68
CA VAL QA 101 33.18 60.19 32.67
C VAL QA 101 33.03 60.65 31.23
N LYS QA 102 32.30 61.74 31.06
CA LYS QA 102 32.10 62.40 29.78
C LYS QA 102 32.60 63.82 29.91
N VAL QA 103 33.73 64.09 29.28
CA VAL QA 103 34.29 65.43 29.19
C VAL QA 103 33.85 66.04 27.88
N GLU QA 104 33.21 67.19 27.95
CA GLU QA 104 32.69 67.90 26.79
C GLU QA 104 33.35 69.26 26.73
N PHE QA 105 34.08 69.51 25.65
CA PHE QA 105 34.64 70.82 25.36
C PHE QA 105 33.63 71.57 24.51
N TRP QA 106 32.84 72.41 25.16
CA TRP QA 106 31.90 73.25 24.46
C TRP QA 106 32.57 74.55 24.06
N PRO QA 107 32.67 74.86 22.77
CA PRO QA 107 33.42 76.06 22.40
C PRO QA 107 32.71 77.34 22.79
N CYS QA 108 33.52 78.38 22.92
CA CYS QA 108 33.06 79.72 23.19
C CYS QA 108 33.33 80.68 22.04
N SER QA 109 33.89 80.21 20.96
CA SER QA 109 34.41 81.01 19.88
C SER QA 109 33.49 80.95 18.68
N PRO QA 110 33.41 82.00 17.88
CA PRO QA 110 32.51 81.99 16.73
C PRO QA 110 33.03 81.10 15.62
N ILE QA 111 32.11 80.71 14.74
CA ILE QA 111 32.49 79.89 13.60
C ILE QA 111 33.23 80.67 12.52
N THR QA 112 33.36 81.99 12.67
CA THR QA 112 34.11 82.82 11.75
C THR QA 112 35.56 83.01 12.18
N GLN QA 113 35.98 82.43 13.30
CA GLN QA 113 37.31 82.64 13.80
C GLN QA 113 38.31 81.87 12.96
N GLY QA 114 39.39 82.53 12.58
CA GLY QA 114 40.43 81.95 11.79
C GLY QA 114 41.60 81.45 12.61
N ASP QA 115 42.71 81.20 11.92
CA ASP QA 115 43.91 80.65 12.51
C ASP QA 115 43.59 79.33 13.19
N ARG QA 116 42.79 78.51 12.52
CA ARG QA 116 42.37 77.24 13.06
C ARG QA 116 43.55 76.31 13.24
N GLY QA 117 43.30 75.24 14.00
CA GLY QA 117 44.36 74.33 14.39
C GLY QA 117 43.87 72.92 14.60
N VAL QA 118 44.76 72.07 15.07
CA VAL QA 118 44.44 70.67 15.27
C VAL QA 118 45.24 70.15 16.45
N GLY QA 119 44.54 69.53 17.39
CA GLY QA 119 45.12 69.04 18.61
C GLY QA 119 44.79 67.60 18.89
N SER QA 120 44.97 67.19 20.14
CA SER QA 120 44.81 65.79 20.51
C SER QA 120 44.43 65.70 21.98
N SER QA 121 43.54 64.77 22.27
CA SER QA 121 43.15 64.42 23.64
C SER QA 121 43.39 62.94 23.85
N ALA QA 122 44.08 62.61 24.93
CA ALA QA 122 44.43 61.24 25.25
C ALA QA 122 44.02 60.91 26.68
N VAL QA 123 43.92 59.62 26.95
CA VAL QA 123 43.46 59.10 28.22
C VAL QA 123 44.66 58.60 29.01
N ILE QA 124 44.87 59.17 30.19
CA ILE QA 124 46.07 58.97 31.00
C ILE QA 124 45.63 58.52 32.38
N LEU QA 125 45.68 57.23 32.63
CA LEU QA 125 45.09 56.62 33.81
C LEU QA 125 46.06 56.43 34.96
N ASP QA 126 47.12 57.26 35.07
CA ASP QA 126 48.18 56.98 36.03
C ASP QA 126 48.80 58.19 36.72
N ASP QA 127 48.31 59.40 36.49
CA ASP QA 127 48.77 60.58 37.22
C ASP QA 127 50.20 60.96 36.88
N ASN QA 128 50.66 60.61 35.68
CA ASN QA 128 51.92 61.09 35.14
C ASN QA 128 51.62 61.58 33.75
N PHE QA 129 51.31 62.87 33.69
CA PHE QA 129 50.99 63.56 32.45
C PHE QA 129 52.26 64.15 31.85
N VAL QA 130 52.16 64.48 30.56
CA VAL QA 130 53.17 65.32 29.95
C VAL QA 130 53.17 66.65 30.68
N THR QA 131 54.36 67.20 30.89
CA THR QA 131 54.49 68.42 31.66
C THR QA 131 53.70 69.55 31.02
N LYS QA 132 53.07 70.36 31.85
CA LYS QA 132 52.30 71.50 31.37
C LYS QA 132 53.21 72.47 30.65
N ALA QA 133 52.82 72.84 29.44
CA ALA QA 133 53.60 73.69 28.57
C ALA QA 133 52.70 74.73 27.93
N THR QA 134 53.27 75.89 27.66
CA THR QA 134 52.57 76.98 27.01
C THR QA 134 52.69 76.89 25.49
N ALA QA 135 53.91 76.73 24.98
CA ALA QA 135 54.15 76.62 23.55
C ALA QA 135 55.21 75.55 23.34
N LEU QA 136 54.76 74.31 23.20
CA LEU QA 136 55.63 73.19 22.89
C LEU QA 136 55.66 72.95 21.40
N THR QA 137 56.82 72.57 20.88
CA THR QA 137 57.06 72.48 19.46
C THR QA 137 56.46 71.25 18.80
N TYR QA 138 55.65 70.48 19.51
CA TYR QA 138 55.05 69.28 18.95
C TYR QA 138 53.85 68.91 19.79
N ASP QA 139 53.04 68.00 19.25
CA ASP QA 139 51.87 67.47 19.94
C ASP QA 139 52.28 66.16 20.61
N PRO QA 140 52.43 66.12 21.94
CA PRO QA 140 52.90 64.88 22.55
C PRO QA 140 51.88 63.77 22.51
N TYR QA 141 50.60 64.10 22.57
CA TYR QA 141 49.54 63.12 22.66
C TYR QA 141 49.08 62.64 21.29
N VAL QA 142 49.86 62.86 20.24
CA VAL QA 142 49.40 62.57 18.89
C VAL QA 142 49.52 61.10 18.58
N ASN QA 143 50.61 60.47 19.01
CA ASN QA 143 50.85 59.06 18.71
C ASN QA 143 50.29 58.14 19.76
N TYR QA 144 49.56 58.67 20.74
CA TYR QA 144 48.93 57.83 21.74
C TYR QA 144 47.80 57.02 21.14
N SER QA 145 47.67 55.79 21.62
CA SER QA 145 46.63 54.89 21.14
C SER QA 145 45.23 55.40 21.45
N SER QA 146 45.09 56.26 22.46
CA SER QA 146 43.82 56.83 22.84
C SER QA 146 43.64 58.26 22.35
N ARG QA 147 44.35 58.64 21.31
CA ARG QA 147 44.27 59.99 20.79
C ARG QA 147 43.02 60.16 19.96
N HIS QA 148 42.28 61.22 20.23
CA HIS QA 148 41.23 61.72 19.37
C HIS QA 148 41.63 63.11 18.94
N THR QA 149 41.39 63.42 17.68
CA THR QA 149 41.73 64.72 17.14
C THR QA 149 40.79 65.78 17.67
N ILE QA 150 41.35 66.91 18.06
CA ILE QA 150 40.61 68.09 18.46
C ILE QA 150 40.72 69.07 17.30
N THR QA 151 39.61 69.27 16.61
CA THR QA 151 39.48 70.41 15.72
C THR QA 151 39.22 71.66 16.53
N GLN QA 152 39.91 72.73 16.19
CA GLN QA 152 39.87 73.99 16.92
C GLN QA 152 39.47 75.11 15.97
N PRO QA 153 38.94 76.22 16.50
CA PRO QA 153 38.53 76.56 17.86
C PRO QA 153 37.05 76.39 18.15
N PHE QA 154 36.24 76.27 17.10
CA PHE QA 154 34.80 76.36 17.20
C PHE QA 154 34.11 75.01 17.07
N SER QA 155 34.77 73.95 17.48
CA SER QA 155 34.27 72.60 17.29
C SER QA 155 34.17 71.89 18.62
N TYR QA 156 33.15 71.06 18.73
CA TYR QA 156 32.85 70.31 19.93
C TYR QA 156 33.68 69.03 19.97
N HIS QA 157 34.16 68.71 21.16
CA HIS QA 157 34.98 67.53 21.40
C HIS QA 157 34.49 66.85 22.66
N SER QA 158 34.13 65.57 22.51
CA SER QA 158 33.71 64.74 23.63
C SER QA 158 34.66 63.57 23.79
N ARG QA 159 34.81 63.14 25.04
CA ARG QA 159 35.58 61.94 25.38
C ARG QA 159 34.81 61.21 26.46
N TYR QA 160 34.55 59.93 26.22
CA TYR QA 160 33.76 59.08 27.11
C TYR QA 160 34.59 57.86 27.44
N PHE QA 161 34.95 57.72 28.70
CA PHE QA 161 35.90 56.70 29.12
C PHE QA 161 35.67 56.37 30.59
N THR QA 162 36.40 55.38 31.06
CA THR QA 162 36.33 54.89 32.43
C THR QA 162 37.58 55.32 33.19
N PRO QA 163 37.50 56.22 34.15
CA PRO QA 163 38.72 56.63 34.85
C PRO QA 163 39.18 55.60 35.85
N LYS QA 164 40.30 55.89 36.50
CA LYS QA 164 40.88 55.01 37.49
C LYS QA 164 41.32 55.85 38.67
N PRO QA 165 41.22 55.33 39.89
CA PRO QA 165 41.65 56.11 41.05
C PRO QA 165 43.14 55.99 41.32
N VAL QA 166 43.64 57.00 42.02
CA VAL QA 166 45.05 57.09 42.37
C VAL QA 166 45.19 56.44 43.75
N LEU QA 167 45.42 55.14 43.74
CA LEU QA 167 45.59 54.38 44.97
C LEU QA 167 47.01 54.50 45.51
N ASP QA 168 48.01 54.39 44.64
CA ASP QA 168 49.40 54.59 45.00
C ASP QA 168 50.07 55.35 43.88
N SER QA 169 50.41 56.61 44.12
CA SER QA 169 51.06 57.43 43.12
C SER QA 169 52.51 57.02 42.90
N THR QA 170 53.11 56.28 43.82
CA THR QA 170 54.48 55.83 43.67
C THR QA 170 54.59 54.70 42.65
N ILE QA 171 53.64 53.77 42.67
CA ILE QA 171 53.67 52.60 41.82
C ILE QA 171 52.73 52.81 40.64
N ASP QA 172 51.64 53.52 40.87
CA ASP QA 172 50.68 53.88 39.82
C ASP QA 172 50.11 52.63 39.15
N TYR QA 173 49.38 51.86 39.94
CA TYR QA 173 48.71 50.65 39.47
C TYR QA 173 47.23 50.89 39.35
N PHE QA 174 46.60 50.25 38.36
CA PHE QA 174 45.18 50.37 38.14
C PHE QA 174 44.64 49.08 37.56
N GLN QA 175 43.38 48.97 37.61
CA GLN QA 175 42.64 47.80 37.19
C GLN QA 175 42.20 47.94 35.74
N PRO QA 176 42.08 46.84 35.00
CA PRO QA 176 41.42 46.92 33.70
C PRO QA 176 39.92 47.07 33.84
N ASN QA 177 39.26 47.29 32.72
CA ASN QA 177 37.83 47.55 32.73
C ASN QA 177 37.07 46.27 33.01
N ASN QA 178 36.35 46.25 34.12
CA ASN QA 178 35.51 45.12 34.49
C ASN QA 178 34.44 45.66 35.40
N LYS QA 179 33.19 45.64 34.95
CA LYS QA 179 32.13 46.21 35.75
C LYS QA 179 31.90 45.40 37.02
N ARG QA 180 32.16 44.10 36.98
CA ARG QA 180 31.87 43.23 38.11
C ARG QA 180 32.96 43.26 39.17
N ASN QA 181 34.19 43.57 38.78
CA ASN QA 181 35.34 43.52 39.68
C ASN QA 181 35.86 44.90 40.07
N GLN QA 182 35.21 45.97 39.63
CA GLN QA 182 35.68 47.30 39.95
C GLN QA 182 35.58 47.56 41.43
N LEU QA 183 36.64 48.14 41.98
CA LEU QA 183 36.72 48.40 43.40
C LEU QA 183 35.68 49.42 43.84
N TRP QA 184 35.16 49.22 45.03
CA TRP QA 184 34.34 50.20 45.72
C TRP QA 184 35.22 51.03 46.63
N LEU QA 185 35.17 52.33 46.45
CA LEU QA 185 35.81 53.26 47.36
C LEU QA 185 34.79 53.78 48.35
N ARG QA 186 35.30 54.40 49.40
CA ARG QA 186 34.46 55.04 50.40
C ARG QA 186 34.24 56.49 50.03
N LEU QA 187 33.01 56.94 50.20
CA LEU QA 187 32.65 58.33 50.05
C LEU QA 187 33.03 59.06 51.32
N GLN QA 188 34.25 59.60 51.32
CA GLN QA 188 34.77 60.30 52.46
C GLN QA 188 34.02 61.61 52.67
N THR QA 189 34.33 62.27 53.79
CA THR QA 189 33.67 63.53 54.12
C THR QA 189 34.29 64.70 53.37
N ALA QA 190 35.61 64.86 53.48
CA ALA QA 190 36.30 65.95 52.77
C ALA QA 190 37.66 65.55 52.21
N GLY QA 191 37.88 64.28 51.93
CA GLY QA 191 39.19 63.80 51.55
C GLY QA 191 39.21 62.73 50.47
N ASN QA 192 38.27 62.79 49.56
CA ASN QA 192 38.16 61.77 48.54
C ASN QA 192 39.37 61.79 47.60
N VAL QA 193 39.60 60.66 46.96
CA VAL QA 193 40.79 60.43 46.16
C VAL QA 193 40.54 60.91 44.74
N ASP QA 194 41.60 61.40 44.11
CA ASP QA 194 41.50 61.96 42.78
C ASP QA 194 41.48 60.85 41.75
N HIS QA 195 40.50 60.90 40.86
CA HIS QA 195 40.48 60.07 39.67
C HIS QA 195 41.13 60.83 38.52
N VAL QA 196 41.61 60.07 37.55
CA VAL QA 196 42.51 60.58 36.54
C VAL QA 196 42.15 59.92 35.21
N GLY QA 197 42.64 60.50 34.12
CA GLY QA 197 42.26 59.99 32.82
C GLY QA 197 42.11 60.90 31.63
N LEU QA 198 42.53 62.16 31.67
CA LEU QA 198 42.55 62.94 30.45
C LEU QA 198 43.67 63.96 30.41
N GLY QA 199 44.35 63.98 29.28
CA GLY QA 199 45.32 65.02 28.98
C GLY QA 199 45.12 65.52 27.57
N THR QA 200 45.40 66.81 27.38
CA THR QA 200 45.07 67.51 26.17
C THR QA 200 46.28 68.23 25.60
N ALA QA 201 46.19 68.56 24.32
CA ALA QA 201 47.18 69.39 23.64
C ALA QA 201 46.45 70.24 22.62
N PHE QA 202 46.39 71.53 22.86
CA PHE QA 202 45.73 72.48 21.99
C PHE QA 202 46.75 73.31 21.22
N GLU QA 203 46.51 73.48 19.93
CA GLU QA 203 47.38 74.28 19.09
C GLU QA 203 47.09 75.75 19.33
N ASN QA 204 48.14 76.51 19.61
CA ASN QA 204 48.00 77.91 19.91
C ASN QA 204 47.61 78.70 18.68
N SER QA 205 47.19 79.95 18.91
CA SER QA 205 46.64 80.79 17.87
C SER QA 205 46.88 82.25 18.21
N ILE QA 206 46.67 83.11 17.21
CA ILE QA 206 46.77 84.54 17.43
C ILE QA 206 45.65 85.04 18.31
N TYR QA 207 44.50 84.38 18.26
CA TYR QA 207 43.34 84.75 19.04
C TYR QA 207 43.20 83.83 20.23
N ASP QA 208 42.52 84.32 21.27
CA ASP QA 208 42.26 83.52 22.45
C ASP QA 208 41.17 82.49 22.15
N GLN QA 209 41.42 81.26 22.57
CA GLN QA 209 40.49 80.14 22.40
C GLN QA 209 39.94 79.76 23.77
N GLU QA 210 38.67 80.07 23.98
CA GLU QA 210 38.00 79.78 25.24
C GLU QA 210 37.07 78.58 25.07
N TYR QA 211 36.89 77.85 26.17
CA TYR QA 211 36.04 76.69 26.21
C TYR QA 211 35.30 76.64 27.54
N ASN QA 212 34.09 76.11 27.51
CA ASN QA 212 33.32 75.78 28.70
C ASN QA 212 33.28 74.27 28.80
N ILE QA 213 33.99 73.73 29.78
CA ILE QA 213 34.16 72.30 29.90
C ILE QA 213 33.15 71.76 30.89
N ARG QA 214 32.33 70.81 30.45
CA ARG QA 214 31.31 70.17 31.26
C ARG QA 214 31.70 68.72 31.46
N VAL QA 215 32.05 68.37 32.68
CA VAL QA 215 32.38 67.01 33.07
C VAL QA 215 31.16 66.39 33.70
N THR QA 216 30.81 65.19 33.24
CA THR QA 216 29.69 64.42 33.76
C THR QA 216 30.24 63.08 34.20
N MET QA 217 30.09 62.77 35.49
CA MET QA 217 30.50 61.50 36.05
C MET QA 217 29.29 60.61 36.29
N TYR QA 218 29.37 59.40 35.78
CA TYR QA 218 28.35 58.38 35.97
C TYR QA 218 28.81 57.46 37.09
N VAL QA 219 28.19 57.59 38.25
CA VAL QA 219 28.65 56.96 39.47
C VAL QA 219 27.65 55.88 39.88
N GLN QA 220 28.09 55.06 40.82
CA GLN QA 220 27.30 53.96 41.34
C GLN QA 220 27.59 53.88 42.83
N PHE QA 221 26.57 54.13 43.64
CA PHE QA 221 26.68 54.13 45.08
C PHE QA 221 26.17 52.82 45.67
N ARG QA 222 26.37 52.67 46.97
CA ARG QA 222 26.02 51.44 47.67
C ARG QA 222 25.81 51.76 49.14
N GLU QA 223 24.91 51.00 49.76
CA GLU QA 223 24.66 51.03 51.20
C GLU QA 223 24.15 52.40 51.65
N PHE QA 224 22.92 52.67 51.25
CA PHE QA 224 22.10 53.75 51.78
C PHE QA 224 22.22 53.82 53.28
N ASN QA 225 22.66 54.97 53.80
CA ASN QA 225 23.03 55.11 55.19
C ASN QA 225 22.45 56.38 55.80
N LEU QA 226 21.21 56.66 55.50
CA LEU QA 226 20.58 57.86 56.05
C LEU QA 226 20.43 57.73 57.55
N LYS QA 227 20.62 58.85 58.25
CA LYS QA 227 20.48 58.92 59.69
C LYS QA 227 19.40 59.92 60.03
N ASP QA 228 18.44 59.49 60.85
CA ASP QA 228 17.24 60.24 61.16
C ASP QA 228 17.13 60.43 62.67
N PRO QA 229 17.80 61.43 63.22
CA PRO QA 229 17.62 61.75 64.62
C PRO QA 229 16.28 62.43 64.85
N PRO QA 230 15.84 62.53 66.11
CA PRO QA 230 14.62 63.30 66.37
C PRO QA 230 14.81 64.79 66.17
N LEU QA 231 13.75 65.56 66.42
CA LEU QA 231 13.76 67.00 66.23
C LEU QA 231 13.00 67.72 67.34
N GLY RA 43 58.92 38.71 13.78
CA GLY RA 43 58.30 39.47 14.86
C GLY RA 43 57.64 40.74 14.37
N ILE RA 44 56.43 40.60 13.87
CA ILE RA 44 55.73 41.69 13.22
C ILE RA 44 55.13 42.61 14.26
N PHE RA 45 55.13 43.90 13.95
CA PHE RA 45 54.49 44.91 14.78
C PHE RA 45 54.01 46.02 13.86
N ASN RA 46 52.71 46.02 13.58
CA ASN RA 46 52.09 47.10 12.84
C ASN RA 46 51.74 48.23 13.79
N THR RA 47 52.18 49.44 13.45
CA THR RA 47 51.87 50.61 14.25
C THR RA 47 51.62 51.80 13.32
N ARG RA 48 51.60 52.99 13.92
CA ARG RA 48 51.20 54.21 13.27
C ARG RA 48 52.06 55.34 13.80
N LEU RA 49 52.69 56.07 12.89
CA LEU RA 49 53.58 57.17 13.22
C LEU RA 49 53.11 58.41 12.49
N SER RA 50 53.13 59.54 13.19
CA SER RA 50 52.61 60.80 12.68
C SER RA 50 53.64 61.90 12.81
N ARG RA 51 53.32 63.02 12.17
CA ARG RA 51 54.21 64.17 12.02
C ARG RA 51 53.37 65.29 11.45
N THR RA 52 53.61 66.51 11.92
CA THR RA 52 52.83 67.67 11.56
C THR RA 52 53.74 68.81 11.17
N PHE RA 53 53.38 69.53 10.11
CA PHE RA 53 54.16 70.65 9.63
C PHE RA 53 53.26 71.55 8.79
N GLY RA 54 53.79 72.72 8.47
CA GLY RA 54 53.04 73.73 7.77
C GLY RA 54 53.36 73.89 6.30
N TYR RA 55 52.40 74.45 5.57
CA TYR RA 55 52.54 74.77 4.16
C TYR RA 55 51.67 75.98 3.86
N THR RA 56 52.25 76.97 3.19
CA THR RA 56 51.56 78.20 2.86
C THR RA 56 51.67 78.48 1.38
N ILE RA 57 50.58 78.93 0.79
CA ILE RA 57 50.52 79.41 -0.58
C ILE RA 57 50.39 80.92 -0.47
N LYS RA 58 51.47 81.62 -0.76
CA LYS RA 58 51.51 83.06 -0.63
C LYS RA 58 50.59 83.72 -1.66
N ARG RA 59 50.20 84.95 -1.35
CA ARG RA 59 49.30 85.71 -2.20
C ARG RA 59 50.00 86.17 -3.48
N THR RA 60 49.19 86.49 -4.48
CA THR RA 60 49.67 87.00 -5.76
C THR RA 60 48.72 88.07 -6.27
N THR RA 61 49.30 89.14 -6.83
CA THR RA 61 48.53 90.17 -7.50
C THR RA 61 48.07 89.76 -8.89
N VAL RA 62 48.52 88.60 -9.38
CA VAL RA 62 48.14 88.14 -10.71
C VAL RA 62 46.63 87.97 -10.78
N LYS RA 63 46.05 88.43 -11.89
CA LYS RA 63 44.60 88.39 -12.06
C LYS RA 63 44.12 87.04 -12.56
N THR RA 64 44.90 86.39 -13.41
CA THR RA 64 44.49 85.16 -14.03
C THR RA 64 44.37 84.04 -12.99
N PRO RA 65 43.72 82.93 -13.34
CA PRO RA 65 43.81 81.75 -12.49
C PRO RA 65 45.12 81.03 -12.73
N SER RA 66 46.03 81.14 -11.76
CA SER RA 66 47.29 80.43 -11.79
C SER RA 66 47.35 79.47 -10.61
N TRP RA 67 48.18 78.45 -10.75
CA TRP RA 67 48.33 77.42 -9.74
C TRP RA 67 49.76 77.36 -9.23
N ALA RA 68 49.87 76.98 -7.97
CA ALA RA 68 51.14 76.82 -7.28
C ALA RA 68 51.41 75.34 -7.11
N VAL RA 69 52.52 74.88 -7.66
CA VAL RA 69 52.86 73.47 -7.70
C VAL RA 69 53.95 73.21 -6.67
N ASP RA 70 53.85 72.06 -6.01
CA ASP RA 70 54.83 71.64 -5.03
C ASP RA 70 54.78 70.13 -4.91
N MET RA 71 55.79 69.59 -4.26
CA MET RA 71 55.99 68.16 -4.11
C MET RA 71 55.98 67.77 -2.63
N MET RA 72 55.91 66.47 -2.39
CA MET RA 72 55.85 65.94 -1.04
C MET RA 72 56.43 64.54 -1.03
N ARG RA 73 57.55 64.38 -0.34
CA ARG RA 73 58.19 63.09 -0.11
C ARG RA 73 57.98 62.69 1.35
N PHE RA 74 58.27 61.43 1.64
CA PHE RA 74 58.10 60.85 2.97
C PHE RA 74 59.34 60.04 3.32
N ASN RA 75 59.96 60.37 4.45
CA ASN RA 75 61.07 59.62 4.99
C ASN RA 75 60.78 59.26 6.44
N ILE RA 76 61.32 58.12 6.86
CA ILE RA 76 61.04 57.60 8.20
C ILE RA 76 61.90 58.26 9.27
N ASN RA 77 62.95 58.99 8.88
CA ASN RA 77 63.73 59.72 9.88
C ASN RA 77 62.92 60.83 10.51
N ASP RA 78 61.99 61.40 9.76
CA ASP RA 78 61.16 62.48 10.25
C ASP RA 78 60.05 62.00 11.16
N PHE RA 79 59.78 60.70 11.21
CA PHE RA 79 58.77 60.12 12.07
C PHE RA 79 59.36 59.32 13.22
N LEU RA 80 60.52 58.72 13.02
CA LEU RA 80 61.17 57.86 14.00
C LEU RA 80 62.47 58.51 14.47
N PRO RA 81 62.59 58.98 15.70
CA PRO RA 81 63.82 59.64 16.09
C PRO RA 81 64.93 58.64 16.35
N PRO RA 82 66.15 59.11 16.56
CA PRO RA 82 67.21 58.21 16.97
C PRO RA 82 67.04 57.78 18.41
N GLY RA 83 67.46 56.57 18.69
CA GLY RA 83 67.33 56.01 20.01
C GLY RA 83 68.43 56.43 20.95
N GLY RA 84 68.88 55.51 21.77
CA GLY RA 84 69.95 55.78 22.71
C GLY RA 84 70.67 54.54 23.15
N GLY RA 85 71.99 54.58 23.13
CA GLY RA 85 72.79 53.46 23.54
C GLY RA 85 73.03 52.46 22.43
N SER RA 86 72.98 51.18 22.80
CA SER RA 86 73.21 50.12 21.83
C SER RA 86 72.07 49.99 20.83
N ASN RA 87 70.91 50.57 21.13
CA ASN RA 87 69.79 50.59 20.21
C ASN RA 87 69.83 51.87 19.39
N PRO RA 88 70.15 51.84 18.10
CA PRO RA 88 70.33 53.09 17.37
C PRO RA 88 69.04 53.84 17.12
N ARG RA 89 67.90 53.17 17.14
CA ARG RA 89 66.60 53.78 16.90
C ARG RA 89 65.68 53.55 18.10
N SER RA 90 64.63 54.34 18.15
CA SER RA 90 63.73 54.34 19.29
C SER RA 90 62.73 53.21 19.26
N VAL RA 91 62.45 52.68 18.07
CA VAL RA 91 61.62 51.49 17.90
C VAL RA 91 62.56 50.31 17.64
N PRO RA 92 62.70 49.37 18.57
CA PRO RA 92 63.76 48.36 18.40
C PRO RA 92 63.42 47.24 17.43
N PHE RA 93 63.54 47.56 16.15
CA PHE RA 93 63.33 46.59 15.09
C PHE RA 93 64.37 46.81 14.01
N GLU RA 94 64.56 45.78 13.19
CA GLU RA 94 65.57 45.78 12.14
C GLU RA 94 65.03 46.23 10.80
N TYR RA 95 63.92 45.66 10.37
CA TYR RA 95 63.36 45.87 9.04
C TYR RA 95 62.05 46.63 9.15
N TYR RA 96 61.65 47.21 8.03
CA TYR RA 96 60.40 47.94 7.95
C TYR RA 96 59.91 47.95 6.51
N ARG RA 97 58.63 48.26 6.36
CA ARG RA 97 58.06 48.53 5.06
C ARG RA 97 56.81 49.35 5.26
N ILE RA 98 56.69 50.45 4.55
CA ILE RA 98 55.58 51.37 4.72
C ILE RA 98 54.39 50.84 3.93
N ARG RA 99 53.29 50.62 4.63
CA ARG RA 99 52.08 50.06 4.05
C ARG RA 99 51.19 51.13 3.44
N LYS RA 100 50.94 52.21 4.17
CA LYS RA 100 50.05 53.26 3.74
C LYS RA 100 50.54 54.58 4.32
N VAL RA 101 50.10 55.67 3.70
CA VAL RA 101 50.29 57.02 4.22
C VAL RA 101 48.98 57.76 4.09
N LYS RA 102 48.70 58.59 5.08
CA LYS RA 102 47.53 59.45 5.11
C LYS RA 102 48.03 60.88 5.24
N VAL RA 103 47.92 61.64 4.17
CA VAL RA 103 48.23 63.05 4.18
C VAL RA 103 46.94 63.83 4.38
N GLU RA 104 46.91 64.67 5.40
CA GLU RA 104 45.75 65.45 5.77
C GLU RA 104 46.12 66.92 5.69
N PHE RA 105 45.45 67.65 4.81
CA PHE RA 105 45.57 69.10 4.74
C PHE RA 105 44.51 69.70 5.64
N TRP RA 106 44.92 70.06 6.84
CA TRP RA 106 44.03 70.71 7.78
C TRP RA 106 44.10 72.21 7.56
N PRO RA 107 43.00 72.87 7.19
CA PRO RA 107 43.09 74.30 6.88
C PRO RA 107 43.36 75.15 8.11
N CYS RA 108 43.92 76.31 7.83
CA CYS RA 108 44.18 77.33 8.83
C CYS RA 108 43.36 78.59 8.61
N SER RA 109 42.51 78.61 7.59
CA SER RA 109 41.83 79.78 7.12
C SER RA 109 40.37 79.75 7.53
N PRO RA 110 39.75 80.90 7.76
CA PRO RA 110 38.35 80.92 8.18
C PRO RA 110 37.42 80.55 7.05
N ILE RA 111 36.21 80.15 7.43
CA ILE RA 111 35.20 79.82 6.44
C ILE RA 111 34.60 81.03 5.76
N THR RA 112 34.95 82.24 6.20
CA THR RA 112 34.52 83.46 5.57
C THR RA 112 35.49 83.97 4.52
N GLN RA 113 36.58 83.27 4.27
CA GLN RA 113 37.58 83.75 3.34
C GLN RA 113 37.08 83.56 1.92
N GLY RA 114 37.25 84.60 1.11
CA GLY RA 114 36.82 84.59 -0.27
C GLY RA 114 37.95 84.29 -1.23
N ASP RA 115 37.71 84.58 -2.50
CA ASP RA 115 38.64 84.28 -3.57
C ASP RA 115 38.97 82.79 -3.58
N ARG RA 116 37.93 81.97 -3.40
CA ARG RA 116 38.10 80.54 -3.34
C ARG RA 116 38.60 80.01 -4.68
N GLY RA 117 39.06 78.76 -4.64
CA GLY RA 117 39.69 78.15 -5.78
C GLY RA 117 39.50 76.66 -5.82
N VAL RA 118 40.16 76.01 -6.78
CA VAL RA 118 40.03 74.59 -6.98
C VAL RA 118 41.34 74.05 -7.51
N GLY RA 119 41.86 73.02 -6.84
CA GLY RA 119 43.13 72.43 -7.16
C GLY RA 119 43.07 70.94 -7.33
N SER RA 120 44.23 70.30 -7.26
CA SER RA 120 44.33 68.88 -7.54
C SER RA 120 45.52 68.29 -6.79
N SER RA 121 45.32 67.08 -6.27
CA SER RA 121 46.37 66.30 -5.65
C SER RA 121 46.47 64.96 -6.35
N ALA RA 122 47.67 64.58 -6.75
CA ALA RA 122 47.92 63.35 -7.48
C ALA RA 122 49.02 62.56 -6.81
N VAL RA 123 49.07 61.27 -7.13
CA VAL RA 123 49.98 60.31 -6.53
C VAL RA 123 51.09 60.02 -7.53
N ILE RA 124 52.33 60.31 -7.13
CA ILE RA 124 53.49 60.29 -8.02
C ILE RA 124 54.53 59.38 -7.37
N LEU RA 125 54.61 58.14 -7.84
CA LEU RA 125 55.38 57.11 -7.18
C LEU RA 125 56.78 56.93 -7.75
N ASP RA 126 57.39 57.97 -8.32
CA ASP RA 126 58.64 57.80 -9.06
C ASP RA 126 59.67 58.92 -8.93
N ASP RA 127 59.43 59.93 -8.12
CA ASP RA 127 60.44 60.96 -7.84
C ASP RA 127 60.71 61.83 -9.05
N ASN RA 128 59.74 61.98 -9.95
CA ASN RA 128 59.80 62.93 -11.05
C ASN RA 128 58.47 63.66 -11.02
N PHE RA 129 58.46 64.76 -10.28
CA PHE RA 129 57.31 65.62 -10.12
C PHE RA 129 57.31 66.70 -11.18
N VAL RA 130 56.14 67.31 -11.37
CA VAL RA 130 56.09 68.55 -12.12
C VAL RA 130 56.92 69.58 -11.39
N THR RA 131 57.64 70.39 -12.15
CA THR RA 131 58.56 71.35 -11.57
C THR RA 131 57.82 72.30 -10.65
N LYS RA 132 58.46 72.63 -9.54
CA LYS RA 132 57.87 73.56 -8.58
C LYS RA 132 57.69 74.92 -9.23
N ALA RA 133 56.48 75.45 -9.11
CA ALA RA 133 56.09 76.70 -9.74
C ALA RA 133 55.30 77.54 -8.76
N THR RA 134 55.43 78.85 -8.91
CA THR RA 134 54.71 79.80 -8.08
C THR RA 134 53.35 80.15 -8.67
N ALA RA 135 53.33 80.51 -9.95
CA ALA RA 135 52.09 80.86 -10.65
C ALA RA 135 52.16 80.26 -12.06
N LEU RA 136 51.70 79.03 -12.17
CA LEU RA 136 51.60 78.34 -13.44
C LEU RA 136 50.20 78.51 -14.02
N THR RA 137 50.13 78.67 -15.34
CA THR RA 137 48.90 79.02 -16.02
C THR RA 137 47.91 77.88 -16.15
N TYR RA 138 48.15 76.74 -15.53
CA TYR RA 138 47.24 75.61 -15.63
C TYR RA 138 47.51 74.68 -14.46
N ASP RA 139 46.59 73.75 -14.26
CA ASP RA 139 46.71 72.72 -13.24
C ASP RA 139 47.31 71.47 -13.88
N PRO RA 140 48.57 71.14 -13.62
CA PRO RA 140 49.14 69.99 -14.32
C PRO RA 140 48.58 68.67 -13.86
N TYR RA 141 48.18 68.56 -12.60
CA TYR RA 141 47.73 67.31 -12.02
C TYR RA 141 46.24 67.09 -12.21
N VAL RA 142 45.60 67.81 -13.13
CA VAL RA 142 44.16 67.75 -13.26
C VAL RA 142 43.72 66.52 -14.03
N ASN RA 143 44.44 66.17 -15.08
CA ASN RA 143 44.08 65.03 -15.92
C ASN RA 143 44.70 63.73 -15.44
N TYR RA 144 45.39 63.75 -14.31
CA TYR RA 144 45.96 62.52 -13.77
C TYR RA 144 44.87 61.59 -13.28
N SER RA 145 45.09 60.30 -13.48
CA SER RA 145 44.15 59.29 -13.06
C SER RA 145 43.96 59.25 -11.56
N SER RA 146 44.94 59.72 -10.80
CA SER RA 146 44.89 59.76 -9.35
C SER RA 146 44.57 61.14 -8.81
N ARG RA 147 43.93 61.98 -9.61
CA ARG RA 147 43.61 63.32 -9.18
C ARG RA 147 42.39 63.31 -8.28
N HIS RA 148 42.50 63.99 -7.15
CA HIS RA 148 41.39 64.34 -6.31
C HIS RA 148 41.32 65.86 -6.26
N THR RA 149 40.12 66.39 -6.33
CA THR RA 149 39.93 67.83 -6.30
C THR RA 149 40.19 68.37 -4.89
N ILE RA 150 40.91 69.48 -4.85
CA ILE RA 150 41.15 70.23 -3.63
C ILE RA 150 40.27 71.45 -3.71
N THR RA 151 39.24 71.49 -2.87
CA THR RA 151 38.53 72.72 -2.61
C THR RA 151 39.34 73.57 -1.65
N GLN RA 152 39.44 74.85 -1.95
CA GLN RA 152 40.26 75.80 -1.21
C GLN RA 152 39.39 76.95 -0.73
N PRO RA 153 39.81 77.66 0.31
CA PRO RA 153 40.95 77.50 1.22
C PRO RA 153 40.62 76.81 2.53
N PHE RA 154 39.34 76.73 2.86
CA PHE RA 154 38.90 76.34 4.20
C PHE RA 154 38.34 74.93 4.25
N SER RA 155 38.82 74.06 3.39
CA SER RA 155 38.28 72.71 3.25
C SER RA 155 39.37 71.68 3.49
N TYR RA 156 38.97 70.58 4.09
CA TYR RA 156 39.85 69.49 4.43
C TYR RA 156 40.04 68.57 3.25
N HIS RA 157 41.27 68.10 3.06
CA HIS RA 157 41.65 67.22 1.97
C HIS RA 157 42.51 66.11 2.53
N SER RA 158 42.08 64.88 2.32
CA SER RA 158 42.82 63.70 2.71
C SER RA 158 43.19 62.88 1.49
N ARG RA 159 44.32 62.20 1.57
CA ARG RA 159 44.76 61.25 0.56
C ARG RA 159 45.37 60.06 1.27
N TYR RA 160 44.88 58.87 0.95
CA TYR RA 160 45.28 57.63 1.58
C TYR RA 160 45.73 56.68 0.49
N PHE RA 161 47.02 56.33 0.52
CA PHE RA 161 47.63 55.58 -0.56
C PHE RA 161 48.83 54.83 -0.03
N THR RA 162 49.40 54.02 -0.91
CA THR RA 162 50.57 53.20 -0.61
C THR RA 162 51.79 53.77 -1.31
N PRO RA 163 52.77 54.32 -0.60
CA PRO RA 163 53.92 54.89 -1.29
C PRO RA 163 54.88 53.83 -1.78
N LYS RA 164 55.94 54.26 -2.44
CA LYS RA 164 56.95 53.38 -2.99
C LYS RA 164 58.31 53.98 -2.70
N PRO RA 165 59.31 53.14 -2.42
CA PRO RA 165 60.64 53.69 -2.15
C PRO RA 165 61.44 53.97 -3.41
N VAL RA 166 62.40 54.87 -3.25
CA VAL RA 166 63.27 55.29 -4.34
C VAL RA 166 64.49 54.38 -4.29
N LEU RA 167 64.40 53.26 -4.99
CA LEU RA 167 65.49 52.30 -5.05
C LEU RA 167 66.53 52.70 -6.07
N ASP RA 168 66.10 53.13 -7.25
CA ASP RA 168 67.00 53.65 -8.28
C ASP RA 168 66.32 54.84 -8.92
N SER RA 169 66.84 56.03 -8.66
CA SER RA 169 66.28 57.25 -9.24
C SER RA 169 66.58 57.38 -10.72
N THR RA 170 67.55 56.63 -11.24
CA THR RA 170 67.88 56.68 -12.65
C THR RA 170 66.83 55.95 -13.49
N ILE RA 171 66.36 54.80 -13.00
CA ILE RA 171 65.44 53.95 -13.73
C ILE RA 171 64.03 54.17 -13.21
N ASP RA 172 63.92 54.43 -11.91
CA ASP RA 172 62.66 54.74 -11.26
C ASP RA 172 61.65 53.60 -11.45
N TYR RA 173 61.99 52.46 -10.86
CA TYR RA 173 61.14 51.27 -10.87
C TYR RA 173 60.49 51.07 -9.52
N PHE RA 174 59.28 50.54 -9.52
CA PHE RA 174 58.55 50.28 -8.30
C PHE RA 174 57.65 49.08 -8.49
N GLN RA 175 57.20 48.57 -7.42
CA GLN RA 175 56.37 47.40 -7.35
C GLN RA 175 54.89 47.76 -7.36
N PRO RA 176 54.03 46.92 -7.91
CA PRO RA 176 52.60 47.13 -7.69
C PRO RA 176 52.18 46.76 -6.29
N ASN RA 177 50.93 47.05 -5.96
CA ASN RA 177 50.44 46.85 -4.61
C ASN RA 177 50.23 45.37 -4.34
N ASN RA 178 50.97 44.84 -3.39
CA ASN RA 178 50.83 43.45 -2.98
C ASN RA 178 51.34 43.39 -1.55
N LYS RA 179 50.45 43.10 -0.61
CA LYS RA 179 50.86 43.09 0.78
C LYS RA 179 51.82 41.94 1.06
N ARG RA 180 51.71 40.85 0.33
CA ARG RA 180 52.53 39.67 0.61
C ARG RA 180 53.91 39.75 -0.01
N ASN RA 181 54.06 40.52 -1.09
CA ASN RA 181 55.30 40.60 -1.84
C ASN RA 181 56.04 41.90 -1.65
N GLN RA 182 55.54 42.81 -0.81
CA GLN RA 182 56.19 44.10 -0.61
C GLN RA 182 57.55 43.90 0.03
N LEU RA 183 58.53 44.62 -0.51
CA LEU RA 183 59.90 44.51 -0.05
C LEU RA 183 60.04 45.01 1.38
N TRP RA 184 60.91 44.36 2.13
CA TRP RA 184 61.34 44.82 3.42
C TRP RA 184 62.62 45.61 3.24
N LEU RA 185 62.63 46.84 3.73
CA LEU RA 185 63.81 47.66 3.80
C LEU RA 185 64.41 47.55 5.20
N ARG RA 186 65.65 48.00 5.31
CA ARG RA 186 66.33 48.07 6.59
C ARG RA 186 66.10 49.44 7.21
N LEU RA 187 65.85 49.42 8.51
CA LEU RA 187 65.76 50.63 9.31
C LEU RA 187 67.17 51.08 9.64
N GLN RA 188 67.69 51.95 8.79
CA GLN RA 188 69.04 52.45 8.95
C GLN RA 188 69.12 53.36 10.16
N THR RA 189 70.34 53.77 10.48
CA THR RA 189 70.56 54.63 11.64
C THR RA 189 70.27 56.09 11.31
N ALA RA 190 70.89 56.63 10.25
CA ALA RA 190 70.65 58.01 9.85
C ALA RA 190 70.60 58.21 8.34
N GLY RA 191 70.26 57.18 7.57
CA GLY RA 191 70.35 57.25 6.13
C GLY RA 191 69.22 56.57 5.38
N ASN RA 192 68.03 56.56 5.95
CA ASN RA 192 66.92 55.86 5.34
C ASN RA 192 66.54 56.49 4.00
N VAL RA 193 65.88 55.69 3.18
CA VAL RA 193 65.57 56.05 1.81
C VAL RA 193 64.23 56.78 1.76
N ASP RA 194 64.12 57.72 0.83
CA ASP RA 194 62.93 58.55 0.73
C ASP RA 194 61.84 57.80 0.01
N HIS RA 195 60.66 57.77 0.61
CA HIS RA 195 59.46 57.33 -0.05
C HIS RA 195 58.76 58.51 -0.67
N VAL RA 196 57.95 58.22 -1.69
CA VAL RA 196 57.42 59.23 -2.59
C VAL RA 196 56.00 58.86 -2.94
N GLY RA 197 55.26 59.82 -3.47
CA GLY RA 197 53.86 59.58 -3.73
C GLY RA 197 52.82 60.68 -3.63
N LEU RA 198 53.21 61.95 -3.50
CA LEU RA 198 52.18 62.99 -3.60
C LEU RA 198 52.71 64.28 -4.20
N GLY RA 199 51.94 64.80 -5.13
CA GLY RA 199 52.17 66.12 -5.67
C GLY RA 199 50.87 66.88 -5.75
N THR RA 200 50.98 68.19 -5.56
CA THR RA 200 49.83 69.06 -5.37
C THR RA 200 49.87 70.23 -6.34
N ALA RA 201 48.71 70.84 -6.53
CA ALA RA 201 48.57 72.08 -7.28
C ALA RA 201 47.47 72.89 -6.63
N PHE RA 202 47.84 74.00 -6.03
CA PHE RA 202 46.91 74.90 -5.35
C PHE RA 202 46.71 76.16 -6.17
N GLU RA 203 45.47 76.58 -6.29
CA GLU RA 203 45.14 77.80 -7.00
C GLU RA 203 45.43 79.00 -6.11
N ASN RA 204 46.19 79.94 -6.66
CA ASN RA 204 46.61 81.10 -5.91
C ASN RA 204 45.43 82.03 -5.64
N SER RA 205 45.65 82.98 -4.74
CA SER RA 205 44.60 83.86 -4.26
C SER RA 205 45.20 85.17 -3.82
N ILE RA 206 44.32 86.16 -3.60
CA ILE RA 206 44.75 87.45 -3.09
C ILE RA 206 45.19 87.34 -1.64
N TYR RA 207 44.63 86.39 -0.91
CA TYR RA 207 44.95 86.16 0.49
C TYR RA 207 45.86 84.96 0.63
N ASP RA 208 46.62 84.94 1.72
CA ASP RA 208 47.50 83.82 2.01
C ASP RA 208 46.68 82.62 2.47
N GLN RA 209 46.99 81.46 1.92
CA GLN RA 209 46.33 80.20 2.25
C GLN RA 209 47.31 79.32 3.02
N GLU RA 210 47.08 79.16 4.31
CA GLU RA 210 47.93 78.36 5.17
C GLU RA 210 47.26 77.03 5.47
N TYR RA 211 48.10 76.02 5.69
CA TYR RA 211 47.66 74.67 6.00
C TYR RA 211 48.60 74.06 7.03
N ASN RA 212 48.03 73.22 7.88
CA ASN RA 212 48.79 72.37 8.80
C ASN RA 212 48.67 70.94 8.28
N ILE RA 213 49.76 70.41 7.76
CA ILE RA 213 49.75 69.12 7.10
C ILE RA 213 50.20 68.07 8.10
N ARG RA 214 49.35 67.06 8.30
CA ARG RA 214 49.62 65.95 9.20
C ARG RA 214 49.76 64.69 8.38
N VAL RA 215 50.97 64.16 8.31
CA VAL RA 215 51.27 62.91 7.62
C VAL RA 215 51.29 61.80 8.65
N THR RA 216 50.59 60.72 8.36
CA THR RA 216 50.53 59.53 9.20
C THR RA 216 50.97 58.35 8.35
N MET RA 217 52.04 57.70 8.77
CA MET RA 217 52.55 56.51 8.09
C MET RA 217 52.19 55.27 8.88
N TYR RA 218 51.59 54.31 8.20
CA TYR RA 218 51.24 53.02 8.76
C TYR RA 218 52.32 52.02 8.35
N VAL RA 219 53.16 51.65 9.30
CA VAL RA 219 54.37 50.89 9.03
C VAL RA 219 54.23 49.50 9.62
N GLN RA 220 55.15 48.64 9.21
CA GLN RA 220 55.17 47.25 9.64
C GLN RA 220 56.63 46.88 9.82
N PHE RA 221 57.02 46.59 11.05
CA PHE RA 221 58.38 46.25 11.40
C PHE RA 221 58.55 44.74 11.52
N ARG RA 222 59.81 44.32 11.69
CA ARG RA 222 60.14 42.92 11.76
C ARG RA 222 61.44 42.75 12.52
N GLU RA 223 61.57 41.61 13.20
CA GLU RA 223 62.80 41.20 13.86
C GLU RA 223 63.21 42.18 14.97
N PHE RA 224 62.41 42.15 16.03
CA PHE RA 224 62.72 42.74 17.31
C PHE RA 224 64.16 42.46 17.69
N ASN RA 225 64.95 43.51 17.91
CA ASN RA 225 66.39 43.40 18.05
C ASN RA 225 66.90 44.22 19.23
N LEU RA 226 66.18 44.18 20.34
CA LEU RA 226 66.60 44.93 21.50
C LEU RA 226 67.91 44.38 22.05
N LYS RA 227 68.76 45.28 22.52
CA LYS RA 227 70.04 44.94 23.10
C LYS RA 227 70.07 45.42 24.54
N ASP RA 228 70.41 44.51 25.46
CA ASP RA 228 70.34 44.77 26.90
C ASP RA 228 71.70 44.50 27.52
N PRO RA 229 72.59 45.49 27.48
CA PRO RA 229 73.85 45.36 28.20
C PRO RA 229 73.64 45.51 29.69
N PRO RA 230 74.64 45.14 30.50
CA PRO RA 230 74.52 45.40 31.94
C PRO RA 230 74.60 46.88 32.28
N LEU RA 231 74.54 47.19 33.57
CA LEU RA 231 74.56 48.56 34.05
C LEU RA 231 75.38 48.70 35.32
N GLY SA 43 40.17 50.17 -32.40
CA GLY SA 43 41.00 50.40 -31.23
C GLY SA 43 40.46 51.48 -30.32
N ILE SA 44 39.51 51.09 -29.49
CA ILE SA 44 38.78 52.04 -28.67
C ILE SA 44 39.61 52.43 -27.46
N PHE SA 45 39.48 53.70 -27.07
CA PHE SA 45 40.11 54.21 -25.86
C PHE SA 45 39.22 55.31 -25.30
N ASN SA 46 38.47 54.97 -24.27
CA ASN SA 46 37.67 55.96 -23.56
C ASN SA 46 38.54 56.64 -22.51
N THR SA 47 38.56 57.96 -22.54
CA THR SA 47 39.31 58.74 -21.56
C THR SA 47 38.51 59.98 -21.18
N ARG SA 48 39.20 60.91 -20.52
CA ARG SA 48 38.58 62.08 -19.91
C ARG SA 48 39.53 63.25 -20.05
N LEU SA 49 39.05 64.34 -20.61
CA LEU SA 49 39.83 65.55 -20.86
C LEU SA 49 39.12 66.71 -20.20
N SER SA 50 39.91 67.58 -19.56
CA SER SA 50 39.39 68.69 -18.79
C SER SA 50 40.05 69.99 -19.21
N ARG SA 51 39.48 71.08 -18.72
CA ARG SA 51 39.82 72.44 -19.08
C ARG SA 51 39.12 73.35 -18.11
N THR SA 52 39.79 74.42 -17.70
CA THR SA 52 39.28 75.34 -16.69
C THR SA 52 39.44 76.77 -17.17
N PHE SA 53 38.42 77.58 -16.91
CA PHE SA 53 38.40 78.97 -17.32
C PHE SA 53 37.41 79.72 -16.46
N GLY SA 54 37.46 81.05 -16.56
CA GLY SA 54 36.65 81.92 -15.74
C GLY SA 54 35.44 82.54 -16.43
N TYR SA 55 34.47 82.93 -15.61
CA TYR SA 55 33.28 83.63 -16.07
C TYR SA 55 32.81 84.53 -14.94
N THR SA 56 32.56 85.79 -15.27
CA THR SA 56 32.14 86.78 -14.30
C THR SA 56 30.86 87.46 -14.78
N ILE SA 57 29.95 87.68 -13.83
CA ILE SA 57 28.74 88.45 -14.03
C ILE SA 57 28.96 89.77 -13.31
N LYS SA 58 29.21 90.82 -14.08
CA LYS SA 58 29.51 92.12 -13.51
C LYS SA 58 28.30 92.69 -12.78
N ARG SA 59 28.57 93.62 -11.88
CA ARG SA 59 27.55 94.26 -11.08
C ARG SA 59 26.70 95.21 -11.91
N THR SA 60 25.52 95.51 -11.40
CA THR SA 60 24.60 96.44 -12.03
C THR SA 60 23.89 97.27 -10.96
N THR SA 61 23.74 98.56 -11.22
CA THR SA 61 22.95 99.44 -10.37
C THR SA 61 21.45 99.28 -10.59
N VAL SA 62 21.03 98.48 -11.58
CA VAL SA 62 19.62 98.28 -11.83
C VAL SA 62 18.95 97.67 -10.61
N LYS SA 63 17.77 98.19 -10.29
CA LYS SA 63 17.04 97.74 -9.11
C LYS SA 63 16.24 96.48 -9.37
N THR SA 64 15.67 96.36 -10.56
CA THR SA 64 14.81 95.25 -10.88
C THR SA 64 15.58 93.93 -10.88
N PRO SA 65 14.87 92.80 -10.84
CA PRO SA 65 15.53 91.53 -11.10
C PRO SA 65 15.73 91.34 -12.60
N SER SA 66 16.98 91.47 -13.03
CA SER SA 66 17.37 91.24 -14.41
C SER SA 66 18.35 90.08 -14.45
N TRP SA 67 18.42 89.44 -15.61
CA TRP SA 67 19.27 88.28 -15.82
C TRP SA 67 20.29 88.54 -16.92
N ALA SA 68 21.44 87.91 -16.75
CA ALA SA 68 22.55 87.98 -17.71
C ALA SA 68 22.62 86.67 -18.45
N VAL SA 69 22.50 86.73 -19.76
CA VAL SA 69 22.42 85.56 -20.61
C VAL SA 69 23.75 85.39 -21.34
N ASP SA 70 24.18 84.15 -21.47
CA ASP SA 70 25.40 83.83 -22.18
C ASP SA 70 25.31 82.39 -22.67
N MET SA 71 26.23 82.05 -23.55
CA MET SA 71 26.27 80.76 -24.22
C MET SA 71 27.56 80.03 -23.89
N MET SA 72 27.60 78.75 -24.26
CA MET SA 72 28.75 77.91 -23.97
C MET SA 72 28.82 76.80 -25.01
N ARG SA 73 29.86 76.84 -25.83
CA ARG SA 73 30.17 75.79 -26.80
C ARG SA 73 31.37 74.99 -26.32
N PHE SA 74 31.58 73.85 -26.97
CA PHE SA 74 32.66 72.93 -26.61
C PHE SA 74 33.37 72.48 -27.89
N ASN SA 75 34.68 72.70 -27.93
CA ASN SA 75 35.52 72.22 -29.02
C ASN SA 75 36.68 71.43 -28.44
N ILE SA 76 37.14 70.44 -29.21
CA ILE SA 76 38.19 69.56 -28.75
C ILE SA 76 39.59 70.15 -28.90
N ASN SA 77 39.73 71.24 -29.65
CA ASN SA 77 41.02 71.89 -29.73
C ASN SA 77 41.42 72.50 -28.41
N ASP SA 78 40.44 72.92 -27.61
CA ASP SA 78 40.70 73.53 -26.33
C ASP SA 78 41.05 72.50 -25.25
N PHE SA 79 40.82 71.22 -25.51
CA PHE SA 79 41.16 70.16 -24.58
C PHE SA 79 42.34 69.31 -25.03
N LEU SA 80 42.53 69.18 -26.33
CA LEU SA 80 43.58 68.35 -26.91
C LEU SA 80 44.58 69.22 -27.64
N PRO SA 81 45.82 69.38 -27.18
CA PRO SA 81 46.73 70.26 -27.86
C PRO SA 81 47.28 69.63 -29.12
N PRO SA 82 48.00 70.40 -29.93
CA PRO SA 82 48.69 69.80 -31.07
C PRO SA 82 49.88 68.98 -30.63
N GLY SA 83 50.15 67.93 -31.38
CA GLY SA 83 51.24 67.04 -31.06
C GLY SA 83 52.57 67.54 -31.55
N GLY SA 84 53.39 66.62 -32.03
CA GLY SA 84 54.69 66.97 -32.55
C GLY SA 84 55.22 65.94 -33.51
N GLY SA 85 55.72 66.40 -34.65
CA GLY SA 85 56.27 65.52 -35.65
C GLY SA 85 55.23 64.95 -36.59
N SER SA 86 55.39 63.67 -36.92
CA SER SA 86 54.46 63.03 -37.83
C SER SA 86 53.09 62.80 -37.21
N ASN SA 87 52.98 62.90 -35.89
CA ASN SA 87 51.71 62.79 -35.20
C ASN SA 87 51.14 64.19 -35.01
N PRO SA 88 50.08 64.59 -35.71
CA PRO SA 88 49.64 65.98 -35.61
C PRO SA 88 49.00 66.33 -34.29
N ARG SA 89 48.49 65.34 -33.56
CA ARG SA 89 47.84 65.56 -32.27
C ARG SA 89 48.55 64.76 -31.18
N SER SA 90 48.27 65.15 -29.94
CA SER SA 90 48.98 64.58 -28.80
C SER SA 90 48.41 63.23 -28.39
N VAL SA 91 47.16 62.97 -28.71
CA VAL SA 91 46.54 61.66 -28.51
C VAL SA 91 46.52 60.95 -29.86
N PRO SA 92 47.31 59.89 -30.06
CA PRO SA 92 47.45 59.35 -31.41
C PRO SA 92 46.30 58.46 -31.86
N PHE SA 93 45.20 59.10 -32.25
CA PHE SA 93 44.04 58.42 -32.78
C PHE SA 93 43.49 59.23 -33.94
N GLU SA 94 42.68 58.56 -34.76
CA GLU SA 94 42.12 59.13 -35.97
C GLU SA 94 40.73 59.72 -35.75
N TYR SA 95 39.84 58.96 -35.14
CA TYR SA 95 38.45 59.32 -35.00
C TYR SA 95 38.11 59.58 -33.54
N TYR SA 96 37.01 60.27 -33.33
CA TYR SA 96 36.54 60.57 -31.98
C TYR SA 96 35.04 60.78 -32.01
N ARG SA 97 34.44 60.71 -30.84
CA ARG SA 97 33.06 61.11 -30.65
C ARG SA 97 32.86 61.41 -29.18
N ILE SA 98 32.30 62.57 -28.89
CA ILE SA 98 32.14 63.02 -27.52
C ILE SA 98 30.89 62.36 -26.95
N ARG SA 99 31.07 61.64 -25.84
CA ARG SA 99 30.00 60.90 -25.20
C ARG SA 99 29.23 61.76 -24.21
N LYS SA 100 29.93 62.48 -23.35
CA LYS SA 100 29.32 63.28 -22.30
C LYS SA 100 30.21 64.49 -22.05
N VAL SA 101 29.60 65.50 -21.44
CA VAL SA 101 30.31 66.67 -20.94
C VAL SA 101 29.77 66.97 -19.54
N LYS SA 102 30.67 67.38 -18.66
CA LYS SA 102 30.35 67.81 -17.30
C LYS SA 102 30.84 69.23 -17.16
N VAL SA 103 29.91 70.17 -17.11
CA VAL SA 103 30.21 71.56 -16.83
C VAL SA 103 29.97 71.81 -15.35
N GLU SA 104 31.00 72.31 -14.68
CA GLU SA 104 30.98 72.56 -13.25
C GLU SA 104 31.23 74.05 -13.04
N PHE SA 105 30.26 74.73 -12.45
CA PHE SA 105 30.41 76.11 -12.02
C PHE SA 105 30.90 76.10 -10.58
N TRP SA 106 32.20 76.25 -10.42
CA TRP SA 106 32.78 76.33 -9.10
C TRP SA 106 32.79 77.79 -8.64
N PRO SA 107 32.11 78.14 -7.56
CA PRO SA 107 32.04 79.55 -7.19
C PRO SA 107 33.36 80.10 -6.70
N CYS SA 108 33.48 81.41 -6.83
CA CYS SA 108 34.61 82.17 -6.34
C CYS SA 108 34.23 83.12 -5.23
N SER SA 109 32.99 83.13 -4.80
CA SER SA 109 32.44 84.12 -3.92
C SER SA 109 32.23 83.53 -2.53
N PRO SA 110 32.34 84.33 -1.48
CA PRO SA 110 32.19 83.79 -0.14
C PRO SA 110 30.75 83.46 0.18
N ILE SA 111 30.58 82.61 1.19
CA ILE SA 111 29.24 82.24 1.63
C ILE SA 111 28.53 83.35 2.40
N THR SA 112 29.22 84.44 2.70
CA THR SA 112 28.62 85.60 3.35
C THR SA 112 28.09 86.63 2.37
N GLN SA 113 28.21 86.39 1.07
CA GLN SA 113 27.81 87.39 0.09
C GLN SA 113 26.30 87.42 -0.01
N GLY SA 114 25.74 88.62 0.01
CA GLY SA 114 24.33 88.83 -0.08
C GLY SA 114 23.85 89.15 -1.48
N ASP SA 115 22.63 89.67 -1.55
CA ASP SA 115 21.97 89.95 -2.82
C ASP SA 115 21.92 88.70 -3.68
N ARG SA 116 21.57 87.59 -3.04
CA ARG SA 116 21.52 86.32 -3.71
C ARG SA 116 20.43 86.32 -4.78
N GLY SA 117 20.49 85.31 -5.64
CA GLY SA 117 19.63 85.24 -6.79
C GLY SA 117 19.33 83.83 -7.21
N VAL SA 118 18.63 83.69 -8.33
CA VAL SA 118 18.23 82.39 -8.83
C VAL SA 118 18.19 82.44 -10.35
N GLY SA 119 18.86 81.49 -10.98
CA GLY SA 119 19.01 81.43 -12.41
C GLY SA 119 18.64 80.09 -12.98
N SER SA 120 19.08 79.85 -14.21
CA SER SA 120 18.69 78.65 -14.93
C SER SA 120 19.76 78.29 -15.95
N SER SA 121 20.02 77.00 -16.08
CA SER SA 121 20.90 76.45 -17.10
C SER SA 121 20.13 75.43 -17.91
N ALA SA 122 20.19 75.57 -19.23
CA ALA SA 122 19.47 74.70 -20.14
C ALA SA 122 20.42 74.15 -21.20
N VAL SA 123 19.99 73.07 -21.83
CA VAL SA 123 20.77 72.32 -22.80
C VAL SA 123 20.25 72.67 -24.20
N ILE SA 124 21.13 73.21 -25.03
CA ILE SA 124 20.78 73.77 -26.33
C ILE SA 124 21.67 73.10 -27.37
N LEU SA 125 21.11 72.12 -28.06
CA LEU SA 125 21.89 71.24 -28.93
C LEU SA 125 21.89 71.66 -30.38
N ASP SA 126 21.74 72.95 -30.69
CA ASP SA 126 21.52 73.38 -32.08
C ASP SA 126 22.17 74.68 -32.50
N ASP SA 127 22.95 75.33 -31.64
CA ASP SA 127 23.71 76.52 -32.03
C ASP SA 127 22.82 77.71 -32.31
N ASN SA 128 21.64 77.76 -31.71
CA ASN SA 128 20.78 78.93 -31.75
C ASN SA 128 20.38 79.19 -30.30
N PHE SA 129 21.18 80.00 -29.64
CA PHE SA 129 20.99 80.38 -28.25
C PHE SA 129 20.15 81.64 -28.18
N VAL SA 130 19.59 81.88 -26.99
CA VAL SA 130 19.04 83.19 -26.70
C VAL SA 130 20.16 84.21 -26.80
N THR SA 131 19.84 85.37 -27.35
CA THR SA 131 20.84 86.39 -27.60
C THR SA 131 21.52 86.79 -26.29
N LYS SA 132 22.82 87.01 -26.37
CA LYS SA 132 23.57 87.44 -25.20
C LYS SA 132 23.08 88.79 -24.73
N ALA SA 133 22.78 88.86 -23.43
CA ALA SA 133 22.20 90.05 -22.82
C ALA SA 133 22.89 90.31 -21.50
N THR SA 134 22.97 91.60 -21.15
CA THR SA 134 23.57 92.02 -19.90
C THR SA 134 22.54 92.08 -18.78
N ALA SA 135 21.40 92.73 -19.03
CA ALA SA 135 20.32 92.84 -18.04
C ALA SA 135 19.01 92.67 -18.78
N LEU SA 136 18.56 91.42 -18.89
CA LEU SA 136 17.27 91.09 -19.48
C LEU SA 136 16.23 90.96 -18.39
N THR SA 137 15.01 91.41 -18.68
CA THR SA 137 13.96 91.53 -17.69
C THR SA 137 13.31 90.21 -17.32
N TYR SA 138 13.83 89.08 -17.76
CA TYR SA 138 13.25 87.79 -17.44
C TYR SA 138 14.31 86.72 -17.66
N ASP SA 139 14.02 85.52 -17.16
CA ASP SA 139 14.87 84.36 -17.33
C ASP SA 139 14.37 83.57 -18.52
N PRO SA 140 15.06 83.60 -19.67
CA PRO SA 140 14.51 82.90 -20.84
C PRO SA 140 14.54 81.40 -20.71
N TYR SA 141 15.53 80.86 -20.01
CA TYR SA 141 15.73 79.43 -19.91
C TYR SA 141 14.94 78.80 -18.77
N VAL SA 142 13.95 79.50 -18.23
CA VAL SA 142 13.26 79.02 -17.03
C VAL SA 142 12.24 77.95 -17.37
N ASN SA 143 11.51 78.13 -18.47
CA ASN SA 143 10.48 77.20 -18.86
C ASN SA 143 10.99 76.07 -19.74
N TYR SA 144 12.29 76.01 -19.98
CA TYR SA 144 12.86 74.94 -20.77
C TYR SA 144 12.77 73.62 -20.02
N SER SA 145 12.52 72.56 -20.78
CA SER SA 145 12.41 71.22 -20.21
C SER SA 145 13.70 70.75 -19.60
N SER SA 146 14.84 71.29 -20.02
CA SER SA 146 16.15 70.94 -19.50
C SER SA 146 16.68 71.97 -18.52
N ARG SA 147 15.81 72.74 -17.89
CA ARG SA 147 16.24 73.76 -16.96
C ARG SA 147 16.58 73.13 -15.63
N HIS SA 148 17.74 73.51 -15.11
CA HIS SA 148 18.12 73.27 -13.73
C HIS SA 148 18.32 74.62 -13.08
N THR SA 149 17.85 74.75 -11.85
CA THR SA 149 17.99 75.99 -11.12
C THR SA 149 19.43 76.22 -10.71
N ILE SA 150 19.89 77.45 -10.89
CA ILE SA 150 21.20 77.89 -10.42
C ILE SA 150 20.93 78.76 -9.20
N THR SA 151 21.29 78.26 -8.04
CA THR SA 151 21.41 79.10 -6.87
C THR SA 151 22.70 79.89 -6.94
N GLN SA 152 22.62 81.17 -6.61
CA GLN SA 152 23.72 82.11 -6.73
C GLN SA 152 23.97 82.76 -5.38
N PRO SA 153 25.18 83.28 -5.14
CA PRO SA 153 26.42 83.25 -5.90
C PRO SA 153 27.41 82.19 -5.48
N PHE SA 154 27.21 81.62 -4.29
CA PHE SA 154 28.20 80.80 -3.62
C PHE SA 154 27.86 79.31 -3.67
N SER SA 155 27.16 78.88 -4.69
CA SER SA 155 26.66 77.53 -4.78
C SER SA 155 27.17 76.86 -6.05
N TYR SA 156 27.43 75.57 -5.93
CA TYR SA 156 27.96 74.76 -7.01
C TYR SA 156 26.84 74.28 -7.91
N HIS SA 157 27.10 74.29 -9.21
CA HIS SA 157 26.13 73.88 -10.22
C HIS SA 157 26.85 72.99 -11.22
N SER SA 158 26.33 71.77 -11.39
CA SER SA 158 26.84 70.83 -12.36
C SER SA 158 25.76 70.50 -13.38
N ARG SA 159 26.19 70.22 -14.60
CA ARG SA 159 25.32 69.75 -15.67
C ARG SA 159 26.07 68.66 -16.41
N TYR SA 160 25.44 67.51 -16.55
CA TYR SA 160 26.02 66.32 -17.18
C TYR SA 160 25.10 65.87 -18.29
N PHE SA 161 25.57 65.95 -19.53
CA PHE SA 161 24.72 65.73 -20.68
C PHE SA 161 25.59 65.29 -21.84
N THR SA 162 24.91 64.95 -22.94
CA THR SA 162 25.54 64.48 -24.16
C THR SA 162 25.44 65.57 -25.23
N PRO SA 163 26.54 66.20 -25.64
CA PRO SA 163 26.43 67.25 -26.64
C PRO SA 163 26.22 66.71 -28.03
N LYS SA 164 26.08 67.60 -29.00
CA LYS SA 164 25.87 67.26 -30.38
C LYS SA 164 26.74 68.14 -31.24
N PRO SA 165 27.28 67.64 -32.34
CA PRO SA 165 28.12 68.47 -33.20
C PRO SA 165 27.30 69.31 -34.18
N VAL SA 166 27.94 70.39 -34.62
CA VAL SA 166 27.33 71.32 -35.56
C VAL SA 166 27.74 70.85 -36.95
N LEU SA 167 26.93 69.98 -37.52
CA LEU SA 167 27.18 69.46 -38.85
C LEU SA 167 26.71 70.42 -39.93
N ASP SA 168 25.52 70.97 -39.76
CA ASP SA 168 24.99 71.99 -40.67
C ASP SA 168 24.28 73.03 -39.83
N SER SA 169 24.87 74.22 -39.74
CA SER SA 169 24.27 75.30 -38.97
C SER SA 169 23.04 75.89 -39.65
N THR SA 170 22.86 75.64 -40.95
CA THR SA 170 21.69 76.16 -41.65
C THR SA 170 20.44 75.37 -41.30
N ILE SA 171 20.56 74.05 -41.18
CA ILE SA 171 19.44 73.17 -40.93
C ILE SA 171 19.39 72.80 -39.46
N ASP SA 172 20.57 72.66 -38.85
CA ASP SA 172 20.70 72.38 -37.43
C ASP SA 172 20.00 71.08 -37.06
N TYR SA 173 20.54 69.98 -37.61
CA TYR SA 173 20.05 68.65 -37.33
C TYR SA 173 21.02 67.91 -36.42
N PHE SA 174 20.46 67.04 -35.57
CA PHE SA 174 21.27 66.28 -34.65
C PHE SA 174 20.60 64.93 -34.39
N GLN SA 175 21.34 64.06 -33.85
CA GLN SA 175 20.93 62.70 -33.57
C GLN SA 175 20.40 62.58 -32.15
N PRO SA 176 19.46 61.68 -31.90
CA PRO SA 176 19.13 61.36 -30.52
C PRO SA 176 20.20 60.55 -29.84
N ASN SA 177 20.05 60.33 -28.54
CA ASN SA 177 21.07 59.67 -27.76
C ASN SA 177 21.05 58.17 -28.07
N ASN SA 178 22.14 57.68 -28.62
CA ASN SA 178 22.30 56.26 -28.90
C ASN SA 178 23.79 55.99 -28.91
N LYS SA 179 24.26 55.21 -27.94
CA LYS SA 179 25.69 54.97 -27.86
C LYS SA 179 26.19 54.15 -29.05
N ARG SA 180 25.34 53.30 -29.61
CA ARG SA 180 25.77 52.41 -30.67
C ARG SA 180 25.75 53.07 -32.04
N ASN SA 181 24.92 54.09 -32.22
CA ASN SA 181 24.73 54.75 -33.50
C ASN SA 181 25.34 56.13 -33.58
N GLN SA 182 26.03 56.58 -32.54
CA GLN SA 182 26.61 57.92 -32.54
C GLN SA 182 27.71 58.00 -33.59
N LEU SA 183 27.69 59.10 -34.34
CA LEU SA 183 28.63 59.31 -35.42
C LEU SA 183 30.04 59.45 -34.89
N TRP SA 184 30.98 58.93 -35.66
CA TRP SA 184 32.40 59.16 -35.44
C TRP SA 184 32.83 60.34 -36.31
N LEU SA 185 33.42 61.33 -35.68
CA LEU SA 185 34.05 62.44 -36.37
C LEU SA 185 35.54 62.17 -36.49
N ARG SA 186 36.19 62.93 -37.36
CA ARG SA 186 37.62 62.88 -37.50
C ARG SA 186 38.27 63.90 -36.58
N LEU SA 187 39.35 63.48 -35.96
CA LEU SA 187 40.20 64.35 -35.16
C LEU SA 187 41.10 65.12 -36.11
N GLN SA 188 40.63 66.30 -36.50
CA GLN SA 188 41.36 67.14 -37.42
C GLN SA 188 42.61 67.69 -36.75
N THR SA 189 43.44 68.36 -37.55
CA THR SA 189 44.68 68.93 -37.04
C THR SA 189 44.44 70.25 -36.34
N ALA SA 190 43.78 71.20 -37.00
CA ALA SA 190 43.49 72.50 -36.40
C ALA SA 190 42.12 73.06 -36.76
N GLY SA 191 41.16 72.20 -37.09
CA GLY SA 191 39.88 72.65 -37.60
C GLY SA 191 38.68 71.87 -37.14
N ASN SA 192 38.73 71.34 -35.93
CA ASN SA 192 37.65 70.51 -35.42
C ASN SA 192 36.37 71.31 -35.27
N VAL SA 193 35.25 70.59 -35.28
CA VAL SA 193 33.92 71.17 -35.30
C VAL SA 193 33.46 71.43 -33.88
N ASP SA 194 32.69 72.50 -33.72
CA ASP SA 194 32.23 72.91 -32.41
C ASP SA 194 31.05 72.06 -31.97
N HIS SA 195 31.14 71.52 -30.77
CA HIS SA 195 30.01 70.90 -30.10
C HIS SA 195 29.31 71.93 -29.23
N VAL SA 196 28.04 71.66 -28.98
CA VAL SA 196 27.13 72.66 -28.42
C VAL SA 196 26.22 71.96 -27.43
N GLY SA 197 25.56 72.74 -26.59
CA GLY SA 197 24.75 72.14 -25.56
C GLY SA 197 24.58 72.80 -24.20
N LEU SA 198 24.99 74.06 -24.01
CA LEU SA 198 24.63 74.71 -22.75
C LEU SA 198 24.44 76.20 -22.91
N GLY SA 199 23.35 76.68 -22.33
CA GLY SA 199 23.11 78.11 -22.19
C GLY SA 199 22.63 78.41 -20.80
N THR SA 200 23.00 79.60 -20.32
CA THR SA 200 22.82 79.99 -18.94
C THR SA 200 22.10 81.32 -18.84
N ALA SA 201 21.56 81.55 -17.65
CA ALA SA 201 20.97 82.84 -17.29
C ALA SA 201 21.22 83.08 -15.82
N PHE SA 202 22.06 84.05 -15.52
CA PHE SA 202 22.43 84.41 -14.17
C PHE SA 202 21.76 85.71 -13.77
N GLU SA 203 21.21 85.74 -12.55
CA GLU SA 203 20.59 86.93 -12.03
C GLU SA 203 21.65 87.90 -11.55
N ASN SA 204 21.56 89.14 -12.01
CA ASN SA 204 22.56 90.13 -11.69
C ASN SA 204 22.45 90.55 -10.23
N SER SA 205 23.47 91.26 -9.76
CA SER SA 205 23.61 91.60 -8.36
C SER SA 205 24.41 92.88 -8.24
N ILE SA 206 24.38 93.45 -7.03
CA ILE SA 206 25.17 94.64 -6.74
C ILE SA 206 26.65 94.31 -6.71
N TYR SA 207 27.00 93.07 -6.35
CA TYR SA 207 28.36 92.62 -6.27
C TYR SA 207 28.70 91.77 -7.48
N ASP SA 208 29.99 91.71 -7.79
CA ASP SA 208 30.46 90.88 -8.89
C ASP SA 208 30.42 89.41 -8.50
N GLN SA 209 29.89 88.58 -9.40
CA GLN SA 209 29.79 87.14 -9.20
C GLN SA 209 30.76 86.46 -10.15
N GLU SA 210 31.83 85.91 -9.60
CA GLU SA 210 32.85 85.21 -10.37
C GLU SA 210 32.70 83.71 -10.21
N TYR SA 211 33.11 83.00 -11.25
CA TYR SA 211 33.06 81.54 -11.29
C TYR SA 211 34.29 81.01 -12.01
N ASN SA 212 34.74 79.85 -11.57
CA ASN SA 212 35.77 79.08 -12.26
C ASN SA 212 35.08 77.88 -12.87
N ILE SA 213 34.97 77.85 -14.18
CA ILE SA 213 34.19 76.84 -14.88
C ILE SA 213 35.15 75.75 -15.36
N ARG SA 214 34.89 74.52 -14.95
CA ARG SA 214 35.68 73.35 -15.32
C ARG SA 214 34.82 72.46 -16.19
N VAL SA 215 35.18 72.37 -17.47
CA VAL SA 215 34.51 71.50 -18.41
C VAL SA 215 35.32 70.23 -18.54
N THR SA 216 34.65 69.09 -18.44
CA THR SA 216 35.26 67.78 -18.58
C THR SA 216 34.51 67.05 -19.68
N MET SA 217 35.22 66.68 -20.73
CA MET SA 217 34.66 65.93 -21.84
C MET SA 217 35.09 64.47 -21.76
N TYR SA 218 34.11 63.58 -21.82
CA TYR SA 218 34.34 62.15 -21.84
C TYR SA 218 34.26 61.67 -23.28
N VAL SA 219 35.42 61.36 -23.85
CA VAL SA 219 35.54 61.11 -25.28
C VAL SA 219 35.86 59.64 -25.51
N GLN SA 220 35.74 59.24 -26.76
CA GLN SA 220 35.97 57.87 -27.18
C GLN SA 220 36.66 57.94 -28.53
N PHE SA 221 37.90 57.48 -28.59
CA PHE SA 221 38.71 57.51 -29.78
C PHE SA 221 38.71 56.15 -30.48
N ARG SA 222 39.29 56.11 -31.66
CA ARG SA 222 39.31 54.92 -32.48
C ARG SA 222 40.49 54.99 -33.43
N GLU SA 223 41.03 53.80 -33.77
CA GLU SA 223 42.06 53.64 -34.78
C GLU SA 223 43.34 54.38 -34.40
N PHE SA 224 43.99 53.83 -33.38
CA PHE SA 224 45.37 54.15 -33.02
C PHE SA 224 46.24 54.25 -34.25
N ASN SA 225 46.87 55.40 -34.46
CA ASN SA 225 47.56 55.71 -35.71
C ASN SA 225 48.92 56.31 -35.46
N LEU SA 226 49.65 55.77 -34.50
CA LEU SA 226 50.97 56.29 -34.20
C LEU SA 226 51.90 56.06 -35.38
N LYS SA 227 52.78 57.03 -35.63
CA LYS SA 227 53.77 56.97 -36.68
C LYS SA 227 55.15 57.06 -36.06
N ASP SA 228 56.01 56.10 -36.41
CA ASP SA 228 57.32 55.94 -35.80
C ASP SA 228 58.40 55.97 -36.88
N PRO SA 229 58.83 57.15 -37.29
CA PRO SA 229 59.95 57.24 -38.19
C PRO SA 229 61.25 56.94 -37.48
N PRO SA 230 62.33 56.70 -38.22
CA PRO SA 230 63.64 56.54 -37.57
C PRO SA 230 64.16 57.84 -36.97
N LEU SA 231 65.35 57.77 -36.37
CA LEU SA 231 65.96 58.91 -35.72
C LEU SA 231 67.46 58.97 -35.97
N GLY TA 43 10.25 66.97 -23.85
CA GLY TA 43 8.85 67.33 -23.79
C GLY TA 43 8.11 67.05 -25.07
N ILE TA 44 7.71 65.80 -25.22
CA ILE TA 44 7.13 65.33 -26.48
C ILE TA 44 5.68 65.74 -26.56
N PHE TA 45 5.25 66.06 -27.77
CA PHE TA 45 3.85 66.37 -28.06
C PHE TA 45 3.57 65.93 -29.49
N ASN TA 46 2.91 64.80 -29.62
CA ASN TA 46 2.45 64.33 -30.91
C ASN TA 46 1.10 64.96 -31.23
N THR TA 47 1.00 65.58 -32.40
CA THR TA 47 -0.23 66.19 -32.84
C THR TA 47 -0.41 65.95 -34.34
N ARG TA 48 -1.36 66.68 -34.92
CA ARG TA 48 -1.79 66.49 -36.29
C ARG TA 48 -2.11 67.84 -36.90
N LEU TA 49 -1.50 68.13 -38.04
CA LEU TA 49 -1.66 69.38 -38.74
C LEU TA 49 -2.11 69.10 -40.16
N SER TA 50 -3.06 69.89 -40.63
CA SER TA 50 -3.69 69.69 -41.92
C SER TA 50 -3.64 70.96 -42.75
N ARG TA 51 -4.00 70.80 -44.02
CA ARG TA 51 -3.89 71.82 -45.05
C ARG TA 51 -4.62 71.30 -46.27
N THR TA 52 -5.34 72.18 -46.96
CA THR TA 52 -6.18 71.82 -48.09
C THR TA 52 -5.91 72.75 -49.25
N PHE TA 53 -5.85 72.17 -50.45
CA PHE TA 53 -5.59 72.94 -51.66
C PHE TA 53 -6.10 72.14 -52.85
N GLY TA 54 -6.12 72.81 -54.01
CA GLY TA 54 -6.66 72.24 -55.21
C GLY TA 54 -5.65 71.78 -56.23
N TYR TA 55 -6.08 70.86 -57.09
CA TYR TA 55 -5.30 70.36 -58.20
C TYR TA 55 -6.25 69.97 -59.31
N THR TA 56 -5.96 70.44 -60.53
CA THR TA 56 -6.80 70.20 -61.68
C THR TA 56 -5.96 69.62 -62.81
N ILE TA 57 -6.52 68.64 -63.49
CA ILE TA 57 -5.97 68.05 -64.69
C ILE TA 57 -6.83 68.56 -65.83
N LYS TA 58 -6.29 69.50 -66.60
CA LYS TA 58 -7.04 70.13 -67.68
C LYS TA 58 -7.33 69.13 -68.79
N ARG TA 59 -8.35 69.44 -69.57
CA ARG TA 59 -8.78 68.60 -70.67
C ARG TA 59 -7.79 68.64 -71.82
N THR TA 60 -7.85 67.61 -72.66
CA THR TA 60 -7.02 67.50 -73.85
C THR TA 60 -7.83 66.90 -74.98
N THR TA 61 -7.64 67.45 -76.19
CA THR TA 61 -8.22 66.89 -77.40
C THR TA 61 -7.46 65.66 -77.90
N VAL TA 62 -6.34 65.32 -77.29
CA VAL TA 62 -5.56 64.16 -77.71
C VAL TA 62 -6.40 62.90 -77.58
N LYS TA 63 -6.32 62.04 -78.59
CA LYS TA 63 -7.12 60.83 -78.62
C LYS TA 63 -6.48 59.70 -77.84
N THR TA 64 -5.16 59.61 -77.87
CA THR TA 64 -4.45 58.52 -77.24
C THR TA 64 -4.62 58.57 -75.73
N PRO TA 65 -4.29 57.46 -75.03
CA PRO TA 65 -4.18 57.54 -73.58
C PRO TA 65 -2.86 58.16 -73.18
N SER TA 66 -2.91 59.40 -72.71
CA SER TA 66 -1.76 60.10 -72.20
C SER TA 66 -1.97 60.41 -70.72
N TRP TA 67 -0.86 60.60 -70.02
CA TRP TA 67 -0.88 60.85 -68.59
C TRP TA 67 -0.24 62.20 -68.28
N ALA TA 68 -0.75 62.80 -67.21
CA ALA TA 68 -0.28 64.08 -66.70
C ALA TA 68 0.50 63.82 -65.43
N VAL TA 69 1.75 64.22 -65.43
CA VAL TA 69 2.67 63.95 -64.34
C VAL TA 69 2.87 65.22 -63.53
N ASP TA 70 2.95 65.06 -62.22
CA ASP TA 70 3.20 66.17 -61.33
C ASP TA 70 3.81 65.64 -60.04
N MET TA 71 4.33 66.56 -59.24
CA MET TA 71 5.05 66.26 -58.02
C MET TA 71 4.34 66.88 -56.83
N MET TA 72 4.77 66.47 -55.64
CA MET TA 72 4.17 66.93 -54.40
C MET TA 72 5.21 66.87 -53.30
N ARG TA 73 5.59 68.03 -52.78
CA ARG TA 73 6.46 68.18 -51.63
C ARG TA 73 5.65 68.62 -50.42
N PHE TA 74 6.27 68.54 -49.25
CA PHE TA 74 5.64 68.88 -47.99
C PHE TA 74 6.60 69.72 -47.17
N ASN TA 75 6.15 70.90 -46.76
CA ASN TA 75 6.90 71.77 -45.86
C ASN TA 75 6.02 72.16 -44.70
N ILE TA 76 6.65 72.37 -43.54
CA ILE TA 76 5.92 72.67 -42.32
C ILE TA 76 5.51 74.14 -42.22
N ASN TA 77 6.06 75.01 -43.06
CA ASN TA 77 5.61 76.39 -43.06
C ASN TA 77 4.18 76.51 -43.55
N ASP TA 78 3.76 75.62 -44.43
CA ASP TA 78 2.41 75.63 -44.97
C ASP TA 78 1.38 75.08 -44.00
N PHE TA 79 1.82 74.41 -42.93
CA PHE TA 79 0.93 73.87 -41.92
C PHE TA 79 0.99 74.63 -40.61
N LEU TA 80 2.14 75.20 -40.28
CA LEU TA 80 2.38 75.89 -39.03
C LEU TA 80 2.62 77.37 -39.29
N PRO TA 81 1.72 78.28 -38.92
CA PRO TA 81 1.95 79.67 -39.25
C PRO TA 81 2.98 80.29 -38.33
N PRO TA 82 3.41 81.51 -38.62
CA PRO TA 82 4.27 82.22 -37.67
C PRO TA 82 3.50 82.67 -36.45
N GLY TA 83 4.19 82.70 -35.33
CA GLY TA 83 3.57 83.08 -34.08
C GLY TA 83 3.51 84.57 -33.89
N GLY TA 84 3.75 85.00 -32.66
CA GLY TA 84 3.72 86.41 -32.35
C GLY TA 84 4.51 86.74 -31.10
N GLY TA 85 5.35 87.76 -31.19
CA GLY TA 85 6.16 88.19 -30.07
C GLY TA 85 7.45 87.42 -29.94
N SER TA 86 7.82 87.09 -28.71
CA SER TA 86 9.05 86.37 -28.46
C SER TA 86 8.99 84.93 -28.93
N ASN TA 87 7.79 84.41 -29.18
CA ASN TA 87 7.63 83.06 -29.72
C ASN TA 87 7.52 83.15 -31.23
N PRO TA 88 8.53 82.72 -32.00
CA PRO TA 88 8.48 82.93 -33.44
C PRO TA 88 7.44 82.09 -34.15
N ARG TA 89 7.02 80.97 -33.57
CA ARG TA 89 6.05 80.07 -34.16
C ARG TA 89 4.86 79.91 -33.24
N SER TA 90 3.77 79.41 -33.81
CA SER TA 90 2.50 79.32 -33.09
C SER TA 90 2.44 78.11 -32.18
N VAL TA 91 3.22 77.07 -32.47
CA VAL TA 91 3.36 75.91 -31.61
C VAL TA 91 4.68 76.07 -30.86
N PRO TA 92 4.68 76.31 -29.54
CA PRO TA 92 5.93 76.67 -28.88
C PRO TA 92 6.83 75.49 -28.56
N PHE TA 93 7.54 75.03 -29.58
CA PHE TA 93 8.51 73.96 -29.45
C PHE TA 93 9.71 74.28 -30.31
N GLU TA 94 10.83 73.62 -29.99
CA GLU TA 94 12.09 73.84 -30.65
C GLU TA 94 12.34 72.89 -31.81
N TYR TA 95 12.16 71.60 -31.58
CA TYR TA 95 12.51 70.56 -32.53
C TYR TA 95 11.25 69.89 -33.04
N TYR TA 96 11.39 69.22 -34.17
CA TYR TA 96 10.29 68.48 -34.75
C TYR TA 96 10.84 67.36 -35.62
N ARG TA 97 9.97 66.41 -35.92
CA ARG TA 97 10.25 65.39 -36.92
C ARG TA 97 8.94 64.82 -37.40
N ILE TA 98 8.77 64.78 -38.72
CA ILE TA 98 7.52 64.35 -39.31
C ILE TA 98 7.49 62.83 -39.33
N ARG TA 99 6.47 62.27 -38.71
CA ARG TA 99 6.31 60.83 -38.58
C ARG TA 99 5.60 60.22 -39.78
N LYS TA 100 4.48 60.81 -40.18
CA LYS TA 100 3.67 60.29 -41.26
C LYS TA 100 3.01 61.46 -41.98
N VAL TA 101 2.57 61.20 -43.20
CA VAL TA 101 1.74 62.11 -43.96
C VAL TA 101 0.62 61.31 -44.60
N LYS TA 102 -0.56 61.91 -44.65
CA LYS TA 102 -1.73 61.35 -45.30
C LYS TA 102 -2.18 62.33 -46.36
N VAL TA 103 -1.96 61.97 -47.61
CA VAL TA 103 -2.44 62.73 -48.74
C VAL TA 103 -3.76 62.12 -49.20
N GLU TA 104 -4.79 62.95 -49.25
CA GLU TA 104 -6.14 62.53 -49.62
C GLU TA 104 -6.55 63.32 -50.84
N PHE TA 105 -6.81 62.62 -51.94
CA PHE TA 105 -7.37 63.21 -53.15
C PHE TA 105 -8.89 63.08 -53.04
N TRP TA 106 -9.52 64.15 -52.62
CA TRP TA 106 -10.97 64.20 -52.55
C TRP TA 106 -11.51 64.69 -53.88
N PRO TA 107 -12.31 63.90 -54.60
CA PRO TA 107 -12.74 64.33 -55.92
C PRO TA 107 -13.72 65.49 -55.86
N CYS TA 108 -13.75 66.21 -56.97
CA CYS TA 108 -14.68 67.30 -57.19
C CYS TA 108 -15.68 67.02 -58.30
N SER TA 109 -15.61 65.85 -58.90
CA SER TA 109 -16.33 65.52 -60.11
C SER TA 109 -17.48 64.59 -59.80
N PRO TA 110 -18.58 64.67 -60.56
CA PRO TA 110 -19.72 63.81 -60.27
C PRO TA 110 -19.47 62.37 -60.64
N ILE TA 111 -20.27 61.49 -60.06
CA ILE TA 111 -20.17 60.07 -60.36
C ILE TA 111 -20.72 59.71 -61.73
N THR TA 112 -21.34 60.65 -62.42
CA THR TA 112 -21.82 60.43 -63.78
C THR TA 112 -20.81 60.81 -64.85
N GLN TA 113 -19.62 61.28 -64.46
CA GLN TA 113 -18.66 61.74 -65.43
C GLN TA 113 -18.03 60.54 -66.13
N GLY TA 114 -17.94 60.63 -67.45
CA GLY TA 114 -17.37 59.58 -68.26
C GLY TA 114 -15.93 59.84 -68.63
N ASP TA 115 -15.46 59.10 -69.63
CA ASP TA 115 -14.07 59.14 -70.06
C ASP TA 115 -13.15 58.85 -68.89
N ARG TA 116 -13.52 57.85 -68.11
CA ARG TA 116 -12.76 57.47 -66.93
C ARG TA 116 -11.38 56.97 -67.33
N GLY TA 117 -10.51 56.87 -66.32
CA GLY TA 117 -9.14 56.54 -66.54
C GLY TA 117 -8.50 55.83 -65.38
N VAL TA 118 -7.21 55.60 -65.47
CA VAL TA 118 -6.49 54.86 -64.44
C VAL TA 118 -5.07 55.40 -64.37
N GLY TA 119 -4.65 55.76 -63.16
CA GLY TA 119 -3.36 56.36 -62.92
C GLY TA 119 -2.58 55.68 -61.84
N SER TA 120 -1.58 56.36 -61.31
CA SER TA 120 -0.67 55.77 -60.35
C SER TA 120 -0.08 56.85 -59.47
N SER TA 121 0.06 56.54 -58.19
CA SER TA 121 0.74 57.38 -57.21
C SER TA 121 1.86 56.59 -56.57
N ALA TA 122 3.05 57.17 -56.55
CA ALA TA 122 4.23 56.52 -56.02
C ALA TA 122 4.91 57.44 -55.00
N VAL TA 123 5.75 56.82 -54.19
CA VAL TA 123 6.43 57.49 -53.08
C VAL TA 123 7.88 57.71 -53.49
N ILE TA 124 8.30 58.97 -53.51
CA ILE TA 124 9.58 59.41 -54.05
C ILE TA 124 10.29 60.21 -52.96
N LEU TA 125 11.22 59.56 -52.26
CA LEU TA 125 11.81 60.12 -51.06
C LEU TA 125 13.14 60.83 -51.30
N ASP TA 126 13.36 61.40 -52.50
CA ASP TA 126 14.69 61.90 -52.84
C ASP TA 126 14.73 63.18 -53.68
N ASP TA 127 13.60 63.78 -53.99
CA ASP TA 127 13.58 65.08 -54.67
C ASP TA 127 14.07 64.99 -56.11
N ASN TA 128 13.92 63.82 -56.73
CA ASN TA 128 14.17 63.65 -58.16
C ASN TA 128 12.95 62.91 -58.68
N PHE TA 129 11.97 63.70 -59.11
CA PHE TA 129 10.73 63.22 -59.66
C PHE TA 129 10.86 63.05 -61.17
N VAL TA 130 9.93 62.28 -61.74
CA VAL TA 130 9.75 62.31 -63.18
C VAL TA 130 9.36 63.72 -63.58
N THR TA 131 9.88 64.17 -64.70
CA THR TA 131 9.66 65.53 -65.15
C THR TA 131 8.17 65.80 -65.33
N LYS TA 132 7.75 66.99 -64.93
CA LYS TA 132 6.36 67.38 -65.08
C LYS TA 132 5.98 67.40 -66.56
N ALA TA 133 4.88 66.73 -66.87
CA ALA TA 133 4.42 66.56 -68.24
C ALA TA 133 2.91 66.77 -68.28
N THR TA 134 2.46 67.28 -69.43
CA THR TA 134 1.04 67.51 -69.66
C THR TA 134 0.37 66.29 -70.27
N ALA TA 135 0.95 65.73 -71.33
CA ALA TA 135 0.42 64.54 -71.99
C ALA TA 135 1.60 63.65 -72.36
N LEU TA 136 1.97 62.78 -71.44
CA LEU TA 136 3.00 61.78 -71.65
C LEU TA 136 2.37 60.48 -72.10
N THR TA 137 3.04 59.78 -73.02
CA THR TA 137 2.49 58.61 -73.68
C THR TA 137 2.49 57.36 -72.83
N TYR TA 138 2.82 57.45 -71.55
CA TYR TA 138 2.84 56.28 -70.69
C TYR TA 138 2.76 56.75 -69.25
N ASP TA 139 2.49 55.80 -68.36
CA ASP TA 139 2.45 56.04 -66.92
C ASP TA 139 3.81 55.72 -66.33
N PRO TA 140 4.62 56.70 -65.96
CA PRO TA 140 5.96 56.35 -65.47
C PRO TA 140 5.95 55.66 -64.12
N TYR TA 141 5.00 55.99 -63.27
CA TYR TA 141 4.95 55.47 -61.92
C TYR TA 141 4.23 54.14 -61.80
N VAL TA 142 4.03 53.44 -62.93
CA VAL TA 142 3.21 52.25 -62.91
C VAL TA 142 3.99 51.05 -62.39
N ASN TA 143 5.25 50.93 -62.76
CA ASN TA 143 6.07 49.80 -62.35
C ASN TA 143 6.80 50.04 -61.04
N TYR TA 144 6.55 51.17 -60.39
CA TYR TA 144 7.17 51.43 -59.11
C TYR TA 144 6.63 50.51 -58.04
N SER TA 145 7.51 50.09 -57.13
CA SER TA 145 7.13 49.21 -56.05
C SER TA 145 6.13 49.84 -55.10
N SER TA 146 6.08 51.17 -55.05
CA SER TA 146 5.15 51.89 -54.20
C SER TA 146 3.95 52.43 -54.96
N ARG TA 147 3.63 51.84 -56.10
CA ARG TA 147 2.52 52.31 -56.90
C ARG TA 147 1.21 51.84 -56.31
N HIS TA 148 0.28 52.76 -56.18
CA HIS TA 148 -1.11 52.48 -55.92
C HIS TA 148 -1.91 53.00 -57.10
N THR TA 149 -2.89 52.25 -57.52
CA THR TA 149 -3.73 52.65 -58.64
C THR TA 149 -4.66 53.78 -58.24
N ILE TA 150 -4.75 54.77 -59.11
CA ILE TA 150 -5.70 55.87 -58.98
C ILE TA 150 -6.80 55.60 -59.98
N THR TA 151 -7.97 55.26 -59.47
CA THR TA 151 -9.19 55.30 -60.27
C THR TA 151 -9.64 56.74 -60.40
N GLN TA 152 -10.02 57.13 -61.59
CA GLN TA 152 -10.39 58.48 -61.93
C GLN TA 152 -11.79 58.49 -62.53
N PRO TA 153 -12.49 59.63 -62.48
CA PRO TA 153 -12.23 60.91 -61.84
C PRO TA 153 -12.91 61.10 -60.48
N PHE TA 154 -13.87 60.26 -60.18
CA PHE TA 154 -14.78 60.46 -59.05
C PHE TA 154 -14.50 59.54 -57.88
N SER TA 155 -13.24 59.14 -57.72
CA SER TA 155 -12.87 58.16 -56.72
C SER TA 155 -11.82 58.73 -55.80
N TYR TA 156 -11.91 58.34 -54.53
CA TYR TA 156 -11.04 58.79 -53.48
C TYR TA 156 -9.75 57.97 -53.47
N HIS TA 157 -8.64 58.65 -53.25
CA HIS TA 157 -7.32 58.05 -53.21
C HIS TA 157 -6.57 58.60 -52.02
N SER TA 158 -6.12 57.70 -51.14
CA SER TA 158 -5.32 58.04 -49.99
C SER TA 158 -3.96 57.38 -50.08
N ARG TA 159 -2.96 58.05 -49.53
CA ARG TA 159 -1.61 57.51 -49.41
C ARG TA 159 -1.10 57.91 -48.03
N TYR TA 160 -0.63 56.92 -47.28
CA TYR TA 160 -0.16 57.10 -45.91
C TYR TA 160 1.23 56.54 -45.81
N PHE TA 161 2.21 57.40 -45.56
CA PHE TA 161 3.60 57.03 -45.64
C PHE TA 161 4.41 57.96 -44.75
N THR TA 162 5.69 57.65 -44.66
CA THR TA 162 6.65 58.39 -43.85
C THR TA 162 7.58 59.18 -44.76
N PRO TA 163 7.51 60.50 -44.80
CA PRO TA 163 8.39 61.24 -45.70
C PRO TA 163 9.80 61.33 -45.17
N LYS TA 164 10.67 61.96 -45.95
CA LYS TA 164 12.07 62.12 -45.60
C LYS TA 164 12.48 63.55 -45.94
N PRO TA 165 13.35 64.17 -45.14
CA PRO TA 165 13.78 65.52 -45.45
C PRO TA 165 14.90 65.58 -46.46
N VAL TA 166 15.00 66.74 -47.10
CA VAL TA 166 16.01 67.00 -48.12
C VAL TA 166 17.19 67.63 -47.40
N LEU TA 167 18.09 66.78 -46.92
CA LEU TA 167 19.28 67.23 -46.22
C LEU TA 167 20.37 67.66 -47.20
N ASP TA 168 20.60 66.87 -48.24
CA ASP TA 168 21.54 67.21 -49.30
C ASP TA 168 20.93 66.79 -50.61
N SER TA 169 20.53 67.77 -51.41
CA SER TA 169 19.94 67.49 -52.72
C SER TA 169 20.96 66.98 -53.72
N THR TA 170 22.25 67.19 -53.47
CA THR TA 170 23.28 66.72 -54.38
C THR TA 170 23.48 65.21 -54.27
N ILE TA 171 23.43 64.68 -53.06
CA ILE TA 171 23.69 63.27 -52.79
C ILE TA 171 22.36 62.54 -52.61
N ASP TA 172 21.39 63.23 -52.03
CA ASP TA 172 20.04 62.70 -51.85
C ASP TA 172 20.06 61.42 -51.01
N TYR TA 173 20.48 61.57 -49.76
CA TYR TA 173 20.51 60.47 -48.81
C TYR TA 173 19.37 60.61 -47.81
N PHE TA 174 18.86 59.46 -47.36
CA PHE TA 174 17.78 59.45 -46.40
C PHE TA 174 17.89 58.21 -45.53
N GLN TA 175 17.21 58.24 -44.47
CA GLN TA 175 17.19 57.20 -43.46
C GLN TA 175 16.09 56.19 -43.72
N PRO TA 176 16.27 54.94 -43.36
CA PRO TA 176 15.12 54.02 -43.35
C PRO TA 176 14.19 54.30 -42.20
N ASN TA 177 13.06 53.61 -42.19
CA ASN TA 177 12.02 53.87 -41.22
C ASN TA 177 12.43 53.30 -39.87
N ASN TA 178 12.59 54.18 -38.88
CA ASN TA 178 12.91 53.77 -37.53
C ASN TA 178 12.42 54.88 -36.63
N LYS TA 179 11.41 54.57 -35.81
CA LYS TA 179 10.85 55.61 -34.97
C LYS TA 179 11.84 56.08 -33.91
N ARG TA 180 12.74 55.21 -33.49
CA ARG TA 180 13.65 55.53 -32.40
C ARG TA 180 14.86 56.32 -32.87
N ASN TA 181 15.25 56.16 -34.14
CA ASN TA 181 16.45 56.75 -34.69
C ASN TA 181 16.18 57.89 -35.64
N GLN TA 182 14.93 58.28 -35.83
CA GLN TA 182 14.61 59.36 -36.76
C GLN TA 182 15.18 60.67 -36.27
N LEU TA 183 15.79 61.41 -37.18
CA LEU TA 183 16.42 62.66 -36.85
C LEU TA 183 15.42 63.69 -36.39
N TRP TA 184 15.84 64.51 -35.44
CA TRP TA 184 15.12 65.70 -35.04
C TRP TA 184 15.66 66.88 -35.81
N LEU TA 185 14.78 67.59 -36.49
CA LEU TA 185 15.10 68.85 -37.14
C LEU TA 185 14.70 69.99 -36.22
N ARG TA 186 15.20 71.17 -36.55
CA ARG TA 186 14.82 72.38 -35.86
C ARG TA 186 13.65 73.04 -36.55
N LEU TA 187 12.72 73.52 -35.75
CA LEU TA 187 11.59 74.30 -36.22
C LEU TA 187 12.09 75.72 -36.42
N GLN TA 188 12.52 76.01 -37.64
CA GLN TA 188 13.04 77.32 -37.98
C GLN TA 188 11.92 78.34 -37.98
N THR TA 189 12.30 79.60 -38.14
CA THR TA 189 11.34 80.69 -38.13
C THR TA 189 10.65 80.84 -39.48
N ALA TA 190 11.43 80.96 -40.58
CA ALA TA 190 10.86 81.08 -41.91
C ALA TA 190 11.64 80.33 -42.98
N GLY TA 191 12.38 79.29 -42.61
CA GLY TA 191 13.27 78.62 -43.54
C GLY TA 191 13.34 77.12 -43.41
N ASN TA 192 12.23 76.49 -43.04
CA ASN TA 192 12.23 75.06 -42.82
C ASN TA 192 12.48 74.30 -44.12
N VAL TA 193 12.95 73.07 -43.96
CA VAL TA 193 13.40 72.24 -45.08
C VAL TA 193 12.22 71.48 -45.64
N ASP TA 194 12.26 71.25 -46.95
CA ASP TA 194 11.18 70.59 -47.64
C ASP TA 194 11.26 69.09 -47.45
N HIS TA 195 10.16 68.49 -47.03
CA HIS TA 195 10.01 67.05 -47.04
C HIS TA 195 9.36 66.62 -48.35
N VAL TA 196 9.61 65.37 -48.70
CA VAL TA 196 9.33 64.87 -50.04
C VAL TA 196 8.81 63.44 -49.91
N GLY TA 197 8.19 62.95 -50.99
CA GLY TA 197 7.57 61.65 -50.90
C GLY TA 197 6.33 61.33 -51.69
N LEU TA 198 5.88 62.14 -52.64
CA LEU TA 198 4.79 61.69 -53.49
C LEU TA 198 4.88 62.26 -54.90
N GLY TA 199 4.69 61.37 -55.86
CA GLY TA 199 4.54 61.75 -57.24
C GLY TA 199 3.38 61.00 -57.85
N THR TA 200 2.72 61.66 -58.80
CA THR TA 200 1.45 61.19 -59.34
C THR TA 200 1.49 61.16 -60.86
N ALA TA 201 0.57 60.39 -61.42
CA ALA TA 201 0.35 60.35 -62.86
C ALA TA 201 -1.14 60.14 -63.09
N PHE TA 202 -1.81 61.16 -63.62
CA PHE TA 202 -3.22 61.12 -63.89
C PHE TA 202 -3.46 61.02 -65.39
N GLU TA 203 -4.39 60.15 -65.76
CA GLU TA 203 -4.75 59.97 -67.15
C GLU TA 203 -5.67 61.10 -67.58
N ASN TA 204 -5.31 61.75 -68.68
CA ASN TA 204 -6.05 62.89 -69.16
C ASN TA 204 -7.41 62.46 -69.71
N SER TA 205 -8.27 63.45 -69.92
CA SER TA 205 -9.65 63.21 -70.30
C SER TA 205 -10.17 64.40 -71.10
N ILE TA 206 -11.33 64.19 -71.73
CA ILE TA 206 -11.98 65.26 -72.46
C ILE TA 206 -12.52 66.32 -71.50
N TYR TA 207 -12.87 65.92 -70.29
CA TYR TA 207 -13.39 66.81 -69.29
C TYR TA 207 -12.32 67.15 -68.26
N ASP TA 208 -12.49 68.28 -67.61
CA ASP TA 208 -11.56 68.70 -66.57
C ASP TA 208 -11.79 67.87 -65.31
N GLN TA 209 -10.70 67.40 -64.72
CA GLN TA 209 -10.71 66.59 -63.51
C GLN TA 209 -10.13 67.42 -62.38
N GLU TA 210 -10.99 67.86 -61.46
CA GLU TA 210 -10.58 68.66 -60.32
C GLU TA 210 -10.54 67.82 -59.06
N TYR TA 211 -9.66 68.20 -58.15
CA TYR TA 211 -9.48 67.53 -56.88
C TYR TA 211 -9.21 68.56 -55.79
N ASN TA 212 -9.68 68.27 -54.59
CA ASN TA 212 -9.34 69.01 -53.38
C ASN TA 212 -8.42 68.12 -52.56
N ILE TA 213 -7.15 68.49 -52.47
CA ILE TA 213 -6.15 67.66 -51.85
C ILE TA 213 -5.95 68.14 -50.42
N ARG TA 214 -6.13 67.23 -49.47
CA ARG TA 214 -5.98 67.49 -48.05
C ARG TA 214 -4.78 66.69 -47.55
N VAL TA 215 -3.72 67.40 -47.19
CA VAL TA 215 -2.52 66.80 -46.63
C VAL TA 215 -2.59 66.95 -45.13
N THR TA 216 -2.35 65.87 -44.42
CA THR TA 216 -2.32 65.82 -42.98
C THR TA 216 -0.97 65.28 -42.55
N MET TA 217 -0.21 66.08 -41.81
CA MET TA 217 1.08 65.67 -41.29
C MET TA 217 0.98 65.36 -39.81
N TYR TA 218 1.46 64.18 -39.44
CA TYR TA 218 1.52 63.74 -38.06
C TYR TA 218 2.92 63.98 -37.54
N VAL TA 219 3.08 64.99 -36.70
CA VAL TA 219 4.38 65.50 -36.30
C VAL TA 219 4.60 65.18 -34.83
N GLN TA 220 5.84 65.36 -34.40
CA GLN TA 220 6.27 65.08 -33.04
C GLN TA 220 7.26 66.17 -32.68
N PHE TA 221 6.91 67.00 -31.72
CA PHE TA 221 7.73 68.10 -31.27
C PHE TA 221 8.49 67.74 -29.99
N ARG TA 222 9.38 68.63 -29.60
CA ARG TA 222 10.24 68.41 -28.44
C ARG TA 222 10.69 69.75 -27.90
N GLU TA 223 10.91 69.78 -26.59
CA GLU TA 223 11.49 70.92 -25.88
C GLU TA 223 10.60 72.17 -26.00
N PHE TA 224 9.48 72.09 -25.33
CA PHE TA 224 8.62 73.23 -25.03
C PHE TA 224 9.44 74.43 -24.60
N ASN TA 225 9.31 75.53 -25.35
CA ASN TA 225 10.19 76.68 -25.19
C ASN TA 225 9.42 77.98 -25.16
N LEU TA 226 8.32 78.00 -24.43
CA LEU TA 226 7.51 79.20 -24.34
C LEU TA 226 8.29 80.28 -23.61
N LYS TA 227 8.12 81.53 -24.06
CA LYS TA 227 8.75 82.69 -23.47
C LYS TA 227 7.67 83.63 -22.99
N ASP TA 228 7.76 84.04 -21.73
CA ASP TA 228 6.73 84.83 -21.05
C ASP TA 228 7.35 86.10 -20.50
N PRO TA 229 7.47 87.13 -21.34
CA PRO TA 229 7.90 88.43 -20.83
C PRO TA 229 6.80 89.11 -20.05
N PRO TA 230 7.12 90.15 -19.29
CA PRO TA 230 6.05 90.91 -18.62
C PRO TA 230 5.20 91.70 -19.60
N LEU TA 231 4.23 92.43 -19.06
CA LEU TA 231 3.30 93.21 -19.88
C LEU TA 231 2.99 94.56 -19.23
N GLY UA 43 20.62 33.12 -60.47
CA GLY UA 43 20.33 34.46 -59.99
C GLY UA 43 18.92 34.89 -60.28
N ILE UA 44 18.00 34.46 -59.44
CA ILE UA 44 16.59 34.66 -59.68
C ILE UA 44 16.19 36.07 -59.30
N PHE UA 45 15.26 36.63 -60.06
CA PHE UA 45 14.69 37.94 -59.76
C PHE UA 45 13.25 37.93 -60.27
N ASN UA 46 12.30 37.78 -59.36
CA ASN UA 46 10.90 37.88 -59.69
C ASN UA 46 10.49 39.34 -59.63
N THR UA 47 9.88 39.83 -60.71
CA THR UA 47 9.38 41.19 -60.77
C THR UA 47 8.04 41.21 -61.50
N ARG UA 48 7.62 42.42 -61.86
CA ARG UA 48 6.31 42.69 -62.41
C ARG UA 48 6.43 43.77 -63.47
N LEU UA 49 5.93 43.48 -64.66
CA LEU UA 49 5.98 44.39 -65.80
C LEU UA 49 4.58 44.61 -66.31
N SER UA 50 4.27 45.86 -66.64
CA SER UA 50 2.93 46.27 -67.05
C SER UA 50 2.98 47.01 -68.37
N ARG UA 51 1.78 47.22 -68.91
CA ARG UA 51 1.57 47.79 -70.23
C ARG UA 51 0.09 48.07 -70.35
N THR UA 52 -0.24 49.19 -70.99
CA THR UA 52 -1.62 49.66 -71.09
C THR UA 52 -1.93 50.04 -72.52
N PHE UA 53 -3.12 49.67 -72.96
CA PHE UA 53 -3.56 49.96 -74.33
C PHE UA 53 -5.07 49.90 -74.37
N GLY UA 54 -5.62 50.35 -75.49
CA GLY UA 54 -7.05 50.47 -75.67
C GLY UA 54 -7.70 49.41 -76.52
N TYR UA 55 -9.00 49.21 -76.32
CA TYR UA 55 -9.82 48.31 -77.10
C TYR UA 55 -11.22 48.86 -77.13
N THR UA 56 -11.80 48.94 -78.32
CA THR UA 56 -13.14 49.47 -78.52
C THR UA 56 -13.99 48.48 -79.30
N ILE UA 57 -15.23 48.35 -78.86
CA ILE UA 57 -16.25 47.59 -79.55
C ILE UA 57 -17.19 48.61 -80.18
N LYS UA 58 -17.08 48.78 -81.49
CA LYS UA 58 -17.87 49.77 -82.19
C LYS UA 58 -19.34 49.41 -82.16
N ARG UA 59 -20.17 50.44 -82.38
CA ARG UA 59 -21.62 50.29 -82.36
C ARG UA 59 -22.10 49.55 -83.59
N THR UA 60 -23.31 49.00 -83.48
CA THR UA 60 -23.97 48.29 -84.58
C THR UA 60 -25.46 48.60 -84.55
N THR UA 61 -26.02 48.81 -85.74
CA THR UA 61 -27.46 48.95 -85.90
C THR UA 61 -28.20 47.63 -85.84
N VAL UA 62 -27.48 46.51 -85.79
CA VAL UA 62 -28.12 45.20 -85.72
C VAL UA 62 -28.99 45.10 -84.48
N LYS UA 63 -30.18 44.54 -84.65
CA LYS UA 63 -31.14 44.44 -83.56
C LYS UA 63 -30.88 43.23 -82.68
N THR UA 64 -30.47 42.12 -83.28
CA THR UA 64 -30.27 40.89 -82.56
C THR UA 64 -29.16 41.02 -81.54
N PRO UA 65 -29.07 40.08 -80.59
CA PRO UA 65 -27.87 40.00 -79.75
C PRO UA 65 -26.76 39.32 -80.50
N SER UA 66 -25.77 40.10 -80.93
CA SER UA 66 -24.58 39.60 -81.57
C SER UA 66 -23.36 39.92 -80.71
N TRP UA 67 -22.31 39.13 -80.90
CA TRP UA 67 -21.09 39.27 -80.13
C TRP UA 67 -19.91 39.58 -81.05
N ALA UA 68 -18.97 40.32 -80.49
CA ALA UA 68 -17.74 40.70 -81.15
C ALA UA 68 -16.59 39.90 -80.56
N VAL UA 69 -15.93 39.14 -81.39
CA VAL UA 69 -14.88 38.23 -80.97
C VAL UA 69 -13.53 38.82 -81.31
N ASP UA 70 -12.57 38.63 -80.42
CA ASP UA 70 -11.21 39.08 -80.63
C ASP UA 70 -10.28 38.24 -79.78
N MET UA 71 -8.99 38.37 -80.08
CA MET UA 71 -7.94 37.59 -79.46
C MET UA 71 -6.97 38.50 -78.72
N MET UA 72 -6.11 37.89 -77.93
CA MET UA 72 -5.14 38.62 -77.12
C MET UA 72 -3.92 37.73 -76.86
N ARG UA 73 -2.79 38.12 -77.42
CA ARG UA 73 -1.50 37.48 -77.19
C ARG UA 73 -0.65 38.37 -76.30
N PHE UA 74 0.43 37.80 -75.79
CA PHE UA 74 1.35 38.48 -74.88
C PHE UA 74 2.78 38.21 -75.32
N ASN UA 75 3.54 39.26 -75.56
CA ASN UA 75 4.95 39.18 -75.87
C ASN UA 75 5.72 40.10 -74.94
N ILE UA 76 6.95 39.70 -74.63
CA ILE UA 76 7.78 40.43 -73.68
C ILE UA 76 8.45 41.64 -74.30
N ASN UA 77 8.48 41.75 -75.63
CA ASN UA 77 9.02 42.94 -76.24
C ASN UA 77 8.18 44.17 -75.94
N ASP UA 78 6.88 43.97 -75.77
CA ASP UA 78 5.97 45.07 -75.49
C ASP UA 78 6.04 45.53 -74.05
N PHE UA 79 6.67 44.76 -73.16
CA PHE UA 79 6.84 45.12 -71.76
C PHE UA 79 8.27 45.50 -71.41
N LEU UA 80 9.24 44.91 -72.09
CA LEU UA 80 10.66 45.13 -71.82
C LEU UA 80 11.31 45.83 -72.99
N PRO UA 81 11.73 47.09 -72.89
CA PRO UA 81 12.29 47.76 -74.03
C PRO UA 81 13.71 47.30 -74.31
N PRO UA 82 14.28 47.70 -75.43
CA PRO UA 82 15.69 47.42 -75.67
C PRO UA 82 16.57 48.28 -74.79
N GLY UA 83 17.72 47.72 -74.42
CA GLY UA 83 18.63 48.42 -73.55
C GLY UA 83 19.54 49.37 -74.30
N GLY UA 84 20.80 49.41 -73.89
CA GLY UA 84 21.76 50.28 -74.52
C GLY UA 84 23.17 49.81 -74.30
N GLY UA 85 23.95 49.77 -75.38
CA GLY UA 85 25.34 49.36 -75.29
C GLY UA 85 25.51 47.86 -75.37
N SER UA 86 26.44 47.35 -74.55
CA SER UA 86 26.72 45.92 -74.55
C SER UA 86 25.58 45.11 -73.94
N ASN UA 87 24.67 45.75 -73.22
CA ASN UA 87 23.50 45.08 -72.69
C ASN UA 87 22.34 45.25 -73.66
N PRO UA 88 21.90 44.20 -74.36
CA PRO UA 88 20.89 44.41 -75.39
C PRO UA 88 19.52 44.74 -74.85
N ARG UA 89 19.23 44.38 -73.60
CA ARG UA 89 17.94 44.62 -72.97
C ARG UA 89 18.12 45.45 -71.71
N SER UA 90 17.00 46.03 -71.26
CA SER UA 90 17.04 46.97 -70.15
C SER UA 90 17.09 46.26 -68.81
N VAL UA 91 16.62 45.03 -68.74
CA VAL UA 91 16.73 44.18 -67.54
C VAL UA 91 17.88 43.21 -67.79
N PRO UA 92 19.01 43.33 -67.10
CA PRO UA 92 20.18 42.55 -67.49
C PRO UA 92 20.16 41.10 -67.00
N PHE UA 93 19.39 40.29 -67.71
CA PHE UA 93 19.29 38.86 -67.44
C PHE UA 93 19.26 38.12 -68.76
N GLU UA 94 19.57 36.83 -68.69
CA GLU UA 94 19.66 35.96 -69.85
C GLU UA 94 18.36 35.23 -70.14
N TYR UA 95 17.81 34.57 -69.13
CA TYR UA 95 16.67 33.69 -69.28
C TYR UA 95 15.45 34.30 -68.60
N TYR UA 96 14.28 33.80 -68.99
CA TYR UA 96 13.04 34.24 -68.39
C TYR UA 96 12.00 33.15 -68.54
N ARG UA 97 10.95 33.28 -67.74
CA ARG UA 97 9.77 32.44 -67.89
C ARG UA 97 8.61 33.17 -67.24
N ILE UA 98 7.51 33.31 -67.97
CA ILE UA 98 6.37 34.06 -67.50
C ILE UA 98 5.55 33.15 -66.58
N ARG UA 99 5.35 33.62 -65.35
CA ARG UA 99 4.64 32.86 -64.33
C ARG UA 99 3.14 33.08 -64.39
N LYS UA 100 2.72 34.34 -64.48
CA LYS UA 100 1.32 34.70 -64.46
C LYS UA 100 1.13 35.95 -65.31
N VAL UA 101 -0.12 36.17 -65.73
CA VAL UA 101 -0.54 37.40 -66.37
C VAL UA 101 -1.86 37.81 -65.76
N LYS UA 102 -2.03 39.12 -65.59
CA LYS UA 102 -3.26 39.73 -65.11
C LYS UA 102 -3.73 40.70 -66.17
N VAL UA 103 -4.79 40.34 -66.85
CA VAL UA 103 -5.46 41.21 -67.81
C VAL UA 103 -6.60 41.90 -67.11
N GLU UA 104 -6.60 43.23 -67.15
CA GLU UA 104 -7.61 44.05 -66.49
C GLU UA 104 -8.29 44.88 -67.56
N PHE UA 105 -9.60 44.69 -67.71
CA PHE UA 105 -10.43 45.52 -68.56
C PHE UA 105 -10.98 46.64 -67.70
N TRP UA 106 -10.34 47.78 -67.78
CA TRP UA 106 -10.80 48.96 -67.07
C TRP UA 106 -11.77 49.72 -67.96
N PRO UA 107 -13.03 49.89 -67.56
CA PRO UA 107 -13.99 50.53 -68.46
C PRO UA 107 -13.71 52.00 -68.66
N CYS UA 108 -14.19 52.50 -69.78
CA CYS UA 108 -14.14 53.90 -70.14
C CYS UA 108 -15.51 54.54 -70.21
N SER UA 109 -16.56 53.80 -69.92
CA SER UA 109 -17.92 54.19 -70.15
C SER UA 109 -18.61 54.55 -68.84
N PRO UA 110 -19.56 55.47 -68.85
CA PRO UA 110 -20.21 55.86 -67.61
C PRO UA 110 -21.15 54.79 -67.10
N ILE UA 111 -21.46 54.89 -65.80
CA ILE UA 111 -22.39 53.95 -65.20
C ILE UA 111 -23.83 54.20 -65.59
N THR UA 112 -24.11 55.27 -66.31
CA THR UA 112 -25.44 55.57 -66.81
C THR UA 112 -25.68 55.02 -68.21
N GLN UA 113 -24.71 54.35 -68.81
CA GLN UA 113 -24.86 53.87 -70.17
C GLN UA 113 -25.77 52.67 -70.20
N GLY UA 114 -26.71 52.68 -71.14
CA GLY UA 114 -27.67 51.61 -71.30
C GLY UA 114 -27.27 50.63 -72.38
N ASP UA 115 -28.25 49.83 -72.79
CA ASP UA 115 -28.04 48.76 -73.76
C ASP UA 115 -26.94 47.81 -73.26
N ARG UA 116 -27.00 47.49 -71.98
CA ARG UA 116 -26.02 46.64 -71.37
C ARG UA 116 -26.06 45.24 -71.97
N GLY UA 117 -25.02 44.47 -71.68
CA GLY UA 117 -24.84 43.18 -72.28
C GLY UA 117 -24.08 42.22 -71.40
N VAL UA 118 -23.78 41.04 -71.95
CA VAL UA 118 -23.11 40.00 -71.19
C VAL UA 118 -22.24 39.21 -72.16
N GLY UA 119 -20.97 39.06 -71.79
CA GLY UA 119 -19.99 38.39 -72.62
C GLY UA 119 -19.23 37.33 -71.87
N SER UA 120 -18.09 36.94 -72.43
CA SER UA 120 -17.32 35.84 -71.89
C SER UA 120 -15.86 36.00 -72.26
N SER UA 121 -14.99 35.67 -71.32
CA SER UA 121 -13.55 35.62 -71.53
C SER UA 121 -13.05 34.24 -71.17
N ALA UA 122 -12.28 33.64 -72.08
CA ALA UA 122 -11.76 32.30 -71.91
C ALA UA 122 -10.26 32.29 -72.14
N VAL UA 123 -9.64 31.24 -71.63
CA VAL UA 123 -8.19 31.06 -71.66
C VAL UA 123 -7.84 30.06 -72.74
N ILE UA 124 -7.04 30.49 -73.71
CA ILE UA 124 -6.75 29.74 -74.93
C ILE UA 124 -5.25 29.64 -75.06
N LEU UA 125 -4.69 28.51 -74.67
CA LEU UA 125 -3.26 28.34 -74.51
C LEU UA 125 -2.57 27.73 -75.73
N ASP UA 126 -3.11 27.91 -76.95
CA ASP UA 126 -2.62 27.17 -78.10
C ASP UA 126 -2.59 27.92 -79.43
N ASP UA 127 -2.93 29.19 -79.46
CA ASP UA 127 -2.78 30.01 -80.66
C ASP UA 127 -3.76 29.60 -81.76
N ASN UA 128 -4.89 29.02 -81.39
CA ASN UA 128 -5.99 28.76 -82.31
C ASN UA 128 -7.23 29.30 -81.63
N PHE UA 129 -7.52 30.55 -81.91
CA PHE UA 129 -8.66 31.27 -81.38
C PHE UA 129 -9.85 31.10 -82.31
N VAL UA 130 -11.03 31.38 -81.77
CA VAL UA 130 -12.19 31.58 -82.61
C VAL UA 130 -11.91 32.75 -83.52
N THR UA 131 -12.35 32.63 -84.76
CA THR UA 131 -12.06 33.65 -85.77
C THR UA 131 -12.62 34.99 -85.33
N LYS UA 132 -11.86 36.04 -85.61
CA LYS UA 132 -12.29 37.39 -85.26
C LYS UA 132 -13.55 37.74 -86.04
N ALA UA 133 -14.55 38.20 -85.31
CA ALA UA 133 -15.86 38.50 -85.87
C ALA UA 133 -16.35 39.83 -85.31
N THR UA 134 -17.14 40.53 -86.13
CA THR UA 134 -17.72 41.80 -85.74
C THR UA 134 -19.07 41.61 -85.07
N ALA UA 135 -19.96 40.82 -85.70
CA ALA UA 135 -21.29 40.55 -85.15
C ALA UA 135 -21.60 39.08 -85.41
N LEU UA 136 -21.20 38.23 -84.46
CA LEU UA 136 -21.51 36.81 -84.51
C LEU UA 136 -22.77 36.53 -83.70
N THR UA 137 -23.57 35.60 -84.19
CA THR UA 137 -24.90 35.34 -83.65
C THR UA 137 -24.90 34.57 -82.34
N TYR UA 138 -23.74 34.34 -81.73
CA TYR UA 138 -23.67 33.59 -80.49
C TYR UA 138 -22.36 33.91 -79.81
N ASP UA 139 -22.27 33.52 -78.54
CA ASP UA 139 -21.06 33.67 -77.76
C ASP UA 139 -20.27 32.37 -77.83
N PRO UA 140 -19.16 32.31 -78.55
CA PRO UA 140 -18.47 31.03 -78.68
C PRO UA 140 -17.79 30.59 -77.40
N TYR UA 141 -17.33 31.53 -76.59
CA TYR UA 141 -16.57 31.23 -75.39
C TYR UA 141 -17.46 30.99 -74.18
N VAL UA 142 -18.74 30.74 -74.38
CA VAL UA 142 -19.66 30.68 -73.25
C VAL UA 142 -19.59 29.32 -72.57
N ASN UA 143 -19.47 28.25 -73.34
CA ASN UA 143 -19.44 26.91 -72.78
C ASN UA 143 -18.04 26.44 -72.45
N TYR UA 144 -17.05 27.30 -72.58
CA TYR UA 144 -15.69 26.94 -72.22
C TYR UA 144 -15.55 26.79 -70.72
N SER UA 145 -14.74 25.82 -70.32
CA SER UA 145 -14.51 25.56 -68.91
C SER UA 145 -13.82 26.72 -68.20
N SER UA 146 -13.12 27.57 -68.94
CA SER UA 146 -12.43 28.73 -68.39
C SER UA 146 -13.18 30.01 -68.64
N ARG UA 147 -14.50 29.94 -68.85
CA ARG UA 147 -15.28 31.12 -69.12
C ARG UA 147 -15.57 31.87 -67.83
N HIS UA 148 -15.32 33.17 -67.86
CA HIS UA 148 -15.80 34.10 -66.86
C HIS UA 148 -16.72 35.07 -67.55
N THR UA 149 -17.81 35.41 -66.90
CA THR UA 149 -18.77 36.34 -67.46
C THR UA 149 -18.23 37.75 -67.44
N ILE UA 150 -18.43 38.45 -68.55
CA ILE UA 150 -18.10 39.87 -68.67
C ILE UA 150 -19.42 40.61 -68.62
N THR UA 151 -19.65 41.32 -67.54
CA THR UA 151 -20.69 42.32 -67.50
C THR UA 151 -20.21 43.56 -68.23
N GLN UA 152 -21.07 44.12 -69.05
CA GLN UA 152 -20.76 45.26 -69.90
C GLN UA 152 -21.74 46.39 -69.63
N PRO UA 153 -21.37 47.63 -69.94
CA PRO UA 153 -20.11 48.18 -70.42
C PRO UA 153 -19.23 48.80 -69.36
N PHE UA 154 -19.80 49.05 -68.18
CA PHE UA 154 -19.16 49.88 -67.16
C PHE UA 154 -18.64 49.07 -66.00
N SER UA 155 -18.26 47.83 -66.24
CA SER UA 155 -17.86 46.91 -65.19
C SER UA 155 -16.46 46.40 -65.44
N TYR UA 156 -15.73 46.21 -64.36
CA TYR UA 156 -14.36 45.76 -64.38
C TYR UA 156 -14.29 44.24 -64.49
N HIS UA 157 -13.35 43.76 -65.29
CA HIS UA 157 -13.14 42.35 -65.54
C HIS UA 157 -11.66 42.06 -65.45
N SER UA 158 -11.29 41.14 -64.57
CA SER UA 158 -9.92 40.68 -64.41
C SER UA 158 -9.83 39.20 -64.71
N ARG UA 159 -8.68 38.80 -65.24
CA ARG UA 159 -8.36 37.40 -65.49
C ARG UA 159 -6.90 37.20 -65.09
N TYR UA 160 -6.66 36.22 -64.23
CA TYR UA 160 -5.35 35.92 -63.68
C TYR UA 160 -5.04 34.46 -63.96
N PHE UA 161 -4.04 34.22 -64.78
CA PHE UA 161 -3.77 32.88 -65.26
C PHE UA 161 -2.30 32.77 -65.65
N THR UA 162 -1.91 31.57 -66.01
CA THR UA 162 -0.54 31.23 -66.40
C THR UA 162 -0.49 30.99 -67.90
N PRO UA 163 0.14 31.86 -68.69
CA PRO UA 163 0.17 31.61 -70.13
C PRO UA 163 1.15 30.53 -70.52
N LYS UA 164 1.20 30.24 -71.81
CA LYS UA 164 2.07 29.23 -72.36
C LYS UA 164 2.72 29.77 -73.63
N PRO UA 165 3.97 29.43 -73.90
CA PRO UA 165 4.60 29.93 -75.11
C PRO UA 165 4.28 29.08 -76.34
N VAL UA 166 4.42 29.72 -77.49
CA VAL UA 166 4.15 29.10 -78.78
C VAL UA 166 5.47 28.52 -79.26
N LEU UA 167 5.73 27.29 -78.87
CA LEU UA 167 6.95 26.59 -79.26
C LEU UA 167 6.84 26.00 -80.66
N ASP UA 168 5.71 25.37 -80.96
CA ASP UA 168 5.43 24.85 -82.30
C ASP UA 168 3.97 25.12 -82.60
N SER UA 169 3.71 26.04 -83.51
CA SER UA 169 2.35 26.37 -83.89
C SER UA 169 1.69 25.27 -84.72
N THR UA 170 2.47 24.37 -85.30
CA THR UA 170 1.92 23.28 -86.08
C THR UA 170 1.30 22.22 -85.20
N ILE UA 171 1.94 21.90 -84.08
CA ILE UA 171 1.51 20.84 -83.18
C ILE UA 171 0.76 21.45 -82.01
N ASP UA 172 1.21 22.63 -81.58
CA ASP UA 172 0.57 23.38 -80.50
C ASP UA 172 0.54 22.56 -79.21
N TYR UA 173 1.74 22.29 -78.68
CA TYR UA 173 1.91 21.58 -77.44
C TYR UA 173 2.33 22.55 -76.33
N PHE UA 174 1.88 22.25 -75.11
CA PHE UA 174 2.22 23.08 -73.97
C PHE UA 174 2.27 22.22 -72.72
N GLN UA 175 2.85 22.77 -71.73
CA GLN UA 175 3.07 22.12 -70.46
C GLN UA 175 1.94 22.40 -69.49
N PRO UA 176 1.64 21.48 -68.59
CA PRO UA 176 0.74 21.84 -67.49
C PRO UA 176 1.41 22.73 -66.47
N ASN UA 177 0.63 23.21 -65.52
CA ASN UA 177 1.14 24.16 -64.55
C ASN UA 177 2.02 23.46 -63.54
N ASN UA 178 3.29 23.85 -63.51
CA ASN UA 178 4.25 23.31 -62.56
C ASN UA 178 5.33 24.36 -62.40
N LYS UA 179 5.42 24.95 -61.22
CA LYS UA 179 6.40 26.01 -61.04
C LYS UA 179 7.83 25.48 -61.12
N ARG UA 180 8.04 24.23 -60.74
CA ARG UA 180 9.39 23.68 -60.69
C ARG UA 180 9.87 23.20 -62.03
N ASN UA 181 8.97 22.83 -62.93
CA ASN UA 181 9.30 22.24 -64.21
C ASN UA 181 9.07 23.17 -65.39
N GLN UA 182 8.66 24.40 -65.15
CA GLN UA 182 8.38 25.33 -66.24
C GLN UA 182 9.66 25.66 -66.98
N LEU UA 183 9.57 25.65 -68.30
CA LEU UA 183 10.71 25.88 -69.15
C LEU UA 183 11.22 27.31 -69.00
N TRP UA 184 12.53 27.44 -69.09
CA TRP UA 184 13.18 28.73 -69.20
C TRP UA 184 13.41 29.04 -70.66
N LEU UA 185 12.93 30.17 -71.11
CA LEU UA 185 13.20 30.70 -72.43
C LEU UA 185 14.35 31.69 -72.34
N ARG UA 186 14.90 32.00 -73.50
CA ARG UA 186 15.93 33.03 -73.61
C ARG UA 186 15.28 34.37 -73.89
N LEU UA 187 15.80 35.38 -73.22
CA LEU UA 187 15.43 36.77 -73.46
C LEU UA 187 16.21 37.24 -74.68
N GLN UA 188 15.58 37.09 -75.84
CA GLN UA 188 16.19 37.48 -77.09
C GLN UA 188 16.31 39.00 -77.18
N THR UA 189 16.98 39.45 -78.22
CA THR UA 189 17.19 40.88 -78.41
C THR UA 189 15.97 41.55 -79.04
N ALA UA 190 15.49 41.02 -80.18
CA ALA UA 190 14.31 41.59 -80.83
C ALA UA 190 13.39 40.54 -81.43
N GLY UA 191 13.40 39.31 -80.92
CA GLY UA 191 12.68 38.21 -81.55
C GLY UA 191 12.02 37.25 -80.59
N ASN UA 192 11.57 37.74 -79.45
CA ASN UA 192 10.99 36.87 -78.44
C ASN UA 192 9.70 36.24 -78.93
N VAL UA 193 9.36 35.12 -78.32
CA VAL UA 193 8.24 34.28 -78.75
C VAL UA 193 6.96 34.77 -78.09
N ASP UA 194 5.86 34.63 -78.80
CA ASP UA 194 4.57 35.11 -78.33
C ASP UA 194 3.98 34.12 -77.35
N HIS UA 195 3.57 34.62 -76.20
CA HIS UA 195 2.76 33.88 -75.26
C HIS UA 195 1.29 34.16 -75.53
N VAL UA 196 0.46 33.22 -75.12
CA VAL UA 196 -0.92 33.16 -75.54
C VAL UA 196 -1.76 32.71 -74.35
N GLY UA 197 -3.08 32.93 -74.45
CA GLY UA 197 -3.92 32.63 -73.32
C GLY UA 197 -5.17 33.44 -73.03
N LEU UA 198 -5.63 34.32 -73.92
CA LEU UA 198 -6.93 34.93 -73.68
C LEU UA 198 -7.68 35.24 -74.96
N GLY UA 199 -8.96 34.87 -74.95
CA GLY UA 199 -9.88 35.26 -75.99
C GLY UA 199 -11.17 35.73 -75.39
N THR UA 200 -11.80 36.69 -76.06
CA THR UA 200 -12.94 37.41 -75.52
C THR UA 200 -14.10 37.39 -76.50
N ALA UA 201 -15.27 37.67 -75.95
CA ALA UA 201 -16.49 37.86 -76.74
C ALA UA 201 -17.33 38.91 -76.06
N PHE UA 202 -17.46 40.07 -76.69
CA PHE UA 202 -18.21 41.19 -76.17
C PHE UA 202 -19.50 41.35 -76.95
N GLU UA 203 -20.60 41.57 -76.22
CA GLU UA 203 -21.89 41.78 -76.83
C GLU UA 203 -21.97 43.21 -77.35
N ASN UA 204 -22.35 43.33 -78.61
CA ASN UA 204 -22.40 44.63 -79.25
C ASN UA 204 -23.55 45.46 -78.70
N SER UA 205 -23.52 46.75 -79.02
CA SER UA 205 -24.45 47.71 -78.47
C SER UA 205 -24.65 48.86 -79.44
N ILE UA 206 -25.67 49.67 -79.17
CA ILE UA 206 -25.92 50.86 -79.98
C ILE UA 206 -24.84 51.90 -79.74
N TYR UA 207 -24.25 51.92 -78.56
CA TYR UA 207 -23.20 52.85 -78.20
C TYR UA 207 -21.85 52.17 -78.26
N ASP UA 208 -20.81 52.98 -78.45
CA ASP UA 208 -19.45 52.47 -78.47
C ASP UA 208 -19.00 52.12 -77.06
N GLN UA 209 -18.39 50.95 -76.92
CA GLN UA 209 -17.88 50.45 -75.64
C GLN UA 209 -16.36 50.47 -75.70
N GLU UA 210 -15.75 51.39 -74.96
CA GLU UA 210 -14.30 51.52 -74.92
C GLU UA 210 -13.76 50.95 -73.62
N TYR UA 211 -12.53 50.46 -73.70
CA TYR UA 211 -11.84 49.89 -72.55
C TYR UA 211 -10.37 50.27 -72.62
N ASN UA 212 -9.77 50.44 -71.44
CA ASN UA 212 -8.33 50.60 -71.28
C ASN UA 212 -7.82 49.32 -70.65
N ILE UA 213 -7.09 48.53 -71.42
CA ILE UA 213 -6.66 47.21 -71.00
C ILE UA 213 -5.24 47.31 -70.47
N ARG UA 214 -5.06 46.87 -69.22
CA ARG UA 214 -3.77 46.88 -68.54
C ARG UA 214 -3.35 45.44 -68.31
N VAL UA 215 -2.31 45.02 -69.02
CA VAL UA 215 -1.73 43.69 -68.88
C VAL UA 215 -0.53 43.80 -67.97
N THR UA 216 -0.47 42.93 -66.98
CA THR UA 216 0.63 42.85 -66.04
C THR UA 216 1.18 41.44 -66.09
N MET UA 217 2.45 41.30 -66.46
CA MET UA 217 3.12 40.02 -66.50
C MET UA 217 4.06 39.87 -65.30
N TYR UA 218 3.90 38.77 -64.59
CA TYR UA 218 4.76 38.42 -63.46
C TYR UA 218 5.80 37.44 -63.96
N VAL UA 219 7.03 37.92 -64.09
CA VAL UA 219 8.09 37.18 -64.76
C VAL UA 219 9.14 36.78 -63.74
N GLN UA 220 10.02 35.89 -64.16
CA GLN UA 220 11.09 35.35 -63.33
C GLN UA 220 12.30 35.20 -64.23
N PHE UA 221 13.33 35.96 -63.94
CA PHE UA 221 14.56 35.98 -64.71
C PHE UA 221 15.63 35.13 -64.04
N ARG UA 222 16.75 34.95 -64.75
CA ARG UA 222 17.83 34.10 -64.29
C ARG UA 222 19.12 34.54 -64.96
N GLU UA 223 20.23 34.36 -64.24
CA GLU UA 223 21.58 34.57 -64.76
C GLU UA 223 21.80 36.03 -65.17
N PHE UA 224 21.86 36.87 -64.14
CA PHE UA 224 22.36 38.24 -64.23
C PHE UA 224 23.61 38.30 -65.08
N ASN UA 225 23.57 39.08 -66.15
CA ASN UA 225 24.61 39.08 -67.16
C ASN UA 225 25.03 40.48 -67.56
N LEU UA 226 25.18 41.35 -66.57
CA LEU UA 226 25.58 42.71 -66.87
C LEU UA 226 27.00 42.74 -67.42
N LYS UA 227 27.22 43.64 -68.37
CA LYS UA 227 28.52 43.83 -68.99
C LYS UA 227 28.98 45.25 -68.74
N ASP UA 228 30.20 45.39 -68.22
CA ASP UA 228 30.74 46.67 -67.77
C ASP UA 228 32.05 46.94 -68.50
N PRO UA 229 32.00 47.49 -69.70
CA PRO UA 229 33.21 47.92 -70.36
C PRO UA 229 33.75 49.19 -69.74
N PRO UA 230 35.00 49.55 -70.04
CA PRO UA 230 35.51 50.84 -69.56
C PRO UA 230 34.85 52.02 -70.25
N LEU UA 231 35.28 53.23 -69.89
CA LEU UA 231 34.71 54.45 -70.43
C LEU UA 231 35.79 55.50 -70.68
N GLY VA 43 -21.56 5.05 -68.68
CA GLY VA 43 -20.58 6.08 -69.02
C GLY VA 43 -21.09 7.48 -68.79
N ILE VA 44 -21.02 7.91 -67.55
CA ILE VA 44 -21.62 9.17 -67.13
C ILE VA 44 -20.72 10.33 -67.53
N PHE VA 45 -21.35 11.44 -67.91
CA PHE VA 45 -20.64 12.67 -68.21
C PHE VA 45 -21.56 13.83 -67.85
N ASN VA 46 -21.29 14.44 -66.71
CA ASN VA 46 -22.00 15.64 -66.31
C ASN VA 46 -21.33 16.86 -66.94
N THR VA 47 -22.12 17.67 -67.62
CA THR VA 47 -21.63 18.89 -68.23
C THR VA 47 -22.66 20.00 -68.07
N ARG VA 48 -22.44 21.07 -68.82
CA ARG VA 48 -23.21 22.31 -68.70
C ARG VA 48 -23.38 22.90 -70.08
N LEU VA 49 -24.63 23.18 -70.45
CA LEU VA 49 -24.99 23.72 -71.74
C LEU VA 49 -25.79 24.99 -71.53
N SER VA 50 -25.48 26.01 -72.33
CA SER VA 50 -26.06 27.33 -72.19
C SER VA 50 -26.65 27.80 -73.51
N ARG VA 51 -27.39 28.90 -73.42
CA ARG VA 51 -28.17 29.47 -74.50
C ARG VA 51 -28.67 30.83 -74.03
N THR VA 52 -28.67 31.79 -74.94
CA THR VA 52 -29.00 33.16 -74.62
C THR VA 52 -30.01 33.70 -75.63
N PHE VA 53 -30.98 34.44 -75.13
CA PHE VA 53 -32.03 35.02 -75.96
C PHE VA 53 -32.65 36.19 -75.23
N GLY VA 54 -33.47 36.93 -75.96
CA GLY VA 54 -34.06 38.15 -75.46
C GLY VA 54 -35.53 38.05 -75.07
N TYR VA 55 -35.95 38.97 -74.20
CA TYR VA 55 -37.33 39.10 -73.78
C TYR VA 55 -37.58 40.56 -73.44
N THR VA 56 -38.65 41.11 -73.99
CA THR VA 56 -39.01 42.50 -73.79
C THR VA 56 -40.44 42.61 -73.29
N ILE VA 57 -40.64 43.51 -72.34
CA ILE VA 57 -41.96 43.88 -71.84
C ILE VA 57 -42.23 45.26 -72.40
N LYS VA 58 -43.10 45.33 -73.41
CA LYS VA 58 -43.40 46.58 -74.07
C LYS VA 58 -44.11 47.55 -73.13
N ARG VA 59 -44.02 48.83 -73.47
CA ARG VA 59 -44.63 49.88 -72.69
C ARG VA 59 -46.15 49.87 -72.81
N THR VA 60 -46.79 50.50 -71.84
CA THR VA 60 -48.24 50.63 -71.81
C THR VA 60 -48.61 52.00 -71.25
N THR VA 61 -49.61 52.62 -71.87
CA THR VA 61 -50.18 53.87 -71.38
C THR VA 61 -51.12 53.65 -70.20
N VAL VA 62 -51.42 52.39 -69.85
CA VAL VA 62 -52.30 52.11 -68.73
C VAL VA 62 -51.73 52.69 -67.45
N LYS VA 63 -52.60 53.32 -66.65
CA LYS VA 63 -52.17 53.97 -65.43
C LYS VA 63 -52.06 53.00 -64.27
N THR VA 64 -52.94 52.02 -64.20
CA THR VA 64 -52.98 51.09 -63.09
C THR VA 64 -51.73 50.24 -63.04
N PRO VA 65 -51.47 49.57 -61.92
CA PRO VA 65 -50.44 48.54 -61.91
C PRO VA 65 -50.97 47.26 -62.52
N SER VA 66 -50.50 46.97 -63.73
CA SER VA 66 -50.82 45.74 -64.43
C SER VA 66 -49.56 44.93 -64.64
N TRP VA 67 -49.73 43.63 -64.81
CA TRP VA 67 -48.62 42.71 -64.98
C TRP VA 67 -48.71 41.99 -66.32
N ALA VA 68 -47.54 41.68 -66.85
CA ALA VA 68 -47.39 40.95 -68.10
C ALA VA 68 -46.95 39.53 -67.79
N VAL VA 69 -47.74 38.58 -68.21
CA VAL VA 69 -47.52 37.18 -67.89
C VAL VA 69 -46.98 36.47 -69.11
N ASP VA 70 -46.03 35.56 -68.89
CA ASP VA 70 -45.45 34.77 -69.95
C ASP VA 70 -44.91 33.48 -69.35
N MET VA 71 -44.59 32.56 -70.23
CA MET VA 71 -44.14 31.22 -69.88
C MET VA 71 -42.74 30.97 -70.41
N MET VA 72 -42.14 29.88 -69.94
CA MET VA 72 -40.79 29.51 -70.32
C MET VA 72 -40.62 28.01 -70.22
N ARG VA 73 -40.42 27.36 -71.35
CA ARG VA 73 -40.10 25.95 -71.44
C ARG VA 73 -38.64 25.77 -71.80
N PHE VA 74 -38.16 24.54 -71.65
CA PHE VA 74 -36.77 24.19 -71.91
C PHE VA 74 -36.72 22.91 -72.71
N ASN VA 75 -36.06 22.96 -73.86
CA ASN VA 75 -35.82 21.78 -74.69
C ASN VA 75 -34.33 21.69 -75.00
N ILE VA 76 -33.86 20.46 -75.16
CA ILE VA 76 -32.44 20.21 -75.38
C ILE VA 76 -32.01 20.43 -76.82
N ASN VA 77 -32.95 20.53 -77.75
CA ASN VA 77 -32.58 20.84 -79.12
C ASN VA 77 -32.02 22.24 -79.24
N ASP VA 78 -32.47 23.15 -78.39
CA ASP VA 78 -32.01 24.53 -78.41
C ASP VA 78 -30.63 24.69 -77.78
N PHE VA 79 -30.14 23.69 -77.07
CA PHE VA 79 -28.82 23.71 -76.45
C PHE VA 79 -27.83 22.80 -77.13
N LEU VA 80 -28.29 21.70 -77.69
CA LEU VA 80 -27.45 20.69 -78.32
C LEU VA 80 -27.72 20.64 -79.82
N PRO VA 81 -26.82 21.07 -80.70
CA PRO VA 81 -27.13 21.07 -82.11
C PRO VA 81 -27.06 19.67 -82.69
N PRO VA 82 -27.50 19.50 -83.93
CA PRO VA 82 -27.31 18.22 -84.60
C PRO VA 82 -25.84 18.01 -84.96
N GLY VA 83 -25.45 16.74 -84.94
CA GLY VA 83 -24.08 16.41 -85.23
C GLY VA 83 -23.81 16.28 -86.71
N GLY VA 84 -23.00 15.31 -87.08
CA GLY VA 84 -22.67 15.08 -88.46
C GLY VA 84 -22.22 13.66 -88.72
N GLY VA 85 -22.77 13.06 -89.77
CA GLY VA 85 -22.42 11.71 -90.14
C GLY VA 85 -23.21 10.67 -89.39
N SER VA 86 -22.53 9.60 -89.00
CA SER VA 86 -23.18 8.51 -88.30
C SER VA 86 -23.57 8.89 -86.88
N ASN VA 87 -23.01 9.98 -86.35
CA ASN VA 87 -23.40 10.48 -85.04
C ASN VA 87 -24.48 11.54 -85.22
N PRO VA 88 -25.73 11.29 -84.84
CA PRO VA 88 -26.78 12.26 -85.15
C PRO VA 88 -26.69 13.53 -84.32
N ARG VA 89 -26.05 13.49 -83.17
CA ARG VA 89 -25.92 14.63 -82.28
C ARG VA 89 -24.44 14.95 -82.04
N SER VA 90 -24.21 16.16 -81.56
CA SER VA 90 -22.84 16.65 -81.41
C SER VA 90 -22.18 16.14 -80.15
N VAL VA 91 -22.96 15.77 -79.14
CA VAL VA 91 -22.47 15.12 -77.93
C VAL VA 91 -22.75 13.62 -78.06
N PRO VA 92 -21.74 12.77 -78.23
CA PRO VA 92 -22.02 11.38 -78.58
C PRO VA 92 -22.43 10.51 -77.40
N PHE VA 93 -23.69 10.65 -77.00
CA PHE VA 93 -24.28 9.86 -75.95
C PHE VA 93 -25.70 9.48 -76.35
N GLU VA 94 -26.21 8.46 -75.69
CA GLU VA 94 -27.53 7.91 -75.97
C GLU VA 94 -28.62 8.50 -75.10
N TYR VA 95 -28.41 8.51 -73.80
CA TYR VA 95 -29.41 8.89 -72.82
C TYR VA 95 -29.02 10.20 -72.16
N TYR VA 96 -30.01 10.84 -71.55
CA TYR VA 96 -29.78 12.07 -70.82
C TYR VA 96 -30.85 12.24 -69.77
N ARG VA 97 -30.57 13.13 -68.82
CA ARG VA 97 -31.57 13.57 -67.86
C ARG VA 97 -31.11 14.90 -67.31
N ILE VA 98 -32.00 15.88 -67.34
CA ILE VA 98 -31.66 17.24 -66.92
C ILE VA 98 -31.74 17.31 -65.41
N ARG VA 99 -30.64 17.69 -64.78
CA ARG VA 99 -30.52 17.76 -63.34
C ARG VA 99 -31.01 19.09 -62.79
N LYS VA 100 -30.55 20.19 -63.38
CA LYS VA 100 -30.88 21.53 -62.91
C LYS VA 100 -30.91 22.46 -64.11
N VAL VA 101 -31.58 23.60 -63.90
CA VAL VA 101 -31.57 24.70 -64.85
C VAL VA 101 -31.37 25.98 -64.06
N LYS VA 102 -30.60 26.90 -64.65
CA LYS VA 102 -30.36 28.22 -64.10
C LYS VA 102 -30.83 29.23 -65.13
N VAL VA 103 -31.93 29.88 -64.84
CA VAL VA 103 -32.44 30.97 -65.67
C VAL VA 103 -31.96 32.28 -65.07
N GLU VA 104 -31.29 33.08 -65.87
CA GLU VA 104 -30.71 34.36 -65.45
C GLU VA 104 -31.33 35.45 -66.30
N PHE VA 105 -32.04 36.36 -65.66
CA PHE VA 105 -32.54 37.57 -66.31
C PHE VA 105 -31.50 38.65 -66.15
N TRP VA 106 -30.70 38.83 -67.18
CA TRP VA 106 -29.71 39.89 -67.19
C TRP VA 106 -30.33 41.16 -67.75
N PRO VA 107 -30.41 42.24 -66.99
CA PRO VA 107 -31.11 43.42 -67.49
C PRO VA 107 -30.37 44.11 -68.63
N CYS VA 108 -31.14 44.83 -69.41
CA CYS VA 108 -30.64 45.65 -70.50
C CYS VA 108 -30.85 47.14 -70.26
N SER VA 109 -31.41 47.51 -69.13
CA SER VA 109 -31.90 48.84 -68.85
C SER VA 109 -30.95 49.54 -67.89
N PRO VA 110 -30.82 50.87 -67.98
CA PRO VA 110 -29.91 51.56 -67.10
C PRO VA 110 -30.43 51.65 -65.68
N ILE VA 111 -29.51 51.90 -64.75
CA ILE VA 111 -29.90 52.05 -63.35
C ILE VA 111 -30.59 53.36 -63.05
N THR VA 112 -30.67 54.27 -64.03
CA THR VA 112 -31.38 55.52 -63.89
C THR VA 112 -32.83 55.44 -64.35
N GLN VA 113 -33.30 54.27 -64.81
CA GLN VA 113 -34.63 54.16 -65.35
C GLN VA 113 -35.64 54.17 -64.21
N GLY VA 114 -36.69 54.95 -64.37
CA GLY VA 114 -37.74 55.06 -63.38
C GLY VA 114 -38.93 54.20 -63.70
N ASP VA 115 -40.03 54.51 -63.02
CA ASP VA 115 -41.27 53.74 -63.11
C ASP VA 115 -40.99 52.28 -62.76
N ARG VA 116 -40.22 52.08 -61.71
CA ARG VA 116 -39.84 50.75 -61.28
C ARG VA 116 -41.06 49.97 -60.83
N GLY VA 117 -40.86 48.67 -60.69
CA GLY VA 117 -41.94 47.76 -60.40
C GLY VA 117 -41.51 46.54 -59.63
N VAL VA 118 -42.43 45.62 -59.43
CA VAL VA 118 -42.17 44.42 -58.66
C VAL VA 118 -43.01 43.28 -59.22
N GLY VA 119 -42.34 42.17 -59.50
CA GLY VA 119 -42.96 41.02 -60.12
C GLY VA 119 -42.68 39.74 -59.38
N SER VA 120 -42.89 38.62 -60.06
CA SER VA 120 -42.79 37.33 -59.43
C SER VA 120 -42.44 36.28 -60.47
N SER VA 121 -41.58 35.34 -60.08
CA SER VA 121 -41.23 34.18 -60.89
C SER VA 121 -41.51 32.93 -60.07
N ALA VA 122 -42.25 32.00 -60.67
CA ALA VA 122 -42.64 30.76 -60.03
C ALA VA 122 -42.27 29.57 -60.89
N VAL VA 123 -42.22 28.41 -60.24
CA VAL VA 123 -41.79 27.16 -60.85
C VAL VA 123 -43.03 26.32 -61.13
N ILE VA 124 -43.24 25.99 -62.40
CA ILE VA 124 -44.46 25.35 -62.88
C ILE VA 124 -44.06 24.10 -63.63
N LEU VA 125 -44.16 22.95 -62.97
CA LEU VA 125 -43.60 21.70 -63.47
C LEU VA 125 -44.61 20.83 -64.21
N ASP VA 126 -45.63 21.42 -64.85
CA ASP VA 126 -46.72 20.63 -65.40
C ASP VA 126 -47.31 21.11 -66.72
N ASP VA 127 -46.78 22.16 -67.34
CA ASP VA 127 -47.21 22.58 -68.66
C ASP VA 127 -48.63 23.14 -68.66
N ASN VA 128 -49.06 23.68 -67.53
CA ASN VA 128 -50.31 24.44 -67.46
C ASN VA 128 -49.98 25.72 -66.72
N PHE VA 129 -49.61 26.72 -67.51
CA PHE VA 129 -49.26 28.03 -67.04
C PHE VA 129 -50.49 28.92 -66.97
N VAL VA 130 -50.36 30.01 -66.21
CA VAL VA 130 -51.33 31.08 -66.31
C VAL VA 130 -51.29 31.61 -67.74
N THR VA 131 -52.47 31.93 -68.26
CA THR VA 131 -52.57 32.35 -69.65
C THR VA 131 -51.73 33.59 -69.89
N LYS VA 132 -51.09 33.63 -71.06
CA LYS VA 132 -50.29 34.78 -71.43
C LYS VA 132 -51.15 36.02 -71.53
N ALA VA 133 -50.72 37.08 -70.86
CA ALA VA 133 -51.46 38.32 -70.77
C ALA VA 133 -50.51 39.49 -70.94
N THR VA 134 -51.05 40.56 -71.51
CA THR VA 134 -50.29 41.78 -71.73
C THR VA 134 -50.39 42.72 -70.53
N ALA VA 135 -51.61 42.97 -70.04
CA ALA VA 135 -51.83 43.84 -68.89
C ALA VA 135 -52.92 43.21 -68.04
N LEU VA 136 -52.52 42.35 -67.12
CA LEU VA 136 -53.41 41.73 -66.16
C LEU VA 136 -53.41 42.53 -64.87
N THR VA 137 -54.58 42.62 -64.24
CA THR VA 137 -54.80 43.50 -63.10
C THR VA 137 -54.21 42.99 -61.80
N TYR VA 138 -53.45 41.91 -61.83
CA TYR VA 138 -52.87 41.35 -60.61
C TYR VA 138 -51.70 40.47 -60.99
N ASP VA 139 -50.91 40.11 -59.99
CA ASP VA 139 -49.78 39.22 -60.15
C ASP VA 139 -50.24 37.81 -59.81
N PRO VA 140 -50.42 36.91 -60.78
CA PRO VA 140 -50.94 35.59 -60.43
C PRO VA 140 -49.96 34.73 -59.67
N TYR VA 141 -48.67 34.90 -59.92
CA TYR VA 141 -47.64 34.07 -59.34
C TYR VA 141 -47.17 34.58 -57.98
N VAL VA 142 -47.92 35.47 -57.34
CA VAL VA 142 -47.45 36.12 -56.13
C VAL VA 142 -47.63 35.21 -54.93
N ASN VA 143 -48.74 34.50 -54.85
CA ASN VA 143 -49.02 33.64 -53.71
C ASN VA 143 -48.49 32.23 -53.89
N TYR VA 144 -47.77 31.97 -54.97
CA TYR VA 144 -47.18 30.65 -55.17
C TYR VA 144 -46.08 30.40 -54.17
N SER VA 145 -45.99 29.15 -53.74
CA SER VA 145 -44.97 28.75 -52.77
C SER VA 145 -43.56 28.87 -53.33
N SER VA 146 -43.41 28.87 -54.65
CA SER VA 146 -42.12 29.00 -55.31
C SER VA 146 -41.89 30.39 -55.87
N ARG VA 147 -42.58 31.39 -55.34
CA ARG VA 147 -42.45 32.74 -55.84
C ARG VA 147 -41.18 33.37 -55.30
N HIS VA 148 -40.41 33.96 -56.20
CA HIS VA 148 -39.33 34.86 -55.87
C HIS VA 148 -39.67 36.21 -56.46
N THR VA 149 -39.40 37.26 -55.70
CA THR VA 149 -39.69 38.61 -56.16
C THR VA 149 -38.72 39.03 -57.24
N ILE VA 150 -39.26 39.65 -58.28
CA ILE VA 150 -38.48 40.25 -59.35
C ILE VA 150 -38.53 41.75 -59.12
N THR VA 151 -37.40 42.32 -58.72
CA THR VA 151 -37.23 43.75 -58.79
C THR VA 151 -36.94 44.15 -60.22
N GLN VA 152 -37.59 45.21 -60.68
CA GLN VA 152 -37.52 45.68 -62.05
C GLN VA 152 -37.07 47.13 -62.06
N PRO VA 153 -36.51 47.60 -63.18
CA PRO VA 153 -36.12 46.95 -64.44
C PRO VA 153 -34.64 46.58 -64.53
N PHE VA 154 -33.82 47.14 -63.64
CA PHE VA 154 -32.38 47.10 -63.77
C PHE VA 154 -31.73 46.14 -62.79
N SER VA 155 -32.44 45.10 -62.39
CA SER VA 155 -31.98 44.19 -61.37
C SER VA 155 -31.93 42.77 -61.91
N TYR VA 156 -30.93 42.04 -61.44
CA TYR VA 156 -30.68 40.67 -61.85
C TYR VA 156 -31.54 39.71 -61.06
N HIS VA 157 -32.06 38.70 -61.75
CA HIS VA 157 -32.93 37.69 -61.17
C HIS VA 157 -32.48 36.33 -61.65
N SER VA 158 -32.16 35.46 -60.71
CA SER VA 158 -31.78 34.08 -61.00
C SER VA 158 -32.78 33.13 -60.37
N ARG VA 159 -32.97 31.99 -61.02
CA ARG VA 159 -33.77 30.89 -60.51
C ARG VA 159 -33.05 29.60 -60.84
N TYR VA 160 -32.83 28.79 -59.81
CA TYR VA 160 -32.09 27.53 -59.93
C TYR VA 160 -32.97 26.42 -59.38
N PHE VA 161 -33.35 25.50 -60.25
CA PHE VA 161 -34.34 24.50 -59.91
C PHE VA 161 -34.14 23.28 -60.80
N THR VA 162 -34.91 22.24 -60.51
CA THR VA 162 -34.89 20.98 -61.22
C THR VA 162 -36.13 20.84 -62.08
N PRO VA 163 -36.04 20.90 -63.41
CA PRO VA 163 -37.26 20.79 -64.21
C PRO VA 163 -37.76 19.38 -64.29
N LYS VA 164 -38.89 19.20 -64.98
CA LYS VA 164 -39.52 17.92 -65.15
C LYS VA 164 -39.96 17.79 -66.60
N PRO VA 165 -39.88 16.59 -67.18
CA PRO VA 165 -40.32 16.43 -68.57
C PRO VA 165 -41.81 16.23 -68.71
N VAL VA 166 -42.30 16.55 -69.90
CA VAL VA 166 -43.70 16.44 -70.24
C VAL VA 166 -43.89 15.06 -70.84
N LEU VA 167 -44.16 14.09 -69.98
CA LEU VA 167 -44.38 12.72 -70.42
C LEU VA 167 -45.80 12.51 -70.92
N ASP VA 168 -46.78 13.03 -70.20
CA ASP VA 168 -48.18 12.98 -70.62
C ASP VA 168 -48.81 14.32 -70.27
N SER VA 169 -49.09 15.12 -71.28
CA SER VA 169 -49.72 16.42 -71.07
C SER VA 169 -51.17 16.31 -70.65
N THR VA 170 -51.80 15.16 -70.86
CA THR VA 170 -53.19 14.98 -70.46
C THR VA 170 -53.32 14.79 -68.96
N ILE VA 171 -52.40 14.05 -68.36
CA ILE VA 171 -52.44 13.72 -66.95
C ILE VA 171 -51.50 14.63 -66.18
N ASP VA 172 -50.37 14.97 -66.81
CA ASP VA 172 -49.39 15.89 -66.25
C ASP VA 172 -48.85 15.37 -64.92
N TYR VA 173 -48.16 14.24 -65.00
CA TYR VA 173 -47.53 13.62 -63.85
C TYR VA 173 -46.02 13.83 -63.91
N PHE VA 174 -45.41 13.96 -62.73
CA PHE VA 174 -43.98 14.15 -62.64
C PHE VA 174 -43.46 13.53 -61.35
N GLN VA 175 -42.21 13.36 -61.31
CA GLN VA 175 -41.50 12.74 -60.20
C GLN VA 175 -41.03 13.78 -59.20
N PRO VA 176 -40.95 13.43 -57.93
CA PRO VA 176 -40.25 14.31 -57.00
C PRO VA 176 -38.76 14.28 -57.18
N ASN VA 177 -38.05 15.15 -56.47
CA ASN VA 177 -36.63 15.29 -56.66
C ASN VA 177 -35.90 14.12 -56.01
N ASN VA 178 -35.22 13.34 -56.83
CA ASN VA 178 -34.42 12.22 -56.36
C ASN VA 178 -33.34 11.99 -57.40
N LYS VA 179 -32.09 12.23 -57.03
CA LYS VA 179 -31.03 12.09 -58.00
C LYS VA 179 -30.84 10.65 -58.43
N ARG VA 180 -31.15 9.70 -57.56
CA ARG VA 180 -30.91 8.30 -57.84
C ARG VA 180 -32.01 7.66 -58.65
N ASN VA 181 -33.22 8.19 -58.58
CA ASN VA 181 -34.39 7.62 -59.23
C ASN VA 181 -34.88 8.42 -60.42
N GLN VA 182 -34.19 9.49 -60.80
CA GLN VA 182 -34.62 10.31 -61.92
C GLN VA 182 -34.53 9.52 -63.21
N LEU VA 183 -35.58 9.64 -64.01
CA LEU VA 183 -35.68 8.90 -65.25
C LEU VA 183 -34.62 9.35 -66.24
N TRP VA 184 -34.12 8.40 -67.01
CA TRP VA 184 -33.27 8.65 -68.16
C TRP VA 184 -34.16 8.72 -69.39
N LEU VA 185 -34.06 9.81 -70.12
CA LEU VA 185 -34.68 9.96 -71.42
C LEU VA 185 -33.66 9.65 -72.51
N ARG VA 186 -34.17 9.44 -73.70
CA ARG VA 186 -33.32 9.24 -74.87
C ARG VA 186 -33.05 10.58 -75.54
N LEU VA 187 -31.82 10.75 -75.96
CA LEU VA 187 -31.40 11.90 -76.75
C LEU VA 187 -31.80 11.62 -78.19
N GLN VA 188 -32.99 12.07 -78.55
CA GLN VA 188 -33.50 11.87 -79.88
C GLN VA 188 -32.71 12.70 -80.89
N THR VA 189 -33.02 12.48 -82.17
CA THR VA 189 -32.33 13.18 -83.24
C THR VA 189 -32.89 14.58 -83.45
N ALA VA 190 -34.22 14.69 -83.64
CA ALA VA 190 -34.86 15.99 -83.83
C ALA VA 190 -36.22 16.11 -83.16
N GLY VA 191 -36.48 15.34 -82.11
CA GLY VA 191 -37.80 15.27 -81.52
C GLY VA 191 -37.83 15.18 -80.01
N ASN VA 192 -36.86 15.78 -79.34
CA ASN VA 192 -36.78 15.68 -77.90
C ASN VA 192 -37.97 16.36 -77.22
N VAL VA 193 -38.22 15.92 -76.00
CA VAL VA 193 -39.41 16.32 -75.25
C VAL VA 193 -39.12 17.61 -74.49
N ASP VA 194 -40.14 18.43 -74.35
CA ASP VA 194 -40.00 19.72 -73.70
C ASP VA 194 -39.99 19.55 -72.19
N HIS VA 195 -39.00 20.14 -71.55
CA HIS VA 195 -38.99 20.31 -70.11
C HIS VA 195 -39.58 21.64 -69.74
N VAL VA 196 -40.08 21.72 -68.52
CA VAL VA 196 -40.95 22.81 -68.10
C VAL VA 196 -40.59 23.16 -66.66
N GLY VA 197 -41.04 24.34 -66.22
CA GLY VA 197 -40.65 24.78 -64.91
C GLY VA 197 -40.45 26.25 -64.60
N LEU VA 198 -40.83 27.18 -65.47
CA LEU VA 198 -40.80 28.58 -65.05
C LEU VA 198 -41.89 29.41 -65.70
N GLY VA 199 -42.56 30.20 -64.86
CA GLY VA 199 -43.47 31.20 -65.33
C GLY VA 199 -43.24 32.50 -64.58
N THR VA 200 -43.47 33.60 -65.29
CA THR VA 200 -43.09 34.92 -64.83
C THR VA 200 -44.28 35.87 -64.88
N ALA VA 201 -44.15 36.96 -64.13
CA ALA VA 201 -45.09 38.07 -64.17
C ALA VA 201 -44.31 39.35 -63.94
N PHE VA 202 -44.23 40.18 -64.97
CA PHE VA 202 -43.51 41.44 -64.93
C PHE VA 202 -44.49 42.59 -64.91
N GLU VA 203 -44.23 43.56 -64.04
CA GLU VA 203 -45.05 44.74 -63.94
C GLU VA 203 -44.73 45.69 -65.08
N ASN VA 204 -45.76 46.13 -65.79
CA ASN VA 204 -45.57 46.97 -66.95
C ASN VA 204 -45.13 48.37 -66.53
N SER VA 205 -44.68 49.13 -67.52
CA SER VA 205 -44.08 50.43 -67.28
C SER VA 205 -44.29 51.32 -68.49
N ILE VA 206 -44.02 52.61 -68.31
CA ILE VA 206 -44.10 53.56 -69.40
C ILE VA 206 -42.96 53.32 -70.39
N TYR VA 207 -41.83 52.82 -69.91
CA TYR VA 207 -40.68 52.54 -70.74
C TYR VA 207 -40.58 51.05 -71.03
N ASP VA 208 -39.91 50.72 -72.12
CA ASP VA 208 -39.70 49.34 -72.49
C ASP VA 208 -38.65 48.71 -71.59
N GLN VA 209 -38.93 47.51 -71.10
CA GLN VA 209 -38.05 46.75 -70.23
C GLN VA 209 -37.53 45.55 -71.00
N GLU VA 210 -36.25 45.59 -71.36
CA GLU VA 210 -35.61 44.53 -72.11
C GLU VA 210 -34.72 43.71 -71.19
N TYR VA 211 -34.58 42.43 -71.55
CA TYR VA 211 -33.77 41.49 -70.80
C TYR VA 211 -33.07 40.55 -71.77
N ASN VA 212 -31.86 40.14 -71.39
CA ASN VA 212 -31.13 39.08 -72.07
C ASN VA 212 -31.15 37.87 -71.16
N ILE VA 213 -31.88 36.84 -71.55
CA ILE VA 213 -32.10 35.69 -70.70
C ILE VA 213 -31.13 34.60 -71.09
N ARG VA 214 -30.34 34.14 -70.12
CA ARG VA 214 -29.35 33.09 -70.31
C ARG VA 214 -29.79 31.89 -69.50
N VAL VA 215 -30.18 30.83 -70.21
CA VAL VA 215 -30.56 29.56 -69.61
C VAL VA 215 -29.36 28.63 -69.67
N THR VA 216 -29.04 28.01 -68.54
CA THR VA 216 -27.96 27.06 -68.42
C THR VA 216 -28.56 25.76 -67.87
N MET VA 217 -28.44 24.69 -68.64
CA MET VA 217 -28.90 23.38 -68.24
C MET VA 217 -27.74 22.51 -67.83
N TYR VA 218 -27.84 21.93 -66.64
CA TYR VA 218 -26.86 21.01 -66.12
C TYR VA 218 -27.37 19.59 -66.35
N VAL VA 219 -26.76 18.90 -67.31
CA VAL VA 219 -27.27 17.64 -67.82
C VAL VA 219 -26.32 16.53 -67.43
N GLN VA 220 -26.79 15.30 -67.61
CA GLN VA 220 -26.05 14.10 -67.26
C GLN VA 220 -26.37 13.08 -68.34
N PHE VA 221 -25.36 12.71 -69.10
CA PHE VA 221 -25.49 11.77 -70.20
C PHE VA 221 -25.04 10.38 -69.78
N ARG VA 222 -25.27 9.41 -70.66
CA ARG VA 222 -24.97 8.02 -70.39
C ARG VA 222 -24.76 7.29 -71.70
N GLU VA 223 -23.91 6.26 -71.66
CA GLU VA 223 -23.68 5.34 -72.77
C GLU VA 223 -23.14 6.06 -74.00
N PHE VA 224 -21.88 6.49 -73.87
CA PHE VA 224 -21.04 6.92 -74.97
C PHE VA 224 -21.20 5.99 -76.16
N ASN VA 225 -21.60 6.54 -77.30
CA ASN VA 225 -22.00 5.75 -78.45
C ASN VA 225 -21.39 6.28 -79.73
N LEU VA 226 -20.12 6.65 -79.68
CA LEU VA 226 -19.47 7.17 -80.87
C LEU VA 226 -19.35 6.08 -81.92
N LYS VA 227 -19.51 6.48 -83.18
CA LYS VA 227 -19.41 5.59 -84.32
C LYS VA 227 -18.29 6.08 -85.22
N ASP VA 228 -17.37 5.17 -85.55
CA ASP VA 228 -16.15 5.49 -86.28
C ASP VA 228 -16.06 4.64 -87.53
N PRO VA 229 -16.70 5.06 -88.62
CA PRO VA 229 -16.54 4.38 -89.88
C PRO VA 229 -15.19 4.69 -90.49
N PRO VA 230 -14.75 3.94 -91.50
CA PRO VA 230 -13.52 4.30 -92.19
C PRO VA 230 -13.65 5.56 -93.01
N LEU VA 231 -12.58 5.93 -93.71
CA LEU VA 231 -12.55 7.15 -94.50
C LEU VA 231 -11.78 6.93 -95.81
N GLY WA 43 -57.79 21.80 -36.40
CA GLY WA 43 -57.15 21.67 -37.70
C GLY WA 43 -56.45 22.92 -38.15
N ILE WA 44 -55.24 23.10 -37.65
CA ILE WA 44 -54.50 24.33 -37.86
C ILE WA 44 -53.86 24.34 -39.24
N PHE WA 45 -53.83 25.51 -39.85
CA PHE WA 45 -53.16 25.71 -41.13
C PHE WA 45 -52.63 27.14 -41.14
N ASN WA 46 -51.34 27.28 -40.92
CA ASN WA 46 -50.68 28.57 -41.04
C ASN WA 46 -50.29 28.79 -42.50
N THR WA 47 -50.69 29.93 -43.04
CA THR WA 47 -50.34 30.29 -44.41
C THR WA 47 -50.04 31.77 -44.48
N ARG WA 48 -49.98 32.28 -45.71
CA ARG WA 48 -49.54 33.64 -46.01
C ARG WA 48 -50.36 34.17 -47.17
N LEU WA 49 -50.96 35.33 -46.96
CA LEU WA 49 -51.82 35.98 -47.95
C LEU WA 49 -51.30 37.38 -48.20
N SER WA 50 -51.29 37.77 -49.46
CA SER WA 50 -50.72 39.04 -49.90
C SER WA 50 -51.71 39.81 -50.73
N ARG WA 51 -51.35 41.07 -50.99
CA ARG WA 51 -52.19 42.05 -51.64
C ARG WA 51 -51.31 43.26 -51.92
N THR WA 52 -51.52 43.87 -53.09
CA THR WA 52 -50.69 44.97 -53.55
C THR WA 52 -51.57 46.11 -54.03
N PHE WA 53 -51.17 47.33 -53.69
CA PHE WA 53 -51.92 48.52 -54.07
C PHE WA 53 -50.98 49.71 -54.01
N GLY WA 54 -51.46 50.83 -54.54
CA GLY WA 54 -50.68 52.03 -54.66
C GLY WA 54 -50.98 53.13 -53.66
N TYR WA 55 -50.00 54.00 -53.44
CA TYR WA 55 -50.13 55.16 -52.59
C TYR WA 55 -49.21 56.24 -53.13
N THR WA 56 -49.75 57.44 -53.29
CA THR WA 56 -49.02 58.57 -53.83
C THR WA 56 -49.12 59.76 -52.90
N ILE WA 57 -48.01 60.45 -52.74
CA ILE WA 57 -47.93 61.70 -52.02
C ILE WA 57 -47.74 62.77 -53.08
N LYS WA 58 -48.81 63.53 -53.34
CA LYS WA 58 -48.78 64.54 -54.38
C LYS WA 58 -47.84 65.67 -54.01
N ARG WA 59 -47.41 66.39 -55.04
CA ARG WA 59 -46.49 67.50 -54.89
C ARG WA 59 -47.16 68.70 -54.23
N THR WA 60 -46.33 69.58 -53.67
CA THR WA 60 -46.79 70.81 -53.04
C THR WA 60 -45.81 71.92 -53.34
N THR WA 61 -46.34 73.11 -53.63
CA THR WA 61 -45.53 74.32 -53.78
C THR WA 61 -45.09 74.90 -52.45
N VAL WA 62 -45.58 74.36 -51.33
CA VAL WA 62 -45.20 74.87 -50.01
C VAL WA 62 -43.69 74.75 -49.83
N LYS WA 63 -43.09 75.80 -49.28
CA LYS WA 63 -41.65 75.83 -49.09
C LYS WA 63 -41.21 75.12 -47.83
N THR WA 64 -42.01 75.23 -46.76
CA THR WA 64 -41.64 74.68 -45.48
C THR WA 64 -41.57 73.16 -45.54
N PRO WA 65 -40.96 72.53 -44.54
CA PRO WA 65 -41.09 71.08 -44.40
C PRO WA 65 -42.43 70.74 -43.78
N SER WA 66 -43.32 70.20 -44.59
CA SER WA 66 -44.61 69.72 -44.14
C SER WA 66 -44.72 68.24 -44.41
N TRP WA 67 -45.58 67.58 -43.64
CA TRP WA 67 -45.77 66.14 -43.73
C TRP WA 67 -47.20 65.81 -44.12
N ALA WA 68 -47.33 64.69 -44.82
CA ALA WA 68 -48.62 64.16 -45.26
C ALA WA 68 -48.93 62.94 -44.42
N VAL WA 69 -50.05 62.99 -43.73
CA VAL WA 69 -50.44 61.96 -42.79
C VAL WA 69 -51.53 61.11 -43.41
N ASP WA 70 -51.48 59.81 -43.17
CA ASP WA 70 -52.49 58.89 -43.65
C ASP WA 70 -52.48 57.66 -42.75
N MET WA 71 -53.52 56.86 -42.90
CA MET WA 71 -53.76 55.68 -42.09
C MET WA 71 -53.78 54.43 -42.95
N MET WA 72 -53.74 53.28 -42.28
CA MET WA 72 -53.72 51.99 -42.95
C MET WA 72 -54.35 50.94 -42.05
N ARG WA 73 -55.48 50.40 -42.49
CA ARG WA 73 -56.16 49.30 -41.85
C ARG WA 73 -55.97 48.03 -42.68
N PHE WA 74 -56.31 46.90 -42.06
CA PHE WA 74 -56.16 45.60 -42.69
C PHE WA 74 -57.43 44.78 -42.45
N ASN WA 75 -58.04 44.31 -43.54
CA ASN WA 75 -59.19 43.42 -43.48
C ASN WA 75 -58.91 42.19 -44.33
N ILE WA 76 -59.49 41.07 -43.91
CA ILE WA 76 -59.24 39.80 -44.58
C ILE WA 76 -60.08 39.63 -45.84
N ASN WA 77 -61.10 40.45 -46.04
CA ASN WA 77 -61.86 40.37 -47.28
C ASN WA 77 -61.01 40.78 -48.47
N ASP WA 78 -60.06 41.68 -48.26
CA ASP WA 78 -59.19 42.15 -49.33
C ASP WA 78 -58.10 41.15 -49.69
N PHE WA 79 -57.88 40.13 -48.86
CA PHE WA 79 -56.90 39.10 -49.11
C PHE WA 79 -57.51 37.77 -49.47
N LEU WA 80 -58.69 37.47 -48.95
CA LEU WA 80 -59.38 36.20 -49.14
C LEU WA 80 -60.66 36.42 -49.94
N PRO WA 81 -60.76 35.98 -51.19
CA PRO WA 81 -61.97 36.25 -51.94
C PRO WA 81 -63.11 35.36 -51.50
N PRO WA 82 -64.32 35.62 -52.00
CA PRO WA 82 -65.42 34.69 -51.74
C PRO WA 82 -65.26 33.42 -52.54
N GLY WA 83 -65.74 32.33 -51.97
CA GLY WA 83 -65.63 31.04 -52.59
C GLY WA 83 -66.72 30.78 -53.60
N GLY WA 84 -67.20 29.55 -53.63
CA GLY WA 84 -68.26 29.19 -54.54
C GLY WA 84 -69.02 27.97 -54.07
N GLY WA 85 -70.35 28.07 -54.11
CA GLY WA 85 -71.19 26.96 -53.70
C GLY WA 85 -71.45 26.94 -52.22
N SER WA 86 -71.45 25.74 -51.65
CA SER WA 86 -71.71 25.57 -50.23
C SER WA 86 -70.57 26.09 -49.37
N ASN WA 87 -69.39 26.31 -49.96
CA ASN WA 87 -68.27 26.89 -49.24
C ASN WA 87 -68.26 28.40 -49.47
N PRO WA 88 -68.58 29.23 -48.48
CA PRO WA 88 -68.71 30.65 -48.75
C PRO WA 88 -67.40 31.35 -49.03
N ARG WA 89 -66.28 30.79 -48.58
CA ARG WA 89 -64.96 31.37 -48.77
C ARG WA 89 -64.06 30.39 -49.50
N SER WA 90 -62.97 30.93 -50.04
CA SER WA 90 -62.08 30.15 -50.89
C SER WA 90 -61.12 29.29 -50.10
N VAL WA 91 -60.85 29.65 -48.86
CA VAL WA 91 -60.06 28.84 -47.93
C VAL WA 91 -61.04 28.16 -46.99
N PRO WA 92 -61.23 26.84 -47.07
CA PRO WA 92 -62.32 26.23 -46.31
C PRO WA 92 -62.01 26.00 -44.83
N PHE WA 93 -62.12 27.07 -44.07
CA PHE WA 93 -61.94 27.03 -42.63
C PHE WA 93 -62.97 27.94 -41.98
N GLU WA 94 -63.18 27.71 -40.69
CA GLU WA 94 -64.19 28.42 -39.91
C GLU WA 94 -63.62 29.63 -39.19
N TYR WA 95 -62.53 29.43 -38.46
CA TYR WA 95 -61.96 30.45 -37.59
C TYR WA 95 -60.63 30.92 -38.14
N TYR WA 96 -60.21 32.09 -37.67
CA TYR WA 96 -58.93 32.64 -38.06
C TYR WA 96 -58.44 33.58 -36.97
N ARG WA 97 -57.15 33.87 -37.03
CA ARG WA 97 -56.56 34.91 -36.21
C ARG WA 97 -55.27 35.36 -36.88
N ILE WA 98 -55.13 36.66 -37.06
CA ILE WA 98 -53.98 37.21 -37.77
C ILE WA 98 -52.81 37.29 -36.80
N ARG WA 99 -51.71 36.64 -37.17
CA ARG WA 99 -50.52 36.56 -36.34
C ARG WA 99 -49.60 37.74 -36.56
N LYS WA 100 -49.31 38.06 -37.82
CA LYS WA 100 -48.39 39.13 -38.16
C LYS WA 100 -48.84 39.74 -39.47
N VAL WA 101 -48.35 40.96 -39.71
CA VAL WA 101 -48.50 41.65 -40.99
C VAL WA 101 -47.16 42.26 -41.34
N LYS WA 102 -46.85 42.22 -42.63
CA LYS WA 102 -45.66 42.83 -43.20
C LYS WA 102 -46.11 43.83 -44.24
N VAL WA 103 -45.97 45.10 -43.93
CA VAL WA 103 -46.23 46.18 -44.87
C VAL WA 103 -44.91 46.59 -45.49
N GLU WA 104 -44.86 46.55 -46.82
CA GLU WA 104 -43.67 46.87 -47.59
C GLU WA 104 -44.00 48.04 -48.49
N PHE WA 105 -43.30 49.15 -48.29
CA PHE WA 105 -43.36 50.30 -49.19
C PHE WA 105 -42.28 50.12 -50.24
N TRP WA 106 -42.69 49.63 -51.39
CA TRP WA 106 -41.77 49.48 -52.51
C TRP WA 106 -41.79 50.76 -53.32
N PRO WA 107 -40.67 51.47 -53.46
CA PRO WA 107 -40.72 52.75 -54.16
C PRO WA 107 -40.95 52.60 -55.65
N CYS WA 108 -41.47 53.68 -56.22
CA CYS WA 108 -41.69 53.80 -57.65
C CYS WA 108 -40.83 54.87 -58.28
N SER WA 109 -39.98 55.53 -57.51
CA SER WA 109 -39.27 56.71 -57.91
C SER WA 109 -37.80 56.37 -58.17
N PRO WA 110 -37.15 57.07 -59.08
CA PRO WA 110 -35.75 56.76 -59.38
C PRO WA 110 -34.83 57.20 -58.27
N ILE WA 111 -33.63 56.61 -58.27
CA ILE WA 111 -32.63 56.97 -57.29
C ILE WA 111 -31.99 58.33 -57.55
N THR WA 112 -32.29 58.95 -58.68
CA THR WA 112 -31.81 60.29 -59.00
C THR WA 112 -32.76 61.38 -58.56
N GLN WA 113 -33.88 61.05 -57.93
CA GLN WA 113 -34.86 62.05 -57.57
C GLN WA 113 -34.37 62.83 -56.35
N GLY WA 114 -34.48 64.15 -56.43
CA GLY WA 114 -34.06 65.02 -55.36
C GLY WA 114 -35.19 65.45 -54.47
N ASP WA 115 -34.93 66.50 -53.70
CA ASP WA 115 -35.87 67.00 -52.70
C ASP WA 115 -36.25 65.89 -51.73
N ARG WA 116 -35.25 65.13 -51.32
CA ARG WA 116 -35.47 64.02 -50.42
C ARG WA 116 -35.97 64.50 -49.07
N GLY WA 117 -36.46 63.54 -48.29
CA GLY WA 117 -37.12 63.84 -47.05
C GLY WA 117 -36.98 62.75 -46.03
N VAL WA 118 -37.66 62.91 -44.90
CA VAL WA 118 -37.58 61.95 -43.81
C VAL WA 118 -38.92 61.93 -43.09
N GLY WA 119 -39.47 60.74 -42.92
CA GLY WA 119 -40.77 60.53 -42.33
C GLY WA 119 -40.75 59.52 -41.22
N SER WA 120 -41.93 59.02 -40.88
CA SER WA 120 -42.07 58.13 -39.74
C SER WA 120 -43.28 57.24 -39.94
N SER WA 121 -43.14 55.97 -39.55
CA SER WA 121 -44.22 55.01 -39.53
C SER WA 121 -44.35 54.45 -38.11
N ALA WA 122 -45.57 54.47 -37.59
CA ALA WA 122 -45.85 54.02 -36.24
C ALA WA 122 -46.99 53.01 -36.25
N VAL WA 123 -47.08 52.26 -35.16
CA VAL WA 123 -48.03 51.17 -35.01
C VAL WA 123 -49.14 51.64 -34.09
N ILE WA 124 -50.37 51.62 -34.60
CA ILE WA 124 -51.53 52.21 -33.93
C ILE WA 124 -52.60 51.15 -33.85
N LEU WA 125 -52.72 50.51 -32.69
CA LEU WA 125 -53.54 49.32 -32.52
C LEU WA 125 -54.94 49.60 -32.00
N ASP WA 126 -55.52 50.79 -32.27
CA ASP WA 126 -56.75 51.18 -31.62
C ASP WA 126 -57.74 51.96 -32.47
N ASP WA 127 -57.48 52.20 -33.75
CA ASP WA 127 -58.44 52.81 -34.65
C ASP WA 127 -58.69 54.28 -34.30
N ASN WA 128 -57.70 54.93 -33.69
CA ASN WA 128 -57.73 56.39 -33.50
C ASN WA 128 -56.37 56.87 -33.98
N PHE WA 129 -56.33 57.22 -35.25
CA PHE WA 129 -55.16 57.73 -35.91
C PHE WA 129 -55.11 59.25 -35.81
N VAL WA 130 -53.91 59.80 -36.05
CA VAL WA 130 -53.82 61.22 -36.29
C VAL WA 130 -54.62 61.54 -37.53
N THR WA 131 -55.30 62.68 -37.50
CA THR WA 131 -56.19 63.05 -38.58
C THR WA 131 -55.43 63.14 -39.89
N LYS WA 132 -56.06 62.68 -40.97
CA LYS WA 132 -55.44 62.75 -42.27
C LYS WA 132 -55.20 64.19 -42.68
N ALA WA 133 -53.98 64.49 -43.09
CA ALA WA 133 -53.55 65.83 -43.42
C ALA WA 133 -52.74 65.79 -44.70
N THR WA 134 -52.81 66.88 -45.44
CA THR WA 134 -52.07 67.04 -46.68
C THR WA 134 -50.70 67.65 -46.44
N ALA WA 135 -50.65 68.76 -45.70
CA ALA WA 135 -49.40 69.45 -45.38
C ALA WA 135 -49.49 69.91 -43.93
N LEU WA 136 -49.07 69.04 -43.02
CA LEU WA 136 -48.99 69.36 -41.60
C LEU WA 136 -47.58 69.83 -41.26
N THR WA 137 -47.50 70.80 -40.36
CA THR WA 137 -46.26 71.48 -40.06
C THR WA 137 -45.30 70.68 -39.19
N TYR WA 138 -45.58 69.42 -38.92
CA TYR WA 138 -44.72 68.60 -38.08
C TYR WA 138 -45.03 67.14 -38.36
N ASP WA 139 -44.14 66.27 -37.88
CA ASP WA 139 -44.29 64.84 -37.99
C ASP WA 139 -44.93 64.33 -36.69
N PRO WA 140 -46.20 63.95 -36.69
CA PRO WA 140 -46.82 63.55 -35.43
C PRO WA 140 -46.30 62.23 -34.91
N TYR WA 141 -45.92 61.32 -35.78
CA TYR WA 141 -45.51 59.98 -35.39
C TYR WA 141 -44.03 59.90 -35.06
N VAL WA 142 -43.37 61.03 -34.83
CA VAL WA 142 -41.92 61.02 -34.67
C VAL WA 142 -41.52 60.58 -33.27
N ASN WA 143 -42.25 61.02 -32.26
CA ASN WA 143 -41.92 60.71 -30.89
C ASN WA 143 -42.59 59.43 -30.40
N TYR WA 144 -43.29 58.72 -31.28
CA TYR WA 144 -43.89 57.46 -30.91
C TYR WA 144 -42.84 56.40 -30.64
N SER WA 145 -43.11 55.57 -29.65
CA SER WA 145 -42.20 54.50 -29.28
C SER WA 145 -42.02 53.47 -30.39
N SER WA 146 -42.99 53.36 -31.30
CA SER WA 146 -42.94 52.44 -32.41
C SER WA 146 -42.58 53.13 -33.72
N ARG WA 147 -41.90 54.26 -33.65
CA ARG WA 147 -41.53 54.99 -34.85
C ARG WA 147 -40.32 54.35 -35.49
N HIS WA 148 -40.42 54.14 -36.79
CA HIS WA 148 -39.29 53.81 -37.65
C HIS WA 148 -39.18 54.92 -38.67
N THR WA 149 -37.96 55.33 -38.94
CA THR WA 149 -37.72 56.40 -39.91
C THR WA 149 -37.97 55.90 -41.32
N ILE WA 150 -38.66 56.73 -42.09
CA ILE WA 150 -38.87 56.50 -43.51
C ILE WA 150 -37.95 57.46 -44.24
N THR WA 151 -36.92 56.90 -44.88
CA THR WA 151 -36.17 57.63 -45.87
C THR WA 151 -36.96 57.68 -47.16
N GLN WA 152 -37.00 58.84 -47.78
CA GLN WA 152 -37.79 59.11 -48.97
C GLN WA 152 -36.88 59.63 -50.06
N PRO WA 153 -37.29 59.50 -51.34
CA PRO WA 153 -38.43 58.81 -51.93
C PRO WA 153 -38.14 57.42 -52.47
N PHE WA 154 -36.87 57.10 -52.64
CA PHE WA 154 -36.44 55.93 -53.39
C PHE WA 154 -35.93 54.81 -52.49
N SER WA 155 -36.43 54.73 -51.27
CA SER WA 155 -35.94 53.79 -50.29
C SER WA 155 -37.06 52.89 -49.81
N TYR WA 156 -36.71 51.65 -49.54
CA TYR WA 156 -37.63 50.63 -49.10
C TYR WA 156 -37.84 50.71 -47.60
N HIS WA 157 -39.09 50.52 -47.19
CA HIS WA 157 -39.50 50.58 -45.79
C HIS WA 157 -40.39 49.40 -45.51
N SER WA 158 -40.01 48.60 -44.53
CA SER WA 158 -40.80 47.46 -44.07
C SER WA 158 -41.18 47.65 -42.61
N ARG WA 159 -42.34 47.12 -42.25
CA ARG WA 159 -42.82 47.08 -40.88
C ARG WA 159 -43.45 45.74 -40.65
N TYR WA 160 -43.00 45.04 -39.62
CA TYR WA 160 -43.45 43.68 -39.29
C TYR WA 160 -43.93 43.70 -37.85
N PHE WA 161 -45.23 43.46 -37.67
CA PHE WA 161 -45.85 43.62 -36.38
C PHE WA 161 -47.09 42.74 -36.30
N THR WA 162 -47.69 42.72 -35.14
CA THR WA 162 -48.88 41.93 -34.83
C THR WA 162 -50.09 42.86 -34.71
N PRO WA 163 -51.05 42.84 -35.62
CA PRO WA 163 -52.18 43.76 -35.50
C PRO WA 163 -53.16 43.30 -34.45
N LYS WA 164 -54.20 44.09 -34.25
CA LYS WA 164 -55.25 43.81 -33.28
C LYS WA 164 -56.59 44.11 -33.92
N PRO WA 165 -57.62 43.33 -33.61
CA PRO WA 165 -58.93 43.61 -34.19
C PRO WA 165 -59.71 44.66 -33.44
N VAL WA 166 -60.64 45.26 -34.16
CA VAL WA 166 -61.49 46.32 -33.63
C VAL WA 166 -62.74 45.64 -33.10
N LEU WA 167 -62.68 45.24 -31.84
CA LEU WA 167 -63.81 44.59 -31.19
C LEU WA 167 -64.84 45.61 -30.70
N ASP WA 168 -64.39 46.68 -30.08
CA ASP WA 168 -65.26 47.77 -29.65
C ASP WA 168 -64.54 49.07 -29.93
N SER WA 169 -65.02 49.82 -30.93
CA SER WA 169 -64.42 51.09 -31.27
C SER WA 169 -64.69 52.17 -30.24
N THR WA 170 -65.69 51.97 -29.38
CA THR WA 170 -66.01 52.95 -28.35
C THR WA 170 -64.99 52.91 -27.22
N ILE WA 171 -64.56 51.72 -26.83
CA ILE WA 171 -63.67 51.52 -25.70
C ILE WA 171 -62.25 51.31 -26.22
N ASP WA 172 -62.13 50.64 -27.36
CA ASP WA 172 -60.86 50.42 -28.04
C ASP WA 172 -59.91 49.64 -27.13
N TYR WA 173 -60.28 48.41 -26.82
CA TYR WA 173 -59.47 47.51 -26.02
C TYR WA 173 -58.84 46.44 -26.91
N PHE WA 174 -57.64 46.01 -26.53
CA PHE WA 174 -56.94 44.99 -27.27
C PHE WA 174 -56.06 44.19 -26.33
N GLN WA 175 -55.65 43.09 -26.80
CA GLN WA 175 -54.85 42.13 -26.06
C GLN WA 175 -53.37 42.37 -26.26
N PRO WA 176 -52.53 42.06 -25.28
CA PRO WA 176 -51.10 42.03 -25.55
C PRO WA 176 -50.69 40.83 -26.37
N ASN WA 177 -49.43 40.79 -26.77
CA ASN WA 177 -48.96 39.76 -27.66
C ASN WA 177 -48.80 38.46 -26.90
N ASN WA 178 -49.58 37.45 -27.28
CA ASN WA 178 -49.48 36.13 -26.68
C ASN WA 178 -49.99 35.16 -27.73
N LYS WA 179 -49.12 34.30 -28.23
CA LYS WA 179 -49.53 33.39 -29.28
C LYS WA 179 -50.54 32.37 -28.77
N ARG WA 180 -50.47 32.03 -27.49
CA ARG WA 180 -51.31 30.98 -26.95
C ARG WA 180 -52.69 31.48 -26.56
N ASN WA 181 -52.81 32.76 -26.25
CA ASN WA 181 -54.05 33.35 -25.75
C ASN WA 181 -54.74 34.25 -26.78
N GLN WA 182 -54.22 34.36 -27.99
CA GLN WA 182 -54.82 35.22 -28.98
C GLN WA 182 -56.19 34.70 -29.38
N LEU WA 183 -57.15 35.62 -29.45
CA LEU WA 183 -58.51 35.27 -29.76
C LEU WA 183 -58.64 34.72 -31.17
N TRP WA 184 -59.54 33.77 -31.32
CA TRP WA 184 -59.97 33.27 -32.62
C TRP WA 184 -61.21 34.03 -33.03
N LEU WA 185 -61.17 34.64 -34.20
CA LEU WA 185 -62.34 35.24 -34.81
C LEU WA 185 -62.94 34.27 -35.80
N ARG WA 186 -64.17 34.57 -36.21
CA ARG WA 186 -64.84 33.81 -37.24
C ARG WA 186 -64.57 34.42 -38.60
N LEU WA 187 -64.32 33.55 -39.56
CA LEU WA 187 -64.19 33.93 -40.95
C LEU WA 187 -65.59 34.10 -41.52
N GLN WA 188 -66.09 35.33 -41.46
CA GLN WA 188 -67.41 35.65 -41.94
C GLN WA 188 -67.46 35.54 -43.46
N THR WA 189 -68.67 35.68 -43.99
CA THR WA 189 -68.87 35.58 -45.43
C THR WA 189 -68.52 36.88 -46.13
N ALA WA 190 -69.12 38.01 -45.69
CA ALA WA 190 -68.84 39.30 -46.29
C ALA WA 190 -68.77 40.44 -45.28
N GLY WA 191 -68.45 40.16 -44.02
CA GLY WA 191 -68.54 41.16 -42.97
C GLY WA 191 -67.44 41.10 -41.93
N ASN WA 192 -66.25 40.68 -42.34
CA ASN WA 192 -65.16 40.52 -41.40
C ASN WA 192 -64.74 41.86 -40.79
N VAL WA 193 -64.12 41.78 -39.63
CA VAL WA 193 -63.78 42.94 -38.83
C VAL WA 193 -62.43 43.48 -39.25
N ASP WA 194 -62.29 44.80 -39.16
CA ASP WA 194 -61.07 45.45 -39.60
C ASP WA 194 -60.00 45.33 -38.54
N HIS WA 195 -58.82 44.88 -38.96
CA HIS WA 195 -57.63 44.94 -38.14
C HIS WA 195 -56.88 46.23 -38.42
N VAL WA 196 -56.08 46.64 -37.45
CA VAL WA 196 -55.52 47.98 -37.42
C VAL WA 196 -54.11 47.89 -36.89
N GLY WA 197 -53.33 48.95 -37.10
CA GLY WA 197 -51.93 48.89 -36.71
C GLY WA 197 -50.87 49.63 -37.50
N LEU WA 198 -51.20 50.51 -38.43
CA LEU WA 198 -50.15 51.33 -39.01
C LEU WA 198 -50.63 52.72 -39.41
N GLY WA 199 -49.84 53.70 -39.04
CA GLY WA 199 -50.01 55.06 -39.49
C GLY WA 199 -48.69 55.64 -39.91
N THR WA 200 -48.75 56.52 -40.91
CA THR WA 200 -47.57 57.02 -41.60
C THR WA 200 -47.57 58.53 -41.63
N ALA WA 201 -46.39 59.07 -41.88
CA ALA WA 201 -46.20 60.50 -42.12
C ALA WA 201 -45.07 60.67 -43.11
N PHE WA 202 -45.41 61.12 -44.31
CA PHE WA 202 -44.46 61.32 -45.38
C PHE WA 202 -44.21 62.81 -45.59
N GLU WA 203 -42.95 63.16 -45.75
CA GLU WA 203 -42.57 64.54 -46.00
C GLU WA 203 -42.83 64.88 -47.46
N ASN WA 204 -43.55 65.97 -47.67
CA ASN WA 204 -43.93 66.36 -49.02
C ASN WA 204 -42.73 66.86 -49.80
N SER WA 205 -42.92 66.99 -51.11
CA SER WA 205 -41.84 67.30 -52.02
C SER WA 205 -42.39 68.03 -53.23
N ILE WA 206 -41.48 68.60 -54.02
CA ILE WA 206 -41.86 69.26 -55.26
C ILE WA 206 -42.32 68.24 -56.29
N TYR WA 207 -41.79 67.03 -56.22
CA TYR WA 207 -42.13 65.95 -57.13
C TYR WA 207 -43.09 64.98 -56.47
N ASP WA 208 -43.84 64.27 -57.29
CA ASP WA 208 -44.75 63.26 -56.79
C ASP WA 208 -43.99 62.03 -56.35
N GLN WA 209 -44.35 61.52 -55.17
CA GLN WA 209 -43.72 60.34 -54.59
C GLN WA 209 -44.74 59.20 -54.62
N GLU WA 210 -44.52 58.22 -55.48
CA GLU WA 210 -45.40 57.09 -55.62
C GLU WA 210 -44.78 55.86 -54.96
N TYR WA 211 -45.65 54.97 -54.48
CA TYR WA 211 -45.26 53.74 -53.83
C TYR WA 211 -46.22 52.63 -54.23
N ASN WA 212 -45.69 51.42 -54.31
CA ASN WA 212 -46.48 50.20 -54.46
C ASN WA 212 -46.41 49.47 -53.14
N ILE WA 213 -47.52 49.43 -52.41
CA ILE WA 213 -47.54 48.89 -51.07
C ILE WA 213 -48.04 47.45 -51.14
N ARG WA 214 -47.23 46.54 -50.62
CA ARG WA 214 -47.54 45.11 -50.58
C ARG WA 214 -47.71 44.71 -49.13
N VAL WA 215 -48.94 44.38 -48.76
CA VAL WA 215 -49.27 43.90 -47.43
C VAL WA 215 -49.35 42.38 -47.49
N THR WA 216 -48.68 41.74 -46.54
CA THR WA 216 -48.67 40.30 -46.40
C THR WA 216 -49.14 39.97 -45.00
N MET WA 217 -50.24 39.24 -44.90
CA MET WA 217 -50.78 38.80 -43.63
C MET WA 217 -50.47 37.34 -43.41
N TYR WA 218 -49.91 37.04 -42.25
CA TYR WA 218 -49.61 35.68 -41.83
C TYR WA 218 -50.71 35.23 -40.88
N VAL WA 219 -51.57 34.35 -41.37
CA VAL WA 219 -52.81 34.00 -40.69
C VAL WA 219 -52.72 32.56 -40.23
N GLN WA 220 -53.66 32.18 -39.37
CA GLN WA 220 -53.74 30.85 -38.78
C GLN WA 220 -55.21 30.51 -38.70
N PHE WA 221 -55.61 29.49 -39.46
CA PHE WA 221 -56.98 29.05 -39.52
C PHE WA 221 -57.21 27.83 -38.64
N ARG WA 222 -58.47 27.44 -38.51
CA ARG WA 222 -58.86 26.35 -37.65
C ARG WA 222 -60.17 25.77 -38.14
N GLU WA 223 -60.34 24.47 -37.91
CA GLU WA 223 -61.59 23.75 -38.17
C GLU WA 223 -61.96 23.78 -39.66
N PHE WA 224 -61.16 23.04 -40.42
CA PHE WA 224 -61.47 22.66 -41.79
C PHE WA 224 -62.91 22.24 -41.92
N ASN WA 225 -63.67 22.91 -42.78
CA ASN WA 225 -65.11 22.77 -42.86
C ASN WA 225 -65.59 22.64 -44.28
N LEU WA 226 -64.89 21.85 -45.08
CA LEU WA 226 -65.29 21.68 -46.46
C LEU WA 226 -66.62 20.94 -46.54
N LYS WA 227 -67.43 21.34 -47.50
CA LYS WA 227 -68.74 20.73 -47.74
C LYS WA 227 -68.75 20.16 -49.15
N ASP WA 228 -69.13 18.88 -49.25
CA ASP WA 228 -69.05 18.13 -50.50
C ASP WA 228 -70.43 17.57 -50.83
N PRO WA 229 -71.29 18.36 -51.46
CA PRO WA 229 -72.55 17.82 -51.93
C PRO WA 229 -72.34 16.96 -53.17
N PRO WA 230 -73.35 16.18 -53.56
CA PRO WA 230 -73.22 15.43 -54.82
C PRO WA 230 -73.26 16.33 -56.04
N LEU WA 231 -73.20 15.71 -57.22
CA LEU WA 231 -73.17 16.45 -58.48
C LEU WA 231 -73.99 15.73 -59.54
N GLY XA 43 -38.09 60.30 -9.25
CA GLY XA 43 -38.93 59.74 -10.29
C GLY XA 43 -38.36 59.95 -11.67
N ILE XA 44 -37.44 59.08 -12.05
CA ILE XA 44 -36.68 59.24 -13.28
C ILE XA 44 -37.51 58.78 -14.46
N PHE XA 45 -37.33 59.48 -15.58
CA PHE XA 45 -37.97 59.09 -16.83
C PHE XA 45 -37.04 59.53 -17.96
N ASN XA 46 -36.31 58.58 -18.52
CA ASN XA 46 -35.49 58.83 -19.69
C ASN XA 46 -36.35 58.70 -20.93
N THR XA 47 -36.32 59.72 -21.78
CA THR XA 47 -37.04 59.71 -23.04
C THR XA 47 -36.21 60.36 -24.13
N ARG XA 48 -36.86 60.66 -25.24
CA ARG XA 48 -36.21 61.13 -26.45
C ARG XA 48 -37.12 62.14 -27.12
N LEU XA 49 -36.58 63.32 -27.39
CA LEU XA 49 -37.30 64.41 -28.01
C LEU XA 49 -36.57 64.85 -29.26
N SER XA 50 -37.32 65.12 -30.32
CA SER XA 50 -36.78 65.44 -31.62
C SER XA 50 -37.38 66.73 -32.15
N ARG XA 51 -36.78 67.21 -33.23
CA ARG XA 51 -37.07 68.49 -33.85
C ARG XA 51 -36.33 68.52 -35.18
N THR XA 52 -36.98 69.09 -36.19
CA THR XA 52 -36.45 69.11 -37.55
C THR XA 52 -36.54 70.51 -38.12
N PHE XA 53 -35.49 70.92 -38.82
CA PHE XA 53 -35.42 72.23 -39.42
C PHE XA 53 -34.41 72.20 -40.55
N GLY XA 54 -34.40 73.28 -41.33
CA GLY XA 54 -33.57 73.37 -42.51
C GLY XA 54 -32.34 74.24 -42.38
N TYR XA 55 -31.36 73.97 -43.23
CA TYR XA 55 -30.14 74.76 -43.32
C TYR XA 55 -29.65 74.69 -44.76
N THR XA 56 -29.34 75.85 -45.32
CA THR XA 56 -28.90 75.95 -46.70
C THR XA 56 -27.59 76.73 -46.77
N ILE XA 57 -26.69 76.24 -47.61
CA ILE XA 57 -25.44 76.91 -47.94
C ILE XA 57 -25.63 77.45 -49.36
N LYS XA 58 -25.82 78.76 -49.46
CA LYS XA 58 -26.08 79.37 -50.74
C LYS XA 58 -24.85 79.30 -51.64
N ARG XA 59 -25.11 79.41 -52.95
CA ARG XA 59 -24.07 79.33 -53.95
C ARG XA 59 -23.18 80.58 -53.92
N THR XA 60 -21.99 80.43 -54.50
CA THR XA 60 -21.02 81.51 -54.61
C THR XA 60 -20.29 81.40 -55.94
N THR XA 61 -20.09 82.55 -56.59
CA THR XA 61 -19.29 82.63 -57.79
C THR XA 61 -17.79 82.59 -57.50
N VAL XA 62 -17.39 82.62 -56.23
CA VAL XA 62 -15.98 82.57 -55.87
C VAL XA 62 -15.35 81.30 -56.39
N LYS XA 63 -14.15 81.43 -56.96
CA LYS XA 63 -13.46 80.30 -57.56
C LYS XA 63 -12.70 79.48 -56.53
N THR XA 64 -12.13 80.14 -55.54
CA THR XA 64 -11.30 79.48 -54.55
C THR XA 64 -12.12 78.50 -53.72
N PRO XA 65 -11.46 77.61 -52.98
CA PRO XA 65 -12.17 76.84 -51.97
C PRO XA 65 -12.36 77.67 -50.72
N SER XA 66 -13.59 78.11 -50.49
CA SER XA 66 -13.97 78.83 -49.30
C SER XA 66 -14.99 78.02 -48.52
N TRP XA 67 -15.08 78.29 -47.23
CA TRP XA 67 -15.96 77.59 -46.33
C TRP XA 67 -16.95 78.54 -45.68
N ALA XA 68 -18.14 77.99 -45.42
CA ALA XA 68 -19.22 78.71 -44.76
C ALA XA 68 -19.34 78.20 -43.33
N VAL XA 69 -19.19 79.11 -42.39
CA VAL XA 69 -19.16 78.77 -40.98
C VAL XA 69 -20.48 79.16 -40.33
N ASP XA 70 -20.95 78.32 -39.43
CA ASP XA 70 -22.18 78.58 -38.70
C ASP XA 70 -22.13 77.81 -37.39
N MET XA 71 -23.05 78.16 -36.51
CA MET XA 71 -23.14 77.63 -35.17
C MET XA 71 -24.46 76.91 -34.96
N MET XA 72 -24.54 76.17 -33.86
CA MET XA 72 -25.72 75.40 -33.53
C MET XA 72 -25.82 75.24 -32.02
N ARG XA 73 -26.85 75.83 -31.44
CA ARG XA 73 -27.20 75.69 -30.03
C ARG XA 73 -28.42 74.81 -29.89
N PHE XA 74 -28.68 74.38 -28.66
CA PHE XA 74 -29.80 73.50 -28.34
C PHE XA 74 -30.51 74.01 -27.11
N ASN XA 75 -31.80 74.25 -27.22
CA ASN XA 75 -32.65 74.63 -26.10
C ASN XA 75 -33.85 73.71 -26.05
N ILE XA 76 -34.32 73.47 -24.82
CA ILE XA 76 -35.42 72.54 -24.60
C ILE XA 76 -36.78 73.14 -24.90
N ASN XA 77 -36.88 74.46 -25.04
CA ASN XA 77 -38.15 75.06 -25.43
C ASN XA 77 -38.53 74.66 -26.84
N ASP XA 78 -37.56 74.44 -27.70
CA ASP XA 78 -37.81 74.05 -29.08
C ASP XA 78 -38.21 72.60 -29.23
N PHE XA 79 -38.03 71.79 -28.19
CA PHE XA 79 -38.41 70.39 -28.20
C PHE XA 79 -39.62 70.09 -27.34
N LEU XA 80 -39.79 70.84 -26.26
CA LEU XA 80 -40.87 70.63 -25.30
C LEU XA 80 -41.83 71.81 -25.32
N PRO XA 81 -43.06 71.67 -25.80
CA PRO XA 81 -43.94 72.82 -25.87
C PRO XA 81 -44.49 73.18 -24.51
N PRO XA 82 -45.16 74.32 -24.41
CA PRO XA 82 -45.86 74.63 -23.16
C PRO XA 82 -47.09 73.77 -22.98
N GLY XA 83 -47.40 73.48 -21.74
CA GLY XA 83 -48.52 72.63 -21.42
C GLY XA 83 -49.82 73.39 -21.39
N GLY XA 84 -50.67 73.03 -20.44
CA GLY XA 84 -51.95 73.68 -20.29
C GLY XA 84 -52.51 73.54 -18.90
N GLY XA 85 -52.97 74.66 -18.34
CA GLY XA 85 -53.54 74.66 -17.02
C GLY XA 85 -52.51 74.81 -15.93
N SER XA 86 -52.72 74.06 -14.84
CA SER XA 86 -51.80 74.13 -13.71
C SER XA 86 -50.45 73.50 -14.02
N ASN XA 87 -50.35 72.71 -15.08
CA ASN XA 87 -49.09 72.14 -15.51
C ASN XA 87 -48.48 73.05 -16.56
N PRO XA 88 -47.39 73.77 -16.27
CA PRO XA 88 -46.89 74.74 -17.25
C PRO XA 88 -46.26 74.12 -18.47
N ARG XA 89 -45.81 72.87 -18.38
CA ARG XA 89 -45.17 72.17 -19.47
C ARG XA 89 -45.92 70.89 -19.80
N SER XA 90 -45.65 70.36 -20.99
CA SER XA 90 -46.39 69.21 -21.49
C SER XA 90 -45.88 67.90 -20.92
N VAL XA 91 -44.63 67.86 -20.48
CA VAL XA 91 -44.06 66.72 -19.77
C VAL XA 91 -44.05 67.06 -18.29
N PRO XA 92 -44.88 66.41 -17.46
CA PRO XA 92 -45.02 66.89 -16.08
C PRO XA 92 -43.89 66.46 -15.15
N PHE XA 93 -42.78 67.17 -15.26
CA PHE XA 93 -41.63 66.95 -14.40
C PHE XA 93 -41.04 68.29 -14.03
N GLU XA 94 -40.24 68.29 -12.96
CA GLU XA 94 -39.64 69.49 -12.41
C GLU XA 94 -38.24 69.75 -12.94
N TYR XA 95 -37.39 68.74 -12.88
CA TYR XA 95 -35.98 68.86 -13.20
C TYR XA 95 -35.66 68.10 -14.48
N TYR XA 96 -34.54 68.45 -15.08
CA TYR XA 96 -34.07 67.77 -16.27
C TYR XA 96 -32.57 67.90 -16.38
N ARG XA 97 -31.99 67.05 -17.21
CA ARG XA 97 -30.59 67.18 -17.59
C ARG XA 97 -30.40 66.44 -18.90
N ILE XA 98 -29.80 67.12 -19.86
CA ILE XA 98 -29.64 66.56 -21.20
C ILE XA 98 -28.43 65.63 -21.18
N ARG XA 99 -28.65 64.37 -21.56
CA ARG XA 99 -27.62 63.36 -21.54
C ARG XA 99 -26.82 63.34 -22.84
N LYS XA 100 -27.51 63.35 -23.98
CA LYS XA 100 -26.89 63.25 -25.28
C LYS XA 100 -27.72 64.03 -26.28
N VAL XA 101 -27.09 64.38 -27.39
CA VAL XA 101 -27.77 64.95 -28.54
C VAL XA 101 -27.22 64.26 -29.78
N LYS XA 102 -28.12 64.03 -30.74
CA LYS XA 102 -27.80 63.46 -32.04
C LYS XA 102 -28.24 64.46 -33.09
N VAL XA 103 -27.28 65.10 -33.72
CA VAL XA 103 -27.52 65.99 -34.84
C VAL XA 103 -27.30 65.21 -36.12
N GLU XA 104 -28.32 65.18 -36.97
CA GLU XA 104 -28.31 64.45 -38.22
C GLU XA 104 -28.50 65.44 -39.36
N PHE XA 105 -27.51 65.54 -40.22
CA PHE XA 105 -27.62 66.32 -41.46
C PHE XA 105 -28.12 65.38 -42.55
N TRP XA 106 -29.42 65.45 -42.79
CA TRP XA 106 -30.02 64.66 -43.85
C TRP XA 106 -29.97 65.48 -45.14
N PRO XA 107 -29.30 65.01 -46.19
CA PRO XA 107 -29.18 65.84 -47.39
C PRO XA 107 -30.49 65.98 -48.13
N CYS XA 108 -30.55 67.07 -48.89
CA CYS XA 108 -31.66 67.36 -49.77
C CYS XA 108 -31.26 67.34 -51.24
N SER XA 109 -30.02 67.03 -51.54
CA SER XA 109 -29.44 67.18 -52.85
C SER XA 109 -29.28 65.82 -53.52
N PRO XA 110 -29.37 65.75 -54.83
CA PRO XA 110 -29.26 64.46 -55.51
C PRO XA 110 -27.83 63.94 -55.51
N ILE XA 111 -27.71 62.64 -55.72
CA ILE XA 111 -26.39 62.02 -55.79
C ILE XA 111 -25.65 62.33 -57.08
N THR XA 112 -26.30 62.99 -58.03
CA THR XA 112 -25.67 63.42 -59.27
C THR XA 112 -25.09 64.82 -59.18
N GLN XA 113 -25.19 65.49 -58.05
CA GLN XA 113 -24.75 66.87 -57.95
C GLN XA 113 -23.23 66.89 -57.88
N GLY XA 114 -22.63 67.79 -58.66
CA GLY XA 114 -21.20 67.94 -58.71
C GLY XA 114 -20.71 69.08 -57.85
N ASP XA 115 -19.46 69.47 -58.11
CA ASP XA 115 -18.78 70.49 -57.33
C ASP XA 115 -18.76 70.09 -55.85
N ARG XA 116 -18.47 68.82 -55.61
CA ARG XA 116 -18.45 68.30 -54.27
C ARG XA 116 -17.35 68.95 -53.45
N GLY XA 117 -17.44 68.75 -52.14
CA GLY XA 117 -16.55 69.41 -51.21
C GLY XA 117 -16.30 68.60 -49.96
N VAL XA 118 -15.60 69.20 -49.01
CA VAL XA 118 -15.24 68.53 -47.78
C VAL XA 118 -15.19 69.56 -46.66
N GLY XA 119 -15.89 69.28 -45.58
CA GLY XA 119 -16.01 70.17 -44.45
C GLY XA 119 -15.69 69.52 -43.14
N SER XA 120 -16.12 70.14 -42.06
CA SER XA 120 -15.77 69.69 -40.73
C SER XA 120 -16.83 70.12 -39.74
N SER XA 121 -17.14 69.23 -38.80
CA SER XA 121 -18.03 69.52 -37.68
C SER XA 121 -17.29 69.24 -36.39
N ALA XA 122 -17.33 70.22 -35.47
CA ALA XA 122 -16.63 70.12 -34.21
C ALA XA 122 -17.58 70.43 -33.07
N VAL XA 123 -17.18 70.00 -31.88
CA VAL XA 123 -17.99 70.11 -30.67
C VAL XA 123 -17.43 71.25 -29.82
N ILE XA 124 -18.29 72.23 -29.56
CA ILE XA 124 -17.88 73.49 -28.94
C ILE XA 124 -18.78 73.70 -27.72
N LEU XA 125 -18.27 73.38 -26.55
CA LEU XA 125 -19.06 73.31 -25.33
C LEU XA 125 -19.03 74.58 -24.50
N ASP XA 126 -18.82 75.76 -25.10
CA ASP XA 126 -18.57 76.97 -24.32
C ASP XA 126 -19.17 78.26 -24.87
N ASP XA 127 -19.92 78.22 -25.95
CA ASP XA 127 -20.65 79.40 -26.44
C ASP XA 127 -19.70 80.47 -26.98
N ASN XA 128 -18.53 80.05 -27.47
CA ASN XA 128 -17.62 80.94 -28.19
C ASN XA 128 -17.23 80.17 -29.44
N PHE XA 129 -18.02 80.38 -30.48
CA PHE XA 129 -17.82 79.77 -31.78
C PHE XA 129 -16.93 80.64 -32.65
N VAL XA 130 -16.39 80.03 -33.69
CA VAL XA 130 -15.78 80.81 -34.76
C VAL XA 130 -16.86 81.69 -35.36
N THR XA 131 -16.49 82.91 -35.70
CA THR XA 131 -17.45 83.88 -36.18
C THR XA 131 -18.12 83.36 -37.45
N LYS XA 132 -19.42 83.63 -37.56
CA LYS XA 132 -20.17 83.22 -38.73
C LYS XA 132 -19.63 83.91 -39.97
N ALA XA 133 -19.34 83.13 -41.00
CA ALA XA 133 -18.74 83.60 -42.21
C ALA XA 133 -19.44 82.97 -43.41
N THR XA 134 -19.46 83.71 -44.51
CA THR XA 134 -20.06 83.25 -45.75
C THR XA 134 -19.04 82.52 -46.61
N ALA XA 135 -17.88 83.13 -46.83
CA ALA XA 135 -16.81 82.53 -47.64
C ALA XA 135 -15.49 82.83 -46.94
N LEU XA 136 -15.09 81.94 -46.04
CA LEU XA 136 -13.81 82.02 -45.36
C LEU XA 136 -12.79 81.17 -46.09
N THR XA 137 -11.56 81.66 -46.14
CA THR XA 137 -10.50 81.06 -46.95
C THR XA 137 -9.92 79.79 -46.37
N TYR XA 138 -10.47 79.25 -45.30
CA TYR XA 138 -9.95 78.04 -44.69
C TYR XA 138 -11.04 77.41 -43.84
N ASP XA 139 -10.81 76.17 -43.45
CA ASP XA 139 -11.70 75.43 -42.57
C ASP XA 139 -11.22 75.60 -41.14
N PRO XA 140 -11.88 76.39 -40.30
CA PRO XA 140 -11.34 76.59 -38.95
C PRO XA 140 -11.44 75.38 -38.08
N TYR XA 141 -12.46 74.54 -38.26
CA TYR XA 141 -12.71 73.40 -37.42
C TYR XA 141 -11.97 72.16 -37.86
N VAL XA 142 -10.95 72.30 -38.71
CA VAL XA 142 -10.31 71.14 -39.30
C VAL XA 142 -9.32 70.51 -38.33
N ASN XA 143 -8.57 71.32 -37.60
CA ASN XA 143 -7.57 70.83 -36.68
C ASN XA 143 -8.11 70.58 -35.28
N TYR XA 144 -9.41 70.73 -35.09
CA TYR XA 144 -10.01 70.45 -33.80
C TYR XA 144 -9.99 68.97 -33.50
N SER XA 145 -9.77 68.64 -32.23
CA SER XA 145 -9.70 67.26 -31.79
C SER XA 145 -11.03 66.55 -31.96
N SER XA 146 -12.13 67.28 -32.02
CA SER XA 146 -13.46 66.72 -32.20
C SER XA 146 -13.97 66.88 -33.62
N ARG XA 147 -13.08 67.03 -34.58
CA ARG XA 147 -13.48 67.21 -35.96
C ARG XA 147 -13.87 65.88 -36.57
N HIS XA 148 -15.01 65.87 -37.23
CA HIS XA 148 -15.42 64.80 -38.13
C HIS XA 148 -15.58 65.41 -39.50
N THR XA 149 -15.13 64.69 -40.51
CA THR XA 149 -15.22 65.18 -41.87
C THR XA 149 -16.66 65.13 -42.37
N ILE XA 150 -17.07 66.19 -43.03
CA ILE XA 150 -18.36 66.27 -43.69
C ILE XA 150 -18.07 66.14 -45.18
N THR XA 151 -18.47 65.00 -45.74
CA THR XA 151 -18.58 64.87 -47.18
C THR XA 151 -19.84 65.57 -47.66
N GLN XA 152 -19.71 66.33 -48.73
CA GLN XA 152 -20.77 67.15 -49.28
C GLN XA 152 -21.01 66.78 -50.72
N PRO XA 153 -22.20 67.06 -51.27
CA PRO XA 153 -23.44 67.59 -50.68
C PRO XA 153 -24.47 66.54 -50.34
N PHE XA 154 -24.31 65.33 -50.86
CA PHE XA 154 -25.34 64.31 -50.85
C PHE XA 154 -25.06 63.21 -49.84
N SER XA 155 -24.35 63.52 -48.77
CA SER XA 155 -23.91 62.52 -47.81
C SER XA 155 -24.42 62.86 -46.43
N TYR XA 156 -24.75 61.83 -45.67
CA TYR XA 156 -25.28 61.94 -44.34
C TYR XA 156 -24.16 62.11 -43.33
N HIS XA 157 -24.40 62.97 -42.35
CA HIS XA 157 -23.45 63.28 -41.30
C HIS XA 157 -24.18 63.29 -39.98
N SER XA 158 -23.71 62.47 -39.05
CA SER XA 158 -24.25 62.40 -37.70
C SER XA 158 -23.17 62.77 -36.71
N ARG XA 159 -23.59 63.37 -35.60
CA ARG XA 159 -22.73 63.68 -34.47
C ARG XA 159 -23.51 63.37 -33.20
N TYR XA 160 -22.92 62.56 -32.34
CA TYR XA 160 -23.54 62.09 -31.11
C TYR XA 160 -22.62 62.44 -29.95
N PHE XA 161 -23.07 63.32 -29.07
CA PHE XA 161 -22.22 63.87 -28.04
C PHE XA 161 -23.08 64.33 -26.89
N THR XA 162 -22.41 64.76 -25.82
CA THR XA 162 -23.03 65.23 -24.60
C THR XA 162 -22.88 66.74 -24.49
N PRO XA 163 -23.95 67.53 -24.61
CA PRO XA 163 -23.77 68.97 -24.54
C PRO XA 163 -23.58 69.46 -23.13
N LYS XA 164 -23.39 70.76 -22.98
CA LYS XA 164 -23.16 71.39 -21.69
C LYS XA 164 -23.99 72.66 -21.63
N PRO XA 165 -24.55 73.01 -20.47
CA PRO XA 165 -25.33 74.24 -20.38
C PRO XA 165 -24.48 75.47 -20.16
N VAL XA 166 -25.06 76.60 -20.54
CA VAL XA 166 -24.40 77.90 -20.43
C VAL XA 166 -24.81 78.47 -19.08
N LEU XA 167 -24.03 78.15 -18.07
CA LEU XA 167 -24.29 78.63 -16.72
C LEU XA 167 -23.76 80.04 -16.52
N ASP XA 168 -22.54 80.31 -16.99
CA ASP XA 168 -21.97 81.65 -16.96
C ASP XA 168 -21.23 81.86 -18.26
N SER XA 169 -21.77 82.72 -19.11
CA SER XA 169 -21.15 83.02 -20.39
C SER XA 169 -19.89 83.86 -20.25
N THR XA 170 -19.70 84.52 -19.10
CA THR XA 170 -18.50 85.32 -18.87
C THR XA 170 -17.28 84.45 -18.61
N ILE XA 171 -17.47 83.37 -17.85
CA ILE XA 171 -16.37 82.50 -17.44
C ILE XA 171 -16.36 81.25 -18.32
N ASP XA 172 -17.55 80.81 -18.71
CA ASP XA 172 -17.72 79.67 -19.61
C ASP XA 172 -17.07 78.42 -19.03
N TYR XA 173 -17.64 77.96 -17.90
CA TYR XA 173 -17.20 76.75 -17.23
C TYR XA 173 -18.22 75.64 -17.47
N PHE XA 174 -17.71 74.40 -17.54
CA PHE XA 174 -18.55 73.25 -17.74
C PHE XA 174 -17.93 72.04 -17.07
N GLN XA 175 -18.72 71.06 -16.90
CA GLN XA 175 -18.37 69.83 -16.24
C GLN XA 175 -17.86 68.80 -17.22
N PRO XA 176 -16.97 67.91 -16.81
CA PRO XA 176 -16.66 66.76 -17.65
C PRO XA 176 -17.78 65.74 -17.65
N ASN XA 177 -17.65 64.73 -18.49
CA ASN XA 177 -18.70 63.75 -18.66
C ASN XA 177 -18.74 62.82 -17.47
N ASN XA 178 -19.85 62.84 -16.73
CA ASN XA 178 -20.05 61.95 -15.60
C ASN XA 178 -21.55 61.81 -15.45
N LYS XA 179 -22.08 60.61 -15.67
CA LYS XA 179 -23.50 60.44 -15.60
C LYS XA 179 -24.02 60.60 -14.18
N ARG XA 180 -23.19 60.30 -13.19
CA ARG XA 180 -23.64 60.33 -11.80
C ARG XA 180 -23.59 61.72 -11.19
N ASN XA 181 -22.70 62.58 -11.71
CA ASN XA 181 -22.48 63.90 -11.15
C ASN XA 181 -23.04 65.02 -12.01
N GLN XA 182 -23.72 64.72 -13.11
CA GLN XA 182 -24.25 65.75 -13.98
C GLN XA 182 -25.33 66.54 -13.26
N LEU XA 183 -25.25 67.85 -13.40
CA LEU XA 183 -26.17 68.75 -12.74
C LEU XA 183 -27.58 68.57 -13.25
N TRP XA 184 -28.53 68.72 -12.34
CA TRP XA 184 -29.93 68.80 -12.68
C TRP XA 184 -30.31 70.27 -12.80
N LEU XA 185 -30.88 70.64 -13.92
CA LEU XA 185 -31.45 71.95 -14.12
C LEU XA 185 -32.95 71.89 -13.89
N ARG XA 186 -33.55 73.05 -13.74
CA ARG XA 186 -34.99 73.17 -13.62
C ARG XA 186 -35.61 73.36 -14.99
N LEU XA 187 -36.72 72.67 -15.21
CA LEU XA 187 -37.53 72.85 -16.39
C LEU XA 187 -38.39 74.08 -16.18
N GLN XA 188 -37.87 75.22 -16.65
CA GLN XA 188 -38.56 76.48 -16.51
C GLN XA 188 -39.80 76.50 -17.39
N THR XA 189 -40.58 77.57 -17.24
CA THR XA 189 -41.81 77.71 -18.01
C THR XA 189 -41.54 78.25 -19.41
N ALA XA 190 -40.82 79.38 -19.51
CA ALA XA 190 -40.50 79.95 -20.81
C ALA XA 190 -39.10 80.55 -20.88
N GLY XA 191 -38.17 80.09 -20.05
CA GLY XA 191 -36.87 80.72 -19.95
C GLY XA 191 -35.70 79.78 -19.76
N ASN XA 192 -35.79 78.59 -20.34
CA ASN XA 192 -34.76 77.59 -20.16
C ASN XA 192 -33.44 78.05 -20.79
N VAL XA 193 -32.36 77.46 -20.29
CA VAL XA 193 -31.01 77.86 -20.63
C VAL XA 193 -30.55 77.12 -21.88
N ASP XA 194 -29.73 77.79 -22.68
CA ASP XA 194 -29.28 77.23 -23.94
C ASP XA 194 -28.15 76.26 -23.70
N HIS XA 195 -28.27 75.07 -24.26
CA HIS XA 195 -27.18 74.13 -24.33
C HIS XA 195 -26.44 74.31 -25.65
N VAL XA 196 -25.19 73.90 -25.66
CA VAL XA 196 -24.26 74.26 -26.71
C VAL XA 196 -23.38 73.05 -26.99
N GLY XA 197 -22.70 73.07 -28.14
CA GLY XA 197 -21.93 71.91 -28.52
C GLY XA 197 -21.75 71.52 -29.97
N LEU XA 198 -22.12 72.35 -30.94
CA LEU XA 198 -21.75 72.02 -32.32
C LEU XA 198 -21.50 73.24 -33.17
N GLY XA 199 -20.40 73.19 -33.91
CA GLY XA 199 -20.10 74.17 -34.93
C GLY XA 199 -19.63 73.48 -36.18
N THR XA 200 -19.96 74.08 -37.31
CA THR XA 200 -19.79 73.46 -38.62
C THR XA 200 -19.02 74.38 -39.55
N ALA XA 201 -18.49 73.77 -40.60
CA ALA XA 201 -17.85 74.49 -41.70
C ALA XA 201 -18.12 73.72 -42.97
N PHE XA 202 -18.92 74.29 -43.85
CA PHE XA 202 -19.29 73.69 -45.11
C PHE XA 202 -18.58 74.39 -46.26
N GLU XA 203 -18.05 73.61 -47.18
CA GLU XA 203 -17.38 74.14 -48.35
C GLU XA 203 -18.42 74.60 -49.37
N ASN XA 204 -18.27 75.84 -49.82
CA ASN XA 204 -19.23 76.43 -50.73
C ASN XA 204 -19.14 75.78 -52.10
N SER XA 205 -20.13 76.05 -52.93
CA SER XA 205 -20.28 75.41 -54.22
C SER XA 205 -21.03 76.33 -55.16
N ILE XA 206 -20.99 75.98 -56.45
CA ILE XA 206 -21.74 76.71 -57.46
C ILE XA 206 -23.23 76.50 -57.28
N TYR XA 207 -23.63 75.35 -56.76
CA TYR XA 207 -25.01 75.00 -56.54
C TYR XA 207 -25.36 75.16 -55.07
N ASP XA 208 -26.65 75.36 -54.82
CA ASP XA 208 -27.12 75.47 -53.45
C ASP XA 208 -27.15 74.10 -52.79
N GLN XA 209 -26.66 74.03 -51.56
CA GLN XA 209 -26.60 72.81 -50.77
C GLN XA 209 -27.60 72.94 -49.62
N GLU XA 210 -28.69 72.21 -49.70
CA GLU XA 210 -29.72 72.22 -48.68
C GLU XA 210 -29.64 70.98 -47.81
N TYR XA 211 -30.05 71.13 -46.57
CA TYR XA 211 -30.06 70.06 -45.59
C TYR XA 211 -31.30 70.17 -44.72
N ASN XA 212 -31.81 69.01 -44.30
CA ASN XA 212 -32.85 68.92 -43.29
C ASN XA 212 -32.20 68.38 -42.03
N ILE XA 213 -32.07 69.22 -41.01
CA ILE XA 213 -31.33 68.86 -39.81
C ILE XA 213 -32.32 68.40 -38.76
N ARG XA 214 -32.11 67.19 -38.26
CA ARG XA 214 -32.95 66.58 -37.24
C ARG XA 214 -32.11 66.43 -35.98
N VAL XA 215 -32.45 67.20 -34.96
CA VAL XA 215 -31.80 67.13 -33.66
C VAL XA 215 -32.67 66.29 -32.75
N THR XA 216 -32.04 65.34 -32.08
CA THR XA 216 -32.69 64.46 -31.13
C THR XA 216 -31.96 64.59 -29.80
N MET XA 217 -32.67 65.02 -28.78
CA MET XA 217 -32.12 65.15 -27.44
C MET XA 217 -32.61 64.01 -26.56
N TYR XA 218 -31.67 63.34 -25.91
CA TYR XA 218 -31.95 62.28 -24.97
C TYR XA 218 -31.86 62.86 -23.57
N VAL XA 219 -33.03 63.03 -22.94
CA VAL XA 219 -33.14 63.78 -21.70
C VAL XA 219 -33.51 62.83 -20.57
N GLN XA 220 -33.39 63.33 -19.36
CA GLN XA 220 -33.67 62.58 -18.15
C GLN XA 220 -34.34 63.54 -17.18
N PHE XA 221 -35.59 63.27 -16.86
CA PHE XA 221 -36.38 64.10 -15.98
C PHE XA 221 -36.42 63.52 -14.57
N ARG XA 222 -36.99 64.29 -13.66
CA ARG XA 222 -37.05 63.92 -12.26
C ARG XA 222 -38.21 64.63 -11.59
N GLU XA 223 -38.78 63.98 -10.59
CA GLU XA 223 -39.82 64.55 -9.73
C GLU XA 223 -41.07 64.92 -10.52
N PHE XA 224 -41.76 63.87 -10.95
CA PHE XA 224 -43.12 63.93 -11.45
C PHE XA 224 -43.97 64.83 -10.58
N ASN XA 225 -44.55 65.86 -11.19
CA ASN XA 225 -45.21 66.94 -10.45
C ASN XA 225 -46.56 67.28 -11.05
N LEU XA 226 -47.32 66.27 -11.44
CA LEU XA 226 -48.62 66.53 -12.02
C LEU XA 226 -49.55 67.15 -10.99
N LYS XA 227 -50.38 68.08 -11.46
CA LYS XA 227 -51.36 68.75 -10.63
C LYS XA 227 -52.75 68.47 -11.18
N ASP XA 228 -53.63 68.01 -10.30
CA ASP XA 228 -54.96 67.53 -10.68
C ASP XA 228 -56.01 68.30 -9.90
N PRO XA 229 -56.40 69.48 -10.37
CA PRO XA 229 -57.51 70.19 -9.75
C PRO XA 229 -58.83 69.55 -10.11
N PRO XA 230 -59.91 69.89 -9.42
CA PRO XA 230 -61.22 69.39 -9.82
C PRO XA 230 -61.70 70.00 -11.13
N LEU XA 231 -62.91 69.61 -11.55
CA LEU XA 231 -63.48 70.08 -12.80
C LEU XA 231 -64.97 70.34 -12.67
N GLY YA 43 0.14 -70.04 16.59
CA GLY YA 43 -0.43 -69.84 17.92
C GLY YA 43 0.62 -69.63 18.98
N ILE YA 44 1.10 -68.40 19.07
CA ILE YA 44 2.23 -68.07 19.94
C ILE YA 44 1.75 -67.94 21.38
N PHE YA 45 2.61 -68.37 22.30
CA PHE YA 45 2.36 -68.22 23.72
C PHE YA 45 3.71 -68.07 24.41
N ASN YA 46 4.06 -66.84 24.75
CA ASN YA 46 5.25 -66.58 25.53
C ASN YA 46 4.94 -66.73 27.01
N THR YA 47 5.74 -67.55 27.69
CA THR YA 47 5.58 -67.75 29.12
C THR YA 47 6.94 -67.84 29.78
N ARG YA 48 6.95 -68.30 31.03
CA ARG YA 48 8.11 -68.31 31.88
C ARG YA 48 8.08 -69.55 32.74
N LEU YA 49 9.17 -70.32 32.70
CA LEU YA 49 9.30 -71.56 33.43
C LEU YA 49 10.55 -71.48 34.30
N SER YA 50 10.43 -71.97 35.52
CA SER YA 50 11.47 -71.88 36.52
C SER YA 50 11.77 -73.25 37.12
N ARG YA 51 12.87 -73.29 37.87
CA ARG YA 51 13.44 -74.50 38.43
C ARG YA 51 14.52 -74.07 39.40
N THR YA 52 14.62 -74.77 40.52
CA THR YA 52 15.53 -74.41 41.61
C THR YA 52 16.30 -75.63 42.04
N PHE YA 53 17.60 -75.44 42.29
CA PHE YA 53 18.48 -76.52 42.71
C PHE YA 53 19.69 -75.92 43.41
N GLY YA 54 20.46 -76.79 44.03
CA GLY YA 54 21.60 -76.38 44.83
C GLY YA 54 22.95 -76.59 44.20
N TYR YA 55 23.93 -75.82 44.67
CA TYR YA 55 25.32 -75.93 44.25
C TYR YA 55 26.19 -75.52 45.42
N THR YA 56 27.18 -76.35 45.74
CA THR YA 56 28.07 -76.11 46.86
C THR YA 56 29.52 -76.17 46.39
N ILE YA 57 30.32 -75.25 46.89
CA ILE YA 57 31.76 -75.23 46.71
C ILE YA 57 32.36 -75.66 48.04
N LYS YA 58 32.85 -76.89 48.09
CA LYS YA 58 33.37 -77.44 49.33
C LYS YA 58 34.64 -76.71 49.74
N ARG YA 59 34.96 -76.82 51.03
CA ARG YA 59 36.12 -76.18 51.61
C ARG YA 59 37.40 -76.86 51.16
N THR YA 60 38.51 -76.12 51.27
CA THR YA 60 39.84 -76.62 50.96
C THR YA 60 40.85 -76.06 51.95
N THR YA 61 41.77 -76.93 52.37
CA THR YA 61 42.89 -76.51 53.20
C THR YA 61 43.99 -75.81 52.41
N VAL YA 62 43.87 -75.77 51.08
CA VAL YA 62 44.88 -75.11 50.25
C VAL YA 62 44.98 -73.65 50.62
N LYS YA 63 46.21 -73.15 50.72
CA LYS YA 63 46.46 -71.78 51.13
C LYS YA 63 46.34 -70.80 49.97
N THR YA 64 46.76 -71.21 48.78
CA THR YA 64 46.78 -70.34 47.64
C THR YA 64 45.36 -69.94 47.23
N PRO YA 65 45.23 -68.91 46.39
CA PRO YA 65 43.94 -68.65 45.77
C PRO YA 65 43.73 -69.59 44.60
N SER YA 66 42.85 -70.56 44.79
CA SER YA 66 42.46 -71.49 43.75
C SER YA 66 40.98 -71.32 43.46
N TRP YA 67 40.58 -71.72 42.25
CA TRP YA 67 39.22 -71.59 41.79
C TRP YA 67 38.62 -72.95 41.46
N ALA YA 68 37.32 -73.04 41.67
CA ALA YA 68 36.54 -74.23 41.39
C ALA YA 68 35.70 -73.98 40.14
N VAL YA 69 35.91 -74.79 39.12
CA VAL YA 69 35.28 -74.60 37.83
C VAL YA 69 34.17 -75.62 37.68
N ASP YA 70 33.07 -75.19 37.07
CA ASP YA 70 31.94 -76.06 36.80
C ASP YA 70 31.15 -75.48 35.64
N MET YA 71 30.25 -76.30 35.11
CA MET YA 71 29.46 -75.99 33.94
C MET YA 71 27.98 -75.98 34.27
N MET YA 72 27.20 -75.47 33.33
CA MET YA 72 25.75 -75.37 33.52
C MET YA 72 25.08 -75.41 32.16
N ARG YA 73 24.30 -76.47 31.93
CA ARG YA 73 23.47 -76.63 30.75
C ARG YA 73 22.01 -76.44 31.13
N PHE YA 74 21.16 -76.29 30.12
CA PHE YA 74 19.74 -76.06 30.30
C PHE YA 74 18.96 -76.96 29.34
N ASN YA 75 18.06 -77.76 29.89
CA ASN YA 75 17.16 -78.58 29.11
C ASN YA 75 15.74 -78.33 29.56
N ILE YA 76 14.80 -78.46 28.62
CA ILE YA 76 13.40 -78.17 28.88
C ILE YA 76 12.68 -79.30 29.59
N ASN YA 77 13.26 -80.50 29.64
CA ASN YA 77 12.64 -81.57 30.40
C ASN YA 77 12.64 -81.28 31.88
N ASP YA 78 13.64 -80.53 32.36
CA ASP YA 78 13.74 -80.19 33.76
C ASP YA 78 12.79 -79.08 34.18
N PHE YA 79 12.20 -78.38 33.22
CA PHE YA 79 11.24 -77.32 33.48
C PHE YA 79 9.82 -77.70 33.13
N LEU YA 80 9.64 -78.54 32.12
CA LEU YA 80 8.33 -78.94 31.62
C LEU YA 80 8.10 -80.42 31.88
N PRO YA 81 7.21 -80.82 32.78
CA PRO YA 81 7.06 -82.24 33.06
C PRO YA 81 6.30 -82.94 31.95
N PRO YA 82 6.24 -84.26 31.99
CA PRO YA 82 5.38 -84.98 31.05
C PRO YA 82 3.92 -84.80 31.40
N GLY YA 83 3.10 -84.79 30.37
CA GLY YA 83 1.68 -84.61 30.54
C GLY YA 83 0.96 -85.87 30.91
N GLY YA 84 -0.24 -86.04 30.35
CA GLY YA 84 -1.02 -87.22 30.62
C GLY YA 84 -2.03 -87.49 29.52
N GLY YA 85 -2.09 -88.74 29.08
CA GLY YA 85 -3.02 -89.13 28.05
C GLY YA 85 -2.50 -88.88 26.65
N SER YA 86 -3.39 -88.42 25.77
CA SER YA 86 -3.02 -88.16 24.39
C SER YA 86 -2.11 -86.95 24.25
N ASN YA 87 -2.01 -86.11 25.29
CA ASN YA 87 -1.10 -84.98 25.29
C ASN YA 87 0.19 -85.40 25.96
N PRO YA 88 1.31 -85.56 25.24
CA PRO YA 88 2.51 -86.10 25.90
C PRO YA 88 3.16 -85.14 26.87
N ARG YA 89 2.92 -83.84 26.73
CA ARG YA 89 3.50 -82.82 27.59
C ARG YA 89 2.41 -82.01 28.26
N SER YA 90 2.80 -81.31 29.32
CA SER YA 90 1.85 -80.60 30.15
C SER YA 90 1.45 -79.25 29.56
N VAL YA 91 2.29 -78.68 28.70
CA VAL YA 91 1.98 -77.48 27.95
C VAL YA 91 1.61 -77.91 26.53
N PRO YA 92 0.35 -77.81 26.11
CA PRO YA 92 -0.02 -78.43 24.83
C PRO YA 92 0.36 -77.60 23.60
N PHE YA 93 1.64 -77.71 23.25
CA PHE YA 93 2.16 -77.06 22.07
C PHE YA 93 3.14 -78.01 21.39
N GLU YA 94 3.41 -77.73 20.11
CA GLU YA 94 4.26 -78.57 19.29
C GLU YA 94 5.71 -78.09 19.27
N TYR YA 95 5.92 -76.81 19.00
CA TYR YA 95 7.22 -76.24 18.79
C TYR YA 95 7.57 -75.30 19.93
N TYR YA 96 8.87 -75.03 20.06
CA TYR YA 96 9.35 -74.11 21.07
C TYR YA 96 10.67 -73.53 20.61
N ARG YA 97 11.05 -72.42 21.26
CA ARG YA 97 12.37 -71.86 21.12
C ARG YA 97 12.65 -71.00 22.33
N ILE YA 98 13.79 -71.22 22.96
CA ILE YA 98 14.13 -70.53 24.19
C ILE YA 98 14.68 -69.16 23.83
N ARG YA 99 14.05 -68.12 24.36
CA ARG YA 99 14.41 -66.74 24.08
C ARG YA 99 15.50 -66.23 25.00
N LYS YA 100 15.35 -66.46 26.30
CA LYS YA 100 16.27 -65.96 27.30
C LYS YA 100 16.30 -66.94 28.46
N VAL YA 101 17.37 -66.86 29.24
CA VAL YA 101 17.49 -67.57 30.51
C VAL YA 101 18.05 -66.60 31.54
N LYS YA 102 17.54 -66.72 32.76
CA LYS YA 102 18.01 -65.94 33.90
C LYS YA 102 18.48 -66.94 34.95
N VAL YA 103 19.79 -66.98 35.14
CA VAL YA 103 20.39 -67.79 36.20
C VAL YA 103 20.65 -66.87 37.38
N GLU YA 104 20.13 -67.24 38.53
CA GLU YA 104 20.23 -66.48 39.76
C GLU YA 104 20.93 -67.33 40.79
N PHE YA 105 22.09 -66.88 41.25
CA PHE YA 105 22.80 -67.50 42.36
C PHE YA 105 22.34 -66.81 43.63
N TRP YA 106 21.39 -67.44 44.31
CA TRP YA 106 20.92 -66.94 45.59
C TRP YA 106 21.79 -67.51 46.70
N PRO YA 107 22.49 -66.69 47.48
CA PRO YA 107 23.39 -67.25 48.47
C PRO YA 107 22.66 -67.91 49.62
N CYS YA 108 23.38 -68.83 50.25
CA CYS YA 108 22.92 -69.52 51.44
C CYS YA 108 23.75 -69.19 52.66
N SER YA 109 24.73 -68.30 52.54
CA SER YA 109 25.73 -68.04 53.54
C SER YA 109 25.46 -66.71 54.23
N PRO YA 110 25.82 -66.56 55.49
CA PRO YA 110 25.55 -65.31 56.19
C PRO YA 110 26.46 -64.20 55.72
N ILE YA 111 26.04 -62.97 56.00
CA ILE YA 111 26.85 -61.81 55.65
C ILE YA 111 28.04 -61.62 56.56
N THR YA 112 28.16 -62.42 57.62
CA THR YA 112 29.31 -62.39 58.51
C THR YA 112 30.41 -63.36 58.11
N GLN YA 113 30.22 -64.11 57.03
CA GLN YA 113 31.19 -65.12 56.65
C GLN YA 113 32.42 -64.45 56.06
N GLY YA 114 33.59 -64.89 56.49
CA GLY YA 114 34.84 -64.36 56.02
C GLY YA 114 35.47 -65.21 54.95
N ASP YA 115 36.76 -64.96 54.71
CA ASP YA 115 37.51 -65.61 53.64
C ASP YA 115 36.83 -65.39 52.31
N ARG YA 116 36.39 -64.16 52.09
CA ARG YA 116 35.68 -63.81 50.88
C ARG YA 116 36.59 -63.95 49.67
N GLY YA 117 35.96 -63.93 48.50
CA GLY YA 117 36.66 -64.20 47.26
C GLY YA 117 36.05 -63.49 46.09
N VAL YA 118 36.57 -63.79 44.90
CA VAL YA 118 36.11 -63.14 43.68
C VAL YA 118 36.24 -64.13 42.54
N GLY YA 119 35.15 -64.30 41.80
CA GLY YA 119 35.07 -65.25 40.71
C GLY YA 119 34.56 -64.64 39.43
N SER YA 120 34.12 -65.50 38.52
CA SER YA 120 33.73 -65.06 37.20
C SER YA 120 32.72 -66.03 36.62
N SER YA 121 31.72 -65.47 35.93
CA SER YA 121 30.74 -66.24 35.18
C SER YA 121 30.76 -65.78 33.73
N ALA YA 122 30.86 -66.73 32.81
CA ALA YA 122 30.94 -66.45 31.39
C ALA YA 122 29.90 -67.26 30.64
N VAL YA 123 29.61 -66.81 29.43
CA VAL YA 123 28.58 -67.39 28.57
C VAL YA 123 29.27 -68.22 27.50
N ILE YA 124 28.94 -69.51 27.47
CA ILE YA 124 29.62 -70.49 26.64
C ILE YA 124 28.57 -71.20 25.81
N LEU YA 125 28.42 -70.79 24.56
CA LEU YA 125 27.31 -71.20 23.71
C LEU YA 125 27.63 -72.39 22.80
N ASP YA 126 28.57 -73.28 23.20
CA ASP YA 126 29.05 -74.30 22.27
C ASP YA 126 29.35 -75.66 22.88
N ASP YA 127 29.11 -75.88 24.16
CA ASP YA 127 29.24 -77.20 24.77
C ASP YA 127 30.70 -77.65 24.85
N ASN YA 128 31.62 -76.70 24.91
CA ASN YA 128 33.03 -77.00 25.19
C ASN YA 128 33.43 -76.03 26.29
N PHE YA 129 33.26 -76.48 27.52
CA PHE YA 129 33.59 -75.73 28.71
C PHE YA 129 35.02 -76.01 29.12
N VAL YA 130 35.55 -75.12 29.96
CA VAL YA 130 36.78 -75.43 30.67
C VAL YA 130 36.52 -76.64 31.53
N THR YA 131 37.51 -77.51 31.61
CA THR YA 131 37.35 -78.77 32.33
C THR YA 131 37.02 -78.52 33.78
N LYS YA 132 36.12 -79.34 34.32
CA LYS YA 132 35.73 -79.21 35.72
C LYS YA 132 36.93 -79.46 36.62
N ALA YA 133 37.16 -78.53 37.53
CA ALA YA 133 38.30 -78.55 38.41
C ALA YA 133 37.86 -78.21 39.83
N THR YA 134 38.56 -78.78 40.80
CA THR YA 134 38.30 -78.53 42.21
C THR YA 134 39.10 -77.34 42.72
N ALA YA 135 40.41 -77.31 42.45
CA ALA YA 135 41.27 -76.22 42.87
C ALA YA 135 42.25 -75.93 41.73
N LEU YA 136 41.84 -75.05 40.83
CA LEU YA 136 42.68 -74.59 39.74
C LEU YA 136 43.37 -73.30 40.13
N THR YA 137 44.62 -73.16 39.71
CA THR YA 137 45.48 -72.07 40.14
C THR YA 137 45.17 -70.74 39.50
N TYR YA 138 44.08 -70.62 38.75
CA TYR YA 138 43.74 -69.36 38.10
C TYR YA 138 42.26 -69.40 37.76
N ASP YA 139 41.73 -68.23 37.41
CA ASP YA 139 40.35 -68.08 36.97
C ASP YA 139 40.32 -68.12 35.46
N PRO YA 140 39.85 -69.21 34.84
CA PRO YA 140 39.91 -69.27 33.38
C PRO YA 140 38.95 -68.32 32.70
N TYR YA 141 37.81 -68.04 33.31
CA TYR YA 141 36.78 -67.23 32.71
C TYR YA 141 36.96 -65.75 32.97
N VAL YA 142 38.15 -65.32 33.38
CA VAL YA 142 38.34 -63.94 33.81
C VAL YA 142 38.51 -63.02 32.61
N ASN YA 143 39.24 -63.46 31.59
CA ASN YA 143 39.50 -62.65 30.42
C ASN YA 143 38.46 -62.81 29.34
N TYR YA 144 37.40 -63.57 29.60
CA TYR YA 144 36.33 -63.72 28.64
C TYR YA 144 35.56 -62.42 28.47
N SER YA 145 35.15 -62.15 27.24
CA SER YA 145 34.39 -60.95 26.94
C SER YA 145 33.04 -60.91 27.64
N SER YA 146 32.50 -62.07 28.02
CA SER YA 146 31.23 -62.17 28.71
C SER YA 146 31.39 -62.42 30.19
N ARG YA 147 32.53 -62.05 30.76
CA ARG YA 147 32.78 -62.26 32.17
C ARG YA 147 32.06 -61.21 32.99
N HIS YA 148 31.35 -61.67 34.01
CA HIS YA 148 30.83 -60.84 35.08
C HIS YA 148 31.48 -61.32 36.36
N THR YA 149 31.86 -60.38 37.21
CA THR YA 149 32.49 -60.72 38.47
C THR YA 149 31.47 -61.29 39.43
N ILE YA 150 31.87 -62.36 40.11
CA ILE YA 150 31.09 -62.97 41.18
C ILE YA 150 31.77 -62.58 42.47
N THR YA 151 31.12 -61.72 43.23
CA THR YA 151 31.50 -61.51 44.62
C THR YA 151 30.96 -62.67 45.45
N GLN YA 152 31.79 -63.18 46.34
CA GLN YA 152 31.51 -64.34 47.15
C GLN YA 152 31.64 -63.99 48.61
N PRO YA 153 31.01 -64.74 49.51
CA PRO YA 153 30.04 -65.82 49.37
C PRO YA 153 28.58 -65.41 49.51
N PHE YA 154 28.35 -64.23 50.04
CA PHE YA 154 27.02 -63.80 50.47
C PHE YA 154 26.39 -62.79 49.54
N SER YA 155 26.73 -62.84 48.27
CA SER YA 155 26.29 -61.85 47.30
C SER YA 155 25.54 -62.52 46.16
N TYR YA 156 24.53 -61.82 45.67
CA TYR YA 156 23.68 -62.29 44.61
C TYR YA 156 24.31 -62.02 43.26
N HIS YA 157 24.16 -62.98 42.35
CA HIS YA 157 24.72 -62.92 41.02
C HIS YA 157 23.66 -63.38 40.03
N SER YA 158 23.33 -62.52 39.08
CA SER YA 158 22.40 -62.84 38.01
C SER YA 158 23.09 -62.76 36.67
N ARG YA 159 22.63 -63.59 35.74
CA ARG YA 159 23.08 -63.56 34.36
C ARG YA 159 21.86 -63.77 33.48
N TYR YA 160 21.66 -62.86 32.54
CA TYR YA 160 20.50 -62.85 31.64
C TYR YA 160 21.01 -62.83 30.22
N PHE YA 161 20.74 -63.90 29.48
CA PHE YA 161 21.32 -64.10 28.17
C PHE YA 161 20.42 -65.01 27.36
N THR YA 162 20.80 -65.17 26.10
CA THR YA 162 20.08 -65.99 25.14
C THR YA 162 20.86 -67.26 24.85
N PRO YA 163 20.41 -68.44 25.27
CA PRO YA 163 21.18 -69.64 25.02
C PRO YA 163 21.08 -70.10 23.59
N LYS YA 164 21.79 -71.18 23.26
CA LYS YA 164 21.80 -71.75 21.94
C LYS YA 164 21.70 -73.27 22.06
N PRO YA 165 21.01 -73.93 21.15
CA PRO YA 165 20.91 -75.38 21.23
C PRO YA 165 22.10 -76.09 20.62
N VAL YA 166 22.28 -77.33 21.08
CA VAL YA 166 23.37 -78.18 20.64
C VAL YA 166 22.83 -79.00 19.48
N LEU YA 167 22.96 -78.44 18.28
CA LEU YA 167 22.50 -79.11 17.06
C LEU YA 167 23.51 -80.14 16.58
N ASP YA 168 24.80 -79.76 16.56
CA ASP YA 168 25.87 -80.68 16.21
C ASP YA 168 27.03 -80.41 17.15
N SER YA 169 27.28 -81.34 18.06
CA SER YA 169 28.38 -81.19 19.00
C SER YA 169 29.74 -81.37 18.34
N THR YA 170 29.80 -81.96 17.15
CA THR YA 170 31.07 -82.13 16.45
C THR YA 170 31.55 -80.83 15.85
N ILE YA 171 30.65 -80.04 15.29
CA ILE YA 171 30.98 -78.80 14.61
C ILE YA 171 30.72 -77.61 15.52
N ASP YA 172 29.69 -77.73 16.35
CA ASP YA 172 29.34 -76.72 17.35
C ASP YA 172 29.08 -75.37 16.68
N TYR YA 173 28.02 -75.34 15.89
CA TYR YA 173 27.57 -74.13 15.21
C TYR YA 173 26.31 -73.59 15.88
N PHE YA 174 26.18 -72.28 15.88
CA PHE YA 174 25.03 -71.63 16.47
C PHE YA 174 24.73 -70.33 15.72
N GLN YA 175 23.58 -69.85 15.94
CA GLN YA 175 23.06 -68.66 15.30
C GLN YA 175 23.34 -67.42 16.13
N PRO YA 176 23.51 -66.27 15.50
CA PRO YA 176 23.53 -65.03 16.28
C PRO YA 176 22.14 -64.65 16.76
N ASN YA 177 22.07 -63.62 17.58
CA ASN YA 177 20.82 -63.24 18.20
C ASN YA 177 19.94 -62.53 17.18
N ASN YA 178 18.79 -63.13 16.89
CA ASN YA 178 17.82 -62.56 15.99
C ASN YA 178 16.47 -63.14 16.38
N LYS YA 179 15.57 -62.31 16.89
CA LYS YA 179 14.30 -62.82 17.33
C LYS YA 179 13.46 -63.33 16.18
N ARG YA 180 13.64 -62.78 14.99
CA ARG YA 180 12.80 -63.13 13.86
C ARG YA 180 13.28 -64.39 13.15
N ASN YA 181 14.58 -64.70 13.25
CA ASN YA 181 15.18 -65.81 12.54
C ASN YA 181 15.56 -66.98 13.43
N GLN YA 182 15.24 -66.92 14.72
CA GLN YA 182 15.59 -67.99 15.62
C GLN YA 182 14.84 -69.26 15.27
N LEU YA 183 15.55 -70.37 15.27
CA LEU YA 183 14.99 -71.64 14.89
C LEU YA 183 13.93 -72.09 15.89
N TRP YA 184 12.91 -72.74 15.35
CA TRP YA 184 11.92 -73.45 16.16
C TRP YA 184 12.35 -74.90 16.28
N LEU YA 185 12.45 -75.38 17.50
CA LEU YA 185 12.67 -76.78 17.78
C LEU YA 185 11.33 -77.44 18.09
N ARG YA 186 11.33 -78.76 18.07
CA ARG YA 186 10.18 -79.53 18.45
C ARG YA 186 10.24 -79.87 19.93
N LEU YA 187 9.10 -79.76 20.58
CA LEU YA 187 8.93 -80.18 21.96
C LEU YA 187 8.74 -81.68 21.96
N GLN YA 188 9.84 -82.39 22.11
CA GLN YA 188 9.82 -83.85 22.11
C GLN YA 188 9.14 -84.35 23.37
N THR YA 189 8.94 -85.67 23.41
CA THR YA 189 8.28 -86.29 24.54
C THR YA 189 9.25 -86.50 25.70
N ALA YA 190 10.39 -87.16 25.45
CA ALA YA 190 11.38 -87.40 26.50
C ALA YA 190 12.82 -87.28 26.01
N GLY YA 191 13.06 -86.52 24.95
CA GLY YA 191 14.38 -86.48 24.34
C GLY YA 191 14.83 -85.13 23.84
N ASN YA 192 14.41 -84.06 24.52
CA ASN YA 192 14.72 -82.72 24.07
C ASN YA 192 16.23 -82.46 24.14
N VAL YA 193 16.65 -81.49 23.35
CA VAL YA 193 18.06 -81.18 23.16
C VAL YA 193 18.52 -80.21 24.22
N ASP YA 194 19.78 -80.34 24.62
CA ASP YA 194 20.33 -79.52 25.68
C ASP YA 194 20.73 -78.16 25.14
N HIS YA 195 20.27 -77.12 25.81
CA HIS YA 195 20.75 -75.77 25.58
C HIS YA 195 21.89 -75.48 26.53
N VAL YA 196 22.72 -74.53 26.13
CA VAL YA 196 24.01 -74.31 26.75
C VAL YA 196 24.27 -72.82 26.80
N GLY YA 197 25.24 -72.41 27.62
CA GLY YA 197 25.46 -71.00 27.81
C GLY YA 197 25.94 -70.45 29.14
N LEU YA 198 26.37 -71.26 30.10
CA LEU YA 198 26.99 -70.67 31.27
C LEU YA 198 28.07 -71.55 31.87
N GLY YA 199 29.19 -70.93 32.17
CA GLY YA 199 30.25 -71.56 32.94
C GLY YA 199 30.75 -70.61 34.00
N THR YA 200 31.17 -71.19 35.12
CA THR YA 200 31.47 -70.45 36.32
C THR YA 200 32.85 -70.81 36.84
N ALA YA 201 33.38 -69.92 37.68
CA ALA YA 201 34.61 -70.16 38.42
C ALA YA 201 34.48 -69.48 39.76
N PHE YA 202 34.41 -70.29 40.82
CA PHE YA 202 34.28 -69.81 42.18
C PHE YA 202 35.58 -70.00 42.93
N GLU YA 203 35.97 -68.97 43.67
CA GLU YA 203 37.18 -69.02 44.48
C GLU YA 203 36.90 -69.81 45.75
N ASN YA 204 37.75 -70.80 46.01
CA ASN YA 204 37.57 -71.67 47.15
C ASN YA 204 37.84 -70.93 48.45
N SER YA 205 37.44 -71.56 49.54
CA SER YA 205 37.48 -70.94 50.86
C SER YA 205 37.63 -72.01 51.92
N ILE YA 206 37.94 -71.56 53.13
CA ILE YA 206 38.03 -72.46 54.28
C ILE YA 206 36.66 -72.98 54.66
N TYR YA 207 35.62 -72.19 54.41
CA TYR YA 207 34.25 -72.54 54.73
C TYR YA 207 33.52 -72.98 53.46
N ASP YA 208 32.48 -73.78 53.67
CA ASP YA 208 31.66 -74.23 52.56
C ASP YA 208 30.77 -73.09 52.07
N GLN YA 209 30.73 -72.92 50.76
CA GLN YA 209 29.92 -71.90 50.11
C GLN YA 209 28.77 -72.58 49.38
N GLU YA 210 27.56 -72.42 49.90
CA GLU YA 210 26.37 -73.01 49.32
C GLU YA 210 25.56 -71.96 48.59
N TYR YA 211 24.85 -72.40 47.56
CA TYR YA 211 24.00 -71.54 46.75
C TYR YA 211 22.74 -72.29 46.37
N ASN YA 212 21.64 -71.55 46.25
CA ASN YA 212 20.39 -72.05 45.69
C ASN YA 212 20.23 -71.38 44.34
N ILE YA 213 20.37 -72.16 43.28
CA ILE YA 213 20.38 -71.62 41.93
C ILE YA 213 19.00 -71.76 41.33
N ARG YA 214 18.42 -70.65 40.90
CA ARG YA 214 17.09 -70.59 40.29
C ARG YA 214 17.27 -70.19 38.84
N VAL YA 215 16.99 -71.12 37.95
CA VAL YA 215 17.03 -70.88 36.51
C VAL YA 215 15.61 -70.63 36.04
N THR YA 216 15.44 -69.55 35.28
CA THR YA 216 14.17 -69.17 34.69
C THR YA 216 14.37 -69.06 33.20
N MET YA 217 13.62 -69.87 32.45
CA MET YA 217 13.66 -69.85 31.00
C MET YA 217 12.42 -69.16 30.45
N TYR YA 218 12.65 -68.20 29.59
CA TYR YA 218 11.59 -67.47 28.90
C TYR YA 218 11.44 -68.08 27.51
N VAL YA 219 10.35 -68.83 27.32
CA VAL YA 219 10.17 -69.66 26.14
C VAL YA 219 9.04 -69.09 25.31
N GLN YA 220 8.93 -69.59 24.08
CA GLN YA 220 7.93 -69.18 23.12
C GLN YA 220 7.50 -70.42 22.38
N PHE YA 221 6.24 -70.79 22.55
CA PHE YA 221 5.67 -71.97 21.94
C PHE YA 221 4.87 -71.61 20.69
N ARG YA 222 4.44 -72.64 19.97
CA ARG YA 222 3.74 -72.46 18.71
C ARG YA 222 2.89 -73.70 18.45
N GLU YA 223 1.76 -73.48 17.77
CA GLU YA 223 0.89 -74.54 17.29
C GLU YA 223 0.31 -75.38 18.43
N PHE YA 224 -0.58 -74.71 19.16
CA PHE YA 224 -1.49 -75.35 20.11
C PHE YA 224 -2.07 -76.63 19.53
N ASN YA 225 -1.85 -77.75 20.21
CA ASN YA 225 -2.14 -79.07 19.66
C ASN YA 225 -2.86 -79.94 20.66
N LEU YA 226 -3.81 -79.37 21.38
CA LEU YA 226 -4.55 -80.14 22.36
C LEU YA 226 -5.38 -81.22 21.68
N LYS YA 227 -5.46 -82.37 22.32
CA LYS YA 227 -6.23 -83.50 21.84
C LYS YA 227 -7.30 -83.85 22.86
N ASP YA 228 -8.54 -83.93 22.40
CA ASP YA 228 -9.71 -84.09 23.26
C ASP YA 228 -10.49 -85.33 22.84
N PRO YA 229 -10.09 -86.50 23.31
CA PRO YA 229 -10.87 -87.70 23.07
C PRO YA 229 -12.12 -87.70 23.93
N PRO YA 230 -13.08 -88.58 23.63
CA PRO YA 230 -14.24 -88.70 24.52
C PRO YA 230 -13.89 -89.34 25.86
N LEU YA 231 -14.89 -89.51 26.70
CA LEU YA 231 -14.70 -90.06 28.03
C LEU YA 231 -15.85 -91.00 28.41
N GLY ZA 43 47.81 -52.24 12.59
CA GLY ZA 43 46.81 -53.21 13.00
C GLY ZA 43 46.53 -53.18 14.49
N ILE ZA 44 45.69 -52.24 14.88
CA ILE ZA 44 45.44 -51.98 16.29
C ILE ZA 44 44.47 -53.01 16.84
N PHE ZA 45 44.70 -53.38 18.10
CA PHE ZA 45 43.80 -54.27 18.83
C PHE ZA 45 43.87 -53.89 20.31
N ASN ZA 46 42.86 -53.18 20.76
CA ASN ZA 46 42.72 -52.86 22.16
C ASN ZA 46 42.04 -54.01 22.87
N THR ZA 47 42.65 -54.50 23.95
CA THR ZA 47 42.07 -55.56 24.75
C THR ZA 47 42.35 -55.30 26.21
N ARG ZA 48 42.12 -56.32 27.03
CA ARG ZA 48 42.15 -56.23 28.48
C ARG ZA 48 42.73 -57.53 29.03
N LEU ZA 49 43.76 -57.39 29.86
CA LEU ZA 49 44.46 -58.52 30.46
C LEU ZA 49 44.46 -58.34 31.95
N SER ZA 50 44.22 -59.43 32.68
CA SER ZA 50 44.07 -59.44 34.11
C SER ZA 50 44.98 -60.46 34.75
N ARG ZA 51 45.07 -60.37 36.07
CA ARG ZA 51 45.98 -61.13 36.91
C ARG ZA 51 45.57 -60.89 38.34
N THR ZA 52 45.65 -61.94 39.16
CA THR ZA 52 45.19 -61.90 40.54
C THR ZA 52 46.24 -62.49 41.45
N PHE ZA 53 46.45 -61.85 42.59
CA PHE ZA 53 47.44 -62.30 43.56
C PHE ZA 53 47.09 -61.72 44.91
N GLY ZA 54 47.77 -62.23 45.93
CA GLY ZA 54 47.49 -61.87 47.31
C GLY ZA 54 48.47 -60.90 47.95
N TYR ZA 55 47.99 -60.21 48.97
CA TYR ZA 55 48.80 -59.30 49.78
C TYR ZA 55 48.23 -59.30 51.19
N THR ZA 56 49.11 -59.47 52.17
CA THR ZA 56 48.73 -59.53 53.57
C THR ZA 56 49.54 -58.54 54.37
N ILE ZA 57 48.86 -57.86 55.28
CA ILE ZA 57 49.48 -56.99 56.27
C ILE ZA 57 49.41 -57.73 57.60
N LYS ZA 58 50.54 -58.26 58.04
CA LYS ZA 58 50.60 -59.05 59.24
C LYS ZA 58 50.30 -58.19 60.47
N ARG ZA 59 49.88 -58.88 61.53
CA ARG ZA 59 49.53 -58.23 62.78
C ARG ZA 59 50.77 -57.70 63.50
N THR ZA 60 50.54 -56.76 64.40
CA THR ZA 60 51.58 -56.16 65.22
C THR ZA 60 51.05 -55.90 66.62
N THR ZA 61 51.88 -56.19 67.62
CA THR ZA 61 51.58 -55.85 69.00
C THR ZA 61 51.80 -54.38 69.32
N VAL ZA 62 52.35 -53.61 68.37
CA VAL ZA 62 52.60 -52.19 68.60
C VAL ZA 62 51.29 -51.48 68.89
N LYS ZA 63 51.31 -50.60 69.88
CA LYS ZA 63 50.11 -49.89 70.30
C LYS ZA 63 49.83 -48.67 69.44
N THR ZA 64 50.88 -47.98 69.01
CA THR ZA 64 50.73 -46.75 68.27
C THR ZA 64 50.08 -47.00 66.92
N PRO ZA 65 49.61 -45.95 66.25
CA PRO ZA 65 49.21 -46.09 64.85
C PRO ZA 65 50.44 -46.06 63.96
N SER ZA 66 50.80 -47.22 63.44
CA SER ZA 66 51.89 -47.35 62.48
C SER ZA 66 51.33 -47.86 61.17
N TRP ZA 67 52.08 -47.58 60.09
CA TRP ZA 67 51.69 -47.94 58.75
C TRP ZA 67 52.70 -48.87 58.12
N ALA ZA 68 52.19 -49.73 57.25
CA ALA ZA 68 52.99 -50.68 56.49
C ALA ZA 68 53.05 -50.22 55.05
N VAL ZA 69 54.26 -49.99 54.58
CA VAL ZA 69 54.50 -49.42 53.26
C VAL ZA 69 54.96 -50.52 52.32
N ASP ZA 70 54.50 -50.47 51.09
CA ASP ZA 70 54.90 -51.42 50.07
C ASP ZA 70 54.69 -50.78 48.71
N MET ZA 71 55.25 -51.43 47.70
CA MET ZA 71 55.28 -50.94 46.34
C MET ZA 71 54.56 -51.92 45.41
N MET ZA 72 54.30 -51.47 44.19
CA MET ZA 72 53.60 -52.26 43.21
C MET ZA 72 54.02 -51.83 41.82
N ARG ZA 73 54.69 -52.73 41.10
CA ARG ZA 73 55.06 -52.55 39.71
C ARG ZA 73 54.18 -53.42 38.83
N PHE ZA 74 54.23 -53.17 37.52
CA PHE ZA 74 53.43 -53.88 36.55
C PHE ZA 74 54.31 -54.25 35.36
N ASN ZA 75 54.34 -55.53 35.04
CA ASN ZA 75 55.04 -56.04 33.86
C ASN ZA 75 54.10 -56.90 33.05
N ILE ZA 76 54.30 -56.90 31.74
CA ILE ZA 76 53.42 -57.61 30.83
C ILE ZA 76 53.71 -59.10 30.76
N ASN ZA 77 54.86 -59.55 31.26
CA ASN ZA 77 55.13 -60.97 31.29
C ASN ZA 77 54.18 -61.69 32.24
N ASP ZA 78 53.75 -61.01 33.29
CA ASP ZA 78 52.85 -61.60 34.27
C ASP ZA 78 51.42 -61.67 33.78
N PHE ZA 79 51.09 -60.98 32.69
CA PHE ZA 79 49.75 -61.00 32.10
C PHE ZA 79 49.69 -61.76 30.80
N LEU ZA 80 50.77 -61.76 30.04
CA LEU ZA 80 50.84 -62.38 28.72
C LEU ZA 80 51.81 -63.55 28.76
N PRO ZA 81 51.38 -64.80 28.65
CA PRO ZA 81 52.32 -65.89 28.74
C PRO ZA 81 53.11 -66.05 27.47
N PRO ZA 82 54.13 -66.91 27.48
CA PRO ZA 82 54.83 -67.21 26.23
C PRO ZA 82 53.97 -68.08 25.33
N GLY ZA 83 54.16 -67.89 24.03
CA GLY ZA 83 53.39 -68.62 23.06
C GLY ZA 83 53.96 -69.99 22.76
N GLY ZA 84 53.91 -70.37 21.50
CA GLY ZA 84 54.43 -71.65 21.09
C GLY ZA 84 54.79 -71.68 19.62
N GLY ZA 85 55.97 -72.19 19.32
CA GLY ZA 85 56.43 -72.30 17.95
C GLY ZA 85 57.08 -71.04 17.45
N SER ZA 86 56.80 -70.70 16.20
CA SER ZA 86 57.39 -69.52 15.59
C SER ZA 86 56.83 -68.22 16.17
N ASN ZA 87 55.71 -68.29 16.89
CA ASN ZA 87 55.15 -67.14 17.56
C ASN ZA 87 55.64 -67.13 19.00
N PRO ZA 88 56.52 -66.20 19.39
CA PRO ZA 88 57.09 -66.30 20.74
C PRO ZA 88 56.11 -65.96 21.85
N ARG ZA 89 55.05 -65.22 21.54
CA ARG ZA 89 54.05 -64.81 22.51
C ARG ZA 89 52.68 -65.30 22.09
N SER ZA 90 51.76 -65.32 23.06
CA SER ZA 90 50.44 -65.88 22.84
C SER ZA 90 49.50 -64.93 22.13
N VAL ZA 91 49.77 -63.63 22.22
CA VAL ZA 91 49.05 -62.60 21.46
C VAL ZA 91 49.93 -62.20 20.28
N PRO ZA 92 49.58 -62.54 19.04
CA PRO ZA 92 50.53 -62.34 17.95
C PRO ZA 92 50.60 -60.91 17.43
N PHE ZA 93 51.32 -60.09 18.18
CA PHE ZA 93 51.58 -58.71 17.81
C PHE ZA 93 53.01 -58.35 18.16
N GLU ZA 94 53.50 -57.29 17.53
CA GLU ZA 94 54.88 -56.85 17.68
C GLU ZA 94 55.04 -55.80 18.75
N TYR ZA 95 54.23 -54.75 18.71
CA TYR ZA 95 54.36 -53.60 19.57
C TYR ZA 95 53.21 -53.54 20.56
N TYR ZA 96 53.41 -52.77 21.62
CA TYR ZA 96 52.38 -52.57 22.62
C TYR ZA 96 52.62 -51.26 23.32
N ARG ZA 97 51.58 -50.79 24.00
CA ARG ZA 97 51.69 -49.66 24.90
C ARG ZA 97 50.53 -49.73 25.88
N ILE ZA 98 50.83 -49.65 27.16
CA ILE ZA 98 49.83 -49.79 28.19
C ILE ZA 98 49.10 -48.47 28.36
N ARG ZA 99 47.79 -48.49 28.20
CA ARG ZA 99 46.97 -47.30 28.26
C ARG ZA 99 46.53 -46.99 29.67
N LYS ZA 100 46.02 -47.99 30.39
CA LYS ZA 100 45.51 -47.80 31.74
C LYS ZA 100 45.75 -49.07 32.52
N VAL ZA 101 45.71 -48.94 33.85
CA VAL ZA 101 45.72 -50.06 34.76
C VAL ZA 101 44.67 -49.80 35.82
N LYS ZA 102 44.00 -50.87 36.23
CA LYS ZA 102 43.01 -50.86 37.30
C LYS ZA 102 43.48 -51.84 38.36
N VAL ZA 103 43.92 -51.30 39.49
CA VAL ZA 103 44.28 -52.11 40.64
C VAL ZA 103 43.08 -52.13 41.58
N GLU ZA 104 42.64 -53.33 41.92
CA GLU ZA 104 41.48 -53.55 42.78
C GLU ZA 104 41.94 -54.32 44.00
N PHE ZA 105 41.80 -53.71 45.17
CA PHE ZA 105 42.03 -54.39 46.44
C PHE ZA 105 40.70 -54.99 46.88
N TRP ZA 106 40.53 -56.27 46.61
CA TRP ZA 106 39.35 -56.98 47.06
C TRP ZA 106 39.60 -57.54 48.44
N PRO ZA 107 38.84 -57.15 49.47
CA PRO ZA 107 39.15 -57.61 50.82
C PRO ZA 107 38.86 -59.08 51.00
N CYS ZA 108 39.55 -59.64 51.98
CA CYS ZA 108 39.38 -61.01 52.41
C CYS ZA 108 38.84 -61.11 53.83
N SER ZA 109 38.56 -60.00 54.47
CA SER ZA 109 38.25 -59.93 55.87
C SER ZA 109 36.77 -59.67 56.08
N PRO ZA 110 36.18 -60.16 57.16
CA PRO ZA 110 34.76 -59.97 57.37
C PRO ZA 110 34.44 -58.54 57.75
N ILE ZA 111 33.16 -58.19 57.58
CA ILE ZA 111 32.70 -56.85 57.94
C ILE ZA 111 32.57 -56.67 59.45
N THR ZA 112 32.74 -57.72 60.23
CA THR ZA 112 32.73 -57.64 61.68
C THR ZA 112 34.09 -57.42 62.29
N GLN ZA 113 35.14 -57.31 61.47
CA GLN ZA 113 36.49 -57.19 62.00
C GLN ZA 113 36.69 -55.77 62.53
N GLY ZA 114 37.27 -55.69 63.72
CA GLY ZA 114 37.54 -54.44 64.36
C GLY ZA 114 38.96 -53.97 64.18
N ASP ZA 115 39.35 -53.00 65.00
CA ASP ZA 115 40.66 -52.37 64.92
C ASP ZA 115 40.86 -51.78 63.52
N ARG ZA 116 39.82 -51.14 63.02
CA ARG ZA 116 39.85 -50.57 61.70
C ARG ZA 116 40.88 -49.45 61.62
N GLY ZA 117 41.19 -49.06 60.39
CA GLY ZA 117 42.24 -48.11 60.14
C GLY ZA 117 42.01 -47.29 58.89
N VAL ZA 118 43.00 -46.49 58.53
CA VAL ZA 118 42.89 -45.60 57.39
C VAL ZA 118 44.27 -45.44 56.78
N GLY ZA 119 44.35 -45.66 55.47
CA GLY ZA 119 45.59 -45.62 54.74
C GLY ZA 119 45.53 -44.75 53.52
N SER ZA 120 46.48 -44.95 52.62
CA SER ZA 120 46.61 -44.08 51.45
C SER ZA 120 47.28 -44.85 50.32
N SER ZA 121 46.79 -44.63 49.11
CA SER ZA 121 47.39 -45.15 47.89
C SER ZA 121 47.71 -44.00 46.97
N ALA ZA 122 48.94 -43.96 46.47
CA ALA ZA 122 49.42 -42.89 45.61
C ALA ZA 122 50.04 -43.47 44.36
N VAL ZA 123 50.15 -42.62 43.35
CA VAL ZA 123 50.63 -42.99 42.02
C VAL ZA 123 52.06 -42.49 41.87
N ILE ZA 124 52.98 -43.41 41.63
CA ILE ZA 124 54.42 -43.15 41.64
C ILE ZA 124 54.99 -43.63 40.32
N LEU ZA 125 55.19 -42.70 39.39
CA LEU ZA 125 55.51 -43.03 38.02
C LEU ZA 125 57.00 -43.02 37.71
N ASP ZA 126 57.87 -43.31 38.69
CA ASP ZA 126 59.31 -43.11 38.50
C ASP ZA 126 60.22 -44.14 39.15
N ASP ZA 127 59.69 -45.18 39.79
CA ASP ZA 127 60.51 -46.27 40.31
C ASP ZA 127 61.37 -45.83 41.49
N ASN ZA 128 60.93 -44.81 42.22
CA ASN ZA 128 61.55 -44.42 43.48
C ASN ZA 128 60.42 -44.29 44.47
N PHE ZA 129 60.12 -45.39 45.14
CA PHE ZA 129 59.09 -45.49 46.14
C PHE ZA 129 59.64 -45.15 47.50
N VAL ZA 130 58.73 -44.84 48.43
CA VAL ZA 130 59.10 -44.81 49.84
C VAL ZA 130 59.57 -46.21 50.22
N THR ZA 131 60.61 -46.27 51.05
CA THR ZA 131 61.21 -47.53 51.41
C THR ZA 131 60.18 -48.44 52.08
N LYS ZA 132 60.24 -49.72 51.76
CA LYS ZA 132 59.35 -50.69 52.36
C LYS ZA 132 59.57 -50.75 53.85
N ALA ZA 133 58.47 -50.63 54.60
CA ALA ZA 133 58.50 -50.58 56.05
C ALA ZA 133 57.39 -51.45 56.60
N THR ZA 134 57.65 -52.01 57.78
CA THR ZA 134 56.68 -52.83 58.48
C THR ZA 134 55.78 -52.02 59.39
N ALA ZA 135 56.38 -51.16 60.22
CA ALA ZA 135 55.63 -50.30 61.13
C ALA ZA 135 56.30 -48.93 61.15
N LEU ZA 136 55.88 -48.07 60.23
CA LEU ZA 136 56.35 -46.70 60.16
C LEU ZA 136 55.39 -45.79 60.91
N THR ZA 137 55.94 -44.80 61.59
CA THR ZA 137 55.19 -43.95 62.51
C THR ZA 137 54.30 -42.92 61.83
N TYR ZA 138 54.16 -42.97 60.50
CA TYR ZA 138 53.34 -42.00 59.80
C TYR ZA 138 52.98 -42.59 58.44
N ASP ZA 139 52.02 -41.95 57.79
CA ASP ZA 139 51.58 -42.31 56.45
C ASP ZA 139 52.34 -41.44 55.45
N PRO ZA 140 53.32 -41.97 54.72
CA PRO ZA 140 54.08 -41.09 53.82
C PRO ZA 140 53.29 -40.62 52.63
N TYR ZA 141 52.35 -41.41 52.15
CA TYR ZA 141 51.61 -41.11 50.95
C TYR ZA 141 50.36 -40.27 51.22
N VAL ZA 142 50.28 -39.64 52.39
CA VAL ZA 142 49.04 -38.96 52.78
C VAL ZA 142 48.94 -37.60 52.12
N ASN ZA 143 50.05 -36.87 52.03
CA ASN ZA 143 50.05 -35.53 51.47
C ASN ZA 143 50.30 -35.53 49.98
N TYR ZA 144 50.39 -36.70 49.35
CA TYR ZA 144 50.57 -36.76 47.91
C TYR ZA 144 49.32 -36.29 47.19
N SER ZA 145 49.53 -35.60 46.08
CA SER ZA 145 48.44 -35.09 45.28
C SER ZA 145 47.58 -36.19 44.69
N SER ZA 146 48.12 -37.39 44.54
CA SER ZA 146 47.40 -38.54 44.01
C SER ZA 146 46.94 -39.50 45.10
N ARG ZA 147 46.81 -39.02 46.32
CA ARG ZA 147 46.40 -39.87 47.42
C ARG ZA 147 44.91 -40.10 47.37
N HIS ZA 148 44.53 -41.37 47.50
CA HIS ZA 148 43.17 -41.78 47.76
C HIS ZA 148 43.18 -42.51 49.10
N THR ZA 149 42.18 -42.25 49.91
CA THR ZA 149 42.08 -42.89 51.21
C THR ZA 149 41.70 -44.35 51.07
N ILE ZA 150 42.38 -45.20 51.82
CA ILE ZA 150 42.07 -46.61 51.93
C ILE ZA 150 41.40 -46.79 53.28
N THR ZA 151 40.10 -47.08 53.25
CA THR ZA 151 39.42 -47.60 54.42
C THR ZA 151 39.75 -49.07 54.57
N GLN ZA 152 40.05 -49.48 55.78
CA GLN ZA 152 40.49 -50.82 56.11
C GLN ZA 152 39.56 -51.42 57.15
N PRO ZA 153 39.50 -52.75 57.25
CA PRO ZA 153 40.08 -53.82 56.44
C PRO ZA 153 39.14 -54.42 55.42
N PHE ZA 154 37.85 -54.15 55.54
CA PHE ZA 154 36.81 -54.84 54.80
C PHE ZA 154 36.20 -54.00 53.69
N SER ZA 155 36.98 -53.09 53.13
CA SER ZA 155 36.48 -52.13 52.16
C SER ZA 155 37.28 -52.25 50.87
N TYR ZA 156 36.58 -52.06 49.76
CA TYR ZA 156 37.14 -52.14 48.43
C TYR ZA 156 37.80 -50.84 48.04
N HIS ZA 157 38.95 -50.95 47.38
CA HIS ZA 157 39.73 -49.81 46.95
C HIS ZA 157 40.17 -50.05 45.51
N SER ZA 158 39.81 -49.14 44.62
CA SER ZA 158 40.21 -49.17 43.23
C SER ZA 158 41.05 -47.95 42.90
N ARG ZA 159 41.98 -48.12 41.97
CA ARG ZA 159 42.78 -47.05 41.43
C ARG ZA 159 42.91 -47.28 39.94
N TYR ZA 160 42.56 -46.27 39.15
CA TYR ZA 160 42.55 -46.33 37.70
C TYR ZA 160 43.40 -45.20 37.17
N PHE ZA 161 44.50 -45.54 36.51
CA PHE ZA 161 45.49 -44.56 36.13
C PHE ZA 161 46.27 -45.09 34.94
N THR ZA 162 47.14 -44.23 34.42
CA THR ZA 162 47.98 -44.52 33.27
C THR ZA 162 49.41 -44.70 33.71
N PRO ZA 163 49.98 -45.90 33.66
CA PRO ZA 163 51.36 -46.07 34.12
C PRO ZA 163 52.36 -45.54 33.12
N LYS ZA 164 53.64 -45.63 33.49
CA LYS ZA 164 54.73 -45.16 32.66
C LYS ZA 164 55.83 -46.21 32.69
N PRO ZA 165 56.54 -46.42 31.59
CA PRO ZA 165 57.63 -47.40 31.60
C PRO ZA 165 58.93 -46.84 32.14
N VAL ZA 166 59.76 -47.77 32.61
CA VAL ZA 166 61.06 -47.44 33.18
C VAL ZA 166 62.06 -47.52 32.03
N LEU ZA 167 62.24 -46.40 31.35
CA LEU ZA 167 63.17 -46.31 30.24
C LEU ZA 167 64.59 -46.10 30.73
N ASP ZA 168 64.78 -45.20 31.69
CA ASP ZA 168 66.09 -44.97 32.30
C ASP ZA 168 65.86 -44.76 33.79
N SER ZA 169 66.26 -45.75 34.59
CA SER ZA 169 66.11 -45.64 36.03
C SER ZA 169 67.07 -44.64 36.66
N THR ZA 170 68.12 -44.26 35.96
CA THR ZA 170 69.06 -43.28 36.47
C THR ZA 170 68.49 -41.87 36.44
N ILE ZA 171 67.78 -41.53 35.36
CA ILE ZA 171 67.25 -40.19 35.15
C ILE ZA 171 65.77 -40.18 35.52
N ASP ZA 172 65.09 -41.29 35.26
CA ASP ZA 172 63.68 -41.46 35.61
C ASP ZA 172 62.82 -40.39 34.95
N TYR ZA 173 62.78 -40.44 33.62
CA TYR ZA 173 61.96 -39.54 32.82
C TYR ZA 173 60.76 -40.28 32.27
N PHE ZA 174 59.66 -39.54 32.14
CA PHE ZA 174 58.43 -40.11 31.62
C PHE ZA 174 57.64 -39.04 30.89
N GLN ZA 175 56.72 -39.48 30.13
CA GLN ZA 175 55.88 -38.65 29.29
C GLN ZA 175 54.61 -38.25 30.01
N PRO ZA 176 54.05 -37.09 29.73
CA PRO ZA 176 52.70 -36.81 30.20
C PRO ZA 176 51.65 -37.59 29.43
N ASN ZA 177 50.41 -37.50 29.89
CA ASN ZA 177 49.34 -38.29 29.31
C ASN ZA 177 48.94 -37.71 27.96
N ASN ZA 178 49.13 -38.50 26.92
CA ASN ZA 178 48.73 -38.13 25.58
C ASN ZA 178 48.51 -39.41 24.82
N LYS ZA 179 47.26 -39.68 24.44
CA LYS ZA 179 46.99 -40.93 23.76
C LYS ZA 179 47.64 -40.98 22.38
N ARG ZA 180 47.82 -39.84 21.74
CA ARG ZA 180 48.34 -39.81 20.39
C ARG ZA 180 49.85 -39.89 20.33
N ASN ZA 181 50.53 -39.46 21.39
CA ASN ZA 181 51.98 -39.37 21.42
C ASN ZA 181 52.62 -40.44 22.30
N GLN ZA 182 51.85 -41.33 22.88
CA GLN ZA 182 52.40 -42.35 23.76
C GLN ZA 182 53.30 -43.29 22.98
N LEU ZA 183 54.46 -43.59 23.56
CA LEU ZA 183 55.44 -44.41 22.92
C LEU ZA 183 54.93 -45.84 22.76
N TRP ZA 184 55.32 -46.46 21.65
CA TRP ZA 184 55.12 -47.87 21.42
C TRP ZA 184 56.39 -48.59 21.85
N LEU ZA 185 56.24 -49.56 22.73
CA LEU ZA 185 57.31 -50.47 23.10
C LEU ZA 185 57.19 -51.75 22.30
N ARG ZA 186 58.25 -52.53 22.31
CA ARG ZA 186 58.25 -53.84 21.69
C ARG ZA 186 57.85 -54.89 22.70
N LEU ZA 187 57.02 -55.81 22.23
CA LEU ZA 187 56.64 -56.99 23.00
C LEU ZA 187 57.76 -58.00 22.89
N GLN ZA 188 58.68 -57.94 23.85
CA GLN ZA 188 59.82 -58.83 23.87
C GLN ZA 188 59.38 -60.25 24.16
N THR ZA 189 60.33 -61.17 24.07
CA THR ZA 189 60.04 -62.58 24.31
C THR ZA 189 60.03 -62.90 25.79
N ALA ZA 190 61.10 -62.55 26.52
CA ALA ZA 190 61.15 -62.80 27.96
C ALA ZA 190 61.82 -61.68 28.75
N GLY ZA 191 61.82 -60.45 28.24
CA GLY ZA 191 62.56 -59.37 28.85
C GLY ZA 191 61.88 -58.02 28.85
N ASN ZA 192 60.57 -58.01 28.93
CA ASN ZA 192 59.83 -56.77 28.86
C ASN ZA 192 60.14 -55.86 30.04
N VAL ZA 193 59.90 -54.59 29.85
CA VAL ZA 193 60.28 -53.54 30.80
C VAL ZA 193 59.16 -53.36 31.81
N ASP ZA 194 59.55 -53.02 33.03
CA ASP ZA 194 58.61 -52.87 34.12
C ASP ZA 194 57.92 -51.52 34.04
N HIS ZA 195 56.60 -51.54 34.09
CA HIS ZA 195 55.82 -50.34 34.29
C HIS ZA 195 55.55 -50.14 35.76
N VAL ZA 196 55.30 -48.88 36.12
CA VAL ZA 196 55.31 -48.45 37.50
C VAL ZA 196 54.19 -47.45 37.70
N GLY ZA 197 53.84 -47.20 38.96
CA GLY ZA 197 52.71 -46.35 39.22
C GLY ZA 197 51.82 -46.55 40.42
N LEU ZA 198 52.16 -47.40 41.39
CA LEU ZA 198 51.37 -47.43 42.61
C LEU ZA 198 52.19 -47.77 43.84
N GLY ZA 199 51.98 -46.97 44.88
CA GLY ZA 199 52.51 -47.26 46.19
C GLY ZA 199 51.44 -47.07 47.24
N THR ZA 200 51.53 -47.88 48.29
CA THR ZA 200 50.47 -48.00 49.28
C THR ZA 200 51.03 -47.80 50.68
N ALA ZA 201 50.13 -47.51 51.59
CA ALA ZA 201 50.43 -47.45 53.02
C ALA ZA 201 49.20 -47.92 53.78
N PHE ZA 202 49.31 -49.07 54.41
CA PHE ZA 202 48.23 -49.68 55.17
C PHE ZA 202 48.52 -49.56 56.66
N GLU ZA 203 47.49 -49.18 57.41
CA GLU ZA 203 47.60 -49.07 58.85
C GLU ZA 203 47.54 -50.45 59.47
N ASN ZA 204 48.51 -50.76 60.32
CA ASN ZA 204 48.60 -52.06 60.92
C ASN ZA 204 47.49 -52.27 61.95
N SER ZA 205 47.32 -53.52 62.36
CA SER ZA 205 46.21 -53.91 63.22
C SER ZA 205 46.63 -55.12 64.04
N ILE ZA 206 45.81 -55.41 65.06
CA ILE ZA 206 46.02 -56.60 65.87
C ILE ZA 206 45.74 -57.86 65.08
N TYR ZA 207 44.83 -57.78 64.11
CA TYR ZA 207 44.47 -58.90 63.27
C TYR ZA 207 45.14 -58.78 61.91
N ASP ZA 208 45.28 -59.94 61.26
CA ASP ZA 208 45.87 -59.96 59.93
C ASP ZA 208 44.85 -59.45 58.91
N GLN ZA 209 45.33 -58.58 58.02
CA GLN ZA 209 44.52 -57.99 56.97
C GLN ZA 209 44.97 -58.56 55.63
N GLU ZA 210 44.15 -59.41 55.04
CA GLU ZA 210 44.46 -60.04 53.77
C GLU ZA 210 43.65 -59.39 52.65
N TYR ZA 211 44.23 -59.40 51.46
CA TYR ZA 211 43.62 -58.84 50.27
C TYR ZA 211 43.93 -59.72 49.07
N ASN ZA 212 42.99 -59.79 48.14
CA ASN ZA 212 43.18 -60.40 46.84
C ASN ZA 212 43.23 -59.27 45.83
N ILE ZA 213 44.40 -59.01 45.27
CA ILE ZA 213 44.61 -57.88 44.40
C ILE ZA 213 44.49 -58.33 42.96
N ARG ZA 214 43.60 -57.70 42.22
CA ARG ZA 214 43.35 -57.99 40.81
C ARG ZA 214 43.77 -56.78 40.00
N VAL ZA 215 44.84 -56.95 39.23
CA VAL ZA 215 45.34 -55.92 38.34
C VAL ZA 215 44.83 -56.22 36.94
N THR ZA 216 44.28 -55.21 36.30
CA THR ZA 216 43.77 -55.28 34.94
C THR ZA 216 44.47 -54.23 34.12
N MET ZA 217 45.20 -54.65 33.09
CA MET ZA 217 45.89 -53.75 32.19
C MET ZA 217 45.13 -53.64 30.87
N TYR ZA 218 44.86 -52.42 30.48
CA TYR ZA 218 44.21 -52.12 29.20
C TYR ZA 218 45.29 -51.73 28.21
N VAL ZA 219 45.57 -52.63 27.27
CA VAL ZA 219 46.72 -52.52 26.40
C VAL ZA 219 46.25 -52.27 24.98
N GLN ZA 220 47.19 -51.89 24.13
CA GLN ZA 220 46.93 -51.59 22.73
C GLN ZA 220 48.12 -52.10 21.95
N PHE ZA 221 47.86 -53.09 21.10
CA PHE ZA 221 48.88 -53.73 20.30
C PHE ZA 221 48.89 -53.17 18.88
N ARG ZA 222 49.90 -53.59 18.11
CA ARG ZA 222 50.08 -53.10 16.76
C ARG ZA 222 50.88 -54.13 15.97
N GLU ZA 223 50.60 -54.17 14.67
CA GLU ZA 223 51.36 -54.97 13.70
C GLU ZA 223 51.26 -56.47 14.03
N PHE ZA 224 50.06 -56.99 13.79
CA PHE ZA 224 49.78 -58.41 13.71
C PHE ZA 224 50.86 -59.13 12.93
N ASN ZA 225 51.50 -60.10 13.57
CA ASN ZA 225 52.71 -60.72 13.01
C ASN ZA 225 52.66 -62.23 13.14
N LEU ZA 226 51.51 -62.81 12.84
CA LEU ZA 226 51.39 -64.26 12.93
C LEU ZA 226 52.26 -64.93 11.88
N LYS ZA 227 52.84 -66.06 12.25
CA LYS ZA 227 53.69 -66.85 11.38
C LYS ZA 227 53.07 -68.23 11.23
N ASP ZA 228 52.89 -68.66 9.98
CA ASP ZA 228 52.18 -69.88 9.65
C ASP ZA 228 53.08 -70.78 8.81
N PRO ZA 229 53.95 -71.56 9.45
CA PRO ZA 229 54.71 -72.54 8.71
C PRO ZA 229 53.85 -73.71 8.30
N PRO ZA 230 54.32 -74.57 7.39
CA PRO ZA 230 53.57 -75.78 7.09
C PRO ZA 230 53.58 -76.79 8.22
N LEU ZA 231 52.94 -77.93 8.00
CA LEU ZA 231 52.82 -78.97 9.01
C LEU ZA 231 52.96 -80.36 8.40
N GLY AB 43 53.28 -14.24 46.03
CA GLY AB 43 53.50 -15.60 45.56
C GLY AB 43 52.66 -16.61 46.29
N ILE AB 44 51.42 -16.74 45.88
CA ILE AB 44 50.44 -17.56 46.59
C ILE AB 44 50.64 -19.01 46.24
N PHE AB 45 50.43 -19.87 47.23
CA PHE AB 45 50.47 -21.32 47.04
C PHE AB 45 49.48 -21.93 48.03
N ASN AB 46 48.32 -22.31 47.53
CA ASN AB 46 47.35 -23.04 48.31
C ASN AB 46 47.67 -24.51 48.29
N THR AB 47 47.78 -25.12 49.46
CA THR AB 47 48.03 -26.55 49.57
C THR AB 47 47.22 -27.13 50.73
N ARG AB 48 47.58 -28.35 51.10
CA ARG AB 48 46.83 -29.14 52.06
C ARG AB 48 47.80 -29.94 52.90
N LEU AB 49 47.69 -29.81 54.21
CA LEU AB 49 48.56 -30.49 55.16
C LEU AB 49 47.70 -31.28 56.12
N SER AB 50 48.14 -32.49 56.43
CA SER AB 50 47.40 -33.43 57.24
C SER AB 50 48.26 -33.95 58.40
N ARG AB 51 47.58 -34.64 59.31
CA ARG AB 51 48.13 -35.11 60.57
C ARG AB 51 47.10 -36.04 61.17
N THR AB 52 47.57 -37.12 61.78
CA THR AB 52 46.72 -38.17 62.32
C THR AB 52 47.16 -38.51 63.73
N PHE AB 53 46.18 -38.70 64.61
CA PHE AB 53 46.44 -39.03 66.00
C PHE AB 53 45.19 -39.68 66.58
N GLY AB 54 45.36 -40.23 67.78
CA GLY AB 54 44.32 -40.98 68.44
C GLY AB 54 43.60 -40.26 69.56
N TYR AB 55 42.39 -40.72 69.85
CA TYR AB 55 41.58 -40.23 70.95
C TYR AB 55 40.71 -41.37 71.43
N THR AB 56 40.69 -41.59 72.73
CA THR AB 56 39.94 -42.67 73.34
C THR AB 56 39.05 -42.12 74.45
N ILE AB 57 37.83 -42.62 74.51
CA ILE AB 57 36.89 -42.36 75.58
C ILE AB 57 36.83 -43.64 76.41
N LYS AB 58 37.46 -43.61 77.57
CA LYS AB 58 37.54 -44.78 78.41
C LYS AB 58 36.17 -45.18 78.95
N ARG AB 59 36.05 -46.43 79.34
CA ARG AB 59 34.80 -46.98 79.85
C ARG AB 59 34.50 -46.43 81.24
N THR AB 60 33.22 -46.53 81.62
CA THR AB 60 32.75 -46.10 82.93
C THR AB 60 31.68 -47.07 83.42
N THR AB 61 31.74 -47.41 84.70
CA THR AB 61 30.70 -48.19 85.34
C THR AB 61 29.45 -47.37 85.67
N VAL AB 62 29.50 -46.05 85.47
CA VAL AB 62 28.34 -45.21 85.76
C VAL AB 62 27.15 -45.65 84.91
N LYS AB 63 25.98 -45.70 85.55
CA LYS AB 63 24.78 -46.15 84.88
C LYS AB 63 24.11 -45.05 84.07
N THR AB 64 24.15 -43.83 84.58
CA THR AB 64 23.47 -42.72 83.95
C THR AB 64 24.07 -42.40 82.59
N PRO AB 65 23.37 -41.63 81.76
CA PRO AB 65 24.01 -41.08 80.57
C PRO AB 65 24.86 -39.89 80.93
N SER AB 66 26.16 -40.07 80.90
CA SER AB 66 27.13 -39.01 81.13
C SER AB 66 27.96 -38.81 79.87
N TRP AB 67 28.51 -37.62 79.74
CA TRP AB 67 29.30 -37.24 78.58
C TRP AB 67 30.72 -36.88 78.98
N ALA AB 68 31.63 -37.14 78.06
CA ALA AB 68 33.05 -36.85 78.21
C ALA AB 68 33.39 -35.67 77.33
N VAL AB 69 33.88 -34.60 77.94
CA VAL AB 69 34.14 -33.35 77.25
C VAL AB 69 35.63 -33.21 77.04
N ASP AB 70 36.01 -32.68 75.88
CA ASP AB 70 37.40 -32.43 75.56
C ASP AB 70 37.46 -31.34 74.51
N MET AB 71 38.66 -30.82 74.30
CA MET AB 71 38.94 -29.71 73.42
C MET AB 71 39.89 -30.13 72.32
N MET AB 72 40.01 -29.25 71.32
CA MET AB 72 40.86 -29.52 70.17
C MET AB 72 41.33 -28.20 69.58
N ARG AB 73 42.63 -27.96 69.66
CA ARG AB 73 43.30 -26.83 69.04
C ARG AB 73 44.09 -27.29 67.83
N PHE AB 74 44.52 -26.33 67.03
CA PHE AB 74 45.26 -26.59 65.79
C PHE AB 74 46.44 -25.64 65.72
N ASN AB 75 47.64 -26.20 65.58
CA ASN AB 75 48.85 -25.43 65.37
C ASN AB 75 49.58 -25.96 64.16
N ILE AB 76 50.27 -25.07 63.46
CA ILE AB 76 50.96 -25.43 62.22
C ILE AB 76 52.29 -26.11 62.45
N ASN AB 77 52.83 -26.08 63.67
CA ASN AB 77 54.05 -26.82 63.94
C ASN AB 77 53.82 -28.32 63.85
N ASP AB 78 52.62 -28.76 64.18
CA ASP AB 78 52.28 -30.18 64.13
C ASP AB 78 52.05 -30.69 62.72
N PHE AB 79 51.90 -29.80 61.75
CA PHE AB 79 51.71 -30.17 60.35
C PHE AB 79 52.91 -29.87 59.48
N LEU AB 80 53.66 -28.83 59.82
CA LEU AB 80 54.81 -28.39 59.04
C LEU AB 80 56.10 -28.59 59.85
N PRO AB 81 56.98 -29.52 59.48
CA PRO AB 81 58.16 -29.74 60.30
C PRO AB 81 59.18 -28.65 60.09
N PRO AB 82 60.24 -28.62 60.90
CA PRO AB 82 61.33 -27.70 60.64
C PRO AB 82 62.14 -28.13 59.43
N GLY AB 83 62.67 -27.14 58.74
CA GLY AB 83 63.44 -27.41 57.54
C GLY AB 83 64.87 -27.75 57.83
N GLY AB 84 65.77 -27.25 57.00
CA GLY AB 84 67.18 -27.50 57.16
C GLY AB 84 68.04 -26.45 56.50
N GLY AB 85 69.02 -25.95 57.22
CA GLY AB 85 69.93 -24.96 56.69
C GLY AB 85 69.40 -23.55 56.82
N SER AB 86 69.61 -22.75 55.79
CA SER AB 86 69.17 -21.36 55.82
C SER AB 86 67.67 -21.23 55.73
N ASN AB 87 66.96 -22.28 55.33
CA ASN AB 87 65.51 -22.29 55.29
C ASN AB 87 65.00 -22.89 56.60
N PRO AB 88 64.40 -22.10 57.50
CA PRO AB 88 64.04 -22.66 58.80
C PRO AB 88 62.89 -23.64 58.75
N ARG AB 89 62.06 -23.57 57.73
CA ARG AB 89 60.90 -24.44 57.59
C ARG AB 89 60.98 -25.21 56.27
N SER AB 90 60.19 -26.28 56.19
CA SER AB 90 60.26 -27.19 55.07
C SER AB 90 59.50 -26.68 53.86
N VAL AB 91 58.52 -25.81 54.08
CA VAL AB 91 57.79 -25.13 53.00
C VAL AB 91 58.36 -23.71 52.90
N PRO AB 92 59.08 -23.36 51.85
CA PRO AB 92 59.81 -22.08 51.86
C PRO AB 92 58.93 -20.87 51.56
N PHE AB 93 58.19 -20.44 52.56
CA PHE AB 93 57.35 -19.26 52.47
C PHE AB 93 57.44 -18.50 53.77
N GLU AB 94 57.07 -17.23 53.71
CA GLU AB 94 57.15 -16.32 54.84
C GLU AB 94 55.85 -16.24 55.63
N TYR AB 95 54.75 -16.02 54.95
CA TYR AB 95 53.46 -15.77 55.57
C TYR AB 95 52.52 -16.92 55.32
N TYR AB 96 51.48 -17.00 56.14
CA TYR AB 96 50.46 -18.03 55.98
C TYR AB 96 49.16 -17.53 56.58
N ARG AB 97 48.08 -18.20 56.21
CA ARG AB 97 46.79 -18.01 56.84
C ARG AB 97 45.96 -19.24 56.58
N ILE AB 98 45.40 -19.81 57.64
CA ILE AB 98 44.64 -21.05 57.54
C ILE AB 98 43.24 -20.72 57.06
N ARG AB 99 42.86 -21.33 55.94
CA ARG AB 99 41.57 -21.10 55.31
C ARG AB 99 40.48 -21.99 55.88
N LYS AB 100 40.75 -23.28 56.00
CA LYS AB 100 39.78 -24.25 56.46
C LYS AB 100 40.51 -25.36 57.19
N VAL AB 101 39.75 -26.09 58.00
CA VAL AB 101 40.22 -27.31 58.65
C VAL AB 101 39.11 -28.34 58.51
N LYS AB 102 39.53 -29.59 58.29
CA LYS AB 102 38.65 -30.75 58.23
C LYS AB 102 39.10 -31.71 59.29
N VAL AB 103 38.30 -31.83 60.34
CA VAL AB 103 38.51 -32.82 61.39
C VAL AB 103 37.66 -34.03 61.08
N GLU AB 104 38.29 -35.19 61.00
CA GLU AB 104 37.63 -36.44 60.67
C GLU AB 104 37.83 -37.39 61.83
N PHE AB 105 36.74 -37.81 62.45
CA PHE AB 105 36.75 -38.86 63.47
C PHE AB 105 36.53 -40.18 62.77
N TRP AB 106 37.61 -40.89 62.50
CA TRP AB 106 37.53 -42.20 61.91
C TRP AB 106 37.41 -43.23 63.01
N PRO AB 107 36.34 -44.01 63.08
CA PRO AB 107 36.18 -44.94 64.19
C PRO AB 107 37.16 -46.09 64.14
N CYS AB 108 37.39 -46.64 65.32
CA CYS AB 108 38.22 -47.81 65.51
C CYS AB 108 37.43 -49.00 66.00
N SER AB 109 36.13 -48.87 66.17
CA SER AB 109 35.29 -49.83 66.84
C SER AB 109 34.44 -50.58 65.82
N PRO AB 110 34.10 -51.83 66.09
CA PRO AB 110 33.32 -52.61 65.13
C PRO AB 110 31.88 -52.15 65.08
N ILE AB 111 31.22 -52.50 63.98
CA ILE AB 111 29.81 -52.16 63.83
C ILE AB 111 28.89 -53.02 64.69
N THR AB 112 29.42 -54.03 65.36
CA THR AB 112 28.66 -54.86 66.27
C THR AB 112 28.70 -54.36 67.71
N GLN AB 113 29.39 -53.25 67.99
CA GLN AB 113 29.54 -52.78 69.35
C GLN AB 113 28.23 -52.14 69.81
N GLY AB 114 27.81 -52.50 71.01
CA GLY AB 114 26.60 -51.98 71.59
C GLY AB 114 26.84 -50.84 72.54
N ASP AB 115 25.82 -50.55 73.35
CA ASP AB 115 25.83 -49.42 74.27
C ASP AB 115 26.10 -48.13 73.50
N ARG AB 116 25.45 -47.99 72.36
CA ARG AB 116 25.64 -46.83 71.52
C ARG AB 116 25.16 -45.58 72.22
N GLY AB 117 25.54 -44.44 71.65
CA GLY AB 117 25.30 -43.16 72.26
C GLY AB 117 25.16 -42.05 71.26
N VAL AB 118 25.05 -40.83 71.76
CA VAL AB 118 24.84 -39.67 70.91
C VAL AB 118 25.50 -38.47 71.57
N GLY AB 119 26.34 -37.78 70.80
CA GLY AB 119 27.12 -36.66 71.27
C GLY AB 119 26.98 -35.44 70.40
N SER AB 120 27.92 -34.52 70.55
CA SER AB 120 27.84 -33.24 69.88
C SER AB 120 29.22 -32.66 69.69
N SER AB 121 29.45 -32.06 68.53
CA SER AB 121 30.66 -31.32 68.22
C SER AB 121 30.29 -29.91 67.84
N ALA AB 122 30.96 -28.94 68.46
CA ALA AB 122 30.69 -27.53 68.24
C ALA AB 122 31.98 -26.80 67.92
N VAL AB 123 31.83 -25.62 67.32
CA VAL AB 123 32.93 -24.80 66.84
C VAL AB 123 33.12 -23.66 67.82
N ILE AB 124 34.32 -23.58 68.40
CA ILE AB 124 34.63 -22.67 69.50
C ILE AB 124 35.85 -21.86 69.10
N LEU AB 125 35.63 -20.64 68.63
CA LEU AB 125 36.67 -19.84 68.00
C LEU AB 125 37.36 -18.87 68.94
N ASP AB 126 37.44 -19.17 70.25
CA ASP AB 126 37.91 -18.18 71.21
C ASP AB 126 38.75 -18.70 72.36
N ASP AB 127 39.08 -19.99 72.40
CA ASP AB 127 40.01 -20.53 73.40
C ASP AB 127 39.41 -20.50 74.79
N ASN AB 128 38.09 -20.56 74.91
CA ASN AB 128 37.41 -20.76 76.19
C ASN AB 128 36.41 -21.88 75.94
N PHE AB 129 36.86 -23.09 76.18
CA PHE AB 129 36.07 -24.29 76.04
C PHE AB 129 35.36 -24.62 77.34
N VAL AB 130 34.34 -25.47 77.23
CA VAL AB 130 33.79 -26.09 78.41
C VAL AB 130 34.89 -26.92 79.06
N THR AB 131 34.92 -26.90 80.38
CA THR AB 131 35.98 -27.56 81.12
C THR AB 131 36.00 -29.04 80.79
N LYS AB 132 37.21 -29.59 80.67
CA LYS AB 132 37.36 -31.01 80.41
C LYS AB 132 36.78 -31.83 81.54
N ALA AB 133 35.94 -32.78 81.18
CA ALA AB 133 35.21 -33.60 82.13
C ALA AB 133 35.23 -35.04 81.67
N THR AB 134 35.22 -35.95 82.65
CA THR AB 134 35.19 -37.37 82.38
C THR AB 134 33.76 -37.90 82.25
N ALA AB 135 32.91 -37.57 83.22
CA ALA AB 135 31.51 -37.99 83.20
C ALA AB 135 30.66 -36.82 83.68
N LEU AB 136 30.26 -35.98 82.75
CA LEU AB 136 29.36 -34.87 83.01
C LEU AB 136 27.93 -35.28 82.74
N THR AB 137 27.01 -34.79 83.56
CA THR AB 137 25.62 -35.23 83.56
C THR AB 137 24.80 -34.67 82.41
N TYR AB 138 25.41 -33.99 81.46
CA TYR AB 138 24.68 -33.41 80.33
C TYR AB 138 25.66 -33.15 79.21
N ASP AB 139 25.10 -32.88 78.04
CA ASP AB 139 25.87 -32.53 76.85
C ASP AB 139 25.93 -31.01 76.76
N PRO AB 140 27.06 -30.37 77.05
CA PRO AB 140 27.07 -28.91 77.03
C PRO AB 140 26.95 -28.32 75.65
N TYR AB 141 27.48 -29.01 74.64
CA TYR AB 141 27.53 -28.50 73.28
C TYR AB 141 26.27 -28.81 72.48
N VAL AB 142 25.18 -29.19 73.15
CA VAL AB 142 24.00 -29.66 72.44
C VAL AB 142 23.20 -28.50 71.90
N ASN AB 143 23.06 -27.42 72.67
CA ASN AB 143 22.27 -26.28 72.25
C ASN AB 143 23.06 -25.25 71.49
N TYR AB 144 24.32 -25.54 71.19
CA TYR AB 144 25.13 -24.62 70.40
C TYR AB 144 24.63 -24.56 68.96
N SER AB 145 24.69 -23.37 68.39
CA SER AB 145 24.27 -23.16 67.02
C SER AB 145 25.10 -23.92 66.02
N SER AB 146 26.33 -24.28 66.38
CA SER AB 146 27.24 -25.03 65.52
C SER AB 146 27.32 -26.50 65.91
N ARG AB 147 26.30 -27.02 66.57
CA ARG AB 147 26.31 -28.39 67.00
C ARG AB 147 25.97 -29.30 65.83
N HIS AB 148 26.78 -30.34 65.66
CA HIS AB 148 26.48 -31.47 64.81
C HIS AB 148 26.43 -32.69 65.70
N THR AB 149 25.47 -33.56 65.45
CA THR AB 149 25.32 -34.77 66.23
C THR AB 149 26.42 -35.76 65.89
N ILE AB 150 26.98 -36.36 66.92
CA ILE AB 150 27.94 -37.44 66.81
C ILE AB 150 27.20 -38.71 67.17
N THR AB 151 26.96 -39.54 66.16
CA THR AB 151 26.58 -40.92 66.41
C THR AB 151 27.80 -41.72 66.80
N GLN AB 152 27.65 -42.54 67.83
CA GLN AB 152 28.73 -43.31 68.42
C GLN AB 152 28.37 -44.79 68.40
N PRO AB 153 29.36 -45.68 68.45
CA PRO AB 153 30.82 -45.54 68.40
C PRO AB 153 31.44 -45.77 67.04
N PHE AB 154 30.68 -46.37 66.13
CA PHE AB 154 31.21 -46.89 64.88
C PHE AB 154 30.85 -46.04 63.68
N SER AB 155 30.67 -44.74 63.88
CA SER AB 155 30.19 -43.86 62.84
C SER AB 155 31.18 -42.73 62.62
N TYR AB 156 31.30 -42.32 61.37
CA TYR AB 156 32.21 -41.28 60.95
C TYR AB 156 31.59 -39.92 61.16
N HIS AB 157 32.42 -38.98 61.61
CA HIS AB 157 32.01 -37.62 61.90
C HIS AB 157 33.04 -36.67 61.32
N SER AB 158 32.60 -35.77 60.44
CA SER AB 158 33.44 -34.75 59.85
C SER AB 158 32.93 -33.38 60.25
N ARG AB 159 33.86 -32.44 60.36
CA ARG AB 159 33.56 -31.04 60.59
C ARG AB 159 34.50 -30.22 59.73
N TYR AB 160 33.94 -29.33 58.93
CA TYR AB 160 34.68 -28.50 57.98
C TYR AB 160 34.33 -27.05 58.26
N PHE AB 161 35.32 -26.28 58.69
CA PHE AB 161 35.09 -24.94 59.16
C PHE AB 161 36.36 -24.13 59.01
N THR AB 162 36.25 -22.85 59.32
CA THR AB 162 37.34 -21.89 59.23
C THR AB 162 37.81 -21.50 60.62
N PRO AB 163 39.00 -21.89 61.06
CA PRO AB 163 39.41 -21.54 62.41
C PRO AB 163 39.84 -20.10 62.52
N LYS AB 164 40.21 -19.70 63.73
CA LYS AB 164 40.63 -18.34 64.02
C LYS AB 164 41.85 -18.41 64.91
N PRO AB 165 42.82 -17.50 64.76
CA PRO AB 165 43.99 -17.52 65.62
C PRO AB 165 43.77 -16.81 66.95
N VAL AB 166 44.58 -17.20 67.91
CA VAL AB 166 44.53 -16.66 69.27
C VAL AB 166 45.51 -15.50 69.30
N LEU AB 167 45.00 -14.32 68.95
CA LEU AB 167 45.81 -13.11 68.94
C LEU AB 167 45.93 -12.52 70.33
N ASP AB 168 44.83 -12.45 71.08
CA ASP AB 168 44.83 -12.00 72.47
C ASP AB 168 43.88 -12.89 73.23
N SER AB 169 44.43 -13.74 74.10
CA SER AB 169 43.61 -14.62 74.91
C SER AB 169 42.87 -13.90 76.01
N THR AB 170 43.27 -12.68 76.35
CA THR AB 170 42.59 -11.90 77.37
C THR AB 170 41.27 -11.33 76.87
N ILE AB 171 41.26 -10.87 75.63
CA ILE AB 171 40.10 -10.22 75.04
C ILE AB 171 39.37 -11.21 74.15
N ASP AB 172 40.12 -12.08 73.48
CA ASP AB 172 39.58 -13.13 72.65
C ASP AB 172 38.71 -12.55 71.54
N TYR AB 173 39.37 -11.81 70.64
CA TYR AB 173 38.73 -11.22 69.48
C TYR AB 173 39.13 -11.97 68.22
N PHE AB 174 38.21 -12.04 67.27
CA PHE AB 174 38.46 -12.71 66.02
C PHE AB 174 37.67 -12.05 64.91
N GLN AB 175 38.03 -12.34 63.74
CA GLN AB 175 37.46 -11.79 62.53
C GLN AB 175 36.33 -12.66 62.00
N PRO AB 176 35.34 -12.08 61.35
CA PRO AB 176 34.39 -12.91 60.62
C PRO AB 176 34.98 -13.49 59.35
N ASN AB 177 34.24 -14.36 58.70
CA ASN AB 177 34.75 -15.05 57.53
C ASN AB 177 34.79 -14.11 56.34
N ASN AB 178 35.98 -13.86 55.83
CA ASN AB 178 36.17 -13.04 54.65
C ASN AB 178 37.49 -13.47 54.03
N LYS AB 179 37.42 -14.06 52.85
CA LYS AB 179 38.63 -14.56 52.24
C LYS AB 179 39.57 -13.42 51.85
N ARG AB 180 39.03 -12.25 51.54
CA ARG AB 180 39.84 -11.15 51.05
C ARG AB 180 40.49 -10.36 52.18
N ASN AB 181 39.90 -10.38 53.36
CA ASN AB 181 40.35 -9.59 54.50
C ASN AB 181 41.01 -10.41 55.59
N GLN AB 182 41.16 -11.71 55.40
CA GLN AB 182 41.76 -12.54 56.42
C GLN AB 182 43.21 -12.17 56.64
N LEU AB 183 43.60 -12.08 57.90
CA LEU AB 183 44.94 -11.68 58.26
C LEU AB 183 45.96 -12.71 57.82
N TRP AB 184 47.12 -12.21 57.42
CA TRP AB 184 48.29 -13.03 57.18
C TRP AB 184 49.14 -13.05 58.43
N LEU AB 185 49.43 -14.24 58.91
CA LEU AB 185 50.37 -14.44 60.00
C LEU AB 185 51.72 -14.80 59.43
N ARG AB 186 52.73 -14.70 60.27
CA ARG AB 186 54.08 -15.12 59.92
C ARG AB 186 54.29 -16.58 60.28
N LEU AB 187 54.94 -17.29 59.39
CA LEU AB 187 55.38 -18.65 59.63
C LEU AB 187 56.65 -18.61 60.44
N GLN AB 188 56.48 -18.65 61.76
CA GLN AB 188 57.60 -18.60 62.67
C GLN AB 188 58.43 -19.87 62.57
N THR AB 189 59.56 -19.85 63.26
CA THR AB 189 60.47 -21.00 63.25
C THR AB 189 60.01 -22.09 64.19
N ALA AB 190 59.77 -21.75 65.47
CA ALA AB 190 59.32 -22.73 66.45
C ALA AB 190 58.30 -22.18 67.43
N GLY AB 191 57.56 -21.13 67.07
CA GLY AB 191 56.67 -20.46 68.00
C GLY AB 191 55.35 -20.00 67.43
N ASN AB 192 54.81 -20.75 66.48
CA ASN AB 192 53.59 -20.35 65.83
C ASN AB 192 52.41 -20.35 66.80
N VAL AB 193 51.40 -19.58 66.45
CA VAL AB 193 50.26 -19.33 67.32
C VAL AB 193 49.21 -20.40 67.11
N ASP AB 194 48.51 -20.73 68.19
CA ASP AB 194 47.52 -21.79 68.16
C ASP AB 194 46.23 -21.30 67.55
N HIS AB 195 45.73 -22.03 66.58
CA HIS AB 195 44.39 -21.85 66.06
C HIS AB 195 43.43 -22.75 66.80
N VAL AB 196 42.17 -22.34 66.80
CA VAL AB 196 41.16 -22.91 67.69
C VAL AB 196 39.86 -23.02 66.93
N GLY AB 197 38.93 -23.81 67.46
CA GLY AB 197 37.70 -24.04 66.73
C GLY AB 197 36.98 -25.36 66.83
N LEU AB 198 37.31 -26.26 67.75
CA LEU AB 198 36.46 -27.43 67.94
C LEU AB 198 36.46 -27.94 69.36
N GLY AB 199 35.25 -28.19 69.84
CA GLY AB 199 35.05 -28.87 71.11
C GLY AB 199 34.00 -29.95 70.95
N THR AB 200 34.18 -31.02 71.73
CA THR AB 200 33.41 -32.24 71.56
C THR AB 200 32.80 -32.67 72.88
N ALA AB 201 31.79 -33.52 72.77
CA ALA AB 201 31.17 -34.17 73.92
C ALA AB 201 30.73 -35.56 73.48
N PHE AB 202 31.40 -36.57 74.01
CA PHE AB 202 31.12 -37.96 73.70
C PHE AB 202 30.42 -38.64 74.86
N GLU AB 203 29.39 -39.40 74.55
CA GLU AB 203 28.65 -40.14 75.56
C GLU AB 203 29.43 -41.38 75.95
N ASN AB 204 29.63 -41.55 77.25
CA ASN AB 204 30.42 -42.65 77.75
C ASN AB 204 29.68 -43.98 77.57
N SER AB 205 30.42 -45.07 77.75
CA SER AB 205 29.92 -46.39 77.47
C SER AB 205 30.64 -47.40 78.35
N ILE AB 206 30.10 -48.62 78.38
CA ILE AB 206 30.74 -49.71 79.12
C ILE AB 206 32.01 -50.13 78.42
N TYR AB 207 32.07 -49.99 77.11
CA TYR AB 207 33.24 -50.36 76.32
C TYR AB 207 34.05 -49.12 75.96
N ASP AB 208 35.33 -49.33 75.69
CA ASP AB 208 36.19 -48.26 75.27
C ASP AB 208 35.90 -47.86 73.83
N GLN AB 209 35.80 -46.56 73.58
CA GLN AB 209 35.53 -46.01 72.26
C GLN AB 209 36.79 -45.30 71.78
N GLU AB 210 37.45 -45.90 70.80
CA GLU AB 210 38.67 -45.36 70.22
C GLU AB 210 38.39 -44.71 68.88
N TYR AB 211 39.18 -43.71 68.55
CA TYR AB 211 39.07 -42.98 67.29
C TYR AB 211 40.46 -42.64 66.80
N ASN AB 212 40.60 -42.62 65.48
CA ASN AB 212 41.79 -42.09 64.79
C ASN AB 212 41.38 -40.79 64.15
N ILE AB 213 41.88 -39.68 64.67
CA ILE AB 213 41.46 -38.36 64.25
C ILE AB 213 42.47 -37.84 63.24
N ARG AB 214 41.99 -37.48 62.05
CA ARG AB 214 42.79 -36.96 60.97
C ARG AB 214 42.37 -35.51 60.74
N VAL AB 215 43.26 -34.59 61.06
CA VAL AB 215 43.05 -33.16 60.84
C VAL AB 215 43.77 -32.79 59.56
N THR AB 216 43.06 -32.08 58.69
CA THR AB 216 43.58 -31.59 57.44
C THR AB 216 43.39 -30.09 57.41
N MET AB 217 44.48 -29.35 57.31
CA MET AB 217 44.44 -27.90 57.23
C MET AB 217 44.71 -27.45 55.80
N TYR AB 218 43.82 -26.61 55.29
CA TYR AB 218 43.96 -26.02 53.97
C TYR AB 218 44.52 -24.62 54.14
N VAL AB 219 45.79 -24.45 53.79
CA VAL AB 219 46.53 -23.25 54.09
C VAL AB 219 46.83 -22.50 52.81
N GLN AB 220 47.29 -21.27 52.97
CA GLN AB 220 47.60 -20.38 51.86
C GLN AB 220 48.83 -19.60 52.28
N PHE AB 221 49.93 -19.82 51.58
CA PHE AB 221 51.20 -19.18 51.86
C PHE AB 221 51.44 -17.99 50.94
N ARG AB 222 52.50 -17.26 51.21
CA ARG AB 222 52.83 -16.05 50.48
C ARG AB 222 54.31 -15.77 50.60
N GLU AB 223 54.87 -15.17 49.56
CA GLU AB 223 56.24 -14.68 49.54
C GLU AB 223 57.25 -15.82 49.71
N PHE AB 224 57.33 -16.62 48.66
CA PHE AB 224 58.41 -17.59 48.45
C PHE AB 224 59.75 -16.97 48.79
N ASN AB 225 60.46 -17.59 49.72
CA ASN AB 225 61.66 -17.01 50.30
C ASN AB 225 62.80 -18.00 50.39
N LEU AB 226 62.97 -18.79 49.35
CA LEU AB 226 64.04 -19.78 49.35
C LEU AB 226 65.39 -19.09 49.36
N LYS AB 227 66.33 -19.69 50.09
CA LYS AB 227 67.70 -19.19 50.19
C LYS AB 227 68.64 -20.25 49.67
N ASP AB 228 69.50 -19.86 48.74
CA ASP AB 228 70.39 -20.77 48.01
C ASP AB 228 71.83 -20.33 48.19
N PRO AB 229 72.47 -20.73 49.29
CA PRO AB 229 73.89 -20.47 49.44
C PRO AB 229 74.70 -21.40 48.55
N PRO AB 230 75.99 -21.11 48.36
CA PRO AB 230 76.82 -22.06 47.61
C PRO AB 230 77.09 -23.33 48.38
N LEU AB 231 77.87 -24.23 47.79
CA LEU AB 231 78.18 -25.52 48.38
C LEU AB 231 79.63 -25.92 48.14
N GLY BB 43 8.81 -8.16 70.88
CA GLY BB 43 10.19 -8.57 70.78
C GLY BB 43 10.35 -10.07 70.64
N ILE BB 44 10.19 -10.54 69.42
CA ILE BB 44 10.13 -11.97 69.15
C ILE BB 44 11.54 -12.54 69.12
N PHE BB 45 11.66 -13.76 69.61
CA PHE BB 45 12.92 -14.50 69.55
C PHE BB 45 12.57 -15.99 69.44
N ASN BB 46 12.68 -16.52 68.24
CA ASN BB 46 12.53 -17.94 68.02
C ASN BB 46 13.84 -18.65 68.29
N THR BB 47 13.80 -19.66 69.14
CA THR BB 47 14.98 -20.45 69.45
C THR BB 47 14.59 -21.92 69.57
N ARG BB 48 15.51 -22.70 70.12
CA ARG BB 48 15.41 -24.15 70.18
C ARG BB 48 16.01 -24.64 71.48
N LEU BB 49 15.23 -25.41 72.23
CA LEU BB 49 15.63 -25.93 73.53
C LEU BB 49 15.49 -27.44 73.50
N SER BB 50 16.47 -28.13 74.07
CA SER BB 50 16.56 -29.57 74.05
C SER BB 50 16.73 -30.13 75.45
N ARG BB 51 16.60 -31.44 75.53
CA ARG BB 51 16.58 -32.20 76.77
C ARG BB 51 16.65 -33.67 76.40
N THR BB 52 17.39 -34.44 77.18
CA THR BB 52 17.65 -35.84 76.90
C THR BB 52 17.41 -36.67 78.14
N PHE BB 53 16.78 -37.82 77.95
CA PHE BB 53 16.46 -38.73 79.05
C PHE BB 53 16.25 -40.12 78.49
N GLY BB 54 16.17 -41.08 79.39
CA GLY BB 54 16.07 -42.48 79.04
C GLY BB 54 14.70 -43.10 79.18
N TYR BB 55 14.48 -44.17 78.44
CA TYR BB 55 13.26 -44.97 78.50
C TYR BB 55 13.62 -46.40 78.17
N THR BB 56 13.17 -47.34 79.00
CA THR BB 56 13.45 -48.75 78.83
C THR BB 56 12.16 -49.54 78.85
N ILE BB 57 12.09 -50.51 77.96
CA ILE BB 57 11.01 -51.49 77.92
C ILE BB 57 11.62 -52.80 78.43
N LYS BB 58 11.26 -53.15 79.66
CA LYS BB 58 11.83 -54.32 80.29
C LYS BB 58 11.37 -55.60 79.58
N ARG BB 59 12.14 -56.66 79.78
CA ARG BB 59 11.87 -57.94 79.16
C ARG BB 59 10.66 -58.62 79.80
N THR BB 60 10.09 -59.56 79.06
CA THR BB 60 8.95 -60.35 79.52
C THR BB 60 9.09 -61.78 79.03
N THR BB 61 8.77 -62.72 79.91
CA THR BB 61 8.70 -64.14 79.55
C THR BB 61 7.43 -64.49 78.79
N VAL BB 62 6.50 -63.54 78.65
CA VAL BB 62 5.26 -63.81 77.92
C VAL BB 62 5.57 -64.18 76.48
N LYS BB 63 4.88 -65.20 75.99
CA LYS BB 63 5.11 -65.71 74.64
C LYS BB 63 4.37 -64.90 73.59
N THR BB 64 3.17 -64.45 73.91
CA THR BB 64 2.34 -63.76 72.95
C THR BB 64 2.96 -62.43 72.53
N PRO BB 65 2.48 -61.84 71.44
CA PRO BB 65 2.85 -60.44 71.16
C PRO BB 65 2.04 -59.50 72.02
N SER BB 66 2.68 -58.91 73.01
CA SER BB 66 2.10 -57.91 73.86
C SER BB 66 2.84 -56.60 73.69
N TRP BB 67 2.15 -55.51 74.01
CA TRP BB 67 2.69 -54.16 73.85
C TRP BB 67 2.74 -53.45 75.19
N ALA BB 68 3.73 -52.58 75.32
CA ALA BB 68 3.95 -51.76 76.49
C ALA BB 68 3.55 -50.33 76.15
N VAL BB 69 2.60 -49.80 76.89
CA VAL BB 69 2.02 -48.49 76.61
C VAL BB 69 2.56 -47.50 77.63
N ASP BB 70 2.83 -46.29 77.16
CA ASP BB 70 3.30 -45.22 78.02
C ASP BB 70 2.96 -43.90 77.37
N MET BB 71 3.09 -42.84 78.15
CA MET BB 71 2.72 -41.49 77.77
C MET BB 71 3.93 -40.58 77.81
N MET BB 72 3.76 -39.39 77.24
CA MET BB 72 4.84 -38.41 77.15
C MET BB 72 4.25 -37.01 77.11
N ARG BB 73 4.50 -36.23 78.16
CA ARG BB 73 4.13 -34.83 78.25
C ARG BB 73 5.37 -33.97 78.09
N PHE BB 74 5.15 -32.68 77.88
CA PHE BB 74 6.23 -31.71 77.68
C PHE BB 74 5.94 -30.47 78.51
N ASN BB 75 6.89 -30.10 79.36
CA ASN BB 75 6.83 -28.88 80.14
C ASN BB 75 8.11 -28.09 79.93
N ILE BB 76 7.98 -26.76 80.00
CA ILE BB 76 9.11 -25.88 79.74
C ILE BB 76 10.04 -25.74 80.93
N ASN BB 77 9.63 -26.16 82.11
CA ASN BB 77 10.54 -26.14 83.25
C ASN BB 77 11.69 -27.11 83.07
N ASP BB 78 11.44 -28.20 82.35
CA ASP BB 78 12.47 -29.20 82.11
C ASP BB 78 13.47 -28.79 81.04
N PHE BB 79 13.17 -27.74 80.28
CA PHE BB 79 14.06 -27.23 79.25
C PHE BB 79 14.69 -25.90 79.61
N LEU BB 80 13.98 -25.08 80.39
CA LEU BB 80 14.41 -23.74 80.76
C LEU BB 80 14.67 -23.68 82.26
N PRO BB 81 15.91 -23.55 82.74
CA PRO BB 81 16.13 -23.56 84.17
C PRO BB 81 15.73 -22.24 84.80
N PRO BB 82 15.72 -22.17 86.12
CA PRO BB 82 15.51 -20.88 86.77
C PRO BB 82 16.73 -20.00 86.63
N GLY BB 83 16.48 -18.70 86.57
CA GLY BB 83 17.53 -17.74 86.40
C GLY BB 83 18.21 -17.37 87.70
N GLY BB 84 18.54 -16.10 87.84
CA GLY BB 84 19.17 -15.61 89.04
C GLY BB 84 18.98 -14.13 89.24
N GLY BB 85 18.59 -13.76 90.46
CA GLY BB 85 18.39 -12.36 90.78
C GLY BB 85 17.01 -11.87 90.42
N SER BB 86 16.94 -10.65 89.91
CA SER BB 86 15.67 -10.06 89.55
C SER BB 86 15.04 -10.71 88.33
N ASN BB 87 15.82 -11.47 87.57
CA ASN BB 87 15.30 -12.22 86.43
C ASN BB 87 14.96 -13.63 86.89
N PRO BB 88 13.69 -14.01 86.97
CA PRO BB 88 13.38 -15.32 87.54
C PRO BB 88 13.75 -16.48 86.65
N ARG BB 89 13.88 -16.26 85.35
CA ARG BB 89 14.22 -17.30 84.40
C ARG BB 89 15.49 -16.93 83.65
N SER BB 90 16.08 -17.95 83.02
CA SER BB 90 17.38 -17.78 82.37
C SER BB 90 17.26 -17.14 80.99
N VAL BB 91 16.11 -17.25 80.36
CA VAL BB 91 15.81 -16.57 79.11
C VAL BB 91 14.94 -15.37 79.44
N PRO BB 92 15.44 -14.13 79.31
CA PRO BB 92 14.67 -13.00 79.84
C PRO BB 92 13.53 -12.54 78.94
N PHE BB 93 12.44 -13.27 79.00
CA PHE BB 93 11.24 -12.94 78.26
C PHE BB 93 10.03 -13.22 79.14
N GLU BB 94 8.91 -12.61 78.79
CA GLU BB 94 7.67 -12.69 79.54
C GLU BB 94 6.75 -13.80 79.05
N TYR BB 95 6.50 -13.84 77.75
CA TYR BB 95 5.52 -14.73 77.15
C TYR BB 95 6.22 -15.77 76.30
N TYR BB 96 5.50 -16.85 76.03
CA TYR BB 96 6.02 -17.90 75.17
C TYR BB 96 4.86 -18.65 74.54
N ARG BB 97 5.17 -19.39 73.49
CA ARG BB 97 4.24 -20.33 72.90
C ARG BB 97 5.04 -21.35 72.13
N ILE BB 98 4.77 -22.62 72.38
CA ILE BB 98 5.53 -23.71 71.77
C ILE BB 98 4.99 -23.95 70.38
N ARG BB 99 5.87 -23.85 69.39
CA ARG BB 99 5.50 -23.99 68.00
C ARG BB 99 5.54 -25.45 67.54
N LYS BB 100 6.61 -26.16 67.86
CA LYS BB 100 6.81 -27.52 67.43
C LYS BB 100 7.60 -28.26 68.49
N VAL BB 101 7.52 -29.58 68.44
CA VAL BB 101 8.35 -30.47 69.25
C VAL BB 101 8.84 -31.59 68.34
N LYS BB 102 10.08 -31.99 68.56
CA LYS BB 102 10.71 -33.10 67.87
C LYS BB 102 11.14 -34.10 68.92
N VAL BB 103 10.44 -35.22 68.98
CA VAL BB 103 10.81 -36.33 69.84
C VAL BB 103 11.59 -37.33 69.02
N GLU BB 104 12.79 -37.66 69.48
CA GLU BB 104 13.70 -38.55 68.79
C GLU BB 104 13.99 -39.72 69.73
N PHE BB 105 13.61 -40.92 69.29
CA PHE BB 105 13.97 -42.15 69.98
C PHE BB 105 15.28 -42.65 69.40
N TRP BB 106 16.36 -42.34 70.08
CA TRP BB 106 17.67 -42.81 69.67
C TRP BB 106 17.91 -44.17 70.31
N PRO BB 107 18.11 -45.24 69.54
CA PRO BB 107 18.25 -46.55 70.16
C PRO BB 107 19.55 -46.71 70.92
N CYS BB 108 19.52 -47.63 71.87
CA CYS BB 108 20.67 -48.02 72.65
C CYS BB 108 21.09 -49.45 72.40
N SER BB 109 20.42 -50.15 71.51
CA SER BB 109 20.56 -51.57 71.31
C SER BB 109 21.33 -51.86 70.02
N PRO BB 110 22.07 -52.96 69.97
CA PRO BB 110 22.86 -53.25 68.78
C PRO BB 110 21.97 -53.70 67.62
N ILE BB 111 22.54 -53.59 66.42
CA ILE BB 111 21.83 -54.03 65.24
C ILE BB 111 21.76 -55.54 65.10
N THR BB 112 22.44 -56.27 65.96
CA THR BB 112 22.38 -57.73 65.98
C THR BB 112 21.31 -58.27 66.91
N GLN BB 113 20.55 -57.40 67.58
CA GLN BB 113 19.58 -57.87 68.56
C GLN BB 113 18.37 -58.44 67.84
N GLY BB 114 17.92 -59.60 68.29
CA GLY BB 114 16.79 -60.27 67.72
C GLY BB 114 15.51 -60.03 68.48
N ASP BB 115 14.53 -60.87 68.20
CA ASP BB 115 13.18 -60.73 68.76
C ASP BB 115 12.63 -59.36 68.45
N ARG BB 116 12.82 -58.92 67.22
CA ARG BB 116 12.36 -57.62 66.79
C ARG BB 116 10.85 -57.53 66.83
N GLY BB 117 10.37 -56.30 66.74
CA GLY BB 117 8.96 -56.03 66.91
C GLY BB 117 8.50 -54.83 66.12
N VAL BB 118 7.25 -54.45 66.33
CA VAL BB 118 6.65 -53.34 65.59
C VAL BB 118 5.64 -52.67 66.50
N GLY BB 119 5.76 -51.35 66.63
CA GLY BB 119 4.93 -50.56 67.50
C GLY BB 119 4.32 -49.36 66.80
N SER BB 120 3.86 -48.41 67.59
CA SER BB 120 3.13 -47.27 67.06
C SER BB 120 3.28 -46.09 68.00
N SER BB 121 3.43 -44.91 67.40
CA SER BB 121 3.44 -43.64 68.12
C SER BB 121 2.36 -42.75 67.56
N ALA BB 122 1.55 -42.19 68.44
CA ALA BB 122 0.43 -41.34 68.05
C ALA BB 122 0.48 -40.04 68.82
N VAL BB 123 -0.23 -39.05 68.29
CA VAL BB 123 -0.26 -37.70 68.82
C VAL BB 123 -1.56 -37.48 69.55
N ILE BB 124 -1.47 -37.17 70.85
CA ILE BB 124 -2.59 -37.11 71.76
C ILE BB 124 -2.60 -35.75 72.42
N LEU BB 125 -3.43 -34.85 71.92
CA LEU BB 125 -3.38 -33.44 72.28
C LEU BB 125 -4.35 -33.06 73.40
N ASP BB 126 -4.71 -33.98 74.30
CA ASP BB 126 -5.79 -33.73 75.25
C ASP BB 126 -5.61 -34.30 76.64
N ASP BB 127 -4.48 -34.92 76.96
CA ASP BB 127 -4.18 -35.37 78.32
C ASP BB 127 -5.10 -36.51 78.76
N ASN BB 128 -5.59 -37.30 77.81
CA ASN BB 128 -6.29 -38.54 78.11
C ASN BB 128 -5.66 -39.59 77.22
N PHE BB 129 -4.64 -40.23 77.75
CA PHE BB 129 -3.90 -41.28 77.10
C PHE BB 129 -4.52 -42.64 77.39
N VAL BB 130 -4.17 -43.61 76.55
CA VAL BB 130 -4.45 -44.99 76.90
C VAL BB 130 -3.69 -45.30 78.18
N THR BB 131 -4.34 -46.07 79.05
CA THR BB 131 -3.76 -46.37 80.35
C THR BB 131 -2.41 -47.06 80.20
N LYS BB 132 -1.48 -46.69 81.07
CA LYS BB 132 -0.17 -47.29 81.06
C LYS BB 132 -0.27 -48.78 81.35
N ALA BB 133 0.35 -49.58 80.49
CA ALA BB 133 0.28 -51.02 80.56
C ALA BB 133 1.66 -51.60 80.33
N THR BB 134 1.90 -52.75 80.96
CA THR BB 134 3.16 -53.47 80.81
C THR BB 134 3.11 -54.45 79.65
N ALA BB 135 2.07 -55.28 79.59
CA ALA BB 135 1.90 -56.26 78.53
C ALA BB 135 0.42 -56.28 78.15
N LEU BB 136 0.05 -55.42 77.22
CA LEU BB 136 -1.30 -55.37 76.67
C LEU BB 136 -1.37 -56.21 75.40
N THR BB 137 -2.48 -56.89 75.21
CA THR BB 137 -2.64 -57.87 74.15
C THR BB 137 -2.84 -57.27 72.78
N TYR BB 138 -2.71 -55.96 72.61
CA TYR BB 138 -2.90 -55.33 71.32
C TYR BB 138 -2.22 -53.98 71.34
N ASP BB 139 -2.07 -53.40 70.16
CA ASP BB 139 -1.50 -52.07 69.99
C ASP BB 139 -2.64 -51.07 69.93
N PRO BB 140 -2.87 -50.27 70.97
CA PRO BB 140 -4.02 -49.37 70.92
C PRO BB 140 -3.87 -48.24 69.93
N TYR BB 141 -2.65 -47.77 69.72
CA TYR BB 141 -2.38 -46.62 68.88
C TYR BB 141 -2.21 -46.98 67.41
N VAL BB 142 -2.64 -48.18 67.01
CA VAL BB 142 -2.35 -48.65 65.66
C VAL BB 142 -3.33 -48.05 64.65
N ASN BB 143 -4.60 -47.93 65.01
CA ASN BB 143 -5.60 -47.41 64.11
C ASN BB 143 -5.76 -45.91 64.20
N TYR BB 144 -4.92 -45.24 64.98
CA TYR BB 144 -4.98 -43.80 65.07
C TYR BB 144 -4.52 -43.15 63.78
N SER BB 145 -5.18 -42.05 63.43
CA SER BB 145 -4.85 -41.33 62.21
C SER BB 145 -3.44 -40.75 62.24
N SER BB 146 -2.89 -40.54 63.43
CA SER BB 146 -1.55 -40.01 63.60
C SER BB 146 -0.53 -41.07 63.94
N ARG BB 147 -0.81 -42.32 63.60
CA ARG BB 147 0.10 -43.41 63.92
C ARG BB 147 1.25 -43.43 62.94
N HIS BB 148 2.45 -43.53 63.47
CA HIS BB 148 3.65 -43.85 62.72
C HIS BB 148 4.18 -45.16 63.29
N THR BB 149 4.64 -46.03 62.42
CA THR BB 149 5.17 -47.31 62.84
C THR BB 149 6.53 -47.13 63.49
N ILE BB 150 6.72 -47.83 64.61
CA ILE BB 150 8.00 -47.90 65.30
C ILE BB 150 8.56 -49.27 64.99
N THR BB 151 9.62 -49.30 64.19
CA THR BB 151 10.44 -50.48 64.09
C THR BB 151 11.34 -50.56 65.30
N GLN BB 152 11.46 -51.75 65.87
CA GLN BB 152 12.20 -52.00 67.09
C GLN BB 152 13.24 -53.08 66.84
N PRO BB 153 14.30 -53.13 67.67
CA PRO BB 153 14.73 -52.26 68.75
C PRO BB 153 15.80 -51.25 68.36
N PHE BB 154 16.43 -51.46 67.22
CA PHE BB 154 17.65 -50.75 66.84
C PHE BB 154 17.41 -49.70 65.77
N SER BB 155 16.22 -49.13 65.72
CA SER BB 155 15.83 -48.22 64.67
C SER BB 155 15.40 -46.89 65.27
N TYR BB 156 15.72 -45.84 64.54
CA TYR BB 156 15.43 -44.47 64.94
C TYR BB 156 14.01 -44.10 64.56
N HIS BB 157 13.36 -43.36 65.46
CA HIS BB 157 11.98 -42.93 65.29
C HIS BB 157 11.89 -41.47 65.69
N SER BB 158 11.43 -40.64 64.77
CA SER BB 158 11.21 -39.23 65.01
C SER BB 158 9.74 -38.89 64.84
N ARG BB 159 9.27 -37.91 65.60
CA ARG BB 159 7.93 -37.36 65.47
C ARG BB 159 8.04 -35.86 65.63
N TYR BB 160 7.51 -35.13 64.66
CA TYR BB 160 7.57 -33.67 64.60
C TYR BB 160 6.16 -33.15 64.47
N PHE BB 161 5.71 -32.43 65.49
CA PHE BB 161 4.32 -32.02 65.57
C PHE BB 161 4.22 -30.77 66.43
N THR BB 162 3.01 -30.24 66.51
CA THR BB 162 2.70 -29.04 67.26
C THR BB 162 1.90 -29.41 68.50
N PRO BB 163 2.43 -29.28 69.70
CA PRO BB 163 1.66 -29.66 70.88
C PRO BB 163 0.62 -28.65 71.23
N LYS BB 164 -0.15 -28.93 72.27
CA LYS BB 164 -1.21 -28.06 72.76
C LYS BB 164 -1.13 -28.01 74.28
N PRO BB 165 -1.42 -26.87 74.88
CA PRO BB 165 -1.39 -26.79 76.33
C PRO BB 165 -2.67 -27.28 76.99
N VAL BB 166 -2.51 -27.67 78.25
CA VAL BB 166 -3.61 -28.18 79.05
C VAL BB 166 -4.19 -26.98 79.80
N LEU BB 167 -5.16 -26.33 79.15
CA LEU BB 167 -5.81 -25.18 79.74
C LEU BB 167 -6.91 -25.60 80.71
N ASP BB 168 -7.73 -26.58 80.33
CA ASP BB 168 -8.75 -27.14 81.20
C ASP BB 168 -8.76 -28.64 80.98
N SER BB 169 -8.29 -29.39 81.98
CA SER BB 169 -8.27 -30.83 81.89
C SER BB 169 -9.67 -31.45 82.00
N THR BB 170 -10.65 -30.69 82.50
CA THR BB 170 -12.00 -31.20 82.62
C THR BB 170 -12.70 -31.25 81.27
N ILE BB 171 -12.48 -30.22 80.45
CA ILE BB 171 -13.14 -30.09 79.16
C ILE BB 171 -12.21 -30.53 78.05
N ASP BB 172 -10.91 -30.26 78.23
CA ASP BB 172 -9.87 -30.67 77.31
C ASP BB 172 -10.12 -30.10 75.92
N TYR BB 173 -10.05 -28.78 75.83
CA TYR BB 173 -10.19 -28.04 74.59
C TYR BB 173 -8.84 -27.54 74.12
N PHE BB 174 -8.68 -27.49 72.79
CA PHE BB 174 -7.44 -27.02 72.20
C PHE BB 174 -7.74 -26.36 70.87
N GLN BB 175 -6.81 -25.64 70.41
CA GLN BB 175 -6.88 -24.87 69.19
C GLN BB 175 -6.35 -25.67 68.01
N PRO BB 176 -6.87 -25.44 66.81
CA PRO BB 176 -6.21 -26.00 65.64
C PRO BB 176 -4.93 -25.27 65.30
N ASN BB 177 -4.19 -25.79 64.33
CA ASN BB 177 -2.89 -25.25 64.00
C ASN BB 177 -3.06 -23.94 63.23
N ASN BB 178 -2.57 -22.86 63.83
CA ASN BB 178 -2.60 -21.55 63.20
C ASN BB 178 -1.47 -20.76 63.82
N LYS BB 179 -0.45 -20.43 63.04
CA LYS BB 179 0.68 -19.72 63.59
C LYS BB 179 0.31 -18.32 64.03
N ARG BB 180 -0.68 -17.71 63.39
CA ARG BB 180 -1.02 -16.33 63.67
C ARG BB 180 -1.94 -16.19 64.87
N ASN BB 181 -2.73 -17.23 65.17
CA ASN BB 181 -3.73 -17.18 66.23
C ASN BB 181 -3.36 -18.00 67.44
N GLN BB 182 -2.17 -18.59 67.48
CA GLN BB 182 -1.77 -19.40 68.61
C GLN BB 182 -1.63 -18.55 69.86
N LEU BB 183 -2.17 -19.06 70.96
CA LEU BB 183 -2.17 -18.33 72.21
C LEU BB 183 -0.75 -18.15 72.74
N TRP BB 184 -0.53 -17.00 73.36
CA TRP BB 184 0.67 -16.74 74.13
C TRP BB 184 0.39 -17.07 75.58
N LEU BB 185 1.22 -17.92 76.14
CA LEU BB 185 1.21 -18.21 77.57
C LEU BB 185 2.26 -17.38 78.25
N ARG BB 186 2.17 -17.31 79.57
CA ARG BB 186 3.15 -16.64 80.39
C ARG BB 186 4.22 -17.62 80.82
N LEU BB 187 5.45 -17.17 80.77
CA LEU BB 187 6.58 -17.92 81.29
C LEU BB 187 6.63 -17.71 82.79
N GLN BB 188 5.98 -18.63 83.51
CA GLN BB 188 5.91 -18.55 84.95
C GLN BB 188 7.27 -18.83 85.56
N THR BB 189 7.34 -18.65 86.87
CA THR BB 189 8.60 -18.85 87.59
C THR BB 189 8.85 -20.33 87.87
N ALA BB 190 7.88 -21.02 88.50
CA ALA BB 190 8.02 -22.44 88.80
C ALA BB 190 6.73 -23.22 88.63
N GLY BB 191 5.81 -22.76 87.79
CA GLY BB 191 4.50 -23.37 87.69
C GLY BB 191 3.91 -23.44 86.31
N ASN BB 192 4.77 -23.60 85.30
CA ASN BB 192 4.30 -23.61 83.92
C ASN BB 192 3.41 -24.81 83.65
N VAL BB 193 2.59 -24.66 82.62
CA VAL BB 193 1.55 -25.63 82.29
C VAL BB 193 2.12 -26.70 81.38
N ASP BB 194 1.61 -27.92 81.53
CA ASP BB 194 2.11 -29.06 80.79
C ASP BB 194 1.53 -29.06 79.39
N HIS BB 195 2.40 -29.18 78.40
CA HIS BB 195 2.00 -29.46 77.05
C HIS BB 195 2.00 -30.95 76.80
N VAL BB 196 1.22 -31.36 75.82
CA VAL BB 196 0.87 -32.76 75.63
C VAL BB 196 0.84 -33.05 74.15
N GLY BB 197 0.87 -34.34 73.79
CA GLY BB 197 0.96 -34.68 72.39
C GLY BB 197 1.69 -35.92 71.93
N LEU BB 198 2.10 -36.83 72.81
CA LEU BB 198 2.62 -38.09 72.30
C LEU BB 198 2.33 -39.26 73.21
N GLY BB 199 1.87 -40.35 72.60
CA GLY BB 199 1.74 -41.61 73.27
C GLY BB 199 2.28 -42.72 72.40
N THR BB 200 2.83 -43.73 73.06
CA THR BB 200 3.59 -44.77 72.40
C THR BB 200 3.07 -46.15 72.79
N ALA BB 201 3.43 -47.12 71.96
CA ALA BB 201 3.18 -48.53 72.24
C ALA BB 201 4.33 -49.33 71.66
N PHE BB 202 5.13 -49.92 72.53
CA PHE BB 202 6.28 -50.71 72.16
C PHE BB 202 6.00 -52.18 72.38
N GLU BB 203 6.37 -53.01 71.41
CA GLU BB 203 6.21 -54.44 71.51
C GLU BB 203 7.30 -55.02 72.39
N ASN BB 204 6.89 -55.80 73.38
CA ASN BB 204 7.82 -56.35 74.34
C ASN BB 204 8.68 -57.43 73.69
N SER BB 205 9.74 -57.81 74.41
CA SER BB 205 10.76 -58.70 73.87
C SER BB 205 11.39 -59.47 75.02
N ILE BB 206 12.15 -60.51 74.66
CA ILE BB 206 12.90 -61.27 75.64
C ILE BB 206 14.04 -60.45 76.19
N TYR BB 207 14.59 -59.53 75.40
CA TYR BB 207 15.68 -58.67 75.79
C TYR BB 207 15.17 -57.29 76.15
N ASP BB 208 15.94 -56.59 76.97
CA ASP BB 208 15.60 -55.23 77.34
C ASP BB 208 15.87 -54.28 76.18
N GLN BB 209 14.91 -53.40 75.91
CA GLN BB 209 15.00 -52.41 74.86
C GLN BB 209 15.14 -51.03 75.49
N GLU BB 210 16.33 -50.45 75.39
CA GLU BB 210 16.62 -49.14 75.95
C GLU BB 210 16.65 -48.09 74.85
N TYR BB 211 16.30 -46.87 75.23
CA TYR BB 211 16.28 -45.73 74.32
C TYR BB 211 16.76 -44.50 75.06
N ASN BB 212 17.42 -43.62 74.33
CA ASN BB 212 17.77 -42.28 74.79
C ASN BB 212 16.89 -41.30 74.03
N ILE BB 213 15.94 -40.70 74.72
CA ILE BB 213 14.94 -39.87 74.09
C ILE BB 213 15.37 -38.41 74.20
N ARG BB 214 15.49 -37.74 73.06
CA ARG BB 214 15.88 -36.35 72.97
C ARG BB 214 14.68 -35.56 72.46
N VAL BB 215 14.12 -34.73 73.33
CA VAL BB 215 13.02 -33.84 72.99
C VAL BB 215 13.60 -32.47 72.72
N THR BB 216 13.19 -31.89 71.60
CA THR BB 216 13.59 -30.56 71.18
C THR BB 216 12.33 -29.75 70.97
N MET BB 217 12.19 -28.67 71.73
CA MET BB 217 11.07 -27.75 71.61
C MET BB 217 11.49 -26.49 70.89
N TYR BB 218 10.74 -26.14 69.86
CA TYR BB 218 10.94 -24.92 69.10
C TYR BB 218 9.96 -23.88 69.60
N VAL BB 219 10.45 -22.91 70.35
CA VAL BB 219 9.63 -21.97 71.09
C VAL BB 219 9.77 -20.59 70.47
N GLN BB 220 8.87 -19.71 70.89
CA GLN BB 220 8.80 -18.34 70.41
C GLN BB 220 8.44 -17.48 71.60
N PHE BB 221 9.36 -16.61 72.01
CA PHE BB 221 9.19 -15.73 73.14
C PHE BB 221 8.78 -14.34 72.70
N ARG BB 222 8.43 -13.51 73.68
CA ARG BB 222 7.96 -12.16 73.42
C ARG BB 222 8.22 -11.30 74.64
N GLU BB 223 8.44 -10.00 74.39
CA GLU BB 223 8.57 -8.98 75.41
C GLU BB 223 9.77 -9.24 76.33
N PHE BB 224 10.94 -9.06 75.74
CA PHE BB 224 12.21 -8.96 76.46
C PHE BB 224 12.06 -8.10 77.69
N ASN BB 225 12.36 -8.65 78.85
CA ASN BB 225 12.06 -8.02 80.13
C ASN BB 225 13.23 -8.10 81.08
N LEU BB 226 14.43 -7.85 80.58
CA LEU BB 226 15.60 -7.89 81.43
C LEU BB 226 15.54 -6.77 82.45
N LYS BB 227 16.02 -7.08 83.65
CA LYS BB 227 16.08 -6.13 84.75
C LYS BB 227 17.53 -5.96 85.18
N ASP BB 228 17.97 -4.71 85.25
CA ASP BB 228 19.37 -4.37 85.48
C ASP BB 228 19.47 -3.46 86.69
N PRO BB 229 19.50 -4.02 87.89
CA PRO BB 229 19.75 -3.21 89.07
C PRO BB 229 21.21 -2.81 89.16
N PRO BB 230 21.55 -1.85 90.01
CA PRO BB 230 22.97 -1.54 90.21
C PRO BB 230 23.72 -2.64 90.94
N LEU BB 231 25.00 -2.41 91.19
CA LEU BB 231 25.86 -3.40 91.84
C LEU BB 231 26.82 -2.73 92.81
N GLY CB 43 -23.80 -42.77 52.66
CA GLY CB 43 -22.89 -42.24 53.66
C GLY CB 43 -21.58 -42.97 53.71
N ILE CB 44 -20.69 -42.62 52.81
CA ILE CB 44 -19.44 -43.35 52.63
C ILE CB 44 -18.44 -42.93 53.70
N PHE CB 45 -17.65 -43.90 54.15
CA PHE CB 45 -16.56 -43.66 55.08
C PHE CB 45 -15.46 -44.66 54.79
N ASN CB 46 -14.43 -44.21 54.11
CA ASN CB 46 -13.26 -45.02 53.88
C ASN CB 46 -12.32 -44.91 55.08
N THR CB 47 -11.93 -46.06 55.62
CA THR CB 47 -11.01 -46.10 56.74
C THR CB 47 -10.04 -47.27 56.55
N ARG CB 48 -9.32 -47.58 57.64
CA ARG CB 48 -8.24 -48.54 57.63
C ARG CB 48 -8.26 -49.30 58.94
N LEU CB 49 -8.28 -50.62 58.85
CA LEU CB 49 -8.33 -51.50 60.01
C LEU CB 49 -7.17 -52.47 59.93
N SER CB 50 -6.53 -52.71 61.07
CA SER CB 50 -5.33 -53.52 61.16
C SER CB 50 -5.48 -54.60 62.21
N ARG CB 51 -4.52 -55.51 62.19
CA ARG CB 51 -4.52 -56.72 63.00
C ARG CB 51 -3.15 -57.35 62.86
N THR CB 52 -2.62 -57.89 63.95
CA THR CB 52 -1.28 -58.43 64.00
C THR CB 52 -1.29 -59.80 64.64
N PHE CB 53 -0.52 -60.72 64.06
CA PHE CB 53 -0.45 -62.08 64.56
C PHE CB 53 0.85 -62.71 64.07
N GLY CB 54 1.16 -63.87 64.63
CA GLY CB 54 2.40 -64.56 64.34
C GLY CB 54 2.31 -65.73 63.42
N TYR CB 55 3.43 -66.06 62.80
CA TYR CB 55 3.58 -67.23 61.93
C TYR CB 55 5.01 -67.71 62.02
N THR CB 56 5.18 -69.01 62.25
CA THR CB 56 6.50 -69.61 62.39
C THR CB 56 6.63 -70.78 61.44
N ILE CB 57 7.80 -70.88 60.83
CA ILE CB 57 8.20 -72.01 60.01
C ILE CB 57 9.21 -72.79 60.83
N LYS CB 58 8.79 -73.92 61.38
CA LYS CB 58 9.65 -74.71 62.24
C LYS CB 58 10.81 -75.30 61.47
N ARG CB 59 11.85 -75.64 62.21
CA ARG CB 59 13.06 -76.20 61.64
C ARG CB 59 12.84 -77.63 61.15
N THR CB 60 13.72 -78.07 60.26
CA THR CB 60 13.71 -79.42 59.71
C THR CB 60 15.13 -79.92 59.53
N THR CB 61 15.34 -81.18 59.88
CA THR CB 61 16.62 -81.85 59.63
C THR CB 61 16.78 -82.27 58.18
N VAL CB 62 15.75 -82.12 57.36
CA VAL CB 62 15.83 -82.50 55.95
C VAL CB 62 16.93 -81.70 55.26
N LYS CB 63 17.71 -82.40 54.44
CA LYS CB 63 18.84 -81.78 53.76
C LYS CB 63 18.42 -81.05 52.49
N THR CB 64 17.46 -81.60 51.77
CA THR CB 64 17.05 -81.06 50.51
C THR CB 64 16.42 -79.68 50.68
N PRO CB 65 16.28 -78.92 49.58
CA PRO CB 65 15.45 -77.71 49.65
C PRO CB 65 13.99 -78.08 49.56
N SER CB 66 13.29 -77.97 50.68
CA SER CB 66 11.87 -78.19 50.76
C SER CB 66 11.18 -76.90 51.17
N TRP CB 67 9.91 -76.79 50.83
CA TRP CB 67 9.11 -75.60 51.11
C TRP CB 67 7.93 -75.94 52.00
N ALA CB 68 7.55 -74.97 52.81
CA ALA CB 68 6.41 -75.06 53.71
C ALA CB 68 5.30 -74.20 53.16
N VAL CB 69 4.17 -74.82 52.90
CA VAL CB 69 3.04 -74.17 52.25
C VAL CB 69 1.98 -73.89 53.29
N ASP CB 70 1.33 -72.74 53.16
CA ASP CB 70 0.25 -72.35 54.06
C ASP CB 70 -0.63 -71.35 53.33
N MET CB 71 -1.79 -71.11 53.92
CA MET CB 71 -2.82 -70.25 53.34
C MET CB 71 -3.11 -69.09 54.27
N MET CB 72 -3.85 -68.12 53.74
CA MET CB 72 -4.18 -66.91 54.48
C MET CB 72 -5.50 -66.36 53.97
N ARG CB 73 -6.52 -66.37 54.82
CA ARG CB 73 -7.82 -65.77 54.56
C ARG CB 73 -7.96 -64.50 55.38
N PHE CB 74 -8.97 -63.71 55.04
CA PHE CB 74 -9.24 -62.44 55.70
C PHE CB 74 -10.73 -62.33 56.00
N ASN CB 75 -11.06 -62.11 57.26
CA ASN CB 75 -12.43 -61.87 57.69
C ASN CB 75 -12.48 -60.59 58.50
N ILE CB 76 -13.62 -59.90 58.42
CA ILE CB 76 -13.77 -58.62 59.08
C ILE CB 76 -14.10 -58.74 60.56
N ASN CB 77 -14.47 -59.94 61.03
CA ASN CB 77 -14.68 -60.11 62.46
C ASN CB 77 -13.39 -59.97 63.23
N ASP CB 78 -12.28 -60.34 62.62
CA ASP CB 78 -10.98 -60.26 63.27
C ASP CB 78 -10.44 -58.84 63.32
N PHE CB 79 -11.02 -57.91 62.57
CA PHE CB 79 -10.60 -56.52 62.56
C PHE CB 79 -11.60 -55.60 63.24
N LEU CB 80 -12.88 -55.94 63.19
CA LEU CB 80 -13.96 -55.13 63.73
C LEU CB 80 -14.62 -55.84 64.89
N PRO CB 81 -14.48 -55.40 66.13
CA PRO CB 81 -15.07 -56.14 67.23
C PRO CB 81 -16.56 -55.92 67.30
N PRO CB 82 -17.25 -56.68 68.16
CA PRO CB 82 -18.67 -56.40 68.39
C PRO CB 82 -18.85 -55.14 69.20
N GLY CB 83 -19.95 -54.45 68.93
CA GLY CB 83 -20.22 -53.21 69.61
C GLY CB 83 -20.88 -53.41 70.94
N GLY CB 84 -21.85 -52.54 71.26
CA GLY CB 84 -22.55 -52.63 72.51
C GLY CB 84 -23.91 -51.96 72.45
N GLY CB 85 -24.92 -52.66 72.94
CA GLY CB 85 -26.26 -52.11 72.96
C GLY CB 85 -27.01 -52.34 71.66
N SER CB 86 -27.76 -51.32 71.25
CA SER CB 86 -28.55 -51.43 70.03
C SER CB 86 -27.68 -51.42 68.78
N ASN CB 87 -26.42 -51.01 68.90
CA ASN CB 87 -25.48 -51.07 67.78
C ASN CB 87 -24.69 -52.37 67.86
N PRO CB 88 -24.92 -53.33 66.95
CA PRO CB 88 -24.27 -54.63 67.12
C PRO CB 88 -22.78 -54.60 66.86
N ARG CB 89 -22.29 -53.61 66.11
CA ARG CB 89 -20.88 -53.50 65.77
C ARG CB 89 -20.34 -52.16 66.24
N SER CB 90 -19.01 -52.08 66.32
CA SER CB 90 -18.36 -50.91 66.87
C SER CB 90 -18.25 -49.76 65.88
N VAL CB 91 -18.29 -50.07 64.59
CA VAL CB 91 -18.35 -49.07 63.53
C VAL CB 91 -19.80 -49.00 63.05
N PRO CB 92 -20.53 -47.91 63.32
CA PRO CB 92 -21.97 -47.95 63.04
C PRO CB 92 -22.34 -47.73 61.59
N PHE CB 93 -22.19 -48.79 60.81
CA PHE CB 93 -22.56 -48.79 59.41
C PHE CB 93 -23.21 -50.12 59.07
N GLU CB 94 -23.95 -50.13 57.96
CA GLU CB 94 -24.71 -51.28 57.52
C GLU CB 94 -23.94 -52.15 56.54
N TYR CB 95 -23.40 -51.53 55.49
CA TYR CB 95 -22.78 -52.23 54.39
C TYR CB 95 -21.27 -51.97 54.40
N TYR CB 96 -20.55 -52.85 53.70
CA TYR CB 96 -19.12 -52.70 53.56
C TYR CB 96 -18.67 -53.39 52.29
N ARG CB 97 -17.46 -53.05 51.87
CA ARG CB 97 -16.79 -53.75 50.80
C ARG CB 97 -15.30 -53.49 50.94
N ILE CB 98 -14.51 -54.56 50.93
CA ILE CB 98 -13.07 -54.44 51.14
C ILE CB 98 -12.42 -54.05 49.83
N ARG CB 99 -11.71 -52.93 49.85
CA ARG CB 99 -11.07 -52.38 48.68
C ARG CB 99 -9.68 -52.97 48.44
N LYS CB 100 -8.87 -53.02 49.48
CA LYS CB 100 -7.50 -53.49 49.39
C LYS CB 100 -7.11 -54.14 50.70
N VAL CB 101 -6.07 -54.97 50.64
CA VAL CB 101 -5.44 -55.53 51.82
C VAL CB 101 -3.94 -55.41 51.64
N LYS CB 102 -3.25 -55.13 52.74
CA LYS CB 102 -1.79 -55.07 52.79
C LYS CB 102 -1.33 -56.07 53.83
N VAL CB 103 -0.74 -57.15 53.36
CA VAL CB 103 -0.12 -58.14 54.22
C VAL CB 103 1.35 -57.83 54.31
N GLU CB 104 1.84 -57.67 55.54
CA GLU CB 104 3.24 -57.33 55.81
C GLU CB 104 3.83 -58.44 56.66
N PHE CB 105 4.84 -59.10 56.12
CA PHE CB 105 5.64 -60.07 56.87
C PHE CB 105 6.80 -59.34 57.50
N TRP CB 106 6.64 -58.98 58.76
CA TRP CB 106 7.71 -58.33 59.50
C TRP CB 106 8.58 -59.40 60.14
N PRO CB 107 9.86 -59.50 59.81
CA PRO CB 107 10.67 -60.58 60.36
C PRO CB 107 10.92 -60.43 61.84
N CYS CB 108 11.20 -61.57 62.46
CA CYS CB 108 11.57 -61.68 63.85
C CYS CB 108 12.99 -62.17 64.04
N SER CB 109 13.72 -62.40 62.97
CA SER CB 109 14.99 -63.07 62.98
C SER CB 109 16.12 -62.08 62.75
N PRO CB 110 17.30 -62.31 63.31
CA PRO CB 110 18.38 -61.37 63.13
C PRO CB 110 18.96 -61.42 61.73
N ILE CB 111 19.66 -60.34 61.38
CA ILE CB 111 20.29 -60.27 60.07
C ILE CB 111 21.54 -61.15 59.97
N THR CB 112 21.98 -61.74 61.07
CA THR CB 112 23.10 -62.67 61.08
C THR CB 112 22.68 -64.12 60.88
N GLN CB 113 21.39 -64.39 60.72
CA GLN CB 113 20.93 -65.76 60.62
C GLN CB 113 21.27 -66.31 59.25
N GLY CB 114 21.82 -67.53 59.23
CA GLY CB 114 22.20 -68.19 58.01
C GLY CB 114 21.16 -69.17 57.52
N ASP CB 115 21.58 -70.03 56.61
CA ASP CB 115 20.70 -71.00 55.96
C ASP CB 115 19.55 -70.28 55.30
N ARG CB 116 19.86 -69.17 54.64
CA ARG CB 116 18.86 -68.38 53.98
C ARG CB 116 18.19 -69.15 52.85
N GLY CB 117 17.07 -68.61 52.39
CA GLY CB 117 16.25 -69.28 51.42
C GLY CB 117 15.48 -68.32 50.53
N VAL CB 118 14.62 -68.88 49.70
CA VAL CB 118 13.86 -68.09 48.74
C VAL CB 118 12.51 -68.76 48.54
N GLY CB 119 11.46 -67.97 48.68
CA GLY CB 119 10.10 -68.45 48.60
C GLY CB 119 9.25 -67.64 47.66
N SER CB 120 7.93 -67.78 47.79
CA SER CB 120 7.01 -67.16 46.86
C SER CB 120 5.68 -66.92 47.55
N SER CB 121 5.07 -65.78 47.26
CA SER CB 121 3.74 -65.43 47.70
C SER CB 121 2.89 -65.12 46.49
N ALA CB 122 1.71 -65.75 46.42
CA ALA CB 122 0.81 -65.60 45.30
C ALA CB 122 -0.58 -65.23 45.80
N VAL CB 123 -1.38 -64.70 44.89
CA VAL CB 123 -2.72 -64.20 45.18
C VAL CB 123 -3.74 -65.21 44.65
N ILE CB 124 -4.56 -65.73 45.56
CA ILE CB 124 -5.45 -66.84 45.29
C ILE CB 124 -6.86 -66.41 45.69
N LEU CB 125 -7.65 -66.00 44.70
CA LEU CB 125 -8.93 -65.34 44.94
C LEU CB 125 -10.12 -66.29 44.92
N ASP CB 126 -9.95 -67.58 45.26
CA ASP CB 126 -11.01 -68.56 45.04
C ASP CB 126 -11.15 -69.64 46.10
N ASP CB 127 -10.38 -69.61 47.17
CA ASP CB 127 -10.56 -70.54 48.29
C ASP CB 127 -10.20 -71.97 47.92
N ASN CB 128 -9.31 -72.14 46.95
CA ASN CB 128 -8.73 -73.44 46.64
C ASN CB 128 -7.22 -73.21 46.56
N PHE CB 129 -6.59 -73.38 47.70
CA PHE CB 129 -5.16 -73.22 47.87
C PHE CB 129 -4.46 -74.54 47.61
N VAL CB 130 -3.15 -74.46 47.37
CA VAL CB 130 -2.32 -75.65 47.43
C VAL CB 130 -2.39 -76.20 48.83
N THR CB 131 -2.43 -77.52 48.93
CA THR CB 131 -2.61 -78.17 50.22
C THR CB 131 -1.48 -77.79 51.16
N LYS CB 132 -1.83 -77.58 52.43
CA LYS CB 132 -0.84 -77.24 53.43
C LYS CB 132 0.16 -78.38 53.58
N ALA CB 133 1.44 -78.03 53.51
CA ALA CB 133 2.53 -78.98 53.55
C ALA CB 133 3.62 -78.46 54.46
N THR CB 134 4.32 -79.40 55.09
CA THR CB 134 5.44 -79.08 55.97
C THR CB 134 6.75 -79.01 55.20
N ALA CB 135 7.04 -80.03 54.39
CA ALA CB 135 8.26 -80.07 53.59
C ALA CB 135 7.90 -80.64 52.22
N LEU CB 136 7.53 -79.76 51.31
CA LEU CB 136 7.24 -80.12 49.94
C LEU CB 136 8.48 -79.90 49.08
N THR CB 137 8.68 -80.80 48.12
CA THR CB 137 9.91 -80.85 47.34
C THR CB 137 10.02 -79.76 46.28
N TYR CB 138 9.10 -78.81 46.25
CA TYR CB 138 9.13 -77.75 45.24
C TYR CB 138 8.30 -76.59 45.74
N ASP CB 139 8.46 -75.45 45.08
CA ASP CB 139 7.70 -74.25 45.37
C ASP CB 139 6.50 -74.20 44.43
N PRO CB 140 5.28 -74.46 44.91
CA PRO CB 140 4.16 -74.50 43.97
C PRO CB 140 3.78 -73.15 43.43
N TYR CB 141 3.97 -72.09 44.20
CA TYR CB 141 3.56 -70.75 43.82
C TYR CB 141 4.60 -70.02 43.02
N VAL CB 142 5.59 -70.72 42.45
CA VAL CB 142 6.71 -70.05 41.82
C VAL CB 142 6.34 -69.60 40.41
N ASN CB 143 5.59 -70.42 39.67
CA ASN CB 143 5.23 -70.10 38.31
C ASN CB 143 3.93 -69.33 38.20
N TYR CB 144 3.34 -68.95 39.34
CA TYR CB 144 2.12 -68.15 39.32
C TYR CB 144 2.40 -66.76 38.81
N SER CB 145 1.44 -66.22 38.06
CA SER CB 145 1.57 -64.89 37.50
C SER CB 145 1.62 -63.81 38.57
N SER CB 146 1.10 -64.09 39.76
CA SER CB 146 1.10 -63.16 40.88
C SER CB 146 2.18 -63.48 41.90
N ARG CB 147 3.23 -64.19 41.50
CA ARG CB 147 4.28 -64.56 42.41
C ARG CB 147 5.20 -63.37 42.66
N HIS CB 148 5.47 -63.12 43.92
CA HIS CB 148 6.53 -62.23 44.36
C HIS CB 148 7.50 -63.07 45.16
N THR CB 149 8.79 -62.85 44.97
CA THR CB 149 9.81 -63.59 45.68
C THR CB 149 9.87 -63.15 47.13
N ILE CB 150 9.97 -64.13 48.02
CA ILE CB 150 10.18 -63.91 49.43
C ILE CB 150 11.62 -64.27 49.70
N THR CB 151 12.42 -63.25 49.99
CA THR CB 151 13.73 -63.46 50.58
C THR CB 151 13.56 -63.75 52.06
N GLN CB 152 14.28 -64.76 52.54
CA GLN CB 152 14.17 -65.25 53.90
C GLN CB 152 15.54 -65.19 54.55
N PRO CB 153 15.60 -65.17 55.90
CA PRO CB 153 14.55 -65.04 56.91
C PRO CB 153 14.33 -63.64 57.45
N PHE CB 154 15.28 -62.74 57.19
CA PHE CB 154 15.35 -61.46 57.86
C PHE CB 154 14.94 -60.31 56.95
N SER CB 155 14.06 -60.57 56.00
CA SER CB 155 13.68 -59.60 54.99
C SER CB 155 12.18 -59.38 55.02
N TYR CB 156 11.80 -58.13 54.77
CA TYR CB 156 10.42 -57.70 54.78
C TYR CB 156 9.76 -58.00 53.44
N HIS CB 157 8.52 -58.44 53.51
CA HIS CB 157 7.73 -58.80 52.34
C HIS CB 157 6.34 -58.21 52.49
N SER CB 158 5.94 -57.40 51.52
CA SER CB 158 4.62 -56.80 51.48
C SER CB 158 3.89 -57.28 50.23
N ARG CB 159 2.57 -57.38 50.35
CA ARG CB 159 1.69 -57.67 49.23
C ARG CB 159 0.45 -56.81 49.37
N TYR CB 160 0.14 -56.06 48.32
CA TYR CB 160 -0.97 -55.12 48.30
C TYR CB 160 -1.86 -55.47 47.13
N PHE CB 161 -3.09 -55.88 47.42
CA PHE CB 161 -3.98 -56.42 46.42
C PHE CB 161 -5.41 -56.23 46.87
N THR CB 162 -6.33 -56.59 45.97
CA THR CB 162 -7.76 -56.48 46.19
C THR CB 162 -8.35 -57.86 46.39
N PRO CB 163 -8.82 -58.22 47.59
CA PRO CB 163 -9.37 -59.56 47.78
C PRO CB 163 -10.75 -59.70 47.18
N LYS CB 164 -11.30 -60.91 47.28
CA LYS CB 164 -12.61 -61.22 46.76
C LYS CB 164 -13.34 -62.06 47.80
N PRO CB 165 -14.65 -61.88 47.94
CA PRO CB 165 -15.39 -62.68 48.91
C PRO CB 165 -15.79 -64.05 48.39
N VAL CB 166 -16.02 -64.95 49.33
CA VAL CB 166 -16.42 -66.33 49.03
C VAL CB 166 -17.93 -66.35 49.04
N LEU CB 167 -18.51 -66.08 47.87
CA LEU CB 167 -19.95 -66.08 47.71
C LEU CB 167 -20.49 -67.49 47.52
N ASP CB 168 -19.84 -68.28 46.68
CA ASP CB 168 -20.19 -69.69 46.49
C ASP CB 168 -18.91 -70.47 46.37
N SER CB 169 -18.60 -71.27 47.39
CA SER CB 169 -17.40 -72.07 47.38
C SER CB 169 -17.49 -73.25 46.42
N THR CB 170 -18.69 -73.61 45.98
CA THR CB 170 -18.85 -74.70 45.03
C THR CB 170 -18.45 -74.30 43.63
N ILE CB 171 -18.79 -73.08 43.22
CA ILE CB 171 -18.53 -72.58 41.88
C ILE CB 171 -17.31 -71.68 41.89
N ASP CB 172 -17.12 -70.95 42.98
CA ASP CB 172 -15.95 -70.10 43.19
C ASP CB 172 -15.85 -69.05 42.08
N TYR CB 173 -16.83 -68.17 42.06
CA TYR CB 173 -16.88 -67.06 41.11
C TYR CB 173 -16.55 -65.75 41.82
N PHE CB 174 -15.91 -64.85 41.09
CA PHE CB 174 -15.54 -63.55 41.63
C PHE CB 174 -15.54 -62.51 40.53
N GLN CB 175 -15.54 -61.32 40.93
CA GLN CB 175 -15.60 -60.16 40.05
C GLN CB 175 -14.20 -59.67 39.70
N PRO CB 176 -14.01 -59.10 38.53
CA PRO CB 176 -12.77 -58.38 38.28
C PRO CB 176 -12.70 -57.06 39.02
N ASN CB 177 -11.55 -56.40 38.97
CA ASN CB 177 -11.34 -55.19 39.73
C ASN CB 177 -12.09 -54.04 39.07
N ASN CB 178 -13.04 -53.48 39.80
CA ASN CB 178 -13.80 -52.32 39.34
C ASN CB 178 -14.29 -51.62 40.59
N LYS CB 179 -13.79 -50.42 40.83
CA LYS CB 179 -14.20 -49.72 42.04
C LYS CB 179 -15.66 -49.34 42.01
N ARG CB 180 -16.21 -49.10 40.82
CA ARG CB 180 -17.58 -48.61 40.72
C ARG CB 180 -18.60 -49.73 40.78
N ASN CB 181 -18.21 -50.95 40.41
CA ASN CB 181 -19.12 -52.09 40.33
C ASN CB 181 -18.92 -53.11 41.42
N GLN CB 182 -18.02 -52.87 42.37
CA GLN CB 182 -17.75 -53.82 43.42
C GLN CB 182 -18.97 -53.97 44.32
N LEU CB 183 -19.29 -55.22 44.63
CA LEU CB 183 -20.46 -55.52 45.42
C LEU CB 183 -20.32 -54.98 46.84
N TRP CB 184 -21.45 -54.54 47.38
CA TRP CB 184 -21.57 -54.20 48.79
C TRP CB 184 -22.09 -55.41 49.53
N LEU CB 185 -21.37 -55.83 50.55
CA LEU CB 185 -21.82 -56.86 51.47
C LEU CB 185 -22.42 -56.20 52.70
N ARG CB 186 -23.14 -57.00 53.47
CA ARG CB 186 -23.68 -56.55 54.74
C ARG CB 186 -22.70 -56.86 55.85
N LEU CB 187 -22.56 -55.90 56.75
CA LEU CB 187 -21.79 -56.06 57.97
C LEU CB 187 -22.65 -56.81 58.97
N GLN CB 188 -22.51 -58.13 58.97
CA GLN CB 188 -23.27 -58.99 59.84
C GLN CB 188 -22.83 -58.78 61.28
N THR CB 189 -23.57 -59.42 62.19
CA THR CB 189 -23.27 -59.31 63.61
C THR CB 189 -22.14 -60.24 64.02
N ALA CB 190 -22.26 -61.54 63.71
CA ALA CB 190 -21.22 -62.50 64.04
C ALA CB 190 -20.99 -63.56 62.97
N GLY CB 191 -21.31 -63.27 61.72
CA GLY CB 191 -21.27 -64.28 60.67
C GLY CB 191 -20.77 -63.79 59.33
N ASN CB 192 -19.85 -62.84 59.33
CA ASN CB 192 -19.37 -62.27 58.09
C ASN CB 192 -18.62 -63.31 57.26
N VAL CB 193 -18.56 -63.04 55.97
CA VAL CB 193 -18.03 -63.98 54.99
C VAL CB 193 -16.52 -63.78 54.86
N ASP CB 194 -15.82 -64.88 54.60
CA ASP CB 194 -14.38 -64.87 54.52
C ASP CB 194 -13.93 -64.34 53.17
N HIS CB 195 -13.04 -63.36 53.20
CA HIS CB 195 -12.33 -62.93 52.02
C HIS CB 195 -11.02 -63.68 51.91
N VAL CB 196 -10.52 -63.77 50.68
CA VAL CB 196 -9.46 -64.69 50.34
C VAL CB 196 -8.53 -63.98 49.35
N GLY CB 197 -7.33 -64.54 49.18
CA GLY CB 197 -6.36 -63.87 48.34
C GLY CB 197 -4.88 -63.95 48.63
N LEU CB 198 -4.42 -64.82 49.53
CA LEU CB 198 -2.97 -65.00 49.64
C LEU CB 198 -2.58 -66.40 50.04
N GLY CB 199 -1.60 -66.93 49.32
CA GLY CB 199 -0.96 -68.18 49.68
C GLY CB 199 0.53 -68.04 49.56
N THR CB 200 1.24 -68.76 50.42
CA THR CB 200 2.67 -68.58 50.61
C THR CB 200 3.39 -69.92 50.51
N ALA CB 201 4.69 -69.82 50.27
CA ALA CB 201 5.58 -70.97 50.29
C ALA CB 201 6.92 -70.50 50.81
N PHE CB 202 7.27 -70.96 52.00
CA PHE CB 202 8.52 -70.61 52.65
C PHE CB 202 9.48 -71.78 52.62
N GLU CB 203 10.74 -71.50 52.30
CA GLU CB 203 11.77 -72.51 52.28
C GLU CB 203 12.22 -72.81 53.69
N ASN CB 204 12.22 -74.09 54.04
CA ASN CB 204 12.56 -74.50 55.39
C ASN CB 204 14.05 -74.31 55.65
N SER CB 205 14.41 -74.41 56.92
CA SER CB 205 15.75 -74.10 57.38
C SER CB 205 16.07 -74.90 58.63
N ILE CB 206 17.35 -74.92 58.99
CA ILE CB 206 17.77 -75.57 60.22
C ILE CB 206 17.29 -74.80 61.43
N TYR CB 207 17.13 -73.49 61.30
CA TYR CB 207 16.68 -72.62 62.37
C TYR CB 207 15.21 -72.27 62.17
N ASP CB 208 14.56 -71.93 63.28
CA ASP CB 208 13.17 -71.51 63.22
C ASP CB 208 13.07 -70.10 62.65
N GLN CB 209 12.14 -69.91 61.72
CA GLN CB 209 11.89 -68.63 61.08
C GLN CB 209 10.55 -68.10 61.57
N GLU CB 210 10.57 -67.07 62.39
CA GLU CB 210 9.38 -66.46 62.94
C GLU CB 210 9.07 -65.15 62.23
N TYR CB 211 7.79 -64.82 62.17
CA TYR CB 211 7.31 -63.60 61.54
C TYR CB 211 6.15 -63.05 62.35
N ASN CB 212 6.05 -61.72 62.35
CA ASN CB 212 4.89 -61.01 62.88
C ASN CB 212 4.15 -60.42 61.70
N ILE CB 213 2.98 -60.98 61.41
CA ILE CB 213 2.23 -60.62 60.21
C ILE CB 213 1.19 -59.58 60.58
N ARG CB 214 1.24 -58.44 59.91
CA ARG CB 214 0.31 -57.33 60.12
C ARG CB 214 -0.53 -57.18 58.86
N VAL CB 215 -1.80 -57.50 58.97
CA VAL CB 215 -2.77 -57.34 57.89
C VAL CB 215 -3.51 -56.05 58.11
N THR CB 216 -3.59 -55.24 57.06
CA THR CB 216 -4.30 -53.98 57.07
C THR CB 216 -5.32 -54.02 55.95
N MET CB 217 -6.60 -53.90 56.31
CA MET CB 217 -7.69 -53.86 55.35
C MET CB 217 -8.19 -52.45 55.17
N TYR CB 218 -8.27 -52.02 53.93
CA TYR CB 218 -8.80 -50.72 53.56
C TYR CB 218 -10.24 -50.92 53.10
N VAL CB 219 -11.18 -50.51 53.94
CA VAL CB 219 -12.59 -50.83 53.77
C VAL CB 219 -13.35 -49.55 53.44
N GLN CB 220 -14.58 -49.74 53.01
CA GLN CB 220 -15.47 -48.65 52.61
C GLN CB 220 -16.85 -49.04 53.08
N PHE CB 221 -17.38 -48.27 54.02
CA PHE CB 221 -18.70 -48.51 54.60
C PHE CB 221 -19.75 -47.61 53.97
N ARG CB 222 -21.01 -47.87 54.32
CA ARG CB 222 -22.13 -47.17 53.76
C ARG CB 222 -23.30 -47.23 54.73
N GLU CB 223 -24.12 -46.18 54.69
CA GLU CB 223 -25.37 -46.10 55.44
C GLU CB 223 -25.14 -46.18 56.95
N PHE CB 224 -24.57 -45.09 57.45
CA PHE CB 224 -24.52 -44.78 58.87
C PHE CB 224 -25.85 -45.07 59.54
N ASN CB 225 -25.83 -45.95 60.54
CA ASN CB 225 -27.06 -46.49 61.12
C ASN CB 225 -27.01 -46.48 62.63
N LEU CB 226 -26.52 -45.40 63.20
CA LEU CB 226 -26.45 -45.31 64.65
C LEU CB 226 -27.84 -45.27 65.25
N LYS CB 227 -27.99 -45.92 66.40
CA LYS CB 227 -29.24 -45.97 67.14
C LYS CB 227 -29.03 -45.36 68.51
N ASP CB 228 -29.89 -44.41 68.85
CA ASP CB 228 -29.74 -43.60 70.06
C ASP CB 228 -31.00 -43.72 70.90
N PRO CB 229 -31.11 -44.76 71.72
CA PRO CB 229 -32.22 -44.84 72.65
C PRO CB 229 -32.03 -43.88 73.81
N PRO CB 230 -33.07 -43.63 74.60
CA PRO CB 230 -32.88 -42.81 75.79
C PRO CB 230 -32.07 -43.52 76.86
N LEU CB 231 -31.89 -42.85 77.99
CA LEU CB 231 -31.08 -43.37 79.09
C LEU CB 231 -31.70 -43.04 80.45
N GLY DB 43 -2.62 -63.61 33.48
CA GLY DB 43 -2.07 -64.36 32.36
C GLY DB 43 -3.12 -64.87 31.41
N ILE DB 44 -3.56 -64.00 30.52
CA ILE DB 44 -4.69 -64.29 29.65
C ILE DB 44 -4.23 -65.16 28.49
N PHE DB 45 -5.12 -66.06 28.08
CA PHE DB 45 -4.88 -66.89 26.91
C PHE DB 45 -6.24 -67.20 26.29
N ASN DB 46 -6.55 -66.49 25.22
CA ASN DB 46 -7.75 -66.77 24.44
C ASN DB 46 -7.46 -67.88 23.44
N THR DB 47 -8.29 -68.90 23.46
CA THR DB 47 -8.16 -70.01 22.53
C THR DB 47 -9.54 -70.46 22.08
N ARG DB 48 -9.57 -71.64 21.45
CA ARG DB 48 -10.75 -72.17 20.79
C ARG DB 48 -10.77 -73.68 20.98
N LEU DB 49 -11.88 -74.18 21.50
CA LEU DB 49 -12.07 -75.60 21.78
C LEU DB 49 -13.32 -76.08 21.07
N SER DB 50 -13.23 -77.26 20.47
CA SER DB 50 -14.29 -77.81 19.66
C SER DB 50 -14.65 -79.21 20.11
N ARG DB 51 -15.75 -79.71 19.56
CA ARG DB 51 -16.37 -80.96 19.94
C ARG DB 51 -17.45 -81.25 18.91
N THR DB 52 -17.59 -82.52 18.54
CA THR DB 52 -18.50 -82.94 17.49
C THR DB 52 -19.33 -84.11 17.96
N PHE DB 53 -20.61 -84.09 17.63
CA PHE DB 53 -21.53 -85.15 18.02
C PHE DB 53 -22.73 -85.12 17.09
N GLY DB 54 -23.55 -86.16 17.18
CA GLY DB 54 -24.68 -86.35 16.31
C GLY DB 54 -26.03 -86.03 16.91
N TYR DB 55 -26.99 -85.73 16.04
CA TYR DB 55 -28.37 -85.50 16.41
C TYR DB 55 -29.24 -85.95 15.25
N THR DB 56 -30.27 -86.73 15.55
CA THR DB 56 -31.17 -87.26 14.54
C THR DB 56 -32.61 -86.95 14.93
N ILE DB 57 -33.39 -86.58 13.93
CA ILE DB 57 -34.83 -86.39 14.04
C ILE DB 57 -35.45 -87.56 13.32
N LYS DB 58 -35.98 -88.51 14.09
CA LYS DB 58 -36.55 -89.72 13.53
C LYS DB 58 -37.80 -89.41 12.72
N ARG DB 59 -38.13 -90.33 11.82
CA ARG DB 59 -39.29 -90.19 10.95
C ARG DB 59 -40.59 -90.36 11.73
N THR DB 60 -41.66 -89.85 11.14
CA THR DB 60 -43.00 -89.96 11.70
C THR DB 60 -44.01 -90.17 10.58
N THR DB 61 -44.96 -91.07 10.82
CA THR DB 61 -46.09 -91.27 9.92
C THR DB 61 -47.14 -90.18 10.03
N VAL DB 62 -47.01 -89.27 11.00
CA VAL DB 62 -47.98 -88.21 11.17
C VAL DB 62 -48.03 -87.35 9.92
N LYS DB 63 -49.26 -87.00 9.51
CA LYS DB 63 -49.47 -86.23 8.30
C LYS DB 63 -49.30 -84.75 8.52
N THR DB 64 -49.71 -84.25 9.67
CA THR DB 64 -49.69 -82.84 9.96
C THR DB 64 -48.27 -82.31 10.01
N PRO DB 65 -48.09 -80.99 9.95
CA PRO DB 65 -46.78 -80.43 10.27
C PRO DB 65 -46.58 -80.37 11.77
N SER DB 66 -45.73 -81.24 12.28
CA SER DB 66 -45.35 -81.27 13.68
C SER DB 66 -43.86 -81.00 13.80
N TRP DB 67 -43.46 -80.51 14.96
CA TRP DB 67 -42.08 -80.16 15.23
C TRP DB 67 -41.54 -80.97 16.39
N ALA DB 68 -40.23 -81.23 16.30
CA ALA DB 68 -39.48 -81.96 17.32
C ALA DB 68 -38.63 -80.97 18.09
N VAL DB 69 -38.84 -80.90 19.38
CA VAL DB 69 -38.19 -79.92 20.24
C VAL DB 69 -37.10 -80.62 21.04
N ASP DB 70 -35.99 -79.93 21.22
CA ASP DB 70 -34.88 -80.44 22.01
C ASP DB 70 -34.06 -79.26 22.51
N MET DB 71 -33.18 -79.55 23.45
CA MET DB 71 -32.37 -78.56 24.14
C MET DB 71 -30.89 -78.84 23.89
N MET DB 72 -30.08 -77.87 24.27
CA MET DB 72 -28.62 -77.96 24.07
C MET DB 72 -27.93 -77.12 25.13
N ARG DB 73 -27.20 -77.78 26.00
CA ARG DB 73 -26.35 -77.15 27.00
C ARG DB 73 -24.89 -77.31 26.60
N PHE DB 74 -24.03 -76.55 27.28
CA PHE DB 74 -22.60 -76.54 27.01
C PHE DB 74 -21.84 -76.61 28.31
N ASN DB 75 -20.97 -77.60 28.45
CA ASN DB 75 -20.08 -77.73 29.60
C ASN DB 75 -18.65 -77.89 29.10
N ILE DB 76 -17.71 -77.39 29.90
CA ILE DB 76 -16.30 -77.39 29.52
C ILE DB 76 -15.63 -78.73 29.74
N ASN DB 77 -16.25 -79.64 30.50
CA ASN DB 77 -15.68 -80.96 30.65
C ASN DB 77 -15.69 -81.73 29.34
N ASP DB 78 -16.67 -81.46 28.48
CA ASP DB 78 -16.79 -82.13 27.21
C ASP DB 78 -15.81 -81.60 26.18
N PHE DB 79 -15.17 -80.46 26.43
CA PHE DB 79 -14.19 -79.88 25.54
C PHE DB 79 -12.77 -79.98 26.06
N LEU DB 80 -12.60 -79.94 27.38
CA LEU DB 80 -11.30 -79.96 28.03
C LEU DB 80 -11.13 -81.25 28.81
N PRO DB 81 -10.26 -82.17 28.42
CA PRO DB 81 -10.16 -83.42 29.15
C PRO DB 81 -9.41 -83.23 30.45
N PRO DB 82 -9.38 -84.26 31.30
CA PRO DB 82 -8.54 -84.20 32.48
C PRO DB 82 -7.08 -84.34 32.12
N GLY DB 83 -6.24 -83.68 32.90
CA GLY DB 83 -4.81 -83.71 32.66
C GLY DB 83 -4.14 -84.92 33.23
N GLY DB 84 -2.94 -84.72 33.77
CA GLY DB 84 -2.20 -85.80 34.36
C GLY DB 84 -1.19 -85.31 35.37
N GLY DB 85 -1.17 -85.95 36.53
CA GLY DB 85 -0.23 -85.59 37.57
C GLY DB 85 -0.71 -84.47 38.44
N SER DB 86 0.19 -83.57 38.80
CA SER DB 86 -0.14 -82.45 39.66
C SER DB 86 -1.02 -81.43 38.96
N ASN DB 87 -1.10 -81.47 37.64
CA ASN DB 87 -1.97 -80.61 36.88
C ASN DB 87 -3.29 -81.33 36.63
N PRO DB 88 -4.39 -80.93 37.26
CA PRO DB 88 -5.62 -81.72 37.12
C PRO DB 88 -6.26 -81.62 35.75
N ARG DB 89 -5.98 -80.58 35.00
CA ARG DB 89 -6.54 -80.36 33.68
C ARG DB 89 -5.44 -80.23 32.64
N SER DB 90 -5.82 -80.40 31.38
CA SER DB 90 -4.85 -80.44 30.29
C SER DB 90 -4.40 -79.05 29.85
N VAL DB 91 -5.22 -78.05 30.11
CA VAL DB 91 -4.86 -76.64 29.88
C VAL DB 91 -4.48 -76.05 31.23
N PRO DB 92 -3.21 -75.71 31.49
CA PRO DB 92 -2.83 -75.36 32.86
C PRO DB 92 -3.18 -73.92 33.24
N PHE DB 93 -4.45 -73.71 33.56
CA PHE DB 93 -4.94 -72.43 34.01
C PHE DB 93 -5.94 -72.66 35.14
N GLU DB 94 -6.18 -71.60 35.91
CA GLU DB 94 -7.04 -71.65 37.07
C GLU DB 94 -8.46 -71.23 36.75
N TYR DB 95 -8.63 -70.09 36.11
CA TYR DB 95 -9.93 -69.48 35.87
C TYR DB 95 -10.26 -69.51 34.39
N TYR DB 96 -11.55 -69.35 34.10
CA TYR DB 96 -12.02 -69.31 32.73
C TYR DB 96 -13.31 -68.53 32.67
N ARG DB 97 -13.66 -68.13 31.45
CA ARG DB 97 -14.97 -67.56 31.18
C ARG DB 97 -15.22 -67.71 29.70
N ILE DB 98 -16.39 -68.26 29.36
CA ILE DB 98 -16.73 -68.54 27.98
C ILE DB 98 -17.23 -67.27 27.34
N ARG DB 99 -16.57 -66.86 26.25
CA ARG DB 99 -16.89 -65.63 25.56
C ARG DB 99 -17.97 -65.82 24.51
N LYS DB 100 -17.84 -66.86 23.69
CA LYS DB 100 -18.76 -67.12 22.60
C LYS DB 100 -18.84 -68.62 22.38
N VAL DB 101 -19.92 -69.03 21.72
CA VAL DB 101 -20.09 -70.39 21.25
C VAL DB 101 -20.62 -70.33 19.83
N LYS DB 102 -20.15 -71.25 19.00
CA LYS DB 102 -20.60 -71.42 17.62
C LYS DB 102 -21.12 -72.84 17.48
N VAL DB 103 -22.42 -72.96 17.37
CA VAL DB 103 -23.07 -74.22 17.10
C VAL DB 103 -23.33 -74.32 15.61
N GLU DB 104 -22.82 -75.38 14.99
CA GLU DB 104 -22.92 -75.61 13.56
C GLU DB 104 -23.66 -76.91 13.35
N PHE DB 105 -24.81 -76.85 12.70
CA PHE DB 105 -25.56 -78.02 12.27
C PHE DB 105 -25.10 -78.36 10.87
N TRP DB 106 -24.18 -79.31 10.78
CA TRP DB 106 -23.71 -79.79 9.50
C TRP DB 106 -24.61 -80.93 9.03
N PRO DB 107 -25.31 -80.81 7.90
CA PRO DB 107 -26.24 -81.86 7.51
C PRO DB 107 -25.54 -83.14 7.09
N CYS DB 108 -26.30 -84.21 7.23
CA CYS DB 108 -25.89 -85.54 6.80
C CYS DB 108 -26.73 -86.07 5.65
N SER DB 109 -27.66 -85.29 5.15
CA SER DB 109 -28.67 -85.73 4.21
C SER DB 109 -28.37 -85.19 2.83
N PRO DB 110 -28.74 -85.91 1.78
CA PRO DB 110 -28.44 -85.45 0.43
C PRO DB 110 -29.32 -84.27 0.03
N ILE DB 111 -28.85 -83.55 -0.98
CA ILE DB 111 -29.62 -82.43 -1.50
C ILE DB 111 -30.83 -82.84 -2.32
N THR DB 112 -30.98 -84.14 -2.59
CA THR DB 112 -32.15 -84.67 -3.29
C THR DB 112 -33.26 -85.09 -2.35
N GLN DB 113 -33.09 -84.95 -1.04
CA GLN DB 113 -34.09 -85.42 -0.10
C GLN DB 113 -35.28 -84.48 -0.11
N GLY DB 114 -36.47 -85.05 -0.16
CA GLY DB 114 -37.70 -84.30 -0.16
C GLY DB 114 -38.34 -84.21 1.19
N ASP DB 115 -39.61 -83.83 1.19
CA ASP DB 115 -40.37 -83.59 2.41
C ASP DB 115 -39.65 -82.56 3.28
N ARG DB 116 -39.17 -81.51 2.64
CA ARG DB 116 -38.44 -80.46 3.31
C ARG DB 116 -39.33 -79.74 4.31
N GLY DB 117 -38.69 -78.98 5.18
CA GLY DB 117 -39.38 -78.33 6.27
C GLY DB 117 -38.73 -77.04 6.69
N VAL DB 118 -39.24 -76.46 7.77
CA VAL DB 118 -38.75 -75.18 8.26
C VAL DB 118 -38.90 -75.16 9.77
N GLY DB 119 -37.80 -74.84 10.45
CA GLY DB 119 -37.73 -74.83 11.89
C GLY DB 119 -37.19 -73.55 12.46
N SER DB 120 -36.77 -73.60 13.71
CA SER DB 120 -36.34 -72.41 14.41
C SER DB 120 -35.34 -72.78 15.50
N SER DB 121 -34.33 -71.95 15.66
CA SER DB 121 -33.35 -72.05 16.73
C SER DB 121 -33.34 -70.76 17.51
N ALA DB 122 -33.45 -70.85 18.83
CA ALA DB 122 -33.50 -69.70 19.71
C ALA DB 122 -32.48 -69.85 20.82
N VAL DB 123 -32.15 -68.72 21.43
CA VAL DB 123 -31.14 -68.61 22.47
C VAL DB 123 -31.82 -68.50 23.82
N ILE DB 124 -31.54 -69.45 24.70
CA ILE DB 124 -32.24 -69.62 25.97
C ILE DB 124 -31.20 -69.63 27.06
N LEU DB 125 -31.02 -68.51 27.73
CA LEU DB 125 -29.92 -68.29 28.66
C LEU DB 125 -30.26 -68.57 30.11
N ASP DB 126 -31.22 -69.46 30.39
CA ASP DB 126 -31.73 -69.60 31.76
C ASP DB 126 -32.08 -71.01 32.20
N ASP DB 127 -31.86 -72.03 31.39
CA ASP DB 127 -32.05 -73.42 31.81
C ASP DB 127 -33.51 -73.76 32.04
N ASN DB 128 -34.41 -73.07 31.35
CA ASN DB 128 -35.83 -73.43 31.31
C ASN DB 128 -36.22 -73.41 29.84
N PHE DB 129 -36.08 -74.57 29.23
CA PHE DB 129 -36.41 -74.79 27.84
C PHE DB 129 -37.86 -75.22 27.70
N VAL DB 130 -38.36 -75.09 26.47
CA VAL DB 130 -39.61 -75.75 26.14
C VAL DB 130 -39.41 -77.24 26.30
N THR DB 131 -40.42 -77.92 26.81
CA THR DB 131 -40.31 -79.33 27.11
C THR DB 131 -39.99 -80.12 25.84
N LYS DB 132 -39.12 -81.11 26.00
CA LYS DB 132 -38.75 -81.96 24.87
C LYS DB 132 -39.98 -82.70 24.35
N ALA DB 133 -40.18 -82.61 23.04
CA ALA DB 133 -41.34 -83.17 22.38
C ALA DB 133 -40.91 -83.86 21.11
N THR DB 134 -41.65 -84.90 20.75
CA THR DB 134 -41.40 -85.65 19.53
C THR DB 134 -42.16 -85.08 18.35
N ALA DB 135 -43.47 -84.84 18.52
CA ALA DB 135 -44.30 -84.27 17.47
C ALA DB 135 -45.26 -83.27 18.13
N LEU DB 136 -44.80 -82.03 18.22
CA LEU DB 136 -45.61 -80.94 18.73
C LEU DB 136 -46.27 -80.21 17.57
N THR DB 137 -47.50 -79.77 17.79
CA THR DB 137 -48.34 -79.21 16.73
C THR DB 137 -47.97 -77.80 16.33
N TYR DB 138 -46.88 -77.25 16.82
CA TYR DB 138 -46.48 -75.90 16.48
C TYR DB 138 -45.00 -75.74 16.78
N ASP DB 139 -44.44 -74.65 16.27
CA ASP DB 139 -43.05 -74.29 16.50
C ASP DB 139 -42.99 -73.33 17.68
N PRO DB 140 -42.54 -73.75 18.86
CA PRO DB 140 -42.59 -72.83 20.00
C PRO DB 140 -41.59 -71.69 19.89
N TYR DB 141 -40.45 -71.93 19.26
CA TYR DB 141 -39.38 -70.96 19.18
C TYR DB 141 -39.52 -70.01 18.01
N VAL DB 142 -40.70 -69.93 17.40
CA VAL DB 142 -40.86 -69.17 16.17
C VAL DB 142 -40.98 -67.69 16.45
N ASN DB 143 -41.71 -67.32 17.50
CA ASN DB 143 -41.93 -65.93 17.83
C ASN DB 143 -40.87 -65.37 18.76
N TYR DB 144 -39.84 -66.14 19.08
CA TYR DB 144 -38.76 -65.65 19.91
C TYR DB 144 -37.95 -64.60 19.18
N SER DB 145 -37.51 -63.59 19.93
CA SER DB 145 -36.71 -62.52 19.37
C SER DB 145 -35.38 -63.00 18.84
N SER DB 146 -34.88 -64.13 19.33
CA SER DB 146 -33.61 -64.71 18.89
C SER DB 146 -33.81 -65.86 17.94
N ARG DB 147 -34.94 -65.93 17.26
CA ARG DB 147 -35.21 -67.02 16.33
C ARG DB 147 -34.48 -66.79 15.04
N HIS DB 148 -33.80 -67.84 14.58
CA HIS DB 148 -33.27 -67.94 13.23
C HIS DB 148 -33.94 -69.13 12.59
N THR DB 149 -34.32 -68.98 11.33
CA THR DB 149 -34.97 -70.04 10.60
C THR DB 149 -33.99 -71.15 10.26
N ILE DB 150 -34.43 -72.37 10.47
CA ILE DB 150 -33.68 -73.57 10.08
C ILE DB 150 -34.38 -74.11 8.83
N THR DB 151 -33.71 -73.98 7.70
CA THR DB 151 -34.10 -74.74 6.53
C THR DB 151 -33.61 -76.17 6.68
N GLN DB 152 -34.47 -77.12 6.34
CA GLN DB 152 -34.23 -78.53 6.51
C GLN DB 152 -34.39 -79.24 5.17
N PRO DB 153 -33.77 -80.42 5.00
CA PRO DB 153 -32.84 -81.16 5.84
C PRO DB 153 -31.38 -80.99 5.48
N PHE DB 154 -31.11 -80.46 4.29
CA PHE DB 154 -29.78 -80.49 3.70
C PHE DB 154 -29.09 -79.13 3.73
N SER DB 155 -29.43 -78.30 4.72
CA SER DB 155 -28.94 -76.94 4.79
C SER DB 155 -28.20 -76.71 6.09
N TYR DB 156 -27.17 -75.90 6.01
CA TYR DB 156 -26.30 -75.58 7.13
C TYR DB 156 -26.91 -74.45 7.96
N HIS DB 157 -26.78 -74.58 9.27
CA HIS DB 157 -27.32 -73.63 10.22
C HIS DB 157 -26.26 -73.36 11.27
N SER DB 158 -25.88 -72.10 11.43
CA SER DB 158 -24.94 -71.65 12.44
C SER DB 158 -25.62 -70.68 13.39
N ARG DB 159 -25.17 -70.71 14.64
CA ARG DB 159 -25.60 -69.76 15.66
C ARG DB 159 -24.37 -69.38 16.46
N TYR DB 160 -24.13 -68.08 16.57
CA TYR DB 160 -22.96 -67.52 17.24
C TYR DB 160 -23.45 -66.55 18.30
N PHE DB 161 -23.20 -66.87 19.56
CA PHE DB 161 -23.77 -66.13 20.66
C PHE DB 161 -22.89 -66.30 21.89
N THR DB 162 -23.25 -65.58 22.93
CA THR DB 162 -22.55 -65.57 24.20
C THR DB 162 -23.36 -66.31 25.24
N PRO DB 163 -22.95 -67.49 25.72
CA PRO DB 163 -23.77 -68.19 26.70
C PRO DB 163 -23.65 -67.59 28.08
N LYS DB 164 -24.39 -68.16 29.02
CA LYS DB 164 -24.40 -67.71 30.40
C LYS DB 164 -24.34 -68.93 31.30
N PRO DB 165 -23.66 -68.85 32.44
CA PRO DB 165 -23.60 -70.00 33.34
C PRO DB 165 -24.81 -70.09 34.25
N VAL DB 166 -25.04 -71.31 34.72
CA VAL DB 166 -26.15 -71.62 35.61
C VAL DB 166 -25.62 -71.48 37.04
N LEU DB 167 -25.71 -70.26 37.56
CA LEU DB 167 -25.26 -69.98 38.91
C LEU DB 167 -26.29 -70.38 39.94
N ASP DB 168 -27.56 -70.05 39.70
CA ASP DB 168 -28.66 -70.47 40.57
C ASP DB 168 -29.83 -70.85 39.67
N SER DB 169 -30.12 -72.14 39.60
CA SER DB 169 -31.23 -72.61 38.79
C SER DB 169 -32.58 -72.27 39.38
N THR DB 170 -32.64 -71.93 40.66
CA THR DB 170 -33.90 -71.55 41.29
C THR DB 170 -34.35 -70.16 40.88
N ILE DB 171 -33.41 -69.23 40.77
CA ILE DB 171 -33.69 -67.83 40.47
C ILE DB 171 -33.40 -67.57 39.00
N ASP DB 172 -32.39 -68.23 38.46
CA ASP DB 172 -32.02 -68.15 37.06
C ASP DB 172 -31.70 -66.70 36.66
N TYR DB 173 -30.63 -66.18 37.25
CA TYR DB 173 -30.13 -64.85 36.96
C TYR DB 173 -28.87 -64.94 36.11
N PHE DB 174 -28.70 -63.95 35.24
CA PHE DB 174 -27.53 -63.89 34.38
C PHE DB 174 -27.19 -62.45 34.09
N GLN DB 175 -26.03 -62.26 33.62
CA GLN DB 175 -25.46 -60.97 33.31
C GLN DB 175 -25.71 -60.57 31.87
N PRO DB 176 -25.84 -59.29 31.57
CA PRO DB 176 -25.82 -58.88 30.17
C PRO DB 176 -24.44 -58.96 29.57
N ASN DB 177 -24.35 -58.73 28.27
CA ASN DB 177 -23.09 -58.90 27.56
C ASN DB 177 -22.18 -57.73 27.87
N ASN DB 178 -21.05 -58.03 28.50
CA ASN DB 178 -20.04 -57.02 28.81
C ASN DB 178 -18.72 -57.77 28.91
N LYS DB 179 -17.80 -57.50 27.98
CA LYS DB 179 -16.56 -58.23 28.00
C LYS DB 179 -15.72 -57.88 29.22
N ARG DB 180 -15.86 -56.67 29.74
CA ARG DB 180 -15.02 -56.22 30.84
C ARG DB 180 -15.52 -56.67 32.19
N ASN DB 181 -16.83 -56.92 32.31
CA ASN DB 181 -17.46 -57.27 33.57
C ASN DB 181 -17.87 -58.72 33.67
N GLN DB 182 -17.58 -59.54 32.67
CA GLN DB 182 -17.97 -60.93 32.70
C GLN DB 182 -17.25 -61.67 33.81
N LEU DB 183 -18.01 -62.47 34.54
CA LEU DB 183 -17.48 -63.20 35.68
C LEU DB 183 -16.45 -64.23 35.23
N TRP DB 184 -15.44 -64.40 36.07
CA TRP DB 184 -14.49 -65.49 35.94
C TRP DB 184 -14.96 -66.64 36.81
N LEU DB 185 -15.11 -67.81 36.22
CA LEU DB 185 -15.36 -69.03 36.94
C LEU DB 185 -14.06 -69.77 37.15
N ARG DB 186 -14.10 -70.74 38.05
CA ARG DB 186 -12.97 -71.62 38.29
C ARG DB 186 -13.07 -72.84 37.39
N LEU DB 187 -11.93 -73.23 36.85
CA LEU DB 187 -11.80 -74.47 36.09
C LEU DB 187 -11.65 -75.60 37.09
N GLN DB 188 -12.78 -76.20 37.44
CA GLN DB 188 -12.81 -77.28 38.39
C GLN DB 188 -12.16 -78.52 37.79
N THR DB 189 -12.01 -79.54 38.64
CA THR DB 189 -11.38 -80.78 38.21
C THR DB 189 -12.37 -81.67 37.47
N ALA DB 190 -13.53 -81.96 38.08
CA ALA DB 190 -14.54 -82.79 37.44
C ALA DB 190 -15.97 -82.34 37.71
N GLY DB 191 -16.18 -81.06 38.00
CA GLY DB 191 -17.49 -80.58 38.42
C GLY DB 191 -17.87 -79.22 37.90
N ASN DB 192 -17.43 -78.89 36.69
CA ASN DB 192 -17.70 -77.58 36.13
C ASN DB 192 -19.19 -77.37 35.88
N VAL DB 193 -19.58 -76.11 35.83
CA VAL DB 193 -20.97 -75.72 35.77
C VAL DB 193 -21.43 -75.67 34.32
N ASP DB 194 -22.69 -75.99 34.09
CA ASP DB 194 -23.23 -76.06 32.75
C ASP DB 194 -23.57 -74.67 32.25
N HIS DB 195 -23.09 -74.34 31.06
CA HIS DB 195 -23.53 -73.17 30.34
C HIS DB 195 -24.67 -73.54 29.42
N VAL DB 196 -25.47 -72.54 29.08
CA VAL DB 196 -26.77 -72.74 28.47
C VAL DB 196 -26.97 -71.65 27.43
N GLY DB 197 -27.94 -71.86 26.53
CA GLY DB 197 -28.12 -70.92 25.46
C GLY DB 197 -28.60 -71.36 24.10
N LEU DB 198 -29.05 -72.59 23.91
CA LEU DB 198 -29.69 -72.91 22.63
C LEU DB 198 -30.80 -73.94 22.75
N GLY DB 199 -31.91 -73.63 22.11
CA GLY DB 199 -32.99 -74.57 21.95
C GLY DB 199 -33.48 -74.55 20.52
N THR DB 200 -33.92 -75.72 20.06
CA THR DB 200 -34.23 -75.94 18.65
C THR DB 200 -35.63 -76.51 18.49
N ALA DB 201 -36.14 -76.39 17.28
CA ALA DB 201 -37.39 -77.01 16.87
C ALA DB 201 -37.26 -77.40 15.40
N PHE DB 202 -37.23 -78.70 15.15
CA PHE DB 202 -37.10 -79.25 13.82
C PHE DB 202 -38.42 -79.84 13.37
N GLU DB 203 -38.79 -79.55 12.13
CA GLU DB 203 -40.01 -80.09 11.55
C GLU DB 203 -39.78 -81.52 11.12
N ASN DB 204 -40.66 -82.40 11.57
CA ASN DB 204 -40.52 -83.81 11.30
C ASN DB 204 -40.78 -84.12 9.83
N SER DB 205 -40.43 -85.32 9.43
CA SER DB 205 -40.47 -85.73 8.03
C SER DB 205 -40.66 -87.23 7.94
N ILE DB 206 -40.98 -87.69 6.73
CA ILE DB 206 -41.11 -89.11 6.47
C ILE DB 206 -39.77 -89.79 6.54
N TYR DB 207 -38.70 -89.08 6.21
CA TYR DB 207 -37.35 -89.61 6.22
C TYR DB 207 -36.62 -89.12 7.47
N ASP DB 208 -35.59 -89.89 7.86
CA ASP DB 208 -34.78 -89.51 9.00
C ASP DB 208 -33.85 -88.37 8.61
N GLN DB 209 -33.77 -87.37 9.48
CA GLN DB 209 -32.93 -86.19 9.30
C GLN DB 209 -31.79 -86.27 10.31
N GLU DB 210 -30.58 -86.53 9.83
CA GLU DB 210 -29.41 -86.63 10.67
C GLU DB 210 -28.55 -85.39 10.52
N TYR DB 211 -27.84 -85.06 11.60
CA TYR DB 211 -26.96 -83.90 11.64
C TYR DB 211 -25.71 -84.27 12.44
N ASN DB 212 -24.59 -83.68 12.05
CA ASN DB 212 -23.35 -83.71 12.81
C ASN DB 212 -23.14 -82.33 13.39
N ILE DB 213 -23.29 -82.18 14.69
CA ILE DB 213 -23.26 -80.90 15.34
C ILE DB 213 -21.88 -80.66 15.90
N ARG DB 214 -21.26 -79.56 15.48
CA ARG DB 214 -19.94 -79.15 15.92
C ARG DB 214 -20.07 -77.89 16.74
N VAL DB 215 -19.81 -78.00 18.03
CA VAL DB 215 -19.81 -76.87 18.95
C VAL DB 215 -18.38 -76.41 19.14
N THR DB 216 -18.16 -75.12 19.01
CA THR DB 216 -16.87 -74.48 19.20
C THR DB 216 -17.04 -73.41 20.26
N MET DB 217 -16.32 -73.54 21.36
CA MET DB 217 -16.33 -72.57 22.44
C MET DB 217 -15.07 -71.72 22.40
N TYR DB 218 -15.24 -70.43 22.41
CA TYR DB 218 -14.16 -69.47 22.46
C TYR DB 218 -14.00 -69.00 23.90
N VAL DB 219 -12.94 -69.47 24.54
CA VAL DB 219 -12.77 -69.31 25.98
C VAL DB 219 -11.61 -68.38 26.24
N GLN DB 220 -11.50 -67.96 27.49
CA GLN DB 220 -10.47 -67.03 27.94
C GLN DB 220 -10.07 -67.49 29.33
N PHE DB 221 -8.82 -67.92 29.46
CA PHE DB 221 -8.28 -68.41 30.71
C PHE DB 221 -7.46 -67.35 31.40
N ARG DB 222 -7.04 -67.66 32.64
CA ARG DB 222 -6.31 -66.72 33.47
C ARG DB 222 -5.50 -67.50 34.49
N GLU DB 223 -4.37 -66.91 34.87
CA GLU DB 223 -3.51 -67.42 35.94
C GLU DB 223 -2.98 -68.82 35.63
N PHE DB 224 -2.08 -68.84 34.66
CA PHE DB 224 -1.21 -69.98 34.38
C PHE DB 224 -0.66 -70.56 35.67
N ASN DB 225 -0.93 -71.85 35.90
CA ASN DB 225 -0.66 -72.48 37.19
C ASN DB 225 0.01 -73.83 37.02
N LEU DB 226 0.97 -73.90 36.11
CA LEU DB 226 1.66 -75.16 35.90
C LEU DB 226 2.46 -75.53 37.13
N LYS DB 227 2.51 -76.83 37.41
CA LYS DB 227 3.25 -77.38 38.53
C LYS DB 227 4.29 -78.35 37.99
N ASP DB 228 5.54 -78.16 38.41
CA ASP DB 228 6.69 -78.88 37.88
C ASP DB 228 7.42 -79.55 39.03
N PRO DB 229 6.98 -80.73 39.45
CA PRO DB 229 7.74 -81.49 40.43
C PRO DB 229 8.98 -82.11 39.81
N PRO DB 230 9.91 -82.59 40.62
CA PRO DB 230 11.05 -83.31 40.04
C PRO DB 230 10.66 -84.66 39.46
N LEU DB 231 11.65 -85.39 38.95
CA LEU DB 231 11.42 -86.68 38.31
C LEU DB 231 12.52 -87.67 38.66
N GLY EB 43 -49.50 -46.09 24.32
CA GLY EB 43 -48.55 -47.14 24.66
C GLY EB 43 -48.29 -48.09 23.53
N ILE EB 44 -47.40 -47.68 22.64
CA ILE EB 44 -47.16 -48.41 21.40
C ILE EB 44 -46.25 -49.60 21.67
N PHE EB 45 -46.51 -50.69 20.96
CA PHE EB 45 -45.67 -51.87 21.01
C PHE EB 45 -45.74 -52.54 19.64
N ASN EB 46 -44.69 -52.34 18.85
CA ASN EB 46 -44.56 -53.03 17.58
C ASN EB 46 -43.94 -54.39 17.80
N THR EB 47 -44.59 -55.43 17.30
CA THR EB 47 -44.07 -56.78 17.40
C THR EB 47 -44.35 -57.53 16.10
N ARG EB 48 -44.19 -58.84 16.16
CA ARG EB 48 -44.23 -59.72 15.00
C ARG EB 48 -44.87 -61.03 15.40
N LEU EB 49 -45.91 -61.42 14.67
CA LEU EB 49 -46.66 -62.63 14.94
C LEU EB 49 -46.67 -63.49 13.68
N SER EB 50 -46.49 -64.78 13.86
CA SER EB 50 -46.36 -65.73 12.78
C SER EB 50 -47.33 -66.89 12.93
N ARG EB 51 -47.42 -67.67 11.86
CA ARG EB 51 -48.38 -68.75 11.72
C ARG EB 51 -47.99 -69.53 10.48
N THR EB 52 -48.12 -70.85 10.54
CA THR EB 52 -47.67 -71.73 9.48
C THR EB 52 -48.77 -72.73 9.16
N PHE EB 53 -48.97 -72.98 7.86
CA PHE EB 53 -49.98 -73.90 7.40
C PHE EB 53 -49.61 -74.37 6.00
N GLY EB 54 -50.33 -75.39 5.54
CA GLY EB 54 -50.06 -76.02 4.27
C GLY EB 54 -50.99 -75.66 3.14
N TYR EB 55 -50.50 -75.83 1.91
CA TYR EB 55 -51.26 -75.63 0.70
C TYR EB 55 -50.73 -76.57 -0.35
N THR EB 56 -51.62 -77.31 -1.01
CA THR EB 56 -51.25 -78.28 -2.02
C THR EB 56 -52.03 -78.01 -3.30
N ILE EB 57 -51.33 -78.13 -4.42
CA ILE EB 57 -51.92 -78.09 -5.75
C ILE EB 57 -51.90 -79.51 -6.26
N LYS EB 58 -53.07 -80.15 -6.28
CA LYS EB 58 -53.17 -81.53 -6.67
C LYS EB 58 -52.85 -81.70 -8.16
N ARG EB 59 -52.48 -82.92 -8.51
CA ARG EB 59 -52.11 -83.26 -9.87
C ARG EB 59 -53.33 -83.28 -10.79
N THR EB 60 -53.06 -83.16 -12.09
CA THR EB 60 -54.08 -83.19 -13.12
C THR EB 60 -53.56 -83.93 -14.34
N THR EB 61 -54.41 -84.77 -14.92
CA THR EB 61 -54.11 -85.43 -16.19
C THR EB 61 -54.26 -84.51 -17.39
N VAL EB 62 -54.77 -83.29 -17.18
CA VAL EB 62 -54.95 -82.35 -18.29
C VAL EB 62 -53.62 -82.06 -18.94
N LYS EB 63 -53.61 -82.03 -20.27
CA LYS EB 63 -52.38 -81.83 -21.02
C LYS EB 63 -52.04 -80.35 -21.16
N THR EB 64 -53.05 -79.51 -21.31
CA THR EB 64 -52.83 -78.09 -21.54
C THR EB 64 -52.17 -77.43 -20.34
N PRO EB 65 -51.65 -76.22 -20.51
CA PRO EB 65 -51.25 -75.43 -19.35
C PRO EB 65 -52.45 -74.79 -18.72
N SER EB 66 -52.86 -75.30 -17.57
CA SER EB 66 -53.94 -74.74 -16.79
C SER EB 66 -53.40 -74.27 -15.44
N TRP EB 67 -54.11 -73.34 -14.84
CA TRP EB 67 -53.72 -72.74 -13.58
C TRP EB 67 -54.78 -73.00 -12.51
N ALA EB 68 -54.30 -73.11 -11.28
CA ALA EB 68 -55.12 -73.30 -10.09
C ALA EB 68 -55.15 -72.00 -9.31
N VAL EB 69 -56.35 -71.47 -9.12
CA VAL EB 69 -56.54 -70.16 -8.50
C VAL EB 69 -57.04 -70.37 -7.09
N ASP EB 70 -56.56 -69.55 -6.18
CA ASP EB 70 -56.99 -69.59 -4.79
C ASP EB 70 -56.74 -68.22 -4.16
N MET EB 71 -57.32 -68.03 -3.00
CA MET EB 71 -57.31 -66.78 -2.28
C MET EB 71 -56.63 -66.94 -0.92
N MET EB 72 -56.34 -65.82 -0.30
CA MET EB 72 -55.65 -65.82 0.99
C MET EB 72 -56.04 -64.56 1.75
N ARG EB 73 -56.73 -64.74 2.87
CA ARG EB 73 -57.09 -63.69 3.80
C ARG EB 73 -56.23 -63.81 5.05
N PHE EB 74 -56.26 -62.76 5.88
CA PHE EB 74 -55.48 -62.70 7.11
C PHE EB 74 -56.36 -62.17 8.22
N ASN EB 75 -56.46 -62.93 9.31
CA ASN EB 75 -57.16 -62.51 10.51
C ASN EB 75 -56.24 -62.68 11.70
N ILE EB 76 -56.43 -61.81 12.69
CA ILE EB 76 -55.57 -61.81 13.87
C ILE EB 76 -55.94 -62.87 14.89
N ASN EB 77 -57.11 -63.48 14.77
CA ASN EB 77 -57.46 -64.58 15.67
C ASN EB 77 -56.56 -65.78 15.44
N ASP EB 78 -56.10 -65.97 14.20
CA ASP EB 78 -55.24 -67.08 13.87
C ASP EB 78 -53.80 -66.88 14.32
N PHE EB 79 -53.43 -65.67 14.71
CA PHE EB 79 -52.09 -65.36 15.19
C PHE EB 79 -52.04 -65.08 16.68
N LEU EB 80 -53.12 -64.54 17.24
CA LEU EB 80 -53.20 -64.14 18.63
C LEU EB 80 -54.22 -65.01 19.35
N PRO EB 81 -53.86 -65.91 20.26
CA PRO EB 81 -54.84 -66.76 20.87
C PRO EB 81 -55.63 -66.01 21.93
N PRO EB 82 -56.69 -66.62 22.45
CA PRO EB 82 -57.38 -66.02 23.59
C PRO EB 82 -56.56 -66.12 24.86
N GLY EB 83 -56.72 -65.12 25.70
CA GLY EB 83 -55.97 -65.08 26.94
C GLY EB 83 -56.61 -65.89 28.03
N GLY EB 84 -56.56 -65.36 29.25
CA GLY EB 84 -57.14 -66.05 30.38
C GLY EB 84 -57.48 -65.09 31.51
N GLY EB 85 -58.68 -65.23 32.05
CA GLY EB 85 -59.12 -64.40 33.14
C GLY EB 85 -59.71 -63.09 32.69
N SER EB 86 -59.39 -62.02 33.42
CA SER EB 86 -59.92 -60.71 33.09
C SER EB 86 -59.31 -60.13 31.82
N ASN EB 87 -58.20 -60.70 31.36
CA ASN EB 87 -57.59 -60.29 30.10
C ASN EB 87 -58.10 -61.20 28.99
N PRO EB 88 -58.94 -60.72 28.07
CA PRO EB 88 -59.54 -61.64 27.09
C PRO EB 88 -58.55 -62.15 26.06
N ARG EB 89 -57.45 -61.44 25.83
CA ARG EB 89 -56.45 -61.81 24.85
C ARG EB 89 -55.09 -61.96 25.52
N SER EB 90 -54.19 -62.64 24.82
CA SER EB 90 -52.90 -62.99 25.38
C SER EB 90 -51.91 -61.84 25.32
N VAL EB 91 -52.12 -60.90 24.40
CA VAL EB 91 -51.33 -59.67 24.33
C VAL EB 91 -52.19 -58.56 24.94
N PRO EB 92 -51.83 -58.02 26.11
CA PRO EB 92 -52.76 -57.11 26.79
C PRO EB 92 -52.76 -55.69 26.24
N PHE EB 93 -53.45 -55.53 25.13
CA PHE EB 93 -53.63 -54.23 24.50
C PHE EB 93 -55.05 -54.13 23.98
N GLU EB 94 -55.48 -52.88 23.75
CA GLU EB 94 -56.83 -52.58 23.32
C GLU EB 94 -56.97 -52.49 21.80
N TYR EB 95 -56.11 -51.70 21.18
CA TYR EB 95 -56.19 -51.38 19.77
C TYR EB 95 -55.04 -52.02 19.01
N TYR EB 96 -55.23 -52.14 17.70
CA TYR EB 96 -54.19 -52.67 16.84
C TYR EB 96 -54.38 -52.14 15.44
N ARG EB 97 -53.34 -52.26 14.64
CA ARG EB 97 -53.41 -52.00 13.22
C ARG EB 97 -52.25 -52.74 12.56
N ILE EB 98 -52.58 -53.49 11.52
CA ILE EB 98 -51.59 -54.33 10.85
C ILE EB 98 -50.80 -53.46 9.88
N ARG EB 99 -49.49 -53.42 10.04
CA ARG EB 99 -48.60 -52.60 9.25
C ARG EB 99 -48.18 -53.31 7.97
N LYS EB 100 -47.73 -54.55 8.09
CA LYS EB 100 -47.22 -55.31 6.97
C LYS EB 100 -47.53 -56.78 7.19
N VAL EB 101 -47.50 -57.54 6.10
CA VAL EB 101 -47.58 -58.99 6.13
C VAL EB 101 -46.53 -59.53 5.18
N LYS EB 102 -45.91 -60.63 5.59
CA LYS EB 102 -44.94 -61.37 4.79
C LYS EB 102 -45.46 -62.77 4.61
N VAL EB 103 -45.89 -63.08 3.40
CA VAL EB 103 -46.30 -64.42 3.04
C VAL EB 103 -45.13 -65.10 2.37
N GLU EB 104 -44.74 -66.26 2.91
CA GLU EB 104 -43.61 -67.03 2.42
C GLU EB 104 -44.12 -68.40 1.99
N PHE EB 105 -43.96 -68.71 0.72
CA PHE EB 105 -44.23 -70.03 0.18
C PHE EB 105 -42.95 -70.83 0.26
N TRP EB 106 -42.83 -71.64 1.30
CA TRP EB 106 -41.69 -72.51 1.45
C TRP EB 106 -41.98 -73.84 0.76
N PRO EB 107 -41.22 -74.23 -0.25
CA PRO EB 107 -41.56 -75.45 -0.98
C PRO EB 107 -41.35 -76.70 -0.16
N CYS EB 108 -42.08 -77.73 -0.55
CA CYS EB 108 -41.98 -79.06 0.02
C CYS EB 108 -41.46 -80.08 -0.97
N SER EB 109 -41.14 -79.67 -2.18
CA SER EB 109 -40.84 -80.55 -3.28
C SER EB 109 -39.35 -80.54 -3.57
N PRO EB 110 -38.81 -81.65 -4.07
CA PRO EB 110 -37.37 -81.71 -4.32
C PRO EB 110 -36.97 -80.89 -5.53
N ILE EB 111 -35.68 -80.55 -5.60
CA ILE EB 111 -35.18 -79.81 -6.73
C ILE EB 111 -35.04 -80.65 -7.99
N THR EB 112 -35.28 -81.95 -7.91
CA THR EB 112 -35.27 -82.83 -9.06
C THR EB 112 -36.65 -83.00 -9.69
N GLN EB 113 -37.68 -82.34 -9.17
CA GLN EB 113 -39.02 -82.53 -9.68
C GLN EB 113 -39.17 -81.81 -11.00
N GLY EB 114 -39.76 -82.49 -11.97
CA GLY EB 114 -39.98 -81.95 -13.29
C GLY EB 114 -41.37 -81.40 -13.48
N ASP EB 115 -41.72 -81.20 -14.74
CA ASP EB 115 -43.00 -80.60 -15.12
C ASP EB 115 -43.15 -79.25 -14.45
N ARG EB 116 -42.08 -78.48 -14.46
CA ARG EB 116 -42.07 -77.18 -13.83
C ARG EB 116 -43.04 -76.23 -14.53
N GLY EB 117 -43.31 -75.13 -13.85
CA GLY EB 117 -44.32 -74.20 -14.30
C GLY EB 117 -44.03 -72.78 -13.88
N VAL EB 118 -44.98 -71.89 -14.16
CA VAL EB 118 -44.82 -70.47 -13.87
C VAL EB 118 -46.18 -69.89 -13.54
N GLY EB 119 -46.25 -69.21 -12.40
CA GLY EB 119 -47.48 -68.64 -11.90
C GLY EB 119 -47.36 -67.19 -11.53
N SER EB 120 -48.31 -66.71 -10.74
CA SER EB 120 -48.39 -65.30 -10.43
C SER EB 120 -49.08 -65.11 -9.09
N SER EB 121 -48.57 -64.17 -8.31
CA SER EB 121 -49.17 -63.75 -7.06
C SER EB 121 -49.43 -62.25 -7.11
N ALA EB 122 -50.65 -61.86 -6.79
CA ALA EB 122 -51.07 -60.47 -6.84
C ALA EB 122 -51.70 -60.06 -5.53
N VAL EB 123 -51.76 -58.75 -5.32
CA VAL EB 123 -52.24 -58.15 -4.08
C VAL EB 123 -53.63 -57.60 -4.32
N ILE EB 124 -54.60 -58.10 -3.56
CA ILE EB 124 -56.01 -57.85 -3.77
C ILE EB 124 -56.59 -57.33 -2.47
N LEU EB 125 -56.75 -56.01 -2.38
CA LEU EB 125 -57.06 -55.35 -1.13
C LEU EB 125 -58.55 -55.08 -0.92
N ASP EB 126 -59.45 -55.90 -1.50
CA ASP EB 126 -60.86 -55.56 -1.52
C ASP EB 126 -61.83 -56.72 -1.36
N ASP EB 127 -61.36 -57.95 -1.16
CA ASP EB 127 -62.24 -59.08 -0.86
C ASP EB 127 -63.09 -59.48 -2.06
N ASN EB 128 -62.62 -59.21 -3.27
CA ASN EB 128 -63.23 -59.71 -4.49
C ASN EB 128 -62.10 -60.29 -5.31
N PHE EB 129 -61.87 -61.58 -5.09
CA PHE EB 129 -60.85 -62.34 -5.76
C PHE EB 129 -61.40 -62.96 -7.03
N VAL EB 130 -60.49 -63.37 -7.91
CA VAL EB 130 -60.88 -64.25 -9.00
C VAL EB 130 -61.41 -65.53 -8.40
N THR EB 131 -62.46 -66.07 -9.01
CA THR EB 131 -63.12 -67.24 -8.47
C THR EB 131 -62.15 -68.41 -8.37
N LYS EB 132 -62.28 -69.16 -7.29
CA LYS EB 132 -61.43 -70.32 -7.09
C LYS EB 132 -61.66 -71.34 -8.19
N ALA EB 133 -60.58 -71.78 -8.81
CA ALA EB 133 -60.62 -72.68 -9.94
C ALA EB 133 -59.57 -73.76 -9.77
N THR EB 134 -59.86 -74.94 -10.31
CA THR EB 134 -58.94 -76.07 -10.28
C THR EB 134 -58.02 -76.07 -11.49
N ALA EB 135 -58.58 -75.94 -12.68
CA ALA EB 135 -57.81 -75.92 -13.92
C ALA EB 135 -58.41 -74.86 -14.83
N LEU EB 136 -57.94 -73.63 -14.69
CA LEU EB 136 -58.34 -72.52 -15.55
C LEU EB 136 -57.35 -72.37 -16.69
N THR EB 137 -57.87 -72.03 -17.86
CA THR EB 137 -57.08 -72.03 -19.09
C THR EB 137 -56.14 -70.83 -19.22
N TYR EB 138 -55.99 -70.02 -18.19
CA TYR EB 138 -55.11 -68.86 -18.27
C TYR EB 138 -54.76 -68.44 -16.85
N ASP EB 139 -53.76 -67.57 -16.75
CA ASP EB 139 -53.33 -67.00 -15.49
C ASP EB 139 -54.03 -65.65 -15.31
N PRO EB 140 -55.02 -65.53 -14.44
CA PRO EB 140 -55.73 -64.26 -14.34
C PRO EB 140 -54.90 -63.15 -13.74
N TYR EB 141 -54.00 -63.47 -12.83
CA TYR EB 141 -53.22 -62.50 -12.10
C TYR EB 141 -51.95 -62.09 -12.83
N VAL EB 142 -51.84 -62.38 -14.11
CA VAL EB 142 -50.59 -62.18 -14.83
C VAL EB 142 -50.42 -60.72 -15.22
N ASN EB 143 -51.49 -60.06 -15.65
CA ASN EB 143 -51.41 -58.69 -16.08
C ASN EB 143 -51.64 -57.70 -14.96
N TYR EB 144 -51.78 -58.16 -13.74
CA TYR EB 144 -51.94 -57.27 -12.60
C TYR EB 144 -50.67 -56.50 -12.34
N SER EB 145 -50.84 -55.24 -11.94
CA SER EB 145 -49.71 -54.38 -11.65
C SER EB 145 -48.89 -54.87 -10.46
N SER EB 146 -49.49 -55.66 -9.58
CA SER EB 146 -48.82 -56.21 -8.42
C SER EB 146 -48.43 -57.67 -8.60
N ARG EB 147 -48.27 -58.11 -9.85
CA ARG EB 147 -47.93 -59.49 -10.11
C ARG EB 147 -46.45 -59.70 -9.89
N HIS EB 148 -46.13 -60.76 -9.15
CA HIS EB 148 -44.79 -61.30 -9.06
C HIS EB 148 -44.86 -62.72 -9.59
N THR EB 149 -43.85 -63.10 -10.36
CA THR EB 149 -43.80 -64.43 -10.93
C THR EB 149 -43.49 -65.46 -9.86
N ILE EB 150 -44.22 -66.57 -9.90
CA ILE EB 150 -43.97 -67.73 -9.05
C ILE EB 150 -43.32 -68.77 -9.94
N THR EB 151 -42.05 -69.01 -9.70
CA THR EB 151 -41.41 -70.21 -10.24
C THR EB 151 -41.81 -71.40 -9.40
N GLN EB 152 -42.14 -72.49 -10.07
CA GLN EB 152 -42.65 -73.70 -9.44
C GLN EB 152 -41.76 -74.87 -9.82
N PRO EB 153 -41.76 -75.96 -9.03
CA PRO EB 153 -42.38 -76.21 -7.74
C PRO EB 153 -41.46 -76.03 -6.54
N PHE EB 154 -40.15 -75.96 -6.79
CA PHE EB 154 -39.15 -76.06 -5.75
C PHE EB 154 -38.49 -74.72 -5.44
N SER EB 155 -39.21 -73.63 -5.63
CA SER EB 155 -38.66 -72.30 -5.50
C SER EB 155 -39.44 -71.51 -4.47
N TYR EB 156 -38.72 -70.67 -3.75
CA TYR EB 156 -39.27 -69.85 -2.68
C TYR EB 156 -39.85 -68.57 -3.26
N HIS EB 157 -41.00 -68.18 -2.71
CA HIS EB 157 -41.73 -66.99 -3.14
C HIS EB 157 -42.16 -66.23 -1.90
N SER EB 158 -41.75 -64.97 -1.82
CA SER EB 158 -42.14 -64.07 -0.75
C SER EB 158 -42.91 -62.89 -1.31
N ARG EB 159 -43.84 -62.38 -0.51
CA ARG EB 159 -44.58 -61.17 -0.82
C ARG EB 159 -44.69 -60.37 0.46
N TYR EB 160 -44.29 -59.11 0.41
CA TYR EB 160 -44.26 -58.21 1.55
C TYR EB 160 -45.05 -56.97 1.19
N PHE EB 161 -46.16 -56.76 1.89
CA PHE EB 161 -47.10 -55.72 1.52
C PHE EB 161 -47.89 -55.30 2.75
N THR EB 162 -48.71 -54.28 2.57
CA THR EB 162 -49.54 -53.71 3.61
C THR EB 162 -51.00 -54.08 3.37
N PRO EB 163 -51.62 -54.93 4.18
CA PRO EB 163 -53.01 -55.30 3.90
C PRO EB 163 -53.97 -54.20 4.29
N LYS EB 164 -55.26 -54.46 4.04
CA LYS EB 164 -56.31 -53.51 4.35
C LYS EB 164 -57.47 -54.28 4.97
N PRO EB 165 -58.17 -53.69 5.93
CA PRO EB 165 -59.31 -54.39 6.53
C PRO EB 165 -60.58 -54.26 5.73
N VAL EB 166 -61.46 -55.23 5.97
CA VAL EB 166 -62.75 -55.30 5.29
C VAL EB 166 -63.74 -54.57 6.19
N LEU EB 167 -63.86 -53.26 5.97
CA LEU EB 167 -64.77 -52.43 6.74
C LEU EB 167 -66.19 -52.53 6.21
N ASP EB 168 -66.35 -52.46 4.88
CA ASP EB 168 -67.65 -52.64 4.24
C ASP EB 168 -67.43 -53.45 2.99
N SER EB 169 -67.88 -54.71 3.01
CA SER EB 169 -67.74 -55.57 1.85
C SER EB 169 -68.66 -55.19 0.71
N THR EB 170 -69.69 -54.39 0.96
CA THR EB 170 -70.60 -53.94 -0.08
C THR EB 170 -69.96 -52.88 -0.96
N ILE EB 171 -69.22 -51.95 -0.36
CA ILE EB 171 -68.62 -50.83 -1.06
C ILE EB 171 -67.15 -51.11 -1.31
N ASP EB 172 -66.50 -51.81 -0.38
CA ASP EB 172 -65.12 -52.23 -0.50
C ASP EB 172 -64.20 -51.03 -0.68
N TYR EB 173 -64.14 -50.20 0.36
CA TYR EB 173 -63.28 -49.03 0.40
C TYR EB 173 -62.10 -49.29 1.32
N PHE EB 174 -60.96 -48.70 0.96
CA PHE EB 174 -59.76 -48.84 1.76
C PHE EB 174 -58.91 -47.59 1.64
N GLN EB 175 -58.01 -47.48 2.52
CA GLN EB 175 -57.12 -46.34 2.63
C GLN EB 175 -55.84 -46.56 1.85
N PRO EB 176 -55.22 -45.51 1.33
CA PRO EB 176 -53.86 -45.67 0.81
C PRO EB 176 -52.84 -45.81 1.92
N ASN EB 177 -51.61 -46.09 1.55
CA ASN EB 177 -50.57 -46.37 2.52
C ASN EB 177 -50.12 -45.07 3.17
N ASN EB 178 -50.34 -44.98 4.49
CA ASN EB 178 -49.90 -43.83 5.25
C ASN EB 178 -49.74 -44.32 6.68
N LYS EB 179 -48.50 -44.33 7.17
CA LYS EB 179 -48.27 -44.85 8.51
C LYS EB 179 -48.91 -43.97 9.57
N ARG EB 180 -49.03 -42.66 9.30
CA ARG EB 180 -49.52 -41.73 10.30
C ARG EB 180 -51.04 -41.69 10.37
N ASN EB 181 -51.72 -42.03 9.27
CA ASN EB 181 -53.16 -41.92 9.16
C ASN EB 181 -53.86 -43.27 9.16
N GLN EB 182 -53.14 -44.37 9.33
CA GLN EB 182 -53.75 -45.68 9.30
C GLN EB 182 -54.68 -45.85 10.49
N LEU EB 183 -55.86 -46.40 10.21
CA LEU EB 183 -56.87 -46.56 11.23
C LEU EB 183 -56.43 -47.56 12.29
N TRP EB 184 -56.84 -47.28 13.53
CA TRP EB 184 -56.71 -48.22 14.62
C TRP EB 184 -58.01 -49.00 14.74
N LEU EB 185 -57.91 -50.30 14.71
CA LEU EB 185 -59.02 -51.19 15.00
C LEU EB 185 -58.96 -51.64 16.44
N ARG EB 186 -60.06 -52.19 16.92
CA ARG EB 186 -60.12 -52.77 18.23
C ARG EB 186 -59.77 -54.24 18.17
N LEU EB 187 -58.99 -54.68 19.14
CA LEU EB 187 -58.67 -56.09 19.32
C LEU EB 187 -59.83 -56.73 20.05
N GLN EB 188 -60.76 -57.27 19.27
CA GLN EB 188 -61.94 -57.90 19.80
C GLN EB 188 -61.57 -59.20 20.51
N THR EB 189 -62.57 -59.79 21.16
CA THR EB 189 -62.35 -61.02 21.91
C THR EB 189 -62.37 -62.23 20.99
N ALA EB 190 -63.43 -62.39 20.18
CA ALA EB 190 -63.52 -63.52 19.26
C ALA EB 190 -64.14 -63.16 17.91
N GLY EB 191 -64.06 -61.89 17.50
CA GLY EB 191 -64.77 -61.45 16.31
C GLY EB 191 -64.03 -60.45 15.46
N ASN EB 192 -62.71 -60.55 15.42
CA ASN EB 192 -61.91 -59.60 14.68
C ASN EB 192 -62.19 -59.67 13.18
N VAL EB 193 -61.89 -58.59 12.51
CA VAL EB 193 -62.24 -58.40 11.10
C VAL EB 193 -61.13 -58.96 10.23
N ASP EB 194 -61.51 -59.49 9.07
CA ASP EB 194 -60.57 -60.13 8.18
C ASP EB 194 -59.82 -59.09 7.37
N HIS EB 195 -58.51 -59.19 7.37
CA HIS EB 195 -57.67 -58.44 6.45
C HIS EB 195 -57.42 -59.26 5.22
N VAL EB 196 -57.11 -58.56 4.13
CA VAL EB 196 -57.12 -59.14 2.80
C VAL EB 196 -55.95 -58.55 2.02
N GLY EB 197 -55.60 -59.20 0.91
CA GLY EB 197 -54.43 -58.77 0.18
C GLY EB 197 -53.57 -59.76 -0.57
N LEU EB 198 -53.96 -61.01 -0.76
CA LEU EB 198 -53.19 -61.86 -1.65
C LEU EB 198 -54.05 -62.87 -2.38
N GLY EB 199 -53.80 -62.97 -3.68
CA GLY EB 199 -54.36 -64.01 -4.50
C GLY EB 199 -53.30 -64.60 -5.39
N THR EB 200 -53.44 -65.89 -5.67
CA THR EB 200 -52.41 -66.68 -6.32
C THR EB 200 -52.97 -67.42 -7.52
N ALA EB 201 -52.06 -67.83 -8.39
CA ALA EB 201 -52.38 -68.69 -9.52
C ALA EB 201 -51.18 -69.59 -9.75
N PHE EB 202 -51.36 -70.89 -9.48
CA PHE EB 202 -50.33 -71.89 -9.64
C PHE EB 202 -50.61 -72.76 -10.86
N GLU EB 203 -49.58 -73.00 -11.65
CA GLU EB 203 -49.70 -73.85 -12.82
C GLU EB 203 -49.70 -75.31 -12.39
N ASN EB 204 -50.70 -76.04 -12.85
CA ASN EB 204 -50.86 -77.42 -12.46
C ASN EB 204 -49.78 -78.29 -13.08
N SER EB 205 -49.67 -79.52 -12.58
CA SER EB 205 -48.60 -80.42 -12.95
C SER EB 205 -49.07 -81.86 -12.80
N ILE EB 206 -48.28 -82.78 -13.36
CA ILE EB 206 -48.56 -84.20 -13.20
C ILE EB 206 -48.33 -84.65 -11.78
N TYR EB 207 -47.41 -84.00 -11.07
CA TYR EB 207 -47.08 -84.31 -9.70
C TYR EB 207 -47.74 -83.31 -8.75
N ASP EB 208 -47.93 -83.75 -7.52
CA ASP EB 208 -48.49 -82.88 -6.50
C ASP EB 208 -47.45 -81.87 -6.05
N GLN EB 209 -47.86 -80.61 -5.95
CA GLN EB 209 -47.01 -79.51 -5.51
C GLN EB 209 -47.48 -79.05 -4.14
N GLU EB 210 -46.70 -79.35 -3.11
CA GLU EB 210 -47.02 -78.99 -1.75
C GLU EB 210 -46.18 -77.80 -1.31
N TYR EB 211 -46.73 -77.01 -0.40
CA TYR EB 211 -46.07 -75.84 0.14
C TYR EB 211 -46.42 -75.71 1.62
N ASN EB 212 -45.47 -75.19 2.38
CA ASN EB 212 -45.68 -74.79 3.77
C ASN EB 212 -45.66 -73.28 3.80
N ILE EB 213 -46.81 -72.67 4.04
CA ILE EB 213 -46.96 -71.23 3.94
C ILE EB 213 -46.85 -70.65 5.34
N ARG EB 214 -45.90 -69.72 5.51
CA ARG EB 214 -45.65 -69.03 6.77
C ARG EB 214 -46.02 -67.57 6.59
N VAL EB 215 -47.08 -67.16 7.25
CA VAL EB 215 -47.52 -65.77 7.25
C VAL EB 215 -47.00 -65.11 8.52
N THR EB 216 -46.40 -63.94 8.36
CA THR EB 216 -45.87 -63.15 9.45
C THR EB 216 -46.53 -61.78 9.36
N MET EB 217 -47.25 -61.40 10.40
CA MET EB 217 -47.88 -60.09 10.49
C MET EB 217 -47.11 -59.19 11.42
N TYR EB 218 -46.77 -58.01 10.94
CA TYR EB 218 -46.10 -56.99 11.72
C TYR EB 218 -47.15 -56.00 12.21
N VAL EB 219 -47.47 -56.05 13.49
CA VAL EB 219 -48.59 -55.35 14.05
C VAL EB 219 -48.08 -54.26 14.98
N GLN EB 220 -49.00 -53.38 15.36
CA GLN EB 220 -48.71 -52.24 16.22
C GLN EB 220 -49.91 -52.08 17.13
N PHE EB 221 -49.70 -52.28 18.43
CA PHE EB 221 -50.74 -52.20 19.43
C PHE EB 221 -50.70 -50.86 20.14
N ARG EB 222 -51.71 -50.62 20.97
CA ARG EB 222 -51.86 -49.36 21.67
C ARG EB 222 -52.69 -49.59 22.93
N GLU EB 223 -52.41 -48.79 23.95
CA GLU EB 223 -53.19 -48.74 25.18
C GLU EB 223 -53.16 -50.08 25.93
N PHE EB 224 -51.98 -50.37 26.46
CA PHE EB 224 -51.77 -51.42 27.45
C PHE EB 224 -52.87 -51.40 28.48
N ASN EB 225 -53.57 -52.51 28.62
CA ASN EB 225 -54.80 -52.57 29.42
C ASN EB 225 -54.82 -53.80 30.31
N LEU EB 226 -53.70 -54.11 30.94
CA LEU EB 226 -53.65 -55.25 31.82
C LEU EB 226 -54.53 -55.04 33.02
N LYS EB 227 -55.18 -56.12 33.47
CA LYS EB 227 -56.04 -56.11 34.63
C LYS EB 227 -55.49 -57.08 35.66
N ASP EB 228 -55.33 -56.60 36.88
CA ASP EB 228 -54.66 -57.34 37.96
C ASP EB 228 -55.59 -57.43 39.15
N PRO EB 229 -56.49 -58.40 39.16
CA PRO EB 229 -57.31 -58.64 40.34
C PRO EB 229 -56.50 -59.30 41.44
N PRO EB 230 -56.99 -59.33 42.67
CA PRO EB 230 -56.30 -60.08 43.71
C PRO EB 230 -56.37 -61.58 43.50
N LEU EB 231 -55.78 -62.33 44.43
CA LEU EB 231 -55.73 -63.78 44.34
C LEU EB 231 -55.93 -64.43 45.70
N GLY FB 43 -54.17 -39.22 -26.05
CA GLY FB 43 -54.41 -39.92 -24.81
C GLY FB 43 -53.62 -41.19 -24.69
N ILE FB 44 -52.38 -41.06 -24.29
CA ILE FB 44 -51.43 -42.17 -24.27
C ILE FB 44 -51.67 -43.03 -23.05
N PHE FB 45 -51.50 -44.34 -23.22
CA PHE FB 45 -51.58 -45.29 -22.12
C PHE FB 45 -50.62 -46.43 -22.45
N ASN FB 46 -49.47 -46.42 -21.82
CA ASN FB 46 -48.54 -47.53 -21.93
C ASN FB 46 -48.91 -48.61 -20.93
N THR FB 47 -49.05 -49.83 -21.41
CA THR FB 47 -49.35 -50.97 -20.54
C THR FB 47 -48.58 -52.19 -21.02
N ARG FB 48 -48.98 -53.34 -20.50
CA ARG FB 48 -48.27 -54.60 -20.68
C ARG FB 48 -49.28 -55.72 -20.78
N LEU FB 49 -49.19 -56.50 -21.85
CA LEU FB 49 -50.09 -57.60 -22.13
C LEU FB 49 -49.28 -58.86 -22.33
N SER FB 50 -49.77 -59.95 -21.76
CA SER FB 50 -49.07 -61.22 -21.74
C SER FB 50 -49.96 -62.34 -22.26
N ARG FB 51 -49.33 -63.48 -22.48
CA ARG FB 51 -49.91 -64.64 -23.11
C ARG FB 51 -48.93 -65.79 -22.95
N THR FB 52 -49.45 -66.98 -22.69
CA THR FB 52 -48.63 -68.15 -22.39
C THR FB 52 -49.10 -69.32 -23.23
N PHE FB 53 -48.14 -70.08 -23.76
CA PHE FB 53 -48.44 -71.23 -24.59
C PHE FB 53 -47.24 -72.15 -24.59
N GLY FB 54 -47.44 -73.35 -25.12
CA GLY FB 54 -46.43 -74.39 -25.11
C GLY FB 54 -45.72 -74.63 -26.43
N TYR FB 55 -44.52 -75.19 -26.34
CA TYR FB 55 -43.72 -75.58 -27.49
C TYR FB 55 -42.89 -76.78 -27.09
N THR FB 56 -42.91 -77.82 -27.92
CA THR FB 56 -42.19 -79.05 -27.65
C THR FB 56 -41.33 -79.41 -28.85
N ILE FB 57 -40.12 -79.86 -28.55
CA ILE FB 57 -39.19 -80.41 -29.52
C ILE FB 57 -39.19 -81.91 -29.30
N LYS FB 58 -39.84 -82.64 -30.19
CA LYS FB 58 -39.96 -84.08 -30.04
C LYS FB 58 -38.61 -84.77 -30.18
N ARG FB 59 -38.54 -85.98 -29.65
CA ARG FB 59 -37.33 -86.77 -29.67
C ARG FB 59 -37.03 -87.29 -31.07
N THR FB 60 -35.77 -87.65 -31.28
CA THR FB 60 -35.31 -88.23 -32.54
C THR FB 60 -34.28 -89.30 -32.26
N THR FB 61 -34.37 -90.40 -33.00
CA THR FB 61 -33.36 -91.46 -32.96
C THR FB 61 -32.11 -91.10 -33.75
N VAL FB 62 -32.10 -89.98 -34.46
CA VAL FB 62 -30.94 -89.58 -35.23
C VAL FB 62 -29.75 -89.38 -34.31
N LYS FB 63 -28.59 -89.88 -34.75
CA LYS FB 63 -27.38 -89.82 -33.94
C LYS FB 63 -26.67 -88.50 -34.07
N THR FB 64 -26.69 -87.91 -35.26
CA THR FB 64 -25.96 -86.69 -35.52
C THR FB 64 -26.53 -85.53 -34.70
N PRO FB 65 -25.78 -84.43 -34.60
CA PRO FB 65 -26.38 -83.20 -34.07
C PRO FB 65 -27.21 -82.52 -35.14
N SER FB 66 -28.52 -82.59 -34.99
CA SER FB 66 -29.45 -81.91 -35.86
C SER FB 66 -30.25 -80.90 -35.05
N TRP FB 67 -30.78 -79.90 -35.75
CA TRP FB 67 -31.52 -78.82 -35.14
C TRP FB 67 -32.94 -78.77 -35.68
N ALA FB 68 -33.84 -78.33 -34.82
CA ALA FB 68 -35.25 -78.16 -35.13
C ALA FB 68 -35.53 -76.67 -35.25
N VAL FB 69 -36.00 -76.26 -36.41
CA VAL FB 69 -36.22 -74.86 -36.73
C VAL FB 69 -37.71 -74.56 -36.67
N ASP FB 70 -38.04 -73.39 -36.15
CA ASP FB 70 -39.42 -72.94 -36.08
C ASP FB 70 -39.43 -71.42 -36.02
N MET FB 71 -40.61 -70.86 -36.22
CA MET FB 71 -40.83 -69.44 -36.30
C MET FB 71 -41.78 -68.98 -35.19
N MET FB 72 -41.85 -67.67 -35.02
CA MET FB 72 -42.69 -67.07 -33.98
C MET FB 72 -43.11 -65.68 -34.43
N ARG FB 73 -44.40 -65.51 -34.65
CA ARG FB 73 -45.02 -64.23 -34.93
C ARG FB 73 -45.80 -63.75 -33.72
N PHE FB 74 -46.18 -62.47 -33.75
CA PHE FB 74 -46.91 -61.84 -32.66
C PHE FB 74 -48.06 -61.03 -33.25
N ASN FB 75 -49.27 -61.32 -32.77
CA ASN FB 75 -50.46 -60.56 -33.12
C ASN FB 75 -51.17 -60.13 -31.86
N ILE FB 76 -51.83 -58.97 -31.95
CA ILE FB 76 -52.49 -58.39 -30.77
C ILE FB 76 -53.85 -59.02 -30.50
N ASN FB 77 -54.42 -59.78 -31.43
CA ASN FB 77 -55.66 -60.46 -31.16
C ASN FB 77 -55.47 -61.53 -30.10
N ASP FB 78 -54.29 -62.13 -30.03
CA ASP FB 78 -54.00 -63.17 -29.06
C ASP FB 78 -53.75 -62.63 -27.67
N PHE FB 79 -53.55 -61.32 -27.53
CA PHE FB 79 -53.34 -60.68 -26.23
C PHE FB 79 -54.52 -59.85 -25.79
N LEU FB 80 -55.25 -59.27 -26.73
CA LEU FB 80 -56.37 -58.37 -26.45
C LEU FB 80 -57.67 -59.01 -26.91
N PRO FB 81 -58.57 -59.44 -26.04
CA PRO FB 81 -59.78 -60.10 -26.50
C PRO FB 81 -60.76 -59.10 -27.08
N PRO FB 82 -61.83 -59.59 -27.70
CA PRO FB 82 -62.90 -58.69 -28.12
C PRO FB 82 -63.69 -58.19 -26.93
N GLY FB 83 -64.18 -56.96 -27.06
CA GLY FB 83 -64.93 -56.34 -25.99
C GLY FB 83 -66.38 -56.74 -25.99
N GLY FB 84 -67.24 -55.79 -25.69
CA GLY FB 84 -68.66 -56.03 -25.67
C GLY FB 84 -69.47 -54.77 -25.87
N GLY FB 85 -70.46 -54.85 -26.75
CA GLY FB 85 -71.33 -53.72 -27.01
C GLY FB 85 -70.76 -52.78 -28.04
N SER FB 86 -70.94 -51.48 -27.80
CA SER FB 86 -70.46 -50.48 -28.73
C SER FB 86 -68.94 -50.36 -28.75
N ASN FB 87 -68.27 -50.92 -27.74
CA ASN FB 87 -66.82 -50.95 -27.71
C ASN FB 87 -66.34 -52.28 -28.29
N PRO FB 88 -65.75 -52.31 -29.49
CA PRO FB 88 -65.43 -53.61 -30.09
C PRO FB 88 -64.30 -54.35 -29.40
N ARG FB 89 -63.44 -53.65 -28.68
CA ARG FB 89 -62.31 -54.24 -27.99
C ARG FB 89 -62.39 -53.95 -26.50
N SER FB 90 -61.63 -54.72 -25.72
CA SER FB 90 -61.70 -54.66 -24.28
C SER FB 90 -60.89 -53.49 -23.71
N VAL FB 91 -59.89 -53.03 -24.45
CA VAL FB 91 -59.13 -51.84 -24.09
C VAL FB 91 -59.65 -50.70 -24.95
N PRO FB 92 -60.36 -49.69 -24.40
CA PRO FB 92 -61.03 -48.73 -25.26
C PRO FB 92 -60.12 -47.65 -25.82
N PHE FB 93 -59.38 -48.02 -26.86
CA PHE FB 93 -58.51 -47.11 -27.57
C PHE FB 93 -58.61 -47.40 -29.05
N GLU FB 94 -58.20 -46.41 -29.85
CA GLU FB 94 -58.27 -46.47 -31.30
C GLU FB 94 -56.99 -46.98 -31.94
N TYR FB 95 -55.87 -46.40 -31.57
CA TYR FB 95 -54.59 -46.67 -32.19
C TYR FB 95 -53.67 -47.41 -31.23
N TYR FB 96 -52.65 -48.03 -31.79
CA TYR FB 96 -51.66 -48.74 -31.00
C TYR FB 96 -50.36 -48.81 -31.77
N ARG FB 97 -49.29 -49.11 -31.04
CA ARG FB 97 -48.01 -49.42 -31.64
C ARG FB 97 -47.21 -50.21 -30.62
N ILE FB 98 -46.68 -51.35 -31.05
CA ILE FB 98 -45.96 -52.23 -30.15
C ILE FB 98 -44.54 -51.72 -29.99
N ARG FB 99 -44.16 -51.46 -28.76
CA ARG FB 99 -42.86 -50.90 -28.43
C ARG FB 99 -41.79 -51.99 -28.26
N LYS FB 100 -42.11 -53.02 -27.49
CA LYS FB 100 -41.17 -54.09 -27.19
C LYS FB 100 -41.95 -55.38 -27.01
N VAL FB 101 -41.23 -56.49 -27.13
CA VAL FB 101 -41.74 -57.81 -26.81
C VAL FB 101 -40.67 -58.54 -26.02
N LYS FB 102 -41.11 -59.31 -25.04
CA LYS FB 102 -40.26 -60.16 -24.22
C LYS FB 102 -40.76 -61.59 -24.37
N VAL FB 103 -39.99 -62.39 -25.08
CA VAL FB 103 -40.26 -63.81 -25.21
C VAL FB 103 -39.42 -64.54 -24.18
N GLU FB 104 -40.08 -65.34 -23.36
CA GLU FB 104 -39.45 -66.08 -22.27
C GLU FB 104 -39.71 -67.55 -22.51
N PHE FB 105 -38.64 -68.32 -22.70
CA PHE FB 105 -38.71 -69.77 -22.77
C PHE FB 105 -38.50 -70.31 -21.36
N TRP FB 106 -39.61 -70.62 -20.70
CA TRP FB 106 -39.55 -71.21 -19.39
C TRP FB 106 -39.48 -72.73 -19.52
N PRO FB 107 -38.43 -73.38 -19.06
CA PRO FB 107 -38.32 -74.83 -19.28
C PRO FB 107 -39.34 -75.62 -18.49
N CYS FB 108 -39.61 -76.80 -19.00
CA CYS FB 108 -40.47 -77.78 -18.37
C CYS FB 108 -39.72 -79.03 -17.95
N SER FB 109 -38.42 -79.08 -18.16
CA SER FB 109 -37.62 -80.28 -18.03
C SER FB 109 -36.78 -80.19 -16.76
N PRO FB 110 -36.48 -81.33 -16.13
CA PRO FB 110 -35.70 -81.29 -14.91
C PRO FB 110 -34.25 -80.96 -15.16
N ILE FB 111 -33.57 -80.53 -14.11
CA ILE FB 111 -32.15 -80.22 -14.21
C ILE FB 111 -31.27 -81.46 -14.28
N THR FB 112 -31.86 -82.65 -14.12
CA THR FB 112 -31.13 -83.90 -14.25
C THR FB 112 -31.19 -84.47 -15.66
N GLN FB 113 -31.85 -83.79 -16.60
CA GLN FB 113 -32.01 -84.34 -17.93
C GLN FB 113 -30.70 -84.21 -18.69
N GLY FB 114 -30.31 -85.30 -19.36
CA GLY FB 114 -29.10 -85.34 -20.12
C GLY FB 114 -29.33 -85.10 -21.60
N ASP FB 115 -28.32 -85.45 -22.39
CA ASP FB 115 -28.32 -85.22 -23.82
C ASP FB 115 -28.54 -83.74 -24.11
N ARG FB 116 -27.86 -82.90 -23.35
CA ARG FB 116 -27.99 -81.46 -23.48
C ARG FB 116 -27.49 -81.00 -24.84
N GLY FB 117 -27.83 -79.77 -25.16
CA GLY FB 117 -27.56 -79.22 -26.47
C GLY FB 117 -27.37 -77.73 -26.45
N VAL FB 118 -27.23 -77.15 -27.64
CA VAL FB 118 -26.98 -75.72 -27.77
C VAL FB 118 -27.62 -75.24 -29.05
N GLY FB 119 -28.42 -74.19 -28.94
CA GLY FB 119 -29.18 -73.63 -30.03
C GLY FB 119 -28.99 -72.15 -30.19
N SER FB 120 -29.90 -71.52 -30.92
CA SER FB 120 -29.77 -70.12 -31.26
C SER FB 120 -31.14 -69.52 -31.50
N SER FB 121 -31.32 -68.29 -31.04
CA SER FB 121 -32.51 -67.49 -31.29
C SER FB 121 -32.09 -66.19 -31.95
N ALA FB 122 -32.74 -65.85 -33.05
CA ALA FB 122 -32.43 -64.66 -33.82
C ALA FB 122 -33.69 -63.85 -34.06
N VAL FB 123 -33.48 -62.59 -34.41
CA VAL FB 123 -34.55 -61.62 -34.59
C VAL FB 123 -34.74 -61.40 -36.08
N ILE FB 124 -35.94 -61.68 -36.58
CA ILE FB 124 -36.26 -61.71 -38.00
C ILE FB 124 -37.44 -60.80 -38.23
N LEU FB 125 -37.17 -59.59 -38.69
CA LEU FB 125 -38.17 -58.53 -38.75
C LEU FB 125 -38.85 -58.40 -40.10
N ASP FB 126 -38.97 -59.49 -40.89
CA ASP FB 126 -39.42 -59.38 -42.26
C ASP FB 126 -40.31 -60.50 -42.79
N ASP FB 127 -40.68 -61.47 -41.96
CA ASP FB 127 -41.64 -62.50 -42.36
C ASP FB 127 -41.08 -63.44 -43.41
N ASN FB 128 -39.76 -63.60 -43.46
CA ASN FB 128 -39.11 -64.62 -44.28
C ASN FB 128 -38.13 -65.32 -43.35
N PHE FB 129 -38.63 -66.38 -42.74
CA PHE FB 129 -37.87 -67.21 -41.83
C PHE FB 129 -37.20 -68.34 -42.58
N VAL FB 130 -36.20 -68.94 -41.93
CA VAL FB 130 -35.69 -70.21 -42.41
C VAL FB 130 -36.82 -71.21 -42.35
N THR FB 131 -36.88 -72.08 -43.36
CA THR FB 131 -37.98 -73.02 -43.47
C THR FB 131 -38.04 -73.92 -42.25
N LYS FB 132 -39.25 -74.21 -41.80
CA LYS FB 132 -39.45 -75.08 -40.66
C LYS FB 132 -38.91 -76.47 -40.96
N ALA FB 133 -38.07 -76.97 -40.06
CA ALA FB 133 -37.39 -78.24 -40.23
C ALA FB 133 -37.45 -79.02 -38.93
N THR FB 134 -37.48 -80.33 -39.06
CA THR FB 134 -37.49 -81.24 -37.91
C THR FB 134 -36.08 -81.59 -37.47
N ALA FB 135 -35.23 -82.01 -38.41
CA ALA FB 135 -33.84 -82.37 -38.11
C ALA FB 135 -32.98 -81.84 -39.25
N LEU FB 136 -32.53 -80.60 -39.10
CA LEU FB 136 -31.61 -79.98 -40.03
C LEU FB 136 -30.18 -80.16 -39.55
N THR FB 137 -29.26 -80.37 -40.49
CA THR FB 137 -27.89 -80.74 -40.19
C THR FB 137 -27.03 -79.59 -39.69
N TYR FB 138 -27.61 -78.42 -39.43
CA TYR FB 138 -26.83 -77.28 -38.97
C TYR FB 138 -27.78 -76.30 -38.31
N ASP FB 139 -27.19 -75.34 -37.59
CA ASP FB 139 -27.92 -74.27 -36.95
C ASP FB 139 -27.93 -73.07 -37.88
N PRO FB 140 -29.06 -72.74 -38.53
CA PRO FB 140 -29.02 -71.64 -39.48
C PRO FB 140 -28.87 -70.28 -38.83
N TYR FB 141 -29.39 -70.11 -37.63
CA TYR FB 141 -29.40 -68.83 -36.95
C TYR FB 141 -28.13 -68.58 -36.14
N VAL FB 142 -27.07 -69.34 -36.39
CA VAL FB 142 -25.89 -69.26 -35.53
C VAL FB 142 -25.03 -68.07 -35.90
N ASN FB 143 -24.89 -67.78 -37.18
CA ASN FB 143 -24.05 -66.68 -37.63
C ASN FB 143 -24.81 -65.37 -37.74
N TYR FB 144 -26.07 -65.34 -37.33
CA TYR FB 144 -26.83 -64.11 -37.35
C TYR FB 144 -26.30 -63.13 -36.31
N SER FB 145 -26.31 -61.85 -36.67
CA SER FB 145 -25.85 -60.80 -35.78
C SER FB 145 -26.69 -60.69 -34.53
N SER FB 146 -27.94 -61.14 -34.57
CA SER FB 146 -28.85 -61.11 -33.43
C SER FB 146 -28.98 -62.46 -32.75
N ARG FB 147 -27.99 -63.32 -32.90
CA ARG FB 147 -28.05 -64.63 -32.30
C ARG FB 147 -27.71 -64.56 -30.83
N HIS FB 148 -28.55 -65.19 -30.01
CA HIS FB 148 -28.26 -65.48 -28.62
C HIS FB 148 -28.27 -66.99 -28.48
N THR FB 149 -27.32 -67.51 -27.72
CA THR FB 149 -27.23 -68.94 -27.50
C THR FB 149 -28.33 -69.42 -26.60
N ILE FB 150 -28.94 -70.53 -26.97
CA ILE FB 150 -29.93 -71.23 -26.18
C ILE FB 150 -29.24 -72.44 -25.59
N THR FB 151 -28.99 -72.41 -24.29
CA THR FB 151 -28.65 -73.62 -23.57
C THR FB 151 -29.91 -74.44 -23.34
N GLN FB 152 -29.81 -75.73 -23.56
CA GLN FB 152 -30.92 -76.67 -23.49
C GLN FB 152 -30.59 -77.77 -22.51
N PRO FB 153 -31.62 -78.44 -21.96
CA PRO FB 153 -33.06 -78.25 -22.02
C PRO FB 153 -33.67 -77.50 -20.85
N PHE FB 154 -32.91 -77.37 -19.77
CA PHE FB 154 -33.43 -76.92 -18.49
C PHE FB 154 -33.01 -75.50 -18.15
N SER FB 155 -32.80 -74.67 -19.16
CA SER FB 155 -32.28 -73.33 -18.97
C SER FB 155 -33.23 -72.31 -19.56
N TYR FB 156 -33.31 -71.17 -18.88
CA TYR FB 156 -34.18 -70.09 -19.25
C TYR FB 156 -33.53 -69.22 -20.32
N HIS FB 157 -34.34 -68.79 -21.28
CA HIS FB 157 -33.90 -67.97 -22.39
C HIS FB 157 -34.90 -66.84 -22.59
N SER FB 158 -34.41 -65.61 -22.53
CA SER FB 158 -35.21 -64.43 -22.77
C SER FB 158 -34.67 -63.68 -23.97
N ARG FB 159 -35.57 -63.02 -24.68
CA ARG FB 159 -35.23 -62.12 -25.78
C ARG FB 159 -36.13 -60.91 -25.68
N TYR FB 160 -35.53 -59.74 -25.67
CA TYR FB 160 -36.22 -58.46 -25.51
C TYR FB 160 -35.85 -57.57 -26.67
N PHE FB 161 -36.83 -57.25 -27.50
CA PHE FB 161 -36.56 -56.56 -28.76
C PHE FB 161 -37.81 -55.81 -29.18
N THR FB 162 -37.67 -55.05 -30.26
CA THR FB 162 -38.73 -54.23 -30.82
C THR FB 162 -39.21 -54.86 -32.13
N PRO FB 163 -40.42 -55.40 -32.21
CA PRO FB 163 -40.85 -56.02 -33.44
C PRO FB 163 -41.24 -54.99 -34.49
N LYS FB 164 -41.62 -55.48 -35.67
CA LYS FB 164 -42.01 -54.64 -36.78
C LYS FB 164 -43.26 -55.24 -37.41
N PRO FB 165 -44.18 -54.42 -37.90
CA PRO FB 165 -45.37 -54.97 -38.54
C PRO FB 165 -45.16 -55.33 -40.00
N VAL FB 166 -46.01 -56.23 -40.46
CA VAL FB 166 -45.97 -56.72 -41.83
C VAL FB 166 -46.92 -55.83 -42.63
N LEU FB 167 -46.37 -54.74 -43.15
CA LEU FB 167 -47.13 -53.81 -43.95
C LEU FB 167 -47.27 -54.28 -45.39
N ASP FB 168 -46.19 -54.76 -45.98
CA ASP FB 168 -46.20 -55.33 -47.32
C ASP FB 168 -45.29 -56.54 -47.31
N SER FB 169 -45.87 -57.73 -47.39
CA SER FB 169 -45.10 -58.96 -47.41
C SER FB 169 -44.36 -59.16 -48.71
N THR FB 170 -44.74 -58.46 -49.78
CA THR FB 170 -44.06 -58.59 -51.06
C THR FB 170 -42.73 -57.88 -51.05
N ILE FB 171 -42.66 -56.71 -50.43
CA ILE FB 171 -41.48 -55.87 -50.41
C ILE FB 171 -40.75 -56.05 -49.09
N ASP FB 172 -41.52 -56.23 -48.02
CA ASP FB 172 -40.98 -56.49 -46.69
C ASP FB 172 -40.08 -55.34 -46.24
N TYR FB 173 -40.70 -54.18 -46.07
CA TYR FB 173 -40.02 -52.98 -45.58
C TYR FB 173 -40.41 -52.70 -44.14
N PHE FB 174 -39.48 -52.16 -43.38
CA PHE FB 174 -39.72 -51.82 -41.99
C PHE FB 174 -38.88 -50.62 -41.60
N GLN FB 175 -39.24 -50.06 -40.52
CA GLN FB 175 -38.63 -48.87 -39.99
C GLN FB 175 -37.51 -49.21 -39.01
N PRO FB 176 -36.48 -48.37 -38.90
CA PRO FB 176 -35.54 -48.54 -37.80
C PRO FB 176 -36.13 -48.11 -36.48
N ASN FB 177 -35.41 -48.35 -35.41
CA ASN FB 177 -35.90 -48.09 -34.08
C ASN FB 177 -35.89 -46.60 -33.80
N ASN FB 178 -37.07 -46.03 -33.59
CA ASN FB 178 -37.21 -44.63 -33.25
C ASN FB 178 -38.52 -44.49 -32.50
N LYS FB 179 -38.45 -44.15 -31.23
CA LYS FB 179 -39.67 -44.08 -30.45
C LYS FB 179 -40.57 -42.94 -30.91
N ARG FB 180 -39.98 -41.88 -31.45
CA ARG FB 180 -40.75 -40.70 -31.82
C ARG FB 180 -41.40 -40.83 -33.18
N ASN FB 181 -40.83 -41.66 -34.06
CA ASN FB 181 -41.29 -41.79 -35.43
C ASN FB 181 -41.99 -43.11 -35.72
N GLN FB 182 -42.18 -43.95 -34.72
CA GLN FB 182 -42.83 -45.23 -34.93
C GLN FB 182 -44.27 -45.05 -35.34
N LEU FB 183 -44.67 -45.80 -36.35
CA LEU FB 183 -46.01 -45.69 -36.89
C LEU FB 183 -47.05 -46.13 -35.88
N TRP FB 184 -48.19 -45.46 -35.91
CA TRP FB 184 -49.38 -45.87 -35.19
C TRP FB 184 -50.24 -46.69 -36.13
N LEU FB 185 -50.58 -47.89 -35.70
CA LEU FB 185 -51.54 -48.72 -36.38
C LEU FB 185 -52.90 -48.55 -35.72
N ARG FB 186 -53.93 -49.02 -36.42
CA ARG FB 186 -55.28 -49.04 -35.89
C ARG FB 186 -55.53 -50.37 -35.20
N LEU FB 187 -56.19 -50.29 -34.05
CA LEU FB 187 -56.66 -51.45 -33.33
C LEU FB 187 -57.95 -51.91 -33.99
N GLN FB 188 -57.81 -52.82 -34.93
CA GLN FB 188 -58.95 -53.34 -35.66
C GLN FB 188 -59.82 -54.20 -34.74
N THR FB 189 -60.96 -54.61 -35.28
CA THR FB 189 -61.90 -55.43 -34.51
C THR FB 189 -61.49 -56.89 -34.49
N ALA FB 190 -61.27 -57.48 -35.68
CA ALA FB 190 -60.86 -58.89 -35.76
C ALA FB 190 -59.84 -59.16 -36.86
N GLY FB 191 -59.07 -58.16 -37.27
CA GLY FB 191 -58.19 -58.30 -38.42
C GLY FB 191 -56.84 -57.63 -38.29
N ASN FB 192 -56.31 -57.57 -37.08
CA ASN FB 192 -55.06 -56.89 -36.85
C ASN FB 192 -53.91 -57.58 -37.58
N VAL FB 193 -52.85 -56.80 -37.82
CA VAL FB 193 -51.73 -57.23 -38.63
C VAL FB 193 -50.70 -57.93 -37.77
N ASP FB 194 -50.04 -58.91 -38.35
CA ASP FB 194 -49.08 -59.74 -37.62
C ASP FB 194 -47.76 -58.99 -37.48
N HIS FB 195 -47.26 -58.92 -36.26
CA HIS FB 195 -45.91 -58.48 -36.00
C HIS FB 195 -44.99 -59.69 -35.95
N VAL FB 196 -43.72 -59.43 -36.21
CA VAL FB 196 -42.75 -60.47 -36.51
C VAL FB 196 -41.43 -60.09 -35.85
N GLY FB 197 -40.53 -61.07 -35.74
CA GLY FB 197 -39.30 -60.81 -35.03
C GLY FB 197 -38.61 -61.89 -34.23
N LEU FB 198 -39.00 -63.15 -34.32
CA LEU FB 198 -38.19 -64.18 -33.68
C LEU FB 198 -38.22 -65.50 -34.41
N GLY FB 199 -37.03 -66.06 -34.60
CA GLY FB 199 -36.88 -67.42 -35.09
C GLY FB 199 -35.86 -68.15 -34.27
N THR FB 200 -36.08 -69.45 -34.13
CA THR FB 200 -35.35 -70.29 -33.20
C THR FB 200 -34.78 -71.51 -33.91
N ALA FB 201 -33.78 -72.10 -33.25
CA ALA FB 201 -33.21 -73.38 -33.68
C ALA FB 201 -32.81 -74.15 -32.44
N PHE FB 202 -33.51 -75.23 -32.16
CA PHE FB 202 -33.26 -76.07 -31.01
C PHE FB 202 -32.60 -77.37 -31.44
N GLU FB 203 -31.59 -77.78 -30.69
CA GLU FB 203 -30.89 -79.02 -30.95
C GLU FB 203 -31.72 -80.18 -30.43
N ASN FB 204 -31.95 -81.17 -31.29
CA ASN FB 204 -32.79 -82.29 -30.93
C ASN FB 204 -32.08 -83.18 -29.92
N SER FB 205 -32.85 -84.09 -29.34
CA SER FB 205 -32.38 -84.92 -28.24
C SER FB 205 -33.15 -86.24 -28.23
N ILE FB 206 -32.64 -87.18 -27.46
CA ILE FB 206 -33.32 -88.46 -27.28
C ILE FB 206 -34.60 -88.29 -26.49
N TYR FB 207 -34.64 -87.30 -25.60
CA TYR FB 207 -35.78 -87.01 -24.78
C TYR FB 207 -36.55 -85.82 -25.33
N ASP FB 208 -37.83 -85.76 -24.98
CA ASP FB 208 -38.65 -84.64 -25.39
C ASP FB 208 -38.32 -83.40 -24.56
N GLN FB 209 -38.18 -82.27 -25.24
CA GLN FB 209 -37.86 -81.00 -24.62
C GLN FB 209 -39.10 -80.10 -24.72
N GLU FB 210 -39.76 -79.87 -23.60
CA GLU FB 210 -40.95 -79.05 -23.54
C GLU FB 210 -40.61 -77.69 -22.94
N TYR FB 211 -41.37 -76.69 -23.37
CA TYR FB 211 -41.22 -75.32 -22.90
C TYR FB 211 -42.59 -74.68 -22.77
N ASN FB 212 -42.70 -73.78 -21.79
CA ASN FB 212 -43.86 -72.90 -21.63
C ASN FB 212 -43.40 -71.50 -22.01
N ILE FB 213 -43.89 -71.01 -23.14
CA ILE FB 213 -43.42 -69.75 -23.70
C ILE FB 213 -44.39 -68.65 -23.29
N ARG FB 214 -43.87 -67.64 -22.63
CA ARG FB 214 -44.64 -66.48 -22.18
C ARG FB 214 -44.18 -65.26 -22.96
N VAL FB 215 -45.05 -64.76 -23.81
CA VAL FB 215 -44.79 -63.55 -24.58
C VAL FB 215 -45.47 -62.40 -23.88
N THR FB 216 -44.72 -61.32 -23.69
CA THR FB 216 -45.21 -60.10 -23.07
C THR FB 216 -44.96 -58.96 -24.05
N MET FB 217 -46.04 -58.31 -24.48
CA MET FB 217 -45.96 -57.16 -25.37
C MET FB 217 -46.18 -55.87 -24.60
N TYR FB 218 -45.25 -54.94 -24.77
CA TYR FB 218 -45.34 -53.63 -24.18
C TYR FB 218 -45.86 -52.67 -25.23
N VAL FB 219 -47.13 -52.27 -25.09
CA VAL FB 219 -47.84 -51.54 -26.12
C VAL FB 219 -48.10 -50.12 -25.64
N GLN FB 220 -48.52 -49.29 -26.59
CA GLN FB 220 -48.79 -47.88 -26.34
C GLN FB 220 -50.01 -47.53 -27.18
N PHE FB 221 -51.09 -47.18 -26.52
CA PHE FB 221 -52.35 -46.85 -27.15
C PHE FB 221 -52.53 -45.34 -27.24
N ARG FB 222 -53.58 -44.94 -27.95
CA ARG FB 222 -53.85 -43.53 -28.19
C ARG FB 222 -55.33 -43.36 -28.47
N GLU FB 223 -55.86 -42.20 -28.10
CA GLU FB 223 -57.22 -41.77 -28.40
C GLU FB 223 -58.26 -42.71 -27.78
N PHE FB 224 -58.34 -42.60 -26.47
CA PHE FB 224 -59.44 -43.15 -25.67
C PHE FB 224 -60.76 -42.87 -26.33
N ASN FB 225 -61.52 -43.92 -26.63
CA ASN FB 225 -62.71 -43.82 -27.46
C ASN FB 225 -63.87 -44.59 -26.87
N LEU FB 226 -64.05 -44.48 -25.56
CA LEU FB 226 -65.14 -45.20 -24.92
C LEU FB 226 -66.48 -44.64 -25.38
N LYS FB 227 -67.45 -45.52 -25.54
CA LYS FB 227 -68.80 -45.18 -25.95
C LYS FB 227 -69.76 -45.60 -24.86
N ASP FB 228 -70.60 -44.66 -24.43
CA ASP FB 228 -71.48 -44.83 -23.28
C ASP FB 228 -72.91 -44.57 -23.71
N PRO FB 229 -73.60 -45.57 -24.26
CA PRO FB 229 -75.01 -45.42 -24.55
C PRO FB 229 -75.83 -45.50 -23.28
N PRO FB 230 -77.10 -45.12 -23.33
CA PRO FB 230 -77.96 -45.30 -22.15
C PRO FB 230 -78.27 -46.75 -21.89
N LEU FB 231 -79.07 -47.01 -20.85
CA LEU FB 231 -79.41 -48.36 -20.44
C LEU FB 231 -80.87 -48.44 -20.00
N GLY GB 43 -10.18 -52.64 -48.01
CA GLY GB 43 -11.57 -52.83 -47.65
C GLY GB 43 -11.77 -53.84 -46.56
N ILE GB 44 -11.59 -53.41 -45.33
CA ILE GB 44 -11.58 -54.30 -44.18
C ILE GB 44 -13.00 -54.65 -43.79
N PHE GB 45 -13.18 -55.89 -43.35
CA PHE GB 45 -14.46 -56.35 -42.82
C PHE GB 45 -14.16 -57.41 -41.77
N ASN GB 46 -14.26 -57.02 -40.51
CA ASN GB 46 -14.14 -57.94 -39.40
C ASN GB 46 -15.48 -58.59 -39.14
N THR GB 47 -15.50 -59.92 -39.11
CA THR GB 47 -16.72 -60.66 -38.82
C THR GB 47 -16.38 -61.86 -37.95
N ARG GB 48 -17.35 -62.77 -37.84
CA ARG GB 48 -17.29 -63.90 -36.94
C ARG GB 48 -17.96 -65.10 -37.60
N LEU GB 49 -17.23 -66.20 -37.65
CA LEU GB 49 -17.68 -67.43 -38.28
C LEU GB 49 -17.59 -68.56 -37.27
N SER GB 50 -18.61 -69.40 -37.26
CA SER GB 50 -18.75 -70.46 -36.28
C SER GB 50 -18.98 -71.80 -36.97
N ARG GB 51 -18.90 -72.85 -36.16
CA ARG GB 51 -18.94 -74.23 -36.61
C ARG GB 51 -19.05 -75.09 -35.36
N THR GB 52 -19.84 -76.15 -35.45
CA THR GB 52 -20.14 -77.01 -34.30
C THR GB 52 -19.96 -78.46 -34.69
N PHE GB 53 -19.37 -79.24 -33.80
CA PHE GB 53 -19.12 -80.64 -34.02
C PHE GB 53 -18.93 -81.33 -32.69
N GLY GB 54 -18.92 -82.66 -32.73
CA GLY GB 54 -18.86 -83.48 -31.54
C GLY GB 54 -17.52 -84.11 -31.25
N TYR GB 55 -17.31 -84.44 -29.98
CA TYR GB 55 -16.11 -85.14 -29.51
C TYR GB 55 -16.51 -85.97 -28.31
N THR GB 56 -16.12 -87.24 -28.34
CA THR GB 56 -16.44 -88.18 -27.27
C THR GB 56 -15.19 -88.85 -26.77
N ILE GB 57 -15.11 -89.01 -25.45
CA ILE GB 57 -14.07 -89.75 -24.77
C ILE GB 57 -14.74 -91.04 -24.31
N LYS GB 58 -14.44 -92.14 -25.00
CA LYS GB 58 -15.06 -93.41 -24.70
C LYS GB 58 -14.63 -93.93 -23.33
N ARG GB 59 -15.44 -94.81 -22.78
CA ARG GB 59 -15.19 -95.39 -21.47
C ARG GB 59 -14.03 -96.37 -21.51
N THR GB 60 -13.46 -96.63 -20.34
CA THR GB 60 -12.37 -97.57 -20.17
C THR GB 60 -12.54 -98.32 -18.86
N THR GB 61 -12.27 -99.62 -18.90
CA THR GB 61 -12.25 -100.44 -17.69
C THR GB 61 -10.97 -100.26 -16.89
N VAL GB 62 -9.99 -99.51 -17.40
CA VAL GB 62 -8.75 -99.28 -16.68
C VAL GB 62 -9.03 -98.61 -15.35
N LYS GB 63 -8.35 -99.09 -14.31
CA LYS GB 63 -8.56 -98.57 -12.97
C LYS GB 63 -7.77 -97.31 -12.70
N THR GB 64 -6.56 -97.23 -13.24
CA THR GB 64 -5.67 -96.12 -12.98
C THR GB 64 -6.24 -94.82 -13.54
N PRO GB 65 -5.70 -93.68 -13.11
CA PRO GB 65 -6.01 -92.43 -13.80
C PRO GB 65 -5.20 -92.32 -15.07
N SER GB 66 -5.86 -92.50 -16.21
CA SER GB 66 -5.26 -92.32 -17.51
C SER GB 66 -5.95 -91.20 -18.24
N TRP GB 67 -5.24 -90.62 -19.19
CA TRP GB 67 -5.73 -89.49 -19.97
C TRP GB 67 -5.79 -89.82 -21.45
N ALA GB 68 -6.76 -89.20 -22.11
CA ALA GB 68 -6.97 -89.34 -23.54
C ALA GB 68 -6.53 -88.07 -24.22
N VAL GB 69 -5.58 -88.19 -25.13
CA VAL GB 69 -4.96 -87.06 -25.79
C VAL GB 69 -5.49 -86.95 -27.20
N ASP GB 70 -5.71 -85.72 -27.64
CA ASP GB 70 -6.16 -85.46 -28.99
C ASP GB 70 -5.76 -84.05 -29.37
N MET GB 71 -5.87 -83.77 -30.66
CA MET GB 71 -5.44 -82.51 -31.26
C MET GB 71 -6.64 -81.80 -31.89
N MET GB 72 -6.40 -80.54 -32.24
CA MET GB 72 -7.44 -79.70 -32.83
C MET GB 72 -6.80 -78.66 -33.71
N ARG GB 73 -7.06 -78.74 -35.01
CA ARG GB 73 -6.65 -77.76 -36.00
C ARG GB 73 -7.85 -76.95 -36.45
N PHE GB 74 -7.58 -75.85 -37.14
CA PHE GB 74 -8.61 -74.94 -37.62
C PHE GB 74 -8.32 -74.57 -39.06
N ASN GB 75 -9.28 -74.81 -39.94
CA ASN GB 75 -9.20 -74.40 -41.34
C ASN GB 75 -10.44 -73.60 -41.69
N ILE GB 76 -10.27 -72.66 -42.63
CA ILE GB 76 -11.36 -71.77 -43.01
C ILE GB 76 -12.32 -72.41 -44.00
N ASN GB 77 -11.97 -73.53 -44.61
CA ASN GB 77 -12.90 -74.22 -45.48
C ASN GB 77 -14.08 -74.77 -44.70
N ASP GB 78 -13.86 -75.14 -43.45
CA ASP GB 78 -14.91 -75.67 -42.60
C ASP GB 78 -15.86 -74.61 -42.07
N PHE GB 79 -15.50 -73.35 -42.18
CA PHE GB 79 -16.33 -72.24 -41.75
C PHE GB 79 -16.92 -71.44 -42.90
N LEU GB 80 -16.22 -71.37 -44.02
CA LEU GB 80 -16.62 -70.59 -45.17
C LEU GB 80 -16.91 -71.52 -46.35
N PRO GB 81 -18.17 -71.68 -46.79
CA PRO GB 81 -18.43 -72.62 -47.85
C PRO GB 81 -18.01 -72.06 -49.20
N PRO GB 82 -18.04 -72.88 -50.25
CA PRO GB 82 -17.81 -72.35 -51.58
C PRO GB 82 -18.99 -71.53 -52.06
N GLY GB 83 -18.68 -70.53 -52.87
CA GLY GB 83 -19.71 -69.64 -53.37
C GLY GB 83 -20.41 -70.19 -54.59
N GLY GB 84 -20.70 -69.31 -55.54
CA GLY GB 84 -21.35 -69.71 -56.76
C GLY GB 84 -21.12 -68.73 -57.88
N GLY GB 85 -20.75 -69.26 -59.05
CA GLY GB 85 -20.51 -68.44 -60.21
C GLY GB 85 -19.10 -67.90 -60.27
N SER GB 86 -18.98 -66.64 -60.69
CA SER GB 86 -17.67 -66.01 -60.80
C SER GB 86 -17.03 -65.73 -59.46
N ASN GB 87 -17.82 -65.77 -58.37
CA ASN GB 87 -17.29 -65.61 -57.03
C ASN GB 87 -17.02 -66.99 -56.45
N PRO GB 88 -15.75 -67.39 -56.26
CA PRO GB 88 -15.50 -68.77 -55.83
C PRO GB 88 -15.90 -69.04 -54.40
N ARG GB 89 -15.98 -68.02 -53.56
CA ARG GB 89 -16.32 -68.15 -52.15
C ARG GB 89 -17.55 -67.32 -51.83
N SER GB 90 -18.16 -67.64 -50.69
CA SER GB 90 -19.43 -67.03 -50.31
C SER GB 90 -19.25 -65.65 -49.70
N VAL GB 91 -18.08 -65.38 -49.14
CA VAL GB 91 -17.72 -64.05 -48.65
C VAL GB 91 -16.81 -63.41 -49.69
N PRO GB 92 -17.26 -62.37 -50.40
CA PRO GB 92 -16.48 -61.90 -51.55
C PRO GB 92 -15.30 -61.00 -51.18
N PHE GB 93 -14.23 -61.65 -50.74
CA PHE GB 93 -12.99 -60.98 -50.40
C PHE GB 93 -11.83 -61.82 -50.89
N GLU GB 94 -10.68 -61.18 -51.02
CA GLU GB 94 -9.47 -61.79 -51.54
C GLU GB 94 -8.57 -62.35 -50.44
N TYR GB 95 -8.28 -61.53 -49.44
CA TYR GB 95 -7.31 -61.85 -48.40
C TYR GB 95 -8.03 -62.04 -47.07
N TYR GB 96 -7.34 -62.71 -46.15
CA TYR GB 96 -7.86 -62.91 -44.82
C TYR GB 96 -6.70 -63.12 -43.85
N ARG GB 97 -7.01 -62.97 -42.58
CA ARG GB 97 -6.09 -63.33 -41.52
C ARG GB 97 -6.90 -63.56 -40.26
N ILE GB 98 -6.69 -64.70 -39.62
CA ILE GB 98 -7.46 -65.07 -38.45
C ILE GB 98 -6.88 -64.36 -37.24
N ARG GB 99 -7.73 -63.60 -36.56
CA ARG GB 99 -7.33 -62.81 -35.41
C ARG GB 99 -7.39 -63.59 -34.11
N LYS GB 100 -8.51 -64.29 -33.88
CA LYS GB 100 -8.74 -65.03 -32.66
C LYS GB 100 -9.59 -66.24 -32.98
N VAL GB 101 -9.54 -67.22 -32.07
CA VAL GB 101 -10.43 -68.36 -32.10
C VAL GB 101 -10.93 -68.59 -30.67
N LYS GB 102 -12.19 -68.98 -30.57
CA LYS GB 102 -12.83 -69.34 -29.31
C LYS GB 102 -13.33 -70.76 -29.45
N VAL GB 103 -12.68 -71.66 -28.76
CA VAL GB 103 -13.10 -73.06 -28.68
C VAL GB 103 -13.89 -73.22 -27.40
N GLU GB 104 -15.12 -73.72 -27.54
CA GLU GB 104 -16.04 -73.90 -26.42
C GLU GB 104 -16.38 -75.38 -26.35
N PHE GB 105 -16.05 -76.01 -25.24
CA PHE GB 105 -16.47 -77.38 -24.95
C PHE GB 105 -17.76 -77.30 -24.18
N TRP GB 106 -18.86 -77.47 -24.89
CA TRP GB 106 -20.17 -77.50 -24.27
C TRP GB 106 -20.50 -78.94 -23.86
N PRO GB 107 -20.69 -79.22 -22.58
CA PRO GB 107 -20.90 -80.61 -22.19
C PRO GB 107 -22.23 -81.16 -22.65
N CYS GB 108 -22.25 -82.49 -22.76
CA CYS GB 108 -23.45 -83.24 -23.09
C CYS GB 108 -23.90 -84.13 -21.95
N SER GB 109 -23.23 -84.10 -20.82
CA SER GB 109 -23.41 -85.02 -19.74
C SER GB 109 -24.14 -84.36 -18.58
N PRO GB 110 -24.92 -85.12 -17.82
CA PRO GB 110 -25.68 -84.53 -16.73
C PRO GB 110 -24.78 -84.14 -15.57
N ILE GB 111 -25.31 -83.25 -14.72
CA ILE GB 111 -24.57 -82.83 -13.55
C ILE GB 111 -24.55 -83.88 -12.45
N THR GB 112 -25.28 -84.98 -12.61
CA THR GB 112 -25.27 -86.08 -11.68
C THR GB 112 -24.25 -87.14 -12.02
N GLN GB 113 -23.49 -86.97 -13.09
CA GLN GB 113 -22.55 -88.01 -13.53
C GLN GB 113 -21.35 -88.02 -12.61
N GLY GB 114 -20.95 -89.21 -12.19
CA GLY GB 114 -19.83 -89.39 -11.31
C GLY GB 114 -18.57 -89.76 -12.05
N ASP GB 115 -17.60 -90.26 -11.28
CA ASP GB 115 -16.27 -90.59 -11.80
C ASP GB 115 -15.65 -89.38 -12.48
N ARG GB 116 -15.80 -88.24 -11.83
CA ARG GB 116 -15.29 -86.99 -12.37
C ARG GB 116 -13.77 -87.02 -12.47
N GLY GB 117 -13.24 -86.06 -13.20
CA GLY GB 117 -11.84 -86.02 -13.50
C GLY GB 117 -11.31 -84.63 -13.71
N VAL GB 118 -10.05 -84.54 -14.11
CA VAL GB 118 -9.40 -83.25 -14.29
C VAL GB 118 -8.38 -83.38 -15.41
N GLY GB 119 -8.47 -82.47 -16.38
CA GLY GB 119 -7.64 -82.48 -17.56
C GLY GB 119 -6.97 -81.17 -17.81
N SER GB 120 -6.50 -80.98 -19.04
CA SER GB 120 -5.72 -79.82 -19.40
C SER GB 120 -5.86 -79.53 -20.88
N SER GB 121 -5.95 -78.25 -21.20
CA SER GB 121 -5.94 -77.76 -22.58
C SER GB 121 -4.82 -76.77 -22.75
N ALA GB 122 -4.00 -76.98 -23.78
CA ALA GB 122 -2.85 -76.14 -24.04
C ALA GB 122 -2.87 -75.65 -25.49
N VAL GB 123 -2.11 -74.59 -25.73
CA VAL GB 123 -2.06 -73.91 -27.01
C VAL GB 123 -0.77 -74.31 -27.71
N ILE GB 124 -0.90 -74.91 -28.89
CA ILE GB 124 0.20 -75.52 -29.62
C ILE GB 124 0.23 -74.92 -31.02
N LEU GB 125 1.10 -73.96 -31.23
CA LEU GB 125 1.09 -73.14 -32.43
C LEU GB 125 2.03 -73.63 -33.52
N ASP GB 126 2.34 -74.94 -33.60
CA ASP GB 126 3.39 -75.42 -34.47
C ASP GB 126 3.15 -76.76 -35.15
N ASP GB 127 1.99 -77.39 -34.98
CA ASP GB 127 1.65 -78.60 -35.72
C ASP GB 127 2.50 -79.79 -35.29
N ASN GB 128 2.99 -79.77 -34.06
CA ASN GB 128 3.64 -80.94 -33.47
C ASN GB 128 3.01 -81.11 -32.10
N PHE GB 129 1.95 -81.91 -32.08
CA PHE GB 129 1.20 -82.23 -30.89
C PHE GB 129 1.76 -83.46 -30.22
N VAL GB 130 1.40 -83.64 -28.96
CA VAL GB 130 1.61 -84.92 -28.30
C VAL GB 130 0.82 -85.95 -29.06
N THR GB 131 1.40 -87.13 -29.21
CA THR GB 131 0.78 -88.19 -30.00
C THR GB 131 -0.58 -88.55 -29.43
N LYS GB 132 -1.53 -88.79 -30.33
CA LYS GB 132 -2.86 -89.18 -29.92
C LYS GB 132 -2.82 -90.50 -29.17
N ALA GB 133 -3.44 -90.50 -27.99
CA ALA GB 133 -3.42 -91.64 -27.09
C ALA GB 133 -4.81 -91.86 -26.53
N THR GB 134 -5.12 -93.12 -26.26
CA THR GB 134 -6.39 -93.51 -25.67
C THR GB 134 -6.34 -93.49 -24.15
N ALA GB 135 -5.32 -94.13 -23.56
CA ALA GB 135 -5.15 -94.16 -22.11
C ALA GB 135 -3.67 -94.00 -21.82
N LEU GB 136 -3.24 -92.75 -21.68
CA LEU GB 136 -1.87 -92.42 -21.30
C LEU GB 136 -1.79 -92.22 -19.80
N THR GB 137 -0.69 -92.66 -19.21
CA THR GB 137 -0.53 -92.71 -17.76
C THR GB 137 -0.27 -91.36 -17.12
N TYR GB 138 -0.36 -90.26 -17.86
CA TYR GB 138 -0.10 -88.95 -17.30
C TYR GB 138 -0.74 -87.92 -18.21
N ASP GB 139 -0.83 -86.70 -17.70
CA ASP GB 139 -1.35 -85.56 -18.44
C ASP GB 139 -0.18 -84.82 -19.06
N PRO GB 140 0.05 -84.91 -20.37
CA PRO GB 140 1.23 -84.25 -20.92
C PRO GB 140 1.15 -82.75 -20.92
N TYR GB 141 -0.05 -82.20 -21.06
CA TYR GB 141 -0.24 -80.76 -21.18
C TYR GB 141 -0.38 -80.07 -19.85
N VAL GB 142 0.01 -80.72 -18.76
CA VAL GB 142 -0.24 -80.18 -17.43
C VAL GB 142 0.78 -79.11 -17.07
N ASN GB 143 2.04 -79.32 -17.42
CA ASN GB 143 3.09 -78.38 -17.09
C ASN GB 143 3.30 -77.32 -18.14
N TYR GB 144 2.46 -77.29 -19.17
CA TYR GB 144 2.57 -76.27 -20.20
C TYR GB 144 2.17 -74.91 -19.64
N SER GB 145 2.87 -73.88 -20.10
CA SER GB 145 2.61 -72.52 -19.66
C SER GB 145 1.23 -72.04 -20.06
N SER GB 146 0.63 -72.63 -21.10
CA SER GB 146 -0.69 -72.28 -21.57
C SER GB 146 -1.75 -73.27 -21.13
N ARG GB 147 -1.51 -74.00 -20.05
CA ARG GB 147 -2.46 -74.98 -19.57
C ARG GB 147 -3.58 -74.30 -18.81
N HIS GB 148 -4.80 -74.67 -19.15
CA HIS GB 148 -5.98 -74.37 -18.38
C HIS GB 148 -6.58 -75.69 -17.95
N THR GB 149 -7.03 -75.76 -16.71
CA THR GB 149 -7.63 -76.97 -16.18
C THR GB 149 -9.00 -77.21 -16.79
N ILE GB 150 -9.24 -78.45 -17.17
CA ILE GB 150 -10.54 -78.90 -17.65
C ILE GB 150 -11.14 -79.71 -16.51
N THR GB 151 -12.18 -79.15 -15.89
CA THR GB 151 -13.04 -79.93 -15.03
C THR GB 151 -13.99 -80.75 -15.89
N GLN GB 152 -14.15 -82.01 -15.53
CA GLN GB 152 -14.93 -82.97 -16.29
C GLN GB 152 -16.01 -83.57 -15.40
N PRO GB 153 -17.09 -84.11 -15.97
CA PRO GB 153 -17.53 -84.13 -17.37
C PRO GB 153 -18.55 -83.08 -17.74
N PHE GB 154 -19.16 -82.44 -16.74
CA PHE GB 154 -20.33 -81.61 -16.92
C PHE GB 154 -20.02 -80.13 -16.81
N SER GB 155 -18.81 -79.73 -17.14
CA SER GB 155 -18.36 -78.36 -16.95
C SER GB 155 -17.91 -77.78 -18.28
N TYR GB 156 -18.16 -76.49 -18.43
CA TYR GB 156 -17.84 -75.74 -19.63
C TYR GB 156 -16.41 -75.28 -19.59
N HIS GB 157 -15.75 -75.35 -20.74
CA HIS GB 157 -14.36 -74.97 -20.91
C HIS GB 157 -14.23 -74.15 -22.17
N SER GB 158 -13.71 -72.93 -22.03
CA SER GB 158 -13.45 -72.04 -23.15
C SER GB 158 -11.96 -71.74 -23.22
N ARG GB 159 -11.49 -71.53 -24.45
CA ARG GB 159 -10.13 -71.09 -24.71
C ARG GB 159 -10.19 -70.06 -25.81
N TYR GB 160 -9.60 -68.90 -25.56
CA TYR GB 160 -9.62 -67.77 -26.48
C TYR GB 160 -8.18 -67.34 -26.73
N PHE GB 161 -7.75 -67.49 -27.97
CA PHE GB 161 -6.35 -67.31 -28.31
C PHE GB 161 -6.24 -66.93 -29.77
N THR GB 162 -5.01 -66.64 -30.18
CA THR GB 162 -4.67 -66.25 -31.54
C THR GB 162 -3.92 -67.37 -32.23
N PRO GB 163 -4.50 -68.04 -33.22
CA PRO GB 163 -3.78 -69.14 -33.85
C PRO GB 163 -2.70 -68.66 -34.80
N LYS GB 164 -1.98 -69.60 -35.40
CA LYS GB 164 -0.91 -69.31 -36.32
C LYS GB 164 -1.02 -70.26 -37.50
N PRO GB 165 -0.71 -69.81 -38.71
CA PRO GB 165 -0.80 -70.72 -39.86
C PRO GB 165 0.45 -71.57 -40.03
N VAL GB 166 0.23 -72.68 -40.72
CA VAL GB 166 1.29 -73.65 -41.00
C VAL GB 166 1.89 -73.26 -42.34
N LEU GB 167 2.89 -72.39 -42.29
CA LEU GB 167 3.57 -71.95 -43.48
C LEU GB 167 4.62 -72.94 -43.94
N ASP GB 168 5.41 -73.47 -43.01
CA ASP GB 168 6.39 -74.51 -43.31
C ASP GB 168 6.36 -75.49 -42.15
N SER GB 169 5.83 -76.69 -42.41
CA SER GB 169 5.77 -77.72 -41.38
C SER GB 169 7.13 -78.32 -41.07
N THR GB 170 8.12 -78.13 -41.95
CA THR GB 170 9.46 -78.65 -41.70
C THR GB 170 10.20 -77.83 -40.66
N ILE GB 171 10.05 -76.51 -40.71
CA ILE GB 171 10.74 -75.59 -39.83
C ILE GB 171 9.83 -75.15 -38.70
N ASP GB 172 8.54 -75.01 -39.02
CA ASP GB 172 7.52 -74.67 -38.04
C ASP GB 172 7.83 -73.32 -37.37
N TYR GB 173 7.80 -72.27 -38.18
CA TYR GB 173 8.01 -70.91 -37.72
C TYR GB 173 6.69 -70.15 -37.70
N PHE GB 174 6.57 -69.25 -36.74
CA PHE GB 174 5.37 -68.44 -36.60
C PHE GB 174 5.73 -67.08 -36.03
N GLN GB 175 4.83 -66.20 -36.16
CA GLN GB 175 4.97 -64.83 -35.75
C GLN GB 175 4.46 -64.62 -34.33
N PRO GB 176 5.03 -63.69 -33.57
CA PRO GB 176 4.38 -63.31 -32.33
C PRO GB 176 3.14 -62.47 -32.55
N ASN GB 177 2.41 -62.19 -31.48
CA ASN GB 177 1.14 -61.50 -31.59
C ASN GB 177 1.38 -60.03 -31.87
N ASN GB 178 0.91 -59.58 -33.03
CA ASN GB 178 1.00 -58.18 -33.42
C ASN GB 178 -0.13 -57.94 -34.41
N LYS GB 179 -1.10 -57.14 -34.03
CA LYS GB 179 -2.23 -56.93 -34.90
C LYS GB 179 -1.82 -56.17 -36.17
N ARG GB 180 -0.80 -55.33 -36.08
CA ARG GB 180 -0.42 -54.50 -37.20
C ARG GB 180 0.47 -55.22 -38.20
N ASN GB 181 1.21 -56.24 -37.75
CA ASN GB 181 2.18 -56.94 -38.57
C ASN GB 181 1.74 -58.35 -38.95
N GLN GB 182 0.53 -58.76 -38.59
CA GLN GB 182 0.07 -60.10 -38.91
C GLN GB 182 -0.08 -60.26 -40.41
N LEU GB 183 0.41 -61.40 -40.90
CA LEU GB 183 0.40 -61.67 -42.32
C LEU GB 183 -1.02 -61.82 -42.83
N TRP GB 184 -1.23 -61.36 -44.06
CA TRP GB 184 -2.44 -61.60 -44.81
C TRP GB 184 -2.22 -62.82 -45.68
N LEU GB 185 -3.09 -63.80 -45.54
CA LEU GB 185 -3.13 -64.94 -46.43
C LEU GB 185 -4.19 -64.72 -47.50
N ARG GB 186 -4.13 -65.53 -48.54
CA ARG GB 186 -5.12 -65.52 -49.58
C ARG GB 186 -6.22 -66.51 -49.26
N LEU GB 187 -7.45 -66.07 -49.52
CA LEU GB 187 -8.62 -66.93 -49.42
C LEU GB 187 -8.70 -67.76 -50.68
N GLN GB 188 -8.11 -68.95 -50.63
CA GLN GB 188 -8.07 -69.84 -51.76
C GLN GB 188 -9.47 -70.39 -52.03
N THR GB 189 -9.58 -71.11 -53.14
CA THR GB 189 -10.87 -71.68 -53.54
C THR GB 189 -11.17 -72.97 -52.78
N ALA GB 190 -10.24 -73.93 -52.81
CA ALA GB 190 -10.44 -75.19 -52.10
C ALA GB 190 -9.17 -75.73 -51.46
N GLY GB 191 -8.21 -74.88 -51.12
CA GLY GB 191 -6.92 -75.33 -50.65
C GLY GB 191 -6.30 -74.50 -49.56
N ASN GB 192 -7.12 -73.91 -48.70
CA ASN GB 192 -6.62 -73.04 -47.66
C ASN GB 192 -5.76 -73.80 -46.66
N VAL GB 193 -4.90 -73.06 -45.98
CA VAL GB 193 -3.89 -73.62 -45.10
C VAL GB 193 -4.46 -73.80 -43.71
N ASP GB 194 -3.99 -74.84 -43.03
CA ASP GB 194 -4.51 -75.19 -41.71
C ASP GB 194 -3.89 -74.29 -40.66
N HIS GB 195 -4.73 -73.69 -39.84
CA HIS GB 195 -4.30 -73.02 -38.63
C HIS GB 195 -4.35 -73.99 -37.47
N VAL GB 196 -3.55 -73.69 -36.45
CA VAL GB 196 -3.24 -74.63 -35.40
C VAL GB 196 -3.17 -73.88 -34.09
N GLY GB 197 -3.23 -74.61 -32.98
CA GLY GB 197 -3.28 -73.95 -31.69
C GLY GB 197 -4.04 -74.53 -30.53
N LEU GB 198 -4.50 -75.78 -30.59
CA LEU GB 198 -5.06 -76.37 -29.38
C LEU GB 198 -4.85 -77.87 -29.29
N GLY GB 199 -4.40 -78.29 -28.13
CA GLY GB 199 -4.33 -79.71 -27.79
C GLY GB 199 -4.88 -79.93 -26.41
N THR GB 200 -5.48 -81.11 -26.23
CA THR GB 200 -6.26 -81.42 -25.05
C THR GB 200 -5.80 -82.73 -24.44
N ALA GB 201 -6.17 -82.90 -23.17
CA ALA GB 201 -5.97 -84.16 -22.46
C ALA GB 201 -7.13 -84.33 -21.50
N PHE GB 202 -7.98 -85.30 -21.77
CA PHE GB 202 -9.14 -85.61 -20.96
C PHE GB 202 -8.92 -86.87 -20.16
N GLU GB 203 -9.29 -86.84 -18.89
CA GLU GB 203 -9.18 -87.98 -18.02
C GLU GB 203 -10.31 -88.95 -18.31
N ASN GB 204 -9.96 -90.20 -18.53
CA ASN GB 204 -10.95 -91.21 -18.89
C ASN GB 204 -11.82 -91.55 -17.69
N SER GB 205 -12.91 -92.26 -17.98
CA SER GB 205 -13.93 -92.54 -16.98
C SER GB 205 -14.64 -93.84 -17.35
N ILE GB 206 -15.42 -94.34 -16.39
CA ILE GB 206 -16.22 -95.52 -16.63
C ILE GB 206 -17.36 -95.22 -17.59
N TYR GB 207 -17.83 -93.98 -17.58
CA TYR GB 207 -18.91 -93.55 -18.44
C TYR GB 207 -18.37 -92.76 -19.63
N ASP GB 208 -19.15 -92.74 -20.71
CA ASP GB 208 -18.77 -91.98 -21.89
C ASP GB 208 -18.97 -90.49 -21.63
N GLN GB 209 -17.97 -89.70 -22.01
CA GLN GB 209 -18.00 -88.24 -21.86
C GLN GB 209 -18.11 -87.63 -23.24
N GLU GB 210 -19.28 -87.07 -23.55
CA GLU GB 210 -19.53 -86.44 -24.84
C GLU GB 210 -19.50 -84.92 -24.70
N TYR GB 211 -19.11 -84.27 -25.78
CA TYR GB 211 -19.03 -82.82 -25.85
C TYR GB 211 -19.49 -82.36 -27.22
N ASN GB 212 -20.10 -81.18 -27.25
CA ASN GB 212 -20.42 -80.46 -28.48
C ASN GB 212 -19.49 -79.27 -28.55
N ILE GB 213 -18.54 -79.31 -29.47
CA ILE GB 213 -17.48 -78.31 -29.54
C ILE GB 213 -17.87 -77.28 -30.59
N ARG GB 214 -17.92 -76.02 -30.16
CA ARG GB 214 -18.26 -74.89 -31.01
C ARG GB 214 -17.04 -74.02 -31.15
N VAL GB 215 -16.46 -73.99 -32.36
CA VAL GB 215 -15.33 -73.15 -32.69
C VAL GB 215 -15.84 -71.91 -33.38
N THR GB 216 -15.39 -70.76 -32.91
CA THR GB 216 -15.74 -69.47 -33.48
C THR GB 216 -14.44 -68.77 -33.86
N MET GB 217 -14.29 -68.46 -35.14
CA MET GB 217 -13.13 -67.76 -35.65
C MET GB 217 -13.49 -66.31 -35.94
N TYR GB 218 -12.69 -65.41 -35.40
CA TYR GB 218 -12.83 -63.97 -35.63
C TYR GB 218 -11.82 -63.58 -36.69
N VAL GB 219 -12.31 -63.30 -37.89
CA VAL GB 219 -11.48 -63.13 -39.07
C VAL GB 219 -11.54 -61.68 -39.51
N GLN GB 220 -10.63 -61.33 -40.41
CA GLN GB 220 -10.51 -59.99 -40.95
C GLN GB 220 -10.15 -60.14 -42.41
N PHE GB 221 -11.05 -59.70 -43.28
CA PHE GB 221 -10.88 -59.80 -44.71
C PHE GB 221 -10.41 -58.48 -45.30
N ARG GB 222 -10.08 -58.51 -46.59
CA ARG GB 222 -9.53 -57.36 -47.28
C ARG GB 222 -9.83 -57.50 -48.76
N GLU GB 223 -9.99 -56.35 -49.42
CA GLU GB 223 -10.11 -56.25 -50.87
C GLU GB 223 -11.35 -57.00 -51.38
N PHE GB 224 -12.49 -56.42 -51.06
CA PHE GB 224 -13.78 -56.75 -51.67
C PHE GB 224 -13.63 -56.91 -53.17
N ASN GB 225 -14.00 -58.09 -53.67
CA ASN GB 225 -13.70 -58.47 -55.05
C ASN GB 225 -14.91 -59.09 -55.72
N LEU GB 226 -16.08 -58.52 -55.49
CA LEU GB 226 -17.28 -59.06 -56.11
C LEU GB 226 -17.22 -58.90 -57.61
N LYS GB 227 -17.75 -59.89 -58.32
CA LYS GB 227 -17.81 -59.90 -59.78
C LYS GB 227 -19.26 -59.99 -60.20
N ASP GB 228 -19.67 -59.06 -61.08
CA ASP GB 228 -21.07 -58.89 -61.47
C ASP GB 228 -21.17 -59.00 -62.99
N PRO GB 229 -21.26 -60.21 -63.52
CA PRO GB 229 -21.51 -60.37 -64.93
C PRO GB 229 -22.96 -60.05 -65.26
N PRO GB 230 -23.29 -59.89 -66.54
CA PRO GB 230 -24.70 -59.72 -66.90
C PRO GB 230 -25.51 -60.98 -66.72
N LEU GB 231 -26.80 -60.91 -67.05
CA LEU GB 231 -27.71 -62.04 -66.90
C LEU GB 231 -28.68 -62.14 -68.06
N GLY HB 43 21.53 -67.41 -10.78
CA GLY HB 43 20.62 -67.65 -11.90
C GLY HB 43 19.29 -68.21 -11.47
N ILE HB 44 18.42 -67.33 -11.03
CA ILE HB 44 17.16 -67.72 -10.44
C ILE HB 44 16.16 -68.09 -11.53
N PHE HB 45 15.34 -69.09 -11.21
CA PHE HB 45 14.25 -69.50 -12.10
C PHE HB 45 13.12 -70.03 -11.22
N ASN HB 46 12.10 -69.22 -11.02
CA ASN HB 46 10.91 -69.65 -10.33
C ASN HB 46 9.98 -70.34 -11.30
N THR HB 47 9.55 -71.54 -10.95
CA THR HB 47 8.61 -72.29 -11.78
C THR HB 47 7.62 -73.02 -10.88
N ARG HB 48 6.90 -73.96 -11.48
CA ARG HB 48 5.78 -74.64 -10.85
C ARG HB 48 5.76 -76.08 -11.33
N LEU HB 49 5.75 -77.01 -10.40
CA LEU HB 49 5.77 -78.44 -10.67
C LEU HB 49 4.59 -79.08 -9.98
N SER HB 50 3.94 -80.00 -10.67
CA SER HB 50 2.72 -80.63 -10.21
C SER HB 50 2.84 -82.14 -10.29
N ARG HB 51 1.85 -82.79 -9.68
CA ARG HB 51 1.81 -84.23 -9.49
C ARG HB 51 0.42 -84.57 -8.97
N THR HB 52 -0.12 -85.68 -9.44
CA THR HB 52 -1.49 -86.09 -9.13
C THR HB 52 -1.51 -87.54 -8.70
N PHE HB 53 -2.29 -87.83 -7.67
CA PHE HB 53 -2.42 -89.18 -7.14
C PHE HB 53 -3.73 -89.28 -6.37
N GLY HB 54 -4.07 -90.51 -6.01
CA GLY HB 54 -5.33 -90.81 -5.38
C GLY HB 54 -5.26 -91.08 -3.88
N TYR HB 55 -6.38 -90.89 -3.22
CA TYR HB 55 -6.55 -91.18 -1.80
C TYR HB 55 -7.99 -91.56 -1.57
N THR HB 56 -8.20 -92.68 -0.88
CA THR HB 56 -9.53 -93.19 -0.60
C THR HB 56 -9.69 -93.44 0.90
N ILE HB 57 -10.86 -93.08 1.40
CA ILE HB 57 -11.28 -93.37 2.76
C ILE HB 57 -12.32 -94.47 2.64
N LYS HB 58 -11.93 -95.68 2.99
CA LYS HB 58 -12.81 -96.83 2.86
C LYS HB 58 -13.98 -96.73 3.82
N ARG HB 59 -15.04 -97.46 3.48
CA ARG HB 59 -16.26 -97.46 4.26
C ARG HB 59 -16.06 -98.21 5.58
N THR HB 60 -16.96 -97.92 6.53
CA THR HB 60 -16.97 -98.57 7.84
C THR HB 60 -18.40 -98.79 8.28
N THR HB 61 -18.65 -99.97 8.85
CA THR HB 61 -19.94 -100.26 9.48
C THR HB 61 -20.10 -99.62 10.85
N VAL HB 62 -19.06 -98.97 11.37
CA VAL HB 62 -19.14 -98.33 12.68
C VAL HB 62 -20.21 -97.25 12.64
N LYS HB 63 -21.00 -97.20 13.71
CA LYS HB 63 -22.11 -96.26 13.80
C LYS HB 63 -21.66 -94.90 14.27
N THR HB 64 -20.71 -94.85 15.18
CA THR HB 64 -20.27 -93.61 15.77
C THR HB 64 -19.61 -92.71 14.74
N PRO HB 65 -19.44 -91.42 15.05
CA PRO HB 65 -18.58 -90.58 14.22
C PRO HB 65 -17.13 -90.83 14.54
N SER HB 66 -16.44 -91.52 13.64
CA SER HB 66 -15.02 -91.76 13.74
C SER HB 66 -14.31 -91.09 12.57
N TRP HB 67 -13.02 -90.81 12.77
CA TRP HB 67 -12.20 -90.13 11.79
C TRP HB 67 -11.04 -91.00 11.37
N ALA HB 68 -10.64 -90.81 10.11
CA ALA HB 68 -9.52 -91.51 9.51
C ALA HB 68 -8.37 -90.53 9.37
N VAL HB 69 -7.26 -90.85 9.98
CA VAL HB 69 -6.10 -89.96 10.06
C VAL HB 69 -5.04 -90.48 9.10
N ASP HB 70 -4.37 -89.54 8.44
CA ASP HB 70 -3.29 -89.87 7.53
C ASP HB 70 -2.38 -88.65 7.41
N MET HB 71 -1.22 -88.89 6.83
CA MET HB 71 -0.15 -87.90 6.70
C MET HB 71 0.15 -87.65 5.23
N MET HB 72 0.92 -86.60 4.99
CA MET HB 72 1.28 -86.19 3.64
C MET HB 72 2.62 -85.47 3.68
N ARG HB 73 3.63 -86.07 3.06
CA ARG HB 73 4.94 -85.47 2.87
C ARG HB 73 5.11 -85.08 1.41
N PHE HB 74 6.14 -84.28 1.15
CA PHE HB 74 6.44 -83.79 -0.18
C PHE HB 74 7.92 -83.93 -0.46
N ASN HB 75 8.26 -84.61 -1.54
CA ASN HB 75 9.63 -84.75 -2.01
C ASN HB 75 9.71 -84.34 -3.47
N ILE HB 76 10.86 -83.80 -3.85
CA ILE HB 76 11.04 -83.28 -5.20
C ILE HB 76 11.35 -84.36 -6.22
N ASN HB 77 11.69 -85.57 -5.78
CA ASN HB 77 11.89 -86.65 -6.72
C ASN HB 77 10.60 -87.04 -7.41
N ASP HB 78 9.47 -86.87 -6.72
CA ASP HB 78 8.18 -87.22 -7.26
C ASP HB 78 7.66 -86.18 -8.25
N PHE HB 79 8.28 -85.00 -8.30
CA PHE HB 79 7.90 -83.94 -9.22
C PHE HB 79 8.91 -83.73 -10.33
N LEU HB 80 10.18 -83.97 -10.05
CA LEU HB 80 11.28 -83.75 -10.99
C LEU HB 80 11.91 -85.08 -11.38
N PRO HB 81 11.77 -85.57 -12.60
CA PRO HB 81 12.33 -86.87 -12.92
C PRO HB 81 13.83 -86.79 -13.10
N PRO HB 82 14.49 -87.93 -13.23
CA PRO HB 82 15.91 -87.92 -13.58
C PRO HB 82 16.12 -87.51 -15.02
N GLY HB 83 17.24 -86.85 -15.27
CA GLY HB 83 17.55 -86.37 -16.59
C GLY HB 83 18.18 -87.43 -17.45
N GLY HB 84 19.16 -87.02 -18.25
CA GLY HB 84 19.86 -87.92 -19.12
C GLY HB 84 21.23 -87.41 -19.50
N GLY HB 85 22.22 -88.29 -19.40
CA GLY HB 85 23.58 -87.92 -19.75
C GLY HB 85 24.32 -87.25 -18.64
N SER HB 86 25.11 -86.24 -18.98
CA SER HB 86 25.90 -85.52 -17.99
C SER HB 86 25.05 -84.67 -17.07
N ASN HB 87 23.79 -84.41 -17.45
CA ASN HB 87 22.86 -83.69 -16.59
C ASN HB 87 22.05 -84.70 -15.79
N PRO HB 88 22.26 -84.83 -14.47
CA PRO HB 88 21.57 -85.89 -13.75
C PRO HB 88 20.08 -85.66 -13.58
N ARG HB 89 19.62 -84.41 -13.67
CA ARG HB 89 18.22 -84.06 -13.52
C ARG HB 89 17.71 -83.35 -14.76
N SER HB 90 16.39 -83.32 -14.89
CA SER HB 90 15.75 -82.80 -16.09
C SER HB 90 15.69 -81.27 -16.10
N VAL HB 91 15.73 -80.66 -14.93
CA VAL HB 91 15.83 -79.20 -14.81
C VAL HB 91 17.28 -78.87 -14.48
N PRO HB 92 18.04 -78.24 -15.39
CA PRO HB 92 19.48 -78.13 -15.15
C PRO HB 92 19.87 -77.01 -14.20
N PHE HB 93 19.70 -77.28 -12.91
CA PHE HB 93 20.09 -76.36 -11.86
C PHE HB 93 20.70 -77.15 -10.72
N GLU HB 94 21.44 -76.44 -9.88
CA GLU HB 94 22.18 -77.02 -8.77
C GLU HB 94 21.39 -77.00 -7.47
N TYR HB 95 20.88 -75.84 -7.10
CA TYR HB 95 20.24 -75.61 -5.82
C TYR HB 95 18.75 -75.39 -6.01
N TYR HB 96 18.02 -75.56 -4.92
CA TYR HB 96 16.58 -75.33 -4.94
C TYR HB 96 16.12 -74.99 -3.53
N ARG HB 97 14.93 -74.42 -3.46
CA ARG HB 97 14.25 -74.23 -2.19
C ARG HB 97 12.77 -74.08 -2.48
N ILE HB 98 11.95 -74.85 -1.78
CA ILE HB 98 10.52 -74.88 -2.03
C ILE HB 98 9.90 -73.69 -1.32
N ARG HB 99 9.19 -72.85 -2.08
CA ARG HB 99 8.59 -71.65 -1.57
C ARG HB 99 7.19 -71.89 -1.02
N LYS HB 100 6.37 -72.61 -1.78
CA LYS HB 100 4.98 -72.86 -1.41
C LYS HB 100 4.57 -74.21 -1.97
N VAL HB 101 3.51 -74.76 -1.39
CA VAL HB 101 2.85 -75.95 -1.89
C VAL HB 101 1.35 -75.70 -1.85
N LYS HB 102 0.66 -76.19 -2.88
CA LYS HB 102 -0.80 -76.15 -2.97
C LYS HB 102 -1.28 -77.58 -3.09
N VAL HB 103 -1.90 -78.06 -2.03
CA VAL HB 103 -2.55 -79.36 -2.02
C VAL HB 103 -4.02 -79.16 -2.31
N GLU HB 104 -4.52 -79.83 -3.33
CA GLU HB 104 -5.90 -79.72 -3.78
C GLU HB 104 -6.53 -81.10 -3.69
N PHE HB 105 -7.56 -81.21 -2.86
CA PHE HB 105 -8.37 -82.42 -2.78
C PHE HB 105 -9.53 -82.25 -3.75
N TRP HB 106 -9.37 -82.83 -4.94
CA TRP HB 106 -10.42 -82.81 -5.93
C TRP HB 106 -11.33 -84.01 -5.71
N PRO HB 107 -12.61 -83.84 -5.42
CA PRO HB 107 -13.45 -84.99 -5.11
C PRO HB 107 -13.72 -85.86 -6.33
N CYS HB 108 -14.03 -87.11 -6.03
CA CYS HB 108 -14.41 -88.10 -7.02
C CYS HB 108 -15.84 -88.55 -6.84
N SER HB 109 -16.57 -88.01 -5.88
CA SER HB 109 -17.86 -88.49 -5.47
C SER HB 109 -18.95 -87.56 -5.96
N PRO HB 110 -20.15 -88.08 -6.24
CA PRO HB 110 -21.21 -87.22 -6.75
C PRO HB 110 -21.78 -86.32 -5.68
N ILE HB 111 -22.44 -85.26 -6.14
CA ILE HB 111 -23.07 -84.33 -5.21
C ILE HB 111 -24.33 -84.88 -4.57
N THR HB 112 -24.80 -86.06 -5.00
CA THR HB 112 -25.94 -86.72 -4.40
C THR HB 112 -25.56 -87.68 -3.29
N GLN HB 113 -24.28 -87.82 -2.97
CA GLN HB 113 -23.85 -88.79 -1.97
C GLN HB 113 -24.19 -88.28 -0.59
N GLY HB 114 -24.76 -89.16 0.22
CA GLY HB 114 -25.16 -88.84 1.57
C GLY HB 114 -24.13 -89.28 2.60
N ASP HB 115 -24.57 -89.31 3.84
CA ASP HB 115 -23.72 -89.61 4.98
C ASP HB 115 -22.53 -88.67 5.01
N ARG HB 116 -22.81 -87.39 4.77
CA ARG HB 116 -21.79 -86.38 4.74
C ARG HB 116 -21.13 -86.23 6.11
N GLY HB 117 -19.99 -85.55 6.11
CA GLY HB 117 -19.17 -85.43 7.29
C GLY HB 117 -18.39 -84.15 7.33
N VAL HB 118 -17.53 -84.02 8.33
CA VAL HB 118 -16.74 -82.82 8.52
C VAL HB 118 -15.41 -83.22 9.14
N GLY HB 119 -14.33 -82.75 8.52
CA GLY HB 119 -12.98 -83.09 8.92
C GLY HB 119 -12.10 -81.87 9.09
N SER HB 120 -10.80 -82.10 9.09
CA SER HB 120 -9.85 -81.05 9.38
C SER HB 120 -8.52 -81.36 8.73
N SER HB 121 -7.89 -80.32 8.20
CA SER HB 121 -6.54 -80.38 7.65
C SER HB 121 -5.67 -79.38 8.36
N ALA HB 122 -4.52 -79.83 8.84
CA ALA HB 122 -3.59 -78.99 9.59
C ALA HB 122 -2.20 -79.10 8.99
N VAL HB 123 -1.39 -78.11 9.33
CA VAL HB 123 -0.03 -77.95 8.80
C VAL HB 123 0.95 -78.39 9.87
N ILE HB 124 1.76 -79.39 9.54
CA ILE HB 124 2.64 -80.08 10.50
C ILE HB 124 4.04 -80.04 9.92
N LEU HB 125 4.85 -79.11 10.39
CA LEU HB 125 6.15 -78.82 9.80
C LEU HB 125 7.31 -79.53 10.45
N ASP HB 126 7.11 -80.71 11.05
CA ASP HB 126 8.14 -81.33 11.87
C ASP HB 126 8.25 -82.85 11.80
N ASP HB 127 7.47 -83.52 10.96
CA ASP HB 127 7.62 -84.96 10.75
C ASP HB 127 7.22 -85.76 11.97
N ASN HB 128 6.33 -85.23 12.80
CA ASN HB 128 5.72 -85.99 13.90
C ASN HB 128 4.23 -85.73 13.77
N PHE HB 129 3.57 -86.60 13.03
CA PHE HB 129 2.15 -86.56 12.79
C PHE HB 129 1.42 -87.35 13.85
N VAL HB 130 0.12 -87.09 13.97
CA VAL HB 130 -0.75 -88.00 14.70
C VAL HB 130 -0.70 -89.35 14.01
N THR HB 131 -0.70 -90.40 14.81
CA THR HB 131 -0.55 -91.75 14.28
C THR HB 131 -1.68 -92.06 13.32
N LYS HB 132 -1.33 -92.76 12.24
CA LYS HB 132 -2.31 -93.14 11.25
C LYS HB 132 -3.35 -94.06 11.87
N ALA HB 133 -4.61 -93.73 11.68
CA ALA HB 133 -5.73 -94.43 12.27
C ALA HB 133 -6.82 -94.63 11.23
N THR HB 134 -7.55 -95.72 11.39
CA THR HB 134 -8.67 -96.04 10.51
C THR HB 134 -9.96 -95.44 11.01
N ALA HB 135 -10.28 -95.66 12.29
CA ALA HB 135 -11.49 -95.14 12.91
C ALA HB 135 -11.14 -94.66 14.31
N LEU HB 136 -10.73 -93.42 14.41
CA LEU HB 136 -10.44 -92.77 15.68
C LEU HB 136 -11.66 -92.01 16.16
N THR HB 137 -11.89 -92.04 17.48
CA THR HB 137 -13.10 -91.53 18.08
C THR HB 137 -13.17 -90.01 18.16
N TYR HB 138 -12.23 -89.29 17.55
CA TYR HB 138 -12.23 -87.84 17.61
C TYR HB 138 -11.38 -87.32 16.47
N ASP HB 139 -11.51 -86.03 16.21
CA ASP HB 139 -10.71 -85.34 15.21
C ASP HB 139 -9.50 -84.72 15.89
N PRO HB 140 -8.29 -85.26 15.71
CA PRO HB 140 -7.16 -84.69 16.45
C PRO HB 140 -6.75 -83.33 15.98
N TYR HB 141 -6.92 -83.05 14.68
CA TYR HB 141 -6.47 -81.81 14.09
C TYR HB 141 -7.48 -80.69 14.19
N VAL HB 142 -8.48 -80.82 15.07
CA VAL HB 142 -9.58 -79.87 15.10
C VAL HB 142 -9.19 -78.61 15.85
N ASN HB 143 -8.46 -78.75 16.95
CA ASN HB 143 -8.07 -77.62 17.76
C ASN HB 143 -6.75 -77.01 17.34
N TYR HB 144 -6.16 -77.48 16.25
CA TYR HB 144 -4.93 -76.91 15.75
C TYR HB 144 -5.16 -75.51 15.20
N SER HB 145 -4.19 -74.64 15.43
CA SER HB 145 -4.28 -73.27 14.95
C SER HB 145 -4.31 -73.18 13.44
N SER HB 146 -3.80 -74.19 12.74
CA SER HB 146 -3.80 -74.23 11.29
C SER HB 146 -4.88 -75.13 10.72
N ARG HB 147 -5.95 -75.36 11.48
CA ARG HB 147 -7.01 -76.22 11.02
C ARG HB 147 -7.91 -75.46 10.05
N HIS HB 148 -8.19 -76.11 8.93
CA HIS HB 148 -9.23 -75.71 8.01
C HIS HB 148 -10.22 -76.86 7.95
N THR HB 149 -11.50 -76.52 7.94
CA THR HB 149 -12.54 -77.52 7.88
C THR HB 149 -12.61 -78.16 6.50
N ILE HB 150 -12.74 -79.47 6.49
CA ILE HB 150 -12.96 -80.25 5.28
C ILE HB 150 -14.42 -80.65 5.29
N THR HB 151 -15.19 -80.06 4.40
CA THR HB 151 -16.51 -80.58 4.08
C THR HB 151 -16.35 -81.79 3.18
N GLN HB 152 -17.11 -82.83 3.47
CA GLN HB 152 -17.03 -84.11 2.78
C GLN HB 152 -18.39 -84.48 2.24
N PRO HB 153 -18.46 -85.34 1.22
CA PRO HB 153 -17.42 -85.95 0.39
C PRO HB 153 -17.17 -85.26 -0.95
N PHE HB 154 -18.09 -84.40 -1.36
CA PHE HB 154 -18.14 -83.86 -2.71
C PHE HB 154 -17.68 -82.41 -2.79
N SER HB 155 -16.80 -82.01 -1.88
CA SER HB 155 -16.40 -80.62 -1.78
C SER HB 155 -14.88 -80.50 -1.94
N TYR HB 156 -14.48 -79.42 -2.56
CA TYR HB 156 -13.08 -79.13 -2.84
C TYR HB 156 -12.42 -78.49 -1.63
N HIS HB 157 -11.18 -78.89 -1.39
CA HIS HB 157 -10.40 -78.41 -0.26
C HIS HB 157 -9.00 -78.10 -0.75
N SER HB 158 -8.56 -76.86 -0.56
CA SER HB 158 -7.23 -76.42 -0.90
C SER HB 158 -6.50 -75.97 0.35
N ARG HB 159 -5.19 -76.16 0.34
CA ARG HB 159 -4.31 -75.66 1.39
C ARG HB 159 -3.05 -75.13 0.71
N TYR HB 160 -2.70 -73.89 1.02
CA TYR HB 160 -1.58 -73.19 0.42
C TYR HB 160 -0.68 -72.69 1.54
N PHE HB 161 0.53 -73.23 1.60
CA PHE HB 161 1.42 -72.99 2.72
C PHE HB 161 2.85 -73.18 2.27
N THR HB 162 3.76 -72.89 3.18
CA THR HB 162 5.20 -72.98 2.97
C THR HB 162 5.76 -74.16 3.73
N PRO HB 163 6.20 -75.24 3.08
CA PRO HB 163 6.70 -76.37 3.85
C PRO HB 163 8.09 -76.13 4.40
N LYS HB 164 8.61 -77.10 5.13
CA LYS HB 164 9.91 -77.03 5.74
C LYS HB 164 10.62 -78.36 5.53
N PRO HB 165 11.93 -78.35 5.32
CA PRO HB 165 12.64 -79.61 5.13
C PRO HB 165 13.01 -80.29 6.43
N VAL HB 166 13.21 -81.60 6.33
CA VAL HB 166 13.56 -82.44 7.47
C VAL HB 166 15.08 -82.50 7.50
N LEU HB 167 15.67 -81.54 8.20
CA LEU HB 167 17.12 -81.48 8.33
C LEU HB 167 17.63 -82.41 9.42
N ASP HB 168 16.96 -82.43 10.56
CA ASP HB 168 17.29 -83.36 11.64
C ASP HB 168 15.97 -83.85 12.23
N SER HB 169 15.64 -85.10 12.00
CA SER HB 169 14.42 -85.67 12.53
C SER HB 169 14.49 -85.91 14.02
N THR HB 170 15.69 -85.93 14.61
CA THR HB 170 15.82 -86.12 16.05
C THR HB 170 15.44 -84.87 16.82
N ILE HB 171 15.81 -83.70 16.31
CA ILE HB 171 15.59 -82.43 16.98
C ILE HB 171 14.38 -81.74 16.37
N ASP HB 172 14.20 -81.92 15.06
CA ASP HB 172 13.06 -81.38 14.33
C ASP HB 172 12.99 -79.86 14.47
N TYR HB 173 14.00 -79.20 13.92
CA TYR HB 173 14.09 -77.75 13.88
C TYR HB 173 13.78 -77.23 12.49
N PHE HB 174 13.17 -76.06 12.43
CA PHE HB 174 12.83 -75.44 11.16
C PHE HB 174 12.86 -73.94 11.30
N GLN HB 175 12.89 -73.30 10.20
CA GLN HB 175 12.99 -71.86 10.10
C GLN HB 175 11.61 -71.22 10.01
N PRO HB 176 11.44 -70.01 10.50
CA PRO HB 176 10.21 -69.28 10.20
C PRO HB 176 10.18 -68.77 8.77
N ASN HB 177 9.05 -68.23 8.37
CA ASN HB 177 8.86 -67.82 6.99
C ASN HB 177 9.63 -66.54 6.72
N ASN HB 178 10.60 -66.64 5.81
CA ASN HB 178 11.39 -65.48 5.41
C ASN HB 178 11.90 -65.79 4.02
N LYS HB 179 11.43 -65.04 3.02
CA LYS HB 179 11.84 -65.33 1.67
C LYS HB 179 13.31 -65.06 1.45
N ARG HB 180 13.88 -64.11 2.18
CA ARG HB 180 15.26 -63.71 1.96
C ARG HB 180 16.26 -64.62 2.66
N ASN HB 181 15.84 -65.27 3.74
CA ASN HB 181 16.71 -66.09 4.56
C ASN HB 181 16.47 -67.58 4.42
N GLN HB 182 15.57 -67.99 3.54
CA GLN HB 182 15.28 -69.41 3.39
C GLN HB 182 16.48 -70.14 2.83
N LEU HB 183 16.77 -71.28 3.42
CA LEU HB 183 17.93 -72.08 3.04
C LEU HB 183 17.79 -72.60 1.62
N TRP HB 184 18.92 -72.66 0.94
CA TRP HB 184 19.04 -73.35 -0.33
C TRP HB 184 19.52 -74.76 -0.08
N LEU HB 185 18.78 -75.73 -0.57
CA LEU HB 185 19.20 -77.12 -0.58
C LEU HB 185 19.80 -77.45 -1.93
N ARG HB 186 20.49 -78.58 -1.97
CA ARG HB 186 21.03 -79.10 -3.20
C ARG HB 186 20.04 -80.04 -3.85
N LEU HB 187 19.92 -79.92 -5.16
CA LEU HB 187 19.13 -80.83 -5.97
C LEU HB 187 19.96 -82.07 -6.22
N GLN HB 188 19.79 -83.05 -5.34
CA GLN HB 188 20.52 -84.29 -5.42
C GLN HB 188 20.07 -85.09 -6.63
N THR HB 189 20.78 -86.19 -6.88
CA THR HB 189 20.48 -87.03 -8.03
C THR HB 189 19.32 -87.98 -7.73
N ALA HB 190 19.41 -88.74 -6.63
CA ALA HB 190 18.34 -89.66 -6.25
C ALA HB 190 18.10 -89.74 -4.75
N GLY HB 191 18.43 -88.70 -4.00
CA GLY HB 191 18.38 -88.75 -2.55
C GLY HB 191 17.91 -87.49 -1.87
N ASN HB 192 17.01 -86.76 -2.52
CA ASN HB 192 16.55 -85.49 -1.97
C ASN HB 192 15.79 -85.69 -0.67
N VAL HB 193 15.74 -84.64 0.12
CA VAL HB 193 15.19 -84.68 1.47
C VAL HB 193 13.69 -84.41 1.43
N ASP HB 194 12.97 -85.04 2.35
CA ASP HB 194 11.52 -84.94 2.37
C ASP HB 194 11.10 -83.64 3.02
N HIS HB 195 10.24 -82.91 2.34
CA HIS HB 195 9.54 -81.78 2.93
C HIS HB 195 8.22 -82.24 3.51
N VAL HB 196 7.73 -81.48 4.47
CA VAL HB 196 6.64 -81.90 5.33
C VAL HB 196 5.75 -80.71 5.59
N GLY HB 197 4.53 -80.98 6.08
CA GLY HB 197 3.59 -79.90 6.24
C GLY HB 197 2.10 -80.12 6.07
N LEU HB 198 1.61 -81.34 5.96
CA LEU HB 198 0.16 -81.51 5.98
C LEU HB 198 -0.28 -82.83 6.61
N GLY HB 199 -1.25 -82.72 7.50
CA GLY HB 199 -1.92 -83.87 8.04
C GLY HB 199 -3.41 -83.66 8.03
N THR HB 200 -4.15 -84.75 7.84
CA THR HB 200 -5.58 -84.70 7.57
C THR HB 200 -6.33 -85.61 8.54
N ALA HB 201 -7.63 -85.36 8.64
CA ALA HB 201 -8.54 -86.21 9.37
C ALA HB 201 -9.88 -86.17 8.66
N PHE HB 202 -10.26 -87.29 8.07
CA PHE HB 202 -11.50 -87.43 7.32
C PHE HB 202 -12.49 -88.26 8.13
N GLU HB 203 -13.73 -87.81 8.16
CA GLU HB 203 -14.79 -88.53 8.84
C GLU HB 203 -15.26 -89.68 7.98
N ASN HB 204 -15.30 -90.87 8.56
CA ASN HB 204 -15.66 -92.06 7.83
C ASN HB 204 -17.14 -92.05 7.48
N SER HB 205 -17.52 -92.95 6.59
CA SER HB 205 -18.86 -93.00 6.04
C SER HB 205 -19.20 -94.42 5.63
N ILE HB 206 -20.48 -94.63 5.35
CA ILE HB 206 -20.94 -95.93 4.86
C ILE HB 206 -20.44 -96.16 3.45
N TYR HB 207 -20.26 -95.10 2.68
CA TYR HB 207 -19.78 -95.17 1.31
C TYR HB 207 -18.31 -94.82 1.24
N ASP HB 208 -17.66 -95.31 0.19
CA ASP HB 208 -16.26 -95.00 -0.04
C ASP HB 208 -16.12 -93.57 -0.55
N GLN HB 209 -15.17 -92.84 0.04
CA GLN HB 209 -14.88 -91.46 -0.33
C GLN HB 209 -13.53 -91.42 -1.02
N GLU HB 210 -13.54 -91.19 -2.32
CA GLU HB 210 -12.34 -91.13 -3.13
C GLU HB 210 -11.99 -89.68 -3.45
N TYR HB 211 -10.70 -89.43 -3.62
CA TYR HB 211 -10.18 -88.11 -3.95
C TYR HB 211 -9.02 -88.26 -4.92
N ASN HB 212 -8.88 -87.28 -5.79
CA ASN HB 212 -7.71 -87.12 -6.65
C ASN HB 212 -6.94 -85.92 -6.15
N ILE HB 213 -5.79 -86.17 -5.55
CA ILE HB 213 -5.02 -85.13 -4.88
C ILE HB 213 -3.96 -84.62 -5.84
N ARG HB 214 -3.96 -83.32 -6.09
CA ARG HB 214 -3.01 -82.65 -6.97
C ARG HB 214 -2.17 -81.73 -6.12
N VAL HB 215 -0.89 -82.07 -5.98
CA VAL HB 215 0.08 -81.26 -5.27
C VAL HB 215 0.85 -80.46 -6.29
N THR HB 216 0.96 -79.16 -6.03
CA THR HB 216 1.71 -78.24 -6.87
C THR HB 216 2.74 -77.55 -5.98
N MET HB 217 4.01 -77.74 -6.33
CA MET HB 217 5.12 -77.10 -5.62
C MET HB 217 5.66 -75.93 -6.42
N TYR HB 218 5.75 -74.79 -5.77
CA TYR HB 218 6.32 -73.59 -6.35
C TYR HB 218 7.76 -73.47 -5.86
N VAL HB 219 8.70 -73.74 -6.76
CA VAL HB 219 10.10 -73.89 -6.40
C VAL HB 219 10.90 -72.74 -6.99
N GLN HB 220 12.13 -72.62 -6.53
CA GLN HB 220 13.05 -71.58 -6.94
C GLN HB 220 14.42 -72.21 -7.02
N PHE HB 221 14.97 -72.27 -8.23
CA PHE HB 221 16.25 -72.87 -8.49
C PHE HB 221 17.34 -71.80 -8.60
N ARG HB 222 18.58 -72.26 -8.68
CA ARG HB 222 19.74 -71.39 -8.71
C ARG HB 222 20.89 -72.10 -9.39
N GLU HB 223 21.74 -71.32 -10.05
CA GLU HB 223 22.99 -71.79 -10.64
C GLU HB 223 22.74 -72.84 -11.73
N PHE HB 224 22.20 -72.35 -12.83
CA PHE HB 224 22.14 -73.06 -14.10
C PHE HB 224 23.45 -73.75 -14.39
N ASN HB 225 23.41 -75.07 -14.56
CA ASN HB 225 24.62 -75.89 -14.62
C ASN HB 225 24.56 -76.88 -15.76
N LEU HB 226 24.09 -76.44 -16.91
CA LEU HB 226 24.01 -77.34 -18.05
C LEU HB 226 25.39 -77.74 -18.51
N LYS HB 227 25.52 -78.99 -18.94
CA LYS HB 227 26.76 -79.55 -19.44
C LYS HB 227 26.56 -79.99 -20.87
N ASP HB 228 27.43 -79.53 -21.76
CA ASP HB 228 27.30 -79.73 -23.20
C ASP HB 228 28.55 -80.40 -23.74
N PRO HB 229 28.62 -81.73 -23.65
CA PRO HB 229 29.72 -82.44 -24.29
C PRO HB 229 29.55 -82.47 -25.79
N PRO HB 230 30.59 -82.84 -26.53
CA PRO HB 230 30.41 -83.01 -27.98
C PRO HB 230 29.56 -84.23 -28.33
N LEU HB 231 29.39 -84.47 -29.62
CA LEU HB 231 28.57 -85.58 -30.09
C LEU HB 231 29.19 -86.24 -31.32
C1 SGN IB . -63.27 20.64 67.34
C2 SGN IB . -61.75 20.91 67.44
C3 SGN IB . -61.33 21.43 68.84
C4 SGN IB . -62.22 22.67 69.17
C5 SGN IB . -63.69 22.15 69.16
C6 SGN IB . -64.67 23.29 69.56
N2 SGN IB . -60.96 19.72 67.16
O1 SGN IB . -63.74 19.50 68.01
O3 SGN IB . -59.93 21.69 68.84
O4 SGN IB . -61.87 23.38 70.39
O5 SGN IB . -64.06 21.73 67.84
O6 SGN IB . -64.49 24.41 68.67
S1 SGN IB . -59.66 19.68 65.94
O1S SGN IB . -60.09 18.63 65.04
O2S SGN IB . -58.50 19.25 66.71
O3S SGN IB . -59.57 21.03 65.40
S2 SGN IB . -65.44 25.57 68.78
O4S SGN IB . -66.66 25.07 68.18
O5S SGN IB . -64.77 26.60 68.01
O6S SGN IB . -65.55 25.87 70.20
C1 IDS IB . -60.64 24.16 70.30
C2 IDS IB . -60.69 25.39 71.25
C3 IDS IB . -60.32 25.00 72.71
C4 IDS IB . -59.04 24.13 72.75
C5 IDS IB . -59.28 22.92 71.82
C6 IDS IB . -58.08 21.99 71.87
O2 IDS IB . -59.74 26.39 70.81
O3 IDS IB . -61.40 24.27 73.32
O4 IDS IB . -57.88 24.86 72.29
O5 IDS IB . -59.44 23.40 70.49
O6A IDS IB . -57.61 21.57 70.77
O6B IDS IB . -57.59 21.69 72.99
S IDS IB . -60.18 27.46 69.83
O1S IDS IB . -61.05 26.82 68.86
O2S IDS IB . -58.93 27.94 69.27
O3S IDS IB . -60.87 28.43 70.66
C1 SGN IB . -57.12 25.51 73.34
C2 SGN IB . -56.42 26.80 72.82
C3 SGN IB . -55.14 26.48 72.02
C4 SGN IB . -54.23 25.57 72.89
C5 SGN IB . -55.04 24.26 73.12
C6 SGN IB . -54.16 23.18 73.81
N2 SGN IB . -57.33 27.54 71.97
O3 SGN IB . -54.52 27.73 71.65
O4 SGN IB . -52.92 25.39 72.29
O5 SGN IB . -56.19 24.57 73.94
O6 SGN IB . -53.50 23.68 75.00
S1 SGN IB . -57.25 29.31 71.77
O1S SGN IB . -56.62 29.81 72.97
O2S SGN IB . -56.43 29.46 70.59
O3S SGN IB . -58.62 29.72 71.52
S2 SGN IB . -54.14 23.45 76.35
O4S SGN IB . -53.46 24.41 77.20
O5S SGN IB . -53.83 22.07 76.65
O6S SGN IB . -55.56 23.71 76.18
C1 IDS IB . -51.95 26.42 72.64
C2 IDS IB . -50.95 25.93 73.73
C3 IDS IB . -49.85 25.03 73.11
C4 IDS IB . -49.19 25.70 71.88
C5 IDS IB . -50.32 26.07 70.88
C6 IDS IB . -49.71 26.72 69.67
O2 IDS IB . -50.30 27.02 74.41
O3 IDS IB . -50.40 23.76 72.68
O4 IDS IB . -48.44 26.90 72.24
O5 IDS IB . -51.25 26.97 71.50
O6A IDS IB . -48.72 26.17 69.13
O6B IDS IB . -50.21 27.81 69.26
S IDS IB . -51.12 27.98 75.25
O1S IDS IB . -50.25 28.28 76.36
O2S IDS IB . -51.34 29.11 74.37
O3S IDS IB . -52.33 27.29 75.65
C1 SGN IB . -47.08 26.63 72.59
C2 SGN IB . -46.60 27.65 73.66
C3 SGN IB . -46.18 29.02 73.06
C4 SGN IB . -45.17 28.72 71.92
C5 SGN IB . -45.90 27.86 70.86
C6 SGN IB . -44.98 27.71 69.61
N2 SGN IB . -47.64 27.87 74.65
O3 SGN IB . -45.64 29.88 74.06
O4 SGN IB . -44.58 29.90 71.29
O5 SGN IB . -46.19 26.57 71.45
O6 SGN IB . -45.67 27.01 68.55
S1 SGN IB . -47.26 28.38 76.33
O1S SGN IB . -45.81 28.42 76.43
O2S SGN IB . -47.91 27.35 77.13
O3S SGN IB . -47.93 29.65 76.46
S2 SGN IB . -44.81 26.50 67.42
O4S SGN IB . -43.73 25.75 68.04
O5S SGN IB . -44.37 27.71 66.74
O6S SGN IB . -45.71 25.69 66.64
#